data_8CO1
#
_entry.id   8CO1
#
_cell.length_a   1.00
_cell.length_b   1.00
_cell.length_c   1.00
_cell.angle_alpha   90.00
_cell.angle_beta   90.00
_cell.angle_gamma   90.00
#
_symmetry.space_group_name_H-M   'P 1'
#
loop_
_entity.id
_entity.type
_entity.pdbx_description
1 polymer 'Probable type IV piliation system protein DR_0774'
2 polymer 'IPT/TIG domain-containing protein'
3 polymer Lipoprotein
#
loop_
_entity_poly.entity_id
_entity_poly.type
_entity_poly.pdbx_seq_one_letter_code
_entity_poly.pdbx_strand_id
1 'polypeptide(L)'
;MNKRHALLLTAVLGMATAYAQTAPTTTTVNTLQTVYRDPSLTSAPITANVGKYVGPLSTFLASIAKSAGYEVVFNFNIDA
LALINGEIVFGNSTASVTTSYATPLGRPQELPAKPVVHNFSNAPFNEAWPLLMDVYELDYQLVKVGSANVIRIGQRPKQL
ALPLKFISAESALTAIEKFFGEEKFETVISLDSNNKPFQTTRPTGKFGLPNSIKVIPDSSNKRLIIGSNSEDGIRIRSFV
ETIDVQSSGKVISTDSISEIYIVRGQKESVLQFLRDSFPELIVTDYASGGLAIEGPRTSVNRAIILLGQVDRAPEIPIVQ
RIYTVRGQAADITALLAAQYPTLRVTPVGQTGQLVLNGAQAQLDTALALLEQVDRPAPVAESRTVQRVFQLVNASAEEVK
ATLEGTLARDLTADSNNDVLPNVPVTATDANGNTTVVSVPNALGKTANQGTANAQAQTAQTPANTQQATLIADKRTNSLI
VRGTPEQVAQVAELVPQLDQVVPQINVQVRIQEVNERALQSLGLNWRATFGGFNVAVSGGTGLAATFNPTQSFLGFNIFP
TLTALETQGLTRRVYDGNVTMQSGQRSLSATGGAQNASSGAAASVKSGGRLEINIPSAAGNIVRQIDYGLNLDFFSPQVA
PDGTITLRIRGQVNQPATAITADSLPNLIDFTNSEAQSTITFKNGQTILMSGLLGSTETTNRSGVPFLSSLPGVGAAFGE
KRTEKTQSQLLVIITGTVVK
;
Q1,P1,O1,N1,M1,L1,A1,I1,H1,F1,G1,E1,D1,C1,B1
2 'polypeptide(L)'
;MTALGVEHDQHPACGGGSLTRHLQLIRLPGGGLSMLRFFCASLLLTGLLASCTPRVTTVAGVTVTPVLIKVSEGAAPGDT
LTIQGRYLGNAQTARVIIGADENGQGGTAFPASAVQSWSDTEIVLKVPEGMPAGGSWLFVEVGGKRSTGLRVSVR
;
Q2,P2,O2,N2,M2,L2,A2,I2,H2,F2,G2,E2,D2,C2,B2
3 'polypeptide(L)'
;MTMKKMFPVLLLGGLLLAGCGTVGLGSGRVNVGVDVGDAGSEQVATLTITPEKCDDKGVCTPQKQELSITDGQPVTFTFT
ARPGSEAVTIEGYRVLSDRLDGVERADPKNPVENAKMNLYVPSGYACEGLTAGASCQGNESDIRIANGQPVQHQIYFASG
LGARAAAKGANVTRVVDLEFYGFSANNVPFTRKVTGIVSQGSYVVKTN
;
Q3,P3,O3,N3,M3,L3,A3,I3,H3,F3,G3,E3,D3,C3,B3
#
# COMPACT_ATOMS: atom_id res chain seq x y z
N THR A 34 -142.52 30.41 63.77
CA THR A 34 -141.79 29.63 64.77
C THR A 34 -142.51 29.63 66.11
N VAL A 35 -142.26 28.61 66.91
CA VAL A 35 -142.86 28.48 68.23
C VAL A 35 -141.84 27.89 69.20
N TYR A 36 -141.89 28.36 70.44
CA TYR A 36 -141.04 27.85 71.50
C TYR A 36 -141.91 27.10 72.50
N ARG A 37 -141.63 25.81 72.67
CA ARG A 37 -142.36 25.01 73.64
C ARG A 37 -141.38 24.08 74.34
N ASP A 38 -141.54 23.94 75.66
CA ASP A 38 -140.70 23.08 76.48
C ASP A 38 -141.60 22.07 77.18
N PRO A 39 -141.79 20.89 76.62
CA PRO A 39 -142.73 19.91 77.18
C PRO A 39 -142.20 19.23 78.44
N SER A 40 -141.62 20.02 79.33
CA SER A 40 -141.20 19.54 80.64
C SER A 40 -141.44 20.59 81.72
N LEU A 41 -142.29 21.57 81.44
CA LEU A 41 -142.61 22.63 82.38
C LEU A 41 -144.11 22.77 82.50
N THR A 42 -144.54 23.48 83.54
CA THR A 42 -145.97 23.71 83.76
C THR A 42 -146.57 24.50 82.60
N SER A 43 -147.80 24.15 82.24
CA SER A 43 -148.53 24.85 81.20
C SER A 43 -149.56 25.83 81.77
N ALA A 44 -149.50 26.11 83.07
CA ALA A 44 -150.46 27.01 83.67
C ALA A 44 -150.28 28.43 83.13
N PRO A 45 -151.36 29.17 82.93
CA PRO A 45 -151.24 30.53 82.39
C PRO A 45 -150.60 31.48 83.39
N ILE A 46 -149.95 32.51 82.86
CA ILE A 46 -149.33 33.57 83.65
C ILE A 46 -149.86 34.91 83.17
N THR A 47 -149.52 35.95 83.92
CA THR A 47 -149.92 37.31 83.57
C THR A 47 -148.93 38.26 84.23
N ALA A 48 -148.15 38.98 83.43
CA ALA A 48 -147.10 39.82 83.97
C ALA A 48 -146.92 41.06 83.11
N ASN A 49 -146.07 41.96 83.58
CA ASN A 49 -145.81 43.24 82.92
C ASN A 49 -144.59 43.86 83.58
N VAL A 50 -143.79 44.55 82.76
CA VAL A 50 -142.60 45.22 83.27
C VAL A 50 -142.18 46.32 82.30
N GLY A 51 -141.81 47.47 82.84
CA GLY A 51 -141.12 48.49 82.08
C GLY A 51 -141.93 49.25 81.06
N LYS A 52 -141.37 50.37 80.59
CA LYS A 52 -141.94 51.16 79.53
C LYS A 52 -140.85 51.54 78.54
N TYR A 53 -141.22 51.69 77.28
CA TYR A 53 -140.26 52.04 76.26
C TYR A 53 -139.75 53.45 76.46
N VAL A 54 -138.50 53.68 76.07
CA VAL A 54 -137.85 54.95 76.35
C VAL A 54 -137.91 55.92 75.16
N GLY A 55 -137.67 55.43 73.95
CA GLY A 55 -137.53 56.31 72.82
C GLY A 55 -138.85 56.68 72.19
N PRO A 56 -138.81 57.56 71.18
CA PRO A 56 -140.03 57.88 70.45
C PRO A 56 -140.34 56.91 69.34
N LEU A 57 -139.37 56.08 68.93
CA LEU A 57 -139.60 55.13 67.86
C LEU A 57 -140.05 53.77 68.38
N SER A 58 -139.47 53.30 69.48
CA SER A 58 -139.94 52.06 70.09
C SER A 58 -141.37 52.21 70.59
N THR A 59 -141.74 53.41 71.06
CA THR A 59 -143.11 53.63 71.52
C THR A 59 -144.08 53.74 70.36
N PHE A 60 -143.69 54.41 69.27
CA PHE A 60 -144.59 54.55 68.13
C PHE A 60 -144.87 53.19 67.51
N LEU A 61 -143.82 52.44 67.18
CA LEU A 61 -143.98 51.03 66.91
C LEU A 61 -144.43 50.34 68.19
N ALA A 62 -144.85 49.09 68.07
CA ALA A 62 -145.30 48.32 69.23
C ALA A 62 -146.54 48.94 69.86
N SER A 63 -147.01 50.04 69.30
CA SER A 63 -148.28 50.66 69.63
C SER A 63 -149.23 50.69 68.46
N ILE A 64 -148.73 50.94 67.25
CA ILE A 64 -149.55 50.75 66.08
C ILE A 64 -149.80 49.28 65.83
N ALA A 65 -148.90 48.43 66.30
CA ALA A 65 -149.09 46.99 66.21
C ALA A 65 -150.00 46.45 67.31
N LYS A 66 -150.24 47.24 68.36
CA LYS A 66 -151.25 46.87 69.33
C LYS A 66 -152.65 47.30 68.91
N SER A 67 -152.76 48.16 67.89
CA SER A 67 -154.06 48.40 67.28
C SER A 67 -154.59 47.13 66.64
N ALA A 68 -153.73 46.40 65.96
CA ALA A 68 -154.01 45.00 65.64
C ALA A 68 -153.62 44.15 66.84
N GLY A 69 -153.79 42.83 66.73
CA GLY A 69 -153.39 42.01 67.84
C GLY A 69 -151.97 41.50 67.72
N TYR A 70 -151.02 42.23 68.31
CA TYR A 70 -149.62 41.86 68.23
C TYR A 70 -148.90 42.40 69.46
N GLU A 71 -147.75 41.82 69.77
CA GLU A 71 -147.09 42.03 71.06
C GLU A 71 -145.61 42.30 70.89
N VAL A 72 -145.27 43.22 69.99
CA VAL A 72 -143.92 43.50 69.52
C VAL A 72 -142.84 43.34 70.59
N VAL A 73 -141.76 42.64 70.22
CA VAL A 73 -140.60 42.42 71.06
C VAL A 73 -139.36 42.81 70.28
N PHE A 74 -138.52 43.67 70.86
CA PHE A 74 -137.34 44.19 70.17
C PHE A 74 -136.11 43.41 70.60
N ASN A 75 -135.29 43.02 69.63
CA ASN A 75 -134.08 42.28 69.91
C ASN A 75 -132.88 43.18 70.18
N PHE A 76 -133.02 44.50 70.03
CA PHE A 76 -131.92 45.41 70.21
C PHE A 76 -132.47 46.76 70.67
N ASN A 77 -131.57 47.70 70.93
CA ASN A 77 -131.95 49.02 71.40
C ASN A 77 -132.28 49.87 70.18
N ILE A 78 -133.55 49.82 69.78
CA ILE A 78 -133.96 50.52 68.57
C ILE A 78 -133.88 52.03 68.74
N ASP A 79 -133.86 52.52 69.98
CA ASP A 79 -133.79 53.94 70.24
C ASP A 79 -132.36 54.48 70.26
N ALA A 80 -131.38 53.63 70.00
CA ALA A 80 -130.00 54.06 69.88
C ALA A 80 -129.58 54.27 68.43
N LEU A 81 -130.54 54.28 67.52
CA LEU A 81 -130.24 54.63 66.14
C LEU A 81 -130.10 56.14 66.00
N ALA A 82 -129.96 56.61 64.77
CA ALA A 82 -129.91 58.03 64.48
C ALA A 82 -131.31 58.50 64.13
N LEU A 83 -131.95 59.19 65.05
CA LEU A 83 -133.33 59.65 64.87
C LEU A 83 -133.41 61.14 65.13
N ILE A 84 -134.13 61.84 64.27
CA ILE A 84 -134.27 63.30 64.35
C ILE A 84 -135.75 63.65 64.37
N ASN A 85 -136.12 64.59 65.23
CA ASN A 85 -137.52 64.91 65.48
C ASN A 85 -137.59 66.31 66.05
N GLY A 86 -138.80 66.86 66.07
CA GLY A 86 -138.98 68.15 66.72
C GLY A 86 -138.74 68.10 68.21
N GLU A 87 -139.23 67.05 68.86
CA GLU A 87 -139.08 66.90 70.30
C GLU A 87 -137.69 66.41 70.69
N ILE A 88 -137.00 65.70 69.80
CA ILE A 88 -135.69 65.13 70.14
C ILE A 88 -134.69 66.24 70.40
N VAL A 89 -134.70 67.29 69.57
CA VAL A 89 -133.68 68.33 69.70
C VAL A 89 -134.15 69.49 70.57
N PHE A 90 -135.45 69.74 70.65
CA PHE A 90 -135.96 70.91 71.33
C PHE A 90 -136.57 70.60 72.69
N GLY A 91 -136.36 69.40 73.21
CA GLY A 91 -136.99 69.07 74.47
C GLY A 91 -138.50 68.96 74.32
N ASN A 92 -139.19 69.15 75.44
CA ASN A 92 -140.64 69.06 75.46
C ASN A 92 -141.23 70.01 76.51
N THR A 98 -137.94 65.30 79.85
CA THR A 98 -136.71 64.54 79.98
C THR A 98 -135.57 65.20 79.21
N THR A 99 -134.51 64.44 78.97
CA THR A 99 -133.33 64.93 78.26
C THR A 99 -133.23 64.33 76.86
N SER A 100 -134.30 63.73 76.37
CA SER A 100 -134.42 63.32 74.97
C SER A 100 -133.33 62.33 74.57
N TYR A 101 -133.44 61.13 75.14
CA TYR A 101 -132.51 60.05 74.84
C TYR A 101 -132.71 59.58 73.40
N ALA A 102 -132.36 60.41 72.42
CA ALA A 102 -132.40 59.95 71.05
C ALA A 102 -131.14 60.31 70.25
N THR A 103 -130.61 61.52 70.47
CA THR A 103 -129.31 61.93 69.96
C THR A 103 -129.16 61.70 68.46
N PRO A 104 -129.66 62.63 67.62
CA PRO A 104 -129.58 62.46 66.15
C PRO A 104 -128.23 61.99 65.63
N LEU A 105 -127.18 62.14 66.42
CA LEU A 105 -125.88 61.57 66.12
C LEU A 105 -125.82 60.09 66.35
N GLY A 106 -126.91 59.45 66.74
CA GLY A 106 -126.87 58.06 67.06
C GLY A 106 -126.33 57.84 68.47
N ARG A 107 -126.18 56.56 68.80
CA ARG A 107 -125.63 56.19 70.09
C ARG A 107 -125.11 54.76 70.03
N PRO A 108 -124.11 54.49 69.18
CA PRO A 108 -123.79 53.10 68.84
C PRO A 108 -123.22 52.27 69.97
N GLN A 109 -122.73 52.88 71.04
CA GLN A 109 -122.22 52.08 72.16
C GLN A 109 -123.34 51.46 72.98
N GLU A 110 -124.55 52.01 72.91
CA GLU A 110 -125.69 51.49 73.63
C GLU A 110 -126.69 50.83 72.70
N LEU A 111 -126.26 50.42 71.52
CA LEU A 111 -127.12 49.81 70.53
C LEU A 111 -127.43 48.35 70.83
N PRO A 112 -126.46 47.53 71.26
CA PRO A 112 -126.78 46.11 71.50
C PRO A 112 -127.50 45.85 72.81
N ALA A 113 -128.05 46.88 73.44
CA ALA A 113 -128.80 46.69 74.66
C ALA A 113 -130.09 45.91 74.38
N LYS A 114 -130.78 45.50 75.43
CA LYS A 114 -132.00 44.72 75.32
C LYS A 114 -133.10 45.43 76.09
N PRO A 115 -134.20 45.80 75.45
CA PRO A 115 -135.28 46.48 76.17
C PRO A 115 -136.06 45.49 77.04
N VAL A 116 -136.06 45.74 78.34
CA VAL A 116 -136.86 44.92 79.27
C VAL A 116 -138.23 45.58 79.35
N VAL A 117 -139.06 45.28 78.35
CA VAL A 117 -140.46 45.67 78.32
C VAL A 117 -141.25 44.48 77.80
N HIS A 118 -142.12 43.92 78.62
CA HIS A 118 -142.88 42.74 78.24
C HIS A 118 -144.30 42.85 78.76
N ASN A 119 -145.20 42.14 78.10
CA ASN A 119 -146.60 42.11 78.50
C ASN A 119 -147.17 40.75 78.15
N PHE A 120 -147.71 40.07 79.15
CA PHE A 120 -148.25 38.72 79.00
C PHE A 120 -149.64 38.67 79.61
N SER A 121 -150.57 38.04 78.88
CA SER A 121 -151.95 37.91 79.34
C SER A 121 -152.40 36.49 79.07
N ASN A 122 -152.54 35.69 80.14
CA ASN A 122 -152.99 34.31 80.04
C ASN A 122 -152.12 33.48 79.11
N ALA A 123 -150.84 33.79 79.05
CA ALA A 123 -149.94 32.99 78.24
C ALA A 123 -149.45 31.79 79.03
N PRO A 124 -149.32 30.63 78.37
CA PRO A 124 -148.83 29.44 79.08
C PRO A 124 -147.37 29.60 79.46
N PHE A 125 -147.07 29.38 80.74
CA PHE A 125 -145.69 29.40 81.19
C PHE A 125 -144.86 28.36 80.47
N ASN A 126 -145.49 27.32 79.95
CA ASN A 126 -144.77 26.29 79.19
C ASN A 126 -144.06 26.90 78.00
N GLU A 127 -144.72 27.82 77.30
CA GLU A 127 -144.20 28.35 76.05
C GLU A 127 -143.84 29.83 76.12
N ALA A 128 -144.12 30.51 77.24
CA ALA A 128 -143.66 31.88 77.41
C ALA A 128 -142.27 31.97 78.02
N TRP A 129 -141.93 31.02 78.89
CA TRP A 129 -140.60 30.97 79.47
C TRP A 129 -139.50 30.73 78.43
N PRO A 130 -139.61 29.73 77.53
CA PRO A 130 -138.53 29.53 76.55
C PRO A 130 -138.34 30.71 75.61
N LEU A 131 -139.35 31.53 75.41
CA LEU A 131 -139.17 32.74 74.60
C LEU A 131 -138.24 33.73 75.30
N LEU A 132 -138.47 33.97 76.59
CA LEU A 132 -137.63 34.91 77.32
C LEU A 132 -136.20 34.42 77.43
N MET A 133 -135.99 33.11 77.45
CA MET A 133 -134.64 32.60 77.47
C MET A 133 -133.94 32.67 76.13
N ASP A 134 -134.67 32.99 75.07
CA ASP A 134 -134.05 33.24 73.78
C ASP A 134 -133.87 34.73 73.50
N VAL A 135 -134.68 35.59 74.12
CA VAL A 135 -134.48 37.02 73.97
C VAL A 135 -133.20 37.44 74.66
N TYR A 136 -132.99 36.97 75.89
CA TYR A 136 -131.83 37.34 76.68
C TYR A 136 -130.68 36.34 76.59
N GLU A 137 -130.82 35.29 75.78
CA GLU A 137 -129.77 34.30 75.57
C GLU A 137 -129.31 33.67 76.88
N LEU A 138 -130.25 33.04 77.57
CA LEU A 138 -129.98 32.34 78.80
C LEU A 138 -130.22 30.84 78.60
N ASP A 139 -129.76 30.06 79.58
CA ASP A 139 -129.88 28.61 79.54
C ASP A 139 -130.27 28.14 80.92
N TYR A 140 -131.28 27.28 81.02
CA TYR A 140 -131.80 26.86 82.30
C TYR A 140 -131.79 25.34 82.42
N GLN A 141 -131.96 24.88 83.66
CA GLN A 141 -132.10 23.47 83.95
C GLN A 141 -132.85 23.33 85.27
N LEU A 142 -133.46 22.16 85.47
CA LEU A 142 -134.33 21.91 86.60
C LEU A 142 -133.60 21.12 87.68
N VAL A 143 -133.82 21.51 88.93
CA VAL A 143 -133.27 20.83 90.09
C VAL A 143 -134.42 20.59 91.06
N LYS A 144 -134.36 19.46 91.78
CA LYS A 144 -135.37 19.11 92.77
C LYS A 144 -134.79 19.26 94.16
N VAL A 145 -135.50 19.98 95.02
CA VAL A 145 -135.07 20.18 96.40
C VAL A 145 -136.15 19.53 97.27
N GLY A 146 -136.74 18.46 96.75
CA GLY A 146 -137.79 17.76 97.46
C GLY A 146 -139.11 17.85 96.73
N SER A 147 -140.09 18.50 97.35
CA SER A 147 -141.39 18.69 96.73
C SER A 147 -141.45 19.97 95.90
N ALA A 148 -140.34 20.70 95.78
CA ALA A 148 -140.29 21.94 95.04
C ALA A 148 -139.28 21.82 93.92
N ASN A 149 -139.67 22.26 92.72
CA ASN A 149 -138.77 22.29 91.58
C ASN A 149 -138.15 23.68 91.46
N VAL A 150 -136.85 23.73 91.24
CA VAL A 150 -136.09 24.96 91.19
C VAL A 150 -135.35 25.04 89.85
N ILE A 151 -135.40 26.21 89.23
CA ILE A 151 -134.79 26.45 87.92
C ILE A 151 -133.47 27.17 88.14
N ARG A 152 -132.40 26.65 87.55
CA ARG A 152 -131.06 27.21 87.69
C ARG A 152 -130.70 27.93 86.40
N ILE A 153 -131.04 29.20 86.31
CA ILE A 153 -130.77 29.98 85.10
C ILE A 153 -129.27 30.22 84.99
N GLY A 154 -128.73 29.99 83.80
CA GLY A 154 -127.33 30.23 83.54
C GLY A 154 -127.13 31.19 82.39
N GLN A 155 -126.15 30.90 81.54
CA GLN A 155 -125.87 31.74 80.37
C GLN A 155 -125.59 30.81 79.21
N ARG A 156 -126.10 31.15 78.03
CA ARG A 156 -126.00 30.24 76.90
C ARG A 156 -124.62 30.30 76.27
N PRO A 157 -124.01 29.15 75.97
CA PRO A 157 -122.74 29.16 75.25
C PRO A 157 -122.94 29.64 73.82
N LYS A 158 -122.28 30.76 73.48
CA LYS A 158 -122.50 31.44 72.21
C LYS A 158 -121.53 30.90 71.17
N GLN A 159 -121.90 29.74 70.61
CA GLN A 159 -121.10 29.11 69.57
C GLN A 159 -122.03 28.54 68.51
N LEU A 160 -121.51 28.41 67.30
CA LEU A 160 -122.33 27.97 66.18
C LEU A 160 -121.43 27.35 65.13
N ALA A 161 -121.90 26.29 64.50
CA ALA A 161 -121.18 25.61 63.45
C ALA A 161 -121.85 25.90 62.11
N LEU A 162 -121.07 26.37 61.14
CA LEU A 162 -121.60 26.74 59.84
C LEU A 162 -121.02 25.83 58.77
N PRO A 163 -121.77 24.83 58.29
CA PRO A 163 -121.25 23.98 57.21
C PRO A 163 -121.07 24.77 55.93
N LEU A 164 -119.98 24.48 55.23
CA LEU A 164 -119.67 25.09 53.94
C LEU A 164 -119.85 24.06 52.84
N LYS A 165 -120.53 24.46 51.76
CA LYS A 165 -120.86 23.54 50.69
C LYS A 165 -120.05 23.75 49.42
N PHE A 166 -119.55 24.97 49.17
CA PHE A 166 -118.89 25.23 47.90
C PHE A 166 -117.61 26.05 47.99
N ILE A 167 -117.22 26.51 49.18
CA ILE A 167 -116.02 27.31 49.31
C ILE A 167 -115.19 26.76 50.46
N SER A 168 -113.86 26.87 50.31
CA SER A 168 -112.96 26.42 51.36
C SER A 168 -113.03 27.37 52.55
N ALA A 169 -113.04 26.81 53.75
CA ALA A 169 -113.11 27.61 54.96
C ALA A 169 -111.74 28.16 55.33
N GLU A 170 -111.06 28.78 54.37
CA GLU A 170 -109.82 29.49 54.63
C GLU A 170 -109.89 30.83 53.92
N SER A 171 -110.65 30.86 52.83
CA SER A 171 -110.97 32.11 52.17
C SER A 171 -112.32 32.65 52.60
N ALA A 172 -113.21 31.79 53.08
CA ALA A 172 -114.46 32.27 53.68
C ALA A 172 -114.19 33.08 54.93
N LEU A 173 -113.18 32.70 55.72
CA LEU A 173 -112.78 33.53 56.85
C LEU A 173 -112.24 34.87 56.37
N THR A 174 -111.42 34.86 55.32
CA THR A 174 -110.86 36.11 54.81
C THR A 174 -111.96 37.05 54.33
N ALA A 175 -112.97 36.51 53.66
CA ALA A 175 -114.09 37.33 53.21
C ALA A 175 -114.99 37.77 54.36
N ILE A 176 -114.82 37.20 55.55
CA ILE A 176 -115.58 37.63 56.72
C ILE A 176 -114.82 38.68 57.52
N GLU A 177 -113.50 38.53 57.61
CA GLU A 177 -112.70 39.51 58.34
C GLU A 177 -112.71 40.88 57.67
N LYS A 178 -113.05 40.94 56.38
CA LYS A 178 -113.08 42.24 55.71
C LYS A 178 -114.50 42.81 55.69
N PHE A 179 -115.50 41.93 55.55
CA PHE A 179 -116.89 42.36 55.69
C PHE A 179 -117.14 42.97 57.06
N PHE A 180 -116.77 42.26 58.12
CA PHE A 180 -117.10 42.66 59.49
C PHE A 180 -115.91 43.25 60.23
N GLY A 181 -114.84 43.60 59.51
CA GLY A 181 -113.69 44.19 60.15
C GLY A 181 -113.95 45.63 60.58
N GLU A 182 -113.02 46.15 61.37
CA GLU A 182 -113.13 47.52 61.85
C GLU A 182 -111.76 48.19 61.89
N ARG A 202 -111.13 43.03 63.23
CA ARG A 202 -112.15 42.20 63.85
C ARG A 202 -112.44 42.65 65.28
N PRO A 203 -113.70 42.91 65.58
CA PRO A 203 -114.07 43.25 66.95
C PRO A 203 -113.85 42.08 67.87
N THR A 204 -113.58 42.37 69.15
CA THR A 204 -113.36 41.30 70.11
C THR A 204 -114.64 40.56 70.46
N GLY A 205 -115.80 41.05 70.02
CA GLY A 205 -117.04 40.34 70.24
C GLY A 205 -117.30 39.23 69.25
N LYS A 206 -116.43 39.02 68.29
CA LYS A 206 -116.60 38.01 67.25
C LYS A 206 -115.34 37.19 67.08
N PHE A 207 -115.52 35.88 66.86
CA PHE A 207 -114.43 34.97 66.57
C PHE A 207 -114.82 34.07 65.42
N GLY A 208 -113.87 33.80 64.53
CA GLY A 208 -114.11 32.90 63.41
C GLY A 208 -113.08 31.79 63.36
N LEU A 209 -113.51 30.55 63.55
CA LEU A 209 -112.59 29.42 63.62
C LEU A 209 -112.68 28.59 62.35
N PRO A 210 -111.68 28.62 61.48
CA PRO A 210 -111.69 27.73 60.32
C PRO A 210 -111.51 26.28 60.76
N ASN A 211 -112.10 25.36 60.00
CA ASN A 211 -111.82 23.95 60.25
C ASN A 211 -111.72 23.16 58.95
N SER A 212 -111.65 23.81 57.79
CA SER A 212 -111.48 23.18 56.49
C SER A 212 -112.68 22.34 56.07
N ILE A 213 -113.69 22.24 56.95
CA ILE A 213 -114.96 21.63 56.60
C ILE A 213 -116.06 22.63 56.90
N LYS A 214 -115.81 23.51 57.86
CA LYS A 214 -116.79 24.50 58.29
C LYS A 214 -116.06 25.64 58.99
N VAL A 215 -116.84 26.57 59.53
CA VAL A 215 -116.34 27.63 60.40
C VAL A 215 -117.16 27.61 61.68
N ILE A 216 -116.61 28.18 62.73
CA ILE A 216 -117.27 28.20 64.04
C ILE A 216 -117.35 29.63 64.55
N PRO A 217 -118.33 30.41 64.10
CA PRO A 217 -118.45 31.79 64.59
C PRO A 217 -118.84 31.85 66.07
N ASP A 218 -118.39 32.92 66.73
CA ASP A 218 -118.64 33.17 68.13
C ASP A 218 -119.14 34.59 68.27
N SER A 219 -120.43 34.77 68.55
CA SER A 219 -120.96 36.11 68.70
C SER A 219 -122.34 36.05 69.34
N SER A 220 -122.83 37.22 69.72
CA SER A 220 -124.17 37.33 70.27
C SER A 220 -125.21 36.88 69.26
N ASN A 221 -126.46 36.78 69.71
CA ASN A 221 -127.51 36.26 68.85
C ASN A 221 -127.72 37.16 67.63
N LYS A 222 -127.73 38.48 67.84
CA LYS A 222 -127.91 39.40 66.73
C LYS A 222 -126.80 39.31 65.70
N ARG A 223 -125.57 39.22 66.15
CA ARG A 223 -124.45 39.18 65.23
C ARG A 223 -124.27 37.81 64.61
N LEU A 224 -125.03 36.81 65.04
CA LEU A 224 -125.06 35.51 64.41
C LEU A 224 -126.19 35.35 63.41
N ILE A 225 -126.96 36.41 63.17
CA ILE A 225 -127.99 36.41 62.13
C ILE A 225 -127.61 37.34 60.98
N ILE A 226 -127.50 38.64 61.26
CA ILE A 226 -127.00 39.57 60.26
C ILE A 226 -125.53 39.35 60.01
N GLY A 227 -124.87 38.59 60.86
CA GLY A 227 -123.46 38.34 60.69
C GLY A 227 -123.25 37.17 59.77
N SER A 228 -122.50 36.17 60.25
CA SER A 228 -122.05 35.11 59.37
C SER A 228 -123.21 34.38 58.73
N ASN A 229 -124.30 34.16 59.46
CA ASN A 229 -125.37 33.30 58.97
C ASN A 229 -126.05 33.84 57.72
N SER A 230 -125.90 35.13 57.39
CA SER A 230 -126.51 35.68 56.20
C SER A 230 -125.51 36.16 55.16
N GLU A 231 -124.23 36.31 55.51
CA GLU A 231 -123.24 36.50 54.46
C GLU A 231 -122.66 35.17 54.00
N ASP A 232 -122.39 34.25 54.93
CA ASP A 232 -121.98 32.92 54.53
C ASP A 232 -123.06 32.24 53.70
N GLY A 233 -124.32 32.64 53.89
CA GLY A 233 -125.41 32.16 53.07
C GLY A 233 -125.50 32.77 51.70
N ILE A 234 -124.81 33.88 51.44
CA ILE A 234 -124.84 34.53 50.13
C ILE A 234 -123.57 34.28 49.33
N ARG A 235 -122.57 33.64 49.93
CA ARG A 235 -121.34 33.31 49.23
C ARG A 235 -121.10 31.82 49.07
N ILE A 236 -122.00 30.98 49.58
CA ILE A 236 -122.00 29.56 49.25
C ILE A 236 -122.86 29.42 47.99
N ARG A 237 -122.21 29.40 46.85
CA ARG A 237 -122.89 29.34 45.57
C ARG A 237 -121.98 28.74 44.51
N SER A 238 -122.59 28.37 43.39
CA SER A 238 -121.88 27.71 42.29
C SER A 238 -120.80 28.60 41.70
N PHE A 239 -119.55 28.24 41.94
CA PHE A 239 -118.43 28.93 41.32
C PHE A 239 -118.42 28.68 39.81
N VAL A 240 -118.05 29.71 39.05
CA VAL A 240 -117.95 29.59 37.60
C VAL A 240 -116.48 29.59 37.22
N GLU A 241 -116.18 28.93 36.10
CA GLU A 241 -114.80 28.79 35.65
C GLU A 241 -114.60 29.37 34.25
N ILE A 257 -98.28 26.93 31.29
CA ILE A 257 -97.26 27.24 30.32
C ILE A 257 -97.52 26.46 29.04
N SER A 258 -97.13 27.05 27.90
CA SER A 258 -97.30 26.42 26.60
C SER A 258 -95.93 26.07 26.04
N GLU A 259 -95.72 24.79 25.73
CA GLU A 259 -94.52 24.32 25.09
C GLU A 259 -94.88 23.62 23.79
N ILE A 260 -93.87 23.39 22.96
CA ILE A 260 -94.07 22.78 21.65
C ILE A 260 -93.41 21.42 21.65
N TYR A 261 -94.19 20.39 21.35
CA TYR A 261 -93.68 19.04 21.21
C TYR A 261 -93.86 18.66 19.74
N ILE A 262 -92.76 18.63 19.00
CA ILE A 262 -92.81 18.16 17.62
C ILE A 262 -93.08 16.67 17.62
N VAL A 263 -94.10 16.25 16.87
CA VAL A 263 -94.48 14.85 16.87
C VAL A 263 -93.37 14.03 16.22
N ARG A 264 -92.83 13.06 16.97
CA ARG A 264 -91.74 12.26 16.46
C ARG A 264 -92.26 11.07 15.67
N GLY A 265 -93.09 10.24 16.29
CA GLY A 265 -93.64 9.10 15.62
C GLY A 265 -95.00 9.39 15.00
N GLN A 266 -95.94 8.47 15.19
CA GLN A 266 -97.27 8.63 14.62
C GLN A 266 -98.00 9.79 15.29
N LYS A 267 -99.05 10.28 14.62
CA LYS A 267 -99.77 11.45 15.10
C LYS A 267 -100.76 11.10 16.20
N GLU A 268 -101.74 10.25 15.90
CA GLU A 268 -102.79 9.95 16.88
C GLU A 268 -102.23 9.33 18.15
N SER A 269 -101.06 8.69 18.07
CA SER A 269 -100.42 8.15 19.27
C SER A 269 -100.19 9.26 20.29
N VAL A 270 -99.56 10.35 19.85
CA VAL A 270 -99.38 11.49 20.75
C VAL A 270 -100.67 12.25 20.98
N LEU A 271 -101.70 11.96 20.18
CA LEU A 271 -103.01 12.57 20.41
C LEU A 271 -103.85 11.75 21.38
N GLN A 272 -104.14 10.49 21.01
CA GLN A 272 -105.07 9.69 21.80
C GLN A 272 -104.54 9.45 23.20
N PHE A 273 -103.25 9.16 23.33
CA PHE A 273 -102.68 8.92 24.65
C PHE A 273 -102.75 10.17 25.50
N LEU A 274 -102.45 11.33 24.93
CA LEU A 274 -102.20 12.51 25.75
C LEU A 274 -103.46 13.00 26.45
N ARG A 275 -104.62 12.84 25.81
CA ARG A 275 -105.87 13.21 26.47
C ARG A 275 -106.21 12.27 27.62
N ASP A 276 -105.85 11.00 27.51
CA ASP A 276 -106.22 10.01 28.51
C ASP A 276 -105.49 10.26 29.82
N SER A 277 -104.16 10.18 29.80
CA SER A 277 -103.39 10.38 31.01
C SER A 277 -103.33 11.83 31.44
N PHE A 278 -103.68 12.77 30.57
CA PHE A 278 -103.67 14.19 30.91
C PHE A 278 -104.88 14.89 30.31
N PRO A 279 -106.06 14.71 30.92
CA PRO A 279 -107.19 15.56 30.55
C PRO A 279 -107.01 16.98 31.04
N GLU A 280 -106.17 17.20 32.04
CA GLU A 280 -105.88 18.55 32.51
C GLU A 280 -104.81 19.18 31.65
N LEU A 281 -104.98 19.11 30.33
CA LEU A 281 -104.07 19.70 29.36
C LEU A 281 -104.84 19.91 28.07
N ILE A 282 -104.35 20.86 27.28
CA ILE A 282 -104.89 21.13 25.96
C ILE A 282 -103.75 21.15 24.96
N VAL A 283 -103.97 20.51 23.81
CA VAL A 283 -102.99 20.45 22.74
C VAL A 283 -103.53 21.29 21.58
N THR A 284 -102.83 22.38 21.27
CA THR A 284 -103.18 23.23 20.16
C THR A 284 -102.40 22.74 18.93
N ASP A 285 -103.11 22.24 17.93
CA ASP A 285 -102.48 21.58 16.79
C ASP A 285 -102.20 22.61 15.71
N TYR A 286 -100.96 22.59 15.24
CA TYR A 286 -100.49 23.46 14.17
C TYR A 286 -100.18 22.56 12.98
N ALA A 287 -101.04 22.60 11.96
CA ALA A 287 -100.97 21.63 10.87
C ALA A 287 -99.55 21.51 10.34
N SER A 288 -98.96 20.32 10.55
CA SER A 288 -97.57 20.00 10.28
C SER A 288 -96.59 20.76 11.17
N GLY A 289 -97.07 21.62 12.05
CA GLY A 289 -96.19 22.31 12.98
C GLY A 289 -95.95 21.59 14.29
N GLY A 290 -96.63 20.47 14.51
CA GLY A 290 -96.49 19.73 15.75
C GLY A 290 -97.63 19.99 16.71
N LEU A 291 -97.29 20.28 17.97
CA LEU A 291 -98.27 20.51 19.01
C LEU A 291 -97.81 21.67 19.86
N ALA A 292 -98.70 22.16 20.72
CA ALA A 292 -98.44 23.33 21.54
C ALA A 292 -98.97 23.13 22.96
N ILE A 293 -98.63 21.99 23.56
CA ILE A 293 -99.16 21.56 24.86
C ILE A 293 -99.13 22.70 25.87
N GLU A 294 -100.29 22.98 26.48
CA GLU A 294 -100.38 24.03 27.48
C GLU A 294 -101.36 23.60 28.58
N GLY A 295 -101.20 24.19 29.75
CA GLY A 295 -102.04 23.91 30.87
C GLY A 295 -101.35 24.20 32.18
N PRO A 296 -101.57 23.35 33.17
CA PRO A 296 -100.84 23.49 34.44
C PRO A 296 -99.34 23.48 34.21
N ARG A 297 -98.65 24.38 34.90
CA ARG A 297 -97.22 24.61 34.67
C ARG A 297 -96.36 23.46 35.14
N THR A 298 -96.90 22.49 35.85
CA THR A 298 -96.16 21.32 36.30
C THR A 298 -96.59 20.04 35.59
N SER A 299 -97.89 19.87 35.34
CA SER A 299 -98.35 18.68 34.64
C SER A 299 -97.76 18.59 33.24
N VAL A 300 -97.41 19.74 32.65
CA VAL A 300 -96.78 19.74 31.34
C VAL A 300 -95.43 19.04 31.40
N ASN A 301 -94.59 19.44 32.37
CA ASN A 301 -93.26 18.86 32.48
C ASN A 301 -93.34 17.36 32.68
N ARG A 302 -94.31 16.92 33.47
CA ARG A 302 -94.51 15.49 33.67
C ARG A 302 -95.06 14.82 32.42
N ALA A 303 -95.88 15.53 31.64
CA ALA A 303 -96.39 14.95 30.40
C ALA A 303 -95.29 14.79 29.37
N ILE A 304 -94.38 15.76 29.28
CA ILE A 304 -93.33 15.73 28.26
C ILE A 304 -92.39 14.56 28.50
N ILE A 305 -91.92 14.41 29.74
CA ILE A 305 -90.99 13.32 30.05
C ILE A 305 -91.64 11.98 29.76
N LEU A 306 -92.89 11.82 30.16
CA LEU A 306 -93.65 10.62 29.81
C LEU A 306 -93.85 10.50 28.30
N LEU A 307 -94.12 11.61 27.62
CA LEU A 307 -94.44 11.56 26.19
C LEU A 307 -93.25 11.10 25.36
N GLY A 308 -92.03 11.37 25.81
CA GLY A 308 -90.88 10.86 25.08
C GLY A 308 -90.84 9.35 25.02
N GLN A 309 -91.20 8.69 26.12
CA GLN A 309 -91.18 7.23 26.13
C GLN A 309 -92.26 6.65 25.24
N VAL A 310 -93.50 7.12 25.38
CA VAL A 310 -94.61 6.46 24.71
C VAL A 310 -94.57 6.72 23.21
N ASP A 311 -93.91 7.79 22.79
CA ASP A 311 -93.84 8.16 21.38
C ASP A 311 -92.40 8.00 20.90
N ARG A 312 -92.19 7.04 20.00
CA ARG A 312 -90.88 6.80 19.41
C ARG A 312 -91.01 6.67 17.91
N ALA A 313 -89.96 7.07 17.21
CA ALA A 313 -89.93 6.99 15.75
C ALA A 313 -89.74 5.55 15.30
N PRO A 314 -90.27 5.18 14.14
CA PRO A 314 -90.06 3.82 13.64
C PRO A 314 -88.58 3.54 13.45
N GLU A 315 -88.19 2.31 13.71
CA GLU A 315 -86.78 1.95 13.70
C GLU A 315 -86.38 1.38 12.34
N ILE A 316 -85.13 1.57 12.00
CA ILE A 316 -84.58 1.24 10.67
C ILE A 316 -83.87 -0.10 10.77
N PRO A 317 -84.33 -1.13 10.07
CA PRO A 317 -83.70 -2.45 10.18
C PRO A 317 -82.40 -2.58 9.40
N ILE A 318 -81.29 -2.21 10.04
CA ILE A 318 -79.94 -2.34 9.48
C ILE A 318 -79.70 -3.72 8.89
N VAL A 319 -79.28 -3.77 7.64
CA VAL A 319 -79.05 -5.02 6.90
C VAL A 319 -77.56 -5.17 6.64
N GLN A 320 -77.13 -6.41 6.44
CA GLN A 320 -75.72 -6.74 6.29
C GLN A 320 -75.48 -7.41 4.95
N ARG A 321 -74.46 -6.96 4.24
CA ARG A 321 -73.99 -7.64 3.04
C ARG A 321 -72.48 -7.60 2.99
N ILE A 322 -71.92 -8.58 2.31
CA ILE A 322 -70.49 -8.78 2.20
C ILE A 322 -70.09 -8.45 0.77
N TYR A 323 -69.13 -7.54 0.61
CA TYR A 323 -68.68 -7.11 -0.70
C TYR A 323 -67.28 -7.64 -0.93
N THR A 324 -67.03 -8.15 -2.13
CA THR A 324 -65.73 -8.69 -2.51
C THR A 324 -65.07 -7.72 -3.47
N VAL A 325 -64.26 -6.82 -2.92
CA VAL A 325 -63.75 -5.70 -3.71
C VAL A 325 -62.85 -6.20 -4.82
N ARG A 326 -63.06 -5.67 -6.02
CA ARG A 326 -62.20 -5.91 -7.18
C ARG A 326 -61.41 -4.65 -7.44
N GLY A 327 -60.10 -4.73 -7.29
CA GLY A 327 -59.29 -3.54 -7.36
C GLY A 327 -58.66 -3.30 -6.02
N GLN A 328 -58.28 -2.07 -5.72
CA GLN A 328 -57.77 -1.79 -4.39
C GLN A 328 -58.93 -1.82 -3.41
N ALA A 329 -58.59 -2.05 -2.14
CA ALA A 329 -59.60 -1.99 -1.09
C ALA A 329 -59.43 -0.79 -0.18
N ALA A 330 -58.29 -0.12 -0.24
CA ALA A 330 -58.13 1.11 0.53
C ALA A 330 -58.86 2.27 -0.14
N ASP A 331 -58.86 2.29 -1.47
CA ASP A 331 -59.53 3.38 -2.18
C ASP A 331 -61.03 3.22 -2.14
N ILE A 332 -61.52 1.99 -2.17
CA ILE A 332 -62.96 1.78 -2.16
C ILE A 332 -63.50 1.80 -0.75
N THR A 333 -62.63 1.82 0.25
CA THR A 333 -63.07 2.13 1.60
C THR A 333 -63.19 3.64 1.78
N ALA A 334 -62.22 4.40 1.26
CA ALA A 334 -62.29 5.85 1.36
C ALA A 334 -63.45 6.40 0.55
N LEU A 335 -63.74 5.79 -0.61
CA LEU A 335 -64.90 6.22 -1.39
C LEU A 335 -66.18 6.06 -0.58
N LEU A 336 -66.40 4.89 -0.01
CA LEU A 336 -67.61 4.65 0.76
C LEU A 336 -67.60 5.37 2.09
N ALA A 337 -66.50 6.01 2.46
CA ALA A 337 -66.48 6.84 3.66
C ALA A 337 -66.65 8.32 3.37
N ALA A 338 -66.72 8.71 2.10
CA ALA A 338 -67.08 10.07 1.72
C ALA A 338 -68.48 10.12 1.13
N GLN A 339 -68.73 9.37 0.08
CA GLN A 339 -70.09 9.03 -0.28
C GLN A 339 -70.65 8.09 0.78
N TYR A 340 -71.91 8.29 1.12
CA TYR A 340 -72.57 7.46 2.13
C TYR A 340 -71.74 7.44 3.41
N PRO A 341 -71.67 8.55 4.15
CA PRO A 341 -70.79 8.60 5.32
C PRO A 341 -71.29 7.81 6.50
N THR A 342 -72.46 7.16 6.40
CA THR A 342 -72.96 6.28 7.45
C THR A 342 -73.32 4.94 6.80
N LEU A 343 -72.32 4.09 6.64
CA LEU A 343 -72.55 2.74 6.13
C LEU A 343 -71.89 1.66 6.95
N ARG A 344 -70.91 2.01 7.80
CA ARG A 344 -70.22 1.04 8.64
C ARG A 344 -69.57 -0.05 7.80
N VAL A 345 -68.57 0.38 7.04
CA VAL A 345 -67.78 -0.50 6.21
C VAL A 345 -66.64 -1.06 7.06
N THR A 346 -66.65 -2.37 7.25
CA THR A 346 -65.65 -3.05 8.07
C THR A 346 -64.91 -4.07 7.24
N PRO A 347 -63.59 -4.04 7.20
CA PRO A 347 -62.83 -4.97 6.37
C PRO A 347 -62.52 -6.26 7.11
N VAL A 348 -62.52 -7.36 6.35
CA VAL A 348 -62.10 -8.65 6.89
C VAL A 348 -60.60 -8.75 6.65
N GLY A 349 -59.84 -8.11 7.53
CA GLY A 349 -58.40 -8.07 7.36
C GLY A 349 -58.03 -7.49 6.00
N GLN A 350 -56.88 -7.94 5.51
CA GLN A 350 -56.47 -7.65 4.14
C GLN A 350 -56.73 -8.91 3.31
N THR A 351 -58.01 -9.13 2.98
CA THR A 351 -58.39 -10.27 2.18
C THR A 351 -59.28 -9.87 1.02
N GLY A 352 -59.35 -8.58 0.69
CA GLY A 352 -60.18 -8.16 -0.40
C GLY A 352 -61.66 -8.36 -0.17
N GLN A 353 -62.07 -8.54 1.08
CA GLN A 353 -63.48 -8.60 1.43
C GLN A 353 -63.80 -7.43 2.32
N LEU A 354 -65.09 -7.16 2.46
CA LEU A 354 -65.51 -5.88 3.01
C LEU A 354 -66.92 -6.09 3.52
N VAL A 355 -67.09 -6.10 4.84
CA VAL A 355 -68.39 -6.32 5.45
C VAL A 355 -68.98 -4.96 5.73
N LEU A 356 -70.03 -4.61 4.98
CA LEU A 356 -70.65 -3.30 5.04
C LEU A 356 -72.11 -3.44 5.43
N ASN A 357 -72.56 -2.53 6.30
CA ASN A 357 -73.68 -2.74 7.21
C ASN A 357 -74.49 -1.47 7.40
N GLY A 358 -75.56 -1.31 6.63
CA GLY A 358 -76.40 -0.14 6.76
C GLY A 358 -77.81 -0.44 6.29
N ALA A 359 -78.66 0.60 6.35
CA ALA A 359 -80.04 0.48 5.91
C ALA A 359 -80.11 -0.02 4.48
N GLN A 360 -81.28 -0.55 4.10
CA GLN A 360 -81.33 -1.16 2.77
C GLN A 360 -81.37 -0.12 1.66
N ALA A 361 -81.88 1.09 1.93
CA ALA A 361 -81.83 2.12 0.91
C ALA A 361 -80.39 2.49 0.58
N GLN A 362 -79.60 2.80 1.59
CA GLN A 362 -78.17 3.03 1.39
C GLN A 362 -77.52 1.83 0.75
N LEU A 363 -78.00 0.64 1.07
CA LEU A 363 -77.29 -0.56 0.66
C LEU A 363 -77.46 -0.80 -0.83
N ASP A 364 -78.67 -0.64 -1.34
CA ASP A 364 -78.91 -0.83 -2.76
C ASP A 364 -78.50 0.37 -3.59
N THR A 365 -78.12 1.47 -2.96
CA THR A 365 -77.54 2.59 -3.69
C THR A 365 -76.03 2.43 -3.80
N ALA A 366 -75.38 2.09 -2.68
CA ALA A 366 -73.93 1.90 -2.72
C ALA A 366 -73.54 0.76 -3.63
N LEU A 367 -74.35 -0.30 -3.69
CA LEU A 367 -73.98 -1.43 -4.53
C LEU A 367 -74.11 -1.08 -6.00
N ALA A 368 -74.98 -0.13 -6.34
CA ALA A 368 -75.08 0.27 -7.75
C ALA A 368 -73.93 1.17 -8.15
N LEU A 369 -73.50 2.06 -7.26
CA LEU A 369 -72.31 2.85 -7.55
C LEU A 369 -71.08 1.97 -7.65
N LEU A 370 -70.87 1.10 -6.67
CA LEU A 370 -69.70 0.25 -6.69
C LEU A 370 -69.68 -0.63 -7.92
N GLU A 371 -70.86 -0.94 -8.47
CA GLU A 371 -70.88 -1.70 -9.70
C GLU A 371 -70.28 -0.89 -10.86
N GLN A 372 -70.27 0.43 -10.74
CA GLN A 372 -69.84 1.29 -11.85
C GLN A 372 -68.37 1.66 -11.74
N VAL A 373 -67.94 2.10 -10.56
CA VAL A 373 -66.63 2.70 -10.42
C VAL A 373 -65.60 1.70 -9.90
N ASP A 374 -65.85 0.41 -10.03
CA ASP A 374 -64.98 -0.59 -9.44
C ASP A 374 -64.71 -1.69 -10.46
N ARG A 375 -63.50 -1.71 -10.99
CA ARG A 375 -63.07 -2.71 -11.95
C ARG A 375 -61.63 -3.09 -11.65
N PRO A 376 -61.20 -4.27 -12.08
CA PRO A 376 -59.83 -4.71 -11.77
C PRO A 376 -58.79 -3.80 -12.38
N ALA A 377 -57.64 -3.73 -11.72
CA ALA A 377 -56.58 -2.84 -12.16
C ALA A 377 -56.02 -3.29 -13.50
N PRO A 378 -55.38 -2.38 -14.23
CA PRO A 378 -54.71 -2.78 -15.48
C PRO A 378 -53.38 -3.47 -15.20
N VAL A 379 -52.89 -4.18 -16.21
CA VAL A 379 -51.67 -4.96 -16.10
C VAL A 379 -50.52 -4.22 -16.75
N ALA A 380 -49.34 -4.34 -16.15
CA ALA A 380 -48.13 -3.81 -16.78
C ALA A 380 -47.81 -4.62 -18.03
N GLU A 381 -47.13 -3.98 -18.98
CA GLU A 381 -46.97 -4.62 -20.28
C GLU A 381 -45.82 -5.64 -20.26
N SER A 382 -44.59 -5.15 -20.21
CA SER A 382 -43.38 -5.89 -19.88
C SER A 382 -42.20 -4.97 -20.06
N ARG A 383 -41.07 -5.28 -19.44
CA ARG A 383 -39.86 -4.49 -19.64
C ARG A 383 -38.85 -5.17 -20.55
N THR A 384 -39.28 -6.21 -21.28
CA THR A 384 -38.38 -7.01 -22.07
C THR A 384 -39.18 -7.76 -23.13
N VAL A 385 -38.70 -7.73 -24.38
CA VAL A 385 -39.35 -8.43 -25.47
C VAL A 385 -38.27 -9.10 -26.31
N GLN A 386 -38.68 -10.09 -27.10
CA GLN A 386 -37.78 -10.84 -27.97
C GLN A 386 -38.31 -10.83 -29.39
N ARG A 387 -37.41 -10.70 -30.36
CA ARG A 387 -37.72 -10.91 -31.76
C ARG A 387 -36.68 -11.84 -32.37
N VAL A 388 -37.12 -12.69 -33.30
CA VAL A 388 -36.24 -13.63 -33.97
C VAL A 388 -36.28 -13.32 -35.45
N PHE A 389 -35.10 -13.13 -36.05
CA PHE A 389 -34.96 -12.83 -37.46
C PHE A 389 -34.23 -13.98 -38.13
N GLN A 390 -34.85 -14.58 -39.13
CA GLN A 390 -34.22 -15.62 -39.93
C GLN A 390 -33.58 -14.95 -41.14
N LEU A 391 -32.26 -14.75 -41.07
CA LEU A 391 -31.55 -14.08 -42.14
C LEU A 391 -31.47 -14.99 -43.37
N VAL A 392 -31.47 -14.36 -44.54
CA VAL A 392 -31.49 -15.07 -45.81
C VAL A 392 -30.22 -14.85 -46.61
N ASN A 393 -29.74 -13.60 -46.67
CA ASN A 393 -28.58 -13.26 -47.48
C ASN A 393 -27.31 -13.04 -46.66
N ALA A 394 -27.43 -12.48 -45.46
CA ALA A 394 -26.29 -12.17 -44.62
C ALA A 394 -25.98 -13.34 -43.69
N SER A 395 -24.89 -13.20 -42.94
CA SER A 395 -24.48 -14.17 -41.94
C SER A 395 -24.84 -13.64 -40.56
N ALA A 396 -25.55 -14.44 -39.78
CA ALA A 396 -26.06 -13.98 -38.49
C ALA A 396 -24.91 -13.59 -37.56
N GLU A 397 -23.77 -14.27 -37.67
CA GLU A 397 -22.66 -13.97 -36.76
C GLU A 397 -21.94 -12.70 -37.16
N GLU A 398 -21.86 -12.41 -38.46
CA GLU A 398 -21.24 -11.16 -38.90
C GLU A 398 -22.16 -9.98 -38.66
N VAL A 399 -23.48 -10.18 -38.77
CA VAL A 399 -24.42 -9.12 -38.46
C VAL A 399 -24.35 -8.75 -36.99
N LYS A 400 -24.24 -9.76 -36.11
CA LYS A 400 -24.12 -9.49 -34.69
C LYS A 400 -22.84 -8.75 -34.37
N ALA A 401 -21.73 -9.10 -35.02
CA ALA A 401 -20.48 -8.41 -34.79
C ALA A 401 -20.52 -6.99 -35.35
N THR A 402 -21.22 -6.78 -36.46
CA THR A 402 -21.38 -5.43 -36.99
C THR A 402 -22.18 -4.55 -36.04
N LEU A 403 -23.26 -5.08 -35.48
CA LEU A 403 -24.13 -4.28 -34.62
C LEU A 403 -23.50 -3.98 -33.27
N GLU A 404 -22.53 -4.77 -32.84
CA GLU A 404 -21.87 -4.58 -31.56
C GLU A 404 -20.55 -3.82 -31.67
N GLY A 405 -20.15 -3.45 -32.88
CA GLY A 405 -18.89 -2.75 -33.05
C GLY A 405 -17.67 -3.58 -32.71
N THR A 406 -17.70 -4.87 -33.02
CA THR A 406 -16.57 -5.75 -32.76
C THR A 406 -16.12 -6.45 -34.04
N GLN A 466 -28.87 0.30 -20.90
CA GLN A 466 -27.90 -0.60 -21.51
C GLN A 466 -28.01 -0.63 -23.02
N GLN A 467 -27.75 -1.81 -23.58
CA GLN A 467 -27.93 -2.08 -25.00
C GLN A 467 -28.55 -3.46 -25.13
N ALA A 468 -29.30 -3.65 -26.22
CA ALA A 468 -30.02 -4.91 -26.42
C ALA A 468 -29.06 -6.08 -26.54
N THR A 469 -29.49 -7.23 -26.04
CA THR A 469 -28.74 -8.46 -26.18
C THR A 469 -28.96 -9.06 -27.56
N LEU A 470 -27.88 -9.49 -28.19
CA LEU A 470 -27.93 -10.11 -29.51
C LEU A 470 -27.40 -11.54 -29.42
N ILE A 471 -28.15 -12.47 -30.02
CA ILE A 471 -27.79 -13.88 -30.03
C ILE A 471 -27.78 -14.33 -31.48
N ALA A 472 -26.66 -14.90 -31.92
CA ALA A 472 -26.50 -15.34 -33.31
C ALA A 472 -26.34 -16.85 -33.32
N ASP A 473 -27.18 -17.53 -34.10
CA ASP A 473 -27.09 -18.97 -34.29
C ASP A 473 -26.52 -19.25 -35.67
N LYS A 474 -25.39 -19.96 -35.71
CA LYS A 474 -24.76 -20.25 -36.98
C LYS A 474 -25.47 -21.37 -37.75
N ARG A 475 -26.02 -22.36 -37.04
CA ARG A 475 -26.64 -23.50 -37.71
C ARG A 475 -27.87 -23.07 -38.51
N THR A 476 -28.72 -22.23 -37.92
CA THR A 476 -29.96 -21.84 -38.55
C THR A 476 -29.91 -20.44 -39.15
N ASN A 477 -28.81 -19.71 -38.98
CA ASN A 477 -28.69 -18.33 -39.45
C ASN A 477 -29.80 -17.45 -38.86
N SER A 478 -29.99 -17.55 -37.55
CA SER A 478 -31.02 -16.82 -36.84
C SER A 478 -30.40 -15.75 -35.98
N LEU A 479 -31.01 -14.56 -36.01
CA LEU A 479 -30.63 -13.46 -35.14
C LEU A 479 -31.73 -13.26 -34.10
N ILE A 480 -31.33 -13.19 -32.83
CA ILE A 480 -32.26 -13.06 -31.72
C ILE A 480 -31.89 -11.80 -30.95
N VAL A 481 -32.79 -10.83 -30.92
CA VAL A 481 -32.59 -9.58 -30.18
C VAL A 481 -33.50 -9.59 -28.97
N ARG A 482 -32.96 -9.20 -27.82
CA ARG A 482 -33.66 -9.29 -26.55
C ARG A 482 -33.38 -8.01 -25.77
N GLY A 483 -34.41 -7.19 -25.57
CA GLY A 483 -34.25 -5.98 -24.81
C GLY A 483 -35.57 -5.28 -24.59
N THR A 484 -35.48 -3.99 -24.25
CA THR A 484 -36.67 -3.18 -24.11
C THR A 484 -37.35 -3.01 -25.46
N PRO A 485 -38.66 -2.74 -25.47
CA PRO A 485 -39.36 -2.63 -26.76
C PRO A 485 -38.80 -1.56 -27.68
N GLU A 486 -38.20 -0.51 -27.14
CA GLU A 486 -37.59 0.51 -27.98
C GLU A 486 -36.27 0.03 -28.57
N GLN A 487 -35.44 -0.64 -27.76
CA GLN A 487 -34.18 -1.19 -28.25
C GLN A 487 -34.39 -2.30 -29.26
N VAL A 488 -35.56 -2.94 -29.27
CA VAL A 488 -35.79 -4.04 -30.19
C VAL A 488 -36.32 -3.52 -31.52
N ALA A 489 -37.07 -2.42 -31.51
CA ALA A 489 -37.56 -1.84 -32.76
C ALA A 489 -36.43 -1.19 -33.54
N GLN A 490 -35.32 -0.85 -32.88
CA GLN A 490 -34.19 -0.27 -33.58
C GLN A 490 -33.46 -1.32 -34.41
N VAL A 491 -33.26 -2.52 -33.84
CA VAL A 491 -32.65 -3.60 -34.60
C VAL A 491 -33.62 -4.08 -35.68
N ALA A 492 -34.92 -4.06 -35.38
CA ALA A 492 -35.90 -4.55 -36.34
C ALA A 492 -35.93 -3.70 -37.61
N GLU A 493 -35.61 -2.41 -37.51
CA GLU A 493 -35.56 -1.57 -38.70
C GLU A 493 -34.23 -1.65 -39.42
N LEU A 494 -33.18 -2.10 -38.74
CA LEU A 494 -31.88 -2.30 -39.37
C LEU A 494 -31.82 -3.58 -40.19
N VAL A 495 -32.54 -4.62 -39.76
CA VAL A 495 -32.37 -5.94 -40.36
C VAL A 495 -32.71 -5.97 -41.85
N PRO A 496 -33.81 -5.37 -42.31
CA PRO A 496 -34.09 -5.45 -43.76
C PRO A 496 -33.01 -4.84 -44.63
N GLN A 497 -32.23 -3.90 -44.09
CA GLN A 497 -31.21 -3.23 -44.88
C GLN A 497 -29.88 -3.97 -44.84
N LEU A 498 -29.58 -4.65 -43.74
CA LEU A 498 -28.34 -5.41 -43.61
C LEU A 498 -28.46 -6.81 -44.18
N ASP A 499 -29.64 -7.22 -44.62
CA ASP A 499 -29.88 -8.57 -45.13
C ASP A 499 -30.31 -8.55 -46.59
N GLN A 500 -29.97 -7.49 -47.31
CA GLN A 500 -30.35 -7.38 -48.70
C GLN A 500 -29.36 -8.11 -49.59
N VAL A 501 -29.77 -8.33 -50.84
CA VAL A 501 -28.89 -8.95 -51.83
C VAL A 501 -27.85 -7.95 -52.30
N VAL A 502 -26.60 -8.37 -52.35
CA VAL A 502 -25.52 -7.54 -52.85
C VAL A 502 -25.09 -8.05 -54.22
N PRO A 503 -24.52 -7.22 -55.08
CA PRO A 503 -24.17 -7.68 -56.43
C PRO A 503 -23.09 -8.74 -56.45
N GLN A 504 -23.16 -9.59 -57.46
CA GLN A 504 -22.14 -10.58 -57.76
C GLN A 504 -21.50 -10.23 -59.09
N ILE A 505 -20.17 -10.22 -59.15
CA ILE A 505 -19.46 -9.72 -60.31
C ILE A 505 -18.43 -10.74 -60.77
N ASN A 506 -18.01 -10.59 -62.02
CA ASN A 506 -16.90 -11.33 -62.59
C ASN A 506 -15.92 -10.33 -63.18
N VAL A 507 -14.68 -10.36 -62.71
CA VAL A 507 -13.64 -9.42 -63.13
C VAL A 507 -12.62 -10.19 -63.96
N GLN A 508 -12.28 -9.66 -65.12
CA GLN A 508 -11.28 -10.24 -66.00
C GLN A 508 -10.05 -9.36 -66.06
N VAL A 509 -8.88 -9.94 -65.85
CA VAL A 509 -7.61 -9.24 -65.96
C VAL A 509 -6.79 -9.90 -67.05
N ARG A 510 -6.20 -9.10 -67.92
CA ARG A 510 -5.31 -9.58 -68.97
C ARG A 510 -3.94 -8.95 -68.81
N ILE A 511 -2.91 -9.78 -68.71
CA ILE A 511 -1.53 -9.34 -68.65
C ILE A 511 -0.85 -9.80 -69.93
N GLN A 512 -0.30 -8.86 -70.69
CA GLN A 512 0.43 -9.13 -71.91
C GLN A 512 1.88 -8.73 -71.75
N GLU A 513 2.76 -9.46 -72.44
CA GLU A 513 4.17 -9.08 -72.46
C GLU A 513 4.78 -9.53 -73.78
N VAL A 514 5.39 -8.60 -74.50
CA VAL A 514 6.04 -8.88 -75.78
C VAL A 514 7.46 -8.33 -75.72
N ASN A 515 8.40 -9.11 -76.22
CA ASN A 515 9.80 -8.70 -76.26
C ASN A 515 10.35 -8.98 -77.64
N GLU A 516 11.25 -8.13 -78.13
CA GLU A 516 11.87 -8.32 -79.43
C GLU A 516 13.35 -8.03 -79.35
N ARG A 517 14.12 -8.67 -80.22
CA ARG A 517 15.56 -8.53 -80.28
C ARG A 517 16.01 -8.36 -81.71
N ALA A 518 17.24 -7.87 -81.88
CA ALA A 518 17.86 -7.76 -83.20
C ALA A 518 19.35 -7.52 -83.00
N LEU A 519 20.17 -8.33 -83.64
CA LEU A 519 21.62 -8.22 -83.55
C LEU A 519 22.21 -8.15 -84.95
N GLN A 520 23.37 -7.51 -85.07
CA GLN A 520 24.04 -7.36 -86.35
C GLN A 520 25.54 -7.19 -86.10
N SER A 521 26.33 -8.19 -86.48
CA SER A 521 27.78 -8.11 -86.40
C SER A 521 28.37 -8.11 -87.78
N LEU A 522 29.56 -7.51 -87.90
CA LEU A 522 30.28 -7.44 -89.16
C LEU A 522 31.72 -7.05 -88.87
N GLY A 523 32.68 -7.82 -89.38
CA GLY A 523 34.07 -7.48 -89.14
C GLY A 523 35.05 -8.16 -90.06
N LEU A 524 36.03 -7.40 -90.55
CA LEU A 524 37.12 -7.91 -91.37
C LEU A 524 38.40 -7.94 -90.55
N ASN A 525 39.23 -8.95 -90.80
CA ASN A 525 40.37 -9.25 -89.94
C ASN A 525 41.47 -9.83 -90.82
N TRP A 526 42.39 -9.00 -91.27
CA TRP A 526 43.38 -9.43 -92.25
C TRP A 526 44.80 -9.25 -91.72
N ARG A 527 45.75 -9.64 -92.57
CA ARG A 527 47.18 -9.59 -92.27
C ARG A 527 47.96 -9.62 -93.58
N ALA A 528 48.70 -8.55 -93.85
CA ALA A 528 49.44 -8.42 -95.11
C ALA A 528 50.94 -8.46 -94.83
N THR A 529 51.69 -9.12 -95.72
CA THR A 529 53.14 -9.21 -95.61
C THR A 529 53.76 -8.90 -96.97
N PHE A 530 54.34 -7.72 -97.10
CA PHE A 530 55.21 -7.39 -98.23
C PHE A 530 56.59 -7.06 -97.69
N GLY A 531 57.50 -6.65 -98.58
CA GLY A 531 58.92 -6.67 -98.29
C GLY A 531 59.37 -5.91 -97.06
N GLY A 532 59.72 -6.63 -96.01
CA GLY A 532 60.14 -6.02 -94.76
C GLY A 532 59.00 -5.69 -93.81
N PHE A 533 57.82 -5.41 -94.36
CA PHE A 533 56.68 -4.96 -93.59
C PHE A 533 55.77 -6.12 -93.20
N ASN A 534 55.08 -5.95 -92.08
CA ASN A 534 54.12 -6.93 -91.59
C ASN A 534 52.97 -6.15 -90.94
N VAL A 535 51.84 -6.06 -91.65
CA VAL A 535 50.69 -5.28 -91.21
C VAL A 535 49.58 -6.24 -90.81
N ALA A 536 48.95 -5.97 -89.66
CA ALA A 536 47.85 -6.78 -89.16
C ALA A 536 46.76 -5.85 -88.66
N VAL A 537 45.55 -5.99 -89.19
CA VAL A 537 44.40 -5.18 -88.81
C VAL A 537 43.32 -6.10 -88.24
N SER A 538 42.80 -5.74 -87.08
CA SER A 538 41.78 -6.54 -86.41
C SER A 538 40.77 -5.62 -85.76
N GLY A 539 39.82 -6.20 -85.05
CA GLY A 539 38.80 -5.43 -84.36
C GLY A 539 39.12 -5.20 -82.91
N GLY A 540 39.64 -6.22 -82.24
CA GLY A 540 40.05 -6.08 -80.85
C GLY A 540 41.18 -5.08 -80.71
N THR A 541 42.33 -5.42 -81.26
CA THR A 541 43.41 -4.48 -81.45
C THR A 541 43.27 -3.85 -82.83
N GLY A 542 43.77 -2.62 -82.96
CA GLY A 542 43.61 -1.93 -84.23
C GLY A 542 44.71 -2.25 -85.22
N LEU A 543 45.42 -1.23 -85.68
CA LEU A 543 46.55 -1.43 -86.56
C LEU A 543 47.77 -1.89 -85.77
N ALA A 544 48.55 -2.79 -86.36
CA ALA A 544 49.79 -3.28 -85.73
C ALA A 544 50.77 -3.60 -86.85
N ALA A 545 51.64 -2.65 -87.17
CA ALA A 545 52.62 -2.79 -88.24
C ALA A 545 54.02 -2.90 -87.65
N THR A 546 54.86 -3.74 -88.27
CA THR A 546 56.26 -3.85 -87.90
C THR A 546 57.12 -3.80 -89.15
N PHE A 547 58.40 -3.52 -88.96
CA PHE A 547 59.39 -3.56 -90.03
C PHE A 547 60.56 -4.43 -89.60
N ASN A 548 61.08 -5.20 -90.54
CA ASN A 548 62.25 -6.05 -90.31
C ASN A 548 63.34 -5.67 -91.29
N PRO A 549 64.45 -5.06 -90.85
CA PRO A 549 65.50 -4.67 -91.78
C PRO A 549 66.44 -5.80 -92.18
N THR A 550 66.28 -7.00 -91.61
CA THR A 550 67.19 -8.10 -91.85
C THR A 550 66.69 -9.09 -92.89
N GLN A 551 65.39 -9.18 -93.11
CA GLN A 551 64.80 -10.09 -94.09
C GLN A 551 63.96 -9.29 -95.06
N SER A 552 63.31 -9.99 -95.99
CA SER A 552 62.46 -9.34 -96.99
C SER A 552 61.53 -10.39 -97.57
N PHE A 553 60.23 -10.14 -97.47
CA PHE A 553 59.24 -11.07 -97.99
C PHE A 553 59.25 -11.08 -99.52
N LEU A 554 58.65 -12.12 -100.08
CA LEU A 554 58.49 -12.24 -101.52
C LEU A 554 57.07 -11.86 -101.91
N GLY A 555 56.93 -10.84 -102.73
CA GLY A 555 55.63 -10.46 -103.22
C GLY A 555 54.72 -9.90 -102.14
N PHE A 556 53.43 -9.92 -102.44
CA PHE A 556 52.38 -9.41 -101.58
C PHE A 556 51.41 -10.52 -101.21
N ASN A 557 51.07 -10.61 -99.93
CA ASN A 557 50.07 -11.55 -99.44
C ASN A 557 49.09 -10.79 -98.55
N ILE A 558 47.83 -11.22 -98.54
CA ILE A 558 46.79 -10.39 -97.93
C ILE A 558 46.05 -11.07 -96.78
N PHE A 559 45.94 -12.40 -96.82
CA PHE A 559 45.39 -13.23 -95.74
C PHE A 559 44.16 -12.65 -95.03
N PRO A 560 43.07 -12.39 -95.74
CA PRO A 560 41.89 -11.78 -95.11
C PRO A 560 40.97 -12.81 -94.47
N THR A 561 40.01 -12.30 -93.69
CA THR A 561 39.06 -13.13 -92.97
C THR A 561 37.81 -12.29 -92.66
N LEU A 562 36.64 -12.81 -93.03
CA LEU A 562 35.39 -12.09 -92.89
C LEU A 562 34.48 -12.83 -91.92
N THR A 563 33.63 -12.06 -91.23
CA THR A 563 32.66 -12.62 -90.29
C THR A 563 31.44 -11.72 -90.26
N ALA A 564 30.25 -12.31 -90.30
CA ALA A 564 29.01 -11.54 -90.31
C ALA A 564 27.92 -12.38 -89.67
N LEU A 565 27.07 -11.74 -88.87
CA LEU A 565 26.01 -12.44 -88.15
C LEU A 565 24.79 -11.54 -88.04
N GLU A 566 23.61 -12.16 -88.11
CA GLU A 566 22.35 -11.46 -87.91
C GLU A 566 21.46 -12.34 -87.03
N THR A 567 20.53 -11.71 -86.33
CA THR A 567 19.72 -12.43 -85.36
C THR A 567 18.43 -11.68 -85.10
N GLN A 568 17.35 -12.41 -84.85
CA GLN A 568 16.11 -11.85 -84.34
C GLN A 568 15.52 -12.77 -83.28
N GLY A 569 14.67 -12.19 -82.44
CA GLY A 569 13.92 -12.95 -81.46
C GLY A 569 12.59 -12.27 -81.21
N LEU A 570 11.66 -13.03 -80.65
CA LEU A 570 10.36 -12.47 -80.26
C LEU A 570 9.71 -13.39 -79.26
N THR A 571 9.45 -12.88 -78.06
CA THR A 571 8.75 -13.63 -77.03
C THR A 571 7.45 -12.94 -76.71
N ARG A 572 6.36 -13.71 -76.71
CA ARG A 572 5.06 -13.28 -76.21
C ARG A 572 4.65 -14.15 -75.03
N ARG A 573 3.86 -13.57 -74.13
CA ARG A 573 3.32 -14.34 -73.01
C ARG A 573 2.05 -13.64 -72.54
N VAL A 574 0.93 -14.34 -72.55
CA VAL A 574 -0.37 -13.75 -72.30
C VAL A 574 -1.11 -14.55 -71.23
N TYR A 575 -1.85 -13.85 -70.37
CA TYR A 575 -2.71 -14.47 -69.37
C TYR A 575 -4.06 -13.76 -69.35
N ASP A 576 -5.14 -14.53 -69.19
CA ASP A 576 -6.49 -14.01 -69.06
C ASP A 576 -7.17 -14.66 -67.87
N GLY A 577 -7.32 -13.93 -66.77
CA GLY A 577 -7.95 -14.52 -65.60
C GLY A 577 -9.30 -13.95 -65.23
N ASN A 578 -10.27 -14.81 -64.98
CA ASN A 578 -11.56 -14.46 -64.39
C ASN A 578 -11.61 -14.91 -62.94
N VAL A 579 -12.31 -14.14 -62.12
CA VAL A 579 -12.74 -14.60 -60.80
C VAL A 579 -14.14 -14.05 -60.56
N THR A 580 -15.00 -14.87 -59.96
CA THR A 580 -16.32 -14.43 -59.53
C THR A 580 -16.30 -14.16 -58.04
N MET A 581 -16.93 -13.06 -57.62
CA MET A 581 -16.83 -12.61 -56.24
C MET A 581 -18.04 -11.76 -55.90
N GLN A 582 -18.13 -11.32 -54.65
CA GLN A 582 -19.22 -10.53 -54.12
C GLN A 582 -18.72 -9.14 -53.75
N SER A 583 -19.64 -8.28 -53.34
CA SER A 583 -19.30 -6.88 -53.08
C SER A 583 -18.48 -6.71 -51.81
N GLY A 584 -19.02 -7.13 -50.67
CA GLY A 584 -18.29 -6.90 -49.45
C GLY A 584 -17.46 -8.09 -49.04
N GLN A 585 -16.85 -8.76 -50.01
CA GLN A 585 -16.17 -10.02 -49.74
C GLN A 585 -14.93 -9.79 -48.89
N ARG A 586 -14.75 -10.63 -47.89
CA ARG A 586 -13.60 -10.57 -47.01
C ARG A 586 -12.58 -11.63 -47.39
N SER A 587 -11.39 -11.49 -46.83
CA SER A 587 -10.34 -12.48 -47.04
C SER A 587 -10.60 -13.73 -46.23
N LEU A 588 -9.85 -14.78 -46.57
CA LEU A 588 -9.93 -16.07 -45.89
C LEU A 588 -8.59 -16.33 -45.20
N SER A 589 -8.64 -16.82 -43.97
CA SER A 589 -7.43 -17.07 -43.18
C SER A 589 -7.28 -18.57 -42.94
N ALA A 590 -6.69 -19.26 -43.91
CA ALA A 590 -6.34 -20.66 -43.67
C ALA A 590 -4.83 -20.84 -43.43
N THR A 591 -4.04 -20.58 -44.46
CA THR A 591 -2.59 -20.36 -44.41
C THR A 591 -1.79 -21.58 -43.92
N GLY A 592 -2.45 -22.58 -43.37
CA GLY A 592 -1.77 -23.76 -42.85
C GLY A 592 -0.57 -23.51 -41.95
N GLY A 593 -0.43 -22.29 -41.44
CA GLY A 593 0.71 -21.90 -40.65
C GLY A 593 1.82 -21.22 -41.43
N ALA A 594 1.80 -21.33 -42.76
CA ALA A 594 2.78 -20.67 -43.61
C ALA A 594 2.30 -19.27 -43.98
N GLN A 595 3.25 -18.42 -44.34
CA GLN A 595 2.97 -17.04 -44.70
C GLN A 595 2.97 -16.90 -46.21
N ASN A 596 1.90 -16.31 -46.74
CA ASN A 596 1.71 -16.14 -48.16
C ASN A 596 1.30 -14.70 -48.44
N ALA A 597 1.75 -14.16 -49.57
CA ALA A 597 1.48 -12.77 -49.89
C ALA A 597 0.05 -12.52 -50.32
N SER A 598 -0.73 -13.57 -50.55
CA SER A 598 -2.12 -13.43 -50.98
C SER A 598 -3.10 -13.80 -49.88
N SER A 599 -2.66 -13.81 -48.62
CA SER A 599 -3.53 -14.19 -47.53
C SER A 599 -4.66 -13.19 -47.32
N GLY A 600 -4.41 -11.91 -47.58
CA GLY A 600 -5.39 -10.88 -47.32
C GLY A 600 -6.26 -10.52 -48.51
N ALA A 601 -6.20 -11.33 -49.56
CA ALA A 601 -6.97 -11.07 -50.76
C ALA A 601 -8.37 -11.64 -50.64
N ALA A 602 -9.36 -10.88 -51.12
CA ALA A 602 -10.74 -11.36 -51.12
C ALA A 602 -10.92 -12.52 -52.08
N ALA A 603 -10.22 -12.49 -53.22
CA ALA A 603 -10.29 -13.53 -54.22
C ALA A 603 -8.92 -13.69 -54.86
N SER A 604 -8.66 -14.86 -55.43
CA SER A 604 -7.35 -15.14 -55.99
C SER A 604 -7.47 -16.15 -57.13
N VAL A 605 -6.46 -16.16 -57.99
CA VAL A 605 -6.26 -17.25 -58.94
C VAL A 605 -4.76 -17.33 -59.23
N LYS A 606 -4.24 -18.55 -59.27
CA LYS A 606 -2.82 -18.79 -59.45
C LYS A 606 -2.61 -19.91 -60.45
N SER A 607 -1.47 -19.87 -61.13
CA SER A 607 -1.06 -20.97 -61.98
C SER A 607 0.43 -20.85 -62.21
N GLY A 608 1.18 -21.90 -61.93
CA GLY A 608 2.62 -21.82 -61.93
C GLY A 608 3.26 -22.83 -61.00
N GLY A 609 4.02 -22.35 -60.03
CA GLY A 609 4.58 -23.20 -59.00
C GLY A 609 4.48 -22.53 -57.64
N ARG A 610 5.07 -23.18 -56.64
CA ARG A 610 5.06 -22.66 -55.28
C ARG A 610 6.23 -23.22 -54.50
N LEU A 611 7.02 -22.33 -53.91
CA LEU A 611 8.16 -22.72 -53.08
C LEU A 611 7.73 -22.76 -51.63
N GLU A 612 7.96 -23.90 -50.98
CA GLU A 612 7.70 -24.06 -49.55
C GLU A 612 9.02 -23.97 -48.80
N ILE A 613 9.08 -23.09 -47.80
CA ILE A 613 10.31 -22.79 -47.09
C ILE A 613 10.09 -23.00 -45.60
N ASN A 614 10.92 -23.85 -44.99
CA ASN A 614 10.83 -24.18 -43.58
C ASN A 614 12.22 -24.04 -42.97
N ILE A 615 12.51 -22.86 -42.42
CA ILE A 615 13.80 -22.58 -41.82
C ILE A 615 13.60 -22.39 -40.32
N PRO A 616 14.21 -23.22 -39.47
CA PRO A 616 14.08 -23.02 -38.04
C PRO A 616 14.99 -21.91 -37.53
N SER A 617 14.45 -21.08 -36.65
CA SER A 617 15.19 -19.94 -36.13
C SER A 617 14.79 -19.70 -34.68
N ALA A 618 15.68 -19.07 -33.92
CA ALA A 618 15.43 -18.80 -32.52
C ALA A 618 14.58 -17.55 -32.31
N ALA A 619 14.45 -16.70 -33.31
CA ALA A 619 13.60 -15.53 -33.24
C ALA A 619 12.22 -15.76 -33.83
N GLY A 620 11.91 -16.99 -34.21
CA GLY A 620 10.67 -17.32 -34.89
C GLY A 620 11.06 -17.99 -36.19
N ASN A 621 10.43 -19.13 -36.46
CA ASN A 621 10.74 -19.89 -37.65
C ASN A 621 10.31 -19.13 -38.90
N ILE A 622 11.11 -19.24 -39.96
CA ILE A 622 10.73 -18.72 -41.28
C ILE A 622 9.96 -19.83 -41.98
N VAL A 623 8.64 -19.68 -42.06
CA VAL A 623 7.78 -20.63 -42.74
C VAL A 623 6.98 -19.84 -43.77
N ARG A 624 7.38 -19.95 -45.03
CA ARG A 624 6.89 -19.08 -46.09
C ARG A 624 6.40 -19.91 -47.27
N GLN A 625 5.63 -19.26 -48.12
CA GLN A 625 5.30 -19.77 -49.45
C GLN A 625 5.55 -18.68 -50.46
N ILE A 626 6.32 -18.98 -51.50
CA ILE A 626 6.55 -18.07 -52.60
C ILE A 626 5.94 -18.68 -53.85
N ASP A 627 4.99 -17.98 -54.43
CA ASP A 627 4.29 -18.44 -55.63
C ASP A 627 4.88 -17.78 -56.85
N TYR A 628 5.05 -18.55 -57.92
CA TYR A 628 5.50 -18.00 -59.19
C TYR A 628 4.57 -18.46 -60.29
N GLY A 629 4.77 -17.91 -61.48
CA GLY A 629 3.87 -18.14 -62.59
C GLY A 629 2.97 -16.95 -62.82
N LEU A 630 1.67 -17.11 -62.58
CA LEU A 630 0.73 -16.00 -62.59
C LEU A 630 0.08 -15.90 -61.22
N ASN A 631 0.04 -14.69 -60.67
CA ASN A 631 -0.69 -14.42 -59.44
C ASN A 631 -1.62 -13.23 -59.67
N LEU A 632 -2.90 -13.43 -59.40
CA LEU A 632 -3.90 -12.36 -59.48
C LEU A 632 -4.63 -12.27 -58.15
N ASP A 633 -4.53 -11.10 -57.51
CA ASP A 633 -5.16 -10.87 -56.22
C ASP A 633 -6.14 -9.72 -56.34
N PHE A 634 -7.30 -9.86 -55.69
CA PHE A 634 -8.35 -8.85 -55.68
C PHE A 634 -8.63 -8.47 -54.24
N PHE A 635 -8.68 -7.17 -53.97
CA PHE A 635 -8.86 -6.66 -52.62
C PHE A 635 -10.03 -5.68 -52.60
N SER A 636 -10.95 -5.87 -51.66
CA SER A 636 -12.01 -4.91 -51.34
C SER A 636 -12.91 -4.55 -52.52
N PRO A 637 -13.69 -5.48 -53.05
CA PRO A 637 -14.44 -5.24 -54.29
C PRO A 637 -15.86 -4.70 -54.11
N GLN A 638 -16.01 -3.42 -53.76
CA GLN A 638 -17.33 -2.87 -53.59
C GLN A 638 -17.98 -2.54 -54.93
N VAL A 639 -19.29 -2.76 -55.02
CA VAL A 639 -20.07 -2.50 -56.23
C VAL A 639 -21.27 -1.64 -55.85
N ALA A 640 -21.53 -0.59 -56.63
CA ALA A 640 -22.62 0.34 -56.40
C ALA A 640 -23.89 -0.11 -57.12
N PRO A 641 -25.05 0.39 -56.70
CA PRO A 641 -26.29 0.02 -57.40
C PRO A 641 -26.30 0.40 -58.87
N ASP A 642 -25.57 1.45 -59.27
CA ASP A 642 -25.41 1.74 -60.69
C ASP A 642 -24.79 0.57 -61.43
N GLY A 643 -23.88 -0.14 -60.79
CA GLY A 643 -23.00 -1.06 -61.46
C GLY A 643 -21.57 -0.60 -61.55
N THR A 644 -21.17 0.39 -60.74
CA THR A 644 -19.80 0.86 -60.71
C THR A 644 -18.98 -0.05 -59.80
N ILE A 645 -17.85 -0.53 -60.32
CA ILE A 645 -17.02 -1.49 -59.61
C ILE A 645 -15.73 -0.80 -59.19
N THR A 646 -15.46 -0.79 -57.90
CA THR A 646 -14.20 -0.30 -57.35
C THR A 646 -13.42 -1.48 -56.81
N LEU A 647 -12.10 -1.47 -57.00
CA LEU A 647 -11.34 -2.69 -56.79
C LEU A 647 -9.86 -2.36 -56.69
N ARG A 648 -9.16 -3.13 -55.88
CA ARG A 648 -7.70 -3.16 -55.87
C ARG A 648 -7.22 -4.49 -56.45
N ILE A 649 -6.32 -4.40 -57.43
CA ILE A 649 -5.84 -5.56 -58.17
C ILE A 649 -4.32 -5.53 -58.13
N ARG A 650 -3.69 -6.67 -57.84
CA ARG A 650 -2.25 -6.69 -58.00
C ARG A 650 -1.80 -7.26 -59.35
N GLY A 651 -1.92 -8.56 -59.54
CA GLY A 651 -1.43 -9.09 -60.81
C GLY A 651 0.08 -9.19 -60.84
N GLN A 652 0.64 -10.32 -61.24
CA GLN A 652 2.08 -10.49 -61.20
C GLN A 652 2.46 -11.72 -62.01
N VAL A 653 3.50 -11.58 -62.84
CA VAL A 653 4.06 -12.71 -63.58
C VAL A 653 5.53 -12.81 -63.22
N ASN A 654 5.97 -14.01 -62.85
CA ASN A 654 7.35 -14.22 -62.46
C ASN A 654 7.75 -15.67 -62.63
N GLN A 655 9.05 -15.89 -62.75
CA GLN A 655 9.66 -17.19 -62.94
C GLN A 655 10.97 -17.22 -62.16
N PRO A 656 11.39 -18.38 -61.68
CA PRO A 656 12.76 -18.48 -61.16
C PRO A 656 13.77 -18.24 -62.27
N ALA A 657 14.84 -17.52 -61.94
CA ALA A 657 15.84 -17.19 -62.94
C ALA A 657 16.62 -18.44 -63.36
N THR A 658 16.93 -19.30 -62.40
CA THR A 658 17.54 -20.59 -62.68
C THR A 658 16.76 -21.67 -61.94
N ALA A 659 16.79 -22.88 -62.47
CA ALA A 659 15.93 -23.95 -61.97
C ALA A 659 16.31 -24.36 -60.55
N ILE A 660 15.29 -24.73 -59.78
CA ILE A 660 15.49 -25.26 -58.44
C ILE A 660 15.87 -26.73 -58.54
N THR A 661 16.97 -27.12 -57.90
CA THR A 661 17.59 -28.41 -58.17
C THR A 661 17.81 -29.26 -56.91
N ALA A 662 17.04 -29.04 -55.85
CA ALA A 662 17.10 -29.86 -54.64
C ALA A 662 18.44 -29.74 -53.92
N ASP A 663 19.39 -29.03 -54.53
CA ASP A 663 20.59 -28.58 -53.86
C ASP A 663 20.54 -27.09 -53.55
N SER A 664 19.43 -26.44 -53.90
CA SER A 664 19.27 -25.01 -53.68
C SER A 664 19.03 -24.72 -52.21
N LEU A 665 19.44 -23.53 -51.80
CA LEU A 665 19.17 -23.08 -50.45
C LEU A 665 18.19 -21.90 -50.48
N PRO A 666 17.34 -21.78 -49.49
CA PRO A 666 16.30 -20.75 -49.53
C PRO A 666 16.81 -19.37 -49.12
N ASN A 667 18.12 -19.19 -49.07
CA ASN A 667 18.69 -17.96 -48.55
C ASN A 667 18.76 -16.85 -49.59
N LEU A 668 18.76 -17.18 -50.88
CA LEU A 668 18.82 -16.18 -51.94
C LEU A 668 18.29 -16.80 -53.22
N ILE A 669 17.23 -16.21 -53.79
CA ILE A 669 16.56 -16.73 -54.97
C ILE A 669 16.31 -15.57 -55.92
N ASP A 670 16.43 -15.79 -57.23
CA ASP A 670 16.64 -14.68 -58.16
C ASP A 670 15.36 -14.18 -58.84
N PHE A 671 14.54 -15.07 -59.37
CA PHE A 671 13.16 -14.68 -59.69
C PHE A 671 12.94 -13.52 -60.67
N THR A 672 13.15 -13.71 -61.96
CA THR A 672 12.55 -12.84 -62.98
C THR A 672 11.13 -12.42 -62.60
N ASN A 673 10.83 -11.12 -62.68
CA ASN A 673 9.59 -10.61 -62.11
C ASN A 673 9.05 -9.41 -62.89
N SER A 674 7.72 -9.34 -63.00
CA SER A 674 6.98 -8.16 -63.48
C SER A 674 5.71 -8.02 -62.67
N GLU A 675 5.38 -6.79 -62.27
CA GLU A 675 4.30 -6.61 -61.29
C GLU A 675 3.69 -5.22 -61.43
N ALA A 676 2.48 -5.07 -60.90
CA ALA A 676 1.77 -3.80 -60.84
C ALA A 676 0.72 -3.91 -59.74
N GLN A 677 0.28 -2.76 -59.22
CA GLN A 677 -0.85 -2.75 -58.30
C GLN A 677 -1.39 -1.33 -58.20
N SER A 678 -2.70 -1.23 -58.10
CA SER A 678 -3.38 0.06 -58.02
C SER A 678 -4.85 -0.21 -57.76
N THR A 679 -5.60 0.87 -57.59
CA THR A 679 -7.05 0.83 -57.43
C THR A 679 -7.69 1.49 -58.63
N ILE A 680 -8.71 0.85 -59.19
CA ILE A 680 -9.41 1.36 -60.36
C ILE A 680 -10.90 1.34 -60.11
N THR A 681 -11.61 2.16 -60.88
CA THR A 681 -13.06 2.20 -60.83
C THR A 681 -13.58 2.34 -62.26
N PHE A 682 -14.56 1.51 -62.59
CA PHE A 682 -15.16 1.51 -63.92
C PHE A 682 -16.60 1.06 -63.78
N LYS A 683 -17.38 1.31 -64.81
CA LYS A 683 -18.77 0.88 -64.79
C LYS A 683 -18.91 -0.48 -65.45
N ASN A 684 -20.05 -1.11 -65.21
CA ASN A 684 -20.35 -2.45 -65.68
C ASN A 684 -20.17 -2.55 -67.20
N GLY A 685 -19.16 -3.31 -67.64
CA GLY A 685 -18.94 -3.54 -69.04
C GLY A 685 -17.83 -2.73 -69.68
N GLN A 686 -17.23 -1.79 -68.97
CA GLN A 686 -16.19 -0.95 -69.55
C GLN A 686 -14.82 -1.61 -69.38
N THR A 687 -13.83 -1.04 -70.07
CA THR A 687 -12.47 -1.57 -70.11
C THR A 687 -11.50 -0.45 -69.82
N ILE A 688 -10.53 -0.70 -68.94
CA ILE A 688 -9.59 0.32 -68.48
C ILE A 688 -8.20 -0.28 -68.40
N LEU A 689 -7.20 0.53 -68.75
CA LEU A 689 -5.80 0.14 -68.61
C LEU A 689 -5.31 0.53 -67.22
N MET A 690 -4.88 -0.45 -66.43
CA MET A 690 -4.34 -0.12 -65.12
C MET A 690 -2.88 0.26 -65.19
N SER A 691 -2.10 -0.37 -66.05
CA SER A 691 -0.69 -0.06 -66.13
C SER A 691 -0.16 -0.44 -67.50
N GLY A 692 0.88 0.27 -67.92
CA GLY A 692 1.56 -0.04 -69.16
C GLY A 692 3.03 0.26 -69.00
N LEU A 693 3.85 -0.39 -69.82
CA LEU A 693 5.29 -0.18 -69.75
C LEU A 693 5.92 -0.47 -71.09
N LEU A 694 6.56 0.54 -71.68
CA LEU A 694 7.27 0.40 -72.94
C LEU A 694 8.76 0.59 -72.70
N GLY A 695 9.59 -0.28 -73.30
CA GLY A 695 11.02 -0.24 -73.12
C GLY A 695 11.75 -0.22 -74.45
N SER A 696 13.07 0.00 -74.36
CA SER A 696 13.93 0.06 -75.53
C SER A 696 15.38 0.09 -75.07
N THR A 697 16.25 -0.59 -75.81
CA THR A 697 17.69 -0.52 -75.57
C THR A 697 18.41 -0.46 -76.92
N GLU A 698 19.73 -0.26 -76.85
CA GLU A 698 20.62 -0.21 -78.00
C GLU A 698 22.05 -0.15 -77.50
N THR A 699 22.98 -0.82 -78.19
CA THR A 699 24.35 -0.91 -77.71
C THR A 699 25.40 -0.40 -78.69
N THR A 700 25.32 -0.74 -79.98
CA THR A 700 26.04 -0.07 -81.07
C THR A 700 27.51 0.19 -80.73
N ASN A 701 28.29 -0.88 -80.68
CA ASN A 701 29.74 -0.75 -80.53
C ASN A 701 30.44 -0.70 -81.88
N ARG A 702 31.71 -0.31 -81.86
CA ARG A 702 32.52 -0.17 -83.07
C ARG A 702 33.98 0.01 -82.69
N SER A 703 34.87 -0.64 -83.44
CA SER A 703 36.28 -0.66 -83.10
C SER A 703 37.11 -0.89 -84.36
N GLY A 704 38.38 -0.47 -84.29
CA GLY A 704 39.29 -0.72 -85.40
C GLY A 704 40.43 0.27 -85.58
N VAL A 705 40.72 0.60 -86.83
CA VAL A 705 41.80 1.51 -87.21
C VAL A 705 41.32 2.94 -87.07
N PRO A 706 42.16 3.87 -86.60
CA PRO A 706 41.72 5.26 -86.43
C PRO A 706 41.37 5.92 -87.76
N PHE A 707 40.17 6.51 -87.80
CA PHE A 707 39.62 7.29 -88.90
C PHE A 707 39.22 6.45 -90.10
N LEU A 708 39.63 5.18 -90.12
CA LEU A 708 39.27 4.30 -91.23
C LEU A 708 38.10 3.40 -90.89
N SER A 709 38.01 2.96 -89.63
CA SER A 709 36.88 2.16 -89.18
C SER A 709 35.61 2.98 -89.04
N SER A 710 35.70 4.30 -89.06
CA SER A 710 34.55 5.17 -88.92
C SER A 710 34.00 5.63 -90.25
N LEU A 711 34.60 5.24 -91.37
CA LEU A 711 34.10 5.65 -92.67
C LEU A 711 32.78 4.95 -92.96
N PRO A 712 31.85 5.63 -93.62
CA PRO A 712 30.54 5.00 -93.89
C PRO A 712 30.66 3.90 -94.93
N GLY A 713 30.07 2.75 -94.64
CA GLY A 713 30.08 1.62 -95.55
C GLY A 713 31.35 0.80 -95.47
N VAL A 714 32.46 1.35 -95.99
CA VAL A 714 33.72 0.62 -96.02
C VAL A 714 34.43 0.60 -94.69
N GLY A 715 33.82 1.16 -93.64
CA GLY A 715 34.49 1.20 -92.34
C GLY A 715 34.72 -0.18 -91.77
N ALA A 716 33.80 -1.12 -92.03
CA ALA A 716 33.93 -2.46 -91.48
C ALA A 716 35.07 -3.25 -92.09
N ALA A 717 35.69 -2.74 -93.16
CA ALA A 717 36.88 -3.36 -93.72
C ALA A 717 38.13 -3.13 -92.87
N PHE A 718 38.06 -2.27 -91.87
CA PHE A 718 39.19 -1.93 -91.02
C PHE A 718 38.84 -2.11 -89.55
N GLY A 719 38.19 -3.20 -89.21
CA GLY A 719 37.84 -3.45 -87.83
C GLY A 719 36.49 -4.13 -87.73
N GLU A 720 35.85 -3.97 -86.58
CA GLU A 720 34.59 -4.60 -86.26
C GLU A 720 33.45 -3.58 -86.27
N LYS A 721 32.26 -4.06 -85.97
CA LYS A 721 31.05 -3.27 -85.81
C LYS A 721 29.97 -4.17 -85.25
N ARG A 722 29.16 -3.62 -84.34
CA ARG A 722 28.14 -4.41 -83.68
C ARG A 722 27.01 -3.48 -83.27
N THR A 723 25.78 -3.96 -83.42
CA THR A 723 24.63 -3.19 -82.97
C THR A 723 23.54 -4.14 -82.52
N GLU A 724 22.86 -3.77 -81.45
CA GLU A 724 21.75 -4.54 -80.90
C GLU A 724 20.62 -3.60 -80.54
N LYS A 725 19.39 -4.10 -80.63
CA LYS A 725 18.21 -3.32 -80.30
C LYS A 725 17.18 -4.23 -79.65
N THR A 726 16.45 -3.68 -78.67
CA THR A 726 15.43 -4.43 -77.96
C THR A 726 14.20 -3.55 -77.78
N GLN A 727 13.04 -4.17 -77.77
CA GLN A 727 11.77 -3.52 -77.49
C GLN A 727 11.01 -4.37 -76.49
N SER A 728 10.13 -3.74 -75.72
CA SER A 728 9.28 -4.51 -74.83
C SER A 728 7.99 -3.74 -74.60
N GLN A 729 6.92 -4.50 -74.31
CA GLN A 729 5.64 -3.93 -73.96
C GLN A 729 5.00 -4.77 -72.87
N LEU A 730 4.41 -4.11 -71.88
CA LEU A 730 3.68 -4.78 -70.81
C LEU A 730 2.37 -4.04 -70.61
N LEU A 731 1.26 -4.76 -70.66
CA LEU A 731 -0.07 -4.17 -70.54
C LEU A 731 -0.88 -4.95 -69.52
N VAL A 732 -1.56 -4.24 -68.63
CA VAL A 732 -2.50 -4.83 -67.68
C VAL A 732 -3.85 -4.17 -67.89
N ILE A 733 -4.83 -4.95 -68.34
CA ILE A 733 -6.14 -4.45 -68.75
C ILE A 733 -7.20 -5.15 -67.92
N ILE A 734 -8.18 -4.38 -67.43
CA ILE A 734 -9.23 -4.89 -66.54
C ILE A 734 -10.60 -4.58 -67.12
N THR A 735 -11.50 -5.56 -67.04
CA THR A 735 -12.91 -5.38 -67.31
C THR A 735 -13.71 -6.23 -66.33
N GLY A 736 -15.00 -5.97 -66.27
CA GLY A 736 -15.86 -6.72 -65.37
C GLY A 736 -17.31 -6.49 -65.67
N THR A 737 -18.14 -7.43 -65.24
CA THR A 737 -19.58 -7.38 -65.43
C THR A 737 -20.28 -7.84 -64.16
N VAL A 738 -21.53 -7.41 -64.01
CA VAL A 738 -22.37 -7.84 -62.91
C VAL A 738 -23.12 -9.09 -63.35
N VAL A 739 -23.08 -10.14 -62.52
CA VAL A 739 -23.68 -11.42 -62.83
C VAL A 739 -25.05 -11.47 -62.17
N LYS A 740 -26.10 -11.42 -62.98
CA LYS A 740 -27.46 -11.48 -62.45
C LYS A 740 -27.92 -12.92 -62.27
N GLY B 61 7.06 12.97 -88.11
CA GLY B 61 6.21 13.99 -87.54
C GLY B 61 5.49 13.52 -86.29
N VAL B 62 5.21 12.21 -86.24
CA VAL B 62 4.57 11.59 -85.08
C VAL B 62 5.54 10.53 -84.57
N THR B 63 6.16 10.80 -83.43
CA THR B 63 7.17 9.92 -82.88
C THR B 63 6.72 9.18 -81.64
N VAL B 64 5.75 9.70 -80.92
CA VAL B 64 5.33 9.15 -79.64
C VAL B 64 4.17 8.20 -79.85
N THR B 65 4.25 7.05 -79.21
CA THR B 65 3.20 6.05 -79.29
C THR B 65 1.95 6.52 -78.55
N PRO B 66 0.79 6.54 -79.20
CA PRO B 66 -0.44 6.85 -78.46
C PRO B 66 -0.77 5.77 -77.45
N VAL B 67 -1.44 6.17 -76.38
CA VAL B 67 -1.81 5.28 -75.29
C VAL B 67 -3.33 5.31 -75.15
N LEU B 68 -3.96 4.15 -75.17
CA LEU B 68 -5.40 4.04 -74.95
C LEU B 68 -5.65 3.64 -73.50
N ILE B 69 -6.39 4.47 -72.77
CA ILE B 69 -6.58 4.25 -71.35
C ILE B 69 -7.96 3.70 -71.01
N LYS B 70 -9.02 4.12 -71.70
CA LYS B 70 -10.35 3.68 -71.34
C LYS B 70 -11.26 3.67 -72.56
N VAL B 71 -12.12 2.67 -72.67
CA VAL B 71 -13.23 2.66 -73.61
C VAL B 71 -14.50 2.36 -72.82
N SER B 72 -15.63 2.78 -73.39
CA SER B 72 -16.91 2.58 -72.74
C SER B 72 -17.46 1.21 -73.10
N GLU B 73 -18.71 0.94 -72.75
CA GLU B 73 -19.33 -0.36 -72.94
C GLU B 73 -20.29 -0.32 -74.12
N GLY B 74 -20.81 -1.51 -74.45
CA GLY B 74 -21.90 -1.60 -75.41
C GLY B 74 -21.46 -1.72 -76.85
N ALA B 75 -21.47 -0.59 -77.56
CA ALA B 75 -21.09 -0.52 -78.97
C ALA B 75 -22.02 -1.36 -79.85
N ALA B 76 -23.27 -1.00 -79.82
CA ALA B 76 -24.23 -1.48 -80.78
C ALA B 76 -24.45 -0.43 -81.87
N PRO B 77 -24.79 -0.83 -83.09
CA PRO B 77 -24.99 0.17 -84.16
C PRO B 77 -25.97 1.27 -83.76
N GLY B 78 -25.49 2.51 -83.74
CA GLY B 78 -26.25 3.63 -83.26
C GLY B 78 -25.86 4.10 -81.88
N ASP B 79 -25.05 3.34 -81.16
CA ASP B 79 -24.59 3.75 -79.84
C ASP B 79 -23.36 4.65 -79.95
N THR B 80 -23.01 5.27 -78.83
CA THR B 80 -21.89 6.20 -78.74
C THR B 80 -20.72 5.50 -78.06
N LEU B 81 -19.57 5.49 -78.72
CA LEU B 81 -18.36 4.86 -78.19
C LEU B 81 -17.35 5.95 -77.86
N THR B 82 -16.90 5.97 -76.62
CA THR B 82 -15.96 6.97 -76.14
C THR B 82 -14.62 6.32 -75.83
N ILE B 83 -13.54 6.94 -76.33
CA ILE B 83 -12.18 6.45 -76.13
C ILE B 83 -11.38 7.56 -75.49
N GLN B 84 -10.56 7.21 -74.49
CA GLN B 84 -9.73 8.18 -73.80
C GLN B 84 -8.27 7.72 -73.83
N GLY B 85 -7.38 8.65 -74.09
CA GLY B 85 -5.98 8.33 -74.25
C GLY B 85 -5.12 9.54 -74.01
N ARG B 86 -3.89 9.49 -74.53
CA ARG B 86 -2.97 10.60 -74.31
C ARG B 86 -2.54 11.32 -75.59
N TYR B 87 -1.88 10.64 -76.52
CA TYR B 87 -1.39 11.32 -77.73
C TYR B 87 -2.23 10.97 -78.95
N LEU B 88 -3.50 11.36 -78.93
CA LEU B 88 -4.44 10.85 -79.92
C LEU B 88 -4.57 11.72 -81.17
N GLY B 89 -3.95 12.89 -81.20
CA GLY B 89 -3.85 13.66 -82.42
C GLY B 89 -5.10 14.35 -82.93
N ASN B 90 -5.32 14.30 -84.24
CA ASN B 90 -6.43 14.93 -84.92
C ASN B 90 -7.28 13.90 -85.64
N ALA B 91 -8.53 14.27 -85.91
CA ALA B 91 -9.38 13.47 -86.79
C ALA B 91 -8.94 13.55 -88.24
N GLN B 92 -8.16 14.57 -88.61
CA GLN B 92 -7.61 14.70 -89.94
C GLN B 92 -6.27 14.02 -90.10
N THR B 93 -5.69 13.51 -89.01
CA THR B 93 -4.39 12.87 -89.03
C THR B 93 -4.45 11.40 -88.65
N ALA B 94 -5.49 10.96 -87.94
CA ALA B 94 -5.54 9.63 -87.36
C ALA B 94 -6.85 8.96 -87.72
N ARG B 95 -6.95 7.67 -87.39
CA ARG B 95 -8.15 6.88 -87.62
C ARG B 95 -8.25 5.79 -86.57
N VAL B 96 -9.47 5.35 -86.31
CA VAL B 96 -9.75 4.28 -85.34
C VAL B 96 -10.01 2.99 -86.10
N ILE B 97 -9.40 1.90 -85.65
CA ILE B 97 -9.53 0.59 -86.30
C ILE B 97 -10.09 -0.38 -85.28
N ILE B 98 -11.12 -1.12 -85.67
CA ILE B 98 -11.81 -2.05 -84.80
C ILE B 98 -11.87 -3.40 -85.51
N GLY B 99 -12.00 -4.46 -84.72
CA GLY B 99 -12.01 -5.79 -85.28
C GLY B 99 -10.65 -6.40 -85.52
N ALA B 100 -9.59 -5.81 -85.00
CA ALA B 100 -8.24 -6.31 -85.22
C ALA B 100 -7.91 -7.39 -84.21
N ASP B 101 -6.76 -8.02 -84.40
CA ASP B 101 -6.30 -9.04 -83.48
C ASP B 101 -5.32 -8.40 -82.49
N GLU B 102 -4.66 -9.22 -81.67
CA GLU B 102 -3.79 -8.70 -80.62
C GLU B 102 -2.68 -7.83 -81.17
N ASN B 103 -2.27 -8.03 -82.42
CA ASN B 103 -1.13 -7.36 -83.00
C ASN B 103 -1.53 -6.18 -83.88
N GLY B 104 -2.81 -5.88 -83.97
CA GLY B 104 -3.27 -4.80 -84.82
C GLY B 104 -3.56 -5.19 -86.25
N GLN B 105 -3.33 -6.44 -86.62
CA GLN B 105 -3.57 -6.89 -87.98
C GLN B 105 -5.05 -7.13 -88.23
N GLY B 106 -5.45 -7.07 -89.48
CA GLY B 106 -6.85 -7.18 -89.77
C GLY B 106 -7.59 -5.94 -89.31
N GLY B 107 -8.91 -6.05 -89.20
CA GLY B 107 -9.71 -4.98 -88.67
C GLY B 107 -10.13 -3.98 -89.73
N THR B 108 -11.19 -3.25 -89.42
CA THR B 108 -11.78 -2.28 -90.33
C THR B 108 -11.79 -0.91 -89.65
N ALA B 109 -11.50 0.13 -90.42
CA ALA B 109 -11.44 1.46 -89.87
C ALA B 109 -12.82 2.10 -89.82
N PHE B 110 -13.04 2.89 -88.79
CA PHE B 110 -14.28 3.66 -88.70
C PHE B 110 -14.32 4.69 -89.82
N PRO B 111 -15.51 4.96 -90.38
CA PRO B 111 -15.62 6.04 -91.36
C PRO B 111 -15.42 7.39 -90.70
N ALA B 112 -14.95 8.36 -91.49
CA ALA B 112 -14.74 9.70 -90.97
C ALA B 112 -16.06 10.36 -90.56
N SER B 113 -17.18 9.93 -91.11
CA SER B 113 -18.49 10.47 -90.73
C SER B 113 -18.95 9.97 -89.38
N ALA B 114 -18.29 8.96 -88.81
CA ALA B 114 -18.66 8.42 -87.51
C ALA B 114 -18.11 9.22 -86.35
N VAL B 115 -17.25 10.20 -86.61
CA VAL B 115 -16.56 10.93 -85.56
C VAL B 115 -17.42 12.11 -85.14
N GLN B 116 -17.74 12.17 -83.85
CA GLN B 116 -18.46 13.30 -83.29
C GLN B 116 -17.53 14.33 -82.67
N SER B 117 -16.51 13.87 -81.95
CA SER B 117 -15.50 14.73 -81.36
C SER B 117 -14.17 14.03 -81.44
N TRP B 118 -13.09 14.80 -81.47
CA TRP B 118 -11.75 14.20 -81.47
C TRP B 118 -10.79 15.22 -80.87
N SER B 119 -10.45 15.03 -79.61
CA SER B 119 -9.38 15.75 -78.96
C SER B 119 -8.15 14.88 -78.89
N ASP B 120 -7.07 15.40 -78.32
CA ASP B 120 -5.89 14.58 -78.13
C ASP B 120 -6.02 13.62 -76.97
N THR B 121 -7.06 13.74 -76.15
CA THR B 121 -7.29 12.83 -75.04
C THR B 121 -8.67 12.20 -75.03
N GLU B 122 -9.50 12.43 -76.03
CA GLU B 122 -10.82 11.82 -76.08
C GLU B 122 -11.33 11.75 -77.51
N ILE B 123 -11.89 10.61 -77.89
CA ILE B 123 -12.55 10.41 -79.17
C ILE B 123 -13.96 9.91 -78.90
N VAL B 124 -14.94 10.53 -79.54
CA VAL B 124 -16.34 10.13 -79.43
C VAL B 124 -16.82 9.72 -80.81
N LEU B 125 -17.46 8.56 -80.90
CA LEU B 125 -17.84 7.98 -82.17
C LEU B 125 -19.31 7.55 -82.12
N LYS B 126 -19.88 7.39 -83.31
CA LYS B 126 -21.16 6.73 -83.50
C LYS B 126 -20.94 5.43 -84.25
N VAL B 127 -21.36 4.32 -83.68
CA VAL B 127 -21.09 3.02 -84.27
C VAL B 127 -21.96 2.86 -85.51
N PRO B 128 -21.38 2.60 -86.68
CA PRO B 128 -22.15 2.45 -87.90
C PRO B 128 -22.81 1.07 -87.95
N GLU B 129 -23.45 0.80 -89.09
CA GLU B 129 -24.05 -0.50 -89.33
C GLU B 129 -23.10 -1.36 -90.13
N GLY B 130 -22.86 -2.59 -89.67
CA GLY B 130 -22.03 -3.52 -90.40
C GLY B 130 -20.73 -3.89 -89.71
N MET B 131 -20.54 -3.45 -88.48
CA MET B 131 -19.34 -3.85 -87.75
C MET B 131 -19.47 -5.31 -87.29
N PRO B 132 -18.34 -6.01 -87.14
CA PRO B 132 -18.39 -7.43 -86.74
C PRO B 132 -18.68 -7.58 -85.26
N ALA B 133 -19.81 -8.20 -84.94
CA ALA B 133 -20.18 -8.41 -83.55
C ALA B 133 -19.26 -9.42 -82.90
N GLY B 134 -19.12 -9.32 -81.58
CA GLY B 134 -18.21 -10.17 -80.83
C GLY B 134 -17.03 -9.37 -80.32
N GLY B 135 -16.12 -10.10 -79.67
CA GLY B 135 -14.95 -9.47 -79.11
C GLY B 135 -13.85 -9.26 -80.13
N SER B 136 -13.14 -8.15 -79.98
CA SER B 136 -12.08 -7.78 -80.90
C SER B 136 -11.23 -6.71 -80.23
N TRP B 137 -10.22 -6.24 -80.95
CA TRP B 137 -9.28 -5.26 -80.44
C TRP B 137 -9.46 -3.94 -81.14
N LEU B 138 -9.29 -2.85 -80.39
CA LEU B 138 -9.43 -1.50 -80.91
C LEU B 138 -8.10 -0.79 -80.80
N PHE B 139 -7.70 -0.12 -81.89
CA PHE B 139 -6.46 0.62 -81.95
C PHE B 139 -6.73 1.99 -82.54
N VAL B 140 -5.86 2.94 -82.24
CA VAL B 140 -5.86 4.26 -82.86
C VAL B 140 -4.52 4.43 -83.54
N GLU B 141 -4.54 4.77 -84.83
CA GLU B 141 -3.33 4.97 -85.61
C GLU B 141 -3.16 6.46 -85.87
N VAL B 142 -2.19 7.08 -85.19
CA VAL B 142 -1.95 8.51 -85.29
C VAL B 142 -0.73 8.72 -86.16
N GLY B 143 -0.92 9.34 -87.32
CA GLY B 143 0.18 9.59 -88.23
C GLY B 143 0.89 8.33 -88.67
N GLY B 144 0.17 7.23 -88.79
CA GLY B 144 0.74 5.96 -89.17
C GLY B 144 1.31 5.15 -88.04
N LYS B 145 1.35 5.69 -86.83
CA LYS B 145 1.89 4.99 -85.67
C LYS B 145 0.75 4.39 -84.87
N ARG B 146 0.87 3.11 -84.51
CA ARG B 146 -0.18 2.40 -83.81
C ARG B 146 -0.06 2.59 -82.31
N SER B 147 -1.21 2.63 -81.65
CA SER B 147 -1.27 2.84 -80.21
C SER B 147 -1.17 1.48 -79.50
N THR B 148 -1.35 1.50 -78.19
CA THR B 148 -1.63 0.30 -77.43
C THR B 148 -3.11 0.00 -77.53
N GLY B 149 -3.46 -1.27 -77.57
CA GLY B 149 -4.82 -1.65 -77.84
C GLY B 149 -5.65 -1.85 -76.59
N LEU B 150 -6.96 -1.89 -76.80
CA LEU B 150 -7.92 -2.28 -75.77
C LEU B 150 -8.93 -3.23 -76.40
N ARG B 151 -9.42 -4.17 -75.60
CA ARG B 151 -10.44 -5.09 -76.07
C ARG B 151 -11.81 -4.45 -75.97
N VAL B 152 -12.58 -4.57 -77.05
CA VAL B 152 -13.91 -3.98 -77.13
C VAL B 152 -14.88 -5.08 -77.52
N SER B 153 -16.13 -4.92 -77.13
CA SER B 153 -17.18 -5.90 -77.40
C SER B 153 -18.23 -5.25 -78.28
N VAL B 154 -18.26 -5.60 -79.55
CA VAL B 154 -19.25 -5.09 -80.48
C VAL B 154 -20.52 -5.92 -80.33
N ARG B 155 -21.65 -5.26 -80.17
CA ARG B 155 -22.90 -5.95 -79.97
C ARG B 155 -23.53 -6.35 -81.30
N GLY C 28 51.76 -13.66 -105.19
CA GLY C 28 52.36 -14.98 -105.24
C GLY C 28 53.62 -15.05 -106.08
N ARG C 29 54.70 -15.55 -105.48
CA ARG C 29 55.99 -15.66 -106.14
C ARG C 29 56.57 -17.04 -105.93
N VAL C 30 57.31 -17.52 -106.93
CA VAL C 30 58.02 -18.78 -106.86
C VAL C 30 59.51 -18.49 -106.99
N ASN C 31 60.30 -19.05 -106.08
CA ASN C 31 61.74 -18.81 -106.07
C ASN C 31 62.40 -20.06 -105.49
N VAL C 32 62.93 -20.91 -106.38
CA VAL C 32 63.57 -22.15 -105.99
C VAL C 32 64.99 -22.16 -106.56
N GLY C 33 65.95 -22.60 -105.75
CA GLY C 33 67.33 -22.69 -106.19
C GLY C 33 67.80 -24.12 -106.14
N VAL C 34 68.82 -24.43 -106.95
CA VAL C 34 69.27 -25.79 -107.16
C VAL C 34 70.79 -25.87 -107.01
N ASP C 35 71.24 -26.87 -106.26
CA ASP C 35 72.66 -27.22 -106.18
C ASP C 35 72.86 -28.52 -106.96
N VAL C 36 73.61 -28.44 -108.05
CA VAL C 36 73.61 -29.52 -109.04
C VAL C 36 74.65 -30.58 -108.69
N GLY C 37 75.90 -30.16 -108.49
CA GLY C 37 76.92 -31.09 -108.06
C GLY C 37 77.26 -32.15 -109.10
N ASP C 38 77.91 -31.74 -110.18
CA ASP C 38 78.14 -32.59 -111.35
C ASP C 38 79.48 -33.33 -111.29
N ALA C 39 79.98 -33.63 -110.10
CA ALA C 39 81.19 -34.44 -109.97
C ALA C 39 80.85 -35.92 -110.10
N GLY C 40 81.84 -36.70 -110.52
CA GLY C 40 81.63 -38.13 -110.70
C GLY C 40 80.57 -38.47 -111.72
N SER C 41 80.51 -37.71 -112.82
CA SER C 41 79.46 -37.87 -113.81
C SER C 41 79.95 -38.37 -115.16
N GLU C 42 81.26 -38.43 -115.39
CA GLU C 42 81.81 -38.93 -116.64
C GLU C 42 82.54 -40.24 -116.41
N GLN C 43 82.30 -41.20 -117.29
CA GLN C 43 82.96 -42.50 -117.22
C GLN C 43 84.39 -42.39 -117.73
N VAL C 44 85.33 -42.98 -117.00
CA VAL C 44 86.74 -42.89 -117.33
C VAL C 44 87.12 -44.08 -118.20
N ALA C 45 87.69 -43.80 -119.37
CA ALA C 45 88.15 -44.83 -120.28
C ALA C 45 89.50 -44.55 -120.93
N THR C 46 90.03 -43.33 -120.81
CA THR C 46 91.28 -42.95 -121.49
C THR C 46 92.46 -43.53 -120.71
N LEU C 47 92.62 -44.85 -120.81
CA LEU C 47 93.75 -45.56 -120.21
C LEU C 47 94.30 -46.51 -121.26
N THR C 48 95.24 -46.02 -122.08
CA THR C 48 95.95 -46.90 -122.99
C THR C 48 96.81 -47.90 -122.23
N ILE C 49 97.22 -47.57 -121.02
CA ILE C 49 97.86 -48.51 -120.12
C ILE C 49 96.78 -49.40 -119.50
N THR C 50 97.13 -50.18 -118.49
CA THR C 50 96.18 -51.14 -117.94
C THR C 50 96.40 -51.34 -116.46
N PRO C 51 95.38 -51.89 -115.80
CA PRO C 51 95.48 -52.38 -114.43
C PRO C 51 96.05 -53.78 -114.37
N GLU C 52 96.50 -54.32 -115.52
CA GLU C 52 97.11 -55.63 -115.59
C GLU C 52 98.56 -55.54 -115.10
N LYS C 53 99.35 -56.57 -115.40
CA LYS C 53 100.71 -56.66 -114.88
C LYS C 53 101.50 -55.38 -115.17
N CYS C 54 101.74 -55.07 -116.43
CA CYS C 54 102.41 -53.81 -116.78
C CYS C 54 101.95 -53.38 -118.18
N ASP C 55 100.88 -52.57 -118.21
CA ASP C 55 100.40 -51.90 -119.42
C ASP C 55 100.46 -52.77 -120.67
N ASP C 56 100.05 -54.03 -120.56
CA ASP C 56 100.23 -54.97 -121.64
C ASP C 56 98.95 -55.61 -122.15
N LYS C 57 98.03 -55.97 -121.26
CA LYS C 57 96.89 -56.82 -121.62
C LYS C 57 95.58 -56.05 -121.72
N GLY C 58 95.18 -55.36 -120.65
CA GLY C 58 93.84 -54.75 -120.57
C GLY C 58 93.85 -53.39 -121.25
N VAL C 59 93.99 -53.42 -122.57
CA VAL C 59 94.00 -52.21 -123.38
C VAL C 59 92.58 -51.70 -123.63
N PRO C 74 75.52 -40.54 -110.50
CA PRO C 74 74.84 -39.55 -111.34
C PRO C 74 74.84 -38.17 -110.71
N VAL C 75 74.49 -37.15 -111.48
CA VAL C 75 74.43 -35.79 -110.95
C VAL C 75 73.22 -35.67 -110.02
N THR C 76 73.43 -35.08 -108.85
CA THR C 76 72.41 -35.00 -107.80
C THR C 76 71.89 -33.58 -107.70
N PHE C 77 70.80 -33.29 -108.41
CA PHE C 77 70.14 -32.00 -108.29
C PHE C 77 69.49 -31.87 -106.92
N THR C 78 69.62 -30.69 -106.31
CA THR C 78 69.07 -30.44 -104.97
C THR C 78 68.29 -29.13 -105.00
N PHE C 79 66.95 -29.24 -105.00
CA PHE C 79 66.07 -28.09 -105.09
C PHE C 79 65.65 -27.64 -103.70
N THR C 80 65.74 -26.34 -103.45
CA THR C 80 65.31 -25.73 -102.20
C THR C 80 64.61 -24.41 -102.49
N ALA C 81 63.49 -24.19 -101.81
CA ALA C 81 62.69 -22.99 -102.01
C ALA C 81 63.20 -21.85 -101.16
N ARG C 82 63.29 -20.67 -101.75
CA ARG C 82 63.77 -19.49 -101.05
C ARG C 82 62.71 -19.01 -100.07
N PRO C 83 63.11 -18.26 -99.03
CA PRO C 83 62.12 -17.75 -98.08
C PRO C 83 61.08 -16.88 -98.75
N GLY C 84 59.83 -17.05 -98.33
CA GLY C 84 58.72 -16.31 -98.89
C GLY C 84 58.13 -16.88 -100.16
N SER C 85 58.63 -18.02 -100.63
CA SER C 85 58.19 -18.61 -101.89
C SER C 85 57.00 -19.54 -101.68
N GLU C 86 56.32 -19.85 -102.78
CA GLU C 86 55.27 -20.84 -102.76
C GLU C 86 55.87 -22.24 -102.85
N ALA C 87 55.02 -23.25 -102.72
CA ALA C 87 55.41 -24.60 -103.07
C ALA C 87 55.28 -24.80 -104.57
N VAL C 88 56.03 -25.76 -105.08
CA VAL C 88 56.05 -26.02 -106.52
C VAL C 88 56.33 -27.50 -106.74
N THR C 89 55.78 -28.03 -107.82
CA THR C 89 56.01 -29.42 -108.22
C THR C 89 56.62 -29.43 -109.61
N ILE C 90 57.74 -30.12 -109.77
CA ILE C 90 58.45 -30.19 -111.03
C ILE C 90 57.99 -31.43 -111.79
N GLU C 91 57.60 -31.24 -113.04
CA GLU C 91 57.04 -32.31 -113.86
C GLU C 91 58.05 -32.93 -114.82
N GLY C 92 59.02 -32.15 -115.30
CA GLY C 92 60.01 -32.67 -116.20
C GLY C 92 61.00 -31.59 -116.55
N TYR C 93 61.78 -31.83 -117.61
CA TYR C 93 62.78 -30.88 -118.05
C TYR C 93 62.91 -30.94 -119.57
N ARG C 94 63.42 -29.85 -120.14
CA ARG C 94 63.71 -29.74 -121.56
C ARG C 94 65.19 -29.42 -121.73
N VAL C 95 65.84 -30.11 -122.66
CA VAL C 95 67.26 -29.89 -122.94
C VAL C 95 67.34 -28.87 -124.07
N LEU C 96 67.63 -27.62 -123.70
CA LEU C 96 67.64 -26.52 -124.64
C LEU C 96 68.95 -26.39 -125.41
N SER C 97 70.01 -27.06 -124.99
CA SER C 97 71.31 -26.93 -125.65
C SER C 97 72.17 -28.12 -125.28
N ASP C 98 72.55 -28.92 -126.27
CA ASP C 98 73.46 -30.04 -126.09
C ASP C 98 74.72 -29.80 -126.92
N ARG C 99 75.88 -29.90 -126.28
CA ARG C 99 77.15 -29.60 -126.95
C ARG C 99 78.19 -30.63 -126.50
N LEU C 100 78.45 -31.62 -127.35
CA LEU C 100 79.51 -32.59 -127.12
C LEU C 100 80.78 -32.05 -127.78
N ASP C 101 81.78 -31.73 -126.96
CA ASP C 101 83.06 -31.17 -127.38
C ASP C 101 82.91 -29.84 -128.13
N GLY C 102 81.73 -29.23 -128.10
CA GLY C 102 81.52 -27.93 -128.67
C GLY C 102 80.63 -27.86 -129.89
N VAL C 103 79.91 -28.92 -130.23
CA VAL C 103 79.04 -28.96 -131.40
C VAL C 103 77.60 -28.95 -130.92
N GLU C 104 76.83 -27.96 -131.38
CA GLU C 104 75.45 -27.77 -130.96
C GLU C 104 74.58 -28.82 -131.65
N ARG C 105 74.51 -30.01 -131.04
CA ARG C 105 73.70 -31.10 -131.55
C ARG C 105 72.32 -31.13 -130.86
N ALA C 106 71.61 -30.03 -130.98
CA ALA C 106 70.41 -29.82 -130.18
C ALA C 106 69.14 -29.61 -130.99
N ASP C 107 69.21 -28.85 -132.10
CA ASP C 107 68.03 -28.45 -132.87
C ASP C 107 67.01 -27.79 -131.95
N PRO C 108 67.25 -26.56 -131.51
CA PRO C 108 66.35 -25.93 -130.52
C PRO C 108 64.92 -25.75 -131.00
N LYS C 109 64.62 -26.05 -132.27
CA LYS C 109 63.22 -26.03 -132.70
C LYS C 109 62.42 -27.13 -132.03
N ASN C 110 63.03 -28.28 -131.79
CA ASN C 110 62.36 -29.45 -131.21
C ASN C 110 63.20 -29.98 -130.06
N PRO C 111 63.09 -29.39 -128.88
CA PRO C 111 63.88 -29.87 -127.73
C PRO C 111 63.48 -31.29 -127.34
N VAL C 112 64.27 -31.87 -126.44
CA VAL C 112 64.03 -33.21 -125.93
C VAL C 112 63.29 -33.05 -124.60
N GLU C 113 62.00 -33.29 -124.62
CA GLU C 113 61.19 -33.17 -123.42
C GLU C 113 61.28 -34.43 -122.56
N ASN C 114 61.06 -34.26 -121.27
CA ASN C 114 60.86 -35.36 -120.34
C ASN C 114 59.63 -35.02 -119.51
N ALA C 115 58.82 -36.03 -119.22
CA ALA C 115 57.60 -35.84 -118.44
C ALA C 115 57.46 -36.95 -117.42
N LYS C 116 58.57 -37.29 -116.75
CA LYS C 116 58.58 -38.42 -115.84
C LYS C 116 59.01 -38.01 -114.44
N MET C 117 58.55 -36.85 -113.98
CA MET C 117 58.91 -36.32 -112.67
C MET C 117 57.67 -35.91 -111.91
N ASN C 118 57.58 -36.32 -110.65
CA ASN C 118 56.62 -35.78 -109.68
C ASN C 118 57.41 -35.42 -108.43
N LEU C 119 58.01 -34.23 -108.43
CA LEU C 119 58.91 -33.81 -107.36
C LEU C 119 58.33 -32.59 -106.68
N TYR C 120 58.09 -32.70 -105.37
CA TYR C 120 57.47 -31.64 -104.60
C TYR C 120 58.53 -30.84 -103.85
N VAL C 121 58.51 -29.53 -104.04
CA VAL C 121 59.42 -28.61 -103.35
C VAL C 121 58.60 -27.85 -102.31
N PRO C 122 58.82 -28.08 -101.02
CA PRO C 122 58.01 -27.41 -99.99
C PRO C 122 58.12 -25.90 -100.06
N SER C 123 57.21 -25.24 -99.32
CA SER C 123 56.90 -23.83 -99.56
C SER C 123 58.11 -22.92 -99.32
N GLY C 124 58.81 -23.12 -98.22
CA GLY C 124 59.85 -22.18 -97.86
C GLY C 124 59.44 -21.33 -96.68
N TYR C 125 58.70 -21.94 -95.77
CA TYR C 125 58.30 -21.34 -94.50
C TYR C 125 58.67 -22.30 -93.38
N ALA C 126 58.39 -21.90 -92.15
CA ALA C 126 58.65 -22.75 -91.01
C ALA C 126 57.54 -22.55 -89.98
N CYS C 127 57.15 -23.62 -89.31
CA CYS C 127 56.05 -23.59 -88.35
C CYS C 127 56.22 -24.74 -87.38
N GLU C 128 55.18 -25.04 -86.62
CA GLU C 128 55.24 -26.06 -85.59
C GLU C 128 54.71 -27.41 -86.08
N GLY C 129 53.65 -27.42 -86.87
CA GLY C 129 53.01 -28.63 -87.32
C GLY C 129 53.53 -29.19 -88.62
N LEU C 130 54.61 -28.64 -89.15
CA LEU C 130 55.12 -29.08 -90.44
C LEU C 130 55.66 -30.51 -90.35
N THR C 131 55.21 -31.36 -91.27
CA THR C 131 55.71 -32.73 -91.36
C THR C 131 56.99 -32.74 -92.19
N ALA C 132 57.42 -33.94 -92.62
CA ALA C 132 58.67 -34.06 -93.35
C ALA C 132 58.58 -33.40 -94.72
N GLY C 133 57.67 -33.88 -95.57
CA GLY C 133 57.61 -33.40 -96.94
C GLY C 133 56.37 -32.60 -97.28
N ALA C 134 55.93 -31.72 -96.38
CA ALA C 134 54.73 -30.93 -96.58
C ALA C 134 55.09 -29.45 -96.60
N SER C 135 54.05 -28.62 -96.74
CA SER C 135 54.18 -27.18 -96.69
C SER C 135 53.25 -26.63 -95.62
N CYS C 136 53.65 -25.50 -95.03
CA CYS C 136 52.81 -24.83 -94.06
C CYS C 136 51.55 -24.30 -94.72
N GLN C 137 50.47 -24.21 -93.92
CA GLN C 137 49.23 -23.62 -94.42
C GLN C 137 49.43 -22.16 -94.76
N GLY C 138 50.12 -21.41 -93.89
CA GLY C 138 50.36 -20.00 -94.09
C GLY C 138 49.72 -19.10 -93.05
N ASN C 139 49.02 -19.65 -92.07
CA ASN C 139 48.33 -18.85 -91.06
C ASN C 139 48.51 -19.45 -89.68
N GLU C 140 49.74 -19.87 -89.36
CA GLU C 140 50.01 -20.55 -88.11
C GLU C 140 50.25 -19.62 -86.94
N SER C 141 50.40 -18.32 -87.17
CA SER C 141 50.68 -17.32 -86.14
C SER C 141 52.07 -17.53 -85.55
N ASP C 142 52.70 -18.61 -85.96
CA ASP C 142 54.08 -18.91 -85.62
C ASP C 142 54.97 -18.92 -86.85
N ILE C 143 54.38 -18.77 -88.04
CA ILE C 143 55.07 -19.07 -89.29
C ILE C 143 56.15 -18.01 -89.56
N ARG C 144 57.30 -18.49 -90.00
CA ARG C 144 58.41 -17.65 -90.45
C ARG C 144 58.63 -17.90 -91.93
N ILE C 145 59.54 -17.13 -92.51
CA ILE C 145 60.05 -17.38 -93.85
C ILE C 145 61.44 -17.97 -93.69
N ALA C 146 61.63 -19.18 -94.22
CA ALA C 146 62.89 -19.89 -94.10
C ALA C 146 63.20 -20.56 -95.43
N ASN C 147 64.27 -21.33 -95.46
CA ASN C 147 64.58 -22.13 -96.64
C ASN C 147 63.84 -23.45 -96.56
N GLY C 148 63.27 -23.86 -97.68
CA GLY C 148 62.48 -25.07 -97.70
C GLY C 148 63.33 -26.32 -97.55
N GLN C 149 62.67 -27.43 -97.28
CA GLN C 149 63.36 -28.70 -97.16
C GLN C 149 63.98 -29.07 -98.51
N PRO C 150 65.22 -29.57 -98.52
CA PRO C 150 65.86 -29.95 -99.79
C PRO C 150 65.29 -31.26 -100.32
N VAL C 151 64.97 -31.28 -101.60
CA VAL C 151 64.51 -32.48 -102.29
C VAL C 151 65.42 -32.71 -103.49
N GLN C 152 65.79 -33.97 -103.72
CA GLN C 152 66.80 -34.31 -104.71
C GLN C 152 66.22 -35.13 -105.85
N HIS C 153 66.91 -35.05 -106.98
CA HIS C 153 66.62 -35.88 -108.14
C HIS C 153 67.94 -36.19 -108.84
N GLN C 154 67.99 -37.33 -109.53
CA GLN C 154 69.21 -37.79 -110.19
C GLN C 154 68.95 -37.97 -111.67
N ILE C 155 69.88 -37.48 -112.50
CA ILE C 155 69.85 -37.66 -113.95
C ILE C 155 71.25 -38.14 -114.33
N TYR C 156 71.38 -39.41 -114.66
CA TYR C 156 72.67 -39.97 -115.05
C TYR C 156 72.92 -39.67 -116.51
N PHE C 157 73.91 -38.84 -116.79
CA PHE C 157 74.23 -38.44 -118.16
C PHE C 157 75.27 -39.36 -118.78
N ARG C 174 80.82 -32.96 -122.77
CA ARG C 174 79.40 -32.65 -122.99
C ARG C 174 78.88 -31.70 -121.92
N VAL C 175 78.24 -30.62 -122.37
CA VAL C 175 77.57 -29.67 -121.47
C VAL C 175 76.15 -29.45 -121.97
N VAL C 176 75.17 -29.74 -121.12
CA VAL C 176 73.76 -29.61 -121.48
C VAL C 176 73.14 -28.51 -120.63
N ASP C 177 72.12 -27.87 -121.19
CA ASP C 177 71.42 -26.77 -120.54
C ASP C 177 69.97 -27.18 -120.32
N LEU C 178 69.68 -27.66 -119.11
CA LEU C 178 68.34 -28.11 -118.76
C LEU C 178 67.41 -26.92 -118.54
N GLU C 179 66.12 -27.24 -118.42
CA GLU C 179 65.11 -26.26 -118.02
C GLU C 179 63.95 -27.03 -117.41
N PHE C 180 63.89 -27.07 -116.08
CA PHE C 180 62.80 -27.75 -115.40
C PHE C 180 61.51 -26.97 -115.53
N TYR C 181 60.39 -27.67 -115.52
CA TYR C 181 59.08 -27.03 -115.55
C TYR C 181 58.14 -27.73 -114.59
N GLY C 182 56.99 -27.09 -114.36
CA GLY C 182 56.04 -27.57 -113.38
C GLY C 182 54.96 -26.54 -113.12
N PHE C 183 54.39 -26.61 -111.92
CA PHE C 183 53.32 -25.70 -111.52
C PHE C 183 53.44 -25.43 -110.03
N SER C 184 53.01 -24.24 -109.61
CA SER C 184 53.13 -23.85 -108.21
C SER C 184 51.92 -24.39 -107.43
N ALA C 185 51.79 -23.95 -106.19
CA ALA C 185 50.64 -24.36 -105.38
C ALA C 185 49.36 -23.68 -105.83
N ASN C 186 49.46 -22.59 -106.60
CA ASN C 186 48.31 -21.95 -107.21
C ASN C 186 48.10 -22.41 -108.64
N ASN C 187 48.80 -23.46 -109.07
CA ASN C 187 48.64 -24.07 -110.39
C ASN C 187 48.96 -23.09 -111.50
N VAL C 188 50.15 -22.48 -111.43
CA VAL C 188 50.61 -21.62 -112.51
C VAL C 188 51.94 -22.16 -113.02
N PRO C 189 52.20 -22.04 -114.32
CA PRO C 189 53.39 -22.68 -114.90
C PRO C 189 54.68 -22.10 -114.35
N PHE C 190 55.72 -22.94 -114.32
CA PHE C 190 57.00 -22.60 -113.71
C PHE C 190 58.13 -23.11 -114.58
N THR C 191 59.21 -22.32 -114.69
CA THR C 191 60.40 -22.71 -115.43
C THR C 191 61.65 -22.28 -114.67
N ARG C 192 62.68 -23.12 -114.71
CA ARG C 192 63.90 -22.87 -113.94
C ARG C 192 65.08 -23.42 -114.73
N LYS C 193 65.93 -22.54 -115.24
CA LYS C 193 67.06 -22.94 -116.08
C LYS C 193 68.26 -23.32 -115.23
N VAL C 194 68.88 -24.45 -115.56
CA VAL C 194 69.99 -25.00 -114.80
C VAL C 194 71.20 -25.13 -115.73
N THR C 195 71.35 -24.17 -116.63
CA THR C 195 72.42 -24.16 -117.63
C THR C 195 73.79 -24.46 -117.02
N GLY C 196 74.62 -25.15 -117.82
CA GLY C 196 76.04 -25.28 -117.54
C GLY C 196 76.51 -26.63 -117.04
N ILE C 197 75.61 -27.59 -116.80
CA ILE C 197 76.04 -28.86 -116.21
C ILE C 197 76.92 -29.62 -117.19
N VAL C 198 77.97 -30.25 -116.65
CA VAL C 198 79.05 -30.84 -117.43
C VAL C 198 78.94 -32.36 -117.38
N SER C 199 78.87 -32.98 -118.56
CA SER C 199 78.86 -34.44 -118.70
C SER C 199 77.80 -35.13 -117.84
N THR D 34 -131.77 16.84 87.47
CA THR D 34 -130.71 16.55 88.42
C THR D 34 -131.15 16.80 89.86
N VAL D 35 -130.50 16.12 90.80
CA VAL D 35 -130.80 16.25 92.21
C VAL D 35 -129.51 16.18 93.00
N TYR D 36 -129.46 16.96 94.09
CA TYR D 36 -128.33 16.96 95.01
C TYR D 36 -128.78 16.35 96.32
N ARG D 37 -128.15 15.26 96.71
CA ARG D 37 -128.44 14.63 97.99
C ARG D 37 -127.14 14.16 98.63
N ASP D 38 -127.02 14.37 99.94
CA ASP D 38 -125.84 13.97 100.70
C ASP D 38 -126.30 13.04 101.82
N PRO D 39 -126.29 11.73 101.60
CA PRO D 39 -126.83 10.79 102.58
C PRO D 39 -125.92 10.61 103.80
N SER D 40 -125.42 11.72 104.32
CA SER D 40 -124.67 11.72 105.57
C SER D 40 -124.99 12.96 106.39
N LEU D 41 -126.10 13.64 106.10
CA LEU D 41 -126.51 14.83 106.81
C LEU D 41 -127.95 14.68 107.27
N THR D 42 -128.35 15.55 108.18
CA THR D 42 -129.72 15.52 108.70
C THR D 42 -130.72 15.82 107.59
N SER D 43 -131.85 15.13 107.62
CA SER D 43 -132.92 15.34 106.66
C SER D 43 -134.05 16.19 107.21
N ALA D 44 -133.85 16.85 108.34
CA ALA D 44 -134.90 17.66 108.93
C ALA D 44 -135.20 18.86 108.05
N PRO D 45 -136.45 19.28 107.95
CA PRO D 45 -136.79 20.43 107.10
C PRO D 45 -136.26 21.73 107.67
N ILE D 46 -136.00 22.68 106.77
CA ILE D 46 -135.55 24.02 107.12
C ILE D 46 -136.50 25.04 106.50
N THR D 47 -136.30 26.29 106.87
CA THR D 47 -137.11 27.38 106.33
C THR D 47 -136.31 28.67 106.50
N ALA D 48 -135.90 29.27 105.39
CA ALA D 48 -135.02 30.43 105.44
C ALA D 48 -135.34 31.39 104.30
N ASN D 49 -134.68 32.54 104.33
CA ASN D 49 -134.88 33.60 103.36
C ASN D 49 -133.77 34.63 103.53
N VAL D 50 -133.36 35.24 102.42
CA VAL D 50 -132.32 36.26 102.47
C VAL D 50 -132.38 37.08 101.19
N GLY D 51 -132.22 38.39 101.33
CA GLY D 51 -131.97 39.26 100.20
C GLY D 51 -133.13 39.51 99.26
N LYS D 52 -133.01 40.56 98.45
CA LYS D 52 -133.95 40.87 97.39
C LYS D 52 -133.18 41.17 96.12
N TYR D 53 -133.79 40.86 94.99
CA TYR D 53 -133.14 41.11 93.70
C TYR D 53 -132.99 42.60 93.45
N VAL D 54 -131.94 42.96 92.72
CA VAL D 54 -131.61 44.37 92.54
C VAL D 54 -132.14 44.92 91.22
N GLY D 55 -131.99 44.19 90.13
CA GLY D 55 -132.30 44.72 88.83
C GLY D 55 -133.75 44.63 88.47
N PRO D 56 -134.12 45.16 87.30
CA PRO D 56 -135.50 45.00 86.82
C PRO D 56 -135.73 43.71 86.09
N LEU D 57 -134.68 43.03 85.64
CA LEU D 57 -134.82 41.78 84.91
C LEU D 57 -134.81 40.57 85.82
N SER D 58 -133.94 40.55 86.82
CA SER D 58 -133.97 39.45 87.79
C SER D 58 -135.26 39.45 88.59
N THR D 59 -135.84 40.62 88.83
CA THR D 59 -137.10 40.68 89.55
C THR D 59 -138.26 40.26 88.67
N PHE D 60 -138.26 40.66 87.40
CA PHE D 60 -139.34 40.27 86.50
C PHE D 60 -139.36 38.77 86.30
N LEU D 61 -138.23 38.20 85.91
CA LEU D 61 -138.07 36.76 86.02
C LEU D 61 -138.09 36.38 87.49
N ALA D 62 -138.17 35.09 87.77
CA ALA D 62 -138.20 34.59 89.15
C ALA D 62 -139.41 35.12 89.90
N SER D 63 -140.25 35.88 89.22
CA SER D 63 -141.56 36.29 89.71
C SER D 63 -142.69 35.79 88.83
N ILE D 64 -142.49 35.78 87.50
CA ILE D 64 -143.42 35.09 86.63
C ILE D 64 -143.30 33.59 86.82
N ALA D 65 -142.14 33.11 87.24
CA ALA D 65 -141.97 31.70 87.53
C ALA D 65 -142.48 31.33 88.92
N LYS D 66 -142.72 32.32 89.78
CA LYS D 66 -143.41 32.03 91.03
C LYS D 66 -144.92 32.04 90.87
N SER D 67 -145.44 32.53 89.73
CA SER D 67 -146.85 32.32 89.42
C SER D 67 -147.13 30.83 89.24
N ALA D 68 -146.22 30.12 88.57
CA ALA D 68 -146.20 28.68 88.66
C ALA D 68 -145.38 28.28 89.89
N GLY D 69 -145.21 26.99 90.12
CA GLY D 69 -144.41 26.61 91.27
C GLY D 69 -142.96 26.41 90.91
N TYR D 70 -142.15 27.45 91.08
CA TYR D 70 -140.73 27.38 90.73
C TYR D 70 -139.98 28.39 91.59
N GLU D 71 -138.68 28.17 91.74
CA GLU D 71 -137.87 28.88 92.73
C GLU D 71 -136.57 29.40 92.14
N VAL D 72 -136.65 30.05 90.99
CA VAL D 72 -135.51 30.44 90.15
C VAL D 72 -134.27 30.83 90.92
N VAL D 73 -133.12 30.28 90.50
CA VAL D 73 -131.82 30.56 91.08
C VAL D 73 -130.87 30.94 89.96
N PHE D 74 -130.21 32.08 90.08
CA PHE D 74 -129.34 32.61 89.04
C PHE D 74 -127.89 32.25 89.32
N ASN D 75 -127.20 31.77 88.29
CA ASN D 75 -125.78 31.44 88.42
C ASN D 75 -124.86 32.62 88.20
N PHE D 76 -125.40 33.78 87.83
CA PHE D 76 -124.56 34.93 87.52
C PHE D 76 -125.36 36.19 87.78
N ASN D 77 -124.70 37.34 87.63
CA ASN D 77 -125.34 38.64 87.84
C ASN D 77 -126.09 39.00 86.57
N ILE D 78 -127.35 38.59 86.51
CA ILE D 78 -128.14 38.81 85.29
C ILE D 78 -128.43 40.29 85.08
N ASP D 79 -128.33 41.11 86.13
CA ASP D 79 -128.60 42.53 86.03
C ASP D 79 -127.39 43.33 85.57
N ALA D 80 -126.27 42.67 85.29
CA ALA D 80 -125.10 43.32 84.75
C ALA D 80 -125.01 43.19 83.24
N LEU D 81 -126.09 42.77 82.59
CA LEU D 81 -126.13 42.76 81.14
C LEU D 81 -126.41 44.18 80.63
N ALA D 82 -126.64 44.29 79.33
CA ALA D 82 -127.00 45.56 78.71
C ALA D 82 -128.51 45.63 78.60
N LEU D 83 -129.14 46.45 79.43
CA LEU D 83 -130.59 46.50 79.53
C LEU D 83 -131.05 47.95 79.44
N ILE D 84 -132.07 48.19 78.62
CA ILE D 84 -132.60 49.53 78.40
C ILE D 84 -134.09 49.54 78.74
N ASN D 85 -134.54 50.62 79.36
CA ASN D 85 -135.89 50.70 79.89
C ASN D 85 -136.23 52.17 80.14
N GLY D 86 -137.51 52.43 80.35
CA GLY D 86 -137.91 53.78 80.70
C GLY D 86 -137.38 54.20 82.06
N GLU D 87 -137.43 53.30 83.03
CA GLU D 87 -136.99 53.60 84.38
C GLU D 87 -135.47 53.54 84.53
N ILE D 88 -134.79 52.75 83.69
CA ILE D 88 -133.35 52.61 83.81
C ILE D 88 -132.64 53.93 83.54
N VAL D 89 -133.08 54.67 82.52
CA VAL D 89 -132.38 55.89 82.15
C VAL D 89 -132.97 57.13 82.83
N PHE D 90 -134.25 57.11 83.16
CA PHE D 90 -134.93 58.30 83.67
C PHE D 90 -135.17 58.26 85.16
N GLY D 91 -134.58 57.32 85.87
CA GLY D 91 -134.87 57.23 87.29
C GLY D 91 -136.29 56.78 87.54
N ASN D 92 -136.79 57.16 88.71
CA ASN D 92 -138.14 56.77 89.10
C ASN D 92 -138.77 57.82 90.01
N THR D 98 -133.81 55.04 93.46
CA THR D 98 -132.41 54.63 93.47
C THR D 98 -131.65 55.27 92.32
N THR D 99 -130.48 54.70 92.01
CA THR D 99 -129.63 55.21 90.95
C THR D 99 -129.62 54.27 89.74
N SER D 100 -130.57 53.34 89.67
CA SER D 100 -130.82 52.54 88.48
C SER D 100 -129.59 51.72 88.08
N TYR D 101 -129.27 50.74 88.93
CA TYR D 101 -128.16 49.84 88.66
C TYR D 101 -128.49 48.94 87.47
N ALA D 102 -128.54 49.51 86.26
CA ALA D 102 -128.71 48.68 85.08
C ALA D 102 -127.74 49.04 83.96
N THR D 103 -127.50 50.35 83.76
CA THR D 103 -126.46 50.86 82.88
C THR D 103 -126.54 50.27 81.48
N PRO D 104 -127.40 50.81 80.60
CA PRO D 104 -127.54 50.27 79.24
C PRO D 104 -126.24 49.95 78.51
N LEU D 105 -125.13 50.50 78.98
CA LEU D 105 -123.80 50.15 78.50
C LEU D 105 -123.31 48.85 79.04
N GLY D 106 -124.13 48.13 79.79
CA GLY D 106 -123.68 46.92 80.42
C GLY D 106 -122.87 47.21 81.67
N ARG D 107 -122.32 46.16 82.24
CA ARG D 107 -121.47 46.29 83.42
C ARG D 107 -120.62 45.04 83.54
N PRO D 108 -119.74 44.77 82.57
CA PRO D 108 -119.13 43.43 82.48
C PRO D 108 -118.16 43.10 83.59
N GLN D 109 -117.68 44.09 84.35
CA GLN D 109 -116.79 43.78 85.47
C GLN D 109 -117.52 43.18 86.65
N GLU D 110 -118.83 43.43 86.76
CA GLU D 110 -119.65 42.90 87.84
C GLU D 110 -120.59 41.81 87.36
N LEU D 111 -120.27 41.20 86.23
CA LEU D 111 -121.12 40.17 85.64
C LEU D 111 -120.97 38.82 86.33
N PRO D 112 -119.75 38.36 86.69
CA PRO D 112 -119.66 37.03 87.31
C PRO D 112 -120.01 36.99 88.78
N ALA D 113 -120.69 38.02 89.29
CA ALA D 113 -121.13 38.02 90.67
C ALA D 113 -122.17 36.94 90.89
N LYS D 114 -122.57 36.74 92.15
CA LYS D 114 -123.54 35.72 92.50
C LYS D 114 -124.65 36.37 93.33
N PRO D 115 -125.91 36.32 92.90
CA PRO D 115 -126.99 36.92 93.69
C PRO D 115 -127.30 36.08 94.92
N VAL D 116 -127.13 36.67 96.10
CA VAL D 116 -127.49 36.00 97.35
C VAL D 116 -128.96 36.36 97.61
N VAL D 117 -129.84 35.63 96.94
CA VAL D 117 -131.28 35.70 97.17
C VAL D 117 -131.81 34.27 97.14
N HIS D 118 -132.34 33.81 98.27
CA HIS D 118 -132.79 32.43 98.37
C HIS D 118 -134.08 32.38 99.18
N ASN D 119 -134.86 31.33 98.93
CA ASN D 119 -136.12 31.13 99.63
C ASN D 119 -136.36 29.64 99.77
N PHE D 120 -136.52 29.17 101.01
CA PHE D 120 -136.72 27.76 101.28
C PHE D 120 -137.90 27.59 102.20
N SER D 121 -138.74 26.60 101.91
CA SER D 121 -139.93 26.33 102.71
C SER D 121 -140.03 24.82 102.88
N ASN D 122 -139.75 24.34 104.09
CA ASN D 122 -139.84 22.92 104.43
C ASN D 122 -138.96 22.07 103.53
N ALA D 123 -137.86 22.63 103.07
CA ALA D 123 -136.93 21.85 102.27
C ALA D 123 -136.01 21.03 103.19
N PRO D 124 -135.71 19.79 102.82
CA PRO D 124 -134.81 18.98 103.65
C PRO D 124 -133.40 19.54 103.61
N PHE D 125 -132.84 19.76 104.80
CA PHE D 125 -131.44 20.19 104.89
C PHE D 125 -130.50 19.18 104.25
N ASN D 126 -130.93 17.93 104.16
CA ASN D 126 -130.11 16.90 103.52
C ASN D 126 -129.81 17.25 102.08
N GLU D 127 -130.78 17.81 101.37
CA GLU D 127 -130.65 18.06 99.94
C GLU D 127 -130.68 19.54 99.58
N ALA D 128 -130.96 20.42 100.54
CA ALA D 128 -130.86 21.85 100.27
C ALA D 128 -129.44 22.38 100.50
N TRP D 129 -128.71 21.81 101.46
CA TRP D 129 -127.33 22.21 101.66
C TRP D 129 -126.43 21.92 100.47
N PRO D 130 -126.42 20.71 99.89
CA PRO D 130 -125.52 20.48 98.75
C PRO D 130 -125.79 21.36 97.56
N LEU D 131 -127.03 21.86 97.40
CA LEU D 131 -127.30 22.79 96.32
C LEU D 131 -126.56 24.10 96.53
N LEU D 132 -126.61 24.63 97.76
CA LEU D 132 -125.94 25.90 98.04
C LEU D 132 -124.43 25.79 97.92
N MET D 133 -123.86 24.64 98.24
CA MET D 133 -122.43 24.46 98.04
C MET D 133 -122.05 24.30 96.58
N ASP D 134 -123.02 24.15 95.68
CA ASP D 134 -122.73 24.13 94.26
C ASP D 134 -123.01 25.48 93.59
N VAL D 135 -123.90 26.29 94.14
CA VAL D 135 -124.10 27.63 93.61
C VAL D 135 -122.87 28.49 93.86
N TYR D 136 -122.33 28.43 95.07
CA TYR D 136 -121.17 29.24 95.46
C TYR D 136 -119.86 28.50 95.33
N GLU D 137 -119.87 27.26 94.84
CA GLU D 137 -118.65 26.48 94.61
C GLU D 137 -117.83 26.36 95.89
N LEU D 138 -118.44 25.76 96.91
CA LEU D 138 -117.79 25.51 98.18
C LEU D 138 -117.65 24.00 98.38
N ASP D 139 -116.84 23.65 99.38
CA ASP D 139 -116.56 22.25 99.68
C ASP D 139 -116.50 22.11 101.19
N TYR D 140 -117.22 21.14 101.73
CA TYR D 140 -117.39 21.01 103.17
C TYR D 140 -116.97 19.61 103.64
N GLN D 141 -116.79 19.50 104.95
CA GLN D 141 -116.49 18.24 105.59
C GLN D 141 -116.93 18.32 107.05
N LEU D 142 -117.15 17.16 107.65
CA LEU D 142 -117.72 17.08 108.99
C LEU D 142 -116.64 16.77 110.02
N VAL D 143 -116.71 17.46 111.16
CA VAL D 143 -115.80 17.27 112.28
C VAL D 143 -116.64 17.12 113.53
N LYS D 144 -116.21 16.22 114.42
CA LYS D 144 -116.91 15.97 115.68
C LYS D 144 -116.13 16.61 116.82
N VAL D 145 -116.82 17.40 117.64
CA VAL D 145 -116.21 18.05 118.79
C VAL D 145 -116.91 17.47 120.01
N GLY D 146 -117.27 16.19 119.93
CA GLY D 146 -117.96 15.51 121.01
C GLY D 146 -119.36 15.12 120.62
N SER D 147 -120.35 15.70 121.29
CA SER D 147 -121.75 15.45 120.98
C SER D 147 -122.29 16.39 119.91
N ALA D 148 -121.45 17.26 119.36
CA ALA D 148 -121.86 18.23 118.36
C ALA D 148 -121.05 18.02 117.09
N ASN D 149 -121.74 18.00 115.95
CA ASN D 149 -121.08 17.90 114.66
C ASN D 149 -120.93 19.29 114.08
N VAL D 150 -119.74 19.59 113.57
CA VAL D 150 -119.44 20.90 113.00
C VAL D 150 -119.05 20.71 111.54
N ILE D 151 -119.42 21.66 110.70
CA ILE D 151 -119.13 21.61 109.27
C ILE D 151 -118.02 22.61 108.97
N ARG D 152 -116.97 22.15 108.29
CA ARG D 152 -115.83 22.99 107.97
C ARG D 152 -115.89 23.35 106.49
N ILE D 153 -116.56 24.46 106.18
CA ILE D 153 -116.70 24.88 104.80
C ILE D 153 -115.37 25.41 104.28
N GLY D 154 -114.98 24.95 103.10
CA GLY D 154 -113.77 25.43 102.47
C GLY D 154 -114.05 26.06 101.12
N GLN D 155 -113.22 25.76 100.14
CA GLN D 155 -113.40 26.28 98.79
C GLN D 155 -113.11 25.12 97.84
N ARG D 156 -113.90 25.01 96.78
CA ARG D 156 -113.77 23.86 95.90
C ARG D 156 -112.57 24.02 94.98
N PRO D 157 -111.77 22.97 94.80
CA PRO D 157 -110.68 23.02 93.82
C PRO D 157 -111.24 23.03 92.41
N LYS D 158 -110.96 24.12 91.68
CA LYS D 158 -111.58 24.35 90.37
C LYS D 158 -110.69 23.75 89.28
N GLN D 159 -110.80 22.44 89.12
CA GLN D 159 -110.09 21.72 88.09
C GLN D 159 -111.03 20.72 87.44
N LEU D 160 -110.71 20.37 86.20
CA LEU D 160 -111.58 19.48 85.44
C LEU D 160 -110.74 18.80 84.37
N ALA D 161 -111.02 17.51 84.14
CA ALA D 161 -110.34 16.73 83.13
C ALA D 161 -111.29 16.48 81.97
N LEU D 162 -110.85 16.81 80.76
CA LEU D 162 -111.68 16.67 79.57
C LEU D 162 -111.08 15.63 78.64
N PRO D 163 -111.61 14.41 78.60
CA PRO D 163 -111.10 13.42 77.66
C PRO D 163 -111.37 13.82 76.22
N LEU D 164 -110.36 13.59 75.37
CA LEU D 164 -110.47 13.87 73.94
C LEU D 164 -110.56 12.56 73.18
N LYS D 165 -111.50 12.48 72.25
CA LYS D 165 -111.75 11.25 71.52
C LYS D 165 -111.22 11.27 70.09
N PHE D 166 -111.18 12.42 69.43
CA PHE D 166 -110.86 12.45 68.01
C PHE D 166 -109.83 13.49 67.60
N ILE D 167 -109.39 14.36 68.51
CA ILE D 167 -108.42 15.39 68.16
C ILE D 167 -107.29 15.38 69.17
N SER D 168 -106.09 15.70 68.69
CA SER D 168 -104.93 15.77 69.56
C SER D 168 -105.03 16.98 70.47
N ALA D 169 -104.68 16.79 71.75
CA ALA D 169 -104.75 17.88 72.70
C ALA D 169 -103.53 18.78 72.61
N GLU D 170 -103.22 19.23 71.40
CA GLU D 170 -102.18 20.23 71.19
C GLU D 170 -102.71 21.27 70.22
N SER D 171 -103.64 20.83 69.36
CA SER D 171 -104.41 21.75 68.53
C SER D 171 -105.75 22.09 69.14
N ALA D 172 -106.28 21.24 70.01
CA ALA D 172 -107.47 21.60 70.75
C ALA D 172 -107.21 22.77 71.69
N LEU D 173 -106.02 22.84 72.28
CA LEU D 173 -105.65 24.01 73.05
C LEU D 173 -105.57 25.24 72.17
N THR D 174 -104.98 25.11 70.98
CA THR D 174 -104.87 26.26 70.08
C THR D 174 -106.24 26.78 69.67
N ALA D 175 -107.17 25.89 69.39
CA ALA D 175 -108.53 26.31 69.06
C ALA D 175 -109.31 26.83 70.25
N ILE D 176 -108.80 26.64 71.47
CA ILE D 176 -109.43 27.22 72.65
C ILE D 176 -108.84 28.59 72.96
N GLU D 177 -107.53 28.76 72.74
CA GLU D 177 -106.89 30.03 73.01
C GLU D 177 -107.38 31.14 72.09
N LYS D 178 -107.97 30.79 70.95
CA LYS D 178 -108.48 31.81 70.04
C LYS D 178 -109.98 32.03 70.23
N PHE D 179 -110.71 30.96 70.53
CA PHE D 179 -112.11 31.07 70.92
C PHE D 179 -112.27 31.98 72.13
N PHE D 180 -111.51 31.72 73.20
CA PHE D 180 -111.69 32.40 74.47
C PHE D 180 -110.59 33.43 74.73
N GLY D 181 -109.80 33.77 73.73
CA GLY D 181 -108.75 34.75 73.92
C GLY D 181 -109.30 36.15 74.05
N GLU D 182 -108.43 37.06 74.45
CA GLU D 182 -108.80 38.46 74.61
C GLU D 182 -107.66 39.38 74.16
N ARG D 202 -105.46 35.11 76.49
CA ARG D 202 -106.10 34.31 77.53
C ARG D 202 -106.24 35.05 78.83
N PRO D 203 -107.46 35.11 79.36
CA PRO D 203 -107.66 35.73 80.67
C PRO D 203 -106.96 34.92 81.74
N THR D 204 -106.53 35.62 82.80
CA THR D 204 -105.87 34.93 83.90
C THR D 204 -106.83 34.06 84.70
N GLY D 205 -108.13 34.17 84.48
CA GLY D 205 -109.06 33.31 85.15
C GLY D 205 -109.21 31.92 84.57
N LYS D 206 -108.52 31.62 83.47
CA LYS D 206 -108.62 30.33 82.80
C LYS D 206 -107.23 29.79 82.49
N PHE D 207 -107.09 28.46 82.63
CA PHE D 207 -105.87 27.76 82.26
C PHE D 207 -106.23 26.49 81.50
N GLY D 208 -105.47 26.21 80.45
CA GLY D 208 -105.66 25.00 79.68
C GLY D 208 -104.41 24.16 79.62
N LEU D 209 -104.48 22.91 80.10
CA LEU D 209 -103.31 22.07 80.24
C LEU D 209 -103.34 20.93 79.23
N PRO D 210 -102.50 20.93 78.21
CA PRO D 210 -102.42 19.78 77.31
C PRO D 210 -101.83 18.60 78.04
N ASN D 211 -102.23 17.40 77.63
CA ASN D 211 -101.57 16.22 78.16
C ASN D 211 -101.52 15.10 77.12
N SER D 212 -101.88 15.37 75.86
CA SER D 212 -101.77 14.45 74.73
C SER D 212 -102.76 13.29 74.84
N ILE D 213 -103.52 13.27 75.93
CA ILE D 213 -104.63 12.33 76.09
C ILE D 213 -105.88 13.13 76.41
N LYS D 214 -105.70 14.28 77.05
CA LYS D 214 -106.83 15.12 77.46
C LYS D 214 -106.33 16.53 77.68
N VAL D 215 -107.22 17.39 78.18
CA VAL D 215 -106.88 18.73 78.61
C VAL D 215 -107.43 18.91 80.03
N ILE D 216 -106.87 19.87 80.75
CA ILE D 216 -107.25 20.12 82.13
C ILE D 216 -107.61 21.59 82.31
N PRO D 217 -108.83 22.00 81.95
CA PRO D 217 -109.22 23.41 82.10
C PRO D 217 -109.31 23.81 83.56
N ASP D 218 -109.08 25.10 83.81
CA ASP D 218 -109.09 25.69 85.14
C ASP D 218 -109.93 26.95 85.09
N SER D 219 -111.15 26.91 85.61
CA SER D 219 -111.99 28.10 85.60
C SER D 219 -113.15 27.92 86.55
N SER D 220 -113.87 29.02 86.76
CA SER D 220 -115.07 29.00 87.58
C SER D 220 -116.12 28.07 86.97
N ASN D 221 -117.18 27.84 87.72
CA ASN D 221 -118.19 26.89 87.28
C ASN D 221 -118.84 27.34 85.97
N LYS D 222 -119.14 28.64 85.85
CA LYS D 222 -119.79 29.13 84.65
C LYS D 222 -118.90 29.02 83.43
N ARG D 223 -117.62 29.34 83.58
CA ARG D 223 -116.70 29.26 82.46
C ARG D 223 -116.28 27.83 82.15
N LEU D 224 -116.66 26.87 82.99
CA LEU D 224 -116.45 25.46 82.69
C LEU D 224 -117.66 24.80 82.05
N ILE D 225 -118.72 25.54 81.79
CA ILE D 225 -119.88 25.03 81.07
C ILE D 225 -119.95 25.65 79.68
N ILE D 226 -120.16 26.98 79.61
CA ILE D 226 -120.11 27.67 78.33
C ILE D 226 -118.71 27.70 77.78
N GLY D 227 -117.73 27.38 78.60
CA GLY D 227 -116.36 27.39 78.16
C GLY D 227 -116.01 26.08 77.51
N SER D 228 -114.96 25.44 77.99
CA SER D 228 -114.41 24.29 77.30
C SER D 228 -115.43 23.17 77.15
N ASN D 229 -116.26 22.95 78.16
CA ASN D 229 -117.13 21.78 78.15
C ASN D 229 -118.14 21.78 77.01
N SER D 230 -118.39 22.93 76.37
CA SER D 230 -119.33 22.96 75.26
C SER D 230 -118.70 23.30 73.93
N GLU D 231 -117.51 23.87 73.91
CA GLU D 231 -116.78 23.96 72.63
C GLU D 231 -115.97 22.70 72.38
N ASP D 232 -115.31 22.18 73.41
CA ASP D 232 -114.63 20.90 73.25
C ASP D 232 -115.61 19.79 72.91
N GLY D 233 -116.89 19.96 73.23
CA GLY D 233 -117.91 19.02 72.82
C GLY D 233 -118.41 19.18 71.40
N ILE D 234 -118.10 20.29 70.74
CA ILE D 234 -118.53 20.53 69.36
C ILE D 234 -117.39 20.31 68.37
N ARG D 235 -116.17 20.15 68.85
CA ARG D 235 -115.03 19.89 67.97
C ARG D 235 -114.45 18.49 68.13
N ILE D 236 -115.00 17.67 69.02
CA ILE D 236 -114.69 16.24 69.05
C ILE D 236 -115.68 15.59 68.09
N ARG D 237 -115.25 15.38 66.85
CA ARG D 237 -116.11 14.80 65.84
C ARG D 237 -115.27 14.15 64.76
N SER D 238 -115.93 13.33 63.95
CA SER D 238 -115.27 12.55 62.91
C SER D 238 -114.61 13.45 61.87
N PHE D 239 -113.29 13.44 61.85
CA PHE D 239 -112.55 14.16 60.81
C PHE D 239 -112.78 13.50 59.46
N VAL D 240 -112.80 14.33 58.42
CA VAL D 240 -112.95 13.84 57.05
C VAL D 240 -111.61 14.02 56.34
N GLU D 241 -111.35 13.15 55.36
CA GLU D 241 -110.08 13.17 54.65
C GLU D 241 -110.29 13.37 53.15
N ILE D 257 -94.71 13.59 47.01
CA ILE D 257 -93.99 13.84 45.76
C ILE D 257 -94.25 12.70 44.79
N SER D 258 -94.27 13.01 43.50
CA SER D 258 -94.49 12.03 42.45
C SER D 258 -93.19 11.83 41.68
N GLU D 259 -92.72 10.59 41.62
CA GLU D 259 -91.56 10.22 40.83
C GLU D 259 -91.94 9.10 39.88
N ILE D 260 -91.07 8.85 38.91
CA ILE D 260 -91.32 7.88 37.86
C ILE D 260 -90.33 6.74 38.02
N TYR D 261 -90.85 5.53 38.15
CA TYR D 261 -90.04 4.32 38.23
C TYR D 261 -90.37 3.50 36.99
N ILE D 262 -89.49 3.55 35.99
CA ILE D 262 -89.66 2.71 34.82
C ILE D 262 -89.52 1.25 35.23
N VAL D 263 -90.49 0.44 34.86
CA VAL D 263 -90.48 -0.96 35.27
C VAL D 263 -89.33 -1.67 34.58
N ARG D 264 -88.44 -2.26 35.37
CA ARG D 264 -87.28 -2.92 34.81
C ARG D 264 -87.60 -4.38 34.46
N GLY D 265 -88.04 -5.15 35.44
CA GLY D 265 -88.39 -6.54 35.20
C GLY D 265 -89.86 -6.72 34.89
N GLN D 266 -90.48 -7.72 35.50
CA GLN D 266 -91.88 -8.01 35.25
C GLN D 266 -92.76 -6.89 35.81
N LYS D 267 -93.99 -6.83 35.30
CA LYS D 267 -94.91 -5.75 35.65
C LYS D 267 -95.55 -5.97 37.02
N GLU D 268 -96.31 -7.05 37.16
CA GLU D 268 -97.05 -7.28 38.41
C GLU D 268 -96.13 -7.38 39.61
N SER D 269 -94.87 -7.77 39.40
CA SER D 269 -93.92 -7.79 40.51
C SER D 269 -93.80 -6.42 41.16
N VAL D 270 -93.58 -5.39 40.33
CA VAL D 270 -93.53 -4.03 40.87
C VAL D 270 -94.90 -3.52 41.23
N LEU D 271 -95.96 -4.23 40.81
CA LEU D 271 -97.33 -3.87 41.19
C LEU D 271 -97.74 -4.55 42.49
N GLN D 272 -97.76 -5.88 42.50
CA GLN D 272 -98.29 -6.61 43.65
C GLN D 272 -97.48 -6.32 44.90
N PHE D 273 -96.15 -6.30 44.78
CA PHE D 273 -95.32 -6.03 45.94
C PHE D 273 -95.56 -4.63 46.48
N LEU D 274 -95.69 -3.64 45.59
CA LEU D 274 -95.61 -2.26 46.03
C LEU D 274 -96.80 -1.86 46.88
N ARG D 275 -97.98 -2.43 46.60
CA ARG D 275 -99.14 -2.13 47.44
C ARG D 275 -99.02 -2.76 48.82
N ASP D 276 -98.38 -3.93 48.92
CA ASP D 276 -98.30 -4.64 50.19
C ASP D 276 -97.43 -3.87 51.18
N SER D 277 -96.16 -3.69 50.85
CA SER D 277 -95.26 -2.99 51.75
C SER D 277 -95.53 -1.50 51.82
N PHE D 278 -96.24 -0.94 50.86
CA PHE D 278 -96.54 0.49 50.85
C PHE D 278 -97.97 0.73 50.43
N PRO D 279 -98.94 0.45 51.31
CA PRO D 279 -100.30 0.94 51.05
C PRO D 279 -100.42 2.44 51.14
N GLU D 280 -99.49 3.09 51.84
CA GLU D 280 -99.48 4.55 51.90
C GLU D 280 -98.78 5.12 50.68
N LEU D 281 -99.16 4.64 49.51
CA LEU D 281 -98.63 5.11 48.24
C LEU D 281 -99.63 4.79 47.15
N ILE D 282 -99.57 5.56 46.07
CA ILE D 282 -100.39 5.31 44.90
C ILE D 282 -99.49 5.29 43.68
N VAL D 283 -99.73 4.32 42.79
CA VAL D 283 -98.97 4.18 41.56
C VAL D 283 -99.90 4.53 40.40
N THR D 284 -99.58 5.60 39.70
CA THR D 284 -100.35 6.00 38.52
C THR D 284 -99.68 5.39 37.30
N ASP D 285 -100.40 4.52 36.60
CA ASP D 285 -99.83 3.73 35.52
C ASP D 285 -100.06 4.44 34.19
N TYR D 286 -98.98 4.63 33.46
CA TYR D 286 -99.02 5.13 32.09
C TYR D 286 -98.67 3.96 31.18
N ALA D 287 -99.67 3.50 30.40
CA ALA D 287 -99.50 2.30 29.60
C ALA D 287 -98.21 2.36 28.80
N SER D 288 -97.29 1.44 29.13
CA SER D 288 -95.93 1.36 28.61
C SER D 288 -95.06 2.53 29.04
N GLY D 289 -95.57 3.48 29.80
CA GLY D 289 -94.77 4.57 30.29
C GLY D 289 -94.11 4.33 31.62
N GLY D 290 -94.41 3.21 32.27
CA GLY D 290 -93.88 2.92 33.59
C GLY D 290 -94.87 3.24 34.69
N LEU D 291 -94.38 3.82 35.78
CA LEU D 291 -95.22 4.16 36.92
C LEU D 291 -94.92 5.58 37.34
N ALA D 292 -95.72 6.09 38.28
CA ALA D 292 -95.62 7.46 38.75
C ALA D 292 -95.81 7.54 40.26
N ILE D 293 -95.07 6.71 41.00
CA ILE D 293 -95.23 6.56 42.44
C ILE D 293 -95.34 7.93 43.11
N GLU D 294 -96.41 8.14 43.88
CA GLU D 294 -96.59 9.39 44.60
C GLU D 294 -97.23 9.11 45.95
N GLY D 295 -97.03 10.05 46.86
CA GLY D 295 -97.57 9.93 48.19
C GLY D 295 -96.73 10.70 49.19
N PRO D 296 -96.54 10.13 50.37
CA PRO D 296 -95.65 10.76 51.36
C PRO D 296 -94.27 11.00 50.77
N ARG D 297 -93.73 12.18 51.05
CA ARG D 297 -92.49 12.63 50.44
C ARG D 297 -91.27 11.87 50.93
N THR D 298 -91.41 11.04 51.95
CA THR D 298 -90.31 10.23 52.47
C THR D 298 -90.51 8.75 52.21
N SER D 299 -91.73 8.23 52.34
CA SER D 299 -91.97 6.83 52.07
C SER D 299 -91.65 6.48 50.62
N VAL D 300 -91.75 7.46 49.71
CA VAL D 300 -91.38 7.23 48.32
C VAL D 300 -89.91 6.87 48.22
N ASN D 301 -89.05 7.70 48.82
CA ASN D 301 -87.61 7.47 48.75
C ASN D 301 -87.25 6.10 49.30
N ARG D 302 -87.92 5.70 50.37
CA ARG D 302 -87.68 4.38 50.96
C ARG D 302 -88.25 3.27 50.08
N ALA D 303 -89.35 3.55 49.37
CA ALA D 303 -89.90 2.54 48.47
C ALA D 303 -89.02 2.34 47.26
N ILE D 304 -88.44 3.41 46.72
CA ILE D 304 -87.62 3.31 45.52
C ILE D 304 -86.36 2.49 45.78
N ILE D 305 -85.66 2.79 46.88
CA ILE D 305 -84.44 2.06 47.20
C ILE D 305 -84.74 0.59 47.39
N LEU D 306 -85.80 0.28 48.12
CA LEU D 306 -86.26 -1.09 48.24
C LEU D 306 -86.65 -1.68 46.90
N LEU D 307 -87.34 -0.91 46.07
CA LEU D 307 -87.88 -1.44 44.81
C LEU D 307 -86.79 -1.84 43.84
N GLY D 308 -85.62 -1.19 43.90
CA GLY D 308 -84.52 -1.63 43.05
C GLY D 308 -84.10 -3.07 43.33
N GLN D 309 -84.03 -3.43 44.61
CA GLN D 309 -83.66 -4.79 44.96
C GLN D 309 -84.71 -5.80 44.53
N VAL D 310 -85.98 -5.53 44.86
CA VAL D 310 -87.03 -6.52 44.61
C VAL D 310 -87.25 -6.72 43.12
N ASP D 311 -87.08 -5.66 42.33
CA ASP D 311 -87.34 -5.71 40.89
C ASP D 311 -86.01 -5.74 40.14
N ARG D 312 -85.73 -6.85 39.47
CA ARG D 312 -84.53 -7.00 38.67
C ARG D 312 -84.88 -7.59 37.32
N ALA D 313 -84.11 -7.21 36.31
CA ALA D 313 -84.30 -7.69 34.95
C ALA D 313 -83.80 -9.13 34.83
N PRO D 314 -84.41 -9.92 33.94
CA PRO D 314 -83.93 -11.29 33.74
C PRO D 314 -82.48 -11.28 33.25
N GLU D 315 -81.72 -12.28 33.71
CA GLU D 315 -80.31 -12.33 33.38
C GLU D 315 -80.07 -13.13 32.11
N ILE D 316 -78.91 -12.90 31.51
CA ILE D 316 -78.56 -13.44 30.20
C ILE D 316 -77.52 -14.53 30.40
N PRO D 317 -77.82 -15.78 30.10
CA PRO D 317 -76.86 -16.87 30.35
C PRO D 317 -75.73 -16.91 29.34
N ILE D 318 -74.66 -16.16 29.60
CA ILE D 318 -73.46 -16.14 28.77
C ILE D 318 -72.95 -17.54 28.46
N VAL D 319 -72.79 -17.87 27.18
CA VAL D 319 -72.38 -19.19 26.74
C VAL D 319 -70.98 -19.11 26.17
N GLN D 320 -70.28 -20.24 26.18
CA GLN D 320 -68.88 -20.31 25.79
C GLN D 320 -68.70 -21.26 24.61
N ARG D 321 -67.99 -20.79 23.59
CA ARG D 321 -67.59 -21.66 22.50
C ARG D 321 -66.18 -21.32 22.06
N ILE D 322 -65.51 -22.33 21.52
CA ILE D 322 -64.12 -22.24 21.10
C ILE D 322 -64.09 -22.26 19.59
N TYR D 323 -63.45 -21.26 18.99
CA TYR D 323 -63.38 -21.14 17.56
C TYR D 323 -61.94 -21.39 17.11
N THR D 324 -61.78 -22.15 16.04
CA THR D 324 -60.46 -22.50 15.51
C THR D 324 -60.26 -21.71 14.22
N VAL D 325 -59.61 -20.55 14.34
CA VAL D 325 -59.54 -19.63 13.22
C VAL D 325 -58.76 -20.23 12.06
N ARG D 326 -59.32 -20.10 10.86
CA ARG D 326 -58.66 -20.47 9.62
C ARG D 326 -58.29 -19.18 8.89
N GLY D 327 -57.01 -18.99 8.65
CA GLY D 327 -56.58 -17.71 8.14
C GLY D 327 -55.84 -16.98 9.22
N GLN D 328 -55.73 -15.67 9.12
CA GLN D 328 -55.09 -14.94 10.19
C GLN D 328 -55.98 -14.92 11.41
N ALA D 329 -55.39 -14.69 12.58
CA ALA D 329 -56.16 -14.55 13.80
C ALA D 329 -56.15 -13.14 14.35
N ALA D 330 -55.25 -12.29 13.86
CA ALA D 330 -55.29 -10.88 14.26
C ALA D 330 -56.40 -10.15 13.53
N ASP D 331 -56.65 -10.50 12.28
CA ASP D 331 -57.67 -9.82 11.50
C ASP D 331 -59.06 -10.23 11.93
N ILE D 332 -59.22 -11.49 12.36
CA ILE D 332 -60.53 -11.98 12.74
C ILE D 332 -60.81 -11.65 14.20
N THR D 333 -59.79 -11.25 14.96
CA THR D 333 -60.05 -10.66 16.25
C THR D 333 -60.52 -9.22 16.10
N ALA D 334 -59.90 -8.47 15.19
CA ALA D 334 -60.31 -7.10 14.97
C ALA D 334 -61.70 -7.04 14.36
N LEU D 335 -62.04 -8.00 13.50
CA LEU D 335 -63.39 -8.05 12.95
C LEU D 335 -64.42 -8.23 14.05
N LEU D 336 -64.23 -9.24 14.90
CA LEU D 336 -65.17 -9.49 15.98
C LEU D 336 -65.13 -8.43 17.06
N ALA D 337 -64.22 -7.46 16.95
CA ALA D 337 -64.20 -6.34 17.89
C ALA D 337 -64.81 -5.08 17.31
N ALA D 338 -65.13 -5.07 16.02
CA ALA D 338 -65.92 -4.00 15.42
C ALA D 338 -67.36 -4.43 15.21
N GLN D 339 -67.59 -5.49 14.46
CA GLN D 339 -68.85 -6.19 14.53
C GLN D 339 -68.96 -6.89 15.87
N TYR D 340 -70.17 -6.94 16.41
CA TYR D 340 -70.41 -7.61 17.69
C TYR D 340 -69.43 -7.11 18.73
N PRO D 341 -69.53 -5.84 19.15
CA PRO D 341 -68.50 -5.25 20.01
C PRO D 341 -68.52 -5.72 21.45
N THR D 342 -69.48 -6.57 21.84
CA THR D 342 -69.49 -7.17 23.17
C THR D 342 -69.59 -8.68 23.00
N LEU D 343 -68.45 -9.33 22.80
CA LEU D 343 -68.45 -10.77 22.68
C LEU D 343 -67.36 -11.42 23.51
N ARG D 344 -66.37 -10.66 23.98
CA ARG D 344 -65.30 -11.19 24.83
C ARG D 344 -64.54 -12.31 24.12
N VAL D 345 -63.84 -11.91 23.08
CA VAL D 345 -62.99 -12.81 22.30
C VAL D 345 -61.62 -12.85 22.97
N THR D 346 -61.23 -14.02 23.45
CA THR D 346 -59.99 -14.21 24.14
C THR D 346 -59.14 -15.25 23.43
N PRO D 347 -57.90 -14.95 23.08
CA PRO D 347 -57.08 -15.89 22.33
C PRO D 347 -56.32 -16.83 23.24
N VAL D 348 -56.17 -18.07 22.79
CA VAL D 348 -55.33 -19.05 23.49
C VAL D 348 -53.94 -18.91 22.89
N GLY D 349 -53.21 -17.92 23.38
CA GLY D 349 -51.90 -17.63 22.85
C GLY D 349 -51.94 -17.38 21.37
N GLN D 350 -50.83 -17.68 20.70
CA GLN D 350 -50.77 -17.72 19.25
C GLN D 350 -50.84 -19.18 18.82
N THR D 351 -52.04 -19.76 18.93
CA THR D 351 -52.25 -21.14 18.53
C THR D 351 -53.40 -21.27 17.55
N GLY D 352 -53.87 -20.17 16.98
CA GLY D 352 -54.96 -20.23 16.04
C GLY D 352 -56.28 -20.66 16.64
N GLN D 353 -56.40 -20.59 17.96
CA GLN D 353 -57.64 -20.86 18.65
C GLN D 353 -58.12 -19.58 19.29
N LEU D 354 -59.39 -19.55 19.65
CA LEU D 354 -60.02 -18.29 19.99
C LEU D 354 -61.21 -18.62 20.85
N VAL D 355 -61.11 -18.33 22.14
CA VAL D 355 -62.19 -18.61 23.08
C VAL D 355 -63.05 -17.38 23.17
N LEU D 356 -64.27 -17.48 22.66
CA LEU D 356 -65.18 -16.35 22.56
C LEU D 356 -66.46 -16.65 23.32
N ASN D 357 -66.98 -15.63 24.02
CA ASN D 357 -67.82 -15.80 25.21
C ASN D 357 -68.90 -14.73 25.27
N GLY D 358 -70.10 -15.06 24.81
CA GLY D 358 -71.18 -14.09 24.86
C GLY D 358 -72.52 -14.80 24.81
N ALA D 359 -73.58 -14.00 24.82
CA ALA D 359 -74.95 -14.52 24.78
C ALA D 359 -75.14 -15.39 23.55
N GLN D 360 -76.16 -16.24 23.59
CA GLN D 360 -76.30 -17.19 22.49
C GLN D 360 -76.81 -16.53 21.22
N ALA D 361 -77.55 -15.43 21.31
CA ALA D 361 -77.94 -14.72 20.10
C ALA D 361 -76.72 -14.19 19.36
N GLN D 362 -75.86 -13.46 20.06
CA GLN D 362 -74.61 -13.02 19.46
C GLN D 362 -73.79 -14.19 18.97
N LEU D 363 -73.90 -15.33 19.66
CA LEU D 363 -72.99 -16.42 19.37
C LEU D 363 -73.37 -17.10 18.06
N ASP D 364 -74.67 -17.34 17.85
CA ASP D 364 -75.10 -17.97 16.61
C ASP D 364 -75.19 -17.00 15.45
N THR D 365 -74.98 -15.71 15.70
CA THR D 365 -74.85 -14.75 14.62
C THR D 365 -73.39 -14.63 14.19
N ALA D 366 -72.48 -14.47 15.15
CA ALA D 366 -71.07 -14.35 14.82
C ALA D 366 -70.55 -15.61 14.13
N LEU D 367 -71.07 -16.77 14.53
CA LEU D 367 -70.58 -18.00 13.91
C LEU D 367 -71.05 -18.13 12.48
N ALA D 368 -72.19 -17.52 12.14
CA ALA D 368 -72.64 -17.58 10.76
C ALA D 368 -71.86 -16.61 9.88
N LEU D 369 -71.52 -15.44 10.42
CA LEU D 369 -70.66 -14.53 9.69
C LEU D 369 -69.28 -15.13 9.49
N LEU D 370 -68.66 -15.61 10.56
CA LEU D 370 -67.32 -16.15 10.45
C LEU D 370 -67.28 -17.32 9.49
N GLU D 371 -68.38 -18.02 9.33
CA GLU D 371 -68.40 -19.09 8.34
C GLU D 371 -68.34 -18.54 6.93
N GLN D 372 -68.64 -17.26 6.74
CA GLN D 372 -68.67 -16.68 5.40
C GLN D 372 -67.36 -15.98 5.04
N VAL D 373 -66.84 -15.17 5.94
CA VAL D 373 -65.73 -14.29 5.61
C VAL D 373 -64.41 -14.84 6.12
N ASP D 374 -64.31 -16.15 6.34
CA ASP D 374 -63.11 -16.73 6.91
C ASP D 374 -62.75 -17.99 6.14
N ARG D 375 -61.71 -17.90 5.33
CA ARG D 375 -61.21 -19.03 4.55
C ARG D 375 -59.69 -19.01 4.59
N PRO D 376 -59.05 -20.15 4.33
CA PRO D 376 -57.59 -20.19 4.41
C PRO D 376 -56.95 -19.27 3.38
N ALA D 377 -55.75 -18.80 3.71
CA ALA D 377 -55.05 -17.86 2.85
C ALA D 377 -54.64 -18.55 1.54
N PRO D 378 -54.40 -17.78 0.49
CA PRO D 378 -53.88 -18.36 -0.75
C PRO D 378 -52.39 -18.64 -0.64
N VAL D 379 -51.92 -19.47 -1.56
CA VAL D 379 -50.53 -19.92 -1.56
C VAL D 379 -49.76 -19.18 -2.64
N ALA D 380 -48.50 -18.87 -2.34
CA ALA D 380 -47.61 -18.31 -3.34
C ALA D 380 -47.32 -19.35 -4.42
N GLU D 381 -47.02 -18.88 -5.63
CA GLU D 381 -46.93 -19.82 -6.74
C GLU D 381 -45.57 -20.52 -6.76
N SER D 382 -44.52 -19.79 -7.12
CA SER D 382 -43.12 -20.16 -6.93
C SER D 382 -42.26 -19.10 -7.59
N ARG D 383 -41.00 -18.99 -7.19
CA ARG D 383 -40.09 -18.06 -7.82
C ARG D 383 -39.11 -18.74 -8.75
N THR D 384 -39.38 -19.98 -9.13
CA THR D 384 -38.44 -20.78 -9.92
C THR D 384 -39.20 -21.93 -10.55
N VAL D 385 -38.97 -22.16 -11.85
CA VAL D 385 -39.61 -23.25 -12.56
C VAL D 385 -38.55 -23.89 -13.47
N GLN D 386 -38.83 -25.13 -13.88
CA GLN D 386 -37.93 -25.88 -14.75
C GLN D 386 -38.69 -26.39 -15.97
N ARG D 387 -38.02 -26.38 -17.11
CA ARG D 387 -38.51 -27.04 -18.31
C ARG D 387 -37.38 -27.86 -18.91
N VAL D 388 -37.73 -28.99 -19.51
CA VAL D 388 -36.77 -29.89 -20.13
C VAL D 388 -37.15 -30.04 -21.60
N PHE D 389 -36.18 -29.79 -22.48
CA PHE D 389 -36.39 -29.87 -23.92
C PHE D 389 -35.51 -30.98 -24.47
N GLN D 390 -36.13 -31.96 -25.10
CA GLN D 390 -35.41 -33.04 -25.77
C GLN D 390 -35.18 -32.61 -27.22
N LEU D 391 -33.98 -32.16 -27.52
CA LEU D 391 -33.67 -31.68 -28.85
C LEU D 391 -33.57 -32.84 -29.83
N VAL D 392 -33.96 -32.59 -31.07
CA VAL D 392 -34.02 -33.61 -32.11
C VAL D 392 -33.01 -33.35 -33.22
N ASN D 393 -32.88 -32.10 -33.65
CA ASN D 393 -32.01 -31.76 -34.76
C ASN D 393 -30.73 -31.06 -34.36
N ALA D 394 -30.77 -30.22 -33.33
CA ALA D 394 -29.62 -29.46 -32.90
C ALA D 394 -28.85 -30.21 -31.82
N SER D 395 -27.73 -29.64 -31.42
CA SER D 395 -26.91 -30.18 -30.35
C SER D 395 -27.15 -29.38 -29.08
N ALA D 396 -27.49 -30.07 -27.99
CA ALA D 396 -27.85 -29.38 -26.75
C ALA D 396 -26.71 -28.52 -26.25
N GLU D 397 -25.46 -28.93 -26.46
CA GLU D 397 -24.34 -28.17 -25.95
C GLU D 397 -24.07 -26.94 -26.81
N GLU D 398 -24.29 -27.04 -28.12
CA GLU D 398 -24.12 -25.87 -28.97
C GLU D 398 -25.27 -24.89 -28.80
N VAL D 399 -26.47 -25.38 -28.51
CA VAL D 399 -27.58 -24.49 -28.24
C VAL D 399 -27.34 -23.72 -26.96
N LYS D 400 -26.81 -24.39 -25.94
CA LYS D 400 -26.51 -23.71 -24.68
C LYS D 400 -25.43 -22.64 -24.85
N ALA D 401 -24.41 -22.94 -25.67
CA ALA D 401 -23.37 -21.95 -25.92
C ALA D 401 -23.89 -20.79 -26.77
N THR D 402 -24.82 -21.06 -27.68
CA THR D 402 -25.43 -19.99 -28.46
C THR D 402 -26.23 -19.05 -27.58
N LEU D 403 -27.02 -19.60 -26.66
CA LEU D 403 -27.90 -18.79 -25.83
C LEU D 403 -27.14 -18.00 -24.79
N GLU D 404 -25.94 -18.41 -24.43
CA GLU D 404 -25.14 -17.73 -23.43
C GLU D 404 -24.11 -16.78 -24.03
N GLY D 405 -24.03 -16.70 -25.36
CA GLY D 405 -23.05 -15.83 -26.00
C GLY D 405 -21.62 -16.25 -25.76
N THR D 406 -21.36 -17.56 -25.73
CA THR D 406 -20.00 -18.06 -25.56
C THR D 406 -19.61 -18.98 -26.70
N GLN D 466 -31.20 -11.62 -12.80
CA GLN D 466 -30.15 -12.42 -13.39
C GLN D 466 -30.49 -12.90 -14.79
N GLN D 467 -30.05 -14.11 -15.10
CA GLN D 467 -30.41 -14.79 -16.33
C GLN D 467 -30.65 -16.27 -16.00
N ALA D 468 -31.48 -16.91 -16.82
CA ALA D 468 -31.87 -18.29 -16.56
C ALA D 468 -30.66 -19.21 -16.62
N THR D 469 -30.70 -20.27 -15.80
CA THR D 469 -29.67 -21.29 -15.82
C THR D 469 -29.95 -22.30 -16.92
N LEU D 470 -28.92 -22.64 -17.69
CA LEU D 470 -29.04 -23.61 -18.77
C LEU D 470 -28.16 -24.81 -18.48
N ILE D 471 -28.72 -26.00 -18.62
CA ILE D 471 -28.02 -27.25 -18.40
C ILE D 471 -28.15 -28.07 -19.67
N ALA D 472 -27.01 -28.52 -20.22
CA ALA D 472 -26.99 -29.29 -21.46
C ALA D 472 -26.43 -30.68 -21.17
N ASP D 473 -27.19 -31.71 -21.53
CA ASP D 473 -26.76 -33.09 -21.38
C ASP D 473 -26.39 -33.64 -22.76
N LYS D 474 -25.14 -34.04 -22.92
CA LYS D 474 -24.69 -34.54 -24.21
C LYS D 474 -25.21 -35.94 -24.50
N ARG D 475 -25.34 -36.78 -23.47
CA ARG D 475 -25.75 -38.17 -23.70
C ARG D 475 -27.16 -38.26 -24.26
N THR D 476 -28.08 -37.48 -23.70
CA THR D 476 -29.48 -37.56 -24.11
C THR D 476 -29.91 -36.42 -25.01
N ASN D 477 -29.04 -35.45 -25.28
CA ASN D 477 -29.37 -34.26 -26.05
C ASN D 477 -30.54 -33.52 -25.44
N SER D 478 -30.44 -33.23 -24.15
CA SER D 478 -31.49 -32.58 -23.39
C SER D 478 -31.03 -31.18 -22.98
N LEU D 479 -31.93 -30.21 -23.13
CA LEU D 479 -31.71 -28.86 -22.65
C LEU D 479 -32.63 -28.62 -21.45
N ILE D 480 -32.05 -28.14 -20.35
CA ILE D 480 -32.79 -27.88 -19.13
C ILE D 480 -32.62 -26.42 -18.77
N VAL D 481 -33.73 -25.68 -18.73
CA VAL D 481 -33.73 -24.27 -18.37
C VAL D 481 -34.39 -24.12 -17.00
N ARG D 482 -33.76 -23.33 -16.14
CA ARG D 482 -34.18 -23.19 -14.75
C ARG D 482 -34.12 -21.73 -14.37
N GLY D 483 -35.28 -21.12 -14.14
CA GLY D 483 -35.31 -19.73 -13.74
C GLY D 483 -36.70 -19.28 -13.39
N THR D 484 -36.90 -17.96 -13.40
CA THR D 484 -38.22 -17.40 -13.16
C THR D 484 -39.14 -17.76 -14.31
N PRO D 485 -40.46 -17.77 -14.07
CA PRO D 485 -41.39 -18.16 -15.14
C PRO D 485 -41.29 -17.29 -16.38
N GLU D 486 -40.90 -16.03 -16.23
CA GLU D 486 -40.73 -15.17 -17.39
C GLU D 486 -39.47 -15.52 -18.17
N GLN D 487 -38.36 -15.79 -17.46
CA GLN D 487 -37.12 -16.18 -18.10
C GLN D 487 -37.22 -17.55 -18.76
N VAL D 488 -38.10 -18.43 -18.28
CA VAL D 488 -38.22 -19.75 -18.86
C VAL D 488 -39.07 -19.72 -20.13
N ALA D 489 -40.10 -18.88 -20.17
CA ALA D 489 -40.94 -18.79 -21.36
C ALA D 489 -40.18 -18.16 -22.53
N GLN D 490 -39.11 -17.42 -22.26
CA GLN D 490 -38.31 -16.84 -23.34
C GLN D 490 -37.49 -17.91 -24.04
N VAL D 491 -36.89 -18.82 -23.28
CA VAL D 491 -36.16 -19.92 -23.89
C VAL D 491 -37.13 -20.88 -24.56
N ALA D 492 -38.32 -21.06 -23.98
CA ALA D 492 -39.29 -21.99 -24.53
C ALA D 492 -39.77 -21.56 -25.92
N GLU D 493 -39.79 -20.26 -26.19
CA GLU D 493 -40.18 -19.80 -27.53
C GLU D 493 -39.02 -19.81 -28.51
N LEU D 494 -37.78 -19.82 -28.02
CA LEU D 494 -36.62 -19.90 -28.89
C LEU D 494 -36.37 -21.31 -29.37
N VAL D 495 -36.68 -22.31 -28.55
CA VAL D 495 -36.28 -23.70 -28.85
C VAL D 495 -36.86 -24.20 -30.17
N PRO D 496 -38.15 -24.00 -30.49
CA PRO D 496 -38.65 -24.52 -31.77
C PRO D 496 -37.93 -23.96 -32.98
N GLN D 497 -37.36 -22.77 -32.88
CA GLN D 497 -36.69 -22.16 -34.02
C GLN D 497 -35.24 -22.59 -34.13
N LEU D 498 -34.58 -22.83 -33.01
CA LEU D 498 -33.18 -23.26 -33.02
C LEU D 498 -33.03 -24.77 -33.21
N ASP D 499 -34.13 -25.52 -33.25
CA ASP D 499 -34.09 -26.97 -33.36
C ASP D 499 -34.78 -27.45 -34.64
N GLN D 500 -34.87 -26.59 -35.64
CA GLN D 500 -35.51 -26.96 -36.89
C GLN D 500 -34.53 -27.70 -37.79
N VAL D 501 -35.07 -28.29 -38.86
CA VAL D 501 -34.25 -28.99 -39.83
C VAL D 501 -33.60 -27.98 -40.77
N VAL D 502 -32.30 -28.13 -40.99
CA VAL D 502 -31.58 -27.26 -41.93
C VAL D 502 -31.28 -28.06 -43.19
N PRO D 503 -31.13 -27.41 -44.35
CA PRO D 503 -30.95 -28.15 -45.59
C PRO D 503 -29.64 -28.92 -45.63
N GLN D 504 -29.67 -30.04 -46.36
CA GLN D 504 -28.50 -30.84 -46.67
C GLN D 504 -28.23 -30.75 -48.17
N ILE D 505 -26.98 -30.47 -48.54
CA ILE D 505 -26.63 -30.18 -49.91
C ILE D 505 -25.46 -31.05 -50.36
N ASN D 506 -25.33 -31.19 -51.66
CA ASN D 506 -24.18 -31.81 -52.30
C ASN D 506 -23.62 -30.83 -53.32
N VAL D 507 -22.34 -30.49 -53.19
CA VAL D 507 -21.68 -29.53 -54.06
C VAL D 507 -20.66 -30.25 -54.90
N GLN D 508 -20.68 -30.01 -56.22
CA GLN D 508 -19.73 -30.60 -57.14
C GLN D 508 -18.82 -29.52 -57.71
N VAL D 509 -17.52 -29.77 -57.68
CA VAL D 509 -16.52 -28.87 -58.23
C VAL D 509 -15.74 -29.62 -59.30
N ARG D 510 -15.58 -29.00 -60.46
CA ARG D 510 -14.78 -29.55 -61.55
C ARG D 510 -13.60 -28.62 -61.83
N ILE D 511 -12.40 -29.16 -61.75
CA ILE D 511 -11.19 -28.45 -62.13
C ILE D 511 -10.65 -29.11 -63.39
N GLN D 512 -10.50 -28.32 -64.44
CA GLN D 512 -10.11 -28.80 -65.75
C GLN D 512 -8.87 -28.04 -66.21
N GLU D 513 -7.91 -28.76 -66.80
CA GLU D 513 -6.67 -28.12 -67.23
C GLU D 513 -6.19 -28.77 -68.51
N VAL D 514 -5.90 -27.96 -69.52
CA VAL D 514 -5.43 -28.42 -70.82
C VAL D 514 -4.21 -27.61 -71.22
N ASN D 515 -3.19 -28.28 -71.75
CA ASN D 515 -1.98 -27.63 -72.23
C ASN D 515 -1.64 -28.18 -73.61
N GLU D 516 -1.08 -27.33 -74.47
CA GLU D 516 -0.68 -27.75 -75.81
C GLU D 516 0.66 -27.14 -76.16
N ARG D 517 1.39 -27.83 -77.03
CA ARG D 517 2.71 -27.41 -77.46
C ARG D 517 2.84 -27.58 -78.98
N ALA D 518 3.83 -26.91 -79.54
CA ALA D 518 4.16 -27.05 -80.95
C ALA D 518 5.54 -26.47 -81.18
N LEU D 519 6.45 -27.25 -81.75
CA LEU D 519 7.80 -26.82 -82.04
C LEU D 519 8.08 -27.03 -83.52
N GLN D 520 9.02 -26.24 -84.06
CA GLN D 520 9.32 -26.30 -85.48
C GLN D 520 10.72 -25.75 -85.69
N SER D 521 11.69 -26.62 -85.97
CA SER D 521 13.05 -26.22 -86.26
C SER D 521 13.40 -26.49 -87.71
N LEU D 522 14.34 -25.72 -88.24
CA LEU D 522 14.78 -25.86 -89.62
C LEU D 522 16.10 -25.11 -89.79
N GLY D 523 17.11 -25.78 -90.32
CA GLY D 523 18.38 -25.12 -90.52
C GLY D 523 19.33 -25.81 -91.47
N LEU D 524 19.98 -25.03 -92.34
CA LEU D 524 21.00 -25.52 -93.25
C LEU D 524 22.37 -25.06 -92.76
N ASN D 525 23.38 -25.89 -92.98
CA ASN D 525 24.69 -25.68 -92.38
C ASN D 525 25.74 -26.24 -93.34
N TRP D 526 26.31 -25.40 -94.18
CA TRP D 526 27.19 -25.86 -95.24
C TRP D 526 28.59 -25.25 -95.13
N ARG D 527 29.44 -25.65 -96.07
CA ARG D 527 30.83 -25.21 -96.13
C ARG D 527 31.35 -25.44 -97.55
N ALA D 528 31.76 -24.37 -98.22
CA ALA D 528 32.19 -24.45 -99.61
C ALA D 528 33.67 -24.09 -99.71
N THR D 529 34.38 -24.79 -100.61
CA THR D 529 35.81 -24.53 -100.85
C THR D 529 36.06 -24.51 -102.35
N PHE D 530 36.32 -23.33 -102.89
CA PHE D 530 36.84 -23.16 -104.23
C PHE D 530 38.17 -22.42 -104.15
N GLY D 531 38.75 -22.10 -105.30
CA GLY D 531 40.15 -21.74 -105.37
C GLY D 531 40.58 -20.57 -104.50
N GLY D 532 41.29 -20.88 -103.41
CA GLY D 532 41.73 -19.90 -102.45
C GLY D 532 40.72 -19.56 -101.37
N PHE D 533 39.44 -19.70 -101.66
CA PHE D 533 38.37 -19.30 -100.74
C PHE D 533 37.89 -20.46 -99.90
N ASN D 534 37.37 -20.13 -98.72
CA ASN D 534 36.81 -21.11 -97.80
C ASN D 534 35.64 -20.45 -97.09
N VAL D 535 34.42 -20.79 -97.49
CA VAL D 535 33.21 -20.17 -96.98
C VAL D 535 32.46 -21.18 -96.12
N ALA D 536 32.02 -20.73 -94.95
CA ALA D 536 31.28 -21.59 -94.02
C ALA D 536 30.10 -20.79 -93.48
N VAL D 537 28.89 -21.31 -93.70
CA VAL D 537 27.66 -20.67 -93.24
C VAL D 537 26.99 -21.59 -92.24
N SER D 538 26.62 -21.05 -91.08
CA SER D 538 25.98 -21.84 -90.04
C SER D 538 24.88 -20.99 -89.39
N GLY D 539 24.28 -21.53 -88.35
CA GLY D 539 23.24 -20.83 -87.64
C GLY D 539 23.72 -20.14 -86.38
N GLY D 540 24.61 -20.79 -85.65
CA GLY D 540 25.19 -20.18 -84.47
C GLY D 540 26.03 -18.98 -84.84
N THR D 541 27.10 -19.21 -85.58
CA THR D 541 27.84 -18.17 -86.24
C THR D 541 27.29 -17.99 -87.66
N GLY D 542 27.42 -16.78 -88.18
CA GLY D 542 26.86 -16.53 -89.50
C GLY D 542 27.82 -16.88 -90.63
N LEU D 543 28.12 -15.91 -91.47
CA LEU D 543 29.09 -16.09 -92.53
C LEU D 543 30.50 -16.07 -91.95
N ALA D 544 31.38 -16.91 -92.50
CA ALA D 544 32.79 -16.95 -92.09
C ALA D 544 33.62 -17.35 -93.30
N ALA D 545 34.14 -16.36 -94.02
CA ALA D 545 34.93 -16.59 -95.23
C ALA D 545 36.38 -16.25 -94.98
N THR D 546 37.29 -17.00 -95.62
CA THR D 546 38.71 -16.72 -95.57
C THR D 546 39.29 -16.84 -96.98
N PHE D 547 40.47 -16.25 -97.15
CA PHE D 547 41.22 -16.38 -98.39
C PHE D 547 42.63 -16.84 -98.07
N ASN D 548 43.17 -17.72 -98.91
CA ASN D 548 44.54 -18.22 -98.77
C ASN D 548 45.31 -17.92 -100.04
N PRO D 549 46.25 -16.98 -100.03
CA PRO D 549 46.98 -16.65 -101.26
C PRO D 549 48.10 -17.62 -101.60
N THR D 550 48.37 -18.61 -100.75
CA THR D 550 49.48 -19.52 -100.96
C THR D 550 49.08 -20.84 -101.59
N GLN D 551 47.84 -21.28 -101.40
CA GLN D 551 47.34 -22.52 -101.99
C GLN D 551 46.18 -22.21 -102.91
N SER D 552 45.58 -23.26 -103.46
CA SER D 552 44.43 -23.12 -104.34
C SER D 552 43.71 -24.46 -104.41
N PHE D 553 42.44 -24.48 -104.06
CA PHE D 553 41.65 -25.70 -104.10
C PHE D 553 41.38 -26.12 -105.54
N LEU D 554 41.00 -27.39 -105.69
CA LEU D 554 40.63 -27.95 -106.98
C LEU D 554 39.11 -28.00 -107.09
N GLY D 555 38.56 -27.29 -108.06
CA GLY D 555 37.13 -27.34 -108.29
C GLY D 555 36.32 -26.73 -107.17
N PHE D 556 35.04 -27.09 -107.16
CA PHE D 556 34.07 -26.58 -106.21
C PHE D 556 33.52 -27.74 -105.38
N ASN D 557 33.42 -27.52 -104.06
CA ASN D 557 32.81 -28.47 -103.15
C ASN D 557 31.84 -27.73 -102.26
N ILE D 558 30.76 -28.39 -101.84
CA ILE D 558 29.66 -27.67 -101.22
C ILE D 558 29.35 -28.13 -99.80
N PHE D 559 29.57 -29.40 -99.49
CA PHE D 559 29.48 -29.98 -98.15
C PHE D 559 28.28 -29.49 -97.32
N PRO D 560 27.05 -29.66 -97.80
CA PRO D 560 25.90 -29.16 -97.05
C PRO D 560 25.42 -30.15 -95.99
N THR D 561 24.51 -29.65 -95.15
CA THR D 561 23.97 -30.42 -94.03
C THR D 561 22.63 -29.83 -93.62
N LEU D 562 21.60 -30.67 -93.54
CA LEU D 562 20.24 -30.22 -93.28
C LEU D 562 19.73 -30.83 -91.98
N THR D 563 18.84 -30.10 -91.31
CA THR D 563 18.23 -30.54 -90.07
C THR D 563 16.84 -29.94 -89.97
N ALA D 564 15.86 -30.76 -89.61
CA ALA D 564 14.47 -30.30 -89.49
C ALA D 564 13.77 -31.13 -88.43
N LEU D 565 12.94 -30.48 -87.62
CA LEU D 565 12.25 -31.14 -86.52
C LEU D 565 10.88 -30.53 -86.33
N GLU D 566 9.92 -31.37 -85.94
CA GLU D 566 8.57 -30.93 -85.60
C GLU D 566 8.11 -31.68 -84.37
N THR D 567 7.21 -31.09 -83.61
CA THR D 567 6.79 -31.68 -82.34
C THR D 567 5.40 -31.16 -81.98
N GLN D 568 4.64 -32.00 -81.28
CA GLN D 568 3.40 -31.58 -80.63
C GLN D 568 3.27 -32.27 -79.28
N GLY D 569 2.47 -31.66 -78.42
CA GLY D 569 2.14 -32.25 -77.14
C GLY D 569 0.75 -31.81 -76.74
N LEU D 570 0.17 -32.54 -75.80
CA LEU D 570 -1.14 -32.20 -75.28
C LEU D 570 -1.37 -32.91 -73.95
N THR D 571 -1.49 -32.15 -72.88
CA THR D 571 -1.78 -32.70 -71.57
C THR D 571 -3.16 -32.24 -71.12
N ARG D 572 -3.98 -33.17 -70.67
CA ARG D 572 -5.25 -32.88 -70.01
C ARG D 572 -5.21 -33.46 -68.60
N ARG D 573 -5.94 -32.81 -67.69
CA ARG D 573 -6.04 -33.31 -66.32
C ARG D 573 -7.36 -32.80 -65.74
N VAL D 574 -8.23 -33.71 -65.31
CA VAL D 574 -9.58 -33.36 -64.91
C VAL D 574 -9.87 -33.95 -63.54
N TYR D 575 -10.58 -33.20 -62.70
CA TYR D 575 -11.06 -33.67 -61.41
C TYR D 575 -12.53 -33.29 -61.25
N ASP D 576 -13.31 -34.18 -60.61
CA ASP D 576 -14.72 -33.97 -60.33
C ASP D 576 -15.02 -34.40 -58.90
N GLY D 577 -15.18 -33.44 -57.99
CA GLY D 577 -15.41 -33.80 -56.61
C GLY D 577 -16.78 -33.43 -56.06
N ASN D 578 -17.40 -34.37 -55.34
CA ASN D 578 -18.60 -34.14 -54.56
C ASN D 578 -18.27 -34.16 -53.08
N VAL D 579 -18.98 -33.33 -52.32
CA VAL D 579 -19.03 -33.47 -50.86
C VAL D 579 -20.46 -33.17 -50.42
N THR D 580 -20.98 -33.98 -49.50
CA THR D 580 -22.27 -33.72 -48.87
C THR D 580 -22.03 -33.02 -47.53
N MET D 581 -22.86 -32.03 -47.22
CA MET D 581 -22.64 -31.21 -46.04
C MET D 581 -23.96 -30.57 -45.64
N GLN D 582 -23.93 -29.82 -44.54
CA GLN D 582 -25.09 -29.15 -43.97
C GLN D 582 -24.92 -27.63 -44.08
N SER D 583 -25.96 -26.90 -43.67
CA SER D 583 -25.95 -25.45 -43.83
C SER D 583 -25.00 -24.77 -42.87
N GLY D 584 -25.18 -24.97 -41.58
CA GLY D 584 -24.35 -24.25 -40.64
C GLY D 584 -23.15 -25.05 -40.18
N GLN D 585 -22.58 -25.84 -41.07
CA GLN D 585 -21.54 -26.78 -40.68
C GLN D 585 -20.29 -26.06 -40.22
N ARG D 586 -19.70 -26.53 -39.13
CA ARG D 586 -18.48 -26.00 -38.57
C ARG D 586 -17.31 -26.90 -38.93
N SER D 587 -16.11 -26.38 -38.70
CA SER D 587 -14.90 -27.14 -38.93
C SER D 587 -14.65 -28.14 -37.82
N LEU D 588 -13.73 -29.07 -38.09
CA LEU D 588 -13.32 -30.09 -37.13
C LEU D 588 -11.87 -29.85 -36.76
N SER D 589 -11.57 -29.94 -35.46
CA SER D 589 -10.21 -29.69 -34.97
C SER D 589 -9.64 -31.00 -34.43
N ALA D 590 -9.07 -31.80 -35.32
CA ALA D 590 -8.33 -32.97 -34.85
C ALA D 590 -6.82 -32.74 -34.95
N THR D 591 -6.32 -32.63 -36.18
CA THR D 591 -4.99 -32.12 -36.53
C THR D 591 -3.83 -32.95 -35.99
N GLY D 592 -4.10 -33.88 -35.08
CA GLY D 592 -3.05 -34.70 -34.50
C GLY D 592 -1.82 -33.99 -33.97
N GLY D 593 -1.90 -32.67 -33.82
CA GLY D 593 -0.77 -31.85 -33.44
C GLY D 593 -0.04 -31.21 -34.60
N ALA D 594 -0.30 -31.65 -35.83
CA ALA D 594 0.32 -31.07 -37.01
C ALA D 594 -0.57 -29.98 -37.59
N GLN D 595 0.05 -29.07 -38.33
CA GLN D 595 -0.65 -27.94 -38.92
C GLN D 595 -0.95 -28.25 -40.38
N ASN D 596 -2.20 -28.06 -40.77
CA ASN D 596 -2.67 -28.35 -42.11
C ASN D 596 -3.49 -27.17 -42.60
N ALA D 597 -3.43 -26.90 -43.90
CA ALA D 597 -4.11 -25.74 -44.46
C ALA D 597 -5.62 -25.93 -44.58
N SER D 598 -6.12 -27.14 -44.35
CA SER D 598 -7.54 -27.42 -44.45
C SER D 598 -8.18 -27.66 -43.09
N SER D 599 -7.53 -27.24 -42.02
CA SER D 599 -8.06 -27.45 -40.68
C SER D 599 -9.37 -26.72 -40.47
N GLY D 600 -9.51 -25.51 -41.01
CA GLY D 600 -10.67 -24.70 -40.77
C GLY D 600 -11.78 -24.88 -41.79
N ALA D 601 -11.70 -25.92 -42.60
CA ALA D 601 -12.69 -26.19 -43.62
C ALA D 601 -13.86 -26.97 -43.04
N ALA D 602 -15.08 -26.59 -43.41
CA ALA D 602 -16.26 -27.32 -42.96
C ALA D 602 -16.31 -28.71 -43.56
N ALA D 603 -15.87 -28.86 -44.81
CA ALA D 603 -15.83 -30.13 -45.51
C ALA D 603 -14.61 -30.16 -46.41
N SER D 604 -14.14 -31.36 -46.73
CA SER D 604 -12.92 -31.52 -47.51
C SER D 604 -12.98 -32.81 -48.31
N VAL D 605 -12.19 -32.85 -49.37
CA VAL D 605 -11.89 -34.09 -50.09
C VAL D 605 -10.49 -33.94 -50.67
N LYS D 606 -9.67 -34.99 -50.55
CA LYS D 606 -8.30 -34.98 -50.99
C LYS D 606 -7.99 -36.26 -51.74
N SER D 607 -7.04 -36.19 -52.67
CA SER D 607 -6.50 -37.37 -53.31
C SER D 607 -5.17 -37.00 -53.94
N GLY D 608 -4.13 -37.75 -53.61
CA GLY D 608 -2.78 -37.38 -54.00
C GLY D 608 -1.75 -37.94 -53.04
N GLY D 609 -0.97 -37.06 -52.43
CA GLY D 609 -0.04 -37.45 -51.39
C GLY D 609 -0.07 -36.46 -50.24
N ARG D 610 0.84 -36.65 -49.29
CA ARG D 610 0.93 -35.79 -48.13
C ARG D 610 2.33 -35.86 -47.53
N LEU D 611 2.96 -34.69 -47.38
CA LEU D 611 4.29 -34.59 -46.78
C LEU D 611 4.14 -34.33 -45.29
N GLU D 612 4.80 -35.13 -44.47
CA GLU D 612 4.84 -34.93 -43.03
C GLU D 612 6.19 -34.38 -42.63
N ILE D 613 6.19 -33.24 -41.94
CA ILE D 613 7.41 -32.51 -41.63
C ILE D 613 7.51 -32.34 -40.11
N ASN D 614 8.64 -32.76 -39.55
CA ASN D 614 8.90 -32.70 -38.11
C ASN D 614 10.28 -32.10 -37.90
N ILE D 615 10.36 -30.78 -37.75
CA ILE D 615 11.62 -30.08 -37.55
C ILE D 615 11.65 -29.52 -36.14
N PRO D 616 12.58 -29.91 -35.29
CA PRO D 616 12.66 -29.33 -33.95
C PRO D 616 13.32 -27.96 -33.98
N SER D 617 12.75 -27.03 -33.20
CA SER D 617 13.24 -25.67 -33.14
C SER D 617 13.05 -25.14 -31.72
N ALA D 618 13.87 -24.15 -31.37
CA ALA D 618 13.79 -23.55 -30.04
C ALA D 618 12.71 -22.50 -29.93
N ALA D 619 12.17 -22.03 -31.05
CA ALA D 619 11.06 -21.08 -31.05
C ALA D 619 9.71 -21.77 -31.24
N GLY D 620 9.67 -23.09 -31.19
CA GLY D 620 8.47 -23.86 -31.48
C GLY D 620 8.78 -24.77 -32.64
N ASN D 621 8.48 -26.05 -32.46
CA ASN D 621 8.75 -27.04 -33.49
C ASN D 621 7.92 -26.77 -34.73
N ILE D 622 8.51 -27.05 -35.90
CA ILE D 622 7.78 -27.00 -37.17
C ILE D 622 7.21 -28.39 -37.41
N VAL D 623 5.92 -28.57 -37.15
CA VAL D 623 5.22 -29.82 -37.39
C VAL D 623 4.10 -29.49 -38.37
N ARG D 624 4.28 -29.88 -39.63
CA ARG D 624 3.41 -29.46 -40.71
C ARG D 624 2.95 -30.66 -41.52
N GLN D 625 1.88 -30.46 -42.28
CA GLN D 625 1.46 -31.37 -43.33
C GLN D 625 1.24 -30.57 -44.60
N ILE D 626 1.87 -30.98 -45.69
CA ILE D 626 1.64 -30.39 -47.00
C ILE D 626 1.01 -31.45 -47.88
N ASP D 627 -0.17 -31.15 -48.40
CA ASP D 627 -0.92 -32.07 -49.26
C ASP D 627 -0.77 -31.65 -50.71
N TYR D 628 -0.60 -32.62 -51.59
CA TYR D 628 -0.57 -32.37 -53.01
C TYR D 628 -1.54 -33.32 -53.71
N GLY D 629 -1.69 -33.14 -55.01
CA GLY D 629 -2.69 -33.87 -55.76
C GLY D 629 -3.90 -33.01 -56.04
N LEU D 630 -5.04 -33.34 -55.45
CA LEU D 630 -6.23 -32.51 -55.48
C LEU D 630 -6.61 -32.16 -54.06
N ASN D 631 -6.91 -30.88 -53.81
CA ASN D 631 -7.45 -30.44 -52.53
C ASN D 631 -8.68 -29.58 -52.80
N LEU D 632 -9.79 -29.93 -52.19
CA LEU D 632 -11.03 -29.16 -52.28
C LEU D 632 -11.51 -28.85 -50.88
N ASP D 633 -11.59 -27.57 -50.54
CA ASP D 633 -12.03 -27.12 -49.23
C ASP D 633 -13.29 -26.28 -49.37
N PHE D 634 -14.22 -26.47 -48.44
CA PHE D 634 -15.48 -25.75 -48.42
C PHE D 634 -15.61 -25.03 -47.08
N PHE D 635 -15.95 -23.74 -47.12
CA PHE D 635 -16.01 -22.92 -45.92
C PHE D 635 -17.38 -22.25 -45.85
N SER D 636 -18.03 -22.35 -44.69
CA SER D 636 -19.24 -21.60 -44.34
C SER D 636 -20.39 -21.79 -45.32
N PRO D 637 -20.97 -22.97 -45.43
CA PRO D 637 -21.96 -23.26 -46.48
C PRO D 637 -23.42 -22.98 -46.11
N GLN D 638 -23.82 -21.73 -46.01
CA GLN D 638 -25.20 -21.43 -45.65
C GLN D 638 -26.14 -21.64 -46.83
N VAL D 639 -27.34 -22.14 -46.56
CA VAL D 639 -28.36 -22.39 -47.56
C VAL D 639 -29.66 -21.71 -47.13
N ALA D 640 -30.32 -21.03 -48.05
CA ALA D 640 -31.56 -20.32 -47.80
C ALA D 640 -32.77 -21.21 -48.06
N PRO D 641 -33.93 -20.88 -47.49
CA PRO D 641 -35.15 -21.66 -47.78
C PRO D 641 -35.52 -21.71 -49.25
N ASP D 642 -35.16 -20.70 -50.04
CA ASP D 642 -35.33 -20.78 -51.49
C ASP D 642 -34.57 -21.96 -52.07
N GLY D 643 -33.41 -22.27 -51.51
CA GLY D 643 -32.46 -23.14 -52.16
C GLY D 643 -31.24 -22.43 -52.68
N THR D 644 -31.00 -21.19 -52.27
CA THR D 644 -29.82 -20.45 -52.66
C THR D 644 -28.64 -20.86 -51.79
N ILE D 645 -27.54 -21.24 -52.43
CA ILE D 645 -26.36 -21.76 -51.74
C ILE D 645 -25.26 -20.72 -51.83
N THR D 646 -24.76 -20.29 -50.67
CA THR D 646 -23.60 -19.41 -50.58
C THR D 646 -22.45 -20.20 -49.97
N LEU D 647 -21.25 -19.97 -50.47
CA LEU D 647 -20.17 -20.91 -50.19
C LEU D 647 -18.84 -20.28 -50.52
N ARG D 648 -17.82 -20.64 -49.75
CA ARG D 648 -16.43 -20.34 -50.07
C ARG D 648 -15.72 -21.64 -50.44
N ILE D 649 -15.06 -21.64 -51.59
CA ILE D 649 -14.42 -22.82 -52.15
C ILE D 649 -12.97 -22.47 -52.47
N ARG D 650 -12.03 -23.33 -52.10
CA ARG D 650 -10.68 -23.10 -52.60
C ARG D 650 -10.35 -23.93 -53.84
N GLY D 651 -10.15 -25.23 -53.69
CA GLY D 651 -9.77 -25.99 -54.87
C GLY D 651 -8.32 -25.78 -55.25
N GLN D 652 -7.56 -26.85 -55.48
CA GLN D 652 -6.14 -26.72 -55.75
C GLN D 652 -5.62 -28.02 -56.34
N VAL D 653 -4.80 -27.91 -57.38
CA VAL D 653 -4.11 -29.04 -57.98
C VAL D 653 -2.62 -28.74 -57.95
N ASN D 654 -1.82 -29.65 -57.40
CA ASN D 654 -0.39 -29.43 -57.31
C ASN D 654 0.34 -30.76 -57.30
N GLN D 655 1.60 -30.71 -57.70
CA GLN D 655 2.50 -31.86 -57.72
C GLN D 655 3.88 -31.39 -57.30
N PRO D 656 4.66 -32.24 -56.65
CA PRO D 656 6.08 -31.92 -56.46
C PRO D 656 6.78 -31.80 -57.81
N ALA D 657 7.65 -30.80 -57.93
CA ALA D 657 8.34 -30.58 -59.19
C ALA D 657 9.33 -31.69 -59.48
N THR D 658 10.04 -32.16 -58.46
CA THR D 658 10.91 -33.32 -58.57
C THR D 658 10.59 -34.28 -57.43
N ALA D 659 10.84 -35.56 -57.66
CA ALA D 659 10.39 -36.60 -56.74
C ALA D 659 11.11 -36.51 -55.40
N ILE D 660 10.39 -36.87 -54.35
CA ILE D 660 10.95 -36.94 -53.01
C ILE D 660 11.67 -38.27 -52.87
N THR D 661 12.93 -38.24 -52.41
CA THR D 661 13.81 -39.39 -52.51
C THR D 661 14.48 -39.77 -51.19
N ALA D 662 13.89 -39.41 -50.06
CA ALA D 662 14.38 -39.83 -48.74
C ALA D 662 15.75 -39.24 -48.41
N ASP D 663 16.36 -38.55 -49.38
CA ASP D 663 17.49 -37.67 -49.13
C ASP D 663 17.08 -36.22 -49.17
N SER D 664 15.81 -35.94 -49.41
CA SER D 664 15.30 -34.59 -49.49
C SER D 664 15.25 -33.94 -48.12
N LEU D 665 15.39 -32.64 -48.10
CA LEU D 665 15.26 -31.89 -46.87
C LEU D 665 14.04 -30.99 -46.93
N PRO D 666 13.38 -30.77 -45.81
CA PRO D 666 12.11 -30.03 -45.85
C PRO D 666 12.30 -28.52 -45.89
N ASN D 667 13.51 -28.07 -46.21
CA ASN D 667 13.81 -26.65 -46.15
C ASN D 667 13.42 -25.89 -47.41
N LEU D 668 13.24 -26.58 -48.53
CA LEU D 668 12.84 -25.92 -49.77
C LEU D 668 12.27 -26.97 -50.72
N ILE D 669 11.02 -26.79 -51.15
CA ILE D 669 10.32 -27.75 -51.99
C ILE D 669 9.58 -26.97 -53.07
N ASP D 670 9.46 -27.55 -54.28
CA ASP D 670 9.24 -26.73 -55.47
C ASP D 670 7.78 -26.69 -55.95
N PHE D 671 7.09 -27.83 -56.02
CA PHE D 671 5.62 -27.84 -56.02
C PHE D 671 4.99 -27.04 -57.16
N THR D 672 5.01 -27.60 -58.36
CA THR D 672 4.06 -27.21 -59.40
C THR D 672 2.65 -27.01 -58.83
N ASN D 673 2.02 -25.87 -59.13
CA ASN D 673 0.82 -25.47 -58.41
C ASN D 673 -0.15 -24.68 -59.28
N SER D 674 -1.45 -24.94 -59.08
CA SER D 674 -2.55 -24.13 -59.63
C SER D 674 -3.65 -24.05 -58.59
N GLU D 675 -4.20 -22.85 -58.39
CA GLU D 675 -5.09 -22.62 -57.25
C GLU D 675 -6.05 -21.49 -57.56
N ALA D 676 -7.15 -21.45 -56.80
CA ALA D 676 -8.15 -20.38 -56.86
C ALA D 676 -8.92 -20.39 -55.55
N GLN D 677 -9.53 -19.25 -55.21
CA GLN D 677 -10.43 -19.21 -54.07
C GLN D 677 -11.30 -17.97 -54.19
N SER D 678 -12.56 -18.13 -53.80
CA SER D 678 -13.54 -17.05 -53.89
C SER D 678 -14.83 -17.53 -53.22
N THR D 679 -15.77 -16.61 -53.10
CA THR D 679 -17.11 -16.90 -52.60
C THR D 679 -18.10 -16.75 -53.74
N ILE D 680 -19.00 -17.72 -53.87
CA ILE D 680 -20.00 -17.71 -54.93
C ILE D 680 -21.36 -17.97 -54.32
N THR D 681 -22.40 -17.59 -55.07
CA THR D 681 -23.78 -17.85 -54.68
C THR D 681 -24.56 -18.22 -55.92
N PHE D 682 -25.36 -19.27 -55.81
CA PHE D 682 -26.16 -19.78 -56.91
C PHE D 682 -27.37 -20.48 -56.33
N LYS D 683 -28.38 -20.66 -57.17
CA LYS D 683 -29.58 -21.36 -56.72
C LYS D 683 -29.45 -22.85 -57.01
N ASN D 684 -30.31 -23.62 -56.34
CA ASN D 684 -30.32 -25.07 -56.41
C ASN D 684 -30.42 -25.54 -57.86
N GLY D 685 -29.35 -26.18 -58.36
CA GLY D 685 -29.34 -26.74 -59.69
C GLY D 685 -28.59 -25.96 -60.75
N GLN D 686 -28.17 -24.74 -60.45
CA GLN D 686 -27.49 -23.91 -61.43
C GLN D 686 -25.99 -24.19 -61.46
N THR D 687 -25.33 -23.65 -62.49
CA THR D 687 -23.91 -23.87 -62.72
C THR D 687 -23.22 -22.54 -62.94
N ILE D 688 -22.10 -22.32 -62.26
CA ILE D 688 -21.40 -21.04 -62.30
C ILE D 688 -19.91 -21.31 -62.40
N LEU D 689 -19.21 -20.45 -63.13
CA LEU D 689 -17.76 -20.52 -63.27
C LEU D 689 -17.11 -19.63 -62.22
N MET D 690 -16.34 -20.23 -61.31
CA MET D 690 -15.70 -19.43 -60.28
C MET D 690 -14.42 -18.77 -60.78
N SER D 691 -13.68 -19.44 -61.65
CA SER D 691 -12.42 -18.89 -62.13
C SER D 691 -12.06 -19.53 -63.46
N GLY D 692 -11.31 -18.77 -64.26
CA GLY D 692 -10.81 -19.27 -65.53
C GLY D 692 -9.48 -18.63 -65.82
N LEU D 693 -8.67 -19.31 -66.61
CA LEU D 693 -7.35 -18.80 -66.96
C LEU D 693 -6.95 -19.31 -68.32
N LEU D 694 -6.66 -18.40 -69.25
CA LEU D 694 -6.19 -18.74 -70.59
C LEU D 694 -4.80 -18.18 -70.78
N GLY D 695 -3.88 -19.00 -71.31
CA GLY D 695 -2.51 -18.60 -71.51
C GLY D 695 -2.06 -18.82 -72.94
N SER D 696 -0.87 -18.30 -73.25
CA SER D 696 -0.27 -18.41 -74.57
C SER D 696 1.17 -17.93 -74.50
N THR D 697 2.06 -18.59 -75.23
CA THR D 697 3.44 -18.14 -75.38
C THR D 697 3.87 -18.33 -76.83
N GLU D 698 5.08 -17.84 -77.14
CA GLU D 698 5.70 -17.93 -78.45
C GLU D 698 7.14 -17.44 -78.33
N THR D 699 8.07 -18.06 -79.06
CA THR D 699 9.49 -17.72 -78.91
C THR D 699 10.18 -17.33 -80.21
N THR D 700 9.95 -18.03 -81.32
CA THR D 700 10.23 -17.57 -82.68
C THR D 700 11.62 -16.90 -82.80
N ASN D 701 12.66 -17.72 -82.67
CA ASN D 701 14.02 -17.24 -82.92
C ASN D 701 14.43 -17.45 -84.38
N ARG D 702 15.56 -16.85 -84.74
CA ARG D 702 16.08 -16.89 -86.11
C ARG D 702 17.49 -16.31 -86.13
N SER D 703 18.37 -16.91 -86.93
CA SER D 703 19.78 -16.52 -86.93
C SER D 703 20.42 -16.92 -88.25
N GLY D 704 21.50 -16.23 -88.60
CA GLY D 704 22.25 -16.59 -89.79
C GLY D 704 23.02 -15.48 -90.49
N VAL D 705 23.01 -15.50 -91.81
CA VAL D 705 23.72 -14.54 -92.66
C VAL D 705 22.91 -13.24 -92.72
N PRO D 706 23.54 -12.06 -92.70
CA PRO D 706 22.79 -10.81 -92.77
C PRO D 706 22.04 -10.66 -94.08
N PHE D 707 20.75 -10.36 -93.95
CA PHE D 707 19.81 -10.04 -95.05
C PHE D 707 19.45 -11.26 -95.89
N LEU D 708 20.16 -12.37 -95.72
CA LEU D 708 19.84 -13.57 -96.47
C LEU D 708 19.05 -14.57 -95.65
N SER D 709 19.32 -14.65 -94.34
CA SER D 709 18.54 -15.49 -93.46
C SER D 709 17.14 -14.93 -93.20
N SER D 710 16.87 -13.69 -93.59
CA SER D 710 15.57 -13.07 -93.38
C SER D 710 14.68 -13.13 -94.59
N LEU D 711 15.16 -13.68 -95.70
CA LEU D 711 14.34 -13.78 -96.90
C LEU D 711 13.22 -14.80 -96.69
N PRO D 712 12.02 -14.55 -97.22
CA PRO D 712 10.91 -15.48 -97.01
C PRO D 712 11.13 -16.77 -97.77
N GLY D 713 10.92 -17.90 -97.08
CA GLY D 713 11.09 -19.20 -97.69
C GLY D 713 12.52 -19.68 -97.74
N VAL D 714 13.31 -19.09 -98.63
CA VAL D 714 14.71 -19.51 -98.80
C VAL D 714 15.63 -19.00 -97.71
N GLY D 715 15.09 -18.30 -96.71
CA GLY D 715 15.95 -17.77 -95.66
C GLY D 715 16.63 -18.86 -94.85
N ALA D 716 15.96 -19.99 -94.68
CA ALA D 716 16.52 -21.07 -93.87
C ALA D 716 17.70 -21.75 -94.53
N ALA D 717 17.98 -21.44 -95.80
CA ALA D 717 19.18 -21.95 -96.46
C ALA D 717 20.44 -21.24 -96.01
N PHE D 718 20.33 -20.16 -95.24
CA PHE D 718 21.46 -19.38 -94.79
C PHE D 718 21.45 -19.20 -93.27
N GLY D 719 21.16 -20.26 -92.54
CA GLY D 719 21.15 -20.17 -91.10
C GLY D 719 20.08 -21.08 -90.52
N GLU D 720 19.60 -20.71 -89.34
CA GLU D 720 18.62 -21.48 -88.59
C GLU D 720 17.28 -20.75 -88.57
N LYS D 721 16.32 -21.37 -87.88
CA LYS D 721 15.00 -20.85 -87.64
C LYS D 721 14.32 -21.76 -86.64
N ARG D 722 13.54 -21.17 -85.73
CA ARG D 722 12.92 -21.94 -84.67
C ARG D 722 11.67 -21.20 -84.22
N THR D 723 10.62 -21.94 -83.93
CA THR D 723 9.41 -21.33 -83.41
C THR D 723 8.69 -22.32 -82.50
N GLU D 724 8.15 -21.81 -81.41
CA GLU D 724 7.40 -22.59 -80.44
C GLU D 724 6.14 -21.84 -80.06
N LYS D 725 5.09 -22.58 -79.73
CA LYS D 725 3.83 -22.00 -79.32
C LYS D 725 3.20 -22.87 -78.26
N THR D 726 2.56 -22.23 -77.28
CA THR D 726 1.92 -22.95 -76.19
C THR D 726 0.56 -22.34 -75.94
N GLN D 727 -0.39 -23.17 -75.52
CA GLN D 727 -1.71 -22.76 -75.11
C GLN D 727 -2.03 -23.43 -73.79
N SER D 728 -2.89 -22.80 -72.98
CA SER D 728 -3.33 -23.43 -71.75
C SER D 728 -4.72 -22.93 -71.41
N GLN D 729 -5.46 -23.75 -70.68
CA GLN D 729 -6.77 -23.40 -70.18
C GLN D 729 -6.97 -24.01 -68.81
N LEU D 730 -7.51 -23.23 -67.87
CA LEU D 730 -7.84 -23.72 -66.54
C LEU D 730 -9.24 -23.24 -66.20
N LEU D 731 -10.12 -24.15 -65.81
CA LEU D 731 -11.50 -23.82 -65.50
C LEU D 731 -11.90 -24.44 -64.18
N VAL D 732 -12.58 -23.67 -63.35
CA VAL D 732 -13.14 -24.15 -62.08
C VAL D 732 -14.63 -23.87 -62.12
N ILE D 733 -15.44 -24.93 -62.10
CA ILE D 733 -16.88 -24.85 -62.29
C ILE D 733 -17.57 -25.49 -61.09
N ILE D 734 -18.61 -24.84 -60.59
CA ILE D 734 -19.32 -25.28 -59.38
C ILE D 734 -20.80 -25.44 -59.66
N THR D 735 -21.38 -26.52 -59.15
CA THR D 735 -22.81 -26.73 -59.10
C THR D 735 -23.18 -27.39 -57.79
N GLY D 736 -24.46 -27.44 -57.49
CA GLY D 736 -24.91 -28.07 -56.26
C GLY D 736 -26.41 -28.23 -56.25
N THR D 737 -26.86 -29.17 -55.42
CA THR D 737 -28.28 -29.47 -55.26
C THR D 737 -28.60 -29.67 -53.79
N VAL D 738 -29.86 -29.49 -53.44
CA VAL D 738 -30.34 -29.78 -52.10
C VAL D 738 -30.80 -31.23 -52.06
N VAL D 739 -30.35 -31.96 -51.05
CA VAL D 739 -30.63 -33.39 -50.91
C VAL D 739 -31.79 -33.56 -49.94
N LYS D 740 -32.95 -33.90 -50.46
CA LYS D 740 -34.12 -34.10 -49.62
C LYS D 740 -34.14 -35.50 -49.02
N GLY E 61 -12.44 -11.21 -87.74
CA GLY E 61 -13.42 -10.28 -87.22
C GLY E 61 -13.75 -10.53 -85.76
N VAL E 62 -13.66 -11.79 -85.35
CA VAL E 62 -13.89 -12.19 -83.97
C VAL E 62 -12.61 -12.84 -83.48
N THR E 63 -11.88 -12.14 -82.62
CA THR E 63 -10.58 -12.60 -82.14
C THR E 63 -10.59 -13.05 -80.69
N VAL E 64 -11.52 -12.55 -79.90
CA VAL E 64 -11.55 -12.79 -78.47
C VAL E 64 -12.43 -13.99 -78.17
N THR E 65 -11.94 -14.88 -77.32
CA THR E 65 -12.68 -16.06 -76.93
C THR E 65 -13.85 -15.66 -76.03
N PRO E 66 -15.08 -16.07 -76.35
CA PRO E 66 -16.20 -15.83 -75.44
C PRO E 66 -16.04 -16.64 -74.16
N VAL E 67 -16.59 -16.10 -73.08
CA VAL E 67 -16.50 -16.70 -71.76
C VAL E 67 -17.92 -16.95 -71.27
N LEU E 68 -18.22 -18.18 -70.86
CA LEU E 68 -19.51 -18.52 -70.29
C LEU E 68 -19.37 -18.54 -68.77
N ILE E 69 -20.17 -17.72 -68.09
CA ILE E 69 -20.04 -17.57 -66.65
C ILE E 69 -21.14 -18.28 -65.87
N LYS E 70 -22.38 -18.29 -66.36
CA LYS E 70 -23.46 -18.89 -65.60
C LYS E 70 -24.54 -19.42 -66.53
N VAL E 71 -25.10 -20.57 -66.18
CA VAL E 71 -26.33 -21.07 -66.79
C VAL E 71 -27.32 -21.39 -65.68
N SER E 72 -28.59 -21.39 -66.03
CA SER E 72 -29.64 -21.67 -65.08
C SER E 72 -29.86 -23.18 -64.97
N GLU E 73 -30.90 -23.58 -64.26
CA GLU E 73 -31.19 -24.97 -64.01
C GLU E 73 -32.32 -25.48 -64.89
N GLY E 74 -32.57 -26.79 -64.81
CA GLY E 74 -33.73 -27.36 -65.43
C GLY E 74 -33.55 -27.78 -66.87
N ALA E 75 -33.98 -26.93 -67.79
CA ALA E 75 -33.90 -27.18 -69.23
C ALA E 75 -34.72 -28.40 -69.63
N ALA E 76 -36.00 -28.32 -69.38
CA ALA E 76 -36.96 -29.23 -69.96
C ALA E 76 -37.63 -28.60 -71.17
N PRO E 77 -38.08 -29.38 -72.15
CA PRO E 77 -38.73 -28.79 -73.33
C PRO E 77 -39.87 -27.85 -72.97
N GLY E 78 -39.73 -26.58 -73.35
CA GLY E 78 -40.65 -25.55 -72.96
C GLY E 78 -40.17 -24.64 -71.86
N ASP E 79 -39.06 -24.98 -71.20
CA ASP E 79 -38.50 -24.14 -70.17
C ASP E 79 -37.61 -23.07 -70.77
N THR E 80 -37.22 -22.11 -69.94
CA THR E 80 -36.39 -20.98 -70.34
C THR E 80 -34.98 -21.20 -69.82
N LEU E 81 -34.00 -21.15 -70.72
CA LEU E 81 -32.60 -21.35 -70.38
C LEU E 81 -31.87 -20.03 -70.56
N THR E 82 -31.22 -19.56 -69.50
CA THR E 82 -30.50 -18.29 -69.50
C THR E 82 -29.00 -18.54 -69.39
N ILE E 83 -28.24 -17.89 -70.25
CA ILE E 83 -26.79 -18.00 -70.29
C ILE E 83 -26.19 -16.61 -70.13
N GLN E 84 -25.15 -16.50 -69.31
CA GLN E 84 -24.50 -15.22 -69.08
C GLN E 84 -23.01 -15.36 -69.36
N GLY E 85 -22.44 -14.36 -70.04
CA GLY E 85 -21.06 -14.42 -70.45
C GLY E 85 -20.53 -13.05 -70.71
N ARG E 86 -19.44 -12.98 -71.49
CA ARG E 86 -18.84 -11.68 -71.76
C ARG E 86 -18.84 -11.28 -73.23
N TYR E 87 -18.21 -12.04 -74.12
CA TYR E 87 -18.13 -11.64 -75.53
C TYR E 87 -19.07 -12.48 -76.40
N LEU E 88 -20.37 -12.37 -76.16
CA LEU E 88 -21.30 -13.31 -76.74
C LEU E 88 -21.87 -12.88 -78.09
N GLY E 89 -21.60 -11.66 -78.52
CA GLY E 89 -21.93 -11.26 -79.88
C GLY E 89 -23.39 -11.01 -80.21
N ASN E 90 -23.82 -11.47 -81.39
CA ASN E 90 -25.18 -11.30 -81.90
C ASN E 90 -25.83 -12.65 -82.13
N ALA E 91 -27.16 -12.63 -82.16
CA ALA E 91 -27.91 -13.80 -82.61
C ALA E 91 -27.78 -14.03 -84.11
N GLN E 92 -27.38 -13.02 -84.87
CA GLN E 92 -27.13 -13.15 -86.29
C GLN E 92 -25.70 -13.56 -86.61
N THR E 93 -24.83 -13.61 -85.62
CA THR E 93 -23.43 -13.96 -85.81
C THR E 93 -23.03 -15.23 -85.10
N ALA E 94 -23.77 -15.66 -84.08
CA ALA E 94 -23.37 -16.75 -83.21
C ALA E 94 -24.51 -17.76 -83.09
N ARG E 95 -24.20 -18.90 -82.46
CA ARG E 95 -25.16 -19.96 -82.21
C ARG E 95 -24.77 -20.70 -80.94
N VAL E 96 -25.77 -21.31 -80.30
CA VAL E 96 -25.58 -22.09 -79.08
C VAL E 96 -25.62 -23.56 -79.44
N ILE E 97 -24.67 -24.34 -78.92
CA ILE E 97 -24.57 -25.77 -79.20
C ILE E 97 -24.67 -26.51 -77.88
N ILE E 98 -25.52 -27.53 -77.84
CA ILE E 98 -25.76 -28.31 -76.63
C ILE E 98 -25.59 -29.78 -76.99
N GLY E 99 -25.30 -30.58 -75.98
CA GLY E 99 -25.06 -31.98 -76.19
C GLY E 99 -23.65 -32.34 -76.62
N ALA E 100 -22.70 -31.42 -76.51
CA ALA E 100 -21.33 -31.67 -76.94
C ALA E 100 -20.56 -32.34 -75.83
N ASP E 101 -19.33 -32.74 -76.14
CA ASP E 101 -18.45 -33.34 -75.15
C ASP E 101 -17.53 -32.26 -74.60
N GLU E 102 -16.53 -32.68 -73.80
CA GLU E 102 -15.66 -31.71 -73.15
C GLU E 102 -14.93 -30.80 -74.13
N ASN E 103 -14.72 -31.27 -75.36
CA ASN E 103 -13.91 -30.56 -76.34
C ASN E 103 -14.76 -29.78 -77.34
N GLY E 104 -16.08 -29.79 -77.19
CA GLY E 104 -16.95 -29.12 -78.11
C GLY E 104 -17.38 -29.94 -79.30
N GLN E 105 -16.91 -31.17 -79.43
CA GLN E 105 -17.25 -32.01 -80.56
C GLN E 105 -18.63 -32.62 -80.36
N GLY E 106 -19.27 -32.99 -81.47
CA GLY E 106 -20.61 -33.47 -81.37
C GLY E 106 -21.56 -32.33 -81.04
N GLY E 107 -22.75 -32.69 -80.59
CA GLY E 107 -23.70 -31.70 -80.14
C GLY E 107 -24.55 -31.14 -81.26
N THR E 108 -25.69 -30.59 -80.87
CA THR E 108 -26.67 -30.05 -81.81
C THR E 108 -26.92 -28.59 -81.47
N ALA E 109 -27.05 -27.76 -82.51
CA ALA E 109 -27.25 -26.34 -82.31
C ALA E 109 -28.72 -26.02 -82.07
N PHE E 110 -28.96 -25.04 -81.21
CA PHE E 110 -30.31 -24.55 -81.01
C PHE E 110 -30.84 -23.91 -82.28
N PRO E 111 -32.12 -24.06 -82.59
CA PRO E 111 -32.68 -23.34 -83.73
C PRO E 111 -32.74 -21.85 -83.46
N ALA E 112 -32.70 -21.06 -84.54
CA ALA E 112 -32.76 -19.61 -84.40
C ALA E 112 -34.10 -19.16 -83.85
N SER E 113 -35.15 -19.95 -83.99
CA SER E 113 -36.45 -19.61 -83.44
C SER E 113 -36.53 -19.80 -81.93
N ALA E 114 -35.53 -20.44 -81.33
CA ALA E 114 -35.51 -20.66 -79.90
C ALA E 114 -34.99 -19.48 -79.12
N VAL E 115 -34.47 -18.46 -79.79
CA VAL E 115 -33.82 -17.33 -79.14
C VAL E 115 -34.87 -16.28 -78.80
N GLN E 116 -34.96 -15.94 -77.51
CA GLN E 116 -35.84 -14.87 -77.07
C GLN E 116 -35.11 -13.54 -76.94
N SER E 117 -33.90 -13.56 -76.41
CA SER E 117 -33.07 -12.38 -76.29
C SER E 117 -31.63 -12.79 -76.53
N TRP E 118 -30.81 -11.85 -76.99
CA TRP E 118 -29.40 -12.13 -77.19
C TRP E 118 -28.64 -10.80 -77.09
N SER E 119 -28.03 -10.57 -75.93
CA SER E 119 -27.10 -9.47 -75.74
C SER E 119 -25.68 -10.03 -75.79
N ASP E 120 -24.70 -9.16 -75.62
CA ASP E 120 -23.33 -9.63 -75.55
C ASP E 120 -22.99 -10.23 -74.20
N THR E 121 -23.87 -10.11 -73.21
CA THR E 121 -23.64 -10.69 -71.90
C THR E 121 -24.77 -11.58 -71.41
N GLU E 122 -25.81 -11.81 -72.21
CA GLU E 122 -26.90 -12.68 -71.78
C GLU E 122 -27.63 -13.23 -72.99
N ILE E 123 -27.92 -14.53 -72.96
CA ILE E 123 -28.72 -15.21 -73.96
C ILE E 123 -29.89 -15.90 -73.25
N VAL E 124 -31.09 -15.69 -73.76
CA VAL E 124 -32.29 -16.33 -73.23
C VAL E 124 -32.89 -17.19 -74.32
N LEU E 125 -33.20 -18.44 -73.98
CA LEU E 125 -33.65 -19.42 -74.95
C LEU E 125 -34.91 -20.12 -74.47
N LYS E 126 -35.63 -20.71 -75.41
CA LYS E 126 -36.71 -21.65 -75.13
C LYS E 126 -36.29 -23.03 -75.60
N VAL E 127 -36.30 -24.00 -74.70
CA VAL E 127 -35.80 -25.33 -75.03
C VAL E 127 -36.80 -26.01 -75.95
N PRO E 128 -36.39 -26.45 -77.14
CA PRO E 128 -37.31 -27.10 -78.07
C PRO E 128 -37.58 -28.54 -77.65
N GLU E 129 -38.31 -29.25 -78.50
CA GLU E 129 -38.59 -30.65 -78.28
C GLU E 129 -37.60 -31.49 -79.08
N GLY E 130 -36.97 -32.46 -78.42
CA GLY E 130 -36.07 -33.36 -79.10
C GLY E 130 -34.62 -33.25 -78.69
N MET E 131 -34.33 -32.45 -77.67
CA MET E 131 -32.96 -32.38 -77.17
C MET E 131 -32.61 -33.65 -76.38
N PRO E 132 -31.33 -34.03 -76.37
CA PRO E 132 -30.94 -35.26 -75.66
C PRO E 132 -30.90 -35.04 -74.15
N ALA E 133 -31.75 -35.77 -73.44
CA ALA E 133 -31.80 -35.66 -71.98
C ALA E 133 -30.52 -36.24 -71.37
N GLY E 134 -30.19 -35.75 -70.19
CA GLY E 134 -28.97 -36.14 -69.50
C GLY E 134 -27.96 -35.01 -69.48
N GLY E 135 -26.79 -35.32 -68.93
CA GLY E 135 -25.75 -34.33 -68.82
C GLY E 135 -24.94 -34.19 -70.11
N SER E 136 -24.53 -32.97 -70.39
CA SER E 136 -23.80 -32.65 -71.60
C SER E 136 -23.15 -31.28 -71.42
N TRP E 137 -22.45 -30.83 -72.45
CA TRP E 137 -21.72 -29.57 -72.42
C TRP E 137 -22.38 -28.56 -73.33
N LEU E 138 -22.37 -27.31 -72.91
CA LEU E 138 -22.95 -26.21 -73.67
C LEU E 138 -21.85 -25.23 -74.05
N PHE E 139 -21.84 -24.83 -75.32
CA PHE E 139 -20.87 -23.89 -75.85
C PHE E 139 -21.61 -22.84 -76.66
N VAL E 140 -20.98 -21.67 -76.79
CA VAL E 140 -21.44 -20.62 -77.68
C VAL E 140 -20.34 -20.36 -78.69
N GLU E 141 -20.67 -20.41 -79.98
CA GLU E 141 -19.72 -20.18 -81.05
C GLU E 141 -20.00 -18.82 -81.66
N VAL E 142 -19.13 -17.86 -81.41
CA VAL E 142 -19.29 -16.49 -81.89
C VAL E 142 -18.35 -16.28 -83.05
N GLY E 143 -18.91 -16.06 -84.24
CA GLY E 143 -18.08 -15.85 -85.42
C GLY E 143 -17.17 -17.01 -85.72
N GLY E 144 -17.59 -18.22 -85.41
CA GLY E 144 -16.77 -19.40 -85.63
C GLY E 144 -15.81 -19.72 -84.52
N LYS E 145 -15.70 -18.88 -83.50
CA LYS E 145 -14.80 -19.10 -82.38
C LYS E 145 -15.58 -19.67 -81.20
N ARG E 146 -15.06 -20.74 -80.62
CA ARG E 146 -15.74 -21.44 -79.54
C ARG E 146 -15.41 -20.82 -78.20
N SER E 147 -16.39 -20.83 -77.30
CA SER E 147 -16.23 -20.26 -75.97
C SER E 147 -15.65 -21.31 -75.02
N THR E 148 -15.59 -20.96 -73.75
CA THR E 148 -15.40 -21.94 -72.70
C THR E 148 -16.75 -22.55 -72.36
N GLY E 149 -16.75 -23.83 -72.04
CA GLY E 149 -17.99 -24.53 -71.86
C GLY E 149 -18.49 -24.55 -70.43
N LEU E 150 -19.77 -24.92 -70.30
CA LEU E 150 -20.39 -25.20 -69.02
C LEU E 150 -21.20 -26.48 -69.15
N ARG E 151 -21.28 -27.23 -68.07
CA ARG E 151 -22.08 -28.45 -68.05
C ARG E 151 -23.54 -28.10 -67.77
N VAL E 152 -24.43 -28.67 -68.58
CA VAL E 152 -25.85 -28.41 -68.46
C VAL E 152 -26.55 -29.76 -68.35
N SER E 153 -27.72 -29.76 -67.71
CA SER E 153 -28.49 -30.97 -67.49
C SER E 153 -29.82 -30.82 -68.21
N VAL E 154 -29.98 -31.52 -69.32
CA VAL E 154 -31.24 -31.50 -70.07
C VAL E 154 -32.18 -32.51 -69.44
N ARG E 155 -33.40 -32.07 -69.16
CA ARG E 155 -34.37 -32.92 -68.51
C ARG E 155 -35.10 -33.79 -69.52
N GLY F 28 33.97 -31.72 -108.46
CA GLY F 28 34.88 -32.83 -108.34
C GLY F 28 35.93 -32.89 -109.43
N ARG F 29 37.19 -32.97 -109.03
CA ARG F 29 38.32 -32.99 -109.96
C ARG F 29 39.27 -34.11 -109.58
N VAL F 30 39.93 -34.67 -110.60
CA VAL F 30 40.95 -35.69 -110.41
C VAL F 30 42.25 -35.15 -110.95
N ASN F 31 43.32 -35.25 -110.17
CA ASN F 31 44.63 -34.73 -110.57
C ASN F 31 45.69 -35.60 -109.89
N VAL F 32 46.25 -36.53 -110.65
CA VAL F 32 47.26 -37.45 -110.15
C VAL F 32 48.50 -37.33 -111.03
N GLY F 33 49.67 -37.31 -110.40
CA GLY F 33 50.92 -37.24 -111.11
C GLY F 33 51.76 -38.48 -110.85
N VAL F 34 52.66 -38.78 -111.79
CA VAL F 34 53.41 -40.02 -111.79
C VAL F 34 54.90 -39.74 -112.00
N ASP F 35 55.74 -40.42 -111.23
CA ASP F 35 57.19 -40.39 -111.42
C ASP F 35 57.61 -41.74 -111.99
N VAL F 36 58.18 -41.73 -113.19
CA VAL F 36 58.36 -42.97 -113.94
C VAL F 36 59.64 -43.68 -113.54
N GLY F 37 60.78 -43.00 -113.64
CA GLY F 37 62.02 -43.64 -113.24
C GLY F 37 62.49 -44.72 -114.20
N ASP F 38 62.97 -44.31 -115.38
CA ASP F 38 63.23 -45.20 -116.50
C ASP F 38 64.55 -45.96 -116.41
N ALA F 39 65.36 -45.72 -115.40
CA ALA F 39 66.68 -46.34 -115.32
C ALA F 39 66.56 -47.84 -115.05
N GLY F 40 67.61 -48.56 -115.44
CA GLY F 40 67.68 -49.99 -115.19
C GLY F 40 66.57 -50.80 -115.84
N SER F 41 66.19 -50.45 -117.06
CA SER F 41 65.07 -51.07 -117.72
C SER F 41 65.42 -51.81 -119.01
N GLU F 42 66.64 -51.67 -119.51
CA GLU F 42 67.08 -52.37 -120.71
C GLU F 42 68.15 -53.39 -120.36
N GLN F 43 68.02 -54.59 -120.92
CA GLN F 43 69.00 -55.65 -120.70
C GLN F 43 70.23 -55.39 -121.56
N VAL F 44 71.41 -55.54 -120.95
CA VAL F 44 72.67 -55.26 -121.63
C VAL F 44 73.19 -56.53 -122.28
N ALA F 45 73.45 -56.47 -123.58
CA ALA F 45 73.99 -57.61 -124.31
C ALA F 45 75.09 -57.24 -125.30
N THR F 46 75.30 -55.95 -125.60
CA THR F 46 76.26 -55.54 -126.62
C THR F 46 77.68 -55.61 -126.04
N LEU F 47 78.16 -56.83 -125.89
CA LEU F 47 79.52 -57.11 -125.43
C LEU F 47 80.12 -58.18 -126.33
N THR F 48 80.74 -57.75 -127.43
CA THR F 48 81.47 -58.69 -128.27
C THR F 48 82.69 -59.25 -127.53
N ILE F 49 83.21 -58.49 -126.57
CA ILE F 49 84.22 -59.00 -125.65
C ILE F 49 83.53 -59.88 -124.61
N THR F 50 84.24 -60.24 -123.55
CA THR F 50 83.70 -61.19 -122.59
C THR F 50 84.22 -60.90 -121.20
N PRO F 51 83.52 -61.45 -120.21
CA PRO F 51 83.99 -61.51 -118.84
C PRO F 51 84.90 -62.70 -118.58
N GLU F 52 85.25 -63.42 -119.64
CA GLU F 52 86.18 -64.54 -119.55
C GLU F 52 87.61 -64.02 -119.47
N LYS F 53 88.58 -64.90 -119.70
CA LYS F 53 89.99 -64.56 -119.53
C LYS F 53 90.35 -63.27 -120.27
N CYS F 54 90.28 -63.29 -121.60
CA CYS F 54 90.51 -62.06 -122.38
C CYS F 54 89.71 -62.17 -123.68
N ASP F 55 88.49 -61.63 -123.65
CA ASP F 55 87.63 -61.45 -124.83
C ASP F 55 87.70 -62.60 -125.81
N ASP F 56 87.65 -63.83 -125.32
CA ASP F 56 87.89 -64.99 -126.17
C ASP F 56 86.75 -66.00 -126.19
N LYS F 57 86.12 -66.27 -125.04
CA LYS F 57 85.21 -67.40 -124.92
C LYS F 57 83.74 -66.97 -124.87
N GLY F 58 83.37 -66.11 -123.92
CA GLY F 58 81.97 -65.79 -123.66
C GLY F 58 81.50 -64.71 -124.63
N VAL F 59 81.41 -65.09 -125.89
CA VAL F 59 80.96 -64.18 -126.93
C VAL F 59 79.44 -64.08 -126.94
N PRO F 74 62.63 -53.44 -113.08
CA PRO F 74 61.56 -52.88 -113.93
C PRO F 74 61.32 -51.40 -113.63
N VAL F 75 60.60 -50.72 -114.51
CA VAL F 75 60.27 -49.32 -114.30
C VAL F 75 59.28 -49.21 -113.16
N THR F 76 59.54 -48.29 -112.22
CA THR F 76 58.73 -48.13 -111.02
C THR F 76 57.86 -46.88 -111.16
N PHE F 77 56.61 -47.06 -111.56
CA PHE F 77 55.65 -45.97 -111.60
C PHE F 77 55.25 -45.59 -110.19
N THR F 78 55.19 -44.29 -109.90
CA THR F 78 54.84 -43.77 -108.57
C THR F 78 53.74 -42.73 -108.73
N PHE F 79 52.52 -43.10 -108.37
CA PHE F 79 51.34 -42.23 -108.52
C PHE F 79 51.07 -41.52 -107.21
N THR F 80 50.85 -40.20 -107.30
CA THR F 80 50.50 -39.37 -106.15
C THR F 80 49.45 -38.35 -106.55
N ALA F 81 48.44 -38.20 -105.71
CA ALA F 81 47.34 -37.30 -105.98
C ALA F 81 47.68 -35.87 -105.55
N ARG F 82 47.34 -34.92 -106.42
CA ARG F 82 47.60 -33.52 -106.14
C ARG F 82 46.64 -33.01 -105.07
N PRO F 83 47.01 -31.94 -104.36
CA PRO F 83 46.11 -31.40 -103.34
C PRO F 83 44.77 -30.97 -103.92
N GLY F 84 43.71 -31.29 -103.20
CA GLY F 84 42.36 -30.98 -103.63
C GLY F 84 41.73 -31.98 -104.56
N SER F 85 42.40 -33.09 -104.84
CA SER F 85 41.92 -34.08 -105.80
C SER F 85 41.09 -35.15 -105.10
N GLU F 86 40.33 -35.89 -105.90
CA GLU F 86 39.60 -37.03 -105.39
C GLU F 86 40.53 -38.24 -105.30
N ALA F 87 40.01 -39.33 -104.73
CA ALA F 87 40.69 -40.61 -104.84
C ALA F 87 40.34 -41.26 -106.18
N VAL F 88 41.22 -42.14 -106.63
CA VAL F 88 41.05 -42.79 -107.93
C VAL F 88 41.66 -44.18 -107.86
N THR F 89 41.09 -45.09 -108.62
CA THR F 89 41.59 -46.46 -108.74
C THR F 89 41.92 -46.74 -110.19
N ILE F 90 43.14 -47.20 -110.44
CA ILE F 90 43.62 -47.47 -111.79
C ILE F 90 43.38 -48.94 -112.12
N GLU F 91 42.72 -49.19 -113.24
CA GLU F 91 42.33 -50.54 -113.63
C GLU F 91 43.27 -51.18 -114.64
N GLY F 92 43.88 -50.37 -115.52
CA GLY F 92 44.80 -50.91 -116.49
C GLY F 92 45.32 -49.79 -117.37
N TYR F 93 46.05 -50.17 -118.42
CA TYR F 93 46.66 -49.20 -119.30
C TYR F 93 46.53 -49.64 -120.75
N ARG F 94 46.60 -48.67 -121.66
CA ARG F 94 46.60 -48.90 -123.10
C ARG F 94 47.87 -48.34 -123.69
N VAL F 95 48.52 -49.12 -124.54
CA VAL F 95 49.77 -48.71 -125.20
C VAL F 95 49.37 -48.05 -126.52
N LEU F 96 49.39 -46.72 -126.54
CA LEU F 96 48.95 -45.94 -127.69
C LEU F 96 50.02 -45.78 -128.77
N SER F 97 51.27 -46.08 -128.46
CA SER F 97 52.35 -45.86 -129.43
C SER F 97 53.56 -46.69 -129.02
N ASP F 98 53.93 -47.65 -129.86
CA ASP F 98 55.12 -48.46 -129.66
C ASP F 98 56.10 -48.21 -130.81
N ARG F 99 57.34 -47.87 -130.46
CA ARG F 99 58.36 -47.53 -131.47
C ARG F 99 59.68 -48.15 -131.05
N LEU F 100 60.05 -49.25 -131.69
CA LEU F 100 61.36 -49.87 -131.50
C LEU F 100 62.30 -49.29 -132.55
N ASP F 101 63.31 -48.55 -132.09
CA ASP F 101 64.29 -47.87 -132.93
C ASP F 101 63.67 -46.87 -133.89
N GLY F 102 62.39 -46.55 -133.74
CA GLY F 102 61.74 -45.53 -134.53
C GLY F 102 60.66 -45.99 -135.48
N VAL F 103 60.19 -47.23 -135.36
CA VAL F 103 59.18 -47.77 -136.25
C VAL F 103 57.89 -47.95 -135.45
N GLU F 104 56.82 -47.31 -135.92
CA GLU F 104 55.52 -47.32 -135.24
C GLU F 104 54.88 -48.68 -135.44
N ARG F 105 55.23 -49.61 -134.57
CA ARG F 105 54.66 -50.96 -134.59
C ARG F 105 53.50 -51.07 -133.60
N ALA F 106 52.50 -50.22 -133.79
CA ALA F 106 51.45 -50.05 -132.80
C ALA F 106 50.04 -50.32 -133.30
N ASP F 107 49.72 -49.92 -134.55
CA ASP F 107 48.36 -50.01 -135.08
C ASP F 107 47.38 -49.35 -134.13
N PRO F 108 47.36 -48.02 -134.06
CA PRO F 108 46.53 -47.34 -133.05
C PRO F 108 45.03 -47.60 -133.19
N LYS F 109 44.60 -48.30 -134.25
CA LYS F 109 43.20 -48.69 -134.34
C LYS F 109 42.83 -49.70 -133.25
N ASN F 110 43.77 -50.58 -132.90
CA ASN F 110 43.54 -51.65 -131.93
C ASN F 110 44.69 -51.66 -130.92
N PRO F 111 44.64 -50.80 -129.91
CA PRO F 111 45.72 -50.76 -128.91
C PRO F 111 45.80 -52.07 -128.13
N VAL F 112 46.84 -52.18 -127.32
CA VAL F 112 47.06 -53.35 -126.48
C VAL F 112 46.56 -53.01 -125.08
N GLU F 113 45.36 -53.46 -124.76
CA GLU F 113 44.77 -53.17 -123.46
C GLU F 113 45.33 -54.10 -122.39
N ASN F 114 45.36 -53.59 -121.16
CA ASN F 114 45.60 -54.39 -119.98
C ASN F 114 44.52 -54.08 -118.96
N ALA F 115 44.05 -55.11 -118.27
CA ALA F 115 42.97 -54.97 -117.29
C ALA F 115 43.28 -55.78 -116.06
N LYS F 116 44.52 -55.68 -115.58
CA LYS F 116 44.97 -56.51 -114.48
C LYS F 116 45.56 -55.67 -113.35
N MET F 117 44.95 -54.52 -113.09
CA MET F 117 45.41 -53.60 -112.06
C MET F 117 44.25 -53.25 -111.13
N ASN F 118 44.50 -53.30 -109.82
CA ASN F 118 43.62 -52.72 -108.82
C ASN F 118 44.50 -51.87 -107.91
N LEU F 119 44.73 -50.63 -108.32
CA LEU F 119 45.67 -49.74 -107.62
C LEU F 119 44.92 -48.52 -107.13
N TYR F 120 44.97 -48.29 -105.81
CA TYR F 120 44.24 -47.22 -105.17
C TYR F 120 45.15 -46.04 -104.90
N VAL F 121 44.75 -44.86 -105.37
CA VAL F 121 45.49 -43.62 -105.14
C VAL F 121 44.68 -42.80 -104.12
N PRO F 122 45.19 -42.60 -102.91
CA PRO F 122 44.43 -41.83 -101.91
C PRO F 122 44.11 -40.42 -102.36
N SER F 123 43.21 -39.78 -101.60
CA SER F 123 42.50 -38.60 -102.08
C SER F 123 43.44 -37.43 -102.35
N GLY F 124 44.37 -37.17 -101.43
CA GLY F 124 45.17 -35.98 -101.56
C GLY F 124 44.78 -34.92 -100.55
N TYR F 125 44.39 -35.38 -99.37
CA TYR F 125 44.10 -34.53 -98.23
C TYR F 125 44.91 -35.03 -97.04
N ALA F 126 44.72 -34.40 -95.89
CA ALA F 126 45.40 -34.81 -94.68
C ALA F 126 44.48 -34.55 -93.50
N CYS F 127 44.50 -35.46 -92.53
CA CYS F 127 43.64 -35.37 -91.36
C CYS F 127 44.29 -36.15 -90.22
N GLU F 128 43.50 -36.42 -89.18
CA GLU F 128 44.01 -37.09 -87.99
C GLU F 128 43.78 -38.60 -88.02
N GLY F 129 42.63 -39.04 -88.51
CA GLY F 129 42.26 -40.44 -88.49
C GLY F 129 42.67 -41.22 -89.72
N LEU F 130 43.47 -40.63 -90.61
CA LEU F 130 43.83 -41.31 -91.85
C LEU F 130 44.74 -42.50 -91.56
N THR F 131 44.38 -43.65 -92.13
CA THR F 131 45.19 -44.85 -92.02
C THR F 131 46.26 -44.84 -93.11
N ALA F 132 46.90 -46.00 -93.33
CA ALA F 132 47.99 -46.07 -94.28
C ALA F 132 47.49 -45.85 -95.71
N GLY F 133 46.60 -46.72 -96.18
CA GLY F 133 46.18 -46.66 -97.57
C GLY F 133 44.74 -46.26 -97.79
N ALA F 134 44.26 -45.29 -97.03
CA ALA F 134 42.87 -44.85 -97.12
C ALA F 134 42.81 -43.39 -97.56
N SER F 135 41.58 -42.88 -97.64
CA SER F 135 41.34 -41.48 -97.96
C SER F 135 40.51 -40.86 -96.84
N CYS F 136 40.70 -39.55 -96.64
CA CYS F 136 39.89 -38.82 -95.68
C CYS F 136 38.44 -38.77 -96.13
N GLN F 137 37.54 -38.74 -95.15
CA GLN F 137 36.12 -38.60 -95.46
C GLN F 137 35.83 -37.27 -96.14
N GLY F 138 36.44 -36.19 -95.64
CA GLY F 138 36.26 -34.87 -96.20
C GLY F 138 35.62 -33.85 -95.29
N ASN F 139 35.26 -34.22 -94.06
CA ASN F 139 34.57 -33.32 -93.15
C ASN F 139 35.16 -33.45 -91.74
N GLU F 140 36.48 -33.47 -91.64
CA GLU F 140 37.15 -33.71 -90.37
C GLU F 140 37.34 -32.45 -89.54
N SER F 141 37.08 -31.27 -90.09
CA SER F 141 37.27 -29.98 -89.42
C SER F 141 38.74 -29.72 -89.15
N ASP F 142 39.57 -30.72 -89.45
CA ASP F 142 41.02 -30.63 -89.39
C ASP F 142 41.65 -30.80 -90.76
N ILE F 143 40.84 -31.12 -91.77
CA ILE F 143 41.35 -31.61 -93.04
C ILE F 143 42.03 -30.49 -93.81
N ARG F 144 43.19 -30.80 -94.39
CA ARG F 144 43.93 -29.91 -95.27
C ARG F 144 43.96 -30.52 -96.67
N ILE F 145 44.50 -29.76 -97.61
CA ILE F 145 44.82 -30.27 -98.93
C ILE F 145 46.32 -30.51 -98.99
N ALA F 146 46.72 -31.73 -99.29
CA ALA F 146 48.12 -32.11 -99.30
C ALA F 146 48.35 -33.05 -100.47
N ASN F 147 49.57 -33.56 -100.59
CA ASN F 147 49.87 -34.58 -101.58
C ASN F 147 49.53 -35.94 -101.02
N GLY F 148 48.90 -36.77 -101.84
CA GLY F 148 48.47 -38.08 -101.38
C GLY F 148 49.64 -39.01 -101.14
N GLN F 149 49.32 -40.13 -100.50
CA GLN F 149 50.35 -41.14 -100.26
C GLN F 149 50.79 -41.74 -101.59
N PRO F 150 52.09 -41.94 -101.79
CA PRO F 150 52.57 -42.53 -103.05
C PRO F 150 52.28 -44.03 -103.11
N VAL F 151 51.75 -44.48 -104.24
CA VAL F 151 51.52 -45.89 -104.51
C VAL F 151 52.23 -46.25 -105.80
N GLN F 152 52.87 -47.41 -105.81
CA GLN F 152 53.75 -47.80 -106.91
C GLN F 152 53.22 -49.02 -107.66
N HIS F 153 53.66 -49.13 -108.91
CA HIS F 153 53.40 -50.28 -109.75
C HIS F 153 54.61 -50.49 -110.65
N GLN F 154 54.82 -51.73 -111.06
CA GLN F 154 55.98 -52.10 -111.87
C GLN F 154 55.52 -52.76 -113.16
N ILE F 155 56.08 -52.31 -114.28
CA ILE F 155 55.88 -52.92 -115.59
C ILE F 155 57.26 -53.16 -116.17
N TYR F 156 57.67 -54.44 -116.22
CA TYR F 156 58.98 -54.79 -116.76
C TYR F 156 58.88 -54.87 -118.28
N PHE F 157 59.55 -53.97 -118.97
CA PHE F 157 59.51 -53.92 -120.43
C PHE F 157 60.64 -54.73 -121.04
N ARG F 174 63.48 -48.72 -127.61
CA ARG F 174 62.02 -48.79 -127.55
C ARG F 174 61.45 -47.71 -126.64
N VAL F 175 60.49 -46.95 -127.16
CA VAL F 175 59.75 -45.96 -126.38
C VAL F 175 58.27 -46.20 -126.57
N VAL F 176 57.54 -46.45 -125.49
CA VAL F 176 56.11 -46.69 -125.54
C VAL F 176 55.39 -45.56 -124.84
N ASP F 177 54.14 -45.35 -125.22
CA ASP F 177 53.31 -44.26 -124.69
C ASP F 177 52.09 -44.88 -124.02
N LEU F 178 52.15 -45.04 -122.71
CA LEU F 178 51.06 -45.64 -121.95
C LEU F 178 49.90 -44.66 -121.80
N GLU F 179 48.78 -45.20 -121.30
CA GLU F 179 47.65 -44.37 -120.91
C GLU F 179 46.86 -45.17 -119.87
N PHE F 180 47.07 -44.85 -118.59
CA PHE F 180 46.34 -45.52 -117.52
C PHE F 180 44.88 -45.08 -117.52
N TYR F 181 44.01 -45.97 -117.07
CA TYR F 181 42.59 -45.65 -116.94
C TYR F 181 42.05 -46.23 -115.64
N GLY F 182 40.84 -45.81 -115.30
CA GLY F 182 40.22 -46.20 -114.05
C GLY F 182 38.97 -45.40 -113.78
N PHE F 183 38.68 -45.20 -112.49
CA PHE F 183 37.50 -44.47 -112.07
C PHE F 183 37.80 -43.79 -110.74
N SER F 184 37.17 -42.64 -110.52
CA SER F 184 37.42 -41.87 -109.32
C SER F 184 36.55 -42.38 -108.17
N ALA F 185 36.55 -41.65 -107.06
CA ALA F 185 35.71 -42.04 -105.92
C ALA F 185 34.23 -41.81 -106.20
N ASN F 186 33.90 -40.99 -107.20
CA ASN F 186 32.53 -40.80 -107.64
C ASN F 186 32.20 -41.67 -108.84
N ASN F 187 33.06 -42.62 -109.17
CA ASN F 187 32.83 -43.61 -110.24
C ASN F 187 32.68 -42.94 -111.60
N VAL F 188 33.66 -42.10 -111.95
CA VAL F 188 33.68 -41.50 -113.28
C VAL F 188 34.98 -41.87 -113.97
N PRO F 189 34.96 -42.09 -115.28
CA PRO F 189 36.16 -42.59 -115.98
C PRO F 189 37.33 -41.62 -115.91
N PHE F 190 38.53 -42.18 -115.91
CA PHE F 190 39.77 -41.43 -115.72
C PHE F 190 40.82 -41.92 -116.70
N THR F 191 41.60 -40.99 -117.25
CA THR F 191 42.72 -41.30 -118.15
C THR F 191 43.91 -40.43 -117.81
N ARG F 192 45.11 -41.01 -117.93
CA ARG F 192 46.34 -40.30 -117.56
C ARG F 192 47.47 -40.80 -118.44
N LYS F 193 47.96 -39.95 -119.34
CA LYS F 193 48.98 -40.34 -120.29
C LYS F 193 50.37 -40.20 -119.69
N VAL F 194 51.21 -41.20 -119.88
CA VAL F 194 52.56 -41.25 -119.30
C VAL F 194 53.56 -41.39 -120.45
N THR F 195 53.28 -40.73 -121.57
CA THR F 195 54.10 -40.79 -122.77
C THR F 195 55.59 -40.61 -122.47
N GLY F 196 56.42 -41.26 -123.28
CA GLY F 196 57.86 -41.03 -123.30
C GLY F 196 58.71 -42.08 -122.62
N ILE F 197 58.12 -43.08 -121.98
CA ILE F 197 58.91 -44.08 -121.26
C ILE F 197 59.81 -44.85 -122.22
N VAL F 198 61.05 -45.09 -121.80
CA VAL F 198 62.12 -45.60 -122.65
C VAL F 198 62.44 -47.04 -122.22
N SER F 199 62.35 -47.96 -123.17
CA SER F 199 62.73 -49.36 -122.97
C SER F 199 62.05 -50.00 -121.76
N THR G 34 -113.81 13.06 110.36
CA THR G 34 -112.55 13.28 111.07
C THR G 34 -112.78 13.82 112.47
N VAL G 35 -111.81 13.59 113.35
CA VAL G 35 -111.88 14.05 114.73
C VAL G 35 -110.49 14.49 115.17
N TYR G 36 -110.46 15.52 116.00
CA TYR G 36 -109.23 16.03 116.60
C TYR G 36 -109.26 15.73 118.08
N ARG G 37 -108.30 14.96 118.56
CA ARG G 37 -108.19 14.66 119.98
C ARG G 37 -106.72 14.67 120.38
N ASP G 38 -106.42 15.26 121.54
CA ASP G 38 -105.07 15.35 122.07
C ASP G 38 -105.06 14.69 123.44
N PRO G 39 -104.74 13.41 123.53
CA PRO G 39 -104.83 12.69 124.81
C PRO G 39 -103.70 13.05 125.77
N SER G 40 -103.42 14.34 125.89
CA SER G 40 -102.49 14.86 126.88
C SER G 40 -102.97 16.19 127.46
N LEU G 41 -104.26 16.51 127.30
CA LEU G 41 -104.84 17.73 127.79
C LEU G 41 -106.08 17.41 128.61
N THR G 42 -106.53 18.39 129.38
CA THR G 42 -107.73 18.23 130.19
C THR G 42 -108.94 17.98 129.30
N SER G 43 -109.84 17.12 129.77
CA SER G 43 -111.08 16.82 129.07
C SER G 43 -112.27 17.57 129.66
N ALA G 44 -112.02 18.55 130.52
CA ALA G 44 -113.12 19.27 131.15
C ALA G 44 -113.89 20.07 130.11
N PRO G 45 -115.20 20.18 130.24
CA PRO G 45 -115.99 20.93 129.25
C PRO G 45 -115.74 22.42 129.35
N ILE G 46 -115.90 23.11 128.22
CA ILE G 46 -115.77 24.55 128.13
C ILE G 46 -117.05 25.12 127.54
N THR G 47 -117.13 26.45 127.53
CA THR G 47 -118.29 27.15 126.97
C THR G 47 -117.84 28.56 126.63
N ALA G 48 -117.80 28.90 125.35
CA ALA G 48 -117.28 30.19 124.93
C ALA G 48 -118.03 30.70 123.71
N ASN G 49 -117.70 31.92 123.32
CA ASN G 49 -118.35 32.61 122.21
C ASN G 49 -117.54 33.85 121.87
N VAL G 50 -117.50 34.19 120.59
CA VAL G 50 -116.77 35.38 120.15
C VAL G 50 -117.27 35.77 118.76
N GLY G 51 -117.42 37.07 118.56
CA GLY G 51 -117.63 37.64 117.23
C GLY G 51 -118.96 37.35 116.58
N LYS G 52 -119.27 38.13 115.53
CA LYS G 52 -120.44 37.92 114.69
C LYS G 52 -120.01 38.00 113.24
N TYR G 53 -120.73 37.29 112.38
CA TYR G 53 -120.40 37.29 110.97
C TYR G 53 -120.69 38.64 110.34
N VAL G 54 -119.90 39.00 109.34
CA VAL G 54 -120.00 40.33 108.74
C VAL G 54 -120.89 40.34 107.51
N GLY G 55 -120.74 39.39 106.61
CA GLY G 55 -121.40 39.44 105.33
C GLY G 55 -122.83 38.96 105.37
N PRO G 56 -123.52 39.05 104.24
CA PRO G 56 -124.86 38.48 104.16
C PRO G 56 -124.88 37.01 103.81
N LEU G 57 -123.78 36.47 103.30
CA LEU G 57 -123.73 35.05 102.93
C LEU G 57 -123.24 34.18 104.07
N SER G 58 -122.23 34.63 104.81
CA SER G 58 -121.79 33.87 105.98
C SER G 58 -122.85 33.83 107.04
N THR G 59 -123.68 34.87 107.13
CA THR G 59 -124.77 34.87 108.10
C THR G 59 -125.92 33.97 107.65
N PHE G 60 -126.25 34.01 106.36
CA PHE G 60 -127.33 33.16 105.87
C PHE G 60 -126.98 31.69 106.02
N LEU G 61 -125.82 31.29 105.53
CA LEU G 61 -125.26 30.01 105.90
C LEU G 61 -124.91 30.07 107.39
N ALA G 62 -124.61 28.91 107.97
CA ALA G 62 -124.26 28.83 109.39
C ALA G 62 -125.42 29.29 110.27
N SER G 63 -126.54 29.63 109.64
CA SER G 63 -127.80 29.89 110.32
C SER G 63 -128.88 28.92 109.90
N ILE G 64 -128.95 28.59 108.60
CA ILE G 64 -129.81 27.50 108.18
C ILE G 64 -129.26 26.18 108.66
N ALA G 65 -127.95 26.09 108.88
CA ALA G 65 -127.36 24.89 109.44
C ALA G 65 -127.54 24.82 110.95
N LYS G 66 -127.87 25.92 111.61
CA LYS G 66 -128.22 25.87 113.01
C LYS G 66 -129.69 25.51 113.22
N SER G 67 -130.50 25.55 112.17
CA SER G 67 -131.84 24.96 112.25
C SER G 67 -131.75 23.46 112.49
N ALA G 68 -130.84 22.80 111.80
CA ALA G 68 -130.40 21.48 112.20
C ALA G 68 -129.31 21.63 113.27
N GLY G 69 -128.78 20.51 113.75
CA GLY G 69 -127.72 20.65 114.74
C GLY G 69 -126.35 20.68 114.10
N TYR G 70 -125.83 21.87 113.82
CA TYR G 70 -124.54 22.00 113.18
C TYR G 70 -123.92 23.33 113.58
N GLU G 71 -122.60 23.41 113.48
CA GLU G 71 -121.81 24.50 114.03
C GLU G 71 -120.78 24.99 113.03
N VAL G 72 -121.25 25.36 111.84
CA VAL G 72 -120.44 25.75 110.69
C VAL G 72 -119.21 26.57 111.04
N VAL G 73 -118.07 26.21 110.44
CA VAL G 73 -116.81 26.91 110.60
C VAL G 73 -116.22 27.16 109.22
N PHE G 74 -115.86 28.40 108.93
CA PHE G 74 -115.37 28.78 107.60
C PHE G 74 -113.85 28.82 107.61
N ASN G 75 -113.26 28.22 106.57
CA ASN G 75 -111.81 28.24 106.43
C ASN G 75 -111.30 29.48 105.71
N PHE G 76 -112.18 30.34 105.21
CA PHE G 76 -111.75 31.51 104.46
C PHE G 76 -112.79 32.61 104.62
N ASN G 77 -112.50 33.77 104.05
CA ASN G 77 -113.40 34.92 104.12
C ASN G 77 -114.43 34.76 103.03
N ILE G 78 -115.53 34.08 103.35
CA ILE G 78 -116.55 33.80 102.36
C ILE G 78 -117.26 35.06 101.88
N ASP G 79 -117.19 36.13 102.66
CA ASP G 79 -117.83 37.38 102.30
C ASP G 79 -116.98 38.25 101.39
N ALA G 80 -115.79 37.78 101.02
CA ALA G 80 -114.93 38.48 100.07
C ALA G 80 -115.09 37.94 98.66
N LEU G 81 -116.12 37.15 98.41
CA LEU G 81 -116.42 36.73 97.05
C LEU G 81 -117.14 37.85 96.32
N ALA G 82 -117.63 37.54 95.12
CA ALA G 82 -118.39 38.49 94.33
C ALA G 82 -119.87 38.22 94.55
N LEU G 83 -120.53 39.09 95.32
CA LEU G 83 -121.90 38.86 95.74
C LEU G 83 -122.74 40.09 95.43
N ILE G 84 -123.92 39.88 94.84
CA ILE G 84 -124.83 40.95 94.45
C ILE G 84 -126.17 40.75 95.14
N ASN G 85 -126.76 41.84 95.59
CA ASN G 85 -127.98 41.78 96.39
C ASN G 85 -128.64 43.16 96.37
N GLY G 86 -129.90 43.19 96.79
CA GLY G 86 -130.57 44.47 96.91
C GLY G 86 -129.97 45.35 97.97
N GLU G 87 -129.60 44.77 99.11
CA GLU G 87 -129.02 45.53 100.21
C GLU G 87 -127.54 45.83 100.00
N ILE G 88 -126.84 44.99 99.22
CA ILE G 88 -125.41 45.18 99.03
C ILE G 88 -125.13 46.50 98.30
N VAL G 89 -125.92 46.82 97.29
CA VAL G 89 -125.65 48.00 96.49
C VAL G 89 -126.40 49.22 96.98
N PHE G 90 -127.55 49.06 97.62
CA PHE G 90 -128.42 50.16 97.97
C PHE G 90 -128.37 50.51 99.45
N GLY G 91 -127.42 49.97 100.19
CA GLY G 91 -127.42 50.22 101.62
C GLY G 91 -128.60 49.56 102.30
N ASN G 92 -128.99 50.12 103.44
CA ASN G 92 -130.09 49.58 104.22
C ASN G 92 -130.82 50.68 104.98
N THR G 98 -124.74 50.12 107.69
CA THR G 98 -123.31 50.00 107.46
C THR G 98 -122.95 50.44 106.04
N THR G 99 -121.75 50.07 105.59
CA THR G 99 -121.27 50.43 104.26
C THR G 99 -121.23 49.21 103.34
N SER G 100 -121.90 48.12 103.72
CA SER G 100 -122.14 46.99 102.84
C SER G 100 -120.82 46.36 102.35
N TYR G 101 -120.12 45.75 103.29
CA TYR G 101 -118.87 45.06 102.99
C TYR G 101 -119.17 43.81 102.15
N ALA G 102 -119.58 44.00 100.90
CA ALA G 102 -119.74 42.86 100.02
C ALA G 102 -119.12 43.08 98.65
N THR G 103 -119.25 44.30 98.10
CA THR G 103 -118.54 44.72 96.89
C THR G 103 -118.71 43.77 95.72
N PRO G 104 -119.83 43.85 94.98
CA PRO G 104 -120.08 42.93 93.86
C PRO G 104 -118.89 42.70 92.93
N LEU G 105 -117.91 43.59 92.97
CA LEU G 105 -116.64 43.39 92.28
C LEU G 105 -115.74 42.42 92.98
N GLY G 106 -116.20 41.81 94.06
CA GLY G 106 -115.33 40.95 94.84
C GLY G 106 -114.43 41.75 95.75
N ARG G 107 -113.50 41.03 96.37
CA ARG G 107 -112.53 41.66 97.25
C ARG G 107 -111.37 40.69 97.46
N PRO G 108 -110.63 40.35 96.41
CA PRO G 108 -109.72 39.20 96.48
C PRO G 108 -108.51 39.40 97.37
N GLN G 109 -108.16 40.62 97.75
CA GLN G 109 -107.04 40.82 98.65
C GLN G 109 -107.39 40.45 100.09
N GLU G 110 -108.67 40.43 100.44
CA GLU G 110 -109.13 40.08 101.77
C GLU G 110 -109.81 38.72 101.78
N LEU G 111 -109.55 37.89 100.79
CA LEU G 111 -110.18 36.59 100.65
C LEU G 111 -109.58 35.55 101.59
N PRO G 112 -108.25 35.48 101.76
CA PRO G 112 -107.68 34.44 102.64
C PRO G 112 -107.76 34.76 104.12
N ALA G 113 -108.57 35.72 104.51
CA ALA G 113 -108.75 36.02 105.92
C ALA G 113 -109.41 34.85 106.64
N LYS G 114 -109.50 34.94 107.96
CA LYS G 114 -110.08 33.88 108.78
C LYS G 114 -111.15 34.48 109.68
N PRO G 115 -112.41 34.05 109.57
CA PRO G 115 -113.45 34.61 110.43
C PRO G 115 -113.31 34.11 111.86
N VAL G 116 -113.09 35.04 112.78
CA VAL G 116 -113.05 34.69 114.22
C VAL G 116 -114.48 34.79 114.72
N VAL G 117 -115.24 33.73 114.47
CA VAL G 117 -116.58 33.56 115.01
C VAL G 117 -116.71 32.12 115.44
N HIS G 118 -116.89 31.88 116.74
CA HIS G 118 -116.95 30.53 117.27
C HIS G 118 -118.02 30.45 118.33
N ASN G 119 -118.52 29.23 118.55
CA ASN G 119 -119.52 28.98 119.57
C ASN G 119 -119.33 27.58 120.09
N PHE G 120 -119.14 27.46 121.40
CA PHE G 120 -118.91 26.16 122.05
C PHE G 120 -119.83 26.02 123.24
N SER G 121 -120.39 24.83 123.40
CA SER G 121 -121.31 24.55 124.51
C SER G 121 -120.99 23.15 125.04
N ASN G 122 -120.39 23.11 126.23
CA ASN G 122 -120.04 21.85 126.90
C ASN G 122 -119.14 20.99 126.03
N ALA G 123 -118.32 21.61 125.20
CA ALA G 123 -117.38 20.85 124.41
C ALA G 123 -116.13 20.54 125.23
N PRO G 124 -115.57 19.35 125.08
CA PRO G 124 -114.35 19.01 125.82
C PRO G 124 -113.16 19.81 125.33
N PHE G 125 -112.47 20.48 126.27
CA PHE G 125 -111.26 21.18 125.91
C PHE G 125 -110.21 20.25 125.33
N ASN G 126 -110.30 18.96 125.62
CA ASN G 126 -109.38 17.97 125.06
C ASN G 126 -109.45 17.98 123.54
N GLU G 127 -110.66 18.10 122.98
CA GLU G 127 -110.85 17.97 121.55
C GLU G 127 -111.34 19.24 120.88
N ALA G 128 -111.66 20.29 121.64
CA ALA G 128 -111.98 21.58 121.04
C ALA G 128 -110.74 22.43 120.80
N TRP G 129 -109.74 22.31 121.66
CA TRP G 129 -108.49 23.04 121.44
C TRP G 129 -107.78 22.61 120.17
N PRO G 130 -107.55 21.32 119.89
CA PRO G 130 -106.84 20.96 118.66
C PRO G 130 -107.55 21.40 117.39
N LEU G 131 -108.87 21.56 117.42
CA LEU G 131 -109.57 22.07 116.25
C LEU G 131 -109.17 23.51 115.98
N LEU G 132 -109.15 24.35 117.02
CA LEU G 132 -108.80 25.75 116.82
C LEU G 132 -107.36 25.93 116.36
N MET G 133 -106.47 25.06 116.81
CA MET G 133 -105.08 25.15 116.35
C MET G 133 -104.92 24.68 114.91
N ASP G 134 -105.95 24.07 114.33
CA ASP G 134 -105.93 23.71 112.91
C ASP G 134 -106.65 24.71 112.03
N VAL G 135 -107.64 25.43 112.56
CA VAL G 135 -108.27 26.49 111.79
C VAL G 135 -107.29 27.63 111.53
N TYR G 136 -106.54 28.01 112.57
CA TYR G 136 -105.60 29.12 112.46
C TYR G 136 -104.18 28.68 112.20
N GLU G 137 -103.95 27.38 112.02
CA GLU G 137 -102.63 26.84 111.67
C GLU G 137 -101.57 27.25 112.70
N LEU G 138 -101.83 26.89 113.95
CA LEU G 138 -100.89 27.14 115.04
C LEU G 138 -100.35 25.82 115.56
N ASP G 139 -99.32 25.93 116.39
CA ASP G 139 -98.63 24.76 116.94
C ASP G 139 -98.28 25.07 118.38
N TYR G 140 -98.61 24.16 119.29
CA TYR G 140 -98.47 24.40 120.71
C TYR G 140 -97.62 23.32 121.36
N GLN G 141 -97.18 23.62 122.58
CA GLN G 141 -96.45 22.67 123.41
C GLN G 141 -96.63 23.07 124.87
N LEU G 142 -96.45 22.10 125.75
CA LEU G 142 -96.71 22.28 127.18
C LEU G 142 -95.42 22.51 127.94
N VAL G 143 -95.48 23.44 128.90
CA VAL G 143 -94.36 23.76 129.78
C VAL G 143 -94.89 23.75 131.20
N LYS G 144 -94.05 23.34 132.15
CA LYS G 144 -94.43 23.30 133.56
C LYS G 144 -93.67 24.39 134.30
N VAL G 145 -94.39 25.21 135.07
CA VAL G 145 -93.80 26.27 135.86
C VAL G 145 -94.09 25.92 137.31
N GLY G 146 -94.12 24.62 137.61
CA GLY G 146 -94.41 24.16 138.95
C GLY G 146 -95.71 23.38 139.02
N SER G 147 -96.67 23.92 139.75
CA SER G 147 -97.99 23.31 139.84
C SER G 147 -98.94 23.79 138.75
N ALA G 148 -98.47 24.63 137.84
CA ALA G 148 -99.28 25.18 136.76
C ALA G 148 -98.70 24.77 135.41
N ASN G 149 -99.56 24.29 134.53
CA ASN G 149 -99.16 23.94 133.17
C ASN G 149 -99.45 25.12 132.25
N VAL G 150 -98.48 25.46 131.40
CA VAL G 150 -98.57 26.61 130.52
C VAL G 150 -98.36 26.16 129.09
N ILE G 151 -99.20 26.66 128.19
CA ILE G 151 -99.17 26.31 126.78
C ILE G 151 -98.44 27.40 126.02
N ARG G 152 -97.48 27.00 125.19
CA ARG G 152 -96.67 27.95 124.41
C ARG G 152 -97.09 27.84 122.95
N ILE G 153 -98.08 28.64 122.57
CA ILE G 153 -98.55 28.61 121.19
C ILE G 153 -97.52 29.26 120.28
N GLY G 154 -97.22 28.59 119.17
CA GLY G 154 -96.31 29.12 118.19
C GLY G 154 -96.99 29.25 116.84
N GLN G 155 -96.30 28.86 115.78
CA GLN G 155 -96.84 28.91 114.44
C GLN G 155 -96.43 27.64 113.72
N ARG G 156 -97.33 27.07 112.94
CA ARG G 156 -97.07 25.77 112.34
C ARG G 156 -96.14 25.90 111.15
N PRO G 157 -95.13 25.04 111.01
CA PRO G 157 -94.30 25.04 109.82
C PRO G 157 -95.10 24.54 108.62
N LYS G 158 -95.25 25.40 107.62
CA LYS G 158 -96.12 25.12 106.48
C LYS G 158 -95.33 24.44 105.39
N GLN G 159 -95.12 23.13 105.57
CA GLN G 159 -94.43 22.32 104.58
C GLN G 159 -95.17 21.00 104.43
N LEU G 160 -95.00 20.38 103.27
CA LEU G 160 -95.72 19.16 102.96
C LEU G 160 -94.94 18.39 101.91
N ALA G 161 -94.89 17.07 102.06
CA ALA G 161 -94.21 16.20 101.11
C ALA G 161 -95.26 15.44 100.30
N LEU G 162 -95.13 15.49 98.99
CA LEU G 162 -96.10 14.85 98.10
C LEU G 162 -95.44 13.73 97.31
N PRO G 163 -95.62 12.48 97.68
CA PRO G 163 -95.04 11.39 96.90
C PRO G 163 -95.65 11.31 95.51
N LEU G 164 -94.81 11.03 94.52
CA LEU G 164 -95.23 10.86 93.14
C LEU G 164 -95.11 9.40 92.75
N LYS G 165 -96.14 8.87 92.10
CA LYS G 165 -96.20 7.47 91.75
C LYS G 165 -95.99 7.17 90.27
N PHE G 166 -96.32 8.11 89.38
CA PHE G 166 -96.26 7.80 87.95
C PHE G 166 -95.64 8.89 87.09
N ILE G 167 -95.28 10.04 87.65
CA ILE G 167 -94.71 11.12 86.85
C ILE G 167 -93.45 11.63 87.54
N SER G 168 -92.47 12.00 86.73
CA SER G 168 -91.23 12.57 87.25
C SER G 168 -91.50 13.94 87.86
N ALA G 169 -90.89 14.20 89.01
CA ALA G 169 -91.08 15.47 89.68
C ALA G 169 -90.18 16.55 89.09
N GLU G 170 -90.22 16.69 87.77
CA GLU G 170 -89.53 17.78 87.09
C GLU G 170 -90.49 18.37 86.07
N SER G 171 -91.40 17.54 85.58
CA SER G 171 -92.51 18.00 84.76
C SER G 171 -93.77 18.23 85.57
N ALA G 172 -93.90 17.56 86.73
CA ALA G 172 -95.00 17.86 87.62
C ALA G 172 -94.89 19.28 88.18
N LEU G 173 -93.67 19.75 88.43
CA LEU G 173 -93.49 21.14 88.80
C LEU G 173 -93.90 22.07 87.66
N THR G 174 -93.52 21.72 86.43
CA THR G 174 -93.88 22.55 85.28
C THR G 174 -95.40 22.63 85.11
N ALA G 175 -96.10 21.51 85.30
CA ALA G 175 -97.54 21.52 85.22
C ALA G 175 -98.20 22.22 86.40
N ILE G 176 -97.45 22.46 87.48
CA ILE G 176 -97.98 23.22 88.61
C ILE G 176 -97.70 24.71 88.45
N GLU G 177 -96.57 25.05 87.85
CA GLU G 177 -96.20 26.46 87.72
C GLU G 177 -97.10 27.22 86.77
N LYS G 178 -97.86 26.54 85.92
CA LYS G 178 -98.76 27.25 85.02
C LYS G 178 -100.22 27.04 85.38
N PHE G 179 -100.52 25.95 86.09
CA PHE G 179 -101.81 25.83 86.74
C PHE G 179 -102.03 26.98 87.73
N PHE G 180 -101.07 27.20 88.63
CA PHE G 180 -101.21 28.18 89.69
C PHE G 180 -100.40 29.43 89.42
N GLY G 181 -99.92 29.63 88.21
CA GLY G 181 -99.15 30.80 87.89
C GLY G 181 -100.00 32.04 87.82
N GLU G 182 -99.33 33.19 87.77
CA GLU G 182 -100.01 34.46 87.69
C GLU G 182 -99.26 35.44 86.80
N ARG G 202 -95.59 32.58 89.45
CA ARG G 202 -95.83 31.99 90.78
C ARG G 202 -95.95 33.03 91.86
N PRO G 203 -97.03 32.96 92.63
CA PRO G 203 -97.16 33.85 93.78
C PRO G 203 -96.08 33.54 94.82
N THR G 204 -95.68 34.57 95.56
CA THR G 204 -94.68 34.37 96.59
C THR G 204 -95.20 33.58 97.78
N GLY G 205 -96.51 33.33 97.85
CA GLY G 205 -97.04 32.52 98.90
C GLY G 205 -96.93 31.02 98.68
N LYS G 206 -96.38 30.61 97.54
CA LYS G 206 -96.25 29.20 97.19
C LYS G 206 -94.84 28.89 96.73
N PHE G 207 -94.33 27.74 97.15
CA PHE G 207 -93.04 27.23 96.72
C PHE G 207 -93.17 25.76 96.37
N GLY G 208 -92.42 25.32 95.36
CA GLY G 208 -92.39 23.92 95.01
C GLY G 208 -90.99 23.41 94.82
N LEU G 209 -90.57 22.45 95.65
CA LEU G 209 -89.23 21.91 95.59
C LEU G 209 -89.24 20.54 94.92
N PRO G 210 -88.71 20.40 93.72
CA PRO G 210 -88.55 19.06 93.15
C PRO G 210 -87.55 18.24 93.94
N ASN G 211 -87.74 16.93 93.93
CA ASN G 211 -86.79 16.03 94.57
C ASN G 211 -86.49 14.78 93.77
N SER G 212 -87.05 14.64 92.56
CA SER G 212 -86.87 13.49 91.68
C SER G 212 -87.52 12.24 92.26
N ILE G 213 -88.08 12.35 93.46
CA ILE G 213 -88.87 11.28 94.07
C ILE G 213 -90.22 11.88 94.45
N LYS G 214 -90.24 13.18 94.70
CA LYS G 214 -91.43 13.86 95.19
C LYS G 214 -91.27 15.36 95.01
N VAL G 215 -92.26 16.11 95.49
CA VAL G 215 -92.23 17.55 95.53
C VAL G 215 -92.55 17.98 96.96
N ILE G 216 -92.15 19.20 97.29
CA ILE G 216 -92.34 19.73 98.65
C ILE G 216 -93.05 21.08 98.58
N PRO G 217 -94.37 21.11 98.44
CA PRO G 217 -95.07 22.40 98.37
C PRO G 217 -95.02 23.17 99.68
N ASP G 218 -95.08 24.48 99.57
CA ASP G 218 -95.03 25.41 100.69
C ASP G 218 -96.19 26.39 100.53
N SER G 219 -97.23 26.25 101.33
CA SER G 219 -98.35 27.18 101.22
C SER G 219 -99.24 27.05 102.43
N SER G 220 -100.17 27.99 102.55
CA SER G 220 -101.16 27.95 103.62
C SER G 220 -102.01 26.69 103.51
N ASN G 221 -102.81 26.46 104.54
CA ASN G 221 -103.60 25.24 104.59
C ASN G 221 -104.58 25.16 103.42
N LYS G 222 -105.24 26.27 103.10
CA LYS G 222 -106.22 26.26 102.02
C LYS G 222 -105.56 25.99 100.67
N ARG G 223 -104.41 26.58 100.42
CA ARG G 223 -103.72 26.40 99.16
C ARG G 223 -102.97 25.08 99.09
N LEU G 224 -102.94 24.31 100.19
CA LEU G 224 -102.41 22.96 100.18
C LEU G 224 -103.49 21.90 100.03
N ILE G 225 -104.75 22.30 99.88
CA ILE G 225 -105.84 21.38 99.59
C ILE G 225 -106.33 21.54 98.16
N ILE G 226 -106.87 22.71 97.84
CA ILE G 226 -107.23 23.01 96.46
C ILE G 226 -106.00 23.19 95.60
N GLY G 227 -104.84 23.31 96.21
CA GLY G 227 -103.63 23.48 95.45
C GLY G 227 -103.07 22.15 95.04
N SER G 228 -101.82 21.90 95.41
CA SER G 228 -101.11 20.75 94.88
C SER G 228 -101.81 19.45 95.24
N ASN G 229 -102.37 19.35 96.43
CA ASN G 229 -102.90 18.08 96.91
C ASN G 229 -104.07 17.56 96.07
N SER G 230 -104.71 18.40 95.26
CA SER G 230 -105.81 17.95 94.43
C SER G 230 -105.56 18.05 92.94
N GLU G 231 -104.52 18.78 92.51
CA GLU G 231 -104.09 18.65 91.12
C GLU G 231 -103.03 17.58 90.97
N ASP G 232 -102.09 17.50 91.90
CA ASP G 232 -101.13 16.41 91.87
C ASP G 232 -101.83 15.06 92.05
N GLY G 233 -103.03 15.05 92.62
CA GLY G 233 -103.82 13.84 92.69
C GLY G 233 -104.61 13.51 91.46
N ILE G 234 -104.72 14.43 90.51
CA ILE G 234 -105.45 14.18 89.26
C ILE G 234 -104.50 13.96 88.10
N ARG G 235 -103.20 14.16 88.29
CA ARG G 235 -102.22 13.91 87.24
C ARG G 235 -101.26 12.77 87.57
N ILE G 236 -101.41 12.13 88.72
CA ILE G 236 -100.72 10.87 88.99
C ILE G 236 -101.64 9.77 88.47
N ARG G 237 -101.37 9.29 87.26
CA ARG G 237 -102.24 8.28 86.67
C ARG G 237 -101.49 7.53 85.60
N SER G 238 -102.06 6.40 85.18
CA SER G 238 -101.42 5.53 84.21
C SER G 238 -101.21 6.22 82.87
N PHE G 239 -99.96 6.49 82.55
CA PHE G 239 -99.61 7.03 81.24
C PHE G 239 -99.87 5.99 80.16
N VAL G 240 -100.33 6.45 79.00
CA VAL G 240 -100.56 5.57 77.86
C VAL G 240 -99.49 5.83 76.82
N GLU G 241 -99.18 4.79 76.05
CA GLU G 241 -98.11 4.87 75.06
C GLU G 241 -98.63 4.58 73.65
N ILE G 257 -85.02 6.34 63.99
CA ILE G 257 -84.62 6.36 62.59
C ILE G 257 -84.74 4.96 62.01
N SER G 258 -85.07 4.88 60.73
CA SER G 258 -85.21 3.61 60.02
C SER G 258 -84.05 3.47 59.04
N GLU G 259 -83.31 2.37 59.15
CA GLU G 259 -82.25 2.05 58.22
C GLU G 259 -82.49 0.65 57.65
N ILE G 260 -81.77 0.34 56.58
CA ILE G 260 -81.93 -0.93 55.88
C ILE G 260 -80.65 -1.72 56.05
N TYR G 261 -80.78 -2.93 56.57
CA TYR G 261 -79.67 -3.87 56.70
C TYR G 261 -79.99 -5.07 55.82
N ILE G 262 -79.36 -5.12 54.64
CA ILE G 262 -79.51 -6.29 53.79
C ILE G 262 -78.92 -7.50 54.50
N VAL G 263 -79.68 -8.58 54.55
CA VAL G 263 -79.23 -9.76 55.28
C VAL G 263 -78.07 -10.39 54.51
N ARG G 264 -76.93 -10.51 55.19
CA ARG G 264 -75.74 -11.07 54.54
C ARG G 264 -75.74 -12.58 54.63
N GLY G 265 -75.79 -13.12 55.83
CA GLY G 265 -75.79 -14.56 56.02
C GLY G 265 -77.20 -15.12 56.11
N GLN G 266 -77.41 -16.02 57.06
CA GLN G 266 -78.72 -16.65 57.24
C GLN G 266 -79.75 -15.63 57.71
N LYS G 267 -81.02 -15.98 57.53
CA LYS G 267 -82.10 -15.06 57.84
C LYS G 267 -82.41 -15.02 59.33
N GLU G 268 -82.83 -16.14 59.90
CA GLU G 268 -83.25 -16.16 61.29
C GLU G 268 -82.14 -15.72 62.24
N SER G 269 -80.88 -15.88 61.83
CA SER G 269 -79.78 -15.40 62.65
C SER G 269 -79.91 -13.90 62.91
N VAL G 270 -80.09 -13.13 61.84
CA VAL G 270 -80.34 -11.69 61.99
C VAL G 270 -81.71 -11.43 62.58
N LEU G 271 -82.60 -12.41 62.58
CA LEU G 271 -83.92 -12.25 63.18
C LEU G 271 -83.89 -12.59 64.67
N GLN G 272 -83.57 -13.85 64.99
CA GLN G 272 -83.68 -14.31 66.37
C GLN G 272 -82.76 -13.53 67.29
N PHE G 273 -81.55 -13.26 66.85
CA PHE G 273 -80.61 -12.51 67.67
C PHE G 273 -81.11 -11.10 67.93
N LEU G 274 -81.64 -10.44 66.90
CA LEU G 274 -81.85 -9.01 66.98
C LEU G 274 -82.94 -8.65 67.98
N ARG G 275 -83.94 -9.49 68.13
CA ARG G 275 -84.98 -9.23 69.14
C ARG G 275 -84.45 -9.41 70.55
N ASP G 276 -83.54 -10.35 70.76
CA ASP G 276 -83.03 -10.62 72.11
C ASP G 276 -82.23 -9.45 72.64
N SER G 277 -81.14 -9.10 71.95
CA SER G 277 -80.30 -8.01 72.41
C SER G 277 -80.95 -6.65 72.22
N PHE G 278 -81.94 -6.53 71.35
CA PHE G 278 -82.60 -5.26 71.10
C PHE G 278 -84.11 -5.43 70.99
N PRO G 279 -84.79 -5.66 72.11
CA PRO G 279 -86.26 -5.58 72.08
C PRO G 279 -86.74 -4.16 71.87
N GLU G 280 -85.92 -3.16 72.15
CA GLU G 280 -86.27 -1.78 71.88
C GLU G 280 -85.98 -1.44 70.43
N LEU G 281 -86.42 -2.30 69.52
CA LEU G 281 -86.26 -2.11 68.08
C LEU G 281 -87.32 -2.93 67.38
N ILE G 282 -87.65 -2.50 66.17
CA ILE G 282 -88.58 -3.23 65.31
C ILE G 282 -87.93 -3.41 63.95
N VAL G 283 -88.06 -4.61 63.40
CA VAL G 283 -87.53 -4.95 62.08
C VAL G 283 -88.70 -5.14 61.15
N THR G 284 -88.81 -4.27 60.15
CA THR G 284 -89.84 -4.38 59.14
C THR G 284 -89.28 -5.16 57.97
N ASP G 285 -89.85 -6.33 57.72
CA ASP G 285 -89.29 -7.28 56.75
C ASP G 285 -89.91 -7.02 55.39
N TYR G 286 -89.06 -6.84 54.39
CA TYR G 286 -89.46 -6.72 53.00
C TYR G 286 -89.00 -7.98 52.29
N ALA G 287 -89.97 -8.82 51.91
CA ALA G 287 -89.65 -10.14 51.39
C ALA G 287 -88.58 -10.06 50.31
N SER G 288 -87.43 -10.64 50.60
CA SER G 288 -86.21 -10.60 49.80
C SER G 288 -85.60 -9.20 49.72
N GLY G 289 -86.22 -8.19 50.34
CA GLY G 289 -85.63 -6.88 50.38
C GLY G 289 -84.71 -6.61 51.54
N GLY G 290 -84.61 -7.57 52.46
CA GLY G 290 -83.78 -7.37 53.64
C GLY G 290 -84.58 -6.99 54.86
N LEU G 291 -84.14 -5.95 55.56
CA LEU G 291 -84.78 -5.49 56.78
C LEU G 291 -84.83 -3.98 56.76
N ALA G 292 -85.58 -3.41 57.70
CA ALA G 292 -85.80 -1.97 57.78
C ALA G 292 -85.74 -1.49 59.22
N ILE G 293 -84.68 -1.90 59.93
CA ILE G 293 -84.53 -1.65 61.37
C ILE G 293 -84.87 -0.21 61.72
N GLU G 294 -85.78 -0.02 62.68
CA GLU G 294 -86.15 1.31 63.14
C GLU G 294 -86.40 1.28 64.63
N GLY G 295 -86.28 2.44 65.25
CA GLY G 295 -86.51 2.58 66.67
C GLY G 295 -85.77 3.77 67.23
N PRO G 296 -85.22 3.62 68.44
CA PRO G 296 -84.39 4.68 69.01
C PRO G 296 -83.24 5.02 68.07
N ARG G 297 -83.00 6.33 67.92
CA ARG G 297 -82.04 6.82 66.94
C ARG G 297 -80.60 6.50 67.29
N THR G 298 -80.32 6.00 68.48
CA THR G 298 -78.98 5.61 68.88
C THR G 298 -78.82 4.11 69.02
N SER G 299 -79.81 3.41 69.57
CA SER G 299 -79.72 1.97 69.70
C SER G 299 -79.58 1.30 68.34
N VAL G 300 -80.09 1.95 67.28
CA VAL G 300 -79.93 1.41 65.94
C VAL G 300 -78.46 1.35 65.55
N ASN G 301 -77.75 2.48 65.74
CA ASN G 301 -76.34 2.52 65.37
C ASN G 301 -75.55 1.47 66.11
N ARG G 302 -75.86 1.28 67.39
CA ARG G 302 -75.20 0.26 68.19
C ARG G 302 -75.61 -1.14 67.75
N ALA G 303 -76.85 -1.30 67.29
CA ALA G 303 -77.29 -2.60 66.80
C ALA G 303 -76.59 -2.96 65.50
N ILE G 304 -76.42 -1.99 64.62
CA ILE G 304 -75.84 -2.26 63.30
C ILE G 304 -74.38 -2.68 63.44
N ILE G 305 -73.60 -1.93 64.21
CA ILE G 305 -72.17 -2.26 64.37
C ILE G 305 -72.01 -3.65 64.96
N LEU G 306 -72.78 -3.94 66.00
CA LEU G 306 -72.82 -5.30 66.53
C LEU G 306 -73.24 -6.32 65.48
N LEU G 307 -74.28 -6.00 64.71
CA LEU G 307 -74.89 -6.97 63.83
C LEU G 307 -73.97 -7.37 62.68
N GLY G 308 -73.03 -6.51 62.29
CA GLY G 308 -72.02 -6.94 61.33
C GLY G 308 -71.22 -8.13 61.83
N GLN G 309 -70.87 -8.12 63.12
CA GLN G 309 -70.08 -9.21 63.67
C GLN G 309 -70.87 -10.51 63.73
N VAL G 310 -72.08 -10.46 64.29
CA VAL G 310 -72.82 -11.69 64.55
C VAL G 310 -73.31 -12.32 63.25
N ASP G 311 -73.44 -11.52 62.20
CA ASP G 311 -73.96 -11.99 60.93
C ASP G 311 -72.85 -11.94 59.88
N ARG G 312 -72.40 -13.12 59.45
CA ARG G 312 -71.37 -13.23 58.43
C ARG G 312 -71.79 -14.24 57.38
N ALA G 313 -71.36 -14.00 56.15
CA ALA G 313 -71.66 -14.87 55.04
C ALA G 313 -70.83 -16.15 55.14
N PRO G 314 -71.35 -17.27 54.64
CA PRO G 314 -70.57 -18.51 54.66
C PRO G 314 -69.29 -18.34 53.85
N GLU G 315 -68.23 -18.98 54.33
CA GLU G 315 -66.93 -18.83 53.68
C GLU G 315 -66.73 -19.89 52.61
N ILE G 316 -65.81 -19.59 51.70
CA ILE G 316 -65.56 -20.39 50.51
C ILE G 316 -64.24 -21.14 50.71
N PRO G 317 -64.25 -22.47 50.80
CA PRO G 317 -63.02 -23.20 51.06
C PRO G 317 -62.11 -23.30 49.84
N ILE G 318 -61.27 -22.29 49.63
CA ILE G 318 -60.29 -22.25 48.56
C ILE G 318 -59.49 -23.55 48.48
N VAL G 319 -59.48 -24.17 47.30
CA VAL G 319 -58.80 -25.44 47.09
C VAL G 319 -57.60 -25.20 46.17
N GLN G 320 -56.61 -26.08 46.27
CA GLN G 320 -55.36 -25.96 45.56
C GLN G 320 -55.15 -27.15 44.66
N ARG G 321 -54.76 -26.90 43.42
CA ARG G 321 -54.35 -27.96 42.51
C ARG G 321 -53.16 -27.48 41.68
N ILE G 322 -52.39 -28.45 41.22
CA ILE G 322 -51.16 -28.21 40.47
C ILE G 322 -51.40 -28.64 39.03
N TYR G 323 -51.16 -27.73 38.10
CA TYR G 323 -51.37 -28.01 36.69
C TYR G 323 -50.04 -28.06 35.98
N THR G 324 -49.86 -29.07 35.14
CA THR G 324 -48.61 -29.29 34.40
C THR G 324 -48.86 -28.89 32.96
N VAL G 325 -48.53 -27.64 32.64
CA VAL G 325 -48.93 -27.08 31.35
C VAL G 325 -48.23 -27.78 30.21
N ARG G 326 -49.00 -28.10 29.16
CA ARG G 326 -48.49 -28.66 27.92
C ARG G 326 -48.61 -27.58 26.86
N GLY G 327 -47.49 -27.19 26.27
CA GLY G 327 -47.51 -26.05 25.39
C GLY G 327 -46.80 -24.91 26.07
N GLN G 328 -47.06 -23.69 25.65
CA GLN G 328 -46.46 -22.56 26.33
C GLN G 328 -47.11 -22.40 27.69
N ALA G 329 -46.40 -21.74 28.60
CA ALA G 329 -46.96 -21.43 29.90
C ALA G 329 -47.22 -19.94 30.09
N ALA G 330 -46.65 -19.10 29.24
CA ALA G 330 -46.98 -17.68 29.30
C ALA G 330 -48.35 -17.41 28.70
N ASP G 331 -48.72 -18.16 27.66
CA ASP G 331 -50.01 -17.94 27.03
C ASP G 331 -51.14 -18.51 27.86
N ILE G 332 -50.89 -19.62 28.56
CA ILE G 332 -51.94 -20.23 29.36
C ILE G 332 -52.04 -19.55 30.71
N THR G 333 -51.03 -18.77 31.10
CA THR G 333 -51.21 -17.89 32.24
C THR G 333 -52.07 -16.70 31.88
N ALA G 334 -51.83 -16.11 30.71
CA ALA G 334 -52.64 -14.98 30.29
C ALA G 334 -54.08 -15.39 30.02
N LEU G 335 -54.28 -16.61 29.52
CA LEU G 335 -55.64 -17.10 29.34
C LEU G 335 -56.39 -17.16 30.67
N LEU G 336 -55.78 -17.81 31.66
CA LEU G 336 -56.44 -17.95 32.95
C LEU G 336 -56.49 -16.64 33.72
N ALA G 337 -55.87 -15.58 33.22
CA ALA G 337 -55.97 -14.27 33.84
C ALA G 337 -56.96 -13.36 33.14
N ALA G 338 -57.55 -13.80 32.03
CA ALA G 338 -58.66 -13.10 31.39
C ALA G 338 -59.97 -13.84 31.62
N GLN G 339 -60.03 -15.10 31.21
CA GLN G 339 -61.05 -15.98 31.73
C GLN G 339 -60.75 -16.27 33.19
N TYR G 340 -61.78 -16.30 34.02
CA TYR G 340 -61.61 -16.60 35.43
C TYR G 340 -60.62 -15.64 36.06
N PRO G 341 -60.95 -14.35 36.18
CA PRO G 341 -59.94 -13.38 36.62
C PRO G 341 -59.59 -13.48 38.09
N THR G 342 -60.21 -14.38 38.85
CA THR G 342 -59.85 -14.60 40.25
C THR G 342 -59.59 -16.08 40.45
N LEU G 343 -58.37 -16.51 40.14
CA LEU G 343 -57.96 -17.89 40.37
C LEU G 343 -56.62 -18.02 41.07
N ARG G 344 -55.81 -16.97 41.09
CA ARG G 344 -54.51 -17.01 41.76
C ARG G 344 -53.63 -18.11 41.18
N VAL G 345 -53.26 -17.90 39.92
CA VAL G 345 -52.37 -18.80 39.20
C VAL G 345 -50.95 -18.37 39.50
N THR G 346 -50.18 -19.26 40.11
CA THR G 346 -48.80 -18.98 40.51
C THR G 346 -47.86 -19.96 39.86
N PRO G 347 -46.82 -19.51 39.18
CA PRO G 347 -45.92 -20.43 38.49
C PRO G 347 -44.79 -20.89 39.39
N VAL G 348 -44.41 -22.16 39.19
CA VAL G 348 -43.22 -22.71 39.87
C VAL G 348 -42.05 -22.43 38.95
N GLY G 349 -41.55 -21.20 39.02
CA GLY G 349 -40.48 -20.80 38.13
C GLY G 349 -40.85 -21.03 36.68
N GLN G 350 -39.83 -21.27 35.86
CA GLN G 350 -40.02 -21.70 34.48
C GLN G 350 -39.79 -23.21 34.43
N THR G 351 -40.76 -23.96 34.95
CA THR G 351 -40.67 -25.42 34.94
C THR G 351 -41.90 -26.06 34.33
N GLY G 352 -42.73 -25.29 33.64
CA GLY G 352 -43.91 -25.85 33.04
C GLY G 352 -44.93 -26.35 34.03
N GLN G 353 -44.83 -25.94 35.28
CA GLN G 353 -45.82 -26.25 36.29
C GLN G 353 -46.50 -24.97 36.72
N LEU G 354 -47.63 -25.11 37.37
CA LEU G 354 -48.52 -23.97 37.55
C LEU G 354 -49.40 -24.29 38.74
N VAL G 355 -49.16 -23.63 39.86
CA VAL G 355 -49.92 -23.85 41.07
C VAL G 355 -51.05 -22.84 41.09
N LEU G 356 -52.26 -23.33 40.86
CA LEU G 356 -53.44 -22.49 40.73
C LEU G 356 -54.43 -22.87 41.82
N ASN G 357 -55.07 -21.86 42.39
CA ASN G 357 -55.58 -21.95 43.76
C ASN G 357 -56.86 -21.13 43.88
N GLY G 358 -58.01 -21.77 43.79
CA GLY G 358 -59.27 -21.05 43.87
C GLY G 358 -60.40 -21.97 44.30
N ALA G 359 -61.60 -21.41 44.35
CA ALA G 359 -62.78 -22.17 44.77
C ALA G 359 -62.96 -23.39 43.88
N GLN G 360 -63.70 -24.38 44.36
CA GLN G 360 -63.78 -25.61 43.59
C GLN G 360 -64.66 -25.48 42.35
N ALA G 361 -65.65 -24.58 42.36
CA ALA G 361 -66.42 -24.35 41.14
C ALA G 361 -65.53 -23.80 40.03
N GLN G 362 -64.78 -22.74 40.32
CA GLN G 362 -63.82 -22.23 39.36
C GLN G 362 -62.82 -23.29 38.98
N LEU G 363 -62.52 -24.20 39.90
CA LEU G 363 -61.43 -25.11 39.66
C LEU G 363 -61.83 -26.20 38.67
N ASP G 364 -63.04 -26.74 38.82
CA ASP G 364 -63.50 -27.76 37.90
C ASP G 364 -64.03 -27.19 36.61
N THR G 365 -64.11 -25.87 36.49
CA THR G 365 -64.43 -25.22 35.24
C THR G 365 -63.16 -24.90 34.47
N ALA G 366 -62.14 -24.37 35.14
CA ALA G 366 -60.89 -24.08 34.46
C ALA G 366 -60.22 -25.33 33.96
N LEU G 367 -60.31 -26.43 34.71
CA LEU G 367 -59.65 -27.65 34.28
C LEU G 367 -60.34 -28.27 33.08
N ALA G 368 -61.63 -28.00 32.90
CA ALA G 368 -62.32 -28.52 31.72
C ALA G 368 -61.98 -27.71 30.49
N LEU G 369 -61.86 -26.39 30.63
CA LEU G 369 -61.42 -25.57 29.52
C LEU G 369 -59.99 -25.92 29.12
N LEU G 370 -59.09 -25.97 30.10
CA LEU G 370 -57.70 -26.25 29.80
C LEU G 370 -57.53 -27.60 29.14
N GLU G 371 -58.44 -28.54 29.39
CA GLU G 371 -58.35 -29.81 28.71
C GLU G 371 -58.69 -29.67 27.23
N GLN G 372 -59.31 -28.56 26.84
CA GLN G 372 -59.72 -28.39 25.46
C GLN G 372 -58.73 -27.57 24.67
N VAL G 373 -58.30 -26.43 25.20
CA VAL G 373 -57.54 -25.47 24.43
C VAL G 373 -56.04 -25.58 24.72
N ASP G 374 -55.58 -26.72 25.23
CA ASP G 374 -54.17 -26.85 25.62
C ASP G 374 -53.64 -28.16 25.08
N ARG G 375 -52.81 -28.08 24.06
CA ARG G 375 -52.19 -29.25 23.44
C ARG G 375 -50.76 -28.90 23.09
N PRO G 376 -49.89 -29.91 22.98
CA PRO G 376 -48.48 -29.62 22.70
C PRO G 376 -48.29 -28.93 21.36
N ALA G 377 -47.24 -28.13 21.28
CA ALA G 377 -46.97 -27.36 20.08
C ALA G 377 -46.62 -28.28 18.92
N PRO G 378 -46.79 -27.81 17.68
CA PRO G 378 -46.35 -28.60 16.53
C PRO G 378 -44.85 -28.53 16.34
N VAL G 379 -44.34 -29.46 15.55
CA VAL G 379 -42.91 -29.60 15.31
C VAL G 379 -42.56 -29.04 13.94
N ALA G 380 -41.40 -28.41 13.85
CA ALA G 380 -40.88 -27.99 12.56
C ALA G 380 -40.52 -29.21 11.72
N GLU G 381 -40.58 -29.05 10.40
CA GLU G 381 -40.45 -30.22 9.54
C GLU G 381 -38.98 -30.61 9.36
N SER G 382 -38.25 -29.80 8.59
CA SER G 382 -36.79 -29.80 8.52
C SER G 382 -36.38 -28.81 7.45
N ARG G 383 -35.14 -28.34 7.48
CA ARG G 383 -34.65 -27.46 6.43
C ARG G 383 -33.71 -28.17 5.47
N THR G 384 -33.67 -29.50 5.51
CA THR G 384 -32.72 -30.26 4.72
C THR G 384 -33.24 -31.68 4.56
N VAL G 385 -33.21 -32.20 3.34
CA VAL G 385 -33.64 -33.56 3.05
C VAL G 385 -32.63 -34.20 2.10
N GLN G 386 -32.62 -35.52 2.09
CA GLN G 386 -31.73 -36.29 1.22
C GLN G 386 -32.54 -37.26 0.37
N ARG G 387 -32.12 -37.44 -0.88
CA ARG G 387 -32.62 -38.49 -1.73
C ARG G 387 -31.45 -39.20 -2.39
N VAL G 388 -31.57 -40.50 -2.58
CA VAL G 388 -30.54 -41.32 -3.20
C VAL G 388 -31.12 -41.94 -4.46
N PHE G 389 -30.43 -41.76 -5.57
CA PHE G 389 -30.85 -42.29 -6.86
C PHE G 389 -29.82 -43.30 -7.34
N GLN G 390 -30.27 -44.53 -7.56
CA GLN G 390 -29.43 -45.57 -8.12
C GLN G 390 -29.60 -45.55 -9.63
N LEU G 391 -28.64 -44.95 -10.33
CA LEU G 391 -28.72 -44.82 -11.77
C LEU G 391 -28.50 -46.18 -12.44
N VAL G 392 -29.14 -46.37 -13.59
CA VAL G 392 -29.12 -47.62 -14.31
C VAL G 392 -28.43 -47.50 -15.66
N ASN G 393 -28.66 -46.41 -16.38
CA ASN G 393 -28.12 -46.24 -17.71
C ASN G 393 -27.02 -45.20 -17.80
N ALA G 394 -27.10 -44.12 -17.02
CA ALA G 394 -26.14 -43.05 -17.07
C ALA G 394 -25.03 -43.29 -16.06
N SER G 395 -24.04 -42.41 -16.07
CA SER G 395 -22.92 -42.44 -15.13
C SER G 395 -23.15 -41.39 -14.07
N ALA G 396 -23.08 -41.79 -12.80
CA ALA G 396 -23.38 -40.87 -11.72
C ALA G 396 -22.45 -39.67 -11.72
N GLU G 397 -21.19 -39.87 -12.12
CA GLU G 397 -20.23 -38.77 -12.10
C GLU G 397 -20.45 -37.80 -13.26
N GLU G 398 -20.89 -38.32 -14.41
CA GLU G 398 -21.19 -37.44 -15.53
C GLU G 398 -22.50 -36.70 -15.32
N VAL G 399 -23.47 -37.33 -14.64
CA VAL G 399 -24.71 -36.65 -14.33
C VAL G 399 -24.46 -35.51 -13.35
N LYS G 400 -23.61 -35.74 -12.36
CA LYS G 400 -23.29 -34.69 -11.40
C LYS G 400 -22.58 -33.52 -12.08
N ALA G 401 -21.66 -33.81 -13.00
CA ALA G 401 -20.99 -32.73 -13.72
C ALA G 401 -21.93 -31.99 -14.64
N THR G 402 -22.88 -32.69 -15.25
CA THR G 402 -23.88 -32.03 -16.09
C THR G 402 -24.73 -31.07 -15.28
N LEU G 403 -25.19 -31.51 -14.10
CA LEU G 403 -26.09 -30.70 -13.29
C LEU G 403 -25.39 -29.50 -12.67
N GLU G 404 -24.08 -29.54 -12.53
CA GLU G 404 -23.33 -28.44 -11.94
C GLU G 404 -22.71 -27.51 -12.96
N GLY G 405 -22.89 -27.80 -14.25
CA GLY G 405 -22.29 -26.96 -15.29
C GLY G 405 -20.77 -27.00 -15.30
N THR G 406 -20.18 -28.16 -15.04
CA THR G 406 -18.73 -28.31 -15.09
C THR G 406 -18.33 -29.42 -16.04
N GLN G 466 -28.76 -21.01 -1.85
CA GLN G 466 -27.65 -21.70 -2.50
C GLN G 466 -28.11 -22.62 -3.61
N GLN G 467 -27.42 -23.75 -3.75
CA GLN G 467 -27.80 -24.81 -4.67
C GLN G 467 -27.58 -26.14 -3.95
N ALA G 468 -28.36 -27.14 -4.36
CA ALA G 468 -28.31 -28.44 -3.71
C ALA G 468 -26.94 -29.08 -3.84
N THR G 469 -26.55 -29.82 -2.82
CA THR G 469 -25.30 -30.58 -2.84
C THR G 469 -25.50 -31.91 -3.57
N LEU G 470 -24.58 -32.23 -4.48
CA LEU G 470 -24.63 -33.46 -5.24
C LEU G 470 -23.42 -34.32 -4.91
N ILE G 471 -23.68 -35.60 -4.65
CA ILE G 471 -22.64 -36.56 -4.32
C ILE G 471 -22.75 -37.73 -5.29
N ALA G 472 -21.67 -38.04 -5.99
CA ALA G 472 -21.65 -39.10 -6.98
C ALA G 472 -20.72 -40.20 -6.53
N ASP G 473 -21.23 -41.42 -6.43
CA ASP G 473 -20.44 -42.59 -6.09
C ASP G 473 -20.19 -43.40 -7.36
N LYS G 474 -18.91 -43.59 -7.70
CA LYS G 474 -18.58 -44.33 -8.91
C LYS G 474 -18.77 -45.84 -8.74
N ARG G 475 -18.50 -46.36 -7.54
CA ARG G 475 -18.55 -47.81 -7.33
C ARG G 475 -19.97 -48.34 -7.49
N THR G 476 -20.95 -47.66 -6.91
CA THR G 476 -22.33 -48.12 -6.94
C THR G 476 -23.19 -47.39 -7.94
N ASN G 477 -22.67 -46.37 -8.61
CA ASN G 477 -23.42 -45.54 -9.56
C ASN G 477 -24.63 -44.90 -8.87
N SER G 478 -24.39 -44.33 -7.71
CA SER G 478 -25.42 -43.70 -6.91
C SER G 478 -25.28 -42.19 -6.95
N LEU G 479 -26.40 -41.49 -7.10
CA LEU G 479 -26.45 -40.05 -7.02
C LEU G 479 -27.16 -39.65 -5.74
N ILE G 480 -26.56 -38.75 -4.97
CA ILE G 480 -27.11 -38.32 -3.69
C ILE G 480 -27.28 -36.81 -3.74
N VAL G 481 -28.52 -36.35 -3.60
CA VAL G 481 -28.85 -34.94 -3.60
C VAL G 481 -29.25 -34.54 -2.17
N ARG G 482 -28.72 -33.43 -1.71
CA ARG G 482 -28.90 -32.99 -0.32
C ARG G 482 -29.16 -31.49 -0.32
N GLY G 483 -30.37 -31.10 0.04
CA GLY G 483 -30.70 -29.69 0.08
C GLY G 483 -32.07 -29.46 0.67
N THR G 484 -32.62 -28.28 0.39
CA THR G 484 -33.96 -27.95 0.82
C THR G 484 -34.95 -28.83 0.06
N PRO G 485 -36.16 -29.04 0.60
CA PRO G 485 -37.11 -29.92 -0.09
C PRO G 485 -37.47 -29.46 -1.48
N GLU G 486 -37.42 -28.14 -1.74
CA GLU G 486 -37.71 -27.66 -3.09
C GLU G 486 -36.54 -27.93 -4.03
N GLN G 487 -35.31 -27.73 -3.57
CA GLN G 487 -34.14 -28.01 -4.39
C GLN G 487 -33.97 -29.49 -4.67
N VAL G 488 -34.50 -30.35 -3.81
CA VAL G 488 -34.36 -31.79 -4.02
C VAL G 488 -35.40 -32.29 -5.00
N ALA G 489 -36.61 -31.72 -4.99
CA ALA G 489 -37.63 -32.13 -5.94
C ALA G 489 -37.28 -31.72 -7.36
N GLN G 490 -36.42 -30.71 -7.54
CA GLN G 490 -36.01 -30.33 -8.89
C GLN G 490 -35.08 -31.36 -9.49
N VAL G 491 -34.12 -31.87 -8.71
CA VAL G 491 -33.26 -32.93 -9.20
C VAL G 491 -34.06 -34.21 -9.39
N ALA G 492 -35.04 -34.45 -8.51
CA ALA G 492 -35.82 -35.68 -8.59
C ALA G 492 -36.63 -35.77 -9.88
N GLU G 493 -37.06 -34.63 -10.42
CA GLU G 493 -37.78 -34.65 -11.69
C GLU G 493 -36.85 -34.69 -12.89
N LEU G 494 -35.58 -34.35 -12.72
CA LEU G 494 -34.60 -34.43 -13.80
C LEU G 494 -34.07 -35.84 -14.00
N VAL G 495 -33.96 -36.60 -12.91
CA VAL G 495 -33.27 -37.90 -12.97
C VAL G 495 -33.92 -38.87 -13.94
N PRO G 496 -35.25 -39.03 -13.97
CA PRO G 496 -35.83 -39.98 -14.94
C PRO G 496 -35.50 -39.66 -16.38
N GLN G 497 -35.25 -38.40 -16.71
CA GLN G 497 -35.00 -38.02 -18.09
C GLN G 497 -33.52 -38.12 -18.46
N LEU G 498 -32.63 -37.89 -17.50
CA LEU G 498 -31.19 -38.00 -17.76
C LEU G 498 -30.69 -39.43 -17.63
N ASP G 499 -31.53 -40.38 -17.24
CA ASP G 499 -31.13 -41.76 -17.03
C ASP G 499 -31.89 -42.71 -17.94
N GLN G 500 -32.34 -42.23 -19.08
CA GLN G 500 -33.07 -43.06 -20.02
C GLN G 500 -32.12 -43.80 -20.95
N VAL G 501 -32.66 -44.79 -21.65
CA VAL G 501 -31.87 -45.55 -22.60
C VAL G 501 -31.70 -44.73 -23.87
N VAL G 502 -30.47 -44.65 -24.36
CA VAL G 502 -30.18 -43.95 -25.61
C VAL G 502 -29.93 -44.99 -26.69
N PRO G 503 -30.16 -44.67 -27.97
CA PRO G 503 -30.01 -45.68 -29.02
C PRO G 503 -28.57 -46.14 -29.19
N GLN G 504 -28.43 -47.39 -29.63
CA GLN G 504 -27.16 -47.97 -30.02
C GLN G 504 -27.19 -48.27 -31.50
N ILE G 505 -26.14 -47.85 -32.22
CA ILE G 505 -26.14 -47.89 -33.67
C ILE G 505 -24.87 -48.59 -34.16
N ASN G 506 -24.94 -49.07 -35.39
CA ASN G 506 -23.80 -49.60 -36.13
C ASN G 506 -23.71 -48.85 -37.44
N VAL G 507 -22.55 -48.25 -37.73
CA VAL G 507 -22.35 -47.45 -38.93
C VAL G 507 -21.33 -48.14 -39.80
N GLN G 508 -21.66 -48.31 -41.09
CA GLN G 508 -20.77 -48.91 -42.06
C GLN G 508 -20.29 -47.86 -43.05
N VAL G 509 -18.97 -47.83 -43.28
CA VAL G 509 -18.38 -46.92 -44.26
C VAL G 509 -17.62 -47.77 -45.28
N ARG G 510 -17.87 -47.51 -46.55
CA ARG G 510 -17.17 -48.17 -47.65
C ARG G 510 -16.36 -47.13 -48.41
N ILE G 511 -15.05 -47.36 -48.51
CA ILE G 511 -14.16 -46.53 -49.31
C ILE G 511 -13.68 -47.37 -50.48
N GLN G 512 -13.91 -46.88 -51.69
CA GLN G 512 -13.67 -47.62 -52.91
C GLN G 512 -12.78 -46.78 -53.83
N GLU G 513 -11.80 -47.42 -54.46
CA GLU G 513 -10.86 -46.69 -55.31
C GLU G 513 -10.43 -47.56 -56.48
N VAL G 514 -10.60 -47.04 -57.69
CA VAL G 514 -10.27 -47.76 -58.92
C VAL G 514 -9.39 -46.86 -59.78
N ASN G 515 -8.35 -47.42 -60.37
CA ASN G 515 -7.45 -46.71 -61.24
C ASN G 515 -7.22 -47.53 -62.50
N GLU G 516 -7.06 -46.86 -63.64
CA GLU G 516 -6.82 -47.54 -64.90
C GLU G 516 -5.76 -46.79 -65.70
N ARG G 517 -5.01 -47.53 -66.52
CA ARG G 517 -3.95 -46.98 -67.35
C ARG G 517 -4.06 -47.53 -68.76
N ALA G 518 -3.39 -46.85 -69.69
CA ALA G 518 -3.30 -47.32 -71.07
C ALA G 518 -2.19 -46.56 -71.76
N LEU G 519 -1.23 -47.26 -72.33
CA LEU G 519 -0.11 -46.66 -73.04
C LEU G 519 -0.05 -47.23 -74.45
N GLN G 520 0.49 -46.43 -75.37
CA GLN G 520 0.58 -46.83 -76.78
C GLN G 520 1.73 -46.08 -77.41
N SER G 521 2.82 -46.78 -77.73
CA SER G 521 3.96 -46.19 -78.42
C SER G 521 4.10 -46.79 -79.81
N LEU G 522 4.70 -46.02 -80.72
CA LEU G 522 4.92 -46.45 -82.08
C LEU G 522 5.93 -45.52 -82.73
N GLY G 523 6.98 -46.07 -83.32
CA GLY G 523 7.96 -45.25 -83.98
C GLY G 523 8.86 -45.96 -84.96
N LEU G 524 9.14 -45.31 -86.09
CA LEU G 524 10.07 -45.83 -87.08
C LEU G 524 11.33 -44.97 -87.07
N ASN G 525 12.47 -45.62 -87.33
CA ASN G 525 13.77 -44.99 -87.12
C ASN G 525 14.74 -45.58 -88.14
N TRP G 526 14.92 -44.90 -89.28
CA TRP G 526 15.69 -45.47 -90.37
C TRP G 526 16.87 -44.58 -90.75
N ARG G 527 17.63 -45.06 -91.73
CA ARG G 527 18.83 -44.37 -92.23
C ARG G 527 19.10 -44.88 -93.63
N ALA G 528 19.10 -43.98 -94.61
CA ALA G 528 19.27 -44.34 -96.02
C ALA G 528 20.55 -43.72 -96.56
N THR G 529 21.28 -44.49 -97.38
CA THR G 529 22.51 -44.02 -98.00
C THR G 529 22.47 -44.37 -99.49
N PHE G 530 22.33 -43.36 -100.33
CA PHE G 530 22.53 -43.48 -101.76
C PHE G 530 23.60 -42.46 -102.18
N GLY G 531 23.84 -42.36 -103.49
CA GLY G 531 25.05 -41.74 -103.99
C GLY G 531 25.30 -40.31 -103.54
N GLY G 532 26.26 -40.15 -102.63
CA GLY G 532 26.59 -38.86 -102.06
C GLY G 532 25.75 -38.47 -100.86
N PHE G 533 24.51 -38.93 -100.79
CA PHE G 533 23.55 -38.52 -99.78
C PHE G 533 23.54 -39.48 -98.59
N ASN G 534 23.17 -38.95 -97.44
CA ASN G 534 23.06 -39.72 -96.20
C ASN G 534 21.90 -39.15 -95.41
N VAL G 535 20.77 -39.83 -95.43
CA VAL G 535 19.54 -39.36 -94.79
C VAL G 535 19.27 -40.22 -93.57
N ALA G 536 18.95 -39.57 -92.45
CA ALA G 536 18.61 -40.26 -91.21
C ALA G 536 17.37 -39.62 -90.62
N VAL G 537 16.35 -40.42 -90.35
CA VAL G 537 15.09 -39.96 -89.78
C VAL G 537 14.86 -40.68 -88.46
N SER G 538 14.60 -39.92 -87.40
CA SER G 538 14.39 -40.50 -86.08
C SER G 538 13.25 -39.76 -85.40
N GLY G 539 13.00 -40.12 -84.14
CA GLY G 539 11.95 -39.49 -83.38
C GLY G 539 12.45 -38.37 -82.51
N GLY G 540 13.58 -38.58 -81.83
CA GLY G 540 14.18 -37.53 -81.03
C GLY G 540 14.59 -36.34 -81.86
N THR G 541 15.51 -36.56 -82.79
CA THR G 541 15.82 -35.60 -83.83
C THR G 541 15.01 -35.94 -85.07
N GLY G 542 14.72 -34.92 -85.87
CA GLY G 542 13.89 -35.16 -87.03
C GLY G 542 14.69 -35.61 -88.24
N LEU G 543 14.59 -34.86 -89.32
CA LEU G 543 15.39 -35.13 -90.51
C LEU G 543 16.82 -34.66 -90.31
N ALA G 544 17.77 -35.43 -90.84
CA ALA G 544 19.19 -35.05 -90.81
C ALA G 544 19.85 -35.60 -92.06
N ALA G 545 19.96 -34.78 -93.09
CA ALA G 545 20.53 -35.16 -94.37
C ALA G 545 21.87 -34.47 -94.58
N THR G 546 22.81 -35.17 -95.21
CA THR G 546 24.09 -34.59 -95.57
C THR G 546 24.43 -34.99 -97.00
N PHE G 547 25.37 -34.27 -97.59
CA PHE G 547 25.90 -34.57 -98.91
C PHE G 547 27.42 -34.60 -98.85
N ASN G 548 28.01 -35.55 -99.56
CA ASN G 548 29.46 -35.68 -99.64
C ASN G 548 29.90 -35.60 -101.10
N PRO G 549 30.53 -34.52 -101.54
CA PRO G 549 30.92 -34.41 -102.95
C PRO G 549 32.18 -35.19 -103.31
N THR G 550 32.84 -35.81 -102.35
CA THR G 550 34.10 -36.50 -102.59
C THR G 550 33.95 -37.99 -102.80
N GLN G 551 32.94 -38.62 -102.21
CA GLN G 551 32.69 -40.05 -102.35
C GLN G 551 31.33 -40.27 -102.99
N SER G 552 30.96 -41.54 -103.14
CA SER G 552 29.66 -41.88 -103.73
C SER G 552 29.33 -43.31 -103.34
N PHE G 553 28.19 -43.50 -102.68
CA PHE G 553 27.76 -44.82 -102.25
C PHE G 553 27.36 -45.68 -103.44
N LEU G 554 27.29 -46.98 -103.20
CA LEU G 554 26.85 -47.95 -104.20
C LEU G 554 25.41 -48.33 -103.91
N GLY G 555 24.52 -48.06 -104.86
CA GLY G 555 23.15 -48.47 -104.73
C GLY G 555 22.42 -47.76 -103.61
N PHE G 556 21.31 -48.37 -103.20
CA PHE G 556 20.41 -47.83 -102.19
C PHE G 556 20.33 -48.79 -101.00
N ASN G 557 20.45 -48.23 -99.80
CA ASN G 557 20.29 -48.99 -98.56
C ASN G 557 19.31 -48.23 -97.67
N ILE G 558 18.54 -48.96 -96.86
CA ILE G 558 17.41 -48.33 -96.18
C ILE G 558 17.49 -48.42 -94.66
N PHE G 559 18.10 -49.49 -94.14
CA PHE G 559 18.40 -49.66 -92.71
C PHE G 559 17.29 -49.22 -91.75
N PRO G 560 16.08 -49.77 -91.86
CA PRO G 560 14.98 -49.33 -90.99
C PRO G 560 14.98 -50.06 -89.64
N THR G 561 14.14 -49.54 -88.74
CA THR G 561 14.02 -50.07 -87.38
C THR G 561 12.67 -49.68 -86.82
N LEU G 562 11.93 -50.65 -86.31
CA LEU G 562 10.57 -50.44 -85.84
C LEU G 562 10.48 -50.74 -84.34
N THR G 563 9.56 -50.06 -83.67
CA THR G 563 9.32 -50.25 -82.25
C THR G 563 7.86 -49.93 -81.96
N ALA G 564 7.21 -50.78 -81.17
CA ALA G 564 5.81 -50.60 -80.84
C ALA G 564 5.53 -51.25 -79.50
N LEU G 565 4.73 -50.59 -78.67
CA LEU G 565 4.46 -51.05 -77.32
C LEU G 565 3.02 -50.71 -76.94
N GLU G 566 2.40 -51.59 -76.17
CA GLU G 566 1.06 -51.36 -75.62
C GLU G 566 1.06 -51.81 -74.17
N THR G 567 0.15 -51.24 -73.39
CA THR G 567 0.16 -51.49 -71.95
C THR G 567 -1.23 -51.19 -71.38
N GLN G 568 -1.62 -51.96 -70.36
CA GLN G 568 -2.78 -51.65 -69.54
C GLN G 568 -2.48 -51.92 -68.07
N GLY G 569 -3.27 -51.30 -67.21
CA GLY G 569 -3.20 -51.55 -65.79
C GLY G 569 -4.55 -51.31 -65.18
N LEU G 570 -4.74 -51.86 -63.98
CA LEU G 570 -5.99 -51.67 -63.26
C LEU G 570 -5.77 -52.00 -61.80
N THR G 571 -5.93 -51.01 -60.93
CA THR G 571 -5.82 -51.23 -59.50
C THR G 571 -7.16 -50.95 -58.84
N ARG G 572 -7.60 -51.86 -57.99
CA ARG G 572 -8.74 -51.67 -57.11
C ARG G 572 -8.30 -51.79 -55.67
N ARG G 573 -8.98 -51.07 -54.78
CA ARG G 573 -8.71 -51.18 -53.35
C ARG G 573 -9.98 -50.80 -52.62
N VAL G 574 -10.52 -51.71 -51.81
CA VAL G 574 -11.82 -51.54 -51.18
C VAL G 574 -11.70 -51.79 -49.69
N TYR G 575 -12.45 -51.02 -48.89
CA TYR G 575 -12.54 -51.19 -47.45
C TYR G 575 -14.01 -51.10 -47.02
N ASP G 576 -14.41 -51.92 -46.06
CA ASP G 576 -15.74 -51.90 -45.47
C ASP G 576 -15.62 -51.97 -43.95
N GLY G 577 -15.87 -50.86 -43.28
CA GLY G 577 -15.74 -50.87 -41.83
C GLY G 577 -17.01 -50.62 -41.05
N ASN G 578 -17.28 -51.46 -40.06
CA ASN G 578 -18.34 -51.26 -39.08
C ASN G 578 -17.74 -50.78 -37.77
N VAL G 579 -18.50 -49.95 -37.05
CA VAL G 579 -18.26 -49.71 -35.63
C VAL G 579 -19.61 -49.59 -34.94
N THR G 580 -19.73 -50.21 -33.77
CA THR G 580 -20.90 -50.05 -32.91
C THR G 580 -20.63 -48.97 -31.89
N MET G 581 -21.63 -48.13 -31.63
CA MET G 581 -21.44 -46.95 -30.79
C MET G 581 -22.77 -46.47 -30.26
N GLN G 582 -22.74 -45.48 -29.38
CA GLN G 582 -23.90 -44.93 -28.69
C GLN G 582 -24.13 -43.49 -29.14
N SER G 583 -25.24 -42.90 -28.68
CA SER G 583 -25.65 -41.59 -29.18
C SER G 583 -24.77 -40.48 -28.64
N GLY G 584 -24.67 -40.34 -27.33
CA GLY G 584 -23.91 -39.23 -26.81
C GLY G 584 -22.48 -39.61 -26.47
N GLN G 585 -21.89 -40.47 -27.29
CA GLN G 585 -20.59 -41.04 -26.95
C GLN G 585 -19.50 -39.99 -27.01
N ARG G 586 -18.63 -40.00 -26.00
CA ARG G 586 -17.51 -39.09 -25.91
C ARG G 586 -16.23 -39.78 -26.33
N SER G 587 -15.18 -38.98 -26.52
CA SER G 587 -13.89 -39.51 -26.87
C SER G 587 -13.19 -40.09 -25.65
N LEU G 588 -12.12 -40.83 -25.91
CA LEU G 588 -11.30 -41.46 -24.87
C LEU G 588 -9.91 -40.84 -24.92
N SER G 589 -9.37 -40.50 -23.75
CA SER G 589 -8.07 -39.84 -23.66
C SER G 589 -7.07 -40.79 -22.99
N ALA G 590 -6.47 -41.67 -23.78
CA ALA G 590 -5.37 -42.48 -23.24
C ALA G 590 -4.02 -41.98 -23.75
N THR G 591 -3.79 -42.11 -25.06
CA THR G 591 -2.73 -41.45 -25.81
C THR G 591 -1.32 -41.82 -25.40
N GLY G 592 -1.15 -42.50 -24.27
CA GLY G 592 0.16 -42.87 -23.78
C GLY G 592 1.22 -41.79 -23.75
N GLY G 593 0.80 -40.53 -23.84
CA GLY G 593 1.70 -39.41 -23.96
C GLY G 593 2.03 -38.98 -25.37
N ALA G 594 1.70 -39.80 -26.36
CA ALA G 594 1.93 -39.48 -27.76
C ALA G 594 0.69 -38.83 -28.36
N GLN G 595 0.92 -38.03 -29.39
CA GLN G 595 -0.14 -37.29 -30.06
C GLN G 595 -0.61 -38.06 -31.28
N ASN G 596 -1.93 -38.19 -31.43
CA ASN G 596 -2.54 -38.95 -32.50
C ASN G 596 -3.71 -38.16 -33.05
N ALA G 597 -3.96 -38.28 -34.35
CA ALA G 597 -5.02 -37.50 -34.98
C ALA G 597 -6.41 -38.02 -34.68
N SER G 598 -6.52 -39.19 -34.07
CA SER G 598 -7.82 -39.80 -33.75
C SER G 598 -8.12 -39.77 -32.26
N SER G 599 -7.44 -38.91 -31.50
CA SER G 599 -7.67 -38.86 -30.07
C SER G 599 -9.06 -38.37 -29.72
N GLY G 600 -9.60 -37.45 -30.51
CA GLY G 600 -10.89 -36.87 -30.20
C GLY G 600 -12.06 -37.56 -30.85
N ALA G 601 -11.84 -38.76 -31.37
CA ALA G 601 -12.89 -39.52 -32.02
C ALA G 601 -13.69 -40.32 -31.00
N ALA G 602 -15.01 -40.32 -31.15
CA ALA G 602 -15.85 -41.12 -30.28
C ALA G 602 -15.64 -42.61 -30.52
N ALA G 603 -15.41 -43.00 -31.77
CA ALA G 603 -15.15 -44.38 -32.14
C ALA G 603 -14.13 -44.39 -33.26
N SER G 604 -13.46 -45.53 -33.43
CA SER G 604 -12.39 -45.64 -34.42
C SER G 604 -12.25 -47.07 -34.87
N VAL G 605 -11.66 -47.24 -36.04
CA VAL G 605 -11.17 -48.54 -36.51
C VAL G 605 -10.00 -48.28 -37.44
N LYS G 606 -8.94 -49.07 -37.29
CA LYS G 606 -7.71 -48.89 -38.04
C LYS G 606 -7.20 -50.23 -38.51
N SER G 607 -6.47 -50.22 -39.63
CA SER G 607 -5.76 -51.40 -40.08
C SER G 607 -4.70 -50.95 -41.08
N GLY G 608 -3.46 -51.35 -40.84
CA GLY G 608 -2.35 -50.83 -41.60
C GLY G 608 -1.05 -50.87 -40.81
N GLY G 609 -0.43 -49.71 -40.61
CA GLY G 609 0.73 -49.61 -39.75
C GLY G 609 0.64 -48.36 -38.89
N ARG G 610 1.72 -48.07 -38.19
CA ARG G 610 1.79 -46.92 -37.32
C ARG G 610 3.23 -46.51 -37.07
N LEU G 611 3.56 -45.26 -37.38
CA LEU G 611 4.89 -44.72 -37.16
C LEU G 611 4.93 -44.08 -35.79
N GLU G 612 5.94 -44.44 -34.99
CA GLU G 612 6.16 -43.84 -33.69
C GLU G 612 7.37 -42.92 -33.76
N ILE G 613 7.20 -41.67 -33.38
CA ILE G 613 8.21 -40.63 -33.55
C ILE G 613 8.53 -40.03 -32.18
N ASN G 614 9.81 -40.06 -31.80
CA ASN G 614 10.28 -39.54 -30.52
C ASN G 614 11.48 -38.63 -30.80
N ILE G 615 11.22 -37.34 -30.95
CA ILE G 615 12.27 -36.36 -31.25
C ILE G 615 12.39 -35.42 -30.06
N PRO G 616 13.54 -35.36 -29.39
CA PRO G 616 13.71 -34.42 -28.29
C PRO G 616 13.97 -33.00 -28.78
N SER G 617 13.33 -32.04 -28.12
CA SER G 617 13.45 -30.64 -28.49
C SER G 617 13.39 -29.79 -27.23
N ALA G 618 13.96 -28.58 -27.32
CA ALA G 618 13.96 -27.66 -26.19
C ALA G 618 12.67 -26.88 -26.07
N ALA G 619 11.84 -26.86 -27.11
CA ALA G 619 10.54 -26.21 -27.07
C ALA G 619 9.41 -27.18 -26.74
N GLY G 620 9.73 -28.42 -26.42
CA GLY G 620 8.75 -29.47 -26.22
C GLY G 620 9.08 -30.60 -27.19
N ASN G 621 9.13 -31.81 -26.65
CA ASN G 621 9.47 -32.96 -27.46
C ASN G 621 8.39 -33.24 -28.50
N ILE G 622 8.81 -33.66 -29.68
CA ILE G 622 7.89 -34.14 -30.71
C ILE G 622 7.68 -35.64 -30.45
N VAL G 623 6.53 -35.98 -29.88
CA VAL G 623 6.17 -37.37 -29.62
C VAL G 623 4.85 -37.60 -30.35
N ARG G 624 4.89 -38.26 -31.49
CA ARG G 624 3.76 -38.37 -32.39
C ARG G 624 3.51 -39.83 -32.75
N GLN G 625 2.31 -40.06 -33.28
CA GLN G 625 1.96 -41.32 -33.93
C GLN G 625 1.31 -40.99 -35.27
N ILE G 626 1.82 -41.56 -36.35
CA ILE G 626 1.21 -41.41 -37.67
C ILE G 626 0.73 -42.78 -38.09
N ASP G 627 -0.56 -42.89 -38.40
CA ASP G 627 -1.18 -44.13 -38.80
C ASP G 627 -1.40 -44.12 -40.30
N TYR G 628 -1.16 -45.27 -40.94
CA TYR G 628 -1.45 -45.43 -42.36
C TYR G 628 -2.23 -46.72 -42.56
N GLY G 629 -2.65 -46.93 -43.80
CA GLY G 629 -3.55 -48.03 -44.12
C GLY G 629 -4.97 -47.55 -44.30
N LEU G 630 -5.85 -47.92 -43.37
CA LEU G 630 -7.20 -47.39 -43.31
C LEU G 630 -7.42 -46.77 -41.94
N ASN G 631 -7.95 -45.55 -41.92
CA ASN G 631 -8.36 -44.90 -40.68
C ASN G 631 -9.79 -44.44 -40.84
N LEU G 632 -10.66 -44.84 -39.91
CA LEU G 632 -12.04 -44.39 -39.88
C LEU G 632 -12.35 -43.80 -38.52
N ASP G 633 -12.72 -42.53 -38.48
CA ASP G 633 -13.02 -41.82 -37.25
C ASP G 633 -14.46 -41.33 -37.28
N PHE G 634 -15.14 -41.43 -36.13
CA PHE G 634 -16.51 -40.98 -35.98
C PHE G 634 -16.58 -39.97 -34.85
N PHE G 635 -17.24 -38.85 -35.10
CA PHE G 635 -17.31 -37.75 -34.15
C PHE G 635 -18.77 -37.38 -33.90
N SER G 636 -19.15 -37.25 -32.64
CA SER G 636 -20.43 -36.69 -32.21
C SER G 636 -21.65 -37.37 -32.81
N PRO G 637 -21.90 -38.65 -32.50
CA PRO G 637 -22.95 -39.42 -33.18
C PRO G 637 -24.33 -39.38 -32.51
N GLN G 638 -25.05 -38.27 -32.64
CA GLN G 638 -26.38 -38.21 -32.04
C GLN G 638 -27.42 -38.94 -32.88
N VAL G 639 -28.37 -39.59 -32.20
CA VAL G 639 -29.46 -40.32 -32.83
C VAL G 639 -30.78 -39.83 -32.26
N ALA G 640 -31.76 -39.59 -33.12
CA ALA G 640 -33.07 -39.11 -32.74
C ALA G 640 -34.02 -40.26 -32.47
N PRO G 641 -35.12 -40.02 -31.76
CA PRO G 641 -36.13 -41.08 -31.57
C PRO G 641 -36.73 -41.62 -32.86
N ASP G 642 -36.78 -40.80 -33.92
CA ASP G 642 -37.17 -41.33 -35.23
C ASP G 642 -36.23 -42.43 -35.68
N GLY G 643 -34.95 -42.32 -35.34
CA GLY G 643 -33.91 -43.12 -35.96
C GLY G 643 -33.03 -42.35 -36.92
N THR G 644 -33.13 -41.02 -36.94
CA THR G 644 -32.25 -40.20 -37.75
C THR G 644 -30.88 -40.13 -37.11
N ILE G 645 -29.83 -40.40 -37.90
CA ILE G 645 -28.46 -40.46 -37.41
C ILE G 645 -27.70 -39.28 -37.99
N THR G 646 -27.12 -38.47 -37.12
CA THR G 646 -26.23 -37.38 -37.49
C THR G 646 -24.82 -37.71 -37.01
N LEU G 647 -23.81 -37.37 -37.80
CA LEU G 647 -22.50 -37.95 -37.57
C LEU G 647 -21.44 -37.18 -38.35
N ARG G 648 -20.23 -37.10 -37.79
CA ARG G 648 -19.09 -36.60 -38.53
C ARG G 648 -18.15 -37.78 -38.78
N ILE G 649 -17.75 -37.97 -40.02
CA ILE G 649 -16.92 -39.11 -40.41
C ILE G 649 -15.71 -38.57 -41.14
N ARG G 650 -14.52 -39.08 -40.81
CA ARG G 650 -13.39 -38.71 -41.66
C ARG G 650 -13.07 -39.79 -42.71
N GLY G 651 -12.51 -40.91 -42.33
CA GLY G 651 -12.17 -41.87 -43.35
C GLY G 651 -10.92 -41.48 -44.13
N GLN G 652 -9.96 -42.39 -44.28
CA GLN G 652 -8.69 -42.04 -44.90
C GLN G 652 -7.94 -43.31 -45.28
N VAL G 653 -7.38 -43.32 -46.49
CA VAL G 653 -6.52 -44.41 -46.95
C VAL G 653 -5.19 -43.81 -47.37
N ASN G 654 -4.10 -44.34 -46.82
CA ASN G 654 -2.78 -43.82 -47.14
C ASN G 654 -1.74 -44.92 -47.00
N GLN G 655 -0.61 -44.72 -47.66
CA GLN G 655 0.53 -45.60 -47.64
C GLN G 655 1.79 -44.77 -47.69
N PRO G 656 2.88 -45.22 -47.07
CA PRO G 656 4.16 -44.57 -47.30
C PRO G 656 4.57 -44.69 -48.76
N ALA G 657 5.10 -43.60 -49.31
CA ALA G 657 5.47 -43.61 -50.72
C ALA G 657 6.64 -44.54 -50.98
N THR G 658 7.64 -44.54 -50.10
CA THR G 658 8.74 -45.47 -50.15
C THR G 658 8.90 -46.12 -48.78
N ALA G 659 9.41 -47.34 -48.77
CA ALA G 659 9.42 -48.15 -47.56
C ALA G 659 10.32 -47.54 -46.49
N ILE G 660 9.91 -47.72 -45.24
CA ILE G 660 10.70 -47.30 -44.08
C ILE G 660 11.77 -48.35 -43.83
N THR G 661 13.03 -47.92 -43.71
CA THR G 661 14.14 -48.86 -43.74
C THR G 661 15.11 -48.70 -42.57
N ALA G 662 14.67 -48.18 -41.44
CA ALA G 662 15.47 -48.10 -40.22
C ALA G 662 16.67 -47.17 -40.38
N ASP G 663 16.89 -46.67 -41.58
CA ASP G 663 17.79 -45.56 -41.83
C ASP G 663 17.02 -44.27 -42.10
N SER G 664 15.69 -44.34 -42.05
CA SER G 664 14.85 -43.19 -42.34
C SER G 664 14.87 -42.22 -41.17
N LEU G 665 14.69 -40.95 -41.50
CA LEU G 665 14.57 -39.93 -40.49
C LEU G 665 13.15 -39.38 -40.46
N PRO G 666 12.66 -38.97 -39.31
CA PRO G 666 11.26 -38.54 -39.21
C PRO G 666 11.04 -37.11 -39.64
N ASN G 667 12.01 -36.52 -40.35
CA ASN G 667 11.92 -35.11 -40.69
C ASN G 667 11.13 -34.83 -41.95
N LEU G 668 10.93 -35.83 -42.80
CA LEU G 668 10.15 -35.65 -44.03
C LEU G 668 9.72 -37.02 -44.53
N ILE G 669 8.41 -37.24 -44.68
CA ILE G 669 7.86 -38.53 -45.08
C ILE G 669 6.76 -38.26 -46.12
N ASP G 670 6.61 -39.15 -47.10
CA ASP G 670 5.97 -38.75 -48.36
C ASP G 670 4.50 -39.17 -48.47
N PHE G 671 4.15 -40.41 -48.10
CA PHE G 671 2.76 -40.73 -47.74
C PHE G 671 1.73 -40.43 -48.83
N THR G 672 1.69 -41.28 -49.86
CA THR G 672 0.50 -41.39 -50.70
C THR G 672 -0.79 -41.32 -49.86
N ASN G 673 -1.77 -40.53 -50.29
CA ASN G 673 -2.89 -40.21 -49.41
C ASN G 673 -4.17 -39.92 -50.18
N SER G 674 -5.31 -40.32 -49.60
CA SER G 674 -6.65 -39.97 -50.04
C SER G 674 -7.55 -39.82 -48.82
N GLU G 675 -8.33 -38.75 -48.76
CA GLU G 675 -9.03 -38.41 -47.53
C GLU G 675 -10.30 -37.63 -47.85
N ALA G 676 -11.20 -37.58 -46.88
CA ALA G 676 -12.43 -36.81 -46.95
C ALA G 676 -12.97 -36.61 -45.53
N GLN G 677 -13.75 -35.57 -45.33
CA GLN G 677 -14.42 -35.38 -44.05
C GLN G 677 -15.61 -34.46 -44.23
N SER G 678 -16.69 -34.74 -43.53
CA SER G 678 -17.92 -33.97 -43.63
C SER G 678 -18.91 -34.49 -42.59
N THR G 679 -20.05 -33.83 -42.50
CA THR G 679 -21.13 -34.21 -41.60
C THR G 679 -22.31 -34.65 -42.46
N ILE G 680 -22.92 -35.77 -42.11
CA ILE G 680 -24.06 -36.27 -42.87
C ILE G 680 -25.18 -36.62 -41.92
N THR G 681 -26.39 -36.68 -42.46
CA THR G 681 -27.57 -37.09 -41.72
C THR G 681 -28.43 -37.96 -42.61
N PHE G 682 -28.88 -39.09 -42.06
CA PHE G 682 -29.70 -40.04 -42.79
C PHE G 682 -30.54 -40.79 -41.79
N LYS G 683 -31.61 -41.42 -42.28
CA LYS G 683 -32.46 -42.19 -41.40
C LYS G 683 -31.99 -43.64 -41.34
N ASN G 684 -32.50 -44.36 -40.35
CA ASN G 684 -32.16 -45.75 -40.09
C ASN G 684 -32.38 -46.60 -41.33
N GLY G 685 -31.31 -47.13 -41.90
CA GLY G 685 -31.38 -48.03 -43.03
C GLY G 685 -31.07 -47.42 -44.38
N GLN G 686 -30.92 -46.10 -44.48
CA GLN G 686 -30.67 -45.45 -45.76
C GLN G 686 -29.18 -45.44 -46.08
N THR G 687 -28.87 -45.07 -47.32
CA THR G 687 -27.51 -45.04 -47.84
C THR G 687 -27.25 -43.71 -48.52
N ILE G 688 -26.11 -43.09 -48.22
CA ILE G 688 -25.80 -41.76 -48.71
C ILE G 688 -24.34 -41.71 -49.14
N LEU G 689 -24.07 -41.00 -50.22
CA LEU G 689 -22.71 -40.75 -50.69
C LEU G 689 -22.16 -39.50 -50.01
N MET G 690 -21.10 -39.66 -49.23
CA MET G 690 -20.50 -38.49 -48.59
C MET G 690 -19.54 -37.76 -49.50
N SER G 691 -18.80 -38.48 -50.34
CA SER G 691 -17.83 -37.83 -51.20
C SER G 691 -17.57 -38.72 -52.41
N GLY G 692 -17.16 -38.09 -53.50
CA GLY G 692 -16.81 -38.80 -54.71
C GLY G 692 -15.79 -38.01 -55.48
N LEU G 693 -14.99 -38.70 -56.27
CA LEU G 693 -13.93 -38.03 -57.02
C LEU G 693 -13.64 -38.81 -58.29
N LEU G 694 -13.76 -38.15 -59.44
CA LEU G 694 -13.46 -38.76 -60.73
C LEU G 694 -12.30 -38.01 -61.38
N GLY G 695 -11.33 -38.75 -61.90
CA GLY G 695 -10.17 -38.16 -62.52
C GLY G 695 -9.96 -38.68 -63.93
N SER G 696 -9.03 -38.03 -64.64
CA SER G 696 -8.70 -38.37 -66.01
C SER G 696 -7.44 -37.59 -66.40
N THR G 697 -6.55 -38.24 -67.15
CA THR G 697 -5.39 -37.58 -67.71
C THR G 697 -5.18 -38.06 -69.15
N GLU G 698 -4.21 -37.43 -69.82
CA GLU G 698 -3.82 -37.77 -71.18
C GLU G 698 -2.58 -36.97 -71.54
N THR G 699 -1.65 -37.58 -72.30
CA THR G 699 -0.38 -36.91 -72.58
C THR G 699 -0.06 -36.77 -74.06
N THR G 700 -0.28 -37.80 -74.89
CA THR G 700 -0.36 -37.68 -76.36
C THR G 700 0.76 -36.81 -76.95
N ASN G 701 1.99 -37.32 -76.88
CA ASN G 701 3.11 -36.66 -77.54
C ASN G 701 3.28 -37.17 -78.97
N ARG G 702 4.13 -36.47 -79.74
CA ARG G 702 4.37 -36.78 -81.15
C ARG G 702 5.55 -35.97 -81.64
N SER G 703 6.41 -36.58 -82.45
CA SER G 703 7.64 -35.92 -82.89
C SER G 703 8.12 -36.54 -84.20
N GLY G 704 8.89 -35.76 -84.96
CA GLY G 704 9.49 -36.28 -86.17
C GLY G 704 9.82 -35.28 -87.26
N VAL G 705 9.55 -35.66 -88.51
CA VAL G 705 9.83 -34.85 -89.69
C VAL G 705 8.72 -33.81 -89.86
N PRO G 706 9.02 -32.57 -90.25
CA PRO G 706 7.97 -31.57 -90.44
C PRO G 706 6.98 -31.96 -91.53
N PHE G 707 5.69 -31.91 -91.17
CA PHE G 707 4.54 -32.11 -92.04
C PHE G 707 4.34 -33.56 -92.46
N LEU G 708 5.34 -34.41 -92.22
CA LEU G 708 5.21 -35.81 -92.59
C LEU G 708 4.86 -36.69 -91.41
N SER G 709 5.37 -36.35 -90.23
CA SER G 709 5.01 -37.06 -89.01
C SER G 709 3.59 -36.77 -88.56
N SER G 710 2.94 -35.77 -89.13
CA SER G 710 1.58 -35.40 -88.75
C SER G 710 0.53 -35.98 -89.69
N LEU G 711 0.94 -36.69 -90.73
CA LEU G 711 -0.02 -37.30 -91.63
C LEU G 711 -0.77 -38.43 -90.93
N PRO G 712 -2.06 -38.59 -91.19
CA PRO G 712 -2.83 -39.64 -90.50
C PRO G 712 -2.41 -41.02 -90.98
N GLY G 713 -2.20 -41.93 -90.03
CA GLY G 713 -1.80 -43.28 -90.35
C GLY G 713 -0.32 -43.44 -90.61
N VAL G 714 0.14 -42.96 -91.78
CA VAL G 714 1.53 -43.12 -92.17
C VAL G 714 2.46 -42.14 -91.48
N GLY G 715 1.94 -41.31 -90.57
CA GLY G 715 2.79 -40.33 -89.91
C GLY G 715 3.88 -40.98 -89.06
N ALA G 716 3.57 -42.13 -88.46
CA ALA G 716 4.52 -42.80 -87.59
C ALA G 716 5.71 -43.37 -88.35
N ALA G 717 5.66 -43.39 -89.68
CA ALA G 717 6.80 -43.79 -90.48
C ALA G 717 7.90 -42.74 -90.54
N PHE G 718 7.64 -41.53 -90.05
CA PHE G 718 8.60 -40.43 -90.08
C PHE G 718 8.80 -39.85 -88.69
N GLY G 719 8.94 -40.70 -87.69
CA GLY G 719 9.17 -40.21 -86.35
C GLY G 719 8.51 -41.12 -85.33
N GLU G 720 8.16 -40.53 -84.20
CA GLU G 720 7.59 -41.23 -83.06
C GLU G 720 6.13 -40.83 -82.87
N LYS G 721 5.52 -41.44 -81.86
CA LYS G 721 4.16 -41.16 -81.43
C LYS G 721 3.93 -41.89 -80.12
N ARG G 722 3.21 -41.26 -79.21
CA ARG G 722 3.01 -41.83 -77.89
C ARG G 722 1.76 -41.22 -77.27
N THR G 723 0.92 -42.06 -76.68
CA THR G 723 -0.29 -41.57 -76.03
C THR G 723 -0.53 -42.39 -74.76
N GLU G 724 -0.97 -41.70 -73.72
CA GLU G 724 -1.31 -42.32 -72.45
C GLU G 724 -2.63 -41.77 -71.96
N LYS G 725 -3.36 -42.59 -71.21
CA LYS G 725 -4.64 -42.19 -70.64
C LYS G 725 -4.81 -42.84 -69.28
N THR G 726 -5.41 -42.10 -68.35
CA THR G 726 -5.66 -42.59 -67.01
C THR G 726 -7.07 -42.23 -66.59
N GLN G 727 -7.67 -43.07 -65.75
CA GLN G 727 -8.97 -42.83 -65.15
C GLN G 727 -8.86 -43.17 -63.67
N SER G 728 -9.72 -42.54 -62.86
CA SER G 728 -9.75 -42.89 -61.45
C SER G 728 -11.12 -42.58 -60.89
N GLN G 729 -11.50 -43.33 -59.86
CA GLN G 729 -12.74 -43.12 -59.14
C GLN G 729 -12.50 -43.35 -57.66
N LEU G 730 -13.07 -42.48 -56.82
CA LEU G 730 -13.02 -42.65 -55.38
C LEU G 730 -14.43 -42.39 -54.85
N LEU G 731 -14.94 -43.31 -54.03
CA LEU G 731 -16.29 -43.23 -53.49
C LEU G 731 -16.26 -43.51 -52.01
N VAL G 732 -16.96 -42.69 -51.23
CA VAL G 732 -17.12 -42.90 -49.80
C VAL G 732 -18.62 -42.96 -49.51
N ILE G 733 -19.10 -44.11 -49.06
CA ILE G 733 -20.52 -44.37 -48.90
C ILE G 733 -20.79 -44.78 -47.46
N ILE G 734 -21.86 -44.23 -46.87
CA ILE G 734 -22.19 -44.45 -45.46
C ILE G 734 -23.60 -44.98 -45.33
N THR G 735 -23.77 -46.00 -44.50
CA THR G 735 -25.07 -46.47 -44.06
C THR G 735 -25.00 -46.80 -42.57
N GLY G 736 -26.15 -47.04 -41.97
CA GLY G 736 -26.19 -47.39 -40.57
C GLY G 736 -27.56 -47.82 -40.15
N THR G 737 -27.60 -48.57 -39.05
CA THR G 737 -28.84 -49.10 -38.49
C THR G 737 -28.82 -48.93 -36.98
N VAL G 738 -30.01 -48.92 -36.39
CA VAL G 738 -30.17 -48.91 -34.95
C VAL G 738 -30.22 -50.34 -34.45
N VAL G 739 -29.42 -50.65 -33.43
CA VAL G 739 -29.29 -52.00 -32.90
C VAL G 739 -30.18 -52.12 -31.68
N LYS G 740 -31.26 -52.87 -31.79
CA LYS G 740 -32.18 -53.05 -30.67
C LYS G 740 -31.73 -54.18 -29.76
N GLY H 61 -24.44 -37.87 -77.12
CA GLY H 61 -25.52 -37.05 -76.61
C GLY H 61 -25.50 -36.94 -75.10
N VAL H 62 -25.01 -37.98 -74.44
CA VAL H 62 -24.88 -38.01 -72.99
C VAL H 62 -23.41 -38.23 -72.68
N THR H 63 -22.75 -37.18 -72.21
CA THR H 63 -21.32 -37.19 -71.97
C THR H 63 -20.95 -37.20 -70.49
N VAL H 64 -21.83 -36.71 -69.64
CA VAL H 64 -21.53 -36.54 -68.23
C VAL H 64 -22.00 -37.75 -67.46
N THR H 65 -21.14 -38.24 -66.57
CA THR H 65 -21.47 -39.39 -65.74
C THR H 65 -22.53 -39.02 -64.71
N PRO H 66 -23.64 -39.74 -64.63
CA PRO H 66 -24.60 -39.49 -63.55
C PRO H 66 -24.01 -39.85 -62.19
N VAL H 67 -24.49 -39.15 -61.16
CA VAL H 67 -24.01 -39.33 -59.80
C VAL H 67 -25.21 -39.72 -58.95
N LEU H 68 -25.09 -40.81 -58.21
CA LEU H 68 -26.12 -41.24 -57.27
C LEU H 68 -25.72 -40.80 -55.86
N ILE H 69 -26.57 -40.01 -55.22
CA ILE H 69 -26.24 -39.43 -53.94
C ILE H 69 -26.95 -40.10 -52.78
N LYS H 70 -28.21 -40.51 -52.94
CA LYS H 70 -28.94 -41.08 -51.81
C LYS H 70 -29.98 -42.07 -52.31
N VAL H 71 -30.16 -43.17 -51.58
CA VAL H 71 -31.29 -44.06 -51.75
C VAL H 71 -31.94 -44.26 -50.39
N SER H 72 -33.22 -44.63 -50.42
CA SER H 72 -33.97 -44.83 -49.19
C SER H 72 -33.75 -46.25 -48.69
N GLU H 73 -34.52 -46.66 -47.69
CA GLU H 73 -34.37 -47.95 -47.05
C GLU H 73 -35.46 -48.92 -47.50
N GLY H 74 -35.33 -50.16 -47.07
CA GLY H 74 -36.40 -51.12 -47.22
C GLY H 74 -36.36 -51.88 -48.54
N ALA H 75 -37.17 -51.43 -49.50
CA ALA H 75 -37.28 -52.06 -50.81
C ALA H 75 -37.80 -53.49 -50.72
N ALA H 76 -38.98 -53.61 -50.20
CA ALA H 76 -39.76 -54.84 -50.29
C ALA H 76 -40.77 -54.72 -51.42
N PRO H 77 -41.16 -55.83 -52.05
CA PRO H 77 -42.14 -55.74 -53.15
C PRO H 77 -43.40 -55.00 -52.76
N GLY H 78 -43.68 -53.89 -53.44
CA GLY H 78 -44.76 -53.01 -53.08
C GLY H 78 -44.35 -51.75 -52.37
N ASP H 79 -43.10 -51.65 -51.94
CA ASP H 79 -42.60 -50.45 -51.30
C ASP H 79 -42.14 -49.44 -52.33
N THR H 80 -41.90 -48.22 -51.87
CA THR H 80 -41.48 -47.11 -52.70
C THR H 80 -39.99 -46.87 -52.50
N LEU H 81 -39.23 -46.87 -53.59
CA LEU H 81 -37.79 -46.66 -53.57
C LEU H 81 -37.48 -45.32 -54.21
N THR H 82 -36.80 -44.45 -53.47
CA THR H 82 -36.47 -43.11 -53.95
C THR H 82 -34.96 -43.00 -54.15
N ILE H 83 -34.56 -42.47 -55.30
CA ILE H 83 -33.15 -42.28 -55.65
C ILE H 83 -32.94 -40.82 -55.96
N GLN H 84 -31.84 -40.25 -55.48
CA GLN H 84 -31.51 -38.86 -55.70
C GLN H 84 -30.11 -38.75 -56.29
N GLY H 85 -29.96 -37.89 -57.29
CA GLY H 85 -28.71 -37.78 -58.01
C GLY H 85 -28.61 -36.45 -58.70
N ARG H 86 -27.74 -36.38 -59.71
CA ARG H 86 -27.55 -35.12 -60.41
C ARG H 86 -27.92 -35.16 -61.89
N TYR H 87 -27.28 -35.99 -62.70
CA TYR H 87 -27.56 -36.00 -64.13
C TYR H 87 -28.38 -37.22 -64.54
N LEU H 88 -29.60 -37.33 -64.03
CA LEU H 88 -30.34 -38.58 -64.13
C LEU H 88 -31.22 -38.67 -65.36
N GLY H 89 -31.39 -37.60 -66.13
CA GLY H 89 -32.04 -37.68 -67.42
C GLY H 89 -33.55 -37.84 -67.44
N ASN H 90 -34.03 -38.70 -68.33
CA ASN H 90 -35.45 -38.96 -68.54
C ASN H 90 -35.75 -40.43 -68.29
N ALA H 91 -37.03 -40.70 -68.00
CA ALA H 91 -37.51 -42.08 -67.98
C ALA H 91 -37.59 -42.70 -69.36
N GLN H 92 -37.61 -41.87 -70.40
CA GLN H 92 -37.59 -42.35 -71.79
C GLN H 92 -36.18 -42.53 -72.33
N THR H 93 -35.16 -42.11 -71.59
CA THR H 93 -33.78 -42.18 -72.02
C THR H 93 -32.93 -43.11 -71.16
N ALA H 94 -33.34 -43.38 -69.92
CA ALA H 94 -32.52 -44.07 -68.95
C ALA H 94 -33.30 -45.21 -68.31
N ARG H 95 -32.61 -46.03 -67.54
CA ARG H 95 -33.20 -47.15 -66.82
C ARG H 95 -32.40 -47.41 -65.55
N VAL H 96 -33.08 -48.00 -64.56
CA VAL H 96 -32.47 -48.34 -63.28
C VAL H 96 -32.18 -49.84 -63.26
N ILE H 97 -30.99 -50.22 -62.83
CA ILE H 97 -30.56 -51.61 -62.78
C ILE H 97 -30.22 -51.95 -61.34
N ILE H 98 -30.75 -53.08 -60.86
CA ILE H 98 -30.56 -53.52 -59.49
C ILE H 98 -30.07 -54.96 -59.52
N GLY H 99 -29.40 -55.35 -58.45
CA GLY H 99 -28.83 -56.68 -58.39
C GLY H 99 -27.49 -56.84 -59.04
N ALA H 100 -26.82 -55.74 -59.39
CA ALA H 100 -25.53 -55.82 -60.06
C ALA H 100 -24.41 -55.96 -59.04
N ASP H 101 -23.20 -56.18 -59.54
CA ASP H 101 -22.04 -56.27 -58.68
C ASP H 101 -21.34 -54.91 -58.62
N GLU H 102 -20.15 -54.86 -58.02
CA GLU H 102 -19.46 -53.59 -57.84
C GLU H 102 -19.19 -52.87 -59.15
N ASN H 103 -19.08 -53.61 -60.25
CA ASN H 103 -18.68 -53.05 -61.53
C ASN H 103 -19.86 -52.79 -62.45
N GLY H 104 -21.09 -53.03 -61.98
CA GLY H 104 -22.26 -52.84 -62.81
C GLY H 104 -22.66 -54.04 -63.63
N GLN H 105 -21.89 -55.12 -63.58
CA GLN H 105 -22.20 -56.31 -64.37
C GLN H 105 -23.31 -57.11 -63.71
N GLY H 106 -24.01 -57.90 -64.52
CA GLY H 106 -25.15 -58.60 -63.99
C GLY H 106 -26.28 -57.63 -63.72
N GLY H 107 -27.24 -58.10 -62.93
CA GLY H 107 -28.32 -57.25 -62.50
C GLY H 107 -29.47 -57.22 -63.49
N THR H 108 -30.64 -56.83 -62.97
CA THR H 108 -31.87 -56.80 -63.74
C THR H 108 -32.43 -55.39 -63.71
N ALA H 109 -32.96 -54.94 -64.84
CA ALA H 109 -33.49 -53.60 -64.94
C ALA H 109 -34.93 -53.53 -64.43
N PHE H 110 -35.27 -52.41 -63.80
CA PHE H 110 -36.64 -52.19 -63.39
C PHE H 110 -37.53 -52.06 -64.62
N PRO H 111 -38.77 -52.56 -64.56
CA PRO H 111 -39.70 -52.33 -65.67
C PRO H 111 -40.09 -50.86 -65.75
N ALA H 112 -40.44 -50.43 -66.96
CA ALA H 112 -40.87 -49.05 -67.15
C ALA H 112 -42.16 -48.74 -66.40
N SER H 113 -42.98 -49.75 -66.11
CA SER H 113 -44.21 -49.54 -65.35
C SER H 113 -43.96 -49.31 -63.87
N ALA H 114 -42.74 -49.53 -63.39
CA ALA H 114 -42.40 -49.33 -62.00
C ALA H 114 -42.09 -47.89 -61.67
N VAL H 115 -41.99 -47.02 -62.66
CA VAL H 115 -41.56 -45.64 -62.46
C VAL H 115 -42.77 -44.79 -62.13
N GLN H 116 -42.72 -44.12 -60.98
CA GLN H 116 -43.76 -43.18 -60.58
C GLN H 116 -43.40 -41.75 -60.96
N SER H 117 -42.16 -41.35 -60.74
CA SER H 117 -41.65 -40.04 -61.10
C SER H 117 -40.23 -40.20 -61.58
N TRP H 118 -39.79 -39.27 -62.42
CA TRP H 118 -38.40 -39.29 -62.88
C TRP H 118 -38.02 -37.87 -63.29
N SER H 119 -37.31 -37.19 -62.40
CA SER H 119 -36.68 -35.92 -62.69
C SER H 119 -35.20 -36.15 -62.94
N ASP H 120 -34.47 -35.08 -63.22
CA ASP H 120 -33.03 -35.22 -63.38
C ASP H 120 -32.31 -35.33 -62.05
N THR H 121 -33.00 -35.10 -60.93
CA THR H 121 -32.40 -35.23 -59.61
C THR H 121 -33.15 -36.16 -58.67
N GLU H 122 -34.22 -36.83 -59.13
CA GLU H 122 -34.94 -37.75 -58.26
C GLU H 122 -35.70 -38.77 -59.11
N ILE H 123 -35.62 -40.03 -58.69
CA ILE H 123 -36.39 -41.11 -59.29
C ILE H 123 -37.17 -41.80 -58.19
N VAL H 124 -38.46 -42.01 -58.42
CA VAL H 124 -39.34 -42.70 -57.49
C VAL H 124 -39.87 -43.96 -58.17
N LEU H 125 -39.77 -45.09 -57.49
CA LEU H 125 -40.11 -46.38 -58.07
C LEU H 125 -41.03 -47.15 -57.15
N LYS H 126 -41.72 -48.13 -57.72
CA LYS H 126 -42.44 -49.15 -56.98
C LYS H 126 -41.76 -50.49 -57.20
N VAL H 127 -41.35 -51.14 -56.13
CA VAL H 127 -40.59 -52.38 -56.25
C VAL H 127 -41.51 -53.49 -56.72
N PRO H 128 -41.22 -54.15 -57.84
CA PRO H 128 -42.08 -55.21 -58.35
C PRO H 128 -41.88 -56.50 -57.56
N GLU H 129 -42.53 -57.55 -58.02
CA GLU H 129 -42.39 -58.86 -57.42
C GLU H 129 -41.37 -59.67 -58.21
N GLY H 130 -40.40 -60.25 -57.52
CA GLY H 130 -39.43 -61.10 -58.17
C GLY H 130 -38.00 -60.58 -58.15
N MET H 131 -37.76 -59.48 -57.45
CA MET H 131 -36.40 -58.99 -57.33
C MET H 131 -35.59 -59.87 -56.37
N PRO H 132 -34.27 -59.96 -56.56
CA PRO H 132 -33.45 -60.82 -55.71
C PRO H 132 -33.21 -60.19 -54.35
N ALA H 133 -33.69 -60.84 -53.31
CA ALA H 133 -33.50 -60.33 -51.95
C ALA H 133 -32.04 -60.44 -51.54
N GLY H 134 -31.64 -59.58 -50.62
CA GLY H 134 -30.27 -59.50 -50.18
C GLY H 134 -29.61 -58.22 -50.67
N GLY H 135 -28.32 -58.11 -50.36
CA GLY H 135 -27.56 -56.93 -50.74
C GLY H 135 -27.08 -57.00 -52.17
N SER H 136 -27.05 -55.84 -52.81
CA SER H 136 -26.66 -55.73 -54.21
C SER H 136 -26.38 -54.27 -54.51
N TRP H 137 -26.02 -53.99 -55.75
CA TRP H 137 -25.65 -52.65 -56.18
C TRP H 137 -26.71 -52.10 -57.13
N LEU H 138 -26.95 -50.81 -57.02
CA LEU H 138 -27.93 -50.12 -57.85
C LEU H 138 -27.22 -49.09 -58.71
N PHE H 139 -27.54 -49.08 -60.00
CA PHE H 139 -26.96 -48.13 -60.95
C PHE H 139 -28.09 -47.53 -61.78
N VAL H 140 -27.82 -46.35 -62.33
CA VAL H 140 -28.69 -45.70 -63.30
C VAL H 140 -27.90 -45.52 -64.57
N GLU H 141 -28.43 -46.00 -65.69
CA GLU H 141 -27.77 -45.89 -66.98
C GLU H 141 -28.51 -44.85 -67.82
N VAL H 142 -27.89 -43.69 -68.00
CA VAL H 142 -28.49 -42.58 -68.73
C VAL H 142 -27.86 -42.52 -70.10
N GLY H 143 -28.66 -42.77 -71.14
CA GLY H 143 -28.14 -42.73 -72.50
C GLY H 143 -27.02 -43.71 -72.74
N GLY H 144 -27.04 -44.85 -72.06
CA GLY H 144 -25.99 -45.84 -72.20
C GLY H 144 -24.80 -45.63 -71.29
N LYS H 145 -24.74 -44.53 -70.55
CA LYS H 145 -23.63 -44.22 -69.67
C LYS H 145 -24.01 -44.59 -68.24
N ARG H 146 -23.13 -45.31 -67.57
CA ARG H 146 -23.39 -45.81 -66.23
C ARG H 146 -23.01 -44.77 -65.18
N SER H 147 -23.78 -44.74 -64.10
CA SER H 147 -23.55 -43.79 -63.02
C SER H 147 -22.56 -44.39 -62.02
N THR H 148 -22.38 -43.68 -60.91
CA THR H 148 -21.74 -44.25 -59.74
C THR H 148 -22.80 -45.03 -58.95
N GLY H 149 -22.39 -46.12 -58.35
CA GLY H 149 -23.35 -46.99 -57.72
C GLY H 149 -23.58 -46.71 -56.26
N LEU H 150 -24.67 -47.28 -55.74
CA LEU H 150 -24.95 -47.31 -54.32
C LEU H 150 -25.41 -48.71 -53.95
N ARG H 151 -25.09 -49.14 -52.73
CA ARG H 151 -25.53 -50.43 -52.25
C ARG H 151 -26.95 -50.34 -51.71
N VAL H 152 -27.78 -51.29 -52.13
CA VAL H 152 -29.19 -51.31 -51.74
C VAL H 152 -29.47 -52.69 -51.15
N SER H 153 -30.45 -52.75 -50.27
CA SER H 153 -30.83 -53.98 -49.59
C SER H 153 -32.26 -54.33 -49.97
N VAL H 154 -32.42 -55.32 -50.84
CA VAL H 154 -33.74 -55.78 -51.24
C VAL H 154 -34.26 -56.74 -50.19
N ARG H 155 -35.48 -56.52 -49.73
CA ARG H 155 -36.07 -57.33 -48.69
C ARG H 155 -36.70 -58.59 -49.27
N GLY I 28 21.25 -53.34 -103.10
CA GLY I 28 22.48 -54.11 -102.95
C GLY I 28 23.28 -54.23 -104.23
N ARG I 29 24.57 -53.94 -104.14
CA ARG I 29 25.47 -53.98 -105.28
C ARG I 29 26.74 -54.72 -104.91
N VAL I 30 27.33 -55.39 -105.90
CA VAL I 30 28.60 -56.09 -105.72
C VAL I 30 29.60 -55.46 -106.68
N ASN I 31 30.78 -55.12 -106.16
CA ASN I 31 31.81 -54.47 -106.96
C ASN I 31 33.16 -54.87 -106.39
N VAL I 32 33.81 -55.84 -107.04
CA VAL I 32 35.10 -56.37 -106.60
C VAL I 32 36.08 -56.24 -107.74
N GLY I 33 37.31 -55.84 -107.42
CA GLY I 33 38.35 -55.69 -108.42
C GLY I 33 39.52 -56.60 -108.10
N VAL I 34 40.27 -56.97 -109.13
CA VAL I 34 41.31 -57.98 -109.03
C VAL I 34 42.60 -57.46 -109.66
N ASP I 35 43.71 -57.68 -108.96
CA ASP I 35 45.05 -57.41 -109.48
C ASP I 35 45.69 -58.75 -109.84
N VAL I 36 45.97 -58.96 -111.12
CA VAL I 36 46.40 -60.28 -111.59
C VAL I 36 47.88 -60.50 -111.32
N GLY I 37 48.74 -59.68 -111.90
CA GLY I 37 50.17 -59.86 -111.72
C GLY I 37 50.66 -61.19 -112.27
N ASP I 38 50.66 -61.32 -113.59
CA ASP I 38 50.96 -62.59 -114.26
C ASP I 38 52.43 -62.70 -114.66
N ALA I 39 53.32 -62.09 -113.91
CA ALA I 39 54.75 -62.26 -114.15
C ALA I 39 55.25 -63.53 -113.47
N GLY I 40 56.37 -64.04 -113.97
CA GLY I 40 56.93 -65.27 -113.44
C GLY I 40 56.00 -66.45 -113.57
N SER I 41 55.27 -66.54 -114.68
CA SER I 41 54.25 -67.56 -114.87
C SER I 41 54.55 -68.55 -116.00
N GLU I 42 55.58 -68.30 -116.81
CA GLU I 42 55.94 -69.20 -117.89
C GLU I 42 57.30 -69.82 -117.60
N GLN I 43 57.40 -71.13 -117.80
CA GLN I 43 58.64 -71.86 -117.60
C GLN I 43 59.59 -71.60 -118.75
N VAL I 44 60.85 -71.32 -118.43
CA VAL I 44 61.85 -70.98 -119.44
C VAL I 44 62.57 -72.26 -119.88
N ALA I 45 62.55 -72.52 -121.19
CA ALA I 45 63.24 -73.67 -121.74
C ALA I 45 63.99 -73.38 -123.02
N THR I 46 63.80 -72.22 -123.66
CA THR I 46 64.43 -71.91 -124.94
C THR I 46 65.89 -71.51 -124.72
N LEU I 47 66.70 -72.51 -124.40
CA LEU I 47 68.14 -72.35 -124.23
C LEU I 47 68.83 -73.50 -124.99
N THR I 48 69.10 -73.28 -126.28
CA THR I 48 69.91 -74.23 -127.02
C THR I 48 71.33 -74.29 -126.49
N ILE I 49 71.80 -73.21 -125.87
CA ILE I 49 73.06 -73.22 -125.13
C ILE I 49 72.83 -73.89 -123.79
N THR I 50 73.78 -73.78 -122.88
CA THR I 50 73.68 -74.51 -121.62
C THR I 50 74.35 -73.74 -120.51
N PRO I 51 74.01 -74.11 -119.28
CA PRO I 51 74.71 -73.67 -118.09
C PRO I 51 75.95 -74.54 -117.81
N GLU I 52 76.29 -75.43 -118.73
CA GLU I 52 77.46 -76.28 -118.61
C GLU I 52 78.71 -75.46 -118.98
N LYS I 53 79.82 -76.15 -119.23
CA LYS I 53 81.09 -75.49 -119.48
C LYS I 53 80.97 -74.42 -120.57
N CYS I 54 80.67 -74.83 -121.80
CA CYS I 54 80.42 -73.87 -122.87
C CYS I 54 79.45 -74.49 -123.88
N ASP I 55 78.15 -74.25 -123.66
CA ASP I 55 77.07 -74.57 -124.60
C ASP I 55 77.26 -75.92 -125.29
N ASP I 56 77.64 -76.95 -124.54
CA ASP I 56 78.00 -78.22 -125.14
C ASP I 56 77.19 -79.40 -124.65
N LYS I 57 76.89 -79.47 -123.36
CA LYS I 57 76.34 -80.69 -122.76
C LYS I 57 74.84 -80.58 -122.45
N GLY I 58 74.45 -79.59 -121.66
CA GLY I 58 73.08 -79.49 -121.14
C GLY I 58 72.17 -78.85 -122.19
N VAL I 59 71.95 -79.58 -123.27
CA VAL I 59 71.09 -79.11 -124.35
C VAL I 59 69.62 -79.35 -124.02
N PRO I 74 53.37 -68.96 -109.38
CA PRO I 74 52.06 -68.89 -110.04
C PRO I 74 51.50 -67.49 -110.03
N VAL I 75 50.48 -67.24 -110.86
CA VAL I 75 49.83 -65.94 -110.89
C VAL I 75 49.06 -65.74 -109.59
N THR I 76 49.24 -64.57 -108.97
CA THR I 76 48.60 -64.27 -107.69
C THR I 76 47.44 -63.29 -107.91
N PHE I 77 46.22 -63.83 -107.91
CA PHE I 77 45.03 -63.00 -108.00
C PHE I 77 44.77 -62.32 -106.65
N THR I 78 44.45 -61.03 -106.69
CA THR I 78 44.22 -60.25 -105.47
C THR I 78 42.90 -59.52 -105.59
N PHE I 79 41.88 -60.02 -104.88
CA PHE I 79 40.52 -59.48 -104.94
C PHE I 79 40.31 -58.50 -103.80
N THR I 80 39.82 -57.30 -104.12
CA THR I 80 39.40 -56.33 -103.12
C THR I 80 38.04 -55.78 -103.50
N ALA I 81 37.23 -55.50 -102.49
CA ALA I 81 35.88 -54.99 -102.70
C ALA I 81 35.88 -53.47 -102.71
N ARG I 82 35.18 -52.90 -103.68
CA ARG I 82 35.10 -51.46 -103.81
C ARG I 82 34.24 -50.88 -102.68
N PRO I 83 34.42 -49.60 -102.34
CA PRO I 83 33.60 -49.00 -101.29
C PRO I 83 32.12 -49.05 -101.61
N GLY I 84 31.33 -49.36 -100.60
CA GLY I 84 29.89 -49.48 -100.75
C GLY I 84 29.40 -50.82 -101.22
N SER I 85 30.29 -51.80 -101.41
CA SER I 85 29.94 -53.09 -101.95
C SER I 85 29.54 -54.07 -100.86
N GLU I 86 28.88 -55.15 -101.26
CA GLU I 86 28.57 -56.23 -100.34
C GLU I 86 29.78 -57.14 -100.20
N ALA I 87 29.68 -58.11 -99.29
CA ALA I 87 30.63 -59.20 -99.25
C ALA I 87 30.24 -60.24 -100.30
N VAL I 88 31.22 -61.02 -100.73
CA VAL I 88 31.01 -62.02 -101.76
C VAL I 88 31.97 -63.17 -101.53
N THR I 89 31.54 -64.37 -101.90
CA THR I 89 32.35 -65.58 -101.82
C THR I 89 32.49 -66.18 -103.20
N ILE I 90 33.73 -66.42 -103.63
CA ILE I 90 34.01 -66.96 -104.95
C ILE I 90 34.10 -68.47 -104.86
N GLU I 91 33.34 -69.16 -105.71
CA GLU I 91 33.26 -70.61 -105.67
C GLU I 91 34.14 -71.30 -106.71
N GLY I 92 34.33 -70.68 -107.87
CA GLY I 92 35.15 -71.27 -108.90
C GLY I 92 35.19 -70.37 -110.11
N TYR I 93 35.82 -70.86 -111.18
CA TYR I 93 35.99 -70.07 -112.39
C TYR I 93 35.72 -70.93 -113.62
N ARG I 94 35.35 -70.26 -114.71
CA ARG I 94 35.19 -70.88 -116.01
C ARG I 94 36.18 -70.27 -116.98
N VAL I 95 36.83 -71.10 -117.79
CA VAL I 95 37.77 -70.64 -118.80
C VAL I 95 37.00 -70.47 -120.11
N LEU I 96 36.66 -69.22 -120.43
CA LEU I 96 35.82 -68.92 -121.58
C LEU I 96 36.60 -68.83 -122.89
N SER I 97 37.93 -68.77 -122.84
CA SER I 97 38.72 -68.62 -124.06
C SER I 97 40.15 -69.04 -123.76
N ASP I 98 40.62 -70.08 -124.43
CA ASP I 98 42.00 -70.53 -124.33
C ASP I 98 42.65 -70.42 -125.70
N ARG I 99 43.81 -69.75 -125.76
CA ARG I 99 44.50 -69.50 -127.03
C ARG I 99 46.00 -69.68 -126.81
N LEU I 100 46.52 -70.83 -127.24
CA LEU I 100 47.96 -71.08 -127.24
C LEU I 100 48.51 -70.64 -128.59
N ASP I 101 49.35 -69.60 -128.58
CA ASP I 101 49.95 -69.01 -129.77
C ASP I 101 48.92 -68.48 -130.76
N GLY I 102 47.65 -68.38 -130.37
CA GLY I 102 46.63 -67.79 -131.19
C GLY I 102 45.55 -68.70 -131.72
N VAL I 103 45.45 -69.94 -131.22
CA VAL I 103 44.48 -70.91 -131.69
C VAL I 103 43.44 -71.11 -130.59
N GLU I 104 42.18 -70.88 -130.93
CA GLU I 104 41.08 -70.95 -129.97
C GLU I 104 40.78 -72.42 -129.69
N ARG I 105 41.51 -72.98 -128.73
CA ARG I 105 41.32 -74.37 -128.31
C ARG I 105 40.44 -74.43 -127.07
N ALA I 106 39.23 -73.89 -127.20
CA ALA I 106 38.36 -73.67 -126.05
C ALA I 106 37.02 -74.38 -126.12
N ASP I 107 36.38 -74.42 -127.30
CA ASP I 107 35.03 -74.94 -127.46
C ASP I 107 34.09 -74.25 -126.48
N PRO I 108 33.73 -72.98 -126.71
CA PRO I 108 32.94 -72.24 -125.72
C PRO I 108 31.57 -72.84 -125.43
N LYS I 109 31.15 -73.87 -126.16
CA LYS I 109 29.91 -74.56 -125.81
C LYS I 109 30.03 -75.27 -124.46
N ASN I 110 31.21 -75.81 -124.15
CA ASN I 110 31.45 -76.59 -122.94
C ASN I 110 32.72 -76.08 -122.28
N PRO I 111 32.63 -74.98 -121.52
CA PRO I 111 33.82 -74.45 -120.83
C PRO I 111 34.37 -75.43 -119.81
N VAL I 112 35.53 -75.09 -119.28
CA VAL I 112 36.21 -75.90 -118.28
C VAL I 112 35.90 -75.28 -116.92
N GLU I 113 34.95 -75.87 -116.21
CA GLU I 113 34.56 -75.35 -114.91
C GLU I 113 35.54 -75.79 -113.83
N ASN I 114 35.61 -74.99 -112.77
CA ASN I 114 36.27 -75.35 -111.53
C ASN I 114 35.33 -75.00 -110.40
N ALA I 115 35.27 -75.88 -109.39
CA ALA I 115 34.38 -75.68 -108.25
C ALA I 115 35.11 -76.01 -106.97
N LYS I 116 36.35 -75.55 -106.84
CA LYS I 116 37.20 -75.90 -105.72
C LYS I 116 37.73 -74.68 -104.99
N MET I 117 36.88 -73.66 -104.86
CA MET I 117 37.26 -72.41 -104.21
C MET I 117 36.23 -72.04 -103.15
N ASN I 118 36.72 -71.67 -101.97
CA ASN I 118 35.90 -71.03 -100.92
C ASN I 118 36.68 -69.80 -100.49
N LEU I 119 36.50 -68.69 -101.21
CA LEU I 119 37.28 -67.48 -100.99
C LEU I 119 36.34 -66.34 -100.62
N TYR I 120 36.56 -65.76 -99.45
CA TYR I 120 35.70 -64.72 -98.92
C TYR I 120 36.31 -63.35 -99.16
N VAL I 121 35.54 -62.47 -99.78
CA VAL I 121 35.94 -61.09 -100.03
C VAL I 121 35.13 -60.20 -99.08
N PRO I 122 35.76 -59.58 -98.08
CA PRO I 122 35.02 -58.74 -97.13
C PRO I 122 34.27 -57.60 -97.81
N SER I 123 33.39 -56.98 -97.02
CA SER I 123 32.32 -56.14 -97.58
C SER I 123 32.86 -54.94 -98.33
N GLY I 124 33.82 -54.23 -97.75
CA GLY I 124 34.25 -52.98 -98.34
C GLY I 124 33.78 -51.79 -97.53
N TYR I 125 33.75 -51.97 -96.22
CA TYR I 125 33.44 -50.92 -95.27
C TYR I 125 34.56 -50.88 -94.24
N ALA I 126 34.42 -50.01 -93.25
CA ALA I 126 35.39 -49.92 -92.17
C ALA I 126 34.66 -49.53 -90.89
N CYS I 127 35.10 -50.09 -89.78
CA CYS I 127 34.47 -49.86 -88.49
C CYS I 127 35.49 -50.13 -87.38
N GLU I 128 35.00 -50.24 -86.15
CA GLU I 128 35.87 -50.43 -85.00
C GLU I 128 36.05 -51.90 -84.63
N GLY I 129 34.98 -52.69 -84.69
CA GLY I 129 35.01 -54.07 -84.28
C GLY I 129 35.38 -55.07 -85.35
N LEU I 130 35.82 -54.59 -86.52
CA LEU I 130 36.13 -55.50 -87.62
C LEU I 130 37.35 -56.35 -87.29
N THR I 131 37.22 -57.65 -87.47
CA THR I 131 38.32 -58.59 -87.29
C THR I 131 39.13 -58.67 -88.57
N ALA I 132 40.00 -59.68 -88.67
CA ALA I 132 40.89 -59.78 -89.83
C ALA I 132 40.11 -60.08 -91.10
N GLY I 133 39.40 -61.21 -91.14
CA GLY I 133 38.76 -61.64 -92.36
C GLY I 133 37.24 -61.63 -92.30
N ALA I 134 36.66 -60.60 -91.70
CA ALA I 134 35.21 -60.51 -91.54
C ALA I 134 34.68 -59.28 -92.28
N SER I 135 33.38 -59.08 -92.17
CA SER I 135 32.71 -57.91 -92.73
C SER I 135 31.96 -57.20 -91.61
N CYS I 136 31.81 -55.88 -91.77
CA CYS I 136 31.03 -55.10 -90.83
C CYS I 136 29.56 -55.48 -90.92
N GLN I 137 28.86 -55.35 -89.80
CA GLN I 137 27.41 -55.58 -89.81
C GLN I 137 26.70 -54.58 -90.71
N GLY I 138 27.08 -53.31 -90.62
CA GLY I 138 26.48 -52.26 -91.42
C GLY I 138 25.76 -51.19 -90.63
N ASN I 139 25.75 -51.27 -89.30
CA ASN I 139 25.03 -50.32 -88.47
C ASN I 139 25.86 -49.94 -87.25
N GLU I 140 27.14 -49.65 -87.47
CA GLU I 140 28.06 -49.37 -86.37
C GLU I 140 28.05 -47.92 -85.91
N SER I 141 27.40 -47.02 -86.66
CA SER I 141 27.35 -45.58 -86.37
C SER I 141 28.74 -44.96 -86.54
N ASP I 142 29.73 -45.80 -86.79
CA ASP I 142 31.09 -45.39 -87.09
C ASP I 142 31.48 -45.81 -88.50
N ILE I 143 30.62 -46.56 -89.18
CA ILE I 143 31.01 -47.27 -90.40
C ILE I 143 31.22 -46.28 -91.55
N ARG I 144 32.30 -46.48 -92.28
CA ARG I 144 32.58 -45.75 -93.51
C ARG I 144 32.52 -46.72 -94.68
N ILE I 145 32.69 -46.17 -95.89
CA ILE I 145 32.88 -46.97 -97.09
C ILE I 145 34.35 -46.89 -97.45
N ALA I 146 35.00 -48.05 -97.55
CA ALA I 146 36.43 -48.10 -97.82
C ALA I 146 36.69 -49.26 -98.77
N ASN I 147 37.96 -49.53 -99.02
CA ASN I 147 38.33 -50.70 -99.80
C ASN I 147 38.47 -51.90 -98.87
N GLY I 148 37.95 -53.04 -99.32
CA GLY I 148 37.97 -54.22 -98.48
C GLY I 148 39.37 -54.79 -98.32
N GLN I 149 39.49 -55.70 -97.37
CA GLN I 149 40.77 -56.37 -97.16
C GLN I 149 41.11 -57.22 -98.38
N PRO I 150 42.37 -57.22 -98.82
CA PRO I 150 42.75 -58.02 -99.99
C PRO I 150 42.86 -59.49 -99.63
N VAL I 151 42.27 -60.34 -100.46
CA VAL I 151 42.36 -61.78 -100.34
C VAL I 151 42.91 -62.35 -101.64
N GLN I 152 43.82 -63.30 -101.54
CA GLN I 152 44.56 -63.79 -102.70
C GLN I 152 44.24 -65.25 -103.00
N HIS I 153 44.48 -65.62 -104.25
CA HIS I 153 44.39 -66.99 -104.72
C HIS I 153 45.42 -67.19 -105.81
N GLN I 154 45.87 -68.43 -105.98
CA GLN I 154 46.91 -68.76 -106.93
C GLN I 154 46.42 -69.84 -107.89
N ILE I 155 46.65 -69.60 -109.18
CA ILE I 155 46.38 -70.58 -110.24
C ILE I 155 47.66 -70.69 -111.04
N TYR I 156 48.37 -71.81 -110.90
CA TYR I 156 49.60 -72.03 -111.65
C TYR I 156 49.27 -72.56 -113.03
N PHE I 157 49.55 -71.76 -114.05
CA PHE I 157 49.23 -72.12 -115.43
C PHE I 157 50.40 -72.83 -116.09
N ARG I 174 50.34 -68.46 -124.37
CA ARG I 174 49.00 -68.81 -123.94
C ARG I 174 48.33 -67.66 -123.19
N VAL I 175 47.13 -67.29 -123.61
CA VAL I 175 46.32 -66.29 -122.92
C VAL I 175 44.93 -66.87 -122.69
N VAL I 176 44.52 -66.92 -121.42
CA VAL I 176 43.22 -67.48 -121.05
C VAL I 176 42.35 -66.36 -120.49
N ASP I 177 41.04 -66.54 -120.61
CA ASP I 177 40.05 -65.56 -120.16
C ASP I 177 39.17 -66.21 -119.11
N LEU I 178 39.49 -65.97 -117.84
CA LEU I 178 38.74 -66.58 -116.75
C LEU I 178 37.42 -65.86 -116.53
N GLU I 179 36.59 -66.45 -115.67
CA GLU I 179 35.36 -65.80 -115.22
C GLU I 179 35.01 -66.41 -113.87
N PHE I 180 35.35 -65.71 -112.79
CA PHE I 180 35.04 -66.19 -111.45
C PHE I 180 33.54 -66.09 -111.19
N TYR I 181 33.03 -66.97 -110.34
CA TYR I 181 31.62 -66.96 -109.97
C TYR I 181 31.48 -67.21 -108.48
N GLY I 182 30.28 -66.98 -107.98
CA GLY I 182 30.02 -67.12 -106.56
C GLY I 182 28.67 -66.54 -106.19
N PHE I 183 28.57 -66.09 -104.95
CA PHE I 183 27.33 -65.51 -104.42
C PHE I 183 27.68 -64.44 -103.41
N SER I 184 26.82 -63.43 -103.32
CA SER I 184 27.07 -62.30 -102.43
C SER I 184 26.60 -62.65 -101.01
N ALA I 185 26.58 -61.64 -100.13
CA ALA I 185 26.10 -61.86 -98.78
C ALA I 185 24.59 -62.02 -98.73
N ASN I 186 23.88 -61.62 -99.77
CA ASN I 186 22.45 -61.86 -99.91
C ASN I 186 22.15 -63.08 -100.76
N ASN I 187 23.17 -63.89 -101.05
CA ASN I 187 23.01 -65.16 -101.78
C ASN I 187 22.45 -64.93 -103.18
N VAL I 188 23.09 -64.05 -103.93
CA VAL I 188 22.73 -63.85 -105.34
C VAL I 188 23.94 -64.13 -106.21
N PRO I 189 23.75 -64.69 -107.41
CA PRO I 189 24.89 -65.11 -108.23
C PRO I 189 25.76 -63.93 -108.65
N PHE I 190 27.05 -64.23 -108.84
CA PHE I 190 28.05 -63.21 -109.14
C PHE I 190 29.00 -63.73 -110.21
N THR I 191 29.41 -62.84 -111.12
CA THR I 191 30.38 -63.16 -112.15
C THR I 191 31.36 -62.00 -112.33
N ARG I 192 32.62 -62.32 -112.59
CA ARG I 192 33.67 -61.31 -112.69
C ARG I 192 34.71 -61.79 -113.68
N LYS I 193 34.78 -61.15 -114.85
CA LYS I 193 35.68 -61.57 -115.91
C LYS I 193 37.07 -60.98 -115.70
N VAL I 194 38.09 -61.81 -115.86
CA VAL I 194 39.48 -61.42 -115.62
C VAL I 194 40.28 -61.66 -116.90
N THR I 195 39.63 -61.42 -118.04
CA THR I 195 40.22 -61.63 -119.36
C THR I 195 41.64 -61.08 -119.49
N GLY I 196 42.46 -61.75 -120.29
CA GLY I 196 43.74 -61.23 -120.73
C GLY I 196 44.97 -61.82 -120.07
N ILE I 197 44.83 -62.69 -119.08
CA ILE I 197 46.00 -63.18 -118.36
C ILE I 197 46.87 -64.03 -119.28
N VAL I 198 48.19 -63.87 -119.14
CA VAL I 198 49.16 -64.41 -120.08
C VAL I 198 49.90 -65.57 -119.43
N SER I 199 49.89 -66.73 -120.08
CA SER I 199 50.64 -67.90 -119.67
C SER I 199 50.39 -68.30 -118.21
N THR J 34 -91.72 19.72 128.44
CA THR J 34 -90.45 20.38 128.75
C THR J 34 -90.56 21.22 130.02
N VAL J 35 -89.42 21.47 130.67
CA VAL J 35 -89.37 22.27 131.87
C VAL J 35 -88.09 23.09 131.86
N TYR J 36 -88.18 24.30 132.39
CA TYR J 36 -87.05 25.20 132.54
C TYR J 36 -86.73 25.33 134.02
N ARG J 37 -85.53 24.93 134.42
CA ARG J 37 -85.10 25.08 135.80
C ARG J 37 -83.63 25.51 135.82
N ASP J 38 -83.32 26.47 136.68
CA ASP J 38 -81.96 26.97 136.87
C ASP J 38 -81.57 26.73 138.32
N PRO J 39 -80.86 25.64 138.61
CA PRO J 39 -80.52 25.30 139.99
C PRO J 39 -79.38 26.14 140.55
N SER J 40 -79.44 27.45 140.29
CA SER J 40 -78.52 28.41 140.87
C SER J 40 -79.22 29.72 141.22
N LEU J 41 -80.54 29.69 141.32
CA LEU J 41 -81.33 30.87 141.64
C LEU J 41 -82.29 30.54 142.78
N THR J 42 -82.83 31.58 143.39
CA THR J 42 -83.77 31.42 144.48
C THR J 42 -85.03 30.72 144.01
N SER J 43 -85.56 29.84 144.85
CA SER J 43 -86.78 29.10 144.55
C SER J 43 -88.00 29.68 145.23
N ALA J 44 -87.91 30.89 145.78
CA ALA J 44 -89.04 31.48 146.47
C ALA J 44 -90.16 31.80 145.48
N PRO J 45 -91.41 31.66 145.88
CA PRO J 45 -92.52 31.95 144.96
C PRO J 45 -92.65 33.43 144.66
N ILE J 46 -93.18 33.71 143.47
CA ILE J 46 -93.44 35.07 143.03
C ILE J 46 -94.91 35.18 142.64
N THR J 47 -95.35 36.41 142.37
CA THR J 47 -96.72 36.66 141.95
C THR J 47 -96.72 37.99 141.21
N ALA J 48 -97.01 37.95 139.91
CA ALA J 48 -96.91 39.14 139.08
C ALA J 48 -97.98 39.12 138.00
N ASN J 49 -98.07 40.23 137.28
CA ASN J 49 -99.06 40.42 136.22
C ASN J 49 -98.68 41.65 135.42
N VAL J 50 -98.98 41.62 134.13
CA VAL J 50 -98.68 42.75 133.25
C VAL J 50 -99.51 42.62 131.99
N GLY J 51 -100.04 43.75 131.52
CA GLY J 51 -100.60 43.85 130.20
C GLY J 51 -101.92 43.14 129.96
N LYS J 52 -102.59 43.51 128.87
CA LYS J 52 -103.79 42.84 128.40
C LYS J 52 -103.67 42.60 126.90
N TYR J 53 -104.31 41.53 126.44
CA TYR J 53 -104.26 41.19 125.03
C TYR J 53 -105.01 42.21 124.20
N VAL J 54 -104.53 42.45 122.98
CA VAL J 54 -105.07 43.51 122.15
C VAL J 54 -106.13 43.00 121.18
N GLY J 55 -105.89 41.87 120.53
CA GLY J 55 -106.75 41.42 119.46
C GLY J 55 -107.97 40.68 119.96
N PRO J 56 -108.86 40.31 119.03
CA PRO J 56 -110.00 39.49 119.40
C PRO J 56 -109.69 38.00 119.42
N LEU J 57 -108.61 37.58 118.79
CA LEU J 57 -108.26 36.16 118.75
C LEU J 57 -107.35 35.77 119.91
N SER J 58 -106.38 36.62 120.25
CA SER J 58 -105.55 36.33 121.42
C SER J 58 -106.37 36.34 122.69
N THR J 59 -107.40 37.19 122.75
CA THR J 59 -108.25 37.22 123.94
C THR J 59 -109.18 36.02 123.99
N PHE J 60 -109.73 35.61 122.85
CA PHE J 60 -110.61 34.44 122.84
C PHE J 60 -109.88 33.19 123.25
N LEU J 61 -108.76 32.91 122.59
CA LEU J 61 -107.82 31.94 123.14
C LEU J 61 -107.24 32.49 124.43
N ALA J 62 -106.55 31.64 125.17
CA ALA J 62 -105.95 32.05 126.44
C ALA J 62 -107.01 32.46 127.45
N SER J 63 -108.28 32.38 127.05
CA SER J 63 -109.42 32.55 127.93
C SER J 63 -110.28 31.30 127.99
N ILE J 64 -110.47 30.60 126.87
CA ILE J 64 -111.08 29.29 126.92
C ILE J 64 -110.12 28.29 127.55
N ALA J 65 -108.82 28.56 127.47
CA ALA J 65 -107.85 27.70 128.14
C ALA J 65 -107.70 28.03 129.61
N LYS J 66 -108.20 29.19 130.06
CA LYS J 66 -108.27 29.45 131.48
C LYS J 66 -109.52 28.86 132.12
N SER J 67 -110.49 28.44 131.31
CA SER J 67 -111.59 27.64 131.84
C SER J 67 -111.07 26.32 132.38
N ALA J 68 -110.15 25.69 131.66
CA ALA J 68 -109.31 24.65 132.24
C ALA J 68 -108.14 25.32 132.96
N GLY J 69 -107.24 24.53 133.53
CA GLY J 69 -106.11 25.14 134.17
C GLY J 69 -104.92 25.27 133.24
N TYR J 70 -104.79 26.41 132.57
CA TYR J 70 -103.71 26.63 131.63
C TYR J 70 -103.43 28.12 131.56
N GLU J 71 -102.22 28.46 131.10
CA GLU J 71 -101.69 29.82 131.21
C GLU J 71 -101.08 30.28 129.92
N VAL J 72 -101.83 30.15 128.82
CA VAL J 72 -101.36 30.36 127.46
C VAL J 72 -100.35 31.49 127.28
N VAL J 73 -99.26 31.19 126.57
CA VAL J 73 -98.21 32.15 126.25
C VAL J 73 -97.97 32.12 124.75
N PHE J 74 -98.01 33.28 124.10
CA PHE J 74 -97.89 33.37 122.66
C PHE J 74 -96.46 33.72 122.27
N ASN J 75 -95.93 33.01 121.28
CA ASN J 75 -94.58 33.23 120.80
C ASN J 75 -94.50 34.27 119.70
N PHE J 76 -95.63 34.80 119.24
CA PHE J 76 -95.66 35.76 118.16
C PHE J 76 -96.90 36.62 118.30
N ASN J 77 -97.04 37.59 117.40
CA ASN J 77 -98.19 38.50 117.42
C ASN J 77 -99.33 37.83 116.68
N ILE J 78 -100.13 37.05 117.42
CA ILE J 78 -101.21 36.29 116.80
C ILE J 78 -102.29 37.21 116.23
N ASP J 79 -102.35 38.46 116.67
CA ASP J 79 -103.35 39.40 116.20
C ASP J 79 -102.92 40.13 114.95
N ALA J 80 -101.75 39.82 114.40
CA ALA J 80 -101.31 40.39 113.13
C ALA J 80 -101.58 39.46 111.96
N LEU J 81 -102.38 38.42 112.18
CA LEU J 81 -102.81 37.57 111.09
C LEU J 81 -103.94 38.25 110.32
N ALA J 82 -104.50 37.54 109.34
CA ALA J 82 -105.63 38.04 108.58
C ALA J 82 -106.91 37.53 109.23
N LEU J 83 -107.64 38.42 109.88
CA LEU J 83 -108.81 38.05 110.67
C LEU J 83 -109.97 38.95 110.31
N ILE J 84 -111.14 38.34 110.07
CA ILE J 84 -112.35 39.05 109.67
C ILE J 84 -113.44 38.78 110.70
N ASN J 85 -114.22 39.82 111.01
CA ASN J 85 -115.21 39.73 112.07
C ASN J 85 -116.20 40.87 111.90
N GLY J 86 -117.33 40.76 112.60
CA GLY J 86 -118.29 41.85 112.59
C GLY J 86 -117.74 43.11 113.24
N GLU J 87 -117.04 42.95 114.35
CA GLU J 87 -116.49 44.09 115.07
C GLU J 87 -115.21 44.61 114.45
N ILE J 88 -114.46 43.76 113.75
CA ILE J 88 -113.18 44.19 113.17
C ILE J 88 -113.39 45.27 112.13
N VAL J 89 -114.42 45.11 111.28
CA VAL J 89 -114.60 46.06 110.19
C VAL J 89 -115.55 47.19 110.54
N PHE J 90 -116.50 46.96 111.46
CA PHE J 90 -117.55 47.92 111.74
C PHE J 90 -117.34 48.67 113.04
N GLY J 91 -116.16 48.57 113.64
CA GLY J 91 -115.97 49.20 114.93
C GLY J 91 -116.81 48.53 116.00
N ASN J 92 -117.11 49.31 117.04
CA ASN J 92 -117.87 48.79 118.17
C ASN J 92 -118.71 49.89 118.81
N THR J 98 -112.33 51.39 120.04
CA THR J 98 -110.98 51.50 119.49
C THR J 98 -111.03 51.59 117.97
N THR J 99 -109.87 51.37 117.34
CA THR J 99 -109.75 51.42 115.90
C THR J 99 -109.54 50.03 115.30
N SER J 100 -109.82 48.98 116.07
CA SER J 100 -109.90 47.61 115.57
C SER J 100 -108.58 47.17 114.92
N TYR J 101 -107.58 47.01 115.78
CA TYR J 101 -106.27 46.54 115.36
C TYR J 101 -106.35 45.08 114.92
N ALA J 102 -107.02 44.81 113.79
CA ALA J 102 -107.01 43.46 113.26
C ALA J 102 -106.73 43.41 111.77
N THR J 103 -107.29 44.35 111.01
CA THR J 103 -106.97 44.58 109.60
C THR J 103 -107.09 43.31 108.77
N PRO J 104 -108.28 42.94 108.31
CA PRO J 104 -108.47 41.71 107.52
C PRO J 104 -107.44 41.48 106.43
N LEU J 105 -106.75 42.53 106.01
CA LEU J 105 -105.62 42.43 105.10
C LEU J 105 -104.39 41.90 105.75
N GLY J 106 -104.45 41.53 107.02
CA GLY J 106 -103.27 41.12 107.73
C GLY J 106 -102.46 42.31 108.19
N ARG J 107 -101.30 42.02 108.75
CA ARG J 107 -100.38 43.07 109.19
C ARG J 107 -98.99 42.47 109.32
N PRO J 108 -98.40 41.98 108.22
CA PRO J 108 -97.21 41.12 108.35
C PRO J 108 -95.97 41.81 108.87
N GLN J 109 -95.89 43.15 108.84
CA GLN J 109 -94.72 43.81 109.39
C GLN J 109 -94.69 43.80 110.91
N GLU J 110 -95.84 43.60 111.55
CA GLU J 110 -95.95 43.54 113.00
C GLU J 110 -96.23 42.14 113.50
N LEU J 111 -95.92 41.15 112.69
CA LEU J 111 -96.20 39.75 113.02
C LEU J 111 -95.18 39.17 113.99
N PRO J 112 -93.86 39.44 113.85
CA PRO J 112 -92.91 38.82 114.78
C PRO J 112 -92.80 39.53 116.11
N ALA J 113 -93.76 40.38 116.47
CA ALA J 113 -93.75 41.02 117.77
C ALA J 113 -93.96 39.98 118.86
N LYS J 114 -93.82 40.42 120.12
CA LYS J 114 -93.95 39.53 121.27
C LYS J 114 -94.96 40.14 122.23
N PRO J 115 -96.07 39.46 122.53
CA PRO J 115 -97.06 40.01 123.46
C PRO J 115 -96.54 39.97 124.89
N VAL J 116 -96.42 41.15 125.51
CA VAL J 116 -96.02 41.23 126.92
C VAL J 116 -97.31 41.16 127.73
N VAL J 117 -97.78 39.93 127.93
CA VAL J 117 -98.92 39.65 128.81
C VAL J 117 -98.59 38.38 129.56
N HIS J 118 -98.45 38.50 130.89
CA HIS J 118 -98.05 37.36 131.71
C HIS J 118 -98.85 37.37 133.00
N ASN J 119 -98.98 36.18 133.59
CA ASN J 119 -99.70 36.04 134.86
C ASN J 119 -99.05 34.90 135.63
N PHE J 120 -98.59 35.19 136.84
CA PHE J 120 -97.92 34.22 137.68
C PHE J 120 -98.54 34.24 139.07
N SER J 121 -98.73 33.05 139.63
CA SER J 121 -99.33 32.90 140.96
C SER J 121 -98.57 31.82 141.70
N ASN J 122 -97.77 32.24 142.70
CA ASN J 122 -96.99 31.32 143.52
C ASN J 122 -96.06 30.45 142.69
N ALA J 123 -95.59 30.98 141.57
CA ALA J 123 -94.63 30.25 140.76
C ALA J 123 -93.22 30.44 141.31
N PRO J 124 -92.41 29.39 141.32
CA PRO J 124 -91.04 29.53 141.81
C PRO J 124 -90.20 30.40 140.86
N PHE J 125 -89.56 31.42 141.42
CA PHE J 125 -88.66 32.24 140.63
C PHE J 125 -87.53 31.42 140.03
N ASN J 126 -87.22 30.28 140.64
CA ASN J 126 -86.19 29.39 140.10
C ASN J 126 -86.52 28.97 138.68
N GLU J 127 -87.79 28.64 138.43
CA GLU J 127 -88.20 28.07 137.16
C GLU J 127 -89.12 28.98 136.35
N ALA J 128 -89.56 30.10 136.91
CA ALA J 128 -90.32 31.08 136.13
C ALA J 128 -89.42 32.08 135.42
N TRP J 129 -88.28 32.40 136.00
CA TRP J 129 -87.32 33.29 135.34
C TRP J 129 -86.77 32.69 134.05
N PRO J 130 -86.26 31.45 134.01
CA PRO J 130 -85.71 30.93 132.76
C PRO J 130 -86.73 30.83 131.64
N LEU J 131 -88.01 30.70 131.96
CA LEU J 131 -89.02 30.71 130.91
C LEU J 131 -89.08 32.06 130.21
N LEU J 132 -89.13 33.14 130.98
CA LEU J 132 -89.21 34.47 130.40
C LEU J 132 -87.96 34.79 129.59
N MET J 133 -86.81 34.26 130.00
CA MET J 133 -85.58 34.50 129.28
C MET J 133 -85.54 33.75 127.96
N ASP J 134 -86.44 32.79 127.77
CA ASP J 134 -86.58 32.05 126.51
C ASP J 134 -87.69 32.59 125.63
N VAL J 135 -88.72 33.20 126.21
CA VAL J 135 -89.75 33.84 125.41
C VAL J 135 -89.17 35.03 124.65
N TYR J 136 -88.38 35.84 125.34
CA TYR J 136 -87.80 37.05 124.76
C TYR J 136 -86.38 36.86 124.25
N GLU J 137 -85.86 35.63 124.30
CA GLU J 137 -84.53 35.31 123.78
C GLU J 137 -83.46 36.22 124.38
N LEU J 138 -83.34 36.16 125.70
CA LEU J 138 -82.32 36.92 126.41
C LEU J 138 -81.38 35.95 127.13
N ASP J 139 -80.30 36.50 127.67
CA ASP J 139 -79.25 35.71 128.29
C ASP J 139 -78.74 36.46 129.50
N TYR J 140 -78.68 35.79 130.65
CA TYR J 140 -78.34 36.44 131.90
C TYR J 140 -77.13 35.79 132.55
N GLN J 141 -76.57 36.52 133.52
CA GLN J 141 -75.48 36.00 134.34
C GLN J 141 -75.51 36.75 135.67
N LEU J 142 -74.90 36.14 136.68
CA LEU J 142 -74.96 36.64 138.05
C LEU J 142 -73.67 37.34 138.44
N VAL J 143 -73.80 38.47 139.12
CA VAL J 143 -72.66 39.26 139.60
C VAL J 143 -72.91 39.55 141.07
N LYS J 144 -71.84 39.58 141.86
CA LYS J 144 -71.92 39.88 143.28
C LYS J 144 -71.37 41.27 143.55
N VAL J 145 -72.13 42.09 144.26
CA VAL J 145 -71.70 43.44 144.62
C VAL J 145 -71.63 43.47 146.14
N GLY J 146 -71.25 42.33 146.72
CA GLY J 146 -71.15 42.21 148.15
C GLY J 146 -72.16 41.22 148.72
N SER J 147 -73.09 41.73 149.53
CA SER J 147 -74.16 40.91 150.07
C SER J 147 -75.38 40.85 149.16
N ALA J 148 -75.32 41.49 147.99
CA ALA J 148 -76.43 41.52 147.06
C ALA J 148 -76.01 40.88 145.75
N ASN J 149 -76.86 40.00 145.22
CA ASN J 149 -76.63 39.39 143.92
C ASN J 149 -77.38 40.16 142.85
N VAL J 150 -76.71 40.43 141.74
CA VAL J 150 -77.24 41.25 140.66
C VAL J 150 -77.18 40.48 139.36
N ILE J 151 -78.27 40.52 138.61
CA ILE J 151 -78.41 39.79 137.34
C ILE J 151 -78.15 40.75 136.20
N ARG J 152 -77.27 40.36 135.28
CA ARG J 152 -76.90 41.19 134.15
C ARG J 152 -77.52 40.60 132.90
N ILE J 153 -78.75 41.02 132.60
CA ILE J 153 -79.44 40.51 131.42
C ILE J 153 -78.79 41.07 130.16
N GLY J 154 -78.55 40.21 129.19
CA GLY J 154 -78.01 40.61 127.91
C GLY J 154 -78.92 40.21 126.77
N GLN J 155 -78.33 39.66 125.71
CA GLN J 155 -79.10 39.23 124.55
C GLN J 155 -78.49 37.92 124.08
N ARG J 156 -79.33 36.97 123.68
CA ARG J 156 -78.83 35.64 123.37
C ARG J 156 -78.20 35.62 121.99
N PRO J 157 -77.04 35.00 121.83
CA PRO J 157 -76.46 34.83 120.48
C PRO J 157 -77.29 33.85 119.67
N LYS J 158 -77.85 34.35 118.56
CA LYS J 158 -78.81 33.59 117.76
C LYS J 158 -78.06 32.79 116.69
N GLN J 159 -77.50 31.67 117.11
CA GLN J 159 -76.80 30.77 116.20
C GLN J 159 -77.18 29.34 116.54
N LEU J 160 -77.07 28.47 115.54
CA LEU J 160 -77.48 27.09 115.72
C LEU J 160 -76.73 26.23 114.71
N ALA J 161 -76.31 25.04 115.15
CA ALA J 161 -75.61 24.10 114.30
C ALA J 161 -76.54 22.95 113.97
N LEU J 162 -76.67 22.66 112.67
CA LEU J 162 -77.57 21.60 112.22
C LEU J 162 -76.78 20.48 111.58
N PRO J 163 -76.56 19.36 112.26
CA PRO J 163 -75.86 18.24 111.63
C PRO J 163 -76.67 17.65 110.48
N LEU J 164 -75.97 17.29 109.41
CA LEU J 164 -76.59 16.66 108.25
C LEU J 164 -76.15 15.21 108.19
N LYS J 165 -77.11 14.31 107.96
CA LYS J 165 -76.84 12.88 107.97
C LYS J 165 -76.83 12.24 106.60
N PHE J 166 -77.54 12.79 105.61
CA PHE J 166 -77.67 12.11 104.34
C PHE J 166 -77.53 13.02 103.11
N ILE J 167 -77.38 14.33 103.29
CA ILE J 167 -77.26 15.23 102.15
C ILE J 167 -76.07 16.16 102.36
N SER J 168 -75.40 16.48 101.27
CA SER J 168 -74.29 17.42 101.33
C SER J 168 -74.80 18.82 101.66
N ALA J 169 -74.08 19.52 102.54
CA ALA J 169 -74.48 20.86 102.92
C ALA J 169 -74.02 21.89 101.90
N GLU J 170 -74.33 21.64 100.63
CA GLU J 170 -74.09 22.62 99.58
C GLU J 170 -75.33 22.68 98.70
N SER J 171 -76.06 21.56 98.66
CA SER J 171 -77.38 21.52 98.05
C SER J 171 -78.48 21.70 99.07
N ALA J 172 -78.23 21.39 100.34
CA ALA J 172 -79.18 21.69 101.39
C ALA J 172 -79.36 23.19 101.55
N LEU J 173 -78.30 23.96 101.37
CA LEU J 173 -78.44 25.42 101.36
C LEU J 173 -79.26 25.88 100.17
N THR J 174 -79.03 25.29 99.00
CA THR J 174 -79.78 25.68 97.81
C THR J 174 -81.27 25.40 97.98
N ALA J 175 -81.61 24.26 98.59
CA ALA J 175 -83.01 23.95 98.86
C ALA J 175 -83.59 24.79 99.99
N ILE J 176 -82.76 25.48 100.76
CA ILE J 176 -83.26 26.39 101.78
C ILE J 176 -83.44 27.80 101.23
N GLU J 177 -82.54 28.23 100.35
CA GLU J 177 -82.67 29.55 99.76
C GLU J 177 -83.90 29.67 98.86
N LYS J 178 -84.46 28.55 98.40
CA LYS J 178 -85.67 28.62 97.59
C LYS J 178 -86.91 28.49 98.45
N PHE J 179 -86.88 27.59 99.44
CA PHE J 179 -87.99 27.48 100.38
C PHE J 179 -88.27 28.81 101.05
N PHE J 180 -87.24 29.44 101.62
CA PHE J 180 -87.41 30.63 102.45
C PHE J 180 -87.01 31.90 101.72
N GLY J 181 -86.82 31.85 100.41
CA GLY J 181 -86.46 33.02 99.66
C GLY J 181 -87.62 33.98 99.52
N GLU J 182 -87.30 35.18 99.04
CA GLU J 182 -88.31 36.21 98.83
C GLU J 182 -88.01 37.02 97.58
N ARG J 202 -83.31 35.78 99.85
CA ARG J 202 -83.14 35.54 101.28
C ARG J 202 -83.30 36.82 102.09
N PRO J 203 -84.17 36.78 103.09
CA PRO J 203 -84.33 37.93 103.97
C PRO J 203 -83.06 38.17 104.78
N THR J 204 -82.84 39.42 105.14
CA THR J 204 -81.66 39.76 105.92
C THR J 204 -81.75 39.26 107.36
N GLY J 205 -82.90 38.78 107.79
CA GLY J 205 -83.01 38.20 109.11
C GLY J 205 -82.54 36.78 109.23
N LYS J 206 -82.10 36.17 108.13
CA LYS J 206 -81.67 34.78 108.11
C LYS J 206 -80.34 34.63 107.40
N PHE J 207 -79.48 33.76 107.91
CA PHE J 207 -78.22 33.44 107.28
C PHE J 207 -78.01 31.93 107.33
N GLY J 208 -77.50 31.37 106.23
CA GLY J 208 -77.19 29.96 106.18
C GLY J 208 -75.75 29.72 105.78
N LEU J 209 -74.96 29.13 106.68
CA LEU J 209 -73.53 28.95 106.46
C LEU J 209 -73.23 27.48 106.20
N PRO J 210 -72.85 27.09 104.98
CA PRO J 210 -72.46 25.71 104.74
C PRO J 210 -71.13 25.41 105.39
N ASN J 211 -70.91 24.14 105.73
CA ASN J 211 -69.60 23.76 106.23
C ASN J 211 -69.24 22.33 105.80
N SER J 212 -70.00 21.73 104.88
CA SER J 212 -69.69 20.43 104.28
C SER J 212 -69.84 19.30 105.28
N ILE J 213 -70.16 19.62 106.52
CA ILE J 213 -70.50 18.64 107.54
C ILE J 213 -71.86 19.02 108.12
N LYS J 214 -72.16 20.31 108.09
CA LYS J 214 -73.39 20.83 108.69
C LYS J 214 -73.67 22.20 108.10
N VAL J 215 -74.74 22.82 108.60
CA VAL J 215 -75.08 24.20 108.27
C VAL J 215 -75.26 24.95 109.58
N ILE J 216 -75.14 26.27 109.51
CA ILE J 216 -75.22 27.10 110.71
C ILE J 216 -76.30 28.17 110.51
N PRO J 217 -77.57 27.85 110.72
CA PRO J 217 -78.62 28.87 110.54
C PRO J 217 -78.57 29.95 111.61
N ASP J 218 -79.11 31.12 111.23
CA ASP J 218 -78.97 32.42 111.88
C ASP J 218 -80.35 33.08 111.88
N SER J 219 -81.14 32.93 112.93
CA SER J 219 -82.45 33.56 112.89
C SER J 219 -83.04 33.63 114.29
N SER J 220 -84.15 34.36 114.39
CA SER J 220 -84.89 34.41 115.64
C SER J 220 -85.37 33.01 116.03
N ASN J 221 -85.89 32.91 117.25
CA ASN J 221 -86.30 31.60 117.75
C ASN J 221 -87.40 31.00 116.87
N LYS J 222 -88.35 31.82 116.44
CA LYS J 222 -89.45 31.34 115.62
C LYS J 222 -88.96 30.83 114.26
N ARG J 223 -88.05 31.55 113.64
CA ARG J 223 -87.58 31.14 112.33
C ARG J 223 -86.56 30.00 112.40
N LEU J 224 -86.16 29.61 113.61
CA LEU J 224 -85.32 28.45 113.81
C LEU J 224 -86.11 27.21 114.18
N ILE J 225 -87.43 27.28 114.23
CA ILE J 225 -88.28 26.12 114.41
C ILE J 225 -89.04 25.79 113.15
N ILE J 226 -89.92 26.69 112.70
CA ILE J 226 -90.59 26.50 111.41
C ILE J 226 -89.63 26.66 110.27
N GLY J 227 -88.45 27.20 110.53
CA GLY J 227 -87.48 27.39 109.50
C GLY J 227 -86.67 26.15 109.30
N SER J 228 -85.35 26.28 109.41
CA SER J 228 -84.46 25.19 109.02
C SER J 228 -84.71 23.94 109.82
N ASN J 229 -85.02 24.07 111.11
CA ASN J 229 -85.11 22.90 111.98
C ASN J 229 -86.21 21.93 111.59
N SER J 230 -87.19 22.35 110.79
CA SER J 230 -88.26 21.45 110.38
C SER J 230 -88.30 21.19 108.89
N GLU J 231 -87.59 21.96 108.07
CA GLU J 231 -87.40 21.54 106.68
C GLU J 231 -86.14 20.72 106.54
N ASP J 232 -85.05 21.12 107.20
CA ASP J 232 -83.87 20.27 107.20
C ASP J 232 -84.14 18.93 107.84
N GLY J 233 -85.17 18.82 108.68
CA GLY J 233 -85.58 17.54 109.22
C GLY J 233 -86.46 16.71 108.32
N ILE J 234 -86.96 17.28 107.22
CA ILE J 234 -87.82 16.55 106.29
C ILE J 234 -87.08 16.19 105.02
N ARG J 235 -85.84 16.67 104.85
CA ARG J 235 -85.04 16.34 103.69
C ARG J 235 -83.77 15.55 104.03
N ILE J 236 -83.54 15.23 105.30
CA ILE J 236 -82.48 14.30 105.68
C ILE J 236 -83.12 12.92 105.67
N ARG J 237 -83.08 12.26 104.52
CA ARG J 237 -83.75 10.98 104.36
C ARG J 237 -82.94 10.10 103.41
N SER J 238 -83.31 8.82 103.36
CA SER J 238 -82.65 7.84 102.52
C SER J 238 -82.86 8.14 101.05
N PHE J 239 -81.80 8.60 100.38
CA PHE J 239 -81.84 8.79 98.94
C PHE J 239 -81.99 7.47 98.23
N VAL J 240 -82.76 7.46 97.14
CA VAL J 240 -82.97 6.28 96.33
C VAL J 240 -82.20 6.44 95.03
N GLU J 241 -81.75 5.32 94.47
CA GLU J 241 -80.95 5.32 93.25
C GLU J 241 -81.62 4.55 92.13
N ILE J 257 -70.88 6.30 79.36
CA ILE J 257 -70.77 6.01 77.93
C ILE J 257 -70.62 4.51 77.74
N SER J 258 -71.11 4.01 76.61
CA SER J 258 -71.04 2.59 76.28
C SER J 258 -70.09 2.42 75.09
N GLU J 259 -69.07 1.59 75.27
CA GLU J 259 -68.14 1.24 74.21
C GLU J 259 -68.11 -0.28 74.06
N ILE J 260 -67.52 -0.74 72.96
CA ILE J 260 -67.47 -2.16 72.63
C ILE J 260 -66.02 -2.60 72.68
N TYR J 261 -65.75 -3.61 73.51
CA TYR J 261 -64.42 -4.22 73.59
C TYR J 261 -64.56 -5.64 73.10
N ILE J 262 -64.15 -5.89 71.85
CA ILE J 262 -64.15 -7.25 71.34
C ILE J 262 -63.13 -8.06 72.13
N VAL J 263 -63.57 -9.21 72.64
CA VAL J 263 -62.69 -10.02 73.49
C VAL J 263 -61.57 -10.57 72.63
N ARG J 264 -60.33 -10.28 73.01
CA ARG J 264 -59.18 -10.73 72.24
C ARG J 264 -58.76 -12.13 72.66
N GLY J 265 -58.45 -12.31 73.94
CA GLY J 265 -58.05 -13.61 74.43
C GLY J 265 -59.21 -14.40 75.00
N GLN J 266 -59.00 -15.02 76.16
CA GLN J 266 -60.04 -15.82 76.78
C GLN J 266 -61.21 -14.95 77.23
N LYS J 267 -62.36 -15.59 77.45
CA LYS J 267 -63.57 -14.86 77.77
C LYS J 267 -63.62 -14.46 79.25
N GLU J 268 -63.59 -15.45 80.15
CA GLU J 268 -63.74 -15.15 81.57
C GLU J 268 -62.63 -14.25 82.09
N SER J 269 -61.47 -14.24 81.43
CA SER J 269 -60.41 -13.33 81.82
C SER J 269 -60.89 -11.89 81.76
N VAL J 270 -61.47 -11.50 80.63
CA VAL J 270 -62.05 -10.16 80.52
C VAL J 270 -63.33 -10.04 81.32
N LEU J 271 -63.91 -11.15 81.76
CA LEU J 271 -65.09 -11.10 82.61
C LEU J 271 -64.71 -11.01 84.09
N GLN J 272 -64.01 -12.02 84.60
CA GLN J 272 -63.75 -12.09 86.03
C GLN J 272 -62.93 -10.91 86.50
N PHE J 273 -61.91 -10.53 85.73
CA PHE J 273 -61.07 -9.40 86.12
C PHE J 273 -61.88 -8.11 86.16
N LEU J 274 -62.74 -7.91 85.16
CA LEU J 274 -63.31 -6.58 84.97
C LEU J 274 -64.26 -6.20 86.08
N ARG J 275 -64.96 -7.17 86.66
CA ARG J 275 -65.85 -6.86 87.78
C ARG J 275 -65.07 -6.52 89.05
N ASP J 276 -63.96 -7.22 89.30
CA ASP J 276 -63.18 -6.98 90.51
C ASP J 276 -62.63 -5.57 90.53
N SER J 277 -61.84 -5.23 89.53
CA SER J 277 -61.23 -3.92 89.40
C SER J 277 -62.24 -2.80 89.15
N PHE J 278 -63.34 -3.09 88.48
CA PHE J 278 -64.32 -2.07 88.13
C PHE J 278 -65.72 -2.56 88.44
N PRO J 279 -66.09 -2.60 89.73
CA PRO J 279 -67.50 -2.82 90.06
C PRO J 279 -68.37 -1.66 89.63
N GLU J 280 -67.80 -0.46 89.47
CA GLU J 280 -68.55 0.68 88.97
C GLU J 280 -68.61 0.64 87.44
N LEU J 281 -68.97 -0.51 86.90
CA LEU J 281 -69.12 -0.71 85.47
C LEU J 281 -70.04 -1.90 85.24
N ILE J 282 -70.68 -1.91 84.08
CA ILE J 282 -71.51 -3.03 83.66
C ILE J 282 -71.09 -3.45 82.27
N VAL J 283 -70.98 -4.75 82.05
CA VAL J 283 -70.62 -5.32 80.76
C VAL J 283 -71.84 -6.02 80.20
N THR J 284 -72.35 -5.52 79.09
CA THR J 284 -73.52 -6.12 78.47
C THR J 284 -73.01 -7.07 77.40
N ASP J 285 -73.27 -8.37 77.59
CA ASP J 285 -72.66 -9.40 76.75
C ASP J 285 -73.56 -9.70 75.57
N TYR J 286 -72.97 -9.64 74.39
CA TYR J 286 -73.60 -9.97 73.11
C TYR J 286 -72.96 -11.24 72.58
N ALA J 287 -73.71 -12.35 72.65
CA ALA J 287 -73.16 -13.67 72.39
C ALA J 287 -72.36 -13.68 71.09
N SER J 288 -71.05 -13.90 71.22
CA SER J 288 -70.05 -13.81 70.16
C SER J 288 -69.87 -12.40 69.62
N GLY J 289 -70.63 -11.42 70.12
CA GLY J 289 -70.43 -10.05 69.69
C GLY J 289 -69.44 -9.27 70.50
N GLY J 290 -68.91 -9.86 71.58
CA GLY J 290 -67.96 -9.16 72.43
C GLY J 290 -68.59 -8.64 73.70
N LEU J 291 -68.28 -7.40 74.05
CA LEU J 291 -68.79 -6.77 75.26
C LEU J 291 -69.23 -5.36 74.91
N ALA J 292 -69.92 -4.72 75.85
CA ALA J 292 -70.49 -3.40 75.64
C ALA J 292 -70.29 -2.52 76.87
N ILE J 293 -69.07 -2.48 77.39
CA ILE J 293 -68.73 -1.81 78.64
C ILE J 293 -69.38 -0.44 78.72
N GLU J 294 -70.13 -0.19 79.79
CA GLU J 294 -70.76 1.12 79.99
C GLU J 294 -70.75 1.46 81.47
N GLY J 295 -70.84 2.76 81.75
CA GLY J 295 -70.85 3.24 83.10
C GLY J 295 -70.36 4.67 83.18
N PRO J 296 -69.60 4.98 84.23
CA PRO J 296 -68.99 6.31 84.32
C PRO J 296 -68.15 6.62 83.08
N ARG J 297 -68.29 7.84 82.58
CA ARG J 297 -67.70 8.24 81.32
C ARG J 297 -66.18 8.34 81.37
N THR J 298 -65.58 8.28 82.55
CA THR J 298 -64.13 8.28 82.70
C THR J 298 -63.58 6.94 83.13
N SER J 299 -64.27 6.23 84.02
CA SER J 299 -63.79 4.93 84.45
C SER J 299 -63.70 3.95 83.30
N VAL J 300 -64.52 4.14 82.26
CA VAL J 300 -64.44 3.29 81.07
C VAL J 300 -63.07 3.44 80.41
N ASN J 301 -62.63 4.69 80.23
CA ASN J 301 -61.39 4.94 79.49
C ASN J 301 -60.20 4.29 80.17
N ARG J 302 -60.14 4.40 81.50
CA ARG J 302 -59.05 3.77 82.24
C ARG J 302 -59.24 2.25 82.31
N ALA J 303 -60.48 1.77 82.23
CA ALA J 303 -60.69 0.34 82.16
C ALA J 303 -60.20 -0.23 80.85
N ILE J 304 -60.41 0.48 79.74
CA ILE J 304 -60.02 -0.03 78.43
C ILE J 304 -58.50 -0.10 78.31
N ILE J 305 -57.82 0.98 78.69
CA ILE J 305 -56.36 1.01 78.59
C ILE J 305 -55.75 -0.10 79.41
N LEU J 306 -56.24 -0.28 80.64
CA LEU J 306 -55.82 -1.41 81.45
C LEU J 306 -56.17 -2.74 80.81
N LEU J 307 -57.38 -2.84 80.27
CA LEU J 307 -57.87 -4.12 79.77
C LEU J 307 -57.06 -4.63 78.60
N GLY J 308 -56.44 -3.74 77.83
CA GLY J 308 -55.53 -4.19 76.78
C GLY J 308 -54.36 -4.98 77.33
N GLN J 309 -53.81 -4.54 78.45
CA GLN J 309 -52.66 -5.23 79.03
C GLN J 309 -53.05 -6.59 79.58
N VAL J 310 -54.12 -6.66 80.39
CA VAL J 310 -54.43 -7.89 81.09
C VAL J 310 -54.97 -8.94 80.13
N ASP J 311 -55.51 -8.51 79.00
CA ASP J 311 -56.10 -9.41 78.02
C ASP J 311 -55.25 -9.43 76.77
N ARG J 312 -54.59 -10.57 76.51
CA ARG J 312 -53.76 -10.75 75.34
C ARG J 312 -54.08 -12.08 74.68
N ALA J 313 -53.95 -12.10 73.36
CA ALA J 313 -54.21 -13.31 72.58
C ALA J 313 -53.06 -14.31 72.77
N PRO J 314 -53.35 -15.60 72.70
CA PRO J 314 -52.28 -16.60 72.81
C PRO J 314 -51.26 -16.41 71.70
N GLU J 315 -50.00 -16.64 72.04
CA GLU J 315 -48.93 -16.41 71.08
C GLU J 315 -48.64 -17.66 70.27
N ILE J 316 -48.01 -17.45 69.12
CA ILE J 316 -47.77 -18.48 68.11
C ILE J 316 -46.29 -18.84 68.16
N PRO J 317 -45.94 -20.05 68.55
CA PRO J 317 -44.52 -20.42 68.66
C PRO J 317 -43.86 -20.65 67.31
N ILE J 318 -43.36 -19.59 66.70
CA ILE J 318 -42.62 -19.65 65.44
C ILE J 318 -41.54 -20.72 65.48
N VAL J 319 -41.58 -21.64 64.52
CA VAL J 319 -40.64 -22.76 64.44
C VAL J 319 -39.74 -22.55 63.24
N GLN J 320 -38.55 -23.14 63.30
CA GLN J 320 -37.52 -22.96 62.29
C GLN J 320 -37.17 -24.30 61.67
N ARG J 321 -37.08 -24.33 60.34
CA ARG J 321 -36.57 -25.49 59.64
C ARG J 321 -35.74 -25.04 58.45
N ILE J 322 -34.82 -25.90 58.05
CA ILE J 322 -33.85 -25.62 57.00
C ILE J 322 -34.21 -26.47 55.79
N TYR J 323 -34.39 -25.84 54.65
CA TYR J 323 -34.76 -26.54 53.43
C TYR J 323 -33.58 -26.52 52.47
N THR J 324 -33.34 -27.65 51.82
CA THR J 324 -32.24 -27.82 50.87
C THR J 324 -32.84 -27.89 49.48
N VAL J 325 -32.91 -26.74 48.81
CA VAL J 325 -33.68 -26.66 47.58
C VAL J 325 -33.03 -27.50 46.48
N ARG J 326 -33.86 -28.28 45.79
CA ARG J 326 -33.45 -29.06 44.63
C ARG J 326 -34.04 -28.39 43.41
N GLY J 327 -33.19 -27.93 42.51
CA GLY J 327 -33.67 -27.12 41.41
C GLY J 327 -33.16 -25.71 41.61
N GLN J 328 -33.79 -24.73 40.99
CA GLN J 328 -33.38 -23.36 41.23
C GLN J 328 -33.80 -22.95 42.63
N ALA J 329 -33.13 -21.92 43.15
CA ALA J 329 -33.51 -21.38 44.45
C ALA J 329 -34.15 -20.00 44.35
N ALA J 330 -33.97 -19.32 43.22
CA ALA J 330 -34.66 -18.04 43.03
C ALA J 330 -36.14 -18.27 42.76
N ASP J 331 -36.47 -19.33 42.03
CA ASP J 331 -37.87 -19.57 41.70
C ASP J 331 -38.64 -20.12 42.89
N ILE J 332 -37.97 -20.89 43.75
CA ILE J 332 -38.66 -21.47 44.90
C ILE J 332 -38.68 -20.48 46.05
N THR J 333 -37.91 -19.40 45.95
CA THR J 333 -38.10 -18.29 46.88
C THR J 333 -39.30 -17.46 46.46
N ALA J 334 -39.44 -17.19 45.17
CA ALA J 334 -40.58 -16.42 44.70
C ALA J 334 -41.88 -17.18 44.91
N LEU J 335 -41.86 -18.50 44.74
CA LEU J 335 -43.05 -19.30 45.00
C LEU J 335 -43.48 -19.16 46.45
N LEU J 336 -42.56 -19.35 47.39
CA LEU J 336 -42.90 -19.24 48.80
C LEU J 336 -43.16 -17.82 49.24
N ALA J 337 -42.94 -16.83 48.36
CA ALA J 337 -43.26 -15.46 48.66
C ALA J 337 -44.59 -15.01 48.07
N ALA J 338 -45.21 -15.83 47.21
CA ALA J 338 -46.56 -15.59 46.74
C ALA J 338 -47.56 -16.48 47.47
N GLN J 339 -47.38 -17.79 47.38
CA GLN J 339 -48.01 -18.68 48.33
C GLN J 339 -47.37 -18.47 49.69
N TYR J 340 -48.17 -18.55 50.75
CA TYR J 340 -47.69 -18.36 52.10
C TYR J 340 -46.88 -17.07 52.21
N PRO J 341 -47.53 -15.91 52.11
CA PRO J 341 -46.76 -14.65 52.07
C PRO J 341 -46.15 -14.26 53.40
N THR J 342 -46.36 -15.01 54.46
CA THR J 342 -45.71 -14.78 55.74
C THR J 342 -45.05 -16.07 56.19
N LEU J 343 -43.83 -16.32 55.70
CA LEU J 343 -43.05 -17.46 56.14
C LEU J 343 -41.63 -17.12 56.50
N ARG J 344 -41.13 -15.95 56.11
CA ARG J 344 -39.77 -15.52 56.44
C ARG J 344 -38.75 -16.53 55.92
N VAL J 345 -38.68 -16.59 54.60
CA VAL J 345 -37.72 -17.45 53.90
C VAL J 345 -36.43 -16.65 53.73
N THR J 346 -35.35 -17.15 54.31
CA THR J 346 -34.06 -16.49 54.30
C THR J 346 -33.01 -17.41 53.71
N PRO J 347 -32.27 -16.98 52.69
CA PRO J 347 -31.29 -17.85 52.06
C PRO J 347 -29.94 -17.79 52.74
N VAL J 348 -29.26 -18.93 52.77
CA VAL J 348 -27.87 -18.99 53.27
C VAL J 348 -26.99 -18.75 52.05
N GLY J 349 -26.84 -17.48 51.71
CA GLY J 349 -26.09 -17.14 50.51
C GLY J 349 -26.63 -17.85 49.29
N GLN J 350 -25.75 -18.08 48.33
CA GLN J 350 -26.07 -18.92 47.17
C GLN J 350 -25.45 -20.29 47.42
N THR J 351 -26.08 -21.06 48.30
CA THR J 351 -25.62 -22.41 48.60
C THR J 351 -26.74 -23.42 48.45
N GLY J 352 -27.86 -23.05 47.85
CA GLY J 352 -28.95 -23.97 47.71
C GLY J 352 -29.58 -24.39 49.00
N GLN J 353 -29.38 -23.62 50.06
CA GLN J 353 -30.06 -23.85 51.33
C GLN J 353 -30.96 -22.67 51.60
N LEU J 354 -31.90 -22.86 52.51
CA LEU J 354 -33.00 -21.92 52.62
C LEU J 354 -33.56 -22.08 54.02
N VAL J 355 -33.30 -21.10 54.88
CA VAL J 355 -33.75 -21.13 56.25
C VAL J 355 -35.09 -20.42 56.30
N LEU J 356 -36.15 -21.19 56.50
CA LEU J 356 -37.51 -20.69 56.47
C LEU J 356 -38.15 -20.95 57.82
N ASN J 357 -38.93 -19.97 58.29
CA ASN J 357 -39.13 -19.77 59.72
C ASN J 357 -40.53 -19.22 59.95
N GLY J 358 -41.47 -20.09 60.31
CA GLY J 358 -42.84 -19.66 60.51
C GLY J 358 -43.58 -20.64 61.40
N ALA J 359 -44.86 -20.35 61.63
CA ALA J 359 -45.70 -21.20 62.47
C ALA J 359 -45.70 -22.63 61.95
N GLN J 360 -46.06 -23.58 62.81
CA GLN J 360 -45.94 -24.97 62.38
C GLN J 360 -47.03 -25.36 61.38
N ALA J 361 -48.19 -24.73 61.43
CA ALA J 361 -49.21 -25.02 60.43
C ALA J 361 -48.72 -24.64 59.04
N GLN J 362 -48.26 -23.40 58.88
CA GLN J 362 -47.66 -22.99 57.62
C GLN J 362 -46.50 -23.90 57.25
N LEU J 363 -45.78 -24.36 58.25
CA LEU J 363 -44.53 -25.06 57.97
C LEU J 363 -44.81 -26.43 57.38
N ASP J 364 -45.76 -27.16 57.95
CA ASP J 364 -46.11 -28.48 57.44
C ASP J 364 -47.00 -28.42 56.22
N THR J 365 -47.44 -27.24 55.81
CA THR J 365 -48.13 -27.10 54.54
C THR J 365 -47.15 -26.73 53.44
N ALA J 366 -46.26 -25.79 53.70
CA ALA J 366 -45.26 -25.42 52.70
C ALA J 366 -44.35 -26.58 52.39
N LEU J 367 -44.08 -27.46 53.35
CA LEU J 367 -43.19 -28.58 53.07
C LEU J 367 -43.88 -29.65 52.25
N ALA J 368 -45.21 -29.74 52.34
CA ALA J 368 -45.91 -30.72 51.51
C ALA J 368 -46.04 -30.23 50.08
N LEU J 369 -46.23 -28.93 49.89
CA LEU J 369 -46.22 -28.39 48.53
C LEU J 369 -44.85 -28.54 47.90
N LEU J 370 -43.81 -28.14 48.61
CA LEU J 370 -42.47 -28.18 48.04
C LEU J 370 -42.06 -29.61 47.71
N GLU J 371 -42.65 -30.59 48.38
CA GLU J 371 -42.35 -31.97 48.00
C GLU J 371 -42.96 -32.31 46.65
N GLN J 372 -43.91 -31.51 46.19
CA GLN J 372 -44.61 -31.82 44.94
C GLN J 372 -44.01 -31.06 43.76
N VAL J 373 -43.82 -29.76 43.90
CA VAL J 373 -43.49 -28.91 42.77
C VAL J 373 -41.99 -28.63 42.69
N ASP J 374 -41.16 -29.46 43.31
CA ASP J 374 -39.73 -29.18 43.38
C ASP J 374 -38.95 -30.45 43.07
N ARG J 375 -38.36 -30.49 41.89
CA ARG J 375 -37.58 -31.62 41.43
C ARG J 375 -36.36 -31.11 40.68
N PRO J 376 -35.30 -31.91 40.59
CA PRO J 376 -34.08 -31.43 39.93
C PRO J 376 -34.33 -31.12 38.46
N ALA J 377 -33.55 -30.18 37.94
CA ALA J 377 -33.72 -29.74 36.58
C ALA J 377 -33.36 -30.85 35.60
N PRO J 378 -33.86 -30.79 34.36
CA PRO J 378 -33.45 -31.77 33.35
C PRO J 378 -32.07 -31.44 32.78
N VAL J 379 -31.49 -32.44 32.14
CA VAL J 379 -30.14 -32.35 31.60
C VAL J 379 -30.21 -32.13 30.10
N ALA J 380 -29.29 -31.33 29.59
CA ALA J 380 -29.13 -31.18 28.14
C ALA J 380 -28.62 -32.48 27.55
N GLU J 381 -28.94 -32.71 26.27
CA GLU J 381 -28.64 -34.02 25.70
C GLU J 381 -27.19 -34.13 25.26
N SER J 382 -26.84 -33.43 24.18
CA SER J 382 -25.47 -33.16 23.76
C SER J 382 -25.53 -32.45 22.42
N ARG J 383 -24.48 -31.74 22.04
CA ARG J 383 -24.45 -31.11 20.73
C ARG J 383 -23.54 -31.85 19.75
N THR J 384 -23.16 -33.08 20.09
CA THR J 384 -22.19 -33.83 19.30
C THR J 384 -22.33 -35.31 19.61
N VAL J 385 -22.38 -36.14 18.57
CA VAL J 385 -22.48 -37.58 18.73
C VAL J 385 -21.52 -38.24 17.75
N GLN J 386 -21.18 -39.50 18.01
CA GLN J 386 -20.29 -40.28 17.18
C GLN J 386 -20.95 -41.59 16.79
N ARG J 387 -20.73 -42.02 15.55
CA ARG J 387 -21.09 -43.35 15.11
C ARG J 387 -19.91 -43.94 14.36
N VAL J 388 -19.70 -45.25 14.53
CA VAL J 388 -18.61 -45.97 13.88
C VAL J 388 -19.22 -47.04 12.98
N PHE J 389 -18.81 -47.04 11.72
CA PHE J 389 -19.31 -47.98 10.74
C PHE J 389 -18.16 -48.85 10.27
N GLN J 390 -18.31 -50.16 10.42
CA GLN J 390 -17.34 -51.12 9.93
C GLN J 390 -17.76 -51.54 8.53
N LEU J 391 -17.11 -50.98 7.52
CA LEU J 391 -17.47 -51.28 6.14
C LEU J 391 -17.02 -52.67 5.77
N VAL J 392 -17.79 -53.32 4.90
CA VAL J 392 -17.57 -54.69 4.51
C VAL J 392 -17.19 -54.82 3.04
N ASN J 393 -17.87 -54.08 2.16
CA ASN J 393 -17.63 -54.19 0.73
C ASN J 393 -16.86 -53.01 0.15
N ALA J 394 -17.07 -51.81 0.67
CA ALA J 394 -16.45 -50.61 0.15
C ALA J 394 -15.15 -50.32 0.90
N SER J 395 -14.46 -49.29 0.44
CA SER J 395 -13.23 -48.82 1.08
C SER J 395 -13.54 -47.57 1.88
N ALA J 396 -13.13 -47.57 3.15
CA ALA J 396 -13.46 -46.45 4.04
C ALA J 396 -12.90 -45.13 3.52
N GLU J 397 -11.73 -45.18 2.88
CA GLU J 397 -11.11 -43.95 2.41
C GLU J 397 -11.78 -43.41 1.15
N GLU J 398 -12.26 -44.30 0.29
CA GLU J 398 -12.97 -43.85 -0.91
C GLU J 398 -14.36 -43.37 -0.56
N VAL J 399 -15.00 -43.97 0.44
CA VAL J 399 -16.30 -43.50 0.89
C VAL J 399 -16.19 -42.10 1.47
N LYS J 400 -15.14 -41.86 2.27
CA LYS J 400 -14.94 -40.54 2.85
C LYS J 400 -14.70 -39.49 1.78
N ALA J 401 -13.91 -39.83 0.76
CA ALA J 401 -13.68 -38.90 -0.33
C ALA J 401 -14.94 -38.66 -1.15
N THR J 402 -15.77 -39.69 -1.33
CA THR J 402 -17.04 -39.52 -2.02
C THR J 402 -17.96 -38.58 -1.27
N LEU J 403 -18.06 -38.75 0.05
CA LEU J 403 -18.98 -37.95 0.85
C LEU J 403 -18.53 -36.51 0.99
N GLU J 404 -17.25 -36.22 0.79
CA GLU J 404 -16.71 -34.88 0.92
C GLU J 404 -16.55 -34.17 -0.41
N GLY J 405 -16.89 -34.82 -1.52
CA GLY J 405 -16.73 -34.20 -2.82
C GLY J 405 -15.29 -33.94 -3.20
N THR J 406 -14.38 -34.84 -2.82
CA THR J 406 -12.97 -34.70 -3.19
C THR J 406 -12.47 -35.93 -3.93
N GLN J 466 -22.05 -26.19 10.02
CA GLN J 466 -20.92 -26.79 9.31
C GLN J 466 -21.33 -28.06 8.58
N GLN J 467 -20.39 -29.01 8.55
CA GLN J 467 -20.63 -30.35 8.02
C GLN J 467 -19.97 -31.34 8.96
N ALA J 468 -20.49 -32.56 8.99
CA ALA J 468 -19.99 -33.58 9.90
C ALA J 468 -18.55 -33.93 9.59
N THR J 469 -17.79 -34.26 10.63
CA THR J 469 -16.42 -34.71 10.48
C THR J 469 -16.38 -36.19 10.15
N LEU J 470 -15.58 -36.56 9.16
CA LEU J 470 -15.44 -37.94 8.73
C LEU J 470 -14.01 -38.39 8.94
N ILE J 471 -13.85 -39.56 9.53
CA ILE J 471 -12.54 -40.15 9.81
C ILE J 471 -12.52 -41.54 9.20
N ALA J 472 -11.55 -41.81 8.34
CA ALA J 472 -11.43 -43.08 7.65
C ALA J 472 -10.17 -43.79 8.10
N ASP J 473 -10.32 -45.01 8.60
CA ASP J 473 -9.20 -45.84 9.01
C ASP J 473 -8.97 -46.91 7.95
N LYS J 474 -7.76 -46.94 7.38
CA LYS J 474 -7.48 -47.90 6.33
C LYS J 474 -7.22 -49.30 6.89
N ARG J 475 -6.63 -49.40 8.07
CA ARG J 475 -6.27 -50.72 8.61
C ARG J 475 -7.51 -51.54 8.91
N THR J 476 -8.51 -50.94 9.53
CA THR J 476 -9.70 -51.66 9.94
C THR J 476 -10.90 -51.45 9.03
N ASN J 477 -10.78 -50.58 8.03
CA ASN J 477 -11.89 -50.23 7.14
C ASN J 477 -13.08 -49.69 7.93
N SER J 478 -12.79 -48.74 8.82
CA SER J 478 -13.78 -48.15 9.69
C SER J 478 -14.05 -46.72 9.27
N LEU J 479 -15.33 -46.34 9.24
CA LEU J 479 -15.76 -44.98 8.99
C LEU J 479 -16.30 -44.40 10.29
N ILE J 480 -15.81 -43.23 10.67
CA ILE J 480 -16.22 -42.57 11.90
C ILE J 480 -16.80 -41.21 11.55
N VAL J 481 -18.07 -41.00 11.88
CA VAL J 481 -18.75 -39.74 11.63
C VAL J 481 -18.99 -39.06 12.97
N ARG J 482 -18.71 -37.76 13.02
CA ARG J 482 -18.75 -37.00 14.27
C ARG J 482 -19.38 -35.65 13.99
N GLY J 483 -20.56 -35.42 14.53
CA GLY J 483 -21.23 -34.15 14.34
C GLY J 483 -22.49 -34.06 15.17
N THR J 484 -23.36 -33.14 14.77
CA THR J 484 -24.66 -33.01 15.42
C THR J 484 -25.51 -34.25 15.13
N PRO J 485 -26.48 -34.55 15.99
CA PRO J 485 -27.28 -35.76 15.77
C PRO J 485 -28.00 -35.80 14.43
N GLU J 486 -28.35 -34.64 13.87
CA GLU J 486 -28.97 -34.61 12.55
C GLU J 486 -27.96 -34.89 11.44
N GLN J 487 -26.76 -34.31 11.54
CA GLN J 487 -25.72 -34.57 10.56
C GLN J 487 -25.22 -36.00 10.60
N VAL J 488 -25.40 -36.70 11.72
CA VAL J 488 -24.91 -38.07 11.83
C VAL J 488 -25.93 -39.06 11.28
N ALA J 489 -27.23 -38.74 11.42
CA ALA J 489 -28.26 -39.61 10.87
C ALA J 489 -28.29 -39.57 9.35
N GLN J 490 -27.78 -38.49 8.75
CA GLN J 490 -27.72 -38.40 7.30
C GLN J 490 -26.66 -39.35 6.74
N VAL J 491 -25.49 -39.40 7.37
CA VAL J 491 -24.47 -40.35 6.94
C VAL J 491 -24.91 -41.77 7.26
N ALA J 492 -25.61 -41.95 8.38
CA ALA J 492 -26.03 -43.29 8.78
C ALA J 492 -27.00 -43.90 7.77
N GLU J 493 -27.80 -43.10 7.10
CA GLU J 493 -28.72 -43.65 6.09
C GLU J 493 -28.05 -43.82 4.73
N LEU J 494 -26.91 -43.16 4.51
CA LEU J 494 -26.16 -43.34 3.28
C LEU J 494 -25.32 -44.61 3.30
N VAL J 495 -24.82 -44.99 4.46
CA VAL J 495 -23.84 -46.08 4.53
C VAL J 495 -24.37 -47.40 3.99
N PRO J 496 -25.58 -47.85 4.30
CA PRO J 496 -26.05 -49.13 3.75
C PRO J 496 -26.10 -49.15 2.23
N GLN J 497 -26.26 -48.00 1.59
CA GLN J 497 -26.36 -47.97 0.13
C GLN J 497 -24.99 -47.88 -0.54
N LEU J 498 -24.02 -47.25 0.11
CA LEU J 498 -22.68 -47.13 -0.45
C LEU J 498 -21.79 -48.31 -0.13
N ASP J 499 -22.27 -49.26 0.68
CA ASP J 499 -21.49 -50.41 1.10
C ASP J 499 -22.11 -51.72 0.63
N GLN J 500 -22.89 -51.67 -0.44
CA GLN J 500 -23.54 -52.87 -0.96
C GLN J 500 -22.61 -53.62 -1.91
N VAL J 501 -22.99 -54.86 -2.19
CA VAL J 501 -22.23 -55.68 -3.12
C VAL J 501 -22.50 -55.23 -4.54
N VAL J 502 -21.44 -55.05 -5.32
CA VAL J 502 -21.56 -54.68 -6.74
C VAL J 502 -21.24 -55.91 -7.58
N PRO J 503 -21.76 -56.01 -8.80
CA PRO J 503 -21.54 -57.21 -9.60
C PRO J 503 -20.08 -57.39 -10.01
N GLN J 504 -19.71 -58.66 -10.16
CA GLN J 504 -18.41 -59.06 -10.69
C GLN J 504 -18.63 -59.76 -12.01
N ILE J 505 -17.87 -59.36 -13.03
CA ILE J 505 -18.11 -59.81 -14.40
C ILE J 505 -16.83 -60.35 -15.00
N ASN J 506 -17.00 -61.13 -16.06
CA ASN J 506 -15.90 -61.61 -16.90
C ASN J 506 -16.23 -61.27 -18.34
N VAL J 507 -15.37 -60.48 -18.98
CA VAL J 507 -15.60 -60.03 -20.35
C VAL J 507 -14.60 -60.74 -21.26
N GLN J 508 -15.10 -61.29 -22.36
CA GLN J 508 -14.28 -61.97 -23.34
C GLN J 508 -14.25 -61.18 -24.64
N VAL J 509 -13.06 -60.96 -25.19
CA VAL J 509 -12.89 -60.27 -26.46
C VAL J 509 -12.13 -61.20 -27.40
N ARG J 510 -12.66 -61.36 -28.62
CA ARG J 510 -12.01 -62.11 -29.67
C ARG J 510 -11.64 -61.18 -30.81
N ILE J 511 -10.36 -61.17 -31.17
CA ILE J 511 -9.88 -60.45 -32.35
C ILE J 511 -9.42 -61.47 -33.36
N GLN J 512 -10.00 -61.41 -34.56
CA GLN J 512 -9.76 -62.38 -35.61
C GLN J 512 -9.27 -61.65 -36.85
N GLU J 513 -8.30 -62.22 -37.55
CA GLU J 513 -7.76 -61.59 -38.74
C GLU J 513 -7.34 -62.65 -39.75
N VAL J 514 -7.87 -62.55 -40.96
CA VAL J 514 -7.57 -63.49 -42.04
C VAL J 514 -7.14 -62.70 -43.27
N ASN J 515 -6.13 -63.21 -43.97
CA ASN J 515 -5.62 -62.58 -45.19
C ASN J 515 -5.41 -63.66 -46.24
N GLU J 516 -5.65 -63.33 -47.50
CA GLU J 516 -5.45 -64.26 -48.59
C GLU J 516 -4.78 -63.57 -49.77
N ARG J 517 -4.04 -64.35 -50.55
CA ARG J 517 -3.32 -63.85 -51.71
C ARG J 517 -3.53 -64.78 -52.89
N ALA J 518 -3.24 -64.27 -54.08
CA ALA J 518 -3.28 -65.07 -55.30
C ALA J 518 -2.54 -64.32 -56.39
N LEU J 519 -1.54 -64.95 -56.98
CA LEU J 519 -0.76 -64.35 -58.05
C LEU J 519 -0.84 -65.25 -59.27
N GLN J 520 -0.64 -64.66 -60.45
CA GLN J 520 -0.73 -65.41 -61.70
C GLN J 520 0.03 -64.66 -62.77
N SER J 521 1.17 -65.20 -63.20
CA SER J 521 1.98 -64.60 -64.26
C SER J 521 2.02 -65.52 -65.46
N LEU J 522 2.26 -64.93 -66.63
CA LEU J 522 2.33 -65.68 -67.88
C LEU J 522 2.94 -64.77 -68.93
N GLY J 523 3.98 -65.25 -69.61
CA GLY J 523 4.60 -64.44 -70.65
C GLY J 523 5.48 -65.19 -71.61
N LEU J 524 5.35 -64.88 -72.90
CA LEU J 524 6.18 -65.44 -73.95
C LEU J 524 7.15 -64.38 -74.47
N ASN J 525 8.35 -64.81 -74.81
CA ASN J 525 9.45 -63.88 -75.08
C ASN J 525 10.34 -64.51 -76.14
N TRP J 526 10.11 -64.17 -77.40
CA TRP J 526 10.80 -64.85 -78.50
C TRP J 526 11.61 -63.89 -79.36
N ARG J 527 12.29 -64.45 -80.34
CA ARG J 527 13.15 -63.70 -81.26
C ARG J 527 13.30 -64.51 -82.53
N ALA J 528 12.85 -63.96 -83.66
CA ALA J 528 12.88 -64.65 -84.94
C ALA J 528 13.83 -63.95 -85.90
N THR J 529 14.58 -64.75 -86.66
CA THR J 529 15.52 -64.22 -87.65
C THR J 529 15.33 -64.97 -88.97
N PHE J 530 14.75 -64.30 -89.96
CA PHE J 530 14.73 -64.77 -91.33
C PHE J 530 15.40 -63.71 -92.22
N GLY J 531 15.38 -63.94 -93.53
CA GLY J 531 16.29 -63.24 -94.42
C GLY J 531 16.23 -61.73 -94.39
N GLY J 532 17.26 -61.11 -93.79
CA GLY J 532 17.33 -59.68 -93.64
C GLY J 532 16.64 -59.14 -92.41
N PHE J 533 15.59 -59.82 -91.94
CA PHE J 533 14.76 -59.35 -90.84
C PHE J 533 15.21 -59.92 -89.51
N ASN J 534 14.96 -59.15 -88.45
CA ASN J 534 15.26 -59.56 -87.09
C ASN J 534 14.15 -59.04 -86.19
N VAL J 535 13.24 -59.93 -85.79
CA VAL J 535 12.07 -59.55 -84.99
C VAL J 535 12.26 -60.07 -83.57
N ALA J 536 12.00 -59.21 -82.60
CA ALA J 536 12.07 -59.59 -81.19
C ALA J 536 10.82 -59.08 -80.49
N VAL J 537 10.13 -59.97 -79.79
CA VAL J 537 8.90 -59.63 -79.07
C VAL J 537 9.11 -59.98 -77.59
N SER J 538 8.81 -59.03 -76.72
CA SER J 538 9.00 -59.24 -75.29
C SER J 538 7.86 -58.58 -74.53
N GLY J 539 7.94 -58.61 -73.21
CA GLY J 539 6.92 -58.01 -72.38
C GLY J 539 7.27 -56.62 -71.92
N GLY J 540 8.52 -56.40 -71.56
CA GLY J 540 8.97 -55.07 -71.18
C GLY J 540 8.89 -54.10 -72.32
N THR J 541 9.68 -54.34 -73.36
CA THR J 541 9.52 -53.68 -74.64
C THR J 541 8.61 -54.52 -75.51
N GLY J 542 7.94 -53.86 -76.45
CA GLY J 542 7.01 -54.59 -77.29
C GLY J 542 7.66 -55.20 -78.51
N LEU J 543 7.15 -54.84 -79.69
CA LEU J 543 7.76 -55.27 -80.94
C LEU J 543 9.02 -54.48 -81.22
N ALA J 544 10.03 -55.14 -81.77
CA ALA J 544 11.29 -54.50 -82.15
C ALA J 544 11.85 -55.24 -83.36
N ALA J 545 11.56 -54.71 -84.56
CA ALA J 545 11.98 -55.33 -85.81
C ALA J 545 13.01 -54.45 -86.50
N THR J 546 14.00 -55.09 -87.14
CA THR J 546 14.99 -54.37 -87.94
C THR J 546 15.16 -55.07 -89.27
N PHE J 547 15.74 -54.36 -90.23
CA PHE J 547 16.10 -54.91 -91.52
C PHE J 547 17.56 -54.62 -91.80
N ASN J 548 18.25 -55.59 -92.40
CA ASN J 548 19.64 -55.43 -92.80
C ASN J 548 19.77 -55.68 -94.29
N PRO J 549 20.01 -54.66 -95.11
CA PRO J 549 20.11 -54.88 -96.56
C PRO J 549 21.43 -55.46 -97.01
N THR J 550 22.40 -55.61 -96.12
CA THR J 550 23.74 -56.05 -96.50
C THR J 550 23.97 -57.54 -96.30
N GLN J 551 23.23 -58.18 -95.40
CA GLN J 551 23.36 -59.61 -95.15
C GLN J 551 22.00 -60.28 -95.39
N SER J 552 21.96 -61.58 -95.12
CA SER J 552 20.72 -62.35 -95.28
C SER J 552 20.85 -63.64 -94.50
N PHE J 553 19.94 -63.87 -93.57
CA PHE J 553 19.97 -65.07 -92.75
C PHE J 553 19.61 -66.30 -93.58
N LEU J 554 19.95 -67.47 -93.04
CA LEU J 554 19.60 -68.74 -93.64
C LEU J 554 18.39 -69.33 -92.93
N GLY J 555 17.32 -69.54 -93.68
CA GLY J 555 16.15 -70.18 -93.12
C GLY J 555 15.43 -69.33 -92.09
N PHE J 556 14.62 -70.02 -91.28
CA PHE J 556 13.81 -69.41 -90.24
C PHE J 556 14.20 -69.98 -88.89
N ASN J 557 14.36 -69.10 -87.90
CA ASN J 557 14.64 -69.50 -86.53
C ASN J 557 13.69 -68.73 -85.62
N ILE J 558 13.28 -69.35 -84.50
CA ILE J 558 12.17 -68.79 -83.74
C ILE J 558 12.53 -68.43 -82.30
N PHE J 559 13.49 -69.16 -81.70
CA PHE J 559 14.07 -68.86 -80.39
C PHE J 559 13.07 -68.41 -79.32
N PRO J 560 12.07 -69.22 -78.98
CA PRO J 560 11.07 -68.78 -78.00
C PRO J 560 11.50 -69.07 -76.57
N THR J 561 10.72 -68.51 -75.64
CA THR J 561 10.98 -68.64 -74.20
C THR J 561 9.69 -68.39 -73.44
N LEU J 562 9.33 -69.32 -72.57
CA LEU J 562 8.06 -69.26 -71.84
C LEU J 562 8.32 -69.15 -70.35
N THR J 563 7.39 -68.51 -69.64
CA THR J 563 7.48 -68.35 -68.20
C THR J 563 6.06 -68.28 -67.64
N ALA J 564 5.81 -69.00 -66.56
CA ALA J 564 4.50 -69.04 -65.94
C ALA J 564 4.65 -69.28 -64.45
N LEU J 565 3.86 -68.58 -63.64
CA LEU J 565 3.95 -68.69 -62.19
C LEU J 565 2.57 -68.58 -61.57
N GLU J 566 2.35 -69.30 -60.49
CA GLU J 566 1.12 -69.22 -59.71
C GLU J 566 1.49 -69.24 -58.24
N THR J 567 0.62 -68.68 -57.41
CA THR J 567 0.94 -68.52 -56.00
C THR J 567 -0.35 -68.35 -55.20
N GLN J 568 -0.35 -68.90 -53.98
CA GLN J 568 -1.37 -68.59 -53.00
C GLN J 568 -0.74 -68.38 -51.63
N GLY J 569 -1.50 -67.73 -50.75
CA GLY J 569 -1.11 -67.56 -49.37
C GLY J 569 -2.35 -67.41 -48.53
N LEU J 570 -2.19 -67.63 -47.23
CA LEU J 570 -3.29 -67.49 -46.29
C LEU J 570 -2.74 -67.34 -44.89
N THR J 571 -3.02 -66.21 -44.24
CA THR J 571 -2.58 -65.98 -42.88
C THR J 571 -3.80 -65.79 -41.99
N ARG J 572 -3.84 -66.53 -40.88
CA ARG J 572 -4.81 -66.34 -39.81
C ARG J 572 -4.09 -65.96 -38.54
N ARG J 573 -4.78 -65.21 -37.68
CA ARG J 573 -4.23 -64.84 -36.37
C ARG J 573 -5.39 -64.52 -35.46
N VAL J 574 -5.52 -65.27 -34.36
CA VAL J 574 -6.68 -65.20 -33.49
C VAL J 574 -6.24 -64.98 -32.06
N TYR J 575 -7.01 -64.19 -31.31
CA TYR J 575 -6.80 -63.96 -29.89
C TYR J 575 -8.13 -64.03 -29.16
N ASP J 576 -8.13 -64.65 -27.97
CA ASP J 576 -9.31 -64.72 -27.09
C ASP J 576 -8.90 -64.31 -25.69
N GLY J 577 -9.35 -63.16 -25.23
CA GLY J 577 -8.96 -62.70 -23.92
C GLY J 577 -10.09 -62.54 -22.92
N ASN J 578 -9.92 -63.10 -21.72
CA ASN J 578 -10.80 -62.87 -20.58
C ASN J 578 -10.13 -61.94 -19.58
N VAL J 579 -10.94 -61.12 -18.92
CA VAL J 579 -10.52 -60.42 -17.71
C VAL J 579 -11.71 -60.39 -16.76
N THR J 580 -11.46 -60.60 -15.48
CA THR J 580 -12.47 -60.45 -14.44
C THR J 580 -12.30 -59.08 -13.78
N MET J 581 -13.40 -58.35 -13.66
CA MET J 581 -13.36 -57.01 -13.08
C MET J 581 -14.63 -56.78 -12.27
N GLN J 582 -14.74 -55.59 -11.71
CA GLN J 582 -15.89 -55.14 -10.92
C GLN J 582 -16.58 -53.98 -11.64
N SER J 583 -17.71 -53.55 -11.08
CA SER J 583 -18.53 -52.54 -11.73
C SER J 583 -17.87 -51.16 -11.72
N GLY J 584 -17.61 -50.62 -10.54
CA GLY J 584 -17.08 -49.28 -10.49
C GLY J 584 -15.57 -49.26 -10.41
N GLN J 585 -14.92 -50.15 -11.15
CA GLN J 585 -13.48 -50.32 -11.00
C GLN J 585 -12.74 -49.11 -11.54
N ARG J 586 -11.73 -48.67 -10.80
CA ARG J 586 -10.89 -47.55 -11.18
C ARG J 586 -9.56 -48.06 -11.71
N SER J 587 -8.84 -47.17 -12.37
CA SER J 587 -7.52 -47.48 -12.88
C SER J 587 -6.50 -47.55 -11.75
N LEU J 588 -5.33 -48.08 -12.07
CA LEU J 588 -4.20 -48.19 -11.16
C LEU J 588 -3.07 -47.33 -11.68
N SER J 589 -2.44 -46.57 -10.79
CA SER J 589 -1.36 -45.66 -11.18
C SER J 589 -0.04 -46.14 -10.57
N ALA J 590 0.62 -47.07 -11.26
CA ALA J 590 1.97 -47.45 -10.84
C ALA J 590 3.02 -46.85 -11.75
N THR J 591 3.04 -47.29 -13.01
CA THR J 591 3.73 -46.66 -14.14
C THR J 591 5.26 -46.61 -14.00
N GLY J 592 5.79 -46.88 -12.82
CA GLY J 592 7.22 -46.84 -12.58
C GLY J 592 7.96 -45.61 -13.07
N GLY J 593 7.23 -44.53 -13.37
CA GLY J 593 7.80 -43.35 -13.95
C GLY J 593 7.73 -43.28 -15.46
N ALA J 594 7.49 -44.40 -16.12
CA ALA J 594 7.34 -44.45 -17.56
C ALA J 594 5.89 -44.23 -17.96
N GLN J 595 5.70 -43.76 -19.19
CA GLN J 595 4.38 -43.48 -19.72
C GLN J 595 3.91 -44.63 -20.59
N ASN J 596 2.70 -45.12 -20.32
CA ASN J 596 2.12 -46.25 -21.01
C ASN J 596 0.70 -45.88 -21.43
N ALA J 597 0.27 -46.38 -22.59
CA ALA J 597 -1.04 -46.05 -23.11
C ALA J 597 -2.18 -46.74 -22.37
N SER J 598 -1.87 -47.71 -21.51
CA SER J 598 -2.88 -48.44 -20.76
C SER J 598 -2.91 -48.06 -19.29
N SER J 599 -2.36 -46.89 -18.94
CA SER J 599 -2.33 -46.47 -17.55
C SER J 599 -3.73 -46.21 -17.01
N GLY J 600 -4.63 -45.69 -17.83
CA GLY J 600 -5.94 -45.31 -17.37
C GLY J 600 -6.99 -46.38 -17.51
N ALA J 601 -6.57 -47.61 -17.79
CA ALA J 601 -7.50 -48.72 -17.97
C ALA J 601 -7.85 -49.34 -16.63
N ALA J 602 -9.13 -49.68 -16.46
CA ALA J 602 -9.56 -50.36 -15.24
C ALA J 602 -9.01 -51.77 -15.16
N ALA J 603 -8.88 -52.44 -16.31
CA ALA J 603 -8.34 -53.78 -16.38
C ALA J 603 -7.56 -53.91 -17.69
N SER J 604 -6.65 -54.88 -17.73
CA SER J 604 -5.81 -55.04 -18.90
C SER J 604 -5.37 -56.50 -19.04
N VAL J 605 -4.98 -56.86 -20.25
CA VAL J 605 -4.25 -58.10 -20.51
C VAL J 605 -3.37 -57.87 -21.73
N LYS J 606 -2.13 -58.34 -21.67
CA LYS J 606 -1.16 -58.13 -22.73
C LYS J 606 -0.40 -59.41 -22.98
N SER J 607 0.08 -59.56 -24.21
CA SER J 607 0.98 -60.66 -24.56
C SER J 607 1.70 -60.30 -25.84
N GLY J 608 3.02 -60.35 -25.81
CA GLY J 608 3.81 -59.85 -26.91
C GLY J 608 5.18 -59.39 -26.48
N GLY J 609 5.50 -58.13 -26.73
CA GLY J 609 6.72 -57.52 -26.24
C GLY J 609 6.45 -56.14 -25.69
N ARG J 610 7.53 -55.45 -25.33
CA ARG J 610 7.44 -54.10 -24.79
C ARG J 610 8.74 -53.35 -25.00
N LEU J 611 8.66 -52.19 -25.64
CA LEU J 611 9.82 -51.35 -25.87
C LEU J 611 9.94 -50.34 -24.75
N GLU J 612 11.12 -50.29 -24.12
CA GLU J 612 11.43 -49.30 -23.09
C GLU J 612 12.31 -48.22 -23.69
N ILE J 613 11.89 -46.97 -23.57
CA ILE J 613 12.54 -45.84 -24.22
C ILE J 613 12.93 -44.82 -23.16
N ASN J 614 14.21 -44.46 -23.13
CA ASN J 614 14.76 -43.51 -22.17
C ASN J 614 15.60 -42.48 -22.92
N ILE J 615 14.99 -41.37 -23.30
CA ILE J 615 15.68 -40.33 -24.05
C ILE J 615 15.77 -39.09 -23.16
N PRO J 616 16.96 -38.62 -22.83
CA PRO J 616 17.07 -37.40 -22.03
C PRO J 616 16.86 -36.16 -22.87
N SER J 617 16.11 -35.20 -22.32
CA SER J 617 15.78 -33.98 -23.02
C SER J 617 15.71 -32.83 -22.03
N ALA J 618 15.92 -31.62 -22.54
CA ALA J 618 15.89 -30.42 -21.70
C ALA J 618 14.47 -29.92 -21.44
N ALA J 619 13.50 -30.35 -22.24
CA ALA J 619 12.11 -30.00 -22.03
C ALA J 619 11.36 -31.04 -21.21
N GLY J 620 12.05 -32.06 -20.74
CA GLY J 620 11.45 -33.19 -20.04
C GLY J 620 11.87 -34.45 -20.77
N ASN J 621 12.32 -35.43 -19.99
CA ASN J 621 12.80 -36.68 -20.57
C ASN J 621 11.66 -37.44 -21.22
N ILE J 622 11.95 -38.09 -22.34
CA ILE J 622 11.02 -39.02 -22.97
C ILE J 622 11.26 -40.39 -22.34
N VAL J 623 10.37 -40.80 -21.46
CA VAL J 623 10.45 -42.10 -20.80
C VAL J 623 9.12 -42.79 -21.09
N ARG J 624 9.13 -43.71 -22.05
CA ARG J 624 7.92 -44.30 -22.60
C ARG J 624 8.00 -45.82 -22.53
N GLN J 625 6.84 -46.44 -22.69
CA GLN J 625 6.73 -47.87 -22.94
C GLN J 625 5.79 -48.08 -24.10
N ILE J 626 6.24 -48.80 -25.12
CA ILE J 626 5.40 -49.17 -26.25
C ILE J 626 5.22 -50.68 -26.23
N ASP J 627 3.98 -51.12 -26.17
CA ASP J 627 3.64 -52.53 -26.11
C ASP J 627 3.17 -53.01 -27.47
N TYR J 628 3.63 -54.19 -27.88
CA TYR J 628 3.16 -54.80 -29.12
C TYR J 628 2.71 -56.22 -28.82
N GLY J 629 2.11 -56.85 -29.82
CA GLY J 629 1.50 -58.15 -29.65
C GLY J 629 -0.01 -58.05 -29.58
N LEU J 630 -0.59 -58.35 -28.43
CA LEU J 630 -2.00 -58.12 -28.16
C LEU J 630 -2.13 -57.17 -26.97
N ASN J 631 -2.98 -56.17 -27.10
CA ASN J 631 -3.31 -55.27 -26.00
C ASN J 631 -4.82 -55.17 -25.90
N LEU J 632 -5.37 -55.50 -24.73
CA LEU J 632 -6.79 -55.36 -24.45
C LEU J 632 -6.97 -54.47 -23.23
N ASP J 633 -7.66 -53.35 -23.41
CA ASP J 633 -7.91 -52.40 -22.33
C ASP J 633 -9.41 -52.25 -22.12
N PHE J 634 -9.82 -52.15 -20.85
CA PHE J 634 -11.22 -51.98 -20.47
C PHE J 634 -11.34 -50.72 -19.64
N PHE J 635 -12.31 -49.88 -19.98
CA PHE J 635 -12.50 -48.60 -19.31
C PHE J 635 -13.93 -48.50 -18.82
N SER J 636 -14.10 -48.16 -17.54
CA SER J 636 -15.37 -47.79 -16.94
C SER J 636 -16.45 -48.86 -17.07
N PRO J 637 -16.31 -50.01 -16.41
CA PRO J 637 -17.24 -51.14 -16.62
C PRO J 637 -18.45 -51.17 -15.69
N GLN J 638 -19.43 -50.29 -15.89
CA GLN J 638 -20.60 -50.31 -15.03
C GLN J 638 -21.57 -51.43 -15.42
N VAL J 639 -22.16 -52.05 -14.41
CA VAL J 639 -23.12 -53.15 -14.57
C VAL J 639 -24.39 -52.80 -13.82
N ALA J 640 -25.54 -52.98 -14.48
CA ALA J 640 -26.84 -52.69 -13.91
C ALA J 640 -27.39 -53.91 -13.18
N PRO J 641 -28.36 -53.72 -12.28
CA PRO J 641 -28.97 -54.87 -11.59
C PRO J 641 -29.62 -55.87 -12.53
N ASP J 642 -30.09 -55.45 -13.70
CA ASP J 642 -30.57 -56.39 -14.71
C ASP J 642 -29.48 -57.37 -15.10
N GLY J 643 -28.24 -56.92 -15.12
CA GLY J 643 -27.17 -57.62 -15.78
C GLY J 643 -26.71 -56.98 -17.07
N THR J 644 -27.10 -55.75 -17.33
CA THR J 644 -26.65 -55.02 -18.51
C THR J 644 -25.25 -54.48 -18.28
N ILE J 645 -24.35 -54.74 -19.21
CA ILE J 645 -22.94 -54.37 -19.06
C ILE J 645 -22.62 -53.28 -20.07
N THR J 646 -22.16 -52.14 -19.58
CA THR J 646 -21.67 -51.04 -20.40
C THR J 646 -20.17 -50.93 -20.22
N LEU J 647 -19.46 -50.65 -21.30
CA LEU J 647 -18.03 -50.84 -21.27
C LEU J 647 -17.38 -50.11 -22.43
N ARG J 648 -16.15 -49.66 -22.22
CA ARG J 648 -15.29 -49.16 -23.28
C ARG J 648 -14.10 -50.11 -23.44
N ILE J 649 -13.90 -50.58 -24.67
CA ILE J 649 -12.88 -51.58 -24.99
C ILE J 649 -12.03 -51.02 -26.10
N ARG J 650 -10.70 -51.15 -25.98
CA ARG J 650 -9.88 -50.81 -27.13
C ARG J 650 -9.49 -52.04 -27.95
N GLY J 651 -8.60 -52.87 -27.46
CA GLY J 651 -8.20 -53.99 -28.28
C GLY J 651 -7.23 -53.59 -29.38
N GLN J 652 -6.12 -54.29 -29.55
CA GLN J 652 -5.13 -53.88 -30.53
C GLN J 652 -4.17 -55.02 -30.79
N VAL J 653 -3.86 -55.26 -32.06
CA VAL J 653 -2.85 -56.23 -32.47
C VAL J 653 -1.82 -55.51 -33.32
N ASN J 654 -0.55 -55.65 -32.97
CA ASN J 654 0.51 -54.98 -33.70
C ASN J 654 1.84 -55.71 -33.51
N GLN J 655 2.74 -55.48 -34.46
CA GLN J 655 4.06 -56.08 -34.51
C GLN J 655 5.02 -55.05 -35.05
N PRO J 656 6.29 -55.07 -34.64
CA PRO J 656 7.28 -54.25 -35.33
C PRO J 656 7.43 -54.69 -36.78
N ALA J 657 7.58 -53.72 -37.67
CA ALA J 657 7.69 -54.04 -39.09
C ALA J 657 9.00 -54.74 -39.39
N THR J 658 10.09 -54.29 -38.77
CA THR J 658 11.38 -54.95 -38.87
C THR J 658 11.94 -55.13 -37.47
N ALA J 659 12.75 -56.17 -37.30
CA ALA J 659 13.20 -56.57 -35.98
C ALA J 659 14.08 -55.50 -35.33
N ILE J 660 13.95 -55.39 -34.01
CA ILE J 660 14.80 -54.51 -33.22
C ILE J 660 16.14 -55.20 -33.00
N THR J 661 17.24 -54.50 -33.29
CA THR J 661 18.54 -55.16 -33.38
C THR J 661 19.62 -54.48 -32.55
N ALA J 662 19.26 -53.76 -31.48
CA ALA J 662 20.23 -53.19 -30.55
C ALA J 662 21.09 -52.11 -31.21
N ASP J 663 20.93 -51.94 -32.52
CA ASP J 663 21.45 -50.78 -33.23
C ASP J 663 20.33 -49.83 -33.59
N SER J 664 19.10 -50.15 -33.21
CA SER J 664 17.94 -49.34 -33.53
C SER J 664 17.91 -48.09 -32.67
N LEU J 665 17.35 -47.03 -33.23
CA LEU J 665 17.15 -45.81 -32.49
C LEU J 665 15.67 -45.58 -32.24
N PRO J 666 15.30 -44.99 -31.12
CA PRO J 666 13.88 -44.86 -30.79
C PRO J 666 13.20 -43.68 -31.48
N ASN J 667 13.83 -43.13 -32.51
CA ASN J 667 13.32 -41.91 -33.12
C ASN J 667 12.28 -42.18 -34.19
N LEU J 668 12.21 -43.39 -34.74
CA LEU J 668 11.21 -43.72 -35.76
C LEU J 668 11.07 -45.23 -35.83
N ILE J 669 9.88 -45.75 -35.55
CA ILE J 669 9.61 -47.17 -35.50
C ILE J 669 8.32 -47.44 -36.27
N ASP J 670 8.26 -48.56 -37.01
CA ASP J 670 7.30 -48.68 -38.10
C ASP J 670 6.01 -49.42 -37.73
N PHE J 671 6.11 -50.55 -37.03
CA PHE J 671 4.93 -51.07 -36.32
C PHE J 671 3.66 -51.36 -37.15
N THR J 672 3.64 -52.44 -37.92
CA THR J 672 2.36 -53.01 -38.39
C THR J 672 1.30 -52.97 -37.30
N ASN J 673 0.08 -52.54 -37.64
CA ASN J 673 -0.90 -52.21 -36.62
C ASN J 673 -2.33 -52.42 -37.09
N SER J 674 -3.20 -52.86 -36.18
CA SER J 674 -4.66 -52.92 -36.36
C SER J 674 -5.33 -52.64 -35.03
N GLU J 675 -6.35 -51.79 -35.04
CA GLU J 675 -6.89 -51.27 -33.79
C GLU J 675 -8.36 -50.91 -33.96
N ALA J 676 -9.06 -50.80 -32.82
CA ALA J 676 -10.44 -50.35 -32.76
C ALA J 676 -10.72 -49.86 -31.35
N GLN J 677 -11.73 -49.00 -31.20
CA GLN J 677 -12.18 -48.61 -29.88
C GLN J 677 -13.58 -48.03 -30.00
N SER J 678 -14.40 -48.32 -29.00
CA SER J 678 -15.79 -47.88 -28.97
C SER J 678 -16.37 -48.26 -27.62
N THR J 679 -17.61 -47.86 -27.40
CA THR J 679 -18.38 -48.21 -26.22
C THR J 679 -19.57 -49.06 -26.65
N ILE J 680 -19.79 -50.16 -25.93
CA ILE J 680 -20.88 -51.08 -26.25
C ILE J 680 -21.67 -51.38 -24.98
N THR J 681 -22.91 -51.80 -25.18
CA THR J 681 -23.78 -52.22 -24.10
C THR J 681 -24.51 -53.48 -24.53
N PHE J 682 -24.55 -54.47 -23.65
CA PHE J 682 -25.21 -55.74 -23.94
C PHE J 682 -25.64 -56.34 -22.61
N LYS J 683 -26.53 -57.31 -22.67
CA LYS J 683 -26.97 -57.97 -21.46
C LYS J 683 -26.15 -59.23 -21.19
N ASN J 684 -26.25 -59.71 -19.97
CA ASN J 684 -25.52 -60.87 -19.48
C ASN J 684 -25.74 -62.06 -20.42
N GLY J 685 -24.68 -62.50 -21.09
CA GLY J 685 -24.73 -63.67 -21.94
C GLY J 685 -24.83 -63.41 -23.43
N GLN J 686 -25.02 -62.16 -23.85
CA GLN J 686 -25.19 -61.85 -25.25
C GLN J 686 -23.86 -61.60 -25.94
N THR J 687 -23.89 -61.56 -27.26
CA THR J 687 -22.69 -61.40 -28.08
C THR J 687 -22.92 -60.28 -29.10
N ILE J 688 -21.95 -59.40 -29.23
CA ILE J 688 -22.08 -58.21 -30.08
C ILE J 688 -20.78 -58.00 -30.84
N LEU J 689 -20.91 -57.54 -32.09
CA LEU J 689 -19.77 -57.16 -32.92
C LEU J 689 -19.46 -55.69 -32.71
N MET J 690 -18.28 -55.40 -32.15
CA MET J 690 -17.88 -54.00 -32.00
C MET J 690 -17.34 -53.40 -33.29
N SER J 691 -16.64 -54.17 -34.11
CA SER J 691 -16.04 -53.62 -35.30
C SER J 691 -15.74 -54.73 -36.29
N GLY J 692 -15.77 -54.38 -37.55
CA GLY J 692 -15.44 -55.31 -38.61
C GLY J 692 -14.79 -54.56 -39.75
N LEU J 693 -13.97 -55.25 -40.52
CA LEU J 693 -13.28 -54.61 -41.64
C LEU J 693 -13.01 -55.64 -42.72
N LEU J 694 -13.55 -55.41 -43.91
CA LEU J 694 -13.34 -56.26 -45.07
C LEU J 694 -12.56 -55.48 -46.12
N GLY J 695 -11.54 -56.13 -46.71
CA GLY J 695 -10.70 -55.51 -47.70
C GLY J 695 -10.60 -56.33 -48.98
N SER J 696 -10.01 -55.73 -49.99
CA SER J 696 -9.83 -56.35 -51.30
C SER J 696 -8.90 -55.49 -52.14
N THR J 697 -8.03 -56.13 -52.91
CA THR J 697 -7.19 -55.43 -53.88
C THR J 697 -7.13 -56.24 -55.17
N GLU J 698 -6.50 -55.65 -56.19
CA GLU J 698 -6.30 -56.27 -57.50
C GLU J 698 -5.37 -55.36 -58.30
N THR J 699 -4.49 -55.95 -59.11
CA THR J 699 -3.49 -55.15 -59.82
C THR J 699 -3.49 -55.37 -61.34
N THR J 700 -3.59 -56.61 -61.83
CA THR J 700 -3.97 -56.92 -63.21
C THR J 700 -3.23 -56.03 -64.24
N ASN J 701 -1.92 -56.26 -64.36
CA ASN J 701 -1.15 -55.59 -65.41
C ASN J 701 -1.10 -56.42 -66.68
N ARG J 702 -0.62 -55.80 -67.76
CA ARG J 702 -0.56 -56.44 -69.07
C ARG J 702 0.25 -55.56 -70.02
N SER J 703 1.10 -56.19 -70.83
CA SER J 703 2.02 -55.45 -71.69
C SER J 703 2.37 -56.31 -72.91
N GLY J 704 2.78 -55.64 -73.99
CA GLY J 704 3.23 -56.36 -75.16
C GLY J 704 3.09 -55.65 -76.50
N VAL J 705 2.73 -56.40 -77.53
CA VAL J 705 2.56 -55.92 -78.89
C VAL J 705 1.21 -55.23 -79.03
N PRO J 706 1.10 -54.12 -79.75
CA PRO J 706 -0.20 -53.46 -79.89
C PRO J 706 -1.22 -54.32 -80.60
N PHE J 707 -2.38 -54.45 -79.97
CA PHE J 707 -3.58 -55.13 -80.47
C PHE J 707 -3.45 -56.65 -80.49
N LEU J 708 -2.24 -57.16 -80.31
CA LEU J 708 -2.05 -58.60 -80.31
C LEU J 708 -1.95 -59.17 -78.90
N SER J 709 -1.36 -58.41 -77.98
CA SER J 709 -1.30 -58.81 -76.58
C SER J 709 -2.64 -58.67 -75.87
N SER J 710 -3.61 -58.01 -76.49
CA SER J 710 -4.93 -57.84 -75.90
C SER J 710 -5.93 -58.88 -76.39
N LEU J 711 -5.53 -59.78 -77.27
CA LEU J 711 -6.45 -60.79 -77.76
C LEU J 711 -6.74 -61.82 -76.67
N PRO J 712 -7.97 -62.32 -76.58
CA PRO J 712 -8.31 -63.26 -75.51
C PRO J 712 -7.65 -64.61 -75.75
N GLY J 713 -7.01 -65.12 -74.69
CA GLY J 713 -6.35 -66.41 -74.76
C GLY J 713 -4.95 -66.34 -75.33
N VAL J 714 -4.85 -66.12 -76.65
CA VAL J 714 -3.55 -66.11 -77.32
C VAL J 714 -2.80 -64.80 -77.11
N GLY J 715 -3.34 -63.87 -76.34
CA GLY J 715 -2.67 -62.59 -76.15
C GLY J 715 -1.34 -62.73 -75.45
N ALA J 716 -1.22 -63.70 -74.56
CA ALA J 716 0.02 -63.88 -73.80
C ALA J 716 1.16 -64.40 -74.66
N ALA J 717 0.89 -64.78 -75.91
CA ALA J 717 1.95 -65.16 -76.84
C ALA J 717 2.69 -63.96 -77.41
N PHE J 718 2.22 -62.75 -77.14
CA PHE J 718 2.83 -61.52 -77.66
C PHE J 718 3.12 -60.55 -76.54
N GLY J 719 3.66 -61.04 -75.43
CA GLY J 719 3.98 -60.16 -74.33
C GLY J 719 3.74 -60.86 -73.01
N GLU J 720 3.51 -60.05 -71.98
CA GLU J 720 3.34 -60.51 -70.61
C GLU J 720 1.88 -60.38 -70.18
N LYS J 721 1.63 -60.77 -68.94
CA LYS J 721 0.33 -60.65 -68.28
C LYS J 721 0.53 -60.99 -66.81
N ARG J 722 -0.16 -60.28 -65.94
CA ARG J 722 0.01 -60.46 -64.51
C ARG J 722 -1.27 -60.05 -63.82
N THR J 723 -1.67 -60.80 -62.80
CA THR J 723 -2.84 -60.45 -62.01
C THR J 723 -2.64 -60.90 -60.58
N GLU J 724 -3.04 -60.05 -59.64
CA GLU J 724 -2.97 -60.35 -58.23
C GLU J 724 -4.28 -59.97 -57.56
N LYS J 725 -4.63 -60.69 -56.51
CA LYS J 725 -5.84 -60.41 -55.74
C LYS J 725 -5.57 -60.68 -54.28
N THR J 726 -6.19 -59.89 -53.42
CA THR J 726 -6.02 -60.02 -51.98
C THR J 726 -7.37 -59.85 -51.31
N GLN J 727 -7.56 -60.54 -50.18
CA GLN J 727 -8.74 -60.40 -49.34
C GLN J 727 -8.29 -60.25 -47.90
N SER J 728 -9.13 -59.64 -47.08
CA SER J 728 -8.81 -59.54 -45.66
C SER J 728 -10.10 -59.39 -44.87
N GLN J 729 -10.07 -59.89 -43.64
CA GLN J 729 -11.19 -59.75 -42.72
C GLN J 729 -10.65 -59.50 -41.33
N LEU J 730 -11.27 -58.56 -40.61
CA LEU J 730 -10.93 -58.29 -39.23
C LEU J 730 -12.23 -58.17 -38.45
N LEU J 731 -12.35 -58.92 -37.36
CA LEU J 731 -13.55 -58.94 -36.55
C LEU J 731 -13.18 -58.78 -35.08
N VAL J 732 -13.92 -57.93 -34.37
CA VAL J 732 -13.77 -57.78 -32.92
C VAL J 732 -15.12 -58.06 -32.27
N ILE J 733 -15.17 -59.13 -31.49
CA ILE J 733 -16.42 -59.64 -30.93
C ILE J 733 -16.32 -59.67 -29.42
N ILE J 734 -17.37 -59.22 -28.73
CA ILE J 734 -17.38 -59.10 -27.28
C ILE J 734 -18.55 -59.85 -26.69
N THR J 735 -18.29 -60.58 -25.59
CA THR J 735 -19.32 -61.18 -24.77
C THR J 735 -18.90 -61.06 -23.31
N GLY J 736 -19.84 -61.32 -22.41
CA GLY J 736 -19.53 -61.24 -20.99
C GLY J 736 -20.64 -61.85 -20.16
N THR J 737 -20.28 -62.24 -18.95
CA THR J 737 -21.20 -62.85 -18.01
C THR J 737 -20.98 -62.26 -16.63
N VAL J 738 -22.00 -62.35 -15.79
CA VAL J 738 -21.89 -61.94 -14.39
C VAL J 738 -21.47 -63.16 -13.58
N VAL J 739 -20.44 -62.99 -12.75
CA VAL J 739 -19.87 -64.07 -11.96
C VAL J 739 -20.47 -64.00 -10.57
N LYS J 740 -21.30 -65.00 -10.23
CA LYS J 740 -21.93 -65.03 -8.92
C LYS J 740 -21.05 -65.75 -7.91
N GLY K 61 -26.89 -62.42 -58.07
CA GLY K 61 -28.04 -61.74 -57.52
C GLY K 61 -27.79 -61.19 -56.12
N VAL K 62 -26.93 -61.89 -55.38
CA VAL K 62 -26.54 -61.48 -54.03
C VAL K 62 -25.02 -61.27 -54.07
N THR K 63 -24.60 -60.02 -54.02
CA THR K 63 -23.20 -59.66 -54.14
C THR K 63 -22.59 -59.18 -52.83
N VAL K 64 -23.39 -58.66 -51.94
CA VAL K 64 -22.90 -58.04 -50.72
C VAL K 64 -22.88 -59.05 -49.60
N THR K 65 -21.79 -59.07 -48.85
CA THR K 65 -21.64 -59.98 -47.72
C THR K 65 -22.56 -59.56 -46.59
N PRO K 66 -23.39 -60.45 -46.07
CA PRO K 66 -24.18 -60.11 -44.88
C PRO K 66 -23.29 -59.94 -43.66
N VAL K 67 -23.74 -59.08 -42.74
CA VAL K 67 -23.00 -58.77 -41.52
C VAL K 67 -23.87 -59.13 -40.34
N LEU K 68 -23.33 -59.92 -39.42
CA LEU K 68 -24.03 -60.27 -38.19
C LEU K 68 -23.52 -59.38 -37.07
N ILE K 69 -24.42 -58.64 -36.43
CA ILE K 69 -24.02 -57.66 -35.44
C ILE K 69 -24.31 -58.10 -34.02
N LYS K 70 -25.43 -58.80 -33.77
CA LYS K 70 -25.77 -59.17 -32.39
C LYS K 70 -26.58 -60.45 -32.38
N VAL K 71 -26.32 -61.31 -31.40
CA VAL K 71 -27.19 -62.43 -31.08
C VAL K 71 -27.50 -62.36 -29.60
N SER K 72 -28.62 -62.98 -29.23
CA SER K 72 -29.06 -62.98 -27.84
C SER K 72 -28.38 -64.13 -27.09
N GLU K 73 -28.82 -64.37 -25.87
CA GLU K 73 -28.21 -65.37 -25.00
C GLU K 73 -29.08 -66.63 -24.93
N GLY K 74 -28.54 -67.64 -24.27
CA GLY K 74 -29.33 -68.81 -23.93
C GLY K 74 -29.32 -69.89 -24.99
N ALA K 75 -30.38 -69.92 -25.81
CA ALA K 75 -30.55 -70.90 -26.89
C ALA K 75 -30.64 -72.32 -26.33
N ALA K 76 -31.65 -72.53 -25.53
CA ALA K 76 -32.06 -73.86 -25.14
C ALA K 76 -33.26 -74.28 -25.98
N PRO K 77 -33.45 -75.59 -26.23
CA PRO K 77 -34.60 -76.02 -27.05
C PRO K 77 -35.92 -75.49 -26.54
N GLY K 78 -36.60 -74.70 -27.36
CA GLY K 78 -37.80 -74.01 -26.98
C GLY K 78 -37.61 -72.53 -26.70
N ASP K 79 -36.37 -72.06 -26.62
CA ASP K 79 -36.11 -70.65 -26.41
C ASP K 79 -36.13 -69.90 -27.74
N THR K 80 -36.14 -68.57 -27.63
CA THR K 80 -36.18 -67.68 -28.79
C THR K 80 -34.81 -67.08 -29.01
N LEU K 81 -34.29 -67.24 -30.22
CA LEU K 81 -32.98 -66.74 -30.59
C LEU K 81 -33.15 -65.59 -31.59
N THR K 82 -32.61 -64.43 -31.26
CA THR K 82 -32.73 -63.25 -32.10
C THR K 82 -31.37 -62.89 -32.68
N ILE K 83 -31.33 -62.63 -33.99
CA ILE K 83 -30.13 -62.27 -34.71
C ILE K 83 -30.36 -60.93 -35.39
N GLN K 84 -29.38 -60.04 -35.34
CA GLN K 84 -29.50 -58.73 -35.95
C GLN K 84 -28.30 -58.50 -36.87
N GLY K 85 -28.57 -57.95 -38.05
CA GLY K 85 -27.54 -57.79 -39.06
C GLY K 85 -27.92 -56.72 -40.04
N ARG K 86 -27.29 -56.75 -41.21
CA ARG K 86 -27.58 -55.73 -42.22
C ARG K 86 -28.19 -56.28 -43.50
N TYR K 87 -27.50 -57.15 -44.24
CA TYR K 87 -28.03 -57.63 -45.52
C TYR K 87 -28.54 -59.06 -45.41
N LEU K 88 -29.57 -59.27 -44.61
CA LEU K 88 -29.96 -60.63 -44.24
C LEU K 88 -31.00 -61.24 -45.17
N GLY K 89 -31.57 -60.49 -46.10
CA GLY K 89 -32.40 -61.07 -47.13
C GLY K 89 -33.79 -61.55 -46.74
N ASN K 90 -34.18 -62.70 -47.28
CA ASN K 90 -35.48 -63.31 -47.05
C ASN K 90 -35.35 -64.68 -46.41
N ALA K 91 -36.42 -65.12 -45.76
CA ALA K 91 -36.50 -66.49 -45.30
C ALA K 91 -36.66 -67.48 -46.44
N GLN K 92 -37.08 -67.01 -47.62
CA GLN K 92 -37.19 -67.85 -48.80
C GLN K 92 -35.91 -67.87 -49.62
N THR K 93 -34.92 -67.05 -49.27
CA THR K 93 -33.67 -66.97 -50.00
C THR K 93 -32.47 -67.40 -49.17
N ALA K 94 -32.57 -67.38 -47.84
CA ALA K 94 -31.43 -67.59 -46.96
C ALA K 94 -31.75 -68.63 -45.92
N ARG K 95 -30.73 -69.04 -45.17
CA ARG K 95 -30.86 -70.00 -44.09
C ARG K 95 -29.81 -69.72 -43.02
N VAL K 96 -30.12 -70.14 -41.79
CA VAL K 96 -29.22 -69.96 -40.65
C VAL K 96 -28.54 -71.30 -40.36
N ILE K 97 -27.23 -71.27 -40.15
CA ILE K 97 -26.45 -72.48 -39.89
C ILE K 97 -25.78 -72.31 -38.54
N ILE K 98 -25.89 -73.34 -37.70
CA ILE K 98 -25.35 -73.31 -36.35
C ILE K 98 -24.51 -74.57 -36.16
N GLY K 99 -23.58 -74.50 -35.23
CA GLY K 99 -22.68 -75.60 -35.01
C GLY K 99 -21.47 -75.65 -35.90
N ALA K 100 -21.19 -74.59 -36.65
CA ALA K 100 -20.08 -74.57 -37.57
C ALA K 100 -18.80 -74.19 -36.85
N ASP K 101 -17.69 -74.27 -37.56
CA ASP K 101 -16.41 -73.87 -37.02
C ASP K 101 -16.10 -72.45 -37.46
N GLU K 102 -14.88 -71.98 -37.19
CA GLU K 102 -14.53 -70.59 -37.48
C GLU K 102 -14.70 -70.23 -38.94
N ASN K 103 -14.60 -71.21 -39.84
CA ASN K 103 -14.60 -70.97 -41.27
C ASN K 103 -15.95 -71.23 -41.91
N GLY K 104 -16.96 -71.58 -41.12
CA GLY K 104 -18.26 -71.88 -41.66
C GLY K 104 -18.48 -73.32 -42.06
N GLN K 105 -17.45 -74.17 -41.94
CA GLN K 105 -17.57 -75.56 -42.33
C GLN K 105 -18.29 -76.35 -41.26
N GLY K 106 -18.88 -77.47 -41.66
CA GLY K 106 -19.68 -78.23 -40.72
C GLY K 106 -20.96 -77.48 -40.42
N GLY K 107 -21.60 -77.89 -39.34
CA GLY K 107 -22.78 -77.20 -38.86
C GLY K 107 -24.06 -77.69 -39.52
N THR K 108 -25.17 -77.43 -38.85
CA THR K 108 -26.48 -77.88 -39.28
C THR K 108 -27.39 -76.66 -39.43
N ALA K 109 -28.21 -76.67 -40.47
CA ALA K 109 -29.10 -75.56 -40.75
C ALA K 109 -30.38 -75.66 -39.93
N PHE K 110 -30.88 -74.51 -39.51
CA PHE K 110 -32.16 -74.46 -38.85
C PHE K 110 -33.27 -74.88 -39.82
N PRO K 111 -34.29 -75.59 -39.35
CA PRO K 111 -35.43 -75.87 -40.22
C PRO K 111 -36.21 -74.62 -40.54
N ALA K 112 -36.88 -74.62 -41.69
CA ALA K 112 -37.69 -73.48 -42.09
C ALA K 112 -38.86 -73.24 -41.14
N SER K 113 -39.31 -74.29 -40.43
CA SER K 113 -40.39 -74.13 -39.47
C SER K 113 -39.95 -73.44 -38.19
N ALA K 114 -38.65 -73.26 -37.99
CA ALA K 114 -38.13 -72.61 -36.80
C ALA K 114 -38.17 -71.09 -36.89
N VAL K 115 -38.49 -70.54 -38.06
CA VAL K 115 -38.41 -69.10 -38.30
C VAL K 115 -39.72 -68.46 -37.89
N GLN K 116 -39.65 -67.50 -36.97
CA GLN K 116 -40.82 -66.73 -36.56
C GLN K 116 -40.92 -65.42 -37.34
N SER K 117 -39.81 -64.73 -37.53
CA SER K 117 -39.75 -63.50 -38.29
C SER K 117 -38.44 -63.47 -39.06
N TRP K 118 -38.42 -62.76 -40.17
CA TRP K 118 -37.18 -62.63 -40.94
C TRP K 118 -37.27 -61.33 -41.74
N SER K 119 -36.62 -60.29 -41.23
CA SER K 119 -36.42 -59.05 -41.96
C SER K 119 -35.00 -59.03 -42.50
N ASP K 120 -34.65 -57.95 -43.19
CA ASP K 120 -33.28 -57.83 -43.66
C ASP K 120 -32.32 -57.40 -42.55
N THR K 121 -32.84 -57.02 -41.38
CA THR K 121 -32.00 -56.64 -40.26
C THR K 121 -32.30 -57.40 -38.98
N GLU K 122 -33.20 -58.37 -38.99
CA GLU K 122 -33.50 -59.14 -37.79
C GLU K 122 -34.09 -60.49 -38.16
N ILE K 123 -33.60 -61.54 -37.50
CA ILE K 123 -34.14 -62.89 -37.63
C ILE K 123 -34.51 -63.37 -36.24
N VAL K 124 -35.72 -63.91 -36.09
CA VAL K 124 -36.20 -64.47 -34.83
C VAL K 124 -36.48 -65.95 -35.06
N LEU K 125 -35.97 -66.79 -34.18
CA LEU K 125 -36.04 -68.24 -34.34
C LEU K 125 -36.55 -68.90 -33.07
N LYS K 126 -37.04 -70.12 -33.22
CA LYS K 126 -37.32 -71.02 -32.11
C LYS K 126 -36.36 -72.19 -32.18
N VAL K 127 -35.60 -72.40 -31.11
CA VAL K 127 -34.57 -73.44 -31.12
C VAL K 127 -35.24 -74.80 -31.08
N PRO K 128 -34.98 -75.68 -32.05
CA PRO K 128 -35.61 -76.99 -32.08
C PRO K 128 -34.93 -77.92 -31.08
N GLU K 129 -35.36 -79.18 -31.11
CA GLU K 129 -34.75 -80.22 -30.28
C GLU K 129 -33.72 -80.97 -31.09
N GLY K 130 -32.52 -81.12 -30.53
CA GLY K 130 -31.49 -81.89 -31.19
C GLY K 130 -30.27 -81.11 -31.63
N MET K 131 -30.21 -79.82 -31.28
CA MET K 131 -29.04 -79.04 -31.62
C MET K 131 -27.87 -79.43 -30.72
N PRO K 132 -26.63 -79.29 -31.20
CA PRO K 132 -25.46 -79.68 -30.39
C PRO K 132 -25.16 -78.65 -29.32
N ALA K 133 -25.26 -79.07 -28.06
CA ALA K 133 -24.98 -78.17 -26.95
C ALA K 133 -23.48 -77.84 -26.89
N GLY K 134 -23.18 -76.69 -26.32
CA GLY K 134 -21.82 -76.20 -26.27
C GLY K 134 -21.62 -75.01 -27.18
N GLY K 135 -20.38 -74.54 -27.22
CA GLY K 135 -20.05 -73.39 -28.04
C GLY K 135 -19.81 -73.76 -29.49
N SER K 136 -20.22 -72.85 -30.38
CA SER K 136 -20.12 -73.06 -31.81
C SER K 136 -20.30 -71.72 -32.51
N TRP K 137 -20.26 -71.75 -33.83
CA TRP K 137 -20.35 -70.54 -34.63
C TRP K 137 -21.66 -70.52 -35.39
N LEU K 138 -22.23 -69.33 -35.54
CA LEU K 138 -23.48 -69.12 -36.23
C LEU K 138 -23.24 -68.25 -37.46
N PHE K 139 -23.78 -68.68 -38.59
CA PHE K 139 -23.65 -67.95 -39.84
C PHE K 139 -25.02 -67.84 -40.50
N VAL K 140 -25.18 -66.84 -41.35
CA VAL K 140 -26.36 -66.70 -42.20
C VAL K 140 -25.88 -66.73 -43.64
N GLU K 141 -26.45 -67.61 -44.45
CA GLU K 141 -26.10 -67.73 -45.86
C GLU K 141 -27.22 -67.15 -46.70
N VAL K 142 -26.98 -65.99 -47.30
CA VAL K 142 -27.97 -65.29 -48.09
C VAL K 142 -27.63 -65.49 -49.56
N GLY K 143 -28.51 -66.18 -50.28
CA GLY K 143 -28.27 -66.43 -51.68
C GLY K 143 -26.99 -67.17 -51.96
N GLY K 144 -26.59 -68.05 -51.06
CA GLY K 144 -25.35 -68.79 -51.20
C GLY K 144 -24.12 -68.09 -50.70
N LYS K 145 -24.23 -66.84 -50.28
CA LYS K 145 -23.10 -66.08 -49.78
C LYS K 145 -23.10 -66.09 -48.26
N ARG K 146 -21.95 -66.39 -47.67
CA ARG K 146 -21.83 -66.52 -46.23
C ARG K 146 -21.55 -65.17 -45.58
N SER K 147 -22.11 -65.00 -44.38
CA SER K 147 -21.94 -63.75 -43.64
C SER K 147 -20.67 -63.82 -42.80
N THR K 148 -20.48 -62.80 -41.96
CA THR K 148 -19.52 -62.88 -40.88
C THR K 148 -20.18 -63.60 -39.70
N GLY K 149 -19.39 -64.36 -38.98
CA GLY K 149 -19.96 -65.20 -37.95
C GLY K 149 -19.98 -64.57 -36.58
N LEU K 150 -20.76 -65.18 -35.71
CA LEU K 150 -20.78 -64.87 -34.28
C LEU K 150 -20.77 -66.17 -33.50
N ARG K 151 -20.13 -66.15 -32.33
CA ARG K 151 -20.11 -67.32 -31.47
C ARG K 151 -21.38 -67.38 -30.65
N VAL K 152 -22.00 -68.55 -30.61
CA VAL K 152 -23.24 -68.76 -29.89
C VAL K 152 -23.06 -69.94 -28.95
N SER K 153 -23.81 -69.95 -27.86
CA SER K 153 -23.71 -71.00 -26.85
C SER K 153 -25.05 -71.73 -26.79
N VAL K 154 -25.08 -72.94 -27.33
CA VAL K 154 -26.29 -73.75 -27.29
C VAL K 154 -26.33 -74.47 -25.94
N ARG K 155 -27.47 -74.39 -25.27
CA ARG K 155 -27.62 -74.97 -23.95
C ARG K 155 -27.98 -76.44 -24.06
N GLY L 28 15.88 -74.65 -90.05
CA GLY L 28 17.27 -75.09 -90.00
C GLY L 28 17.85 -75.40 -91.37
N ARG L 29 19.01 -74.82 -91.67
CA ARG L 29 19.68 -74.99 -92.94
C ARG L 29 21.14 -75.31 -92.72
N VAL L 30 21.71 -76.09 -93.63
CA VAL L 30 23.12 -76.42 -93.62
C VAL L 30 23.74 -75.90 -94.91
N ASN L 31 24.86 -75.18 -94.78
CA ASN L 31 25.53 -74.60 -95.94
C ASN L 31 27.02 -74.53 -95.64
N VAL L 32 27.77 -75.49 -96.17
CA VAL L 32 29.20 -75.59 -95.95
C VAL L 32 29.89 -75.58 -97.31
N GLY L 33 31.01 -74.86 -97.40
CA GLY L 33 31.79 -74.80 -98.62
C GLY L 33 33.19 -75.32 -98.38
N VAL L 34 33.83 -75.79 -99.46
CA VAL L 34 35.10 -76.49 -99.37
C VAL L 34 36.07 -75.93 -100.40
N ASP L 35 37.31 -75.70 -99.96
CA ASP L 35 38.41 -75.31 -100.85
C ASP L 35 39.32 -76.52 -101.02
N VAL L 36 39.40 -77.03 -102.24
CA VAL L 36 40.07 -78.31 -102.47
C VAL L 36 41.59 -78.14 -102.53
N GLY L 37 42.07 -77.35 -103.48
CA GLY L 37 43.51 -77.18 -103.61
C GLY L 37 44.22 -78.47 -103.96
N ASP L 38 43.98 -78.96 -105.18
CA ASP L 38 44.46 -80.27 -105.62
C ASP L 38 45.85 -80.21 -106.27
N ALA L 39 46.65 -79.20 -105.95
CA ALA L 39 48.01 -79.14 -106.47
C ALA L 39 48.93 -80.05 -105.66
N GLY L 40 50.04 -80.43 -106.28
CA GLY L 40 50.99 -81.31 -105.63
C GLY L 40 50.41 -82.66 -105.25
N SER L 41 49.55 -83.21 -106.11
CA SER L 41 48.84 -84.43 -105.80
C SER L 41 49.18 -85.60 -106.71
N GLU L 42 49.94 -85.39 -107.78
CA GLU L 42 50.33 -86.46 -108.68
C GLU L 42 51.84 -86.67 -108.59
N GLN L 43 52.25 -87.94 -108.51
CA GLN L 43 53.65 -88.30 -108.44
C GLN L 43 54.28 -88.18 -109.82
N VAL L 44 55.46 -87.58 -109.88
CA VAL L 44 56.14 -87.34 -111.16
C VAL L 44 57.09 -88.50 -111.45
N ALA L 45 56.91 -89.12 -112.62
CA ALA L 45 57.77 -90.22 -113.05
C ALA L 45 58.18 -90.15 -114.50
N THR L 46 57.57 -89.27 -115.32
CA THR L 46 57.86 -89.23 -116.76
C THR L 46 59.17 -88.49 -116.99
N LEU L 47 60.27 -89.17 -116.64
CA LEU L 47 61.62 -88.66 -116.87
C LEU L 47 62.44 -89.81 -117.48
N THR L 48 62.40 -89.91 -118.82
CA THR L 48 63.28 -90.86 -119.49
C THR L 48 64.74 -90.47 -119.31
N ILE L 49 65.01 -89.19 -119.10
CA ILE L 49 66.32 -88.72 -118.71
C ILE L 49 66.53 -89.01 -117.23
N THR L 50 67.57 -88.45 -116.63
CA THR L 50 67.89 -88.79 -115.25
C THR L 50 68.52 -87.61 -114.54
N PRO L 51 68.51 -87.69 -113.21
CA PRO L 51 69.29 -86.80 -112.35
C PRO L 51 70.73 -87.27 -112.19
N GLU L 52 71.12 -88.29 -112.94
CA GLU L 52 72.49 -88.81 -112.93
C GLU L 52 73.38 -87.89 -113.76
N LYS L 53 74.58 -88.38 -114.10
CA LYS L 53 75.56 -87.55 -114.80
C LYS L 53 74.97 -86.90 -116.04
N CYS L 54 74.57 -87.70 -117.03
CA CYS L 54 73.89 -87.14 -118.21
C CYS L 54 72.96 -88.21 -118.77
N ASP L 55 71.70 -88.19 -118.32
CA ASP L 55 70.61 -88.99 -118.86
C ASP L 55 71.01 -90.40 -119.25
N ASP L 56 71.77 -91.08 -118.40
CA ASP L 56 72.35 -92.36 -118.76
C ASP L 56 71.98 -93.51 -117.82
N LYS L 57 71.94 -93.27 -116.51
CA LYS L 57 71.85 -94.35 -115.53
C LYS L 57 70.45 -94.48 -114.91
N GLY L 58 69.96 -93.41 -114.30
CA GLY L 58 68.73 -93.47 -113.51
C GLY L 58 67.51 -93.34 -114.43
N VAL L 59 67.30 -94.39 -115.23
CA VAL L 59 66.17 -94.42 -116.16
C VAL L 59 64.89 -94.84 -115.43
N PRO L 74 49.37 -84.34 -100.07
CA PRO L 74 48.00 -84.75 -100.41
C PRO L 74 47.08 -83.56 -100.59
N VAL L 75 45.91 -83.79 -101.18
CA VAL L 75 44.93 -82.72 -101.35
C VAL L 75 44.37 -82.32 -99.99
N THR L 76 44.35 -81.02 -99.72
CA THR L 76 43.89 -80.49 -98.43
C THR L 76 42.48 -79.89 -98.57
N PHE L 77 41.48 -80.65 -98.15
CA PHE L 77 40.11 -80.17 -98.13
C PHE L 77 39.92 -79.20 -96.97
N THR L 78 39.29 -78.06 -97.23
CA THR L 78 39.08 -77.03 -96.21
C THR L 78 37.60 -76.67 -96.16
N PHE L 79 36.91 -77.16 -95.13
CA PHE L 79 35.48 -76.96 -94.97
C PHE L 79 35.21 -75.76 -94.07
N THR L 80 34.31 -74.88 -94.52
CA THR L 80 33.89 -73.71 -93.76
C THR L 80 32.39 -73.53 -93.92
N ALA L 81 31.71 -73.24 -92.81
CA ALA L 81 30.27 -73.08 -92.81
C ALA L 81 29.89 -71.64 -93.18
N ARG L 82 28.88 -71.51 -94.04
CA ARG L 82 28.41 -70.22 -94.47
C ARG L 82 27.64 -69.54 -93.35
N PRO L 83 27.53 -68.21 -93.38
CA PRO L 83 26.78 -67.50 -92.33
C PRO L 83 25.34 -67.96 -92.25
N GLY L 84 24.85 -68.12 -91.02
CA GLY L 84 23.49 -68.57 -90.79
C GLY L 84 23.30 -70.06 -90.81
N SER L 85 24.36 -70.84 -90.97
CA SER L 85 24.28 -72.28 -91.10
C SER L 85 24.35 -72.97 -89.75
N GLU L 86 23.93 -74.23 -89.71
CA GLU L 86 24.09 -75.05 -88.53
C GLU L 86 25.50 -75.62 -88.48
N ALA L 87 25.82 -76.27 -87.36
CA ALA L 87 27.02 -77.08 -87.32
C ALA L 87 26.75 -78.43 -87.97
N VAL L 88 27.81 -79.10 -88.41
CA VAL L 88 27.68 -80.37 -89.10
C VAL L 88 28.94 -81.19 -88.84
N THR L 89 28.78 -82.51 -88.82
CA THR L 89 29.89 -83.44 -88.66
C THR L 89 29.92 -84.37 -89.87
N ILE L 90 31.09 -84.45 -90.51
CA ILE L 90 31.25 -85.27 -91.71
C ILE L 90 31.76 -86.64 -91.29
N GLU L 91 31.08 -87.68 -91.75
CA GLU L 91 31.38 -89.06 -91.35
C GLU L 91 32.21 -89.81 -92.39
N GLY L 92 32.02 -89.53 -93.66
CA GLY L 92 32.78 -90.19 -94.70
C GLY L 92 32.37 -89.68 -96.06
N TYR L 93 32.90 -90.31 -97.10
CA TYR L 93 32.64 -89.88 -98.47
C TYR L 93 32.40 -91.09 -99.37
N ARG L 94 31.69 -90.85 -100.45
CA ARG L 94 31.45 -91.86 -101.48
C ARG L 94 32.00 -91.36 -102.81
N VAL L 95 32.72 -92.21 -103.52
CA VAL L 95 33.32 -91.86 -104.80
C VAL L 95 32.31 -92.23 -105.88
N LEU L 96 31.61 -91.22 -106.41
CA LEU L 96 30.53 -91.44 -107.37
C LEU L 96 31.01 -91.56 -108.80
N SER L 97 32.26 -91.21 -109.10
CA SER L 97 32.76 -91.25 -110.47
C SER L 97 34.27 -91.26 -110.44
N ASP L 98 34.88 -92.33 -110.94
CA ASP L 98 36.33 -92.44 -111.07
C ASP L 98 36.67 -92.57 -112.55
N ARG L 99 37.58 -91.72 -113.03
CA ARG L 99 37.94 -91.70 -114.45
C ARG L 99 39.45 -91.50 -114.57
N LEU L 100 40.17 -92.58 -114.83
CA LEU L 100 41.60 -92.52 -115.12
C LEU L 100 41.77 -92.38 -116.63
N ASP L 101 42.29 -91.23 -117.06
CA ASP L 101 42.51 -90.88 -118.46
C ASP L 101 41.21 -90.88 -119.27
N GLY L 102 40.06 -90.93 -118.62
CA GLY L 102 38.78 -90.82 -119.30
C GLY L 102 37.92 -92.05 -119.33
N VAL L 103 38.23 -93.08 -118.54
CA VAL L 103 37.48 -94.33 -118.53
C VAL L 103 36.74 -94.43 -117.20
N GLU L 104 35.42 -94.58 -117.27
CA GLU L 104 34.56 -94.61 -116.08
C GLU L 104 34.73 -95.96 -115.40
N ARG L 105 35.74 -96.06 -114.55
CA ARG L 105 36.01 -97.28 -113.78
C ARG L 105 35.39 -97.18 -112.39
N ALA L 106 34.08 -96.97 -112.35
CA ALA L 106 33.41 -96.61 -111.11
C ALA L 106 32.30 -97.56 -110.69
N ASP L 107 31.50 -98.06 -111.64
CA ASP L 107 30.33 -98.88 -111.35
C ASP L 107 29.43 -98.16 -110.35
N PRO L 108 28.70 -97.11 -110.78
CA PRO L 108 27.94 -96.30 -109.82
C PRO L 108 26.84 -97.07 -109.09
N LYS L 109 26.60 -98.34 -109.42
CA LYS L 109 25.67 -99.14 -108.64
C LYS L 109 26.22 -99.41 -107.24
N ASN L 110 27.53 -99.56 -107.10
CA ASN L 110 28.18 -99.88 -105.84
C ASN L 110 29.36 -98.95 -105.63
N PRO L 111 29.13 -97.74 -105.14
CA PRO L 111 30.24 -96.80 -104.92
C PRO L 111 31.20 -97.32 -103.86
N VAL L 112 32.31 -96.60 -103.71
CA VAL L 112 33.34 -96.93 -102.73
C VAL L 112 33.12 -96.02 -101.54
N GLU L 113 32.51 -96.56 -100.49
CA GLU L 113 32.21 -95.80 -99.28
C GLU L 113 33.41 -95.76 -98.35
N ASN L 114 33.58 -94.63 -97.68
CA ASN L 114 34.51 -94.50 -96.56
C ASN L 114 33.71 -94.06 -95.34
N ALA L 115 34.07 -94.58 -94.18
CA ALA L 115 33.40 -94.27 -92.93
C ALA L 115 34.40 -94.06 -91.82
N LYS L 116 35.48 -93.35 -92.11
CA LYS L 116 36.56 -93.17 -91.14
C LYS L 116 36.82 -91.70 -90.85
N MET L 117 35.76 -90.90 -90.78
CA MET L 117 35.89 -89.46 -90.55
C MET L 117 35.01 -89.05 -89.38
N ASN L 118 35.59 -88.27 -88.46
CA ASN L 118 34.83 -87.55 -87.43
C ASN L 118 35.32 -86.11 -87.49
N LEU L 119 34.74 -85.32 -88.39
CA LEU L 119 35.20 -83.96 -88.65
C LEU L 119 34.07 -82.99 -88.33
N TYR L 120 34.33 -82.06 -87.41
CA TYR L 120 33.33 -81.13 -86.94
C TYR L 120 33.50 -79.78 -87.62
N VAL L 121 32.43 -79.30 -88.25
CA VAL L 121 32.41 -77.99 -88.90
C VAL L 121 31.58 -77.06 -88.02
N PRO L 122 32.19 -76.05 -87.38
CA PRO L 122 31.44 -75.15 -86.50
C PRO L 122 30.31 -74.43 -87.22
N SER L 123 29.46 -73.81 -86.40
CA SER L 123 28.13 -73.41 -86.86
C SER L 123 28.18 -72.37 -87.97
N GLY L 124 29.01 -71.35 -87.82
CA GLY L 124 28.97 -70.25 -88.77
C GLY L 124 28.35 -69.02 -88.15
N TYR L 125 28.60 -68.83 -86.86
CA TYR L 125 28.20 -67.65 -86.12
C TYR L 125 29.44 -67.10 -85.42
N ALA L 126 29.25 -66.00 -84.69
CA ALA L 126 30.34 -65.40 -83.93
C ALA L 126 29.77 -64.84 -82.63
N CYS L 127 30.54 -64.95 -81.56
CA CYS L 127 30.10 -64.51 -80.25
C CYS L 127 31.34 -64.25 -79.39
N GLU L 128 31.12 -64.10 -78.08
CA GLU L 128 32.21 -63.76 -77.17
C GLU L 128 32.82 -64.99 -76.51
N GLY L 129 32.02 -65.98 -76.15
CA GLY L 129 32.49 -67.14 -75.44
C GLY L 129 32.91 -68.30 -76.31
N LEU L 130 33.01 -68.10 -77.61
CA LEU L 130 33.34 -69.20 -78.52
C LEU L 130 34.77 -69.65 -78.31
N THR L 131 34.96 -70.96 -78.14
CA THR L 131 36.29 -71.55 -78.03
C THR L 131 36.84 -71.82 -79.42
N ALA L 132 37.91 -72.61 -79.49
CA ALA L 132 38.57 -72.85 -80.76
C ALA L 132 37.68 -73.66 -81.71
N GLY L 133 37.32 -74.88 -81.32
CA GLY L 133 36.59 -75.77 -82.20
C GLY L 133 35.16 -76.05 -81.78
N ALA L 134 34.46 -75.04 -81.31
CA ALA L 134 33.09 -75.19 -80.84
C ALA L 134 32.14 -74.36 -81.69
N SER L 135 30.86 -74.41 -81.32
CA SER L 135 29.82 -73.61 -81.95
C SER L 135 29.11 -72.79 -80.88
N CYS L 136 28.59 -71.64 -81.29
CA CYS L 136 27.81 -70.80 -80.39
C CYS L 136 26.50 -71.50 -80.04
N GLN L 137 25.98 -71.18 -78.85
CA GLN L 137 24.67 -71.68 -78.47
C GLN L 137 23.59 -71.17 -79.42
N GLY L 138 23.62 -69.87 -79.72
CA GLY L 138 22.62 -69.24 -80.55
C GLY L 138 21.80 -68.18 -79.86
N ASN L 139 22.05 -67.88 -78.59
CA ASN L 139 21.27 -66.90 -77.84
C ASN L 139 22.18 -66.03 -76.98
N GLU L 140 23.29 -65.57 -77.56
CA GLU L 140 24.28 -64.81 -76.81
C GLU L 140 23.97 -63.32 -76.71
N SER L 141 22.99 -62.82 -77.47
CA SER L 141 22.63 -61.40 -77.51
C SER L 141 23.73 -60.58 -78.14
N ASP L 142 24.86 -61.23 -78.43
CA ASP L 142 25.97 -60.65 -79.14
C ASP L 142 26.21 -61.36 -80.47
N ILE L 143 25.47 -62.44 -80.72
CA ILE L 143 25.81 -63.36 -81.80
C ILE L 143 25.55 -62.73 -83.16
N ARG L 144 26.48 -62.93 -84.08
CA ARG L 144 26.36 -62.53 -85.47
C ARG L 144 26.32 -63.77 -86.35
N ILE L 145 26.11 -63.56 -87.63
CA ILE L 145 26.29 -64.59 -88.64
C ILE L 145 27.61 -64.31 -89.35
N ALA L 146 28.51 -65.29 -89.32
CA ALA L 146 29.83 -65.12 -89.89
C ALA L 146 30.22 -66.41 -90.59
N ASN L 147 31.45 -66.47 -91.09
CA ASN L 147 31.98 -67.70 -91.64
C ASN L 147 32.59 -68.52 -90.52
N GLY L 148 32.31 -69.82 -90.53
CA GLY L 148 32.80 -70.69 -89.49
C GLY L 148 34.29 -70.89 -89.55
N GLN L 149 34.83 -71.44 -88.47
CA GLN L 149 36.26 -71.74 -88.43
C GLN L 149 36.59 -72.81 -89.47
N PRO L 150 37.69 -72.67 -90.20
CA PRO L 150 38.04 -73.67 -91.21
C PRO L 150 38.62 -74.92 -90.57
N VAL L 151 38.12 -76.08 -91.01
CA VAL L 151 38.63 -77.37 -90.57
C VAL L 151 39.07 -78.15 -91.82
N GLN L 152 40.20 -78.84 -91.70
CA GLN L 152 40.83 -79.46 -92.86
C GLN L 152 40.87 -80.98 -92.73
N HIS L 153 40.97 -81.63 -93.87
CA HIS L 153 41.15 -83.07 -93.97
C HIS L 153 41.98 -83.36 -95.21
N GLN L 154 42.72 -84.47 -95.19
CA GLN L 154 43.63 -84.82 -96.26
C GLN L 154 43.27 -86.20 -96.80
N ILE L 155 43.20 -86.31 -98.12
CA ILE L 155 43.00 -87.58 -98.81
C ILE L 155 44.09 -87.66 -99.88
N TYR L 156 45.10 -88.50 -99.65
CA TYR L 156 46.20 -88.66 -100.59
C TYR L 156 45.77 -89.61 -101.71
N PHE L 157 45.65 -89.10 -102.92
CA PHE L 157 45.19 -89.90 -104.05
C PHE L 157 46.37 -90.51 -104.81
N ARG L 174 43.67 -88.79 -113.61
CA ARG L 174 42.57 -89.27 -112.78
C ARG L 174 41.77 -88.12 -112.19
N VAL L 175 40.45 -88.14 -112.38
CA VAL L 175 39.55 -87.17 -111.77
C VAL L 175 38.43 -87.93 -111.08
N VAL L 176 38.30 -87.72 -109.77
CA VAL L 176 37.29 -88.41 -108.97
C VAL L 176 36.26 -87.38 -108.50
N ASP L 177 35.04 -87.86 -108.28
CA ASP L 177 33.93 -87.01 -107.84
C ASP L 177 33.45 -87.51 -106.49
N LEU L 178 33.93 -86.89 -105.42
CA LEU L 178 33.58 -87.27 -104.07
C LEU L 178 32.17 -86.81 -103.71
N GLU L 179 31.69 -87.30 -102.56
CA GLU L 179 30.44 -86.81 -101.99
C GLU L 179 30.51 -87.07 -100.49
N PHE L 180 30.83 -86.04 -99.72
CA PHE L 180 30.88 -86.17 -98.27
C PHE L 180 29.48 -86.32 -97.69
N TYR L 181 29.39 -86.98 -96.54
CA TYR L 181 28.12 -87.16 -95.87
C TYR L 181 28.31 -87.02 -94.37
N GLY L 182 27.19 -86.91 -93.66
CA GLY L 182 27.23 -86.71 -92.22
C GLY L 182 25.86 -86.34 -91.69
N PHE L 183 25.87 -85.57 -90.60
CA PHE L 183 24.64 -85.15 -89.94
C PHE L 183 24.86 -83.79 -89.32
N SER L 184 23.80 -82.99 -89.25
CA SER L 184 23.90 -81.63 -88.73
C SER L 184 23.78 -81.66 -87.21
N ALA L 185 23.68 -80.47 -86.60
CA ALA L 185 23.52 -80.40 -85.16
C ALA L 185 22.14 -80.85 -84.71
N ASN L 186 21.17 -80.91 -85.62
CA ASN L 186 19.86 -81.46 -85.35
C ASN L 186 19.75 -82.91 -85.78
N ASN L 187 20.87 -83.53 -86.12
CA ASN L 187 20.93 -84.95 -86.48
C ASN L 187 20.09 -85.27 -87.71
N VAL L 188 20.33 -84.52 -88.79
CA VAL L 188 19.68 -84.80 -90.06
C VAL L 188 20.75 -85.06 -91.11
N PRO L 189 20.51 -85.97 -92.06
CA PRO L 189 21.56 -86.36 -93.00
C PRO L 189 21.98 -85.21 -93.89
N PHE L 190 23.25 -85.26 -94.31
CA PHE L 190 23.88 -84.18 -95.07
C PHE L 190 24.73 -84.76 -96.18
N THR L 191 24.73 -84.11 -97.35
CA THR L 191 25.55 -84.50 -98.48
C THR L 191 26.14 -83.26 -99.17
N ARG L 192 27.37 -83.38 -99.65
CA ARG L 192 28.08 -82.25 -100.23
C ARG L 192 29.03 -82.77 -101.30
N LYS L 193 28.71 -82.47 -102.57
CA LYS L 193 29.49 -82.98 -103.70
C LYS L 193 30.68 -82.08 -103.98
N VAL L 194 31.84 -82.70 -104.21
CA VAL L 194 33.08 -81.95 -104.38
C VAL L 194 33.65 -82.39 -105.73
N THR L 195 32.78 -82.60 -106.71
CA THR L 195 33.15 -83.05 -108.04
C THR L 195 34.32 -82.27 -108.63
N GLY L 196 35.16 -82.96 -109.40
CA GLY L 196 36.15 -82.34 -110.25
C GLY L 196 37.59 -82.45 -109.79
N ILE L 197 37.87 -83.02 -108.62
CA ILE L 197 39.24 -83.03 -108.12
C ILE L 197 40.12 -83.91 -109.00
N VAL L 198 41.35 -83.46 -109.22
CA VAL L 198 42.26 -84.01 -110.22
C VAL L 198 43.38 -84.76 -109.51
N SER L 199 43.56 -86.03 -109.84
CA SER L 199 44.66 -86.86 -109.35
C SER L 199 44.78 -86.85 -107.83
N THR M 34 -69.29 35.68 138.65
CA THR M 34 -68.22 36.66 138.49
C THR M 34 -68.32 37.78 139.51
N VAL M 35 -67.19 38.42 139.79
CA VAL M 35 -67.14 39.53 140.73
C VAL M 35 -66.15 40.57 140.23
N TYR M 36 -66.46 41.83 140.48
CA TYR M 36 -65.60 42.95 140.13
C TYR M 36 -65.07 43.55 141.42
N ARG M 37 -63.75 43.55 141.59
CA ARG M 37 -63.12 44.17 142.75
C ARG M 37 -61.85 44.87 142.31
N ASP M 38 -61.62 46.06 142.85
CA ASP M 38 -60.43 46.87 142.54
C ASP M 38 -59.70 47.17 143.84
N PRO M 39 -58.76 46.34 144.25
CA PRO M 39 -58.11 46.49 145.55
C PRO M 39 -57.15 47.68 145.60
N SER M 40 -57.60 48.82 145.08
CA SER M 40 -56.86 50.07 145.20
C SER M 40 -57.82 51.24 145.39
N LEU M 41 -59.06 50.97 145.80
CA LEU M 41 -60.07 52.00 146.02
C LEU M 41 -60.69 51.81 147.39
N THR M 42 -61.35 52.86 147.85
CA THR M 42 -62.01 52.82 149.15
C THR M 42 -63.09 51.75 149.18
N SER M 43 -63.22 51.07 150.31
CA SER M 43 -64.23 50.03 150.49
C SER M 43 -65.42 50.52 151.30
N ALA M 44 -65.56 51.82 151.51
CA ALA M 44 -66.66 52.34 152.29
C ALA M 44 -67.98 52.13 151.55
N PRO M 45 -69.07 51.86 152.26
CA PRO M 45 -70.36 51.63 151.60
C PRO M 45 -70.92 52.91 150.99
N ILE M 46 -71.71 52.74 149.94
CA ILE M 46 -72.40 53.83 149.27
C ILE M 46 -73.89 53.51 149.22
N THR M 47 -74.67 54.50 148.81
CA THR M 47 -76.11 54.33 148.68
C THR M 47 -76.60 55.36 147.67
N ALA M 48 -77.12 54.90 146.53
CA ALA M 48 -77.48 55.80 145.45
C ALA M 48 -78.68 55.25 144.69
N ASN M 49 -79.19 56.06 143.77
CA ASN M 49 -80.36 55.73 142.98
C ASN M 49 -80.46 56.73 141.84
N VAL M 50 -80.93 56.27 140.68
CA VAL M 50 -81.10 57.15 139.54
C VAL M 50 -82.09 56.50 138.57
N GLY M 51 -82.98 57.33 138.02
CA GLY M 51 -83.78 56.93 136.88
C GLY M 51 -84.88 55.92 137.14
N LYS M 52 -85.81 55.82 136.18
CA LYS M 52 -86.85 54.81 136.19
C LYS M 52 -86.94 54.18 134.81
N TYR M 53 -87.35 52.92 134.77
CA TYR M 53 -87.46 52.23 133.50
C TYR M 53 -88.59 52.81 132.66
N VAL M 54 -88.43 52.74 131.34
CA VAL M 54 -89.37 53.39 130.44
C VAL M 54 -90.41 52.42 129.90
N GLY M 55 -90.01 51.23 129.48
CA GLY M 55 -90.91 50.34 128.79
C GLY M 55 -91.77 49.52 129.73
N PRO M 56 -92.69 48.73 129.16
CA PRO M 56 -93.48 47.81 129.99
C PRO M 56 -92.78 46.51 130.27
N LEU M 57 -91.74 46.16 129.50
CA LEU M 57 -91.04 44.90 129.71
C LEU M 57 -89.87 45.05 130.68
N SER M 58 -89.12 46.13 130.56
CA SER M 58 -88.05 46.38 131.53
C SER M 58 -88.61 46.59 132.93
N THR M 59 -89.79 47.18 133.04
CA THR M 59 -90.39 47.38 134.35
C THR M 59 -90.96 46.08 134.90
N PHE M 60 -91.57 45.26 134.05
CA PHE M 60 -92.12 43.99 134.52
C PHE M 60 -91.01 43.07 135.02
N LEU M 61 -90.00 42.85 134.20
CA LEU M 61 -88.77 42.27 134.70
C LEU M 61 -88.13 43.28 135.66
N ALA M 62 -87.12 42.83 136.38
CA ALA M 62 -86.42 43.70 137.33
C ALA M 62 -87.36 44.15 138.45
N SER M 63 -88.60 43.71 138.40
CA SER M 63 -89.56 43.88 139.48
C SER M 63 -90.03 42.55 140.04
N ILE M 64 -90.24 41.55 139.18
CA ILE M 64 -90.46 40.20 139.69
C ILE M 64 -89.18 39.64 140.26
N ALA M 65 -88.03 40.14 139.81
CA ALA M 65 -86.76 39.73 140.39
C ALA M 65 -86.44 40.48 141.68
N LYS M 66 -87.14 41.58 141.95
CA LYS M 66 -87.02 42.22 143.25
C LYS M 66 -87.94 41.59 144.28
N SER M 67 -88.89 40.75 143.87
CA SER M 67 -89.63 39.94 144.82
C SER M 67 -88.69 38.97 145.52
N ALA M 68 -87.78 38.35 144.76
CA ALA M 68 -86.61 37.73 145.36
C ALA M 68 -85.54 38.81 145.57
N GLY M 69 -84.38 38.41 146.09
CA GLY M 69 -83.35 39.41 146.27
C GLY M 69 -82.42 39.50 145.08
N TYR M 70 -82.72 40.41 144.15
CA TYR M 70 -81.93 40.57 142.94
C TYR M 70 -82.06 42.00 142.46
N GLU M 71 -81.09 42.44 141.65
CA GLU M 71 -80.93 43.85 141.33
C GLU M 71 -80.71 44.06 139.84
N VAL M 72 -81.56 43.46 139.02
CA VAL M 72 -81.43 43.37 137.57
C VAL M 72 -80.79 44.59 136.90
N VAL M 73 -79.83 44.34 136.02
CA VAL M 73 -79.13 45.36 135.24
C VAL M 73 -79.14 44.93 133.78
N PHE M 74 -79.57 45.82 132.90
CA PHE M 74 -79.72 45.51 131.48
C PHE M 74 -78.53 46.02 130.69
N ASN M 75 -78.00 45.17 129.81
CA ASN M 75 -76.89 45.57 128.96
C ASN M 75 -77.33 46.29 127.69
N PHE M 76 -78.62 46.37 127.41
CA PHE M 76 -79.09 46.99 126.18
C PHE M 76 -80.47 47.58 126.43
N ASN M 77 -81.02 48.20 125.40
CA ASN M 77 -82.35 48.82 125.48
C ASN M 77 -83.39 47.75 125.21
N ILE M 78 -83.81 47.07 126.27
CA ILE M 78 -84.74 45.96 126.11
C ILE M 78 -86.10 46.42 125.63
N ASP M 79 -86.42 47.70 125.80
CA ASP M 79 -87.71 48.23 125.39
C ASP M 79 -87.74 48.65 123.94
N ALA M 80 -86.65 48.46 123.21
CA ALA M 80 -86.60 48.72 121.78
C ALA M 80 -86.81 47.46 120.95
N LEU M 81 -87.26 46.38 121.57
CA LEU M 81 -87.63 45.19 120.83
C LEU M 81 -89.01 45.38 120.21
N ALA M 82 -89.51 44.32 119.60
CA ALA M 82 -90.87 44.32 119.04
C ALA M 82 -91.82 43.78 120.09
N LEU M 83 -92.61 44.66 120.69
CA LEU M 83 -93.47 44.29 121.80
C LEU M 83 -94.88 44.80 121.53
N ILE M 84 -95.87 43.93 121.77
CA ILE M 84 -97.26 44.25 121.49
C ILE M 84 -98.09 44.02 122.74
N ASN M 85 -99.02 44.93 123.02
CA ASN M 85 -99.75 44.93 124.27
C ASN M 85 -101.02 45.73 124.08
N GLY M 86 -101.94 45.59 125.03
CA GLY M 86 -103.14 46.40 125.00
C GLY M 86 -102.85 47.86 125.19
N GLU M 87 -101.94 48.19 126.10
CA GLU M 87 -101.60 49.58 126.38
C GLU M 87 -100.64 50.16 125.36
N ILE M 88 -99.83 49.32 124.71
CA ILE M 88 -98.84 49.82 123.77
C ILE M 88 -99.52 50.50 122.58
N VAL M 89 -100.59 49.89 122.07
CA VAL M 89 -101.22 50.42 120.86
C VAL M 89 -102.36 51.39 121.17
N PHE M 90 -103.01 51.24 122.32
CA PHE M 90 -104.21 52.01 122.62
C PHE M 90 -103.98 53.11 123.64
N GLY M 91 -102.72 53.42 123.94
CA GLY M 91 -102.48 54.43 124.97
C GLY M 91 -102.90 53.94 126.34
N ASN M 92 -103.21 54.89 127.21
CA ASN M 92 -103.59 54.57 128.57
C ASN M 92 -104.57 55.61 129.11
N THR M 98 -98.71 58.68 128.38
CA THR M 98 -97.56 58.92 127.51
C THR M 98 -97.88 58.56 126.07
N THR M 99 -96.83 58.41 125.26
CA THR M 99 -96.98 58.09 123.85
C THR M 99 -96.54 56.66 123.55
N SER M 100 -96.38 55.83 124.59
CA SER M 100 -96.19 54.39 124.45
C SER M 100 -94.94 54.07 123.62
N TYR M 101 -93.79 54.36 124.24
CA TYR M 101 -92.50 54.06 123.63
C TYR M 101 -92.28 52.56 123.58
N ALA M 102 -93.05 51.86 122.74
CA ALA M 102 -92.79 50.44 122.55
C ALA M 102 -92.78 50.02 121.08
N THR M 103 -93.71 50.56 120.28
CA THR M 103 -93.71 50.44 118.84
C THR M 103 -93.62 49.00 118.36
N PRO M 104 -94.74 48.26 118.31
CA PRO M 104 -94.71 46.85 117.88
C PRO M 104 -93.86 46.56 116.64
N LEU M 105 -93.58 47.58 115.85
CA LEU M 105 -92.64 47.48 114.74
C LEU M 105 -91.21 47.42 115.19
N GLY M 106 -90.95 47.42 116.49
CA GLY M 106 -89.59 47.48 116.97
C GLY M 106 -89.05 48.89 116.92
N ARG M 107 -87.77 49.01 117.24
CA ARG M 107 -87.09 50.30 117.20
C ARG M 107 -85.60 50.07 117.13
N PRO M 108 -85.10 49.44 116.06
CA PRO M 108 -83.73 48.91 116.09
C PRO M 108 -82.64 49.96 116.11
N GLN M 109 -82.93 51.20 115.75
CA GLN M 109 -81.90 52.24 115.83
C GLN M 109 -81.59 52.64 117.26
N GLU M 110 -82.52 52.42 118.19
CA GLU M 110 -82.33 52.76 119.59
C GLU M 110 -82.15 51.52 120.45
N LEU M 111 -81.74 50.42 119.86
CA LEU M 111 -81.57 49.15 120.58
C LEU M 111 -80.27 49.11 121.37
N PRO M 112 -79.13 49.58 120.86
CA PRO M 112 -77.89 49.48 121.64
C PRO M 112 -77.75 50.53 122.72
N ALA M 113 -78.83 51.21 123.08
CA ALA M 113 -78.79 52.19 124.15
C ALA M 113 -78.53 51.48 125.48
N LYS M 114 -78.25 52.26 126.52
CA LYS M 114 -77.92 51.73 127.84
C LYS M 114 -78.88 52.35 128.85
N PRO M 115 -79.68 51.58 129.57
CA PRO M 115 -80.60 52.15 130.55
C PRO M 115 -79.85 52.64 131.78
N VAL M 116 -79.93 53.93 132.06
CA VAL M 116 -79.33 54.50 133.28
C VAL M 116 -80.40 54.40 134.37
N VAL M 117 -80.48 53.20 134.95
CA VAL M 117 -81.33 52.94 136.11
C VAL M 117 -80.53 52.05 137.05
N HIS M 118 -80.21 52.55 138.24
CA HIS M 118 -79.40 51.80 139.17
C HIS M 118 -79.92 52.00 140.58
N ASN M 119 -79.63 51.03 141.44
CA ASN M 119 -80.04 51.11 142.84
C ASN M 119 -78.98 50.40 143.67
N PHE M 120 -78.42 51.11 144.64
CA PHE M 120 -77.37 50.58 145.49
C PHE M 120 -77.71 50.85 146.95
N SER M 121 -77.50 49.85 147.80
CA SER M 121 -77.78 49.97 149.22
C SER M 121 -76.64 49.33 150.00
N ASN M 122 -75.82 50.16 150.64
CA ASN M 122 -74.69 49.71 151.44
C ASN M 122 -73.73 48.83 150.64
N ALA M 123 -73.63 49.09 149.34
CA ALA M 123 -72.67 48.38 148.54
C ALA M 123 -71.29 49.01 148.67
N PRO M 124 -70.24 48.21 148.72
CA PRO M 124 -68.89 48.78 148.82
C PRO M 124 -68.50 49.50 147.53
N PHE M 125 -68.07 50.74 147.67
CA PHE M 125 -67.56 51.48 146.52
C PHE M 125 -66.37 50.78 145.88
N ASN M 126 -65.67 49.94 146.65
CA ASN M 126 -64.56 49.17 146.10
C ASN M 126 -65.01 48.30 144.95
N GLU M 127 -66.18 47.69 145.06
CA GLU M 127 -66.63 46.71 144.09
C GLU M 127 -67.89 47.12 143.33
N ALA M 128 -68.51 48.24 143.69
CA ALA M 128 -69.61 48.77 142.90
C ALA M 128 -69.14 49.67 141.77
N TRP M 129 -68.04 50.39 141.98
CA TRP M 129 -67.48 51.23 140.91
C TRP M 129 -67.00 50.42 139.72
N PRO M 130 -66.21 49.35 139.86
CA PRO M 130 -65.79 48.61 138.67
C PRO M 130 -66.93 48.00 137.89
N LEU M 131 -68.07 47.73 138.52
CA LEU M 131 -69.22 47.23 137.79
C LEU M 131 -69.76 48.28 136.83
N LEU M 132 -69.95 49.50 137.32
CA LEU M 132 -70.46 50.57 136.47
C LEU M 132 -69.49 50.89 135.34
N MET M 133 -68.20 50.74 135.57
CA MET M 133 -67.23 50.96 134.52
C MET M 133 -67.24 49.85 133.47
N ASP M 134 -67.89 48.73 133.75
CA ASP M 134 -68.06 47.68 132.75
C ASP M 134 -69.40 47.73 132.06
N VAL M 135 -70.42 48.30 132.70
CA VAL M 135 -71.71 48.46 132.04
C VAL M 135 -71.60 49.49 130.92
N TYR M 136 -70.95 50.61 131.20
CA TYR M 136 -70.82 51.70 130.24
C TYR M 136 -69.51 51.67 129.47
N GLU M 137 -68.67 50.67 129.69
CA GLU M 137 -67.42 50.51 128.96
C GLU M 137 -66.53 51.74 129.09
N LEU M 138 -66.19 52.06 130.33
CA LEU M 138 -65.30 53.17 130.63
C LEU M 138 -64.01 52.65 131.25
N ASP M 139 -63.02 53.53 131.31
CA ASP M 139 -61.70 53.18 131.82
C ASP M 139 -61.22 54.35 132.67
N TYR M 140 -60.74 54.05 133.87
CA TYR M 140 -60.40 55.10 134.82
C TYR M 140 -58.96 54.94 135.30
N GLN M 141 -58.45 55.99 135.92
CA GLN M 141 -57.15 55.98 136.55
C GLN M 141 -57.14 57.04 137.64
N LEU M 142 -56.22 56.90 138.59
CA LEU M 142 -56.17 57.74 139.77
C LEU M 142 -55.05 58.77 139.66
N VAL M 143 -55.36 60.00 140.04
CA VAL M 143 -54.42 61.10 140.06
C VAL M 143 -54.46 61.74 141.44
N LYS M 144 -53.32 62.21 141.92
CA LYS M 144 -53.23 62.87 143.21
C LYS M 144 -53.00 64.36 143.01
N VAL M 145 -53.82 65.18 143.67
CA VAL M 145 -53.70 66.64 143.59
C VAL M 145 -53.37 67.11 145.00
N GLY M 146 -52.61 66.29 145.73
CA GLY M 146 -52.24 66.60 147.09
C GLY M 146 -52.84 65.63 148.08
N SER M 147 -53.71 66.13 148.94
CA SER M 147 -54.41 65.29 149.91
C SER M 147 -55.71 64.72 149.37
N ALA M 148 -56.03 64.99 148.11
CA ALA M 148 -57.27 64.53 147.48
C ALA M 148 -56.94 63.65 146.30
N ASN M 149 -57.59 62.50 146.21
CA ASN M 149 -57.45 61.61 145.07
C ASN M 149 -58.56 61.89 144.06
N VAL M 150 -58.19 61.97 142.79
CA VAL M 150 -59.10 62.32 141.72
C VAL M 150 -59.07 61.22 140.66
N ILE M 151 -60.25 60.82 140.21
CA ILE M 151 -60.42 59.75 139.22
C ILE M 151 -60.65 60.38 137.86
N ARG M 152 -59.89 59.93 136.86
CA ARG M 152 -59.94 60.48 135.50
C ARG M 152 -60.60 59.42 134.61
N ILE M 153 -61.92 59.45 134.50
CA ILE M 153 -62.59 58.49 133.63
C ILE M 153 -62.32 58.85 132.18
N GLY M 154 -61.98 57.83 131.38
CA GLY M 154 -61.89 58.00 129.94
C GLY M 154 -62.84 57.06 129.23
N GLN M 155 -62.35 56.35 128.22
CA GLN M 155 -63.18 55.46 127.43
C GLN M 155 -62.35 54.22 127.13
N ARG M 156 -62.97 53.05 127.21
CA ARG M 156 -62.21 51.83 127.09
C ARG M 156 -61.86 51.55 125.63
N PRO M 157 -60.61 51.17 125.35
CA PRO M 157 -60.25 50.76 123.98
C PRO M 157 -60.93 49.44 123.64
N LYS M 158 -61.79 49.47 122.62
CA LYS M 158 -62.64 48.33 122.28
C LYS M 158 -61.92 47.44 121.27
N GLN M 159 -61.01 46.62 121.80
CA GLN M 159 -60.26 45.68 120.98
C GLN M 159 -60.19 44.35 121.72
N LEU M 160 -60.01 43.28 120.95
CA LEU M 160 -60.00 41.95 121.52
C LEU M 160 -59.24 41.02 120.59
N ALA M 161 -58.47 40.11 121.17
CA ALA M 161 -57.71 39.12 120.42
C ALA M 161 -58.37 37.77 120.59
N LEU M 162 -58.63 37.09 119.47
CA LEU M 162 -59.29 35.80 119.51
C LEU M 162 -58.36 34.72 118.96
N PRO M 163 -57.74 33.92 119.81
CA PRO M 163 -56.89 32.84 119.31
C PRO M 163 -57.69 31.79 118.56
N LEU M 164 -57.13 31.30 117.47
CA LEU M 164 -57.74 30.26 116.66
C LEU M 164 -56.96 28.97 116.83
N LYS M 165 -57.67 27.87 117.05
CA LYS M 165 -57.04 26.58 117.33
C LYS M 165 -57.10 25.60 116.18
N PHE M 166 -58.10 25.69 115.30
CA PHE M 166 -58.26 24.67 114.28
C PHE M 166 -58.58 25.20 112.89
N ILE M 167 -58.76 26.51 112.71
CA ILE M 167 -59.09 27.06 111.40
C ILE M 167 -58.18 28.23 111.11
N SER M 168 -57.83 28.38 109.84
CA SER M 168 -57.01 29.51 109.42
C SER M 168 -57.79 30.80 109.52
N ALA M 169 -57.14 31.85 110.01
CA ALA M 169 -57.81 33.15 110.17
C ALA M 169 -57.82 33.89 108.85
N GLU M 170 -58.29 33.25 107.80
CA GLU M 170 -58.51 33.91 106.52
C GLU M 170 -59.86 33.47 106.00
N SER M 171 -60.26 32.27 106.40
CA SER M 171 -61.62 31.79 106.14
C SER M 171 -62.54 32.01 107.32
N ALA M 172 -62.00 32.09 108.54
CA ALA M 172 -62.81 32.47 109.69
C ALA M 172 -63.33 33.90 109.54
N LEU M 173 -62.53 34.79 108.95
CA LEU M 173 -63.02 36.11 108.63
C LEU M 173 -64.15 36.05 107.60
N THR M 174 -63.99 35.22 106.57
CA THR M 174 -65.01 35.10 105.54
C THR M 174 -66.32 34.59 106.12
N ALA M 175 -66.25 33.61 107.02
CA ALA M 175 -67.46 33.11 107.67
C ALA M 175 -68.01 34.08 108.70
N ILE M 176 -67.26 35.12 109.08
CA ILE M 176 -67.79 36.15 109.95
C ILE M 176 -68.43 37.27 109.14
N GLU M 177 -67.84 37.60 107.98
CA GLU M 177 -68.40 38.65 107.13
C GLU M 177 -69.76 38.26 106.56
N LYS M 178 -70.08 36.97 106.54
CA LYS M 178 -71.40 36.55 106.05
C LYS M 178 -72.36 36.35 107.21
N PHE M 179 -71.85 35.91 108.35
CA PHE M 179 -72.70 35.75 109.52
C PHE M 179 -73.27 37.10 109.94
N PHE M 180 -72.40 38.11 110.09
CA PHE M 180 -72.74 39.44 110.58
C PHE M 180 -72.91 40.46 109.47
N GLY M 181 -72.92 40.04 108.22
CA GLY M 181 -73.02 40.99 107.12
C GLY M 181 -74.37 41.66 107.09
N GLU M 182 -74.44 42.75 106.33
CA GLU M 182 -75.69 43.47 106.13
C GLU M 182 -75.84 43.92 104.69
N ARG M 202 -70.74 44.53 105.94
CA ARG M 202 -70.25 44.76 107.28
C ARG M 202 -70.62 46.12 107.83
N PRO M 203 -71.24 46.15 108.99
CA PRO M 203 -71.51 47.43 109.65
C PRO M 203 -70.22 48.12 110.03
N THR M 204 -70.24 49.44 110.02
CA THR M 204 -69.06 50.20 110.39
C THR M 204 -68.74 50.11 111.87
N GLY M 205 -69.64 49.54 112.67
CA GLY M 205 -69.36 49.34 114.08
C GLY M 205 -68.51 48.14 114.40
N LYS M 206 -68.15 47.33 113.40
CA LYS M 206 -67.36 46.13 113.62
C LYS M 206 -66.21 46.06 112.63
N PHE M 207 -65.06 45.58 113.11
CA PHE M 207 -63.89 45.35 112.29
C PHE M 207 -63.29 44.00 112.63
N GLY M 208 -62.87 43.27 111.60
CA GLY M 208 -62.21 41.99 111.81
C GLY M 208 -60.85 41.96 111.13
N LEU M 209 -59.78 41.84 111.91
CA LEU M 209 -58.43 41.89 111.38
C LEU M 209 -57.79 40.52 111.41
N PRO M 210 -57.54 39.89 110.27
CA PRO M 210 -56.82 38.62 110.27
C PRO M 210 -55.38 38.81 110.71
N ASN M 211 -54.81 37.74 111.27
CA ASN M 211 -53.40 37.75 111.64
C ASN M 211 -52.69 36.44 111.31
N SER M 212 -53.37 35.47 110.70
CA SER M 212 -52.83 34.16 110.35
C SER M 212 -52.52 33.33 111.58
N ILE M 213 -52.71 33.91 112.77
CA ILE M 213 -52.62 33.19 114.03
C ILE M 213 -53.92 33.41 114.79
N LYS M 214 -54.56 34.55 114.53
CA LYS M 214 -55.76 34.93 115.25
C LYS M 214 -56.49 36.01 114.46
N VAL M 215 -57.57 36.52 115.07
CA VAL M 215 -58.31 37.67 114.55
C VAL M 215 -58.43 38.68 115.67
N ILE M 216 -58.69 39.93 115.28
CA ILE M 216 -58.76 41.03 116.24
C ILE M 216 -60.09 41.77 116.04
N PRO M 217 -61.20 41.26 116.58
CA PRO M 217 -62.50 41.92 116.37
C PRO M 217 -62.56 43.27 117.06
N ASP M 218 -63.45 44.14 116.57
CA ASP M 218 -63.53 45.52 117.04
C ASP M 218 -65.00 45.91 117.16
N SER M 219 -65.53 45.90 118.36
CA SER M 219 -66.95 46.20 118.52
C SER M 219 -67.25 46.50 119.98
N SER M 220 -68.46 47.00 120.20
CA SER M 220 -68.96 47.25 121.54
C SER M 220 -68.98 45.95 122.35
N ASN M 221 -69.23 46.09 123.65
CA ASN M 221 -69.21 44.93 124.53
C ASN M 221 -70.24 43.90 124.09
N LYS M 222 -71.44 44.35 123.72
CA LYS M 222 -72.50 43.42 123.33
C LYS M 222 -72.15 42.68 122.05
N ARG M 223 -71.60 43.37 121.06
CA ARG M 223 -71.25 42.73 119.80
C ARG M 223 -69.98 41.90 119.91
N LEU M 224 -69.31 41.93 121.04
CA LEU M 224 -68.16 41.06 121.30
C LEU M 224 -68.52 39.82 122.11
N ILE M 225 -69.79 39.63 122.44
CA ILE M 225 -70.25 38.42 123.12
C ILE M 225 -71.12 37.57 122.20
N ILE M 226 -72.28 38.09 121.82
CA ILE M 226 -73.08 37.45 120.78
C ILE M 226 -72.36 37.51 119.45
N GLY M 227 -71.33 38.33 119.37
CA GLY M 227 -70.60 38.49 118.16
C GLY M 227 -69.57 37.39 117.99
N SER M 228 -68.35 37.80 117.68
CA SER M 228 -67.33 36.83 117.32
C SER M 228 -67.10 35.81 118.43
N ASN M 229 -67.18 36.24 119.69
CA ASN M 229 -66.80 35.37 120.79
C ASN M 229 -67.66 34.13 120.90
N SER M 230 -68.84 34.10 120.30
CA SER M 230 -69.70 32.92 120.38
C SER M 230 -69.93 32.24 119.04
N GLU M 231 -69.61 32.88 117.92
CA GLU M 231 -69.58 32.13 116.67
C GLU M 231 -68.19 31.57 116.40
N ASP M 232 -67.15 32.36 116.70
CA ASP M 232 -65.80 31.82 116.61
C ASP M 232 -65.59 30.68 117.59
N GLY M 233 -66.39 30.60 118.66
CA GLY M 233 -66.34 29.48 119.56
C GLY M 233 -67.11 28.27 119.12
N ILE M 234 -67.93 28.39 118.08
CA ILE M 234 -68.70 27.26 117.56
C ILE M 234 -68.13 26.76 116.25
N ARG M 235 -67.17 27.47 115.66
CA ARG M 235 -66.52 26.98 114.45
C ARG M 235 -65.07 26.56 114.68
N ILE M 236 -64.53 26.70 115.88
CA ILE M 236 -63.23 26.12 116.23
C ILE M 236 -63.50 24.69 116.69
N ARG M 237 -63.36 23.75 115.76
CA ARG M 237 -63.67 22.36 116.10
C ARG M 237 -62.93 21.43 115.15
N SER M 238 -62.89 20.16 115.54
CA SER M 238 -62.16 19.15 114.78
C SER M 238 -62.71 18.97 113.38
N PHE M 239 -61.94 19.39 112.39
CA PHE M 239 -62.30 19.16 110.99
C PHE M 239 -62.24 17.67 110.67
N VAL M 240 -63.15 17.22 109.81
CA VAL M 240 -63.16 15.84 109.37
C VAL M 240 -62.70 15.78 107.92
N GLU M 241 -62.10 14.66 107.54
CA GLU M 241 -61.56 14.51 106.19
C GLU M 241 -62.18 13.33 105.46
N ILE M 257 -54.74 13.60 90.45
CA ILE M 257 -54.80 12.95 89.16
C ILE M 257 -54.30 11.52 89.29
N SER M 258 -54.83 10.63 88.46
CA SER M 258 -54.44 9.23 88.44
C SER M 258 -53.71 8.93 87.14
N GLU M 259 -52.50 8.41 87.26
CA GLU M 259 -51.71 7.97 86.11
C GLU M 259 -51.32 6.52 86.31
N ILE M 260 -50.86 5.90 85.22
CA ILE M 260 -50.51 4.49 85.22
C ILE M 260 -49.01 4.38 85.02
N TYR M 261 -48.34 3.71 85.94
CA TYR M 261 -46.91 3.43 85.83
C TYR M 261 -46.76 1.92 85.75
N ILE M 262 -46.48 1.44 84.54
CA ILE M 262 -46.20 0.01 84.37
C ILE M 262 -44.89 -0.30 85.08
N VAL M 263 -44.92 -1.33 85.92
CA VAL M 263 -43.73 -1.67 86.69
C VAL M 263 -42.66 -2.20 85.75
N ARG M 264 -41.50 -1.55 85.73
CA ARG M 264 -40.43 -1.95 84.84
C ARG M 264 -39.58 -3.05 85.46
N GLY M 265 -39.00 -2.78 86.63
CA GLY M 265 -38.18 -3.77 87.31
C GLY M 265 -38.98 -4.59 88.30
N GLN M 266 -38.42 -4.79 89.49
CA GLN M 266 -39.09 -5.59 90.50
C GLN M 266 -40.33 -4.89 91.01
N LYS M 267 -41.22 -5.67 91.62
CA LYS M 267 -42.51 -5.15 92.07
C LYS M 267 -42.39 -4.37 93.37
N GLU M 268 -41.95 -5.03 94.45
CA GLU M 268 -41.92 -4.39 95.76
C GLU M 268 -41.02 -3.17 95.78
N SER M 269 -40.03 -3.11 94.88
CA SER M 269 -39.20 -1.92 94.78
C SER M 269 -40.04 -0.69 94.50
N VAL M 270 -40.89 -0.77 93.47
CA VAL M 270 -41.82 0.32 93.19
C VAL M 270 -42.92 0.42 94.23
N LEU M 271 -43.09 -0.61 95.06
CA LEU M 271 -44.06 -0.57 96.14
C LEU M 271 -43.47 0.02 97.40
N GLN M 272 -42.43 -0.63 97.95
CA GLN M 272 -41.90 -0.23 99.25
C GLN M 272 -41.35 1.19 99.21
N PHE M 273 -40.63 1.52 98.15
CA PHE M 273 -40.08 2.87 98.05
C PHE M 273 -41.18 3.91 97.98
N LEU M 274 -42.24 3.64 97.21
CA LEU M 274 -43.16 4.71 96.85
C LEU M 274 -43.96 5.19 98.04
N ARG M 275 -44.29 4.30 98.97
CA ARG M 275 -44.99 4.74 100.19
C ARG M 275 -44.10 5.59 101.08
N ASP M 276 -42.79 5.32 101.09
CA ASP M 276 -41.90 6.02 102.02
C ASP M 276 -41.74 7.47 101.62
N SER M 277 -41.20 7.73 100.43
CA SER M 277 -41.00 9.09 99.99
C SER M 277 -42.29 9.79 99.62
N PHE M 278 -43.38 9.05 99.42
CA PHE M 278 -44.67 9.64 99.08
C PHE M 278 -45.79 8.93 99.82
N PRO M 279 -45.95 9.21 101.11
CA PRO M 279 -47.17 8.78 101.80
C PRO M 279 -48.39 9.55 101.35
N GLU M 280 -48.21 10.74 100.78
CA GLU M 280 -49.31 11.51 100.24
C GLU M 280 -49.65 11.04 98.83
N LEU M 281 -49.78 9.72 98.67
CA LEU M 281 -50.14 9.12 97.41
C LEU M 281 -50.73 7.75 97.69
N ILE M 282 -51.53 7.27 96.75
CA ILE M 282 -52.10 5.93 96.82
C ILE M 282 -51.85 5.23 95.50
N VAL M 283 -51.45 3.97 95.59
CA VAL M 283 -51.18 3.15 94.41
C VAL M 283 -52.28 2.10 94.33
N THR M 284 -53.09 2.17 93.30
CA THR M 284 -54.11 1.17 93.04
C THR M 284 -53.50 0.10 92.16
N ASP M 285 -53.33 -1.10 92.71
CA ASP M 285 -52.65 -2.18 92.03
C ASP M 285 -53.65 -2.92 91.15
N TYR M 286 -53.29 -3.08 89.88
CA TYR M 286 -54.12 -3.86 88.97
C TYR M 286 -53.30 -5.09 88.60
N ALA M 287 -53.73 -6.25 89.10
CA ALA M 287 -52.92 -7.46 89.02
C ALA M 287 -52.39 -7.69 87.61
N SER M 288 -51.06 -7.62 87.48
CA SER M 288 -50.31 -7.67 86.23
C SER M 288 -50.59 -6.48 85.33
N GLY M 289 -51.43 -5.53 85.75
CA GLY M 289 -51.66 -4.34 84.97
C GLY M 289 -50.78 -3.17 85.33
N GLY M 290 -49.94 -3.32 86.36
CA GLY M 290 -49.08 -2.24 86.79
C GLY M 290 -49.62 -1.52 88.01
N LEU M 291 -49.65 -0.19 87.93
CA LEU M 291 -50.09 0.64 89.05
C LEU M 291 -50.92 1.78 88.50
N ALA M 292 -51.62 2.47 89.39
CA ALA M 292 -52.49 3.59 89.03
C ALA M 292 -52.31 4.76 89.97
N ILE M 293 -51.06 5.18 90.16
CA ILE M 293 -50.71 6.23 91.12
C ILE M 293 -51.68 7.40 91.03
N GLU M 294 -52.26 7.79 92.16
CA GLU M 294 -53.16 8.93 92.21
C GLU M 294 -52.96 9.67 93.52
N GLY M 295 -53.34 10.94 93.52
CA GLY M 295 -53.23 11.78 94.68
C GLY M 295 -53.13 13.25 94.30
N PRO M 296 -52.30 13.99 95.04
CA PRO M 296 -52.05 15.38 94.66
C PRO M 296 -51.56 15.50 93.23
N ARG M 297 -52.10 16.48 92.52
CA ARG M 297 -51.86 16.62 91.08
C ARG M 297 -50.43 17.03 90.75
N THR M 298 -49.64 17.42 91.74
CA THR M 298 -48.25 17.79 91.52
C THR M 298 -47.27 16.78 92.10
N SER M 299 -47.56 16.23 93.28
CA SER M 299 -46.68 15.23 93.86
C SER M 299 -46.56 14.00 92.98
N VAL M 300 -47.57 13.72 92.16
CA VAL M 300 -47.50 12.61 91.23
C VAL M 300 -46.39 12.84 90.21
N ASN M 301 -46.39 14.01 89.58
CA ASN M 301 -45.38 14.31 88.56
C ASN M 301 -43.99 14.19 89.14
N ARG M 302 -43.81 14.66 90.37
CA ARG M 302 -42.51 14.54 91.04
C ARG M 302 -42.21 13.09 91.39
N ALA M 303 -43.23 12.31 91.74
CA ALA M 303 -43.00 10.90 92.04
C ALA M 303 -42.58 10.13 90.80
N ILE M 304 -43.21 10.41 89.66
CA ILE M 304 -42.93 9.66 88.44
C ILE M 304 -41.50 9.87 87.98
N ILE M 305 -41.07 11.14 87.93
CA ILE M 305 -39.72 11.44 87.47
C ILE M 305 -38.70 10.77 88.38
N LEU M 306 -38.90 10.88 89.69
CA LEU M 306 -38.05 10.17 90.65
C LEU M 306 -38.13 8.66 90.46
N LEU M 307 -39.33 8.14 90.19
CA LEU M 307 -39.52 6.70 90.19
C LEU M 307 -38.89 6.04 88.97
N GLY M 308 -38.68 6.79 87.89
CA GLY M 308 -37.92 6.25 86.78
C GLY M 308 -36.50 5.89 87.17
N GLN M 309 -35.87 6.74 87.99
CA GLN M 309 -34.50 6.48 88.42
C GLN M 309 -34.43 5.28 89.35
N VAL M 310 -35.27 5.25 90.37
CA VAL M 310 -35.12 4.22 91.42
C VAL M 310 -35.48 2.86 90.88
N ASP M 311 -36.31 2.79 89.85
CA ASP M 311 -36.78 1.53 89.30
C ASP M 311 -36.19 1.34 87.90
N ARG M 312 -35.31 0.35 87.75
CA ARG M 312 -34.71 0.03 86.47
C ARG M 312 -34.79 -1.46 86.23
N ALA M 313 -34.91 -1.83 84.96
CA ALA M 313 -34.97 -3.23 84.57
C ALA M 313 -33.59 -3.88 84.70
N PRO M 314 -33.54 -5.17 84.99
CA PRO M 314 -32.24 -5.85 85.07
C PRO M 314 -31.51 -5.77 83.74
N GLU M 315 -30.20 -5.63 83.80
CA GLU M 315 -29.41 -5.46 82.60
C GLU M 315 -28.95 -6.80 82.04
N ILE M 316 -28.62 -6.79 80.76
CA ILE M 316 -28.30 -7.99 80.00
C ILE M 316 -26.79 -8.02 79.77
N PRO M 317 -26.07 -8.98 80.33
CA PRO M 317 -24.61 -8.99 80.18
C PRO M 317 -24.16 -9.47 78.81
N ILE M 318 -24.08 -8.54 77.86
CA ILE M 318 -23.57 -8.80 76.51
C ILE M 318 -22.27 -9.57 76.53
N VAL M 319 -22.23 -10.72 75.85
CA VAL M 319 -21.07 -11.59 75.80
C VAL M 319 -20.48 -11.54 74.40
N GLN M 320 -19.18 -11.82 74.30
CA GLN M 320 -18.44 -11.72 73.06
C GLN M 320 -17.84 -13.07 72.70
N ARG M 321 -18.01 -13.46 71.43
CA ARG M 321 -17.34 -14.64 70.92
C ARG M 321 -16.87 -14.38 69.50
N ILE M 322 -15.83 -15.10 69.10
CA ILE M 322 -15.18 -14.93 67.81
C ILE M 322 -15.51 -16.15 66.97
N TYR M 323 -16.09 -15.92 65.79
CA TYR M 323 -16.46 -17.00 64.90
C TYR M 323 -15.50 -17.00 63.72
N THR M 324 -15.10 -18.20 63.29
CA THR M 324 -14.18 -18.36 62.16
C THR M 324 -14.95 -18.96 61.01
N VAL M 325 -15.46 -18.09 60.13
CA VAL M 325 -16.43 -18.54 59.13
C VAL M 325 -15.78 -19.49 58.15
N ARG M 326 -16.48 -20.59 57.87
CA ARG M 326 -16.09 -21.56 56.84
C ARG M 326 -17.04 -21.39 55.67
N GLY M 327 -16.51 -21.02 54.53
CA GLY M 327 -17.36 -20.67 53.42
C GLY M 327 -17.23 -19.19 53.15
N GLN M 328 -18.22 -18.59 52.51
CA GLN M 328 -18.15 -17.15 52.32
C GLN M 328 -18.40 -16.45 53.63
N ALA M 329 -17.93 -15.22 53.75
CA ALA M 329 -18.21 -14.42 54.92
C ALA M 329 -19.18 -13.29 54.67
N ALA M 330 -19.42 -12.95 53.40
CA ALA M 330 -20.44 -11.95 53.09
C ALA M 330 -21.83 -12.55 53.23
N ASP M 331 -21.99 -13.82 52.89
CA ASP M 331 -23.31 -14.44 52.98
C ASP M 331 -23.68 -14.77 54.42
N ILE M 332 -22.70 -15.15 55.23
CA ILE M 332 -22.98 -15.50 56.61
C ILE M 332 -23.06 -14.25 57.47
N THR M 333 -22.66 -13.10 56.93
CA THR M 333 -22.95 -11.84 57.59
C THR M 333 -24.37 -11.40 57.29
N ALA M 334 -24.82 -11.55 56.05
CA ALA M 334 -26.18 -11.20 55.70
C ALA M 334 -27.17 -12.11 56.38
N LEU M 335 -26.84 -13.40 56.52
CA LEU M 335 -27.71 -14.31 57.25
C LEU M 335 -27.91 -13.85 58.69
N LEU M 336 -26.82 -13.57 59.39
CA LEU M 336 -26.92 -13.15 60.78
C LEU M 336 -27.45 -11.74 60.91
N ALA M 337 -27.64 -11.01 59.82
CA ALA M 337 -28.28 -9.71 59.87
C ALA M 337 -29.76 -9.77 59.54
N ALA M 338 -30.26 -10.91 59.08
CA ALA M 338 -31.70 -11.12 58.90
C ALA M 338 -32.26 -11.95 60.04
N GLN M 339 -31.76 -13.16 60.23
CA GLN M 339 -31.96 -13.85 61.49
C GLN M 339 -31.15 -13.14 62.58
N TYR M 340 -31.73 -13.04 63.76
CA TYR M 340 -31.07 -12.38 64.88
C TYR M 340 -30.63 -10.99 64.48
N PRO M 341 -31.55 -10.05 64.28
CA PRO M 341 -31.17 -8.73 63.77
C PRO M 341 -30.48 -7.85 64.79
N THR M 342 -30.28 -8.33 66.02
CA THR M 342 -29.52 -7.60 67.04
C THR M 342 -28.47 -8.55 67.60
N LEU M 343 -27.34 -8.65 66.92
CA LEU M 343 -26.23 -9.45 67.40
C LEU M 343 -24.89 -8.76 67.27
N ARG M 344 -24.78 -7.68 66.50
CA ARG M 344 -23.56 -6.90 66.38
C ARG M 344 -22.41 -7.77 65.87
N VAL M 345 -22.57 -8.20 64.63
CA VAL M 345 -21.56 -8.98 63.92
C VAL M 345 -20.58 -8.02 63.28
N THR M 346 -19.33 -8.07 63.72
CA THR M 346 -18.28 -7.19 63.23
C THR M 346 -17.15 -8.01 62.64
N PRO M 347 -16.74 -7.74 61.40
CA PRO M 347 -15.70 -8.53 60.76
C PRO M 347 -14.31 -8.01 61.06
N VAL M 348 -13.37 -8.93 61.18
CA VAL M 348 -11.95 -8.56 61.33
C VAL M 348 -11.39 -8.49 59.91
N GLY M 349 -11.64 -7.36 59.26
CA GLY M 349 -11.23 -7.21 57.88
C GLY M 349 -11.78 -8.32 57.01
N GLN M 350 -11.04 -8.65 55.95
CA GLN M 350 -11.32 -9.81 55.13
C GLN M 350 -10.32 -10.89 55.54
N THR M 351 -10.57 -11.51 56.68
CA THR M 351 -9.72 -12.59 57.16
C THR M 351 -10.51 -13.81 57.56
N GLY M 352 -11.77 -13.90 57.13
CA GLY M 352 -12.58 -15.03 57.47
C GLY M 352 -12.87 -15.16 58.95
N GLN M 353 -12.70 -14.10 59.71
CA GLN M 353 -13.06 -14.08 61.11
C GLN M 353 -14.17 -13.07 61.32
N LEU M 354 -14.85 -13.20 62.44
CA LEU M 354 -16.12 -12.52 62.59
C LEU M 354 -16.36 -12.38 64.08
N VAL M 355 -16.22 -11.17 64.61
CA VAL M 355 -16.40 -10.92 66.03
C VAL M 355 -17.84 -10.51 66.23
N LEU M 356 -18.60 -11.39 66.85
CA LEU M 356 -20.02 -11.22 67.04
C LEU M 356 -20.33 -11.21 68.52
N ASN M 357 -21.23 -10.31 68.92
CA ASN M 357 -21.23 -9.77 70.28
C ASN M 357 -22.67 -9.49 70.72
N GLY M 358 -23.26 -10.40 71.48
CA GLY M 358 -24.63 -10.22 71.90
C GLY M 358 -24.93 -11.05 73.14
N ALA M 359 -26.18 -10.97 73.59
CA ALA M 359 -26.60 -11.69 74.79
C ALA M 359 -26.34 -13.19 74.63
N GLN M 360 -26.28 -13.89 75.76
CA GLN M 360 -25.88 -15.30 75.64
C GLN M 360 -26.97 -16.18 75.07
N ALA M 361 -28.24 -15.81 75.25
CA ALA M 361 -29.31 -16.58 74.62
C ALA M 361 -29.19 -16.51 73.10
N GLN M 362 -29.09 -15.31 72.55
CA GLN M 362 -28.85 -15.16 71.12
C GLN M 362 -27.58 -15.87 70.72
N LEU M 363 -26.59 -15.88 71.59
CA LEU M 363 -25.27 -16.34 71.19
C LEU M 363 -25.26 -17.85 71.03
N ASP M 364 -25.88 -18.57 71.96
CA ASP M 364 -25.94 -20.02 71.86
C ASP M 364 -27.02 -20.50 70.90
N THR M 365 -27.84 -19.61 70.37
CA THR M 365 -28.76 -19.96 69.32
C THR M 365 -28.12 -19.75 67.96
N ALA M 366 -27.49 -18.60 67.75
CA ALA M 366 -26.82 -18.35 66.47
C ALA M 366 -25.70 -19.35 66.23
N LEU M 367 -25.02 -19.80 67.26
CA LEU M 367 -23.94 -20.75 67.05
C LEU M 367 -24.46 -22.13 66.68
N ALA M 368 -25.69 -22.46 67.09
CA ALA M 368 -26.24 -23.74 66.70
C ALA M 368 -26.75 -23.70 65.26
N LEU M 369 -27.32 -22.58 64.84
CA LEU M 369 -27.70 -22.44 63.44
C LEU M 369 -26.47 -22.45 62.55
N LEU M 370 -25.48 -21.63 62.87
CA LEU M 370 -24.29 -21.58 62.04
C LEU M 370 -23.60 -22.92 61.97
N GLU M 371 -23.78 -23.75 62.97
CA GLU M 371 -23.22 -25.09 62.91
C GLU M 371 -23.90 -25.92 61.83
N GLN M 372 -25.11 -25.54 61.43
CA GLN M 372 -25.88 -26.34 60.49
C GLN M 372 -25.73 -25.86 59.06
N VAL M 373 -25.85 -24.56 58.84
CA VAL M 373 -25.95 -24.04 57.49
C VAL M 373 -24.62 -23.49 56.98
N ASP M 374 -23.51 -23.91 57.58
CA ASP M 374 -22.22 -23.34 57.22
C ASP M 374 -21.21 -24.46 57.01
N ARG M 375 -20.86 -24.71 55.77
CA ARG M 375 -19.89 -25.73 55.41
C ARG M 375 -19.02 -25.20 54.29
N PRO M 376 -17.81 -25.75 54.12
CA PRO M 376 -16.91 -25.23 53.10
C PRO M 376 -17.49 -25.40 51.70
N ALA M 377 -17.10 -24.52 50.81
CA ALA M 377 -17.61 -24.53 49.45
C ALA M 377 -17.14 -25.78 48.71
N PRO M 378 -17.85 -26.17 47.66
CA PRO M 378 -17.39 -27.29 46.83
C PRO M 378 -16.28 -26.86 45.88
N VAL M 379 -15.57 -27.85 45.38
CA VAL M 379 -14.41 -27.63 44.52
C VAL M 379 -14.79 -27.87 43.07
N ALA M 380 -14.23 -27.06 42.18
CA ALA M 380 -14.37 -27.29 40.76
C ALA M 380 -13.65 -28.58 40.36
N GLU M 381 -14.12 -29.23 39.30
CA GLU M 381 -13.60 -30.56 39.00
C GLU M 381 -12.27 -30.48 38.25
N SER M 382 -12.31 -30.06 36.99
CA SER M 382 -11.16 -29.63 36.21
C SER M 382 -11.63 -29.34 34.80
N ARG M 383 -10.87 -28.57 34.03
CA ARG M 383 -11.23 -28.32 32.64
C ARG M 383 -10.32 -29.05 31.68
N THR M 384 -9.64 -30.10 32.14
CA THR M 384 -8.67 -30.82 31.34
C THR M 384 -8.36 -32.14 32.01
N VAL M 385 -8.37 -33.22 31.24
CA VAL M 385 -8.06 -34.55 31.75
C VAL M 385 -7.14 -35.25 30.74
N GLN M 386 -6.46 -36.30 31.21
CA GLN M 386 -5.56 -37.08 30.39
C GLN M 386 -5.91 -38.55 30.49
N ARG M 387 -5.77 -39.26 29.37
CA ARG M 387 -5.84 -40.72 29.33
C ARG M 387 -4.68 -41.23 28.49
N VAL M 388 -4.14 -42.38 28.90
CA VAL M 388 -3.03 -43.01 28.19
C VAL M 388 -3.49 -44.38 27.73
N PHE M 389 -3.32 -44.65 26.44
CA PHE M 389 -3.72 -45.92 25.85
C PHE M 389 -2.47 -46.62 25.34
N GLN M 390 -2.26 -47.84 25.79
CA GLN M 390 -1.16 -48.67 25.33
C GLN M 390 -1.69 -49.55 24.19
N LEU M 391 -1.43 -49.15 22.96
CA LEU M 391 -1.93 -49.90 21.82
C LEU M 391 -1.20 -51.22 21.69
N VAL M 392 -1.91 -52.24 21.22
CA VAL M 392 -1.40 -53.59 21.11
C VAL M 392 -1.26 -54.04 19.67
N ASN M 393 -2.25 -53.73 18.83
CA ASN M 393 -2.25 -54.18 17.45
C ASN M 393 -1.95 -53.08 16.46
N ALA M 394 -2.40 -51.86 16.72
CA ALA M 394 -2.22 -50.74 15.80
C ALA M 394 -0.92 -50.01 16.11
N SER M 395 -0.61 -49.03 15.26
CA SER M 395 0.53 -48.16 15.44
C SER M 395 0.06 -46.82 15.98
N ALA M 396 0.66 -46.38 17.09
CA ALA M 396 0.19 -45.16 17.74
C ALA M 396 0.31 -43.95 16.82
N GLU M 397 1.33 -43.93 15.97
CA GLU M 397 1.52 -42.77 15.09
C GLU M 397 0.52 -42.77 13.95
N GLU M 398 0.15 -43.94 13.45
CA GLU M 398 -0.85 -44.00 12.40
C GLU M 398 -2.25 -43.75 12.95
N VAL M 399 -2.51 -44.17 14.18
CA VAL M 399 -3.79 -43.87 14.81
C VAL M 399 -3.95 -42.37 15.02
N LYS M 400 -2.88 -41.70 15.46
CA LYS M 400 -2.95 -40.25 15.65
C LYS M 400 -3.20 -39.53 14.34
N ALA M 401 -2.55 -39.96 13.26
CA ALA M 401 -2.78 -39.34 11.96
C ALA M 401 -4.17 -39.63 11.44
N THR M 402 -4.70 -40.81 11.71
CA THR M 402 -6.08 -41.12 11.31
C THR M 402 -7.07 -40.21 12.03
N LEU M 403 -6.89 -40.01 13.33
CA LEU M 403 -7.83 -39.23 14.11
C LEU M 403 -7.76 -37.75 13.81
N GLU M 404 -6.64 -37.27 13.26
CA GLU M 404 -6.46 -35.86 12.95
C GLU M 404 -6.75 -35.54 11.50
N GLY M 405 -7.08 -36.54 10.69
CA GLY M 405 -7.33 -36.31 9.27
C GLY M 405 -6.10 -35.85 8.50
N THR M 406 -4.94 -36.39 8.84
CA THR M 406 -3.71 -36.07 8.13
C THR M 406 -3.05 -37.32 7.58
N GLN M 466 -12.22 -26.28 20.80
CA GLN M 466 -11.12 -26.81 20.00
C GLN M 466 -11.28 -28.29 19.70
N GLN M 467 -10.15 -28.99 19.69
CA GLN M 467 -10.12 -30.44 19.55
C GLN M 467 -9.05 -30.96 20.49
N ALA M 468 -9.23 -32.21 20.93
CA ALA M 468 -8.33 -32.81 21.91
C ALA M 468 -6.92 -32.93 21.34
N THR M 469 -5.93 -32.77 22.22
CA THR M 469 -4.54 -32.95 21.85
C THR M 469 -4.18 -34.44 21.87
N LEU M 470 -3.50 -34.89 20.82
CA LEU M 470 -3.07 -36.27 20.70
C LEU M 470 -1.55 -36.34 20.67
N ILE M 471 -1.00 -37.23 21.48
CA ILE M 471 0.44 -37.44 21.56
C ILE M 471 0.72 -38.91 21.31
N ALA M 472 1.56 -39.20 20.32
CA ALA M 472 1.89 -40.56 19.94
C ALA M 472 3.35 -40.83 20.22
N ASP M 473 3.62 -41.87 21.01
CA ASP M 473 4.98 -42.31 21.31
C ASP M 473 5.30 -43.55 20.49
N LYS M 474 6.34 -43.48 19.67
CA LYS M 474 6.68 -44.62 18.83
C LYS M 474 7.39 -45.73 19.60
N ARG M 475 8.21 -45.36 20.60
CA ARG M 475 8.98 -46.37 21.33
C ARG M 475 8.08 -47.32 22.09
N THR M 476 7.07 -46.79 22.79
CA THR M 476 6.22 -47.60 23.63
C THR M 476 4.87 -47.90 23.01
N ASN M 477 4.58 -47.37 21.82
CA ASN M 477 3.27 -47.52 21.19
C ASN M 477 2.16 -47.02 22.09
N SER M 478 2.33 -45.82 22.61
CA SER M 478 1.39 -45.21 23.55
C SER M 478 0.66 -44.05 22.88
N LEU M 479 -0.65 -44.01 23.07
CA LEU M 479 -1.47 -42.88 22.64
C LEU M 479 -1.90 -42.10 23.87
N ILE M 480 -1.71 -40.79 23.83
CA ILE M 480 -2.04 -39.91 24.94
C ILE M 480 -3.00 -38.84 24.44
N VAL M 481 -4.20 -38.81 25.00
CA VAL M 481 -5.22 -37.83 24.65
C VAL M 481 -5.38 -36.86 25.81
N ARG M 482 -5.44 -35.57 25.50
CA ARG M 482 -5.45 -34.52 26.50
C ARG M 482 -6.46 -33.46 26.09
N GLY M 483 -7.55 -33.35 26.83
CA GLY M 483 -8.55 -32.36 26.53
C GLY M 483 -9.63 -32.30 27.58
N THR M 484 -10.76 -31.74 27.21
CA THR M 484 -11.91 -31.68 28.10
C THR M 484 -12.44 -33.09 28.31
N PRO M 485 -13.15 -33.33 29.42
CA PRO M 485 -13.62 -34.70 29.69
C PRO M 485 -14.55 -35.24 28.61
N GLU M 486 -15.28 -34.37 27.90
CA GLU M 486 -16.12 -34.86 26.81
C GLU M 486 -15.29 -35.24 25.60
N GLN M 487 -14.27 -34.43 25.27
CA GLN M 487 -13.40 -34.74 24.14
C GLN M 487 -12.55 -35.97 24.38
N VAL M 488 -12.33 -36.35 25.63
CA VAL M 488 -11.48 -37.49 25.93
C VAL M 488 -12.28 -38.79 25.90
N ALA M 489 -13.56 -38.73 26.27
CA ALA M 489 -14.40 -39.92 26.20
C ALA M 489 -14.72 -40.30 24.77
N GLN M 490 -14.62 -39.35 23.84
CA GLN M 490 -14.85 -39.67 22.44
C GLN M 490 -13.70 -40.50 21.87
N VAL M 491 -12.46 -40.12 22.19
CA VAL M 491 -11.32 -40.92 21.76
C VAL M 491 -11.30 -42.25 22.49
N ALA M 492 -11.69 -42.25 23.76
CA ALA M 492 -11.67 -43.49 24.55
C ALA M 492 -12.61 -44.54 24.00
N GLU M 493 -13.70 -44.12 23.34
CA GLU M 493 -14.61 -45.09 22.75
C GLU M 493 -14.18 -45.51 21.35
N LEU M 494 -13.33 -44.72 20.69
CA LEU M 494 -12.80 -45.10 19.38
C LEU M 494 -11.67 -46.11 19.49
N VAL M 495 -10.88 -46.03 20.56
CA VAL M 495 -9.65 -46.82 20.64
C VAL M 495 -9.90 -48.33 20.56
N PRO M 496 -10.87 -48.90 21.27
CA PRO M 496 -11.06 -50.36 21.16
C PRO M 496 -11.36 -50.82 19.75
N GLN M 497 -11.94 -49.97 18.90
CA GLN M 497 -12.29 -50.39 17.56
C GLN M 497 -11.14 -50.19 16.58
N LEU M 498 -10.29 -49.19 16.82
CA LEU M 498 -9.14 -48.96 15.94
C LEU M 498 -7.92 -49.78 16.33
N ASP M 499 -7.99 -50.57 17.38
CA ASP M 499 -6.87 -51.36 17.86
C ASP M 499 -7.19 -52.85 17.87
N GLN M 500 -8.14 -53.26 17.05
CA GLN M 500 -8.54 -54.66 16.98
C GLN M 500 -7.61 -55.43 16.05
N VAL M 501 -7.68 -56.76 16.15
CA VAL M 501 -6.91 -57.63 15.28
C VAL M 501 -7.55 -57.66 13.89
N VAL M 502 -6.72 -57.52 12.86
CA VAL M 502 -7.20 -57.60 11.48
C VAL M 502 -6.72 -58.92 10.89
N PRO M 503 -7.42 -59.48 9.90
CA PRO M 503 -7.02 -60.79 9.36
C PRO M 503 -5.67 -60.76 8.67
N GLN M 504 -4.99 -61.90 8.73
CA GLN M 504 -3.76 -62.15 8.00
C GLN M 504 -4.03 -63.23 6.96
N ILE M 505 -3.58 -63.00 5.73
CA ILE M 505 -3.94 -63.86 4.61
C ILE M 505 -2.69 -64.25 3.84
N ASN M 506 -2.82 -65.33 3.08
CA ASN M 506 -1.82 -65.77 2.12
C ASN M 506 -2.48 -65.93 0.76
N VAL M 507 -1.96 -65.26 -0.25
CA VAL M 507 -2.55 -65.25 -1.58
C VAL M 507 -1.59 -65.97 -2.53
N GLN M 508 -2.12 -66.89 -3.31
CA GLN M 508 -1.33 -67.64 -4.29
C GLN M 508 -1.76 -67.26 -5.70
N VAL M 509 -0.80 -66.93 -6.54
CA VAL M 509 -1.03 -66.59 -7.94
C VAL M 509 -0.26 -67.57 -8.80
N ARG M 510 -0.92 -68.14 -9.81
CA ARG M 510 -0.30 -69.03 -10.77
C ARG M 510 -0.40 -68.42 -12.17
N ILE M 511 0.73 -68.33 -12.85
CA ILE M 511 0.78 -67.88 -14.24
C ILE M 511 1.29 -69.04 -15.08
N GLN M 512 0.49 -69.47 -16.04
CA GLN M 512 0.85 -70.55 -16.95
C GLN M 512 1.00 -69.98 -18.35
N GLU M 513 1.90 -70.57 -19.12
CA GLU M 513 2.06 -70.18 -20.53
C GLU M 513 2.54 -71.39 -21.31
N VAL M 514 1.78 -71.78 -22.33
CA VAL M 514 2.11 -72.92 -23.18
C VAL M 514 2.08 -72.44 -24.63
N ASN M 515 3.08 -72.86 -25.40
CA ASN M 515 3.18 -72.51 -26.81
C ASN M 515 3.48 -73.76 -27.61
N GLU M 516 2.93 -73.86 -28.81
CA GLU M 516 3.17 -75.01 -29.67
C GLU M 516 3.41 -74.56 -31.10
N ARG M 517 4.15 -75.37 -31.84
CA ARG M 517 4.51 -75.08 -33.22
C ARG M 517 4.35 -76.34 -34.06
N ALA M 518 4.27 -76.14 -35.37
CA ALA M 518 4.24 -77.25 -36.32
C ALA M 518 4.55 -76.70 -37.70
N LEU M 519 5.53 -77.27 -38.38
CA LEU M 519 5.91 -76.84 -39.71
C LEU M 519 5.91 -78.04 -40.64
N GLN M 520 5.68 -77.79 -41.93
CA GLN M 520 5.63 -78.84 -42.92
C GLN M 520 5.99 -78.24 -44.28
N SER M 521 7.16 -78.61 -44.81
CA SER M 521 7.57 -78.20 -46.14
C SER M 521 7.62 -79.40 -47.07
N LEU M 522 7.44 -79.14 -48.36
CA LEU M 522 7.47 -80.18 -49.38
C LEU M 522 7.60 -79.52 -50.74
N GLY M 523 8.60 -79.93 -51.52
CA GLY M 523 8.77 -79.34 -52.83
C GLY M 523 9.65 -80.13 -53.78
N LEU M 524 9.21 -80.24 -55.04
CA LEU M 524 9.97 -80.88 -56.09
C LEU M 524 10.53 -79.82 -57.03
N ASN M 525 11.71 -80.08 -57.56
CA ASN M 525 12.46 -79.06 -58.30
C ASN M 525 13.28 -79.77 -59.37
N TRP M 526 12.75 -79.86 -60.59
CA TRP M 526 13.38 -80.66 -61.63
C TRP M 526 13.75 -79.82 -62.85
N ARG M 527 14.33 -80.50 -63.84
CA ARG M 527 14.80 -79.88 -65.06
C ARG M 527 14.95 -80.96 -66.12
N ALA M 528 14.19 -80.86 -67.21
CA ALA M 528 14.17 -81.86 -68.27
C ALA M 528 14.73 -81.29 -69.55
N THR M 529 15.50 -82.10 -70.28
CA THR M 529 16.05 -81.71 -71.57
C THR M 529 15.82 -82.83 -72.57
N PHE M 530 14.94 -82.60 -73.53
CA PHE M 530 14.80 -83.43 -74.71
C PHE M 530 15.01 -82.54 -75.95
N GLY M 531 14.81 -83.14 -77.13
CA GLY M 531 15.32 -82.55 -78.35
C GLY M 531 14.89 -81.13 -78.65
N GLY M 532 15.81 -80.18 -78.49
CA GLY M 532 15.53 -78.78 -78.69
C GLY M 532 14.94 -78.07 -77.49
N PHE M 533 14.25 -78.79 -76.61
CA PHE M 533 13.53 -78.21 -75.51
C PHE M 533 14.34 -78.25 -74.21
N ASN M 534 14.07 -77.30 -73.34
CA ASN M 534 14.71 -77.21 -72.03
C ASN M 534 13.68 -76.69 -71.05
N VAL M 535 13.13 -77.59 -70.23
CA VAL M 535 12.07 -77.26 -69.30
C VAL M 535 12.62 -77.31 -67.88
N ALA M 536 12.31 -76.28 -67.09
CA ALA M 536 12.73 -76.20 -65.70
C ALA M 536 11.56 -75.78 -64.84
N VAL M 537 11.21 -76.59 -63.86
CA VAL M 537 10.11 -76.32 -62.94
C VAL M 537 10.66 -76.19 -61.53
N SER M 538 10.28 -75.12 -60.85
CA SER M 538 10.76 -74.87 -59.50
C SER M 538 9.63 -74.29 -58.67
N GLY M 539 9.95 -73.88 -57.45
CA GLY M 539 8.96 -73.30 -56.56
C GLY M 539 9.02 -71.80 -56.51
N GLY M 540 10.21 -71.23 -56.48
CA GLY M 540 10.37 -69.79 -56.52
C GLY M 540 9.83 -69.22 -57.82
N THR M 541 10.46 -69.61 -58.93
CA THR M 541 9.92 -69.38 -60.25
C THR M 541 9.13 -70.61 -60.69
N GLY M 542 8.15 -70.40 -61.55
CA GLY M 542 7.32 -71.52 -61.94
C GLY M 542 7.88 -72.29 -63.12
N LEU M 543 7.10 -72.38 -64.19
CA LEU M 543 7.56 -73.02 -65.41
C LEU M 543 8.48 -72.09 -66.19
N ALA M 544 9.53 -72.65 -66.79
CA ALA M 544 10.48 -71.88 -67.60
C ALA M 544 10.99 -72.78 -68.70
N ALA M 545 10.36 -72.70 -69.88
CA ALA M 545 10.70 -73.54 -71.02
C ALA M 545 11.34 -72.69 -72.11
N THR M 546 12.33 -73.26 -72.80
CA THR M 546 12.96 -72.62 -73.95
C THR M 546 13.06 -73.63 -75.08
N PHE M 547 13.24 -73.11 -76.29
CA PHE M 547 13.48 -73.92 -77.48
C PHE M 547 14.74 -73.43 -78.17
N ASN M 548 15.55 -74.36 -78.65
CA ASN M 548 16.76 -74.03 -79.41
C ASN M 548 16.67 -74.67 -80.78
N PRO M 549 16.49 -73.89 -81.85
CA PRO M 549 16.37 -74.48 -83.19
C PRO M 549 17.69 -74.86 -83.83
N THR M 550 18.81 -74.58 -83.18
CA THR M 550 20.12 -74.83 -83.76
C THR M 550 20.77 -76.13 -83.30
N GLN M 551 20.44 -76.60 -82.10
CA GLN M 551 20.97 -77.84 -81.56
C GLN M 551 19.83 -78.81 -81.29
N SER M 552 20.18 -79.97 -80.74
CA SER M 552 19.18 -80.99 -80.42
C SER M 552 19.79 -81.94 -79.41
N PHE M 553 19.14 -82.09 -78.26
CA PHE M 553 19.62 -82.97 -77.21
C PHE M 553 19.45 -84.44 -77.62
N LEU M 554 20.17 -85.31 -76.92
CA LEU M 554 20.07 -86.75 -77.12
C LEU M 554 19.19 -87.36 -76.04
N GLY M 555 18.10 -87.98 -76.45
CA GLY M 555 17.24 -88.66 -75.51
C GLY M 555 16.54 -87.71 -74.55
N PHE M 556 16.11 -88.30 -73.44
CA PHE M 556 15.37 -87.59 -72.40
C PHE M 556 16.13 -87.68 -71.08
N ASN M 557 16.22 -86.54 -70.38
CA ASN M 557 16.83 -86.47 -69.06
C ASN M 557 15.89 -85.70 -68.14
N ILE M 558 15.87 -86.05 -66.86
CA ILE M 558 14.81 -85.53 -65.98
C ILE M 558 15.32 -84.72 -64.80
N PHE M 559 16.52 -85.04 -64.30
CA PHE M 559 17.23 -84.28 -63.28
C PHE M 559 16.36 -83.76 -62.12
N PRO M 560 15.66 -84.63 -61.40
CA PRO M 560 14.77 -84.17 -60.33
C PRO M 560 15.49 -83.94 -59.02
N THR M 561 14.79 -83.32 -58.08
CA THR M 561 15.33 -82.98 -56.76
C THR M 561 14.17 -82.79 -55.79
N LEU M 562 14.23 -83.49 -54.66
CA LEU M 562 13.15 -83.50 -53.68
C LEU M 562 13.64 -82.90 -52.36
N THR M 563 12.71 -82.30 -51.63
CA THR M 563 13.00 -81.71 -50.32
C THR M 563 11.74 -81.78 -49.47
N ALA M 564 11.90 -82.19 -48.22
CA ALA M 564 10.76 -82.32 -47.31
C ALA M 564 11.25 -82.11 -45.89
N LEU M 565 10.46 -81.40 -45.09
CA LEU M 565 10.83 -81.08 -43.71
C LEU M 565 9.60 -81.07 -42.84
N GLU M 566 9.77 -81.49 -41.58
CA GLU M 566 8.73 -81.44 -40.58
C GLU M 566 9.34 -80.97 -39.26
N THR M 567 8.51 -80.37 -38.41
CA THR M 567 9.03 -79.78 -37.19
C THR M 567 7.90 -79.68 -36.16
N GLN M 568 8.25 -79.79 -34.88
CA GLN M 568 7.36 -79.46 -33.79
C GLN M 568 8.14 -78.76 -32.69
N GLY M 569 7.40 -78.03 -31.86
CA GLY M 569 7.97 -77.40 -30.68
C GLY M 569 6.92 -77.31 -29.61
N LEU M 570 7.37 -77.12 -28.37
CA LEU M 570 6.47 -76.96 -27.25
C LEU M 570 7.20 -76.31 -26.09
N THR M 571 6.78 -75.12 -25.70
CA THR M 571 7.36 -74.42 -24.57
C THR M 571 6.31 -74.28 -23.47
N ARG M 572 6.69 -74.63 -22.25
CA ARG M 572 5.89 -74.36 -21.06
C ARG M 572 6.70 -73.49 -20.10
N ARG M 573 5.99 -72.66 -19.34
CA ARG M 573 6.64 -71.85 -18.32
C ARG M 573 5.61 -71.56 -17.24
N VAL M 574 5.88 -71.95 -16.01
CA VAL M 574 4.91 -71.90 -14.92
C VAL M 574 5.53 -71.20 -13.72
N TYR M 575 4.72 -70.40 -13.02
CA TYR M 575 5.12 -69.74 -11.79
C TYR M 575 4.01 -69.89 -10.76
N ASP M 576 4.38 -70.12 -9.49
CA ASP M 576 3.46 -70.21 -8.36
C ASP M 576 3.98 -69.33 -7.24
N GLY M 577 3.33 -68.20 -6.98
CA GLY M 577 3.79 -67.33 -5.92
C GLY M 577 2.86 -67.16 -4.74
N ASN M 578 3.38 -67.30 -3.53
CA ASN M 578 2.69 -66.96 -2.29
C ASN M 578 3.26 -65.67 -1.72
N VAL M 579 2.39 -64.88 -1.09
CA VAL M 579 2.81 -63.79 -0.22
C VAL M 579 1.85 -63.73 0.96
N THR M 580 2.39 -63.52 2.15
CA THR M 580 1.59 -63.31 3.35
C THR M 580 1.52 -61.82 3.65
N MET M 581 0.33 -61.35 4.03
CA MET M 581 0.10 -59.91 4.17
C MET M 581 -1.08 -59.69 5.11
N GLN M 582 -1.38 -58.43 5.38
CA GLN M 582 -2.43 -58.00 6.29
C GLN M 582 -3.53 -57.29 5.52
N SER M 583 -4.61 -56.94 6.22
CA SER M 583 -5.78 -56.36 5.56
C SER M 583 -5.52 -54.94 5.09
N GLY M 584 -5.20 -54.04 6.01
CA GLY M 584 -5.04 -52.67 5.60
C GLY M 584 -3.61 -52.30 5.30
N GLN M 585 -2.88 -53.23 4.68
CA GLN M 585 -1.44 -53.05 4.50
C GLN M 585 -1.15 -51.91 3.52
N ARG M 586 -0.19 -51.09 3.87
CA ARG M 586 0.24 -49.97 3.04
C ARG M 586 1.54 -50.32 2.33
N SER M 587 1.89 -49.48 1.35
CA SER M 587 3.13 -49.65 0.62
C SER M 587 4.33 -49.18 1.45
N LEU M 588 5.51 -49.54 0.99
CA LEU M 588 6.77 -49.15 1.60
C LEU M 588 7.55 -48.26 0.65
N SER M 589 8.07 -47.15 1.15
CA SER M 589 8.79 -46.19 0.32
C SER M 589 10.27 -46.20 0.70
N ALA M 590 11.02 -47.13 0.11
CA ALA M 590 12.47 -47.07 0.26
C ALA M 590 13.16 -46.55 -1.00
N THR M 591 13.07 -47.33 -2.08
CA THR M 591 13.38 -46.92 -3.45
C THR M 591 14.83 -46.52 -3.70
N GLY M 592 15.63 -46.33 -2.64
CA GLY M 592 17.01 -45.92 -2.78
C GLY M 592 17.29 -44.73 -3.68
N GLY M 593 16.25 -43.99 -4.05
CA GLY M 593 16.35 -42.91 -5.00
C GLY M 593 15.99 -43.29 -6.43
N ALA M 594 15.92 -44.57 -6.74
CA ALA M 594 15.54 -45.04 -8.06
C ALA M 594 14.03 -45.24 -8.14
N GLN M 595 13.51 -45.20 -9.37
CA GLN M 595 12.09 -45.35 -9.61
C GLN M 595 11.78 -46.77 -10.05
N ASN M 596 10.84 -47.40 -9.38
CA ASN M 596 10.46 -48.78 -9.63
C ASN M 596 8.95 -48.86 -9.75
N ALA M 597 8.48 -49.74 -10.64
CA ALA M 597 7.05 -49.86 -10.88
C ALA M 597 6.29 -50.55 -9.76
N SER M 598 6.99 -51.14 -8.80
CA SER M 598 6.36 -51.84 -7.68
C SER M 598 6.49 -51.06 -6.38
N SER M 599 6.79 -49.77 -6.45
CA SER M 599 6.97 -48.98 -5.23
C SER M 599 5.67 -48.85 -4.45
N GLY M 600 4.54 -48.80 -5.13
CA GLY M 600 3.27 -48.58 -4.46
C GLY M 600 2.52 -49.83 -4.11
N ALA M 601 3.18 -50.98 -4.20
CA ALA M 601 2.55 -52.26 -3.88
C ALA M 601 2.64 -52.54 -2.38
N ALA M 602 1.55 -53.07 -1.84
CA ALA M 602 1.55 -53.44 -0.43
C ALA M 602 2.46 -54.64 -0.17
N ALA M 603 2.55 -55.56 -1.13
CA ALA M 603 3.39 -56.73 -1.03
C ALA M 603 3.90 -57.09 -2.42
N SER M 604 5.03 -57.77 -2.48
CA SER M 604 5.67 -58.09 -3.75
C SER M 604 6.44 -59.39 -3.63
N VAL M 605 6.68 -59.99 -4.79
CA VAL M 605 7.67 -61.07 -4.92
C VAL M 605 8.21 -61.03 -6.34
N LYS M 606 9.52 -61.17 -6.47
CA LYS M 606 10.20 -61.07 -7.75
C LYS M 606 11.22 -62.19 -7.89
N SER M 607 11.46 -62.60 -9.12
CA SER M 607 12.55 -63.54 -9.40
C SER M 607 12.91 -63.41 -10.87
N GLY M 608 14.19 -63.17 -11.15
CA GLY M 608 14.60 -62.84 -12.50
C GLY M 608 15.86 -62.02 -12.51
N GLY M 609 15.79 -60.83 -13.10
CA GLY M 609 16.89 -59.88 -13.07
C GLY M 609 16.37 -58.48 -12.82
N ARG M 610 17.29 -57.52 -12.90
CA ARG M 610 16.95 -56.12 -12.69
C ARG M 610 17.95 -55.20 -13.38
N LEU M 611 17.46 -54.32 -14.22
CA LEU M 611 18.29 -53.35 -14.93
C LEU M 611 18.34 -52.06 -14.13
N GLU M 612 19.54 -51.61 -13.80
CA GLU M 612 19.74 -50.33 -13.14
C GLU M 612 20.19 -49.30 -14.17
N ILE M 613 19.47 -48.17 -14.24
CA ILE M 613 19.68 -47.17 -15.27
C ILE M 613 19.97 -45.83 -14.60
N ASN M 614 21.10 -45.22 -14.96
CA ASN M 614 21.55 -43.95 -14.39
C ASN M 614 21.94 -43.03 -15.53
N ILE M 615 21.00 -42.21 -15.99
CA ILE M 615 21.24 -41.30 -17.11
C ILE M 615 21.15 -39.88 -16.59
N PRO M 616 22.23 -39.09 -16.67
CA PRO M 616 22.16 -37.70 -16.23
C PRO M 616 21.48 -36.81 -17.26
N SER M 617 20.60 -35.93 -16.78
CA SER M 617 19.84 -35.05 -17.65
C SER M 617 19.64 -33.70 -16.96
N ALA M 618 19.44 -32.67 -17.77
CA ALA M 618 19.24 -31.32 -17.23
C ALA M 618 17.81 -31.07 -16.77
N ALA M 619 16.86 -31.90 -17.18
CA ALA M 619 15.48 -31.80 -16.74
C ALA M 619 15.19 -32.71 -15.55
N GLY M 620 16.19 -33.37 -15.01
CA GLY M 620 16.04 -34.36 -13.96
C GLY M 620 16.65 -35.64 -14.46
N ASN M 621 17.50 -36.24 -13.63
CA ASN M 621 18.18 -37.47 -14.00
C ASN M 621 17.18 -38.60 -14.16
N ILE M 622 17.43 -39.47 -15.13
CA ILE M 622 16.68 -40.71 -15.29
C ILE M 622 17.37 -41.77 -14.44
N VAL M 623 16.79 -42.10 -13.30
CA VAL M 623 17.30 -43.13 -12.41
C VAL M 623 16.17 -44.13 -12.23
N ARG M 624 16.28 -45.28 -12.89
CA ARG M 624 15.20 -46.24 -12.99
C ARG M 624 15.68 -47.63 -12.62
N GLN M 625 14.72 -48.50 -12.33
CA GLN M 625 14.94 -49.93 -12.21
C GLN M 625 13.90 -50.65 -13.04
N ILE M 626 14.34 -51.52 -13.94
CA ILE M 626 13.43 -52.35 -14.72
C ILE M 626 13.66 -53.80 -14.31
N ASP M 627 12.61 -54.45 -13.84
CA ASP M 627 12.67 -55.82 -13.38
C ASP M 627 12.09 -56.75 -14.44
N TYR M 628 12.74 -57.87 -14.66
CA TYR M 628 12.24 -58.90 -15.55
C TYR M 628 12.25 -60.23 -14.83
N GLY M 629 11.72 -61.25 -15.50
CA GLY M 629 11.52 -62.53 -14.86
C GLY M 629 10.07 -62.73 -14.47
N LEU M 630 9.80 -62.76 -13.18
CA LEU M 630 8.45 -62.77 -12.64
C LEU M 630 8.29 -61.59 -11.70
N ASN M 631 7.20 -60.85 -11.85
CA ASN M 631 6.83 -59.78 -10.92
C ASN M 631 5.40 -59.99 -10.49
N LEU M 632 5.17 -60.06 -9.18
CA LEU M 632 3.82 -60.16 -8.63
C LEU M 632 3.63 -59.04 -7.62
N ASP M 633 2.68 -58.14 -7.91
CA ASP M 633 2.40 -56.99 -7.05
C ASP M 633 0.98 -57.09 -6.53
N PHE M 634 0.80 -56.77 -5.25
CA PHE M 634 -0.50 -56.78 -4.60
C PHE M 634 -0.82 -55.40 -4.07
N PHE M 635 -2.03 -54.92 -4.33
CA PHE M 635 -2.44 -53.57 -3.96
C PHE M 635 -3.74 -53.64 -3.17
N SER M 636 -3.77 -52.96 -2.02
CA SER M 636 -4.98 -52.71 -1.25
C SER M 636 -5.74 -53.98 -0.86
N PRO M 637 -5.19 -54.83 0.00
CA PRO M 637 -5.80 -56.14 0.29
C PRO M 637 -6.77 -56.17 1.47
N GLN M 638 -7.96 -55.61 1.31
CA GLN M 638 -8.91 -55.63 2.41
C GLN M 638 -9.58 -56.99 2.55
N VAL M 639 -9.84 -57.40 3.79
CA VAL M 639 -10.48 -58.68 4.11
C VAL M 639 -11.65 -58.41 5.05
N ALA M 640 -12.79 -59.00 4.75
CA ALA M 640 -14.01 -58.85 5.54
C ALA M 640 -14.07 -59.90 6.65
N PRO M 641 -14.88 -59.66 7.68
CA PRO M 641 -15.02 -60.68 8.73
C PRO M 641 -15.55 -62.02 8.25
N ASP M 642 -16.32 -62.05 7.16
CA ASP M 642 -16.70 -63.33 6.56
C ASP M 642 -15.48 -64.13 6.13
N GLY M 643 -14.45 -63.45 5.67
CA GLY M 643 -13.37 -64.08 4.95
C GLY M 643 -13.33 -63.77 3.48
N THR M 644 -14.04 -62.72 3.04
CA THR M 644 -14.02 -62.29 1.66
C THR M 644 -12.80 -61.42 1.42
N ILE M 645 -12.01 -61.75 0.39
CA ILE M 645 -10.77 -61.06 0.10
C ILE M 645 -10.95 -60.25 -1.17
N THR M 646 -10.72 -58.95 -1.08
CA THR M 646 -10.68 -58.06 -2.23
C THR M 646 -9.26 -57.60 -2.45
N LEU M 647 -8.86 -57.47 -3.70
CA LEU M 647 -7.43 -57.36 -3.99
C LEU M 647 -7.22 -56.88 -5.41
N ARG M 648 -6.16 -56.11 -5.60
CA ARG M 648 -5.66 -55.78 -6.93
C ARG M 648 -4.33 -56.48 -7.15
N ILE M 649 -4.21 -57.19 -8.25
CA ILE M 649 -3.05 -58.02 -8.56
C ILE M 649 -2.57 -57.65 -9.96
N ARG M 650 -1.26 -57.45 -10.12
CA ARG M 650 -0.78 -57.31 -11.48
C ARG M 650 -0.23 -58.60 -12.06
N GLY M 651 0.93 -59.05 -11.62
CA GLY M 651 1.46 -60.26 -12.23
C GLY M 651 2.06 -59.99 -13.60
N GLN M 652 3.27 -60.46 -13.86
CA GLN M 652 3.93 -60.15 -15.13
C GLN M 652 5.11 -61.09 -15.32
N VAL M 653 5.27 -61.58 -16.54
CA VAL M 653 6.42 -62.39 -16.93
C VAL M 653 7.05 -61.74 -18.15
N ASN M 654 8.35 -61.47 -18.08
CA ASN M 654 9.04 -60.84 -19.18
C ASN M 654 10.51 -61.26 -19.19
N GLN M 655 11.12 -61.12 -20.36
CA GLN M 655 12.53 -61.42 -20.58
C GLN M 655 13.07 -60.40 -21.57
N PRO M 656 14.35 -60.04 -21.47
CA PRO M 656 14.96 -59.28 -22.56
C PRO M 656 14.95 -60.07 -23.85
N ALA M 657 14.67 -59.38 -24.96
CA ALA M 657 14.60 -60.08 -26.23
C ALA M 657 15.98 -60.53 -26.69
N THR M 658 17.00 -59.71 -26.47
CA THR M 658 18.38 -60.08 -26.72
C THR M 658 19.20 -59.75 -25.49
N ALA M 659 20.29 -60.49 -25.29
CA ALA M 659 21.06 -60.40 -24.06
C ALA M 659 21.71 -59.03 -23.90
N ILE M 660 21.82 -58.60 -22.65
CA ILE M 660 22.52 -57.37 -22.30
C ILE M 660 24.02 -57.67 -22.26
N THR M 661 24.82 -56.86 -22.96
CA THR M 661 26.21 -57.23 -23.21
C THR M 661 27.20 -56.13 -22.84
N ALA M 662 26.85 -55.24 -21.92
CA ALA M 662 27.77 -54.22 -21.42
C ALA M 662 28.19 -53.22 -22.48
N ASP M 663 27.78 -53.46 -23.73
CA ASP M 663 27.83 -52.46 -24.79
C ASP M 663 26.45 -51.91 -25.08
N SER M 664 25.44 -52.36 -24.36
CA SER M 664 24.07 -51.92 -24.57
C SER M 664 23.87 -50.50 -24.06
N LEU M 665 22.94 -49.81 -24.67
CA LEU M 665 22.58 -48.49 -24.20
C LEU M 665 21.14 -48.51 -23.68
N PRO M 666 20.84 -47.71 -22.67
CA PRO M 666 19.52 -47.78 -22.03
C PRO M 666 18.44 -47.03 -22.80
N ASN M 667 18.72 -46.67 -24.05
CA ASN M 667 17.80 -45.82 -24.79
C ASN M 667 16.70 -46.59 -25.49
N LEU M 668 16.85 -47.90 -25.68
CA LEU M 668 15.81 -48.71 -26.32
C LEU M 668 16.08 -50.16 -25.99
N ILE M 669 15.12 -50.82 -25.34
CA ILE M 669 15.26 -52.21 -24.89
C ILE M 669 13.97 -52.95 -25.26
N ASP M 670 14.07 -54.23 -25.63
CA ASP M 670 13.02 -54.85 -26.43
C ASP M 670 12.03 -55.69 -25.61
N PHE M 671 12.50 -56.54 -24.69
CA PHE M 671 11.65 -57.03 -23.59
C PHE M 671 10.39 -57.75 -24.06
N THR M 672 10.55 -59.00 -24.50
CA THR M 672 9.42 -59.94 -24.51
C THR M 672 8.59 -59.82 -23.23
N ASN M 673 7.26 -59.78 -23.36
CA ASN M 673 6.41 -59.39 -22.23
C ASN M 673 5.03 -60.04 -22.30
N SER M 674 4.50 -60.42 -21.13
CA SER M 674 3.11 -60.81 -20.93
C SER M 674 2.64 -60.28 -19.59
N GLU M 675 1.43 -59.73 -19.54
CA GLU M 675 0.99 -59.00 -18.36
C GLU M 675 -0.52 -59.01 -18.26
N ALA M 676 -1.01 -58.74 -17.05
CA ALA M 676 -2.44 -58.58 -16.76
C ALA M 676 -2.57 -57.78 -15.47
N GLN M 677 -3.72 -57.15 -15.27
CA GLN M 677 -4.01 -56.50 -14.01
C GLN M 677 -5.51 -56.27 -13.91
N SER M 678 -6.04 -56.45 -12.71
CA SER M 678 -7.46 -56.29 -12.44
C SER M 678 -7.68 -56.40 -10.94
N THR M 679 -8.92 -56.18 -10.53
CA THR M 679 -9.34 -56.35 -9.15
C THR M 679 -10.32 -57.52 -9.08
N ILE M 680 -10.12 -58.39 -8.10
CA ILE M 680 -10.96 -59.57 -7.93
C ILE M 680 -11.41 -59.65 -6.48
N THR M 681 -12.50 -60.38 -6.27
CA THR M 681 -13.01 -60.67 -4.94
C THR M 681 -13.45 -62.12 -4.89
N PHE M 682 -13.08 -62.81 -3.82
CA PHE M 682 -13.41 -64.22 -3.64
C PHE M 682 -13.44 -64.49 -2.15
N LYS M 683 -14.07 -65.59 -1.78
CA LYS M 683 -14.12 -65.96 -0.38
C LYS M 683 -12.95 -66.88 -0.03
N ASN M 684 -12.70 -67.00 1.27
CA ASN M 684 -11.61 -67.78 1.82
C ASN M 684 -11.64 -69.21 1.29
N GLY M 685 -10.66 -69.58 0.48
CA GLY M 685 -10.53 -70.93 -0.04
C GLY M 685 -10.97 -71.14 -1.47
N GLN M 686 -11.59 -70.15 -2.10
CA GLN M 686 -12.07 -70.30 -3.46
C GLN M 686 -10.98 -69.98 -4.48
N THR M 687 -11.25 -70.33 -5.74
CA THR M 687 -10.29 -70.16 -6.84
C THR M 687 -10.98 -69.44 -7.99
N ILE M 688 -10.32 -68.43 -8.54
CA ILE M 688 -10.90 -67.59 -9.58
C ILE M 688 -9.85 -67.33 -10.66
N LEU M 689 -10.30 -67.29 -11.91
CA LEU M 689 -9.44 -66.95 -13.05
C LEU M 689 -9.49 -65.45 -13.27
N MET M 690 -8.37 -64.76 -13.12
CA MET M 690 -8.35 -63.32 -13.38
C MET M 690 -8.24 -63.00 -14.85
N SER M 691 -7.51 -63.80 -15.62
CA SER M 691 -7.30 -63.48 -17.02
C SER M 691 -6.94 -64.75 -17.77
N GLY M 692 -7.29 -64.76 -19.05
CA GLY M 692 -6.93 -65.86 -19.92
C GLY M 692 -6.69 -65.34 -21.32
N LEU M 693 -5.87 -66.05 -22.08
CA LEU M 693 -5.59 -65.63 -23.45
C LEU M 693 -5.26 -66.86 -24.29
N LEU M 694 -6.03 -67.08 -25.34
CA LEU M 694 -5.81 -68.17 -26.28
C LEU M 694 -5.46 -67.59 -27.64
N GLY M 695 -4.44 -68.15 -28.29
CA GLY M 695 -3.99 -67.66 -29.58
C GLY M 695 -3.89 -68.77 -30.60
N SER M 696 -3.65 -68.37 -31.86
CA SER M 696 -3.53 -69.29 -32.98
C SER M 696 -3.04 -68.53 -34.19
N THR M 697 -2.18 -69.16 -34.99
CA THR M 697 -1.76 -68.61 -36.27
C THR M 697 -1.73 -69.72 -37.31
N GLU M 698 -1.46 -69.34 -38.56
CA GLU M 698 -1.35 -70.25 -39.70
C GLU M 698 -0.87 -69.45 -40.90
N THR M 699 -0.02 -70.05 -41.74
CA THR M 699 0.60 -69.30 -42.84
C THR M 699 0.37 -69.92 -44.22
N THR M 700 0.50 -71.24 -44.37
CA THR M 700 -0.02 -72.00 -45.52
C THR M 700 0.27 -71.30 -46.86
N ASN M 701 1.55 -71.30 -47.23
CA ASN M 701 1.93 -70.80 -48.56
C ASN M 701 2.00 -71.94 -49.58
N ARG M 702 2.08 -71.55 -50.86
CA ARG M 702 2.09 -72.50 -51.97
C ARG M 702 2.46 -71.77 -53.25
N SER M 703 3.28 -72.41 -54.08
CA SER M 703 3.79 -71.78 -55.30
C SER M 703 4.15 -72.84 -56.32
N GLY M 704 4.16 -72.44 -57.59
CA GLY M 704 4.60 -73.33 -58.65
C GLY M 704 4.01 -73.08 -60.03
N VAL M 705 3.72 -74.16 -60.73
CA VAL M 705 3.17 -74.13 -62.10
C VAL M 705 1.68 -73.80 -62.03
N PRO M 706 1.16 -73.00 -62.95
CA PRO M 706 -0.28 -72.68 -62.91
C PRO M 706 -1.15 -73.90 -63.13
N PHE M 707 -2.10 -74.08 -62.22
CA PHE M 707 -3.14 -75.10 -62.24
C PHE M 707 -2.61 -76.51 -61.95
N LEU M 708 -1.30 -76.69 -61.96
CA LEU M 708 -0.74 -77.99 -61.66
C LEU M 708 -0.24 -78.08 -60.23
N SER M 709 0.27 -76.99 -59.69
CA SER M 709 0.68 -76.94 -58.30
C SER M 709 -0.50 -76.91 -57.34
N SER M 710 -1.71 -76.68 -57.83
CA SER M 710 -2.90 -76.63 -57.00
C SER M 710 -3.67 -77.94 -56.99
N LEU M 711 -3.22 -78.95 -57.73
CA LEU M 711 -3.89 -80.23 -57.73
C LEU M 711 -3.71 -80.93 -56.39
N PRO M 712 -4.72 -81.64 -55.89
CA PRO M 712 -4.60 -82.30 -54.59
C PRO M 712 -3.64 -83.47 -54.64
N GLY M 713 -2.73 -83.52 -53.68
CA GLY M 713 -1.76 -84.59 -53.61
C GLY M 713 -0.56 -84.40 -54.50
N VAL M 714 -0.77 -84.57 -55.82
CA VAL M 714 0.34 -84.47 -56.77
C VAL M 714 0.74 -83.03 -57.07
N GLY M 715 0.11 -82.05 -56.41
CA GLY M 715 0.45 -80.67 -56.69
C GLY M 715 1.88 -80.32 -56.32
N ALA M 716 2.41 -80.97 -55.28
CA ALA M 716 3.77 -80.68 -54.83
C ALA M 716 4.83 -81.14 -55.81
N ALA M 717 4.46 -81.91 -56.82
CA ALA M 717 5.40 -82.31 -57.86
C ALA M 717 5.67 -81.19 -58.86
N PHE M 718 4.95 -80.09 -58.79
CA PHE M 718 5.10 -78.96 -59.70
C PHE M 718 5.31 -77.66 -58.93
N GLY M 719 6.13 -77.69 -57.90
CA GLY M 719 6.41 -76.50 -57.15
C GLY M 719 6.63 -76.83 -55.68
N GLU M 720 6.36 -75.85 -54.83
CA GLU M 720 6.56 -75.95 -53.40
C GLU M 720 5.22 -75.99 -52.67
N LYS M 721 5.31 -76.04 -51.34
CA LYS M 721 4.18 -76.01 -50.44
C LYS M 721 4.72 -75.87 -49.03
N ARG M 722 4.03 -75.11 -48.20
CA ARG M 722 4.51 -74.84 -46.85
C ARG M 722 3.31 -74.51 -45.98
N THR M 723 3.33 -74.99 -44.74
CA THR M 723 2.27 -74.66 -43.80
C THR M 723 2.84 -74.66 -42.40
N GLU M 724 2.40 -73.69 -41.60
CA GLU M 724 2.81 -73.56 -40.21
C GLU M 724 1.58 -73.30 -39.36
N LYS M 725 1.62 -73.78 -38.12
CA LYS M 725 0.54 -73.56 -37.18
C LYS M 725 1.10 -73.33 -35.79
N THR M 726 0.45 -72.47 -35.02
CA THR M 726 0.89 -72.14 -33.68
C THR M 726 -0.32 -72.06 -32.77
N GLN M 727 -0.13 -72.44 -31.51
CA GLN M 727 -1.13 -72.31 -30.46
C GLN M 727 -0.48 -71.69 -29.24
N SER M 728 -1.28 -71.01 -28.44
CA SER M 728 -0.76 -70.48 -27.19
C SER M 728 -1.88 -70.40 -26.17
N GLN M 729 -1.51 -70.47 -24.89
CA GLN M 729 -2.43 -70.32 -23.79
C GLN M 729 -1.75 -69.59 -22.65
N LEU M 730 -2.44 -68.64 -22.05
CA LEU M 730 -1.94 -67.91 -20.89
C LEU M 730 -3.06 -67.86 -19.86
N LEU M 731 -2.77 -68.27 -18.63
CA LEU M 731 -3.75 -68.32 -17.57
C LEU M 731 -3.19 -67.67 -16.32
N VAL M 732 -4.00 -66.86 -15.65
CA VAL M 732 -3.63 -66.26 -14.37
C VAL M 732 -4.71 -66.63 -13.36
N ILE M 733 -4.36 -67.42 -12.36
CA ILE M 733 -5.31 -68.00 -11.43
C ILE M 733 -4.94 -67.57 -10.01
N ILE M 734 -5.93 -67.16 -9.23
CA ILE M 734 -5.70 -66.63 -7.88
C ILE M 734 -6.53 -67.42 -6.87
N THR M 735 -5.89 -67.73 -5.73
CA THR M 735 -6.57 -68.28 -4.56
C THR M 735 -5.95 -67.66 -3.32
N GLY M 736 -6.59 -67.89 -2.18
CA GLY M 736 -6.08 -67.35 -0.93
C GLY M 736 -6.82 -67.92 0.25
N THR M 737 -6.17 -67.85 1.41
CA THR M 737 -6.74 -68.34 2.66
C THR M 737 -6.40 -67.36 3.77
N VAL M 738 -7.19 -67.40 4.83
CA VAL M 738 -6.93 -66.63 6.02
C VAL M 738 -6.06 -67.45 6.96
N VAL M 739 -4.98 -66.85 7.44
CA VAL M 739 -4.00 -67.53 8.29
C VAL M 739 -4.34 -67.21 9.74
N LYS M 740 -4.86 -68.19 10.46
CA LYS M 740 -5.21 -67.98 11.86
C LYS M 740 -4.00 -68.19 12.76
N GLY N 61 -19.37 -80.32 -33.89
CA GLY N 61 -20.55 -79.76 -33.25
C GLY N 61 -20.20 -78.82 -32.11
N VAL N 62 -19.07 -79.08 -31.47
CA VAL N 62 -18.57 -78.24 -30.39
C VAL N 62 -17.20 -77.75 -30.81
N THR N 63 -17.12 -76.47 -31.15
CA THR N 63 -15.90 -75.87 -31.68
C THR N 63 -15.21 -74.93 -30.71
N VAL N 64 -15.95 -74.36 -29.79
CA VAL N 64 -15.43 -73.34 -28.90
C VAL N 64 -14.95 -73.98 -27.62
N THR N 65 -13.77 -73.56 -27.17
CA THR N 65 -13.19 -74.07 -25.93
C THR N 65 -13.97 -73.54 -24.73
N PRO N 66 -14.44 -74.41 -23.84
CA PRO N 66 -15.07 -73.92 -22.61
C PRO N 66 -14.05 -73.23 -21.71
N VAL N 67 -14.53 -72.28 -20.94
CA VAL N 67 -13.69 -71.49 -20.03
C VAL N 67 -14.22 -71.68 -18.62
N LEU N 68 -13.34 -72.05 -17.70
CA LEU N 68 -13.69 -72.18 -16.30
C LEU N 68 -13.24 -70.93 -15.56
N ILE N 69 -14.18 -70.24 -14.91
CA ILE N 69 -13.88 -68.96 -14.30
C ILE N 69 -13.79 -69.05 -12.78
N LYS N 70 -14.62 -69.85 -12.12
CA LYS N 70 -14.60 -69.89 -10.66
C LYS N 70 -15.03 -71.26 -10.16
N VAL N 71 -14.39 -71.73 -9.10
CA VAL N 71 -14.86 -72.88 -8.33
C VAL N 71 -14.92 -72.47 -6.87
N SER N 72 -15.74 -73.17 -6.12
CA SER N 72 -15.91 -72.88 -4.70
C SER N 72 -14.84 -73.60 -3.90
N GLU N 73 -14.98 -73.59 -2.58
CA GLU N 73 -13.99 -74.15 -1.68
C GLU N 73 -14.47 -75.49 -1.12
N GLY N 74 -13.57 -76.15 -0.39
CA GLY N 74 -13.95 -77.32 0.38
C GLY N 74 -13.85 -78.62 -0.38
N ALA N 75 -14.99 -79.10 -0.90
CA ALA N 75 -15.08 -80.35 -1.65
C ALA N 75 -14.71 -81.54 -0.77
N ALA N 76 -15.46 -81.72 0.26
CA ALA N 76 -15.44 -82.95 1.03
C ALA N 76 -16.62 -83.84 0.63
N PRO N 77 -16.50 -85.16 0.74
CA PRO N 77 -17.61 -86.03 0.34
C PRO N 77 -18.92 -85.66 1.02
N GLY N 78 -19.91 -85.30 0.22
CA GLY N 78 -21.17 -84.78 0.71
C GLY N 78 -21.32 -83.28 0.60
N ASP N 79 -20.26 -82.55 0.26
CA ASP N 79 -20.35 -81.13 0.08
C ASP N 79 -20.79 -80.79 -1.34
N THR N 80 -21.13 -79.52 -1.55
CA THR N 80 -21.62 -79.02 -2.82
C THR N 80 -20.50 -78.24 -3.50
N LEU N 81 -20.19 -78.62 -4.73
CA LEU N 81 -19.14 -77.97 -5.52
C LEU N 81 -19.77 -77.23 -6.67
N THR N 82 -19.52 -75.93 -6.76
CA THR N 82 -20.09 -75.07 -7.79
C THR N 82 -18.99 -74.61 -8.75
N ILE N 83 -19.26 -74.73 -10.04
CA ILE N 83 -18.34 -74.33 -11.09
C ILE N 83 -19.04 -73.33 -11.99
N GLN N 84 -18.32 -72.27 -12.37
CA GLN N 84 -18.88 -71.23 -13.23
C GLN N 84 -17.97 -71.04 -14.43
N GLY N 85 -18.57 -70.90 -15.60
CA GLY N 85 -17.83 -70.82 -16.83
C GLY N 85 -18.64 -70.16 -17.92
N ARG N 86 -18.25 -70.40 -19.17
CA ARG N 86 -18.96 -69.78 -20.28
C ARG N 86 -19.63 -70.77 -21.23
N TYR N 87 -18.88 -71.65 -21.88
CA TYR N 87 -19.48 -72.57 -22.86
C TYR N 87 -19.57 -73.98 -22.31
N LEU N 88 -20.35 -74.17 -21.26
CA LEU N 88 -20.30 -75.42 -20.50
C LEU N 88 -21.29 -76.48 -20.98
N GLY N 89 -22.20 -76.15 -21.90
CA GLY N 89 -23.01 -77.16 -22.55
C GLY N 89 -24.14 -77.77 -21.74
N ASN N 90 -24.30 -79.09 -21.89
CA ASN N 90 -25.34 -79.86 -21.23
C ASN N 90 -24.73 -80.93 -20.34
N ALA N 91 -25.52 -81.39 -19.37
CA ALA N 91 -25.17 -82.57 -18.60
C ALA N 91 -25.26 -83.85 -19.42
N GLN N 92 -25.99 -83.82 -20.53
CA GLN N 92 -26.08 -84.96 -21.43
C GLN N 92 -25.01 -84.94 -22.51
N THR N 93 -24.22 -83.87 -22.60
CA THR N 93 -23.19 -83.74 -23.61
C THR N 93 -21.79 -83.67 -23.02
N ALA N 94 -21.65 -83.30 -21.74
CA ALA N 94 -20.36 -83.01 -21.14
C ALA N 94 -20.20 -83.78 -19.83
N ARG N 95 -18.99 -83.73 -19.28
CA ARG N 95 -18.67 -84.36 -18.02
C ARG N 95 -17.57 -83.58 -17.32
N VAL N 96 -17.53 -83.68 -16.00
CA VAL N 96 -16.52 -83.02 -15.17
C VAL N 96 -15.48 -84.05 -14.75
N ILE N 97 -14.20 -83.70 -14.87
CA ILE N 97 -13.10 -84.60 -14.55
C ILE N 97 -12.27 -83.94 -13.46
N ILE N 98 -11.95 -84.68 -12.41
CA ILE N 98 -11.21 -84.17 -11.27
C ILE N 98 -10.05 -85.13 -11.01
N GLY N 99 -9.02 -84.60 -10.36
CA GLY N 99 -7.84 -85.39 -10.11
C GLY N 99 -6.84 -85.44 -11.25
N ALA N 100 -6.98 -84.60 -12.26
CA ALA N 100 -6.09 -84.61 -13.41
C ALA N 100 -4.86 -83.78 -13.13
N ASP N 101 -3.91 -83.83 -14.05
CA ASP N 101 -2.70 -83.04 -13.92
C ASP N 101 -2.85 -81.75 -14.73
N GLU N 102 -1.78 -80.99 -14.88
CA GLU N 102 -1.86 -79.69 -15.55
C GLU N 102 -2.37 -79.80 -16.97
N ASN N 103 -2.17 -80.95 -17.62
CA ASN N 103 -2.49 -81.13 -19.03
C ASN N 103 -3.82 -81.83 -19.24
N GLY N 104 -4.55 -82.14 -18.18
CA GLY N 104 -5.80 -82.85 -18.31
C GLY N 104 -5.69 -84.36 -18.30
N GLN N 105 -4.49 -84.90 -18.24
CA GLN N 105 -4.30 -86.34 -18.27
C GLN N 105 -4.59 -86.94 -16.91
N GLY N 106 -4.93 -88.22 -16.90
CA GLY N 106 -5.31 -88.82 -15.64
C GLY N 106 -6.68 -88.30 -15.21
N GLY N 107 -6.98 -88.51 -13.95
CA GLY N 107 -8.20 -87.99 -13.38
C GLY N 107 -9.40 -88.90 -13.57
N THR N 108 -10.40 -88.69 -12.73
CA THR N 108 -11.61 -89.50 -12.72
C THR N 108 -12.81 -88.60 -12.93
N ALA N 109 -13.77 -89.07 -13.71
CA ALA N 109 -14.96 -88.28 -14.01
C ALA N 109 -16.00 -88.42 -12.92
N PHE N 110 -16.70 -87.31 -12.67
CA PHE N 110 -17.81 -87.36 -11.74
C PHE N 110 -18.93 -88.25 -12.29
N PRO N 111 -19.63 -88.99 -11.45
CA PRO N 111 -20.79 -89.74 -11.93
C PRO N 111 -21.92 -88.81 -12.34
N ALA N 112 -22.75 -89.28 -13.25
CA ALA N 112 -23.89 -88.48 -13.70
C ALA N 112 -24.89 -88.24 -12.58
N SER N 113 -24.92 -89.10 -11.57
CA SER N 113 -25.82 -88.92 -10.43
C SER N 113 -25.35 -87.82 -9.49
N ALA N 114 -24.13 -87.32 -9.65
CA ALA N 114 -23.59 -86.27 -8.80
C ALA N 114 -24.04 -84.88 -9.22
N VAL N 115 -24.70 -84.75 -10.38
CA VAL N 115 -25.03 -83.46 -10.94
C VAL N 115 -26.38 -83.02 -10.39
N GLN N 116 -26.40 -81.84 -9.76
CA GLN N 116 -27.64 -81.25 -9.28
C GLN N 116 -28.22 -80.26 -10.27
N SER N 117 -27.38 -79.44 -10.88
CA SER N 117 -27.78 -78.48 -11.89
C SER N 117 -26.68 -78.40 -12.93
N TRP N 118 -27.05 -78.03 -14.16
CA TRP N 118 -26.04 -77.86 -15.20
C TRP N 118 -26.61 -76.89 -16.23
N SER N 119 -26.18 -75.64 -16.15
CA SER N 119 -26.44 -74.65 -17.16
C SER N 119 -25.19 -74.48 -18.02
N ASP N 120 -25.26 -73.59 -19.00
CA ASP N 120 -24.07 -73.32 -19.80
C ASP N 120 -23.09 -72.41 -19.08
N THR N 121 -23.46 -71.84 -17.93
CA THR N 121 -22.57 -70.99 -17.16
C THR N 121 -22.43 -71.41 -15.70
N GLU N 122 -23.03 -72.51 -15.28
CA GLU N 122 -22.90 -72.96 -13.91
C GLU N 122 -23.17 -74.45 -13.80
N ILE N 123 -22.32 -75.15 -13.06
CA ILE N 123 -22.51 -76.57 -12.75
C ILE N 123 -22.48 -76.71 -11.23
N VAL N 124 -23.46 -77.42 -10.68
CA VAL N 124 -23.53 -77.70 -9.25
C VAL N 124 -23.47 -79.21 -9.07
N LEU N 125 -22.60 -79.65 -8.16
CA LEU N 125 -22.32 -81.06 -7.97
C LEU N 125 -22.41 -81.43 -6.50
N LYS N 126 -22.58 -82.72 -6.24
CA LYS N 126 -22.41 -83.30 -4.92
C LYS N 126 -21.20 -84.23 -4.96
N VAL N 127 -20.24 -83.98 -4.08
CA VAL N 127 -18.99 -84.74 -4.10
C VAL N 127 -19.27 -86.15 -3.60
N PRO N 128 -18.96 -87.17 -4.37
CA PRO N 128 -19.22 -88.55 -3.95
C PRO N 128 -18.15 -89.00 -2.95
N GLU N 129 -18.23 -90.28 -2.59
CA GLU N 129 -17.25 -90.90 -1.72
C GLU N 129 -16.21 -91.63 -2.56
N GLY N 130 -14.93 -91.36 -2.29
CA GLY N 130 -13.87 -92.06 -2.98
C GLY N 130 -13.00 -91.19 -3.87
N MET N 131 -13.22 -89.88 -3.84
CA MET N 131 -12.36 -89.00 -4.63
C MET N 131 -10.99 -88.86 -3.96
N PRO N 132 -9.94 -88.62 -4.75
CA PRO N 132 -8.58 -88.51 -4.17
C PRO N 132 -8.38 -87.18 -3.46
N ALA N 133 -8.14 -87.24 -2.17
CA ALA N 133 -7.91 -86.03 -1.39
C ALA N 133 -6.57 -85.40 -1.77
N GLY N 134 -6.48 -84.10 -1.56
CA GLY N 134 -5.30 -83.34 -1.95
C GLY N 134 -5.60 -82.43 -3.13
N GLY N 135 -4.55 -81.75 -3.58
CA GLY N 135 -4.68 -80.84 -4.68
C GLY N 135 -4.62 -81.54 -6.02
N SER N 136 -5.40 -81.02 -6.97
CA SER N 136 -5.50 -81.60 -8.30
C SER N 136 -6.15 -80.57 -9.21
N TRP N 137 -6.33 -80.95 -10.47
CA TRP N 137 -6.88 -80.06 -11.48
C TRP N 137 -8.27 -80.52 -11.89
N LEU N 138 -9.14 -79.56 -12.16
CA LEU N 138 -10.51 -79.83 -12.56
C LEU N 138 -10.72 -79.29 -13.98
N PHE N 139 -11.32 -80.12 -14.82
CA PHE N 139 -11.62 -79.76 -16.21
C PHE N 139 -13.05 -80.13 -16.51
N VAL N 140 -13.62 -79.46 -17.51
CA VAL N 140 -14.93 -79.80 -18.06
C VAL N 140 -14.72 -80.13 -19.52
N GLU N 141 -15.18 -81.31 -19.95
CA GLU N 141 -15.06 -81.74 -21.34
C GLU N 141 -16.43 -81.67 -21.99
N VAL N 142 -16.60 -80.69 -22.88
CA VAL N 142 -17.88 -80.45 -23.55
C VAL N 142 -17.77 -80.98 -24.97
N GLY N 143 -18.54 -82.02 -25.28
CA GLY N 143 -18.51 -82.59 -26.61
C GLY N 143 -17.14 -83.10 -27.02
N GLY N 144 -16.37 -83.59 -26.05
CA GLY N 144 -15.03 -84.07 -26.32
C GLY N 144 -13.96 -83.01 -26.30
N LYS N 145 -14.31 -81.75 -26.16
CA LYS N 145 -13.35 -80.66 -26.13
C LYS N 145 -13.08 -80.24 -24.69
N ARG N 146 -11.80 -80.13 -24.35
CA ARG N 146 -11.40 -79.83 -22.98
C ARG N 146 -11.37 -78.33 -22.74
N SER N 147 -11.72 -77.94 -21.52
CA SER N 147 -11.77 -76.54 -21.14
C SER N 147 -10.39 -76.10 -20.64
N THR N 148 -10.33 -74.87 -20.13
CA THR N 148 -9.21 -74.44 -19.32
C THR N 148 -9.44 -74.92 -17.89
N GLY N 149 -8.37 -75.28 -17.22
CA GLY N 149 -8.50 -75.90 -15.93
C GLY N 149 -8.44 -74.93 -14.77
N LEU N 150 -8.87 -75.42 -13.61
CA LEU N 150 -8.71 -74.73 -12.34
C LEU N 150 -8.22 -75.73 -11.31
N ARG N 151 -7.42 -75.26 -10.36
CA ARG N 151 -6.95 -76.11 -9.28
C ARG N 151 -7.99 -76.20 -8.18
N VAL N 152 -8.25 -77.41 -7.74
CA VAL N 152 -9.25 -77.67 -6.72
C VAL N 152 -8.59 -78.47 -5.62
N SER N 153 -9.12 -78.34 -4.40
CA SER N 153 -8.58 -79.01 -3.22
C SER N 153 -9.64 -79.95 -2.68
N VAL N 154 -9.45 -81.25 -2.91
CA VAL N 154 -10.37 -82.26 -2.39
C VAL N 154 -9.98 -82.56 -0.95
N ARG N 155 -10.97 -82.53 -0.07
CA ARG N 155 -10.72 -82.74 1.35
C ARG N 155 -10.71 -84.23 1.68
N GLY O 28 18.75 -92.00 -71.52
CA GLY O 28 20.19 -92.15 -71.69
C GLY O 28 20.59 -92.70 -73.04
N ARG O 29 21.48 -91.99 -73.73
CA ARG O 29 21.93 -92.38 -75.05
C ARG O 29 23.45 -92.31 -75.12
N VAL O 30 24.04 -93.19 -75.92
CA VAL O 30 25.47 -93.20 -76.18
C VAL O 30 25.68 -92.95 -77.66
N ASN O 31 26.57 -92.01 -77.99
CA ASN O 31 26.83 -91.65 -79.38
C ASN O 31 28.28 -91.19 -79.47
N VAL O 32 29.16 -92.08 -79.93
CA VAL O 32 30.58 -91.80 -80.05
C VAL O 32 30.99 -92.04 -81.50
N GLY O 33 31.83 -91.15 -82.04
CA GLY O 33 32.34 -91.28 -83.38
C GLY O 33 33.84 -91.41 -83.37
N VAL O 34 34.38 -92.01 -84.43
CA VAL O 34 35.78 -92.38 -84.50
C VAL O 34 36.37 -91.94 -85.83
N ASP O 35 37.58 -91.39 -85.77
CA ASP O 35 38.36 -91.05 -86.96
C ASP O 35 39.50 -92.04 -87.08
N VAL O 36 39.47 -92.88 -88.11
CA VAL O 36 40.41 -94.00 -88.20
C VAL O 36 41.80 -93.52 -88.62
N GLY O 37 41.90 -92.93 -89.81
CA GLY O 37 43.21 -92.51 -90.29
C GLY O 37 44.14 -93.68 -90.53
N ASP O 38 43.82 -94.49 -91.53
CA ASP O 38 44.52 -95.74 -91.80
C ASP O 38 45.69 -95.59 -92.76
N ALA O 39 46.31 -94.42 -92.82
CA ALA O 39 47.48 -94.23 -93.67
C ALA O 39 48.74 -94.64 -92.92
N GLY O 40 49.78 -94.93 -93.68
CA GLY O 40 51.03 -95.38 -93.09
C GLY O 40 50.90 -96.65 -92.28
N SER O 41 50.07 -97.59 -92.76
CA SER O 41 49.77 -98.79 -92.01
C SER O 41 50.23 -100.08 -92.68
N GLU O 42 50.73 -100.02 -93.92
CA GLU O 42 51.23 -101.19 -94.62
C GLU O 42 52.73 -101.05 -94.83
N GLN O 43 53.46 -102.14 -94.57
CA GLN O 43 54.90 -102.15 -94.76
C GLN O 43 55.22 -102.32 -96.24
N VAL O 44 56.16 -101.52 -96.74
CA VAL O 44 56.51 -101.52 -98.14
C VAL O 44 57.66 -102.48 -98.38
N ALA O 45 57.46 -103.43 -99.29
CA ALA O 45 58.48 -104.39 -99.65
C ALA O 45 58.60 -104.65 -101.14
N THR O 46 57.64 -104.21 -101.97
CA THR O 46 57.64 -104.50 -103.40
C THR O 46 58.65 -103.61 -104.11
N LEU O 47 59.93 -103.93 -103.90
CA LEU O 47 61.04 -103.24 -104.56
C LEU O 47 62.00 -104.31 -105.07
N THR O 48 61.77 -104.80 -106.28
CA THR O 48 62.74 -105.68 -106.93
C THR O 48 64.05 -104.96 -107.20
N ILE O 49 64.00 -103.64 -107.36
CA ILE O 49 65.20 -102.82 -107.42
C ILE O 49 65.73 -102.64 -106.00
N THR O 50 66.68 -101.73 -105.81
CA THR O 50 67.32 -101.61 -104.52
C THR O 50 67.73 -100.17 -104.26
N PRO O 51 67.98 -99.87 -102.99
CA PRO O 51 68.63 -98.63 -102.58
C PRO O 51 70.15 -98.71 -102.66
N GLU O 52 70.66 -99.80 -103.23
CA GLU O 52 72.10 -99.99 -103.42
C GLU O 52 72.55 -99.18 -104.63
N LYS O 53 73.75 -99.49 -105.14
CA LYS O 53 74.34 -98.72 -106.22
C LYS O 53 73.38 -98.56 -107.40
N CYS O 54 73.04 -99.68 -108.06
CA CYS O 54 72.04 -99.62 -109.12
C CYS O 54 71.34 -100.98 -109.20
N ASP O 55 70.21 -101.09 -108.46
CA ASP O 55 69.29 -102.22 -108.53
C ASP O 55 69.98 -103.57 -108.66
N ASP O 56 71.05 -103.79 -107.89
CA ASP O 56 71.87 -104.98 -108.07
C ASP O 56 71.98 -105.86 -106.84
N LYS O 57 72.11 -105.28 -105.64
CA LYS O 57 72.48 -106.04 -104.46
C LYS O 57 71.30 -106.27 -103.51
N GLY O 58 70.66 -105.20 -103.06
CA GLY O 58 69.65 -105.29 -102.00
C GLY O 58 68.29 -105.69 -102.60
N VAL O 59 68.23 -106.93 -103.07
CA VAL O 59 67.01 -107.45 -103.65
C VAL O 59 66.04 -107.92 -102.57
N PRO O 74 51.27 -96.99 -86.75
CA PRO O 74 50.02 -97.76 -86.65
C PRO O 74 48.79 -96.87 -86.87
N VAL O 75 47.64 -97.50 -87.10
CA VAL O 75 46.40 -96.74 -87.28
C VAL O 75 46.01 -96.09 -85.95
N THR O 76 45.67 -94.81 -86.00
CA THR O 76 45.36 -94.03 -84.81
C THR O 76 43.86 -93.79 -84.74
N PHE O 77 43.16 -94.62 -83.97
CA PHE O 77 41.74 -94.42 -83.73
C PHE O 77 41.54 -93.22 -82.81
N THR O 78 40.56 -92.37 -83.13
CA THR O 78 40.27 -91.17 -82.35
C THR O 78 38.79 -91.14 -82.02
N PHE O 79 38.45 -91.44 -80.78
CA PHE O 79 37.06 -91.51 -80.33
C PHE O 79 36.65 -90.19 -79.70
N THR O 80 35.49 -89.69 -80.09
CA THR O 80 34.91 -88.46 -79.54
C THR O 80 33.42 -88.65 -79.38
N ALA O 81 32.89 -88.22 -78.23
CA ALA O 81 31.48 -88.36 -77.92
C ALA O 81 30.69 -87.20 -78.50
N ARG O 82 29.54 -87.53 -79.10
CA ARG O 82 28.67 -86.53 -79.69
C ARG O 82 27.97 -85.72 -78.60
N PRO O 83 27.52 -84.50 -78.91
CA PRO O 83 26.82 -83.71 -77.91
C PRO O 83 25.57 -84.41 -77.39
N GLY O 84 25.37 -84.32 -76.07
CA GLY O 84 24.25 -84.95 -75.42
C GLY O 84 24.44 -86.40 -75.04
N SER O 85 25.63 -86.96 -75.28
CA SER O 85 25.89 -88.37 -75.05
C SER O 85 26.39 -88.61 -73.64
N GLU O 86 26.32 -89.87 -73.21
CA GLU O 86 26.90 -90.28 -71.94
C GLU O 86 28.40 -90.51 -72.11
N ALA O 87 29.08 -90.72 -70.99
CA ALA O 87 30.44 -91.22 -71.03
C ALA O 87 30.42 -92.73 -71.25
N VAL O 88 31.51 -93.26 -71.80
CA VAL O 88 31.61 -94.67 -72.12
C VAL O 88 33.06 -95.10 -71.99
N THR O 89 33.26 -96.35 -71.63
CA THR O 89 34.59 -96.95 -71.53
C THR O 89 34.66 -98.16 -72.46
N ILE O 90 35.66 -98.18 -73.33
CA ILE O 90 35.82 -99.26 -74.30
C ILE O 90 36.74 -100.32 -73.70
N GLU O 91 36.28 -101.57 -73.73
CA GLU O 91 37.00 -102.69 -73.12
C GLU O 91 37.79 -103.50 -74.11
N GLY O 92 37.31 -103.66 -75.33
CA GLY O 92 38.02 -104.42 -76.34
C GLY O 92 37.26 -104.38 -77.65
N TYR O 93 37.76 -105.15 -78.61
CA TYR O 93 37.17 -105.18 -79.94
C TYR O 93 37.12 -106.62 -80.45
N ARG O 94 36.18 -106.85 -81.37
CA ARG O 94 36.02 -108.13 -82.04
C ARG O 94 36.17 -107.93 -83.54
N VAL O 95 36.96 -108.78 -84.18
CA VAL O 95 37.21 -108.70 -85.62
C VAL O 95 36.16 -109.56 -86.31
N LEU O 96 35.13 -108.91 -86.87
CA LEU O 96 34.00 -109.60 -87.47
C LEU O 96 34.23 -110.02 -88.91
N SER O 97 35.28 -109.51 -89.56
CA SER O 97 35.51 -109.83 -90.97
C SER O 97 36.95 -109.51 -91.32
N ASP O 98 37.72 -110.54 -91.67
CA ASP O 98 39.10 -110.38 -92.13
C ASP O 98 39.20 -110.87 -93.57
N ARG O 99 39.74 -110.02 -94.45
CA ARG O 99 39.83 -110.33 -95.87
C ARG O 99 41.18 -109.86 -96.40
N LEU O 100 42.11 -110.80 -96.56
CA LEU O 100 43.39 -110.53 -97.20
C LEU O 100 43.25 -110.77 -98.69
N ASP O 101 43.38 -109.71 -99.48
CA ASP O 101 43.22 -109.73 -100.94
C ASP O 101 41.85 -110.22 -101.39
N GLY O 102 40.90 -110.34 -100.48
CA GLY O 102 39.53 -110.68 -100.83
C GLY O 102 39.02 -112.02 -100.35
N VAL O 103 39.75 -112.70 -99.47
CA VAL O 103 39.37 -114.03 -98.98
C VAL O 103 38.93 -113.89 -97.53
N GLU O 104 37.69 -114.31 -97.25
CA GLU O 104 37.10 -114.18 -95.92
C GLU O 104 37.73 -115.22 -95.00
N ARG O 105 38.88 -114.87 -94.43
CA ARG O 105 39.58 -115.75 -93.49
C ARG O 105 39.22 -115.39 -92.04
N ALA O 106 37.93 -115.44 -91.74
CA ALA O 106 37.42 -114.90 -90.48
C ALA O 106 36.71 -115.91 -89.61
N ASP O 107 35.91 -116.81 -90.20
CA ASP O 107 35.06 -117.73 -89.44
C ASP O 107 34.20 -116.96 -88.46
N PRO O 108 33.16 -116.25 -88.92
CA PRO O 108 32.39 -115.38 -88.03
C PRO O 108 31.67 -116.12 -86.90
N LYS O 109 31.72 -117.45 -86.87
CA LYS O 109 31.19 -118.18 -85.71
C LYS O 109 32.03 -117.92 -84.47
N ASN O 110 33.34 -117.76 -84.62
CA ASN O 110 34.26 -117.58 -83.51
C ASN O 110 35.18 -116.40 -83.82
N PRO O 111 34.72 -115.18 -83.59
CA PRO O 111 35.56 -114.00 -83.86
C PRO O 111 36.80 -113.99 -82.96
N VAL O 112 37.70 -113.06 -83.27
CA VAL O 112 38.93 -112.87 -82.50
C VAL O 112 38.65 -111.72 -81.53
N GLU O 113 38.51 -112.06 -80.26
CA GLU O 113 38.23 -111.09 -79.22
C GLU O 113 39.52 -110.51 -78.64
N ASN O 114 39.44 -109.26 -78.19
CA ASN O 114 40.50 -108.63 -77.42
C ASN O 114 39.86 -108.01 -76.18
N ALA O 115 40.58 -108.10 -75.06
CA ALA O 115 40.11 -107.57 -73.78
C ALA O 115 41.23 -106.78 -73.12
N LYS O 116 41.84 -105.88 -73.87
CA LYS O 116 43.10 -105.27 -73.48
C LYS O 116 42.98 -103.75 -73.44
N MET O 117 41.76 -103.25 -73.25
CA MET O 117 41.49 -101.82 -73.37
C MET O 117 40.78 -101.32 -72.11
N ASN O 118 41.29 -100.21 -71.56
CA ASN O 118 40.57 -99.41 -70.57
C ASN O 118 40.65 -97.97 -71.09
N LEU O 119 39.74 -97.60 -71.97
CA LEU O 119 39.78 -96.31 -72.65
C LEU O 119 38.51 -95.54 -72.32
N TYR O 120 38.67 -94.37 -71.71
CA TYR O 120 37.56 -93.57 -71.24
C TYR O 120 37.25 -92.47 -72.25
N VAL O 121 36.00 -92.42 -72.69
CA VAL O 121 35.50 -91.39 -73.60
C VAL O 121 34.65 -90.44 -72.77
N PRO O 122 35.06 -89.19 -72.58
CA PRO O 122 34.27 -88.25 -71.76
C PRO O 122 32.88 -88.02 -72.34
N SER O 123 32.04 -87.41 -71.49
CA SER O 123 30.60 -87.44 -71.70
C SER O 123 30.17 -86.77 -73.01
N GLY O 124 30.72 -85.60 -73.30
CA GLY O 124 30.23 -84.85 -74.44
C GLY O 124 29.43 -83.65 -74.00
N TYR O 125 29.84 -83.05 -72.89
CA TYR O 125 29.29 -81.82 -72.36
C TYR O 125 30.43 -80.84 -72.13
N ALA O 126 30.09 -79.66 -71.64
CA ALA O 126 31.11 -78.66 -71.33
C ALA O 126 30.65 -77.88 -70.10
N CYS O 127 31.60 -77.53 -69.24
CA CYS O 127 31.31 -76.82 -68.00
C CYS O 127 32.55 -76.07 -67.56
N GLU O 128 32.55 -75.62 -66.31
CA GLU O 128 33.65 -74.82 -65.79
C GLU O 128 34.68 -75.65 -65.03
N GLY O 129 34.23 -76.65 -64.27
CA GLY O 129 35.11 -77.44 -63.44
C GLY O 129 35.66 -78.68 -64.10
N LEU O 130 35.46 -78.86 -65.40
CA LEU O 130 35.90 -80.06 -66.08
C LEU O 130 37.43 -80.13 -66.12
N THR O 131 37.97 -81.27 -65.72
CA THR O 131 39.41 -81.51 -65.79
C THR O 131 39.77 -82.03 -67.18
N ALA O 132 40.98 -82.57 -67.31
CA ALA O 132 41.45 -83.02 -68.63
C ALA O 132 40.65 -84.22 -69.11
N GLY O 133 40.70 -85.32 -68.37
CA GLY O 133 40.08 -86.55 -68.82
C GLY O 133 38.88 -87.01 -68.02
N ALA O 134 38.02 -86.07 -67.63
CA ALA O 134 36.85 -86.37 -66.82
C ALA O 134 35.57 -86.04 -67.59
N SER O 135 34.44 -86.22 -66.92
CA SER O 135 33.14 -85.86 -67.46
C SER O 135 32.43 -84.94 -66.47
N CYS O 136 31.55 -84.10 -67.01
CA CYS O 136 30.75 -83.22 -66.16
C CYS O 136 29.76 -84.05 -65.35
N GLN O 137 29.42 -83.53 -64.16
CA GLN O 137 28.40 -84.19 -63.36
C GLN O 137 27.04 -84.17 -64.06
N GLY O 138 26.69 -83.04 -64.66
CA GLY O 138 25.42 -82.90 -65.35
C GLY O 138 24.47 -81.87 -64.78
N ASN O 139 24.86 -81.18 -63.71
CA ASN O 139 24.00 -80.21 -63.04
C ASN O 139 24.77 -78.97 -62.67
N GLU O 140 25.59 -78.47 -63.59
CA GLU O 140 26.48 -77.34 -63.31
C GLU O 140 25.81 -75.99 -63.49
N SER O 141 24.60 -75.93 -64.07
CA SER O 141 23.87 -74.70 -64.35
C SER O 141 24.59 -73.86 -65.40
N ASP O 142 25.78 -74.33 -65.79
CA ASP O 142 26.56 -73.76 -66.87
C ASP O 142 26.73 -74.75 -68.01
N ILE O 143 26.27 -75.98 -67.83
CA ILE O 143 26.65 -77.09 -68.70
C ILE O 143 26.01 -76.93 -70.07
N ARG O 144 26.78 -77.21 -71.11
CA ARG O 144 26.33 -77.24 -72.49
C ARG O 144 26.44 -78.67 -73.02
N ILE O 145 25.96 -78.87 -74.24
CA ILE O 145 26.21 -80.08 -75.01
C ILE O 145 27.26 -79.73 -76.05
N ALA O 146 28.39 -80.42 -76.01
CA ALA O 146 29.49 -80.14 -76.92
C ALA O 146 30.09 -81.48 -77.36
N ASN O 147 31.18 -81.42 -78.11
CA ASN O 147 31.91 -82.61 -78.47
C ASN O 147 32.90 -82.96 -77.37
N GLY O 148 32.97 -84.22 -77.02
CA GLY O 148 33.84 -84.65 -75.94
C GLY O 148 35.30 -84.55 -76.32
N GLN O 149 36.15 -84.66 -75.31
CA GLN O 149 37.58 -84.62 -75.54
C GLN O 149 37.99 -85.85 -76.35
N PRO O 150 38.88 -85.68 -77.34
CA PRO O 150 39.30 -86.84 -78.15
C PRO O 150 40.28 -87.71 -77.39
N VAL O 151 40.05 -89.02 -77.42
CA VAL O 151 40.95 -90.00 -76.84
C VAL O 151 41.34 -90.99 -77.93
N GLN O 152 42.61 -91.38 -77.95
CA GLN O 152 43.16 -92.17 -79.04
C GLN O 152 43.62 -93.54 -78.57
N HIS O 153 43.66 -94.46 -79.53
CA HIS O 153 44.21 -95.79 -79.34
C HIS O 153 44.87 -96.22 -80.64
N GLN O 154 45.87 -97.09 -80.54
CA GLN O 154 46.64 -97.55 -81.68
C GLN O 154 46.57 -99.07 -81.79
N ILE O 155 46.30 -99.56 -82.99
CA ILE O 155 46.33 -100.98 -83.30
C ILE O 155 47.19 -101.13 -84.54
N TYR O 156 48.41 -101.67 -84.38
CA TYR O 156 49.31 -101.85 -85.51
C TYR O 156 48.96 -103.15 -86.22
N PHE O 157 48.49 -103.03 -87.45
CA PHE O 157 48.07 -104.19 -88.22
C PHE O 157 49.21 -104.74 -89.07
N ARG O 174 44.64 -106.14 -97.13
CA ARG O 174 43.86 -106.59 -95.99
C ARG O 174 42.91 -105.51 -95.49
N VAL O 175 41.63 -105.87 -95.35
CA VAL O 175 40.63 -104.98 -94.77
C VAL O 175 39.89 -105.73 -93.67
N VAL O 176 39.93 -105.18 -92.46
CA VAL O 176 39.29 -105.81 -91.30
C VAL O 176 38.15 -104.93 -90.83
N ASP O 177 37.15 -105.57 -90.23
CA ASP O 177 35.95 -104.89 -89.76
C ASP O 177 35.87 -105.07 -88.24
N LEU O 178 36.35 -104.07 -87.50
CA LEU O 178 36.36 -104.13 -86.05
C LEU O 178 34.96 -103.89 -85.48
N GLU O 179 34.84 -104.12 -84.18
CA GLU O 179 33.62 -103.77 -83.44
C GLU O 179 34.03 -103.59 -81.98
N PHE O 180 34.20 -102.33 -81.57
CA PHE O 180 34.54 -102.04 -80.18
C PHE O 180 33.35 -102.29 -79.28
N TYR O 181 33.63 -102.70 -78.04
CA TYR O 181 32.59 -102.89 -77.05
C TYR O 181 33.02 -102.30 -75.71
N GLY O 182 32.06 -102.19 -74.81
CA GLY O 182 32.31 -101.57 -73.52
C GLY O 182 31.02 -101.36 -72.76
N PHE O 183 31.02 -100.34 -71.91
CA PHE O 183 29.86 -100.02 -71.09
C PHE O 183 29.83 -98.51 -70.86
N SER O 184 28.62 -97.97 -70.71
CA SER O 184 28.45 -96.54 -70.55
C SER O 184 28.63 -96.16 -69.09
N ALA O 185 28.29 -94.90 -68.76
CA ALA O 185 28.38 -94.46 -67.37
C ALA O 185 27.26 -95.04 -66.51
N ASN O 186 26.20 -95.55 -67.13
CA ASN O 186 25.15 -96.26 -66.43
C ASN O 186 25.35 -97.77 -66.49
N ASN O 187 26.51 -98.22 -66.93
CA ASN O 187 26.89 -99.64 -66.95
C ASN O 187 25.96 -100.45 -67.84
N VAL O 188 25.79 -100.01 -69.08
CA VAL O 188 25.02 -100.77 -70.07
C VAL O 188 25.92 -101.08 -71.26
N PRO O 189 25.78 -102.26 -71.87
CA PRO O 189 26.71 -102.66 -72.93
C PRO O 189 26.65 -101.73 -74.14
N PHE O 190 27.78 -101.63 -74.83
CA PHE O 190 27.96 -100.71 -75.94
C PHE O 190 28.72 -101.40 -77.06
N THR O 191 28.34 -101.11 -78.31
CA THR O 191 29.01 -101.63 -79.49
C THR O 191 29.13 -100.54 -80.56
N ARG O 192 30.24 -100.54 -81.29
CA ARG O 192 30.50 -99.49 -82.27
C ARG O 192 31.35 -100.08 -83.39
N LYS O 193 30.76 -100.21 -84.58
CA LYS O 193 31.43 -100.84 -85.71
C LYS O 193 32.28 -99.82 -86.47
N VAL O 194 33.50 -100.23 -86.82
CA VAL O 194 34.47 -99.34 -87.46
C VAL O 194 34.88 -100.02 -88.76
N THR O 195 33.92 -100.65 -89.42
CA THR O 195 34.12 -101.38 -90.67
C THR O 195 34.95 -100.58 -91.68
N GLY O 196 35.78 -101.29 -92.45
CA GLY O 196 36.42 -100.77 -93.63
C GLY O 196 37.89 -100.42 -93.51
N ILE O 197 38.51 -100.54 -92.33
CA ILE O 197 39.90 -100.12 -92.19
C ILE O 197 40.81 -101.00 -93.04
N VAL O 198 41.81 -100.38 -93.66
CA VAL O 198 42.64 -101.00 -94.69
C VAL O 198 44.03 -101.26 -94.12
N SER O 199 44.47 -102.52 -94.20
CA SER O 199 45.82 -102.94 -93.81
C SER O 199 46.20 -102.48 -92.40
N THR P 34 -50.46 58.18 139.19
CA THR P 34 -49.72 59.26 138.55
C THR P 34 -49.93 60.59 139.28
N VAL P 35 -48.98 61.50 139.12
CA VAL P 35 -49.05 62.81 139.73
C VAL P 35 -48.48 63.84 138.78
N TYR P 36 -49.07 65.03 138.79
CA TYR P 36 -48.61 66.17 138.00
C TYR P 36 -48.04 67.21 138.95
N ARG P 37 -46.75 67.51 138.81
CA ARG P 37 -46.12 68.55 139.60
C ARG P 37 -45.18 69.35 138.72
N ASP P 38 -45.19 70.67 138.89
CA ASP P 38 -44.33 71.58 138.14
C ASP P 38 -43.50 72.38 139.13
N PRO P 39 -42.29 71.93 139.45
CA PRO P 39 -41.49 72.58 140.48
C PRO P 39 -40.87 73.90 140.03
N SER P 40 -41.70 74.72 139.38
CA SER P 40 -41.32 76.08 139.02
C SER P 40 -42.49 77.04 139.17
N LEU P 41 -43.52 76.65 139.93
CA LEU P 41 -44.71 77.47 140.14
C LEU P 41 -45.00 77.54 141.63
N THR P 42 -45.83 78.52 141.98
CA THR P 42 -46.21 78.71 143.38
C THR P 42 -46.94 77.48 143.90
N SER P 43 -46.68 77.13 145.16
CA SER P 43 -47.34 76.01 145.81
C SER P 43 -48.46 76.45 146.73
N ALA P 44 -48.88 77.70 146.66
CA ALA P 44 -49.93 78.19 147.53
C ALA P 44 -51.25 77.50 147.21
N PRO P 45 -52.09 77.22 148.20
CA PRO P 45 -53.36 76.55 147.94
C PRO P 45 -54.34 77.47 147.22
N ILE P 46 -55.23 76.83 146.46
CA ILE P 46 -56.30 77.52 145.75
C ILE P 46 -57.64 76.90 146.15
N THR P 47 -58.72 77.53 145.70
CA THR P 47 -60.05 77.03 145.97
C THR P 47 -60.98 77.61 144.90
N ALA P 48 -61.52 76.76 144.04
CA ALA P 48 -62.30 77.22 142.91
C ALA P 48 -63.43 76.24 142.62
N ASN P 49 -64.28 76.64 141.67
CA ASN P 49 -65.45 75.87 141.29
C ASN P 49 -66.03 76.47 140.02
N VAL P 50 -66.56 75.61 139.16
CA VAL P 50 -67.17 76.08 137.91
C VAL P 50 -68.10 74.99 137.39
N GLY P 51 -69.27 75.42 136.90
CA GLY P 51 -70.13 74.56 136.11
C GLY P 51 -70.85 73.45 136.84
N LYS P 52 -71.86 72.89 136.19
CA LYS P 52 -72.59 71.73 136.67
C LYS P 52 -72.74 70.74 135.54
N TYR P 53 -72.80 69.46 135.89
CA TYR P 53 -72.94 68.41 134.88
C TYR P 53 -74.32 68.49 134.23
N VAL P 54 -74.39 68.09 132.97
CA VAL P 54 -75.61 68.25 132.20
C VAL P 54 -76.45 66.97 132.17
N GLY P 55 -75.82 65.82 131.97
CA GLY P 55 -76.56 64.60 131.75
C GLY P 55 -77.01 63.93 133.02
N PRO P 56 -77.75 62.83 132.87
CA PRO P 56 -78.12 62.04 134.05
C PRO P 56 -77.07 61.03 134.45
N LEU P 57 -76.12 60.74 133.58
CA LEU P 57 -75.08 59.76 133.89
C LEU P 57 -73.84 60.41 134.49
N SER P 58 -73.42 61.56 133.95
CA SER P 58 -72.31 62.27 134.55
C SER P 58 -72.64 62.75 135.95
N THR P 59 -73.91 63.07 136.20
CA THR P 59 -74.31 63.49 137.54
C THR P 59 -74.40 62.31 138.50
N PHE P 60 -74.91 61.18 138.03
CA PHE P 60 -75.01 60.00 138.90
C PHE P 60 -73.63 59.52 139.31
N LEU P 61 -72.76 59.28 138.33
CA LEU P 61 -71.34 59.16 138.61
C LEU P 61 -70.85 60.50 139.14
N ALA P 62 -69.63 60.50 139.68
CA ALA P 62 -69.06 61.73 140.22
C ALA P 62 -69.87 62.28 141.38
N SER P 63 -70.93 61.58 141.75
CA SER P 63 -71.70 61.84 142.96
C SER P 63 -71.69 60.66 143.91
N ILE P 64 -71.76 59.44 143.38
CA ILE P 64 -71.54 58.27 144.21
C ILE P 64 -70.08 58.18 144.59
N ALA P 65 -69.19 58.76 143.78
CA ALA P 65 -67.78 58.80 144.12
C ALA P 65 -67.44 59.93 145.08
N LYS P 66 -68.34 60.89 145.23
CA LYS P 66 -68.17 61.90 146.29
C LYS P 66 -68.70 61.41 147.63
N SER P 67 -69.45 60.32 147.65
CA SER P 67 -69.76 59.66 148.93
C SER P 67 -68.48 59.15 149.56
N ALA P 68 -67.59 58.57 148.77
CA ALA P 68 -66.21 58.39 149.19
C ALA P 68 -65.45 59.68 148.90
N GLY P 69 -64.15 59.69 149.19
CA GLY P 69 -63.40 60.89 148.89
C GLY P 69 -62.76 60.82 147.53
N TYR P 70 -63.45 61.34 146.52
CA TYR P 70 -62.95 61.33 145.16
C TYR P 70 -63.51 62.52 144.40
N GLU P 71 -62.82 62.93 143.35
CA GLU P 71 -63.11 64.20 142.67
C GLU P 71 -63.20 64.02 141.16
N VAL P 72 -64.00 63.04 140.71
CA VAL P 72 -64.17 62.61 139.33
C VAL P 72 -64.04 63.68 138.26
N VAL P 73 -63.22 63.38 137.24
CA VAL P 73 -62.94 64.25 136.10
C VAL P 73 -63.08 63.42 134.84
N PHE P 74 -63.91 63.88 133.91
CA PHE P 74 -64.22 63.16 132.68
C PHE P 74 -63.36 63.66 131.53
N ASN P 75 -62.79 62.74 130.76
CA ASN P 75 -62.00 63.10 129.59
C ASN P 75 -62.83 63.32 128.34
N PHE P 76 -64.13 63.07 128.38
CA PHE P 76 -64.97 63.18 127.19
C PHE P 76 -66.38 63.51 127.62
N ASN P 77 -67.25 63.71 126.64
CA ASN P 77 -68.66 64.03 126.89
C ASN P 77 -69.39 62.73 127.13
N ILE P 78 -69.44 62.29 128.40
CA ILE P 78 -70.05 61.02 128.72
C ILE P 78 -71.55 61.04 128.50
N ASP P 79 -72.16 62.22 128.44
CA ASP P 79 -73.59 62.35 128.24
C ASP P 79 -73.98 62.33 126.77
N ALA P 80 -73.02 62.16 125.87
CA ALA P 80 -73.30 62.03 124.45
C ALA P 80 -73.31 60.58 124.00
N LEU P 81 -73.36 59.64 124.94
CA LEU P 81 -73.52 58.24 124.60
C LEU P 81 -74.98 57.96 124.30
N ALA P 82 -75.30 56.68 124.13
CA ALA P 82 -76.67 56.23 123.91
C ALA P 82 -77.24 55.81 125.25
N LEU P 83 -78.12 56.64 125.82
CA LEU P 83 -78.64 56.42 127.16
C LEU P 83 -80.16 56.53 127.12
N ILE P 84 -80.83 55.61 127.80
CA ILE P 84 -82.29 55.52 127.78
C ILE P 84 -82.79 55.48 129.22
N ASN P 85 -83.86 56.23 129.48
CA ASN P 85 -84.33 56.42 130.84
C ASN P 85 -85.78 56.86 130.79
N GLY P 86 -86.44 56.81 131.95
CA GLY P 86 -87.80 57.30 132.03
C GLY P 86 -87.88 58.79 131.79
N GLU P 87 -86.94 59.54 132.35
CA GLU P 87 -86.93 60.99 132.21
C GLU P 87 -86.35 61.46 130.88
N ILE P 88 -85.48 60.65 130.27
CA ILE P 88 -84.84 61.06 129.03
C ILE P 88 -85.87 61.22 127.91
N VAL P 89 -86.82 60.31 127.82
CA VAL P 89 -87.77 60.34 126.72
C VAL P 89 -89.05 61.08 127.07
N PHE P 90 -89.44 61.11 128.35
CA PHE P 90 -90.72 61.66 128.75
C PHE P 90 -90.61 63.03 129.39
N GLY P 91 -89.45 63.67 129.30
CA GLY P 91 -89.31 64.94 129.96
C GLY P 91 -89.32 64.78 131.47
N ASN P 92 -89.72 65.86 132.15
CA ASN P 92 -89.77 65.87 133.60
C ASN P 92 -90.86 66.79 134.12
N THR P 98 -86.24 70.67 131.30
CA THR P 98 -85.37 70.90 130.15
C THR P 98 -85.83 70.08 128.95
N THR P 99 -84.95 69.94 127.96
CA THR P 99 -85.25 69.20 126.75
C THR P 99 -84.50 67.88 126.70
N SER P 100 -83.95 67.43 127.83
CA SER P 100 -83.43 66.08 127.98
C SER P 100 -82.29 65.80 126.97
N TYR P 101 -81.18 66.48 127.21
CA TYR P 101 -79.98 66.31 126.40
C TYR P 101 -79.39 64.92 126.63
N ALA P 102 -80.09 63.87 126.19
CA ALA P 102 -79.50 62.54 126.27
C ALA P 102 -79.64 61.74 124.98
N THR P 103 -80.80 61.85 124.31
CA THR P 103 -81.01 61.32 122.97
C THR P 103 -80.63 59.85 122.84
N PRO P 104 -81.51 58.92 123.25
CA PRO P 104 -81.18 57.47 123.18
C PRO P 104 -80.54 57.01 121.88
N LEU P 105 -80.65 57.80 120.83
CA LEU P 105 -79.93 57.59 119.58
C LEU P 105 -78.50 57.99 119.68
N GLY P 106 -78.01 58.38 120.84
CA GLY P 106 -76.66 58.88 120.95
C GLY P 106 -76.55 60.29 120.45
N ARG P 107 -75.32 60.77 120.38
CA ARG P 107 -75.04 62.09 119.88
C ARG P 107 -73.56 62.18 119.51
N PRO P 108 -73.11 61.41 118.51
CA PRO P 108 -71.67 61.19 118.35
C PRO P 108 -70.90 62.40 117.86
N GLN P 109 -71.56 63.43 117.32
CA GLN P 109 -70.83 64.61 116.91
C GLN P 109 -70.39 65.48 118.09
N GLU P 110 -71.05 65.34 119.23
CA GLU P 110 -70.71 66.09 120.43
C GLU P 110 -70.07 65.20 121.49
N LEU P 111 -69.51 64.08 121.08
CA LEU P 111 -68.91 63.14 122.00
C LEU P 111 -67.52 63.56 122.45
N PRO P 112 -66.64 64.10 121.57
CA PRO P 112 -65.30 64.46 122.04
C PRO P 112 -65.22 65.79 122.78
N ALA P 113 -66.35 66.32 123.23
CA ALA P 113 -66.35 67.55 124.00
C ALA P 113 -65.66 67.31 125.35
N LYS P 114 -65.48 68.39 126.11
CA LYS P 114 -64.80 68.33 127.40
C LYS P 114 -65.70 69.01 128.43
N PRO P 115 -66.12 68.31 129.48
CA PRO P 115 -66.96 68.95 130.50
C PRO P 115 -66.15 69.91 131.36
N VAL P 116 -66.52 71.18 131.34
CA VAL P 116 -65.89 72.19 132.21
C VAL P 116 -66.68 72.17 133.52
N VAL P 117 -66.34 71.21 134.36
CA VAL P 117 -66.87 71.11 135.72
C VAL P 117 -65.71 70.71 136.62
N HIS P 118 -65.34 71.58 137.55
CA HIS P 118 -64.19 71.33 138.40
C HIS P 118 -64.49 71.80 139.81
N ASN P 119 -63.81 71.19 140.78
CA ASN P 119 -63.96 71.55 142.17
C ASN P 119 -62.62 71.35 142.87
N PHE P 120 -62.11 72.41 143.49
CA PHE P 120 -60.81 72.37 144.16
C PHE P 120 -60.95 72.96 145.55
N SER P 121 -60.34 72.31 146.52
CA SER P 121 -60.39 72.76 147.91
C SER P 121 -59.00 72.61 148.51
N ASN P 122 -58.33 73.75 148.72
CA ASN P 122 -56.99 73.78 149.31
C ASN P 122 -55.99 72.95 148.51
N ALA P 123 -56.20 72.85 147.21
CA ALA P 123 -55.24 72.16 146.37
C ALA P 123 -54.09 73.09 146.03
N PRO P 124 -52.87 72.55 145.99
CA PRO P 124 -51.73 73.40 145.63
C PRO P 124 -51.76 73.79 144.16
N PHE P 125 -51.66 75.08 143.90
CA PHE P 125 -51.58 75.56 142.52
C PHE P 125 -50.39 74.97 141.80
N ASN P 126 -49.36 74.55 142.53
CA ASN P 126 -48.20 73.91 141.92
C ASN P 126 -48.60 72.67 141.15
N GLU P 127 -49.52 71.88 141.69
CA GLU P 127 -49.86 70.59 141.12
C GLU P 127 -51.30 70.51 140.62
N ALA P 128 -52.11 71.53 140.83
CA ALA P 128 -53.45 71.56 140.24
C ALA P 128 -53.45 72.20 138.86
N TRP P 129 -52.57 73.16 138.62
CA TRP P 129 -52.45 73.75 137.29
C TRP P 129 -52.00 72.76 136.23
N PRO P 130 -50.94 71.96 136.43
CA PRO P 130 -50.54 71.02 135.38
C PRO P 130 -51.60 69.99 135.04
N LEU P 131 -52.49 69.67 135.99
CA LEU P 131 -53.57 68.75 135.67
C LEU P 131 -54.53 69.35 134.66
N LEU P 132 -54.96 70.60 134.90
CA LEU P 132 -55.87 71.26 133.98
C LEU P 132 -55.25 71.44 132.60
N MET P 133 -53.93 71.64 132.54
CA MET P 133 -53.24 71.73 131.26
C MET P 133 -53.17 70.40 130.53
N ASP P 134 -53.46 69.30 131.21
CA ASP P 134 -53.51 68.00 130.55
C ASP P 134 -54.93 67.56 130.20
N VAL P 135 -55.93 68.05 130.93
CA VAL P 135 -57.31 67.75 130.58
C VAL P 135 -57.68 68.43 129.27
N TYR P 136 -57.30 69.70 129.12
CA TYR P 136 -57.63 70.48 127.93
C TYR P 136 -56.51 70.50 126.90
N GLU P 137 -55.41 69.80 127.15
CA GLU P 137 -54.30 69.70 126.20
C GLU P 137 -53.76 71.07 125.82
N LEU P 138 -53.28 71.79 126.82
CA LEU P 138 -52.70 73.11 126.62
C LEU P 138 -51.23 73.07 127.02
N ASP P 139 -50.51 74.12 126.60
CA ASP P 139 -49.08 74.22 126.85
C ASP P 139 -48.79 75.65 127.29
N TYR P 140 -48.07 75.80 128.39
CA TYR P 140 -47.84 77.12 128.97
C TYR P 140 -46.35 77.39 129.11
N GLN P 141 -46.03 78.67 129.29
CA GLN P 141 -44.68 79.11 129.58
C GLN P 141 -44.75 80.41 130.36
N LEU P 142 -43.69 80.72 131.07
CA LEU P 142 -43.66 81.86 131.97
C LEU P 142 -42.88 83.02 131.36
N VAL P 143 -43.42 84.22 131.54
CA VAL P 143 -42.81 85.45 131.06
C VAL P 143 -42.78 86.43 132.23
N LYS P 144 -41.75 87.27 132.27
CA LYS P 144 -41.60 88.28 133.32
C LYS P 144 -41.82 89.66 132.73
N VAL P 145 -42.69 90.43 133.37
CA VAL P 145 -42.98 91.80 132.94
C VAL P 145 -42.54 92.71 134.09
N GLY P 146 -41.46 92.30 134.77
CA GLY P 146 -40.96 93.05 135.89
C GLY P 146 -41.10 92.30 137.19
N SER P 147 -41.91 92.82 138.10
CA SER P 147 -42.17 92.17 139.37
C SER P 147 -43.35 91.20 139.30
N ALA P 148 -43.96 91.04 138.12
CA ALA P 148 -45.11 90.17 137.95
C ALA P 148 -44.78 89.07 136.94
N ASN P 149 -45.11 87.84 137.29
CA ASN P 149 -44.93 86.71 136.39
C ASN P 149 -46.24 86.46 135.64
N VAL P 150 -46.13 86.25 134.34
CA VAL P 150 -47.29 86.09 133.47
C VAL P 150 -47.16 84.78 132.71
N ILE P 151 -48.25 84.03 132.65
CA ILE P 151 -48.29 82.71 132.01
C ILE P 151 -48.89 82.86 130.63
N ARG P 152 -48.21 82.33 129.62
CA ARG P 152 -48.66 82.43 128.22
C ARG P 152 -49.17 81.06 127.79
N ILE P 153 -50.46 80.83 127.99
CA ILE P 153 -51.04 79.54 127.61
C ILE P 153 -51.15 79.45 126.09
N GLY P 154 -50.74 78.32 125.54
CA GLY P 154 -50.86 78.08 124.13
C GLY P 154 -51.68 76.85 123.83
N GLN P 155 -51.21 76.02 122.91
CA GLN P 155 -51.90 74.79 122.56
C GLN P 155 -50.83 73.73 122.37
N ARG P 156 -51.10 72.51 122.83
CA ARG P 156 -50.07 71.50 122.83
C ARG P 156 -49.91 70.90 121.43
N PRO P 157 -48.68 70.72 120.96
CA PRO P 157 -48.46 70.02 119.68
C PRO P 157 -48.82 68.54 119.82
N LYS P 158 -49.84 68.11 119.07
CA LYS P 158 -50.40 66.77 119.22
C LYS P 158 -49.66 65.80 118.30
N GLN P 159 -48.48 65.38 118.75
CA GLN P 159 -47.68 64.41 118.02
C GLN P 159 -47.13 63.39 119.01
N LEU P 160 -46.83 62.21 118.50
CA LEU P 160 -46.37 61.12 119.34
C LEU P 160 -45.57 60.15 118.51
N ALA P 161 -44.49 59.63 119.07
CA ALA P 161 -43.63 58.66 118.40
C ALA P 161 -43.84 57.30 119.03
N LEU P 162 -44.13 56.30 118.21
CA LEU P 162 -44.41 54.96 118.69
C LEU P 162 -43.34 53.99 118.20
N PRO P 163 -42.38 53.61 119.04
CA PRO P 163 -41.37 52.63 118.61
C PRO P 163 -41.99 51.27 118.35
N LEU P 164 -41.54 50.63 117.28
CA LEU P 164 -42.00 49.30 116.91
C LEU P 164 -40.88 48.29 117.19
N LYS P 165 -41.24 47.18 117.82
CA LYS P 165 -40.24 46.19 118.23
C LYS P 165 -40.25 44.93 117.39
N PHE P 166 -41.37 44.56 116.78
CA PHE P 166 -41.43 43.28 116.09
C PHE P 166 -42.13 43.31 114.74
N ILE P 167 -42.68 44.44 114.31
CA ILE P 167 -43.36 44.51 113.02
C ILE P 167 -42.85 45.72 112.26
N SER P 168 -42.79 45.58 110.94
CA SER P 168 -42.38 46.69 110.09
C SER P 168 -43.44 47.77 110.08
N ALA P 169 -43.01 49.03 110.14
CA ALA P 169 -43.95 50.14 110.15
C ALA P 169 -44.40 50.47 108.73
N GLU P 170 -44.85 49.46 108.00
CA GLU P 170 -45.46 49.68 106.70
C GLU P 170 -46.72 48.82 106.61
N SER P 171 -46.71 47.71 107.35
CA SER P 171 -47.91 46.92 107.55
C SER P 171 -48.62 47.27 108.84
N ALA P 172 -47.91 47.85 109.81
CA ALA P 172 -48.56 48.36 111.00
C ALA P 172 -49.48 49.52 110.66
N LEU P 173 -49.07 50.36 109.72
CA LEU P 173 -49.97 51.41 109.24
C LEU P 173 -51.20 50.82 108.56
N THR P 174 -51.00 49.78 107.75
CA THR P 174 -52.13 49.15 107.07
C THR P 174 -53.12 48.56 108.06
N ALA P 175 -52.61 47.93 109.12
CA ALA P 175 -53.46 47.40 110.16
C ALA P 175 -54.11 48.47 111.02
N ILE P 176 -53.64 49.71 110.93
CA ILE P 176 -54.28 50.82 111.63
C ILE P 176 -55.32 51.50 110.76
N GLU P 177 -55.05 51.60 109.46
CA GLU P 177 -56.00 52.25 108.57
C GLU P 177 -57.30 51.48 108.43
N LYS P 178 -57.31 50.19 108.79
CA LYS P 178 -58.54 49.41 108.70
C LYS P 178 -59.23 49.33 110.05
N PHE P 179 -58.44 49.23 111.12
CA PHE P 179 -58.98 49.32 112.47
C PHE P 179 -59.73 50.62 112.70
N PHE P 180 -59.09 51.74 112.37
CA PHE P 180 -59.68 53.05 112.66
C PHE P 180 -60.30 53.69 111.43
N GLY P 181 -60.45 52.95 110.34
CA GLY P 181 -61.00 53.50 109.13
C GLY P 181 -62.47 53.82 109.28
N GLU P 182 -62.97 54.59 108.31
CA GLU P 182 -64.38 54.94 108.28
C GLU P 182 -64.88 54.93 106.84
N ARG P 202 -59.92 56.84 106.70
CA ARG P 202 -59.26 57.53 107.80
C ARG P 202 -59.86 58.90 108.05
N PRO P 203 -60.28 59.15 109.30
CA PRO P 203 -60.78 60.48 109.64
C PRO P 203 -59.67 61.51 109.55
N THR P 204 -60.07 62.74 109.25
CA THR P 204 -59.09 63.81 109.14
C THR P 204 -58.51 64.21 110.48
N GLY P 205 -59.07 63.73 111.58
CA GLY P 205 -58.49 63.99 112.88
C GLY P 205 -57.32 63.13 113.26
N LYS P 206 -56.93 62.18 112.39
CA LYS P 206 -55.85 61.25 112.66
C LYS P 206 -54.89 61.20 111.49
N PHE P 207 -53.60 61.09 111.80
CA PHE P 207 -52.55 60.92 110.80
C PHE P 207 -51.57 59.86 111.27
N GLY P 208 -51.15 59.00 110.36
CA GLY P 208 -50.16 57.99 110.66
C GLY P 208 -48.97 58.06 109.73
N LEU P 209 -47.79 58.38 110.27
CA LEU P 209 -46.60 58.58 109.45
C LEU P 209 -45.65 57.41 109.64
N PRO P 210 -45.47 56.55 108.63
CA PRO P 210 -44.45 55.50 108.75
C PRO P 210 -43.06 56.09 108.73
N ASN P 211 -42.14 55.39 109.38
CA ASN P 211 -40.74 55.76 109.32
C ASN P 211 -39.79 54.58 109.22
N SER P 212 -40.31 53.35 109.08
CA SER P 212 -39.53 52.12 108.95
C SER P 212 -38.79 51.77 110.23
N ILE P 213 -38.89 52.64 111.24
CA ILE P 213 -38.37 52.35 112.58
C ILE P 213 -39.50 52.52 113.58
N LYS P 214 -40.46 53.38 113.24
CA LYS P 214 -41.56 53.72 114.13
C LYS P 214 -42.69 54.31 113.31
N VAL P 215 -43.74 54.74 114.00
CA VAL P 215 -44.82 55.50 113.40
C VAL P 215 -45.03 56.76 114.23
N ILE P 216 -45.66 57.75 113.63
CA ILE P 216 -45.87 59.04 114.28
C ILE P 216 -47.35 59.41 114.24
N PRO P 217 -48.17 58.87 115.14
CA PRO P 217 -49.60 59.22 115.13
C PRO P 217 -49.85 60.68 115.49
N ASP P 218 -50.94 61.21 114.96
CA ASP P 218 -51.35 62.60 115.15
C ASP P 218 -52.82 62.59 115.52
N SER P 219 -53.14 62.81 116.80
CA SER P 219 -54.54 62.81 117.20
C SER P 219 -54.67 63.43 118.57
N SER P 220 -55.92 63.69 118.95
CA SER P 220 -56.22 64.21 120.26
C SER P 220 -55.76 63.22 121.34
N ASN P 221 -55.80 63.68 122.59
CA ASN P 221 -55.31 62.86 123.68
C ASN P 221 -56.11 61.57 123.80
N LYS P 222 -57.43 61.65 123.63
CA LYS P 222 -58.26 60.45 123.78
C LYS P 222 -57.96 59.44 122.69
N ARG P 223 -57.79 59.89 121.46
CA ARG P 223 -57.54 59.00 120.34
C ARG P 223 -56.09 58.53 120.29
N LEU P 224 -55.24 59.03 121.17
CA LEU P 224 -53.88 58.54 121.33
C LEU P 224 -53.75 57.55 122.47
N ILE P 225 -54.83 57.21 123.16
CA ILE P 225 -54.84 56.16 124.17
C ILE P 225 -55.59 54.94 123.68
N ILE P 226 -56.90 55.08 123.45
CA ILE P 226 -57.67 54.01 122.85
C ILE P 226 -57.27 53.81 121.40
N GLY P 227 -56.50 54.74 120.85
CA GLY P 227 -56.10 54.65 119.47
C GLY P 227 -54.85 53.83 119.33
N SER P 228 -53.84 54.41 118.69
CA SER P 228 -52.67 53.65 118.33
C SER P 228 -51.98 53.05 119.56
N ASN P 229 -51.95 53.78 120.67
CA ASN P 229 -51.16 53.35 121.82
C ASN P 229 -51.64 52.05 122.42
N SER P 230 -52.86 51.61 122.15
CA SER P 230 -53.35 50.35 122.71
C SER P 230 -53.63 49.28 121.66
N GLU P 231 -53.70 49.63 120.38
CA GLU P 231 -53.68 48.59 119.36
C GLU P 231 -52.26 48.28 118.92
N ASP P 232 -51.43 49.30 118.75
CA ASP P 232 -50.03 49.05 118.46
C ASP P 232 -49.35 48.31 119.60
N GLY P 233 -49.91 48.36 120.80
CA GLY P 233 -49.41 47.57 121.91
C GLY P 233 -49.91 46.15 121.96
N ILE P 234 -50.91 45.80 121.15
CA ILE P 234 -51.42 44.44 121.10
C ILE P 234 -50.96 43.70 119.87
N ARG P 235 -50.30 44.38 118.94
CA ARG P 235 -49.79 43.73 117.74
C ARG P 235 -48.27 43.71 117.67
N ILE P 236 -47.57 44.27 118.66
CA ILE P 236 -46.12 44.13 118.77
C ILE P 236 -45.88 42.87 119.60
N ARG P 237 -45.79 41.73 118.92
CA ARG P 237 -45.66 40.45 119.60
C ARG P 237 -44.79 39.51 118.79
N SER P 238 -44.41 38.39 119.41
CA SER P 238 -43.58 37.39 118.78
C SER P 238 -44.29 36.72 117.61
N PHE P 239 -43.87 37.04 116.39
CA PHE P 239 -44.38 36.37 115.22
C PHE P 239 -43.96 34.90 115.23
N VAL P 240 -44.85 34.04 114.75
CA VAL P 240 -44.59 32.62 114.67
C VAL P 240 -44.40 32.24 113.20
N GLU P 241 -43.61 31.21 112.96
CA GLU P 241 -43.28 30.79 111.60
C GLU P 241 -43.71 29.35 111.34
N ILE P 257 -39.40 26.88 95.34
CA ILE P 257 -39.52 25.89 94.28
C ILE P 257 -38.64 24.70 94.61
N SER P 258 -39.06 23.52 94.17
CA SER P 258 -38.32 22.29 94.38
C SER P 258 -37.78 21.80 93.05
N GLU P 259 -36.47 21.60 92.98
CA GLU P 259 -35.82 21.02 91.81
C GLU P 259 -35.03 19.80 92.23
N ILE P 260 -34.60 19.02 91.25
CA ILE P 260 -33.88 17.78 91.49
C ILE P 260 -32.47 17.93 90.96
N TYR P 261 -31.49 17.73 91.83
CA TYR P 261 -30.08 17.72 91.44
C TYR P 261 -29.55 16.31 91.68
N ILE P 262 -29.42 15.55 90.59
CA ILE P 262 -28.81 14.24 90.69
C ILE P 262 -27.35 14.40 91.10
N VAL P 263 -26.95 13.69 92.15
CA VAL P 263 -25.60 13.84 92.66
C VAL P 263 -24.62 13.29 91.63
N ARG P 264 -23.68 14.14 91.20
CA ARG P 264 -22.73 13.73 90.19
C ARG P 264 -21.52 13.05 90.82
N GLY P 265 -20.83 13.75 91.71
CA GLY P 265 -19.68 13.18 92.37
C GLY P 265 -20.03 12.53 93.70
N GLN P 266 -19.24 12.80 94.72
CA GLN P 266 -19.46 12.20 96.03
C GLN P 266 -20.75 12.74 96.65
N LYS P 267 -21.28 11.99 97.62
CA LYS P 267 -22.55 12.34 98.23
C LYS P 267 -22.41 13.47 99.25
N GLU P 268 -21.64 13.24 100.31
CA GLU P 268 -21.55 14.23 101.38
C GLU P 268 -21.01 15.57 100.91
N SER P 269 -20.25 15.57 99.81
CA SER P 269 -19.79 16.83 99.25
C SER P 269 -20.97 17.74 98.90
N VAL P 270 -21.93 17.21 98.16
CA VAL P 270 -23.17 17.93 97.87
C VAL P 270 -24.03 18.08 99.11
N LEU P 271 -23.77 17.32 100.16
CA LEU P 271 -24.54 17.44 101.40
C LEU P 271 -23.90 18.49 102.32
N GLN P 272 -22.66 18.25 102.74
CA GLN P 272 -22.04 19.09 103.74
C GLN P 272 -21.90 20.53 103.25
N PHE P 273 -21.49 20.70 102.00
CA PHE P 273 -21.34 22.05 101.46
C PHE P 273 -22.66 22.78 101.41
N LEU P 274 -23.73 22.08 101.00
CA LEU P 274 -24.96 22.79 100.64
C LEU P 274 -25.62 23.41 101.85
N ARG P 275 -25.54 22.76 103.02
CA ARG P 275 -26.11 23.36 104.23
C ARG P 275 -25.32 24.59 104.66
N ASP P 276 -24.01 24.60 104.46
CA ASP P 276 -23.17 25.71 104.92
C ASP P 276 -23.49 26.98 104.17
N SER P 277 -23.27 26.97 102.86
CA SER P 277 -23.52 28.14 102.04
C SER P 277 -24.99 28.45 101.89
N PHE P 278 -25.88 27.47 102.11
CA PHE P 278 -27.31 27.68 101.95
C PHE P 278 -28.06 27.00 103.08
N PRO P 279 -28.04 27.58 104.28
CA PRO P 279 -28.96 27.12 105.32
C PRO P 279 -30.40 27.49 105.00
N GLU P 280 -30.62 28.49 104.15
CA GLU P 280 -31.97 28.83 103.73
C GLU P 280 -32.40 27.93 102.59
N LEU P 281 -32.22 26.62 102.77
CA LEU P 281 -32.61 25.62 101.79
C LEU P 281 -32.76 24.30 102.53
N ILE P 282 -33.57 23.42 101.94
CA ILE P 282 -33.73 22.07 102.46
C ILE P 282 -33.53 21.10 101.30
N VAL P 283 -32.82 20.01 101.58
CA VAL P 283 -32.56 18.97 100.60
C VAL P 283 -33.31 17.73 101.04
N THR P 284 -34.29 17.33 100.24
CA THR P 284 -35.05 16.12 100.51
C THR P 284 -34.40 14.98 99.75
N ASP P 285 -33.91 13.99 100.48
CA ASP P 285 -33.09 12.92 99.92
C ASP P 285 -33.97 11.74 99.56
N TYR P 286 -33.87 11.31 98.30
CA TYR P 286 -34.50 10.08 97.84
C TYR P 286 -33.38 9.07 97.61
N ALA P 287 -33.37 8.03 98.46
CA ALA P 287 -32.27 7.06 98.43
C ALA P 287 -31.99 6.59 97.03
N SER P 288 -30.79 6.94 96.53
CA SER P 288 -30.32 6.72 95.18
C SER P 288 -31.07 7.55 94.15
N GLY P 289 -32.05 8.35 94.55
CA GLY P 289 -32.74 9.21 93.62
C GLY P 289 -32.13 10.58 93.45
N GLY P 290 -31.13 10.91 94.26
CA GLY P 290 -30.52 12.22 94.18
C GLY P 290 -30.97 13.14 95.30
N LEU P 291 -31.37 14.35 94.93
CA LEU P 291 -31.79 15.36 95.91
C LEU P 291 -32.99 16.11 95.34
N ALA P 292 -33.61 16.91 96.18
CA ALA P 292 -34.82 17.64 95.83
C ALA P 292 -34.79 19.06 96.38
N ILE P 293 -33.68 19.76 96.15
CA ILE P 293 -33.45 21.09 96.72
C ILE P 293 -34.70 21.96 96.59
N GLU P 294 -35.16 22.49 97.71
CA GLU P 294 -36.32 23.38 97.70
C GLU P 294 -36.12 24.49 98.73
N GLY P 295 -36.84 25.58 98.52
CA GLY P 295 -36.77 26.72 99.40
C GLY P 295 -37.11 28.00 98.67
N PRO P 296 -36.38 29.07 98.98
CA PRO P 296 -36.57 30.32 98.24
C PRO P 296 -36.40 30.12 96.75
N ARG P 297 -37.29 30.72 95.97
CA ARG P 297 -37.36 30.49 94.53
C ARG P 297 -36.18 31.09 93.78
N THR P 298 -35.36 31.89 94.43
CA THR P 298 -34.16 32.47 93.80
C THR P 298 -32.87 31.89 94.34
N SER P 299 -32.80 31.65 95.65
CA SER P 299 -31.58 31.06 96.22
C SER P 299 -31.30 29.68 95.64
N VAL P 300 -32.34 28.98 95.19
CA VAL P 300 -32.14 27.68 94.54
C VAL P 300 -31.33 27.85 93.26
N ASN P 301 -31.75 28.77 92.40
CA ASN P 301 -31.06 28.97 91.13
C ASN P 301 -29.59 29.31 91.36
N ARG P 302 -29.32 30.13 92.37
CA ARG P 302 -27.95 30.49 92.69
C ARG P 302 -27.21 29.31 93.32
N ALA P 303 -27.91 28.45 94.05
CA ALA P 303 -27.26 27.29 94.61
C ALA P 303 -26.89 26.28 93.53
N ILE P 304 -27.76 26.09 92.54
CA ILE P 304 -27.51 25.10 91.51
C ILE P 304 -26.30 25.47 90.68
N ILE P 305 -26.22 26.72 90.23
CA ILE P 305 -25.10 27.16 89.41
C ILE P 305 -23.79 27.01 90.17
N LEU P 306 -23.78 27.44 91.43
CA LEU P 306 -22.63 27.20 92.29
C LEU P 306 -22.33 25.72 92.45
N LEU P 307 -23.36 24.92 92.61
CA LEU P 307 -23.18 23.52 92.96
C LEU P 307 -22.62 22.71 91.82
N GLY P 308 -22.85 23.13 90.56
CA GLY P 308 -22.15 22.49 89.46
C GLY P 308 -20.64 22.55 89.59
N GLN P 309 -20.12 23.71 90.02
CA GLN P 309 -18.69 23.88 90.15
C GLN P 309 -18.13 23.03 91.29
N VAL P 310 -18.74 23.10 92.47
CA VAL P 310 -18.14 22.46 93.64
C VAL P 310 -18.26 20.96 93.56
N ASP P 311 -19.19 20.45 92.76
CA ASP P 311 -19.44 19.03 92.65
C ASP P 311 -19.07 18.55 91.25
N ARG P 312 -18.00 17.77 91.14
CA ARG P 312 -17.55 17.24 89.87
C ARG P 312 -17.26 15.76 90.01
N ALA P 313 -17.50 15.02 88.93
CA ALA P 313 -17.26 13.59 88.90
C ALA P 313 -15.76 13.31 88.84
N PRO P 314 -15.31 12.20 89.40
CA PRO P 314 -13.88 11.86 89.32
C PRO P 314 -13.46 11.70 87.86
N GLU P 315 -12.23 12.12 87.57
CA GLU P 315 -11.74 12.11 86.21
C GLU P 315 -11.05 10.79 85.88
N ILE P 316 -10.97 10.50 84.60
CA ILE P 316 -10.47 9.23 84.07
C ILE P 316 -9.09 9.45 83.50
N PRO P 317 -8.04 8.87 84.09
CA PRO P 317 -6.69 9.12 83.60
C PRO P 317 -6.37 8.39 82.30
N ILE P 318 -6.70 9.00 81.17
CA ILE P 318 -6.41 8.46 79.85
C ILE P 318 -4.97 8.02 79.71
N VAL P 319 -4.75 6.77 79.32
CA VAL P 319 -3.43 6.18 79.20
C VAL P 319 -3.12 5.97 77.73
N GLN P 320 -1.83 5.96 77.39
CA GLN P 320 -1.37 5.85 76.02
C GLN P 320 -0.52 4.61 75.85
N ARG P 321 -0.79 3.85 74.78
CA ARG P 321 0.05 2.73 74.40
C ARG P 321 0.18 2.67 72.90
N ILE P 322 1.27 2.09 72.45
CA ILE P 322 1.62 2.01 71.03
C ILE P 322 1.47 0.56 70.60
N TYR P 323 0.67 0.32 69.57
CA TYR P 323 0.44 -1.01 69.07
C TYR P 323 1.12 -1.16 67.73
N THR P 324 1.77 -2.30 67.52
CA THR P 324 2.50 -2.59 66.28
C THR P 324 1.70 -3.63 65.51
N VAL P 325 0.84 -3.17 64.61
CA VAL P 325 -0.12 -4.05 63.98
C VAL P 325 0.56 -5.09 63.12
N ARG P 326 0.13 -6.35 63.25
CA ARG P 326 0.56 -7.46 62.43
C ARG P 326 -0.58 -7.83 61.51
N GLY P 327 -0.37 -7.72 60.21
CA GLY P 327 -1.45 -7.89 59.29
C GLY P 327 -1.79 -6.55 58.68
N GLN P 328 -2.99 -6.38 58.16
CA GLN P 328 -3.35 -5.08 57.64
C GLN P 328 -3.53 -4.11 58.80
N ALA P 329 -3.45 -2.82 58.50
CA ALA P 329 -3.71 -1.80 59.50
C ALA P 329 -4.97 -1.01 59.22
N ALA P 330 -5.52 -1.11 58.00
CA ALA P 330 -6.80 -0.47 57.74
C ALA P 330 -7.94 -1.27 58.35
N ASP P 331 -7.82 -2.60 58.35
CA ASP P 331 -8.90 -3.42 58.88
C ASP P 331 -8.91 -3.40 60.40
N ILE P 332 -7.74 -3.31 61.02
CA ILE P 332 -7.67 -3.30 62.47
C ILE P 332 -7.94 -1.91 63.01
N THR P 333 -7.87 -0.89 62.16
CA THR P 333 -8.37 0.42 62.56
C THR P 333 -9.89 0.44 62.53
N ALA P 334 -10.49 -0.14 61.50
CA ALA P 334 -11.94 -0.17 61.41
C ALA P 334 -12.53 -1.07 62.49
N LEU P 335 -11.83 -2.14 62.86
CA LEU P 335 -12.29 -2.97 63.96
C LEU P 335 -12.35 -2.18 65.26
N LEU P 336 -11.26 -1.50 65.60
CA LEU P 336 -11.23 -0.75 66.84
C LEU P 336 -12.07 0.52 66.77
N ALA P 337 -12.69 0.80 65.64
CA ALA P 337 -13.61 1.92 65.54
C ALA P 337 -15.07 1.48 65.54
N ALA P 338 -15.33 0.18 65.47
CA ALA P 338 -16.67 -0.36 65.71
C ALA P 338 -16.78 -0.94 67.11
N GLN P 339 -15.93 -1.91 67.43
CA GLN P 339 -15.71 -2.25 68.82
C GLN P 339 -14.95 -1.11 69.50
N TYR P 340 -15.30 -0.84 70.74
CA TYR P 340 -14.67 0.23 71.50
C TYR P 340 -14.68 1.52 70.71
N PRO P 341 -15.84 2.15 70.50
CA PRO P 341 -15.92 3.32 69.63
C PRO P 341 -15.31 4.58 70.21
N THR P 342 -14.77 4.53 71.43
CA THR P 342 -14.07 5.66 72.03
C THR P 342 -12.71 5.19 72.52
N LEU P 343 -11.73 5.15 71.61
CA LEU P 343 -10.38 4.78 71.98
C LEU P 343 -9.32 5.71 71.40
N ARG P 344 -9.66 6.52 70.40
CA ARG P 344 -8.71 7.46 69.80
C ARG P 344 -7.49 6.71 69.27
N VAL P 345 -7.75 5.92 68.24
CA VAL P 345 -6.72 5.17 67.55
C VAL P 345 -6.14 6.08 66.47
N THR P 346 -4.86 6.42 66.59
CA THR P 346 -4.19 7.32 65.68
C THR P 346 -3.01 6.61 65.02
N PRO P 347 -2.93 6.61 63.70
CA PRO P 347 -1.85 5.90 63.02
C PRO P 347 -0.61 6.77 62.85
N VAL P 348 0.55 6.13 62.96
CA VAL P 348 1.82 6.81 62.67
C VAL P 348 2.09 6.58 61.19
N GLY P 349 1.44 7.40 60.37
CA GLY P 349 1.57 7.25 58.93
C GLY P 349 1.17 5.86 58.50
N GLN P 350 1.75 5.41 57.39
CA GLN P 350 1.65 4.02 56.95
C GLN P 350 2.95 3.33 57.34
N THR P 351 3.10 3.05 58.63
CA THR P 351 4.28 2.35 59.13
C THR P 351 3.91 1.15 59.97
N GLY P 352 2.65 0.72 59.93
CA GLY P 352 2.24 -0.43 60.70
C GLY P 352 2.28 -0.22 62.19
N GLN P 353 2.34 1.02 62.64
CA GLN P 353 2.24 1.34 64.05
C GLN P 353 0.96 2.11 64.27
N LEU P 354 0.54 2.18 65.52
CA LEU P 354 -0.82 2.59 65.80
C LEU P 354 -0.83 3.11 67.23
N VAL P 355 -0.94 4.41 67.40
CA VAL P 355 -0.93 5.03 68.72
C VAL P 355 -2.37 5.16 69.16
N LEU P 356 -2.75 4.35 70.14
CA LEU P 356 -4.11 4.27 70.63
C LEU P 356 -4.14 4.63 72.10
N ASN P 357 -5.15 5.40 72.49
CA ASN P 357 -5.03 6.30 73.63
C ASN P 357 -6.39 6.40 74.32
N GLY P 358 -6.60 5.61 75.37
CA GLY P 358 -7.87 5.62 76.06
C GLY P 358 -7.72 5.12 77.49
N ALA P 359 -8.85 5.06 78.20
CA ALA P 359 -8.86 4.63 79.59
C ALA P 359 -8.24 3.25 79.72
N GLN P 360 -7.77 2.93 80.92
CA GLN P 360 -7.03 1.67 81.05
C GLN P 360 -7.94 0.45 80.99
N ALA P 361 -9.21 0.59 81.36
CA ALA P 361 -10.13 -0.53 81.20
C ALA P 361 -10.30 -0.88 79.74
N GLN P 362 -10.63 0.11 78.91
CA GLN P 362 -10.71 -0.11 77.47
C GLN P 362 -9.39 -0.62 76.95
N LEU P 363 -8.29 -0.20 77.55
CA LEU P 363 -6.99 -0.48 76.97
C LEU P 363 -6.62 -1.94 77.17
N ASP P 364 -6.85 -2.47 78.36
CA ASP P 364 -6.53 -3.87 78.62
C ASP P 364 -7.59 -4.82 78.09
N THR P 365 -8.69 -4.30 77.57
CA THR P 365 -9.65 -5.13 76.88
C THR P 365 -9.34 -5.19 75.40
N ALA P 366 -9.10 -4.04 74.77
CA ALA P 366 -8.77 -4.03 73.36
C ALA P 366 -7.49 -4.78 73.07
N LEU P 367 -6.53 -4.76 74.00
CA LEU P 367 -5.29 -5.48 73.76
C LEU P 367 -5.49 -6.98 73.84
N ALA P 368 -6.48 -7.43 74.61
CA ALA P 368 -6.75 -8.86 74.68
C ALA P 368 -7.47 -9.34 73.44
N LEU P 369 -8.40 -8.53 72.93
CA LEU P 369 -9.05 -8.88 71.67
C LEU P 369 -8.04 -8.89 70.54
N LEU P 370 -7.27 -7.82 70.40
CA LEU P 370 -6.32 -7.74 69.31
C LEU P 370 -5.31 -8.87 69.38
N GLU P 371 -5.07 -9.40 70.57
CA GLU P 371 -4.20 -10.55 70.67
C GLU P 371 -4.83 -11.77 70.01
N GLN P 372 -6.15 -11.78 69.85
CA GLN P 372 -6.84 -12.96 69.34
C GLN P 372 -7.08 -12.88 67.84
N VAL P 373 -7.58 -11.75 67.36
CA VAL P 373 -8.06 -11.66 66.00
C VAL P 373 -7.03 -11.00 65.08
N ASP P 374 -5.76 -11.00 65.45
CA ASP P 374 -4.75 -10.30 64.68
C ASP P 374 -3.53 -11.19 64.50
N ARG P 375 -3.34 -11.72 63.30
CA ARG P 375 -2.22 -12.57 62.98
C ARG P 375 -1.73 -12.21 61.58
N PRO P 376 -0.47 -12.51 61.28
CA PRO P 376 0.07 -12.14 59.96
C PRO P 376 -0.69 -12.82 58.83
N ALA P 377 -0.70 -12.16 57.68
CA ALA P 377 -1.42 -12.66 56.53
C ALA P 377 -0.78 -13.94 56.00
N PRO P 378 -1.53 -14.75 55.27
CA PRO P 378 -0.94 -15.93 54.63
C PRO P 378 -0.16 -15.57 53.38
N VAL P 379 0.68 -16.49 52.96
CA VAL P 379 1.57 -16.30 51.82
C VAL P 379 0.99 -17.01 50.60
N ALA P 380 1.17 -16.38 49.44
CA ALA P 380 0.83 -17.04 48.18
C ALA P 380 1.78 -18.21 47.94
N GLU P 381 1.32 -19.21 47.21
CA GLU P 381 2.11 -20.44 47.10
C GLU P 381 3.22 -20.30 46.07
N SER P 382 2.85 -20.28 44.79
CA SER P 382 3.69 -19.85 43.68
C SER P 382 2.91 -20.10 42.40
N ARG P 383 3.27 -19.42 41.31
CA ARG P 383 2.62 -19.66 40.04
C ARG P 383 3.48 -20.49 39.10
N THR P 384 4.54 -21.11 39.61
CA THR P 384 5.51 -21.81 38.78
C THR P 384 6.27 -22.80 39.63
N VAL P 385 6.41 -24.03 39.15
CA VAL P 385 7.14 -25.07 39.86
C VAL P 385 8.00 -25.82 38.84
N GLN P 386 9.02 -26.50 39.34
CA GLN P 386 9.93 -27.29 38.53
C GLN P 386 10.01 -28.71 39.05
N ARG P 387 10.11 -29.67 38.13
CA ARG P 387 10.42 -31.05 38.45
C ARG P 387 11.49 -31.53 37.50
N VAL P 388 12.38 -32.38 38.00
CA VAL P 388 13.48 -32.94 37.20
C VAL P 388 13.33 -34.45 37.21
N PHE P 389 13.33 -35.05 36.01
CA PHE P 389 13.19 -36.48 35.85
C PHE P 389 14.46 -37.02 35.22
N GLN P 390 15.09 -37.98 35.89
CA GLN P 390 16.26 -38.66 35.38
C GLN P 390 15.80 -39.92 34.66
N LEU P 391 15.70 -39.85 33.34
CA LEU P 391 15.22 -40.98 32.56
C LEU P 391 16.24 -42.11 32.57
N VAL P 392 15.73 -43.34 32.55
CA VAL P 392 16.56 -44.53 32.63
C VAL P 392 16.56 -45.31 31.33
N ASN P 393 15.41 -45.45 30.69
CA ASN P 393 15.28 -46.27 29.49
C ASN P 393 15.09 -45.47 28.22
N ALA P 394 14.39 -44.35 28.28
CA ALA P 394 14.11 -43.54 27.11
C ALA P 394 15.19 -42.48 26.94
N SER P 395 15.07 -41.71 25.86
CA SER P 395 15.97 -40.61 25.55
C SER P 395 15.26 -39.31 25.87
N ALA P 396 15.91 -38.45 26.67
CA ALA P 396 15.29 -37.21 27.11
C ALA P 396 14.90 -36.33 25.93
N GLU P 397 15.70 -36.33 24.87
CA GLU P 397 15.40 -35.47 23.74
C GLU P 397 14.26 -36.00 22.89
N GLU P 398 14.13 -37.32 22.79
CA GLU P 398 13.01 -37.89 22.05
C GLU P 398 11.72 -37.79 22.84
N VAL P 399 11.80 -37.87 24.17
CA VAL P 399 10.61 -37.69 25.00
C VAL P 399 10.11 -36.26 24.89
N LYS P 400 11.02 -35.30 24.89
CA LYS P 400 10.62 -33.90 24.76
C LYS P 400 9.97 -33.63 23.40
N ALA P 401 10.51 -34.22 22.34
CA ALA P 401 9.91 -34.05 21.02
C ALA P 401 8.56 -34.75 20.94
N THR P 402 8.41 -35.90 21.60
CA THR P 402 7.12 -36.58 21.63
C THR P 402 6.06 -35.73 22.32
N LEU P 403 6.42 -35.13 23.45
CA LEU P 403 5.45 -34.38 24.24
C LEU P 403 5.07 -33.05 23.59
N GLU P 404 5.91 -32.52 22.72
CA GLU P 404 5.64 -31.26 22.04
C GLU P 404 5.03 -31.44 20.66
N GLY P 405 4.84 -32.68 20.22
CA GLY P 405 4.29 -32.91 18.89
C GLY P 405 5.20 -32.46 17.77
N THR P 406 6.51 -32.62 17.93
CA THR P 406 7.47 -32.25 16.90
C THR P 406 8.35 -33.44 16.51
N GLN P 466 -0.95 -21.26 28.61
CA GLN P 466 0.09 -21.75 27.71
C GLN P 466 0.28 -23.26 27.82
N GLN P 467 1.52 -23.69 27.69
CA GLN P 467 1.91 -25.07 27.90
C GLN P 467 3.24 -25.09 28.65
N ALA P 468 3.47 -26.17 29.39
CA ALA P 468 4.66 -26.27 30.22
C ALA P 468 5.93 -26.25 29.38
N THR P 469 6.99 -25.66 29.94
CA THR P 469 8.29 -25.65 29.29
C THR P 469 9.02 -26.95 29.56
N LEU P 470 9.59 -27.54 28.51
CA LEU P 470 10.33 -28.78 28.61
C LEU P 470 11.78 -28.54 28.23
N ILE P 471 12.70 -29.03 29.06
CA ILE P 471 14.13 -28.90 28.84
C ILE P 471 14.73 -30.30 28.87
N ALA P 472 15.46 -30.65 27.82
CA ALA P 472 16.05 -31.97 27.70
C ALA P 472 17.57 -31.84 27.67
N ASP P 473 18.24 -32.54 28.58
CA ASP P 473 19.69 -32.57 28.63
C ASP P 473 20.18 -33.90 28.09
N LYS P 474 20.96 -33.87 27.01
CA LYS P 474 21.45 -35.10 26.41
C LYS P 474 22.55 -35.75 27.23
N ARG P 475 23.40 -34.96 27.88
CA ARG P 475 24.54 -35.52 28.60
C ARG P 475 24.09 -36.37 29.77
N THR P 476 23.12 -35.89 30.55
CA THR P 476 22.68 -36.59 31.74
C THR P 476 21.36 -37.33 31.56
N ASN P 477 20.73 -37.22 30.38
CA ASN P 477 19.42 -37.83 30.13
C ASN P 477 18.39 -37.35 31.14
N SER P 478 18.32 -36.03 31.31
CA SER P 478 17.43 -35.40 32.28
C SER P 478 16.32 -34.66 31.57
N LEU P 479 15.11 -34.81 32.06
CA LEU P 479 13.95 -34.05 31.60
C LEU P 479 13.56 -33.06 32.69
N ILE P 480 13.40 -31.80 32.31
CA ILE P 480 13.05 -30.74 33.24
C ILE P 480 11.78 -30.08 32.75
N VAL P 481 10.72 -30.14 33.55
CA VAL P 481 9.44 -29.53 33.23
C VAL P 481 9.23 -28.34 34.15
N ARG P 482 8.76 -27.23 33.57
CA ARG P 482 8.65 -25.96 34.27
C ARG P 482 7.33 -25.31 33.88
N GLY P 483 6.41 -25.21 34.82
CA GLY P 483 5.13 -24.58 34.53
C GLY P 483 4.29 -24.47 35.78
N THR P 484 2.99 -24.28 35.57
CA THR P 484 2.05 -24.23 36.68
C THR P 484 1.98 -25.59 37.34
N PRO P 485 1.58 -25.65 38.61
CA PRO P 485 1.54 -26.95 39.29
C PRO P 485 0.63 -27.96 38.62
N GLU P 486 -0.41 -27.51 37.93
CA GLU P 486 -1.29 -28.44 37.22
C GLU P 486 -0.64 -28.96 35.95
N GLN P 487 0.04 -28.08 35.20
CA GLN P 487 0.75 -28.50 34.00
C GLN P 487 1.94 -29.41 34.31
N VAL P 488 2.49 -29.31 35.52
CA VAL P 488 3.64 -30.14 35.86
C VAL P 488 3.19 -31.53 36.31
N ALA P 489 2.04 -31.64 36.96
CA ALA P 489 1.55 -32.94 37.38
C ALA P 489 1.09 -33.77 36.19
N GLN P 490 0.80 -33.14 35.06
CA GLN P 490 0.42 -33.90 33.87
C GLN P 490 1.62 -34.58 33.25
N VAL P 491 2.75 -33.90 33.17
CA VAL P 491 3.97 -34.54 32.68
C VAL P 491 4.46 -35.57 33.68
N ALA P 492 4.28 -35.30 34.97
CA ALA P 492 4.76 -36.23 35.99
C ALA P 492 4.05 -37.57 35.93
N GLU P 493 2.79 -37.60 35.51
CA GLU P 493 2.09 -38.87 35.36
C GLU P 493 2.38 -39.55 34.04
N LEU P 494 2.88 -38.81 33.04
CA LEU P 494 3.24 -39.40 31.76
C LEU P 494 4.61 -40.08 31.82
N VAL P 495 5.52 -39.54 32.62
CA VAL P 495 6.91 -40.01 32.59
C VAL P 495 7.05 -41.49 32.92
N PRO P 496 6.39 -42.04 33.96
CA PRO P 496 6.58 -43.47 34.24
C PRO P 496 6.18 -44.37 33.09
N GLN P 497 5.27 -43.94 32.23
CA GLN P 497 4.80 -44.79 31.15
C GLN P 497 5.64 -44.66 29.90
N LEU P 498 6.22 -43.48 29.65
CA LEU P 498 7.08 -43.27 28.51
C LEU P 498 8.52 -43.69 28.76
N ASP P 499 8.85 -44.13 29.97
CA ASP P 499 10.21 -44.50 30.33
C ASP P 499 10.29 -45.96 30.77
N GLN P 500 9.36 -46.78 30.31
CA GLN P 500 9.35 -48.19 30.68
C GLN P 500 10.28 -48.98 29.77
N VAL P 501 10.58 -50.22 30.19
CA VAL P 501 11.39 -51.11 29.38
C VAL P 501 10.54 -51.66 28.24
N VAL P 502 11.08 -51.63 27.03
CA VAL P 502 10.42 -52.20 25.86
C VAL P 502 11.12 -53.49 25.48
N PRO P 503 10.45 -54.44 24.83
CA PRO P 503 11.08 -55.73 24.54
C PRO P 503 12.24 -55.63 23.56
N GLN P 504 13.18 -56.55 23.71
CA GLN P 504 14.28 -56.73 22.78
C GLN P 504 14.12 -58.08 22.12
N ILE P 505 14.26 -58.12 20.80
CA ILE P 505 13.94 -59.31 20.02
C ILE P 505 15.11 -59.64 19.09
N ASN P 506 15.13 -60.90 18.66
CA ASN P 506 16.03 -61.37 17.62
C ASN P 506 15.19 -62.05 16.54
N VAL P 507 15.32 -61.59 15.30
CA VAL P 507 14.53 -62.10 14.18
C VAL P 507 15.46 -62.81 13.22
N GLN P 508 15.09 -64.03 12.84
CA GLN P 508 15.85 -64.82 11.89
C GLN P 508 15.08 -64.95 10.58
N VAL P 509 15.76 -64.69 9.47
CA VAL P 509 15.19 -64.84 8.13
C VAL P 509 16.03 -65.84 7.37
N ARG P 510 15.37 -66.80 6.73
CA ARG P 510 16.04 -67.77 5.87
C ARG P 510 15.54 -67.61 4.44
N ILE P 511 16.46 -67.36 3.52
CA ILE P 511 16.17 -67.30 2.09
C ILE P 511 16.82 -68.50 1.44
N GLN P 512 16.02 -69.31 0.76
CA GLN P 512 16.46 -70.57 0.20
C GLN P 512 16.12 -70.61 -1.28
N GLU P 513 17.05 -71.09 -2.10
CA GLU P 513 16.82 -71.12 -3.54
C GLU P 513 17.46 -72.37 -4.14
N VAL P 514 16.67 -73.14 -4.88
CA VAL P 514 17.14 -74.37 -5.51
C VAL P 514 16.74 -74.33 -6.98
N ASN P 515 17.65 -74.74 -7.85
CA ASN P 515 17.38 -74.82 -9.28
C ASN P 515 17.86 -76.17 -9.80
N GLU P 516 17.17 -76.71 -10.80
CA GLU P 516 17.55 -77.98 -11.40
C GLU P 516 17.38 -77.91 -12.91
N ARG P 517 18.20 -78.70 -13.60
CA ARG P 517 18.19 -78.75 -15.06
C ARG P 517 18.23 -80.19 -15.53
N ALA P 518 17.87 -80.39 -16.80
CA ALA P 518 17.98 -81.71 -17.43
C ALA P 518 17.88 -81.52 -18.93
N LEU P 519 18.86 -82.00 -19.67
CA LEU P 519 18.87 -81.91 -21.12
C LEU P 519 19.00 -83.31 -21.70
N GLN P 520 18.53 -83.47 -22.93
CA GLN P 520 18.54 -84.78 -23.58
C GLN P 520 18.45 -84.58 -25.08
N SER P 521 19.56 -84.80 -25.79
CA SER P 521 19.60 -84.70 -27.24
C SER P 521 19.82 -86.07 -27.87
N LEU P 522 19.37 -86.23 -29.10
CA LEU P 522 19.50 -87.48 -29.83
C LEU P 522 19.21 -87.22 -31.30
N GLY P 523 20.13 -87.62 -32.18
CA GLY P 523 19.91 -87.40 -33.59
C GLY P 523 20.75 -88.25 -34.52
N LEU P 524 20.14 -88.76 -35.57
CA LEU P 524 20.83 -89.51 -36.62
C LEU P 524 20.90 -88.66 -37.89
N ASN P 525 22.00 -88.82 -38.63
CA ASN P 525 22.30 -87.92 -39.73
C ASN P 525 23.08 -88.72 -40.77
N TRP P 526 22.40 -89.23 -41.78
CA TRP P 526 23.04 -90.15 -42.72
C TRP P 526 22.95 -89.63 -44.16
N ARG P 527 23.54 -90.40 -45.07
CA ARG P 527 23.58 -90.07 -46.49
C ARG P 527 23.80 -91.36 -47.26
N ALA P 528 22.86 -91.71 -48.14
CA ALA P 528 22.91 -92.96 -48.90
C ALA P 528 23.07 -92.66 -50.38
N THR P 529 23.87 -93.48 -51.06
CA THR P 529 24.08 -93.35 -52.50
C THR P 529 23.99 -94.73 -53.14
N PHE P 530 22.90 -94.98 -53.85
CA PHE P 530 22.77 -96.13 -54.73
C PHE P 530 22.52 -95.62 -56.16
N GLY P 531 22.27 -96.54 -57.07
CA GLY P 531 22.38 -96.25 -58.50
C GLY P 531 21.55 -95.09 -58.99
N GLY P 532 22.20 -93.97 -59.27
CA GLY P 532 21.55 -92.76 -59.72
C GLY P 532 21.01 -91.88 -58.62
N PHE P 533 20.67 -92.45 -57.47
CA PHE P 533 20.02 -91.75 -56.37
C PHE P 533 21.04 -91.27 -55.34
N ASN P 534 20.69 -90.18 -54.67
CA ASN P 534 21.51 -89.61 -53.62
C ASN P 534 20.58 -89.06 -52.55
N VAL P 535 20.44 -89.78 -51.44
CA VAL P 535 19.52 -89.43 -50.37
C VAL P 535 20.31 -88.96 -49.17
N ALA P 536 19.89 -87.83 -48.58
CA ALA P 536 20.53 -87.28 -47.39
C ALA P 536 19.44 -86.89 -46.40
N VAL P 537 19.50 -87.44 -45.20
CA VAL P 537 18.54 -87.15 -44.14
C VAL P 537 19.28 -86.50 -42.98
N SER P 538 18.77 -85.39 -42.49
CA SER P 538 19.41 -84.66 -41.39
C SER P 538 18.32 -84.11 -40.47
N GLY P 539 18.75 -83.36 -39.46
CA GLY P 539 17.84 -82.77 -38.52
C GLY P 539 17.48 -81.34 -38.85
N GLY P 540 18.45 -80.55 -39.27
CA GLY P 540 18.20 -79.19 -39.67
C GLY P 540 17.32 -79.12 -40.90
N THR P 541 17.81 -79.66 -42.00
CA THR P 541 17.00 -79.92 -43.18
C THR P 541 16.50 -81.36 -43.10
N GLY P 542 15.36 -81.62 -43.72
CA GLY P 542 14.80 -82.94 -43.64
C GLY P 542 15.32 -83.88 -44.70
N LEU P 543 14.43 -84.43 -45.51
CA LEU P 543 14.82 -85.26 -46.63
C LEU P 543 15.33 -84.40 -47.78
N ALA P 544 16.35 -84.89 -48.47
CA ALA P 544 16.90 -84.21 -49.65
C ALA P 544 17.41 -85.28 -50.61
N ALA P 545 16.58 -85.65 -51.58
CA ALA P 545 16.92 -86.69 -52.55
C ALA P 545 17.11 -86.06 -53.93
N THR P 546 18.06 -86.62 -54.70
CA THR P 546 18.26 -86.22 -56.07
C THR P 546 18.44 -87.45 -56.94
N PHE P 547 18.26 -87.27 -58.24
CA PHE P 547 18.50 -88.31 -59.23
C PHE P 547 19.44 -87.78 -60.30
N ASN P 548 20.35 -88.63 -60.76
CA ASN P 548 21.28 -88.29 -61.83
C ASN P 548 21.14 -89.29 -62.96
N PRO P 549 20.58 -88.90 -64.10
CA PRO P 549 20.39 -89.86 -65.20
C PRO P 549 21.63 -90.12 -66.03
N THR P 550 22.73 -89.43 -65.75
CA THR P 550 23.93 -89.55 -66.56
C THR P 550 24.98 -90.51 -65.98
N GLN P 551 25.02 -90.66 -64.66
CA GLN P 551 25.95 -91.57 -64.00
C GLN P 551 25.16 -92.63 -63.24
N SER P 552 25.89 -93.48 -62.52
CA SER P 552 25.27 -94.55 -61.75
C SER P 552 26.27 -95.04 -60.73
N PHE P 553 25.89 -94.99 -59.45
CA PHE P 553 26.77 -95.43 -58.38
C PHE P 553 26.92 -96.95 -58.39
N LEU P 554 27.96 -97.42 -57.72
CA LEU P 554 28.21 -98.84 -57.56
C LEU P 554 27.75 -99.28 -56.17
N GLY P 555 26.78 -100.19 -56.14
CA GLY P 555 26.33 -100.73 -54.87
C GLY P 555 25.61 -99.72 -54.01
N PHE P 556 25.50 -100.07 -52.73
CA PHE P 556 24.81 -99.28 -51.73
C PHE P 556 25.79 -98.82 -50.66
N ASN P 557 25.70 -97.55 -50.28
CA ASN P 557 26.49 -96.97 -49.21
C ASN P 557 25.57 -96.20 -48.29
N ILE P 558 25.88 -96.17 -46.99
CA ILE P 558 24.90 -95.68 -46.03
C ILE P 558 25.38 -94.46 -45.23
N PHE P 559 26.68 -94.36 -44.97
CA PHE P 559 27.33 -93.21 -44.35
C PHE P 559 26.57 -92.58 -43.17
N PRO P 560 26.26 -93.34 -42.12
CA PRO P 560 25.48 -92.78 -41.02
C PRO P 560 26.36 -92.05 -40.00
N THR P 561 25.69 -91.34 -39.10
CA THR P 561 26.34 -90.53 -38.07
C THR P 561 25.38 -90.35 -36.90
N LEU P 562 25.83 -90.64 -35.70
CA LEU P 562 24.99 -90.60 -34.51
C LEU P 562 25.52 -89.58 -33.51
N THR P 563 24.61 -88.99 -32.73
CA THR P 563 24.96 -88.01 -31.72
C THR P 563 23.94 -88.11 -30.60
N ALA P 564 24.42 -88.11 -29.35
CA ALA P 564 23.53 -88.20 -28.20
C ALA P 564 24.19 -87.51 -27.01
N LEU P 565 23.39 -86.77 -26.25
CA LEU P 565 23.90 -86.01 -25.12
C LEU P 565 22.89 -86.03 -23.98
N GLU P 566 23.39 -86.02 -22.76
CA GLU P 566 22.56 -85.91 -21.56
C GLU P 566 23.24 -84.98 -20.58
N THR P 567 22.46 -84.38 -19.69
CA THR P 567 23.00 -83.34 -18.83
C THR P 567 22.11 -83.19 -17.61
N GLN P 568 22.72 -82.86 -16.48
CA GLN P 568 22.00 -82.41 -15.29
C GLN P 568 22.75 -81.27 -14.61
N GLY P 569 22.01 -80.52 -13.81
CA GLY P 569 22.59 -79.48 -12.99
C GLY P 569 21.75 -79.31 -11.74
N LEU P 570 22.35 -78.68 -10.72
CA LEU P 570 21.63 -78.41 -9.49
C LEU P 570 22.35 -77.34 -8.70
N THR P 571 21.72 -76.19 -8.54
CA THR P 571 22.29 -75.10 -7.76
C THR P 571 21.44 -74.87 -6.53
N ARG P 572 22.10 -74.80 -5.37
CA ARG P 572 21.50 -74.37 -4.12
C ARG P 572 22.20 -73.12 -3.63
N ARG P 573 21.45 -72.28 -2.90
CA ARG P 573 22.03 -71.09 -2.29
C ARG P 573 21.16 -70.72 -1.11
N VAL P 574 21.75 -70.67 0.08
CA VAL P 574 21.01 -70.51 1.33
C VAL P 574 21.62 -69.39 2.16
N TYR P 575 20.77 -68.62 2.84
CA TYR P 575 21.18 -67.57 3.75
C TYR P 575 20.35 -67.66 5.03
N ASP P 576 20.98 -67.43 6.18
CA ASP P 576 20.32 -67.38 7.49
C ASP P 576 20.79 -66.16 8.25
N GLY P 577 19.95 -65.14 8.36
CA GLY P 577 20.36 -63.94 9.04
C GLY P 577 19.63 -63.62 10.33
N ASN P 578 20.37 -63.27 11.38
CA ASN P 578 19.83 -62.74 12.62
C ASN P 578 20.13 -61.25 12.71
N VAL P 579 19.21 -60.51 13.33
CA VAL P 579 19.48 -59.16 13.82
C VAL P 579 18.76 -58.99 15.14
N THR P 580 19.43 -58.39 16.12
CA THR P 580 18.82 -58.01 17.39
C THR P 580 18.39 -56.54 17.31
N MET P 581 17.21 -56.25 17.84
CA MET P 581 16.64 -54.91 17.71
C MET P 581 15.61 -54.70 18.82
N GLN P 582 15.07 -53.49 18.89
CA GLN P 582 14.11 -53.06 19.90
C GLN P 582 12.75 -52.84 19.26
N SER P 583 11.77 -52.50 20.09
CA SER P 583 10.39 -52.41 19.62
C SER P 583 10.15 -51.14 18.79
N GLY P 584 10.41 -49.98 19.37
CA GLY P 584 10.11 -48.79 18.62
C GLY P 584 11.32 -48.23 17.91
N GLN P 585 12.15 -49.12 17.38
CA GLN P 585 13.44 -48.70 16.84
C GLN P 585 13.25 -47.86 15.58
N ARG P 586 14.00 -46.77 15.49
CA ARG P 586 13.97 -45.86 14.35
C ARG P 586 15.17 -46.13 13.45
N SER P 587 15.11 -45.55 12.26
CA SER P 587 16.20 -45.66 11.31
C SER P 587 17.34 -44.73 11.68
N LEU P 588 18.48 -44.96 11.04
CA LEU P 588 19.68 -44.16 11.21
C LEU P 588 19.97 -43.42 9.91
N SER P 589 20.31 -42.14 10.01
CA SER P 589 20.58 -41.32 8.82
C SER P 589 22.05 -40.92 8.82
N ALA P 590 22.91 -41.81 8.31
CA ALA P 590 24.30 -41.42 8.10
C ALA P 590 24.60 -41.15 6.63
N THR P 591 24.52 -42.19 5.80
CA THR P 591 24.46 -42.12 4.34
C THR P 591 25.68 -41.49 3.67
N GLY P 592 26.55 -40.86 4.43
CA GLY P 592 27.73 -40.21 3.88
C GLY P 592 27.54 -39.33 2.67
N GLY P 593 26.30 -38.94 2.39
CA GLY P 593 25.95 -38.19 1.19
C GLY P 593 25.46 -39.04 0.03
N ALA P 594 25.68 -40.35 0.09
CA ALA P 594 25.21 -41.25 -0.95
C ALA P 594 23.83 -41.78 -0.62
N GLN P 595 23.07 -42.14 -1.66
CA GLN P 595 21.72 -42.65 -1.51
C GLN P 595 21.75 -44.17 -1.52
N ASN P 596 21.09 -44.78 -0.54
CA ASN P 596 21.07 -46.22 -0.37
C ASN P 596 19.64 -46.66 -0.10
N ALA P 597 19.28 -47.84 -0.59
CA ALA P 597 17.92 -48.32 -0.46
C ALA P 597 17.57 -48.80 0.94
N SER P 598 18.57 -48.92 1.83
CA SER P 598 18.35 -49.37 3.19
C SER P 598 18.51 -48.25 4.21
N SER P 599 18.42 -47.00 3.77
CA SER P 599 18.59 -45.87 4.68
C SER P 599 17.48 -45.82 5.72
N GLY P 600 16.25 -46.16 5.34
CA GLY P 600 15.13 -46.03 6.23
C GLY P 600 14.82 -47.27 7.04
N ALA P 601 15.73 -48.22 7.07
CA ALA P 601 15.53 -49.47 7.78
C ALA P 601 15.93 -49.31 9.24
N ALA P 602 15.13 -49.89 10.13
CA ALA P 602 15.47 -49.86 11.55
C ALA P 602 16.71 -50.71 11.84
N ALA P 603 16.87 -51.83 11.13
CA ALA P 603 18.01 -52.71 11.29
C ALA P 603 18.35 -53.33 9.94
N SER P 604 19.59 -53.77 9.80
CA SER P 604 20.06 -54.28 8.52
C SER P 604 21.15 -55.31 8.74
N VAL P 605 21.34 -56.16 7.73
CA VAL P 605 22.53 -57.01 7.63
C VAL P 605 22.78 -57.25 6.15
N LYS P 606 24.05 -57.13 5.75
CA LYS P 606 24.44 -57.24 4.35
C LYS P 606 25.67 -58.12 4.24
N SER P 607 25.81 -58.77 3.09
CA SER P 607 27.02 -59.52 2.79
C SER P 607 27.08 -59.74 1.28
N GLY P 608 28.19 -59.35 0.67
CA GLY P 608 28.26 -59.35 -0.78
C GLY P 608 29.22 -58.31 -1.31
N GLY P 609 28.73 -57.39 -2.13
CA GLY P 609 29.52 -56.26 -2.57
C GLY P 609 28.69 -54.99 -2.53
N ARG P 610 29.27 -53.91 -3.06
CA ARG P 610 28.61 -52.62 -3.08
C ARG P 610 29.20 -51.74 -4.18
N LEU P 611 28.35 -51.27 -5.08
CA LEU P 611 28.76 -50.39 -6.16
C LEU P 611 28.62 -48.95 -5.71
N GLU P 612 29.68 -48.17 -5.86
CA GLU P 612 29.66 -46.74 -5.57
C GLU P 612 29.65 -45.96 -6.87
N ILE P 613 28.65 -45.10 -7.02
CA ILE P 613 28.40 -44.38 -8.28
C ILE P 613 28.46 -42.88 -8.00
N ASN P 614 29.29 -42.17 -8.76
CA ASN P 614 29.45 -40.73 -8.64
C ASN P 614 29.38 -40.12 -10.04
N ILE P 615 28.20 -39.69 -10.44
CA ILE P 615 27.98 -39.10 -11.75
C ILE P 615 27.62 -37.63 -11.57
N PRO P 616 28.40 -36.69 -12.10
CA PRO P 616 28.04 -35.28 -11.98
C PRO P 616 26.98 -34.89 -13.00
N SER P 617 26.02 -34.10 -12.54
CA SER P 617 24.90 -33.67 -13.38
C SER P 617 24.49 -32.26 -12.99
N ALA P 618 23.86 -31.56 -13.93
CA ALA P 618 23.42 -30.20 -13.69
C ALA P 618 22.08 -30.12 -12.98
N ALA P 619 21.34 -31.23 -12.91
CA ALA P 619 20.09 -31.30 -12.18
C ALA P 619 20.24 -31.89 -10.80
N GLY P 620 21.48 -32.11 -10.35
CA GLY P 620 21.78 -32.79 -9.10
C GLY P 620 22.62 -34.02 -9.43
N ASN P 621 23.73 -34.16 -8.71
CA ASN P 621 24.63 -35.27 -8.95
C ASN P 621 23.96 -36.59 -8.61
N ILE P 622 24.26 -37.62 -9.37
CA ILE P 622 23.85 -38.99 -9.06
C ILE P 622 24.93 -39.59 -8.19
N VAL P 623 24.68 -39.68 -6.89
CA VAL P 623 25.61 -40.28 -5.94
C VAL P 623 24.83 -41.41 -5.26
N ARG P 624 25.11 -42.64 -5.65
CA ARG P 624 24.32 -43.79 -5.25
C ARG P 624 25.20 -44.88 -4.68
N GLN P 625 24.57 -45.83 -3.99
CA GLN P 625 25.18 -47.08 -3.60
C GLN P 625 24.23 -48.21 -3.96
N ILE P 626 24.70 -49.19 -4.71
CA ILE P 626 23.93 -50.38 -5.02
C ILE P 626 24.61 -51.57 -4.37
N ASP P 627 23.88 -52.25 -3.50
CA ASP P 627 24.38 -53.41 -2.77
C ASP P 627 23.88 -54.67 -3.44
N TYR P 628 24.75 -55.69 -3.51
CA TYR P 628 24.36 -57.00 -4.00
C TYR P 628 24.86 -58.06 -3.04
N GLY P 629 24.49 -59.30 -3.31
CA GLY P 629 24.76 -60.37 -2.38
C GLY P 629 23.52 -60.75 -1.61
N LEU P 630 23.52 -60.51 -0.31
CA LEU P 630 22.34 -60.64 0.53
C LEU P 630 22.03 -59.30 1.18
N ASN P 631 20.76 -58.89 1.12
CA ASN P 631 20.31 -57.70 1.81
C ASN P 631 19.08 -58.06 2.62
N LEU P 632 19.10 -57.77 3.92
CA LEU P 632 17.97 -57.98 4.81
C LEU P 632 17.67 -56.69 5.54
N ASP P 633 16.49 -56.13 5.31
CA ASP P 633 16.07 -54.88 5.93
C ASP P 633 14.84 -55.14 6.79
N PHE P 634 14.80 -54.49 7.95
CA PHE P 634 13.68 -54.60 8.88
C PHE P 634 13.12 -53.21 9.14
N PHE P 635 11.80 -53.07 9.06
CA PHE P 635 11.13 -51.80 9.20
C PHE P 635 10.06 -51.89 10.28
N SER P 636 10.05 -50.95 11.20
CA SER P 636 8.98 -50.74 12.18
C SER P 636 8.66 -51.98 13.02
N PRO P 637 9.57 -52.43 13.89
CA PRO P 637 9.37 -53.70 14.61
C PRO P 637 8.68 -53.59 15.96
N GLN P 638 7.38 -53.34 15.99
CA GLN P 638 6.69 -53.25 17.26
C GLN P 638 6.45 -54.64 17.87
N VAL P 639 6.55 -54.72 19.19
CA VAL P 639 6.33 -55.95 19.95
C VAL P 639 5.31 -55.68 21.04
N ALA P 640 4.35 -56.59 21.20
CA ALA P 640 3.29 -56.47 22.19
C ALA P 640 3.69 -57.16 23.48
N PRO P 641 3.05 -56.81 24.60
CA PRO P 641 3.35 -57.50 25.86
C PRO P 641 3.10 -59.00 25.83
N ASP P 642 2.19 -59.49 24.98
CA ASP P 642 2.06 -60.93 24.79
C ASP P 642 3.37 -61.54 24.29
N GLY P 643 4.10 -60.80 23.46
CA GLY P 643 5.16 -61.38 22.67
C GLY P 643 4.84 -61.48 21.20
N THR P 644 3.77 -60.85 20.73
CA THR P 644 3.44 -60.81 19.32
C THR P 644 4.33 -59.79 18.62
N ILE P 645 4.96 -60.21 17.54
CA ILE P 645 5.92 -59.39 16.81
C ILE P 645 5.32 -59.02 15.46
N THR P 646 5.23 -57.72 15.19
CA THR P 646 4.82 -57.21 13.90
C THR P 646 6.01 -56.54 13.23
N LEU P 647 6.13 -56.72 11.92
CA LEU P 647 7.40 -56.40 11.28
C LEU P 647 7.21 -56.32 9.77
N ARG P 648 7.97 -55.42 9.16
CA ARG P 648 8.13 -55.37 7.72
C ARG P 648 9.54 -55.82 7.36
N ILE P 649 9.64 -56.78 6.44
CA ILE P 649 10.90 -57.39 6.06
C ILE P 649 11.02 -57.34 4.56
N ARG P 650 12.19 -56.94 4.04
CA ARG P 650 12.37 -57.07 2.60
C ARG P 650 13.13 -58.35 2.22
N GLY P 651 14.43 -58.41 2.46
CA GLY P 651 15.13 -59.59 2.02
C GLY P 651 15.38 -59.59 0.52
N GLN P 652 16.61 -59.84 0.08
CA GLN P 652 16.93 -59.77 -1.34
C GLN P 652 18.26 -60.45 -1.59
N VAL P 653 18.32 -61.25 -2.65
CA VAL P 653 19.56 -61.87 -3.11
C VAL P 653 19.77 -61.47 -4.56
N ASN P 654 20.94 -60.91 -4.87
CA ASN P 654 21.23 -60.49 -6.22
C ASN P 654 22.73 -60.58 -6.49
N GLN P 655 23.06 -60.68 -7.77
CA GLN P 655 24.43 -60.73 -8.26
C GLN P 655 24.49 -59.95 -9.55
N PRO P 656 25.63 -59.33 -9.85
CA PRO P 656 25.80 -58.77 -11.20
C PRO P 656 25.79 -59.87 -12.24
N ALA P 657 25.13 -59.61 -13.36
CA ALA P 657 25.02 -60.63 -14.40
C ALA P 657 26.38 -60.89 -15.04
N THR P 658 27.16 -59.86 -15.29
CA THR P 658 28.52 -59.99 -15.77
C THR P 658 29.43 -59.15 -14.88
N ALA P 659 30.69 -59.58 -14.79
CA ALA P 659 31.62 -58.99 -13.83
C ALA P 659 31.92 -57.53 -14.15
N ILE P 660 32.13 -56.75 -13.10
CA ILE P 660 32.54 -55.35 -13.24
C ILE P 660 34.05 -55.32 -13.48
N THR P 661 34.47 -54.59 -14.51
CA THR P 661 35.84 -54.71 -15.00
C THR P 661 36.55 -53.37 -15.15
N ALA P 662 36.14 -52.34 -14.41
CA ALA P 662 36.83 -51.05 -14.39
C ALA P 662 36.77 -50.33 -15.74
N ASP P 663 36.24 -50.99 -16.75
CA ASP P 663 35.83 -50.34 -17.99
C ASP P 663 34.33 -50.20 -18.06
N SER P 664 33.62 -50.64 -17.03
CA SER P 664 32.18 -50.58 -16.99
C SER P 664 31.71 -49.15 -16.76
N LEU P 665 30.54 -48.84 -17.30
CA LEU P 665 29.92 -47.56 -17.06
C LEU P 665 28.66 -47.72 -16.22
N PRO P 666 28.35 -46.76 -15.38
CA PRO P 666 27.23 -46.92 -14.45
C PRO P 666 25.87 -46.64 -15.08
N ASN P 667 25.80 -46.61 -16.40
CA ASN P 667 24.57 -46.21 -17.07
C ASN P 667 23.60 -47.36 -17.29
N LEU P 668 24.06 -48.61 -17.21
CA LEU P 668 23.18 -49.76 -17.38
C LEU P 668 23.88 -50.98 -16.80
N ILE P 669 23.25 -51.63 -15.82
CA ILE P 669 23.83 -52.77 -15.11
C ILE P 669 22.73 -53.82 -14.97
N ASP P 670 23.11 -55.11 -15.06
CA ASP P 670 22.13 -56.14 -15.40
C ASP P 670 21.60 -56.90 -14.18
N PHE P 671 22.46 -57.33 -13.26
CA PHE P 671 21.97 -57.70 -11.93
C PHE P 671 20.90 -58.78 -11.82
N THR P 672 21.25 -60.06 -11.99
CA THR P 672 20.41 -61.15 -11.49
C THR P 672 19.83 -60.83 -10.12
N ASN P 673 18.51 -61.06 -9.95
CA ASN P 673 17.82 -60.55 -8.77
C ASN P 673 16.65 -61.44 -8.35
N SER P 674 16.47 -61.58 -7.04
CA SER P 674 15.29 -62.19 -6.43
C SER P 674 14.95 -61.44 -5.16
N GLU P 675 13.67 -61.13 -4.97
CA GLU P 675 13.27 -60.19 -3.92
C GLU P 675 11.85 -60.49 -3.46
N ALA P 676 11.52 -59.98 -2.27
CA ALA P 676 10.18 -60.07 -1.70
C ALA P 676 10.06 -59.01 -0.63
N GLN P 677 8.83 -58.59 -0.33
CA GLN P 677 8.61 -57.70 0.79
C GLN P 677 7.15 -57.75 1.19
N SER P 678 6.90 -57.70 2.49
CA SER P 678 5.56 -57.77 3.05
C SER P 678 5.67 -57.52 4.55
N THR P 679 4.51 -57.46 5.20
CA THR P 679 4.41 -57.32 6.64
C THR P 679 3.80 -58.59 7.21
N ILE P 680 4.39 -59.09 8.30
CA ILE P 680 3.94 -60.31 8.93
C ILE P 680 3.78 -60.08 10.42
N THR P 681 2.99 -60.95 11.05
CA THR P 681 2.81 -60.93 12.49
C THR P 681 2.77 -62.36 12.99
N PHE P 682 3.52 -62.63 14.05
CA PHE P 682 3.60 -63.96 14.63
C PHE P 682 3.91 -63.79 16.11
N LYS P 683 3.66 -64.84 16.88
CA LYS P 683 3.97 -64.80 18.29
C LYS P 683 5.37 -65.32 18.55
N ASN P 684 5.87 -65.02 19.75
CA ASN P 684 7.22 -65.38 20.16
C ASN P 684 7.47 -66.88 19.99
N GLY P 685 8.37 -67.23 19.07
CA GLY P 685 8.77 -68.61 18.88
C GLY P 685 8.16 -69.31 17.68
N GLN P 686 7.20 -68.69 17.00
CA GLN P 686 6.54 -69.33 15.87
C GLN P 686 7.30 -69.09 14.57
N THR P 687 6.92 -69.83 13.53
CA THR P 687 7.57 -69.78 12.23
C THR P 687 6.52 -69.58 11.15
N ILE P 688 6.77 -68.63 10.26
CA ILE P 688 5.81 -68.27 9.22
C ILE P 688 6.54 -68.10 7.90
N LEU P 689 5.88 -68.51 6.81
CA LEU P 689 6.42 -68.34 5.46
C LEU P 689 5.92 -67.02 4.88
N MET P 690 6.84 -66.08 4.62
CA MET P 690 6.43 -64.82 4.04
C MET P 690 6.19 -64.92 2.54
N SER P 691 6.96 -65.73 1.82
CA SER P 691 6.81 -65.80 0.39
C SER P 691 7.38 -67.10 -0.12
N GLY P 692 6.83 -67.57 -1.23
CA GLY P 692 7.33 -68.76 -1.89
C GLY P 692 7.14 -68.62 -3.38
N LEU P 693 7.97 -69.33 -4.13
CA LEU P 693 7.88 -69.27 -5.58
C LEU P 693 8.36 -70.58 -6.18
N LEU P 694 7.50 -71.21 -6.97
CA LEU P 694 7.82 -72.46 -7.65
C LEU P 694 7.76 -72.23 -9.15
N GLY P 695 8.78 -72.70 -9.89
CA GLY P 695 8.85 -72.52 -11.31
C GLY P 695 9.03 -73.83 -12.05
N SER P 696 8.93 -73.77 -13.37
CA SER P 696 9.08 -74.92 -14.24
C SER P 696 9.12 -74.45 -15.68
N THR P 697 9.94 -75.10 -16.50
CA THR P 697 9.99 -74.85 -17.94
C THR P 697 10.12 -76.18 -18.67
N GLU P 698 10.05 -76.11 -20.00
CA GLU P 698 10.21 -77.25 -20.89
C GLU P 698 10.25 -76.74 -22.32
N THR P 699 11.09 -77.34 -23.17
CA THR P 699 11.27 -76.85 -24.53
C THR P 699 10.95 -77.87 -25.63
N THR P 700 11.44 -79.10 -25.53
CA THR P 700 10.95 -80.25 -26.30
C THR P 700 10.77 -79.93 -27.80
N ASN P 701 11.89 -79.74 -28.47
CA ASN P 701 11.88 -79.58 -29.93
C ASN P 701 12.04 -80.93 -30.64
N ARG P 702 11.81 -80.92 -31.95
CA ARG P 702 11.87 -82.12 -32.78
C ARG P 702 11.82 -81.73 -34.24
N SER P 703 12.57 -82.42 -35.08
CA SER P 703 12.70 -82.04 -36.49
C SER P 703 13.15 -83.24 -37.31
N GLY P 704 12.82 -83.21 -38.60
CA GLY P 704 13.27 -84.27 -39.49
C GLY P 704 12.41 -84.55 -40.70
N VAL P 705 12.28 -85.83 -41.05
CA VAL P 705 11.52 -86.29 -42.21
C VAL P 705 10.04 -86.28 -41.86
N PRO P 706 9.15 -85.90 -42.78
CA PRO P 706 7.72 -85.89 -42.48
C PRO P 706 7.18 -87.28 -42.19
N PHE P 707 6.48 -87.40 -41.05
CA PHE P 707 5.76 -88.59 -40.59
C PHE P 707 6.70 -89.70 -40.12
N LEU P 708 7.98 -89.58 -40.40
CA LEU P 708 8.93 -90.60 -39.96
C LEU P 708 9.69 -90.18 -38.71
N SER P 709 9.97 -88.90 -38.58
CA SER P 709 10.60 -88.38 -37.38
C SER P 709 9.66 -88.33 -36.19
N SER P 710 8.36 -88.52 -36.42
CA SER P 710 7.37 -88.48 -35.35
C SER P 710 6.99 -89.85 -34.84
N LEU P 711 7.55 -90.91 -35.41
CA LEU P 711 7.23 -92.25 -34.95
C LEU P 711 7.83 -92.49 -33.57
N PRO P 712 7.14 -93.23 -32.69
CA PRO P 712 7.66 -93.45 -31.34
C PRO P 712 8.87 -94.36 -31.36
N GLY P 713 9.91 -93.98 -30.65
CA GLY P 713 11.11 -94.77 -30.56
C GLY P 713 12.04 -94.58 -31.74
N VAL P 714 11.67 -95.14 -32.90
CA VAL P 714 12.52 -95.07 -34.09
C VAL P 714 12.48 -93.72 -34.78
N GLY P 715 11.75 -92.75 -34.23
CA GLY P 715 11.65 -91.46 -34.89
C GLY P 715 12.99 -90.75 -34.99
N ALA P 716 13.85 -90.93 -33.99
CA ALA P 716 15.14 -90.25 -33.98
C ALA P 716 16.08 -90.75 -35.05
N ALA P 717 15.74 -91.85 -35.73
CA ALA P 717 16.53 -92.32 -36.86
C ALA P 717 16.34 -91.49 -38.11
N PHE P 718 15.39 -90.56 -38.12
CA PHE P 718 15.07 -89.74 -39.28
C PHE P 718 15.07 -88.27 -38.91
N GLY P 719 16.04 -87.83 -38.15
CA GLY P 719 16.11 -86.42 -37.78
C GLY P 719 16.66 -86.28 -36.37
N GLU P 720 16.28 -85.17 -35.74
CA GLU P 720 16.76 -84.80 -34.41
C GLU P 720 15.64 -84.93 -33.38
N LYS P 721 15.99 -84.60 -32.15
CA LYS P 721 15.08 -84.55 -31.01
C LYS P 721 15.80 -83.92 -29.85
N ARG P 722 15.11 -83.09 -29.09
CA ARG P 722 15.73 -82.36 -28.00
C ARG P 722 14.65 -82.07 -26.96
N THR P 723 15.02 -82.19 -25.69
CA THR P 723 14.09 -81.86 -24.62
C THR P 723 14.87 -81.32 -23.44
N GLU P 724 14.33 -80.29 -22.81
CA GLU P 724 14.91 -79.68 -21.62
C GLU P 724 13.83 -79.44 -20.59
N LYS P 725 14.21 -79.50 -19.32
CA LYS P 725 13.29 -79.26 -18.22
C LYS P 725 14.02 -78.54 -17.09
N THR P 726 13.31 -77.63 -16.43
CA THR P 726 13.88 -76.87 -15.34
C THR P 726 12.87 -76.82 -14.20
N GLN P 727 13.39 -76.75 -12.98
CA GLN P 727 12.60 -76.57 -11.77
C GLN P 727 13.26 -75.51 -10.91
N SER P 728 12.47 -74.83 -10.09
CA SER P 728 13.06 -73.88 -9.17
C SER P 728 12.16 -73.73 -7.95
N GLN P 729 12.77 -73.36 -6.84
CA GLN P 729 12.04 -73.10 -5.61
C GLN P 729 12.70 -71.95 -4.87
N LEU P 730 11.88 -71.03 -4.35
CA LEU P 730 12.38 -69.91 -3.56
C LEU P 730 11.50 -69.80 -2.33
N LEU P 731 12.11 -69.79 -1.15
CA LEU P 731 11.37 -69.73 0.10
C LEU P 731 11.96 -68.67 1.01
N VAL P 732 11.09 -67.86 1.62
CA VAL P 732 11.50 -66.88 2.62
C VAL P 732 10.74 -67.18 3.90
N ILE P 733 11.47 -67.54 4.96
CA ILE P 733 10.90 -68.02 6.21
C ILE P 733 11.40 -67.14 7.34
N ILE P 734 10.49 -66.73 8.23
CA ILE P 734 10.80 -65.81 9.31
C ILE P 734 10.42 -66.43 10.65
N THR P 735 11.30 -66.29 11.64
CA THR P 735 11.01 -66.61 13.04
C THR P 735 11.65 -65.55 13.91
N GLY P 736 11.28 -65.56 15.19
CA GLY P 736 11.84 -64.60 16.12
C GLY P 736 11.49 -64.95 17.54
N THR P 737 12.32 -64.45 18.45
CA THR P 737 12.14 -64.67 19.88
C THR P 737 12.38 -63.37 20.63
N VAL P 738 11.84 -63.29 21.83
CA VAL P 738 12.09 -62.15 22.71
C VAL P 738 13.29 -62.47 23.59
N VAL P 739 14.24 -61.55 23.65
CA VAL P 739 15.49 -61.73 24.38
C VAL P 739 15.34 -61.08 25.74
N LYS P 740 15.25 -61.91 26.78
CA LYS P 740 15.12 -61.40 28.13
C LYS P 740 16.49 -61.08 28.74
N GLY Q 61 -3.22 -88.84 -8.71
CA GLY Q 61 -4.36 -88.38 -7.95
C GLY Q 61 -4.08 -87.11 -7.19
N VAL Q 62 -2.82 -86.91 -6.79
CA VAL Q 62 -2.38 -85.72 -6.09
C VAL Q 62 -1.28 -85.10 -6.95
N THR Q 63 -1.60 -83.98 -7.58
CA THR Q 63 -0.70 -83.33 -8.51
C THR Q 63 -0.13 -82.02 -7.98
N VAL Q 64 -0.81 -81.39 -7.07
CA VAL Q 64 -0.43 -80.06 -6.59
C VAL Q 64 0.42 -80.19 -5.35
N THR Q 65 1.50 -79.43 -5.32
CA THR Q 65 2.41 -79.44 -4.17
C THR Q 65 1.75 -78.77 -2.98
N PRO Q 66 1.70 -79.43 -1.82
CA PRO Q 66 1.20 -78.75 -0.62
C PRO Q 66 2.13 -77.64 -0.19
N VAL Q 67 1.57 -76.62 0.45
CA VAL Q 67 2.31 -75.45 0.91
C VAL Q 67 2.12 -75.35 2.41
N LEU Q 68 3.21 -75.24 3.15
CA LEU Q 68 3.17 -75.04 4.59
C LEU Q 68 3.40 -73.57 4.88
N ILE Q 69 2.45 -72.94 5.55
CA ILE Q 69 2.49 -71.50 5.77
C ILE Q 69 2.88 -71.13 7.20
N LYS Q 70 2.43 -71.87 8.21
CA LYS Q 70 2.71 -71.49 9.58
C LYS Q 70 2.76 -72.72 10.47
N VAL Q 71 3.68 -72.72 11.43
CA VAL Q 71 3.68 -73.68 12.53
C VAL Q 71 3.78 -72.90 13.83
N SER Q 72 3.32 -73.51 14.91
CA SER Q 72 3.33 -72.87 16.21
C SER Q 72 4.69 -73.10 16.87
N GLU Q 73 4.79 -72.74 18.15
CA GLU Q 73 6.04 -72.81 18.89
C GLU Q 73 6.04 -74.00 19.83
N GLY Q 74 7.19 -74.23 20.46
CA GLY Q 74 7.28 -75.18 21.54
C GLY Q 74 7.58 -76.59 21.10
N ALA Q 75 6.54 -77.42 21.01
CA ALA Q 75 6.65 -78.82 20.62
C ALA Q 75 7.48 -79.61 21.62
N ALA Q 76 7.00 -79.64 22.83
CA ALA Q 76 7.48 -80.58 23.83
C ALA Q 76 6.53 -81.75 23.94
N PRO Q 77 7.01 -82.94 24.32
CA PRO Q 77 6.12 -84.11 24.41
C PRO Q 77 4.90 -83.85 25.28
N GLY Q 78 3.72 -83.93 24.69
CA GLY Q 78 2.48 -83.58 25.34
C GLY Q 78 1.91 -82.23 24.92
N ASP Q 79 2.67 -81.43 24.18
CA ASP Q 79 2.18 -80.16 23.70
C ASP Q 79 1.41 -80.35 22.40
N THR Q 80 0.72 -79.29 22.00
CA THR Q 80 -0.11 -79.27 20.79
C THR Q 80 0.62 -78.50 19.70
N LEU Q 81 0.80 -79.14 18.55
CA LEU Q 81 1.48 -78.54 17.41
C LEU Q 81 0.47 -78.30 16.30
N THR Q 82 0.36 -77.05 15.85
CA THR Q 82 -0.59 -76.67 14.82
C THR Q 82 0.15 -76.28 13.56
N ILE Q 83 -0.31 -76.82 12.42
CA ILE Q 83 0.28 -76.56 11.12
C ILE Q 83 -0.82 -76.01 10.20
N GLN Q 84 -0.49 -74.99 9.44
CA GLN Q 84 -1.44 -74.37 8.52
C GLN Q 84 -0.85 -74.33 7.12
N GLY Q 85 -1.67 -74.67 6.13
CA GLY Q 85 -1.20 -74.78 4.77
C GLY Q 85 -2.34 -74.65 3.80
N ARG Q 86 -2.13 -75.14 2.58
CA ARG Q 86 -3.18 -75.03 1.57
C ARG Q 86 -3.71 -76.36 1.06
N TYR Q 87 -2.89 -77.21 0.46
CA TYR Q 87 -3.39 -78.47 -0.10
C TYR Q 87 -3.00 -79.67 0.77
N LEU Q 88 -3.51 -79.70 2.00
CA LEU Q 88 -2.99 -80.65 2.98
C LEU Q 88 -3.73 -81.97 3.01
N GLY Q 89 -4.84 -82.12 2.30
CA GLY Q 89 -5.47 -83.41 2.11
C GLY Q 89 -6.23 -84.00 3.29
N ASN Q 90 -6.05 -85.30 3.50
CA ASN Q 90 -6.72 -86.06 4.55
C ASN Q 90 -5.70 -86.69 5.49
N ALA Q 91 -6.16 -87.00 6.70
CA ALA Q 91 -5.36 -87.82 7.61
C ALA Q 91 -5.25 -89.26 7.16
N GLN Q 92 -6.15 -89.71 6.29
CA GLN Q 92 -6.10 -91.04 5.72
C GLN Q 92 -5.29 -91.11 4.44
N THR Q 93 -4.84 -89.98 3.92
CA THR Q 93 -4.08 -89.91 2.69
C THR Q 93 -2.66 -89.38 2.88
N ALA Q 94 -2.40 -88.65 3.97
CA ALA Q 94 -1.15 -87.94 4.15
C ALA Q 94 -0.57 -88.26 5.52
N ARG Q 95 0.67 -87.80 5.74
CA ARG Q 95 1.37 -87.97 7.01
C ARG Q 95 2.33 -86.81 7.20
N VAL Q 96 2.64 -86.52 8.47
CA VAL Q 96 3.57 -85.47 8.85
C VAL Q 96 4.90 -86.09 9.23
N ILE Q 97 5.99 -85.54 8.72
CA ILE Q 97 7.34 -86.04 8.96
C ILE Q 97 8.15 -84.95 9.63
N ILE Q 98 8.83 -85.28 10.72
CA ILE Q 98 9.60 -84.33 11.49
C ILE Q 98 11.00 -84.91 11.67
N GLY Q 99 11.96 -84.02 11.91
CA GLY Q 99 13.33 -84.44 12.04
C GLY Q 99 14.08 -84.60 10.74
N ALA Q 100 13.54 -84.13 9.63
CA ALA Q 100 14.18 -84.28 8.33
C ALA Q 100 15.19 -83.16 8.11
N ASP Q 101 15.93 -83.28 7.02
CA ASP Q 101 16.90 -82.25 6.66
C ASP Q 101 16.25 -81.31 5.64
N GLU Q 102 17.05 -80.41 5.06
CA GLU Q 102 16.51 -79.41 4.15
C GLU Q 102 15.79 -80.02 2.96
N ASN Q 103 16.17 -81.24 2.56
CA ASN Q 103 15.66 -81.87 1.36
C ASN Q 103 14.55 -82.87 1.64
N GLY Q 104 14.13 -83.01 2.90
CA GLY Q 104 13.12 -83.96 3.25
C GLY Q 104 13.61 -85.35 3.56
N GLN Q 105 14.91 -85.60 3.46
CA GLN Q 105 15.46 -86.90 3.72
C GLN Q 105 15.60 -87.14 5.21
N GLY Q 106 15.62 -88.41 5.61
CA GLY Q 106 15.64 -88.70 7.02
C GLY Q 106 14.28 -88.37 7.63
N GLY Q 107 14.28 -88.28 8.95
CA GLY Q 107 13.08 -87.87 9.66
C GLY Q 107 12.16 -89.03 9.97
N THR Q 108 11.30 -88.80 10.96
CA THR Q 108 10.38 -89.81 11.46
C THR Q 108 8.96 -89.27 11.34
N ALA Q 109 8.03 -90.14 10.95
CA ALA Q 109 6.65 -89.73 10.76
C ALA Q 109 5.89 -89.76 12.08
N PHE Q 110 4.97 -88.81 12.24
CA PHE Q 110 4.10 -88.81 13.40
C PHE Q 110 3.19 -90.04 13.34
N PRO Q 111 2.87 -90.64 14.49
CA PRO Q 111 1.88 -91.71 14.50
C PRO Q 111 0.50 -91.19 14.17
N ALA Q 112 -0.33 -92.07 13.61
CA ALA Q 112 -1.70 -91.68 13.29
C ALA Q 112 -2.52 -91.35 14.53
N SER Q 113 -2.14 -91.87 15.69
CA SER Q 113 -2.82 -91.57 16.93
C SER Q 113 -2.51 -90.18 17.47
N ALA Q 114 -1.51 -89.51 16.89
CA ALA Q 114 -1.13 -88.16 17.32
C ALA Q 114 -2.00 -87.08 16.70
N VAL Q 115 -2.86 -87.43 15.75
CA VAL Q 115 -3.62 -86.45 15.00
C VAL Q 115 -4.92 -86.16 15.75
N GLN Q 116 -5.14 -84.88 16.08
CA GLN Q 116 -6.37 -84.44 16.70
C GLN Q 116 -7.38 -83.93 15.66
N SER Q 117 -6.89 -83.14 14.70
CA SER Q 117 -7.71 -82.62 13.62
C SER Q 117 -6.88 -82.61 12.36
N TRP Q 118 -7.54 -82.71 11.21
CA TRP Q 118 -6.84 -82.63 9.94
C TRP Q 118 -7.81 -82.13 8.89
N SER Q 119 -7.71 -80.84 8.57
CA SER Q 119 -8.41 -80.24 7.44
C SER Q 119 -7.42 -80.07 6.30
N ASP Q 120 -7.91 -79.54 5.18
CA ASP Q 120 -6.99 -79.26 4.08
C ASP Q 120 -6.17 -78.01 4.31
N THR Q 121 -6.48 -77.22 5.34
CA THR Q 121 -5.71 -76.03 5.66
C THR Q 121 -5.20 -75.97 7.09
N GLU Q 122 -5.41 -77.01 7.89
CA GLU Q 122 -4.91 -77.02 9.26
C GLU Q 122 -4.76 -78.43 9.77
N ILE Q 123 -3.64 -78.70 10.42
CA ILE Q 123 -3.38 -79.98 11.09
C ILE Q 123 -3.04 -79.68 12.54
N VAL Q 124 -3.68 -80.38 13.46
CA VAL Q 124 -3.43 -80.26 14.89
C VAL Q 124 -2.93 -81.60 15.40
N LEU Q 125 -1.82 -81.58 16.15
CA LEU Q 125 -1.16 -82.80 16.59
C LEU Q 125 -0.87 -82.74 18.07
N LYS Q 126 -0.64 -83.91 18.66
CA LYS Q 126 -0.10 -84.04 19.99
C LYS Q 126 1.29 -84.67 19.88
N VAL Q 127 2.29 -83.99 20.42
CA VAL Q 127 3.67 -84.44 20.27
C VAL Q 127 3.88 -85.67 21.14
N PRO Q 128 4.29 -86.79 20.57
CA PRO Q 128 4.49 -88.02 21.36
C PRO Q 128 5.80 -87.94 22.14
N GLU Q 129 6.13 -89.06 22.78
CA GLU Q 129 7.38 -89.17 23.51
C GLU Q 129 8.41 -89.87 22.63
N GLY Q 130 9.59 -89.28 22.52
CA GLY Q 130 10.66 -89.90 21.78
C GLY Q 130 11.09 -89.17 20.52
N MET Q 131 10.55 -87.98 20.29
CA MET Q 131 10.98 -87.20 19.15
C MET Q 131 12.36 -86.60 19.41
N PRO Q 132 13.15 -86.36 18.36
CA PRO Q 132 14.51 -85.83 18.53
C PRO Q 132 14.48 -84.34 18.85
N ALA Q 133 14.96 -83.98 20.04
CA ALA Q 133 15.00 -82.58 20.42
C ALA Q 133 16.03 -81.82 19.60
N GLY Q 134 15.81 -80.52 19.47
CA GLY Q 134 16.65 -79.67 18.64
C GLY Q 134 15.92 -79.22 17.39
N GLY Q 135 16.66 -78.50 16.56
CA GLY Q 135 16.09 -77.98 15.33
C GLY Q 135 16.08 -79.01 14.22
N SER Q 136 15.05 -78.95 13.40
CA SER Q 136 14.86 -79.89 12.31
C SER Q 136 13.81 -79.32 11.37
N TRP Q 137 13.51 -80.07 10.31
CA TRP Q 137 12.57 -79.64 9.29
C TRP Q 137 11.32 -80.48 9.34
N LEU Q 138 10.18 -79.83 9.09
CA LEU Q 138 8.88 -80.48 9.09
C LEU Q 138 8.29 -80.43 7.70
N PHE Q 139 7.78 -81.57 7.23
CA PHE Q 139 7.15 -81.68 5.92
C PHE Q 139 5.84 -82.41 6.07
N VAL Q 140 4.95 -82.19 5.11
CA VAL Q 140 3.70 -82.94 4.99
C VAL Q 140 3.72 -83.61 3.63
N GLU Q 141 3.52 -84.93 3.62
CA GLU Q 141 3.51 -85.71 2.38
C GLU Q 141 2.07 -86.10 2.08
N VAL Q 142 1.48 -85.49 1.06
CA VAL Q 142 0.09 -85.72 0.68
C VAL Q 142 0.09 -86.59 -0.56
N GLY Q 143 -0.43 -87.80 -0.42
CA GLY Q 143 -0.49 -88.72 -1.55
C GLY Q 143 0.87 -89.03 -2.14
N GLY Q 144 1.91 -89.06 -1.32
CA GLY Q 144 3.25 -89.30 -1.78
C GLY Q 144 4.00 -88.08 -2.27
N LYS Q 145 3.34 -86.92 -2.34
CA LYS Q 145 3.97 -85.69 -2.80
C LYS Q 145 4.38 -84.85 -1.61
N ARG Q 146 5.62 -84.37 -1.62
CA ARG Q 146 6.16 -83.62 -0.50
C ARG Q 146 5.84 -82.14 -0.62
N SER Q 147 5.62 -81.51 0.52
CA SER Q 147 5.28 -80.10 0.56
C SER Q 147 6.55 -79.26 0.60
N THR Q 148 6.38 -77.96 0.78
CA THR Q 148 7.48 -77.08 1.18
C THR Q 148 7.64 -77.18 2.68
N GLY Q 149 8.87 -77.10 3.14
CA GLY Q 149 9.15 -77.34 4.53
C GLY Q 149 9.15 -76.09 5.39
N LEU Q 150 9.08 -76.31 6.69
CA LEU Q 150 9.28 -75.27 7.70
C LEU Q 150 10.19 -75.82 8.78
N ARG Q 151 11.00 -74.94 9.36
CA ARG Q 151 11.86 -75.33 10.45
C ARG Q 151 11.09 -75.32 11.76
N VAL Q 152 11.24 -76.39 12.54
CA VAL Q 152 10.54 -76.54 13.80
C VAL Q 152 11.58 -76.84 14.87
N SER Q 153 11.27 -76.48 16.10
CA SER Q 153 12.17 -76.67 17.23
C SER Q 153 11.52 -77.62 18.23
N VAL Q 154 12.00 -78.86 18.27
CA VAL Q 154 11.49 -79.84 19.21
C VAL Q 154 12.19 -79.64 20.54
N ARG Q 155 11.41 -79.56 21.61
CA ARG Q 155 11.95 -79.30 22.93
C ARG Q 155 12.42 -80.60 23.58
N GLY R 28 29.37 -102.45 -50.69
CA GLY R 28 30.72 -102.31 -51.21
C GLY R 28 30.99 -103.14 -52.44
N ARG R 29 31.54 -102.51 -53.47
CA ARG R 29 31.83 -103.16 -54.74
C ARG R 29 33.24 -102.79 -55.18
N VAL R 30 33.89 -103.72 -55.88
CA VAL R 30 35.20 -103.51 -56.47
C VAL R 30 35.07 -103.65 -57.97
N ASN R 31 35.59 -102.67 -58.70
CA ASN R 31 35.50 -102.67 -60.16
C ASN R 31 36.75 -101.97 -60.70
N VAL R 32 37.73 -102.75 -61.13
CA VAL R 32 38.99 -102.24 -61.64
C VAL R 32 39.19 -102.78 -63.04
N GLY R 33 39.64 -101.93 -63.96
CA GLY R 33 39.90 -102.32 -65.32
C GLY R 33 41.37 -102.12 -65.66
N VAL R 34 41.85 -102.88 -66.63
CA VAL R 34 43.27 -102.93 -66.95
C VAL R 34 43.48 -102.76 -68.45
N ASP R 35 44.43 -101.89 -68.81
CA ASP R 35 44.90 -101.76 -70.18
C ASP R 35 46.28 -102.39 -70.27
N VAL R 36 46.38 -103.47 -71.04
CA VAL R 36 47.54 -104.34 -70.95
C VAL R 36 48.65 -103.88 -71.88
N GLY R 37 48.34 -103.70 -73.17
CA GLY R 37 49.32 -103.17 -74.09
C GLY R 37 50.50 -104.08 -74.33
N ASP R 38 50.28 -105.19 -75.03
CA ASP R 38 51.27 -106.25 -75.18
C ASP R 38 52.12 -106.10 -76.44
N ALA R 39 52.35 -104.88 -76.90
CA ALA R 39 53.25 -104.67 -78.02
C ALA R 39 54.70 -104.64 -77.54
N GLY R 40 55.61 -104.97 -78.44
CA GLY R 40 57.03 -105.01 -78.11
C GLY R 40 57.36 -106.00 -77.01
N SER R 41 56.72 -107.17 -77.03
CA SER R 41 56.88 -108.15 -75.97
C SER R 41 57.55 -109.44 -76.42
N GLU R 42 57.77 -109.63 -77.71
CA GLU R 42 58.44 -110.82 -78.22
C GLU R 42 59.78 -110.46 -78.82
N GLN R 43 60.81 -111.23 -78.49
CA GLN R 43 62.15 -111.01 -79.01
C GLN R 43 62.23 -111.51 -80.44
N VAL R 44 62.82 -110.71 -81.31
CA VAL R 44 62.90 -111.02 -82.74
C VAL R 44 64.21 -111.75 -83.01
N ALA R 45 64.10 -112.95 -83.61
CA ALA R 45 65.26 -113.74 -83.96
C ALA R 45 65.18 -114.39 -85.34
N THR R 46 64.01 -114.39 -85.99
CA THR R 46 63.84 -115.08 -87.27
C THR R 46 64.43 -114.22 -88.39
N LEU R 47 65.76 -114.20 -88.42
CA LEU R 47 66.51 -113.50 -89.47
C LEU R 47 67.62 -114.45 -89.94
N THR R 48 67.31 -115.28 -90.92
CA THR R 48 68.34 -116.09 -91.56
C THR R 48 69.34 -115.23 -92.31
N ILE R 49 68.93 -114.04 -92.74
CA ILE R 49 69.85 -113.05 -93.28
C ILE R 49 70.55 -112.37 -92.11
N THR R 50 71.24 -111.27 -92.37
CA THR R 50 72.04 -110.65 -91.32
C THR R 50 72.10 -109.14 -91.53
N PRO R 51 72.49 -108.45 -90.45
CA PRO R 51 72.85 -107.05 -90.50
C PRO R 51 74.29 -106.84 -90.93
N GLU R 52 74.97 -107.90 -91.33
CA GLU R 52 76.35 -107.84 -91.81
C GLU R 52 76.35 -107.33 -93.25
N LYS R 53 77.48 -107.51 -93.95
CA LYS R 53 77.64 -106.97 -95.30
C LYS R 53 76.48 -107.37 -96.21
N CYS R 54 76.33 -108.66 -96.48
CA CYS R 54 75.18 -109.13 -97.26
C CYS R 54 74.86 -110.56 -96.83
N ASP R 55 73.96 -110.68 -95.86
CA ASP R 55 73.36 -111.96 -95.44
C ASP R 55 74.35 -113.12 -95.42
N ASP R 56 75.55 -112.89 -94.89
CA ASP R 56 76.61 -113.89 -94.99
C ASP R 56 77.17 -114.34 -93.65
N LYS R 57 77.36 -113.42 -92.69
CA LYS R 57 78.12 -113.73 -91.49
C LYS R 57 77.23 -113.91 -90.26
N GLY R 58 76.41 -112.91 -89.92
CA GLY R 58 75.67 -112.91 -88.66
C GLY R 58 74.39 -113.72 -88.81
N VAL R 59 74.58 -115.03 -88.94
CA VAL R 59 73.45 -115.95 -89.08
C VAL R 59 72.86 -116.29 -87.71
N PRO R 74 58.81 -104.66 -71.78
CA PRO R 74 57.83 -105.60 -71.20
C PRO R 74 56.41 -105.09 -71.32
N VAL R 75 55.43 -105.97 -71.08
CA VAL R 75 54.03 -105.57 -71.15
C VAL R 75 53.69 -104.68 -69.96
N THR R 76 53.03 -103.57 -70.23
CA THR R 76 52.74 -102.55 -69.22
C THR R 76 51.26 -102.61 -68.82
N PHE R 77 50.97 -103.36 -67.76
CA PHE R 77 49.62 -103.39 -67.22
C PHE R 77 49.28 -102.04 -66.58
N THR R 78 48.05 -101.56 -66.82
CA THR R 78 47.60 -100.27 -66.30
C THR R 78 46.24 -100.44 -65.66
N PHE R 79 46.19 -100.43 -64.33
CA PHE R 79 44.97 -100.65 -63.57
C PHE R 79 44.35 -99.31 -63.17
N THR R 80 43.06 -99.15 -63.44
CA THR R 80 42.29 -98.00 -62.97
C THR R 80 40.99 -98.49 -62.37
N ALA R 81 40.53 -97.78 -61.35
CA ALA R 81 39.30 -98.14 -60.66
C ALA R 81 38.11 -97.41 -61.27
N ARG R 82 37.03 -98.15 -61.50
CA ARG R 82 35.82 -97.57 -62.08
C ARG R 82 35.14 -96.67 -61.06
N PRO R 83 34.35 -95.70 -61.52
CA PRO R 83 33.66 -94.81 -60.58
C PRO R 83 32.76 -95.59 -59.62
N GLY R 84 32.77 -95.17 -58.36
CA GLY R 84 31.98 -95.82 -57.33
C GLY R 84 32.61 -97.04 -56.70
N SER R 85 33.84 -97.37 -57.05
CA SER R 85 34.51 -98.57 -56.58
C SER R 85 35.32 -98.29 -55.32
N GLU R 86 35.67 -99.36 -54.62
CA GLU R 86 36.55 -99.26 -53.47
C GLU R 86 38.00 -99.20 -53.94
N ALA R 87 38.91 -98.96 -52.99
CA ALA R 87 40.32 -99.16 -53.24
C ALA R 87 40.65 -100.64 -53.11
N VAL R 88 41.72 -101.06 -53.78
CA VAL R 88 42.13 -102.47 -53.77
C VAL R 88 43.63 -102.52 -53.90
N THR R 89 44.23 -103.56 -53.32
CA THR R 89 45.66 -103.80 -53.40
C THR R 89 45.88 -105.18 -54.01
N ILE R 90 46.68 -105.23 -55.07
CA ILE R 90 46.96 -106.48 -55.79
C ILE R 90 48.21 -107.12 -55.21
N GLU R 91 48.10 -108.39 -54.84
CA GLU R 91 49.19 -109.10 -54.18
C GLU R 91 50.00 -109.98 -55.13
N GLY R 92 49.36 -110.54 -56.15
CA GLY R 92 50.07 -111.38 -57.10
C GLY R 92 49.11 -111.85 -58.18
N TYR R 93 49.57 -112.80 -58.98
CA TYR R 93 48.78 -113.34 -60.08
C TYR R 93 49.00 -114.84 -60.20
N ARG R 94 48.02 -115.50 -60.81
CA ARG R 94 48.10 -116.92 -61.13
C ARG R 94 47.94 -117.10 -62.63
N VAL R 95 48.78 -117.95 -63.21
CA VAL R 95 48.73 -118.23 -64.64
C VAL R 95 47.85 -119.45 -64.84
N LEU R 96 46.60 -119.22 -65.25
CA LEU R 96 45.60 -120.28 -65.38
C LEU R 96 45.68 -121.03 -66.69
N SER R 97 46.42 -120.52 -67.67
CA SER R 97 46.48 -121.16 -68.99
C SER R 97 47.69 -120.66 -69.73
N ASP R 98 48.63 -121.55 -70.02
CA ASP R 98 49.81 -121.25 -70.82
C ASP R 98 49.77 -122.08 -72.09
N ARG R 99 49.92 -121.42 -73.24
CA ARG R 99 49.83 -122.10 -74.54
C ARG R 99 50.89 -121.53 -75.46
N LEU R 100 51.98 -122.26 -75.63
CA LEU R 100 53.02 -121.92 -76.60
C LEU R 100 52.68 -122.60 -77.92
N ASP R 101 52.38 -121.80 -78.94
CA ASP R 101 51.98 -122.27 -80.27
C ASP R 101 50.74 -123.14 -80.25
N GLY R 102 50.02 -123.21 -79.13
CA GLY R 102 48.76 -123.91 -79.07
C GLY R 102 48.72 -125.14 -78.18
N VAL R 103 49.74 -125.37 -77.35
CA VAL R 103 49.81 -126.55 -76.50
C VAL R 103 49.61 -126.11 -75.05
N GLU R 104 48.61 -126.68 -74.40
CA GLU R 104 48.26 -126.31 -73.03
C GLU R 104 49.30 -126.89 -72.07
N ARG R 105 50.40 -126.16 -71.89
CA ARG R 105 51.45 -126.56 -70.98
C ARG R 105 51.28 -125.89 -69.61
N ALA R 106 50.13 -126.13 -69.00
CA ALA R 106 49.72 -125.37 -67.83
C ALA R 106 49.46 -126.22 -66.59
N ASP R 107 48.85 -127.39 -66.74
CA ASP R 107 48.42 -128.21 -65.61
C ASP R 107 47.56 -127.39 -64.65
N PRO R 108 46.32 -127.08 -65.01
CA PRO R 108 45.51 -126.16 -64.18
C PRO R 108 45.24 -126.68 -62.78
N LYS R 109 45.63 -127.91 -62.45
CA LYS R 109 45.52 -128.37 -61.07
C LYS R 109 46.47 -127.61 -60.15
N ASN R 110 47.64 -127.23 -60.65
CA ASN R 110 48.67 -126.55 -59.86
C ASN R 110 49.18 -125.34 -60.63
N PRO R 111 48.46 -124.22 -60.58
CA PRO R 111 48.89 -123.02 -61.30
C PRO R 111 50.22 -122.49 -60.76
N VAL R 112 50.77 -121.52 -61.48
CA VAL R 112 52.03 -120.89 -61.13
C VAL R 112 51.69 -119.59 -60.40
N GLU R 113 51.73 -119.63 -59.07
CA GLU R 113 51.42 -118.47 -58.27
C GLU R 113 52.60 -117.50 -58.22
N ASN R 114 52.28 -116.21 -58.07
CA ASN R 114 53.25 -115.19 -57.74
C ASN R 114 52.71 -114.39 -56.56
N ALA R 115 53.59 -114.01 -55.66
CA ALA R 115 53.21 -113.28 -54.45
C ALA R 115 54.21 -112.16 -54.19
N LYS R 116 54.60 -111.43 -55.23
CA LYS R 116 55.62 -110.41 -55.10
C LYS R 116 55.12 -109.05 -55.57
N MET R 117 53.86 -108.73 -55.26
CA MET R 117 53.25 -107.47 -55.68
C MET R 117 52.64 -106.79 -54.47
N ASN R 118 52.91 -105.49 -54.33
CA ASN R 118 52.19 -104.61 -53.41
C ASN R 118 51.78 -103.39 -54.23
N LEU R 119 50.66 -103.49 -54.93
CA LEU R 119 50.22 -102.46 -55.86
C LEU R 119 48.87 -101.92 -55.41
N TYR R 120 48.83 -100.62 -55.16
CA TYR R 120 47.64 -99.95 -54.63
C TYR R 120 46.88 -99.27 -55.76
N VAL R 121 45.60 -99.59 -55.88
CA VAL R 121 44.71 -98.97 -56.85
C VAL R 121 43.77 -98.03 -56.08
N PRO R 122 43.89 -96.72 -56.28
CA PRO R 122 43.03 -95.77 -55.54
C PRO R 122 41.55 -96.01 -55.79
N SER R 123 40.73 -95.36 -54.96
CA SER R 123 39.34 -95.75 -54.81
C SER R 123 38.53 -95.58 -56.09
N GLY R 124 38.70 -94.45 -56.76
CA GLY R 124 37.83 -94.17 -57.90
C GLY R 124 36.83 -93.10 -57.56
N TYR R 125 37.25 -92.14 -56.75
CA TYR R 125 36.48 -90.95 -56.42
C TYR R 125 37.35 -89.74 -56.70
N ALA R 126 36.81 -88.55 -56.44
CA ALA R 126 37.56 -87.32 -56.61
C ALA R 126 37.14 -86.35 -55.51
N CYS R 127 38.10 -85.59 -55.00
CA CYS R 127 37.85 -84.65 -53.92
C CYS R 127 38.91 -83.55 -53.98
N GLU R 128 39.01 -82.77 -52.91
CA GLU R 128 39.93 -81.64 -52.87
C GLU R 128 41.27 -82.00 -52.21
N GLY R 129 41.24 -82.80 -51.16
CA GLY R 129 42.43 -83.14 -50.40
C GLY R 129 43.17 -84.37 -50.87
N LEU R 130 42.79 -84.94 -52.02
CA LEU R 130 43.41 -86.17 -52.48
C LEU R 130 44.86 -85.92 -52.88
N THR R 131 45.75 -86.75 -52.36
CA THR R 131 47.17 -86.70 -52.72
C THR R 131 47.39 -87.51 -53.99
N ALA R 132 48.66 -87.80 -54.30
CA ALA R 132 48.99 -88.49 -55.53
C ALA R 132 48.47 -89.92 -55.52
N GLY R 133 48.94 -90.74 -54.58
CA GLY R 133 48.59 -92.15 -54.58
C GLY R 133 47.72 -92.60 -53.43
N ALA R 134 46.73 -91.80 -53.07
CA ALA R 134 45.85 -92.10 -51.95
C ALA R 134 44.42 -92.26 -52.44
N SER R 135 43.52 -92.49 -51.49
CA SER R 135 42.09 -92.59 -51.76
C SER R 135 41.35 -91.59 -50.89
N CYS R 136 40.20 -91.13 -51.38
CA CYS R 136 39.36 -90.24 -50.60
C CYS R 136 38.78 -90.96 -49.39
N GLN R 137 38.52 -90.19 -48.33
CA GLN R 137 37.85 -90.76 -47.17
C GLN R 137 36.44 -91.24 -47.50
N GLY R 138 35.69 -90.44 -48.27
CA GLY R 138 34.34 -90.77 -48.65
C GLY R 138 33.27 -89.85 -48.10
N ASN R 139 33.66 -88.83 -47.33
CA ASN R 139 32.70 -87.92 -46.71
C ASN R 139 33.17 -86.48 -46.83
N GLU R 140 33.64 -86.10 -48.01
CA GLU R 140 34.24 -84.79 -48.21
C GLU R 140 33.22 -83.69 -48.54
N SER R 141 31.96 -84.05 -48.81
CA SER R 141 30.90 -83.13 -49.18
C SER R 141 31.18 -82.51 -50.54
N ASP R 142 32.35 -82.82 -51.09
CA ASP R 142 32.75 -82.42 -52.43
C ASP R 142 32.97 -83.64 -53.32
N ILE R 143 32.88 -84.84 -52.76
CA ILE R 143 33.38 -86.03 -53.42
C ILE R 143 32.47 -86.42 -54.58
N ARG R 144 33.08 -86.77 -55.70
CA ARG R 144 32.41 -87.30 -56.88
C ARG R 144 32.83 -88.75 -57.08
N ILE R 145 32.20 -89.40 -58.05
CA ILE R 145 32.65 -90.69 -58.54
C ILE R 145 33.37 -90.45 -59.86
N ALA R 146 34.63 -90.87 -59.94
CA ALA R 146 35.44 -90.64 -61.12
C ALA R 146 36.26 -91.88 -61.38
N ASN R 147 37.14 -91.83 -62.37
CA ASN R 147 38.08 -92.90 -62.61
C ASN R 147 39.31 -92.69 -61.75
N GLY R 148 39.79 -93.77 -61.14
CA GLY R 148 40.91 -93.68 -60.24
C GLY R 148 42.21 -93.39 -60.97
N GLN R 149 43.22 -93.02 -60.18
CA GLN R 149 44.53 -92.77 -60.76
C GLN R 149 45.10 -94.05 -61.34
N PRO R 150 45.73 -93.98 -62.51
CA PRO R 150 46.31 -95.19 -63.11
C PRO R 150 47.59 -95.60 -62.40
N VAL R 151 47.71 -96.89 -62.09
CA VAL R 151 48.91 -97.48 -61.53
C VAL R 151 49.35 -98.62 -62.42
N GLN R 152 50.65 -98.71 -62.69
CA GLN R 152 51.18 -99.64 -63.66
C GLN R 152 52.06 -100.70 -63.02
N HIS R 153 52.19 -101.82 -63.73
CA HIS R 153 53.09 -102.89 -63.36
C HIS R 153 53.59 -103.54 -64.64
N GLN R 154 54.80 -104.12 -64.58
CA GLN R 154 55.43 -104.71 -65.74
C GLN R 154 55.75 -106.17 -65.47
N ILE R 155 55.44 -107.02 -66.45
CA ILE R 155 55.77 -108.44 -66.42
C ILE R 155 56.41 -108.75 -67.76
N TYR R 156 57.72 -108.96 -67.77
CA TYR R 156 58.43 -109.27 -69.01
C TYR R 156 58.31 -110.75 -69.30
N PHE R 157 57.61 -111.09 -70.39
CA PHE R 157 57.38 -112.47 -70.75
C PHE R 157 58.46 -112.98 -71.70
N ARG R 174 53.06 -117.53 -77.84
CA ARG R 174 52.65 -117.79 -76.47
C ARG R 174 51.54 -116.85 -76.03
N VAL R 175 50.45 -117.41 -75.51
CA VAL R 175 49.37 -116.62 -74.93
C VAL R 175 49.06 -117.17 -73.54
N VAL R 176 49.16 -116.30 -72.53
CA VAL R 176 48.93 -116.70 -71.15
C VAL R 176 47.70 -115.99 -70.63
N ASP R 177 47.04 -116.61 -69.66
CA ASP R 177 45.80 -116.09 -69.07
C ASP R 177 46.05 -115.84 -67.58
N LEU R 178 46.38 -114.61 -67.24
CA LEU R 178 46.66 -114.24 -65.86
C LEU R 178 45.38 -114.14 -65.05
N GLU R 179 45.55 -114.02 -63.73
CA GLU R 179 44.44 -113.74 -62.83
C GLU R 179 45.03 -113.07 -61.59
N PHE R 180 44.93 -111.75 -61.53
CA PHE R 180 45.43 -111.01 -60.39
C PHE R 180 44.53 -111.23 -59.17
N TYR R 181 45.14 -111.15 -57.99
CA TYR R 181 44.37 -111.27 -56.75
C TYR R 181 44.89 -110.26 -55.73
N GLY R 182 44.11 -110.12 -54.66
CA GLY R 182 44.41 -109.14 -53.62
C GLY R 182 43.27 -109.00 -52.66
N PHE R 183 43.13 -107.80 -52.10
CA PHE R 183 42.09 -107.51 -51.13
C PHE R 183 41.69 -106.05 -51.27
N SER R 184 40.43 -105.76 -50.94
CA SER R 184 39.90 -104.41 -51.08
C SER R 184 40.21 -103.61 -49.83
N ALA R 185 39.67 -102.39 -49.75
CA ALA R 185 39.87 -101.57 -48.56
C ALA R 185 39.12 -102.10 -47.35
N ASN R 186 38.14 -102.97 -47.56
CA ASN R 186 37.45 -103.66 -46.48
C ASN R 186 38.03 -105.05 -46.23
N ASN R 187 39.17 -105.35 -46.84
CA ASN R 187 39.89 -106.61 -46.62
C ASN R 187 39.07 -107.81 -47.04
N VAL R 188 38.57 -107.79 -48.28
CA VAL R 188 37.88 -108.94 -48.84
C VAL R 188 38.60 -109.39 -50.10
N PRO R 189 38.64 -110.69 -50.39
CA PRO R 189 39.44 -111.18 -51.51
C PRO R 189 38.94 -110.67 -52.85
N PHE R 190 39.86 -110.53 -53.80
CA PHE R 190 39.59 -109.94 -55.10
C PHE R 190 40.30 -110.74 -56.19
N THR R 191 39.64 -110.91 -57.33
CA THR R 191 40.20 -111.59 -58.49
C THR R 191 39.81 -110.85 -59.77
N ARG R 192 40.75 -110.79 -60.72
CA ARG R 192 40.54 -110.03 -61.95
C ARG R 192 41.29 -110.74 -63.08
N LYS R 193 40.55 -111.36 -63.99
CA LYS R 193 41.14 -112.13 -65.08
C LYS R 193 41.54 -111.22 -66.23
N VAL R 194 42.75 -111.43 -66.75
CA VAL R 194 43.31 -110.60 -67.81
C VAL R 194 43.66 -111.50 -69.00
N THR R 195 42.82 -112.51 -69.24
CA THR R 195 43.01 -113.47 -70.31
C THR R 195 43.38 -112.82 -71.64
N GLY R 196 44.24 -113.51 -72.40
CA GLY R 196 44.48 -113.21 -73.79
C GLY R 196 45.81 -112.56 -74.13
N ILE R 197 46.65 -112.23 -73.15
CA ILE R 197 47.88 -111.51 -73.45
C ILE R 197 48.83 -112.38 -74.25
N VAL R 198 49.49 -111.77 -75.24
CA VAL R 198 50.26 -112.47 -76.26
C VAL R 198 51.75 -112.27 -76.00
N SER R 199 52.47 -113.37 -75.86
CA SER R 199 53.93 -113.37 -75.73
C SER R 199 54.42 -112.46 -74.60
N THR S 34 -38.40 83.30 129.95
CA THR S 34 -38.12 84.29 128.92
C THR S 34 -38.55 85.69 129.35
N VAL S 35 -37.90 86.70 128.77
CA VAL S 35 -38.22 88.09 129.07
C VAL S 35 -38.12 88.91 127.79
N TYR S 36 -38.99 89.90 127.66
CA TYR S 36 -38.99 90.83 126.55
C TYR S 36 -38.55 92.19 127.07
N ARG S 37 -37.45 92.71 126.53
CA ARG S 37 -36.98 94.04 126.90
C ARG S 37 -36.46 94.73 125.66
N ASP S 38 -36.78 96.02 125.52
CA ASP S 38 -36.35 96.85 124.39
C ASP S 38 -35.59 98.04 124.95
N PRO S 39 -34.27 97.96 125.06
CA PRO S 39 -33.49 99.02 125.69
C PRO S 39 -33.35 100.27 124.81
N SER S 40 -34.45 100.68 124.20
CA SER S 40 -34.52 101.92 123.45
C SER S 40 -35.86 102.61 123.65
N LEU S 41 -36.61 102.24 124.69
CA LEU S 41 -37.91 102.83 124.99
C LEU S 41 -37.93 103.27 126.44
N THR S 42 -38.92 104.09 126.77
CA THR S 42 -39.07 104.59 128.13
C THR S 42 -39.35 103.44 129.09
N SER S 43 -38.79 103.52 130.29
CA SER S 43 -39.00 102.52 131.32
C SER S 43 -40.03 102.96 132.36
N ALA S 44 -40.76 104.02 132.10
CA ALA S 44 -41.74 104.51 133.07
C ALA S 44 -42.86 103.50 133.24
N PRO S 45 -43.39 103.35 134.46
CA PRO S 45 -44.47 102.38 134.66
C PRO S 45 -45.77 102.83 134.01
N ILE S 46 -46.59 101.83 133.66
CA ILE S 46 -47.91 102.05 133.07
C ILE S 46 -48.93 101.31 133.92
N THR S 47 -50.21 101.55 133.61
CA THR S 47 -51.30 100.89 134.30
C THR S 47 -52.52 100.94 133.39
N ALA S 48 -52.96 99.78 132.91
CA ALA S 48 -54.03 99.73 131.94
C ALA S 48 -54.89 98.49 132.15
N ASN S 49 -55.98 98.43 131.39
CA ASN S 49 -56.95 97.35 131.47
C ASN S 49 -57.87 97.43 130.28
N VAL S 50 -58.30 96.28 129.78
CA VAL S 50 -59.22 96.24 128.65
C VAL S 50 -59.92 94.88 128.63
N GLY S 51 -61.21 94.91 128.34
CA GLY S 51 -61.94 93.70 127.99
C GLY S 51 -62.21 92.73 129.12
N LYS S 52 -63.12 91.78 128.87
CA LYS S 52 -63.43 90.70 129.77
C LYS S 52 -63.53 89.40 128.99
N TYR S 53 -63.18 88.30 129.64
CA TYR S 53 -63.22 87.00 128.97
C TYR S 53 -64.66 86.60 128.68
N VAL S 54 -64.84 85.88 127.56
CA VAL S 54 -66.18 85.55 127.10
C VAL S 54 -66.63 84.18 127.58
N GLY S 55 -65.77 83.17 127.51
CA GLY S 55 -66.19 81.81 127.75
C GLY S 55 -66.20 81.45 129.21
N PRO S 56 -66.65 80.22 129.51
CA PRO S 56 -66.59 79.74 130.88
C PRO S 56 -65.25 79.13 131.24
N LEU S 57 -64.43 78.77 130.26
CA LEU S 57 -63.13 78.16 130.52
C LEU S 57 -62.02 79.20 130.64
N SER S 58 -62.03 80.21 129.78
CA SER S 58 -61.05 81.28 129.91
C SER S 58 -61.25 82.06 131.21
N THR S 59 -62.50 82.18 131.66
CA THR S 59 -62.75 82.88 132.92
C THR S 59 -62.35 82.02 134.11
N PHE S 60 -62.62 80.72 134.07
CA PHE S 60 -62.24 79.85 135.18
C PHE S 60 -60.73 79.80 135.34
N LEU S 61 -60.02 79.50 134.25
CA LEU S 61 -58.60 79.76 134.22
C LEU S 61 -58.38 81.27 134.29
N ALA S 62 -57.12 81.66 134.50
CA ALA S 62 -56.78 83.08 134.58
C ALA S 62 -57.49 83.76 135.75
N SER S 63 -58.24 82.98 136.52
CA SER S 63 -58.83 83.40 137.78
C SER S 63 -58.35 82.57 138.95
N ILE S 64 -58.19 81.25 138.75
CA ILE S 64 -57.52 80.44 139.75
C ILE S 64 -56.04 80.77 139.77
N ALA S 65 -55.50 81.25 138.65
CA ALA S 65 -54.12 81.69 138.61
C ALA S 65 -53.94 83.09 139.19
N LYS S 66 -55.03 83.85 139.33
CA LYS S 66 -54.95 85.11 140.05
C LYS S 66 -55.07 84.92 141.56
N SER S 67 -55.50 83.74 142.02
CA SER S 67 -55.39 83.43 143.43
C SER S 67 -53.92 83.40 143.86
N ALA S 68 -53.07 82.80 143.03
CA ALA S 68 -51.64 83.04 143.13
C ALA S 68 -51.30 84.33 142.37
N GLY S 69 -50.02 84.69 142.34
CA GLY S 69 -49.69 85.88 141.59
C GLY S 69 -49.32 85.58 140.16
N TYR S 70 -50.29 85.64 139.26
CA TYR S 70 -50.05 85.34 137.85
C TYR S 70 -51.06 86.10 137.01
N GLU S 71 -50.74 86.30 135.73
CA GLU S 71 -51.46 87.24 134.88
C GLU S 71 -51.76 86.62 133.53
N VAL S 72 -52.34 85.42 133.53
CA VAL S 72 -52.52 84.57 132.37
C VAL S 72 -52.87 85.31 131.08
N VAL S 73 -52.17 84.95 129.99
CA VAL S 73 -52.39 85.51 128.67
C VAL S 73 -52.55 84.35 127.68
N PHE S 74 -53.63 84.37 126.90
CA PHE S 74 -53.96 83.29 125.99
C PHE S 74 -53.49 83.61 124.58
N ASN S 75 -52.84 82.65 123.94
CA ASN S 75 -52.39 82.84 122.56
C ASN S 75 -53.44 82.50 121.53
N PHE S 76 -54.60 81.99 121.94
CA PHE S 76 -55.63 81.59 120.98
C PHE S 76 -56.98 81.71 121.66
N ASN S 77 -58.04 81.45 120.89
CA ASN S 77 -59.41 81.53 121.40
C ASN S 77 -59.71 80.22 122.10
N ILE S 78 -59.43 80.18 123.41
CA ILE S 78 -59.61 78.96 124.16
C ILE S 78 -61.07 78.58 124.30
N ASP S 79 -61.98 79.54 124.12
CA ASP S 79 -63.41 79.30 124.24
C ASP S 79 -64.03 78.77 122.97
N ALA S 80 -63.24 78.57 121.92
CA ALA S 80 -63.71 77.98 120.67
C ALA S 80 -63.41 76.50 120.59
N LEU S 81 -63.05 75.88 121.71
CA LEU S 81 -62.89 74.44 121.75
C LEU S 81 -64.26 73.79 121.88
N ALA S 82 -64.26 72.47 122.09
CA ALA S 82 -65.49 71.72 122.32
C ALA S 82 -65.69 71.58 123.82
N LEU S 83 -66.64 72.32 124.37
CA LEU S 83 -66.84 72.38 125.81
C LEU S 83 -68.32 72.16 126.12
N ILE S 84 -68.58 71.29 127.09
CA ILE S 84 -69.93 70.93 127.50
C ILE S 84 -70.11 71.26 128.97
N ASN S 85 -71.29 71.76 129.32
CA ASN S 85 -71.56 72.25 130.66
C ASN S 85 -73.06 72.34 130.86
N GLY S 86 -73.47 72.49 132.11
CA GLY S 86 -74.88 72.68 132.38
C GLY S 86 -75.39 74.01 131.85
N GLU S 87 -74.59 75.06 131.97
CA GLU S 87 -74.99 76.39 131.51
C GLU S 87 -74.78 76.57 130.02
N ILE S 88 -73.84 75.83 129.42
CA ILE S 88 -73.57 75.99 127.99
C ILE S 88 -74.80 75.62 127.17
N VAL S 89 -75.46 74.52 127.52
CA VAL S 89 -76.57 74.05 126.70
C VAL S 89 -77.92 74.58 127.17
N PHE S 90 -78.08 74.89 128.45
CA PHE S 90 -79.37 75.25 129.01
C PHE S 90 -79.51 76.75 129.26
N GLY S 91 -78.60 77.56 128.75
CA GLY S 91 -78.68 78.97 129.06
C GLY S 91 -78.39 79.24 130.53
N ASN S 92 -78.92 80.36 131.00
CA ASN S 92 -78.70 80.78 132.38
C ASN S 92 -79.90 81.55 132.93
N THR S 98 -77.06 85.37 128.24
CA THR S 98 -76.48 85.43 126.91
C THR S 98 -76.93 84.23 126.08
N THR S 99 -76.22 84.00 124.97
CA THR S 99 -76.54 82.89 124.07
C THR S 99 -75.49 81.79 124.14
N SER S 100 -74.65 81.80 125.18
CA SER S 100 -73.76 80.69 125.50
C SER S 100 -72.79 80.38 124.35
N TYR S 101 -71.88 81.33 124.13
CA TYR S 101 -70.84 81.18 123.11
C TYR S 101 -69.88 80.08 123.52
N ALA S 102 -70.32 78.83 123.51
CA ALA S 102 -69.41 77.73 123.76
C ALA S 102 -69.55 76.60 122.76
N THR S 103 -70.80 76.27 122.39
CA THR S 103 -71.08 75.35 121.29
C THR S 103 -70.36 74.01 121.41
N PRO S 104 -70.89 73.07 122.21
CA PRO S 104 -70.23 71.77 122.41
C PRO S 104 -69.72 71.11 121.14
N LEU S 105 -70.23 71.51 119.99
CA LEU S 105 -69.69 71.09 118.70
C LEU S 105 -68.40 71.76 118.36
N GLY S 106 -67.86 72.60 119.23
CA GLY S 106 -66.70 73.36 118.90
C GLY S 106 -67.05 74.58 118.08
N ARG S 107 -66.01 75.26 117.61
CA ARG S 107 -66.18 76.42 116.77
C ARG S 107 -64.86 76.70 116.05
N PRO S 108 -64.40 75.77 115.20
CA PRO S 108 -63.01 75.84 114.73
C PRO S 108 -62.70 77.00 113.81
N GLN S 109 -63.70 77.65 113.22
CA GLN S 109 -63.42 78.80 112.37
C GLN S 109 -63.01 80.02 113.18
N GLU S 110 -63.39 80.09 114.45
CA GLU S 110 -63.06 81.20 115.32
C GLU S 110 -62.03 80.81 116.36
N LEU S 111 -61.28 79.76 116.11
CA LEU S 111 -60.28 79.26 117.05
C LEU S 111 -59.00 80.07 117.05
N PRO S 112 -58.47 80.51 115.89
CA PRO S 112 -57.20 81.26 115.92
C PRO S 112 -57.35 82.73 116.29
N ALA S 113 -58.49 83.11 116.85
CA ALA S 113 -58.68 84.48 117.30
C ALA S 113 -57.73 84.80 118.45
N LYS S 114 -57.72 86.07 118.87
CA LYS S 114 -56.83 86.53 119.93
C LYS S 114 -57.66 87.27 120.97
N PRO S 115 -57.71 86.80 122.22
CA PRO S 115 -58.49 87.51 123.24
C PRO S 115 -57.82 88.80 123.64
N VAL S 116 -58.50 89.93 123.42
CA VAL S 116 -57.99 91.24 123.84
C VAL S 116 -58.49 91.45 125.27
N VAL S 117 -57.78 90.85 126.21
CA VAL S 117 -58.01 91.03 127.64
C VAL S 117 -56.65 91.15 128.31
N HIS S 118 -56.37 92.31 128.90
CA HIS S 118 -55.06 92.53 129.50
C HIS S 118 -55.23 93.31 130.79
N ASN S 119 -54.24 93.17 131.67
CA ASN S 119 -54.23 93.88 132.94
C ASN S 119 -52.79 94.17 133.32
N PHE S 120 -52.47 95.43 133.53
CA PHE S 120 -51.12 95.86 133.86
C PHE S 120 -51.16 96.77 135.08
N SER S 121 -50.22 96.57 135.99
CA SER S 121 -50.15 97.37 137.22
C SER S 121 -48.69 97.69 137.48
N ASN S 122 -48.31 98.94 137.25
CA ASN S 122 -46.95 99.43 137.47
C ASN S 122 -45.93 98.62 136.67
N ALA S 123 -46.33 98.13 135.52
CA ALA S 123 -45.38 97.43 134.67
C ALA S 123 -44.59 98.44 133.85
N PRO S 124 -43.30 98.19 133.64
CA PRO S 124 -42.49 99.11 132.84
C PRO S 124 -42.90 99.05 131.37
N PHE S 125 -43.19 100.22 130.79
CA PHE S 125 -43.49 100.27 129.37
C PHE S 125 -42.33 99.76 128.53
N ASN S 126 -41.12 99.79 129.08
CA ASN S 126 -39.95 99.27 128.38
C ASN S 126 -40.15 97.81 128.02
N GLU S 127 -40.71 97.02 128.93
CA GLU S 127 -40.80 95.58 128.77
C GLU S 127 -42.23 95.06 128.66
N ALA S 128 -43.23 95.92 128.83
CA ALA S 128 -44.61 95.51 128.57
C ALA S 128 -45.03 95.71 127.12
N TRP S 129 -44.48 96.74 126.47
CA TRP S 129 -44.76 96.95 125.06
C TRP S 129 -44.25 95.81 124.17
N PRO S 130 -43.00 95.35 124.29
CA PRO S 130 -42.57 94.25 123.41
C PRO S 130 -43.35 92.96 123.61
N LEU S 131 -43.95 92.75 124.78
CA LEU S 131 -44.79 91.56 124.97
C LEU S 131 -46.04 91.65 124.10
N LEU S 132 -46.73 92.79 124.13
CA LEU S 132 -47.94 92.94 123.33
C LEU S 132 -47.66 92.84 121.85
N MET S 133 -46.48 93.29 121.41
CA MET S 133 -46.11 93.16 120.01
C MET S 133 -45.78 91.73 119.61
N ASP S 134 -45.64 90.82 120.57
CA ASP S 134 -45.46 89.42 120.27
C ASP S 134 -46.75 88.61 120.39
N VAL S 135 -47.70 89.08 121.20
CA VAL S 135 -48.99 88.41 121.27
C VAL S 135 -49.76 88.60 119.97
N TYR S 136 -49.75 89.82 119.45
CA TYR S 136 -50.48 90.14 118.23
C TYR S 136 -49.61 90.10 116.98
N GLU S 137 -48.34 89.76 117.11
CA GLU S 137 -47.42 89.62 115.99
C GLU S 137 -47.34 90.92 115.18
N LEU S 138 -46.94 91.98 115.86
CA LEU S 138 -46.75 93.28 115.22
C LEU S 138 -45.28 93.63 115.23
N ASP S 139 -44.95 94.68 114.48
CA ASP S 139 -43.57 95.12 114.32
C ASP S 139 -43.58 96.64 114.31
N TYR S 140 -42.74 97.26 115.12
CA TYR S 140 -42.76 98.70 115.30
C TYR S 140 -41.39 99.31 115.01
N GLN S 141 -41.39 100.62 114.83
CA GLN S 141 -40.18 101.40 114.67
C GLN S 141 -40.46 102.82 115.10
N LEU S 142 -39.42 103.55 115.46
CA LEU S 142 -39.55 104.89 116.02
C LEU S 142 -39.23 105.95 114.99
N VAL S 143 -40.02 107.02 115.00
CA VAL S 143 -39.84 108.17 114.12
C VAL S 143 -39.85 109.41 115.00
N LYS S 144 -39.07 110.42 114.62
CA LYS S 144 -38.99 111.68 115.34
C LYS S 144 -39.68 112.77 114.52
N VAL S 145 -40.61 113.48 115.15
CA VAL S 145 -41.32 114.58 114.51
C VAL S 145 -40.94 115.85 115.26
N GLY S 146 -39.71 115.90 115.74
CA GLY S 146 -39.25 117.04 116.51
C GLY S 146 -38.93 116.67 117.94
N SER S 147 -39.67 117.23 118.88
CA SER S 147 -39.51 116.92 120.29
C SER S 147 -40.39 115.75 120.72
N ALA S 148 -41.11 115.13 119.81
CA ALA S 148 -42.02 114.03 120.11
C ALA S 148 -41.59 112.79 119.35
N ASN S 149 -41.52 111.66 120.04
CA ASN S 149 -41.23 110.38 119.40
C ASN S 149 -42.53 109.66 119.08
N VAL S 150 -42.60 109.12 117.87
CA VAL S 150 -43.80 108.48 117.36
C VAL S 150 -43.47 107.06 116.92
N ILE S 151 -44.32 106.11 117.30
CA ILE S 151 -44.13 104.69 117.00
C ILE S 151 -44.99 104.33 115.80
N ARG S 152 -44.39 103.72 114.80
CA ARG S 152 -45.08 103.33 113.58
C ARG S 152 -45.31 101.82 113.60
N ILE S 153 -46.45 101.42 114.15
CA ILE S 153 -46.76 100.00 114.27
C ILE S 153 -47.08 99.44 112.90
N GLY S 154 -46.49 98.30 112.57
CA GLY S 154 -46.75 97.63 111.31
C GLY S 154 -47.24 96.22 111.51
N GLN S 155 -46.77 95.29 110.68
CA GLN S 155 -47.14 93.90 110.79
C GLN S 155 -45.88 93.07 110.60
N ARG S 156 -45.73 92.01 111.38
CA ARG S 156 -44.49 91.26 111.36
C ARG S 156 -44.43 90.34 110.15
N PRO S 157 -43.30 90.27 109.45
CA PRO S 157 -43.15 89.29 108.36
C PRO S 157 -43.07 87.89 108.92
N LYS S 158 -44.03 87.05 108.54
CA LYS S 158 -44.20 85.72 109.13
C LYS S 158 -43.40 84.71 108.31
N GLN S 159 -42.10 84.68 108.56
CA GLN S 159 -41.21 83.74 107.90
C GLN S 159 -40.24 83.18 108.92
N LEU S 160 -39.74 81.97 108.64
CA LEU S 160 -38.87 81.30 109.58
C LEU S 160 -37.99 80.32 108.82
N ALA S 161 -36.73 80.24 109.21
CA ALA S 161 -35.78 79.30 108.61
C ALA S 161 -35.51 78.18 109.59
N LEU S 162 -35.64 76.95 109.11
CA LEU S 162 -35.49 75.77 109.96
C LEU S 162 -34.32 74.93 109.48
N PRO S 163 -33.14 75.04 110.08
CA PRO S 163 -32.01 74.20 109.65
C PRO S 163 -32.30 72.72 109.86
N LEU S 164 -31.85 71.91 108.91
CA LEU S 164 -32.01 70.47 108.98
C LEU S 164 -30.64 69.85 109.19
N LYS S 165 -30.56 68.89 110.12
CA LYS S 165 -29.29 68.29 110.50
C LYS S 165 -29.11 66.87 109.99
N PHE S 166 -30.18 66.11 109.78
CA PHE S 166 -30.03 64.70 109.45
C PHE S 166 -30.94 64.20 108.34
N ILE S 167 -31.84 65.03 107.79
CA ILE S 167 -32.73 64.60 106.73
C ILE S 167 -32.70 65.62 105.61
N SER S 168 -32.85 65.13 104.39
CA SER S 168 -32.91 66.01 103.23
C SER S 168 -34.21 66.79 103.23
N ALA S 169 -34.12 68.08 102.91
CA ALA S 169 -35.30 68.92 102.88
C ALA S 169 -36.07 68.76 101.58
N GLU S 170 -36.36 67.52 101.21
CA GLU S 170 -37.21 67.22 100.08
C GLU S 170 -38.20 66.14 100.50
N SER S 171 -37.78 65.30 101.44
CA SER S 171 -38.66 64.37 102.11
C SER S 171 -39.21 64.92 103.42
N ALA S 172 -38.49 65.86 104.03
CA ALA S 172 -39.03 66.55 105.20
C ALA S 172 -40.26 67.36 104.84
N LEU S 173 -40.29 67.96 103.64
CA LEU S 173 -41.50 68.62 103.17
C LEU S 173 -42.62 67.63 102.97
N THR S 174 -42.32 66.46 102.39
CA THR S 174 -43.35 65.46 102.15
C THR S 174 -43.96 64.97 103.46
N ALA S 175 -43.13 64.78 104.48
CA ALA S 175 -43.65 64.37 105.78
C ALA S 175 -44.36 65.50 106.52
N ILE S 176 -44.26 66.74 106.03
CA ILE S 176 -45.01 67.86 106.60
C ILE S 176 -46.33 68.05 105.88
N GLU S 177 -46.35 67.86 104.57
CA GLU S 177 -47.60 67.98 103.81
C GLU S 177 -48.62 66.91 104.19
N LYS S 178 -48.18 65.81 104.80
CA LYS S 178 -49.11 64.78 105.22
C LYS S 178 -49.52 64.96 106.67
N PHE S 179 -48.58 65.37 107.51
CA PHE S 179 -48.90 65.69 108.90
C PHE S 179 -49.96 66.77 108.97
N PHE S 180 -49.73 67.89 108.29
CA PHE S 180 -50.56 69.08 108.39
C PHE S 180 -51.48 69.25 107.19
N GLY S 181 -51.63 68.23 106.36
CA GLY S 181 -52.52 68.33 105.22
C GLY S 181 -53.98 68.32 105.63
N GLU S 182 -54.83 68.64 104.66
CA GLU S 182 -56.27 68.66 104.88
C GLU S 182 -57.02 68.15 103.67
N ARG S 202 -52.79 70.90 101.90
CA ARG S 202 -52.16 71.98 102.64
C ARG S 202 -53.06 73.21 102.71
N PRO S 203 -53.29 73.72 103.91
CA PRO S 203 -54.07 74.94 104.04
C PRO S 203 -53.33 76.12 103.44
N THR S 204 -54.08 77.11 102.98
CA THR S 204 -53.46 78.28 102.40
C THR S 204 -52.77 79.16 103.43
N GLY S 205 -52.97 78.90 104.71
CA GLY S 205 -52.28 79.65 105.74
C GLY S 205 -50.86 79.20 106.01
N LYS S 206 -50.38 78.16 105.33
CA LYS S 206 -49.05 77.61 105.56
C LYS S 206 -48.34 77.41 104.23
N PHE S 207 -47.03 77.67 104.22
CA PHE S 207 -46.18 77.43 103.06
C PHE S 207 -44.89 76.78 103.51
N GLY S 208 -44.43 75.80 102.75
CA GLY S 208 -43.17 75.15 103.04
C GLY S 208 -42.23 75.20 101.86
N LEU S 209 -41.10 75.90 102.02
CA LEU S 209 -40.18 76.10 100.91
C LEU S 209 -38.92 75.26 101.12
N PRO S 210 -38.69 74.23 100.33
CA PRO S 210 -37.44 73.49 100.43
C PRO S 210 -36.26 74.33 99.97
N ASN S 211 -35.08 74.03 100.52
CA ASN S 211 -33.86 74.69 100.09
C ASN S 211 -32.69 73.72 99.94
N SER S 212 -32.89 72.43 100.19
CA SER S 212 -31.85 71.39 100.14
C SER S 212 -30.84 71.54 101.26
N ILE S 213 -30.98 72.58 102.07
CA ILE S 213 -30.17 72.78 103.27
C ILE S 213 -31.11 72.96 104.45
N LYS S 214 -32.33 73.44 104.18
CA LYS S 214 -33.30 73.72 105.23
C LYS S 214 -34.67 73.85 104.59
N VAL S 215 -35.64 74.29 105.39
CA VAL S 215 -36.97 74.63 104.91
C VAL S 215 -37.32 76.01 105.44
N ILE S 216 -38.29 76.65 104.79
CA ILE S 216 -38.72 78.00 105.16
C ILE S 216 -40.22 78.03 105.39
N PRO S 217 -40.71 77.62 106.56
CA PRO S 217 -42.15 77.64 106.81
C PRO S 217 -42.71 79.06 106.88
N ASP S 218 -43.99 79.19 106.54
CA ASP S 218 -44.71 80.46 106.49
C ASP S 218 -46.04 80.27 107.20
N SER S 219 -46.16 80.76 108.43
CA SER S 219 -47.43 80.61 109.13
C SER S 219 -47.46 81.55 110.31
N SER S 220 -48.65 81.63 110.93
CA SER S 220 -48.83 82.43 112.12
C SER S 220 -47.94 81.90 113.25
N ASN S 221 -47.91 82.65 114.35
CA ASN S 221 -47.04 82.29 115.45
C ASN S 221 -47.41 80.92 116.02
N LYS S 222 -48.71 80.69 116.23
CA LYS S 222 -49.15 79.43 116.82
C LYS S 222 -48.81 78.24 115.93
N ARG S 223 -49.02 78.36 114.63
CA ARG S 223 -48.73 77.27 113.73
C ARG S 223 -47.23 77.12 113.45
N LEU S 224 -46.42 78.06 113.91
CA LEU S 224 -44.97 77.92 113.84
C LEU S 224 -44.36 77.33 115.10
N ILE S 225 -45.18 76.97 116.09
CA ILE S 225 -44.72 76.28 117.29
C ILE S 225 -45.20 74.83 117.29
N ILE S 226 -46.52 74.63 117.37
CA ILE S 226 -47.06 73.28 117.25
C ILE S 226 -46.89 72.74 115.85
N GLY S 227 -46.57 73.60 114.91
CA GLY S 227 -46.39 73.16 113.55
C GLY S 227 -44.99 72.67 113.32
N SER S 228 -44.32 73.25 112.34
CA SER S 228 -43.05 72.71 111.88
C SER S 228 -42.02 72.65 113.00
N ASN S 229 -42.01 73.66 113.88
CA ASN S 229 -40.93 73.75 114.86
C ASN S 229 -40.92 72.61 115.86
N SER S 230 -42.00 71.84 115.99
CA SER S 230 -42.03 70.73 116.92
C SER S 230 -42.20 69.36 116.26
N GLU S 231 -42.56 69.31 114.99
CA GLU S 231 -42.45 68.04 114.28
C GLU S 231 -41.12 67.92 113.56
N ASP S 232 -40.65 69.01 112.96
CA ASP S 232 -39.29 69.00 112.40
C ASP S 232 -38.25 68.77 113.48
N GLY S 233 -38.58 69.05 114.73
CA GLY S 233 -37.70 68.73 115.85
C GLY S 233 -37.79 67.32 116.34
N ILE S 234 -38.80 66.57 115.91
CA ILE S 234 -38.95 65.17 116.30
C ILE S 234 -38.54 64.23 115.18
N ARG S 235 -38.30 64.72 113.97
CA ARG S 235 -37.84 63.85 112.90
C ARG S 235 -36.38 64.10 112.53
N ILE S 236 -35.73 65.12 113.11
CA ILE S 236 -34.28 65.30 112.93
C ILE S 236 -33.62 64.41 113.98
N ARG S 237 -33.25 63.20 113.56
CA ARG S 237 -32.64 62.23 114.46
C ARG S 237 -31.80 61.24 113.67
N SER S 238 -30.97 60.51 114.40
CA SER S 238 -30.04 59.56 113.80
C SER S 238 -30.76 58.44 113.06
N PHE S 239 -30.64 58.44 111.74
CA PHE S 239 -31.17 57.35 110.93
C PHE S 239 -30.41 56.07 111.22
N VAL S 240 -31.11 54.95 111.16
CA VAL S 240 -30.49 53.64 111.35
C VAL S 240 -30.47 52.92 110.00
N GLU S 241 -29.49 52.06 109.82
CA GLU S 241 -29.30 51.37 108.55
C GLU S 241 -29.35 49.85 108.73
N ILE S 257 -27.50 43.91 93.18
CA ILE S 257 -27.54 42.67 92.43
C ILE S 257 -26.33 41.82 92.81
N SER S 258 -26.49 40.50 92.76
CA SER S 258 -25.43 39.56 93.07
C SER S 258 -25.01 38.84 91.80
N GLU S 259 -23.73 38.90 91.47
CA GLU S 259 -23.17 38.18 90.34
C GLU S 259 -22.01 37.32 90.83
N ILE S 260 -21.57 36.40 89.97
CA ILE S 260 -20.52 35.46 90.31
C ILE S 260 -19.31 35.75 89.43
N TYR S 261 -18.17 36.02 90.06
CA TYR S 261 -16.92 36.22 89.36
C TYR S 261 -16.00 35.07 89.76
N ILE S 262 -15.86 34.09 88.89
CA ILE S 262 -14.92 33.00 89.14
C ILE S 262 -13.51 33.56 89.13
N VAL S 263 -12.77 33.28 90.19
CA VAL S 263 -11.42 33.84 90.32
C VAL S 263 -10.54 33.23 89.24
N ARG S 264 -9.96 34.09 88.41
CA ARG S 264 -9.12 33.62 87.31
C ARG S 264 -7.68 33.40 87.78
N GLY S 265 -7.06 34.44 88.30
CA GLY S 265 -5.69 34.33 88.78
C GLY S 265 -5.64 34.03 90.27
N GLN S 266 -4.76 34.73 90.98
CA GLN S 266 -4.59 34.50 92.41
C GLN S 266 -5.84 34.92 93.18
N LYS S 267 -5.96 34.40 94.40
CA LYS S 267 -7.15 34.64 95.20
C LYS S 267 -7.14 36.00 95.87
N GLU S 268 -6.15 36.24 96.74
CA GLU S 268 -6.13 37.49 97.50
C GLU S 268 -6.05 38.71 96.60
N SER S 269 -5.53 38.56 95.38
CA SER S 269 -5.52 39.68 94.44
C SER S 269 -6.94 40.18 94.20
N VAL S 270 -7.86 39.27 93.87
CA VAL S 270 -9.25 39.64 93.69
C VAL S 270 -9.92 39.95 95.02
N LEU S 271 -9.29 39.58 96.14
CA LEU S 271 -9.81 39.90 97.46
C LEU S 271 -9.31 41.25 97.95
N GLN S 272 -8.00 41.39 98.12
CA GLN S 272 -7.44 42.60 98.72
C GLN S 272 -7.78 43.83 97.90
N PHE S 273 -7.66 43.72 96.58
CA PHE S 273 -7.97 44.86 95.73
C PHE S 273 -9.43 45.25 95.81
N LEU S 274 -10.33 44.27 95.84
CA LEU S 274 -11.74 44.58 95.63
C LEU S 274 -12.33 45.37 96.78
N ARG S 275 -11.86 45.12 98.00
CA ARG S 275 -12.34 45.91 99.14
C ARG S 275 -11.85 47.36 99.07
N ASP S 276 -10.64 47.57 98.55
CA ASP S 276 -10.05 48.90 98.53
C ASP S 276 -10.82 49.82 97.58
N SER S 277 -10.87 49.46 96.30
CA SER S 277 -11.55 50.29 95.34
C SER S 277 -13.06 50.24 95.47
N PHE S 278 -13.61 49.21 96.13
CA PHE S 278 -15.06 49.08 96.29
C PHE S 278 -15.40 48.61 97.69
N PRO S 279 -15.31 49.50 98.68
CA PRO S 279 -15.88 49.17 100.00
C PRO S 279 -17.39 49.11 99.96
N GLU S 280 -18.03 49.75 98.98
CA GLU S 280 -19.47 49.68 98.82
C GLU S 280 -19.84 48.40 98.07
N LEU S 281 -19.28 47.28 98.50
CA LEU S 281 -19.57 45.97 97.92
C LEU S 281 -19.24 44.92 98.95
N ILE S 282 -19.87 43.76 98.80
CA ILE S 282 -19.59 42.60 99.64
C ILE S 282 -19.34 41.41 98.74
N VAL S 283 -18.32 40.63 99.06
CA VAL S 283 -17.97 39.43 98.31
C VAL S 283 -18.28 38.23 99.19
N THR S 284 -19.24 37.42 98.76
CA THR S 284 -19.60 36.21 99.47
C THR S 284 -18.80 35.06 98.88
N ASP S 285 -17.92 34.47 99.67
CA ASP S 285 -16.96 33.48 99.19
C ASP S 285 -17.57 32.10 99.32
N TYR S 286 -17.54 31.36 98.21
CA TYR S 286 -17.94 29.96 98.18
C TYR S 286 -16.68 29.14 97.94
N ALA S 287 -16.25 28.42 98.96
CA ALA S 287 -14.96 27.73 98.93
C ALA S 287 -14.81 26.94 97.64
N SER S 288 -13.85 27.36 96.83
CA SER S 288 -13.57 26.87 95.47
C SER S 288 -14.68 27.20 94.49
N GLY S 289 -15.76 27.85 94.92
CA GLY S 289 -16.80 28.26 94.01
C GLY S 289 -16.60 29.62 93.40
N GLY S 290 -15.58 30.36 93.83
CA GLY S 290 -15.35 31.69 93.33
C GLY S 290 -15.85 32.76 94.28
N LEU S 291 -16.61 33.71 93.75
CA LEU S 291 -17.12 34.84 94.52
C LEU S 291 -18.56 35.09 94.11
N ALA S 292 -19.24 35.93 94.89
CA ALA S 292 -20.65 36.22 94.68
C ALA S 292 -20.92 37.72 94.87
N ILE S 293 -20.11 38.55 94.22
CA ILE S 293 -20.13 40.00 94.38
C ILE S 293 -21.56 40.55 94.37
N GLU S 294 -21.93 41.29 95.41
CA GLU S 294 -23.25 41.90 95.47
C GLU S 294 -23.14 43.28 96.11
N GLY S 295 -24.13 44.12 95.82
CA GLY S 295 -24.19 45.45 96.37
C GLY S 295 -25.00 46.38 95.48
N PRO S 296 -24.54 47.62 95.36
CA PRO S 296 -25.19 48.55 94.43
C PRO S 296 -25.24 47.98 93.02
N ARG S 297 -26.39 48.14 92.37
CA ARG S 297 -26.64 47.50 91.08
C ARG S 297 -25.82 48.09 89.95
N THR S 298 -25.13 49.21 90.18
CA THR S 298 -24.27 49.81 89.16
C THR S 298 -22.80 49.69 89.50
N SER S 299 -22.43 49.85 90.78
CA SER S 299 -21.03 49.71 91.16
C SER S 299 -20.50 48.32 90.86
N VAL S 300 -21.38 47.31 90.83
CA VAL S 300 -20.96 45.97 90.48
C VAL S 300 -20.45 45.92 89.04
N ASN S 301 -21.24 46.47 88.11
CA ASN S 301 -20.86 46.42 86.70
C ASN S 301 -19.52 47.11 86.48
N ARG S 302 -19.31 48.23 87.17
CA ARG S 302 -18.05 48.93 87.07
C ARG S 302 -16.92 48.16 87.75
N ALA S 303 -17.23 47.40 88.80
CA ALA S 303 -16.22 46.59 89.46
C ALA S 303 -15.80 45.42 88.58
N ILE S 304 -16.75 44.80 87.89
CA ILE S 304 -16.44 43.62 87.09
C ILE S 304 -15.54 43.98 85.92
N ILE S 305 -15.89 45.04 85.19
CA ILE S 305 -15.09 45.44 84.03
C ILE S 305 -13.66 45.77 84.47
N LEU S 306 -13.52 46.52 85.55
CA LEU S 306 -12.20 46.77 86.09
C LEU S 306 -11.53 45.51 86.60
N LEU S 307 -12.28 44.61 87.23
CA LEU S 307 -11.68 43.43 87.84
C LEU S 307 -11.06 42.50 86.80
N GLY S 308 -11.60 42.49 85.58
CA GLY S 308 -10.97 41.71 84.52
C GLY S 308 -9.56 42.14 84.23
N GLN S 309 -9.32 43.46 84.20
CA GLN S 309 -7.97 43.95 83.96
C GLN S 309 -7.02 43.61 85.10
N VAL S 310 -7.44 43.89 86.33
CA VAL S 310 -6.54 43.73 87.48
C VAL S 310 -6.21 42.26 87.70
N ASP S 311 -7.16 41.38 87.44
CA ASP S 311 -6.99 39.95 87.69
C ASP S 311 -6.77 39.23 86.36
N ARG S 312 -5.57 38.68 86.20
CA ARG S 312 -5.23 37.91 85.01
C ARG S 312 -4.53 36.62 85.42
N ALA S 313 -4.72 35.58 84.61
CA ALA S 313 -4.13 34.29 84.84
C ALA S 313 -2.64 34.32 84.48
N PRO S 314 -1.82 33.51 85.15
CA PRO S 314 -0.40 33.45 84.81
C PRO S 314 -0.22 32.99 83.36
N GLU S 315 0.78 33.56 82.70
CA GLU S 315 1.02 33.26 81.30
C GLU S 315 1.96 32.08 81.13
N ILE S 316 1.90 31.46 79.97
CA ILE S 316 2.60 30.22 79.66
C ILE S 316 3.76 30.55 78.73
N PRO S 317 5.00 30.39 79.16
CA PRO S 317 6.13 30.76 78.31
C PRO S 317 6.38 29.76 77.19
N ILE S 318 5.70 29.94 76.06
CA ILE S 318 5.87 29.14 74.86
C ILE S 318 7.34 28.99 74.49
N VAL S 319 7.81 27.75 74.36
CA VAL S 319 9.20 27.44 74.05
C VAL S 319 9.28 26.89 72.63
N GLN S 320 10.44 27.04 72.02
CA GLN S 320 10.67 26.65 70.63
C GLN S 320 11.77 25.60 70.57
N ARG S 321 11.53 24.55 69.80
CA ARG S 321 12.57 23.57 69.50
C ARG S 321 12.43 23.12 68.06
N ILE S 322 13.55 22.68 67.50
CA ILE S 322 13.64 22.27 66.10
C ILE S 322 13.81 20.77 66.07
N TYR S 323 12.94 20.09 65.33
CA TYR S 323 12.98 18.63 65.24
C TYR S 323 13.40 18.25 63.83
N THR S 324 14.29 17.26 63.74
CA THR S 324 14.84 16.79 62.46
C THR S 324 14.22 15.43 62.17
N VAL S 325 13.12 15.44 61.43
CA VAL S 325 12.33 14.23 61.27
C VAL S 325 13.10 13.15 60.53
N ARG S 326 13.04 11.93 61.05
CA ARG S 326 13.61 10.75 60.43
C ARG S 326 12.44 9.89 59.95
N GLY S 327 12.36 9.67 58.65
CA GLY S 327 11.20 9.02 58.10
C GLY S 327 10.44 10.04 57.28
N GLN S 328 9.16 9.82 57.05
CA GLN S 328 8.39 10.83 56.34
C GLN S 328 8.17 12.02 57.25
N ALA S 329 7.87 13.17 56.64
CA ALA S 329 7.53 14.36 57.40
C ALA S 329 6.08 14.74 57.27
N ALA S 330 5.40 14.24 56.24
CA ALA S 330 3.96 14.47 56.14
C ALA S 330 3.20 13.67 57.19
N ASP S 331 3.66 12.45 57.47
CA ASP S 331 2.94 11.61 58.42
C ASP S 331 3.20 12.05 59.85
N ILE S 332 4.39 12.54 60.14
CA ILE S 332 4.71 12.96 61.49
C ILE S 332 4.20 14.38 61.74
N THR S 333 3.83 15.10 60.69
CA THR S 333 3.08 16.33 60.90
C THR S 333 1.63 16.02 61.24
N ALA S 334 1.04 15.06 60.52
CA ALA S 334 -0.34 14.70 60.81
C ALA S 334 -0.47 14.07 62.19
N LEU S 335 0.54 13.29 62.60
CA LEU S 335 0.52 12.73 63.94
C LEU S 335 0.48 13.83 64.99
N LEU S 336 1.40 14.78 64.91
CA LEU S 336 1.45 15.85 65.89
C LEU S 336 0.30 16.83 65.73
N ALA S 337 -0.65 16.57 64.83
CA ALA S 337 -1.83 17.39 64.70
C ALA S 337 -3.11 16.65 65.08
N ALA S 338 -3.02 15.37 65.42
CA ALA S 338 -4.14 14.59 65.94
C ALA S 338 -3.89 14.20 67.38
N GLN S 339 -2.64 13.90 67.71
CA GLN S 339 -2.14 13.87 69.07
C GLN S 339 -1.99 15.34 69.43
N TYR S 340 -1.08 15.67 70.35
CA TYR S 340 -1.02 17.00 70.96
C TYR S 340 -1.39 18.05 69.93
N PRO S 341 -2.57 18.66 70.06
CA PRO S 341 -3.18 19.39 68.95
C PRO S 341 -2.97 20.90 68.98
N THR S 342 -2.34 21.42 70.01
CA THR S 342 -1.93 22.81 70.05
C THR S 342 -0.42 22.82 70.29
N LEU S 343 0.33 22.65 69.21
CA LEU S 343 1.78 22.65 69.27
C LEU S 343 2.42 23.56 68.25
N ARG S 344 1.70 23.97 67.21
CA ARG S 344 2.22 24.88 66.20
C ARG S 344 3.48 24.29 65.55
N VAL S 345 3.25 23.20 64.83
CA VAL S 345 4.30 22.52 64.08
C VAL S 345 4.41 23.20 62.72
N THR S 346 5.55 23.82 62.45
CA THR S 346 5.78 24.53 61.22
C THR S 346 6.96 23.92 60.48
N PRO S 347 6.80 23.57 59.20
CA PRO S 347 7.90 22.95 58.47
C PRO S 347 8.81 23.98 57.82
N VAL S 348 10.09 23.65 57.78
CA VAL S 348 11.07 24.46 57.04
C VAL S 348 11.11 23.89 55.63
N GLY S 349 10.14 24.30 54.82
CA GLY S 349 10.04 23.77 53.48
C GLY S 349 9.96 22.27 53.49
N GLN S 350 10.46 21.66 52.42
CA GLN S 350 10.66 20.22 52.36
C GLN S 350 12.14 19.96 52.56
N THR S 351 12.58 20.06 53.81
CA THR S 351 13.97 19.79 54.15
C THR S 351 14.09 18.83 55.32
N GLY S 352 13.01 18.12 55.65
CA GLY S 352 13.06 17.19 56.76
C GLY S 352 13.28 17.82 58.10
N GLN S 353 13.07 19.12 58.22
CA GLN S 353 13.14 19.81 59.49
C GLN S 353 11.76 20.32 59.85
N LEU S 354 11.59 20.65 61.12
CA LEU S 354 10.24 20.84 61.63
C LEU S 354 10.37 21.73 62.86
N VAL S 355 9.94 22.98 62.74
CA VAL S 355 10.02 23.94 63.83
C VAL S 355 8.70 23.89 64.57
N LEU S 356 8.75 23.31 65.77
CA LEU S 356 7.56 23.09 66.58
C LEU S 356 7.70 23.84 67.89
N ASN S 357 6.60 24.46 68.34
CA ASN S 357 6.69 25.64 69.18
C ASN S 357 5.49 25.63 70.14
N GLY S 358 5.70 25.17 71.36
CA GLY S 358 4.61 25.08 72.32
C GLY S 358 5.14 25.08 73.74
N ALA S 359 4.22 24.97 74.69
CA ALA S 359 4.59 24.98 76.11
C ALA S 359 5.56 23.84 76.40
N GLN S 360 6.29 23.96 77.50
CA GLN S 360 7.33 22.96 77.72
C GLN S 360 6.77 21.61 78.16
N ALA S 361 5.60 21.59 78.80
CA ALA S 361 4.98 20.31 79.11
C ALA S 361 4.64 19.55 77.84
N GLN S 362 3.92 20.19 76.92
CA GLN S 362 3.66 19.58 75.63
C GLN S 362 4.95 19.22 74.93
N LEU S 363 6.00 19.98 75.17
CA LEU S 363 7.20 19.82 74.37
C LEU S 363 7.98 18.60 74.80
N ASP S 364 8.12 18.39 76.11
CA ASP S 364 8.83 17.22 76.59
C ASP S 364 7.98 15.96 76.57
N THR S 365 6.71 16.07 76.21
CA THR S 365 5.88 14.91 76.00
C THR S 365 5.89 14.50 74.54
N ALA S 366 5.77 15.45 73.63
CA ALA S 366 5.81 15.13 72.21
C ALA S 366 7.17 14.61 71.80
N LEU S 367 8.24 15.08 72.45
CA LEU S 367 9.56 14.59 72.07
C LEU S 367 9.80 13.17 72.55
N ALA S 368 9.12 12.75 73.62
CA ALA S 368 9.26 11.39 74.08
C ALA S 368 8.48 10.43 73.20
N LEU S 369 7.30 10.84 72.74
CA LEU S 369 6.56 10.03 71.79
C LEU S 369 7.31 9.91 70.47
N LEU S 370 7.72 11.04 69.91
CA LEU S 370 8.40 11.01 68.62
C LEU S 370 9.67 10.19 68.70
N GLU S 371 10.27 10.09 69.86
CA GLU S 371 11.43 9.22 70.00
C GLU S 371 11.04 7.75 69.86
N GLN S 372 9.77 7.43 70.03
CA GLN S 372 9.33 6.04 70.00
C GLN S 372 8.80 5.64 68.63
N VAL S 373 7.94 6.45 68.03
CA VAL S 373 7.22 6.06 66.84
C VAL S 373 7.85 6.61 65.57
N ASP S 374 9.11 7.00 65.62
CA ASP S 374 9.74 7.66 64.48
C ASP S 374 11.10 7.02 64.24
N ARG S 375 11.20 6.23 63.18
CA ARG S 375 12.42 5.56 62.79
C ARG S 375 12.55 5.60 61.28
N PRO S 376 13.76 5.49 60.75
CA PRO S 376 13.94 5.59 59.30
C PRO S 376 13.22 4.47 58.57
N ALA S 377 12.80 4.77 57.34
CA ALA S 377 12.04 3.82 56.55
C ALA S 377 12.90 2.61 56.20
N PRO S 378 12.28 1.48 55.87
CA PRO S 378 13.04 0.32 55.41
C PRO S 378 13.46 0.48 53.95
N VAL S 379 14.42 -0.35 53.56
CA VAL S 379 15.00 -0.28 52.23
C VAL S 379 14.44 -1.41 51.37
N ALA S 380 14.23 -1.13 50.10
CA ALA S 380 13.86 -2.17 49.14
C ALA S 380 15.03 -3.12 48.95
N GLU S 381 14.72 -4.37 48.60
CA GLU S 381 15.77 -5.39 48.59
C GLU S 381 16.60 -5.31 47.32
N SER S 382 16.02 -5.74 46.19
CA SER S 382 16.51 -5.48 44.85
C SER S 382 15.60 -6.24 43.88
N ARG S 383 15.59 -5.84 42.62
CA ARG S 383 14.82 -6.56 41.63
C ARG S 383 15.69 -7.42 40.71
N THR S 384 16.95 -7.63 41.10
CA THR S 384 17.89 -8.32 40.24
C THR S 384 19.02 -8.86 41.10
N VAL S 385 19.39 -10.13 40.90
CA VAL S 385 20.48 -10.75 41.63
C VAL S 385 21.31 -11.56 40.64
N GLN S 386 22.56 -11.82 41.01
CA GLN S 386 23.48 -12.59 40.19
C GLN S 386 24.02 -13.78 40.99
N ARG S 387 24.19 -14.90 40.32
CA ARG S 387 24.90 -16.04 40.86
C ARG S 387 25.88 -16.55 39.81
N VAL S 388 27.05 -17.00 40.26
CA VAL S 388 28.09 -17.53 39.38
C VAL S 388 28.35 -18.97 39.78
N PHE S 389 28.29 -19.87 38.81
CA PHE S 389 28.50 -21.29 39.03
C PHE S 389 29.74 -21.72 38.26
N GLN S 390 30.72 -22.27 38.97
CA GLN S 390 31.93 -22.81 38.36
C GLN S 390 31.68 -24.29 38.08
N LEU S 391 31.38 -24.62 36.83
CA LEU S 391 31.07 -26.00 36.48
C LEU S 391 32.33 -26.84 36.48
N VAL S 392 32.16 -28.12 36.83
CA VAL S 392 33.27 -29.04 37.01
C VAL S 392 33.24 -30.17 35.98
N ASN S 393 32.06 -30.69 35.68
CA ASN S 393 31.92 -31.83 34.77
C ASN S 393 31.31 -31.48 33.44
N ALA S 394 30.36 -30.55 33.41
CA ALA S 394 29.68 -30.16 32.20
C ALA S 394 30.39 -29.00 31.52
N SER S 395 29.91 -28.64 30.34
CA SER S 395 30.41 -27.51 29.59
C SER S 395 29.46 -26.34 29.76
N ALA S 396 29.99 -25.18 30.15
CA ALA S 396 29.13 -24.04 30.45
C ALA S 396 28.33 -23.61 29.24
N GLU S 397 28.89 -23.74 28.04
CA GLU S 397 28.19 -23.30 26.84
C GLU S 397 27.10 -24.29 26.44
N GLU S 398 27.31 -25.58 26.68
CA GLU S 398 26.28 -26.56 26.39
C GLU S 398 25.17 -26.51 27.43
N VAL S 399 25.50 -26.19 28.68
CA VAL S 399 24.48 -26.03 29.71
C VAL S 399 23.61 -24.84 29.40
N LYS S 400 24.21 -23.73 28.96
CA LYS S 400 23.43 -22.54 28.61
C LYS S 400 22.50 -22.82 27.43
N ALA S 401 22.98 -23.55 26.42
CA ALA S 401 22.13 -23.89 25.29
C ALA S 401 21.02 -24.86 25.68
N THR S 402 21.29 -25.78 26.60
CA THR S 402 20.26 -26.67 27.10
C THR S 402 19.16 -25.89 27.82
N LEU S 403 19.55 -24.94 28.67
CA LEU S 403 18.58 -24.21 29.46
C LEU S 403 17.74 -23.25 28.63
N GLU S 404 18.24 -22.82 27.47
CA GLU S 404 17.54 -21.88 26.63
C GLU S 404 16.75 -22.55 25.51
N GLY S 405 16.81 -23.88 25.41
CA GLY S 405 16.12 -24.58 24.33
C GLY S 405 16.67 -24.27 22.96
N THR S 406 17.99 -24.11 22.84
CA THR S 406 18.61 -23.87 21.55
C THR S 406 19.70 -24.91 21.27
N GLN S 466 9.82 -12.01 32.10
CA GLN S 466 10.78 -12.51 31.12
C GLN S 466 11.36 -13.85 31.53
N GLN S 467 12.63 -14.03 31.20
CA GLN S 467 13.40 -15.20 31.62
C GLN S 467 14.79 -14.73 32.01
N ALA S 468 15.43 -15.48 32.90
CA ALA S 468 16.73 -15.10 33.43
C ALA S 468 17.78 -15.04 32.32
N THR S 469 18.71 -14.10 32.46
CA THR S 469 19.82 -14.01 31.53
C THR S 469 20.91 -15.00 31.92
N LEU S 470 21.42 -15.72 30.93
CA LEU S 470 22.48 -16.70 31.14
C LEU S 470 23.72 -16.28 30.37
N ILE S 471 24.87 -16.32 31.03
CA ILE S 471 26.15 -15.96 30.45
C ILE S 471 27.10 -17.13 30.65
N ALA S 472 27.68 -17.62 29.56
CA ALA S 472 28.58 -18.76 29.60
C ALA S 472 29.97 -18.33 29.19
N ASP S 473 30.95 -18.60 30.05
CA ASP S 473 32.35 -18.32 29.76
C ASP S 473 33.06 -19.63 29.43
N LYS S 474 33.63 -19.71 28.24
CA LYS S 474 34.30 -20.93 27.83
C LYS S 474 35.68 -21.10 28.48
N ARG S 475 36.38 -19.99 28.71
CA ARG S 475 37.74 -20.08 29.26
C ARG S 475 37.73 -20.65 30.66
N THR S 476 36.84 -20.17 31.51
CA THR S 476 36.81 -20.58 32.91
C THR S 476 35.74 -21.62 33.22
N ASN S 477 34.88 -21.95 32.25
CA ASN S 477 33.76 -22.86 32.46
C ASN S 477 32.84 -22.34 33.57
N SER S 478 32.48 -21.07 33.47
CA SER S 478 31.64 -20.40 34.44
C SER S 478 30.27 -20.14 33.85
N LEU S 479 29.23 -20.40 34.64
CA LEU S 479 27.86 -20.05 34.28
C LEU S 479 27.40 -18.92 35.17
N ILE S 480 26.86 -17.87 34.54
CA ILE S 480 26.40 -16.68 35.26
C ILE S 480 24.93 -16.49 34.95
N VAL S 481 24.10 -16.52 35.99
CA VAL S 481 22.66 -16.31 35.87
C VAL S 481 22.32 -14.97 36.49
N ARG S 482 21.47 -14.20 35.82
CA ARG S 482 21.15 -12.83 36.21
C ARG S 482 19.66 -12.61 36.00
N GLY S 483 18.93 -12.41 37.08
CA GLY S 483 17.51 -12.18 36.97
C GLY S 483 16.89 -11.89 38.32
N THR S 484 15.58 -12.05 38.39
CA THR S 484 14.87 -11.88 39.64
C THR S 484 15.28 -13.00 40.60
N PRO S 485 15.13 -12.78 41.92
CA PRO S 485 15.57 -13.81 42.86
C PRO S 485 14.86 -15.14 42.69
N GLU S 486 13.62 -15.15 42.19
CA GLU S 486 12.93 -16.40 41.95
C GLU S 486 13.46 -17.10 40.70
N GLN S 487 13.73 -16.35 39.64
CA GLN S 487 14.31 -16.93 38.43
C GLN S 487 15.71 -17.44 38.65
N VAL S 488 16.44 -16.92 39.63
CA VAL S 488 17.79 -17.35 39.88
C VAL S 488 17.82 -18.61 40.73
N ALA S 489 16.88 -18.75 41.66
CA ALA S 489 16.82 -19.96 42.47
C ALA S 489 16.41 -21.17 41.66
N GLN S 490 15.75 -20.96 40.52
CA GLN S 490 15.38 -22.08 39.66
C GLN S 490 16.60 -22.66 38.94
N VAL S 491 17.47 -21.80 38.42
CA VAL S 491 18.70 -22.28 37.81
C VAL S 491 19.61 -22.87 38.86
N ALA S 492 19.63 -22.28 40.06
CA ALA S 492 20.51 -22.76 41.11
C ALA S 492 20.16 -24.18 41.55
N GLU S 493 18.89 -24.59 41.43
CA GLU S 493 18.54 -25.95 41.80
C GLU S 493 18.74 -26.92 40.65
N LEU S 494 18.87 -26.43 39.42
CA LEU S 494 19.14 -27.28 38.27
C LEU S 494 20.63 -27.61 38.14
N VAL S 495 21.49 -26.68 38.55
CA VAL S 495 22.92 -26.84 38.29
C VAL S 495 23.51 -28.09 38.93
N PRO S 496 23.21 -28.44 40.18
CA PRO S 496 23.81 -29.66 40.75
C PRO S 496 23.45 -30.92 39.98
N GLN S 497 22.33 -30.93 39.25
CA GLN S 497 21.91 -32.13 38.55
C GLN S 497 22.47 -32.18 37.13
N LEU S 498 22.66 -31.03 36.49
CA LEU S 498 23.20 -30.98 35.14
C LEU S 498 24.72 -31.01 35.13
N ASP S 499 25.37 -31.01 36.29
CA ASP S 499 26.83 -30.97 36.38
C ASP S 499 27.37 -32.20 37.12
N GLN S 500 26.63 -33.29 37.11
CA GLN S 500 27.07 -34.50 37.78
C GLN S 500 27.98 -35.32 36.87
N VAL S 501 28.64 -36.31 37.47
CA VAL S 501 29.50 -37.20 36.72
C VAL S 501 28.66 -38.23 35.98
N VAL S 502 28.94 -38.40 34.69
CA VAL S 502 28.25 -39.40 33.88
C VAL S 502 29.20 -40.57 33.67
N PRO S 503 28.69 -41.78 33.45
CA PRO S 503 29.58 -42.95 33.33
C PRO S 503 30.47 -42.89 32.09
N GLN S 504 31.63 -43.52 32.22
CA GLN S 504 32.56 -43.72 31.12
C GLN S 504 32.66 -45.21 30.84
N ILE S 505 32.54 -45.59 29.57
CA ILE S 505 32.44 -46.99 29.18
C ILE S 505 33.45 -47.31 28.10
N ASN S 506 33.75 -48.60 27.99
CA ASN S 506 34.55 -49.15 26.90
C ASN S 506 33.74 -50.26 26.25
N VAL S 507 33.53 -50.16 24.93
CA VAL S 507 32.71 -51.11 24.20
C VAL S 507 33.60 -51.86 23.23
N GLN S 508 33.50 -53.19 23.22
CA GLN S 508 34.26 -54.04 22.33
C GLN S 508 33.33 -54.67 21.30
N VAL S 509 33.72 -54.63 20.04
CA VAL S 509 32.97 -55.25 18.95
C VAL S 509 33.89 -56.23 18.24
N ARG S 510 33.42 -57.45 18.03
CA ARG S 510 34.14 -58.46 17.28
C ARG S 510 33.37 -58.82 16.02
N ILE S 511 34.02 -58.67 14.87
CA ILE S 511 33.47 -59.08 13.59
C ILE S 511 34.29 -60.26 13.10
N GLN S 512 33.64 -61.38 12.88
CA GLN S 512 34.27 -62.64 12.53
C GLN S 512 33.70 -63.13 11.20
N GLU S 513 34.56 -63.66 10.34
CA GLU S 513 34.10 -64.13 9.03
C GLU S 513 34.93 -65.32 8.59
N VAL S 514 34.26 -66.42 8.28
CA VAL S 514 34.90 -67.65 7.85
C VAL S 514 34.26 -68.10 6.55
N ASN S 515 35.08 -68.56 5.60
CA ASN S 515 34.60 -69.06 4.32
C ASN S 515 35.31 -70.37 4.02
N GLU S 516 34.60 -71.30 3.39
CA GLU S 516 35.19 -72.58 3.02
C GLU S 516 34.75 -72.97 1.60
N ARG S 517 35.59 -73.75 0.93
CA ARG S 517 35.35 -74.21 -0.42
C ARG S 517 35.69 -75.69 -0.54
N ALA S 518 35.18 -76.31 -1.59
CA ALA S 518 35.51 -77.70 -1.91
C ALA S 518 35.09 -77.98 -3.35
N LEU S 519 36.02 -78.45 -4.16
CA LEU S 519 35.75 -78.76 -5.56
C LEU S 519 36.13 -80.21 -5.83
N GLN S 520 35.47 -80.82 -6.82
CA GLN S 520 35.73 -82.21 -7.16
C GLN S 520 35.35 -82.44 -8.61
N SER S 521 36.35 -82.61 -9.48
CA SER S 521 36.11 -82.92 -10.89
C SER S 521 36.55 -84.35 -11.19
N LEU S 522 35.95 -84.93 -12.22
CA LEU S 522 36.26 -86.28 -12.65
C LEU S 522 35.66 -86.51 -14.03
N GLY S 523 36.49 -86.96 -14.97
CA GLY S 523 35.98 -87.20 -16.32
C GLY S 523 36.85 -88.06 -17.19
N LEU S 524 36.22 -88.97 -17.94
CA LEU S 524 36.89 -89.82 -18.91
C LEU S 524 36.50 -89.38 -20.32
N ASN S 525 37.46 -89.49 -21.24
CA ASN S 525 37.31 -88.88 -22.56
C ASN S 525 38.07 -89.76 -23.55
N TRP S 526 37.38 -90.68 -24.21
CA TRP S 526 38.06 -91.67 -25.04
C TRP S 526 37.56 -91.61 -26.49
N ARG S 527 38.17 -92.47 -27.32
CA ARG S 527 37.87 -92.57 -28.74
C ARG S 527 38.29 -93.94 -29.22
N ALA S 528 37.34 -94.72 -29.73
CA ALA S 528 37.60 -96.09 -30.16
C ALA S 528 37.39 -96.23 -31.66
N THR S 529 38.25 -97.00 -32.31
CA THR S 529 38.16 -97.26 -33.75
C THR S 529 38.31 -98.74 -34.01
N PHE S 530 37.23 -99.39 -34.38
CA PHE S 530 37.25 -100.74 -34.93
C PHE S 530 36.63 -100.72 -36.32
N GLY S 531 36.46 -101.89 -36.92
CA GLY S 531 36.23 -101.98 -38.35
C GLY S 531 35.04 -101.23 -38.88
N GLY S 532 35.30 -100.11 -39.56
CA GLY S 532 34.27 -99.25 -40.10
C GLY S 532 33.73 -98.22 -39.13
N PHE S 533 33.77 -98.50 -37.84
CA PHE S 533 33.18 -97.65 -36.81
C PHE S 533 34.20 -96.71 -36.21
N ASN S 534 33.71 -95.56 -35.75
CA ASN S 534 34.53 -94.55 -35.08
C ASN S 534 33.68 -93.95 -33.97
N VAL S 535 33.95 -94.34 -32.73
CA VAL S 535 33.17 -93.92 -31.57
C VAL S 535 34.00 -92.97 -30.73
N ALA S 536 33.39 -91.84 -30.34
CA ALA S 536 34.06 -90.85 -29.49
C ALA S 536 33.10 -90.44 -28.38
N VAL S 537 33.55 -90.56 -27.14
CA VAL S 537 32.75 -90.20 -25.97
C VAL S 537 33.50 -89.12 -25.20
N SER S 538 32.80 -88.03 -24.88
CA SER S 538 33.40 -86.92 -24.17
C SER S 538 32.40 -86.37 -23.16
N GLY S 539 32.79 -85.29 -22.49
CA GLY S 539 31.93 -84.65 -21.52
C GLY S 539 31.15 -83.48 -22.07
N GLY S 540 31.80 -82.67 -22.90
CA GLY S 540 31.11 -81.56 -23.54
C GLY S 540 30.04 -82.04 -24.47
N THR S 541 30.45 -82.76 -25.51
CA THR S 541 29.53 -83.52 -26.37
C THR S 541 29.45 -84.95 -25.84
N GLY S 542 28.32 -85.59 -26.09
CA GLY S 542 28.15 -86.93 -25.56
C GLY S 542 28.72 -88.00 -26.48
N LEU S 543 27.88 -88.94 -26.88
CA LEU S 543 28.28 -89.95 -27.85
C LEU S 543 28.32 -89.35 -29.25
N ALA S 544 29.30 -89.80 -30.04
CA ALA S 544 29.42 -89.36 -31.44
C ALA S 544 30.03 -90.52 -32.23
N ALA S 545 29.18 -91.30 -32.89
CA ALA S 545 29.60 -92.47 -33.63
C ALA S 545 29.35 -92.26 -35.12
N THR S 546 30.26 -92.78 -35.95
CA THR S 546 30.09 -92.75 -37.40
C THR S 546 30.42 -94.12 -37.96
N PHE S 547 30.00 -94.35 -39.20
CA PHE S 547 30.33 -95.56 -39.94
C PHE S 547 30.88 -95.18 -41.30
N ASN S 548 31.89 -95.93 -41.74
CA ASN S 548 32.50 -95.71 -43.05
C ASN S 548 32.41 -97.00 -43.86
N PRO S 549 31.57 -97.07 -44.89
CA PRO S 549 31.44 -98.32 -45.65
C PRO S 549 32.55 -98.54 -46.67
N THR S 550 33.43 -97.57 -46.88
CA THR S 550 34.46 -97.67 -47.90
C THR S 550 35.79 -98.18 -47.35
N GLN S 551 36.07 -98.01 -46.07
CA GLN S 551 37.31 -98.43 -45.45
C GLN S 551 37.01 -99.40 -44.31
N SER S 552 38.06 -99.82 -43.62
CA SER S 552 37.91 -100.74 -42.50
C SER S 552 39.18 -100.70 -41.66
N PHE S 553 39.04 -100.35 -40.38
CA PHE S 553 40.18 -100.28 -39.48
C PHE S 553 40.73 -101.67 -39.18
N LEU S 554 41.95 -101.70 -38.66
CA LEU S 554 42.60 -102.93 -38.24
C LEU S 554 42.52 -103.04 -36.72
N GLY S 555 41.91 -104.11 -36.23
CA GLY S 555 41.86 -104.35 -34.82
C GLY S 555 41.03 -103.33 -34.06
N PHE S 556 41.28 -103.29 -32.75
CA PHE S 556 40.58 -102.42 -31.82
C PHE S 556 41.56 -101.48 -31.14
N ASN S 557 41.22 -100.20 -31.10
CA ASN S 557 42.01 -99.19 -30.40
C ASN S 557 41.06 -98.41 -29.49
N ILE S 558 41.57 -97.93 -28.35
CA ILE S 558 40.67 -97.41 -27.33
C ILE S 558 40.96 -95.95 -26.97
N PHE S 559 42.21 -95.52 -27.06
CA PHE S 559 42.64 -94.13 -26.90
C PHE S 559 41.96 -93.36 -25.75
N PRO S 560 42.06 -93.83 -24.51
CA PRO S 560 41.37 -93.16 -23.41
C PRO S 560 42.19 -92.01 -22.84
N THR S 561 41.52 -91.22 -22.00
CA THR S 561 42.11 -90.05 -21.36
C THR S 561 41.35 -89.74 -20.07
N LEU S 562 42.07 -89.58 -18.97
CA LEU S 562 41.47 -89.38 -17.66
C LEU S 562 41.88 -88.03 -17.10
N THR S 563 41.00 -87.46 -16.26
CA THR S 563 41.27 -86.19 -15.60
C THR S 563 40.52 -86.17 -14.27
N ALA S 564 41.19 -85.72 -13.21
CA ALA S 564 40.59 -85.67 -11.90
C ALA S 564 41.26 -84.57 -11.09
N LEU S 565 40.45 -83.82 -10.34
CA LEU S 565 40.93 -82.68 -9.58
C LEU S 565 40.17 -82.58 -8.26
N GLU S 566 40.87 -82.16 -7.21
CA GLU S 566 40.25 -81.88 -5.92
C GLU S 566 40.81 -80.56 -5.41
N THR S 567 40.06 -79.88 -4.56
CA THR S 567 40.46 -78.56 -4.10
C THR S 567 39.79 -78.25 -2.78
N GLN S 568 40.50 -77.53 -1.91
CA GLN S 568 39.90 -76.94 -0.71
C GLN S 568 40.42 -75.52 -0.51
N GLY S 569 39.66 -74.76 0.26
CA GLY S 569 40.08 -73.43 0.66
C GLY S 569 39.46 -73.10 2.01
N LEU S 570 40.04 -72.10 2.67
CA LEU S 570 39.51 -71.64 3.93
C LEU S 570 40.06 -70.25 4.23
N THR S 571 39.17 -69.26 4.30
CA THR S 571 39.57 -67.91 4.65
C THR S 571 38.93 -67.52 5.97
N ARG S 572 39.73 -66.97 6.87
CA ARG S 572 39.27 -66.33 8.10
C ARG S 572 39.69 -64.87 8.10
N ARG S 573 38.92 -64.04 8.78
CA ARG S 573 39.26 -62.64 8.94
C ARG S 573 38.56 -62.12 10.19
N VAL S 574 39.32 -61.63 11.16
CA VAL S 574 38.80 -61.28 12.48
C VAL S 574 39.23 -59.87 12.84
N TYR S 575 38.33 -59.13 13.48
CA TYR S 575 38.60 -57.79 14.00
C TYR S 575 38.06 -57.68 15.42
N ASP S 576 38.80 -57.00 16.29
CA ASP S 576 38.40 -56.75 17.69
C ASP S 576 38.68 -55.30 18.03
N GLY S 577 37.63 -54.48 18.07
CA GLY S 577 37.84 -53.07 18.36
C GLY S 577 37.29 -52.57 19.67
N ASN S 578 38.09 -51.81 20.43
CA ASN S 578 37.65 -51.07 21.60
C ASN S 578 37.53 -49.60 21.27
N VAL S 579 36.58 -48.93 21.91
CA VAL S 579 36.55 -47.47 21.97
C VAL S 579 36.07 -47.08 23.36
N THR S 580 36.70 -46.07 23.95
CA THR S 580 36.26 -45.48 25.20
C THR S 580 35.46 -44.22 24.92
N MET S 581 34.33 -44.06 25.60
CA MET S 581 33.42 -42.96 25.33
C MET S 581 32.59 -42.67 26.58
N GLN S 582 31.77 -41.63 26.49
CA GLN S 582 30.93 -41.14 27.58
C GLN S 582 29.45 -41.38 27.25
N SER S 583 28.58 -41.06 28.21
CA SER S 583 27.17 -41.38 28.06
C SER S 583 26.48 -40.47 27.05
N GLY S 584 26.51 -39.17 27.27
CA GLY S 584 25.80 -38.30 26.37
C GLY S 584 26.69 -37.73 25.29
N GLN S 585 27.61 -38.54 24.79
CA GLN S 585 28.61 -38.03 23.86
C GLN S 585 27.99 -37.66 22.53
N ARG S 586 28.39 -36.51 22.01
CA ARG S 586 27.91 -36.00 20.74
C ARG S 586 28.95 -36.25 19.65
N SER S 587 28.53 -36.07 18.41
CA SER S 587 29.41 -36.21 17.28
C SER S 587 30.31 -34.99 17.12
N LEU S 588 31.31 -35.13 16.27
CA LEU S 588 32.27 -34.08 15.98
C LEU S 588 32.16 -33.70 14.51
N SER S 589 32.15 -32.39 14.22
CA SER S 589 32.00 -31.91 12.85
C SER S 589 33.30 -31.23 12.42
N ALA S 590 34.24 -32.03 11.93
CA ALA S 590 35.43 -31.44 11.33
C ALA S 590 35.38 -31.54 9.80
N THR S 591 35.43 -32.76 9.28
CA THR S 591 35.09 -33.13 7.91
C THR S 591 35.97 -32.50 6.83
N GLY S 592 36.77 -31.50 7.19
CA GLY S 592 37.62 -30.80 6.23
C GLY S 592 36.96 -30.35 4.93
N GLY S 593 35.63 -30.31 4.91
CA GLY S 593 34.88 -30.02 3.71
C GLY S 593 34.46 -31.24 2.92
N ALA S 594 35.00 -32.41 3.22
CA ALA S 594 34.64 -33.64 2.57
C ALA S 594 33.52 -34.34 3.32
N GLN S 595 32.74 -35.14 2.60
CA GLN S 595 31.61 -35.86 3.17
C GLN S 595 32.02 -37.28 3.51
N ASN S 596 31.74 -37.70 4.73
CA ASN S 596 32.12 -39.00 5.23
C ASN S 596 30.90 -39.63 5.92
N ALA S 597 30.80 -40.95 5.84
CA ALA S 597 29.66 -41.64 6.42
C ALA S 597 29.72 -41.75 7.93
N SER S 598 30.85 -41.45 8.55
CA SER S 598 31.02 -41.55 9.99
C SER S 598 31.05 -40.19 10.66
N SER S 599 30.58 -39.14 9.97
CA SER S 599 30.59 -37.81 10.54
C SER S 599 29.67 -37.69 11.76
N GLY S 600 28.56 -38.39 11.75
CA GLY S 600 27.59 -38.26 12.82
C GLY S 600 27.77 -39.24 13.96
N ALA S 601 28.91 -39.93 13.98
CA ALA S 601 29.18 -40.92 15.00
C ALA S 601 29.78 -40.26 16.24
N ALA S 602 29.34 -40.72 17.42
CA ALA S 602 29.90 -40.20 18.65
C ALA S 602 31.34 -40.66 18.86
N ALA S 603 31.65 -41.88 18.40
CA ALA S 603 32.99 -42.44 18.49
C ALA S 603 33.24 -43.29 17.26
N SER S 604 34.51 -43.54 16.95
CA SER S 604 34.86 -44.28 15.74
C SER S 604 36.21 -44.95 15.91
N VAL S 605 36.43 -45.98 15.10
CA VAL S 605 37.76 -46.55 14.90
C VAL S 605 37.80 -47.14 13.50
N LYS S 606 38.91 -46.92 12.80
CA LYS S 606 39.06 -47.34 11.42
C LYS S 606 40.44 -47.96 11.24
N SER S 607 40.55 -48.84 10.24
CA SER S 607 41.85 -49.35 9.83
C SER S 607 41.68 -49.98 8.46
N GLY S 608 42.50 -49.53 7.50
CA GLY S 608 42.31 -49.92 6.13
C GLY S 608 42.86 -48.89 5.17
N GLY S 609 42.00 -48.37 4.30
CA GLY S 609 42.36 -47.29 3.41
C GLY S 609 41.27 -46.26 3.35
N ARG S 610 41.47 -45.25 2.51
CA ARG S 610 40.51 -44.17 2.33
C ARG S 610 40.62 -43.55 0.96
N LEU S 611 39.53 -43.58 0.19
CA LEU S 611 39.49 -42.96 -1.12
C LEU S 611 39.05 -41.51 -0.98
N GLU S 612 39.81 -40.60 -1.60
CA GLU S 612 39.47 -39.18 -1.63
C GLU S 612 39.00 -38.82 -3.04
N ILE S 613 37.81 -38.25 -3.15
CA ILE S 613 37.16 -37.99 -4.42
C ILE S 613 36.86 -36.50 -4.53
N ASN S 614 37.33 -35.87 -5.60
CA ASN S 614 37.15 -34.44 -5.85
C ASN S 614 36.67 -34.29 -7.29
N ILE S 615 35.35 -34.22 -7.48
CA ILE S 615 34.76 -34.10 -8.81
C ILE S 615 34.05 -32.75 -8.88
N PRO S 616 34.47 -31.84 -9.76
CA PRO S 616 33.77 -30.56 -9.89
C PRO S 616 32.48 -30.70 -10.69
N SER S 617 31.43 -30.04 -10.20
CA SER S 617 30.12 -30.10 -10.83
C SER S 617 29.43 -28.76 -10.69
N ALA S 618 28.49 -28.50 -11.60
CA ALA S 618 27.75 -27.24 -11.57
C ALA S 618 26.60 -27.26 -10.58
N ALA S 619 26.19 -28.43 -10.11
CA ALA S 619 25.15 -28.55 -9.10
C ALA S 619 25.71 -28.67 -7.69
N GLY S 620 27.02 -28.55 -7.53
CA GLY S 620 27.70 -28.75 -6.26
C GLY S 620 28.76 -29.81 -6.48
N ASN S 621 29.97 -29.50 -6.04
CA ASN S 621 31.08 -30.42 -6.21
C ASN S 621 30.86 -31.70 -5.42
N ILE S 622 31.28 -32.82 -6.00
CA ILE S 622 31.29 -34.10 -5.29
C ILE S 622 32.63 -34.21 -4.60
N VAL S 623 32.65 -33.97 -3.29
CA VAL S 623 33.86 -34.07 -2.48
C VAL S 623 33.55 -35.07 -1.39
N ARG S 624 34.06 -36.30 -1.54
CA ARG S 624 33.68 -37.41 -0.70
C ARG S 624 34.91 -38.09 -0.13
N GLN S 625 34.67 -38.92 0.89
CA GLN S 625 35.65 -39.87 1.39
C GLN S 625 34.98 -41.22 1.54
N ILE S 626 35.56 -42.26 0.96
CA ILE S 626 35.09 -43.62 1.13
C ILE S 626 36.16 -44.40 1.86
N ASP S 627 35.81 -44.99 2.99
CA ASP S 627 36.72 -45.74 3.82
C ASP S 627 36.48 -47.23 3.60
N TYR S 628 37.56 -48.00 3.54
CA TYR S 628 37.48 -49.45 3.46
C TYR S 628 38.38 -50.06 4.52
N GLY S 629 38.31 -51.37 4.63
CA GLY S 629 39.00 -52.07 5.69
C GLY S 629 38.06 -52.46 6.80
N LEU S 630 38.21 -51.84 7.97
CA LEU S 630 37.26 -51.98 9.07
C LEU S 630 36.74 -50.60 9.44
N ASN S 631 35.43 -50.49 9.61
CA ASN S 631 34.81 -49.27 10.12
C ASN S 631 33.88 -49.65 11.26
N LEU S 632 34.06 -49.02 12.42
CA LEU S 632 33.19 -49.21 13.57
C LEU S 632 32.69 -47.85 14.03
N ASP S 633 31.38 -47.65 13.97
CA ASP S 633 30.77 -46.40 14.38
C ASP S 633 29.82 -46.64 15.55
N PHE S 634 29.82 -45.72 16.50
CA PHE S 634 28.96 -45.78 17.68
C PHE S 634 28.11 -44.53 17.73
N PHE S 635 26.81 -44.70 17.93
CA PHE S 635 25.86 -43.60 17.93
C PHE S 635 25.07 -43.61 19.24
N SER S 636 24.99 -42.46 19.89
CA SER S 636 24.10 -42.22 21.03
C SER S 636 24.28 -43.20 22.19
N PRO S 637 25.41 -43.17 22.89
CA PRO S 637 25.71 -44.21 23.91
C PRO S 637 25.25 -43.88 25.33
N GLN S 638 23.95 -43.94 25.61
CA GLN S 638 23.48 -43.64 26.95
C GLN S 638 23.70 -44.81 27.90
N VAL S 639 24.08 -44.50 29.14
CA VAL S 639 24.32 -45.48 30.19
C VAL S 639 23.47 -45.13 31.39
N ALA S 640 22.82 -46.13 31.98
CA ALA S 640 21.96 -45.95 33.14
C ALA S 640 22.76 -46.14 34.43
N PRO S 641 22.24 -45.63 35.56
CA PRO S 641 22.94 -45.85 36.83
C PRO S 641 23.11 -47.31 37.21
N ASP S 642 22.23 -48.19 36.75
CA ASP S 642 22.46 -49.63 36.95
C ASP S 642 23.75 -50.08 36.30
N GLY S 643 24.12 -49.49 35.18
CA GLY S 643 25.13 -50.03 34.31
C GLY S 643 24.60 -50.59 33.01
N THR S 644 23.33 -50.34 32.68
CA THR S 644 22.75 -50.77 31.42
C THR S 644 23.21 -49.83 30.31
N ILE S 645 23.72 -50.40 29.22
CA ILE S 645 24.29 -49.65 28.12
C ILE S 645 23.38 -49.82 26.90
N THR S 646 22.90 -48.70 26.36
CA THR S 646 22.14 -48.67 25.12
C THR S 646 22.98 -47.97 24.05
N LEU S 647 22.93 -48.46 22.82
CA LEU S 647 23.94 -48.07 21.85
C LEU S 647 23.47 -48.42 20.44
N ARG S 648 23.88 -47.62 19.46
CA ARG S 648 23.71 -47.98 18.05
C ARG S 648 25.10 -48.22 17.48
N ILE S 649 25.29 -49.37 16.84
CA ILE S 649 26.58 -49.79 16.32
C ILE S 649 26.41 -50.13 14.85
N ARG S 650 27.32 -49.65 14.00
CA ARG S 650 27.26 -50.14 12.64
C ARG S 650 28.25 -51.28 12.37
N GLY S 651 29.54 -50.99 12.30
CA GLY S 651 30.44 -52.09 11.98
C GLY S 651 30.41 -52.45 10.51
N GLN S 652 31.57 -52.56 9.87
CA GLN S 652 31.60 -52.82 8.43
C GLN S 652 32.99 -53.26 8.02
N VAL S 653 33.07 -54.29 7.20
CA VAL S 653 34.33 -54.76 6.61
C VAL S 653 34.16 -54.75 5.10
N ASN S 654 35.05 -54.05 4.40
CA ASN S 654 34.97 -53.98 2.95
C ASN S 654 36.37 -53.84 2.36
N GLN S 655 36.48 -54.20 1.09
CA GLN S 655 37.71 -54.11 0.32
C GLN S 655 37.36 -53.73 -1.10
N PRO S 656 38.21 -52.99 -1.79
CA PRO S 656 38.01 -52.81 -3.23
C PRO S 656 38.12 -54.14 -3.95
N ALA S 657 37.20 -54.37 -4.88
CA ALA S 657 37.18 -55.64 -5.59
C ALA S 657 38.41 -55.80 -6.47
N THR S 658 38.83 -54.72 -7.13
CA THR S 658 40.07 -54.70 -7.90
C THR S 658 40.86 -53.48 -7.50
N ALA S 659 42.19 -53.57 -7.63
CA ALA S 659 43.07 -52.56 -7.08
C ALA S 659 42.91 -51.22 -7.79
N ILE S 660 43.09 -50.15 -7.02
CA ILE S 660 43.08 -48.79 -7.55
C ILE S 660 44.44 -48.51 -8.15
N THR S 661 44.47 -48.02 -9.40
CA THR S 661 45.72 -47.99 -10.16
C THR S 661 46.02 -46.64 -10.79
N ALA S 662 45.50 -45.54 -10.23
CA ALA S 662 45.83 -44.19 -10.68
C ALA S 662 45.35 -43.90 -12.10
N ASP S 663 44.82 -44.92 -12.77
CA ASP S 663 44.03 -44.75 -13.97
C ASP S 663 42.56 -44.96 -13.71
N SER S 664 42.19 -45.22 -12.46
CA SER S 664 40.81 -45.47 -12.09
C SER S 664 40.03 -44.16 -12.09
N LEU S 665 38.76 -44.27 -12.40
CA LEU S 665 37.87 -43.13 -12.32
C LEU S 665 36.88 -43.31 -11.18
N PRO S 666 36.47 -42.24 -10.53
CA PRO S 666 35.62 -42.38 -9.35
C PRO S 666 34.15 -42.56 -9.68
N ASN S 667 33.85 -42.91 -10.94
CA ASN S 667 32.47 -42.98 -11.38
C ASN S 667 31.80 -44.31 -11.08
N LEU S 668 32.58 -45.37 -10.83
CA LEU S 668 32.01 -46.67 -10.50
C LEU S 668 33.09 -47.52 -9.83
N ILE S 669 32.83 -47.98 -8.61
CA ILE S 669 33.80 -48.73 -7.82
C ILE S 669 33.07 -49.92 -7.18
N ASP S 670 33.75 -51.06 -7.04
CA ASP S 670 33.03 -52.33 -6.89
C ASP S 670 32.90 -52.81 -5.44
N PHE S 671 33.98 -52.78 -4.65
CA PHE S 671 33.88 -52.78 -3.19
C PHE S 671 33.13 -54.01 -2.64
N THR S 672 33.81 -55.15 -2.62
CA THR S 672 33.40 -56.25 -1.72
C THR S 672 33.03 -55.71 -0.34
N ASN S 673 31.91 -56.18 0.21
CA ASN S 673 31.35 -55.52 1.40
C ASN S 673 30.54 -56.47 2.28
N SER S 674 30.62 -56.26 3.59
CA SER S 674 29.78 -56.90 4.59
C SER S 674 29.48 -55.90 5.70
N GLU S 675 28.22 -55.82 6.12
CA GLU S 675 27.80 -54.73 6.99
C GLU S 675 26.62 -55.17 7.84
N ALA S 676 26.38 -54.44 8.92
CA ALA S 676 25.23 -54.62 9.80
C ALA S 676 25.02 -53.34 10.59
N GLN S 677 23.80 -53.13 11.08
CA GLN S 677 23.54 -52.02 11.99
C GLN S 677 22.25 -52.28 12.74
N SER S 678 22.22 -51.87 14.00
CA SER S 678 21.07 -52.09 14.87
C SER S 678 21.34 -51.40 16.20
N THR S 679 20.35 -51.44 17.08
CA THR S 679 20.44 -50.90 18.42
C THR S 679 20.37 -52.06 19.40
N ILE S 680 21.26 -52.08 20.38
CA ILE S 680 21.27 -53.14 21.37
C ILE S 680 21.32 -52.54 22.76
N THR S 681 20.90 -53.34 23.74
CA THR S 681 20.97 -52.94 25.13
C THR S 681 21.40 -54.16 25.95
N PHE S 682 22.37 -53.94 26.83
CA PHE S 682 22.92 -55.00 27.67
C PHE S 682 23.42 -54.36 28.94
N LYS S 683 23.60 -55.18 29.97
CA LYS S 683 24.15 -54.68 31.22
C LYS S 683 25.67 -54.80 31.24
N ASN S 684 26.27 -54.11 32.19
CA ASN S 684 27.71 -54.05 32.36
C ASN S 684 28.30 -55.45 32.47
N GLY S 685 29.10 -55.85 31.47
CA GLY S 685 29.80 -57.12 31.51
C GLY S 685 29.18 -58.24 30.70
N GLN S 686 27.98 -58.05 30.15
CA GLN S 686 27.33 -59.10 29.38
C GLN S 686 27.77 -59.09 27.93
N THR S 687 27.41 -60.15 27.21
CA THR S 687 27.78 -60.33 25.82
C THR S 687 26.54 -60.68 25.00
N ILE S 688 26.37 -60.01 23.87
CA ILE S 688 25.18 -60.16 23.05
C ILE S 688 25.58 -60.22 21.58
N LEU S 689 24.86 -61.02 20.81
CA LEU S 689 25.07 -61.13 19.37
C LEU S 689 24.14 -60.15 18.65
N MET S 690 24.73 -59.19 17.93
CA MET S 690 23.90 -58.24 17.21
C MET S 690 23.43 -58.79 15.87
N SER S 691 24.25 -59.59 15.20
CA SER S 691 23.90 -60.07 13.88
C SER S 691 24.68 -61.34 13.59
N GLY S 692 24.12 -62.16 12.72
CA GLY S 692 24.78 -63.37 12.28
C GLY S 692 24.30 -63.73 10.89
N LEU S 693 25.13 -64.42 10.14
CA LEU S 693 24.78 -64.79 8.78
C LEU S 693 25.48 -66.09 8.40
N LEU S 694 24.70 -67.11 8.06
CA LEU S 694 25.22 -68.40 7.63
C LEU S 694 24.83 -68.63 6.18
N GLY S 695 25.79 -69.06 5.36
CA GLY S 695 25.56 -69.28 3.95
C GLY S 695 25.95 -70.68 3.52
N SER S 696 25.58 -71.03 2.29
CA SER S 696 25.86 -72.32 1.70
C SER S 696 25.51 -72.28 0.21
N THR S 697 26.34 -72.91 -0.61
CA THR S 697 26.04 -73.08 -2.03
C THR S 697 26.40 -74.50 -2.45
N GLU S 698 26.08 -74.82 -3.71
CA GLU S 698 26.37 -76.11 -4.31
C GLU S 698 26.01 -76.04 -5.80
N THR S 699 26.82 -76.66 -6.66
CA THR S 699 26.61 -76.53 -8.10
C THR S 699 26.39 -77.85 -8.83
N THR S 700 27.20 -78.89 -8.58
CA THR S 700 26.92 -80.28 -8.94
C THR S 700 26.38 -80.44 -10.38
N ASN S 701 27.26 -80.17 -11.35
CA ASN S 701 26.93 -80.47 -12.74
C ASN S 701 27.32 -81.89 -13.12
N ARG S 702 26.88 -82.31 -14.30
CA ARG S 702 27.11 -83.66 -14.81
C ARG S 702 26.68 -83.74 -16.26
N SER S 703 27.45 -84.46 -17.07
CA SER S 703 27.23 -84.49 -18.52
C SER S 703 27.81 -85.76 -19.12
N GLY S 704 27.28 -86.16 -20.26
CA GLY S 704 27.82 -87.29 -20.98
C GLY S 704 26.86 -88.08 -21.86
N VAL S 705 27.02 -89.40 -21.85
CA VAL S 705 26.22 -90.33 -22.65
C VAL S 705 24.86 -90.54 -21.98
N PRO S 706 23.76 -90.61 -22.74
CA PRO S 706 22.45 -90.82 -22.11
C PRO S 706 22.36 -92.15 -21.38
N PHE S 707 21.92 -92.08 -20.12
CA PHE S 707 21.64 -93.20 -19.23
C PHE S 707 22.89 -93.92 -18.75
N LEU S 708 24.04 -93.63 -19.35
CA LEU S 708 25.27 -94.28 -18.92
C LEU S 708 26.10 -93.38 -18.02
N SER S 709 26.07 -92.07 -18.25
CA SER S 709 26.75 -91.13 -17.39
C SER S 709 26.04 -90.94 -16.05
N SER S 710 24.82 -91.44 -15.92
CA SER S 710 24.06 -91.30 -14.68
C SER S 710 24.14 -92.54 -13.79
N LEU S 711 24.86 -93.58 -14.23
CA LEU S 711 25.00 -94.76 -13.41
C LEU S 711 25.87 -94.47 -12.20
N PRO S 712 25.57 -95.04 -11.04
CA PRO S 712 26.36 -94.76 -9.84
C PRO S 712 27.75 -95.39 -9.93
N GLY S 713 28.77 -94.60 -9.60
CA GLY S 713 30.14 -95.08 -9.64
C GLY S 713 30.74 -95.03 -11.02
N VAL S 714 30.34 -95.96 -11.90
CA VAL S 714 30.92 -96.05 -13.24
C VAL S 714 30.39 -95.00 -14.19
N GLY S 715 29.53 -94.10 -13.73
CA GLY S 715 28.99 -93.09 -14.62
C GLY S 715 30.05 -92.16 -15.19
N ALA S 716 31.08 -91.88 -14.41
CA ALA S 716 32.12 -90.96 -14.84
C ALA S 716 32.97 -91.52 -15.97
N ALA S 717 32.83 -92.81 -16.29
CA ALA S 717 33.51 -93.40 -17.44
C ALA S 717 32.88 -93.01 -18.77
N PHE S 718 31.72 -92.35 -18.75
CA PHE S 718 31.00 -91.97 -19.96
C PHE S 718 30.68 -90.49 -19.95
N GLY S 719 31.63 -89.66 -19.57
CA GLY S 719 31.38 -88.23 -19.56
C GLY S 719 32.12 -87.58 -18.40
N GLU S 720 31.58 -86.45 -17.96
CA GLU S 720 32.17 -85.63 -16.90
C GLU S 720 31.33 -85.70 -15.63
N LYS S 721 31.80 -84.98 -14.62
CA LYS S 721 31.11 -84.81 -13.35
C LYS S 721 31.86 -83.74 -12.57
N ARG S 722 31.11 -82.89 -11.88
CA ARG S 722 31.69 -81.76 -11.18
C ARG S 722 30.78 -81.41 -10.01
N THR S 723 31.38 -81.08 -8.87
CA THR S 723 30.62 -80.66 -7.72
C THR S 723 31.42 -79.66 -6.91
N GLU S 724 30.75 -78.63 -6.41
CA GLU S 724 31.35 -77.61 -5.59
C GLU S 724 30.44 -77.33 -4.41
N LYS S 725 31.05 -76.96 -3.28
CA LYS S 725 30.30 -76.63 -2.08
C LYS S 725 30.99 -75.49 -1.36
N THR S 726 30.20 -74.59 -0.77
CA THR S 726 30.71 -73.43 -0.08
C THR S 726 29.95 -73.27 1.22
N GLN S 727 30.64 -72.78 2.25
CA GLN S 727 30.06 -72.41 3.53
C GLN S 727 30.56 -71.04 3.91
N SER S 728 29.78 -70.32 4.71
CA SER S 728 30.25 -69.05 5.23
C SER S 728 29.58 -68.77 6.56
N GLN S 729 30.25 -67.99 7.40
CA GLN S 729 29.71 -67.54 8.68
C GLN S 729 30.17 -66.12 8.93
N LEU S 730 29.25 -65.27 9.39
CA LEU S 730 29.57 -63.91 9.79
C LEU S 730 28.92 -63.66 11.14
N LEU S 731 29.68 -63.17 12.10
CA LEU S 731 29.20 -62.93 13.45
C LEU S 731 29.64 -61.55 13.91
N VAL S 732 28.72 -60.80 14.52
CA VAL S 732 29.03 -59.52 15.14
C VAL S 732 28.61 -59.59 16.60
N ILE S 733 29.58 -59.46 17.50
CA ILE S 733 29.37 -59.68 18.93
C ILE S 733 29.84 -58.44 19.68
N ILE S 734 29.04 -57.99 20.65
CA ILE S 734 29.29 -56.76 21.38
C ILE S 734 29.32 -57.03 22.88
N THR S 735 30.30 -56.43 23.57
CA THR S 735 30.35 -56.40 25.02
C THR S 735 30.84 -55.02 25.45
N GLY S 736 30.68 -54.73 26.73
CA GLY S 736 31.13 -53.44 27.25
C GLY S 736 31.18 -53.46 28.76
N THR S 737 31.96 -52.54 29.30
CA THR S 737 32.12 -52.39 30.74
C THR S 737 32.14 -50.91 31.08
N VAL S 738 31.82 -50.61 32.33
CA VAL S 738 31.91 -49.25 32.86
C VAL S 738 33.29 -49.05 33.45
N VAL S 739 33.96 -47.98 33.05
CA VAL S 739 35.33 -47.69 33.46
C VAL S 739 35.26 -46.74 34.65
N LYS S 740 35.59 -47.24 35.84
CA LYS S 740 35.55 -46.40 37.03
C LYS S 740 36.87 -45.65 37.21
N GLY T 61 18.88 -86.28 13.02
CA GLY T 61 17.81 -85.87 13.90
C GLY T 61 17.87 -84.40 14.26
N VAL T 62 19.09 -83.86 14.30
CA VAL T 62 19.32 -82.45 14.58
C VAL T 62 20.04 -81.88 13.37
N THR T 63 19.32 -81.08 12.58
CA THR T 63 19.85 -80.54 11.34
C THR T 63 20.14 -79.06 11.41
N VAL T 64 19.49 -78.33 12.28
CA VAL T 64 19.58 -76.88 12.34
C VAL T 64 20.65 -76.48 13.34
N THR T 65 21.49 -75.54 12.93
CA THR T 65 22.55 -75.04 13.79
C THR T 65 21.96 -74.20 14.93
N PRO T 66 22.28 -74.50 16.19
CA PRO T 66 21.84 -73.64 17.28
C PRO T 66 22.52 -72.28 17.21
N VAL T 67 21.83 -71.27 17.71
CA VAL T 67 22.30 -69.89 17.70
C VAL T 67 22.36 -69.40 19.14
N LEU T 68 23.50 -68.88 19.55
CA LEU T 68 23.66 -68.29 20.87
C LEU T 68 23.55 -66.78 20.75
N ILE T 69 22.59 -66.20 21.47
CA ILE T 69 22.30 -64.78 21.34
C ILE T 69 22.82 -63.95 22.50
N LYS T 70 22.77 -64.46 23.74
CA LYS T 70 23.18 -63.65 24.88
C LYS T 70 23.70 -64.54 25.99
N VAL T 71 24.75 -64.10 26.67
CA VAL T 71 25.19 -64.68 27.92
C VAL T 71 25.31 -63.55 28.95
N SER T 72 25.22 -63.93 30.21
CA SER T 72 25.30 -62.96 31.30
C SER T 72 26.76 -62.70 31.65
N GLU T 73 26.99 -61.98 32.74
CA GLU T 73 28.32 -61.58 33.16
C GLU T 73 28.80 -62.44 34.32
N GLY T 74 30.07 -62.23 34.69
CA GLY T 74 30.58 -62.80 35.91
C GLY T 74 31.17 -64.19 35.76
N ALA T 75 30.38 -65.20 36.10
CA ALA T 75 30.78 -66.61 36.03
C ALA T 75 31.95 -66.90 36.96
N ALA T 76 31.72 -66.69 38.22
CA ALA T 76 32.60 -67.18 39.26
C ALA T 76 32.03 -68.45 39.86
N PRO T 77 32.86 -69.36 40.38
CA PRO T 77 32.33 -70.61 40.95
C PRO T 77 31.26 -70.36 42.00
N GLY T 78 30.06 -70.87 41.75
CA GLY T 78 28.91 -70.59 42.57
C GLY T 78 27.94 -69.58 42.01
N ASP T 79 28.33 -68.87 40.95
CA ASP T 79 27.44 -67.92 40.31
C ASP T 79 26.53 -68.62 39.31
N THR T 80 25.52 -67.88 38.85
CA THR T 80 24.52 -68.38 37.91
C THR T 80 24.82 -67.82 36.53
N LEU T 81 24.95 -68.70 35.54
CA LEU T 81 25.25 -68.33 34.17
C LEU T 81 24.03 -68.61 33.31
N THR T 82 23.51 -67.59 32.63
CA THR T 82 22.32 -67.72 31.80
C THR T 82 22.70 -67.57 30.34
N ILE T 83 22.21 -68.47 29.50
CA ILE T 83 22.47 -68.48 28.06
C ILE T 83 21.12 -68.44 27.35
N GLN T 84 21.03 -67.63 26.30
CA GLN T 84 19.81 -67.51 25.53
C GLN T 84 20.10 -67.75 24.05
N GLY T 85 19.25 -68.51 23.40
CA GLY T 85 19.48 -68.89 22.03
C GLY T 85 18.19 -69.28 21.36
N ARG T 86 18.30 -70.05 20.26
CA ARG T 86 17.11 -70.44 19.53
C ARG T 86 16.86 -71.94 19.49
N TYR T 87 17.76 -72.73 18.93
CA TYR T 87 17.51 -74.17 18.80
C TYR T 87 18.35 -74.97 19.80
N LEU T 88 18.09 -74.76 21.09
CA LEU T 88 19.01 -75.27 22.11
C LEU T 88 18.66 -76.66 22.63
N GLY T 89 17.51 -77.22 22.25
CA GLY T 89 17.22 -78.62 22.52
C GLY T 89 16.87 -78.99 23.95
N ASN T 90 17.41 -80.12 24.41
CA ASN T 90 17.17 -80.67 25.73
C ASN T 90 18.47 -80.78 26.52
N ALA T 91 18.33 -80.83 27.84
CA ALA T 91 19.45 -81.17 28.70
C ALA T 91 19.86 -82.64 28.58
N GLN T 92 18.96 -83.48 28.08
CA GLN T 92 19.27 -84.89 27.83
C GLN T 92 19.84 -85.14 26.45
N THR T 93 19.87 -84.13 25.58
CA THR T 93 20.35 -84.26 24.24
C THR T 93 21.60 -83.42 23.96
N ALA T 94 21.85 -82.37 24.75
CA ALA T 94 22.87 -81.39 24.46
C ALA T 94 23.75 -81.19 25.68
N ARG T 95 24.84 -80.45 25.48
CA ARG T 95 25.78 -80.10 26.55
C ARG T 95 26.43 -78.76 26.24
N VAL T 96 26.86 -78.08 27.30
CA VAL T 96 27.53 -76.78 27.19
C VAL T 96 29.02 -76.99 27.37
N ILE T 97 29.83 -76.38 26.50
CA ILE T 97 31.28 -76.51 26.53
C ILE T 97 31.87 -75.12 26.71
N ILE T 98 32.80 -75.00 27.66
CA ILE T 98 33.42 -73.72 27.98
C ILE T 98 34.92 -73.92 27.95
N GLY T 99 35.64 -72.83 27.74
CA GLY T 99 37.08 -72.90 27.63
C GLY T 99 37.61 -73.26 26.27
N ALA T 100 36.77 -73.24 25.23
CA ALA T 100 37.19 -73.61 23.90
C ALA T 100 37.82 -72.42 23.19
N ASP T 101 38.37 -72.68 22.01
CA ASP T 101 38.94 -71.62 21.20
C ASP T 101 37.91 -71.16 20.18
N GLU T 102 38.32 -70.31 19.23
CA GLU T 102 37.38 -69.74 18.27
C GLU T 102 36.66 -70.79 17.46
N ASN T 103 37.26 -71.97 17.28
CA ASN T 103 36.73 -73.01 16.40
C ASN T 103 35.98 -74.09 17.17
N GLY T 104 35.86 -73.96 18.48
CA GLY T 104 35.20 -74.97 19.28
C GLY T 104 36.09 -76.07 19.79
N GLN T 105 37.38 -76.06 19.42
CA GLN T 105 38.29 -77.11 19.84
C GLN T 105 38.74 -76.88 21.27
N GLY T 106 39.16 -77.95 21.93
CA GLY T 106 39.49 -77.83 23.32
C GLY T 106 38.24 -77.63 24.16
N GLY T 107 38.44 -77.17 25.37
CA GLY T 107 37.33 -76.83 26.23
C GLY T 107 36.81 -78.02 27.01
N THR T 108 36.11 -77.71 28.11
CA THR T 108 35.58 -78.71 29.02
C THR T 108 34.08 -78.53 29.13
N ALA T 109 33.36 -79.64 29.18
CA ALA T 109 31.91 -79.59 29.24
C ALA T 109 31.43 -79.42 30.68
N PHE T 110 30.34 -78.67 30.83
CA PHE T 110 29.71 -78.53 32.13
C PHE T 110 29.16 -79.88 32.57
N PRO T 111 29.21 -80.18 33.86
CA PRO T 111 28.57 -81.41 34.35
C PRO T 111 27.06 -81.29 34.26
N ALA T 112 26.40 -82.44 34.13
CA ALA T 112 24.94 -82.45 34.07
C ALA T 112 24.30 -81.96 35.36
N SER T 113 25.00 -82.04 36.48
CA SER T 113 24.49 -81.55 37.75
C SER T 113 24.51 -80.03 37.86
N ALA T 114 25.19 -79.36 36.92
CA ALA T 114 25.27 -77.91 36.93
C ALA T 114 24.05 -77.24 36.31
N VAL T 115 23.17 -78.01 35.70
CA VAL T 115 22.05 -77.46 34.94
C VAL T 115 20.87 -77.24 35.89
N GLN T 116 20.39 -76.01 35.96
CA GLN T 116 19.21 -75.67 36.73
C GLN T 116 17.95 -75.69 35.89
N SER T 117 18.02 -75.13 34.68
CA SER T 117 16.92 -75.11 33.74
C SER T 117 17.49 -75.28 32.34
N TRP T 118 16.68 -75.82 31.44
CA TRP T 118 17.10 -75.96 30.05
C TRP T 118 15.86 -75.99 29.17
N SER T 119 15.56 -74.86 28.56
CA SER T 119 14.55 -74.76 27.53
C SER T 119 15.24 -74.71 26.17
N ASP T 120 14.45 -74.63 25.11
CA ASP T 120 15.04 -74.49 23.79
C ASP T 120 15.53 -73.08 23.52
N THR T 121 15.22 -72.12 24.38
CA THR T 121 15.69 -70.75 24.23
C THR T 121 16.41 -70.19 25.45
N GLU T 122 16.63 -70.98 26.49
CA GLU T 122 17.33 -70.50 27.67
C GLU T 122 17.94 -71.65 28.43
N ILE T 123 19.20 -71.49 28.84
CA ILE T 123 19.88 -72.44 29.71
C ILE T 123 20.39 -71.68 30.93
N VAL T 124 20.13 -72.23 32.11
CA VAL T 124 20.59 -71.65 33.37
C VAL T 124 21.50 -72.66 34.04
N LEU T 125 22.68 -72.21 34.47
CA LEU T 125 23.71 -73.09 35.00
C LEU T 125 24.23 -72.55 36.33
N LYS T 126 24.85 -73.44 37.10
CA LYS T 126 25.64 -73.08 38.25
C LYS T 126 27.10 -73.40 37.96
N VAL T 127 27.97 -72.41 38.07
CA VAL T 127 29.37 -72.60 37.70
C VAL T 127 30.03 -73.46 38.76
N PRO T 128 30.63 -74.58 38.38
CA PRO T 128 31.27 -75.46 39.36
C PRO T 128 32.64 -74.90 39.76
N GLU T 129 33.36 -75.69 40.55
CA GLU T 129 34.71 -75.34 40.97
C GLU T 129 35.71 -76.04 40.05
N GLY T 130 36.65 -75.26 39.53
CA GLY T 130 37.71 -75.84 38.71
C GLY T 130 37.70 -75.42 37.25
N MET T 131 36.82 -74.47 36.89
CA MET T 131 36.83 -73.97 35.53
C MET T 131 38.03 -73.05 35.31
N PRO T 132 38.53 -72.97 34.08
CA PRO T 132 39.72 -72.14 33.80
C PRO T 132 39.35 -70.66 33.75
N ALA T 133 39.92 -69.89 34.68
CA ALA T 133 39.66 -68.46 34.72
C ALA T 133 40.29 -67.76 33.51
N GLY T 134 39.72 -66.63 33.14
CA GLY T 134 40.14 -65.89 31.98
C GLY T 134 39.11 -65.97 30.85
N GLY T 135 39.48 -65.37 29.73
CA GLY T 135 38.59 -65.35 28.60
C GLY T 135 38.65 -66.63 27.78
N SER T 136 37.51 -67.01 27.24
CA SER T 136 37.39 -68.24 26.47
C SER T 136 36.08 -68.19 25.70
N TRP T 137 35.80 -69.25 24.96
CA TRP T 137 34.62 -69.33 24.11
C TRP T 137 33.65 -70.36 24.66
N LEU T 138 32.37 -70.07 24.54
CA LEU T 138 31.31 -70.94 25.00
C LEU T 138 30.47 -71.41 23.82
N PHE T 139 30.21 -72.71 23.76
CA PHE T 139 29.43 -73.31 22.71
C PHE T 139 28.39 -74.23 23.33
N VAL T 140 27.32 -74.47 22.59
CA VAL T 140 26.31 -75.47 22.94
C VAL T 140 26.27 -76.48 21.81
N GLU T 141 26.42 -77.76 22.14
CA GLU T 141 26.39 -78.83 21.17
C GLU T 141 25.08 -79.59 21.31
N VAL T 142 24.18 -79.41 20.35
CA VAL T 142 22.86 -80.04 20.38
C VAL T 142 22.86 -81.20 19.41
N GLY T 143 22.71 -82.42 19.94
CA GLY T 143 22.70 -83.58 19.10
C GLY T 143 23.96 -83.76 18.29
N GLY T 144 25.10 -83.34 18.82
CA GLY T 144 26.36 -83.42 18.12
C GLY T 144 26.66 -82.27 17.21
N LYS T 145 25.72 -81.33 17.03
CA LYS T 145 25.92 -80.18 16.15
C LYS T 145 26.29 -78.97 16.99
N ARG T 146 27.33 -78.27 16.58
CA ARG T 146 27.86 -77.14 17.33
C ARG T 146 27.14 -75.86 16.95
N SER T 147 26.97 -74.99 17.93
CA SER T 147 26.28 -73.72 17.73
C SER T 147 27.27 -72.66 17.27
N THR T 148 26.80 -71.43 17.18
CA THR T 148 27.68 -70.27 17.09
C THR T 148 28.13 -69.90 18.49
N GLY T 149 29.35 -69.44 18.61
CA GLY T 149 29.92 -69.22 19.92
C GLY T 149 29.75 -67.81 20.43
N LEU T 150 29.98 -67.66 21.73
CA LEU T 150 30.07 -66.37 22.39
C LEU T 150 31.27 -66.39 23.32
N ARG T 151 31.90 -65.23 23.48
CA ARG T 151 33.02 -65.11 24.40
C ARG T 151 32.52 -64.89 25.81
N VAL T 152 33.07 -65.65 26.74
CA VAL T 152 32.68 -65.59 28.14
C VAL T 152 33.93 -65.34 28.97
N SER T 153 33.76 -64.72 30.13
CA SER T 153 34.86 -64.39 31.02
C SER T 153 34.67 -65.15 32.33
N VAL T 154 35.45 -66.19 32.54
CA VAL T 154 35.39 -66.96 33.78
C VAL T 154 36.23 -66.25 34.82
N ARG T 155 35.66 -66.03 36.00
CA ARG T 155 36.35 -65.32 37.06
C ARG T 155 37.25 -66.25 37.85
N GLY U 28 45.88 -104.12 -31.24
CA GLY U 28 47.05 -103.88 -32.05
C GLY U 28 47.30 -104.95 -33.11
N ARG U 29 47.47 -104.52 -34.35
CA ARG U 29 47.70 -105.42 -35.47
C ARG U 29 48.85 -104.93 -36.32
N VAL U 30 49.56 -105.86 -36.92
CA VAL U 30 50.66 -105.56 -37.84
C VAL U 30 50.29 -106.13 -39.21
N ASN U 31 50.41 -105.31 -40.24
CA ASN U 31 50.07 -105.74 -41.60
C ASN U 31 50.97 -104.97 -42.56
N VAL U 32 52.02 -105.63 -43.04
CA VAL U 32 53.00 -105.04 -43.93
C VAL U 32 53.08 -105.91 -45.19
N GLY U 33 53.15 -105.25 -46.35
CA GLY U 33 53.26 -105.95 -47.61
C GLY U 33 54.54 -105.55 -48.33
N VAL U 34 55.02 -106.45 -49.19
CA VAL U 34 56.32 -106.31 -49.82
C VAL U 34 56.20 -106.54 -51.32
N ASP U 35 56.86 -105.68 -52.10
CA ASP U 35 57.00 -105.86 -53.54
C ASP U 35 58.43 -106.30 -53.83
N VAL U 36 58.58 -107.52 -54.33
CA VAL U 36 59.91 -108.13 -54.46
C VAL U 36 60.65 -107.55 -55.67
N GLY U 37 60.11 -107.74 -56.86
CA GLY U 37 60.79 -107.27 -58.05
C GLY U 37 62.11 -107.98 -58.28
N ASP U 38 62.04 -109.27 -58.61
CA ASP U 38 63.21 -110.13 -58.69
C ASP U 38 63.81 -110.19 -60.10
N ALA U 39 63.64 -109.13 -60.89
CA ALA U 39 64.24 -109.08 -62.20
C ALA U 39 65.68 -108.57 -62.10
N GLY U 40 66.48 -108.89 -63.12
CA GLY U 40 67.88 -108.49 -63.12
C GLY U 40 68.66 -109.04 -61.95
N SER U 41 68.38 -110.28 -61.57
CA SER U 41 68.98 -110.88 -60.39
C SER U 41 69.87 -112.08 -60.66
N GLU U 42 69.89 -112.59 -61.89
CA GLU U 42 70.75 -113.71 -62.26
C GLU U 42 71.81 -113.25 -63.23
N GLN U 43 73.05 -113.67 -63.00
CA GLN U 43 74.17 -113.34 -63.87
C GLN U 43 74.11 -114.19 -65.13
N VAL U 44 74.31 -113.56 -66.27
CA VAL U 44 74.22 -114.25 -67.56
C VAL U 44 75.61 -114.74 -67.96
N ALA U 45 75.71 -116.04 -68.23
CA ALA U 45 76.96 -116.64 -68.66
C ALA U 45 76.81 -117.65 -69.78
N THR U 46 75.59 -118.08 -70.12
CA THR U 46 75.37 -119.12 -71.13
C THR U 46 75.51 -118.52 -72.53
N LEU U 47 76.76 -118.23 -72.89
CA LEU U 47 77.11 -117.73 -74.22
C LEU U 47 78.32 -118.51 -74.70
N THR U 48 78.07 -119.65 -75.36
CA THR U 48 79.17 -120.36 -76.01
C THR U 48 79.75 -119.55 -77.15
N ILE U 49 78.96 -118.65 -77.73
CA ILE U 49 79.46 -117.67 -78.69
C ILE U 49 80.16 -116.56 -77.92
N THR U 50 80.48 -115.45 -78.59
CA THR U 50 81.25 -114.42 -77.94
C THR U 50 80.88 -113.05 -78.49
N PRO U 51 81.25 -112.02 -77.73
CA PRO U 51 81.22 -110.64 -78.18
C PRO U 51 82.46 -110.27 -78.98
N GLU U 52 83.31 -111.25 -79.28
CA GLU U 52 84.51 -111.04 -80.09
C GLU U 52 84.12 -110.97 -81.56
N LYS U 53 85.12 -111.09 -82.44
CA LYS U 53 84.89 -110.93 -83.87
C LYS U 53 83.73 -111.79 -84.37
N CYS U 54 83.89 -113.12 -84.29
CA CYS U 54 82.78 -114.02 -84.65
C CYS U 54 82.93 -115.31 -83.84
N ASP U 55 82.28 -115.33 -82.66
CA ASP U 55 82.13 -116.53 -81.84
C ASP U 55 83.38 -117.41 -81.78
N ASP U 56 84.55 -116.80 -81.63
CA ASP U 56 85.80 -117.55 -81.75
C ASP U 56 86.69 -117.46 -80.51
N LYS U 57 86.79 -116.31 -79.88
CA LYS U 57 87.81 -116.09 -78.85
C LYS U 57 87.23 -116.10 -77.44
N GLY U 58 86.25 -115.24 -77.15
CA GLY U 58 85.78 -115.04 -75.78
C GLY U 58 84.74 -116.12 -75.41
N VAL U 59 85.24 -117.34 -75.29
CA VAL U 59 84.41 -118.47 -74.92
C VAL U 59 84.18 -118.53 -73.42
N PRO U 74 70.59 -106.08 -57.70
CA PRO U 74 70.02 -106.98 -56.70
C PRO U 74 68.51 -106.85 -56.58
N VAL U 75 67.86 -107.81 -55.93
CA VAL U 75 66.42 -107.73 -55.73
C VAL U 75 66.10 -106.62 -54.74
N THR U 76 65.12 -105.79 -55.09
CA THR U 76 64.76 -104.61 -54.29
C THR U 76 63.45 -104.89 -53.57
N PHE U 77 63.54 -105.30 -52.31
CA PHE U 77 62.36 -105.48 -51.48
C PHE U 77 61.80 -104.11 -51.10
N THR U 78 60.47 -103.97 -51.16
CA THR U 78 59.80 -102.71 -50.86
C THR U 78 58.67 -102.97 -49.89
N PHE U 79 58.87 -102.61 -48.62
CA PHE U 79 57.89 -102.85 -47.55
C PHE U 79 57.03 -101.62 -47.34
N THR U 80 55.72 -101.80 -47.32
CA THR U 80 54.78 -100.75 -46.96
C THR U 80 53.77 -101.32 -45.96
N ALA U 81 53.32 -100.46 -45.04
CA ALA U 81 52.38 -100.87 -44.02
C ALA U 81 50.95 -100.60 -44.47
N ARG U 82 50.09 -101.58 -44.26
CA ARG U 82 48.69 -101.45 -44.64
C ARG U 82 47.98 -100.45 -43.73
N PRO U 83 46.89 -99.85 -44.20
CA PRO U 83 46.16 -98.89 -43.36
C PRO U 83 45.68 -99.54 -42.06
N GLY U 84 45.82 -98.79 -40.97
CA GLY U 84 45.43 -99.26 -39.66
C GLY U 84 46.46 -100.08 -38.94
N SER U 85 47.65 -100.24 -39.51
CA SER U 85 48.68 -101.10 -38.94
C SER U 85 49.59 -100.32 -38.00
N GLU U 86 50.34 -101.05 -37.18
CA GLU U 86 51.35 -100.44 -36.34
C GLU U 86 52.63 -100.22 -37.14
N ALA U 87 53.59 -99.54 -36.52
CA ALA U 87 54.94 -99.51 -37.05
C ALA U 87 55.67 -100.79 -36.66
N VAL U 88 56.68 -101.14 -37.46
CA VAL U 88 57.43 -102.37 -37.22
C VAL U 88 58.86 -102.14 -37.69
N THR U 89 59.79 -102.82 -37.03
CA THR U 89 61.21 -102.78 -37.41
C THR U 89 61.67 -104.20 -37.71
N ILE U 90 62.27 -104.37 -38.90
CA ILE U 90 62.71 -105.68 -39.35
C ILE U 90 64.18 -105.86 -38.96
N GLU U 91 64.48 -106.98 -38.30
CA GLU U 91 65.80 -107.23 -37.77
C GLU U 91 66.63 -108.15 -38.65
N GLY U 92 66.00 -109.10 -39.34
CA GLY U 92 66.72 -110.01 -40.20
C GLY U 92 65.74 -110.95 -40.88
N TYR U 93 66.29 -111.97 -41.52
CA TYR U 93 65.48 -112.95 -42.24
C TYR U 93 66.06 -114.34 -42.07
N ARG U 94 65.19 -115.34 -42.25
CA ARG U 94 65.59 -116.75 -42.23
C ARG U 94 65.22 -117.38 -43.56
N VAL U 95 66.15 -118.14 -44.13
CA VAL U 95 65.92 -118.81 -45.41
C VAL U 95 65.37 -120.20 -45.09
N LEU U 96 64.06 -120.36 -45.23
CA LEU U 96 63.37 -121.58 -44.87
C LEU U 96 63.42 -122.65 -45.96
N SER U 97 63.80 -122.30 -47.18
CA SER U 97 63.79 -123.27 -48.27
C SER U 97 64.69 -122.75 -49.39
N ASP U 98 65.75 -123.49 -49.69
CA ASP U 98 66.65 -123.18 -50.80
C ASP U 98 66.61 -124.33 -51.80
N ARG U 99 66.38 -124.00 -53.07
CA ARG U 99 66.23 -125.01 -54.12
C ARG U 99 66.92 -124.52 -55.38
N LEU U 100 68.12 -125.03 -55.64
CA LEU U 100 68.84 -124.77 -56.88
C LEU U 100 68.46 -125.85 -57.88
N ASP U 101 67.79 -125.47 -58.95
CA ASP U 101 67.30 -126.36 -60.00
C ASP U 101 66.34 -127.43 -59.48
N GLY U 102 65.87 -127.31 -58.25
CA GLY U 102 64.88 -128.21 -57.71
C GLY U 102 65.32 -129.12 -56.60
N VAL U 103 66.50 -128.90 -56.00
CA VAL U 103 67.02 -129.76 -54.95
C VAL U 103 66.98 -128.96 -53.64
N GLU U 104 66.31 -129.53 -52.64
CA GLU U 104 66.11 -128.87 -51.34
C GLU U 104 67.42 -128.92 -50.56
N ARG U 105 68.29 -127.96 -50.82
CA ARG U 105 69.57 -127.85 -50.12
C ARG U 105 69.46 -126.88 -48.95
N ALA U 106 68.55 -127.16 -48.04
CA ALA U 106 68.17 -126.21 -47.01
C ALA U 106 68.36 -126.71 -45.58
N ASP U 107 68.05 -127.98 -45.30
CA ASP U 107 68.07 -128.51 -43.95
C ASP U 107 67.22 -127.66 -43.03
N PRO U 108 65.89 -127.72 -43.15
CA PRO U 108 65.03 -126.80 -42.36
C PRO U 108 65.17 -126.94 -40.86
N LYS U 109 65.92 -127.92 -40.36
CA LYS U 109 66.18 -127.99 -38.93
C LYS U 109 67.05 -126.82 -38.47
N ASN U 110 67.97 -126.37 -39.31
CA ASN U 110 68.91 -125.30 -38.97
C ASN U 110 68.93 -124.28 -40.10
N PRO U 111 67.96 -123.36 -40.14
CA PRO U 111 67.94 -122.35 -41.19
C PRO U 111 69.15 -121.44 -41.14
N VAL U 112 69.29 -120.61 -42.16
CA VAL U 112 70.38 -119.65 -42.27
C VAL U 112 69.85 -118.31 -41.80
N GLU U 113 70.14 -117.95 -40.57
CA GLU U 113 69.68 -116.69 -40.01
C GLU U 113 70.54 -115.53 -40.50
N ASN U 114 69.93 -114.35 -40.54
CA ASN U 114 70.63 -113.09 -40.71
C ASN U 114 70.12 -112.13 -39.65
N ALA U 115 71.02 -111.33 -39.09
CA ALA U 115 70.68 -110.38 -38.05
C ALA U 115 71.37 -109.05 -38.29
N LYS U 116 71.39 -108.60 -39.54
CA LYS U 116 72.10 -107.38 -39.90
C LYS U 116 71.18 -106.35 -40.51
N MET U 117 69.97 -106.22 -39.97
CA MET U 117 68.97 -105.30 -40.50
C MET U 117 68.42 -104.43 -39.38
N ASN U 118 68.36 -103.12 -39.62
CA ASN U 118 67.60 -102.19 -38.79
C ASN U 118 66.76 -101.36 -39.75
N LEU U 119 65.59 -101.89 -40.13
CA LEU U 119 64.74 -101.29 -41.14
C LEU U 119 63.40 -100.91 -40.50
N TYR U 120 63.05 -99.64 -40.58
CA TYR U 120 61.84 -99.12 -39.95
C TYR U 120 60.74 -98.95 -40.99
N VAL U 121 59.59 -99.56 -40.72
CA VAL U 121 58.40 -99.46 -41.55
C VAL U 121 57.41 -98.55 -40.83
N PRO U 122 57.13 -97.35 -41.33
CA PRO U 122 56.22 -96.44 -40.64
C PRO U 122 54.82 -97.03 -40.48
N SER U 123 54.02 -96.35 -39.66
CA SER U 123 52.83 -96.96 -39.07
C SER U 123 51.78 -97.32 -40.13
N GLY U 124 51.54 -96.43 -41.09
CA GLY U 124 50.44 -96.65 -42.01
C GLY U 124 49.26 -95.76 -41.68
N TYR U 125 49.56 -94.56 -41.23
CA TYR U 125 48.58 -93.52 -41.00
C TYR U 125 49.03 -92.27 -41.77
N ALA U 126 48.26 -91.19 -41.63
CA ALA U 126 48.61 -89.93 -42.26
C ALA U 126 48.14 -88.80 -41.36
N CYS U 127 48.94 -87.72 -41.31
CA CYS U 127 48.65 -86.60 -40.44
C CYS U 127 49.35 -85.37 -41.00
N GLU U 128 49.43 -84.32 -40.19
CA GLU U 128 50.02 -83.06 -40.64
C GLU U 128 51.50 -82.93 -40.27
N GLY U 129 51.88 -83.39 -39.07
CA GLY U 129 53.22 -83.25 -38.58
C GLY U 129 54.16 -84.38 -38.91
N LEU U 130 53.75 -85.31 -39.78
CA LEU U 130 54.57 -86.47 -40.08
C LEU U 130 55.81 -86.05 -40.86
N THR U 131 56.97 -86.50 -40.39
CA THR U 131 58.23 -86.26 -41.08
C THR U 131 58.44 -87.33 -42.14
N ALA U 132 59.67 -87.43 -42.66
CA ALA U 132 59.94 -88.35 -43.75
C ALA U 132 59.83 -89.81 -43.28
N GLY U 133 60.65 -90.20 -42.32
CA GLY U 133 60.70 -91.59 -41.92
C GLY U 133 60.19 -91.86 -40.52
N ALA U 134 59.10 -91.22 -40.12
CA ALA U 134 58.54 -91.37 -38.79
C ALA U 134 57.14 -91.96 -38.87
N SER U 135 56.51 -92.11 -37.70
CA SER U 135 55.15 -92.57 -37.59
C SER U 135 54.33 -91.54 -36.82
N CYS U 136 53.04 -91.48 -37.12
CA CYS U 136 52.14 -90.60 -36.40
C CYS U 136 51.99 -91.07 -34.96
N GLN U 137 51.73 -90.11 -34.06
CA GLN U 137 51.46 -90.44 -32.67
C GLN U 137 50.21 -91.29 -32.55
N GLY U 138 49.14 -90.92 -33.26
CA GLY U 138 47.88 -91.61 -33.19
C GLY U 138 46.73 -90.80 -32.64
N ASN U 139 46.95 -89.54 -32.26
CA ASN U 139 45.92 -88.72 -31.65
C ASN U 139 45.97 -87.30 -32.21
N GLU U 140 46.11 -87.18 -33.53
CA GLU U 140 46.28 -85.88 -34.16
C GLU U 140 44.96 -85.16 -34.45
N SER U 141 43.83 -85.86 -34.33
CA SER U 141 42.50 -85.32 -34.63
C SER U 141 42.35 -85.05 -36.12
N ASP U 142 43.45 -85.22 -36.85
CA ASP U 142 43.49 -85.16 -38.30
C ASP U 142 43.86 -86.49 -38.91
N ILE U 143 44.21 -87.47 -38.08
CA ILE U 143 44.86 -88.68 -38.55
C ILE U 143 43.89 -89.55 -39.34
N ARG U 144 44.38 -90.09 -40.44
CA ARG U 144 43.66 -91.05 -41.27
C ARG U 144 44.42 -92.37 -41.26
N ILE U 145 43.81 -93.38 -41.88
CA ILE U 145 44.49 -94.64 -42.15
C ILE U 145 44.87 -94.64 -43.61
N ALA U 146 46.16 -94.80 -43.90
CA ALA U 146 46.66 -94.75 -45.26
C ALA U 146 47.72 -95.84 -45.41
N ASN U 147 48.37 -95.86 -46.56
CA ASN U 147 49.50 -96.75 -46.78
C ASN U 147 50.77 -96.06 -46.29
N GLY U 148 51.61 -96.80 -45.60
CA GLY U 148 52.82 -96.24 -45.04
C GLY U 148 53.84 -95.89 -46.11
N GLN U 149 54.83 -95.12 -45.69
CA GLN U 149 55.90 -94.77 -46.60
C GLN U 149 56.68 -96.01 -47.01
N PRO U 150 57.06 -96.15 -48.27
CA PRO U 150 57.81 -97.35 -48.70
C PRO U 150 59.27 -97.26 -48.26
N VAL U 151 59.77 -98.34 -47.68
CA VAL U 151 61.18 -98.47 -47.32
C VAL U 151 61.74 -99.71 -48.00
N GLN U 152 62.94 -99.60 -48.54
CA GLN U 152 63.52 -100.64 -49.38
C GLN U 152 64.75 -101.26 -48.74
N HIS U 153 65.03 -102.49 -49.17
CA HIS U 153 66.23 -103.21 -48.80
C HIS U 153 66.66 -104.08 -49.98
N GLN U 154 67.95 -104.35 -50.07
CA GLN U 154 68.51 -105.11 -51.19
C GLN U 154 69.25 -106.33 -50.68
N ILE U 155 68.98 -107.47 -51.28
CA ILE U 155 69.68 -108.72 -51.03
C ILE U 155 70.13 -109.25 -52.38
N TYR U 156 71.43 -109.18 -52.66
CA TYR U 156 71.96 -109.65 -53.93
C TYR U 156 72.19 -111.16 -53.84
N PHE U 157 71.43 -111.92 -54.61
CA PHE U 157 71.51 -113.38 -54.58
C PHE U 157 72.48 -113.90 -55.62
N ARG U 174 67.49 -121.01 -59.07
CA ARG U 174 67.41 -120.95 -57.61
C ARG U 174 66.19 -120.16 -57.15
N VAL U 175 65.38 -120.76 -56.28
CA VAL U 175 64.26 -120.09 -55.65
C VAL U 175 64.37 -120.28 -54.15
N VAL U 176 64.43 -119.16 -53.41
CA VAL U 176 64.56 -119.19 -51.96
C VAL U 176 63.28 -118.64 -51.34
N ASP U 177 63.01 -119.09 -50.12
CA ASP U 177 61.80 -118.69 -49.38
C ASP U 177 62.23 -118.00 -48.09
N LEU U 178 62.26 -116.67 -48.13
CA LEU U 178 62.69 -115.88 -46.98
C LEU U 178 61.59 -115.83 -45.93
N GLU U 179 61.96 -115.30 -44.76
CA GLU U 179 60.98 -115.01 -43.70
C GLU U 179 61.59 -113.90 -42.84
N PHE U 180 61.16 -112.67 -43.07
CA PHE U 180 61.64 -111.55 -42.28
C PHE U 180 61.07 -111.61 -40.87
N TYR U 181 61.81 -111.04 -39.92
CA TYR U 181 61.35 -110.98 -38.54
C TYR U 181 61.75 -109.64 -37.92
N GLY U 182 61.16 -109.37 -36.76
CA GLY U 182 61.37 -108.11 -36.09
C GLY U 182 60.41 -107.94 -34.93
N PHE U 183 60.07 -106.69 -34.64
CA PHE U 183 59.18 -106.36 -33.54
C PHE U 183 58.39 -105.11 -33.90
N SER U 184 57.18 -105.00 -33.37
CA SER U 184 56.31 -103.89 -33.68
C SER U 184 56.62 -102.72 -32.75
N ALA U 185 55.80 -101.66 -32.82
CA ALA U 185 55.98 -100.52 -31.95
C ALA U 185 55.62 -100.84 -30.50
N ASN U 186 54.90 -101.93 -30.26
CA ASN U 186 54.62 -102.42 -28.92
C ASN U 186 55.57 -103.53 -28.51
N ASN U 187 56.64 -103.74 -29.28
CA ASN U 187 57.69 -104.71 -28.95
C ASN U 187 57.15 -106.13 -28.88
N VAL U 188 56.46 -106.55 -29.95
CA VAL U 188 55.99 -107.93 -30.05
C VAL U 188 56.55 -108.55 -31.32
N PRO U 189 56.89 -109.85 -31.30
CA PRO U 189 57.58 -110.45 -32.44
C PRO U 189 56.73 -110.44 -33.70
N PHE U 190 57.41 -110.40 -34.84
CA PHE U 190 56.77 -110.27 -36.14
C PHE U 190 57.45 -111.19 -37.14
N THR U 191 56.67 -111.80 -38.02
CA THR U 191 57.18 -112.65 -39.10
C THR U 191 56.41 -112.39 -40.38
N ARG U 192 57.12 -112.39 -41.51
CA ARG U 192 56.50 -112.10 -42.80
C ARG U 192 57.20 -112.93 -43.87
N LYS U 193 56.49 -113.91 -44.43
CA LYS U 193 57.07 -114.80 -45.42
C LYS U 193 57.00 -114.19 -46.82
N VAL U 194 58.10 -114.27 -47.54
CA VAL U 194 58.22 -113.66 -48.86
C VAL U 194 58.57 -114.76 -49.87
N THR U 195 57.99 -115.94 -49.66
CA THR U 195 58.25 -117.12 -50.48
C THR U 195 58.18 -116.82 -51.99
N GLY U 196 59.01 -117.54 -52.75
CA GLY U 196 58.90 -117.59 -54.19
C GLY U 196 59.95 -116.82 -54.97
N ILE U 197 60.82 -116.05 -54.31
CA ILE U 197 61.75 -115.20 -55.05
C ILE U 197 62.74 -116.05 -55.84
N VAL U 198 63.07 -115.60 -57.05
CA VAL U 198 63.80 -116.39 -58.04
C VAL U 198 65.20 -115.82 -58.20
N SER U 199 66.21 -116.66 -58.03
CA SER U 199 67.61 -116.32 -58.25
C SER U 199 68.04 -115.05 -57.52
N THR V 34 -35.28 106.71 112.55
CA THR V 34 -35.46 107.40 111.27
C THR V 34 -36.15 108.75 111.46
N VAL V 35 -35.91 109.66 110.53
CA VAL V 35 -36.52 110.99 110.57
C VAL V 35 -36.87 111.41 109.14
N TYR V 36 -37.98 112.13 109.01
CA TYR V 36 -38.42 112.69 107.74
C TYR V 36 -38.28 114.20 107.82
N ARG V 37 -37.47 114.77 106.92
CA ARG V 37 -37.31 116.22 106.85
C ARG V 37 -37.21 116.63 105.38
N ASP V 38 -37.87 117.72 105.04
CA ASP V 38 -37.89 118.26 103.68
C ASP V 38 -37.39 119.69 103.72
N PRO V 39 -36.09 119.91 103.55
CA PRO V 39 -35.52 121.26 103.71
C PRO V 39 -35.87 122.19 102.56
N SER V 40 -37.15 122.19 102.17
CA SER V 40 -37.67 123.13 101.20
C SER V 40 -39.09 123.56 101.55
N LEU V 41 -39.51 123.35 102.80
CA LEU V 41 -40.84 123.71 103.26
C LEU V 41 -40.73 124.52 104.53
N THR V 42 -41.83 125.17 104.89
CA THR V 42 -41.87 125.99 106.10
C THR V 42 -41.65 125.11 107.33
N SER V 43 -40.92 125.65 108.30
CA SER V 43 -40.68 124.96 109.56
C SER V 43 -41.57 125.47 110.69
N ALA V 44 -42.60 126.24 110.37
CA ALA V 44 -43.47 126.77 111.42
C ALA V 44 -44.25 125.63 112.08
N PRO V 45 -44.49 125.72 113.38
CA PRO V 45 -45.23 124.66 114.07
C PRO V 45 -46.69 124.61 113.67
N ILE V 46 -47.27 123.42 113.76
CA ILE V 46 -48.68 123.19 113.47
C ILE V 46 -49.31 122.51 114.69
N THR V 47 -50.64 122.40 114.65
CA THR V 47 -51.39 121.74 115.71
C THR V 47 -52.71 121.28 115.13
N ALA V 48 -52.91 119.97 115.05
CA ALA V 48 -54.09 119.43 114.39
C ALA V 48 -54.54 118.15 115.08
N ASN V 49 -55.68 117.65 114.65
CA ASN V 49 -56.30 116.46 115.22
C ASN V 49 -57.41 116.01 114.29
N VAL V 50 -57.60 114.69 114.21
CA VAL V 50 -58.65 114.14 113.36
C VAL V 50 -58.96 112.72 113.82
N GLY V 51 -60.25 112.39 113.87
CA GLY V 51 -60.69 111.02 114.00
C GLY V 51 -60.48 110.36 115.35
N LYS V 52 -61.15 109.23 115.55
CA LYS V 52 -60.98 108.40 116.73
C LYS V 52 -60.87 106.95 116.30
N TYR V 53 -60.14 106.16 117.08
CA TYR V 53 -59.96 104.75 116.76
C TYR V 53 -61.28 103.99 116.92
N VAL V 54 -61.44 102.96 116.10
CA VAL V 54 -62.71 102.24 116.05
C VAL V 54 -62.70 100.99 116.91
N GLY V 55 -61.63 100.20 116.88
CA GLY V 55 -61.63 98.91 117.50
C GLY V 55 -61.28 98.97 118.97
N PRO V 56 -61.34 97.83 119.65
CA PRO V 56 -60.91 97.78 121.05
C PRO V 56 -59.42 97.57 121.21
N LEU V 57 -58.72 97.16 120.16
CA LEU V 57 -57.28 96.92 120.25
C LEU V 57 -56.48 98.15 119.84
N SER V 58 -56.91 98.85 118.79
CA SER V 58 -56.24 100.09 118.42
C SER V 58 -56.39 101.15 119.51
N THR V 59 -57.52 101.14 120.22
CA THR V 59 -57.71 102.10 121.30
C THR V 59 -56.89 101.71 122.53
N PHE V 60 -56.81 100.42 122.85
CA PHE V 60 -56.03 100.00 124.01
C PHE V 60 -54.56 100.31 123.81
N LEU V 61 -53.99 99.88 122.69
CA LEU V 61 -52.71 100.41 122.27
C LEU V 61 -52.89 101.88 121.92
N ALA V 62 -51.77 102.57 121.73
CA ALA V 62 -51.81 104.00 121.41
C ALA V 62 -52.45 104.81 122.52
N SER V 63 -52.83 104.15 123.59
CA SER V 63 -53.28 104.77 124.83
C SER V 63 -52.39 104.42 126.00
N ILE V 64 -51.94 103.16 126.10
CA ILE V 64 -50.91 102.83 127.05
C ILE V 64 -49.59 103.45 126.64
N ALA V 65 -49.41 103.71 125.35
CA ALA V 65 -48.21 104.39 124.88
C ALA V 65 -48.31 105.89 125.04
N LYS V 66 -49.50 106.43 125.29
CA LYS V 66 -49.62 107.83 125.65
C LYS V 66 -49.43 108.06 127.14
N SER V 67 -49.43 107.00 127.95
CA SER V 67 -48.99 107.12 129.34
C SER V 67 -47.52 107.52 129.39
N ALA V 68 -46.70 106.91 128.55
CA ALA V 68 -45.40 107.46 128.24
C ALA V 68 -45.56 108.51 127.14
N GLY V 69 -44.45 109.11 126.71
CA GLY V 69 -44.59 110.09 125.64
C GLY V 69 -44.41 109.46 124.27
N TYR V 70 -45.51 109.06 123.65
CA TYR V 70 -45.46 108.42 122.34
C TYR V 70 -46.77 108.67 121.61
N GLU V 71 -46.74 108.54 120.30
CA GLU V 71 -47.83 109.02 119.44
C GLU V 71 -48.21 107.99 118.39
N VAL V 72 -48.41 106.75 118.82
CA VAL V 72 -48.57 105.58 117.96
C VAL V 72 -49.33 105.84 116.66
N VAL V 73 -48.76 105.38 115.54
CA VAL V 73 -49.36 105.49 114.22
C VAL V 73 -49.40 104.10 113.60
N PHE V 74 -50.56 103.70 113.12
CA PHE V 74 -50.76 102.35 112.58
C PHE V 74 -50.66 102.36 111.07
N ASN V 75 -49.88 101.44 110.51
CA ASN V 75 -49.75 101.34 109.07
C ASN V 75 -50.84 100.50 108.42
N PHE V 76 -51.72 99.88 109.21
CA PHE V 76 -52.75 99.01 108.65
C PHE V 76 -53.95 99.03 109.58
N ASN V 77 -55.01 98.32 109.18
CA ASN V 77 -56.24 98.26 109.97
C ASN V 77 -56.07 97.17 111.02
N ILE V 78 -55.54 97.56 112.18
CA ILE V 78 -55.26 96.59 113.22
C ILE V 78 -56.54 95.98 113.78
N ASP V 79 -57.68 96.64 113.59
CA ASP V 79 -58.95 96.16 114.11
C ASP V 79 -59.64 95.18 113.16
N ALA V 80 -59.01 94.86 112.03
CA ALA V 80 -59.53 93.86 111.11
C ALA V 80 -58.87 92.51 111.32
N LEU V 81 -58.15 92.33 112.42
CA LEU V 81 -57.61 91.03 112.76
C LEU V 81 -58.72 90.17 113.37
N ALA V 82 -58.34 89.00 113.86
CA ALA V 82 -59.27 88.12 114.56
C ALA V 82 -59.13 88.38 116.05
N LEU V 83 -60.11 89.07 116.63
CA LEU V 83 -60.08 89.44 118.04
C LEU V 83 -61.36 88.99 118.71
N ILE V 84 -61.24 88.46 119.92
CA ILE V 84 -62.37 87.93 120.66
C ILE V 84 -62.37 88.56 122.05
N ASN V 85 -63.55 88.92 122.53
CA ASN V 85 -63.68 89.69 123.76
C ASN V 85 -65.09 89.52 124.29
N GLY V 86 -65.28 89.92 125.55
CA GLY V 86 -66.62 89.90 126.11
C GLY V 86 -67.54 90.88 125.41
N GLU V 87 -67.04 92.06 125.09
CA GLU V 87 -67.85 93.09 124.44
C GLU V 87 -67.98 92.88 122.94
N ILE V 88 -67.00 92.20 122.33
CA ILE V 88 -67.04 92.01 120.87
C ILE V 88 -68.24 91.16 120.48
N VAL V 89 -68.52 90.10 121.22
CA VAL V 89 -69.58 89.19 120.83
C VAL V 89 -70.93 89.54 121.47
N PHE V 90 -70.93 90.18 122.64
CA PHE V 90 -72.15 90.39 123.39
C PHE V 90 -72.64 91.83 123.32
N GLY V 91 -72.08 92.65 122.43
CA GLY V 91 -72.48 94.03 122.42
C GLY V 91 -72.01 94.76 123.67
N ASN V 92 -72.72 95.84 123.98
CA ASN V 92 -72.38 96.65 125.15
C ASN V 92 -73.62 97.29 125.76
N THR V 98 -72.75 100.13 119.80
CA THR V 98 -72.47 99.93 118.38
C THR V 98 -72.73 98.47 117.98
N THR V 99 -72.21 98.09 116.82
CA THR V 99 -72.38 96.74 116.30
C THR V 99 -71.07 95.94 116.37
N SER V 100 -70.09 96.42 117.14
CA SER V 100 -68.89 95.65 117.48
C SER V 100 -68.11 95.24 116.23
N TYR V 101 -67.53 96.26 115.60
CA TYR V 101 -66.69 96.05 114.42
C TYR V 101 -65.41 95.33 114.82
N ALA V 102 -65.51 94.07 115.21
CA ALA V 102 -64.30 93.29 115.47
C ALA V 102 -64.32 91.91 114.85
N THR V 103 -65.48 91.23 114.88
CA THR V 103 -65.70 90.00 114.14
C THR V 103 -64.64 88.93 114.39
N PRO V 104 -64.75 88.16 115.49
CA PRO V 104 -63.73 87.14 115.80
C PRO V 104 -63.30 86.27 114.63
N LEU V 105 -64.10 86.22 113.58
CA LEU V 105 -63.72 85.59 112.32
C LEU V 105 -62.76 86.40 111.53
N GLY V 106 -62.31 87.54 112.03
CA GLY V 106 -61.45 88.40 111.26
C GLY V 106 -62.26 89.25 110.29
N ARG V 107 -61.53 89.97 109.44
CA ARG V 107 -62.15 90.78 108.41
C ARG V 107 -61.11 91.09 107.35
N PRO V 108 -60.57 90.08 106.66
CA PRO V 108 -59.35 90.30 105.86
C PRO V 108 -59.53 91.19 104.65
N GLN V 109 -60.74 91.42 104.18
CA GLN V 109 -60.93 92.32 103.04
C GLN V 109 -60.73 93.78 103.43
N GLU V 110 -60.88 94.11 104.71
CA GLU V 110 -60.70 95.47 105.20
C GLU V 110 -59.44 95.61 106.03
N LEU V 111 -58.48 94.73 105.83
CA LEU V 111 -57.23 94.73 106.58
C LEU V 111 -56.24 95.77 106.08
N PRO V 112 -56.07 95.96 104.75
CA PRO V 112 -55.07 96.93 104.30
C PRO V 112 -55.53 98.38 104.36
N ALA V 113 -56.61 98.66 105.09
CA ALA V 113 -57.06 100.03 105.24
C ALA V 113 -56.04 100.85 106.02
N LYS V 114 -56.29 102.15 106.12
CA LYS V 114 -55.37 103.07 106.80
C LYS V 114 -56.17 103.89 107.80
N PRO V 115 -55.86 103.82 109.09
CA PRO V 115 -56.61 104.59 110.08
C PRO V 115 -56.25 106.07 110.00
N VAL V 116 -57.24 106.91 109.70
CA VAL V 116 -57.03 108.36 109.69
C VAL V 116 -57.31 108.85 111.10
N VAL V 117 -56.30 108.71 111.96
CA VAL V 117 -56.33 109.23 113.32
C VAL V 117 -54.96 109.80 113.61
N HIS V 118 -54.87 111.12 113.81
CA HIS V 118 -53.59 111.76 114.00
C HIS V 118 -53.72 112.83 115.07
N ASN V 119 -52.60 113.15 115.70
CA ASN V 119 -52.55 114.18 116.73
C ASN V 119 -51.19 114.85 116.69
N PHE V 120 -51.18 116.16 116.51
CA PHE V 120 -49.95 116.93 116.40
C PHE V 120 -50.01 118.12 117.34
N SER V 121 -48.91 118.38 118.04
CA SER V 121 -48.83 119.49 118.98
C SER V 121 -47.48 120.16 118.79
N ASN V 122 -47.50 121.36 118.21
CA ASN V 122 -46.29 122.16 117.99
C ASN V 122 -45.26 121.40 117.16
N ALA V 123 -45.72 120.53 116.29
CA ALA V 123 -44.79 119.84 115.41
C ALA V 123 -44.45 120.71 114.21
N PRO V 124 -43.20 120.69 113.76
CA PRO V 124 -42.82 121.48 112.59
C PRO V 124 -43.45 120.92 111.33
N PHE V 125 -44.14 121.79 110.59
CA PHE V 125 -44.69 121.39 109.30
C PHE V 125 -43.59 120.92 108.35
N ASN V 126 -42.35 121.35 108.58
CA ASN V 126 -41.24 120.90 107.76
C ASN V 126 -41.10 119.39 107.81
N GLU V 127 -41.29 118.80 108.98
CA GLU V 127 -41.03 117.38 109.19
C GLU V 127 -42.26 116.57 109.55
N ALA V 128 -43.40 117.22 109.77
CA ALA V 128 -44.65 116.49 109.96
C ALA V 128 -45.33 116.16 108.64
N TRP V 129 -45.19 117.03 107.65
CA TRP V 129 -45.77 116.79 106.33
C TRP V 129 -45.14 115.58 105.64
N PRO V 130 -43.82 115.43 105.55
CA PRO V 130 -43.27 114.25 104.87
C PRO V 130 -43.62 112.94 105.54
N LEU V 131 -43.95 112.95 106.83
CA LEU V 131 -44.40 111.73 107.49
C LEU V 131 -45.76 111.30 106.95
N LEU V 132 -46.70 112.24 106.87
CA LEU V 132 -48.04 111.92 106.38
C LEU V 132 -48.01 111.48 104.92
N MET V 133 -47.10 112.01 104.12
CA MET V 133 -46.94 111.52 102.75
C MET V 133 -46.33 110.13 102.67
N ASP V 134 -45.77 109.61 103.76
CA ASP V 134 -45.29 108.25 103.74
C ASP V 134 -46.28 107.26 104.33
N VAL V 135 -47.17 107.72 105.21
CA VAL V 135 -48.21 106.86 105.74
C VAL V 135 -49.21 106.50 104.64
N TYR V 136 -49.64 107.49 103.87
CA TYR V 136 -50.63 107.29 102.83
C TYR V 136 -50.03 107.08 101.45
N GLU V 137 -48.71 107.07 101.35
CA GLU V 137 -48.00 106.80 100.09
C GLU V 137 -48.41 107.80 99.01
N LEU V 138 -48.19 109.08 99.29
CA LEU V 138 -48.46 110.15 98.36
C LEU V 138 -47.15 110.79 97.92
N ASP V 139 -47.24 111.66 96.91
CA ASP V 139 -46.09 112.32 96.34
C ASP V 139 -46.50 113.73 95.96
N TYR V 140 -45.72 114.71 96.40
CA TYR V 140 -46.09 116.11 96.24
C TYR V 140 -45.02 116.87 95.49
N GLN V 141 -45.39 118.07 95.04
CA GLN V 141 -44.46 119.00 94.42
C GLN V 141 -45.02 120.40 94.57
N LEU V 142 -44.14 121.38 94.47
CA LEU V 142 -44.49 122.78 94.72
C LEU V 142 -44.68 123.53 93.42
N VAL V 143 -45.71 124.36 93.38
CA VAL V 143 -46.01 125.23 92.25
C VAL V 143 -46.20 126.64 92.79
N LYS V 144 -45.78 127.64 92.02
CA LYS V 144 -45.94 129.03 92.40
C LYS V 144 -47.01 129.68 91.54
N VAL V 145 -47.97 130.34 92.19
CA VAL V 145 -49.05 131.03 91.49
C VAL V 145 -48.88 132.51 91.82
N GLY V 146 -47.63 132.94 91.97
CA GLY V 146 -47.33 134.31 92.30
C GLY V 146 -46.70 134.45 93.66
N SER V 147 -47.39 135.10 94.58
CA SER V 147 -46.92 135.24 95.95
C SER V 147 -47.37 134.09 96.85
N ALA V 148 -48.05 133.09 96.28
CA ALA V 148 -48.56 131.96 97.04
C ALA V 148 -47.96 130.68 96.50
N ASN V 149 -47.49 129.82 97.41
CA ASN V 149 -46.98 128.52 97.03
C ASN V 149 -48.08 127.48 97.21
N VAL V 150 -48.23 126.61 96.21
CA VAL V 150 -49.30 125.62 96.17
C VAL V 150 -48.69 124.23 96.01
N ILE V 151 -49.17 123.28 96.80
CA ILE V 151 -48.67 121.91 96.80
C ILE V 151 -49.61 121.06 95.95
N ARG V 152 -49.04 120.31 95.01
CA ARG V 152 -49.82 119.46 94.11
C ARG V 152 -49.63 118.01 94.52
N ILE V 153 -50.46 117.53 95.44
CA ILE V 153 -50.35 116.17 95.91
C ILE V 153 -50.77 115.20 94.80
N GLY V 154 -49.99 114.15 94.61
CA GLY V 154 -50.31 113.13 93.65
C GLY V 154 -50.36 111.76 94.29
N GLN V 155 -49.77 110.76 93.63
CA GLN V 155 -49.75 109.41 94.15
C GLN V 155 -48.37 108.84 93.86
N ARG V 156 -47.82 108.10 94.81
CA ARG V 156 -46.44 107.66 94.66
C ARG V 156 -46.36 106.46 93.72
N PRO V 157 -45.40 106.44 92.79
CA PRO V 157 -45.20 105.26 91.96
C PRO V 157 -44.65 104.12 92.79
N LYS V 158 -45.42 103.03 92.86
CA LYS V 158 -45.11 101.91 93.75
C LYS V 158 -44.24 100.89 93.02
N GLN V 159 -42.95 101.21 92.94
CA GLN V 159 -41.98 100.33 92.32
C GLN V 159 -40.73 100.29 93.18
N LEU V 160 -39.99 99.19 93.08
CA LEU V 160 -38.81 99.00 93.91
C LEU V 160 -37.87 98.05 93.21
N ALA V 161 -36.57 98.32 93.31
CA ALA V 161 -35.55 97.48 92.71
C ALA V 161 -34.81 96.75 93.81
N LEU V 162 -34.71 95.43 93.68
CA LEU V 162 -34.08 94.60 94.71
C LEU V 162 -32.83 93.94 94.15
N PRO V 163 -31.64 94.45 94.44
CA PRO V 163 -30.43 93.79 93.95
C PRO V 163 -30.28 92.39 94.56
N LEU V 164 -29.80 91.46 93.75
CA LEU V 164 -29.54 90.10 94.17
C LEU V 164 -28.04 89.86 94.21
N LYS V 165 -27.57 89.24 95.29
CA LYS V 165 -26.14 89.05 95.49
C LYS V 165 -25.67 87.62 95.31
N PHE V 166 -26.53 86.62 95.52
CA PHE V 166 -26.08 85.24 95.50
C PHE V 166 -27.01 84.28 94.77
N ILE V 167 -28.16 84.72 94.30
CA ILE V 167 -29.09 83.82 93.62
C ILE V 167 -29.53 84.47 92.31
N SER V 168 -29.77 83.63 91.31
CA SER V 168 -30.26 84.12 90.02
C SER V 168 -31.70 84.57 90.15
N ALA V 169 -32.01 85.70 89.53
CA ALA V 169 -33.36 86.25 89.60
C ALA V 169 -34.27 85.56 88.60
N GLU V 170 -34.29 84.24 88.62
CA GLU V 170 -35.23 83.45 87.83
C GLU V 170 -35.80 82.37 88.72
N SER V 171 -35.02 81.97 89.72
CA SER V 171 -35.48 81.08 90.78
C SER V 171 -35.91 81.84 92.01
N ALA V 172 -35.38 83.04 92.24
CA ALA V 172 -35.89 83.88 93.31
C ALA V 172 -37.32 84.29 93.06
N LEU V 173 -37.69 84.51 91.79
CA LEU V 173 -39.09 84.74 91.46
C LEU V 173 -39.94 83.52 91.76
N THR V 174 -39.44 82.33 91.41
CA THR V 174 -40.20 81.11 91.67
C THR V 174 -40.42 80.90 93.15
N ALA V 175 -39.40 81.16 93.98
CA ALA V 175 -39.56 81.06 95.41
C ALA V 175 -40.40 82.18 96.00
N ILE V 176 -40.70 83.22 95.23
CA ILE V 176 -41.60 84.28 95.69
C ILE V 176 -43.04 83.97 95.30
N GLU V 177 -43.25 83.41 94.10
CA GLU V 177 -44.60 83.07 93.67
C GLU V 177 -45.21 81.96 94.51
N LYS V 178 -44.40 81.20 95.23
CA LYS V 178 -44.94 80.15 96.09
C LYS V 178 -45.13 80.64 97.51
N PHE V 179 -44.19 81.46 97.99
CA PHE V 179 -44.33 82.09 99.30
C PHE V 179 -45.61 82.92 99.37
N PHE V 180 -45.78 83.83 98.42
CA PHE V 180 -46.87 84.79 98.44
C PHE V 180 -48.00 84.43 97.49
N GLY V 181 -48.03 83.20 96.99
CA GLY V 181 -49.08 82.79 96.10
C GLY V 181 -50.39 82.58 96.83
N GLU V 182 -51.45 82.43 96.05
CA GLU V 182 -52.78 82.23 96.60
C GLU V 182 -53.58 81.25 95.75
N ARG V 202 -50.65 84.20 92.41
CA ARG V 202 -50.20 85.56 92.70
C ARG V 202 -51.36 86.54 92.71
N PRO V 203 -51.50 87.31 93.79
CA PRO V 203 -52.53 88.33 93.83
C PRO V 203 -52.23 89.43 92.82
N THR V 204 -53.30 90.05 92.33
CA THR V 204 -53.12 91.12 91.36
C THR V 204 -52.52 92.38 91.96
N GLY V 205 -52.41 92.46 93.29
CA GLY V 205 -51.75 93.58 93.91
C GLY V 205 -50.25 93.51 93.95
N LYS V 206 -49.66 92.43 93.42
CA LYS V 206 -48.22 92.24 93.43
C LYS V 206 -47.72 91.83 92.06
N PHE V 207 -46.56 92.36 91.67
CA PHE V 207 -45.90 91.98 90.43
C PHE V 207 -44.42 91.78 90.71
N GLY V 208 -43.84 90.75 90.10
CA GLY V 208 -42.42 90.51 90.22
C GLY V 208 -41.75 90.39 88.86
N LEU V 209 -40.83 91.31 88.56
CA LEU V 209 -40.20 91.37 87.25
C LEU V 209 -38.76 90.91 87.35
N PRO V 210 -38.41 89.75 86.80
CA PRO V 210 -37.00 89.35 86.77
C PRO V 210 -36.21 90.22 85.82
N ASN V 211 -34.91 90.36 86.11
CA ASN V 211 -34.01 91.02 85.18
C ASN V 211 -32.64 90.37 85.11
N SER V 212 -32.45 89.20 85.73
CA SER V 212 -31.20 88.45 85.72
C SER V 212 -30.09 89.17 86.49
N ILE V 213 -30.37 90.37 86.98
CA ILE V 213 -29.44 91.10 87.84
C ILE V 213 -30.19 91.45 89.13
N LYS V 214 -31.51 91.59 89.04
CA LYS V 214 -32.33 91.97 90.18
C LYS V 214 -33.77 91.59 89.87
N VAL V 215 -34.66 91.98 90.77
CA VAL V 215 -36.10 91.87 90.58
C VAL V 215 -36.72 93.23 90.86
N ILE V 216 -37.93 93.43 90.34
CA ILE V 216 -38.63 94.71 90.47
C ILE V 216 -40.01 94.49 91.07
N PRO V 217 -40.14 94.33 92.39
CA PRO V 217 -41.45 94.07 92.99
C PRO V 217 -42.36 95.28 92.93
N ASP V 218 -43.65 95.02 93.08
CA ASP V 218 -44.69 95.99 92.76
C ASP V 218 -45.80 95.82 93.77
N SER V 219 -45.84 96.64 94.79
CA SER V 219 -46.86 96.42 95.80
C SER V 219 -46.95 97.64 96.68
N SER V 220 -47.99 97.65 97.51
CA SER V 220 -48.15 98.69 98.49
C SER V 220 -46.96 98.70 99.45
N ASN V 221 -46.90 99.73 100.28
CA ASN V 221 -45.77 99.88 101.18
C ASN V 221 -45.68 98.70 102.14
N LYS V 222 -46.81 98.25 102.67
CA LYS V 222 -46.79 97.14 103.63
C LYS V 222 -46.30 95.85 102.98
N ARG V 223 -46.76 95.56 101.77
CA ARG V 223 -46.36 94.34 101.08
C ARG V 223 -44.95 94.43 100.51
N LEU V 224 -44.32 95.60 100.56
CA LEU V 224 -42.92 95.75 100.19
C LEU V 224 -41.98 95.69 101.37
N ILE V 225 -42.50 95.46 102.58
CA ILE V 225 -41.66 95.23 103.76
C ILE V 225 -41.75 93.78 104.21
N ILE V 226 -42.93 93.33 104.63
CA ILE V 226 -43.12 91.92 104.95
C ILE V 226 -43.06 91.06 103.71
N GLY V 227 -43.15 91.69 102.54
CA GLY V 227 -43.12 90.94 101.32
C GLY V 227 -41.70 90.68 100.89
N SER V 228 -41.37 91.10 99.68
CA SER V 228 -40.10 90.72 99.08
C SER V 228 -38.92 91.19 99.91
N ASN V 229 -39.01 92.38 100.50
CA ASN V 229 -37.85 92.97 101.14
C ASN V 229 -37.35 92.19 102.34
N SER V 230 -38.15 91.29 102.91
CA SER V 230 -37.71 90.49 104.04
C SER V 230 -37.64 88.99 103.76
N GLU V 231 -38.23 88.51 102.68
CA GLU V 231 -37.92 87.15 102.26
C GLU V 231 -36.75 87.12 101.31
N ASP V 232 -36.68 88.07 100.38
CA ASP V 232 -35.50 88.16 99.53
C ASP V 232 -34.25 88.45 100.35
N GLY V 233 -34.41 89.04 101.53
CA GLY V 233 -33.29 89.23 102.43
C GLY V 233 -32.91 88.02 103.24
N ILE V 234 -33.75 86.99 103.27
CA ILE V 234 -33.44 85.77 104.00
C ILE V 234 -33.00 84.65 103.08
N ARG V 235 -33.11 84.84 101.76
CA ARG V 235 -32.64 83.85 100.82
C ARG V 235 -31.40 84.28 100.04
N ILE V 236 -30.87 85.48 100.28
CA ILE V 236 -29.59 85.90 99.69
C ILE V 236 -28.52 85.50 100.70
N ARG V 237 -27.94 84.32 100.51
CA ARG V 237 -26.97 83.78 101.44
C ARG V 237 -26.01 82.86 100.70
N SER V 238 -24.93 82.48 101.40
CA SER V 238 -23.90 81.63 100.81
C SER V 238 -24.42 80.23 100.52
N PHE V 239 -24.61 79.92 99.25
CA PHE V 239 -24.96 78.57 98.85
C PHE V 239 -23.84 77.59 99.21
N VAL V 240 -24.22 76.39 99.62
CA VAL V 240 -23.25 75.35 99.94
C VAL V 240 -23.29 74.31 98.83
N GLU V 241 -22.15 73.64 98.62
CA GLU V 241 -22.03 72.66 97.55
C GLU V 241 -21.64 71.29 98.09
N ILE V 257 -21.05 61.73 84.30
CA ILE V 257 -20.90 60.34 83.91
C ILE V 257 -19.46 59.90 84.17
N SER V 258 -19.30 58.62 84.48
CA SER V 258 -17.98 58.04 84.74
C SER V 258 -17.64 57.09 83.60
N GLU V 259 -16.51 57.32 82.97
CA GLU V 259 -15.99 56.44 81.93
C GLU V 259 -14.58 56.02 82.31
N ILE V 260 -14.08 54.99 81.63
CA ILE V 260 -12.77 54.42 81.92
C ILE V 260 -11.86 54.70 80.75
N TYR V 261 -10.74 55.34 81.02
CA TYR V 261 -9.71 55.60 80.01
C TYR V 261 -8.47 54.82 80.44
N ILE V 262 -8.20 53.71 79.74
CA ILE V 262 -6.98 52.97 80.01
C ILE V 262 -5.79 53.79 79.54
N VAL V 263 -4.82 53.98 80.43
CA VAL V 263 -3.68 54.81 80.10
C VAL V 263 -2.87 54.13 79.00
N ARG V 264 -2.71 54.81 77.87
CA ARG V 264 -1.98 54.23 76.75
C ARG V 264 -0.49 54.47 76.90
N GLY V 265 -0.08 55.72 77.00
CA GLY V 265 1.32 56.04 77.15
C GLY V 265 1.74 56.18 78.60
N GLN V 266 2.51 57.22 78.90
CA GLN V 266 3.00 57.44 80.25
C GLN V 266 1.83 57.79 81.19
N LYS V 267 2.07 57.61 82.49
CA LYS V 267 1.02 57.80 83.48
C LYS V 267 0.79 59.28 83.79
N GLU V 268 1.82 59.95 84.31
CA GLU V 268 1.64 61.34 84.74
C GLU V 268 1.25 62.25 83.59
N SER V 269 1.56 61.87 82.36
CA SER V 269 1.12 62.66 81.21
C SER V 269 -0.40 62.78 81.21
N VAL V 270 -1.09 61.65 81.33
CA VAL V 270 -2.56 61.68 81.40
C VAL V 270 -3.02 62.18 82.77
N LEU V 271 -2.13 62.27 83.75
CA LEU V 271 -2.48 62.83 85.04
C LEU V 271 -2.29 64.34 85.06
N GLN V 272 -1.05 64.80 84.87
CA GLN V 272 -0.75 66.22 85.01
C GLN V 272 -1.53 67.06 84.03
N PHE V 273 -1.63 66.60 82.79
CA PHE V 273 -2.37 67.36 81.79
C PHE V 273 -3.84 67.46 82.15
N LEU V 274 -4.43 66.36 82.60
CA LEU V 274 -5.89 66.29 82.68
C LEU V 274 -6.46 67.24 83.72
N ARG V 275 -5.73 67.46 84.82
CA ARG V 275 -6.19 68.42 85.82
C ARG V 275 -6.12 69.85 85.31
N ASP V 276 -5.14 70.15 84.45
CA ASP V 276 -4.94 71.52 84.00
C ASP V 276 -6.07 71.98 83.10
N SER V 277 -6.26 71.31 81.97
CA SER V 277 -7.30 71.69 81.04
C SER V 277 -8.69 71.31 81.53
N PHE V 278 -8.80 70.44 82.53
CA PHE V 278 -10.09 70.03 83.06
C PHE V 278 -10.02 69.91 84.57
N PRO V 279 -10.01 71.03 85.28
CA PRO V 279 -10.22 70.97 86.73
C PRO V 279 -11.64 70.60 87.08
N GLU V 280 -12.59 70.79 86.17
CA GLU V 280 -13.97 70.38 86.39
C GLU V 280 -14.12 68.90 86.06
N LEU V 281 -13.22 68.07 86.59
CA LEU V 281 -13.26 66.63 86.40
C LEU V 281 -12.47 66.00 87.53
N ILE V 282 -12.80 64.74 87.82
CA ILE V 282 -12.08 63.95 88.81
C ILE V 282 -11.69 62.63 88.17
N VAL V 283 -10.46 62.19 88.41
CA VAL V 283 -9.94 60.94 87.90
C VAL V 283 -9.77 60.00 89.08
N THR V 284 -10.52 58.92 89.08
CA THR V 284 -10.42 57.94 90.15
C THR V 284 -9.48 56.85 89.69
N ASP V 285 -8.33 56.72 90.35
CA ASP V 285 -7.26 55.86 89.88
C ASP V 285 -7.41 54.47 90.49
N TYR V 286 -7.40 53.48 89.63
CA TYR V 286 -7.42 52.06 90.00
C TYR V 286 -6.06 51.47 89.64
N ALA V 287 -5.27 51.17 90.67
CA ALA V 287 -3.88 50.77 90.48
C ALA V 287 -3.75 49.71 89.41
N SER V 288 -3.09 50.08 88.30
CA SER V 288 -2.95 49.29 87.08
C SER V 288 -4.27 49.10 86.34
N GLY V 289 -5.38 49.60 86.87
CA GLY V 289 -6.64 49.50 86.16
C GLY V 289 -6.96 50.63 85.24
N GLY V 290 -6.13 51.67 85.21
CA GLY V 290 -6.38 52.83 84.38
C GLY V 290 -6.96 53.98 85.16
N LEU V 291 -7.95 54.66 84.59
CA LEU V 291 -8.61 55.77 85.24
C LEU V 291 -10.12 55.60 85.10
N ALA V 292 -10.86 56.47 85.78
CA ALA V 292 -12.32 56.40 85.82
C ALA V 292 -12.92 57.79 85.71
N ILE V 293 -12.47 58.56 84.72
CA ILE V 293 -12.85 59.97 84.56
C ILE V 293 -14.33 60.17 84.76
N GLU V 294 -14.70 61.08 85.67
CA GLU V 294 -16.09 61.38 85.91
C GLU V 294 -16.26 62.87 86.19
N GLY V 295 -17.47 63.36 85.97
CA GLY V 295 -17.79 64.74 86.19
C GLY V 295 -18.95 65.19 85.34
N PRO V 296 -18.87 66.41 84.82
CA PRO V 296 -19.89 66.89 83.88
C PRO V 296 -20.02 65.94 82.70
N ARG V 297 -21.27 65.67 82.32
CA ARG V 297 -21.57 64.65 81.32
C ARG V 297 -21.15 65.06 79.92
N THR V 298 -20.75 66.30 79.71
CA THR V 298 -20.27 66.76 78.41
C THR V 298 -18.78 67.05 78.40
N SER V 299 -18.25 67.66 79.46
CA SER V 299 -16.82 67.93 79.52
C SER V 299 -16.01 66.64 79.44
N VAL V 300 -16.59 65.51 79.87
CA VAL V 300 -15.90 64.23 79.75
C VAL V 300 -15.67 63.89 78.29
N ASN V 301 -16.73 63.96 77.47
CA ASN V 301 -16.61 63.61 76.06
C ASN V 301 -15.56 64.48 75.38
N ARG V 302 -15.54 65.76 75.73
CA ARG V 302 -14.54 66.67 75.19
C ARG V 302 -13.15 66.35 75.71
N ALA V 303 -13.05 65.89 76.97
CA ALA V 303 -11.75 65.52 77.51
C ALA V 303 -11.20 64.27 76.86
N ILE V 304 -12.07 63.29 76.59
CA ILE V 304 -11.61 62.02 76.02
C ILE V 304 -11.05 62.22 74.62
N ILE V 305 -11.79 62.93 73.77
CA ILE V 305 -11.34 63.15 72.40
C ILE V 305 -10.00 63.87 72.40
N LEU V 306 -9.89 64.90 73.23
CA LEU V 306 -8.61 65.58 73.38
C LEU V 306 -7.56 64.69 74.01
N LEU V 307 -7.93 63.84 74.97
CA LEU V 307 -6.94 63.02 75.65
C LEU V 307 -6.30 61.99 74.73
N GLY V 308 -7.00 61.57 73.68
CA GLY V 308 -6.40 60.67 72.72
C GLY V 308 -5.20 61.28 72.01
N GLN V 309 -5.31 62.55 71.66
CA GLN V 309 -4.21 63.23 70.96
C GLN V 309 -3.00 63.40 71.88
N VAL V 310 -3.22 63.95 73.08
CA VAL V 310 -2.08 64.33 73.91
C VAL V 310 -1.37 63.11 74.45
N ASP V 311 -2.06 61.98 74.53
CA ASP V 311 -1.48 60.75 75.07
C ASP V 311 -1.34 59.73 73.95
N ARG V 312 -0.09 59.40 73.62
CA ARG V 312 0.20 58.40 72.60
C ARG V 312 1.27 57.45 73.12
N ALA V 313 1.18 56.20 72.66
CA ALA V 313 2.14 55.18 73.04
C ALA V 313 3.48 55.42 72.35
N PRO V 314 4.59 55.03 72.98
CA PRO V 314 5.89 55.19 72.33
C PRO V 314 5.93 54.38 71.03
N GLU V 315 6.62 54.93 70.04
CA GLU V 315 6.66 54.31 68.73
C GLU V 315 7.84 53.35 68.62
N ILE V 316 7.73 52.43 67.68
CA ILE V 316 8.66 51.33 67.50
C ILE V 316 9.50 51.61 66.27
N PRO V 317 10.81 51.82 66.41
CA PRO V 317 11.63 52.18 65.25
C PRO V 317 11.94 50.99 64.35
N ILE V 318 11.05 50.71 63.39
CA ILE V 318 11.22 49.66 62.40
C ILE V 318 12.59 49.72 61.74
N VAL V 319 13.33 48.61 61.79
CA VAL V 319 14.69 48.53 61.26
C VAL V 319 14.68 47.65 60.03
N GLN V 320 15.68 47.86 59.15
CA GLN V 320 15.76 47.17 57.88
C GLN V 320 17.05 46.37 57.79
N ARG V 321 16.94 45.12 57.37
CA ARG V 321 18.10 44.31 57.05
C ARG V 321 17.81 43.46 55.84
N ILE V 322 18.88 43.11 55.12
CA ILE V 322 18.81 42.36 53.88
C ILE V 322 19.35 40.97 54.14
N TYR V 323 18.56 39.96 53.82
CA TYR V 323 18.97 38.57 54.04
C TYR V 323 19.25 37.93 52.70
N THR V 324 20.32 37.14 52.65
CA THR V 324 20.74 36.45 51.42
C THR V 324 20.45 34.97 51.62
N VAL V 325 19.28 34.53 51.18
CA VAL V 325 18.83 33.19 51.51
C VAL V 325 19.73 32.14 50.88
N ARG V 326 20.08 31.13 51.67
CA ARG V 326 20.82 29.96 51.21
C ARG V 326 19.86 28.78 51.23
N GLY V 327 19.63 28.18 50.08
CA GLY V 327 18.59 27.19 49.98
C GLY V 327 17.46 27.75 49.15
N GLN V 328 16.25 27.23 49.29
CA GLN V 328 15.14 27.81 48.57
C GLN V 328 14.77 29.14 49.19
N ALA V 329 14.09 29.98 48.43
CA ALA V 329 13.59 31.23 48.96
C ALA V 329 12.09 31.25 49.10
N ALA V 330 11.38 30.33 48.44
CA ALA V 330 9.94 30.25 48.64
C ALA V 330 9.62 29.62 49.98
N ASP V 331 10.42 28.65 50.42
CA ASP V 331 10.14 27.99 51.69
C ASP V 331 10.51 28.85 52.88
N ILE V 332 11.56 29.67 52.73
CA ILE V 332 11.99 30.50 53.83
C ILE V 332 11.20 31.80 53.87
N THR V 333 10.43 32.07 52.81
CA THR V 333 9.44 33.13 52.92
C THR V 333 8.21 32.63 53.65
N ALA V 334 7.78 31.41 53.35
CA ALA V 334 6.61 30.86 54.04
C ALA V 334 6.90 30.63 55.52
N LEU V 335 8.14 30.22 55.84
CA LEU V 335 8.51 30.07 57.24
C LEU V 335 8.37 31.39 57.99
N LEU V 336 8.97 32.46 57.44
CA LEU V 336 8.90 33.75 58.10
C LEU V 336 7.53 34.38 58.02
N ALA V 337 6.60 33.78 57.28
CA ALA V 337 5.23 34.25 57.25
C ALA V 337 4.32 33.47 58.18
N ALA V 338 4.81 32.39 58.79
CA ALA V 338 4.08 31.67 59.83
C ALA V 338 4.66 31.95 61.20
N GLN V 339 5.94 31.68 61.39
CA GLN V 339 6.66 32.28 62.50
C GLN V 339 6.83 33.77 62.21
N TYR V 340 6.71 34.58 63.25
CA TYR V 340 6.84 36.03 63.10
C TYR V 340 5.91 36.54 62.01
N PRO V 341 4.60 36.53 62.23
CA PRO V 341 3.68 36.89 61.15
C PRO V 341 3.65 38.37 60.82
N THR V 342 4.40 39.20 61.54
CA THR V 342 4.53 40.62 61.21
C THR V 342 6.01 40.96 61.10
N LEU V 343 6.59 40.72 59.93
CA LEU V 343 7.97 41.09 59.67
C LEU V 343 8.17 41.80 58.34
N ARG V 344 7.20 41.76 57.44
CA ARG V 344 7.30 42.45 56.15
C ARG V 344 8.54 41.98 55.38
N VAL V 345 8.48 40.71 55.00
CA VAL V 345 9.51 40.09 54.17
C VAL V 345 9.19 40.36 52.72
N THR V 346 10.06 41.10 52.05
CA THR V 346 9.89 41.48 50.66
C THR V 346 11.04 40.94 49.82
N PRO V 347 10.76 40.24 48.73
CA PRO V 347 11.84 39.67 47.92
C PRO V 347 12.32 40.63 46.85
N VAL V 348 13.62 40.58 46.59
CA VAL V 348 14.20 41.33 45.46
C VAL V 348 14.15 40.41 44.26
N GLY V 349 12.97 40.35 43.64
CA GLY V 349 12.78 39.45 42.53
C GLY V 349 13.10 38.02 42.91
N GLN V 350 13.54 37.25 41.91
CA GLN V 350 14.09 35.92 42.14
C GLN V 350 15.61 36.04 42.04
N THR V 351 16.21 36.58 43.10
CA THR V 351 17.66 36.73 43.16
C THR V 351 18.24 36.17 44.43
N GLY V 352 17.47 35.38 45.17
CA GLY V 352 17.98 34.82 46.41
C GLY V 352 18.25 35.85 47.48
N GLN V 353 17.69 37.03 47.35
CA GLN V 353 17.81 38.07 48.36
C GLN V 353 16.43 38.37 48.92
N LEU V 354 16.39 38.98 50.07
CA LEU V 354 15.16 39.02 50.84
C LEU V 354 15.27 40.22 51.76
N VAL V 355 14.55 41.28 51.45
CA VAL V 355 14.57 42.51 52.25
C VAL V 355 13.46 42.40 53.28
N LEU V 356 13.85 42.26 54.54
CA LEU V 356 12.92 42.02 55.63
C LEU V 356 13.05 43.14 56.65
N ASN V 357 11.89 43.57 57.19
CA ASN V 357 11.70 44.91 57.74
C ASN V 357 10.77 44.86 58.95
N GLY V 358 11.34 44.84 60.14
CA GLY V 358 10.54 44.83 61.34
C GLY V 358 11.33 45.37 62.52
N ALA V 359 10.67 45.38 63.68
CA ALA V 359 11.29 45.85 64.92
C ALA V 359 12.57 45.08 65.18
N GLN V 360 13.44 45.65 66.03
CA GLN V 360 14.73 45.00 66.22
C GLN V 360 14.62 43.74 67.07
N ALA V 361 13.64 43.65 67.96
CA ALA V 361 13.45 42.40 68.70
C ALA V 361 13.11 41.26 67.76
N GLN V 362 12.09 41.44 66.93
CA GLN V 362 11.77 40.45 65.91
C GLN V 362 12.96 40.19 65.02
N LEU V 363 13.77 41.20 64.77
CA LEU V 363 14.81 41.08 63.77
C LEU V 363 15.93 40.20 64.28
N ASP V 364 16.36 40.40 65.51
CA ASP V 364 17.44 39.59 66.07
C ASP V 364 16.95 38.23 66.55
N THR V 365 15.65 37.98 66.51
CA THR V 365 15.14 36.64 66.76
C THR V 365 15.03 35.86 65.47
N ALA V 366 14.47 36.47 64.43
CA ALA V 366 14.35 35.78 63.15
C ALA V 366 15.72 35.45 62.57
N LEU V 367 16.72 36.28 62.81
CA LEU V 367 18.03 36.00 62.26
C LEU V 367 18.71 34.85 62.99
N ALA V 368 18.36 34.63 64.26
CA ALA V 368 18.95 33.50 64.97
C ALA V 368 18.30 32.19 64.56
N LEU V 369 16.98 32.21 64.32
CA LEU V 369 16.33 31.03 63.79
C LEU V 369 16.85 30.69 62.41
N LEU V 370 16.90 31.68 61.52
CA LEU V 370 17.36 31.42 60.17
C LEU V 370 18.79 30.93 60.15
N GLU V 371 19.58 31.28 61.16
CA GLU V 371 20.92 30.73 61.25
C GLU V 371 20.90 29.24 61.49
N GLN V 372 19.77 28.70 61.95
CA GLN V 372 19.71 27.30 62.34
C GLN V 372 19.07 26.44 61.27
N VAL V 373 17.94 26.87 60.73
CA VAL V 373 17.13 26.02 59.87
C VAL V 373 17.37 26.32 58.39
N ASP V 374 18.47 26.98 58.05
CA ASP V 374 18.70 27.40 56.68
C ASP V 374 20.12 27.01 56.27
N ARG V 375 20.22 26.00 55.41
CA ARG V 375 21.49 25.53 54.91
C ARG V 375 21.32 25.16 53.44
N PRO V 376 22.41 25.15 52.68
CA PRO V 376 22.30 24.86 51.24
C PRO V 376 21.77 23.46 51.00
N ALA V 377 21.09 23.30 49.87
CA ALA V 377 20.47 22.03 49.53
C ALA V 377 21.54 20.97 49.25
N PRO V 378 21.19 19.69 49.37
CA PRO V 378 22.13 18.64 49.02
C PRO V 378 22.23 18.46 47.51
N VAL V 379 23.30 17.79 47.10
CA VAL V 379 23.60 17.59 45.69
C VAL V 379 23.22 16.18 45.27
N ALA V 380 22.71 16.05 44.05
CA ALA V 380 22.47 14.73 43.48
C ALA V 380 23.79 14.02 43.24
N GLU V 381 23.76 12.69 43.27
CA GLU V 381 25.02 11.96 43.24
C GLU V 381 25.57 11.83 41.82
N SER V 382 24.93 10.99 41.01
CA SER V 382 25.07 10.95 39.56
C SER V 382 24.26 9.78 39.05
N ARG V 383 23.89 9.78 37.77
CA ARG V 383 23.18 8.66 37.20
C ARG V 383 24.07 7.78 36.33
N THR V 384 25.38 7.96 36.41
CA THR V 384 26.32 7.27 35.54
C THR V 384 27.68 7.25 36.19
N VAL V 385 28.34 6.09 36.20
CA VAL V 385 29.67 5.95 36.77
C VAL V 385 30.50 5.09 35.81
N GLN V 386 31.82 5.19 35.95
CA GLN V 386 32.76 4.43 35.14
C GLN V 386 33.71 3.66 36.03
N ARG V 387 34.06 2.45 35.62
CA ARG V 387 35.14 1.69 36.22
C ARG V 387 36.01 1.13 35.12
N VAL V 388 37.31 1.06 35.37
CA VAL V 388 38.28 0.55 34.41
C VAL V 388 38.99 -0.64 35.05
N PHE V 389 38.98 -1.77 34.36
CA PHE V 389 39.61 -2.99 34.84
C PHE V 389 40.76 -3.34 33.91
N GLN V 390 41.96 -3.45 34.46
CA GLN V 390 43.12 -3.89 33.71
C GLN V 390 43.22 -5.40 33.86
N LEU V 391 42.79 -6.13 32.84
CA LEU V 391 42.80 -7.59 32.89
C LEU V 391 44.23 -8.11 32.79
N VAL V 392 44.48 -9.23 33.46
CA VAL V 392 45.80 -9.81 33.55
C VAL V 392 45.87 -11.16 32.85
N ASN V 393 44.87 -12.01 33.03
CA ASN V 393 44.89 -13.35 32.46
C ASN V 393 43.98 -13.52 31.27
N ALA V 394 42.84 -12.83 31.23
CA ALA V 394 41.88 -12.98 30.16
C ALA V 394 42.12 -11.93 29.09
N SER V 395 41.35 -12.02 28.00
CA SER V 395 41.38 -11.06 26.92
C SER V 395 40.18 -10.14 27.03
N ALA V 396 40.44 -8.83 27.01
CA ALA V 396 39.38 -7.86 27.24
C ALA V 396 38.29 -7.97 26.18
N GLU V 397 38.65 -8.33 24.95
CA GLU V 397 37.66 -8.40 23.88
C GLU V 397 36.81 -9.65 24.00
N GLU V 398 37.38 -10.76 24.46
CA GLU V 398 36.59 -11.96 24.66
C GLU V 398 35.71 -11.85 25.90
N VAL V 399 36.19 -11.15 26.93
CA VAL V 399 35.36 -10.93 28.11
C VAL V 399 34.16 -10.06 27.76
N LYS V 400 34.37 -9.03 26.95
CA LYS V 400 33.26 -8.18 26.52
C LYS V 400 32.25 -8.95 25.70
N ALA V 401 32.73 -9.83 24.81
CA ALA V 401 31.81 -10.64 24.01
C ALA V 401 31.08 -11.66 24.87
N THR V 402 31.74 -12.18 25.92
CA THR V 402 31.07 -13.10 26.83
C THR V 402 29.95 -12.40 27.58
N LEU V 403 30.21 -11.20 28.09
CA LEU V 403 29.24 -10.49 28.91
C LEU V 403 28.06 -9.98 28.10
N GLU V 404 28.21 -9.83 26.79
CA GLU V 404 27.15 -9.33 25.93
C GLU V 404 26.40 -10.44 25.22
N GLY V 405 26.78 -11.69 25.42
CA GLY V 405 26.12 -12.79 24.75
C GLY V 405 26.30 -12.80 23.25
N THR V 406 27.49 -12.41 22.78
CA THR V 406 27.78 -12.42 21.35
C THR V 406 29.01 -13.28 21.05
N GLN V 466 18.22 -0.14 30.66
CA GLN V 466 19.08 -0.69 29.61
C GLN V 466 20.05 -1.71 30.16
N GLN V 467 21.25 -1.72 29.58
CA GLN V 467 22.36 -2.53 30.06
C GLN V 467 23.62 -1.68 29.98
N ALA V 468 24.58 -1.99 30.86
CA ALA V 468 25.80 -1.21 30.96
C ALA V 468 26.58 -1.27 29.65
N THR V 469 27.25 -0.16 29.33
CA THR V 469 28.12 -0.10 28.17
C THR V 469 29.48 -0.68 28.49
N LEU V 470 29.98 -1.53 27.61
CA LEU V 470 31.27 -2.18 27.77
C LEU V 470 32.21 -1.75 26.64
N ILE V 471 33.42 -1.34 27.02
CA ILE V 471 34.43 -0.91 26.06
C ILE V 471 35.68 -1.75 26.30
N ALA V 472 36.16 -2.40 25.26
CA ALA V 472 37.32 -3.28 25.35
C ALA V 472 38.45 -2.70 24.53
N ASP V 473 39.61 -2.49 25.15
CA ASP V 473 40.81 -2.03 24.47
C ASP V 473 41.77 -3.20 24.30
N LYS V 474 42.13 -3.49 23.06
CA LYS V 474 43.02 -4.61 22.80
C LYS V 474 44.47 -4.29 23.12
N ARG V 475 44.90 -3.04 22.91
CA ARG V 475 46.30 -2.69 23.12
C ARG V 475 46.70 -2.83 24.57
N THR V 476 45.86 -2.35 25.49
CA THR V 476 46.19 -2.35 26.90
C THR V 476 45.48 -3.45 27.68
N ASN V 477 44.59 -4.21 27.04
CA ASN V 477 43.79 -5.24 27.71
C ASN V 477 42.98 -4.65 28.85
N SER V 478 42.28 -3.56 28.56
CA SER V 478 41.49 -2.83 29.53
C SER V 478 40.02 -3.03 29.24
N LEU V 479 39.24 -3.27 30.31
CA LEU V 479 37.79 -3.33 30.23
C LEU V 479 37.22 -2.10 30.91
N ILE V 480 36.32 -1.40 30.21
CA ILE V 480 35.72 -0.17 30.72
C ILE V 480 34.21 -0.37 30.74
N VAL V 481 33.62 -0.31 31.92
CA VAL V 481 32.19 -0.46 32.12
C VAL V 481 31.61 0.91 32.48
N ARG V 482 30.50 1.27 31.85
CA ARG V 482 29.92 2.60 31.98
C ARG V 482 28.40 2.44 32.10
N GLY V 483 27.85 2.76 33.26
CA GLY V 483 26.42 2.68 33.44
C GLY V 483 26.00 3.20 34.79
N THR V 484 24.80 2.80 35.20
CA THR V 484 24.32 3.17 36.52
C THR V 484 25.16 2.48 37.58
N PRO V 485 25.20 3.03 38.81
CA PRO V 485 26.04 2.42 39.84
C PRO V 485 25.69 0.98 40.15
N GLU V 486 24.43 0.58 39.96
CA GLU V 486 24.05 -0.80 40.20
C GLU V 486 24.51 -1.71 39.07
N GLN V 487 24.39 -1.26 37.83
CA GLN V 487 24.87 -2.03 36.69
C GLN V 487 26.38 -2.15 36.66
N VAL V 488 27.09 -1.25 37.33
CA VAL V 488 28.55 -1.30 37.32
C VAL V 488 29.07 -2.21 38.42
N ALA V 489 28.35 -2.31 39.54
CA ALA V 489 28.76 -3.22 40.60
C ALA V 489 28.54 -4.68 40.21
N GLN V 490 27.67 -4.93 39.22
CA GLN V 490 27.46 -6.29 38.76
C GLN V 490 28.64 -6.78 37.92
N VAL V 491 29.13 -5.93 37.01
CA VAL V 491 30.32 -6.28 36.26
C VAL V 491 31.53 -6.35 37.17
N ALA V 492 31.59 -5.48 38.18
CA ALA V 492 32.74 -5.43 39.06
C ALA V 492 32.89 -6.72 39.87
N GLU V 493 31.78 -7.39 40.19
CA GLU V 493 31.87 -8.66 40.91
C GLU V 493 32.12 -9.84 40.00
N LEU V 494 31.86 -9.69 38.70
CA LEU V 494 32.14 -10.76 37.74
C LEU V 494 33.61 -10.81 37.36
N VAL V 495 34.26 -9.65 37.31
CA VAL V 495 35.62 -9.58 36.77
C VAL V 495 36.61 -10.47 37.51
N PRO V 496 36.65 -10.50 38.84
CA PRO V 496 37.64 -11.36 39.50
C PRO V 496 37.49 -12.84 39.17
N GLN V 497 36.30 -13.28 38.75
CA GLN V 497 36.09 -14.68 38.44
C GLN V 497 36.39 -15.00 36.99
N LEU V 498 36.17 -14.05 36.09
CA LEU V 498 36.44 -14.25 34.67
C LEU V 498 37.88 -13.97 34.29
N ASP V 499 38.71 -13.53 35.24
CA ASP V 499 40.09 -13.16 34.97
C ASP V 499 41.06 -13.99 35.79
N GLN V 500 40.64 -15.17 36.24
CA GLN V 500 41.50 -16.02 37.04
C GLN V 500 42.40 -16.86 36.15
N VAL V 501 43.42 -17.45 36.79
CA VAL V 501 44.35 -18.33 36.07
C VAL V 501 43.67 -19.67 35.82
N VAL V 502 43.75 -20.15 34.58
CA VAL V 502 43.22 -21.46 34.21
C VAL V 502 44.38 -22.43 34.05
N PRO V 503 44.17 -23.73 34.24
CA PRO V 503 45.29 -24.68 34.18
C PRO V 503 45.89 -24.79 32.80
N GLN V 504 47.20 -25.08 32.79
CA GLN V 504 47.95 -25.38 31.59
C GLN V 504 48.38 -26.85 31.64
N ILE V 505 48.17 -27.57 30.55
CA ILE V 505 48.36 -29.02 30.54
C ILE V 505 49.23 -29.41 29.35
N ASN V 506 49.81 -30.61 29.46
CA ASN V 506 50.52 -31.26 28.37
C ASN V 506 49.93 -32.65 28.19
N VAL V 507 49.43 -32.94 27.00
CA VAL V 507 48.78 -34.21 26.69
C VAL V 507 49.68 -34.99 25.76
N GLN V 508 49.90 -36.26 26.06
CA GLN V 508 50.70 -37.16 25.24
C GLN V 508 49.82 -38.26 24.67
N VAL V 509 49.93 -38.48 23.36
CA VAL V 509 49.21 -39.55 22.67
C VAL V 509 50.23 -40.45 22.00
N ARG V 510 50.08 -41.76 22.21
CA ARG V 510 50.91 -42.76 21.54
C ARG V 510 50.04 -43.60 20.63
N ILE V 511 50.40 -43.66 19.35
CA ILE V 511 49.75 -44.53 18.39
C ILE V 511 50.76 -45.61 17.99
N GLN V 512 50.38 -46.86 18.19
CA GLN V 512 51.25 -48.01 17.98
C GLN V 512 50.60 -48.95 16.97
N GLU V 513 51.40 -49.51 16.08
CA GLU V 513 50.86 -50.42 15.07
C GLU V 513 51.89 -51.48 14.73
N VAL V 514 51.49 -52.75 14.85
CA VAL V 514 52.36 -53.88 14.57
C VAL V 514 51.64 -54.82 13.61
N ASN V 515 52.37 -55.35 12.63
CA ASN V 515 51.82 -56.28 11.66
C ASN V 515 52.79 -57.45 11.51
N GLU V 516 52.25 -58.64 11.28
CA GLU V 516 53.09 -59.83 11.09
C GLU V 516 52.52 -60.68 9.97
N ARG V 517 53.42 -61.40 9.29
CA ARG V 517 53.05 -62.27 8.17
C ARG V 517 53.73 -63.63 8.34
N ALA V 518 53.22 -64.61 7.60
CA ALA V 518 53.84 -65.93 7.54
C ALA V 518 53.26 -66.66 6.35
N LEU V 519 54.11 -67.17 5.46
CA LEU V 519 53.69 -67.91 4.30
C LEU V 519 54.39 -69.26 4.28
N GLN V 520 53.76 -70.24 3.64
CA GLN V 520 54.31 -71.59 3.59
C GLN V 520 53.75 -72.29 2.36
N SER V 521 54.58 -72.51 1.36
CA SER V 521 54.19 -73.24 0.16
C SER V 521 54.93 -74.56 0.08
N LEU V 522 54.33 -75.53 -0.60
CA LEU V 522 54.92 -76.85 -0.77
C LEU V 522 54.17 -77.57 -1.87
N GLY V 523 54.88 -78.10 -2.85
CA GLY V 523 54.21 -78.82 -3.93
C GLY V 523 55.11 -79.68 -4.78
N LEU V 524 54.63 -80.89 -5.09
CA LEU V 524 55.33 -81.80 -5.98
C LEU V 524 54.60 -81.86 -7.31
N ASN V 525 55.38 -82.02 -8.39
CA ASN V 525 54.84 -81.86 -9.74
C ASN V 525 55.62 -82.80 -10.66
N TRP V 526 55.09 -84.00 -10.89
CA TRP V 526 55.84 -85.02 -11.60
C TRP V 526 55.11 -85.47 -12.87
N ARG V 527 55.77 -86.38 -13.59
CA ARG V 527 55.25 -86.94 -14.85
C ARG V 527 55.92 -88.27 -15.09
N ALA V 528 55.14 -89.34 -15.15
CA ALA V 528 55.66 -90.69 -15.30
C ALA V 528 55.23 -91.27 -16.64
N THR V 529 56.13 -92.00 -17.29
CA THR V 529 55.85 -92.65 -18.57
C THR V 529 56.35 -94.08 -18.53
N PHE V 530 55.43 -95.02 -18.44
CA PHE V 530 55.71 -96.44 -18.65
C PHE V 530 54.86 -96.94 -19.82
N GLY V 531 54.93 -98.23 -20.10
CA GLY V 531 54.49 -98.76 -21.37
C GLY V 531 53.05 -98.47 -21.77
N GLY V 532 52.87 -97.56 -22.72
CA GLY V 532 51.56 -97.16 -23.16
C GLY V 532 50.96 -96.02 -22.36
N PHE V 533 51.31 -95.91 -21.09
CA PHE V 533 50.71 -94.96 -20.18
C PHE V 533 51.53 -93.68 -20.07
N ASN V 534 50.85 -92.59 -19.78
CA ASN V 534 51.48 -91.29 -19.57
C ASN V 534 50.70 -90.59 -18.47
N VAL V 535 51.27 -90.54 -17.27
CA VAL V 535 50.61 -89.97 -16.10
C VAL V 535 51.30 -88.67 -15.72
N ALA V 536 50.51 -87.63 -15.49
CA ALA V 536 51.04 -86.33 -15.07
C ALA V 536 50.22 -85.86 -13.88
N VAL V 537 50.89 -85.51 -12.79
CA VAL V 537 50.25 -85.00 -11.59
C VAL V 537 50.80 -83.62 -11.29
N SER V 538 49.92 -82.66 -11.05
CA SER V 538 50.32 -81.29 -10.78
C SER V 538 49.41 -80.69 -9.72
N GLY V 539 49.61 -79.42 -9.43
CA GLY V 539 48.81 -78.74 -8.44
C GLY V 539 47.66 -77.96 -9.05
N GLY V 540 47.92 -77.27 -10.16
CA GLY V 540 46.87 -76.56 -10.86
C GLY V 540 45.81 -77.49 -11.39
N THR V 541 46.20 -78.36 -12.30
CA THR V 541 45.38 -79.49 -12.71
C THR V 541 45.77 -80.71 -11.88
N GLY V 542 44.83 -81.62 -11.70
CA GLY V 542 45.11 -82.75 -10.85
C GLY V 542 45.75 -83.89 -11.61
N LEU V 543 45.13 -85.06 -11.57
CA LEU V 543 45.61 -86.21 -12.32
C LEU V 543 45.25 -86.06 -13.80
N ALA V 544 46.15 -86.50 -14.67
CA ALA V 544 45.91 -86.46 -16.11
C ALA V 544 46.66 -87.64 -16.74
N ALA V 545 45.95 -88.75 -16.94
CA ALA V 545 46.51 -89.97 -17.49
C ALA V 545 45.97 -90.22 -18.89
N THR V 546 46.82 -90.74 -19.77
CA THR V 546 46.40 -91.16 -21.10
C THR V 546 46.97 -92.54 -21.39
N PHE V 547 46.41 -93.18 -22.42
CA PHE V 547 46.91 -94.46 -22.91
C PHE V 547 47.09 -94.37 -24.41
N ASN V 548 48.16 -94.97 -24.91
CA ASN V 548 48.44 -95.02 -26.34
C ASN V 548 48.56 -96.48 -26.77
N PRO V 549 47.59 -97.01 -27.53
CA PRO V 549 47.67 -98.42 -27.92
C PRO V 549 48.59 -98.69 -29.10
N THR V 550 49.16 -97.66 -29.72
CA THR V 550 49.98 -97.83 -30.91
C THR V 550 51.47 -97.86 -30.61
N GLN V 551 51.92 -97.26 -29.52
CA GLN V 551 53.32 -97.23 -29.14
C GLN V 551 53.48 -97.87 -27.76
N SER V 552 54.71 -97.89 -27.27
CA SER V 552 55.00 -98.45 -25.95
C SER V 552 56.35 -97.91 -25.49
N PHE V 553 56.35 -97.26 -24.33
CA PHE V 553 57.57 -96.69 -23.77
C PHE V 553 58.51 -97.81 -23.30
N LEU V 554 59.77 -97.44 -23.10
CA LEU V 554 60.78 -98.33 -22.57
C LEU V 554 60.99 -98.03 -21.09
N GLY V 555 60.77 -99.02 -20.24
CA GLY V 555 61.03 -98.87 -18.84
C GLY V 555 60.11 -97.87 -18.16
N PHE V 556 60.57 -97.42 -17.00
CA PHE V 556 59.83 -96.49 -16.16
C PHE V 556 60.64 -95.20 -15.99
N ASN V 557 59.98 -94.06 -16.13
CA ASN V 557 60.59 -92.75 -15.91
C ASN V 557 59.66 -91.95 -15.01
N ILE V 558 60.24 -91.08 -14.18
CA ILE V 558 59.43 -90.49 -13.11
C ILE V 558 59.38 -88.96 -13.17
N PHE V 559 60.43 -88.32 -13.68
CA PHE V 559 60.50 -86.88 -13.95
C PHE V 559 59.85 -85.99 -12.88
N PRO V 560 60.30 -86.04 -11.62
CA PRO V 560 59.66 -85.24 -10.58
C PRO V 560 60.25 -83.83 -10.49
N THR V 561 59.57 -83.00 -9.69
CA THR V 561 59.93 -81.60 -9.50
C THR V 561 59.36 -81.11 -8.19
N LEU V 562 60.21 -80.51 -7.34
CA LEU V 562 59.81 -80.09 -6.01
C LEU V 562 59.94 -78.58 -5.88
N THR V 563 59.13 -78.01 -5.00
CA THR V 563 59.13 -76.57 -4.75
C THR V 563 58.65 -76.32 -3.33
N ALA V 564 59.37 -75.47 -2.60
CA ALA V 564 59.02 -75.16 -1.22
C ALA V 564 59.47 -73.75 -0.89
N LEU V 565 58.63 -73.01 -0.17
CA LEU V 565 58.91 -71.62 0.16
C LEU V 565 58.39 -71.31 1.56
N GLU V 566 59.12 -70.47 2.28
CA GLU V 566 58.71 -69.98 3.58
C GLU V 566 59.02 -68.49 3.65
N THR V 567 58.26 -67.76 4.46
CA THR V 567 58.41 -66.32 4.53
C THR V 567 57.91 -65.82 5.88
N GLN V 568 58.52 -64.74 6.36
CA GLN V 568 57.99 -63.96 7.47
C GLN V 568 58.14 -62.48 7.19
N GLY V 569 57.37 -61.69 7.93
CA GLY V 569 57.49 -60.24 7.89
C GLY V 569 57.07 -59.69 9.22
N LEU V 570 57.48 -58.44 9.48
CA LEU V 570 57.08 -57.77 10.70
C LEU V 570 57.28 -56.27 10.54
N THR V 571 56.20 -55.51 10.61
CA THR V 571 56.28 -54.06 10.51
C THR V 571 55.78 -53.43 11.80
N ARG V 572 56.58 -52.52 12.36
CA ARG V 572 56.18 -51.69 13.47
C ARG V 572 56.20 -50.23 13.05
N ARG V 573 55.35 -49.43 13.67
CA ARG V 573 55.34 -47.99 13.42
C ARG V 573 54.75 -47.30 14.64
N VAL V 574 55.53 -46.43 15.27
CA VAL V 574 55.16 -45.84 16.55
C VAL V 574 55.27 -44.33 16.47
N TYR V 575 54.33 -43.63 17.12
CA TYR V 575 54.34 -42.18 17.24
C TYR V 575 54.05 -41.78 18.67
N ASP V 576 54.74 -40.75 19.17
CA ASP V 576 54.53 -40.18 20.50
C ASP V 576 54.43 -38.68 20.38
N GLY V 577 53.24 -38.11 20.56
CA GLY V 577 53.10 -36.68 20.45
C GLY V 577 52.67 -35.94 21.71
N ASN V 578 53.39 -34.88 22.06
CA ASN V 578 53.00 -33.93 23.09
C ASN V 578 52.45 -32.66 22.45
N VAL V 579 51.48 -32.04 23.10
CA VAL V 579 51.09 -30.67 22.84
C VAL V 579 50.78 -30.00 24.17
N THR V 580 51.19 -28.74 24.32
CA THR V 580 50.85 -27.95 25.49
C THR V 580 49.73 -26.98 25.13
N MET V 581 48.74 -26.88 26.02
CA MET V 581 47.54 -26.11 25.72
C MET V 581 46.92 -25.65 27.03
N GLN V 582 45.84 -24.88 26.90
CA GLN V 582 45.10 -24.28 28.01
C GLN V 582 43.73 -24.91 28.11
N SER V 583 42.99 -24.53 29.16
CA SER V 583 41.71 -25.18 29.44
C SER V 583 40.63 -24.77 28.45
N GLY V 584 40.34 -23.48 28.36
CA GLY V 584 39.27 -23.08 27.48
C GLY V 584 39.76 -22.66 26.12
N GLN V 585 40.74 -23.38 25.59
CA GLN V 585 41.40 -22.96 24.37
C GLN V 585 40.47 -23.09 23.17
N ARG V 586 40.46 -22.08 22.32
CA ARG V 586 39.65 -22.06 21.11
C ARG V 586 40.51 -22.39 19.91
N SER V 587 39.84 -22.65 18.79
CA SER V 587 40.52 -22.92 17.54
C SER V 587 41.04 -21.63 16.92
N LEU V 588 41.91 -21.80 15.92
CA LEU V 588 42.49 -20.69 15.18
C LEU V 588 42.01 -20.78 13.73
N SER V 589 41.61 -19.64 13.17
CA SER V 589 41.08 -19.61 11.80
C SER V 589 42.04 -18.83 10.91
N ALA V 590 43.06 -19.52 10.40
CA ALA V 590 43.91 -18.90 9.39
C ALA V 590 43.61 -19.42 7.99
N THR V 591 43.89 -20.70 7.77
CA THR V 591 43.42 -21.50 6.64
C THR V 591 43.90 -21.02 5.27
N GLY V 592 44.46 -19.82 5.19
CA GLY V 592 44.90 -19.26 3.92
C GLY V 592 43.95 -19.35 2.75
N GLY V 593 42.67 -19.60 3.02
CA GLY V 593 41.68 -19.81 2.00
C GLY V 593 41.43 -21.27 1.65
N ALA V 594 42.32 -22.16 2.05
CA ALA V 594 42.16 -23.59 1.80
C ALA V 594 41.42 -24.25 2.96
N GLN V 595 40.79 -25.39 2.66
CA GLN V 595 40.03 -26.13 3.64
C GLN V 595 40.86 -27.28 4.19
N ASN V 596 40.94 -27.38 5.50
CA ASN V 596 41.72 -28.39 6.19
C ASN V 596 40.86 -29.02 7.26
N ALA V 597 41.06 -30.33 7.50
CA ALA V 597 40.24 -31.05 8.46
C ALA V 597 40.59 -30.71 9.91
N SER V 598 41.69 -30.00 10.15
CA SER V 598 42.13 -29.65 11.49
C SER V 598 41.93 -28.17 11.80
N SER V 599 41.05 -27.50 11.04
CA SER V 599 40.84 -26.08 11.27
C SER V 599 40.16 -25.81 12.60
N GLY V 600 39.30 -26.70 13.05
CA GLY V 600 38.54 -26.48 14.26
C GLY V 600 39.17 -27.03 15.52
N ALA V 601 40.42 -27.48 15.41
CA ALA V 601 41.12 -28.05 16.54
C ALA V 601 41.74 -26.97 17.39
N ALA V 602 41.66 -27.14 18.72
CA ALA V 602 42.27 -26.18 19.63
C ALA V 602 43.80 -26.25 19.57
N ALA V 603 44.34 -27.45 19.36
CA ALA V 603 45.78 -27.66 19.25
C ALA V 603 46.03 -28.76 18.24
N SER V 604 47.24 -28.78 17.68
CA SER V 604 47.55 -29.74 16.63
C SER V 604 49.04 -30.04 16.62
N VAL V 605 49.38 -31.19 16.05
CA VAL V 605 50.75 -31.51 15.69
C VAL V 605 50.70 -32.46 14.49
N LYS V 606 51.56 -32.22 13.51
CA LYS V 606 51.58 -32.98 12.27
C LYS V 606 53.00 -33.31 11.89
N SER V 607 53.16 -34.41 11.16
CA SER V 607 54.45 -34.74 10.57
C SER V 607 54.22 -35.75 9.45
N GLY V 608 54.72 -35.44 8.27
CA GLY V 608 54.39 -36.23 7.10
C GLY V 608 54.47 -35.44 5.82
N GLY V 609 53.36 -35.36 5.08
CA GLY V 609 53.26 -34.51 3.92
C GLY V 609 51.94 -33.79 3.89
N ARG V 610 51.70 -33.07 2.80
CA ARG V 610 50.46 -32.33 2.62
C ARG V 610 50.17 -32.10 1.15
N LEU V 611 48.99 -32.50 0.71
CA LEU V 611 48.56 -32.32 -0.68
C LEU V 611 47.78 -31.03 -0.78
N GLU V 612 48.19 -30.15 -1.70
CA GLU V 612 47.48 -28.92 -1.99
C GLU V 612 46.70 -29.09 -3.29
N ILE V 613 45.41 -28.81 -3.24
CA ILE V 613 44.49 -29.08 -4.34
C ILE V 613 43.78 -27.79 -4.72
N ASN V 614 43.88 -27.40 -6.00
CA ASN V 614 43.27 -26.18 -6.53
C ASN V 614 42.52 -26.55 -7.80
N ILE V 615 41.23 -26.80 -7.69
CA ILE V 615 40.39 -27.19 -8.82
C ILE V 615 39.35 -26.10 -9.04
N PRO V 616 39.37 -25.40 -10.18
CA PRO V 616 38.35 -24.39 -10.42
C PRO V 616 37.03 -25.01 -10.83
N SER V 617 35.95 -24.46 -10.28
CA SER V 617 34.61 -24.97 -10.54
C SER V 617 33.60 -23.83 -10.53
N ALA V 618 32.49 -24.03 -11.23
CA ALA V 618 31.46 -23.01 -11.31
C ALA V 618 30.55 -22.99 -10.09
N ALA V 619 30.55 -24.05 -9.29
CA ALA V 619 29.78 -24.11 -8.07
C ALA V 619 30.58 -23.69 -6.84
N GLY V 620 31.81 -23.23 -7.04
CA GLY V 620 32.73 -22.92 -5.95
C GLY V 620 33.96 -23.76 -6.19
N ASN V 621 35.12 -23.12 -6.08
CA ASN V 621 36.38 -23.81 -6.33
C ASN V 621 36.66 -24.84 -5.23
N ILE V 622 37.27 -25.96 -5.61
CA ILE V 622 37.74 -26.94 -4.65
C ILE V 622 39.18 -26.55 -4.29
N VAL V 623 39.35 -25.98 -3.11
CA VAL V 623 40.66 -25.58 -2.62
C VAL V 623 40.84 -26.28 -1.27
N ARG V 624 41.62 -27.35 -1.26
CA ARG V 624 41.71 -28.26 -0.13
C ARG V 624 43.15 -28.48 0.26
N GLN V 625 43.34 -29.00 1.47
CA GLN V 625 44.61 -29.53 1.93
C GLN V 625 44.36 -30.89 2.55
N ILE V 626 45.08 -31.91 2.09
CA ILE V 626 45.01 -33.24 2.66
C ILE V 626 46.36 -33.56 3.27
N ASP V 627 46.36 -33.86 4.55
CA ASP V 627 47.57 -34.15 5.30
C ASP V 627 47.70 -35.65 5.52
N TYR V 628 48.91 -36.16 5.36
CA TYR V 628 49.19 -37.56 5.64
C TYR V 628 50.41 -37.64 6.54
N GLY V 629 50.73 -38.86 6.96
CA GLY V 629 51.75 -39.07 7.97
C GLY V 629 51.14 -39.29 9.33
N LEU V 630 51.32 -38.34 10.24
CA LEU V 630 50.67 -38.35 11.54
C LEU V 630 49.88 -37.06 11.70
N ASN V 631 48.63 -37.18 12.15
CA ASN V 631 47.81 -36.04 12.49
C ASN V 631 47.24 -36.26 13.87
N LEU V 632 47.45 -35.31 14.78
CA LEU V 632 46.88 -35.35 16.12
C LEU V 632 46.14 -34.05 16.37
N ASP V 633 44.84 -34.15 16.64
CA ASP V 633 43.98 -33.00 16.87
C ASP V 633 43.36 -33.09 18.25
N PHE V 634 43.27 -31.96 18.92
CA PHE V 634 42.68 -31.87 20.26
C PHE V 634 41.55 -30.85 20.24
N PHE V 635 40.40 -31.24 20.76
CA PHE V 635 39.21 -30.40 20.73
C PHE V 635 38.68 -30.21 22.15
N SER V 636 38.45 -28.96 22.54
CA SER V 636 37.74 -28.59 23.76
C SER V 636 38.37 -29.15 25.04
N PRO V 637 39.56 -28.70 25.43
CA PRO V 637 40.30 -29.32 26.56
C PRO V 637 40.03 -28.70 27.92
N GLN V 638 38.87 -28.93 28.52
CA GLN V 638 38.59 -28.36 29.82
C GLN V 638 39.28 -29.14 30.93
N VAL V 639 39.76 -28.42 31.95
CA VAL V 639 40.45 -29.00 33.10
C VAL V 639 39.77 -28.49 34.36
N ALA V 640 39.48 -29.42 35.28
CA ALA V 640 38.84 -29.11 36.55
C ALA V 640 39.87 -28.75 37.62
N PRO V 641 39.46 -28.07 38.68
CA PRO V 641 40.41 -27.75 39.77
C PRO V 641 41.03 -28.98 40.41
N ASP V 642 40.36 -30.14 40.41
CA ASP V 642 40.99 -31.37 40.85
C ASP V 642 42.22 -31.69 40.02
N GLY V 643 42.20 -31.37 38.75
CA GLY V 643 43.14 -31.91 37.80
C GLY V 643 42.55 -32.93 36.86
N THR V 644 41.23 -33.03 36.78
CA THR V 644 40.57 -33.93 35.84
C THR V 644 40.55 -33.29 34.47
N ILE V 645 40.99 -34.03 33.46
CA ILE V 645 41.13 -33.52 32.10
C ILE V 645 40.11 -34.20 31.22
N THR V 646 39.25 -33.41 30.57
CA THR V 646 38.31 -33.87 29.56
C THR V 646 38.75 -33.34 28.21
N LEU V 647 38.59 -34.15 27.16
CA LEU V 647 39.28 -33.86 25.91
C LEU V 647 38.69 -34.68 24.77
N ARG V 648 38.68 -34.11 23.57
CA ARG V 648 38.38 -34.89 22.37
C ARG V 648 39.65 -34.99 21.55
N ILE V 649 40.02 -36.22 21.18
CA ILE V 649 41.27 -36.48 20.47
C ILE V 649 40.92 -37.24 19.20
N ARG V 650 41.50 -36.85 18.06
CA ARG V 650 41.33 -37.71 16.91
C ARG V 650 42.51 -38.65 16.69
N GLY V 651 43.66 -38.15 16.26
CA GLY V 651 44.74 -39.08 16.01
C GLY V 651 44.56 -39.83 14.71
N GLN V 652 45.57 -39.88 13.84
CA GLN V 652 45.41 -40.52 12.55
C GLN V 652 46.78 -40.76 11.93
N VAL V 653 46.96 -41.96 11.36
CA VAL V 653 48.16 -42.30 10.61
C VAL V 653 47.74 -42.75 9.22
N ASN V 654 48.30 -42.11 8.19
CA ASN V 654 47.95 -42.47 6.82
C ASN V 654 49.12 -42.21 5.90
N GLN V 655 49.10 -42.88 4.76
CA GLN V 655 50.10 -42.75 3.70
C GLN V 655 49.40 -42.87 2.38
N PRO V 656 49.88 -42.20 1.33
CA PRO V 656 49.38 -42.49 -0.01
C PRO V 656 49.69 -43.93 -0.39
N ALA V 657 48.74 -44.58 -1.06
CA ALA V 657 48.94 -45.97 -1.44
C ALA V 657 50.00 -46.09 -2.52
N THR V 658 50.01 -45.17 -3.47
CA THR V 658 51.04 -45.11 -4.50
C THR V 658 51.55 -43.68 -4.58
N ALA V 659 52.82 -43.53 -4.96
CA ALA V 659 53.48 -42.24 -4.91
C ALA V 659 52.85 -41.23 -5.86
N ILE V 660 52.87 -39.97 -5.44
CA ILE V 660 52.40 -38.86 -6.27
C ILE V 660 53.52 -38.49 -7.23
N THR V 661 53.19 -38.40 -8.53
CA THR V 661 54.23 -38.32 -9.55
C THR V 661 54.05 -37.16 -10.52
N ALA V 662 53.38 -36.09 -10.11
CA ALA V 662 53.25 -34.87 -10.91
C ALA V 662 52.46 -35.11 -12.20
N ASP V 663 52.11 -36.36 -12.47
CA ASP V 663 51.12 -36.70 -13.46
C ASP V 663 49.81 -37.13 -12.82
N SER V 664 49.73 -37.09 -11.50
CA SER V 664 48.56 -37.51 -10.76
C SER V 664 47.47 -36.46 -10.88
N LEU V 665 46.24 -36.92 -10.81
CA LEU V 665 45.11 -36.02 -10.79
C LEU V 665 44.41 -36.07 -9.45
N PRO V 666 43.86 -34.95 -8.98
CA PRO V 666 43.29 -34.92 -7.63
C PRO V 666 41.89 -35.51 -7.54
N ASN V 667 41.47 -36.25 -8.57
CA ASN V 667 40.10 -36.72 -8.63
C ASN V 667 39.88 -38.03 -7.88
N LEU V 668 40.94 -38.77 -7.58
CA LEU V 668 40.81 -40.03 -6.83
C LEU V 668 42.18 -40.40 -6.27
N ILE V 669 42.27 -40.53 -4.95
CA ILE V 669 43.54 -40.81 -4.27
C ILE V 669 43.26 -41.88 -3.22
N ASP V 670 44.22 -42.80 -3.02
CA ASP V 670 43.89 -44.09 -2.40
C ASP V 670 44.16 -44.15 -0.89
N PHE V 671 45.32 -43.68 -0.43
CA PHE V 671 45.47 -43.29 0.99
C PHE V 671 45.19 -44.44 1.97
N THR V 672 46.14 -45.36 2.09
CA THR V 672 46.24 -46.20 3.29
C THR V 672 45.97 -45.38 4.56
N ASN V 673 45.15 -45.91 5.47
CA ASN V 673 44.63 -45.08 6.55
C ASN V 673 44.27 -45.90 7.80
N SER V 674 44.53 -45.32 8.97
CA SER V 674 44.07 -45.80 10.27
C SER V 674 43.70 -44.61 11.14
N GLU V 675 42.58 -44.70 11.84
CA GLU V 675 42.04 -43.52 12.51
C GLU V 675 41.19 -43.93 13.70
N ALA V 676 40.96 -42.98 14.60
CA ALA V 676 40.09 -43.14 15.77
C ALA V 676 39.68 -41.76 16.25
N GLN V 677 38.56 -41.69 16.96
CA GLN V 677 38.18 -40.44 17.62
C GLN V 677 37.15 -40.73 18.69
N SER V 678 37.25 -40.01 19.79
CA SER V 678 36.38 -40.21 20.95
C SER V 678 36.69 -39.13 21.97
N THR V 679 35.91 -39.13 23.05
CA THR V 679 36.10 -38.21 24.17
C THR V 679 36.51 -39.04 25.38
N ILE V 680 37.54 -38.61 26.09
CA ILE V 680 38.00 -39.32 27.27
C ILE V 680 38.13 -38.35 28.43
N THR V 681 38.11 -38.90 29.63
CA THR V 681 38.33 -38.13 30.84
C THR V 681 39.21 -38.94 31.78
N PHE V 682 40.21 -38.28 32.35
CA PHE V 682 41.15 -38.93 33.26
C PHE V 682 41.70 -37.87 34.19
N LYS V 683 42.29 -38.31 35.28
CA LYS V 683 42.89 -37.37 36.23
C LYS V 683 44.36 -37.17 35.91
N ASN V 684 44.92 -36.13 36.50
CA ASN V 684 46.30 -35.72 36.30
C ASN V 684 47.26 -36.87 36.57
N GLY V 685 47.93 -37.37 35.53
CA GLY V 685 48.93 -38.39 35.67
C GLY V 685 48.50 -39.80 35.33
N GLN V 686 47.22 -40.04 35.06
CA GLN V 686 46.74 -41.37 34.74
C GLN V 686 46.88 -41.66 33.26
N THR V 687 46.69 -42.93 32.91
CA THR V 687 46.85 -43.42 31.55
C THR V 687 45.61 -44.23 31.16
N ILE V 688 45.07 -43.96 29.99
CA ILE V 688 43.83 -44.59 29.53
C ILE V 688 43.99 -44.99 28.07
N LEU V 689 43.41 -46.13 27.72
CA LEU V 689 43.39 -46.59 26.33
C LEU V 689 42.13 -46.10 25.66
N MET V 690 42.28 -45.24 24.64
CA MET V 690 41.12 -44.72 23.93
C MET V 690 40.59 -45.71 22.90
N SER V 691 41.46 -46.45 22.23
CA SER V 691 41.00 -47.37 21.21
C SER V 691 42.03 -48.47 21.01
N GLY V 692 41.57 -49.61 20.55
CA GLY V 692 42.44 -50.73 20.24
C GLY V 692 41.82 -51.54 19.13
N LEU V 693 42.66 -52.23 18.38
CA LEU V 693 42.17 -53.04 17.27
C LEU V 693 43.12 -54.20 17.02
N LEU V 694 42.61 -55.43 17.16
CA LEU V 694 43.35 -56.64 16.89
C LEU V 694 42.76 -57.33 15.67
N GLY V 695 43.63 -57.81 14.77
CA GLY V 695 43.21 -58.46 13.55
C GLY V 695 43.87 -59.81 13.36
N SER V 696 43.40 -60.53 12.35
CA SER V 696 43.90 -61.86 12.01
C SER V 696 43.31 -62.30 10.68
N THR V 697 44.12 -62.98 9.87
CA THR V 697 43.63 -63.59 8.64
C THR V 697 44.27 -64.97 8.50
N GLU V 698 43.83 -65.71 7.47
CA GLU V 698 44.34 -67.03 7.13
C GLU V 698 43.72 -67.46 5.81
N THR V 699 44.49 -68.13 4.95
CA THR V 699 44.00 -68.46 3.61
C THR V 699 44.02 -69.95 3.27
N THR V 700 45.09 -70.68 3.58
CA THR V 700 45.12 -72.15 3.63
C THR V 700 44.41 -72.78 2.41
N ASN V 701 45.04 -72.65 1.26
CA ASN V 701 44.57 -73.36 0.07
C ASN V 701 45.23 -74.73 -0.06
N ARG V 702 44.68 -75.56 -0.94
CA ARG V 702 45.18 -76.91 -1.18
C ARG V 702 44.54 -77.47 -2.43
N SER V 703 45.32 -78.19 -3.24
CA SER V 703 44.84 -78.68 -4.53
C SER V 703 45.63 -79.90 -4.94
N GLY V 704 45.03 -80.73 -5.79
CA GLY V 704 45.72 -81.89 -6.33
C GLY V 704 44.87 -83.07 -6.75
N VAL V 705 45.36 -84.27 -6.46
CA VAL V 705 44.70 -85.53 -6.82
C VAL V 705 43.58 -85.83 -5.83
N PRO V 706 42.44 -86.34 -6.28
CA PRO V 706 41.35 -86.66 -5.34
C PRO V 706 41.75 -87.72 -4.31
N PHE V 707 41.53 -87.39 -3.05
CA PHE V 707 41.71 -88.23 -1.86
C PHE V 707 43.18 -88.49 -1.53
N LEU V 708 44.09 -88.15 -2.43
CA LEU V 708 45.50 -88.36 -2.17
C LEU V 708 46.20 -87.10 -1.73
N SER V 709 45.78 -85.94 -2.26
CA SER V 709 46.31 -84.66 -1.84
C SER V 709 45.84 -84.26 -0.45
N SER V 710 44.85 -84.95 0.10
CA SER V 710 44.31 -84.64 1.41
C SER V 710 44.89 -85.52 2.51
N LEU V 711 45.76 -86.46 2.17
CA LEU V 711 46.35 -87.32 3.18
C LEU V 711 47.32 -86.52 4.05
N PRO V 712 47.38 -86.81 5.35
CA PRO V 712 48.27 -86.03 6.24
C PRO V 712 49.73 -86.35 5.96
N GLY V 713 50.54 -85.31 5.83
CA GLY V 713 51.95 -85.47 5.57
C GLY V 713 52.29 -85.69 4.11
N VAL V 714 51.98 -86.90 3.61
CA VAL V 714 52.32 -87.25 2.23
C VAL V 714 51.37 -86.66 1.20
N GLY V 715 50.39 -85.85 1.63
CA GLY V 715 49.45 -85.28 0.69
C GLY V 715 50.11 -84.35 -0.31
N ALA V 716 51.16 -83.65 0.12
CA ALA V 716 51.82 -82.71 -0.76
C ALA V 716 52.59 -83.37 -1.88
N ALA V 717 52.73 -84.70 -1.85
CA ALA V 717 53.34 -85.43 -2.96
C ALA V 717 52.40 -85.60 -4.14
N PHE V 718 51.14 -85.22 -4.01
CA PHE V 718 50.14 -85.34 -5.05
C PHE V 718 49.44 -84.02 -5.30
N GLY V 719 50.19 -82.94 -5.36
CA GLY V 719 49.60 -81.64 -5.61
C GLY V 719 50.31 -80.56 -4.82
N GLU V 720 49.61 -79.46 -4.61
CA GLU V 720 50.13 -78.28 -3.94
C GLU V 720 49.55 -78.17 -2.53
N LYS V 721 49.96 -77.11 -1.85
CA LYS V 721 49.50 -76.73 -0.52
C LYS V 721 50.07 -75.36 -0.21
N ARG V 722 49.27 -74.53 0.45
CA ARG V 722 49.66 -73.16 0.71
C ARG V 722 48.91 -72.68 1.93
N THR V 723 49.61 -71.93 2.80
CA THR V 723 48.95 -71.37 3.96
C THR V 723 49.60 -70.03 4.31
N GLU V 724 48.77 -69.07 4.67
CA GLU V 724 49.22 -67.74 5.07
C GLU V 724 48.50 -67.34 6.34
N LYS V 725 49.17 -66.54 7.17
CA LYS V 725 48.58 -66.04 8.40
C LYS V 725 49.08 -64.62 8.64
N THR V 726 48.20 -63.77 9.17
CA THR V 726 48.54 -62.40 9.45
C THR V 726 47.99 -62.02 10.82
N GLN V 727 48.69 -61.13 11.51
CA GLN V 727 48.27 -60.55 12.77
C GLN V 727 48.45 -59.05 12.70
N SER V 728 47.66 -58.32 13.48
CA SER V 728 47.86 -56.88 13.55
C SER V 728 47.37 -56.38 14.91
N GLN V 729 47.98 -55.29 15.36
CA GLN V 729 47.57 -54.62 16.59
C GLN V 729 47.67 -53.12 16.39
N LEU V 730 46.69 -52.40 16.92
CA LEU V 730 46.67 -50.95 16.87
C LEU V 730 46.22 -50.44 18.22
N LEU V 731 46.99 -49.56 18.84
CA LEU V 731 46.70 -49.05 20.16
C LEU V 731 46.83 -47.54 20.17
N VAL V 732 45.86 -46.86 20.78
CA VAL V 732 45.92 -45.42 20.98
C VAL V 732 45.80 -45.16 22.48
N ILE V 733 46.87 -44.62 23.07
CA ILE V 733 46.99 -44.46 24.52
C ILE V 733 47.21 -42.98 24.82
N ILE V 734 46.51 -42.46 25.83
CA ILE V 734 46.55 -41.05 26.19
C ILE V 734 46.93 -40.88 27.65
N THR V 735 47.81 -39.93 27.92
CA THR V 735 48.12 -39.47 29.26
C THR V 735 48.30 -37.96 29.24
N GLY V 736 48.33 -37.35 30.41
CA GLY V 736 48.51 -35.92 30.49
C GLY V 736 48.79 -35.49 31.91
N THR V 737 49.42 -34.31 32.03
CA THR V 737 49.75 -33.73 33.32
C THR V 737 49.45 -32.24 33.29
N VAL V 738 49.29 -31.68 34.47
CA VAL V 738 49.10 -30.23 34.62
C VAL V 738 50.46 -29.60 34.84
N VAL V 739 50.76 -28.56 34.05
CA VAL V 739 52.05 -27.88 34.07
C VAL V 739 51.93 -26.67 34.97
N LYS V 740 52.58 -26.71 36.12
CA LYS V 740 52.53 -25.60 37.06
C LYS V 740 53.60 -24.57 36.73
N GLY W 61 43.08 -73.21 27.64
CA GLY W 61 42.11 -72.80 28.64
C GLY W 61 41.85 -71.31 28.62
N VAL W 62 42.85 -70.54 28.24
CA VAL W 62 42.75 -69.09 28.12
C VAL W 62 43.07 -68.74 26.67
N THR W 63 42.04 -68.37 25.91
CA THR W 63 42.17 -68.11 24.49
C THR W 63 42.07 -66.64 24.14
N VAL W 64 41.40 -65.85 24.96
CA VAL W 64 41.12 -64.46 24.66
C VAL W 64 42.20 -63.57 25.25
N THR W 65 42.67 -62.63 24.44
CA THR W 65 43.69 -61.69 24.89
C THR W 65 43.11 -60.72 25.90
N PRO W 66 43.71 -60.58 27.09
CA PRO W 66 43.26 -59.55 28.02
C PRO W 66 43.53 -58.15 27.48
N VAL W 67 42.69 -57.21 27.88
CA VAL W 67 42.77 -55.82 27.44
C VAL W 67 42.95 -54.95 28.67
N LEU W 68 43.97 -54.10 28.66
CA LEU W 68 44.20 -53.14 29.73
C LEU W 68 43.66 -51.78 29.30
N ILE W 69 42.73 -51.24 30.08
CA ILE W 69 42.05 -50.02 29.69
C ILE W 69 42.53 -48.80 30.47
N LYS W 70 42.83 -48.94 31.76
CA LYS W 70 43.20 -47.77 32.55
C LYS W 70 44.13 -48.19 33.68
N VAL W 71 45.12 -47.35 33.97
CA VAL W 71 45.93 -47.44 35.18
C VAL W 71 45.91 -46.08 35.86
N SER W 72 46.15 -46.08 37.15
CA SER W 72 46.16 -44.86 37.94
C SER W 72 47.54 -44.21 37.85
N GLU W 73 47.75 -43.19 38.66
CA GLU W 73 48.98 -42.41 38.64
C GLU W 73 49.87 -42.77 39.83
N GLY W 74 51.08 -42.21 39.81
CA GLY W 74 51.95 -42.29 40.98
C GLY W 74 52.83 -43.51 41.01
N ALA W 75 52.42 -44.53 41.76
CA ALA W 75 53.17 -45.78 41.92
C ALA W 75 54.52 -45.53 42.58
N ALA W 76 54.47 -45.03 43.78
CA ALA W 76 55.61 -45.01 44.66
C ALA W 76 55.51 -46.16 45.66
N PRO W 77 56.64 -46.68 46.16
CA PRO W 77 56.58 -47.80 47.11
C PRO W 77 55.69 -47.50 48.31
N GLY W 78 54.63 -48.29 48.46
CA GLY W 78 53.61 -48.05 49.46
C GLY W 78 52.32 -47.45 48.92
N ASP W 79 52.31 -47.02 47.67
CA ASP W 79 51.10 -46.50 47.07
C ASP W 79 50.25 -47.63 46.50
N THR W 80 49.02 -47.28 46.14
CA THR W 80 48.04 -48.23 45.61
C THR W 80 47.93 -48.02 44.11
N LEU W 81 48.11 -49.10 43.35
CA LEU W 81 48.05 -49.07 41.90
C LEU W 81 46.82 -49.86 41.45
N THR W 82 45.95 -49.20 40.69
CA THR W 82 44.70 -49.80 40.22
C THR W 82 44.76 -49.98 38.72
N ILE W 83 44.39 -51.18 38.26
CA ILE W 83 44.38 -51.54 36.85
C ILE W 83 42.98 -51.99 36.48
N GLN W 84 42.48 -51.55 35.34
CA GLN W 84 41.15 -51.91 34.87
C GLN W 84 41.24 -52.49 33.46
N GLY W 85 40.52 -53.56 33.24
CA GLY W 85 40.60 -54.27 31.97
C GLY W 85 39.36 -55.09 31.73
N ARG W 86 39.48 -56.09 30.86
CA ARG W 86 38.32 -56.91 30.54
C ARG W 86 38.48 -58.38 30.91
N TYR W 87 39.44 -59.10 30.35
CA TYR W 87 39.57 -60.53 30.63
C TYR W 87 40.76 -60.82 31.55
N LEU W 88 40.69 -60.32 32.78
CA LEU W 88 41.86 -60.31 33.64
C LEU W 88 42.00 -61.54 34.53
N GLY W 89 40.99 -62.41 34.58
CA GLY W 89 41.15 -63.69 35.23
C GLY W 89 41.16 -63.72 36.75
N ASN W 90 42.06 -64.53 37.31
CA ASN W 90 42.20 -64.72 38.74
C ASN W 90 43.60 -64.33 39.19
N ALA W 91 43.73 -64.03 40.49
CA ALA W 91 45.03 -63.87 41.09
C ALA W 91 45.78 -65.19 41.23
N GLN W 92 45.07 -66.31 41.16
CA GLN W 92 45.69 -67.64 41.19
C GLN W 92 46.05 -68.14 39.80
N THR W 93 45.66 -67.43 38.76
CA THR W 93 45.92 -67.83 37.39
C THR W 93 46.83 -66.86 36.63
N ALA W 94 46.91 -65.60 37.08
CA ALA W 94 47.59 -64.56 36.33
C ALA W 94 48.58 -63.83 37.22
N ARG W 95 49.37 -62.96 36.61
CA ARG W 95 50.35 -62.14 37.31
C ARG W 95 50.55 -60.83 36.55
N VAL W 96 50.97 -59.81 37.28
CA VAL W 96 51.24 -58.49 36.72
C VAL W 96 52.75 -58.31 36.58
N ILE W 97 53.19 -57.82 35.42
CA ILE W 97 54.60 -57.63 35.13
C ILE W 97 54.83 -56.16 34.84
N ILE W 98 55.84 -55.57 35.48
CA ILE W 98 56.14 -54.16 35.34
C ILE W 98 57.62 -54.03 34.99
N GLY W 99 57.98 -52.92 34.37
CA GLY W 99 59.33 -52.71 33.94
C GLY W 99 59.69 -53.33 32.60
N ALA W 100 58.71 -53.77 31.83
CA ALA W 100 58.97 -54.42 30.55
C ALA W 100 59.11 -53.37 29.46
N ASP W 101 59.50 -53.83 28.28
CA ASP W 101 59.61 -52.94 27.13
C ASP W 101 58.33 -53.03 26.31
N GLU W 102 58.33 -52.41 25.12
CA GLU W 102 57.12 -52.34 24.32
C GLU W 102 56.58 -53.72 23.96
N ASN W 103 57.43 -54.74 23.92
CA ASN W 103 57.05 -56.07 23.46
C ASN W 103 56.77 -57.03 24.61
N GLY W 104 56.83 -56.55 25.85
CA GLY W 104 56.62 -57.40 26.99
C GLY W 104 57.85 -58.11 27.51
N GLN W 105 59.00 -57.93 26.86
CA GLN W 105 60.22 -58.60 27.28
C GLN W 105 60.84 -57.88 28.47
N GLY W 106 61.63 -58.61 29.22
CA GLY W 106 62.18 -58.03 30.43
C GLY W 106 61.08 -57.88 31.47
N GLY W 107 61.36 -57.06 32.47
CA GLY W 107 60.36 -56.74 33.47
C GLY W 107 60.33 -57.73 34.61
N THR W 108 59.78 -57.28 35.73
CA THR W 108 59.71 -58.07 36.95
C THR W 108 58.26 -58.19 37.38
N ALA W 109 57.88 -59.36 37.86
CA ALA W 109 56.50 -59.61 38.25
C ALA W 109 56.25 -59.14 39.67
N PHE W 110 55.05 -58.63 39.90
CA PHE W 110 54.64 -58.26 41.25
C PHE W 110 54.56 -59.51 42.12
N PRO W 111 54.93 -59.43 43.39
CA PRO W 111 54.73 -60.56 44.29
C PRO W 111 53.25 -60.79 44.54
N ALA W 112 52.91 -62.04 44.84
CA ALA W 112 51.52 -62.39 45.14
C ALA W 112 51.01 -61.69 46.39
N SER W 113 51.90 -61.31 47.31
CA SER W 113 51.50 -60.60 48.51
C SER W 113 51.14 -59.14 48.25
N ALA W 114 51.43 -58.63 47.05
CA ALA W 114 51.12 -57.25 46.71
C ALA W 114 49.68 -57.06 46.26
N VAL W 115 48.93 -58.14 46.07
CA VAL W 115 47.59 -58.08 45.50
C VAL W 115 46.60 -57.86 46.63
N GLN W 116 45.82 -56.78 46.53
CA GLN W 116 44.75 -56.51 47.46
C GLN W 116 43.41 -57.01 46.97
N SER W 117 43.12 -56.82 45.69
CA SER W 117 41.90 -57.30 45.06
C SER W 117 42.24 -57.75 43.65
N TRP W 118 41.45 -58.68 43.12
CA TRP W 118 41.66 -59.10 41.74
C TRP W 118 40.34 -59.65 41.21
N SER W 119 39.64 -58.83 40.45
CA SER W 119 38.46 -59.24 39.69
C SER W 119 38.87 -59.44 38.24
N ASP W 120 37.90 -59.82 37.41
CA ASP W 120 38.19 -59.94 36.00
C ASP W 120 38.24 -58.59 35.30
N THR W 121 37.84 -57.51 35.96
CA THR W 121 37.89 -56.18 35.39
C THR W 121 38.63 -55.16 36.23
N GLU W 122 39.24 -55.56 37.34
CA GLU W 122 39.99 -54.62 38.17
C GLU W 122 41.01 -55.36 39.02
N ILE W 123 42.23 -54.83 39.06
CA ILE W 123 43.29 -55.32 39.93
C ILE W 123 43.78 -54.16 40.78
N VAL W 124 43.88 -54.39 42.09
CA VAL W 124 44.38 -53.40 43.03
C VAL W 124 45.64 -53.96 43.67
N LEU W 125 46.71 -53.16 43.69
CA LEU W 125 48.01 -53.62 44.16
C LEU W 125 48.59 -52.63 45.15
N LYS W 126 49.56 -53.12 45.93
CA LYS W 126 50.42 -52.27 46.75
C LYS W 126 51.83 -52.36 46.19
N VAL W 127 52.41 -51.22 45.86
CA VAL W 127 53.72 -51.20 45.22
C VAL W 127 54.77 -51.57 46.25
N PRO W 128 55.57 -52.60 46.02
CA PRO W 128 56.58 -53.01 46.98
C PRO W 128 57.80 -52.09 46.90
N GLU W 129 58.83 -52.45 47.65
CA GLU W 129 60.09 -51.72 47.64
C GLU W 129 61.06 -52.41 46.70
N GLY W 130 61.66 -51.65 45.80
CA GLY W 130 62.66 -52.19 44.91
C GLY W 130 62.29 -52.20 43.44
N MET W 131 61.15 -51.62 43.10
CA MET W 131 60.78 -51.53 41.69
C MET W 131 61.63 -50.48 40.99
N PRO W 132 61.87 -50.64 39.69
CA PRO W 132 62.71 -49.70 38.94
C PRO W 132 61.97 -48.41 38.65
N ALA W 133 62.46 -47.29 39.20
CA ALA W 133 61.84 -46.01 38.97
C ALA W 133 62.03 -45.57 37.53
N GLY W 134 61.13 -44.73 37.05
CA GLY W 134 61.12 -44.28 35.68
C GLY W 134 59.97 -44.88 34.89
N GLY W 135 59.96 -44.57 33.60
CA GLY W 135 58.91 -45.05 32.74
C GLY W 135 59.17 -46.47 32.24
N SER W 136 58.09 -47.23 32.11
CA SER W 136 58.17 -48.62 31.70
C SER W 136 56.78 -49.07 31.28
N TRP W 137 56.67 -50.33 30.88
CA TRP W 137 55.43 -50.89 30.39
C TRP W 137 54.88 -51.90 31.38
N LEU W 138 53.56 -51.93 31.50
CA LEU W 138 52.87 -52.84 32.40
C LEU W 138 52.00 -53.79 31.58
N PHE W 139 52.09 -55.08 31.90
CA PHE W 139 51.32 -56.11 31.23
C PHE W 139 50.69 -57.01 32.28
N VAL W 140 49.61 -57.68 31.90
CA VAL W 140 48.98 -58.72 32.70
C VAL W 140 49.02 -59.99 31.88
N GLU W 141 49.56 -61.06 32.46
CA GLU W 141 49.65 -62.36 31.79
C GLU W 141 48.63 -63.30 32.41
N VAL W 142 47.56 -63.60 31.69
CA VAL W 142 46.48 -64.44 32.18
C VAL W 142 46.63 -65.81 31.53
N GLY W 143 46.90 -66.82 32.35
CA GLY W 143 47.05 -68.16 31.83
C GLY W 143 48.16 -68.29 30.80
N GLY W 144 49.21 -67.50 30.93
CA GLY W 144 50.30 -67.52 29.98
C GLY W 144 50.11 -66.63 28.78
N LYS W 145 48.96 -66.00 28.62
CA LYS W 145 48.68 -65.13 27.50
C LYS W 145 48.85 -63.68 27.91
N ARG W 146 49.59 -62.92 27.10
CA ARG W 146 49.91 -61.55 27.42
C ARG W 146 48.81 -60.60 26.95
N SER W 147 48.60 -59.54 27.72
CA SER W 147 47.57 -58.56 27.40
C SER W 147 48.15 -57.49 26.48
N THR W 148 47.36 -56.46 26.22
CA THR W 148 47.86 -55.23 25.66
C THR W 148 48.43 -54.39 26.79
N GLY W 149 49.50 -53.66 26.50
CA GLY W 149 50.21 -52.97 27.54
C GLY W 149 49.75 -51.53 27.74
N LEU W 150 50.16 -50.98 28.88
CA LEU W 150 50.01 -49.57 29.18
C LEU W 150 51.32 -49.07 29.77
N ARG W 151 51.64 -47.81 29.50
CA ARG W 151 52.84 -47.19 30.06
C ARG W 151 52.55 -46.70 31.47
N VAL W 152 53.44 -47.02 32.39
CA VAL W 152 53.30 -46.65 33.79
C VAL W 152 54.56 -45.92 34.21
N SER W 153 54.44 -45.05 35.20
CA SER W 153 55.56 -44.27 35.70
C SER W 153 55.80 -44.64 37.16
N VAL W 154 56.86 -45.39 37.41
CA VAL W 154 57.23 -45.77 38.77
C VAL W 154 58.02 -44.63 39.38
N ARG W 155 57.63 -44.22 40.58
CA ARG W 155 58.27 -43.10 41.25
C ARG W 155 59.52 -43.56 41.99
N GLY X 28 65.45 -96.80 -16.49
CA GLY X 28 66.36 -96.56 -17.59
C GLY X 28 66.69 -97.81 -18.40
N ARG X 29 66.51 -97.73 -19.71
CA ARG X 29 66.76 -98.84 -20.61
C ARG X 29 67.58 -98.36 -21.80
N VAL X 30 68.38 -99.26 -22.34
CA VAL X 30 69.17 -99.01 -23.54
C VAL X 30 68.74 -100.00 -24.61
N ASN X 31 68.46 -99.50 -25.80
CA ASN X 31 68.01 -100.35 -26.90
C ASN X 31 68.48 -99.72 -28.20
N VAL X 32 69.58 -100.25 -28.74
CA VAL X 32 70.17 -99.74 -29.98
C VAL X 32 70.25 -100.89 -30.98
N GLY X 33 69.92 -100.60 -32.23
CA GLY X 33 69.99 -101.58 -33.29
C GLY X 33 70.98 -101.16 -34.36
N VAL X 34 71.51 -102.14 -35.09
CA VAL X 34 72.60 -101.92 -36.02
C VAL X 34 72.29 -102.59 -37.35
N ASP X 35 72.56 -101.88 -38.44
CA ASP X 35 72.48 -102.42 -39.79
C ASP X 35 73.90 -102.61 -40.32
N VAL X 36 74.28 -103.86 -40.55
CA VAL X 36 75.68 -104.18 -40.86
C VAL X 36 76.01 -103.82 -42.30
N GLY X 37 75.32 -104.44 -43.25
CA GLY X 37 75.65 -104.20 -44.65
C GLY X 37 77.03 -104.67 -45.02
N ASP X 38 77.24 -105.98 -45.00
CA ASP X 38 78.56 -106.59 -45.15
C ASP X 38 78.89 -106.94 -46.60
N ALA X 39 78.34 -106.20 -47.56
CA ALA X 39 78.68 -106.40 -48.96
C ALA X 39 79.92 -105.58 -49.32
N GLY X 40 80.58 -105.99 -50.40
CA GLY X 40 81.79 -105.32 -50.83
C GLY X 40 82.89 -105.34 -49.80
N SER X 41 83.03 -106.45 -49.08
CA SER X 41 83.96 -106.56 -47.97
C SER X 41 85.07 -107.57 -48.19
N GLU X 42 85.01 -108.39 -49.23
CA GLU X 42 86.05 -109.36 -49.52
C GLU X 42 86.77 -108.99 -50.81
N GLN X 43 88.09 -109.04 -50.78
CA GLN X 43 88.91 -108.75 -51.94
C GLN X 43 88.86 -109.91 -52.93
N VAL X 44 88.68 -109.60 -54.21
CA VAL X 44 88.55 -110.63 -55.24
C VAL X 44 89.92 -110.92 -55.82
N ALA X 45 90.31 -112.19 -55.80
CA ALA X 45 91.58 -112.62 -56.37
C ALA X 45 91.50 -113.92 -57.16
N THR X 46 90.40 -114.67 -57.08
CA THR X 46 90.29 -115.97 -57.74
C THR X 46 90.02 -115.77 -59.23
N LEU X 47 91.06 -115.34 -59.94
CA LEU X 47 91.02 -115.16 -61.39
C LEU X 47 92.29 -115.79 -61.96
N THR X 48 92.24 -117.09 -62.27
CA THR X 48 93.34 -117.72 -62.97
C THR X 48 93.49 -117.17 -64.37
N ILE X 49 92.40 -116.65 -64.95
CA ILE X 49 92.44 -115.91 -66.19
C ILE X 49 92.94 -114.50 -65.89
N THR X 50 92.83 -113.59 -66.85
CA THR X 50 93.42 -112.27 -66.68
C THR X 50 92.59 -111.22 -67.41
N PRO X 51 92.81 -109.97 -67.02
CA PRO X 51 92.33 -108.82 -67.77
C PRO X 51 93.26 -108.43 -68.91
N GLU X 52 94.28 -109.24 -69.17
CA GLU X 52 95.22 -109.02 -70.25
C GLU X 52 94.57 -109.47 -71.56
N LYS X 53 95.40 -109.63 -72.61
CA LYS X 53 94.88 -109.93 -73.95
C LYS X 53 93.93 -111.11 -73.92
N CYS X 54 94.43 -112.31 -73.59
CA CYS X 54 93.56 -113.47 -73.46
C CYS X 54 94.19 -114.43 -72.44
N ASP X 55 93.79 -114.27 -71.17
CA ASP X 55 94.10 -115.19 -70.08
C ASP X 55 95.52 -115.73 -70.14
N ASP X 56 96.50 -114.87 -70.39
CA ASP X 56 97.86 -115.33 -70.64
C ASP X 56 98.90 -114.73 -69.71
N LYS X 57 98.81 -113.44 -69.39
CA LYS X 57 99.89 -112.73 -68.73
C LYS X 57 99.61 -112.46 -67.26
N GLY X 58 98.50 -111.78 -66.94
CA GLY X 58 98.24 -111.31 -65.58
C GLY X 58 97.62 -112.43 -64.76
N VAL X 59 98.44 -113.44 -64.47
CA VAL X 59 98.00 -114.58 -63.67
C VAL X 59 98.04 -114.25 -62.19
N PRO X 74 84.67 -100.93 -46.95
CA PRO X 74 84.56 -101.63 -45.67
C PRO X 74 83.10 -101.78 -45.22
N VAL X 75 82.86 -102.65 -44.24
CA VAL X 75 81.51 -102.81 -43.71
C VAL X 75 81.11 -101.56 -42.95
N THR X 76 79.91 -101.05 -43.24
CA THR X 76 79.42 -99.82 -42.63
C THR X 76 78.35 -100.15 -41.58
N PHE X 77 78.77 -100.12 -40.31
CA PHE X 77 77.84 -100.31 -39.20
C PHE X 77 77.01 -99.05 -39.01
N THR X 78 75.69 -99.22 -38.83
CA THR X 78 74.77 -98.10 -38.67
C THR X 78 73.96 -98.31 -37.40
N PHE X 79 74.30 -97.58 -36.34
CA PHE X 79 73.65 -97.70 -35.04
C PHE X 79 72.54 -96.68 -34.92
N THR X 80 71.37 -97.14 -34.48
CA THR X 80 70.22 -96.29 -34.24
C THR X 80 69.52 -96.72 -32.95
N ALA X 81 69.13 -95.75 -32.14
CA ALA X 81 68.50 -96.02 -30.86
C ALA X 81 67.00 -96.18 -31.02
N ARG X 82 66.46 -97.21 -30.37
CA ARG X 82 65.04 -97.49 -30.43
C ARG X 82 64.26 -96.44 -29.63
N PRO X 83 62.99 -96.24 -29.94
CA PRO X 83 62.20 -95.26 -29.19
C PRO X 83 62.14 -95.60 -27.71
N GLY X 84 62.26 -94.56 -26.88
CA GLY X 84 62.25 -94.72 -25.44
C GLY X 84 63.58 -95.07 -24.82
N SER X 85 64.63 -95.14 -25.61
CA SER X 85 65.94 -95.56 -25.13
C SER X 85 66.76 -94.37 -24.64
N GLU X 86 67.81 -94.68 -23.88
CA GLU X 86 68.76 -93.66 -23.46
C GLU X 86 69.77 -93.41 -24.58
N ALA X 87 70.61 -92.40 -24.37
CA ALA X 87 71.79 -92.24 -25.21
C ALA X 87 72.89 -93.18 -24.73
N VAL X 88 73.80 -93.52 -25.64
CA VAL X 88 74.88 -94.44 -25.31
C VAL X 88 76.08 -94.07 -26.16
N THR X 89 77.27 -94.32 -25.61
CA THR X 89 78.54 -94.10 -26.31
C THR X 89 79.29 -95.42 -26.39
N ILE X 90 79.69 -95.80 -27.59
CA ILE X 90 80.38 -97.08 -27.80
C ILE X 90 81.88 -96.83 -27.77
N GLU X 91 82.58 -97.63 -26.95
CA GLU X 91 84.00 -97.43 -26.73
C GLU X 91 84.89 -98.38 -27.54
N GLY X 92 84.39 -99.57 -27.84
CA GLY X 92 85.17 -100.53 -28.61
C GLY X 92 84.40 -101.81 -28.78
N TYR X 93 85.07 -102.83 -29.29
CA TYR X 93 84.44 -104.12 -29.54
C TYR X 93 85.39 -105.26 -29.20
N ARG X 94 84.81 -106.42 -28.91
CA ARG X 94 85.53 -107.65 -28.68
C ARG X 94 85.12 -108.68 -29.72
N VAL X 95 86.09 -109.37 -30.30
CA VAL X 95 85.83 -110.40 -31.30
C VAL X 95 85.72 -111.73 -30.55
N LEU X 96 84.49 -112.18 -30.33
CA LEU X 96 84.22 -113.37 -29.53
C LEU X 96 84.34 -114.67 -30.33
N SER X 97 84.40 -114.61 -31.65
CA SER X 97 84.46 -115.82 -32.46
C SER X 97 84.97 -115.46 -33.84
N ASP X 98 86.12 -116.02 -34.21
CA ASP X 98 86.69 -115.84 -35.54
C ASP X 98 86.79 -117.20 -36.21
N ARG X 99 86.25 -117.31 -37.43
CA ARG X 99 86.19 -118.59 -38.14
C ARG X 99 86.50 -118.34 -39.62
N LEU X 100 87.72 -118.64 -40.02
CA LEU X 100 88.12 -118.59 -41.43
C LEU X 100 87.87 -119.97 -42.02
N ASP X 101 86.93 -120.04 -42.96
CA ASP X 101 86.51 -121.28 -43.63
C ASP X 101 85.99 -122.34 -42.67
N GLY X 102 85.73 -121.97 -41.41
CA GLY X 102 85.12 -122.87 -40.46
C GLY X 102 85.98 -123.32 -39.31
N VAL X 103 87.14 -122.70 -39.08
CA VAL X 103 88.05 -123.09 -38.02
C VAL X 103 88.03 -122.00 -36.96
N GLU X 104 87.72 -122.38 -35.72
CA GLU X 104 87.59 -121.44 -34.61
C GLU X 104 88.99 -121.00 -34.17
N ARG X 105 89.52 -119.99 -34.84
CA ARG X 105 90.83 -119.43 -34.51
C ARG X 105 90.68 -118.21 -33.62
N ALA X 106 90.05 -118.41 -32.47
CA ALA X 106 89.62 -117.30 -31.63
C ALA X 106 90.20 -117.32 -30.21
N ASP X 107 90.29 -118.50 -29.58
CA ASP X 107 90.69 -118.63 -28.18
C ASP X 107 89.82 -117.73 -27.31
N PRO X 108 88.55 -118.10 -27.08
CA PRO X 108 87.64 -117.19 -26.36
C PRO X 108 88.07 -116.88 -24.93
N LYS X 109 89.15 -117.50 -24.42
CA LYS X 109 89.67 -117.10 -23.12
C LYS X 109 90.25 -115.69 -23.16
N ASN X 110 90.85 -115.30 -24.29
CA ASN X 110 91.51 -114.01 -24.45
C ASN X 110 91.05 -113.38 -25.77
N PRO X 111 89.89 -112.72 -25.76
CA PRO X 111 89.40 -112.09 -27.00
C PRO X 111 90.32 -110.97 -27.45
N VAL X 112 90.03 -110.43 -28.63
CA VAL X 112 90.79 -109.34 -29.22
C VAL X 112 90.00 -108.06 -28.98
N GLU X 113 90.38 -107.32 -27.95
CA GLU X 113 89.70 -106.09 -27.59
C GLU X 113 90.18 -104.93 -28.45
N ASN X 114 89.26 -104.00 -28.72
CA ASN X 114 89.59 -102.72 -29.31
C ASN X 114 89.06 -101.62 -28.40
N ALA X 115 89.79 -100.52 -28.30
CA ALA X 115 89.43 -99.39 -27.46
C ALA X 115 89.63 -98.09 -28.22
N LYS X 116 89.11 -98.02 -29.43
CA LYS X 116 89.45 -96.97 -30.36
C LYS X 116 88.20 -96.26 -30.87
N MET X 117 87.17 -96.21 -30.04
CA MET X 117 85.89 -95.68 -30.48
C MET X 117 85.34 -94.67 -29.49
N ASN X 118 84.94 -93.51 -29.99
CA ASN X 118 84.12 -92.54 -29.26
C ASN X 118 82.94 -92.24 -30.17
N LEU X 119 81.91 -93.09 -30.12
CA LEU X 119 80.78 -93.00 -31.02
C LEU X 119 79.52 -92.77 -30.19
N TYR X 120 78.86 -91.65 -30.45
CA TYR X 120 77.69 -91.23 -29.69
C TYR X 120 76.42 -91.61 -30.43
N VAL X 121 75.54 -92.35 -29.76
CA VAL X 121 74.25 -92.74 -30.30
C VAL X 121 73.19 -91.90 -29.59
N PRO X 122 72.52 -90.98 -30.28
CA PRO X 122 71.52 -90.13 -29.62
C PRO X 122 70.40 -90.92 -29.00
N SER X 123 69.61 -90.22 -28.17
CA SER X 123 68.74 -90.87 -27.20
C SER X 123 67.66 -91.73 -27.85
N GLY X 124 67.01 -91.21 -28.88
CA GLY X 124 65.87 -91.91 -29.43
C GLY X 124 64.57 -91.22 -29.06
N TYR X 125 64.62 -89.89 -29.00
CA TYR X 125 63.45 -89.05 -28.78
C TYR X 125 63.43 -88.00 -29.89
N ALA X 126 62.42 -87.13 -29.85
CA ALA X 126 62.31 -86.06 -30.82
C ALA X 126 61.73 -84.84 -30.12
N CYS X 127 62.22 -83.66 -30.51
CA CYS X 127 61.80 -82.41 -29.87
C CYS X 127 62.05 -81.28 -30.87
N GLU X 128 62.00 -80.05 -30.36
CA GLU X 128 62.15 -78.87 -31.21
C GLU X 128 63.57 -78.34 -31.24
N GLY X 129 64.26 -78.35 -30.10
CA GLY X 129 65.59 -77.79 -30.00
C GLY X 129 66.72 -78.75 -30.26
N LEU X 130 66.43 -79.95 -30.76
CA LEU X 130 67.46 -80.95 -30.98
C LEU X 130 68.38 -80.52 -32.11
N THR X 131 69.69 -80.57 -31.84
CA THR X 131 70.70 -80.27 -32.85
C THR X 131 70.99 -81.54 -33.65
N ALA X 132 72.07 -81.52 -34.43
CA ALA X 132 72.39 -82.64 -35.30
C ALA X 132 72.75 -83.89 -34.50
N GLY X 133 73.80 -83.82 -33.70
CA GLY X 133 74.28 -84.99 -33.00
C GLY X 133 74.12 -84.96 -31.50
N ALA X 134 72.99 -84.49 -31.02
CA ALA X 134 72.73 -84.36 -29.60
C ALA X 134 71.54 -85.22 -29.20
N SER X 135 71.20 -85.16 -27.92
CA SER X 135 70.04 -85.84 -27.37
C SER X 135 69.14 -84.83 -26.67
N CYS X 136 67.83 -85.12 -26.67
CA CYS X 136 66.89 -84.28 -25.96
C CYS X 136 67.14 -84.35 -24.46
N GLN X 137 66.83 -83.26 -23.76
CA GLN X 137 66.91 -83.26 -22.31
C GLN X 137 65.95 -84.26 -21.70
N GLY X 138 64.72 -84.30 -22.20
CA GLY X 138 63.70 -85.21 -21.71
C GLY X 138 62.50 -84.54 -21.07
N ASN X 139 62.44 -83.21 -21.06
CA ASN X 139 61.34 -82.49 -20.43
C ASN X 139 60.91 -81.31 -21.30
N GLU X 140 60.79 -81.53 -22.59
CA GLU X 140 60.50 -80.46 -23.55
C GLU X 140 59.01 -80.15 -23.68
N SER X 141 58.13 -80.99 -23.12
CA SER X 141 56.68 -80.84 -23.22
C SER X 141 56.21 -81.04 -24.66
N ASP X 142 57.16 -81.20 -25.57
CA ASP X 142 56.93 -81.54 -26.95
C ASP X 142 57.53 -82.89 -27.31
N ILE X 143 58.26 -83.51 -26.38
CA ILE X 143 59.13 -84.63 -26.70
C ILE X 143 58.30 -85.86 -27.02
N ARG X 144 58.71 -86.56 -28.07
CA ARG X 144 58.14 -87.84 -28.46
C ARG X 144 59.19 -88.93 -28.29
N ILE X 145 58.77 -90.17 -28.50
CA ILE X 145 59.69 -91.30 -28.62
C ILE X 145 59.79 -91.63 -30.10
N ALA X 146 60.99 -91.58 -30.65
CA ALA X 146 61.21 -91.82 -32.07
C ALA X 146 62.49 -92.64 -32.22
N ASN X 147 62.91 -92.85 -33.45
CA ASN X 147 64.17 -93.51 -33.71
C ASN X 147 65.28 -92.46 -33.72
N GLY X 148 66.40 -92.80 -33.09
CA GLY X 148 67.49 -91.85 -32.99
C GLY X 148 68.17 -91.61 -34.32
N GLN X 149 69.00 -90.58 -34.34
CA GLN X 149 69.77 -90.28 -35.55
C GLN X 149 70.76 -91.40 -35.82
N PRO X 150 70.89 -91.85 -37.07
CA PRO X 150 71.84 -92.92 -37.37
C PRO X 150 73.28 -92.42 -37.34
N VAL X 151 74.15 -93.16 -36.69
CA VAL X 151 75.58 -92.88 -36.65
C VAL X 151 76.32 -94.11 -37.13
N GLN X 152 77.36 -93.90 -37.94
CA GLN X 152 78.04 -94.97 -38.64
C GLN X 152 79.48 -95.13 -38.19
N HIS X 153 80.00 -96.34 -38.40
CA HIS X 153 81.39 -96.66 -38.16
C HIS X 153 81.80 -97.72 -39.18
N GLN X 154 83.09 -97.75 -39.51
CA GLN X 154 83.62 -98.64 -40.53
C GLN X 154 84.72 -99.50 -39.93
N ILE X 155 84.66 -100.80 -40.19
CA ILE X 155 85.70 -101.75 -39.83
C ILE X 155 86.03 -102.54 -41.09
N TYR X 156 87.18 -102.25 -41.70
CA TYR X 156 87.59 -102.95 -42.91
C TYR X 156 88.22 -104.28 -42.52
N PHE X 157 87.58 -105.37 -42.89
CA PHE X 157 88.06 -106.71 -42.53
C PHE X 157 88.94 -107.28 -43.63
N ARG X 174 85.46 -115.99 -44.02
CA ARG X 174 85.62 -115.53 -42.64
C ARG X 174 84.36 -114.91 -42.09
N VAL X 175 83.91 -115.39 -40.94
CA VAL X 175 82.77 -114.81 -40.24
C VAL X 175 83.18 -114.53 -38.80
N VAL X 176 83.09 -113.27 -38.38
CA VAL X 176 83.47 -112.86 -37.03
C VAL X 176 82.22 -112.43 -36.28
N ASP X 177 82.27 -112.57 -34.96
CA ASP X 177 81.16 -112.23 -34.07
C ASP X 177 81.61 -111.14 -33.12
N LEU X 178 81.30 -109.89 -33.47
CA LEU X 178 81.70 -108.76 -32.66
C LEU X 178 80.82 -108.65 -31.42
N GLU X 179 81.24 -107.75 -30.52
CA GLU X 179 80.42 -107.38 -29.36
C GLU X 179 80.86 -105.98 -28.94
N PHE X 180 80.07 -104.98 -29.33
CA PHE X 180 80.38 -103.61 -28.95
C PHE X 180 80.10 -103.39 -27.47
N TYR X 181 80.86 -102.47 -26.87
CA TYR X 181 80.64 -102.12 -25.48
C TYR X 181 80.76 -100.61 -25.30
N GLY X 182 80.34 -100.15 -24.14
CA GLY X 182 80.31 -98.71 -23.86
C GLY X 182 79.56 -98.43 -22.57
N PHE X 183 78.98 -97.23 -22.51
CA PHE X 183 78.24 -96.79 -21.35
C PHE X 183 77.10 -95.89 -21.78
N SER X 184 76.01 -95.90 -21.01
CA SER X 184 74.84 -95.12 -21.36
C SER X 184 74.99 -93.69 -20.85
N ALA X 185 73.92 -92.91 -20.95
CA ALA X 185 73.94 -91.54 -20.43
C ALA X 185 73.96 -91.51 -18.90
N ASN X 186 73.56 -92.60 -18.25
CA ASN X 186 73.67 -92.73 -16.81
C ASN X 186 74.94 -93.44 -16.40
N ASN X 187 75.87 -93.66 -17.34
CA ASN X 187 77.18 -94.24 -17.07
C ASN X 187 77.06 -95.66 -16.54
N VAL X 188 76.33 -96.50 -17.27
CA VAL X 188 76.24 -97.92 -16.92
C VAL X 188 76.72 -98.75 -18.10
N PRO X 189 77.40 -99.88 -17.87
CA PRO X 189 77.99 -100.62 -18.97
C PRO X 189 76.96 -101.16 -19.95
N PHE X 190 77.39 -101.29 -21.21
CA PHE X 190 76.52 -101.67 -22.31
C PHE X 190 77.22 -102.67 -23.20
N THR X 191 76.49 -103.66 -23.70
CA THR X 191 77.01 -104.65 -24.64
C THR X 191 75.97 -104.93 -25.72
N ARG X 192 76.44 -105.15 -26.95
CA ARG X 192 75.55 -105.34 -28.09
C ARG X 192 76.23 -106.26 -29.09
N LYS X 193 75.72 -107.49 -29.21
CA LYS X 193 76.34 -108.49 -30.08
C LYS X 193 75.85 -108.33 -31.52
N VAL X 194 76.80 -108.38 -32.45
CA VAL X 194 76.51 -108.16 -33.87
C VAL X 194 76.97 -109.40 -34.65
N THR X 195 76.77 -110.57 -34.05
CA THR X 195 77.16 -111.85 -34.62
C THR X 195 76.78 -111.99 -36.09
N GLY X 196 77.61 -112.72 -36.84
CA GLY X 196 77.27 -113.19 -38.17
C GLY X 196 77.92 -112.46 -39.33
N ILE X 197 78.66 -111.37 -39.11
CA ILE X 197 79.19 -110.59 -40.22
C ILE X 197 80.21 -111.43 -41.00
N VAL X 198 80.18 -111.28 -42.33
CA VAL X 198 80.90 -112.15 -43.25
C VAL X 198 82.04 -111.37 -43.88
N SER X 199 83.26 -111.89 -43.74
CA SER X 199 84.47 -111.33 -44.37
C SER X 199 84.66 -109.86 -44.08
N THR Y 34 -41.63 124.36 89.99
CA THR Y 34 -42.20 124.63 88.67
C THR Y 34 -43.18 125.80 88.71
N VAL Y 35 -43.37 126.44 87.56
CA VAL Y 35 -44.28 127.56 87.44
C VAL Y 35 -44.97 127.49 86.08
N TYR Y 36 -46.23 127.89 86.06
CA TYR Y 36 -47.02 127.96 84.85
C TYR Y 36 -47.28 129.42 84.53
N ARG Y 37 -46.82 129.87 83.35
CA ARG Y 37 -47.07 131.23 82.91
C ARG Y 37 -47.35 131.23 81.42
N ASP Y 38 -48.34 132.02 81.00
CA ASP Y 38 -48.72 132.14 79.60
C ASP Y 38 -48.62 133.60 79.21
N PRO Y 39 -47.49 134.03 78.66
CA PRO Y 39 -47.27 135.45 78.37
C PRO Y 39 -48.05 135.93 77.15
N SER Y 40 -49.32 135.55 77.08
CA SER Y 40 -50.25 136.05 76.07
C SER Y 40 -51.65 136.26 76.66
N LEU Y 41 -51.76 136.33 77.98
CA LEU Y 41 -53.03 136.51 78.66
C LEU Y 41 -52.91 137.66 79.65
N THR Y 42 -54.07 138.15 80.08
CA THR Y 42 -54.12 139.24 81.05
C THR Y 42 -53.45 138.82 82.35
N SER Y 43 -52.74 139.75 82.98
CA SER Y 43 -52.09 139.51 84.27
C SER Y 43 -52.87 140.10 85.43
N ALA Y 44 -54.11 140.52 85.20
CA ALA Y 44 -54.89 141.13 86.26
C ALA Y 44 -55.21 140.10 87.35
N PRO Y 45 -55.24 140.49 88.61
CA PRO Y 45 -55.53 139.53 89.68
C PRO Y 45 -56.97 139.08 89.66
N ILE Y 46 -57.19 137.87 90.16
CA ILE Y 46 -58.52 137.28 90.28
C ILE Y 46 -58.72 136.86 91.74
N THR Y 47 -59.95 136.46 92.05
CA THR Y 47 -60.29 135.99 93.39
C THR Y 47 -61.53 135.13 93.26
N ALA Y 48 -61.39 133.83 93.54
CA ALA Y 48 -62.48 132.90 93.32
C ALA Y 48 -62.44 131.80 94.39
N ASN Y 49 -63.48 130.96 94.35
CA ASN Y 49 -63.64 129.89 95.32
C ASN Y 49 -64.73 128.96 94.82
N VAL Y 50 -64.60 127.67 95.10
CA VAL Y 50 -65.59 126.68 94.69
C VAL Y 50 -65.42 125.42 95.52
N GLY Y 51 -66.54 124.85 95.93
CA GLY Y 51 -66.57 123.51 96.49
C GLY Y 51 -65.95 123.32 97.86
N LYS Y 52 -66.27 122.20 98.49
CA LYS Y 52 -65.68 121.78 99.75
C LYS Y 52 -65.27 120.32 99.64
N TYR Y 53 -64.23 119.96 100.38
CA TYR Y 53 -63.75 118.58 100.36
C TYR Y 53 -64.76 117.65 100.99
N VAL Y 54 -64.78 116.41 100.51
CA VAL Y 54 -65.81 115.47 100.94
C VAL Y 54 -65.32 114.55 102.04
N GLY Y 55 -64.11 114.01 101.92
CA GLY Y 55 -63.66 112.98 102.83
C GLY Y 55 -63.07 113.54 104.11
N PRO Y 56 -62.70 112.65 105.02
CA PRO Y 56 -62.03 113.09 106.24
C PRO Y 56 -60.53 113.25 106.08
N LEU Y 57 -59.95 112.69 105.02
CA LEU Y 57 -58.51 112.80 104.79
C LEU Y 57 -58.16 114.01 103.95
N SER Y 58 -58.93 114.28 102.89
CA SER Y 58 -58.69 115.48 102.10
C SER Y 58 -58.91 116.73 102.92
N THR Y 59 -59.85 116.70 103.86
CA THR Y 59 -60.10 117.86 104.71
C THR Y 59 -59.01 118.02 105.76
N PHE Y 60 -58.53 116.91 106.34
CA PHE Y 60 -57.48 117.00 107.34
C PHE Y 60 -56.21 117.55 106.73
N LEU Y 61 -55.74 116.94 105.64
CA LEU Y 61 -54.74 117.59 104.81
C LEU Y 61 -55.36 118.83 104.19
N ALA Y 62 -54.53 119.66 103.58
CA ALA Y 62 -55.01 120.90 102.96
C ALA Y 62 -55.64 121.83 103.99
N SER Y 63 -55.62 121.44 105.25
CA SER Y 63 -55.99 122.28 106.38
C SER Y 63 -54.84 122.45 107.35
N ILE Y 64 -54.07 121.39 107.60
CA ILE Y 64 -52.82 121.57 108.33
C ILE Y 64 -51.82 122.32 107.48
N ALA Y 65 -51.93 122.23 106.16
CA ALA Y 65 -51.07 122.99 105.26
C ALA Y 65 -51.54 124.42 105.10
N LYS Y 66 -52.77 124.73 105.49
CA LYS Y 66 -53.19 126.13 105.54
C LYS Y 66 -52.80 126.80 106.84
N SER Y 67 -52.37 126.04 107.85
CA SER Y 67 -51.75 126.64 109.02
C SER Y 67 -50.46 127.33 108.63
N ALA Y 68 -49.66 126.70 107.77
CA ALA Y 68 -48.63 127.40 107.04
C ALA Y 68 -49.24 128.04 105.80
N GLY Y 69 -48.44 128.71 105.00
CA GLY Y 69 -49.01 129.29 103.80
C GLY Y 69 -48.92 128.37 102.60
N TYR Y 70 -49.97 127.59 102.36
CA TYR Y 70 -49.98 126.64 101.26
C TYR Y 70 -51.42 126.42 100.83
N GLU Y 71 -51.59 125.93 99.60
CA GLU Y 71 -52.90 125.92 98.94
C GLU Y 71 -53.16 124.58 98.27
N VAL Y 72 -52.97 123.49 99.03
CA VAL Y 72 -52.99 122.12 98.54
C VAL Y 72 -54.00 121.84 97.43
N VAL Y 73 -53.54 121.16 96.38
CA VAL Y 73 -54.35 120.77 95.23
C VAL Y 73 -54.12 119.29 94.96
N PHE Y 74 -55.19 118.52 94.86
CA PHE Y 74 -55.11 117.08 94.72
C PHE Y 74 -55.26 116.67 93.26
N ASN Y 75 -54.39 115.78 92.78
CA ASN Y 75 -54.49 115.28 91.42
C ASN Y 75 -55.45 114.12 91.27
N PHE Y 76 -55.98 113.59 92.36
CA PHE Y 76 -56.85 112.42 92.29
C PHE Y 76 -57.82 112.46 93.45
N ASN Y 77 -58.70 111.46 93.50
CA ASN Y 77 -59.71 111.37 94.56
C ASN Y 77 -59.08 110.68 95.75
N ILE Y 78 -58.46 111.49 96.62
CA ILE Y 78 -57.76 110.92 97.77
C ILE Y 78 -58.71 110.25 98.75
N ASP Y 79 -59.99 110.59 98.70
CA ASP Y 79 -60.98 110.03 99.61
C ASP Y 79 -61.53 108.69 99.12
N ALA Y 80 -61.08 108.20 97.97
CA ALA Y 80 -61.46 106.89 97.47
C ALA Y 80 -60.44 105.82 97.81
N LEU Y 81 -59.51 106.10 98.71
CA LEU Y 81 -58.61 105.08 99.20
C LEU Y 81 -59.32 104.22 100.24
N ALA Y 82 -58.55 103.35 100.88
CA ALA Y 82 -59.07 102.52 101.96
C ALA Y 82 -58.75 103.21 103.28
N LEU Y 83 -59.76 103.84 103.89
CA LEU Y 83 -59.58 104.60 105.12
C LEU Y 83 -60.56 104.10 106.16
N ILE Y 84 -60.08 103.95 107.39
CA ILE Y 84 -60.87 103.44 108.50
C ILE Y 84 -60.80 104.42 109.66
N ASN Y 85 -61.93 104.66 110.31
CA ASN Y 85 -62.03 105.70 111.32
C ASN Y 85 -63.23 105.40 112.20
N GLY Y 86 -63.30 106.12 113.32
CA GLY Y 86 -64.46 105.98 114.18
C GLY Y 86 -65.73 106.48 113.52
N GLU Y 87 -65.66 107.62 112.85
CA GLU Y 87 -66.84 108.20 112.20
C GLU Y 87 -67.13 107.57 110.85
N ILE Y 88 -66.14 106.94 110.21
CA ILE Y 88 -66.37 106.35 108.90
C ILE Y 88 -67.36 105.19 109.00
N VAL Y 89 -67.23 104.35 110.02
CA VAL Y 89 -68.06 103.16 110.11
C VAL Y 89 -69.30 103.38 110.97
N PHE Y 90 -69.26 104.31 111.91
CA PHE Y 90 -70.35 104.49 112.86
C PHE Y 90 -71.20 105.71 112.58
N GLY Y 91 -71.03 106.34 111.43
CA GLY Y 91 -71.78 107.55 111.19
C GLY Y 91 -71.31 108.68 112.09
N ASN Y 92 -72.22 109.64 112.30
CA ASN Y 92 -71.91 110.80 113.12
C ASN Y 92 -73.13 111.31 113.85
N THR Y 98 -74.11 112.45 107.38
CA THR Y 98 -74.05 111.92 106.03
C THR Y 98 -73.98 110.41 106.04
N THR Y 99 -73.59 109.82 104.90
CA THR Y 99 -73.48 108.38 104.77
C THR Y 99 -72.03 107.92 104.70
N SER Y 100 -71.09 108.79 105.09
CA SER Y 100 -69.69 108.42 105.31
C SER Y 100 -69.06 107.84 104.04
N TYR Y 101 -68.89 108.74 103.06
CA TYR Y 101 -68.24 108.38 101.80
C TYR Y 101 -66.76 108.10 102.04
N ALA Y 102 -66.45 107.01 102.72
CA ALA Y 102 -65.05 106.61 102.85
C ALA Y 102 -64.82 105.13 102.57
N THR Y 103 -65.74 104.27 103.04
CA THR Y 103 -65.78 102.86 102.69
C THR Y 103 -64.45 102.15 102.92
N PRO Y 104 -64.15 101.72 104.16
CA PRO Y 104 -62.86 101.06 104.44
C PRO Y 104 -62.43 100.01 103.43
N LEU Y 105 -63.36 99.50 102.63
CA LEU Y 105 -63.05 98.63 101.51
C LEU Y 105 -62.48 99.37 100.34
N GLY Y 106 -62.27 100.68 100.44
CA GLY Y 106 -61.82 101.44 99.30
C GLY Y 106 -62.97 101.76 98.37
N ARG Y 107 -62.61 102.36 97.25
CA ARG Y 107 -63.60 102.71 96.24
C ARG Y 107 -62.89 102.92 94.91
N PRO Y 108 -62.25 101.89 94.35
CA PRO Y 108 -61.29 102.10 93.26
C PRO Y 108 -61.90 102.57 91.96
N GLN Y 109 -63.19 102.42 91.74
CA GLN Y 109 -63.79 102.91 90.50
C GLN Y 109 -63.93 104.42 90.49
N GLU Y 110 -63.97 105.06 91.65
CA GLU Y 110 -64.08 106.51 91.76
C GLU Y 110 -62.76 107.13 92.20
N LEU Y 111 -61.66 106.43 92.00
CA LEU Y 111 -60.35 106.90 92.42
C LEU Y 111 -59.76 107.94 91.46
N PRO Y 112 -59.87 107.78 90.14
CA PRO Y 112 -59.25 108.78 89.25
C PRO Y 112 -60.07 110.05 89.08
N ALA Y 113 -61.03 110.30 89.96
CA ALA Y 113 -61.80 111.53 89.91
C ALA Y 113 -60.90 112.72 90.22
N LYS Y 114 -61.45 113.92 90.04
CA LYS Y 114 -60.71 115.17 90.26
C LYS Y 114 -61.51 116.04 91.21
N PRO Y 115 -60.95 116.42 92.36
CA PRO Y 115 -61.71 117.27 93.29
C PRO Y 115 -61.77 118.70 92.79
N VAL Y 116 -62.99 119.19 92.55
CA VAL Y 116 -63.18 120.59 92.16
C VAL Y 116 -63.33 121.37 93.46
N VAL Y 117 -62.19 121.69 94.05
CA VAL Y 117 -62.10 122.58 95.22
C VAL Y 117 -60.89 123.48 95.00
N HIS Y 118 -61.13 124.78 94.89
CA HIS Y 118 -60.05 125.71 94.61
C HIS Y 118 -60.27 126.99 95.41
N ASN Y 119 -59.16 127.68 95.67
CA ASN Y 119 -59.21 128.94 96.39
C ASN Y 119 -58.11 129.84 95.86
N PHE Y 120 -58.48 131.02 95.38
CA PHE Y 120 -57.54 131.97 94.81
C PHE Y 120 -57.75 133.34 95.43
N SER Y 121 -56.65 134.01 95.76
CA SER Y 121 -56.70 135.33 96.38
C SER Y 121 -55.64 136.19 95.71
N ASN Y 122 -56.08 137.15 94.88
CA ASN Y 122 -55.18 138.08 94.19
C ASN Y 122 -54.14 137.35 93.35
N ALA Y 123 -54.50 136.20 92.83
CA ALA Y 123 -53.59 135.49 91.94
C ALA Y 123 -53.71 136.04 90.53
N PRO Y 124 -52.60 136.17 89.81
CA PRO Y 124 -52.67 136.67 88.44
C PRO Y 124 -53.34 135.66 87.52
N PHE Y 125 -54.36 136.11 86.79
CA PHE Y 125 -55.00 135.25 85.80
C PHE Y 125 -54.01 134.77 84.75
N ASN Y 126 -52.92 135.50 84.57
CA ASN Y 126 -51.88 135.07 83.63
C ASN Y 126 -51.34 133.71 84.00
N GLU Y 127 -51.13 133.45 85.28
CA GLU Y 127 -50.47 132.24 85.73
C GLU Y 127 -51.37 131.32 86.55
N ALA Y 128 -52.59 131.74 86.87
CA ALA Y 128 -53.54 130.84 87.53
C ALA Y 128 -54.36 130.05 86.53
N TRP Y 129 -54.64 130.62 85.36
CA TRP Y 129 -55.35 129.88 84.33
C TRP Y 129 -54.57 128.67 83.80
N PRO Y 130 -53.29 128.79 83.43
CA PRO Y 130 -52.58 127.60 82.93
C PRO Y 130 -52.45 126.49 83.94
N LEU Y 131 -52.51 126.80 85.24
CA LEU Y 131 -52.50 125.74 86.24
C LEU Y 131 -53.77 124.91 86.17
N LEU Y 132 -54.93 125.57 86.13
CA LEU Y 132 -56.20 124.84 86.05
C LEU Y 132 -56.29 124.03 84.77
N MET Y 133 -55.69 124.51 83.69
CA MET Y 133 -55.74 123.79 82.44
C MET Y 133 -54.85 122.55 82.47
N ASP Y 134 -53.99 122.43 83.48
CA ASP Y 134 -53.16 121.25 83.67
C ASP Y 134 -53.71 120.30 84.73
N VAL Y 135 -54.47 120.80 85.69
CA VAL Y 135 -55.12 119.92 86.65
C VAL Y 135 -56.17 119.07 85.96
N TYR Y 136 -56.96 119.67 85.09
CA TYR Y 136 -58.04 118.98 84.39
C TYR Y 136 -57.64 118.52 83.00
N GLU Y 137 -56.39 118.72 82.60
CA GLU Y 137 -55.89 118.26 81.30
C GLU Y 137 -56.74 118.79 80.15
N LEU Y 138 -56.79 120.11 80.04
CA LEU Y 138 -57.51 120.79 78.99
C LEU Y 138 -56.55 121.61 78.13
N ASP Y 139 -57.05 122.05 76.99
CA ASP Y 139 -56.23 122.78 76.03
C ASP Y 139 -57.06 123.92 75.47
N TYR Y 140 -56.50 125.12 75.43
CA TYR Y 140 -57.24 126.31 75.05
C TYR Y 140 -56.56 127.04 73.91
N GLN Y 141 -57.31 127.95 73.30
CA GLN Y 141 -56.79 128.84 72.27
C GLN Y 141 -57.67 130.09 72.23
N LEU Y 142 -57.11 131.17 71.69
CA LEU Y 142 -57.75 132.47 71.70
C LEU Y 142 -58.37 132.78 70.34
N VAL Y 143 -59.57 133.34 70.37
CA VAL Y 143 -60.28 133.77 69.17
C VAL Y 143 -60.75 135.19 69.40
N LYS Y 144 -60.76 135.99 68.34
CA LYS Y 144 -61.22 137.38 68.40
C LYS Y 144 -62.56 137.50 67.71
N VAL Y 145 -63.52 138.12 68.39
CA VAL Y 145 -64.85 138.33 67.84
C VAL Y 145 -65.03 139.85 67.77
N GLY Y 146 -63.94 140.54 67.51
CA GLY Y 146 -63.96 142.00 67.44
C GLY Y 146 -63.14 142.63 68.53
N SER Y 147 -63.81 143.37 69.42
CA SER Y 147 -63.15 143.99 70.56
C SER Y 147 -63.11 143.07 71.77
N ALA Y 148 -63.60 141.84 71.65
CA ALA Y 148 -63.64 140.90 72.75
C ALA Y 148 -62.84 139.66 72.40
N ASN Y 149 -62.00 139.20 73.32
CA ASN Y 149 -61.24 137.98 73.15
C ASN Y 149 -61.98 136.83 73.81
N VAL Y 150 -62.06 135.71 73.12
CA VAL Y 150 -62.82 134.54 73.57
C VAL Y 150 -61.91 133.32 73.58
N ILE Y 151 -61.98 132.55 74.67
CA ILE Y 151 -61.14 131.38 74.86
C ILE Y 151 -61.94 130.14 74.51
N ARG Y 152 -61.38 129.29 73.64
CA ARG Y 152 -62.04 128.07 73.18
C ARG Y 152 -61.37 126.88 73.86
N ILE Y 153 -61.89 126.49 75.02
CA ILE Y 153 -61.34 125.35 75.74
C ILE Y 153 -61.71 124.06 75.04
N GLY Y 154 -60.72 123.19 74.83
CA GLY Y 154 -60.94 121.89 74.27
C GLY Y 154 -60.50 120.79 75.22
N GLN Y 155 -59.82 119.79 74.70
CA GLN Y 155 -59.32 118.68 75.51
C GLN Y 155 -57.92 118.36 75.04
N ARG Y 156 -57.03 118.07 75.97
CA ARG Y 156 -55.63 117.89 75.61
C ARG Y 156 -55.40 116.52 74.97
N PRO Y 157 -54.66 116.45 73.87
CA PRO Y 157 -54.31 115.13 73.30
C PRO Y 157 -53.35 114.41 74.22
N LYS Y 158 -53.77 113.25 74.72
CA LYS Y 158 -53.02 112.53 75.74
C LYS Y 158 -52.06 111.55 75.08
N GLN Y 159 -50.94 112.08 74.61
CA GLN Y 159 -49.89 111.28 74.01
C GLN Y 159 -48.55 111.75 74.54
N LEU Y 160 -47.57 110.85 74.50
CA LEU Y 160 -46.25 111.16 75.05
C LEU Y 160 -45.24 110.26 74.37
N ALA Y 161 -44.07 110.81 74.10
CA ALA Y 161 -42.98 110.06 73.48
C ALA Y 161 -41.89 109.85 74.51
N LEU Y 162 -41.47 108.59 74.67
CA LEU Y 162 -40.47 108.24 75.67
C LEU Y 162 -39.21 107.72 74.99
N PRO Y 163 -38.15 108.52 74.89
CA PRO Y 163 -36.91 108.03 74.28
C PRO Y 163 -36.28 106.94 75.14
N LEU Y 164 -35.77 105.90 74.47
CA LEU Y 164 -35.09 104.81 75.12
C LEU Y 164 -33.60 104.91 74.84
N LYS Y 165 -32.79 104.73 75.88
CA LYS Y 165 -31.35 104.90 75.78
C LYS Y 165 -30.55 103.60 75.82
N PHE Y 166 -31.06 102.56 76.46
CA PHE Y 166 -30.27 101.36 76.64
C PHE Y 166 -31.02 100.05 76.41
N ILE Y 167 -32.33 100.10 76.14
CA ILE Y 167 -33.09 98.87 75.92
C ILE Y 167 -33.91 99.02 74.65
N SER Y 168 -34.09 97.90 73.96
CA SER Y 168 -34.90 97.90 72.75
C SER Y 168 -36.37 98.07 73.11
N ALA Y 169 -37.08 98.87 72.33
CA ALA Y 169 -38.50 99.12 72.59
C ALA Y 169 -39.35 98.01 72.02
N GLU Y 170 -39.00 96.76 72.35
CA GLU Y 170 -39.84 95.62 72.02
C GLU Y 170 -39.92 94.73 73.24
N SER Y 171 -38.89 94.79 74.08
CA SER Y 171 -38.91 94.17 75.40
C SER Y 171 -39.30 95.15 76.48
N ALA Y 172 -39.08 96.46 76.26
CA ALA Y 172 -39.59 97.45 77.21
C ALA Y 172 -41.11 97.45 77.23
N LEU Y 173 -41.75 97.23 76.09
CA LEU Y 173 -43.19 97.07 76.08
C LEU Y 173 -43.61 95.82 76.85
N THR Y 174 -42.88 94.72 76.68
CA THR Y 174 -43.23 93.49 77.38
C THR Y 174 -43.11 93.67 78.89
N ALA Y 175 -42.08 94.36 79.35
CA ALA Y 175 -41.93 94.63 80.77
C ALA Y 175 -42.92 95.67 81.27
N ILE Y 176 -43.60 96.37 80.39
CA ILE Y 176 -44.66 97.29 80.80
C ILE Y 176 -46.01 96.58 80.84
N GLU Y 177 -46.24 95.67 79.90
CA GLU Y 177 -47.51 94.94 79.87
C GLU Y 177 -47.68 94.03 81.09
N LYS Y 178 -46.59 93.68 81.77
CA LYS Y 178 -46.70 92.82 82.95
C LYS Y 178 -46.75 93.68 84.21
N PHE Y 179 -45.98 94.76 84.21
CA PHE Y 179 -45.98 95.69 85.33
C PHE Y 179 -47.38 96.28 85.57
N PHE Y 180 -47.98 96.84 84.51
CA PHE Y 180 -49.30 97.47 84.54
C PHE Y 180 -50.43 96.57 84.07
N GLY Y 181 -50.20 95.29 83.88
CA GLY Y 181 -51.25 94.42 83.38
C GLY Y 181 -52.35 94.19 84.39
N GLU Y 182 -53.46 93.63 83.93
CA GLU Y 182 -54.57 93.29 84.83
C GLU Y 182 -55.23 91.96 84.46
N ARG Y 202 -53.85 94.42 79.95
CA ARG Y 202 -53.77 95.88 79.78
C ARG Y 202 -55.13 96.55 79.85
N PRO Y 203 -55.26 97.54 80.73
CA PRO Y 203 -56.48 98.31 80.77
C PRO Y 203 -56.66 99.09 79.49
N THR Y 204 -57.92 99.32 79.12
CA THR Y 204 -58.20 100.08 77.91
C THR Y 204 -57.85 101.56 78.05
N GLY Y 205 -57.53 102.02 79.24
CA GLY Y 205 -57.10 103.39 79.42
C GLY Y 205 -55.65 103.65 79.09
N LYS Y 206 -54.89 102.63 78.72
CA LYS Y 206 -53.47 102.78 78.43
C LYS Y 206 -53.12 102.07 77.12
N PHE Y 207 -52.24 102.71 76.34
CA PHE Y 207 -51.75 102.14 75.10
C PHE Y 207 -50.24 102.33 75.03
N GLY Y 208 -49.54 101.36 74.44
CA GLY Y 208 -48.12 101.48 74.25
C GLY Y 208 -47.70 101.15 72.84
N LEU Y 209 -47.14 102.11 72.12
CA LEU Y 209 -46.74 101.91 70.73
C LEU Y 209 -45.23 101.77 70.64
N PRO Y 210 -44.70 100.59 70.33
CA PRO Y 210 -43.27 100.48 70.07
C PRO Y 210 -42.89 101.23 68.81
N ASN Y 211 -41.64 101.70 68.77
CA ASN Y 211 -41.13 102.37 67.60
C ASN Y 211 -39.70 101.95 67.24
N SER Y 212 -39.10 101.03 68.01
CA SER Y 212 -37.73 100.56 67.82
C SER Y 212 -36.72 101.66 68.12
N ILE Y 213 -37.20 102.86 68.44
CA ILE Y 213 -36.36 103.96 68.90
C ILE Y 213 -36.92 104.47 70.21
N LYS Y 214 -38.22 104.25 70.42
CA LYS Y 214 -38.93 104.79 71.57
C LYS Y 214 -40.26 104.08 71.71
N VAL Y 215 -41.04 104.51 72.70
CA VAL Y 215 -42.41 104.07 72.90
C VAL Y 215 -43.29 105.30 73.00
N ILE Y 216 -44.58 105.11 72.76
CA ILE Y 216 -45.54 106.20 72.76
C ILE Y 216 -46.70 105.88 73.69
N PRO Y 217 -46.55 106.07 75.00
CA PRO Y 217 -47.63 105.73 75.94
C PRO Y 217 -48.84 106.65 75.77
N ASP Y 218 -50.01 106.12 76.12
CA ASP Y 218 -51.30 106.81 76.01
C ASP Y 218 -52.03 106.66 77.33
N SER Y 219 -52.10 107.71 78.13
CA SER Y 219 -52.83 107.60 79.38
C SER Y 219 -53.08 108.98 79.94
N SER Y 220 -53.93 109.01 80.96
CA SER Y 220 -54.19 110.24 81.68
C SER Y 220 -52.90 110.76 82.30
N ASN Y 221 -52.98 111.98 82.84
CA ASN Y 221 -51.79 112.60 83.40
C ASN Y 221 -51.22 111.77 84.55
N LYS Y 222 -52.09 111.24 85.41
CA LYS Y 222 -51.62 110.48 86.56
C LYS Y 222 -50.93 109.20 86.14
N ARG Y 223 -51.49 108.50 85.15
CA ARG Y 223 -50.90 107.24 84.71
C ARG Y 223 -49.71 107.46 83.80
N LEU Y 224 -49.39 108.69 83.44
CA LEU Y 224 -48.18 109.01 82.72
C LEU Y 224 -47.05 109.48 83.63
N ILE Y 225 -47.26 109.49 84.94
CA ILE Y 225 -46.20 109.80 85.90
C ILE Y 225 -45.81 108.57 86.70
N ILE Y 226 -46.73 108.05 87.52
CA ILE Y 226 -46.50 106.76 88.16
C ILE Y 226 -46.45 105.67 87.13
N GLY Y 227 -46.85 105.99 85.91
CA GLY Y 227 -46.90 105.02 84.86
C GLY Y 227 -45.57 104.85 84.20
N SER Y 228 -45.56 104.92 82.88
CA SER Y 228 -44.36 104.61 82.13
C SER Y 228 -43.20 105.53 82.52
N ASN Y 229 -43.50 106.79 82.81
CA ASN Y 229 -42.44 107.76 83.02
C ASN Y 229 -41.55 107.46 84.21
N SER Y 230 -41.99 106.61 85.14
CA SER Y 230 -41.17 106.27 86.28
C SER Y 230 -40.75 104.82 86.35
N GLU Y 231 -41.36 103.94 85.56
CA GLU Y 231 -40.78 102.60 85.41
C GLU Y 231 -39.82 102.54 84.24
N ASP Y 232 -40.17 103.19 83.12
CA ASP Y 232 -39.22 103.31 82.03
C ASP Y 232 -37.98 104.07 82.43
N GLY Y 233 -38.08 104.90 83.47
CA GLY Y 233 -36.91 105.56 84.02
C GLY Y 233 -36.08 104.73 84.97
N ILE Y 234 -36.57 103.59 85.42
CA ILE Y 234 -35.83 102.72 86.32
C ILE Y 234 -35.28 101.50 85.60
N ARG Y 235 -35.64 101.28 84.34
CA ARG Y 235 -35.12 100.17 83.56
C ARG Y 235 -34.25 100.62 82.39
N ILE Y 236 -34.07 101.92 82.19
CA ILE Y 236 -33.06 102.42 81.25
C ILE Y 236 -31.78 102.55 82.08
N ARG Y 237 -30.93 101.53 82.00
CA ARG Y 237 -29.69 101.52 82.76
C ARG Y 237 -28.70 100.58 82.12
N SER Y 238 -27.45 100.70 82.56
CA SER Y 238 -26.34 99.94 81.99
C SER Y 238 -26.52 98.45 82.17
N PHE Y 239 -26.79 97.75 81.07
CA PHE Y 239 -26.83 96.30 81.08
C PHE Y 239 -25.45 95.73 81.37
N VAL Y 240 -25.41 94.63 82.12
CA VAL Y 240 -24.16 93.94 82.43
C VAL Y 240 -24.13 92.64 81.64
N GLU Y 241 -22.91 92.19 81.32
CA GLU Y 241 -22.74 91.00 80.50
C GLU Y 241 -21.91 89.94 81.23
N ILE Y 257 -21.28 77.24 70.30
CA ILE Y 257 -20.83 75.86 70.22
C ILE Y 257 -19.31 75.82 70.22
N SER Y 258 -18.74 74.75 70.77
CA SER Y 258 -17.31 74.56 70.83
C SER Y 258 -16.93 73.41 69.90
N GLU Y 259 -16.03 73.69 68.95
CA GLU Y 259 -15.48 72.68 68.07
C GLU Y 259 -13.97 72.69 68.17
N ILE Y 260 -13.35 71.65 67.63
CA ILE Y 260 -11.91 71.47 67.72
C ILE Y 260 -11.33 71.58 66.33
N TYR Y 261 -10.38 72.50 66.15
CA TYR Y 261 -9.67 72.68 64.90
C TYR Y 261 -8.21 72.33 65.17
N ILE Y 262 -7.81 71.13 64.77
CA ILE Y 262 -6.40 70.75 64.90
C ILE Y 262 -5.58 71.63 63.98
N VAL Y 263 -4.53 72.25 64.54
CA VAL Y 263 -3.73 73.17 63.75
C VAL Y 263 -2.98 72.38 62.69
N ARG Y 264 -3.19 72.76 61.42
CA ARG Y 264 -2.56 72.06 60.32
C ARG Y 264 -1.17 72.62 60.04
N GLY Y 265 -1.09 73.92 59.74
CA GLY Y 265 0.17 74.55 59.47
C GLY Y 265 0.78 75.16 60.71
N GLN Y 266 1.29 76.39 60.57
CA GLN Y 266 1.93 77.08 61.69
C GLN Y 266 0.90 77.43 62.76
N LYS Y 267 1.40 77.68 63.97
CA LYS Y 267 0.53 77.92 65.11
C LYS Y 267 -0.02 79.34 65.13
N GLU Y 268 0.86 80.34 65.22
CA GLU Y 268 0.42 81.72 65.33
C GLU Y 268 -0.42 82.16 64.15
N SER Y 269 -0.25 81.52 62.99
CA SER Y 269 -1.09 81.84 61.85
C SER Y 269 -2.56 81.63 62.18
N VAL Y 270 -2.89 80.45 62.72
CA VAL Y 270 -4.26 80.19 63.16
C VAL Y 270 -4.60 80.95 64.42
N LEU Y 271 -3.59 81.51 65.11
CA LEU Y 271 -3.86 82.33 66.29
C LEU Y 271 -4.07 83.79 65.91
N GLN Y 272 -3.05 84.42 65.32
CA GLN Y 272 -3.12 85.85 65.06
C GLN Y 272 -4.26 86.20 64.13
N PHE Y 273 -4.43 85.41 63.07
CA PHE Y 273 -5.51 85.69 62.13
C PHE Y 273 -6.87 85.57 62.80
N LEU Y 274 -7.05 84.55 63.65
CA LEU Y 274 -8.39 84.20 64.07
C LEU Y 274 -8.99 85.26 64.99
N ARG Y 275 -8.17 85.92 65.80
CA ARG Y 275 -8.69 87.00 66.63
C ARG Y 275 -9.10 88.22 65.80
N ASP Y 276 -8.40 88.46 64.69
CA ASP Y 276 -8.66 89.66 63.91
C ASP Y 276 -10.01 89.60 63.22
N SER Y 277 -10.19 88.63 62.33
CA SER Y 277 -11.46 88.52 61.63
C SER Y 277 -12.58 88.01 62.51
N PHE Y 278 -12.26 87.43 63.66
CA PHE Y 278 -13.28 86.92 64.59
C PHE Y 278 -12.90 87.25 66.02
N PRO Y 279 -13.07 88.52 66.43
CA PRO Y 279 -13.01 88.82 67.86
C PRO Y 279 -14.20 88.27 68.62
N GLU Y 280 -15.31 88.01 67.94
CA GLU Y 280 -16.46 87.40 68.57
C GLU Y 280 -16.28 85.89 68.64
N LEU Y 281 -15.12 85.45 69.12
CA LEU Y 281 -14.80 84.04 69.27
C LEU Y 281 -13.69 83.93 70.30
N ILE Y 282 -13.62 82.76 70.93
CA ILE Y 282 -12.55 82.45 71.87
C ILE Y 282 -11.95 81.11 71.47
N VAL Y 283 -10.62 81.04 71.52
CA VAL Y 283 -9.89 79.82 71.21
C VAL Y 283 -9.27 79.31 72.50
N THR Y 284 -9.73 78.15 72.95
CA THR Y 284 -9.17 77.52 74.13
C THR Y 284 -8.07 76.57 73.68
N ASP Y 285 -6.84 76.84 74.11
CA ASP Y 285 -5.67 76.11 73.62
C ASP Y 285 -5.35 74.96 74.56
N TYR Y 286 -5.27 73.76 73.99
CA TYR Y 286 -4.79 72.58 74.68
C TYR Y 286 -3.41 72.27 74.13
N ALA Y 287 -2.39 72.42 74.96
CA ALA Y 287 -1.01 72.29 74.53
C ALA Y 287 -0.80 71.02 73.73
N SER Y 288 -0.49 71.20 72.45
CA SER Y 288 -0.36 70.14 71.44
C SER Y 288 -1.69 69.48 71.11
N GLY Y 289 -2.79 69.88 71.74
CA GLY Y 289 -4.08 69.32 71.42
C GLY Y 289 -4.84 70.05 70.34
N GLY Y 290 -4.32 71.20 69.89
CA GLY Y 290 -5.01 71.99 68.89
C GLY Y 290 -5.71 73.19 69.46
N LEU Y 291 -6.97 73.38 69.07
CA LEU Y 291 -7.76 74.51 69.51
C LEU Y 291 -9.17 74.03 69.81
N ALA Y 292 -9.97 74.92 70.41
CA ALA Y 292 -11.33 74.58 70.83
C ALA Y 292 -12.28 75.73 70.53
N ILE Y 293 -12.23 76.25 69.31
CA ILE Y 293 -12.99 77.44 68.91
C ILE Y 293 -14.42 77.36 69.43
N GLU Y 294 -14.85 78.37 70.18
CA GLU Y 294 -16.21 78.41 70.69
C GLU Y 294 -16.71 79.85 70.67
N GLY Y 295 -18.03 79.99 70.65
CA GLY Y 295 -18.67 81.28 70.62
C GLY Y 295 -20.03 81.21 69.98
N PRO Y 296 -20.36 82.22 69.18
CA PRO Y 296 -21.61 82.18 68.43
C PRO Y 296 -21.70 80.93 67.57
N ARG Y 297 -22.87 80.31 67.57
CA ARG Y 297 -23.07 79.02 66.93
C ARG Y 297 -23.02 79.08 65.41
N THR Y 298 -23.01 80.27 64.83
CA THR Y 298 -22.90 80.44 63.38
C THR Y 298 -21.57 81.02 62.94
N SER Y 299 -21.03 81.98 63.70
CA SER Y 299 -19.73 82.55 63.34
C SER Y 299 -18.64 81.49 63.36
N VAL Y 300 -18.81 80.45 64.18
CA VAL Y 300 -17.84 79.35 64.20
C VAL Y 300 -17.79 78.68 62.84
N ASN Y 301 -18.96 78.28 62.32
CA ASN Y 301 -19.01 77.59 61.04
C ASN Y 301 -18.37 78.43 59.94
N ARG Y 302 -18.62 79.73 59.97
CA ARG Y 302 -18.01 80.64 59.01
C ARG Y 302 -16.52 80.77 59.25
N ALA Y 303 -16.08 80.73 60.50
CA ALA Y 303 -14.64 80.81 60.78
C ALA Y 303 -13.92 79.55 60.31
N ILE Y 304 -14.52 78.38 60.52
CA ILE Y 304 -13.85 77.13 60.16
C ILE Y 304 -13.63 77.04 58.66
N ILE Y 305 -14.68 77.31 57.87
CA ILE Y 305 -14.56 77.24 56.43
C ILE Y 305 -13.48 78.19 55.93
N LEU Y 306 -13.49 79.41 56.44
CA LEU Y 306 -12.44 80.36 56.09
C LEU Y 306 -11.09 79.95 56.66
N LEU Y 307 -11.07 79.32 57.83
CA LEU Y 307 -9.81 78.93 58.44
C LEU Y 307 -9.08 77.86 57.64
N GLY Y 308 -9.83 77.00 56.95
CA GLY Y 308 -9.19 76.00 56.10
C GLY Y 308 -8.34 76.63 55.01
N GLN Y 309 -8.83 77.71 54.41
CA GLN Y 309 -8.08 78.37 53.34
C GLN Y 309 -6.83 79.05 53.87
N VAL Y 310 -6.96 79.83 54.94
CA VAL Y 310 -5.84 80.65 55.39
C VAL Y 310 -4.75 79.79 56.01
N ASP Y 311 -5.10 78.61 56.48
CA ASP Y 311 -4.16 77.73 57.16
C ASP Y 311 -3.93 76.50 56.30
N ARG Y 312 -2.71 76.37 55.77
CA ARG Y 312 -2.34 75.23 54.94
C ARG Y 312 -0.98 74.70 55.39
N ALA Y 313 -0.81 73.39 55.26
CA ALA Y 313 0.43 72.74 55.62
C ALA Y 313 1.52 73.04 54.58
N PRO Y 314 2.78 73.09 55.00
CA PRO Y 314 3.86 73.31 54.04
C PRO Y 314 3.88 72.21 53.00
N GLU Y 315 4.21 72.59 51.76
CA GLU Y 315 4.17 71.64 50.65
C GLU Y 315 5.53 70.96 50.49
N ILE Y 316 5.49 69.81 49.84
CA ILE Y 316 6.63 68.91 49.69
C ILE Y 316 7.14 69.02 48.27
N PRO Y 317 8.35 69.53 48.04
CA PRO Y 317 8.85 69.68 46.67
C PRO Y 317 9.28 68.38 46.02
N ILE Y 318 8.35 67.68 45.39
CA ILE Y 318 8.61 66.44 44.66
C ILE Y 318 9.77 66.59 43.70
N VAL Y 319 10.78 65.73 43.81
CA VAL Y 319 12.00 65.79 43.02
C VAL Y 319 12.01 64.61 42.04
N GLN Y 320 12.75 64.77 40.95
CA GLN Y 320 12.78 63.79 39.87
C GLN Y 320 14.19 63.28 39.65
N ARG Y 321 14.33 61.96 39.58
CA ARG Y 321 15.60 61.36 39.20
C ARG Y 321 15.33 60.15 38.32
N ILE Y 322 16.31 59.85 37.47
CA ILE Y 322 16.22 58.79 36.49
C ILE Y 322 17.16 57.67 36.93
N TYR Y 323 16.63 56.46 37.06
CA TYR Y 323 17.41 55.32 37.50
C TYR Y 323 17.61 54.40 36.32
N THR Y 324 18.82 53.88 36.18
CA THR Y 324 19.18 52.97 35.08
C THR Y 324 19.35 51.58 35.67
N VAL Y 325 18.26 50.80 35.65
CA VAL Y 325 18.24 49.54 36.36
C VAL Y 325 19.26 48.56 35.79
N ARG Y 326 20.00 47.90 36.68
CA ARG Y 326 20.92 46.83 36.33
C ARG Y 326 20.32 45.53 36.85
N GLY Y 327 20.03 44.61 35.95
CA GLY Y 327 19.30 43.44 36.33
C GLY Y 327 17.93 43.51 35.71
N GLN Y 328 16.95 42.81 36.27
CA GLN Y 328 15.62 42.91 35.73
C GLN Y 328 15.03 44.26 36.11
N ALA Y 329 14.02 44.69 35.35
CA ALA Y 329 13.31 45.91 35.66
C ALA Y 329 11.90 45.65 36.15
N ALA Y 330 11.38 44.45 35.94
CA ALA Y 330 10.07 44.11 36.49
C ALA Y 330 10.16 43.81 37.97
N ASP Y 331 11.26 43.21 38.40
CA ASP Y 331 11.41 42.88 39.82
C ASP Y 331 11.75 44.10 40.65
N ILE Y 332 12.48 45.05 40.06
CA ILE Y 332 12.88 46.24 40.81
C ILE Y 332 11.79 47.29 40.75
N THR Y 333 10.82 47.13 39.86
CA THR Y 333 9.61 47.94 39.95
C THR Y 333 8.71 47.42 41.06
N ALA Y 334 8.56 46.10 41.17
CA ALA Y 334 7.74 45.53 42.22
C ALA Y 334 8.34 45.80 43.59
N LEU Y 335 9.66 45.74 43.70
CA LEU Y 335 10.31 46.08 44.96
C LEU Y 335 9.97 47.50 45.40
N LEU Y 336 10.17 48.46 44.50
CA LEU Y 336 9.88 49.86 44.83
C LEU Y 336 8.39 50.14 44.95
N ALA Y 337 7.53 49.18 44.62
CA ALA Y 337 6.10 49.33 44.83
C ALA Y 337 5.61 48.67 46.11
N ALA Y 338 6.47 47.90 46.79
CA ALA Y 338 6.16 47.38 48.12
C ALA Y 338 6.88 48.19 49.19
N GLN Y 339 8.19 48.26 49.14
CA GLN Y 339 8.91 49.28 49.86
C GLN Y 339 8.63 50.63 49.22
N TYR Y 340 8.48 51.65 50.04
CA TYR Y 340 8.21 53.00 49.53
C TYR Y 340 7.00 52.98 48.60
N PRO Y 341 5.80 52.75 49.10
CA PRO Y 341 4.65 52.59 48.23
C PRO Y 341 4.14 53.89 47.61
N THR Y 342 4.79 55.02 47.88
CA THR Y 342 4.47 56.28 47.23
C THR Y 342 5.76 56.87 46.68
N LEU Y 343 6.15 56.43 45.49
CA LEU Y 343 7.32 56.98 44.81
C LEU Y 343 7.08 57.32 43.36
N ARG Y 344 6.01 56.82 42.75
CA ARG Y 344 5.69 57.11 41.35
C ARG Y 344 6.86 56.71 40.44
N VAL Y 345 7.08 55.40 40.40
CA VAL Y 345 8.08 54.80 39.54
C VAL Y 345 7.44 54.58 38.17
N THR Y 346 7.97 55.25 37.16
CA THR Y 346 7.44 55.17 35.80
C THR Y 346 8.52 54.69 34.86
N PRO Y 347 8.26 53.67 34.06
CA PRO Y 347 9.29 53.13 33.16
C PRO Y 347 9.29 53.83 31.82
N VAL Y 348 10.49 53.98 31.26
CA VAL Y 348 10.64 54.50 29.90
C VAL Y 348 10.60 53.28 28.98
N GLY Y 349 9.40 52.81 28.70
CA GLY Y 349 9.24 51.61 27.90
C GLY Y 349 9.99 50.44 28.51
N GLN Y 350 10.43 49.54 27.65
CA GLN Y 350 11.35 48.47 28.03
C GLN Y 350 12.74 48.87 27.54
N THR Y 351 13.36 49.79 28.27
CA THR Y 351 14.71 50.23 27.94
C THR Y 351 15.63 50.18 29.15
N GLY Y 352 15.22 49.51 30.22
CA GLY Y 352 16.05 49.44 31.39
C GLY Y 352 16.26 50.74 32.09
N GLN Y 353 15.43 51.73 31.81
CA GLN Y 353 15.44 53.01 32.52
C GLN Y 353 14.15 53.13 33.30
N LEU Y 354 14.14 54.07 34.23
CA LEU Y 354 13.09 54.07 35.22
C LEU Y 354 13.03 55.47 35.79
N VAL Y 355 11.99 56.22 35.46
CA VAL Y 355 11.83 57.58 35.92
C VAL Y 355 11.00 57.54 37.20
N LEU Y 356 11.64 57.85 38.32
CA LEU Y 356 11.02 57.76 39.62
C LEU Y 356 11.03 59.12 40.30
N ASN Y 357 9.93 59.43 40.99
CA ASN Y 357 9.48 60.81 41.24
C ASN Y 357 8.84 60.92 42.62
N GLY Y 358 9.61 61.34 43.61
CA GLY Y 358 9.05 61.52 44.94
C GLY Y 358 9.88 62.50 45.74
N ALA Y 359 9.45 62.71 46.98
CA ALA Y 359 10.14 63.63 47.88
C ALA Y 359 11.59 63.23 48.04
N GLN Y 360 12.42 64.18 48.47
CA GLN Y 360 13.85 63.88 48.48
C GLN Y 360 14.23 62.92 49.59
N ALA Y 361 13.49 62.90 50.70
CA ALA Y 361 13.76 61.92 51.75
C ALA Y 361 13.58 60.51 51.22
N GLN Y 362 12.42 60.23 50.62
CA GLN Y 362 12.22 58.94 49.97
C GLN Y 362 13.26 58.70 48.91
N LEU Y 363 13.69 59.76 48.23
CA LEU Y 363 14.54 59.58 47.07
C LEU Y 363 15.93 59.13 47.47
N ASP Y 364 16.50 59.74 48.50
CA ASP Y 364 17.82 59.35 48.96
C ASP Y 364 17.80 58.12 49.84
N THR Y 365 16.63 57.61 50.18
CA THR Y 365 16.54 56.32 50.85
C THR Y 365 16.42 55.20 49.83
N ALA Y 366 15.54 55.36 48.84
CA ALA Y 366 15.39 54.34 47.82
C ALA Y 366 16.68 54.14 47.05
N LEU Y 367 17.43 55.21 46.80
CA LEU Y 367 18.66 55.06 46.03
C LEU Y 367 19.73 54.34 46.82
N ALA Y 368 19.68 54.39 48.14
CA ALA Y 368 20.65 53.65 48.93
C ALA Y 368 20.30 52.18 48.98
N LEU Y 369 19.01 51.85 49.08
CA LEU Y 369 18.60 50.45 49.02
C LEU Y 369 18.92 49.86 47.66
N LEU Y 370 18.51 50.53 46.60
CA LEU Y 370 18.75 50.00 45.26
C LEU Y 370 20.23 49.83 45.01
N GLU Y 371 21.07 50.60 45.70
CA GLU Y 371 22.49 50.41 45.56
C GLU Y 371 22.93 49.07 46.15
N GLN Y 372 22.12 48.49 47.04
CA GLN Y 372 22.51 47.28 47.74
C GLN Y 372 21.95 46.02 47.07
N VAL Y 373 20.67 46.03 46.74
CA VAL Y 373 19.99 44.82 46.32
C VAL Y 373 19.87 44.75 44.80
N ASP Y 374 20.69 45.48 44.06
CA ASP Y 374 20.55 45.53 42.60
C ASP Y 374 21.92 45.36 41.97
N ARG Y 375 22.14 44.19 41.37
CA ARG Y 375 23.39 43.88 40.69
C ARG Y 375 23.06 43.09 39.43
N PRO Y 376 23.96 43.10 38.44
CA PRO Y 376 23.67 42.41 37.19
C PRO Y 376 23.50 40.91 37.40
N ALA Y 377 22.70 40.30 36.54
CA ALA Y 377 22.39 38.89 36.65
C ALA Y 377 23.64 38.04 36.40
N PRO Y 378 23.65 36.81 36.88
CA PRO Y 378 24.77 35.91 36.57
C PRO Y 378 24.63 35.33 35.17
N VAL Y 379 25.75 34.80 34.68
CA VAL Y 379 25.84 34.28 33.32
C VAL Y 379 25.79 32.76 33.36
N ALA Y 380 25.11 32.19 32.36
CA ALA Y 380 25.13 30.74 32.18
C ALA Y 380 26.54 30.30 31.79
N GLU Y 381 26.87 29.05 32.13
CA GLU Y 381 28.26 28.63 31.96
C GLU Y 381 28.55 28.23 30.52
N SER Y 382 28.02 27.08 30.11
CA SER Y 382 27.91 26.66 28.71
C SER Y 382 27.35 25.25 28.70
N ARG Y 383 26.79 24.82 27.57
CA ARG Y 383 26.30 23.46 27.45
C ARG Y 383 27.21 22.58 26.62
N THR Y 384 28.44 23.03 26.37
CA THR Y 384 29.35 22.32 25.49
C THR Y 384 30.77 22.78 25.78
N VAL Y 385 31.69 21.82 25.89
CA VAL Y 385 33.09 22.13 26.14
C VAL Y 385 33.94 21.22 25.25
N GLN Y 386 35.19 21.64 25.03
CA GLN Y 386 36.13 20.88 24.21
C GLN Y 386 37.41 20.62 24.99
N ARG Y 387 37.98 19.45 24.79
CA ARG Y 387 39.31 19.13 25.28
C ARG Y 387 40.10 18.46 24.16
N VAL Y 388 41.40 18.76 24.10
CA VAL Y 388 42.28 18.21 23.09
C VAL Y 388 43.36 17.41 23.80
N PHE Y 389 43.52 16.16 23.40
CA PHE Y 389 44.51 15.26 23.97
C PHE Y 389 45.53 14.91 22.91
N GLN Y 390 46.79 15.18 23.19
CA GLN Y 390 47.88 14.82 22.30
C GLN Y 390 48.42 13.47 22.74
N LEU Y 391 48.00 12.40 22.06
CA LEU Y 391 48.40 11.06 22.44
C LEU Y 391 49.88 10.85 22.12
N VAL Y 392 50.53 10.05 22.96
CA VAL Y 392 51.96 9.80 22.86
C VAL Y 392 52.26 8.36 22.48
N ASN Y 393 51.56 7.40 23.07
CA ASN Y 393 51.83 5.99 22.85
C ASN Y 393 50.80 5.31 21.97
N ALA Y 394 49.53 5.69 22.07
CA ALA Y 394 48.47 5.07 21.33
C ALA Y 394 48.24 5.79 20.01
N SER Y 395 47.34 5.24 19.21
CA SER Y 395 46.93 5.83 17.93
C SER Y 395 45.58 6.49 18.12
N ALA Y 396 45.49 7.77 17.73
CA ALA Y 396 44.26 8.53 17.96
C ALA Y 396 43.07 7.89 17.26
N GLU Y 397 43.28 7.29 16.10
CA GLU Y 397 42.16 6.72 15.36
C GLU Y 397 41.71 5.40 15.96
N GLU Y 398 42.63 4.62 16.52
CA GLU Y 398 42.24 3.38 17.17
C GLU Y 398 41.59 3.64 18.52
N VAL Y 399 42.03 4.70 19.21
CA VAL Y 399 41.40 5.06 20.48
C VAL Y 399 39.97 5.52 20.24
N LYS Y 400 39.74 6.30 19.18
CA LYS Y 400 38.40 6.74 18.86
C LYS Y 400 37.49 5.56 18.51
N ALA Y 401 38.02 4.58 17.77
CA ALA Y 401 37.22 3.41 17.43
C ALA Y 401 36.96 2.55 18.66
N THR Y 402 37.91 2.47 19.59
CA THR Y 402 37.68 1.74 20.82
C THR Y 402 36.57 2.39 21.64
N LEU Y 403 36.60 3.71 21.76
CA LEU Y 403 35.64 4.42 22.60
C LEU Y 403 34.23 4.42 22.01
N GLU Y 404 34.10 4.23 20.71
CA GLU Y 404 32.80 4.24 20.05
C GLU Y 404 32.25 2.83 19.82
N GLY Y 405 32.98 1.80 20.22
CA GLY Y 405 32.52 0.44 20.00
C GLY Y 405 32.43 0.05 18.54
N THR Y 406 33.37 0.53 17.72
CA THR Y 406 33.40 0.17 16.31
C THR Y 406 34.74 -0.43 15.91
N GLN Y 466 22.75 12.28 24.56
CA GLN Y 466 23.52 11.66 23.49
C GLN Y 466 24.82 11.06 24.01
N GLN Y 467 25.86 11.16 23.18
CA GLN Y 467 27.21 10.76 23.55
C GLN Y 467 28.16 11.80 22.97
N ALA Y 468 29.32 11.95 23.63
CA ALA Y 468 30.28 12.96 23.24
C ALA Y 468 30.80 12.72 21.84
N THR Y 469 31.11 13.80 21.12
CA THR Y 469 31.70 13.71 19.80
C THR Y 469 33.20 13.54 19.92
N LEU Y 470 33.73 12.59 19.15
CA LEU Y 470 35.17 12.31 19.14
C LEU Y 470 35.74 12.59 17.75
N ILE Y 471 36.84 13.32 17.72
CA ILE Y 471 37.53 13.68 16.49
C ILE Y 471 38.97 13.19 16.62
N ALA Y 472 39.42 12.42 15.64
CA ALA Y 472 40.76 11.85 15.64
C ALA Y 472 41.54 12.39 14.45
N ASP Y 473 42.68 13.02 14.73
CA ASP Y 473 43.58 13.53 13.69
C ASP Y 473 44.76 12.57 13.57
N LYS Y 474 44.95 12.02 12.37
CA LYS Y 474 46.03 11.07 12.17
C LYS Y 474 47.38 11.76 12.05
N ARG Y 475 47.43 12.96 11.46
CA ARG Y 475 48.70 13.64 11.24
C ARG Y 475 49.38 13.99 12.56
N THR Y 476 48.62 14.54 13.50
CA THR Y 476 49.18 15.01 14.76
C THR Y 476 48.94 14.06 15.91
N ASN Y 477 48.20 12.97 15.70
CA ASN Y 477 47.84 12.03 16.76
C ASN Y 477 47.11 12.75 17.90
N SER Y 478 46.10 13.52 17.53
CA SER Y 478 45.32 14.31 18.48
C SER Y 478 43.93 13.74 18.60
N LEU Y 479 43.44 13.67 19.84
CA LEU Y 479 42.06 13.29 20.12
C LEU Y 479 41.31 14.51 20.62
N ILE Y 480 40.14 14.76 20.04
CA ILE Y 480 39.33 15.93 20.38
C ILE Y 480 37.96 15.43 20.82
N VAL Y 481 37.59 15.70 22.06
CA VAL Y 481 36.30 15.34 22.61
C VAL Y 481 35.47 16.60 22.79
N ARG Y 482 34.20 16.53 22.40
CA ARG Y 482 33.33 17.69 22.35
C ARG Y 482 31.96 17.27 22.85
N GLY Y 483 31.58 17.77 24.02
CA GLY Y 483 30.28 17.44 24.56
C GLY Y 483 29.99 18.23 25.82
N THR Y 484 29.03 17.72 26.59
CA THR Y 484 28.71 18.34 27.87
C THR Y 484 29.88 18.15 28.84
N PRO Y 485 29.99 19.02 29.84
CA PRO Y 485 31.14 18.91 30.76
C PRO Y 485 31.24 17.57 31.46
N GLU Y 486 30.12 16.88 31.69
CA GLU Y 486 30.18 15.56 32.30
C GLU Y 486 30.67 14.51 31.33
N GLN Y 487 30.17 14.55 30.08
CA GLN Y 487 30.63 13.62 29.05
C GLN Y 487 32.09 13.82 28.70
N VAL Y 488 32.64 15.01 28.90
CA VAL Y 488 34.03 15.27 28.57
C VAL Y 488 34.95 14.81 29.69
N ALA Y 489 34.52 14.91 30.93
CA ALA Y 489 35.35 14.44 32.04
C ALA Y 489 35.45 12.92 32.07
N GLN Y 490 34.51 12.22 31.45
CA GLN Y 490 34.59 10.77 31.38
C GLN Y 490 35.68 10.32 30.42
N VAL Y 491 35.79 10.97 29.27
CA VAL Y 491 36.88 10.65 28.35
C VAL Y 491 38.21 11.10 28.93
N ALA Y 492 38.21 12.23 29.64
CA ALA Y 492 39.45 12.75 30.19
C ALA Y 492 40.07 11.81 31.23
N GLU Y 493 39.25 11.04 31.94
CA GLU Y 493 39.80 10.07 32.89
C GLU Y 493 40.18 8.76 32.24
N LEU Y 494 39.63 8.46 31.05
CA LEU Y 494 40.02 7.26 30.31
C LEU Y 494 41.36 7.43 29.62
N VAL Y 495 41.66 8.64 29.15
CA VAL Y 495 42.81 8.84 28.27
C VAL Y 495 44.13 8.42 28.93
N PRO Y 496 44.42 8.78 30.18
CA PRO Y 496 45.72 8.36 30.75
C PRO Y 496 45.90 6.86 30.80
N GLN Y 497 44.81 6.09 30.84
CA GLN Y 497 44.92 4.64 30.93
C GLN Y 497 45.03 4.00 29.56
N LEU Y 498 44.41 4.57 28.54
CA LEU Y 498 44.48 4.03 27.19
C LEU Y 498 45.71 4.49 26.42
N ASP Y 499 46.53 5.35 27.02
CA ASP Y 499 47.70 5.91 26.35
C ASP Y 499 48.98 5.56 27.12
N GLN Y 500 48.97 4.48 27.87
CA GLN Y 500 50.14 4.09 28.63
C GLN Y 500 51.08 3.25 27.76
N VAL Y 501 52.30 3.05 28.26
CA VAL Y 501 53.27 2.24 27.57
C VAL Y 501 52.96 0.77 27.79
N VAL Y 502 52.98 -0.01 26.71
CA VAL Y 502 52.75 -1.45 26.80
C VAL Y 502 54.08 -2.17 26.60
N PRO Y 503 54.25 -3.38 27.12
CA PRO Y 503 55.55 -4.04 27.01
C PRO Y 503 55.91 -4.40 25.57
N GLN Y 504 57.21 -4.42 25.30
CA GLN Y 504 57.78 -4.88 24.05
C GLN Y 504 58.59 -6.14 24.33
N ILE Y 505 58.37 -7.19 23.54
CA ILE Y 505 58.94 -8.49 23.81
C ILE Y 505 59.66 -9.03 22.59
N ASN Y 506 60.54 -9.98 22.83
CA ASN Y 506 61.19 -10.76 21.78
C ASN Y 506 60.95 -12.23 22.08
N VAL Y 507 60.39 -12.96 21.12
CA VAL Y 507 60.04 -14.37 21.30
C VAL Y 507 60.93 -15.19 20.38
N GLN Y 508 61.53 -16.25 20.92
CA GLN Y 508 62.38 -17.14 20.16
C GLN Y 508 61.73 -18.51 20.06
N VAL Y 509 61.66 -19.06 18.85
CA VAL Y 509 61.12 -20.39 18.60
C VAL Y 509 62.20 -21.23 17.95
N ARG Y 510 62.44 -22.42 18.48
CA ARG Y 510 63.37 -23.36 17.90
C ARG Y 510 62.63 -24.60 17.44
N ILE Y 511 62.75 -24.92 16.16
CA ILE Y 511 62.20 -26.16 15.59
C ILE Y 511 63.38 -27.05 15.23
N GLN Y 512 63.37 -28.26 15.78
CA GLN Y 512 64.47 -29.20 15.66
C GLN Y 512 63.96 -30.52 15.13
N GLU Y 513 64.68 -31.11 14.18
CA GLU Y 513 64.23 -32.36 13.58
C GLU Y 513 65.43 -33.23 13.27
N VAL Y 514 65.39 -34.48 13.74
CA VAL Y 514 66.48 -35.44 13.54
C VAL Y 514 65.86 -36.74 13.03
N ASN Y 515 66.51 -37.36 12.05
CA ASN Y 515 66.07 -38.63 11.50
C ASN Y 515 67.27 -39.56 11.39
N GLU Y 516 67.05 -40.86 11.57
CA GLU Y 516 68.12 -41.84 11.48
C GLU Y 516 67.61 -43.08 10.75
N ARG Y 517 68.53 -43.75 10.07
CA ARG Y 517 68.22 -44.96 9.31
C ARG Y 517 69.24 -46.04 9.60
N ALA Y 518 68.90 -47.27 9.25
CA ALA Y 518 69.82 -48.39 9.33
C ALA Y 518 69.25 -49.54 8.52
N LEU Y 519 70.03 -50.07 7.59
CA LEU Y 519 69.62 -51.19 6.78
C LEU Y 519 70.64 -52.31 6.90
N GLN Y 520 70.19 -53.54 6.69
CA GLN Y 520 71.06 -54.71 6.81
C GLN Y 520 70.47 -55.82 5.94
N SER Y 521 71.16 -56.17 4.86
CA SER Y 521 70.75 -57.28 4.00
C SER Y 521 71.80 -58.38 4.05
N LEU Y 522 71.35 -59.61 3.78
CA LEU Y 522 72.22 -60.77 3.77
C LEU Y 522 71.49 -61.91 3.08
N GLY Y 523 72.13 -62.53 2.09
CA GLY Y 523 71.50 -63.62 1.40
C GLY Y 523 72.43 -64.49 0.58
N LEU Y 524 72.25 -65.80 0.67
CA LEU Y 524 72.98 -66.78 -0.11
C LEU Y 524 72.08 -67.36 -1.19
N ASN Y 525 72.66 -67.67 -2.35
CA ASN Y 525 71.88 -68.02 -3.52
C ASN Y 525 72.71 -68.99 -4.35
N TRP Y 526 72.47 -70.29 -4.18
CA TRP Y 526 73.32 -71.29 -4.80
C TRP Y 526 72.53 -72.22 -5.72
N ARG Y 527 73.27 -73.14 -6.36
CA ARG Y 527 72.70 -74.12 -7.28
C ARG Y 527 73.64 -75.31 -7.35
N ALA Y 528 73.16 -76.49 -6.96
CA ALA Y 528 73.98 -77.69 -6.92
C ALA Y 528 73.50 -78.69 -7.95
N THR Y 529 74.44 -79.39 -8.59
CA THR Y 529 74.12 -80.40 -9.60
C THR Y 529 74.98 -81.64 -9.34
N PHE Y 530 74.36 -82.69 -8.84
CA PHE Y 530 74.95 -84.02 -8.78
C PHE Y 530 74.07 -84.99 -9.56
N GLY Y 531 74.44 -86.27 -9.53
CA GLY Y 531 73.92 -87.23 -10.50
C GLY Y 531 72.41 -87.34 -10.59
N GLY Y 532 71.85 -86.82 -11.67
CA GLY Y 532 70.41 -86.81 -11.87
C GLY Y 532 69.69 -85.64 -11.22
N PHE Y 533 70.22 -85.11 -10.12
CA PHE Y 533 69.56 -84.09 -9.34
C PHE Y 533 70.02 -82.69 -9.73
N ASN Y 534 69.14 -81.72 -9.53
CA ASN Y 534 69.44 -80.32 -9.80
C ASN Y 534 68.71 -79.49 -8.75
N VAL Y 535 69.45 -79.02 -7.75
CA VAL Y 535 68.88 -78.29 -6.62
C VAL Y 535 69.26 -76.83 -6.73
N ALA Y 536 68.28 -75.94 -6.57
CA ALA Y 536 68.50 -74.51 -6.62
C ALA Y 536 67.79 -73.86 -5.45
N VAL Y 537 68.54 -73.16 -4.60
CA VAL Y 537 68.01 -72.46 -3.44
C VAL Y 537 68.23 -70.97 -3.62
N SER Y 538 67.17 -70.19 -3.42
CA SER Y 538 67.26 -68.75 -3.56
C SER Y 538 66.42 -68.10 -2.47
N GLY Y 539 66.30 -66.78 -2.54
CA GLY Y 539 65.53 -66.05 -1.56
C GLY Y 539 64.14 -65.69 -2.04
N GLY Y 540 64.03 -65.31 -3.31
CA GLY Y 540 62.73 -65.02 -3.89
C GLY Y 540 61.87 -66.26 -3.91
N THR Y 541 62.30 -67.25 -4.67
CA THR Y 541 61.75 -68.60 -4.59
C THR Y 541 62.59 -69.42 -3.61
N GLY Y 542 61.97 -70.41 -3.00
CA GLY Y 542 62.70 -71.18 -2.01
C GLY Y 542 63.48 -72.32 -2.61
N LEU Y 543 63.21 -73.54 -2.16
CA LEU Y 543 63.82 -74.73 -2.73
C LEU Y 543 63.17 -75.07 -4.06
N ALA Y 544 63.98 -75.54 -5.00
CA ALA Y 544 63.48 -75.97 -6.32
C ALA Y 544 64.38 -77.10 -6.82
N ALA Y 545 63.97 -78.33 -6.58
CA ALA Y 545 64.74 -79.51 -6.94
C ALA Y 545 64.06 -80.26 -8.07
N THR Y 546 64.85 -80.83 -8.97
CA THR Y 546 64.33 -81.68 -10.04
C THR Y 546 65.19 -82.93 -10.15
N PHE Y 547 64.64 -83.94 -10.80
CA PHE Y 547 65.35 -85.18 -11.10
C PHE Y 547 65.23 -85.48 -12.59
N ASN Y 548 66.32 -85.95 -13.18
CA ASN Y 548 66.35 -86.33 -14.59
C ASN Y 548 66.76 -87.80 -14.69
N PRO Y 549 65.86 -88.71 -15.05
CA PRO Y 549 66.22 -90.12 -15.13
C PRO Y 549 66.94 -90.52 -16.40
N THR Y 550 67.12 -89.61 -17.35
CA THR Y 550 67.73 -89.93 -18.62
C THR Y 550 69.20 -89.56 -18.71
N GLN Y 551 69.66 -88.59 -17.93
CA GLN Y 551 71.05 -88.20 -17.90
C GLN Y 551 71.61 -88.38 -16.50
N SER Y 552 72.87 -87.98 -16.33
CA SER Y 552 73.53 -88.08 -15.02
C SER Y 552 74.74 -87.17 -15.03
N PHE Y 553 74.79 -86.24 -14.08
CA PHE Y 553 75.89 -85.30 -13.99
C PHE Y 553 77.16 -86.01 -13.50
N LEU Y 554 78.29 -85.35 -13.72
CA LEU Y 554 79.58 -85.83 -13.25
C LEU Y 554 79.97 -85.09 -11.98
N GLY Y 555 80.14 -85.82 -10.89
CA GLY Y 555 80.59 -85.24 -9.66
C GLY Y 555 79.58 -84.27 -9.05
N PHE Y 556 80.11 -83.43 -8.17
CA PHE Y 556 79.33 -82.46 -7.42
C PHE Y 556 79.80 -81.05 -7.75
N ASN Y 557 78.83 -80.16 -7.99
CA ASN Y 557 79.10 -78.74 -8.20
C ASN Y 557 78.16 -77.93 -7.33
N ILE Y 558 78.62 -76.78 -6.86
CA ILE Y 558 77.89 -76.08 -5.80
C ILE Y 558 77.43 -74.68 -6.20
N PHE Y 559 78.18 -74.00 -7.06
CA PHE Y 559 77.82 -72.72 -7.67
C PHE Y 559 77.17 -71.70 -6.72
N PRO Y 560 77.82 -71.34 -5.62
CA PRO Y 560 77.20 -70.42 -4.65
C PRO Y 560 77.38 -68.96 -5.04
N THR Y 561 76.65 -68.10 -4.33
CA THR Y 561 76.66 -66.66 -4.58
C THR Y 561 76.22 -65.94 -3.32
N LEU Y 562 77.01 -64.98 -2.87
CA LEU Y 562 76.76 -64.27 -1.61
C LEU Y 562 76.51 -62.79 -1.87
N THR Y 563 75.71 -62.18 -1.00
CA THR Y 563 75.40 -60.76 -1.09
C THR Y 563 75.14 -60.24 0.31
N ALA Y 564 75.71 -59.07 0.62
CA ALA Y 564 75.55 -58.47 1.94
C ALA Y 564 75.67 -56.96 1.81
N LEU Y 565 74.83 -56.24 2.55
CA LEU Y 565 74.79 -54.80 2.47
C LEU Y 565 74.47 -54.21 3.84
N GLU Y 566 75.06 -53.06 4.13
CA GLU Y 566 74.78 -52.31 5.35
C GLU Y 566 74.72 -50.83 5.01
N THR Y 567 73.91 -50.08 5.74
CA THR Y 567 73.72 -48.67 5.44
C THR Y 567 73.36 -47.92 6.72
N GLN Y 568 73.67 -46.63 6.74
CA GLN Y 568 73.16 -45.73 7.77
C GLN Y 568 72.89 -44.36 7.16
N GLY Y 569 72.08 -43.58 7.86
CA GLY Y 569 71.83 -42.21 7.48
C GLY Y 569 71.52 -41.39 8.71
N LEU Y 570 71.61 -40.08 8.57
CA LEU Y 570 71.27 -39.18 9.67
C LEU Y 570 71.04 -37.80 9.13
N THR Y 571 69.80 -37.31 9.23
CA THR Y 571 69.48 -35.96 8.78
C THR Y 571 69.11 -35.11 9.99
N ARG Y 572 69.69 -33.93 10.09
CA ARG Y 572 69.30 -32.91 11.05
C ARG Y 572 68.86 -31.66 10.31
N ARG Y 573 67.94 -30.92 10.93
CA ARG Y 573 67.50 -29.64 10.37
C ARG Y 573 67.01 -28.79 11.52
N VAL Y 574 67.60 -27.62 11.71
CA VAL Y 574 67.35 -26.78 12.88
C VAL Y 574 67.01 -25.37 12.42
N TYR Y 575 66.07 -24.73 13.10
CA TYR Y 575 65.71 -23.33 12.88
C TYR Y 575 65.58 -22.61 14.21
N ASP Y 576 66.07 -21.37 14.28
CA ASP Y 576 65.95 -20.50 15.46
C ASP Y 576 65.44 -19.14 15.02
N GLY Y 577 64.19 -18.82 15.32
CA GLY Y 577 63.65 -17.54 14.91
C GLY Y 577 63.29 -16.60 16.03
N ASN Y 578 63.72 -15.34 15.92
CA ASN Y 578 63.30 -14.24 16.79
C ASN Y 578 62.34 -13.33 16.03
N VAL Y 579 61.38 -12.77 16.77
CA VAL Y 579 60.61 -11.63 16.29
C VAL Y 579 60.37 -10.71 17.48
N THR Y 580 60.49 -9.40 17.25
CA THR Y 580 60.14 -8.40 18.24
C THR Y 580 58.74 -7.85 17.95
N MET Y 581 57.95 -7.65 18.99
CA MET Y 581 56.55 -7.26 18.82
C MET Y 581 56.07 -6.60 20.10
N GLN Y 582 54.80 -6.18 20.08
CA GLN Y 582 54.16 -5.46 21.17
C GLN Y 582 53.02 -6.30 21.74
N SER Y 583 52.41 -5.79 22.82
CA SER Y 583 51.40 -6.56 23.54
C SER Y 583 50.10 -6.68 22.73
N GLY Y 584 49.47 -5.57 22.42
CA GLY Y 584 48.20 -5.66 21.76
C GLY Y 584 48.30 -5.59 20.26
N GLN Y 585 49.33 -6.21 19.70
CA GLN Y 585 49.63 -6.02 18.29
C GLN Y 585 48.59 -6.68 17.42
N ARG Y 586 48.16 -5.97 16.39
CA ARG Y 586 47.17 -6.45 15.44
C ARG Y 586 47.85 -6.93 14.17
N SER Y 587 47.08 -7.62 13.34
CA SER Y 587 47.59 -8.08 12.06
C SER Y 587 47.63 -6.94 11.05
N LEU Y 588 48.32 -7.19 9.95
CA LEU Y 588 48.44 -6.25 8.84
C LEU Y 588 47.75 -6.84 7.62
N SER Y 589 46.98 -6.02 6.92
CA SER Y 589 46.23 -6.48 5.75
C SER Y 589 46.76 -5.78 4.50
N ALA Y 590 47.82 -6.35 3.91
CA ALA Y 590 48.28 -5.90 2.61
C ALA Y 590 47.90 -6.86 1.49
N THR Y 591 48.47 -8.07 1.49
CA THR Y 591 48.03 -9.24 0.73
C THR Y 591 48.10 -9.08 -0.78
N GLY Y 592 48.30 -7.86 -1.28
CA GLY Y 592 48.33 -7.61 -2.71
C GLY Y 592 47.23 -8.23 -3.54
N GLY Y 593 46.14 -8.64 -2.90
CA GLY Y 593 45.05 -9.33 -3.55
C GLY Y 593 45.16 -10.84 -3.52
N ALA Y 594 46.31 -11.38 -3.15
CA ALA Y 594 46.49 -12.82 -3.02
C ALA Y 594 46.18 -13.27 -1.60
N GLN Y 595 45.85 -14.54 -1.47
CA GLN Y 595 45.48 -15.12 -0.18
C GLN Y 595 46.68 -15.88 0.40
N ASN Y 596 47.01 -15.57 1.64
CA ASN Y 596 48.15 -16.16 2.33
C ASN Y 596 47.70 -16.63 3.70
N ALA Y 597 48.27 -17.75 4.16
CA ALA Y 597 47.85 -18.31 5.43
C ALA Y 597 48.36 -17.52 6.63
N SER Y 598 49.26 -16.56 6.43
CA SER Y 598 49.80 -15.77 7.52
C SER Y 598 49.27 -14.34 7.52
N SER Y 599 48.14 -14.11 6.85
CA SER Y 599 47.58 -12.76 6.78
C SER Y 599 47.14 -12.27 8.15
N GLY Y 600 46.60 -13.15 8.98
CA GLY Y 600 46.05 -12.73 10.25
C GLY Y 600 47.03 -12.79 11.40
N ALA Y 601 48.31 -12.95 11.10
CA ALA Y 601 49.33 -13.04 12.13
C ALA Y 601 49.78 -11.65 12.54
N ALA Y 602 49.99 -11.46 13.86
CA ALA Y 602 50.48 -10.19 14.35
C ALA Y 602 51.93 -9.96 13.94
N ALA Y 603 52.73 -11.03 13.91
CA ALA Y 603 54.13 -10.98 13.52
C ALA Y 603 54.47 -12.23 12.75
N SER Y 604 55.50 -12.17 11.92
CA SER Y 604 55.88 -13.30 11.09
C SER Y 604 57.37 -13.26 10.78
N VAL Y 605 57.89 -14.42 10.41
CA VAL Y 605 59.21 -14.52 9.80
C VAL Y 605 59.21 -15.75 8.91
N LYS Y 606 59.77 -15.61 7.71
CA LYS Y 606 59.76 -16.68 6.72
C LYS Y 606 61.13 -16.79 6.08
N SER Y 607 61.48 -18.01 5.66
CA SER Y 607 62.67 -18.22 4.85
C SER Y 607 62.49 -19.52 4.09
N GLY Y 608 62.67 -19.48 2.78
CA GLY Y 608 62.36 -20.63 1.95
C GLY Y 608 62.00 -20.22 0.54
N GLY Y 609 60.80 -20.59 0.10
CA GLY Y 609 60.27 -20.15 -1.18
C GLY Y 609 58.82 -19.76 -1.05
N ARG Y 610 58.22 -19.44 -2.19
CA ARG Y 610 56.82 -19.03 -2.23
C ARG Y 610 56.23 -19.31 -3.60
N LEU Y 611 55.13 -20.04 -3.64
CA LEU Y 611 54.43 -20.36 -4.87
C LEU Y 611 53.33 -19.34 -5.09
N GLU Y 612 53.35 -18.69 -6.25
CA GLU Y 612 52.28 -17.77 -6.65
C GLU Y 612 51.36 -18.47 -7.64
N ILE Y 613 50.07 -18.47 -7.34
CA ILE Y 613 49.08 -19.22 -8.10
C ILE Y 613 48.00 -18.27 -8.59
N ASN Y 614 47.76 -18.27 -9.90
CA ASN Y 614 46.79 -17.37 -10.55
C ASN Y 614 45.93 -18.22 -11.48
N ILE Y 615 44.81 -18.72 -10.98
CA ILE Y 615 43.91 -19.56 -11.77
C ILE Y 615 42.61 -18.80 -11.98
N PRO Y 616 42.22 -18.50 -13.21
CA PRO Y 616 40.94 -17.84 -13.45
C PRO Y 616 39.77 -18.81 -13.35
N SER Y 617 38.71 -18.37 -12.68
CA SER Y 617 37.53 -19.21 -12.49
C SER Y 617 36.28 -18.33 -12.52
N ALA Y 618 35.15 -18.94 -12.86
CA ALA Y 618 33.90 -18.22 -12.94
C ALA Y 618 33.22 -18.04 -11.58
N ALA Y 619 33.66 -18.79 -10.57
CA ALA Y 619 33.15 -18.65 -9.21
C ALA Y 619 34.02 -17.76 -8.35
N GLY Y 620 35.02 -17.10 -8.94
CA GLY Y 620 36.01 -16.32 -8.21
C GLY Y 620 37.36 -16.93 -8.53
N ASN Y 621 38.30 -16.06 -8.90
CA ASN Y 621 39.63 -16.51 -9.25
C ASN Y 621 40.34 -17.11 -8.05
N ILE Y 622 41.16 -18.13 -8.31
CA ILE Y 622 42.05 -18.68 -7.28
C ILE Y 622 43.36 -17.92 -7.39
N VAL Y 623 43.60 -17.03 -6.44
CA VAL Y 623 44.83 -16.24 -6.38
C VAL Y 623 45.41 -16.49 -5.00
N ARG Y 624 46.44 -17.33 -4.92
CA ARG Y 624 46.96 -17.82 -3.67
C ARG Y 624 48.47 -17.63 -3.59
N GLN Y 625 48.98 -17.72 -2.37
CA GLN Y 625 50.41 -17.84 -2.12
C GLN Y 625 50.62 -19.00 -1.16
N ILE Y 626 51.50 -19.93 -1.54
CA ILE Y 626 51.90 -21.03 -0.66
C ILE Y 626 53.37 -20.85 -0.34
N ASP Y 627 53.69 -20.76 0.94
CA ASP Y 627 55.05 -20.57 1.41
C ASP Y 627 55.60 -21.88 1.93
N TYR Y 628 56.85 -22.18 1.59
CA TYR Y 628 57.54 -23.34 2.11
C TYR Y 628 58.87 -22.90 2.70
N GLY Y 629 59.57 -23.85 3.32
CA GLY Y 629 60.77 -23.53 4.05
C GLY Y 629 60.51 -23.49 5.53
N LEU Y 630 60.64 -22.32 6.15
CA LEU Y 630 60.26 -22.10 7.53
C LEU Y 630 59.20 -21.01 7.59
N ASN Y 631 58.11 -21.27 8.31
CA ASN Y 631 57.08 -20.29 8.57
C ASN Y 631 56.84 -20.22 10.06
N LEU Y 632 56.94 -19.03 10.64
CA LEU Y 632 56.63 -18.80 12.05
C LEU Y 632 55.62 -17.68 12.15
N ASP Y 633 54.46 -17.98 12.73
CA ASP Y 633 53.38 -17.01 12.89
C ASP Y 633 53.08 -16.83 14.36
N PHE Y 634 52.85 -15.58 14.77
CA PHE Y 634 52.50 -15.25 16.14
C PHE Y 634 51.15 -14.54 16.15
N PHE Y 635 50.26 -14.97 17.03
CA PHE Y 635 48.90 -14.44 17.09
C PHE Y 635 48.62 -13.98 18.52
N SER Y 636 48.11 -12.75 18.65
CA SER Y 636 47.55 -12.22 19.90
C SER Y 636 48.53 -12.25 21.08
N PRO Y 637 49.61 -11.47 21.05
CA PRO Y 637 50.66 -11.57 22.08
C PRO Y 637 50.49 -10.65 23.29
N GLN Y 638 49.55 -10.95 24.18
CA GLN Y 638 49.36 -10.11 25.34
C GLN Y 638 50.42 -10.38 26.40
N VAL Y 639 50.86 -9.32 27.09
CA VAL Y 639 51.86 -9.40 28.14
C VAL Y 639 51.32 -8.71 29.38
N ALA Y 640 51.48 -9.34 30.54
CA ALA Y 640 51.02 -8.82 31.82
C ALA Y 640 52.10 -7.99 32.50
N PRO Y 641 51.73 -7.13 33.45
CA PRO Y 641 52.74 -6.35 34.17
C PRO Y 641 53.76 -7.19 34.92
N ASP Y 642 53.42 -8.41 35.32
CA ASP Y 642 54.43 -9.32 35.88
C ASP Y 642 55.53 -9.60 34.88
N GLY Y 643 55.18 -9.70 33.60
CA GLY Y 643 56.05 -10.27 32.61
C GLY Y 643 55.60 -11.61 32.09
N THR Y 644 54.36 -12.00 32.32
CA THR Y 644 53.81 -13.23 31.80
C THR Y 644 53.37 -13.02 30.36
N ILE Y 645 53.80 -13.89 29.47
CA ILE Y 645 53.54 -13.77 28.04
C ILE Y 645 52.60 -14.87 27.62
N THR Y 646 51.46 -14.49 27.04
CA THR Y 646 50.51 -15.42 26.44
C THR Y 646 50.54 -15.22 24.93
N LEU Y 647 50.41 -16.32 24.19
CA LEU Y 647 50.75 -16.27 22.78
C LEU Y 647 50.23 -17.50 22.06
N ARG Y 648 49.82 -17.31 20.82
CA ARG Y 648 49.55 -18.41 19.90
C ARG Y 648 50.63 -18.45 18.83
N ILE Y 649 51.23 -19.61 18.65
CA ILE Y 649 52.36 -19.81 17.75
C ILE Y 649 52.03 -20.95 16.82
N ARG Y 650 52.29 -20.78 15.51
CA ARG Y 650 52.16 -21.95 14.66
C ARG Y 650 53.49 -22.64 14.39
N GLY Y 651 54.35 -22.06 13.57
CA GLY Y 651 55.58 -22.77 13.28
C GLY Y 651 55.36 -23.90 12.29
N GLN Y 652 56.18 -23.97 11.24
CA GLN Y 652 55.98 -24.98 10.21
C GLN Y 652 57.22 -25.08 9.34
N VAL Y 653 57.62 -26.31 9.04
CA VAL Y 653 58.72 -26.58 8.12
C VAL Y 653 58.19 -27.48 7.01
N ASN Y 654 58.37 -27.07 5.76
CA ASN Y 654 57.89 -27.86 4.65
C ASN Y 654 58.77 -27.64 3.43
N GLN Y 655 58.74 -28.61 2.53
CA GLN Y 655 59.46 -28.58 1.27
C GLN Y 655 58.57 -29.21 0.20
N PRO Y 656 58.68 -28.77 -1.05
CA PRO Y 656 58.04 -29.54 -2.13
C PRO Y 656 58.65 -30.92 -2.23
N ALA Y 657 57.79 -31.91 -2.49
CA ALA Y 657 58.28 -33.28 -2.57
C ALA Y 657 59.13 -33.49 -3.82
N THR Y 658 58.71 -32.91 -4.94
CA THR Y 658 59.49 -32.91 -6.16
C THR Y 658 59.59 -31.48 -6.67
N ALA Y 659 60.66 -31.20 -7.39
CA ALA Y 659 60.97 -29.83 -7.79
C ALA Y 659 59.93 -29.28 -8.76
N ILE Y 660 59.69 -27.97 -8.65
CA ILE Y 660 58.80 -27.26 -9.57
C ILE Y 660 59.59 -26.93 -10.82
N THR Y 661 59.04 -27.30 -11.99
CA THR Y 661 59.83 -27.30 -13.22
C THR Y 661 59.18 -26.52 -14.36
N ALA Y 662 58.32 -25.55 -14.06
CA ALA Y 662 57.73 -24.67 -15.06
C ALA Y 662 56.81 -25.42 -16.03
N ASP Y 663 56.78 -26.75 -15.92
CA ASP Y 663 55.75 -27.56 -16.55
C ASP Y 663 54.73 -28.04 -15.53
N SER Y 664 54.91 -27.66 -14.27
CA SER Y 664 54.02 -28.07 -13.20
C SER Y 664 52.69 -27.34 -13.29
N LEU Y 665 51.64 -28.00 -12.84
CA LEU Y 665 50.34 -27.38 -12.76
C LEU Y 665 49.94 -27.21 -11.30
N PRO Y 666 49.19 -26.16 -10.98
CA PRO Y 666 48.90 -25.89 -9.57
C PRO Y 666 47.74 -26.70 -9.02
N ASN Y 667 47.35 -27.75 -9.72
CA ASN Y 667 46.16 -28.51 -9.34
C ASN Y 667 46.44 -29.55 -8.26
N LEU Y 668 47.69 -29.94 -8.07
CA LEU Y 668 48.03 -30.94 -7.05
C LEU Y 668 49.52 -30.85 -6.77
N ILE Y 669 49.89 -30.56 -5.52
CA ILE Y 669 51.28 -30.36 -5.11
C ILE Y 669 51.51 -31.11 -3.81
N ASP Y 670 52.70 -31.68 -3.62
CA ASP Y 670 52.85 -32.79 -2.68
C ASP Y 670 53.39 -32.38 -1.31
N PHE Y 671 54.44 -31.56 -1.24
CA PHE Y 671 54.74 -30.79 -0.03
C PHE Y 671 54.95 -31.65 1.22
N THR Y 672 56.12 -32.28 1.32
CA THR Y 672 56.64 -32.71 2.62
C THR Y 672 56.39 -31.65 3.69
N ASN Y 673 55.89 -32.05 4.86
CA ASN Y 673 55.36 -31.09 5.81
C ASN Y 673 55.46 -31.56 7.26
N SER Y 674 55.76 -30.63 8.17
CA SER Y 674 55.70 -30.82 9.62
C SER Y 674 55.21 -29.53 10.26
N GLU Y 675 54.28 -29.65 11.19
CA GLU Y 675 53.56 -28.48 11.69
C GLU Y 675 53.06 -28.71 13.11
N ALA Y 676 52.78 -27.62 13.80
CA ALA Y 676 52.20 -27.63 15.14
C ALA Y 676 51.55 -26.27 15.39
N GLN Y 677 50.58 -26.22 16.29
CA GLN Y 677 50.02 -24.95 16.72
C GLN Y 677 49.31 -25.15 18.05
N SER Y 678 49.42 -24.15 18.91
CA SER Y 678 48.82 -24.18 20.23
C SER Y 678 49.03 -22.82 20.86
N THR Y 679 48.49 -22.66 22.06
CA THR Y 679 48.65 -21.45 22.86
C THR Y 679 49.42 -21.82 24.12
N ILE Y 680 50.42 -21.00 24.47
CA ILE Y 680 51.25 -21.23 25.63
C ILE Y 680 51.33 -19.96 26.45
N THR Y 681 51.67 -20.13 27.73
CA THR Y 681 51.89 -19.01 28.63
C THR Y 681 53.11 -19.33 29.49
N PHE Y 682 53.99 -18.35 29.63
CA PHE Y 682 55.21 -18.51 30.41
C PHE Y 682 55.62 -17.14 30.91
N LYS Y 683 56.49 -17.11 31.91
CA LYS Y 683 56.98 -15.85 32.43
C LYS Y 683 58.26 -15.44 31.73
N ASN Y 684 58.61 -14.17 31.90
CA ASN Y 684 59.77 -13.56 31.27
C ASN Y 684 61.04 -14.36 31.58
N GLY Y 685 61.62 -14.98 30.56
CA GLY Y 685 62.87 -15.70 30.71
C GLY Y 685 62.76 -17.21 30.78
N GLN Y 686 61.56 -17.77 30.88
CA GLN Y 686 61.40 -19.21 31.01
C GLN Y 686 61.35 -19.88 29.64
N THR Y 687 61.47 -21.20 29.66
CA THR Y 687 61.51 -22.02 28.44
C THR Y 687 60.48 -23.14 28.57
N ILE Y 688 59.68 -23.32 27.52
CA ILE Y 688 58.59 -24.28 27.53
C ILE Y 688 58.58 -25.04 26.21
N LEU Y 689 58.27 -26.33 26.27
CA LEU Y 689 58.11 -27.16 25.08
C LEU Y 689 56.66 -27.14 24.64
N MET Y 690 56.40 -26.60 23.45
CA MET Y 690 55.04 -26.58 22.93
C MET Y 690 54.62 -27.91 22.35
N SER Y 691 55.52 -28.61 21.67
CA SER Y 691 55.15 -29.86 21.04
C SER Y 691 56.39 -30.72 20.83
N GLY Y 692 56.19 -32.02 20.82
CA GLY Y 692 57.25 -32.96 20.55
C GLY Y 692 56.68 -34.17 19.86
N LEU Y 693 57.51 -34.85 19.08
CA LEU Y 693 57.06 -36.02 18.35
C LEU Y 693 58.22 -36.99 18.18
N LEU Y 694 58.06 -38.21 18.67
CA LEU Y 694 59.05 -39.27 18.54
C LEU Y 694 58.48 -40.40 17.70
N GLY Y 695 59.26 -40.88 16.74
CA GLY Y 695 58.81 -41.93 15.84
C GLY Y 695 59.77 -43.11 15.81
N SER Y 696 59.35 -44.17 15.14
CA SER Y 696 60.11 -45.39 15.01
C SER Y 696 59.42 -46.31 14.00
N THR Y 697 60.21 -47.02 13.20
CA THR Y 697 59.69 -48.04 12.30
C THR Y 697 60.64 -49.24 12.33
N GLU Y 698 60.23 -50.32 11.64
CA GLU Y 698 61.00 -51.54 11.49
C GLU Y 698 60.27 -52.44 10.48
N THR Y 699 61.02 -53.17 9.65
CA THR Y 699 60.41 -53.96 8.59
C THR Y 699 60.78 -55.44 8.61
N THR Y 700 62.04 -55.80 8.82
CA THR Y 700 62.46 -57.16 9.21
C THR Y 700 61.77 -58.26 8.39
N ASN Y 701 62.12 -58.32 7.11
CA ASN Y 701 61.64 -59.42 6.26
C ASN Y 701 62.60 -60.60 6.29
N ARG Y 702 62.15 -61.72 5.74
CA ARG Y 702 62.94 -62.96 5.72
C ARG Y 702 62.24 -63.97 4.83
N SER Y 703 63.03 -64.73 4.07
CA SER Y 703 62.48 -65.65 3.07
C SER Y 703 63.48 -66.76 2.78
N GLY Y 704 62.97 -67.89 2.30
CA GLY Y 704 63.84 -68.98 1.90
C GLY Y 704 63.26 -70.38 1.99
N VAL Y 705 64.09 -71.34 2.39
CA VAL Y 705 63.72 -72.75 2.51
C VAL Y 705 62.93 -72.95 3.79
N PRO Y 706 61.90 -73.81 3.79
CA PRO Y 706 61.13 -74.02 5.03
C PRO Y 706 61.96 -74.65 6.13
N PHE Y 707 61.92 -74.02 7.30
CA PHE Y 707 62.53 -74.46 8.56
C PHE Y 707 64.04 -74.33 8.57
N LEU Y 708 64.64 -74.08 7.42
CA LEU Y 708 66.09 -73.91 7.36
C LEU Y 708 66.50 -72.45 7.31
N SER Y 709 65.70 -71.62 6.66
CA SER Y 709 65.95 -70.18 6.64
C SER Y 709 65.64 -69.51 7.97
N SER Y 710 64.98 -70.22 8.88
CA SER Y 710 64.63 -69.65 10.18
C SER Y 710 65.59 -70.04 11.27
N LEU Y 711 66.61 -70.84 10.97
CA LEU Y 711 67.57 -71.24 11.99
C LEU Y 711 68.43 -70.04 12.38
N PRO Y 712 68.81 -69.93 13.66
CA PRO Y 712 69.61 -68.78 14.09
C PRO Y 712 71.02 -68.86 13.54
N GLY Y 713 71.49 -67.74 12.98
CA GLY Y 713 72.82 -67.66 12.43
C GLY Y 713 72.93 -68.23 11.03
N VAL Y 714 72.89 -69.55 10.91
CA VAL Y 714 73.04 -70.22 9.62
C VAL Y 714 71.80 -70.14 8.76
N GLY Y 715 70.75 -69.46 9.21
CA GLY Y 715 69.53 -69.38 8.42
C GLY Y 715 69.73 -68.65 7.10
N ALA Y 716 70.62 -67.66 7.09
CA ALA Y 716 70.84 -66.89 5.87
C ALA Y 716 71.53 -67.67 4.77
N ALA Y 717 72.01 -68.87 5.07
CA ALA Y 717 72.58 -69.74 4.05
C ALA Y 717 71.52 -70.42 3.20
N PHE Y 718 70.25 -70.29 3.54
CA PHE Y 718 69.14 -70.92 2.83
C PHE Y 718 68.08 -69.90 2.46
N GLY Y 719 68.49 -68.75 1.96
CA GLY Y 719 67.55 -67.73 1.56
C GLY Y 719 68.10 -66.35 1.85
N GLU Y 720 67.20 -65.39 2.02
CA GLU Y 720 67.53 -64.01 2.27
C GLU Y 720 67.21 -63.62 3.71
N LYS Y 721 67.43 -62.34 4.01
CA LYS Y 721 67.11 -61.71 5.27
C LYS Y 721 67.32 -60.22 5.11
N ARG Y 722 66.47 -59.43 5.74
CA ARG Y 722 66.52 -57.99 5.58
C ARG Y 722 65.90 -57.34 6.80
N THR Y 723 66.50 -56.27 7.28
CA THR Y 723 65.95 -55.54 8.40
C THR Y 723 66.27 -54.06 8.25
N GLU Y 724 65.31 -53.22 8.58
CA GLU Y 724 65.46 -51.78 8.54
C GLU Y 724 64.89 -51.18 9.81
N LYS Y 725 65.47 -50.07 10.25
CA LYS Y 725 65.01 -49.36 11.43
C LYS Y 725 65.13 -47.86 11.21
N THR Y 726 64.17 -47.11 11.73
CA THR Y 726 64.16 -45.67 11.61
C THR Y 726 63.81 -45.05 12.95
N GLN Y 727 64.34 -43.86 13.18
CA GLN Y 727 64.02 -43.04 14.36
C GLN Y 727 63.79 -41.61 13.91
N SER Y 728 62.98 -40.88 14.65
CA SER Y 728 62.79 -39.47 14.37
C SER Y 728 62.46 -38.73 15.64
N GLN Y 729 62.78 -37.45 15.66
CA GLN Y 729 62.46 -36.57 16.78
C GLN Y 729 62.15 -35.19 16.26
N LEU Y 730 61.07 -34.59 16.76
CA LEU Y 730 60.67 -33.24 16.39
C LEU Y 730 60.39 -32.48 17.68
N LEU Y 731 60.99 -31.31 17.85
CA LEU Y 731 60.83 -30.51 19.05
C LEU Y 731 60.56 -29.07 18.68
N VAL Y 732 59.57 -28.46 19.34
CA VAL Y 732 59.26 -27.04 19.18
C VAL Y 732 59.35 -26.40 20.55
N ILE Y 733 60.32 -25.51 20.74
CA ILE Y 733 60.64 -24.93 22.03
C ILE Y 733 60.52 -23.42 21.93
N ILE Y 734 59.92 -22.79 22.95
CA ILE Y 734 59.64 -21.36 22.95
C ILE Y 734 60.22 -20.71 24.20
N THR Y 735 60.84 -19.55 24.01
CA THR Y 735 61.25 -18.67 25.09
C THR Y 735 61.02 -17.24 24.68
N GLY Y 736 61.08 -16.33 25.64
CA GLY Y 736 60.88 -14.92 25.35
C GLY Y 736 61.29 -14.06 26.51
N THR Y 737 61.60 -12.81 26.19
CA THR Y 737 62.00 -11.82 27.19
C THR Y 737 61.32 -10.50 26.89
N VAL Y 738 61.19 -9.68 27.92
CA VAL Y 738 60.67 -8.32 27.77
C VAL Y 738 61.84 -7.39 27.49
N VAL Y 739 61.69 -6.56 26.45
CA VAL Y 739 62.75 -5.67 25.98
C VAL Y 739 62.49 -4.29 26.56
N LYS Y 740 63.32 -3.87 27.51
CA LYS Y 740 63.17 -2.57 28.13
C LYS Y 740 63.86 -1.49 27.32
N GLY Z 61 64.98 -51.81 32.57
CA GLY Z 61 64.14 -51.34 33.65
C GLY Z 61 63.50 -50.00 33.34
N VAL Z 62 64.19 -49.19 32.56
CA VAL Z 62 63.69 -47.88 32.14
C VAL Z 62 63.66 -47.90 30.62
N THR Z 63 62.45 -47.97 30.06
CA THR Z 63 62.25 -48.10 28.63
C THR Z 63 61.72 -46.84 27.98
N VAL Z 64 61.03 -46.00 28.73
CA VAL Z 64 60.35 -44.85 28.18
C VAL Z 64 61.25 -43.63 28.27
N THR Z 65 61.31 -42.88 27.19
CA THR Z 65 62.11 -41.67 27.14
C THR Z 65 61.49 -40.58 28.02
N PRO Z 66 62.23 -40.00 28.95
CA PRO Z 66 61.70 -38.85 29.70
C PRO Z 66 61.50 -37.65 28.80
N VAL Z 67 60.53 -36.82 29.17
CA VAL Z 67 60.17 -35.64 28.40
C VAL Z 67 60.33 -34.43 29.31
N LEU Z 68 61.08 -33.43 28.87
CA LEU Z 68 61.23 -32.18 29.60
C LEU Z 68 60.30 -31.14 29.01
N ILE Z 69 59.41 -30.59 29.83
CA ILE Z 69 58.38 -29.69 29.34
C ILE Z 69 58.66 -28.24 29.68
N LYS Z 70 59.20 -27.94 30.86
CA LYS Z 70 59.40 -26.55 31.25
C LYS Z 70 60.58 -26.43 32.19
N VAL Z 71 61.36 -25.36 32.02
CA VAL Z 71 62.36 -24.95 33.01
C VAL Z 71 62.12 -23.48 33.32
N SER Z 72 62.58 -23.07 34.49
CA SER Z 72 62.39 -21.70 34.93
C SER Z 72 63.53 -20.83 34.39
N GLU Z 73 63.61 -19.60 34.86
CA GLU Z 73 64.57 -18.62 34.37
C GLU Z 73 65.72 -18.45 35.36
N GLY Z 74 66.72 -17.69 34.94
CA GLY Z 74 67.77 -17.25 35.83
C GLY Z 74 68.93 -18.22 35.94
N ALA Z 75 68.94 -19.04 36.98
CA ALA Z 75 69.99 -20.01 37.25
C ALA Z 75 71.33 -19.33 37.50
N ALA Z 76 71.36 -18.52 38.52
CA ALA Z 76 72.60 -18.02 39.08
C ALA Z 76 72.97 -18.83 40.31
N PRO Z 77 74.26 -18.96 40.63
CA PRO Z 77 74.66 -19.75 41.80
C PRO Z 77 73.94 -19.30 43.07
N GLY Z 78 73.18 -20.22 43.66
CA GLY Z 78 72.32 -19.91 44.78
C GLY Z 78 70.86 -19.78 44.45
N ASP Z 79 70.51 -19.73 43.17
CA ASP Z 79 69.11 -19.65 42.76
C ASP Z 79 68.49 -21.04 42.69
N THR Z 80 67.18 -21.07 42.56
CA THR Z 80 66.41 -22.30 42.52
C THR Z 80 65.98 -22.56 41.07
N LEU Z 81 66.30 -23.74 40.57
CA LEU Z 81 65.98 -24.14 39.21
C LEU Z 81 64.93 -25.25 39.26
N THR Z 82 63.80 -25.02 38.60
CA THR Z 82 62.70 -25.98 38.59
C THR Z 82 62.52 -26.56 37.20
N ILE Z 83 62.41 -27.88 37.13
CA ILE Z 83 62.24 -28.62 35.89
C ILE Z 83 60.97 -29.44 35.99
N GLN Z 84 60.17 -29.44 34.92
CA GLN Z 84 58.93 -30.19 34.88
C GLN Z 84 58.91 -31.10 33.67
N GLY Z 85 58.45 -32.33 33.87
CA GLY Z 85 58.49 -33.33 32.84
C GLY Z 85 57.50 -34.41 33.09
N ARG Z 86 57.71 -35.59 32.47
CA ARG Z 86 56.77 -36.68 32.64
C ARG Z 86 57.36 -37.92 33.30
N TYR Z 87 58.37 -38.56 32.70
CA TYR Z 87 58.91 -39.79 33.26
C TYR Z 87 60.27 -39.56 33.92
N LEU Z 88 60.29 -38.75 34.98
CA LEU Z 88 61.56 -38.26 35.51
C LEU Z 88 62.15 -39.13 36.60
N GLY Z 89 61.44 -40.14 37.09
CA GLY Z 89 62.02 -41.14 37.97
C GLY Z 89 62.32 -40.72 39.40
N ASN Z 90 63.47 -41.14 39.91
CA ASN Z 90 63.92 -40.89 41.27
C ASN Z 90 65.22 -40.11 41.27
N ALA Z 91 65.48 -39.44 42.39
CA ALA Z 91 66.80 -38.85 42.63
C ALA Z 91 67.86 -39.90 42.87
N GLN Z 92 67.47 -41.11 43.25
CA GLN Z 92 68.40 -42.22 43.43
C GLN Z 92 68.64 -43.01 42.15
N THR Z 93 67.90 -42.73 41.10
CA THR Z 93 68.01 -43.44 39.83
C THR Z 93 68.48 -42.56 38.68
N ALA Z 94 68.32 -41.24 38.79
CA ALA Z 94 68.56 -40.33 37.68
C ALA Z 94 69.47 -39.19 38.11
N ARG Z 95 69.90 -38.39 37.14
CA ARG Z 95 70.73 -37.23 37.38
C ARG Z 95 70.46 -36.18 36.32
N VAL Z 96 70.71 -34.91 36.67
CA VAL Z 96 70.53 -33.79 35.76
C VAL Z 96 71.89 -33.35 35.24
N ILE Z 97 71.98 -33.13 33.93
CA ILE Z 97 73.23 -32.75 33.27
C ILE Z 97 73.01 -31.40 32.60
N ILE Z 98 73.92 -30.47 32.82
CA ILE Z 98 73.83 -29.12 32.29
C ILE Z 98 75.14 -28.81 31.58
N GLY Z 99 75.08 -27.87 30.65
CA GLY Z 99 76.24 -27.52 29.88
C GLY Z 99 76.50 -28.40 28.68
N ALA Z 100 75.56 -29.24 28.28
CA ALA Z 100 75.74 -30.15 27.17
C ALA Z 100 75.42 -29.45 25.86
N ASP Z 101 75.69 -30.13 24.75
CA ASP Z 101 75.38 -29.60 23.44
C ASP Z 101 74.03 -30.17 22.99
N GLU Z 102 73.66 -29.93 21.73
CA GLU Z 102 72.36 -30.34 21.23
C GLU Z 102 72.13 -31.84 21.36
N ASN Z 103 73.20 -32.64 21.35
CA ASN Z 103 73.09 -34.09 21.32
C ASN Z 103 73.28 -34.72 22.69
N GLY Z 104 73.44 -33.92 23.74
CA GLY Z 104 73.67 -34.43 25.06
C GLY Z 104 75.10 -34.69 25.42
N GLN Z 105 76.03 -34.49 24.49
CA GLN Z 105 77.44 -34.74 24.75
C GLN Z 105 78.05 -33.62 25.56
N GLY Z 106 79.14 -33.92 26.26
CA GLY Z 106 79.69 -32.92 27.14
C GLY Z 106 78.80 -32.71 28.34
N GLY Z 107 79.03 -31.60 29.01
CA GLY Z 107 78.18 -31.21 30.12
C GLY Z 107 78.61 -31.84 31.44
N THR Z 108 78.16 -31.21 32.52
CA THR Z 108 78.51 -31.62 33.87
C THR Z 108 77.24 -31.90 34.65
N ALA Z 109 77.27 -32.94 35.46
CA ALA Z 109 76.09 -33.34 36.22
C ALA Z 109 75.98 -32.54 37.51
N PHE Z 110 74.75 -32.24 37.89
CA PHE Z 110 74.50 -31.60 39.17
C PHE Z 110 74.90 -32.55 40.30
N PRO Z 111 75.45 -32.03 41.40
CA PRO Z 111 75.70 -32.88 42.56
C PRO Z 111 74.40 -33.33 43.20
N ALA Z 112 74.46 -34.49 43.86
CA ALA Z 112 73.27 -35.00 44.54
C ALA Z 112 72.84 -34.11 45.69
N SER Z 113 73.74 -33.31 46.25
CA SER Z 113 73.39 -32.37 47.31
C SER Z 113 72.63 -31.16 46.81
N ALA Z 114 72.56 -30.96 45.50
CA ALA Z 114 71.85 -29.83 44.92
C ALA Z 114 70.36 -30.07 44.79
N VAL Z 115 69.89 -31.29 45.05
CA VAL Z 115 68.51 -31.66 44.82
C VAL Z 115 67.70 -31.33 46.06
N GLN Z 116 66.66 -30.51 45.90
CA GLN Z 116 65.74 -30.20 46.98
C GLN Z 116 64.51 -31.10 46.95
N SER Z 117 63.95 -31.33 45.77
CA SER Z 117 62.81 -32.21 45.57
C SER Z 117 63.00 -32.95 44.26
N TRP Z 118 62.41 -34.14 44.16
CA TRP Z 118 62.47 -34.89 42.92
C TRP Z 118 61.25 -35.82 42.87
N SER Z 119 60.25 -35.39 42.12
CA SER Z 119 59.11 -36.23 41.79
C SER Z 119 59.29 -36.76 40.36
N ASP Z 120 58.33 -37.54 39.89
CA ASP Z 120 58.39 -38.00 38.52
C ASP Z 120 57.95 -36.92 37.53
N THR Z 121 57.42 -35.80 38.01
CA THR Z 121 57.02 -34.71 37.14
C THR Z 121 57.61 -33.37 37.52
N GLU Z 122 58.49 -33.30 38.52
CA GLU Z 122 59.10 -32.03 38.90
C GLU Z 122 60.41 -32.28 39.63
N ILE Z 123 61.44 -31.51 39.26
CA ILE Z 123 62.72 -31.53 39.95
C ILE Z 123 63.04 -30.09 40.36
N VAL Z 124 63.43 -29.92 41.62
CA VAL Z 124 63.81 -28.62 42.15
C VAL Z 124 65.27 -28.71 42.59
N LEU Z 125 66.07 -27.74 42.18
CA LEU Z 125 67.51 -27.77 42.40
C LEU Z 125 67.98 -26.45 42.99
N LYS Z 126 69.16 -26.49 43.60
CA LYS Z 126 69.91 -25.30 43.97
C LYS Z 126 71.18 -25.24 43.13
N VAL Z 127 71.37 -24.15 42.42
CA VAL Z 127 72.50 -24.05 41.49
C VAL Z 127 73.77 -23.89 42.31
N PRO Z 128 74.76 -24.76 42.13
CA PRO Z 128 76.00 -24.68 42.89
C PRO Z 128 76.90 -23.58 42.33
N GLU Z 129 78.10 -23.50 42.88
CA GLU Z 129 79.10 -22.56 42.39
C GLU Z 129 80.05 -23.28 41.43
N GLY Z 130 80.25 -22.70 40.26
CA GLY Z 130 81.19 -23.25 39.31
C GLY Z 130 80.58 -23.77 38.02
N MET Z 131 79.28 -23.54 37.82
CA MET Z 131 78.67 -23.93 36.57
C MET Z 131 79.08 -22.97 35.45
N PRO Z 132 79.12 -23.44 34.21
CA PRO Z 132 79.55 -22.59 33.09
C PRO Z 132 78.45 -21.62 32.69
N ALA Z 133 78.73 -20.33 32.83
CA ALA Z 133 77.77 -19.31 32.47
C ALA Z 133 77.59 -19.26 30.95
N GLY Z 134 76.43 -18.80 30.52
CA GLY Z 134 76.07 -18.76 29.12
C GLY Z 134 75.00 -19.78 28.80
N GLY Z 135 74.69 -19.85 27.51
CA GLY Z 135 73.65 -20.77 27.05
C GLY Z 135 74.18 -22.17 26.86
N SER Z 136 73.33 -23.15 27.17
CA SER Z 136 73.69 -24.55 27.09
C SER Z 136 72.41 -25.36 27.12
N TRP Z 137 72.56 -26.69 27.07
CA TRP Z 137 71.43 -27.60 27.03
C TRP Z 137 71.35 -28.39 28.33
N LEU Z 138 70.13 -28.65 28.76
CA LEU Z 138 69.87 -29.38 29.99
C LEU Z 138 69.14 -30.68 29.64
N PHE Z 139 69.62 -31.78 30.23
CA PHE Z 139 69.03 -33.09 30.02
C PHE Z 139 68.85 -33.77 31.36
N VAL Z 140 67.93 -34.72 31.41
CA VAL Z 140 67.75 -35.59 32.56
C VAL Z 140 67.96 -37.02 32.08
N GLU Z 141 68.85 -37.75 32.75
CA GLU Z 141 69.15 -39.13 32.39
C GLU Z 141 68.55 -40.04 33.45
N VAL Z 142 67.47 -40.74 33.08
CA VAL Z 142 66.75 -41.61 34.00
C VAL Z 142 67.12 -43.05 33.68
N GLY Z 143 67.79 -43.72 34.62
CA GLY Z 143 68.20 -45.09 34.40
C GLY Z 143 69.09 -45.28 33.20
N GLY Z 144 69.92 -44.29 32.89
CA GLY Z 144 70.79 -44.34 31.74
C GLY Z 144 70.17 -43.89 30.44
N LYS Z 145 68.88 -43.59 30.43
CA LYS Z 145 68.19 -43.15 29.23
C LYS Z 145 68.06 -41.63 29.24
N ARG Z 146 68.43 -41.00 28.12
CA ARG Z 146 68.43 -39.55 28.03
C ARG Z 146 67.05 -39.02 27.62
N SER Z 147 66.71 -37.86 28.14
CA SER Z 147 65.43 -37.24 27.87
C SER Z 147 65.54 -36.38 26.61
N THR Z 148 64.48 -35.65 26.32
CA THR Z 148 64.54 -34.54 25.37
C THR Z 148 65.07 -33.31 26.11
N GLY Z 149 65.85 -32.51 25.41
CA GLY Z 149 66.51 -31.41 26.07
C GLY Z 149 65.75 -30.11 26.03
N LEU Z 150 66.19 -29.19 26.88
CA LEU Z 150 65.74 -27.81 26.87
C LEU Z 150 66.96 -26.91 26.99
N ARG Z 151 66.90 -25.74 26.37
CA ARG Z 151 67.97 -24.76 26.48
C ARG Z 151 67.80 -23.95 27.76
N VAL Z 152 68.91 -23.81 28.49
CA VAL Z 152 68.91 -23.10 29.75
C VAL Z 152 70.01 -22.05 29.68
N SER Z 153 69.84 -20.98 30.45
CA SER Z 153 70.78 -19.87 30.47
C SER Z 153 71.37 -19.76 31.87
N VAL Z 154 72.61 -20.18 32.03
CA VAL Z 154 73.30 -20.07 33.32
C VAL Z 154 73.86 -18.67 33.44
N ARG Z 155 73.60 -18.02 34.57
CA ARG Z 155 74.04 -16.66 34.77
C ARG Z 155 75.47 -16.63 35.29
N GLY AA 28 84.69 -81.71 -8.98
CA GLY AA 28 85.24 -81.61 -10.31
C GLY AA 28 85.75 -82.92 -10.86
N ARG AA 29 85.33 -83.25 -12.08
CA ARG AA 29 85.71 -84.50 -12.73
C ARG AA 29 86.15 -84.22 -14.16
N VAL AA 30 87.09 -85.02 -14.64
CA VAL AA 30 87.55 -84.96 -16.02
C VAL AA 30 87.23 -86.29 -16.68
N ASN AA 31 86.62 -86.24 -17.85
CA ASN AA 31 86.23 -87.45 -18.56
C ASN AA 31 86.26 -87.15 -20.06
N VAL AA 32 87.33 -87.56 -20.72
CA VAL AA 32 87.53 -87.31 -22.14
C VAL AA 32 87.74 -88.64 -22.84
N GLY AA 33 87.11 -88.81 -24.00
CA GLY AA 33 87.26 -90.01 -24.79
C GLY AA 33 87.87 -89.69 -26.14
N VAL AA 34 88.51 -90.70 -26.73
CA VAL AA 34 89.30 -90.52 -27.94
C VAL AA 34 88.93 -91.57 -28.97
N ASP AA 35 88.74 -91.13 -30.21
CA ASP AA 35 88.58 -92.01 -31.36
C ASP AA 35 89.85 -91.93 -32.19
N VAL AA 36 90.59 -93.05 -32.25
CA VAL AA 36 91.97 -92.99 -32.72
C VAL AA 36 92.04 -93.17 -34.24
N GLY AA 37 91.42 -94.21 -34.77
CA GLY AA 37 91.36 -94.37 -36.21
C GLY AA 37 92.71 -94.67 -36.84
N ASP AA 38 93.22 -95.88 -36.62
CA ASP AA 38 94.58 -96.25 -37.00
C ASP AA 38 94.67 -96.87 -38.39
N ALA AA 39 93.77 -96.51 -39.30
CA ALA AA 39 93.85 -96.99 -40.66
C ALA AA 39 94.80 -96.11 -41.48
N GLY AA 40 95.38 -96.72 -42.52
CA GLY AA 40 96.31 -96.00 -43.37
C GLY AA 40 97.54 -95.50 -42.64
N SER AA 41 98.08 -96.31 -41.73
CA SER AA 41 99.19 -95.89 -40.88
C SER AA 41 100.47 -96.66 -41.12
N GLU AA 42 100.45 -97.73 -41.90
CA GLU AA 42 101.65 -98.50 -42.21
C GLU AA 42 102.00 -98.36 -43.68
N GLN AA 43 103.28 -98.14 -43.96
CA GLN AA 43 103.77 -98.01 -45.31
C GLN AA 43 103.86 -99.40 -45.95
N VAL AA 44 103.38 -99.51 -47.19
CA VAL AA 44 103.34 -100.79 -47.89
C VAL AA 44 104.62 -100.94 -48.72
N ALA AA 45 105.33 -102.04 -48.49
CA ALA AA 45 106.54 -102.34 -49.25
C ALA AA 45 106.66 -103.79 -49.68
N THR AA 46 105.83 -104.70 -49.15
CA THR AA 46 105.95 -106.13 -49.44
C THR AA 46 105.37 -106.43 -50.83
N LEU AA 47 106.12 -106.01 -51.84
CA LEU AA 47 105.78 -106.26 -53.24
C LEU AA 47 107.05 -106.74 -53.94
N THR AA 48 107.29 -108.05 -53.91
CA THR AA 48 108.37 -108.61 -54.71
C THR AA 48 108.11 -108.47 -56.20
N ILE AA 49 106.84 -108.37 -56.59
CA ILE AA 49 106.46 -108.02 -57.96
C ILE AA 49 106.63 -106.51 -58.12
N THR AA 50 106.11 -105.95 -59.21
CA THR AA 50 106.36 -104.55 -59.48
C THR AA 50 105.17 -103.95 -60.22
N PRO AA 51 105.12 -102.61 -60.21
CA PRO AA 51 104.21 -101.85 -61.04
C PRO AA 51 104.79 -101.60 -62.43
N GLU AA 52 105.93 -102.22 -62.74
CA GLU AA 52 106.56 -102.12 -64.05
C GLU AA 52 105.83 -103.05 -65.02
N LYS AA 53 106.46 -103.33 -66.16
CA LYS AA 53 105.82 -104.10 -67.22
C LYS AA 53 105.22 -105.41 -66.71
N CYS AA 54 106.08 -106.31 -66.23
CA CYS AA 54 105.58 -107.56 -65.62
C CYS AA 54 106.61 -108.04 -64.59
N ASP AA 55 106.42 -107.60 -63.34
CA ASP AA 55 107.17 -108.09 -62.18
C ASP AA 55 108.65 -108.32 -62.47
N ASP AA 56 109.30 -107.38 -63.14
CA ASP AA 56 110.66 -107.61 -63.60
C ASP AA 56 111.66 -106.56 -63.10
N LYS AA 57 111.28 -105.29 -63.08
CA LYS AA 57 112.24 -104.21 -62.86
C LYS AA 57 112.16 -103.61 -61.47
N GLY AA 58 110.98 -103.10 -61.08
CA GLY AA 58 110.85 -102.33 -59.84
C GLY AA 58 110.70 -103.27 -58.65
N VAL AA 59 111.80 -103.97 -58.34
CA VAL AA 59 111.82 -104.89 -57.22
C VAL AA 59 112.03 -104.15 -55.91
N PRO AA 74 98.59 -90.14 -41.39
CA PRO AA 74 98.89 -90.46 -40.00
C PRO AA 74 97.64 -90.79 -39.21
N VAL AA 75 97.81 -91.35 -38.01
CA VAL AA 75 96.68 -91.66 -37.15
C VAL AA 75 96.08 -90.37 -36.61
N THR AA 76 94.76 -90.26 -36.68
CA THR AA 76 94.05 -89.03 -36.32
C THR AA 76 93.31 -89.24 -35.00
N PHE AA 77 93.96 -88.83 -33.91
CA PHE AA 77 93.31 -88.87 -32.60
C PHE AA 77 92.23 -87.81 -32.53
N THR AA 78 91.06 -88.16 -31.96
CA THR AA 78 89.93 -87.25 -31.84
C THR AA 78 89.43 -87.26 -30.41
N PHE AA 79 89.74 -86.20 -29.67
CA PHE AA 79 89.38 -86.08 -28.26
C PHE AA 79 88.08 -85.31 -28.11
N THR AA 80 87.17 -85.85 -27.30
CA THR AA 80 85.90 -85.22 -27.00
C THR AA 80 85.57 -85.42 -25.53
N ALA AA 81 85.11 -84.35 -24.88
CA ALA AA 81 84.82 -84.39 -23.46
C ALA AA 81 83.40 -84.89 -23.22
N ARG AA 82 83.26 -85.79 -22.24
CA ARG AA 82 81.98 -86.35 -21.90
C ARG AA 82 81.11 -85.31 -21.20
N PRO AA 83 79.80 -85.47 -21.23
CA PRO AA 83 78.92 -84.51 -20.55
C PRO AA 83 79.21 -84.43 -19.07
N GLY AA 84 79.20 -83.20 -18.55
CA GLY AA 84 79.49 -82.95 -17.15
C GLY AA 84 80.95 -82.84 -16.79
N SER AA 85 81.84 -82.88 -17.78
CA SER AA 85 83.27 -82.88 -17.55
C SER AA 85 83.83 -81.45 -17.55
N GLU AA 86 85.03 -81.30 -17.01
CA GLU AA 86 85.74 -80.04 -17.09
C GLU AA 86 86.44 -79.91 -18.44
N ALA AA 87 86.99 -78.73 -18.69
CA ALA AA 87 87.91 -78.58 -19.81
C ALA AA 87 89.29 -79.08 -19.39
N VAL AA 88 90.08 -79.47 -20.39
CA VAL AA 88 91.41 -80.02 -20.13
C VAL AA 88 92.30 -79.67 -21.30
N THR AA 89 93.60 -79.50 -21.00
CA THR AA 89 94.61 -79.24 -22.01
C THR AA 89 95.66 -80.34 -21.97
N ILE AA 90 95.93 -80.95 -23.11
CA ILE AA 90 96.88 -82.04 -23.21
C ILE AA 90 98.25 -81.48 -23.58
N GLU AA 91 99.27 -81.85 -22.80
CA GLU AA 91 100.61 -81.32 -22.97
C GLU AA 91 101.54 -82.24 -23.74
N GLY AA 92 101.34 -83.55 -23.64
CA GLY AA 92 102.18 -84.49 -24.36
C GLY AA 92 101.73 -85.91 -24.08
N TYR AA 93 102.59 -86.87 -24.40
CA TYR AA 93 102.28 -88.27 -24.19
C TYR AA 93 103.53 -89.04 -23.84
N ARG AA 94 103.33 -90.18 -23.16
CA ARG AA 94 104.39 -91.12 -22.82
C ARG AA 94 104.08 -92.46 -23.47
N VAL AA 95 105.09 -93.07 -24.09
CA VAL AA 95 104.95 -94.37 -24.72
C VAL AA 95 105.34 -95.42 -23.69
N LEU AA 96 104.32 -96.05 -23.09
CA LEU AA 96 104.53 -97.00 -22.01
C LEU AA 96 104.85 -98.41 -22.47
N SER AA 97 104.64 -98.72 -23.75
CA SER AA 97 104.87 -100.08 -24.25
C SER AA 97 105.01 -100.03 -25.76
N ASP AA 98 106.20 -100.40 -26.26
CA ASP AA 98 106.45 -100.49 -27.68
C ASP AA 98 106.78 -101.95 -28.02
N ARG AA 99 106.08 -102.50 -29.01
CA ARG AA 99 106.24 -103.91 -29.38
C ARG AA 99 106.20 -104.03 -30.91
N LEU AA 100 107.37 -104.17 -31.52
CA LEU AA 100 107.48 -104.44 -32.94
C LEU AA 100 107.50 -105.95 -33.13
N ASP AA 101 106.45 -106.48 -33.77
CA ASP AA 101 106.27 -107.91 -34.02
C ASP AA 101 106.23 -108.74 -32.74
N GLY AA 102 106.12 -108.10 -31.58
CA GLY AA 102 105.95 -108.79 -30.33
C GLY AA 102 107.08 -108.70 -29.33
N VAL AA 103 108.06 -107.83 -29.55
CA VAL AA 103 109.23 -107.70 -28.68
C VAL AA 103 109.11 -106.38 -27.93
N GLU AA 104 109.13 -106.45 -26.60
CA GLU AA 104 108.95 -105.28 -25.74
C GLU AA 104 110.23 -104.46 -25.76
N ARG AA 105 110.34 -103.59 -26.76
CA ARG AA 105 111.50 -102.70 -26.90
C ARG AA 105 111.18 -101.33 -26.29
N ALA AA 106 110.85 -101.33 -25.00
CA ALA AA 106 110.30 -100.13 -24.36
C ALA AA 106 111.11 -99.64 -23.17
N ASP AA 107 111.62 -100.54 -22.33
CA ASP AA 107 112.29 -100.18 -21.08
C ASP AA 107 111.38 -99.28 -20.26
N PRO AA 108 110.32 -99.82 -19.63
CA PRO AA 108 109.33 -98.97 -18.96
C PRO AA 108 109.89 -98.17 -17.79
N LYS AA 109 111.15 -98.40 -17.44
CA LYS AA 109 111.79 -97.56 -16.42
C LYS AA 109 111.97 -96.13 -16.92
N ASN AA 110 112.24 -95.96 -18.22
CA ASN AA 110 112.50 -94.66 -18.82
C ASN AA 110 111.68 -94.52 -20.09
N PRO AA 111 110.39 -94.16 -19.97
CA PRO AA 111 109.55 -94.01 -21.17
C PRO AA 111 110.05 -92.89 -22.07
N VAL AA 112 109.41 -92.79 -23.23
CA VAL AA 112 109.73 -91.78 -24.22
C VAL AA 112 108.69 -90.68 -24.08
N GLU AA 113 109.06 -89.59 -23.41
CA GLU AA 113 108.15 -88.49 -23.17
C GLU AA 113 108.14 -87.53 -24.37
N ASN AA 114 106.97 -86.94 -24.61
CA ASN AA 114 106.83 -85.84 -25.55
C ASN AA 114 106.20 -84.66 -24.82
N ALA AA 115 106.63 -83.46 -25.15
CA ALA AA 115 106.14 -82.23 -24.53
C ALA AA 115 105.87 -81.18 -25.59
N LYS AA 116 105.13 -81.57 -26.63
CA LYS AA 116 105.01 -80.78 -27.85
C LYS AA 116 103.55 -80.53 -28.18
N MET AA 117 102.70 -80.49 -27.16
CA MET AA 117 101.26 -80.39 -27.36
C MET AA 117 100.69 -79.25 -26.53
N ASN AA 118 99.89 -78.39 -27.18
CA ASN AA 118 98.99 -77.46 -26.50
C ASN AA 118 97.63 -77.66 -27.14
N LEU AA 119 96.90 -78.65 -26.66
CA LEU AA 119 95.63 -79.06 -27.25
C LEU AA 119 94.52 -78.86 -26.23
N TYR AA 120 93.55 -78.03 -26.58
CA TYR AA 120 92.46 -77.67 -25.67
C TYR AA 120 91.23 -78.49 -25.98
N VAL AA 121 90.71 -79.18 -24.98
CA VAL AA 121 89.48 -79.96 -25.08
C VAL AA 121 88.38 -79.18 -24.35
N PRO AA 122 87.39 -78.65 -25.06
CA PRO AA 122 86.33 -77.87 -24.41
C PRO AA 122 85.59 -78.68 -23.34
N SER AA 123 84.80 -77.94 -22.55
CA SER AA 123 84.32 -78.45 -21.26
C SER AA 123 83.42 -79.66 -21.43
N GLY AA 124 82.48 -79.61 -22.37
CA GLY AA 124 81.49 -80.67 -22.45
C GLY AA 124 80.15 -80.20 -21.94
N TYR AA 125 79.85 -78.93 -22.18
CA TYR AA 125 78.56 -78.33 -21.90
C TYR AA 125 78.05 -77.67 -23.17
N ALA AA 126 76.88 -77.05 -23.09
CA ALA AA 126 76.32 -76.34 -24.22
C ALA AA 126 75.58 -75.12 -23.71
N CYS AA 127 75.68 -74.02 -24.44
CA CYS AA 127 75.06 -72.76 -24.04
C CYS AA 127 74.81 -71.93 -25.29
N GLU AA 128 74.52 -70.65 -25.10
CA GLU AA 128 74.19 -69.76 -26.21
C GLU AA 128 75.39 -68.98 -26.70
N GLY AA 129 76.26 -68.52 -25.81
CA GLY AA 129 77.38 -67.69 -26.15
C GLY AA 129 78.66 -68.42 -26.47
N LEU AA 130 78.62 -69.75 -26.57
CA LEU AA 130 79.82 -70.53 -26.80
C LEU AA 130 80.38 -70.26 -28.19
N THR AA 131 81.68 -69.96 -28.25
CA THR AA 131 82.37 -69.75 -29.51
C THR AA 131 82.84 -71.11 -30.05
N ALA AA 132 83.73 -71.08 -31.04
CA ALA AA 132 84.17 -72.31 -31.68
C ALA AA 132 84.98 -73.18 -30.73
N GLY AA 133 86.10 -72.67 -30.24
CA GLY AA 133 86.99 -73.47 -29.43
C GLY AA 133 87.11 -73.06 -27.99
N ALA AA 134 85.99 -72.69 -27.37
CA ALA AA 134 85.98 -72.23 -25.99
C ALA AA 134 85.14 -73.18 -25.12
N SER AA 135 85.03 -72.83 -23.85
CA SER AA 135 84.20 -73.56 -22.90
C SER AA 135 83.19 -72.61 -22.27
N CYS AA 136 82.05 -73.16 -21.88
CA CYS AA 136 81.05 -72.38 -21.17
C CYS AA 136 81.57 -71.95 -19.81
N GLN AA 137 81.11 -70.79 -19.36
CA GLN AA 137 81.48 -70.33 -18.02
C GLN AA 137 80.93 -71.26 -16.95
N GLY AA 138 79.68 -71.71 -17.11
CA GLY AA 138 79.06 -72.64 -16.19
C GLY AA 138 77.84 -72.11 -15.46
N ASN AA 139 77.43 -70.87 -15.72
CA ASN AA 139 76.30 -70.26 -15.03
C ASN AA 139 75.42 -69.49 -16.01
N GLU AA 140 75.12 -70.11 -17.15
CA GLU AA 140 74.41 -69.43 -18.22
C GLU AA 140 72.89 -69.48 -18.06
N SER AA 141 72.37 -70.29 -17.13
CA SER AA 141 70.94 -70.47 -16.90
C SER AA 141 70.29 -71.17 -18.08
N ASP AA 142 71.08 -71.38 -19.14
CA ASP AA 142 70.68 -72.14 -20.31
C ASP AA 142 71.53 -73.38 -20.49
N ILE AA 143 72.56 -73.53 -19.65
CA ILE AA 143 73.62 -74.50 -19.90
C ILE AA 143 73.10 -75.93 -19.71
N ARG AA 144 73.50 -76.80 -20.63
CA ARG AA 144 73.23 -78.23 -20.54
C ARG AA 144 74.55 -78.97 -20.40
N ILE AA 145 74.46 -80.29 -20.22
CA ILE AA 145 75.61 -81.17 -20.31
C ILE AA 145 75.53 -81.88 -21.65
N ALA AA 146 76.57 -81.75 -22.46
CA ALA AA 146 76.58 -82.33 -23.79
C ALA AA 146 77.98 -82.86 -24.05
N ASN AA 147 78.21 -83.35 -25.26
CA ASN AA 147 79.54 -83.77 -25.68
C ASN AA 147 80.30 -82.56 -26.20
N GLY AA 148 81.56 -82.44 -25.78
CA GLY AA 148 82.36 -81.30 -26.17
C GLY AA 148 82.71 -81.33 -27.64
N GLN AA 149 83.20 -80.18 -28.11
CA GLN AA 149 83.63 -80.09 -29.50
C GLN AA 149 84.83 -81.00 -29.73
N PRO AA 150 84.86 -81.72 -30.86
CA PRO AA 150 86.00 -82.62 -31.12
C PRO AA 150 87.23 -81.84 -31.57
N VAL AA 151 88.37 -82.18 -30.98
CA VAL AA 151 89.66 -81.60 -31.34
C VAL AA 151 90.60 -82.75 -31.70
N GLN AA 152 91.37 -82.57 -32.76
CA GLN AA 152 92.19 -83.64 -33.32
C GLN AA 152 93.68 -83.35 -33.20
N HIS AA 153 94.45 -84.43 -33.22
CA HIS AA 153 95.90 -84.38 -33.28
C HIS AA 153 96.39 -85.56 -34.10
N GLN AA 154 97.55 -85.41 -34.72
CA GLN AA 154 98.10 -86.43 -35.60
C GLN AA 154 99.49 -86.83 -35.12
N ILE AA 155 99.72 -88.13 -35.05
CA ILE AA 155 101.03 -88.70 -34.74
C ILE AA 155 101.32 -89.73 -35.82
N TYR AA 156 102.25 -89.42 -36.73
CA TYR AA 156 102.61 -90.33 -37.81
C TYR AA 156 103.62 -91.33 -37.29
N PHE AA 157 103.22 -92.59 -37.23
CA PHE AA 157 104.08 -93.66 -36.71
C PHE AA 157 104.87 -94.32 -37.83
N ARG AA 174 103.80 -103.28 -35.37
CA ARG AA 174 104.09 -102.44 -34.21
C ARG AA 174 102.81 -101.97 -33.52
N VAL AA 175 102.74 -102.17 -32.21
CA VAL AA 175 101.62 -101.68 -31.40
C VAL AA 175 102.21 -100.92 -30.21
N VAL AA 176 101.84 -99.65 -30.08
CA VAL AA 176 102.33 -98.80 -29.00
C VAL AA 176 101.18 -98.44 -28.08
N ASP AA 177 101.50 -98.20 -26.81
CA ASP AA 177 100.52 -97.87 -25.80
C ASP AA 177 100.83 -96.48 -25.26
N LEU AA 178 100.14 -95.48 -25.79
CA LEU AA 178 100.35 -94.10 -25.40
C LEU AA 178 99.73 -93.81 -24.04
N GLU AA 179 100.05 -92.63 -23.51
CA GLU AA 179 99.39 -92.13 -22.30
C GLU AA 179 99.50 -90.60 -22.35
N PHE AA 180 98.43 -89.94 -22.77
CA PHE AA 180 98.41 -88.48 -22.79
C PHE AA 180 98.35 -87.92 -21.37
N TYR AA 181 98.95 -86.75 -21.19
CA TYR AA 181 98.88 -86.07 -19.90
C TYR AA 181 98.62 -84.59 -20.12
N GLY AA 182 98.30 -83.91 -19.03
CA GLY AA 182 97.95 -82.50 -19.09
C GLY AA 182 97.39 -82.02 -17.78
N PHE AA 183 96.54 -81.00 -17.85
CA PHE AA 183 95.93 -80.41 -16.67
C PHE AA 183 94.54 -79.92 -17.02
N SER AA 184 93.65 -79.92 -16.03
CA SER AA 184 92.26 -79.55 -16.26
C SER AA 184 92.11 -78.03 -16.14
N ALA AA 185 90.86 -77.55 -16.13
CA ALA AA 185 90.62 -76.13 -15.96
C ALA AA 185 90.89 -75.66 -14.54
N ASN AA 186 90.94 -76.58 -13.58
CA ASN AA 186 91.34 -76.27 -12.21
C ASN AA 186 92.80 -76.56 -11.97
N ASN AA 187 93.57 -76.83 -13.03
CA ASN AA 187 95.01 -77.02 -12.96
C ASN AA 187 95.37 -78.23 -12.11
N VAL AA 188 94.77 -79.38 -12.42
CA VAL AA 188 95.12 -80.62 -11.74
C VAL AA 188 95.58 -81.64 -12.78
N PRO AA 189 96.56 -82.48 -12.47
CA PRO AA 189 97.14 -83.37 -13.48
C PRO AA 189 96.13 -84.37 -14.02
N PHE AA 190 96.35 -84.76 -15.27
CA PHE AA 190 95.42 -85.61 -16.01
C PHE AA 190 96.20 -86.65 -16.81
N THR AA 191 95.66 -87.87 -16.87
CA THR AA 191 96.25 -88.96 -17.66
C THR AA 191 95.16 -89.75 -18.36
N ARG AA 192 95.43 -90.17 -19.59
CA ARG AA 192 94.43 -90.86 -20.41
C ARG AA 192 95.15 -91.87 -21.29
N LYS AA 193 94.97 -93.17 -21.00
CA LYS AA 193 95.67 -94.21 -21.72
C LYS AA 193 94.93 -94.57 -23.00
N VAL AA 194 95.67 -94.70 -24.10
CA VAL AA 194 95.10 -94.96 -25.41
C VAL AA 194 95.71 -96.24 -25.97
N THR AA 195 95.94 -97.21 -25.07
CA THR AA 195 96.54 -98.50 -25.41
C THR AA 195 95.95 -99.12 -26.68
N GLY AA 196 96.81 -99.81 -27.44
CA GLY AA 196 96.39 -100.70 -28.50
C GLY AA 196 96.58 -100.21 -29.92
N ILE AA 197 97.04 -98.98 -30.13
CA ILE AA 197 97.12 -98.45 -31.49
C ILE AA 197 98.16 -99.23 -32.29
N VAL AA 198 97.85 -99.49 -33.55
CA VAL AA 198 98.60 -100.42 -34.40
C VAL AA 198 99.38 -99.63 -35.44
N SER AA 199 100.69 -99.83 -35.47
CA SER AA 199 101.58 -99.25 -36.48
C SER AA 199 101.41 -97.75 -36.65
N THR BA 34 -76.78 131.77 45.22
CA THR BA 34 -77.72 131.02 44.38
C THR BA 34 -79.13 131.61 44.47
N VAL BA 35 -79.93 131.37 43.43
CA VAL BA 35 -81.30 131.85 43.38
C VAL BA 35 -82.16 130.80 42.70
N TYR BA 36 -83.40 130.68 43.17
CA TYR BA 36 -84.39 129.79 42.59
C TYR BA 36 -85.47 130.64 41.92
N ARG BA 37 -85.64 130.47 40.62
CA ARG BA 37 -86.69 131.17 39.90
C ARG BA 37 -87.30 130.23 38.88
N ASP BA 38 -88.62 130.28 38.75
CA ASP BA 38 -89.37 129.45 37.81
C ASP BA 38 -90.18 130.37 36.90
N PRO BA 39 -89.64 130.75 35.75
CA PRO BA 39 -90.31 131.72 34.88
C PRO BA 39 -91.53 131.14 34.15
N SER BA 40 -92.34 130.39 34.89
CA SER BA 40 -93.62 129.89 34.38
C SER BA 40 -94.69 129.94 35.46
N LEU BA 41 -94.47 130.70 36.52
CA LEU BA 41 -95.42 130.82 37.63
C LEU BA 41 -95.69 132.29 37.91
N THR BA 42 -96.76 132.54 38.64
CA THR BA 42 -97.13 133.90 39.00
C THR BA 42 -96.04 134.52 39.87
N SER BA 43 -95.79 135.82 39.65
CA SER BA 43 -94.81 136.57 40.42
C SER BA 43 -95.45 137.42 41.50
N ALA BA 44 -96.73 137.22 41.79
CA ALA BA 44 -97.40 138.03 42.79
C ALA BA 44 -96.83 137.75 44.18
N PRO BA 45 -96.73 138.77 45.03
CA PRO BA 45 -96.16 138.55 46.37
C PRO BA 45 -97.08 137.73 47.24
N ILE BA 46 -96.47 137.02 48.19
CA ILE BA 46 -97.18 136.23 49.18
C ILE BA 46 -96.74 136.66 50.57
N THR BA 47 -97.43 136.14 51.58
CA THR BA 47 -97.09 136.44 52.97
C THR BA 47 -97.65 135.30 53.82
N ALA BA 48 -96.76 134.53 54.45
CA ALA BA 48 -97.19 133.35 55.17
C ALA BA 48 -96.30 133.14 56.40
N ASN BA 49 -96.68 132.15 57.20
CA ASN BA 49 -95.99 131.82 58.44
C ASN BA 49 -96.50 130.49 58.94
N VAL BA 50 -95.61 129.71 59.55
CA VAL BA 50 -95.99 128.41 60.10
C VAL BA 50 -94.96 127.99 61.13
N GLY BA 51 -95.45 127.43 62.24
CA GLY BA 51 -94.60 126.73 63.18
C GLY BA 51 -93.64 127.56 64.01
N LYS BA 52 -93.13 126.96 65.07
CA LYS BA 52 -92.09 127.56 65.91
C LYS BA 52 -91.00 126.53 66.16
N TYR BA 53 -89.79 127.00 66.34
CA TYR BA 53 -88.66 126.11 66.58
C TYR BA 53 -88.79 125.43 67.93
N VAL BA 54 -88.30 124.20 68.02
CA VAL BA 54 -88.50 123.40 69.23
C VAL BA 54 -87.32 123.50 70.18
N GLY BA 55 -86.10 123.43 69.68
CA GLY BA 55 -84.94 123.30 70.54
C GLY BA 55 -84.44 124.63 71.04
N PRO BA 56 -83.41 124.59 71.89
CA PRO BA 56 -82.79 125.83 72.35
C PRO BA 56 -81.73 126.35 71.40
N LEU BA 57 -81.23 125.52 70.49
CA LEU BA 57 -80.20 125.95 69.56
C LEU BA 57 -80.78 126.50 68.27
N SER BA 58 -81.81 125.86 67.73
CA SER BA 58 -82.47 126.40 66.56
C SER BA 58 -83.14 127.73 66.85
N THR BA 59 -83.61 127.93 68.07
CA THR BA 59 -84.21 129.21 68.43
C THR BA 59 -83.15 130.28 68.65
N PHE BA 60 -82.02 129.93 69.27
CA PHE BA 60 -80.96 130.91 69.47
C PHE BA 60 -80.40 131.38 68.14
N LEU BA 61 -80.00 130.44 67.29
CA LEU BA 61 -79.77 130.77 65.90
C LEU BA 61 -81.10 131.17 65.27
N ALA BA 62 -81.03 131.73 64.06
CA ALA BA 62 -82.24 132.16 63.36
C ALA BA 62 -82.98 133.25 64.12
N SER BA 63 -82.42 133.66 65.25
CA SER BA 63 -82.87 134.82 66.01
C SER BA 63 -81.80 135.88 66.13
N ILE BA 64 -80.54 135.48 66.33
CA ILE BA 64 -79.45 136.42 66.21
C ILE BA 64 -79.26 136.84 64.76
N ALA BA 65 -79.65 135.98 63.83
CA ALA BA 65 -79.59 136.33 62.42
C ALA BA 65 -80.78 137.17 61.99
N LYS BA 66 -81.84 137.24 62.79
CA LYS BA 66 -82.91 138.18 62.52
C LYS BA 66 -82.62 139.55 63.09
N SER BA 67 -81.61 139.68 63.95
CA SER BA 67 -81.12 141.01 64.33
C SER BA 67 -80.55 141.72 63.11
N ALA BA 68 -79.81 141.00 62.27
CA ALA BA 68 -79.54 141.46 60.92
C ALA BA 68 -80.71 141.04 60.03
N GLY BA 69 -80.63 141.35 58.74
CA GLY BA 69 -81.72 140.93 57.88
C GLY BA 69 -81.46 139.58 57.26
N TYR BA 70 -81.95 138.52 57.88
CA TYR BA 70 -81.72 137.16 57.39
C TYR BA 70 -82.87 136.29 57.88
N GLU BA 71 -83.07 135.16 57.19
CA GLU BA 71 -84.27 134.36 57.34
C GLU BA 71 -83.94 132.87 57.46
N VAL BA 72 -83.02 132.54 58.36
CA VAL BA 72 -82.41 131.22 58.47
C VAL BA 72 -83.35 130.05 58.22
N VAL BA 73 -82.92 129.11 57.36
CA VAL BA 73 -83.66 127.91 57.03
C VAL BA 73 -82.74 126.71 57.27
N PHE BA 74 -83.22 125.73 58.03
CA PHE BA 74 -82.41 124.57 58.40
C PHE BA 74 -82.71 123.39 57.49
N ASN BA 75 -81.66 122.73 57.02
CA ASN BA 75 -81.80 121.56 56.18
C ASN BA 75 -81.96 120.26 56.96
N PHE BA 76 -81.85 120.30 58.29
CA PHE BA 76 -81.91 119.10 59.10
C PHE BA 76 -82.42 119.47 60.48
N ASN BA 77 -82.62 118.45 61.31
CA ASN BA 77 -83.09 118.65 62.68
C ASN BA 77 -81.91 119.01 63.54
N ILE BA 78 -81.63 120.32 63.64
CA ILE BA 78 -80.46 120.76 64.37
C ILE BA 78 -80.58 120.51 65.87
N ASP BA 79 -81.80 120.31 66.36
CA ASP BA 79 -82.04 120.09 67.78
C ASP BA 79 -81.90 118.62 68.17
N ALA BA 80 -81.56 117.74 67.23
CA ALA BA 80 -81.30 116.35 67.52
C ALA BA 80 -79.82 116.06 67.65
N LEU BA 81 -78.99 117.09 67.78
CA LEU BA 81 -77.59 116.90 68.09
C LEU BA 81 -77.42 116.61 69.58
N ALA BA 82 -76.18 116.55 70.03
CA ALA BA 82 -75.87 116.36 71.44
C ALA BA 82 -75.63 117.72 72.06
N LEU BA 83 -76.56 118.19 72.89
CA LEU BA 83 -76.52 119.53 73.43
C LEU BA 83 -76.77 119.48 74.93
N ILE BA 84 -75.94 120.19 75.69
CA ILE BA 84 -76.02 120.21 77.15
C ILE BA 84 -76.23 121.64 77.61
N ASN BA 85 -77.03 121.81 78.65
CA ASN BA 85 -77.46 123.13 79.10
C ASN BA 85 -78.01 123.00 80.50
N GLY BA 86 -78.18 124.15 81.16
CA GLY BA 86 -78.82 124.15 82.46
C GLY BA 86 -80.28 123.75 82.38
N GLU BA 87 -80.98 124.26 81.37
CA GLU BA 87 -82.40 123.98 81.22
C GLU BA 87 -82.67 122.62 80.58
N ILE BA 88 -81.73 122.10 79.79
CA ILE BA 88 -81.94 120.84 79.11
C ILE BA 88 -82.08 119.70 80.11
N VAL BA 89 -81.23 119.69 81.14
CA VAL BA 89 -81.24 118.57 82.08
C VAL BA 89 -82.15 118.82 83.29
N PHE BA 90 -82.35 120.07 83.67
CA PHE BA 90 -83.06 120.39 84.90
C PHE BA 90 -84.47 120.89 84.66
N GLY BA 91 -85.00 120.74 83.45
CA GLY BA 91 -86.31 121.28 83.19
C GLY BA 91 -86.31 122.80 83.23
N ASN BA 92 -87.48 123.36 83.50
CA ASN BA 92 -87.63 124.81 83.55
C ASN BA 92 -88.72 125.21 84.55
N THR BA 98 -91.84 122.08 79.57
CA THR BA 98 -91.84 120.93 78.66
C THR BA 98 -90.97 119.82 79.20
N THR BA 99 -90.62 118.86 78.34
CA THR BA 99 -89.80 117.73 78.71
C THR BA 99 -88.40 117.82 78.10
N SER BA 100 -88.03 118.99 77.60
CA SER BA 100 -86.65 119.28 77.20
C SER BA 100 -86.17 118.34 76.10
N TYR BA 101 -86.76 118.51 74.92
CA TYR BA 101 -86.40 117.73 73.76
C TYR BA 101 -85.00 118.12 73.30
N ALA BA 102 -83.98 117.77 74.07
CA ALA BA 102 -82.61 118.01 73.61
C ALA BA 102 -81.71 116.79 73.83
N THR BA 103 -81.86 116.11 74.97
CA THR BA 103 -81.24 114.82 75.23
C THR BA 103 -79.73 114.84 75.00
N PRO BA 104 -78.94 115.32 75.98
CA PRO BA 104 -77.48 115.42 75.81
C PRO BA 104 -76.81 114.21 75.19
N LEU BA 105 -77.47 113.06 75.21
CA LEU BA 105 -77.04 111.86 74.50
C LEU BA 105 -77.29 111.94 73.03
N GLY BA 106 -77.76 113.06 72.52
CA GLY BA 106 -78.13 113.14 71.12
C GLY BA 106 -79.47 112.49 70.87
N ARG BA 107 -79.81 112.41 69.59
CA ARG BA 107 -81.05 111.78 69.18
C ARG BA 107 -80.95 111.42 67.71
N PRO BA 108 -80.02 110.54 67.33
CA PRO BA 108 -79.66 110.41 65.92
C PRO BA 108 -80.75 109.83 65.03
N GLN BA 109 -81.77 109.18 65.58
CA GLN BA 109 -82.83 108.65 64.75
C GLN BA 109 -83.78 109.74 64.26
N GLU BA 110 -83.81 110.88 64.92
CA GLU BA 110 -84.65 112.01 64.54
C GLU BA 110 -83.83 113.16 63.98
N LEU BA 111 -82.62 112.87 63.51
CA LEU BA 111 -81.72 113.89 62.99
C LEU BA 111 -82.07 114.31 61.56
N PRO BA 112 -82.42 113.38 60.65
CA PRO BA 112 -82.70 113.83 59.28
C PRO BA 112 -84.09 114.42 59.09
N ALA BA 113 -84.77 114.80 60.17
CA ALA BA 113 -86.06 115.44 60.06
C ALA BA 113 -85.91 116.82 59.41
N LYS BA 114 -87.04 117.46 59.12
CA LYS BA 114 -87.06 118.75 58.45
C LYS BA 114 -87.92 119.70 59.28
N PRO BA 115 -87.37 120.80 59.79
CA PRO BA 115 -88.19 121.74 60.56
C PRO BA 115 -89.13 122.53 59.67
N VAL BA 116 -90.42 122.38 59.89
CA VAL BA 116 -91.43 123.17 59.17
C VAL BA 116 -91.63 124.44 59.97
N VAL BA 117 -90.72 125.40 59.74
CA VAL BA 117 -90.84 126.74 60.28
C VAL BA 117 -90.41 127.70 59.18
N HIS BA 118 -91.33 128.54 58.72
CA HIS BA 118 -91.05 129.43 57.61
C HIS BA 118 -91.69 130.78 57.87
N ASN BA 119 -91.14 131.81 57.24
CA ASN BA 119 -91.67 133.16 57.36
C ASN BA 119 -91.39 133.89 56.06
N PHE BA 120 -92.46 134.40 55.44
CA PHE BA 120 -92.36 135.09 54.17
C PHE BA 120 -93.10 136.42 54.25
N SER BA 121 -92.51 137.46 53.69
CA SER BA 121 -93.10 138.80 53.72
C SER BA 121 -92.88 139.43 52.35
N ASN BA 122 -93.96 139.54 51.57
CA ASN BA 122 -93.92 140.14 50.25
C ASN BA 122 -92.93 139.45 49.33
N ALA BA 123 -92.72 138.16 49.54
CA ALA BA 123 -91.84 137.41 48.66
C ALA BA 123 -92.60 136.98 47.40
N PRO BA 124 -91.96 137.03 46.25
CA PRO BA 124 -92.64 136.60 45.02
C PRO BA 124 -92.87 135.09 45.03
N PHE BA 125 -94.12 134.69 44.80
CA PHE BA 125 -94.44 133.28 44.66
C PHE BA 125 -93.67 132.64 43.52
N ASN BA 126 -93.24 133.44 42.55
CA ASN BA 126 -92.44 132.91 41.44
C ASN BA 126 -91.15 132.27 41.96
N GLU BA 127 -90.52 132.88 42.95
CA GLU BA 127 -89.22 132.43 43.42
C GLU BA 127 -89.24 131.92 44.85
N ALA BA 128 -90.35 132.04 45.57
CA ALA BA 128 -90.48 131.43 46.88
C ALA BA 128 -90.95 130.00 46.82
N TRP BA 129 -91.80 129.67 45.84
CA TRP BA 129 -92.23 128.28 45.67
C TRP BA 129 -91.08 127.35 45.34
N PRO BA 130 -90.23 127.62 44.34
CA PRO BA 130 -89.15 126.67 44.03
C PRO BA 130 -88.20 126.43 45.17
N LEU BA 131 -88.06 127.38 46.10
CA LEU BA 131 -87.21 127.15 47.26
C LEU BA 131 -87.79 126.06 48.15
N LEU BA 132 -89.09 126.14 48.43
CA LEU BA 132 -89.73 125.15 49.29
C LEU BA 132 -89.70 123.77 48.67
N MET BA 133 -89.80 123.67 47.36
CA MET BA 133 -89.74 122.37 46.71
C MET BA 133 -88.33 121.79 46.71
N ASP BA 134 -87.33 122.58 47.08
CA ASP BA 134 -85.97 122.08 47.25
C ASP BA 134 -85.63 121.78 48.70
N VAL BA 135 -86.26 122.45 49.65
CA VAL BA 135 -86.05 122.12 51.05
C VAL BA 135 -86.62 120.74 51.35
N TYR BA 136 -87.82 120.46 50.86
CA TYR BA 136 -88.49 119.19 51.11
C TYR BA 136 -88.29 118.18 49.99
N GLU BA 137 -87.52 118.52 48.96
CA GLU BA 137 -87.21 117.60 47.86
C GLU BA 137 -88.48 117.07 47.20
N LEU BA 138 -89.26 117.99 46.64
CA LEU BA 138 -90.47 117.64 45.92
C LEU BA 138 -90.33 118.07 44.46
N ASP BA 139 -91.28 117.60 43.65
CA ASP BA 139 -91.28 117.86 42.21
C ASP BA 139 -92.71 118.16 41.79
N TYR BA 140 -92.91 119.25 41.08
CA TYR BA 140 -94.25 119.70 40.71
C TYR BA 140 -94.39 119.82 39.21
N GLN BA 141 -95.64 119.90 38.78
CA GLN BA 141 -95.97 120.16 37.37
C GLN BA 141 -97.35 120.79 37.33
N LEU BA 142 -97.62 121.49 36.23
CA LEU BA 142 -98.84 122.28 36.08
C LEU BA 142 -99.85 121.56 35.21
N VAL BA 143 -101.11 121.60 35.63
CA VAL BA 143 -102.22 121.01 34.89
C VAL BA 143 -103.30 122.07 34.77
N LYS BA 144 -104.03 122.06 33.66
CA LYS BA 144 -105.12 123.00 33.42
C LYS BA 144 -106.45 122.28 33.50
N VAL BA 145 -107.37 122.81 34.30
CA VAL BA 145 -108.70 122.23 34.45
C VAL BA 145 -109.67 123.28 33.92
N GLY BA 146 -109.22 124.02 32.91
CA GLY BA 146 -110.04 125.08 32.34
C GLY BA 146 -109.45 126.45 32.55
N SER BA 147 -110.15 127.28 33.31
CA SER BA 147 -109.65 128.61 33.65
C SER BA 147 -108.82 128.61 34.92
N ALA BA 148 -108.59 127.45 35.52
CA ALA BA 148 -107.82 127.34 36.76
C ALA BA 148 -106.61 126.46 36.53
N ASN BA 149 -105.46 126.92 36.99
CA ASN BA 149 -104.22 126.14 36.91
C ASN BA 149 -104.03 125.41 38.23
N VAL BA 150 -103.68 124.13 38.14
CA VAL BA 150 -103.53 123.27 39.30
C VAL BA 150 -102.14 122.64 39.31
N ILE BA 151 -101.50 122.66 40.47
CA ILE BA 151 -100.13 122.15 40.63
C ILE BA 151 -100.22 120.75 41.22
N ARG BA 152 -99.52 119.80 40.59
CA ARG BA 152 -99.53 118.40 41.01
C ARG BA 152 -98.19 118.09 41.66
N ILE BA 153 -98.08 118.32 42.97
CA ILE BA 153 -96.85 118.05 43.67
C ILE BA 153 -96.62 116.55 43.77
N GLY BA 154 -95.40 116.13 43.47
CA GLY BA 154 -95.02 114.73 43.61
C GLY BA 154 -93.83 114.57 44.52
N GLN BA 155 -92.89 113.73 44.14
CA GLN BA 155 -91.69 113.50 44.94
C GLN BA 155 -90.52 113.44 43.98
N ARG BA 156 -89.40 114.03 44.37
CA ARG BA 156 -88.27 114.14 43.44
C ARG BA 156 -87.53 112.81 43.34
N PRO BA 157 -87.18 112.37 42.13
CA PRO BA 157 -86.33 111.18 41.99
C PRO BA 157 -84.92 111.47 42.49
N LYS BA 158 -84.50 110.74 43.52
CA LYS BA 158 -83.24 111.02 44.21
C LYS BA 158 -82.12 110.22 43.57
N GLN BA 159 -81.64 110.72 42.44
CA GLN BA 159 -80.52 110.11 41.74
C GLN BA 159 -79.56 111.20 41.30
N LEU BA 160 -78.29 110.82 41.12
CA LEU BA 160 -77.27 111.78 40.77
C LEU BA 160 -76.15 111.05 40.06
N ALA BA 161 -75.60 111.69 39.03
CA ALA BA 161 -74.49 111.14 38.26
C ALA BA 161 -73.22 111.91 38.62
N LEU BA 162 -72.18 111.18 39.00
CA LEU BA 162 -70.92 111.80 39.40
C LEU BA 162 -69.81 111.43 38.44
N PRO BA 163 -69.43 112.31 37.53
CA PRO BA 163 -68.31 112.00 36.63
C PRO BA 163 -67.01 111.86 37.39
N LEU BA 164 -66.20 110.88 36.98
CA LEU BA 164 -64.88 110.65 37.55
C LEU BA 164 -63.82 111.04 36.54
N LYS BA 165 -62.80 111.77 36.99
CA LYS BA 165 -61.78 112.29 36.11
C LYS BA 165 -60.43 111.59 36.23
N PHE BA 166 -60.11 111.00 37.39
CA PHE BA 166 -58.78 110.45 37.59
C PHE BA 166 -58.75 109.09 38.26
N ILE BA 167 -59.88 108.54 38.69
CA ILE BA 167 -59.89 107.25 39.36
C ILE BA 167 -60.95 106.37 38.73
N SER BA 168 -60.66 105.07 38.67
CA SER BA 168 -61.63 104.12 38.16
C SER BA 168 -62.80 103.98 39.13
N ALA BA 169 -64.01 103.93 38.57
CA ALA BA 169 -65.21 103.80 39.39
C ALA BA 169 -65.44 102.35 39.79
N GLU BA 170 -64.41 101.71 40.33
CA GLU BA 170 -64.55 100.38 40.91
C GLU BA 170 -63.83 100.38 42.24
N SER BA 171 -62.81 101.23 42.36
CA SER BA 171 -62.16 101.49 43.63
C SER BA 171 -62.71 102.73 44.32
N ALA BA 172 -63.29 103.65 43.55
CA ALA BA 172 -63.99 104.78 44.18
C ALA BA 172 -65.21 104.30 44.95
N LEU BA 173 -65.89 103.27 44.47
CA LEU BA 173 -66.97 102.67 45.24
C LEU BA 173 -66.43 102.04 46.51
N THR BA 174 -65.29 101.34 46.42
CA THR BA 174 -64.72 100.71 47.60
C THR BA 174 -64.33 101.74 48.66
N ALA BA 175 -63.76 102.86 48.23
CA ALA BA 175 -63.43 103.92 49.17
C ALA BA 175 -64.65 104.67 49.70
N ILE BA 176 -65.82 104.46 49.08
CA ILE BA 176 -67.05 105.05 49.60
C ILE BA 176 -67.75 104.12 50.56
N GLU BA 177 -67.69 102.81 50.32
CA GLU BA 177 -68.30 101.85 51.22
C GLU BA 177 -67.59 101.79 52.57
N LYS BA 178 -66.34 102.25 52.65
CA LYS BA 178 -65.65 102.30 53.94
C LYS BA 178 -65.91 103.62 54.65
N PHE BA 179 -65.83 104.73 53.91
CA PHE BA 179 -66.13 106.04 54.46
C PHE BA 179 -67.52 106.07 55.08
N PHE BA 180 -68.53 105.65 54.35
CA PHE BA 180 -69.92 105.77 54.79
C PHE BA 180 -70.51 104.46 55.27
N GLY BA 181 -69.69 103.44 55.47
CA GLY BA 181 -70.18 102.17 55.96
C GLY BA 181 -70.61 102.24 57.42
N GLU BA 182 -71.29 101.18 57.84
CA GLU BA 182 -71.76 101.10 59.22
C GLU BA 182 -71.66 99.67 59.75
N ARG BA 202 -73.02 99.43 54.57
CA ARG BA 202 -73.75 100.48 53.86
C ARG BA 202 -75.19 100.58 54.33
N PRO BA 203 -75.61 101.77 54.72
CA PRO BA 203 -77.00 101.96 55.11
C PRO BA 203 -77.92 101.78 53.91
N THR BA 204 -79.15 101.36 54.19
CA THR BA 204 -80.11 101.16 53.12
C THR BA 204 -80.59 102.46 52.51
N GLY BA 205 -80.26 103.60 53.11
CA GLY BA 205 -80.62 104.87 52.52
C GLY BA 205 -79.69 105.35 51.44
N LYS BA 206 -78.63 104.60 51.13
CA LYS BA 206 -77.65 104.99 50.13
C LYS BA 206 -77.35 103.84 49.19
N PHE BA 207 -77.17 104.17 47.91
CA PHE BA 207 -76.80 103.20 46.89
C PHE BA 207 -75.71 103.80 46.01
N GLY BA 208 -74.70 102.99 45.69
CA GLY BA 208 -73.65 103.42 44.79
C GLY BA 208 -73.50 102.49 43.60
N LEU BA 209 -73.77 103.00 42.40
CA LEU BA 209 -73.76 102.21 41.18
C LEU BA 209 -72.51 102.51 40.36
N PRO BA 210 -71.55 101.59 40.25
CA PRO BA 210 -70.43 101.83 39.33
C PRO BA 210 -70.88 101.81 37.89
N ASN BA 211 -70.14 102.55 37.06
CA ASN BA 211 -70.41 102.54 35.62
C ASN BA 211 -69.13 102.47 34.80
N SER BA 212 -67.95 102.44 35.43
CA SER BA 212 -66.65 102.42 34.77
C SER BA 212 -66.34 103.74 34.08
N ILE BA 213 -67.30 104.66 34.11
CA ILE BA 213 -67.09 106.02 33.63
C ILE BA 213 -67.48 106.96 34.76
N LYS BA 214 -68.37 106.49 35.64
CA LYS BA 214 -68.89 107.32 36.71
C LYS BA 214 -69.54 106.43 37.76
N VAL BA 215 -70.14 107.07 38.77
CA VAL BA 215 -70.94 106.42 39.79
C VAL BA 215 -72.28 107.13 39.85
N ILE BA 216 -73.28 106.42 40.38
CA ILE BA 216 -74.63 106.95 40.45
C ILE BA 216 -75.14 106.86 41.89
N PRO BA 217 -74.78 107.80 42.76
CA PRO BA 217 -75.25 107.73 44.16
C PRO BA 217 -76.75 107.94 44.26
N ASP BA 218 -77.35 107.34 45.29
CA ASP BA 218 -78.77 107.38 45.57
C ASP BA 218 -78.95 107.74 47.04
N SER BA 219 -79.31 108.98 47.33
CA SER BA 219 -79.50 109.35 48.74
C SER BA 219 -80.27 110.64 48.81
N SER BA 220 -80.69 110.98 50.02
CA SER BA 220 -81.37 112.23 50.28
C SER BA 220 -80.45 113.41 49.93
N ASN BA 221 -81.04 114.60 49.94
CA ASN BA 221 -80.28 115.79 49.53
C ASN BA 221 -79.09 116.01 50.45
N LYS BA 222 -79.28 115.86 51.75
CA LYS BA 222 -78.20 116.11 52.71
C LYS BA 222 -77.06 115.13 52.51
N ARG BA 223 -77.37 113.86 52.28
CA ARG BA 223 -76.36 112.84 52.10
C ARG BA 223 -75.74 112.87 50.71
N LEU BA 224 -76.28 113.68 49.81
CA LEU BA 224 -75.66 113.90 48.50
C LEU BA 224 -74.79 115.13 48.46
N ILE BA 225 -74.60 115.82 49.59
CA ILE BA 225 -73.67 116.93 49.70
C ILE BA 225 -72.49 116.56 50.57
N ILE BA 226 -72.72 116.30 51.86
CA ILE BA 226 -71.67 115.81 52.73
C ILE BA 226 -71.28 114.39 52.36
N GLY BA 227 -72.08 113.73 51.55
CA GLY BA 227 -71.77 112.38 51.15
C GLY BA 227 -70.85 112.39 49.96
N SER BA 228 -71.26 111.70 48.90
CA SER BA 228 -70.36 111.45 47.79
C SER BA 228 -69.84 112.74 47.17
N ASN BA 229 -70.69 113.77 47.09
CA ASN BA 229 -70.31 114.97 46.34
C ASN BA 229 -69.11 115.71 46.95
N SER BA 230 -68.76 115.45 48.20
CA SER BA 230 -67.63 116.11 48.81
C SER BA 230 -66.49 115.19 49.18
N GLU BA 231 -66.70 113.87 49.20
CA GLU BA 231 -65.56 112.97 49.28
C GLU BA 231 -65.08 112.58 47.89
N ASP BA 232 -66.00 112.31 46.97
CA ASP BA 232 -65.59 112.07 45.60
C ASP BA 232 -64.91 113.27 44.99
N GLY BA 233 -65.14 114.46 45.54
CA GLY BA 233 -64.43 115.64 45.12
C GLY BA 233 -63.07 115.83 45.76
N ILE BA 234 -62.74 115.05 46.79
CA ILE BA 234 -61.44 115.15 47.44
C ILE BA 234 -60.52 114.01 47.06
N ARG BA 235 -61.03 113.02 46.32
CA ARG BA 235 -60.21 111.91 45.85
C ARG BA 235 -60.07 111.85 44.34
N ILE BA 236 -60.62 112.81 43.61
CA ILE BA 236 -60.36 112.95 42.17
C ILE BA 236 -59.17 113.91 42.07
N ARG BA 237 -57.96 113.35 42.09
CA ARG BA 237 -56.76 114.15 42.10
C ARG BA 237 -55.65 113.45 41.32
N SER BA 238 -54.58 114.20 41.06
CA SER BA 238 -53.45 113.69 40.30
C SER BA 238 -52.73 112.58 41.07
N PHE BA 239 -52.88 111.35 40.61
CA PHE BA 239 -52.14 110.23 41.17
C PHE BA 239 -50.65 110.41 40.91
N VAL BA 240 -49.83 110.02 41.89
CA VAL BA 240 -48.38 110.07 41.76
C VAL BA 240 -47.86 108.65 41.61
N GLU BA 241 -46.73 108.53 40.91
CA GLU BA 241 -46.15 107.23 40.62
C GLU BA 241 -44.73 107.11 41.17
N ILE BA 257 -40.24 91.50 37.05
CA ILE BA 257 -39.17 90.54 37.27
C ILE BA 257 -37.94 91.00 36.51
N SER BA 258 -36.76 90.67 37.04
CA SER BA 258 -35.49 91.02 36.43
C SER BA 258 -34.81 89.75 35.93
N GLU BA 259 -34.47 89.74 34.65
CA GLU BA 259 -33.73 88.64 34.05
C GLU BA 259 -32.49 89.20 33.38
N ILE BA 260 -31.56 88.31 33.05
CA ILE BA 260 -30.28 88.69 32.46
C ILE BA 260 -30.24 88.17 31.04
N TYR BA 261 -30.03 89.07 30.09
CA TYR BA 261 -29.84 88.72 28.69
C TYR BA 261 -28.42 89.08 28.32
N ILE BA 262 -27.57 88.07 28.17
CA ILE BA 262 -26.22 88.31 27.70
C ILE BA 262 -26.27 88.74 26.25
N VAL BA 263 -25.64 89.85 25.93
CA VAL BA 263 -25.70 90.38 24.57
C VAL BA 263 -24.96 89.42 23.64
N ARG BA 264 -25.67 88.90 22.64
CA ARG BA 264 -25.07 87.95 21.72
C ARG BA 264 -24.34 88.67 20.59
N GLY BA 265 -25.05 89.51 19.85
CA GLY BA 265 -24.46 90.25 18.76
C GLY BA 265 -23.98 91.62 19.19
N GLN BA 266 -24.26 92.64 18.37
CA GLN BA 266 -23.82 93.99 18.67
C GLN BA 266 -24.55 94.53 19.90
N LYS BA 267 -23.97 95.58 20.49
CA LYS BA 267 -24.50 96.13 21.73
C LYS BA 267 -25.71 97.03 21.49
N GLU BA 268 -25.51 98.12 20.74
CA GLU BA 268 -26.59 99.09 20.56
C GLU BA 268 -27.81 98.47 19.88
N SER BA 269 -27.62 97.38 19.14
CA SER BA 269 -28.77 96.71 18.54
C SER BA 269 -29.74 96.26 19.62
N VAL BA 270 -29.23 95.56 20.64
CA VAL BA 270 -30.07 95.18 21.77
C VAL BA 270 -30.43 96.36 22.64
N LEU BA 271 -29.75 97.50 22.47
CA LEU BA 271 -30.08 98.71 23.20
C LEU BA 271 -31.13 99.54 22.48
N GLN BA 272 -30.80 100.00 21.27
CA GLN BA 272 -31.68 100.93 20.57
C GLN BA 272 -33.04 100.30 20.27
N PHE BA 273 -33.04 99.04 19.86
CA PHE BA 273 -34.31 98.36 19.56
C PHE BA 273 -35.16 98.22 20.82
N LEU BA 274 -34.53 97.86 21.94
CA LEU BA 274 -35.31 97.40 23.08
C LEU BA 274 -36.12 98.53 23.71
N ARG BA 275 -35.60 99.76 23.67
CA ARG BA 275 -36.37 100.88 24.19
C ARG BA 275 -37.56 101.20 23.30
N ASP BA 276 -37.42 101.03 21.98
CA ASP BA 276 -38.48 101.39 21.06
C ASP BA 276 -39.70 100.50 21.23
N SER BA 277 -39.53 99.20 21.03
CA SER BA 277 -40.64 98.28 21.15
C SER BA 277 -41.07 98.05 22.59
N PHE BA 278 -40.23 98.36 23.56
CA PHE BA 278 -40.56 98.17 24.97
C PHE BA 278 -40.09 99.35 25.79
N PRO BA 279 -40.78 100.49 25.71
CA PRO BA 279 -40.52 101.56 26.68
C PRO BA 279 -40.97 101.19 28.07
N GLU BA 280 -41.90 100.23 28.20
CA GLU BA 280 -42.32 99.76 29.50
C GLU BA 280 -41.34 98.71 30.02
N LEU BA 281 -40.05 99.03 29.97
CA LEU BA 281 -38.99 98.16 30.45
C LEU BA 281 -37.77 99.02 30.75
N ILE BA 282 -36.92 98.52 31.63
CA ILE BA 282 -35.66 99.16 31.93
C ILE BA 282 -34.56 98.12 31.83
N VAL BA 283 -33.44 98.51 31.22
CA VAL BA 283 -32.28 97.64 31.06
C VAL BA 283 -31.17 98.20 31.94
N THR BA 284 -30.79 97.43 32.94
CA THR BA 284 -29.69 97.80 33.82
C THR BA 284 -28.41 97.20 33.25
N ASP BA 285 -27.50 98.05 32.81
CA ASP BA 285 -26.31 97.60 32.09
C ASP BA 285 -25.19 97.32 33.07
N TYR BA 286 -24.61 96.14 32.96
CA TYR BA 286 -23.46 95.71 33.75
C TYR BA 286 -22.29 95.61 32.79
N ALA BA 287 -21.35 96.55 32.91
CA ALA BA 287 -20.27 96.68 31.94
C ALA BA 287 -19.61 95.34 31.68
N SER BA 288 -19.77 94.85 30.46
CA SER BA 288 -19.36 93.53 29.99
C SER BA 288 -20.14 92.40 30.64
N GLY BA 289 -21.06 92.70 31.57
CA GLY BA 289 -21.90 91.68 32.15
C GLY BA 289 -23.17 91.40 31.41
N GLY BA 290 -23.47 92.16 30.37
CA GLY BA 290 -24.70 91.99 29.62
C GLY BA 290 -25.77 92.99 30.01
N LEU BA 291 -26.97 92.49 30.27
CA LEU BA 291 -28.11 93.33 30.60
C LEU BA 291 -28.89 92.68 31.73
N ALA BA 292 -29.81 93.43 32.31
CA ALA BA 292 -30.60 92.98 33.45
C ALA BA 292 -32.06 93.38 33.31
N ILE BA 293 -32.64 93.10 32.15
CA ILE BA 293 -33.99 93.53 31.78
C ILE BA 293 -34.97 93.30 32.92
N GLU BA 294 -35.69 94.36 33.33
CA GLU BA 294 -36.69 94.24 34.38
C GLU BA 294 -37.87 95.14 34.05
N GLY BA 295 -39.01 94.81 34.64
CA GLY BA 295 -40.21 95.57 34.44
C GLY BA 295 -41.44 94.72 34.67
N PRO BA 296 -42.47 94.93 33.85
CA PRO BA 296 -43.66 94.08 33.92
C PRO BA 296 -43.29 92.61 33.76
N ARG BA 297 -43.90 91.77 34.59
CA ARG BA 297 -43.53 90.36 34.67
C ARG BA 297 -43.93 89.56 33.43
N THR BA 298 -44.71 90.15 32.53
CA THR BA 298 -45.09 89.48 31.29
C THR BA 298 -44.45 90.10 30.06
N SER BA 299 -44.35 91.43 30.02
CA SER BA 299 -43.71 92.08 28.88
C SER BA 299 -42.26 91.64 28.73
N VAL BA 300 -41.62 91.24 29.83
CA VAL BA 300 -40.25 90.74 29.75
C VAL BA 300 -40.21 89.46 28.91
N ASN BA 301 -41.08 88.50 29.23
CA ASN BA 301 -41.07 87.22 28.53
C ASN BA 301 -41.28 87.43 27.04
N ARG BA 302 -42.16 88.34 26.68
CA ARG BA 302 -42.40 88.64 25.27
C ARG BA 302 -41.24 89.40 24.65
N ALA BA 303 -40.54 90.22 25.45
CA ALA BA 303 -39.37 90.92 24.94
C ALA BA 303 -38.22 89.96 24.68
N ILE BA 304 -38.03 88.96 25.55
CA ILE BA 304 -36.92 88.04 25.41
C ILE BA 304 -37.07 87.19 24.15
N ILE BA 305 -38.26 86.62 23.95
CA ILE BA 305 -38.49 85.76 22.79
C ILE BA 305 -38.28 86.55 21.51
N LEU BA 306 -38.80 87.78 21.46
CA LEU BA 306 -38.53 88.65 20.33
C LEU BA 306 -37.05 88.99 20.22
N LEU BA 307 -36.40 89.25 21.35
CA LEU BA 307 -35.03 89.74 21.32
C LEU BA 307 -34.07 88.70 20.77
N GLY BA 308 -34.39 87.41 20.91
CA GLY BA 308 -33.57 86.39 20.28
C GLY BA 308 -33.52 86.53 18.77
N GLN BA 309 -34.67 86.84 18.16
CA GLN BA 309 -34.72 86.98 16.71
C GLN BA 309 -33.94 88.20 16.23
N VAL BA 310 -34.20 89.36 16.83
CA VAL BA 310 -33.64 90.60 16.30
C VAL BA 310 -32.14 90.66 16.54
N ASP BA 311 -31.64 89.94 17.53
CA ASP BA 311 -30.23 89.97 17.89
C ASP BA 311 -29.61 88.62 17.57
N ARG BA 312 -28.71 88.59 16.59
CA ARG BA 312 -28.00 87.37 16.22
C ARG BA 312 -26.52 87.67 16.08
N ALA BA 313 -25.71 86.67 16.39
CA ALA BA 313 -24.27 86.79 16.29
C ALA BA 313 -23.84 86.77 14.81
N PRO BA 314 -22.74 87.46 14.49
CA PRO BA 314 -22.26 87.43 13.11
C PRO BA 314 -21.93 86.00 12.69
N GLU BA 315 -22.19 85.69 11.43
CA GLU BA 315 -21.98 84.34 10.94
C GLU BA 315 -20.57 84.17 10.37
N ILE BA 316 -20.15 82.92 10.30
CA ILE BA 316 -18.79 82.54 9.95
C ILE BA 316 -18.82 81.96 8.54
N PRO BA 317 -18.21 82.62 7.55
CA PRO BA 317 -18.28 82.11 6.18
C PRO BA 317 -17.38 80.91 5.93
N ILE BA 318 -17.90 79.70 6.22
CA ILE BA 318 -17.21 78.45 5.98
C ILE BA 318 -16.62 78.39 4.57
N VAL BA 319 -15.31 78.15 4.48
CA VAL BA 319 -14.59 78.11 3.22
C VAL BA 319 -14.19 76.67 2.93
N GLN BA 320 -14.01 76.36 1.66
CA GLN BA 320 -13.72 75.01 1.19
C GLN BA 320 -12.39 74.98 0.48
N ARG BA 321 -11.56 73.98 0.81
CA ARG BA 321 -10.34 73.74 0.07
C ARG BA 321 -10.11 72.24 -0.05
N ILE BA 322 -9.39 71.86 -1.10
CA ILE BA 322 -9.12 70.47 -1.43
C ILE BA 322 -7.66 70.19 -1.14
N TYR BA 323 -7.39 69.16 -0.35
CA TYR BA 323 -6.03 68.81 0.01
C TYR BA 323 -5.67 67.47 -0.64
N THR BA 324 -4.47 67.42 -1.20
CA THR BA 324 -3.97 66.23 -1.89
C THR BA 324 -2.94 65.56 -0.99
N VAL BA 325 -3.40 64.59 -0.19
CA VAL BA 325 -2.56 64.06 0.86
C VAL BA 325 -1.38 63.30 0.28
N ARG BA 326 -0.20 63.55 0.85
CA ARG BA 326 1.03 62.84 0.51
C ARG BA 326 1.39 61.96 1.69
N GLY BA 327 1.42 60.66 1.47
CA GLY BA 327 1.57 59.75 2.58
C GLY BA 327 0.28 59.00 2.75
N GLN BA 328 0.04 58.45 3.93
CA GLN BA 328 -1.24 57.80 4.15
C GLN BA 328 -2.33 58.85 4.24
N ALA BA 329 -3.56 58.44 3.99
CA ALA BA 329 -4.69 59.33 4.17
C ALA BA 329 -5.56 58.95 5.34
N ALA BA 330 -5.43 57.74 5.86
CA ALA BA 330 -6.15 57.37 7.07
C ALA BA 330 -5.53 58.04 8.29
N ASP BA 331 -4.19 58.15 8.32
CA ASP BA 331 -3.54 58.74 9.47
C ASP BA 331 -3.72 60.26 9.49
N ILE BA 332 -3.76 60.89 8.32
CA ILE BA 332 -3.90 62.33 8.27
C ILE BA 332 -5.36 62.73 8.39
N THR BA 333 -6.28 61.78 8.25
CA THR BA 333 -7.66 62.06 8.62
C THR BA 333 -7.82 62.01 10.13
N ALA BA 334 -7.19 61.04 10.78
CA ALA BA 334 -7.29 60.95 12.23
C ALA BA 334 -6.58 62.12 12.90
N LEU BA 335 -5.47 62.58 12.32
CA LEU BA 335 -4.81 63.76 12.85
C LEU BA 335 -5.73 64.96 12.83
N LEU BA 336 -6.33 65.25 11.68
CA LEU BA 336 -7.22 66.39 11.57
C LEU BA 336 -8.54 66.18 12.29
N ALA BA 337 -8.77 65.01 12.87
CA ALA BA 337 -9.95 64.78 13.67
C ALA BA 337 -9.67 64.82 15.16
N ALA BA 338 -8.41 64.93 15.55
CA ALA BA 338 -8.03 65.18 16.95
C ALA BA 338 -7.57 66.62 17.14
N GLN BA 339 -6.56 67.03 16.39
CA GLN BA 339 -6.32 68.44 16.19
C GLN BA 339 -7.43 69.00 15.32
N TYR BA 340 -7.83 70.24 15.60
CA TYR BA 340 -8.87 70.91 14.84
C TYR BA 340 -10.09 70.02 14.74
N PRO BA 341 -10.80 69.77 15.85
CA PRO BA 341 -11.86 68.76 15.85
C PRO BA 341 -13.12 69.15 15.12
N THR BA 342 -13.24 70.38 14.64
CA THR BA 342 -14.37 70.81 13.83
C THR BA 342 -13.84 71.40 12.53
N LEU BA 343 -13.55 70.52 11.56
CA LEU BA 343 -13.10 70.95 10.25
C LEU BA 343 -13.86 70.31 9.10
N ARG BA 344 -14.60 69.23 9.35
CA ARG BA 344 -15.39 68.57 8.31
C ARG BA 344 -14.49 68.11 7.16
N VAL BA 345 -13.65 67.14 7.49
CA VAL BA 345 -12.74 66.52 6.53
C VAL BA 345 -13.48 65.37 5.86
N THR BA 346 -13.69 65.48 4.56
CA THR BA 346 -14.42 64.50 3.78
C THR BA 346 -13.53 63.94 2.68
N PRO BA 347 -13.39 62.62 2.56
CA PRO BA 347 -12.52 62.06 1.55
C PRO BA 347 -13.24 61.82 0.23
N VAL BA 348 -12.51 61.99 -0.86
CA VAL BA 348 -13.02 61.64 -2.19
C VAL BA 348 -12.62 60.19 -2.42
N GLY BA 349 -13.41 59.29 -1.86
CA GLY BA 349 -13.09 57.88 -1.96
C GLY BA 349 -11.69 57.60 -1.45
N GLN BA 350 -11.08 56.55 -2.00
CA GLN BA 350 -9.67 56.26 -1.75
C GLN BA 350 -8.90 56.74 -2.98
N THR BA 351 -8.74 58.06 -3.10
CA THR BA 351 -7.99 58.63 -4.20
C THR BA 351 -6.92 59.58 -3.71
N GLY BA 352 -6.59 59.56 -2.42
CA GLY BA 352 -5.58 60.44 -1.91
C GLY BA 352 -5.95 61.91 -1.96
N GLN BA 353 -7.23 62.21 -2.10
CA GLN BA 353 -7.71 63.58 -2.02
C GLN BA 353 -8.61 63.71 -0.82
N LEU BA 354 -8.84 64.94 -0.40
CA LEU BA 354 -9.41 65.18 0.91
C LEU BA 354 -10.06 66.55 0.86
N VAL BA 355 -11.38 66.58 0.85
CA VAL BA 355 -12.13 67.83 0.78
C VAL BA 355 -12.46 68.24 2.19
N LEU BA 356 -11.77 69.28 2.66
CA LEU BA 356 -11.88 69.74 4.03
C LEU BA 356 -12.38 71.18 4.02
N ASN BA 357 -13.27 71.48 4.97
CA ASN BA 357 -14.26 72.53 4.78
C ASN BA 357 -14.56 73.19 6.13
N GLY BA 358 -13.93 74.33 6.41
CA GLY BA 358 -14.12 74.99 7.68
C GLY BA 358 -13.80 76.46 7.57
N ALA BA 359 -13.90 77.16 8.70
CA ALA BA 359 -13.63 78.59 8.74
C ALA BA 359 -12.22 78.87 8.24
N GLN BA 360 -11.96 80.11 7.83
CA GLN BA 360 -10.66 80.36 7.23
C GLN BA 360 -9.53 80.40 8.26
N ALA BA 361 -9.82 80.74 9.51
CA ALA BA 361 -8.78 80.67 10.54
C ALA BA 361 -8.31 79.23 10.73
N GLN BA 362 -9.25 78.32 10.96
CA GLN BA 362 -8.91 76.91 11.06
C GLN BA 362 -8.23 76.44 9.78
N LEU BA 363 -8.61 77.00 8.65
CA LEU BA 363 -8.12 76.47 7.39
C LEU BA 363 -6.66 76.83 7.18
N ASP BA 364 -6.29 78.08 7.44
CA ASP BA 364 -4.89 78.48 7.27
C ASP BA 364 -4.00 78.03 8.42
N THR BA 365 -4.58 77.46 9.47
CA THR BA 365 -3.77 76.84 10.50
C THR BA 365 -3.55 75.36 10.19
N ALA BA 366 -4.61 74.66 9.82
CA ALA BA 366 -4.47 73.25 9.47
C ALA BA 366 -3.54 73.06 8.28
N LEU BA 367 -3.55 74.00 7.34
CA LEU BA 367 -2.68 73.85 6.19
C LEU BA 367 -1.23 74.12 6.54
N ALA BA 368 -0.98 74.86 7.61
CA ALA BA 368 0.41 75.12 8.00
C ALA BA 368 0.97 73.97 8.82
N LEU BA 369 0.12 73.29 9.59
CA LEU BA 369 0.55 72.07 10.25
C LEU BA 369 0.80 70.97 9.24
N LEU BA 370 -0.13 70.77 8.32
CA LEU BA 370 0.00 69.67 7.36
C LEU BA 370 1.23 69.83 6.49
N GLU BA 371 1.67 71.05 6.25
CA GLU BA 371 2.90 71.19 5.46
C GLU BA 371 4.11 70.76 6.28
N GLN BA 372 3.95 70.56 7.58
CA GLN BA 372 5.08 70.16 8.40
C GLN BA 372 5.12 68.65 8.63
N VAL BA 373 3.99 68.06 9.02
CA VAL BA 373 3.99 66.69 9.48
C VAL BA 373 3.53 65.73 8.38
N ASP BA 374 3.60 66.13 7.12
CA ASP BA 374 3.09 65.30 6.04
C ASP BA 374 4.10 65.25 4.91
N ARG BA 375 4.76 64.10 4.77
CA ARG BA 375 5.76 63.88 3.74
C ARG BA 375 5.58 62.47 3.20
N PRO BA 376 6.04 62.20 1.98
CA PRO BA 376 5.86 60.87 1.40
C PRO BA 376 6.57 59.81 2.21
N ALA BA 377 6.03 58.60 2.18
CA ALA BA 377 6.58 57.50 2.94
C ALA BA 377 7.96 57.11 2.43
N PRO BA 378 8.78 56.46 3.25
CA PRO BA 378 10.07 55.96 2.78
C PRO BA 378 9.90 54.69 1.95
N VAL BA 379 10.95 54.36 1.22
CA VAL BA 379 10.95 53.23 0.31
C VAL BA 379 11.73 52.08 0.92
N ALA BA 380 11.25 50.85 0.68
CA ALA BA 380 12.00 49.67 1.08
C ALA BA 380 13.27 49.57 0.25
N GLU BA 381 14.30 48.93 0.81
CA GLU BA 381 15.60 48.96 0.14
C GLU BA 381 15.67 47.93 -0.99
N SER BA 382 15.74 46.65 -0.62
CA SER BA 382 15.53 45.51 -1.50
C SER BA 382 15.82 44.26 -0.70
N ARG BA 383 15.32 43.11 -1.14
CA ARG BA 383 15.63 41.85 -0.48
C ARG BA 383 16.63 41.01 -1.26
N THR BA 384 17.29 41.61 -2.24
CA THR BA 384 18.17 40.86 -3.14
C THR BA 384 19.13 41.83 -3.81
N VAL BA 385 20.42 41.48 -3.82
CA VAL BA 385 21.43 42.30 -4.45
C VAL BA 385 22.36 41.38 -5.24
N GLN BA 386 23.06 41.96 -6.21
CA GLN BA 386 24.01 41.24 -7.04
C GLN BA 386 25.38 41.91 -6.97
N ARG BA 387 26.42 41.09 -6.97
CA ARG BA 387 27.79 41.56 -7.14
C ARG BA 387 28.48 40.68 -8.16
N VAL BA 388 29.35 41.28 -8.96
CA VAL BA 388 30.10 40.57 -10.00
C VAL BA 388 31.58 40.72 -9.71
N PHE BA 389 32.28 39.60 -9.66
CA PHE BA 389 33.70 39.56 -9.37
C PHE BA 389 34.43 39.01 -10.59
N GLN BA 390 35.34 39.81 -11.13
CA GLN BA 390 36.20 39.38 -12.23
C GLN BA 390 37.46 38.79 -11.64
N LEU BA 391 37.54 37.47 -11.58
CA LEU BA 391 38.69 36.81 -10.98
C LEU BA 391 39.90 36.94 -11.90
N VAL BA 392 41.08 37.01 -11.28
CA VAL BA 392 42.33 37.24 -11.99
C VAL BA 392 43.25 36.03 -11.89
N ASN BA 393 43.33 35.39 -10.72
CA ASN BA 393 44.25 34.29 -10.51
C ASN BA 393 43.55 32.94 -10.41
N ALA BA 394 42.39 32.88 -9.80
CA ALA BA 394 41.67 31.62 -9.62
C ALA BA 394 40.76 31.35 -10.80
N SER BA 395 40.10 30.20 -10.77
CA SER BA 395 39.13 29.81 -11.78
C SER BA 395 37.74 29.97 -11.20
N ALA BA 396 36.88 30.68 -11.93
CA ALA BA 396 35.54 30.98 -11.42
C ALA BA 396 34.75 29.72 -11.14
N GLU BA 397 34.94 28.67 -11.93
CA GLU BA 397 34.16 27.45 -11.74
C GLU BA 397 34.67 26.64 -10.56
N GLU BA 398 35.98 26.67 -10.31
CA GLU BA 398 36.51 25.98 -9.13
C GLU BA 398 36.19 26.75 -7.85
N VAL BA 399 36.16 28.08 -7.92
CA VAL BA 399 35.78 28.87 -6.76
C VAL BA 399 34.34 28.60 -6.39
N LYS BA 400 33.45 28.53 -7.39
CA LYS BA 400 32.06 28.24 -7.12
C LYS BA 400 31.88 26.85 -6.52
N ALA BA 401 32.62 25.86 -7.00
CA ALA BA 401 32.53 24.53 -6.43
C ALA BA 401 33.09 24.49 -5.02
N THR BA 402 34.13 25.27 -4.74
CA THR BA 402 34.67 25.34 -3.39
C THR BA 402 33.65 25.93 -2.42
N LEU BA 403 33.00 27.02 -2.82
CA LEU BA 403 32.08 27.71 -1.93
C LEU BA 403 30.80 26.91 -1.69
N GLU BA 404 30.44 26.01 -2.60
CA GLU BA 404 29.23 25.21 -2.45
C GLU BA 404 29.49 23.85 -1.84
N GLY BA 405 30.73 23.52 -1.53
CA GLY BA 405 31.04 22.21 -0.97
C GLY BA 405 30.80 21.06 -1.93
N THR BA 406 31.07 21.27 -3.21
CA THR BA 406 30.92 20.21 -4.20
C THR BA 406 32.23 19.98 -4.96
N GLN BA 466 18.02 30.61 3.14
CA GLN BA 466 18.69 29.78 2.15
C GLN BA 466 20.19 30.05 2.12
N GLN BA 467 20.77 29.96 0.93
CA GLN BA 467 22.15 30.32 0.68
C GLN BA 467 22.22 31.09 -0.63
N ALA BA 468 23.22 31.95 -0.75
CA ALA BA 468 23.34 32.81 -1.92
C ALA BA 468 23.53 31.99 -3.18
N THR BA 469 22.97 32.48 -4.28
CA THR BA 469 23.16 31.85 -5.58
C THR BA 469 24.49 32.27 -6.19
N LEU BA 470 25.23 31.31 -6.71
CA LEU BA 470 26.53 31.55 -7.32
C LEU BA 470 26.47 31.18 -8.80
N ILE BA 471 26.95 32.08 -9.65
CA ILE BA 471 26.99 31.87 -11.09
C ILE BA 471 28.43 32.04 -11.55
N ALA BA 472 28.97 31.03 -12.22
CA ALA BA 472 30.34 31.04 -12.69
C ALA BA 472 30.36 31.03 -14.21
N ASP BA 473 31.04 32.02 -14.80
CA ASP BA 473 31.22 32.09 -16.24
C ASP BA 473 32.64 31.68 -16.59
N LYS BA 474 32.78 30.65 -17.42
CA LYS BA 474 34.11 30.18 -17.78
C LYS BA 474 34.78 31.07 -18.81
N ARG BA 475 34.01 31.66 -19.72
CA ARG BA 475 34.60 32.46 -20.80
C ARG BA 475 35.29 33.70 -20.25
N THR BA 476 34.63 34.40 -19.33
CA THR BA 476 35.16 35.65 -18.81
C THR BA 476 35.79 35.52 -17.43
N ASN BA 477 35.73 34.34 -16.81
CA ASN BA 477 36.22 34.11 -15.47
C ASN BA 477 35.55 35.06 -14.47
N SER BA 478 34.24 35.12 -14.55
CA SER BA 478 33.44 36.01 -13.71
C SER BA 478 32.66 35.19 -12.68
N LEU BA 479 32.65 35.67 -11.45
CA LEU BA 479 31.83 35.10 -10.39
C LEU BA 479 30.70 36.06 -10.08
N ILE BA 480 29.47 35.55 -10.06
CA ILE BA 480 28.28 36.36 -9.82
C ILE BA 480 27.57 35.79 -8.60
N VAL BA 481 27.43 36.60 -7.56
CA VAL BA 481 26.75 36.21 -6.33
C VAL BA 481 25.45 36.98 -6.25
N ARG BA 482 24.37 36.29 -5.90
CA ARG BA 482 23.02 36.85 -5.91
C ARG BA 482 22.29 36.37 -4.67
N GLY BA 483 21.98 37.29 -3.77
CA GLY BA 483 21.27 36.92 -2.56
C GLY BA 483 20.95 38.14 -1.72
N THR BA 484 20.67 37.89 -0.44
CA THR BA 484 20.40 38.97 0.48
C THR BA 484 21.69 39.76 0.71
N PRO BA 485 21.57 41.03 1.14
CA PRO BA 485 22.79 41.84 1.31
C PRO BA 485 23.77 41.27 2.30
N GLU BA 486 23.31 40.52 3.30
CA GLU BA 486 24.22 39.89 4.25
C GLU BA 486 24.92 38.69 3.63
N GLN BA 487 24.19 37.88 2.87
CA GLN BA 487 24.79 36.74 2.19
C GLN BA 487 25.77 37.16 1.10
N VAL BA 488 25.63 38.36 0.55
CA VAL BA 488 26.52 38.81 -0.50
C VAL BA 488 27.80 39.40 0.08
N ALA BA 489 27.72 40.02 1.25
CA ALA BA 489 28.93 40.56 1.88
C ALA BA 489 29.83 39.45 2.40
N GLN BA 490 29.28 38.25 2.64
CA GLN BA 490 30.11 37.14 3.08
C GLN BA 490 30.97 36.60 1.94
N VAL BA 491 30.40 36.49 0.75
CA VAL BA 491 31.20 36.09 -0.40
C VAL BA 491 32.17 37.18 -0.78
N ALA BA 492 31.76 38.44 -0.64
CA ALA BA 492 32.63 39.56 -1.01
C ALA BA 492 33.89 39.61 -0.17
N GLU BA 493 33.83 39.17 1.09
CA GLU BA 493 35.02 39.16 1.92
C GLU BA 493 35.88 37.92 1.71
N LEU BA 494 35.32 36.88 1.08
CA LEU BA 494 36.09 35.68 0.79
C LEU BA 494 36.88 35.82 -0.50
N VAL BA 495 36.36 36.58 -1.46
CA VAL BA 495 36.96 36.61 -2.80
C VAL BA 495 38.41 37.10 -2.79
N PRO BA 496 38.77 38.18 -2.08
CA PRO BA 496 40.17 38.60 -2.11
C PRO BA 496 41.13 37.56 -1.61
N GLN BA 497 40.68 36.62 -0.78
CA GLN BA 497 41.57 35.61 -0.23
C GLN BA 497 41.65 34.37 -1.10
N LEU BA 498 40.57 34.02 -1.79
CA LEU BA 498 40.57 32.87 -2.68
C LEU BA 498 41.11 33.19 -4.06
N ASP BA 499 41.45 34.45 -4.34
CA ASP BA 499 41.91 34.88 -5.65
C ASP BA 499 43.33 35.43 -5.59
N GLN BA 500 44.09 35.06 -4.57
CA GLN BA 500 45.45 35.55 -4.43
C GLN BA 500 46.41 34.73 -5.27
N VAL BA 501 47.63 35.25 -5.43
CA VAL BA 501 48.67 34.56 -6.17
C VAL BA 501 49.26 33.47 -5.29
N VAL BA 502 49.38 32.26 -5.84
CA VAL BA 502 50.00 31.14 -5.13
C VAL BA 502 51.40 30.94 -5.70
N PRO BA 503 52.34 30.39 -4.94
CA PRO BA 503 53.71 30.24 -5.44
C PRO BA 503 53.82 29.27 -6.60
N GLN BA 504 54.81 29.53 -7.45
CA GLN BA 504 55.20 28.65 -8.53
C GLN BA 504 56.59 28.12 -8.26
N ILE BA 505 56.77 26.80 -8.39
CA ILE BA 505 58.00 26.15 -7.97
C ILE BA 505 58.54 25.28 -9.10
N ASN BA 506 59.83 24.99 -9.02
CA ASN BA 506 60.50 24.01 -9.86
C ASN BA 506 61.18 23.00 -8.96
N VAL BA 507 60.87 21.72 -9.16
CA VAL BA 507 61.40 20.64 -8.33
C VAL BA 507 62.31 19.77 -9.18
N GLN BA 508 63.51 19.52 -8.68
CA GLN BA 508 64.48 18.67 -9.36
C GLN BA 508 64.65 17.37 -8.58
N VAL BA 509 64.62 16.25 -9.29
CA VAL BA 509 64.83 14.94 -8.71
C VAL BA 509 65.97 14.27 -9.46
N ARG BA 510 66.93 13.72 -8.73
CA ARG BA 510 68.03 12.97 -9.31
C ARG BA 510 67.97 11.53 -8.82
N ILE BA 511 67.91 10.59 -9.75
CA ILE BA 511 67.99 9.17 -9.46
C ILE BA 511 69.32 8.66 -10.00
N GLN BA 512 70.12 8.07 -9.13
CA GLN BA 512 71.46 7.62 -9.44
C GLN BA 512 71.57 6.14 -9.13
N GLU BA 513 72.28 5.40 -9.98
CA GLU BA 513 72.42 3.96 -9.78
C GLU BA 513 73.77 3.50 -10.31
N VAL BA 514 74.56 2.87 -9.44
CA VAL BA 514 75.88 2.36 -9.79
C VAL BA 514 75.95 0.89 -9.42
N ASN BA 515 76.56 0.09 -10.28
CA ASN BA 515 76.73 -1.34 -10.04
C ASN BA 515 78.15 -1.74 -10.39
N GLU BA 516 78.73 -2.67 -9.63
CA GLU BA 516 80.07 -3.14 -9.89
C GLU BA 516 80.13 -4.65 -9.74
N ARG BA 517 81.06 -5.26 -10.48
CA ARG BA 517 81.25 -6.70 -10.49
C ARG BA 517 82.74 -7.01 -10.36
N ALA BA 518 83.03 -8.27 -10.01
CA ALA BA 518 84.41 -8.75 -9.98
C ALA BA 518 84.37 -10.27 -9.89
N LEU BA 519 85.04 -10.95 -10.82
CA LEU BA 519 85.09 -12.40 -10.84
C LEU BA 519 86.55 -12.84 -10.81
N GLN BA 520 86.79 -14.05 -10.32
CA GLN BA 520 88.16 -14.58 -10.22
C GLN BA 520 88.08 -16.10 -10.19
N SER BA 521 88.48 -16.75 -11.28
CA SER BA 521 88.54 -18.20 -11.35
C SER BA 521 89.99 -18.67 -11.43
N LEU BA 522 90.23 -19.90 -10.98
CA LEU BA 522 91.56 -20.49 -10.98
C LEU BA 522 91.43 -21.98 -10.73
N GLY BA 523 92.02 -22.79 -11.59
CA GLY BA 523 91.92 -24.22 -11.42
C GLY BA 523 92.93 -25.05 -12.18
N LEU BA 524 93.51 -26.05 -11.53
CA LEU BA 524 94.42 -27.00 -12.15
C LEU BA 524 93.72 -28.35 -12.31
N ASN BA 525 94.04 -29.03 -13.41
CA ASN BA 525 93.28 -30.23 -13.81
C ASN BA 525 94.25 -31.16 -14.50
N TRP BA 526 94.82 -32.11 -13.77
CA TRP BA 526 95.89 -32.95 -14.31
C TRP BA 526 95.53 -34.43 -14.27
N ARG BA 527 96.44 -35.24 -14.78
CA ARG BA 527 96.26 -36.70 -14.87
C ARG BA 527 97.64 -37.33 -14.97
N ALA BA 528 97.99 -38.18 -14.01
CA ALA BA 528 99.29 -38.80 -13.94
C ALA BA 528 99.18 -40.30 -14.13
N THR BA 529 100.13 -40.89 -14.87
CA THR BA 529 100.16 -42.33 -15.10
C THR BA 529 101.58 -42.84 -14.87
N PHE BA 530 101.79 -43.55 -13.78
CA PHE BA 530 103.00 -44.33 -13.54
C PHE BA 530 102.61 -45.79 -13.34
N GLY BA 531 103.59 -46.62 -13.02
CA GLY BA 531 103.44 -48.06 -13.17
C GLY BA 531 102.28 -48.70 -12.44
N GLY BA 532 101.26 -49.08 -13.20
CA GLY BA 532 100.05 -49.65 -12.66
C GLY BA 532 99.00 -48.64 -12.21
N PHE BA 533 99.43 -47.45 -11.81
CA PHE BA 533 98.55 -46.44 -11.25
C PHE BA 533 98.07 -45.45 -12.30
N ASN BA 534 96.89 -44.91 -12.07
CA ASN BA 534 96.29 -43.89 -12.93
C ASN BA 534 95.56 -42.91 -12.04
N VAL BA 535 96.15 -41.73 -11.83
CA VAL BA 535 95.62 -40.72 -10.93
C VAL BA 535 95.08 -39.56 -11.75
N ALA BA 536 93.88 -39.09 -11.42
CA ALA BA 536 93.27 -37.96 -12.10
C ALA BA 536 92.70 -37.03 -11.04
N VAL BA 537 93.07 -35.76 -11.10
CA VAL BA 537 92.60 -34.74 -10.16
C VAL BA 537 91.92 -33.64 -10.97
N SER BA 538 90.71 -33.27 -10.56
CA SER BA 538 89.95 -32.25 -11.26
C SER BA 538 89.20 -31.39 -10.24
N GLY BA 539 88.40 -30.48 -10.74
CA GLY BA 539 87.63 -29.60 -9.87
C GLY BA 539 86.22 -30.08 -9.65
N GLY BA 540 85.57 -30.56 -10.71
CA GLY BA 540 84.25 -31.12 -10.59
C GLY BA 540 84.23 -32.34 -9.70
N THR BA 541 84.92 -33.39 -10.14
CA THR BA 541 85.23 -34.54 -9.32
C THR BA 541 86.59 -34.33 -8.67
N GLY BA 542 86.79 -34.95 -7.51
CA GLY BA 542 88.04 -34.73 -6.81
C GLY BA 542 89.13 -35.68 -7.25
N LEU BA 543 89.67 -36.44 -6.32
CA LEU BA 543 90.65 -37.46 -6.64
C LEU BA 543 89.97 -38.68 -7.22
N ALA BA 544 90.62 -39.31 -8.20
CA ALA BA 544 90.11 -40.53 -8.82
C ALA BA 544 91.32 -41.38 -9.25
N ALA BA 545 91.69 -42.33 -8.41
CA ALA BA 545 92.86 -43.18 -8.65
C ALA BA 545 92.42 -44.61 -8.88
N THR BA 546 93.11 -45.30 -9.80
CA THR BA 546 92.88 -46.71 -10.03
C THR BA 546 94.22 -47.43 -10.09
N PHE BA 547 94.16 -48.75 -9.94
CA PHE BA 547 95.31 -49.63 -10.08
C PHE BA 547 94.99 -50.74 -11.06
N ASN BA 548 95.97 -51.08 -11.89
CA ASN BA 548 95.82 -52.17 -12.86
C ASN BA 548 96.91 -53.20 -12.61
N PRO BA 549 96.58 -54.38 -12.09
CA PRO BA 549 97.63 -55.38 -11.81
C PRO BA 549 98.10 -56.15 -13.02
N THR BA 550 97.47 -55.96 -14.17
CA THR BA 550 97.80 -56.73 -15.37
C THR BA 550 98.79 -56.02 -16.30
N GLN BA 551 98.82 -54.70 -16.30
CA GLN BA 551 99.73 -53.93 -17.14
C GLN BA 551 100.65 -53.09 -16.27
N SER BA 552 101.48 -52.29 -16.92
CA SER BA 552 102.41 -51.41 -16.20
C SER BA 552 102.88 -50.32 -17.15
N PHE BA 553 102.66 -49.07 -16.78
CA PHE BA 553 103.07 -47.95 -17.61
C PHE BA 553 104.58 -47.80 -17.61
N LEU BA 554 105.09 -47.05 -18.58
CA LEU BA 554 106.50 -46.73 -18.69
C LEU BA 554 106.74 -45.32 -18.17
N GLY BA 555 107.58 -45.20 -17.15
CA GLY BA 555 107.95 -43.90 -16.64
C GLY BA 555 106.79 -43.15 -16.00
N PHE BA 556 106.99 -41.85 -15.87
CA PHE BA 556 106.03 -40.95 -15.24
C PHE BA 556 105.56 -39.91 -16.26
N ASN BA 557 104.24 -39.69 -16.29
CA ASN BA 557 103.64 -38.66 -17.13
C ASN BA 557 102.68 -37.86 -16.27
N ILE BA 558 102.53 -36.57 -16.58
CA ILE BA 558 101.85 -35.67 -15.65
C ILE BA 558 100.62 -34.99 -16.23
N PHE BA 559 100.62 -34.74 -17.55
CA PHE BA 559 99.47 -34.22 -18.30
C PHE BA 559 98.66 -33.13 -17.59
N PRO BA 560 99.27 -32.00 -17.23
CA PRO BA 560 98.54 -30.96 -16.50
C PRO BA 560 97.77 -30.03 -17.44
N THR BA 561 96.92 -29.20 -16.84
CA THR BA 561 96.09 -28.24 -17.56
C THR BA 561 95.67 -27.13 -16.61
N LEU BA 562 95.92 -25.88 -17.02
CA LEU BA 562 95.66 -24.73 -16.17
C LEU BA 562 94.60 -23.84 -16.79
N THR BA 563 93.85 -23.14 -15.94
CA THR BA 563 92.82 -22.21 -16.38
C THR BA 563 92.70 -21.11 -15.34
N ALA BA 564 92.62 -19.86 -15.80
CA ALA BA 564 92.52 -18.72 -14.91
C ALA BA 564 91.78 -17.60 -15.62
N LEU BA 565 90.89 -16.92 -14.90
CA LEU BA 565 90.06 -15.88 -15.48
C LEU BA 565 89.85 -14.76 -14.48
N GLU BA 566 89.79 -13.53 -14.97
CA GLU BA 566 89.47 -12.37 -14.16
C GLU BA 566 88.50 -11.50 -14.93
N THR BA 567 87.69 -10.74 -14.21
CA THR BA 567 86.64 -9.96 -14.86
C THR BA 567 86.30 -8.77 -13.97
N GLN BA 568 85.91 -7.67 -14.60
CA GLN BA 568 85.36 -6.52 -13.89
C GLN BA 568 84.24 -5.90 -14.71
N GLY BA 569 83.35 -5.19 -14.03
CA GLY BA 569 82.28 -4.48 -14.69
C GLY BA 569 81.91 -3.25 -13.88
N LEU BA 570 81.21 -2.33 -14.54
CA LEU BA 570 80.73 -1.13 -13.87
C LEU BA 570 79.64 -0.49 -14.70
N THR BA 571 78.44 -0.37 -14.16
CA THR BA 571 77.33 0.27 -14.84
C THR BA 571 76.85 1.46 -14.02
N ARG BA 572 76.74 2.61 -14.67
CA ARG BA 572 76.12 3.80 -14.09
C ARG BA 572 74.90 4.18 -14.92
N ARG BA 573 73.92 4.79 -14.27
CA ARG BA 573 72.74 5.29 -14.96
C ARG BA 573 72.16 6.42 -14.12
N VAL BA 574 72.07 7.61 -14.71
CA VAL BA 574 71.71 8.83 -13.97
C VAL BA 574 70.58 9.54 -14.69
N TYR BA 575 69.65 10.12 -13.92
CA TYR BA 575 68.56 10.94 -14.44
C TYR BA 575 68.42 12.19 -13.59
N ASP BA 576 68.13 13.32 -14.23
CA ASP BA 576 67.89 14.60 -13.57
C ASP BA 576 66.64 15.24 -14.15
N GLY BA 577 65.55 15.24 -13.39
CA GLY BA 577 64.32 15.81 -13.91
C GLY BA 577 63.79 17.03 -13.20
N ASN BA 578 63.50 18.09 -13.96
CA ASN BA 578 62.78 19.26 -13.49
C ASN BA 578 61.33 19.19 -13.93
N VAL BA 579 60.43 19.72 -13.09
CA VAL BA 579 59.08 20.05 -13.51
C VAL BA 579 58.69 21.35 -12.81
N THR BA 580 58.02 22.23 -13.53
CA THR BA 580 57.44 23.45 -12.96
C THR BA 580 55.97 23.22 -12.67
N MET BA 581 55.52 23.65 -11.48
CA MET BA 581 54.16 23.39 -11.05
C MET BA 581 53.73 24.48 -10.09
N GLN BA 582 52.47 24.41 -9.65
CA GLN BA 582 51.85 25.37 -8.75
C GLN BA 582 51.52 24.71 -7.42
N SER BA 583 51.07 25.52 -6.46
CA SER BA 583 50.87 25.03 -5.10
C SER BA 583 49.68 24.07 -5.01
N GLY BA 584 48.50 24.52 -5.38
CA GLY BA 584 47.36 23.65 -5.22
C GLY BA 584 47.00 22.92 -6.49
N GLN BA 585 48.01 22.47 -7.22
CA GLN BA 585 47.76 21.90 -8.54
C GLN BA 585 47.05 20.56 -8.42
N ARG BA 586 46.06 20.36 -9.29
CA ARG BA 586 45.29 19.15 -9.34
C ARG BA 586 45.75 18.29 -10.52
N SER BA 587 45.32 17.04 -10.52
CA SER BA 587 45.63 16.12 -11.59
C SER BA 587 44.78 16.42 -12.82
N LEU BA 588 45.18 15.82 -13.94
CA LEU BA 588 44.47 15.95 -15.20
C LEU BA 588 43.91 14.59 -15.59
N SER BA 589 42.66 14.56 -16.04
CA SER BA 589 41.99 13.32 -16.39
C SER BA 589 41.74 13.29 -17.89
N ALA BA 590 42.75 12.87 -18.65
CA ALA BA 590 42.54 12.65 -20.08
C ALA BA 590 42.45 11.16 -20.41
N THR BA 591 43.56 10.44 -20.24
CA THR BA 591 43.64 8.99 -20.19
C THR BA 591 43.21 8.27 -21.47
N GLY BA 592 42.59 8.98 -22.40
CA GLY BA 592 42.12 8.38 -23.63
C GLY BA 592 41.34 7.08 -23.53
N GLY BA 593 40.86 6.75 -22.33
CA GLY BA 593 40.20 5.50 -22.06
C GLY BA 593 41.10 4.41 -21.51
N ALA BA 594 42.41 4.59 -21.60
CA ALA BA 594 43.36 3.62 -21.06
C ALA BA 594 43.74 4.00 -19.63
N GLN BA 595 44.13 3.00 -18.87
CA GLN BA 595 44.50 3.17 -17.47
C GLN BA 595 46.00 3.30 -17.35
N ASN BA 596 46.44 4.33 -16.62
CA ASN BA 596 47.84 4.64 -16.45
C ASN BA 596 48.12 4.92 -14.99
N ALA BA 597 49.30 4.54 -14.51
CA ALA BA 597 49.63 4.71 -13.10
C ALA BA 597 49.91 6.15 -12.71
N SER BA 598 50.02 7.06 -13.68
CA SER BA 598 50.32 8.46 -13.40
C SER BA 598 49.13 9.36 -13.66
N SER BA 599 47.92 8.81 -13.71
CA SER BA 599 46.75 9.62 -13.98
C SER BA 599 46.46 10.61 -12.86
N GLY BA 600 46.76 10.25 -11.63
CA GLY BA 600 46.43 11.09 -10.50
C GLY BA 600 47.55 12.00 -10.05
N ALA BA 601 48.57 12.17 -10.88
CA ALA BA 601 49.70 13.01 -10.57
C ALA BA 601 49.44 14.44 -10.99
N ALA BA 602 49.82 15.39 -10.14
CA ALA BA 602 49.67 16.79 -10.47
C ALA BA 602 50.62 17.20 -11.59
N ALA BA 603 51.81 16.61 -11.63
CA ALA BA 603 52.80 16.88 -12.67
C ALA BA 603 53.55 15.59 -12.97
N SER BA 604 54.15 15.52 -14.16
CA SER BA 604 54.83 14.31 -14.58
C SER BA 604 55.93 14.65 -15.56
N VAL BA 605 56.88 13.73 -15.69
CA VAL BA 605 57.84 13.73 -16.79
C VAL BA 605 58.25 12.29 -17.04
N LYS BA 606 58.33 11.91 -18.31
CA LYS BA 606 58.63 10.54 -18.70
C LYS BA 606 59.63 10.54 -19.83
N SER BA 607 60.40 9.46 -19.92
CA SER BA 607 61.27 9.23 -21.06
C SER BA 607 61.67 7.77 -21.07
N GLY BA 608 61.43 7.10 -22.20
CA GLY BA 608 61.57 5.66 -22.25
C GLY BA 608 60.70 5.05 -23.33
N GLY BA 609 59.80 4.16 -22.94
CA GLY BA 609 58.81 3.62 -23.85
C GLY BA 609 57.47 3.51 -23.16
N ARG BA 610 56.52 2.90 -23.86
CA ARG BA 610 55.17 2.73 -23.35
C ARG BA 610 54.49 1.56 -24.02
N LEU BA 611 54.03 0.60 -23.21
CA LEU BA 611 53.30 -0.56 -23.72
C LEU BA 611 51.82 -0.26 -23.72
N GLU BA 612 51.17 -0.49 -24.85
CA GLU BA 612 49.72 -0.34 -24.97
C GLU BA 612 49.08 -1.72 -25.02
N ILE BA 613 48.13 -1.97 -24.13
CA ILE BA 613 47.53 -3.28 -23.94
C ILE BA 613 46.03 -3.17 -24.14
N ASN BA 614 45.48 -3.99 -25.04
CA ASN BA 614 44.06 -4.00 -25.37
C ASN BA 614 43.59 -5.46 -25.36
N ILE BA 615 43.08 -5.92 -24.23
CA ILE BA 615 42.63 -7.30 -24.08
C ILE BA 615 41.12 -7.28 -23.85
N PRO BA 616 40.32 -7.85 -24.76
CA PRO BA 616 38.87 -7.89 -24.53
C PRO BA 616 38.50 -8.95 -23.51
N SER BA 617 37.57 -8.59 -22.62
CA SER BA 617 37.12 -9.48 -21.56
C SER BA 617 35.64 -9.24 -21.30
N ALA BA 618 34.99 -10.26 -20.74
CA ALA BA 618 33.57 -10.17 -20.42
C ALA BA 618 33.30 -9.48 -19.10
N ALA BA 619 34.32 -9.34 -18.25
CA ALA BA 619 34.19 -8.63 -16.99
C ALA BA 619 34.63 -7.17 -17.09
N GLY BA 620 34.96 -6.71 -18.28
CA GLY BA 620 35.50 -5.37 -18.51
C GLY BA 620 36.83 -5.56 -19.22
N ASN BA 621 37.03 -4.79 -20.29
CA ASN BA 621 38.23 -4.90 -21.08
C ASN BA 621 39.44 -4.44 -20.30
N ILE BA 622 40.57 -5.10 -20.50
CA ILE BA 622 41.85 -4.67 -19.94
C ILE BA 622 42.47 -3.72 -20.97
N VAL BA 623 42.39 -2.43 -20.71
CA VAL BA 623 42.97 -1.40 -21.57
C VAL BA 623 43.93 -0.62 -20.69
N ARG BA 624 45.22 -0.87 -20.85
CA ARG BA 624 46.24 -0.37 -19.94
C ARG BA 624 47.36 0.31 -20.71
N GLN BA 625 48.16 1.09 -19.98
CA GLN BA 625 49.42 1.61 -20.47
C GLN BA 625 50.48 1.36 -19.41
N ILE BA 626 51.58 0.72 -19.80
CA ILE BA 626 52.71 0.50 -18.91
C ILE BA 626 53.89 1.29 -19.45
N ASP BA 627 54.43 2.18 -18.63
CA ASP BA 627 55.54 3.04 -19.01
C ASP BA 627 56.83 2.52 -18.39
N TYR BA 628 57.89 2.52 -19.18
CA TYR BA 628 59.21 2.15 -18.70
C TYR BA 628 60.21 3.23 -19.10
N GLY BA 629 61.42 3.12 -18.57
CA GLY BA 629 62.41 4.17 -18.74
C GLY BA 629 62.59 4.96 -17.47
N LEU BA 630 62.18 6.22 -17.48
CA LEU BA 630 62.12 7.06 -16.29
C LEU BA 630 60.70 7.56 -16.12
N ASN BA 631 60.16 7.43 -14.91
CA ASN BA 631 58.86 8.01 -14.56
C ASN BA 631 59.03 8.83 -13.30
N LEU BA 632 58.65 10.10 -13.34
CA LEU BA 632 58.65 10.97 -12.18
C LEU BA 632 57.26 11.56 -12.00
N ASP BA 633 56.62 11.25 -10.88
CA ASP BA 633 55.29 11.74 -10.57
C ASP BA 633 55.33 12.59 -9.32
N PHE BA 634 54.56 13.68 -9.33
CA PHE BA 634 54.48 14.61 -8.21
C PHE BA 634 53.03 14.72 -7.79
N PHE BA 635 52.78 14.59 -6.48
CA PHE BA 635 51.44 14.58 -5.93
C PHE BA 635 51.32 15.65 -4.85
N SER BA 636 50.29 16.49 -4.96
CA SER BA 636 49.88 17.43 -3.91
C SER BA 636 50.98 18.39 -3.47
N PRO BA 637 51.42 19.31 -4.32
CA PRO BA 637 52.59 20.17 -4.02
C PRO BA 637 52.28 21.48 -3.33
N GLN BA 638 51.95 21.47 -2.04
CA GLN BA 638 51.65 22.72 -1.35
C GLN BA 638 52.92 23.45 -0.95
N VAL BA 639 52.89 24.78 -1.06
CA VAL BA 639 54.01 25.65 -0.70
C VAL BA 639 53.51 26.69 0.30
N ALA BA 640 54.27 26.90 1.37
CA ALA BA 640 53.95 27.88 2.39
C ALA BA 640 54.53 29.24 2.05
N PRO BA 641 54.01 30.31 2.66
CA PRO BA 641 54.59 31.64 2.42
C PRO BA 641 56.06 31.75 2.80
N ASP BA 642 56.55 30.95 3.76
CA ASP BA 642 57.97 30.90 4.03
C ASP BA 642 58.77 30.48 2.80
N GLY BA 643 58.21 29.60 1.99
CA GLY BA 643 58.96 28.88 1.00
C GLY BA 643 59.17 27.41 1.32
N THR BA 644 58.45 26.87 2.30
CA THR BA 644 58.52 25.45 2.63
C THR BA 644 57.69 24.66 1.64
N ILE BA 645 58.28 23.63 1.04
CA ILE BA 645 57.65 22.84 0.01
C ILE BA 645 57.38 21.45 0.56
N THR BA 646 56.11 21.05 0.56
CA THR BA 646 55.70 19.70 0.91
C THR BA 646 55.22 19.00 -0.36
N LEU BA 647 55.52 17.71 -0.50
CA LEU BA 647 55.38 17.07 -1.80
C LEU BA 647 55.41 15.56 -1.65
N ARG BA 648 54.68 14.86 -2.52
CA ARG BA 648 54.82 13.41 -2.64
C ARG BA 648 55.45 13.12 -3.99
N ILE BA 649 56.51 12.33 -4.00
CA ILE BA 649 57.26 12.03 -5.20
C ILE BA 649 57.37 10.51 -5.32
N ARG BA 650 57.12 9.98 -6.52
CA ARG BA 650 57.43 8.57 -6.69
C ARG BA 650 58.80 8.32 -7.33
N GLY BA 651 58.95 8.60 -8.61
CA GLY BA 651 60.25 8.30 -9.21
C GLY BA 651 60.43 6.81 -9.47
N GLN BA 652 60.84 6.43 -10.66
CA GLN BA 652 60.96 5.02 -11.01
C GLN BA 652 61.79 4.85 -12.26
N VAL BA 653 62.68 3.87 -12.25
CA VAL BA 653 63.47 3.50 -13.42
C VAL BA 653 63.26 2.01 -13.68
N ASN BA 654 62.82 1.67 -14.89
CA ASN BA 654 62.58 0.28 -15.22
C ASN BA 654 62.85 0.05 -16.69
N GLN BA 655 63.07 -1.22 -17.03
CA GLN BA 655 63.32 -1.67 -18.39
C GLN BA 655 62.70 -3.05 -18.55
N PRO BA 656 62.21 -3.39 -19.73
CA PRO BA 656 61.83 -4.78 -19.97
C PRO BA 656 63.04 -5.70 -19.86
N ALA BA 657 62.83 -6.85 -19.22
CA ALA BA 657 63.94 -7.78 -19.03
C ALA BA 657 64.39 -8.37 -20.36
N THR BA 658 63.46 -8.68 -21.24
CA THR BA 658 63.77 -9.13 -22.60
C THR BA 658 62.93 -8.33 -23.58
N ALA BA 659 63.47 -8.16 -24.79
CA ALA BA 659 62.88 -7.26 -25.75
C ALA BA 659 61.50 -7.73 -26.20
N ILE BA 660 60.63 -6.77 -26.48
CA ILE BA 660 59.30 -7.03 -27.01
C ILE BA 660 59.43 -7.26 -28.51
N THR BA 661 58.87 -8.38 -29.01
CA THR BA 661 59.18 -8.83 -30.36
C THR BA 661 57.94 -9.09 -31.21
N ALA BA 662 56.82 -8.45 -30.90
CA ALA BA 662 55.60 -8.54 -31.73
C ALA BA 662 55.01 -9.94 -31.74
N ASP BA 663 55.72 -10.91 -31.14
CA ASP BA 663 55.16 -12.20 -30.80
C ASP BA 663 54.88 -12.32 -29.32
N SER BA 664 55.14 -11.25 -28.56
CA SER BA 664 54.94 -11.24 -27.12
C SER BA 664 53.46 -11.16 -26.80
N LEU BA 665 53.08 -11.76 -25.69
CA LEU BA 665 51.73 -11.68 -25.19
C LEU BA 665 51.69 -10.84 -23.92
N PRO BA 666 50.62 -10.10 -23.69
CA PRO BA 666 50.61 -9.18 -22.55
C PRO BA 666 50.25 -9.85 -21.24
N ASN BA 667 50.31 -11.18 -21.19
CA ASN BA 667 49.87 -11.91 -20.02
C ASN BA 667 50.94 -12.00 -18.94
N LEU BA 668 52.22 -11.81 -19.27
CA LEU BA 668 53.28 -11.89 -18.28
C LEU BA 668 54.50 -11.18 -18.84
N ILE BA 669 54.97 -10.14 -18.16
CA ILE BA 669 56.09 -9.31 -18.61
C ILE BA 669 57.01 -9.07 -17.42
N ASP BA 670 58.33 -9.06 -17.65
CA ASP BA 670 59.28 -9.29 -16.57
C ASP BA 670 59.85 -8.00 -15.96
N PHE BA 671 60.27 -7.04 -16.77
CA PHE BA 671 60.46 -5.68 -16.25
C PHE BA 671 61.42 -5.47 -15.07
N THR BA 672 62.73 -5.52 -15.28
CA THR BA 672 63.69 -4.94 -14.34
C THR BA 672 63.18 -3.62 -13.78
N ASN BA 673 63.31 -3.41 -12.47
CA ASN BA 673 62.61 -2.31 -11.82
C ASN BA 673 63.35 -1.80 -10.58
N SER BA 674 63.31 -0.49 -10.37
CA SER BA 674 63.73 0.17 -9.14
C SER BA 674 62.81 1.35 -8.87
N GLU BA 675 62.36 1.49 -7.63
CA GLU BA 675 61.29 2.43 -7.32
C GLU BA 675 61.39 2.91 -5.89
N ALA BA 676 60.75 4.03 -5.60
CA ALA BA 676 60.63 4.59 -4.26
C ALA BA 676 59.44 5.53 -4.24
N GLN BA 677 58.88 5.77 -3.05
CA GLN BA 677 57.87 6.80 -2.90
C GLN BA 677 57.76 7.18 -1.44
N SER BA 678 57.52 8.46 -1.19
CA SER BA 678 57.44 9.00 0.17
C SER BA 678 57.04 10.46 0.07
N THR BA 679 56.85 11.07 1.23
CA THR BA 679 56.51 12.48 1.33
C THR BA 679 57.66 13.19 2.00
N ILE BA 680 58.08 14.32 1.44
CA ILE BA 680 59.19 15.08 2.02
C ILE BA 680 58.78 16.53 2.16
N THR BA 681 59.48 17.23 3.05
CA THR BA 681 59.31 18.66 3.21
C THR BA 681 60.67 19.30 3.39
N PHE BA 682 60.88 20.42 2.69
CA PHE BA 682 62.15 21.13 2.74
C PHE BA 682 61.86 22.59 2.42
N LYS BA 683 62.80 23.46 2.77
CA LYS BA 683 62.65 24.86 2.45
C LYS BA 683 63.28 25.19 1.11
N ASN BA 684 62.92 26.36 0.60
CA ASN BA 684 63.37 26.83 -0.70
C ASN BA 684 64.89 26.81 -0.80
N GLY BA 685 65.43 25.95 -1.66
CA GLY BA 685 66.85 25.89 -1.91
C GLY BA 685 67.59 24.76 -1.23
N GLN BA 686 66.94 23.99 -0.37
CA GLN BA 686 67.62 22.92 0.36
C GLN BA 686 67.59 21.62 -0.43
N THR BA 687 68.39 20.66 0.02
CA THR BA 687 68.54 19.37 -0.63
C THR BA 687 68.36 18.26 0.38
N ILE BA 688 67.57 17.25 0.04
CA ILE BA 688 67.24 16.17 0.96
C ILE BA 688 67.28 14.84 0.22
N LEU BA 689 67.70 13.80 0.92
CA LEU BA 689 67.71 12.43 0.40
C LEU BA 689 66.38 11.77 0.73
N MET BA 690 65.60 11.40 -0.28
CA MET BA 690 64.36 10.70 -0.02
C MET BA 690 64.58 9.21 0.22
N SER BA 691 65.54 8.60 -0.47
CA SER BA 691 65.74 7.18 -0.33
C SER BA 691 67.15 6.82 -0.77
N GLY BA 692 67.67 5.75 -0.21
CA GLY BA 692 68.98 5.24 -0.59
C GLY BA 692 68.99 3.74 -0.40
N LEU BA 693 69.82 3.07 -1.17
CA LEU BA 693 69.91 1.61 -1.09
C LEU BA 693 71.33 1.17 -1.44
N LEU BA 694 71.96 0.46 -0.52
CA LEU BA 694 73.30 -0.09 -0.72
C LEU BA 694 73.22 -1.60 -0.70
N GLY BA 695 73.90 -2.26 -1.64
CA GLY BA 695 73.87 -3.70 -1.76
C GLY BA 695 75.25 -4.31 -1.82
N SER BA 696 75.29 -5.64 -1.70
CA SER BA 696 76.54 -6.39 -1.73
C SER BA 696 76.22 -7.87 -1.84
N THR BA 697 77.01 -8.60 -2.63
CA THR BA 697 76.92 -10.05 -2.71
C THR BA 697 78.32 -10.64 -2.72
N GLU BA 698 78.38 -11.98 -2.65
CA GLU BA 698 79.62 -12.75 -2.69
C GLU BA 698 79.26 -14.23 -2.79
N THR BA 699 80.03 -15.00 -3.56
CA THR BA 699 79.68 -16.40 -3.81
C THR BA 699 80.76 -17.39 -3.40
N THR BA 700 82.02 -17.17 -3.78
CA THR BA 700 83.19 -17.84 -3.18
C THR BA 700 83.00 -19.36 -3.04
N ASN BA 701 82.99 -20.04 -4.18
CA ASN BA 701 82.99 -21.50 -4.19
C ASN BA 701 84.42 -22.06 -4.22
N ARG BA 702 84.53 -23.37 -4.00
CA ARG BA 702 85.82 -24.06 -3.96
C ARG BA 702 85.58 -25.56 -3.93
N SER BA 703 86.39 -26.31 -4.68
CA SER BA 703 86.18 -27.74 -4.83
C SER BA 703 87.50 -28.43 -5.16
N GLY BA 704 87.60 -29.71 -4.81
CA GLY BA 704 88.77 -30.48 -5.18
C GLY BA 704 89.09 -31.68 -4.30
N VAL BA 705 90.38 -31.88 -4.04
CA VAL BA 705 90.88 -33.00 -3.25
C VAL BA 705 90.69 -32.69 -1.77
N PRO BA 706 90.32 -33.66 -0.93
CA PRO BA 706 90.14 -33.39 0.49
C PRO BA 706 91.44 -32.96 1.17
N PHE BA 707 91.37 -31.84 1.89
CA PHE BA 707 92.43 -31.27 2.72
C PHE BA 707 93.57 -30.67 1.91
N LEU BA 708 93.61 -30.93 0.61
CA LEU BA 708 94.66 -30.37 -0.22
C LEU BA 708 94.20 -29.16 -1.01
N SER BA 709 92.93 -29.15 -1.43
CA SER BA 709 92.37 -27.99 -2.10
C SER BA 709 92.10 -26.83 -1.15
N SER BA 710 92.18 -27.07 0.16
CA SER BA 710 91.94 -26.03 1.15
C SER BA 710 93.22 -25.40 1.67
N LEU BA 711 94.38 -25.84 1.20
CA LEU BA 711 95.63 -25.25 1.65
C LEU BA 711 95.78 -23.84 1.08
N PRO BA 712 96.34 -22.91 1.84
CA PRO BA 712 96.47 -21.53 1.36
C PRO BA 712 97.51 -21.44 0.25
N GLY BA 713 97.14 -20.78 -0.83
CA GLY BA 713 98.04 -20.59 -1.96
C GLY BA 713 98.07 -21.78 -2.90
N VAL BA 714 98.69 -22.88 -2.47
CA VAL BA 714 98.84 -24.06 -3.33
C VAL BA 714 97.58 -24.90 -3.41
N GLY BA 715 96.49 -24.47 -2.78
CA GLY BA 715 95.28 -25.26 -2.81
C GLY BA 715 94.69 -25.38 -4.20
N ALA BA 716 94.87 -24.35 -5.03
CA ALA BA 716 94.31 -24.37 -6.38
C ALA BA 716 95.00 -25.36 -7.29
N ALA BA 717 96.12 -25.94 -6.86
CA ALA BA 717 96.78 -26.99 -7.62
C ALA BA 717 96.07 -28.33 -7.49
N PHE BA 718 95.07 -28.45 -6.63
CA PHE BA 718 94.34 -29.68 -6.40
C PHE BA 718 92.84 -29.46 -6.56
N GLY BA 719 92.44 -28.72 -7.57
CA GLY BA 719 91.02 -28.50 -7.79
C GLY BA 719 90.79 -27.09 -8.32
N GLU BA 720 89.57 -26.60 -8.10
CA GLU BA 720 89.12 -25.31 -8.60
C GLU BA 720 89.04 -24.30 -7.47
N LYS BA 721 88.62 -23.09 -7.82
CA LYS BA 721 88.37 -21.99 -6.90
C LYS BA 721 87.69 -20.88 -7.69
N ARG BA 722 86.73 -20.21 -7.05
CA ARG BA 722 85.95 -19.19 -7.73
C ARG BA 722 85.44 -18.21 -6.70
N THR BA 723 85.48 -16.92 -7.03
CA THR BA 723 84.93 -15.92 -6.13
C THR BA 723 84.36 -14.78 -6.96
N GLU BA 724 83.21 -14.28 -6.53
CA GLU BA 724 82.54 -13.16 -7.17
C GLU BA 724 82.10 -12.16 -6.10
N LYS BA 725 82.08 -10.89 -6.46
CA LYS BA 725 81.65 -9.84 -5.55
C LYS BA 725 80.88 -8.78 -6.33
N THR BA 726 79.84 -8.24 -5.72
CA THR BA 726 78.97 -7.26 -6.34
C THR BA 726 78.72 -6.13 -5.36
N GLN BA 727 78.61 -4.91 -5.87
CA GLN BA 727 78.23 -3.74 -5.11
C GLN BA 727 77.15 -2.99 -5.87
N SER BA 728 76.33 -2.23 -5.15
CA SER BA 728 75.33 -1.42 -5.82
C SER BA 728 74.97 -0.24 -4.93
N GLN BA 729 74.57 0.86 -5.57
CA GLN BA 729 74.11 2.05 -4.86
C GLN BA 729 72.95 2.66 -5.63
N LEU BA 730 71.92 3.09 -4.92
CA LEU BA 730 70.79 3.79 -5.51
C LEU BA 730 70.48 4.99 -4.63
N LEU BA 731 70.40 6.17 -5.22
CA LEU BA 731 70.14 7.40 -4.48
C LEU BA 731 69.04 8.18 -5.18
N VAL BA 732 68.09 8.69 -4.39
CA VAL BA 732 67.05 9.59 -4.89
C VAL BA 732 67.13 10.87 -4.10
N ILE BA 733 67.46 11.98 -4.78
CA ILE BA 733 67.74 13.25 -4.14
C ILE BA 733 66.81 14.31 -4.72
N ILE BA 734 66.25 15.16 -3.85
CA ILE BA 734 65.26 16.15 -4.26
C ILE BA 734 65.70 17.53 -3.80
N THR BA 735 65.52 18.52 -4.67
CA THR BA 735 65.66 19.93 -4.35
C THR BA 735 64.60 20.71 -5.11
N GLY BA 736 64.41 21.96 -4.71
CA GLY BA 736 63.44 22.80 -5.38
C GLY BA 736 63.60 24.25 -5.01
N THR BA 737 63.08 25.12 -5.86
CA THR BA 737 63.13 26.56 -5.66
C THR BA 737 61.78 27.16 -6.02
N VAL BA 738 61.51 28.33 -5.46
CA VAL BA 738 60.33 29.11 -5.83
C VAL BA 738 60.69 30.03 -6.98
N VAL BA 739 59.87 30.01 -8.02
CA VAL BA 739 60.10 30.77 -9.24
C VAL BA 739 59.32 32.07 -9.16
N LYS BA 740 60.02 33.18 -8.99
CA LYS BA 740 59.36 34.47 -8.89
C LYS BA 740 59.12 35.07 -10.27
N GLY CA 61 88.54 0.34 11.85
CA GLY CA 61 87.89 1.04 12.96
C GLY CA 61 86.57 1.67 12.55
N VAL CA 62 86.47 2.07 11.28
CA VAL CA 62 85.27 2.65 10.71
C VAL CA 62 84.84 1.75 9.56
N THR CA 63 83.76 0.99 9.77
CA THR CA 63 83.30 0.02 8.80
C THR CA 63 82.02 0.42 8.11
N VAL CA 64 81.23 1.26 8.73
CA VAL CA 64 79.90 1.60 8.22
C VAL CA 64 79.99 2.86 7.39
N THR CA 65 79.34 2.84 6.23
CA THR CA 65 79.32 3.98 5.34
C THR CA 65 78.47 5.10 5.94
N PRO CA 66 78.99 6.31 6.07
CA PRO CA 66 78.15 7.43 6.50
C PRO CA 66 77.10 7.77 5.46
N VAL CA 67 75.97 8.29 5.92
CA VAL CA 67 74.83 8.63 5.07
C VAL CA 67 74.55 10.12 5.25
N LEU CA 68 74.49 10.86 4.15
CA LEU CA 68 74.14 12.27 4.19
C LEU CA 68 72.67 12.41 3.81
N ILE CA 69 71.88 13.00 4.71
CA ILE CA 69 70.45 13.08 4.51
C ILE CA 69 69.97 14.46 4.10
N LYS CA 70 70.56 15.53 4.62
CA LYS CA 70 70.06 16.86 4.31
C LYS CA 70 71.19 17.88 4.40
N VAL CA 71 71.19 18.84 3.48
CA VAL CA 71 72.03 20.03 3.59
C VAL CA 71 71.12 21.25 3.41
N SER CA 72 71.57 22.38 3.94
CA SER CA 72 70.81 23.60 3.87
C SER CA 72 71.10 24.31 2.55
N GLU CA 73 70.61 25.54 2.42
CA GLU CA 73 70.74 26.31 1.18
C GLU CA 73 71.83 27.37 1.30
N GLY CA 74 72.09 28.03 0.19
CA GLY CA 74 72.94 29.21 0.20
C GLY CA 74 74.40 28.92 0.04
N ALA CA 75 75.12 28.89 1.16
CA ALA CA 75 76.57 28.65 1.19
C ALA CA 75 77.33 29.74 0.44
N ALA CA 76 77.19 30.94 0.93
CA ALA CA 76 78.06 32.03 0.54
C ALA CA 76 79.12 32.25 1.61
N PRO CA 77 80.31 32.75 1.25
CA PRO CA 77 81.36 32.95 2.26
C PRO CA 77 80.89 33.78 3.45
N GLY CA 78 80.92 33.17 4.63
CA GLY CA 78 80.37 33.77 5.82
C GLY CA 78 79.04 33.21 6.26
N ASP CA 79 78.40 32.40 5.42
CA ASP CA 79 77.13 31.79 5.78
C ASP CA 79 77.38 30.49 6.56
N THR CA 80 76.30 29.97 7.14
CA THR CA 80 76.33 28.77 7.95
C THR CA 80 75.75 27.61 7.15
N LEU CA 81 76.52 26.54 7.02
CA LEU CA 81 76.12 25.35 6.28
C LEU CA 81 75.89 24.20 7.26
N THR CA 82 74.69 23.64 7.24
CA THR CA 82 74.32 22.56 8.14
C THR CA 82 74.15 21.26 7.37
N ILE CA 83 74.74 20.18 7.86
CA ILE CA 83 74.68 18.87 7.25
C ILE CA 83 74.12 17.89 8.28
N GLN CA 84 73.22 17.02 7.84
CA GLN CA 84 72.61 16.04 8.73
C GLN CA 84 72.77 14.65 8.14
N GLY CA 85 73.13 13.69 8.97
CA GLY CA 85 73.43 12.35 8.52
C GLY CA 85 73.28 11.36 9.63
N ARG CA 86 73.92 10.20 9.46
CA ARG CA 86 73.81 9.17 10.48
C ARG CA 86 75.12 8.79 11.14
N TYR CA 87 76.11 8.30 10.41
CA TYR CA 87 77.37 7.85 11.04
C TYR CA 87 78.50 8.85 10.77
N LEU CA 88 78.36 10.06 11.29
CA LEU CA 88 79.24 11.15 10.87
C LEU CA 88 80.48 11.31 11.74
N GLY CA 89 80.58 10.59 12.86
CA GLY CA 89 81.82 10.53 13.61
C GLY CA 89 82.20 11.75 14.42
N ASN CA 90 83.49 12.09 14.38
CA ASN CA 90 84.07 13.20 15.12
C ASN CA 90 84.69 14.21 14.18
N ALA CA 91 84.84 15.45 14.67
CA ALA CA 91 85.62 16.45 13.96
C ALA CA 91 87.10 16.14 14.00
N GLN CA 92 87.56 15.31 14.94
CA GLN CA 92 88.94 14.88 15.02
C GLN CA 92 89.23 13.63 14.20
N THR CA 93 88.20 13.01 13.65
CA THR CA 93 88.34 11.78 12.87
C THR CA 93 87.93 11.94 11.41
N ALA CA 94 87.13 12.96 11.08
CA ALA CA 94 86.53 13.08 9.77
C ALA CA 94 86.75 14.49 9.23
N ARG CA 95 86.40 14.67 7.96
CA ARG CA 95 86.50 15.96 7.29
C ARG CA 95 85.44 16.05 6.20
N VAL CA 96 85.06 17.29 5.88
CA VAL CA 96 84.06 17.57 4.86
C VAL CA 96 84.76 18.03 3.59
N ILE CA 97 84.38 17.48 2.44
CA ILE CA 97 85.00 17.80 1.16
C ILE CA 97 83.91 18.36 0.25
N ILE CA 98 84.20 19.49 -0.39
CA ILE CA 98 83.25 20.18 -1.25
C ILE CA 98 83.94 20.43 -2.59
N GLY CA 99 83.14 20.60 -3.62
CA GLY CA 99 83.68 20.78 -4.94
C GLY CA 99 84.05 19.53 -5.68
N ALA CA 100 83.63 18.36 -5.20
CA ALA CA 100 83.98 17.10 -5.82
C ALA CA 100 83.00 16.78 -6.93
N ASP CA 101 83.30 15.72 -7.68
CA ASP CA 101 82.41 15.27 -8.73
C ASP CA 101 81.53 14.15 -8.20
N GLU CA 102 80.77 13.49 -9.08
CA GLU CA 102 79.82 12.48 -8.65
C GLU CA 102 80.48 11.35 -7.88
N ASN CA 103 81.76 11.09 -8.14
CA ASN CA 103 82.46 9.93 -7.58
C ASN CA 103 83.30 10.31 -6.37
N GLY CA 104 83.28 11.56 -5.93
CA GLY CA 104 84.08 12.00 -4.82
C GLY CA 104 85.47 12.46 -5.18
N GLN CA 105 85.85 12.39 -6.45
CA GLN CA 105 87.18 12.80 -6.86
C GLN CA 105 87.27 14.32 -6.97
N GLY CA 106 88.48 14.83 -6.86
CA GLY CA 106 88.64 16.26 -6.84
C GLY CA 106 88.12 16.81 -5.52
N GLY CA 107 87.88 18.12 -5.52
CA GLY CA 107 87.29 18.76 -4.38
C GLY CA 107 88.31 19.19 -3.33
N THR CA 108 87.90 20.14 -2.50
CA THR CA 108 88.76 20.71 -1.48
C THR CA 108 88.10 20.53 -0.12
N ALA CA 109 88.90 20.21 0.89
CA ALA CA 109 88.38 19.96 2.22
C ALA CA 109 88.21 21.26 2.99
N PHE CA 110 87.15 21.31 3.80
CA PHE CA 110 86.96 22.45 4.68
C PHE CA 110 88.08 22.50 5.71
N PRO CA 111 88.52 23.70 6.09
CA PRO CA 111 89.49 23.80 7.18
C PRO CA 111 88.87 23.41 8.51
N ALA CA 112 89.71 22.93 9.42
CA ALA CA 112 89.23 22.54 10.74
C ALA CA 112 88.69 23.74 11.52
N SER CA 113 89.13 24.95 11.20
CA SER CA 113 88.63 26.14 11.86
C SER CA 113 87.23 26.53 11.41
N ALA CA 114 86.73 25.91 10.35
CA ALA CA 114 85.39 26.21 9.84
C ALA CA 114 84.29 25.47 10.60
N VAL CA 115 84.65 24.55 11.47
CA VAL CA 115 83.68 23.68 12.14
C VAL CA 115 83.19 24.37 13.40
N GLN CA 116 81.87 24.58 13.49
CA GLN CA 116 81.26 25.12 14.69
C GLN CA 116 80.75 24.03 15.62
N SER CA 117 80.12 23.00 15.06
CA SER CA 117 79.64 21.86 15.82
C SER CA 117 79.84 20.61 14.98
N TRP CA 118 79.98 19.47 15.64
CA TRP CA 118 80.11 18.21 14.92
C TRP CA 118 79.62 17.09 15.84
N SER CA 119 78.40 16.65 15.62
CA SER CA 119 77.85 15.47 16.25
C SER CA 119 77.89 14.32 15.24
N ASP CA 120 77.43 13.15 15.66
CA ASP CA 120 77.37 12.04 14.73
C ASP CA 120 76.18 12.14 13.78
N THR CA 121 75.26 13.09 14.01
CA THR CA 121 74.13 13.30 13.12
C THR CA 121 73.98 14.72 12.63
N GLU CA 122 74.90 15.62 12.94
CA GLU CA 122 74.80 16.99 12.45
C GLU CA 122 76.18 17.65 12.45
N ILE CA 123 76.49 18.34 11.35
CA ILE CA 123 77.70 19.14 11.24
C ILE CA 123 77.29 20.56 10.88
N VAL CA 124 77.83 21.53 11.58
CA VAL CA 124 77.59 22.95 11.32
C VAL CA 124 78.92 23.60 10.96
N LEU CA 125 78.92 24.35 9.87
CA LEU CA 125 80.15 24.92 9.33
C LEU CA 125 79.96 26.41 9.05
N LYS CA 126 81.09 27.11 8.95
CA LYS CA 126 81.14 28.46 8.41
C LYS CA 126 81.90 28.43 7.10
N VAL CA 127 81.27 28.91 6.03
CA VAL CA 127 81.88 28.82 4.71
C VAL CA 127 83.03 29.82 4.63
N PRO CA 128 84.24 29.38 4.32
CA PRO CA 128 85.38 30.29 4.25
C PRO CA 128 85.36 31.07 2.95
N GLU CA 129 86.42 31.84 2.73
CA GLU CA 129 86.59 32.59 1.50
C GLU CA 129 87.48 31.81 0.55
N GLY CA 130 87.02 31.65 -0.69
CA GLY CA 130 87.82 30.99 -1.70
C GLY CA 130 87.26 29.68 -2.20
N MET CA 131 86.06 29.31 -1.78
CA MET CA 131 85.44 28.10 -2.30
C MET CA 131 84.95 28.32 -3.73
N PRO CA 132 84.92 27.27 -4.55
CA PRO CA 132 84.50 27.42 -5.95
C PRO CA 132 82.99 27.57 -6.07
N ALA CA 133 82.55 28.72 -6.58
CA ALA CA 133 81.13 28.96 -6.75
C ALA CA 133 80.57 28.08 -7.86
N GLY CA 134 79.28 27.82 -7.76
CA GLY CA 134 78.60 26.93 -8.69
C GLY CA 134 78.22 25.62 -8.02
N GLY CA 135 77.66 24.72 -8.83
CA GLY CA 135 77.21 23.45 -8.32
C GLY CA 135 78.34 22.44 -8.22
N SER CA 136 78.26 21.61 -7.18
CA SER CA 136 79.30 20.62 -6.92
C SER CA 136 78.72 19.61 -5.94
N TRP CA 137 79.54 18.63 -5.57
CA TRP CA 137 79.14 17.56 -4.69
C TRP CA 137 79.84 17.68 -3.34
N LEU CA 138 79.11 17.33 -2.29
CA LEU CA 138 79.63 17.38 -0.93
C LEU CA 138 79.66 15.98 -0.35
N PHE CA 139 80.78 15.64 0.26
CA PHE CA 139 80.97 14.34 0.89
C PHE CA 139 81.54 14.53 2.28
N VAL CA 140 81.33 13.54 3.14
CA VAL CA 140 81.96 13.48 4.45
C VAL CA 140 82.78 12.20 4.49
N GLU CA 141 84.06 12.31 4.82
CA GLU CA 141 84.95 11.17 4.91
C GLU CA 141 85.24 10.88 6.37
N VAL CA 142 84.68 9.80 6.89
CA VAL CA 142 84.81 9.43 8.30
C VAL CA 142 85.80 8.28 8.39
N GLY CA 143 86.93 8.54 9.02
CA GLY CA 143 87.94 7.50 9.16
C GLY CA 143 88.44 6.96 7.84
N GLY CA 144 88.49 7.81 6.81
CA GLY CA 144 88.91 7.39 5.50
C GLY CA 144 87.83 6.79 4.64
N LYS CA 145 86.63 6.59 5.17
CA LYS CA 145 85.52 6.01 4.42
C LYS CA 145 84.60 7.12 3.94
N ARG CA 146 84.25 7.09 2.65
CA ARG CA 146 83.45 8.12 2.04
C ARG CA 146 81.97 7.85 2.22
N SER CA 147 81.19 8.92 2.37
CA SER CA 147 79.77 8.81 2.57
C SER CA 147 79.06 8.78 1.23
N THR CA 148 77.73 8.83 1.26
CA THR CA 148 76.94 9.15 0.10
C THR CA 148 76.89 10.65 -0.06
N GLY CA 149 76.89 11.12 -1.28
CA GLY CA 149 77.00 12.53 -1.53
C GLY CA 149 75.68 13.26 -1.65
N LEU CA 150 75.76 14.57 -1.56
CA LEU CA 150 74.65 15.47 -1.85
C LEU CA 150 75.17 16.61 -2.70
N ARG CA 151 74.32 17.12 -3.59
CA ARG CA 151 74.68 18.27 -4.41
C ARG CA 151 74.46 19.55 -3.63
N VAL CA 152 75.45 20.43 -3.67
CA VAL CA 152 75.40 21.69 -2.96
C VAL CA 152 75.69 22.80 -3.95
N SER CA 153 75.18 23.99 -3.67
CA SER CA 153 75.33 25.15 -4.55
C SER CA 153 76.11 26.22 -3.79
N VAL CA 154 77.38 26.39 -4.15
CA VAL CA 154 78.21 27.42 -3.53
C VAL CA 154 77.93 28.74 -4.24
N ARG CA 155 77.67 29.79 -3.48
CA ARG CA 155 77.33 31.07 -4.03
C ARG CA 155 78.60 31.86 -4.37
N GLY DA 28 109.49 -39.52 -19.48
CA GLY DA 28 109.53 -40.02 -20.83
C GLY DA 28 110.51 -41.17 -21.02
N ARG DA 29 110.03 -42.25 -21.63
CA ARG DA 29 110.83 -43.44 -21.87
C ARG DA 29 110.65 -43.90 -23.30
N VAL DA 30 111.71 -44.49 -23.84
CA VAL DA 30 111.69 -45.07 -25.18
C VAL DA 30 111.96 -46.57 -25.04
N ASN DA 31 111.12 -47.38 -25.68
CA ASN DA 31 111.26 -48.84 -25.59
C ASN DA 31 110.74 -49.42 -26.90
N VAL DA 32 111.66 -49.76 -27.80
CA VAL DA 32 111.33 -50.30 -29.11
C VAL DA 32 112.04 -51.64 -29.26
N GLY DA 33 111.33 -52.63 -29.78
CA GLY DA 33 111.89 -53.95 -30.02
C GLY DA 33 111.85 -54.28 -31.50
N VAL DA 34 112.76 -55.15 -31.92
CA VAL DA 34 112.99 -55.44 -33.33
C VAL DA 34 112.97 -56.95 -33.56
N ASP DA 35 112.27 -57.38 -34.60
CA ASP DA 35 112.32 -58.75 -35.09
C ASP DA 35 113.09 -58.75 -36.40
N VAL DA 36 114.25 -59.41 -36.40
CA VAL DA 36 115.21 -59.20 -37.49
C VAL DA 36 114.94 -60.17 -38.64
N GLY DA 37 114.87 -61.47 -38.34
CA GLY DA 37 114.53 -62.43 -39.38
C GLY DA 37 115.58 -62.56 -40.47
N ASP DA 38 116.73 -63.15 -40.13
CA ASP DA 38 117.89 -63.19 -41.01
C ASP DA 38 117.95 -64.44 -41.90
N ALA DA 39 116.80 -65.01 -42.24
CA ALA DA 39 116.77 -66.13 -43.16
C ALA DA 39 116.85 -65.63 -44.61
N GLY DA 40 117.36 -66.49 -45.48
CA GLY DA 40 117.50 -66.14 -46.89
C GLY DA 40 118.40 -64.93 -47.12
N SER DA 41 119.51 -64.87 -46.38
CA SER DA 41 120.38 -63.70 -46.43
C SER DA 41 121.77 -63.99 -46.97
N GLU DA 42 122.13 -65.26 -47.18
CA GLU DA 42 123.42 -65.62 -47.72
C GLU DA 42 123.25 -66.24 -49.11
N GLN DA 43 124.08 -65.81 -50.05
CA GLN DA 43 124.05 -66.34 -51.40
C GLN DA 43 124.70 -67.72 -51.43
N VAL DA 44 124.05 -68.66 -52.12
CA VAL DA 44 124.53 -70.03 -52.18
C VAL DA 44 125.41 -70.21 -53.40
N ALA DA 45 126.63 -70.68 -53.17
CA ALA DA 45 127.58 -70.94 -54.26
C ALA DA 45 128.35 -72.23 -54.12
N THR DA 46 128.31 -72.90 -52.96
CA THR DA 46 129.10 -74.11 -52.72
C THR DA 46 128.43 -75.30 -53.41
N LEU DA 47 128.53 -75.31 -54.74
CA LEU DA 47 128.03 -76.41 -55.56
C LEU DA 47 129.11 -76.75 -56.58
N THR DA 48 130.02 -77.66 -56.18
CA THR DA 48 130.99 -78.19 -57.14
C THR DA 48 130.30 -79.00 -58.22
N ILE DA 49 129.14 -79.57 -57.93
CA ILE DA 49 128.30 -80.20 -58.94
C ILE DA 49 127.56 -79.09 -59.70
N THR DA 50 126.57 -79.46 -60.49
CA THR DA 50 125.93 -78.47 -61.34
C THR DA 50 124.46 -78.82 -61.56
N PRO DA 51 123.70 -77.83 -61.99
CA PRO DA 51 122.35 -78.01 -62.49
C PRO DA 51 122.32 -78.43 -63.96
N GLU DA 52 123.49 -78.70 -64.53
CA GLU DA 52 123.61 -79.16 -65.90
C GLU DA 52 123.27 -80.65 -65.96
N LYS DA 53 123.62 -81.30 -67.07
CA LYS DA 53 123.25 -82.70 -67.29
C LYS DA 53 123.62 -83.57 -66.11
N CYS DA 54 124.92 -83.73 -65.84
CA CYS DA 54 125.33 -84.48 -64.65
C CYS DA 54 126.68 -83.93 -64.19
N ASP DA 55 126.63 -82.95 -63.27
CA ASP DA 55 127.78 -82.42 -62.55
C ASP DA 55 129.03 -82.28 -63.43
N ASP DA 56 128.87 -81.74 -64.63
CA ASP DA 56 129.96 -81.73 -65.59
C ASP DA 56 130.31 -80.35 -66.11
N LYS DA 57 129.33 -79.49 -66.38
CA LYS DA 57 129.56 -78.24 -67.11
C LYS DA 57 129.55 -77.02 -66.22
N GLY DA 58 128.45 -76.79 -65.48
CA GLY DA 58 128.25 -75.54 -64.75
C GLY DA 58 128.95 -75.61 -63.39
N VAL DA 59 130.27 -75.61 -63.45
CA VAL DA 59 131.08 -75.67 -62.24
C VAL DA 59 131.22 -74.30 -61.61
N PRO DA 74 116.69 -59.84 -48.65
CA PRO DA 74 117.47 -59.18 -47.60
C PRO DA 74 116.85 -59.37 -46.22
N VAL DA 75 117.59 -59.06 -45.17
CA VAL DA 75 117.07 -59.19 -43.81
C VAL DA 75 116.05 -58.09 -43.56
N THR DA 76 114.89 -58.47 -43.03
CA THR DA 76 113.78 -57.54 -42.83
C THR DA 76 113.65 -57.18 -41.33
N PHE DA 77 114.22 -56.05 -40.96
CA PHE DA 77 114.09 -55.53 -39.60
C PHE DA 77 112.67 -55.04 -39.38
N THR DA 78 112.07 -55.38 -38.24
CA THR DA 78 110.70 -55.00 -37.92
C THR DA 78 110.67 -54.36 -36.54
N PHE DA 79 110.54 -53.04 -36.50
CA PHE DA 79 110.57 -52.27 -35.27
C PHE DA 79 109.14 -52.02 -34.77
N THR DA 80 108.92 -52.27 -33.48
CA THR DA 80 107.64 -52.04 -32.84
C THR DA 80 107.88 -51.45 -31.45
N ALA DA 81 107.10 -50.43 -31.10
CA ALA DA 81 107.25 -49.74 -29.83
C ALA DA 81 106.46 -50.45 -28.75
N ARG DA 82 107.09 -50.59 -27.58
CA ARG DA 82 106.46 -51.25 -26.45
C ARG DA 82 105.38 -50.33 -25.85
N PRO DA 83 104.41 -50.91 -25.14
CA PRO DA 83 103.37 -50.09 -24.52
C PRO DA 83 103.95 -49.07 -23.55
N GLY DA 84 103.41 -47.86 -23.60
CA GLY DA 84 103.87 -46.77 -22.76
C GLY DA 84 105.07 -46.01 -23.27
N SER DA 85 105.56 -46.35 -24.46
CA SER DA 85 106.77 -45.74 -25.01
C SER DA 85 106.43 -44.49 -25.81
N GLU DA 86 107.45 -43.68 -26.06
CA GLU DA 86 107.32 -42.53 -26.93
C GLU DA 86 107.44 -42.97 -28.40
N ALA DA 87 107.20 -42.04 -29.31
CA ALA DA 87 107.56 -42.25 -30.69
C ALA DA 87 109.04 -41.97 -30.89
N VAL DA 88 109.62 -42.56 -31.92
CA VAL DA 88 111.04 -42.41 -32.19
C VAL DA 88 111.27 -42.51 -33.69
N THR DA 89 112.29 -41.81 -34.17
CA THR DA 89 112.69 -41.84 -35.56
C THR DA 89 114.14 -42.30 -35.65
N ILE DA 90 114.38 -43.34 -36.46
CA ILE DA 90 115.71 -43.92 -36.60
C ILE DA 90 116.42 -43.26 -37.78
N GLU DA 91 117.62 -42.77 -37.55
CA GLU DA 91 118.38 -42.01 -38.55
C GLU DA 91 119.42 -42.85 -39.27
N GLY DA 92 120.01 -43.83 -38.60
CA GLY DA 92 121.01 -44.67 -39.22
C GLY DA 92 121.51 -45.69 -38.22
N TYR DA 93 122.57 -46.40 -38.61
CA TYR DA 93 123.13 -47.45 -37.76
C TYR DA 93 124.65 -47.42 -37.84
N ARG DA 94 125.27 -47.97 -36.80
CA ARG DA 94 126.71 -48.14 -36.73
C ARG DA 94 127.03 -49.62 -36.58
N VAL DA 95 128.00 -50.10 -37.34
CA VAL DA 95 128.42 -51.51 -37.28
C VAL DA 95 129.56 -51.59 -36.27
N LEU DA 96 129.24 -52.04 -35.06
CA LEU DA 96 130.20 -52.07 -33.97
C LEU DA 96 131.10 -53.30 -33.97
N SER DA 97 130.77 -54.32 -34.75
CA SER DA 97 131.56 -55.56 -34.76
C SER DA 97 131.25 -56.33 -36.02
N ASP DA 98 132.26 -56.51 -36.87
CA ASP DA 98 132.15 -57.32 -38.08
C ASP DA 98 133.10 -58.50 -37.96
N ARG DA 99 132.59 -59.71 -38.19
CA ARG DA 99 133.38 -60.93 -38.03
C ARG DA 99 133.01 -61.91 -39.15
N LEU DA 100 133.86 -61.97 -40.17
CA LEU DA 100 133.72 -62.96 -41.24
C LEU DA 100 134.51 -64.20 -40.84
N ASP DA 101 133.79 -65.30 -40.62
CA ASP DA 101 134.35 -66.58 -40.19
C ASP DA 101 135.09 -66.49 -38.86
N GLY DA 102 134.95 -65.39 -38.14
CA GLY DA 102 135.52 -65.26 -36.81
C GLY DA 102 136.65 -64.28 -36.65
N VAL DA 103 136.89 -63.41 -37.63
CA VAL DA 103 137.98 -62.44 -37.58
C VAL DA 103 137.38 -61.05 -37.42
N GLU DA 104 137.78 -60.34 -36.37
CA GLU DA 104 137.23 -59.03 -36.05
C GLU DA 104 137.82 -58.00 -37.02
N ARG DA 105 137.18 -57.87 -38.17
CA ARG DA 105 137.58 -56.90 -39.20
C ARG DA 105 136.76 -55.62 -39.07
N ALA DA 106 136.82 -55.01 -37.90
CA ALA DA 106 135.91 -53.91 -37.57
C ALA DA 106 136.60 -52.61 -37.22
N ASP DA 107 137.71 -52.64 -36.49
CA ASP DA 107 138.38 -51.45 -35.99
C ASP DA 107 137.39 -50.59 -35.21
N PRO DA 108 136.99 -51.00 -34.00
CA PRO DA 108 135.93 -50.28 -33.28
C PRO DA 108 136.27 -48.83 -32.96
N LYS DA 109 137.48 -48.38 -33.22
CA LYS DA 109 137.80 -46.95 -33.07
C LYS DA 109 137.03 -46.11 -34.07
N ASN DA 110 136.82 -46.63 -35.28
CA ASN DA 110 136.17 -45.89 -36.37
C ASN DA 110 135.10 -46.79 -36.99
N PRO DA 111 133.92 -46.87 -36.38
CA PRO DA 111 132.85 -47.71 -36.96
C PRO DA 111 132.42 -47.21 -38.32
N VAL DA 112 131.56 -48.00 -38.96
CA VAL DA 112 131.01 -47.68 -40.27
C VAL DA 112 129.63 -47.10 -40.05
N GLU DA 113 129.51 -45.79 -40.12
CA GLU DA 113 128.23 -45.12 -39.90
C GLU DA 113 127.38 -45.16 -41.15
N ASN DA 114 126.07 -45.05 -40.93
CA ASN DA 114 125.12 -44.82 -42.01
C ASN DA 114 124.15 -43.73 -41.56
N ALA DA 115 123.76 -42.89 -42.50
CA ALA DA 115 122.84 -41.78 -42.23
C ALA DA 115 121.78 -41.69 -43.30
N LYS DA 116 121.16 -42.83 -43.61
CA LYS DA 116 120.32 -42.96 -44.79
C LYS DA 116 118.92 -43.42 -44.40
N MET DA 117 118.50 -43.11 -43.18
CA MET DA 117 117.24 -43.62 -42.64
C MET DA 117 116.39 -42.47 -42.13
N ASN DA 118 115.13 -42.45 -42.56
CA ASN DA 118 114.08 -41.63 -41.94
C ASN DA 118 112.92 -42.59 -41.68
N LEU DA 119 112.99 -43.29 -40.55
CA LEU DA 119 112.04 -44.34 -40.22
C LEU DA 119 111.31 -43.98 -38.94
N TYR DA 120 110.00 -43.86 -39.03
CA TYR DA 120 109.17 -43.42 -37.91
C TYR DA 120 108.54 -44.63 -37.22
N VAL DA 121 108.77 -44.74 -35.92
CA VAL DA 121 108.18 -45.79 -35.09
C VAL DA 121 107.07 -45.14 -34.26
N PRO DA 122 105.81 -45.47 -34.50
CA PRO DA 122 104.71 -44.84 -33.74
C PRO DA 122 104.82 -45.10 -32.24
N SER DA 123 104.01 -44.35 -31.50
CA SER DA 123 104.26 -44.17 -30.07
C SER DA 123 104.14 -45.47 -29.28
N GLY DA 124 103.10 -46.26 -29.55
CA GLY DA 124 102.86 -47.42 -28.73
C GLY DA 124 101.66 -47.22 -27.83
N TYR DA 125 100.67 -46.50 -28.35
CA TYR DA 125 99.38 -46.30 -27.70
C TYR DA 125 98.29 -46.69 -28.69
N ALA DA 126 97.04 -46.55 -28.26
CA ALA DA 126 95.91 -46.84 -29.13
C ALA DA 126 94.80 -45.85 -28.81
N CYS DA 127 94.08 -45.42 -29.84
CA CYS DA 127 93.01 -44.44 -29.67
C CYS DA 127 92.04 -44.59 -30.84
N GLU DA 128 91.17 -43.61 -31.01
CA GLU DA 128 90.14 -43.66 -32.04
C GLU DA 128 90.56 -42.96 -33.33
N GLY DA 129 91.24 -41.82 -33.22
CA GLY DA 129 91.60 -41.02 -34.36
C GLY DA 129 92.94 -41.35 -34.98
N LEU DA 130 93.59 -42.44 -34.55
CA LEU DA 130 94.91 -42.76 -35.05
C LEU DA 130 94.84 -43.16 -36.52
N THR DA 131 95.70 -42.54 -37.33
CA THR DA 131 95.82 -42.88 -38.74
C THR DA 131 96.78 -44.06 -38.89
N ALA DA 132 97.21 -44.31 -40.13
CA ALA DA 132 98.06 -45.47 -40.40
C ALA DA 132 99.43 -45.32 -39.73
N GLY DA 133 100.18 -44.29 -40.11
CA GLY DA 133 101.54 -44.16 -39.62
C GLY DA 133 101.78 -42.98 -38.71
N ALA DA 134 100.85 -42.73 -37.79
CA ALA DA 134 100.95 -41.60 -36.88
C ALA DA 134 101.02 -42.08 -35.44
N SER DA 135 101.08 -41.12 -34.51
CA SER DA 135 101.06 -41.40 -33.09
C SER DA 135 99.91 -40.64 -32.45
N CYS DA 136 99.39 -41.20 -31.36
CA CYS DA 136 98.35 -40.53 -30.60
C CYS DA 136 98.90 -39.28 -29.94
N GLN DA 137 98.03 -38.28 -29.76
CA GLN DA 137 98.43 -37.08 -29.04
C GLN DA 137 98.79 -37.39 -27.60
N GLY DA 138 98.00 -38.23 -26.95
CA GLY DA 138 98.22 -38.60 -25.56
C GLY DA 138 97.14 -38.16 -24.60
N ASN DA 139 96.08 -37.51 -25.06
CA ASN DA 139 95.02 -37.01 -24.19
C ASN DA 139 93.66 -37.26 -24.81
N GLU DA 140 93.44 -38.47 -25.34
CA GLU DA 140 92.21 -38.79 -26.05
C GLU DA 140 91.08 -39.24 -25.14
N SER DA 141 91.36 -39.49 -23.86
CA SER DA 141 90.38 -39.97 -22.88
C SER DA 141 89.92 -41.38 -23.22
N ASP DA 142 90.38 -41.88 -24.37
CA ASP DA 142 90.18 -43.24 -24.81
C ASP DA 142 91.48 -44.00 -24.92
N ILE DA 143 92.61 -43.31 -24.72
CA ILE DA 143 93.91 -43.84 -25.09
C ILE DA 143 94.31 -44.97 -24.15
N ARG DA 144 94.86 -46.04 -24.74
CA ARG DA 144 95.43 -47.16 -24.03
C ARG DA 144 96.93 -47.21 -24.28
N ILE DA 145 97.60 -48.15 -23.62
CA ILE DA 145 98.98 -48.50 -23.92
C ILE DA 145 98.95 -49.82 -24.67
N ALA DA 146 99.48 -49.84 -25.88
CA ALA DA 146 99.47 -51.03 -26.71
C ALA DA 146 100.81 -51.14 -27.41
N ASN DA 147 100.92 -52.11 -28.31
CA ASN DA 147 102.11 -52.22 -29.14
C ASN DA 147 101.93 -51.36 -30.38
N GLY DA 148 102.99 -50.64 -30.74
CA GLY DA 148 102.91 -49.73 -31.87
C GLY DA 148 102.82 -50.47 -33.19
N GLN DA 149 102.47 -49.72 -34.23
CA GLN DA 149 102.39 -50.30 -35.55
C GLN DA 149 103.79 -50.74 -36.00
N PRO DA 150 103.93 -51.91 -36.62
CA PRO DA 150 105.26 -52.36 -37.06
C PRO DA 150 105.70 -51.63 -38.31
N VAL DA 151 106.95 -51.18 -38.30
CA VAL DA 151 107.57 -50.55 -39.45
C VAL DA 151 108.84 -51.30 -39.79
N GLN DA 152 109.09 -51.51 -41.08
CA GLN DA 152 110.16 -52.38 -41.53
C GLN DA 152 111.23 -51.62 -42.31
N HIS DA 153 112.42 -52.21 -42.32
CA HIS DA 153 113.54 -51.73 -43.11
C HIS DA 153 114.36 -52.93 -43.55
N GLN DA 154 115.06 -52.79 -44.68
CA GLN DA 154 115.82 -53.88 -45.26
C GLN DA 154 117.28 -53.46 -45.42
N ILE DA 155 118.19 -54.33 -45.00
CA ILE DA 155 119.62 -54.15 -45.21
C ILE DA 155 120.12 -55.45 -45.82
N TYR DA 156 120.44 -55.43 -47.11
CA TYR DA 156 120.94 -56.62 -47.80
C TYR DA 156 122.43 -56.75 -47.54
N PHE DA 157 122.82 -57.81 -46.83
CA PHE DA 157 124.21 -58.03 -46.46
C PHE DA 157 124.91 -58.91 -47.49
N ARG DA 174 129.51 -64.63 -41.71
CA ARG DA 174 129.58 -63.26 -41.27
C ARG DA 174 128.50 -62.93 -40.26
N VAL DA 175 128.89 -62.36 -39.12
CA VAL DA 175 127.95 -61.88 -38.12
C VAL DA 175 128.31 -60.45 -37.75
N VAL DA 176 127.38 -59.53 -37.96
CA VAL DA 176 127.60 -58.12 -37.66
C VAL DA 176 126.72 -57.71 -36.50
N ASP DA 177 127.18 -56.69 -35.77
CA ASP DA 177 126.47 -56.19 -34.59
C ASP DA 177 126.10 -54.73 -34.84
N LEU DA 178 124.87 -54.50 -35.26
CA LEU DA 178 124.39 -53.17 -35.59
C LEU DA 178 124.10 -52.39 -34.31
N GLU DA 179 123.86 -51.09 -34.50
CA GLU DA 179 123.38 -50.23 -33.42
C GLU DA 179 122.65 -49.06 -34.07
N PHE DA 180 121.31 -49.13 -34.10
CA PHE DA 180 120.53 -48.05 -34.66
C PHE DA 180 120.54 -46.85 -33.73
N TYR DA 181 120.41 -45.65 -34.32
CA TYR DA 181 120.33 -44.43 -33.54
C TYR DA 181 119.27 -43.52 -34.12
N GLY DA 182 118.95 -42.47 -33.37
CA GLY DA 182 117.89 -41.55 -33.75
C GLY DA 182 117.54 -40.62 -32.62
N PHE DA 183 116.28 -40.18 -32.61
CA PHE DA 183 115.79 -39.26 -31.61
C PHE DA 183 114.32 -39.54 -31.36
N SER DA 184 113.88 -39.27 -30.12
CA SER DA 184 112.50 -39.56 -29.74
C SER DA 184 111.60 -38.40 -30.14
N ALA DA 185 110.33 -38.45 -29.71
CA ALA DA 185 109.42 -37.35 -29.99
C ALA DA 185 109.75 -36.11 -29.18
N ASN DA 186 110.55 -36.23 -28.13
CA ASN DA 186 111.06 -35.11 -27.37
C ASN DA 186 112.46 -34.71 -27.80
N ASN DA 187 112.94 -35.24 -28.92
CA ASN DA 187 114.23 -34.89 -29.52
C ASN DA 187 115.38 -35.20 -28.57
N VAL DA 188 115.43 -36.44 -28.10
CA VAL DA 188 116.55 -36.90 -27.29
C VAL DA 188 117.19 -38.10 -27.96
N PRO DA 189 118.52 -38.26 -27.87
CA PRO DA 189 119.20 -39.32 -28.62
C PRO DA 189 118.76 -40.71 -28.18
N PHE DA 190 118.81 -41.64 -29.13
CA PHE DA 190 118.34 -43.00 -28.93
C PHE DA 190 119.32 -43.99 -29.56
N THR DA 191 119.53 -45.12 -28.89
CA THR DA 191 120.38 -46.19 -29.40
C THR DA 191 119.74 -47.54 -29.11
N ARG DA 192 119.88 -48.47 -30.05
CA ARG DA 192 119.25 -49.78 -29.93
C ARG DA 192 120.15 -50.82 -30.59
N LYS DA 193 120.76 -51.68 -29.79
CA LYS DA 193 121.70 -52.67 -30.32
C LYS DA 193 120.96 -53.91 -30.81
N VAL DA 194 121.33 -54.39 -31.99
CA VAL DA 194 120.66 -55.50 -32.65
C VAL DA 194 121.69 -56.60 -32.91
N THR DA 195 122.63 -56.76 -31.97
CA THR DA 195 123.71 -57.73 -32.08
C THR DA 195 123.24 -59.12 -32.52
N GLY DA 196 124.09 -59.80 -33.28
CA GLY DA 196 123.93 -61.22 -33.56
C GLY DA 196 123.48 -61.59 -34.96
N ILE DA 197 123.14 -60.62 -35.81
CA ILE DA 197 122.58 -60.97 -37.11
C ILE DA 197 123.61 -61.66 -37.97
N VAL DA 198 123.18 -62.67 -38.72
CA VAL DA 198 124.05 -63.61 -39.42
C VAL DA 198 123.97 -63.35 -40.91
N SER DA 199 125.12 -63.11 -41.53
CA SER DA 199 125.24 -62.95 -42.99
C SER DA 199 124.27 -61.92 -43.55
N THR EA 34 -56.29 133.22 66.18
CA THR EA 34 -57.13 132.97 65.02
C THR EA 34 -58.37 133.88 65.02
N VAL EA 35 -58.92 134.11 63.84
CA VAL EA 35 -60.12 134.94 63.68
C VAL EA 35 -61.00 134.33 62.59
N TYR EA 36 -62.31 134.44 62.79
CA TYR EA 36 -63.29 134.00 61.80
C TYR EA 36 -63.97 135.22 61.23
N ARG EA 37 -63.86 135.42 59.92
CA ARG EA 37 -64.53 136.52 59.25
C ARG EA 37 -65.06 136.04 57.91
N ASP EA 38 -66.29 136.44 57.58
CA ASP EA 38 -66.93 136.09 56.32
C ASP EA 38 -67.29 137.38 55.59
N PRO EA 39 -66.43 137.85 54.70
CA PRO EA 39 -66.65 139.15 54.04
C PRO EA 39 -67.73 139.10 52.97
N SER EA 40 -68.85 138.45 53.30
CA SER EA 40 -70.03 138.44 52.45
C SER EA 40 -71.30 138.51 53.28
N LEU EA 41 -71.20 138.92 54.53
CA LEU EA 41 -72.34 139.02 55.44
C LEU EA 41 -72.36 140.41 56.06
N THR EA 42 -73.51 140.75 56.65
CA THR EA 42 -73.67 142.03 57.31
C THR EA 42 -72.70 142.13 58.49
N SER EA 43 -72.15 143.33 58.69
CA SER EA 43 -71.25 143.60 59.81
C SER EA 43 -71.94 144.32 60.96
N ALA EA 44 -73.27 144.39 60.95
CA ALA EA 44 -73.97 145.10 62.00
C ALA EA 44 -73.81 144.38 63.34
N PRO EA 45 -73.70 145.11 64.44
CA PRO EA 45 -73.54 144.45 65.74
C PRO EA 45 -74.79 143.71 66.18
N ILE EA 46 -74.59 142.67 66.98
CA ILE EA 46 -75.67 141.89 67.56
C ILE EA 46 -75.49 141.86 69.07
N THR EA 47 -76.49 141.32 69.75
CA THR EA 47 -76.45 141.19 71.20
C THR EA 47 -77.42 140.07 71.59
N ALA EA 48 -76.89 138.97 72.11
CA ALA EA 48 -77.72 137.80 72.40
C ALA EA 48 -77.21 137.10 73.65
N ASN EA 49 -77.95 136.07 74.05
CA ASN EA 49 -77.67 135.32 75.25
C ASN EA 49 -78.56 134.08 75.25
N VAL EA 50 -78.04 132.98 75.79
CA VAL EA 50 -78.81 131.75 75.87
C VAL EA 50 -78.15 130.83 76.90
N GLY EA 51 -78.99 130.18 77.70
CA GLY EA 51 -78.56 129.07 78.53
C GLY EA 51 -77.68 129.41 79.72
N LYS EA 52 -77.58 128.47 80.65
CA LYS EA 52 -76.68 128.56 81.79
C LYS EA 52 -75.93 127.24 81.93
N TYR EA 53 -74.71 127.31 82.44
CA TYR EA 53 -73.90 126.12 82.61
C TYR EA 53 -74.50 125.21 83.68
N VAL EA 54 -74.28 123.92 83.51
CA VAL EA 54 -74.93 122.94 84.39
C VAL EA 54 -74.02 122.49 85.52
N GLY EA 55 -72.75 122.22 85.24
CA GLY EA 55 -71.88 121.61 86.21
C GLY EA 55 -71.26 122.61 87.16
N PRO EA 56 -70.51 122.10 88.15
CA PRO EA 56 -69.77 123.01 89.03
C PRO EA 56 -68.42 123.42 88.47
N LEU EA 57 -67.91 122.73 87.45
CA LEU EA 57 -66.62 123.06 86.87
C LEU EA 57 -66.74 124.03 85.71
N SER EA 58 -67.73 123.83 84.84
CA SER EA 58 -67.96 124.78 83.76
C SER EA 58 -68.38 126.14 84.31
N THR EA 59 -69.07 126.16 85.45
CA THR EA 59 -69.46 127.44 86.05
C THR EA 59 -68.29 128.10 86.73
N PHE EA 60 -67.44 127.34 87.41
CA PHE EA 60 -66.28 127.93 88.08
C PHE EA 60 -65.32 128.53 87.06
N LEU EA 61 -64.92 127.73 86.08
CA LEU EA 61 -64.31 128.30 84.91
C LEU EA 61 -65.34 129.16 84.19
N ALA EA 62 -64.88 129.95 83.21
CA ALA EA 62 -65.77 130.82 82.46
C ALA EA 62 -66.42 131.88 83.35
N SER EA 63 -66.10 131.85 84.63
CA SER EA 63 -66.46 132.89 85.58
C SER EA 63 -65.24 133.58 86.16
N ILE EA 64 -64.18 132.82 86.45
CA ILE EA 64 -62.92 133.46 86.81
C ILE EA 64 -62.31 134.13 85.60
N ALA EA 65 -62.63 133.64 84.40
CA ALA EA 65 -62.16 134.29 83.18
C ALA EA 65 -63.00 135.50 82.81
N LYS EA 66 -64.19 135.63 83.38
CA LYS EA 66 -64.96 136.86 83.21
C LYS EA 66 -64.53 137.94 84.20
N SER EA 67 -63.75 137.59 85.22
CA SER EA 67 -63.11 138.62 86.03
C SER EA 67 -62.13 139.42 85.20
N ALA EA 68 -61.37 138.75 84.35
CA ALA EA 68 -60.70 139.42 83.25
C ALA EA 68 -61.67 139.54 82.08
N GLY EA 69 -61.23 140.10 80.97
CA GLY EA 69 -62.14 140.20 79.85
C GLY EA 69 -62.01 139.03 78.91
N TYR EA 70 -62.85 138.01 79.11
CA TYR EA 70 -62.80 136.81 78.29
C TYR EA 70 -64.19 136.18 78.28
N GLU EA 71 -64.45 135.35 77.27
CA GLU EA 71 -65.79 134.88 76.96
C GLU EA 71 -65.82 133.38 76.71
N VAL EA 72 -65.26 132.62 77.64
CA VAL EA 72 -65.01 131.19 77.51
C VAL EA 72 -66.08 130.40 76.76
N VAL EA 73 -65.64 129.56 75.82
CA VAL EA 73 -66.50 128.69 75.03
C VAL EA 73 -65.92 127.29 75.05
N PHE EA 74 -66.75 126.31 75.39
CA PHE EA 74 -66.29 124.93 75.57
C PHE EA 74 -66.61 124.11 74.33
N ASN EA 75 -65.65 123.32 73.88
CA ASN EA 75 -65.85 122.45 72.72
C ASN EA 75 -66.46 121.11 73.08
N PHE EA 76 -66.68 120.83 74.36
CA PHE EA 76 -67.19 119.53 74.77
C PHE EA 76 -67.92 119.69 76.09
N ASN EA 77 -68.50 118.59 76.58
CA ASN EA 77 -69.23 118.59 77.84
C ASN EA 77 -68.22 118.42 78.96
N ILE EA 78 -67.71 119.54 79.47
CA ILE EA 78 -66.68 119.48 80.50
C ILE EA 78 -67.23 118.93 81.81
N ASP EA 79 -68.54 118.95 82.00
CA ASP EA 79 -69.16 118.48 83.22
C ASP EA 79 -69.41 116.98 83.20
N ALA EA 80 -69.04 116.29 82.13
CA ALA EA 80 -69.15 114.84 82.05
C ALA EA 80 -67.84 114.16 82.37
N LEU EA 81 -66.88 114.87 82.93
CA LEU EA 81 -65.66 114.26 83.41
C LEU EA 81 -65.92 113.59 84.76
N ALA EA 82 -64.86 113.10 85.39
CA ALA EA 82 -64.95 112.50 86.71
C ALA EA 82 -64.59 113.56 87.74
N LEU EA 83 -65.60 114.08 88.44
CA LEU EA 83 -65.42 115.20 89.34
C LEU EA 83 -66.02 114.87 90.70
N ILE EA 84 -65.27 115.15 91.76
CA ILE EA 84 -65.68 114.86 93.12
C ILE EA 84 -65.69 116.15 93.93
N ASN EA 85 -66.69 116.28 94.79
CA ASN EA 85 -66.90 117.52 95.53
C ASN EA 85 -67.80 117.22 96.71
N GLY EA 86 -67.86 118.19 97.63
CA GLY EA 86 -68.78 118.05 98.76
C GLY EA 86 -70.23 118.08 98.32
N GLU EA 87 -70.56 118.97 97.39
CA GLU EA 87 -71.93 119.12 96.91
C GLU EA 87 -72.30 118.07 95.88
N ILE EA 88 -71.33 117.51 95.17
CA ILE EA 88 -71.63 116.53 94.12
C ILE EA 88 -72.25 115.28 94.72
N VAL EA 89 -71.71 114.82 95.85
CA VAL EA 89 -72.18 113.55 96.42
C VAL EA 89 -73.27 113.75 97.47
N PHE EA 90 -73.29 114.89 98.15
CA PHE EA 90 -74.18 115.10 99.27
C PHE EA 90 -75.36 116.00 98.94
N GLY EA 91 -75.59 116.28 97.67
CA GLY EA 91 -76.67 117.18 97.33
C GLY EA 91 -76.36 118.59 97.79
N ASN EA 92 -77.43 119.36 98.01
CA ASN EA 92 -77.29 120.74 98.43
C ASN EA 92 -78.47 121.17 99.29
N THR EA 98 -80.85 120.21 93.17
CA THR EA 98 -80.90 119.35 92.00
C THR EA 98 -80.42 117.94 92.34
N THR EA 99 -80.09 117.16 91.31
CA THR EA 99 -79.63 115.79 91.48
C THR EA 99 -78.15 115.65 91.17
N SER EA 100 -77.43 116.77 91.11
CA SER EA 100 -75.96 116.78 91.06
C SER EA 100 -75.44 116.02 89.84
N TYR EA 101 -75.67 116.62 88.68
CA TYR EA 101 -75.19 116.06 87.41
C TYR EA 101 -73.68 116.17 87.35
N ALA EA 102 -72.96 115.39 88.16
CA ALA EA 102 -71.51 115.34 88.03
C ALA EA 102 -70.98 113.92 88.05
N THR EA 103 -71.54 113.06 88.90
CA THR EA 103 -71.28 111.62 88.90
C THR EA 103 -69.79 111.30 88.95
N PRO EA 104 -69.18 111.30 90.15
CA PRO EA 104 -67.73 111.05 90.27
C PRO EA 104 -67.21 109.87 89.46
N LEU EA 105 -68.09 108.99 89.04
CA LEU EA 105 -67.77 107.91 88.11
C LEU EA 105 -67.64 108.38 86.70
N GLY EA 106 -67.74 109.67 86.46
CA GLY EA 106 -67.72 110.18 85.11
C GLY EA 106 -69.06 110.00 84.44
N ARG EA 107 -69.09 110.30 83.15
CA ARG EA 107 -70.30 110.15 82.36
C ARG EA 107 -69.91 110.12 80.89
N PRO EA 108 -69.15 109.13 80.45
CA PRO EA 108 -68.47 109.22 79.14
C PRO EA 108 -69.42 109.15 77.95
N GLN EA 109 -70.65 108.68 78.11
CA GLN EA 109 -71.57 108.66 76.99
C GLN EA 109 -72.10 110.05 76.65
N GLU EA 110 -72.08 110.97 77.60
CA GLU EA 110 -72.54 112.33 77.40
C GLU EA 110 -71.39 113.32 77.34
N LEU EA 111 -70.19 112.85 77.06
CA LEU EA 111 -69.00 113.68 77.03
C LEU EA 111 -68.89 114.49 75.74
N PRO EA 112 -69.19 113.94 74.56
CA PRO EA 112 -69.03 114.75 73.34
C PRO EA 112 -70.17 115.72 73.07
N ALA EA 113 -70.99 116.01 74.07
CA ALA EA 113 -72.05 116.98 73.91
C ALA EA 113 -71.47 118.37 73.69
N LYS EA 114 -72.34 119.35 73.41
CA LYS EA 114 -71.92 120.72 73.16
C LYS EA 114 -72.73 121.64 74.04
N PRO EA 115 -72.11 122.41 74.92
CA PRO EA 115 -72.89 123.33 75.79
C PRO EA 115 -73.41 124.51 74.99
N VAL EA 116 -74.73 124.65 74.95
CA VAL EA 116 -75.35 125.81 74.30
C VAL EA 116 -75.46 126.89 75.37
N VAL EA 117 -74.36 127.59 75.60
CA VAL EA 117 -74.30 128.76 76.46
C VAL EA 117 -73.43 129.79 75.76
N HIS EA 118 -74.02 130.93 75.41
CA HIS EA 118 -73.29 131.94 74.67
C HIS EA 118 -73.69 133.32 75.18
N ASN EA 119 -72.79 134.28 74.98
CA ASN EA 119 -73.05 135.66 75.38
C ASN EA 119 -72.33 136.58 74.41
N PHE EA 120 -73.08 137.47 73.79
CA PHE EA 120 -72.56 138.39 72.79
C PHE EA 120 -73.00 139.80 73.12
N SER EA 121 -72.09 140.75 72.98
CA SER EA 121 -72.38 142.16 73.23
C SER EA 121 -71.67 142.98 72.18
N ASN EA 122 -72.44 143.57 71.26
CA ASN EA 122 -71.92 144.46 70.23
C ASN EA 122 -70.97 143.70 69.29
N ALA EA 123 -71.04 142.38 69.32
CA ALA EA 123 -70.24 141.59 68.40
C ALA EA 123 -70.75 141.75 66.98
N PRO EA 124 -69.86 141.90 66.00
CA PRO EA 124 -70.30 142.00 64.61
C PRO EA 124 -70.83 140.67 64.11
N PHE EA 125 -72.03 140.69 63.54
CA PHE EA 125 -72.59 139.48 62.95
C PHE EA 125 -71.72 138.93 61.85
N ASN EA 126 -70.90 139.77 61.23
CA ASN EA 126 -70.01 139.31 60.17
C ASN EA 126 -69.04 138.26 60.69
N GLU EA 127 -68.57 138.42 61.92
CA GLU EA 127 -67.54 137.55 62.47
C GLU EA 127 -67.98 136.74 63.67
N ALA EA 128 -69.19 136.95 64.18
CA ALA EA 128 -69.71 136.11 65.25
C ALA EA 128 -70.45 134.89 64.69
N TRP EA 129 -71.07 135.03 63.52
CA TRP EA 129 -71.75 133.92 62.89
C TRP EA 129 -70.79 132.80 62.47
N PRO EA 130 -69.66 133.07 61.79
CA PRO EA 130 -68.77 131.97 61.43
C PRO EA 130 -68.18 131.24 62.61
N LEU EA 131 -68.09 131.88 63.78
CA LEU EA 131 -67.63 131.18 64.97
C LEU EA 131 -68.63 130.11 65.39
N LEU EA 132 -69.92 130.47 65.44
CA LEU EA 132 -70.94 129.52 65.84
C LEU EA 132 -71.05 128.36 64.86
N MET EA 133 -70.75 128.59 63.58
CA MET EA 133 -70.70 127.49 62.62
C MET EA 133 -69.48 126.61 62.77
N ASP EA 134 -68.49 127.00 63.53
CA ASP EA 134 -67.37 126.11 63.78
C ASP EA 134 -67.53 125.38 65.11
N VAL EA 135 -68.22 125.98 66.09
CA VAL EA 135 -68.49 125.29 67.35
C VAL EA 135 -69.40 124.09 67.12
N TYR EA 136 -70.46 124.28 66.34
CA TYR EA 136 -71.44 123.22 66.10
C TYR EA 136 -71.21 122.48 64.80
N GLU EA 137 -70.17 122.82 64.05
CA GLU EA 137 -69.80 122.12 62.81
C GLU EA 137 -70.95 122.13 61.81
N LEU EA 138 -71.36 123.33 61.43
CA LEU EA 138 -72.41 123.52 60.44
C LEU EA 138 -71.83 124.20 59.21
N ASP EA 139 -72.60 124.16 58.12
CA ASP EA 139 -72.20 124.74 56.85
C ASP EA 139 -73.40 125.49 56.29
N TYR EA 140 -73.18 126.72 55.86
CA TYR EA 140 -74.27 127.58 55.41
C TYR EA 140 -74.01 128.10 54.01
N GLN EA 141 -75.09 128.59 53.39
CA GLN EA 141 -75.01 129.24 52.08
C GLN EA 141 -76.18 130.20 51.97
N LEU EA 142 -76.04 131.19 51.11
CA LEU EA 142 -77.02 132.26 50.99
C LEU EA 142 -77.90 132.07 49.77
N VAL EA 143 -79.19 132.34 49.94
CA VAL EA 143 -80.18 132.26 48.88
C VAL EA 143 -80.96 133.57 48.88
N LYS EA 144 -81.38 134.01 47.70
CA LYS EA 144 -82.15 135.23 47.54
C LYS EA 144 -83.59 134.89 47.17
N VAL EA 145 -84.54 135.44 47.92
CA VAL EA 145 -85.96 135.21 47.66
C VAL EA 145 -86.53 136.58 47.31
N GLY EA 146 -85.72 137.39 46.63
CA GLY EA 146 -86.13 138.72 46.24
C GLY EA 146 -85.34 139.81 46.93
N SER EA 147 -86.01 140.59 47.77
CA SER EA 147 -85.34 141.62 48.54
C SER EA 147 -84.85 141.11 49.89
N ALA EA 148 -85.01 139.84 50.17
CA ALA EA 148 -84.60 139.24 51.44
C ALA EA 148 -83.59 138.15 51.18
N ASN EA 149 -82.50 138.17 51.95
CA ASN EA 149 -81.48 137.13 51.88
C ASN EA 149 -81.76 136.09 52.95
N VAL EA 150 -81.68 134.82 52.56
CA VAL EA 150 -82.01 133.71 53.45
C VAL EA 150 -80.82 132.75 53.52
N ILE EA 151 -80.49 132.33 54.73
CA ILE EA 151 -79.35 131.46 54.98
C ILE EA 151 -79.84 130.02 55.11
N ARG EA 152 -79.22 129.11 54.35
CA ARG EA 152 -79.61 127.71 54.35
C ARG EA 152 -78.57 126.92 55.14
N ILE EA 153 -78.82 126.77 56.44
CA ILE EA 153 -77.87 126.07 57.30
C ILE EA 153 -77.94 124.58 57.03
N GLY EA 154 -76.79 123.95 56.86
CA GLY EA 154 -76.73 122.53 56.64
C GLY EA 154 -75.86 121.84 57.67
N GLN EA 155 -75.04 120.88 57.23
CA GLN EA 155 -74.15 120.16 58.11
C GLN EA 155 -72.83 120.01 57.40
N ARG EA 156 -71.73 120.14 58.12
CA ARG EA 156 -70.43 120.17 57.48
C ARG EA 156 -69.97 118.75 57.14
N PRO EA 157 -69.42 118.52 55.95
CA PRO EA 157 -68.84 117.23 55.63
C PRO EA 157 -67.57 117.01 56.44
N LYS EA 158 -67.58 115.98 57.29
CA LYS EA 158 -66.50 115.74 58.24
C LYS EA 158 -65.45 114.84 57.61
N GLN EA 159 -64.61 115.45 56.78
CA GLN EA 159 -63.50 114.75 56.14
C GLN EA 159 -62.26 115.62 56.21
N LEU EA 160 -61.11 114.96 56.15
CA LEU EA 160 -59.84 115.68 56.28
C LEU EA 160 -58.76 114.85 55.60
N ALA EA 161 -57.87 115.53 54.90
CA ALA EA 161 -56.75 114.89 54.22
C ALA EA 161 -55.47 115.21 55.00
N LEU EA 162 -54.72 114.17 55.33
CA LEU EA 162 -53.50 114.33 56.12
C LEU EA 162 -52.29 113.92 55.30
N PRO EA 163 -51.52 114.86 54.75
CA PRO EA 163 -50.31 114.47 54.01
C PRO EA 163 -49.29 113.82 54.91
N LEU EA 164 -48.62 112.79 54.40
CA LEU EA 164 -47.56 112.09 55.10
C LEU EA 164 -46.23 112.40 54.45
N LYS EA 165 -45.23 112.73 55.27
CA LYS EA 165 -43.93 113.14 54.76
C LYS EA 165 -42.84 112.11 54.93
N PHE EA 166 -42.94 111.19 55.90
CA PHE EA 166 -41.85 110.28 56.16
C PHE EA 166 -42.25 108.84 56.42
N ILE EA 167 -43.54 108.52 56.47
CA ILE EA 167 -43.97 107.16 56.73
C ILE EA 167 -45.01 106.75 55.71
N SER EA 168 -45.01 105.47 55.36
CA SER EA 168 -45.99 104.94 54.43
C SER EA 168 -47.36 104.91 55.08
N ALA EA 169 -48.39 105.32 54.32
CA ALA EA 169 -49.74 105.33 54.85
C ALA EA 169 -50.36 103.94 54.78
N GLU EA 170 -49.67 102.95 55.29
CA GLU EA 170 -50.21 101.61 55.44
C GLU EA 170 -49.84 101.11 56.82
N SER EA 171 -48.72 101.61 57.35
CA SER EA 171 -48.35 101.39 58.74
C SER EA 171 -48.78 102.53 59.64
N ALA EA 172 -48.97 103.73 59.07
CA ALA EA 172 -49.54 104.82 59.84
C ALA EA 172 -50.99 104.51 60.24
N LEU EA 173 -51.74 103.84 59.37
CA LEU EA 173 -53.06 103.38 59.74
C LEU EA 173 -52.99 102.35 60.86
N THR EA 174 -52.03 101.42 60.78
CA THR EA 174 -51.90 100.41 61.81
C THR EA 174 -51.56 101.04 63.16
N ALA EA 175 -50.70 102.05 63.15
CA ALA EA 175 -50.37 102.75 64.38
C ALA EA 175 -51.51 103.63 64.89
N ILE EA 176 -52.52 103.88 64.06
CA ILE EA 176 -53.68 104.64 64.50
C ILE EA 176 -54.78 103.72 65.03
N GLU EA 177 -54.95 102.55 64.39
CA GLU EA 177 -55.95 101.60 64.88
C GLU EA 177 -55.61 101.04 66.24
N LYS EA 178 -54.35 101.14 66.67
CA LYS EA 178 -54.00 100.69 68.01
C LYS EA 178 -54.06 101.85 69.00
N PHE EA 179 -53.64 103.04 68.57
CA PHE EA 179 -53.77 104.23 69.39
C PHE EA 179 -55.20 104.43 69.87
N PHE EA 180 -56.12 104.47 68.91
CA PHE EA 180 -57.51 104.86 69.14
C PHE EA 180 -58.46 103.67 69.11
N GLY EA 181 -57.93 102.46 69.14
CA GLY EA 181 -58.78 101.29 69.15
C GLY EA 181 -59.53 101.14 70.46
N GLU EA 182 -60.51 100.24 70.44
CA GLU EA 182 -61.30 99.96 71.63
C GLU EA 182 -61.63 98.48 71.73
N ARG EA 202 -61.69 99.79 66.52
CA ARG EA 202 -62.02 101.12 66.02
C ARG EA 202 -63.48 101.45 66.21
N PRO EA 203 -63.76 102.57 66.87
CA PRO EA 203 -65.15 102.99 67.02
C PRO EA 203 -65.75 103.39 65.69
N THR EA 204 -67.08 103.27 65.60
CA THR EA 204 -67.75 103.62 64.35
C THR EA 204 -67.77 105.12 64.09
N GLY EA 205 -67.38 105.94 65.06
CA GLY EA 205 -67.28 107.36 64.83
C GLY EA 205 -66.04 107.80 64.10
N LYS EA 206 -65.15 106.88 63.77
CA LYS EA 206 -63.87 107.20 63.13
C LYS EA 206 -63.64 106.28 61.94
N PHE EA 207 -63.08 106.86 60.87
CA PHE EA 207 -62.69 106.10 59.69
C PHE EA 207 -61.32 106.57 59.23
N GLY EA 208 -60.52 105.65 58.71
CA GLY EA 208 -59.23 106.00 58.16
C GLY EA 208 -59.00 105.39 56.80
N LEU EA 209 -58.84 106.22 55.77
CA LEU EA 209 -58.67 105.74 54.42
C LEU EA 209 -57.21 105.88 54.01
N PRO EA 210 -56.45 104.80 53.87
CA PRO EA 210 -55.12 104.91 53.30
C PRO EA 210 -55.17 105.32 51.84
N ASN EA 211 -54.12 106.00 51.40
CA ASN EA 211 -54.02 106.39 50.01
C ASN EA 211 -52.62 106.20 49.43
N SER EA 212 -51.67 105.69 50.21
CA SER EA 212 -50.28 105.48 49.81
C SER EA 212 -49.56 106.80 49.60
N ILE EA 213 -50.27 107.92 49.73
CA ILE EA 213 -49.68 109.25 49.72
C ILE EA 213 -50.12 109.96 50.99
N LYS EA 214 -51.26 109.57 51.52
CA LYS EA 214 -51.84 110.23 52.68
C LYS EA 214 -52.90 109.33 53.30
N VAL EA 215 -53.58 109.86 54.32
CA VAL EA 215 -54.72 109.21 54.94
C VAL EA 215 -55.86 110.21 54.96
N ILE EA 216 -57.08 109.69 55.08
CA ILE EA 216 -58.27 110.53 55.06
C ILE EA 216 -59.13 110.24 56.29
N PRO EA 217 -58.80 110.81 57.45
CA PRO EA 217 -59.60 110.56 58.66
C PRO EA 217 -61.00 111.13 58.56
N ASP EA 218 -61.93 110.47 59.25
CA ASP EA 218 -63.35 110.83 59.27
C ASP EA 218 -63.78 110.88 60.73
N SER EA 219 -63.98 112.07 61.29
CA SER EA 219 -64.41 112.15 62.68
C SER EA 219 -64.88 113.57 62.97
N SER EA 220 -65.50 113.72 64.14
CA SER EA 220 -65.93 115.02 64.61
C SER EA 220 -64.73 115.95 64.76
N ASN EA 221 -65.03 117.22 65.01
CA ASN EA 221 -63.98 118.22 65.11
C ASN EA 221 -63.02 117.88 66.24
N LYS EA 222 -63.56 117.49 67.39
CA LYS EA 222 -62.72 117.22 68.55
C LYS EA 222 -61.79 116.04 68.30
N ARG EA 223 -62.30 114.98 67.69
CA ARG EA 223 -61.48 113.81 67.41
C ARG EA 223 -60.56 114.01 66.21
N LEU EA 224 -60.71 115.11 65.48
CA LEU EA 224 -59.77 115.46 64.42
C LEU EA 224 -58.67 116.39 64.91
N ILE EA 225 -58.63 116.73 66.19
CA ILE EA 225 -57.54 117.49 66.77
C ILE EA 225 -56.70 116.63 67.69
N ILE EA 226 -57.30 116.15 68.79
CA ILE EA 226 -56.60 115.21 69.66
C ILE EA 226 -56.41 113.88 68.98
N GLY EA 227 -57.12 113.66 67.89
CA GLY EA 227 -57.01 112.40 67.19
C GLY EA 227 -55.86 112.43 66.23
N SER EA 228 -56.14 112.14 64.98
CA SER EA 228 -55.07 111.91 64.02
C SER EA 228 -54.16 113.13 63.89
N ASN EA 229 -54.72 114.33 63.94
CA ASN EA 229 -53.93 115.52 63.64
C ASN EA 229 -52.80 115.77 64.61
N SER EA 230 -52.82 115.16 65.80
CA SER EA 230 -51.75 115.35 66.76
C SER EA 230 -50.95 114.09 67.05
N GLU EA 231 -51.44 112.91 66.66
CA GLU EA 231 -50.57 111.74 66.70
C GLU EA 231 -49.85 111.57 65.36
N ASP EA 232 -50.55 111.81 64.26
CA ASP EA 232 -49.89 111.79 62.97
C ASP EA 232 -48.82 112.88 62.87
N GLY EA 233 -48.92 113.91 63.69
CA GLY EA 233 -47.89 114.92 63.76
C GLY EA 233 -46.72 114.58 64.65
N ILE EA 234 -46.82 113.52 65.45
CA ILE EA 234 -45.73 113.10 66.34
C ILE EA 234 -45.01 111.88 65.80
N ARG EA 235 -45.53 111.25 64.74
CA ARG EA 235 -44.88 110.11 64.13
C ARG EA 235 -44.40 110.35 62.72
N ILE EA 236 -44.56 111.56 62.20
CA ILE EA 236 -43.91 111.96 60.94
C ILE EA 236 -42.57 112.56 61.35
N ARG EA 237 -41.54 111.72 61.42
CA ARG EA 237 -40.24 112.15 61.87
C ARG EA 237 -39.15 111.39 61.13
N SER EA 238 -37.92 111.89 61.24
CA SER EA 238 -36.77 111.28 60.60
C SER EA 238 -36.51 109.89 61.14
N PHE EA 239 -36.77 108.87 60.30
CA PHE EA 239 -36.44 107.50 60.66
C PHE EA 239 -34.93 107.31 60.73
N VAL EA 240 -34.48 106.51 61.68
CA VAL EA 240 -33.07 106.20 61.85
C VAL EA 240 -32.82 104.77 61.39
N GLU EA 241 -31.61 104.52 60.91
CA GLU EA 241 -31.26 103.20 60.38
C GLU EA 241 -30.07 102.59 61.12
N ILE EA 257 -28.05 87.76 53.59
CA ILE EA 257 -27.29 86.53 53.72
C ILE EA 257 -25.84 86.81 53.35
N SER EA 258 -24.93 86.08 53.99
CA SER EA 258 -23.49 86.22 53.74
C SER EA 258 -23.00 84.96 53.03
N GLU EA 259 -22.38 85.14 51.87
CA GLU EA 259 -21.76 84.06 51.12
C GLU EA 259 -20.31 84.42 50.85
N ILE EA 260 -19.53 83.42 50.46
CA ILE EA 260 -18.10 83.57 50.23
C ILE EA 260 -17.83 83.40 48.75
N TYR EA 261 -17.22 84.41 48.15
CA TYR EA 261 -16.80 84.36 46.76
C TYR EA 261 -15.28 84.41 46.74
N ILE EA 262 -14.64 83.25 46.55
CA ILE EA 262 -13.19 83.23 46.42
C ILE EA 262 -12.81 83.97 45.15
N VAL EA 263 -11.89 84.91 45.28
CA VAL EA 263 -11.51 85.73 44.13
C VAL EA 263 -10.78 84.86 43.12
N ARG EA 264 -11.31 84.81 41.90
CA ARG EA 264 -10.72 83.98 40.87
C ARG EA 264 -9.61 84.72 40.14
N GLY EA 265 -9.93 85.85 39.54
CA GLY EA 265 -8.94 86.64 38.83
C GLY EA 265 -8.31 87.70 39.70
N GLN EA 266 -8.18 88.91 39.16
CA GLN EA 266 -7.56 90.00 39.91
C GLN EA 266 -8.43 90.42 41.08
N LYS EA 267 -7.80 91.09 42.05
CA LYS EA 267 -8.49 91.46 43.28
C LYS EA 267 -9.38 92.68 43.09
N GLU EA 268 -8.79 93.82 42.73
CA GLU EA 268 -9.57 95.05 42.64
C GLU EA 268 -10.69 94.97 41.62
N SER EA 269 -10.55 94.09 40.62
CA SER EA 269 -11.63 93.89 39.67
C SER EA 269 -12.91 93.48 40.39
N VAL EA 270 -12.83 92.46 41.23
CA VAL EA 270 -13.98 92.05 42.03
C VAL EA 270 -14.27 93.05 43.13
N LEU EA 271 -13.35 93.96 43.41
CA LEU EA 271 -13.60 95.01 44.40
C LEU EA 271 -14.25 96.23 43.76
N GLN EA 272 -13.55 96.86 42.81
CA GLN EA 272 -14.03 98.12 42.25
C GLN EA 272 -15.37 97.96 41.56
N PHE EA 273 -15.54 96.87 40.81
CA PHE EA 273 -16.80 96.65 40.12
C PHE EA 273 -17.94 96.45 41.11
N LEU EA 274 -17.69 95.68 42.18
CA LEU EA 274 -18.80 95.21 42.99
C LEU EA 274 -19.49 96.34 43.75
N ARG EA 275 -18.73 97.36 44.15
CA ARG EA 275 -19.35 98.49 44.82
C ARG EA 275 -20.19 99.32 43.87
N ASP EA 276 -19.78 99.43 42.60
CA ASP EA 276 -20.49 100.27 41.64
C ASP EA 276 -21.87 99.70 41.36
N SER EA 277 -21.92 98.48 40.82
CA SER EA 277 -23.19 97.87 40.48
C SER EA 277 -24.00 97.47 41.70
N PHE EA 278 -23.36 97.29 42.86
CA PHE EA 278 -24.06 96.88 44.07
C PHE EA 278 -23.56 97.66 45.26
N PRO EA 279 -23.95 98.94 45.38
CA PRO EA 279 -23.73 99.65 46.64
C PRO EA 279 -24.58 99.10 47.77
N GLU EA 280 -25.68 98.41 47.46
CA GLU EA 280 -26.49 97.77 48.47
C GLU EA 280 -25.91 96.42 48.84
N LEU EA 281 -24.60 96.38 49.10
CA LEU EA 281 -23.91 95.18 49.50
C LEU EA 281 -22.64 95.59 50.24
N ILE EA 282 -22.15 94.70 51.08
CA ILE EA 282 -20.89 94.89 51.77
C ILE EA 282 -20.03 93.66 51.56
N VAL EA 283 -18.74 93.87 51.31
CA VAL EA 283 -17.79 92.79 51.12
C VAL EA 283 -16.84 92.81 52.31
N THR EA 284 -16.87 91.76 53.10
CA THR EA 284 -15.96 91.62 54.23
C THR EA 284 -14.76 90.81 53.77
N ASP EA 285 -13.58 91.43 53.82
CA ASP EA 285 -12.38 90.86 53.23
C ASP EA 285 -11.60 90.13 54.30
N TYR EA 286 -11.30 88.86 54.03
CA TYR EA 286 -10.40 88.06 54.85
C TYR EA 286 -9.12 87.89 54.07
N ALA EA 287 -8.04 88.50 54.55
CA ALA EA 287 -6.79 88.54 53.82
C ALA EA 287 -6.41 87.16 53.31
N SER EA 288 -6.39 87.03 51.98
CA SER EA 288 -6.16 85.80 51.24
C SER EA 288 -7.30 84.80 51.40
N GLY EA 289 -8.33 85.10 52.19
CA GLY EA 289 -9.46 84.22 52.31
C GLY EA 289 -10.57 84.45 51.31
N GLY EA 290 -10.45 85.48 50.48
CA GLY EA 290 -11.50 85.81 49.54
C GLY EA 290 -12.38 86.93 50.04
N LEU EA 291 -13.68 86.80 49.82
CA LEU EA 291 -14.66 87.80 50.23
C LEU EA 291 -15.80 87.12 50.96
N ALA EA 292 -16.68 87.92 51.53
CA ALA EA 292 -17.81 87.44 52.31
C ALA EA 292 -19.06 88.24 52.01
N ILE EA 293 -19.39 88.41 50.72
CA ILE EA 293 -20.49 89.25 50.28
C ILE EA 293 -21.73 89.03 51.12
N GLU EA 294 -22.27 90.10 51.69
CA GLU EA 294 -23.49 90.01 52.48
C GLU EA 294 -24.35 91.25 52.23
N GLY EA 295 -25.64 91.09 52.48
CA GLY EA 295 -26.58 92.17 52.31
C GLY EA 295 -27.97 91.64 52.06
N PRO EA 296 -28.71 92.30 51.16
CA PRO EA 296 -30.02 91.79 50.78
C PRO EA 296 -29.93 90.35 50.27
N ARG EA 297 -30.87 89.53 50.71
CA ARG EA 297 -30.83 88.10 50.45
C ARG EA 297 -31.07 87.74 48.99
N THR EA 298 -31.48 88.69 48.16
CA THR EA 298 -31.69 88.47 46.74
C THR EA 298 -30.66 89.16 45.87
N SER EA 299 -30.28 90.38 46.21
CA SER EA 299 -29.26 91.09 45.44
C SER EA 299 -27.94 90.33 45.44
N VAL EA 300 -27.68 89.55 46.48
CA VAL EA 300 -26.47 88.73 46.52
C VAL EA 300 -26.48 87.71 45.38
N ASN EA 301 -27.58 86.97 45.26
CA ASN EA 301 -27.66 85.93 44.24
C ASN EA 301 -27.47 86.54 42.85
N ARG EA 302 -28.04 87.71 42.62
CA ARG EA 302 -27.88 88.39 41.35
C ARG EA 302 -26.47 88.94 41.19
N ALA EA 303 -25.82 89.32 42.29
CA ALA EA 303 -24.45 89.79 42.20
C ALA EA 303 -23.49 88.65 41.87
N ILE EA 304 -23.73 87.48 42.46
CA ILE EA 304 -22.82 86.34 42.25
C ILE EA 304 -22.86 85.88 40.80
N ILE EA 305 -24.06 85.70 40.25
CA ILE EA 305 -24.19 85.23 38.88
C ILE EA 305 -23.52 86.20 37.92
N LEU EA 306 -23.77 87.49 38.11
CA LEU EA 306 -23.06 88.51 37.35
C LEU EA 306 -21.56 88.46 37.58
N LEU EA 307 -21.14 88.25 38.83
CA LEU EA 307 -19.73 88.37 39.17
C LEU EA 307 -18.90 87.26 38.55
N GLY EA 308 -19.49 86.10 38.27
CA GLY EA 308 -18.77 85.08 37.54
C GLY EA 308 -18.33 85.54 36.17
N GLN EA 309 -19.20 86.28 35.48
CA GLN EA 309 -18.87 86.75 34.15
C GLN EA 309 -17.76 87.81 34.19
N VAL EA 310 -17.91 88.82 35.04
CA VAL EA 310 -16.99 89.95 35.01
C VAL EA 310 -15.62 89.55 35.53
N ASP EA 311 -15.55 88.49 36.33
CA ASP EA 311 -14.31 88.05 36.95
C ASP EA 311 -13.90 86.71 36.38
N ARG EA 312 -12.83 86.69 35.60
CA ARG EA 312 -12.31 85.47 35.00
C ARG EA 312 -10.81 85.38 35.22
N ALA EA 313 -10.31 84.17 35.36
CA ALA EA 313 -8.90 83.92 35.55
C ALA EA 313 -8.14 84.13 34.24
N PRO EA 314 -6.89 84.55 34.32
CA PRO EA 314 -6.10 84.72 33.09
C PRO EA 314 -5.98 83.39 32.35
N GLU EA 315 -5.98 83.46 31.03
CA GLU EA 315 -5.95 82.26 30.22
C GLU EA 315 -4.52 81.87 29.89
N ILE EA 316 -4.36 80.59 29.54
CA ILE EA 316 -3.06 79.96 29.33
C ILE EA 316 -2.86 79.76 27.84
N PRO EA 317 -1.89 80.44 27.22
CA PRO EA 317 -1.72 80.32 25.77
C PRO EA 317 -1.08 79.01 25.36
N ILE EA 318 -1.89 77.97 25.18
CA ILE EA 318 -1.45 76.65 24.72
C ILE EA 318 -0.57 76.76 23.48
N VAL EA 319 0.63 76.19 23.55
CA VAL EA 319 1.62 76.25 22.49
C VAL EA 319 1.76 74.86 21.87
N GLN EA 320 2.16 74.83 20.61
CA GLN EA 320 2.27 73.59 19.84
C GLN EA 320 3.70 73.38 19.40
N ARG EA 321 4.20 72.17 19.58
CA ARG EA 321 5.49 71.78 19.03
C ARG EA 321 5.42 70.35 18.53
N ILE EA 322 6.29 70.04 17.58
CA ILE EA 322 6.33 68.75 16.91
C ILE EA 322 7.59 68.04 17.36
N TYR EA 323 7.44 66.83 17.86
CA TYR EA 323 8.56 66.04 18.36
C TYR EA 323 8.79 64.87 17.43
N THR EA 324 10.05 64.60 17.11
CA THR EA 324 10.45 63.52 16.21
C THR EA 324 11.06 62.41 17.05
N VAL EA 325 10.23 61.45 17.45
CA VAL EA 325 10.67 60.46 18.42
C VAL EA 325 11.79 59.59 17.88
N ARG EA 326 12.81 59.38 18.70
CA ARG EA 326 13.92 58.47 18.41
C ARG EA 326 13.78 57.29 19.35
N GLY EA 327 13.65 56.10 18.79
CA GLY EA 327 13.32 54.95 19.60
C GLY EA 327 11.89 54.57 19.33
N GLN EA 328 11.26 53.84 20.23
CA GLN EA 328 9.86 53.52 20.02
C GLN EA 328 9.02 54.77 20.20
N ALA EA 329 7.82 54.76 19.65
CA ALA EA 329 6.89 55.85 19.85
C ALA EA 329 5.70 55.46 20.70
N ALA EA 330 5.47 54.15 20.87
CA ALA EA 330 4.41 53.71 21.78
C ALA EA 330 4.85 53.90 23.23
N ASP EA 331 6.12 53.63 23.52
CA ASP EA 331 6.59 53.75 24.90
C ASP EA 331 6.73 55.21 25.31
N ILE EA 332 7.10 56.08 24.39
CA ILE EA 332 7.28 57.48 24.73
C ILE EA 332 5.93 58.21 24.70
N THR EA 333 4.91 57.61 24.10
CA THR EA 333 3.57 58.14 24.28
C THR EA 333 3.03 57.79 25.66
N ALA EA 334 3.26 56.55 26.09
CA ALA EA 334 2.80 56.14 27.41
C ALA EA 334 3.54 56.89 28.51
N LEU EA 335 4.83 57.19 28.28
CA LEU EA 335 5.57 57.99 29.25
C LEU EA 335 4.95 59.37 29.41
N LEU EA 336 4.73 60.07 28.29
CA LEU EA 336 4.16 61.40 28.36
C LEU EA 336 2.69 61.38 28.76
N ALA EA 337 2.10 60.22 28.96
CA ALA EA 337 0.73 60.13 29.46
C ALA EA 337 0.67 59.75 30.93
N ALA EA 338 1.79 59.39 31.54
CA ALA EA 338 1.88 59.22 32.99
C ALA EA 338 2.54 60.43 33.63
N GLN EA 339 3.77 60.74 33.24
CA GLN EA 339 4.31 62.05 33.49
C GLN EA 339 3.59 63.07 32.61
N TYR EA 340 3.41 64.27 33.13
CA TYR EA 340 2.77 65.36 32.40
C TYR EA 340 1.46 64.87 31.78
N PRO EA 341 0.44 64.59 32.57
CA PRO EA 341 -0.76 63.95 32.04
C PRO EA 341 -1.73 64.87 31.34
N THR EA 342 -1.36 66.13 31.09
CA THR EA 342 -2.22 67.09 30.40
C THR EA 342 -1.43 67.77 29.29
N LEU EA 343 -0.76 66.98 28.47
CA LEU EA 343 0.02 67.54 27.38
C LEU EA 343 -0.64 67.40 26.01
N ARG EA 344 -1.62 66.52 25.84
CA ARG EA 344 -2.29 66.33 24.55
C ARG EA 344 -1.29 65.95 23.47
N VAL EA 345 -0.75 64.75 23.64
CA VAL EA 345 0.20 64.17 22.69
C VAL EA 345 -0.60 63.44 21.62
N THR EA 346 -0.45 63.88 20.37
CA THR EA 346 -1.17 63.32 19.24
C THR EA 346 -0.18 62.83 18.20
N PRO EA 347 -0.28 61.59 17.75
CA PRO EA 347 0.67 61.06 16.79
C PRO EA 347 0.24 61.33 15.36
N VAL EA 348 1.23 61.55 14.50
CA VAL EA 348 0.99 61.66 13.06
C VAL EA 348 1.12 60.26 12.49
N GLY EA 349 0.05 59.49 12.63
CA GLY EA 349 0.07 58.11 12.20
C GLY EA 349 1.21 57.35 12.85
N GLN EA 350 1.72 56.36 12.13
CA GLN EA 350 2.94 55.66 12.51
C GLN EA 350 4.06 56.18 11.62
N THR EA 351 4.53 57.39 11.94
CA THR EA 351 5.62 57.99 11.19
C THR EA 351 6.72 58.50 12.11
N GLY EA 352 6.71 58.10 13.38
CA GLY EA 352 7.73 58.53 14.29
C GLY EA 352 7.70 60.01 14.60
N GLN EA 353 6.61 60.68 14.31
CA GLN EA 353 6.41 62.06 14.67
C GLN EA 353 5.30 62.14 15.69
N LEU EA 354 5.23 63.26 16.39
CA LEU EA 354 4.42 63.32 17.59
C LEU EA 354 4.09 64.78 17.81
N VAL EA 355 2.84 65.16 17.58
CA VAL EA 355 2.41 66.54 17.73
C VAL EA 355 1.85 66.68 19.13
N LEU EA 356 2.59 67.38 19.98
CA LEU EA 356 2.27 67.53 21.39
C LEU EA 356 2.08 68.99 21.70
N ASN EA 357 1.06 69.30 22.51
CA ASN EA 357 0.39 70.58 22.46
C ASN EA 357 -0.08 70.96 23.87
N GLY EA 358 0.70 71.80 24.56
CA GLY EA 358 0.34 72.18 25.91
C GLY EA 358 0.99 73.50 26.29
N ALA EA 359 0.76 73.90 27.53
CA ALA EA 359 1.32 75.16 28.03
C ALA EA 359 2.83 75.16 27.89
N GLN EA 360 3.43 76.35 27.90
CA GLN EA 360 4.86 76.39 27.63
C GLN EA 360 5.69 75.90 28.81
N ALA EA 361 5.18 76.01 30.03
CA ALA EA 361 5.90 75.43 31.17
C ALA EA 361 6.00 73.92 31.04
N GLN EA 362 4.87 73.25 30.81
CA GLN EA 362 4.89 71.82 30.56
C GLN EA 362 5.75 71.51 29.35
N LEU EA 363 5.80 72.43 28.39
CA LEU EA 363 6.43 72.10 27.13
C LEU EA 363 7.94 72.09 27.26
N ASP EA 364 8.50 73.07 27.98
CA ASP EA 364 9.95 73.11 28.17
C ASP EA 364 10.41 72.19 29.29
N THR EA 365 9.50 71.56 29.99
CA THR EA 365 9.87 70.53 30.95
C THR EA 365 9.86 69.16 30.28
N ALA EA 366 8.81 68.86 29.52
CA ALA EA 366 8.75 67.57 28.84
C ALA EA 366 9.85 67.43 27.80
N LEU EA 367 10.28 68.53 27.19
CA LEU EA 367 11.34 68.43 26.20
C LEU EA 367 12.69 68.20 26.86
N ALA EA 368 12.85 68.64 28.10
CA ALA EA 368 14.12 68.38 28.79
C ALA EA 368 14.20 66.94 29.27
N LEU EA 369 13.09 66.40 29.76
CA LEU EA 369 13.07 64.98 30.11
C LEU EA 369 13.30 64.12 28.89
N LEU EA 370 12.59 64.39 27.81
CA LEU EA 370 12.71 63.55 26.62
C LEU EA 370 14.11 63.62 26.05
N GLU EA 371 14.85 64.68 26.32
CA GLU EA 371 16.23 64.71 25.86
C GLU EA 371 17.09 63.76 26.66
N GLN EA 372 16.59 63.27 27.79
CA GLN EA 372 17.39 62.41 28.66
C GLN EA 372 17.06 60.94 28.46
N VAL EA 373 15.78 60.60 28.44
CA VAL EA 373 15.36 59.21 28.48
C VAL EA 373 15.00 58.69 27.10
N ASP EA 374 15.45 59.33 26.04
CA ASP EA 374 15.04 58.96 24.68
C ASP EA 374 16.27 58.89 23.80
N ARG EA 375 16.69 57.68 23.46
CA ARG EA 375 17.83 57.45 22.59
C ARG EA 375 17.50 56.29 21.66
N PRO EA 376 18.18 56.21 20.52
CA PRO EA 376 17.86 55.14 19.57
C PRO EA 376 18.13 53.76 20.15
N ALA EA 377 17.38 52.78 19.66
CA ALA EA 377 17.49 51.44 20.18
C ALA EA 377 18.84 50.82 19.83
N PRO EA 378 19.27 49.81 20.57
CA PRO EA 378 20.50 49.11 20.21
C PRO EA 378 20.28 48.14 19.06
N VAL EA 379 21.39 47.74 18.45
CA VAL EA 379 21.36 46.88 17.27
C VAL EA 379 21.71 45.45 17.68
N ALA EA 380 21.06 44.50 17.02
CA ALA EA 380 21.43 43.10 17.19
C ALA EA 380 22.81 42.86 16.59
N GLU EA 381 23.51 41.85 17.12
CA GLU EA 381 24.92 41.69 16.72
C GLU EA 381 25.04 40.98 15.39
N SER EA 382 24.76 39.67 15.38
CA SER EA 382 24.53 38.86 14.20
C SER EA 382 24.37 37.43 14.64
N ARG EA 383 23.75 36.59 13.82
CA ARG EA 383 23.62 35.17 14.14
C ARG EA 383 24.59 34.31 13.35
N THR EA 384 25.58 34.92 12.70
CA THR EA 384 26.47 34.20 11.81
C THR EA 384 27.74 35.02 11.63
N VAL EA 385 28.89 34.35 11.75
CA VAL EA 385 30.18 34.99 11.56
C VAL EA 385 31.07 34.06 10.73
N GLN EA 386 32.09 34.63 10.11
CA GLN EA 386 33.03 33.89 9.29
C GLN EA 386 34.45 34.13 9.80
N ARG EA 387 35.27 33.08 9.74
CA ARG EA 387 36.71 33.21 9.95
C ARG EA 387 37.42 32.45 8.85
N VAL EA 388 38.56 32.97 8.42
CA VAL EA 388 39.37 32.36 7.39
C VAL EA 388 40.74 32.03 7.96
N PHE EA 389 41.16 30.78 7.82
CA PHE EA 389 42.44 30.31 8.33
C PHE EA 389 43.30 29.88 7.16
N GLN EA 390 44.46 30.50 7.02
CA GLN EA 390 45.43 30.13 6.00
C GLN EA 390 46.38 29.11 6.62
N LEU EA 391 46.15 27.84 6.32
CA LEU EA 391 46.97 26.78 6.90
C LEU EA 391 48.37 26.79 6.30
N VAL EA 392 49.34 26.40 7.11
CA VAL EA 392 50.74 26.45 6.74
C VAL EA 392 51.35 25.05 6.65
N ASN EA 393 51.02 24.17 7.60
CA ASN EA 393 51.60 22.84 7.65
C ASN EA 393 50.65 21.74 7.24
N ALA EA 394 49.37 21.87 7.55
CA ALA EA 394 48.39 20.85 7.26
C ALA EA 394 47.74 21.10 5.90
N SER EA 395 46.89 20.17 5.50
CA SER EA 395 46.12 20.28 4.26
C SER EA 395 44.70 20.67 4.61
N ALA EA 396 44.21 21.74 3.98
CA ALA EA 396 42.89 22.26 4.31
C ALA EA 396 41.81 21.23 4.08
N GLU EA 397 41.97 20.37 3.07
CA GLU EA 397 40.93 19.40 2.76
C GLU EA 397 40.96 18.24 3.75
N GLU EA 398 42.14 17.86 4.23
CA GLU EA 398 42.22 16.81 5.24
C GLU EA 398 41.78 17.31 6.60
N VAL EA 399 42.03 18.59 6.90
CA VAL EA 399 41.55 19.17 8.15
C VAL EA 399 40.03 19.22 8.16
N LYS EA 400 39.43 19.59 7.02
CA LYS EA 400 37.98 19.65 6.95
C LYS EA 400 37.36 18.26 7.11
N ALA EA 401 37.97 17.24 6.51
CA ALA EA 401 37.46 15.89 6.66
C ALA EA 401 37.65 15.37 8.08
N THR EA 402 38.75 15.74 8.74
CA THR EA 402 38.95 15.36 10.12
C THR EA 402 37.89 15.95 11.02
N LEU EA 403 37.58 17.24 10.84
CA LEU EA 403 36.64 17.92 11.71
C LEU EA 403 35.20 17.46 11.48
N GLU EA 404 34.89 16.90 10.32
CA GLU EA 404 33.55 16.44 10.02
C GLU EA 404 33.36 14.95 10.25
N GLY EA 405 34.40 14.24 10.67
CA GLY EA 405 34.29 12.80 10.88
C GLY EA 405 34.03 12.02 9.61
N THR EA 406 34.65 12.43 8.50
CA THR EA 406 34.50 11.72 7.24
C THR EA 406 35.87 11.33 6.67
N GLN EA 466 22.69 23.19 14.83
CA GLN EA 466 23.39 22.45 13.78
C GLN EA 466 24.88 22.31 14.11
N GLN EA 467 25.69 22.38 13.05
CA GLN EA 467 27.14 22.40 13.16
C GLN EA 467 27.67 23.40 12.15
N ALA EA 468 28.84 23.96 12.45
CA ALA EA 468 29.42 25.00 11.61
C ALA EA 468 29.72 24.47 10.22
N THR EA 469 29.57 25.34 9.23
CA THR EA 469 29.93 25.01 7.85
C THR EA 469 31.42 25.20 7.65
N LEU EA 470 32.05 24.21 7.00
CA LEU EA 470 33.48 24.25 6.73
C LEU EA 470 33.70 24.24 5.22
N ILE EA 471 34.57 25.14 4.76
CA ILE EA 471 34.91 25.27 3.34
C ILE EA 471 36.42 25.16 3.22
N ALA EA 472 36.88 24.22 2.40
CA ALA EA 472 38.30 23.97 2.20
C ALA EA 472 38.68 24.31 0.78
N ASP EA 473 39.64 25.20 0.61
CA ASP EA 473 40.17 25.56 -0.70
C ASP EA 473 41.53 24.88 -0.89
N LYS EA 474 41.63 24.07 -1.93
CA LYS EA 474 42.88 23.35 -2.17
C LYS EA 474 43.95 24.25 -2.78
N ARG EA 475 43.56 25.22 -3.61
CA ARG EA 475 44.54 26.05 -4.30
C ARG EA 475 45.32 26.90 -3.31
N THR EA 476 44.63 27.52 -2.35
CA THR EA 476 45.28 28.43 -1.41
C THR EA 476 45.51 27.82 -0.04
N ASN EA 477 45.04 26.60 0.20
CA ASN EA 477 45.16 25.95 1.51
C ASN EA 477 44.48 26.79 2.59
N SER EA 478 43.25 27.21 2.30
CA SER EA 478 42.48 28.06 3.20
C SER EA 478 41.33 27.27 3.79
N LEU EA 479 41.11 27.45 5.08
CA LEU EA 479 39.97 26.89 5.78
C LEU EA 479 39.01 28.00 6.15
N ILE EA 480 37.74 27.84 5.81
CA ILE EA 480 36.72 28.85 6.06
C ILE EA 480 35.63 28.22 6.92
N VAL EA 481 35.43 28.77 8.11
CA VAL EA 481 34.41 28.30 9.03
C VAL EA 481 33.31 29.36 9.10
N ARG EA 482 32.07 28.92 9.05
CA ARG EA 482 30.92 29.82 8.96
C ARG EA 482 29.81 29.28 9.85
N GLY EA 483 29.51 29.99 10.93
CA GLY EA 483 28.46 29.56 11.82
C GLY EA 483 28.20 30.59 12.89
N THR EA 484 27.56 30.14 13.97
CA THR EA 484 27.32 31.00 15.11
C THR EA 484 28.65 31.35 15.78
N PRO EA 485 28.71 32.47 16.50
CA PRO EA 485 29.99 32.87 17.11
C PRO EA 485 30.56 31.84 18.06
N GLU EA 486 29.72 31.03 18.71
CA GLU EA 486 30.23 29.98 19.59
C GLU EA 486 30.80 28.81 18.79
N GLN EA 487 30.12 28.41 17.72
CA GLN EA 487 30.62 27.33 16.87
C GLN EA 487 31.89 27.72 16.14
N VAL EA 488 32.13 29.02 15.91
CA VAL EA 488 33.32 29.44 15.20
C VAL EA 488 34.52 29.51 16.15
N ALA EA 489 34.30 29.88 17.40
CA ALA EA 489 35.39 29.92 18.37
C ALA EA 489 35.89 28.53 18.71
N GLN EA 490 35.08 27.50 18.49
CA GLN EA 490 35.53 26.14 18.74
C GLN EA 490 36.50 25.66 17.68
N VAL EA 491 36.23 25.96 16.42
CA VAL EA 491 37.17 25.62 15.36
C VAL EA 491 38.42 26.48 15.48
N ALA EA 492 38.25 27.74 15.89
CA ALA EA 492 39.39 28.65 16.00
C ALA EA 492 40.40 28.18 17.03
N GLU EA 493 39.95 27.51 18.09
CA GLU EA 493 40.89 27.00 19.08
C GLU EA 493 41.49 25.66 18.68
N LEU EA 494 40.88 24.95 17.73
CA LEU EA 494 41.42 23.70 17.23
C LEU EA 494 42.51 23.92 16.20
N VAL EA 495 42.40 24.98 15.41
CA VAL EA 495 43.30 25.16 14.26
C VAL EA 495 44.77 25.25 14.66
N PRO EA 496 45.16 26.00 15.70
CA PRO EA 496 46.59 26.04 16.04
C PRO EA 496 47.19 24.69 16.38
N GLN EA 497 46.38 23.73 16.84
CA GLN EA 497 46.89 22.44 17.24
C GLN EA 497 46.92 21.45 16.08
N LEU EA 498 45.98 21.56 15.14
CA LEU EA 498 45.94 20.69 13.98
C LEU EA 498 46.86 21.15 12.86
N ASP EA 499 47.51 22.30 13.01
CA ASP EA 499 48.35 22.88 11.97
C ASP EA 499 49.79 23.05 12.45
N GLN EA 500 50.21 22.24 13.41
CA GLN EA 500 51.56 22.33 13.94
C GLN EA 500 52.51 21.49 13.10
N VAL EA 501 53.81 21.72 13.32
CA VAL EA 501 54.83 20.96 12.63
C VAL EA 501 54.94 19.58 13.24
N VAL EA 502 54.95 18.55 12.41
CA VAL EA 502 55.12 17.17 12.87
C VAL EA 502 56.54 16.73 12.52
N PRO EA 503 57.12 15.78 13.25
CA PRO EA 503 58.51 15.39 12.98
C PRO EA 503 58.70 14.72 11.63
N GLN EA 504 59.90 14.91 11.08
CA GLN EA 504 60.34 14.23 9.87
C GLN EA 504 61.49 13.31 10.23
N ILE EA 505 61.42 12.07 9.77
CA ILE EA 505 62.34 11.03 10.20
C ILE EA 505 62.94 10.33 8.99
N ASN EA 506 64.07 9.67 9.24
CA ASN EA 506 64.71 8.78 8.27
C ASN EA 506 64.92 7.43 8.95
N VAL EA 507 64.40 6.37 8.34
CA VAL EA 507 64.48 5.03 8.91
C VAL EA 507 65.36 4.17 8.01
N GLN EA 508 66.34 3.51 8.61
CA GLN EA 508 67.26 2.62 7.89
C GLN EA 508 66.98 1.18 8.29
N VAL EA 509 66.85 0.30 7.31
CA VAL EA 509 66.66 -1.13 7.52
C VAL EA 509 67.79 -1.87 6.84
N ARG EA 510 68.41 -2.80 7.55
CA ARG EA 510 69.44 -3.66 7.00
C ARG EA 510 68.98 -5.10 7.04
N ILE EA 511 68.95 -5.74 5.88
CA ILE EA 511 68.65 -7.16 5.75
C ILE EA 511 69.93 -7.87 5.34
N GLN EA 512 70.34 -8.84 6.14
CA GLN EA 512 71.60 -9.53 5.97
C GLN EA 512 71.34 -11.03 5.86
N GLU EA 513 72.04 -11.70 4.96
CA GLU EA 513 71.84 -13.14 4.77
C GLU EA 513 73.15 -13.80 4.38
N VAL EA 514 73.54 -14.82 5.15
CA VAL EA 514 74.77 -15.56 4.93
C VAL EA 514 74.45 -17.04 4.89
N ASN EA 515 75.05 -17.76 3.94
CA ASN EA 515 74.87 -19.20 3.81
C ASN EA 515 76.23 -19.85 3.63
N GLU EA 516 76.37 -21.08 4.15
CA GLU EA 516 77.62 -21.81 4.02
C GLU EA 516 77.34 -23.28 3.74
N ARG EA 517 78.28 -23.92 3.06
CA ARG EA 517 78.17 -25.33 2.68
C ARG EA 517 79.48 -26.04 2.96
N ALA EA 518 79.41 -27.36 3.02
CA ALA EA 518 80.60 -28.20 3.14
C ALA EA 518 80.22 -29.62 2.79
N LEU EA 519 80.94 -30.21 1.83
CA LEU EA 519 80.71 -31.58 1.42
C LEU EA 519 82.00 -32.37 1.56
N GLN EA 520 81.86 -33.68 1.74
CA GLN EA 520 83.02 -34.55 1.93
C GLN EA 520 82.63 -35.97 1.53
N SER EA 521 83.14 -36.44 0.40
CA SER EA 521 82.90 -37.80 -0.05
C SER EA 521 84.19 -38.61 -0.01
N LEU EA 522 84.05 -39.92 0.11
CA LEU EA 522 85.19 -40.83 0.17
C LEU EA 522 84.69 -42.25 -0.04
N GLY EA 523 85.27 -42.95 -1.02
CA GLY EA 523 84.84 -44.31 -1.27
C GLY EA 523 85.83 -45.16 -2.03
N LEU EA 524 85.98 -46.41 -1.62
CA LEU EA 524 86.81 -47.40 -2.31
C LEU EA 524 85.91 -48.44 -2.96
N ASN EA 525 86.33 -48.92 -4.13
CA ASN EA 525 85.47 -49.74 -4.97
C ASN EA 525 86.37 -50.72 -5.73
N TRP EA 526 86.52 -51.93 -5.20
CA TRP EA 526 87.49 -52.87 -5.76
C TRP EA 526 86.82 -54.16 -6.22
N ARG EA 527 87.64 -55.05 -6.78
CA ARG EA 527 87.19 -56.34 -7.29
C ARG EA 527 88.38 -57.29 -7.31
N ALA EA 528 88.30 -58.39 -6.59
CA ALA EA 528 89.41 -59.33 -6.46
C ALA EA 528 89.03 -60.67 -7.06
N THR EA 529 89.98 -61.31 -7.76
CA THR EA 529 89.78 -62.61 -8.38
C THR EA 529 90.96 -63.50 -8.05
N PHE EA 530 90.75 -64.48 -7.18
CA PHE EA 530 91.68 -65.57 -6.97
C PHE EA 530 90.97 -66.89 -7.26
N GLY EA 531 91.65 -68.00 -7.00
CA GLY EA 531 91.24 -69.28 -7.57
C GLY EA 531 89.83 -69.73 -7.28
N GLY EA 532 88.96 -69.63 -8.28
CA GLY EA 532 87.57 -70.00 -8.13
C GLY EA 532 86.68 -68.87 -7.64
N PHE EA 533 87.24 -67.98 -6.85
CA PHE EA 533 86.49 -66.93 -6.17
C PHE EA 533 86.49 -65.63 -6.97
N ASN EA 534 85.43 -64.86 -6.81
CA ASN EA 534 85.27 -63.56 -7.45
C ASN EA 534 84.56 -62.64 -6.47
N VAL EA 535 85.31 -61.76 -5.83
CA VAL EA 535 84.79 -60.87 -4.80
C VAL EA 535 84.74 -59.45 -5.35
N ALA EA 536 83.62 -58.77 -5.12
CA ALA EA 536 83.44 -57.39 -5.56
C ALA EA 536 82.81 -56.60 -4.43
N VAL EA 537 83.47 -55.52 -4.02
CA VAL EA 537 83.00 -54.66 -2.94
C VAL EA 537 82.79 -53.26 -3.49
N SER EA 538 81.62 -52.68 -3.21
CA SER EA 538 81.28 -51.36 -3.71
C SER EA 538 80.51 -50.61 -2.64
N GLY EA 539 80.07 -49.41 -2.97
CA GLY EA 539 79.31 -48.59 -2.06
C GLY EA 539 77.82 -48.71 -2.25
N GLY EA 540 77.36 -48.75 -3.50
CA GLY EA 540 75.96 -48.93 -3.78
C GLY EA 540 75.46 -50.28 -3.31
N THR EA 541 76.01 -51.34 -3.89
CA THR EA 541 75.85 -52.69 -3.39
C THR EA 541 77.04 -53.01 -2.47
N GLY EA 542 76.81 -53.90 -1.52
CA GLY EA 542 77.87 -54.20 -0.57
C GLY EA 542 78.81 -55.27 -1.06
N LEU EA 543 78.92 -56.36 -0.31
CA LEU EA 543 79.72 -57.50 -0.71
C LEU EA 543 78.97 -58.34 -1.74
N ALA EA 544 79.69 -58.88 -2.71
CA ALA EA 544 79.11 -59.77 -3.72
C ALA EA 544 80.18 -60.77 -4.14
N ALA EA 545 80.16 -61.95 -3.52
CA ALA EA 545 81.14 -62.99 -3.79
C ALA EA 545 80.48 -64.15 -4.54
N THR EA 546 81.22 -64.78 -5.44
CA THR EA 546 80.76 -65.97 -6.13
C THR EA 546 81.88 -67.00 -6.15
N PHE EA 547 81.50 -68.25 -6.39
CA PHE EA 547 82.45 -69.34 -6.56
C PHE EA 547 82.16 -70.06 -7.87
N ASN EA 548 83.21 -70.45 -8.57
CA ASN EA 548 83.10 -71.21 -9.81
C ASN EA 548 83.85 -72.52 -9.67
N PRO EA 549 83.18 -73.66 -9.58
CA PRO EA 549 83.89 -74.93 -9.42
C PRO EA 549 84.46 -75.49 -10.72
N THR EA 550 84.21 -74.86 -11.86
CA THR EA 550 84.63 -75.39 -13.14
C THR EA 550 85.93 -74.78 -13.65
N GLN EA 551 86.25 -73.56 -13.24
CA GLN EA 551 87.47 -72.88 -13.66
C GLN EA 551 88.31 -72.53 -12.43
N SER EA 552 89.43 -71.86 -12.66
CA SER EA 552 90.31 -71.44 -11.57
C SER EA 552 91.21 -70.34 -12.08
N PHE EA 553 91.17 -69.19 -11.41
CA PHE EA 553 91.99 -68.05 -11.81
C PHE EA 553 93.46 -68.32 -11.49
N LEU EA 554 94.33 -67.53 -12.12
CA LEU EA 554 95.75 -67.58 -11.89
C LEU EA 554 96.16 -66.45 -10.96
N GLY EA 555 96.71 -66.78 -9.81
CA GLY EA 555 97.21 -65.77 -8.90
C GLY EA 555 96.11 -64.91 -8.31
N PHE EA 556 96.53 -63.79 -7.75
CA PHE EA 556 95.66 -62.84 -7.07
C PHE EA 556 95.67 -61.51 -7.83
N ASN EA 557 94.49 -60.94 -8.03
CA ASN EA 557 94.33 -59.62 -8.62
C ASN EA 557 93.40 -58.80 -7.75
N ILE EA 558 93.60 -57.49 -7.71
CA ILE EA 558 92.91 -56.69 -6.69
C ILE EA 558 92.03 -55.59 -7.28
N PHE EA 559 92.40 -55.05 -8.44
CA PHE EA 559 91.60 -54.10 -9.21
C PHE EA 559 90.88 -53.02 -8.39
N PRO EA 560 91.60 -52.22 -7.60
CA PRO EA 560 90.94 -51.22 -6.76
C PRO EA 560 90.66 -49.92 -7.51
N THR EA 561 89.86 -49.07 -6.86
CA THR EA 561 89.45 -47.78 -7.42
C THR EA 561 89.07 -46.85 -6.28
N LEU EA 562 89.64 -45.64 -6.28
CA LEU EA 562 89.45 -44.69 -5.20
C LEU EA 562 88.79 -43.42 -5.73
N THR EA 563 88.01 -42.77 -4.86
CA THR EA 563 87.32 -41.54 -5.21
C THR EA 563 87.18 -40.71 -3.94
N ALA EA 564 87.48 -39.41 -4.05
CA ALA EA 564 87.41 -38.52 -2.90
C ALA EA 564 87.12 -37.10 -3.39
N LEU EA 565 86.26 -36.40 -2.66
CA LEU EA 565 85.82 -35.07 -3.06
C LEU EA 565 85.61 -34.21 -1.83
N GLU EA 566 85.91 -32.92 -1.96
CA GLU EA 566 85.66 -31.94 -0.91
C GLU EA 566 85.11 -30.68 -1.55
N THR EA 567 84.36 -29.90 -0.79
CA THR EA 567 83.69 -28.74 -1.34
C THR EA 567 83.38 -27.74 -0.24
N GLN EA 568 83.39 -26.46 -0.59
CA GLN EA 568 82.87 -25.40 0.27
C GLN EA 568 82.12 -24.38 -0.56
N GLY EA 569 81.26 -23.64 0.12
CA GLY EA 569 80.55 -22.52 -0.50
C GLY EA 569 80.26 -21.49 0.55
N LEU EA 570 79.98 -20.27 0.08
CA LEU EA 570 79.63 -19.18 0.99
C LEU EA 570 78.95 -18.08 0.19
N THR EA 571 77.67 -17.83 0.48
CA THR EA 571 76.95 -16.75 -0.17
C THR EA 571 76.59 -15.70 0.87
N ARG EA 572 76.82 -14.44 0.54
CA ARG EA 572 76.36 -13.30 1.31
C ARG EA 572 75.48 -12.42 0.43
N ARG EA 573 74.52 -11.76 1.05
CA ARG EA 573 73.68 -10.80 0.34
C ARG EA 573 73.18 -9.79 1.34
N VAL EA 574 73.44 -8.51 1.09
CA VAL EA 574 73.17 -7.45 2.05
C VAL EA 574 72.43 -6.30 1.38
N TYR EA 575 71.47 -5.72 2.09
CA TYR EA 575 70.74 -4.54 1.65
C TYR EA 575 70.68 -3.53 2.79
N ASP EA 576 70.83 -2.24 2.47
CA ASP EA 576 70.71 -1.14 3.41
C ASP EA 576 69.81 -0.07 2.81
N GLY EA 577 68.58 0.04 3.30
CA GLY EA 577 67.67 1.02 2.75
C GLY EA 577 67.26 2.13 3.70
N ASN EA 578 67.30 3.37 3.22
CA ASN EA 578 66.74 4.53 3.91
C ASN EA 578 65.47 4.99 3.21
N VAL EA 579 64.53 5.52 3.99
CA VAL EA 579 63.42 6.30 3.45
C VAL EA 579 63.16 7.46 4.40
N THR EA 580 62.90 8.64 3.85
CA THR EA 580 62.48 9.80 4.63
C THR EA 580 60.96 9.92 4.57
N MET EA 581 60.36 10.22 5.71
CA MET EA 581 58.90 10.20 5.81
C MET EA 581 58.48 11.10 6.97
N GLN EA 582 57.17 11.27 7.13
CA GLN EA 582 56.56 12.10 8.16
C GLN EA 582 55.80 11.24 9.16
N SER EA 583 55.27 11.89 10.20
CA SER EA 583 54.65 11.15 11.29
C SER EA 583 53.29 10.57 10.89
N GLY EA 584 52.36 11.40 10.49
CA GLY EA 584 51.05 10.87 10.19
C GLY EA 584 50.86 10.55 8.73
N GLN EA 585 51.90 10.04 8.09
CA GLN EA 585 51.89 9.86 6.65
C GLN EA 585 50.90 8.78 6.24
N ARG EA 586 50.13 9.07 5.20
CA ARG EA 586 49.16 8.13 4.65
C ARG EA 586 49.71 7.48 3.39
N SER EA 587 49.04 6.43 2.96
CA SER EA 587 49.39 5.74 1.73
C SER EA 587 48.94 6.51 0.50
N LEU EA 588 49.46 6.11 -0.64
CA LEU EA 588 49.13 6.70 -1.93
C LEU EA 588 48.41 5.66 -2.77
N SER EA 589 47.33 6.08 -3.43
CA SER EA 589 46.52 5.17 -4.24
C SER EA 589 46.65 5.56 -5.71
N ALA EA 590 47.70 5.08 -6.36
CA ALA EA 590 47.79 5.25 -7.81
C ALA EA 590 47.47 3.96 -8.57
N THR EA 591 48.33 2.95 -8.41
CA THR EA 591 48.08 1.56 -8.75
C THR EA 591 47.85 1.30 -10.23
N GLY EA 592 47.62 2.34 -11.03
CA GLY EA 592 47.36 2.19 -12.44
C GLY EA 592 46.33 1.15 -12.84
N GLY EA 593 45.50 0.71 -11.88
CA GLY EA 593 44.55 -0.36 -12.09
C GLY EA 593 45.05 -1.74 -11.72
N ALA EA 594 46.35 -1.90 -11.52
CA ALA EA 594 46.92 -3.18 -11.12
C ALA EA 594 47.01 -3.26 -9.60
N GLN EA 595 47.00 -4.49 -9.10
CA GLN EA 595 47.05 -4.74 -7.67
C GLN EA 595 48.48 -5.04 -7.25
N ASN EA 596 48.93 -4.39 -6.17
CA ASN EA 596 50.27 -4.50 -5.68
C ASN EA 596 50.23 -4.63 -4.16
N ALA EA 597 51.17 -5.39 -3.60
CA ALA EA 597 51.16 -5.65 -2.16
C ALA EA 597 51.65 -4.47 -1.35
N SER EA 598 52.19 -3.43 -1.98
CA SER EA 598 52.71 -2.26 -1.29
C SER EA 598 51.83 -1.04 -1.49
N SER EA 599 50.58 -1.22 -1.91
CA SER EA 599 49.69 -0.09 -2.15
C SER EA 599 49.38 0.66 -0.87
N GLY EA 600 49.24 -0.06 0.25
CA GLY EA 600 48.84 0.57 1.49
C GLY EA 600 49.99 1.03 2.35
N ALA EA 601 51.19 1.05 1.80
CA ALA EA 601 52.37 1.48 2.53
C ALA EA 601 52.49 3.00 2.51
N ALA EA 602 52.86 3.58 3.65
CA ALA EA 602 53.09 5.01 3.72
C ALA EA 602 54.33 5.41 2.93
N ALA EA 603 55.35 4.56 2.91
CA ALA EA 603 56.58 4.79 2.18
C ALA EA 603 57.12 3.46 1.70
N SER EA 604 57.94 3.51 0.65
CA SER EA 604 58.43 2.29 0.02
C SER EA 604 59.79 2.54 -0.61
N VAL EA 605 60.53 1.45 -0.81
CA VAL EA 605 61.72 1.46 -1.66
C VAL EA 605 61.87 0.06 -2.23
N LYS EA 606 62.16 -0.03 -3.53
CA LYS EA 606 62.26 -1.29 -4.23
C LYS EA 606 63.48 -1.29 -5.13
N SER EA 607 64.04 -2.47 -5.35
CA SER EA 607 65.10 -2.64 -6.34
C SER EA 607 65.15 -4.12 -6.72
N GLY EA 608 65.07 -4.40 -8.01
CA GLY EA 608 64.94 -5.77 -8.46
C GLY EA 608 64.23 -5.87 -9.79
N GLY EA 609 63.11 -6.59 -9.83
CA GLY EA 609 62.28 -6.65 -11.01
C GLY EA 609 60.82 -6.55 -10.63
N ARG EA 610 59.95 -6.74 -11.62
CA ARG EA 610 58.52 -6.66 -11.42
C ARG EA 610 57.77 -7.40 -12.51
N LEU EA 611 56.96 -8.37 -12.11
CA LEU EA 611 56.14 -9.15 -13.04
C LEU EA 611 54.80 -8.45 -13.21
N GLU EA 612 54.40 -8.23 -14.45
CA GLU EA 612 53.09 -7.68 -14.78
C GLU EA 612 52.20 -8.79 -15.35
N ILE EA 613 51.04 -8.98 -14.74
CA ILE EA 613 50.16 -10.10 -15.05
C ILE EA 613 48.80 -9.55 -15.47
N ASN EA 614 48.33 -9.97 -16.65
CA ASN EA 614 47.06 -9.53 -17.22
C ASN EA 614 46.30 -10.76 -17.71
N ILE EA 615 45.48 -11.33 -16.86
CA ILE EA 615 44.70 -12.52 -17.18
C ILE EA 615 43.23 -12.15 -17.23
N PRO EA 616 42.56 -12.28 -18.37
CA PRO EA 616 41.12 -12.00 -18.43
C PRO EA 616 40.31 -13.12 -17.82
N SER EA 617 39.27 -12.74 -17.07
CA SER EA 617 38.42 -13.71 -16.41
C SER EA 617 36.99 -13.16 -16.34
N ALA EA 618 36.03 -14.07 -16.23
CA ALA EA 618 34.62 -13.67 -16.17
C ALA EA 618 34.19 -13.28 -14.76
N ALA EA 619 34.99 -13.60 -13.75
CA ALA EA 619 34.71 -13.19 -12.38
C ALA EA 619 35.46 -11.93 -11.99
N GLY EA 620 36.16 -11.30 -12.93
CA GLY EA 620 37.01 -10.16 -12.66
C GLY EA 620 38.40 -10.51 -13.15
N ASN EA 621 38.98 -9.61 -13.94
CA ASN EA 621 40.29 -9.85 -14.50
C ASN EA 621 41.34 -9.92 -13.38
N ILE EA 622 42.34 -10.77 -13.58
CA ILE EA 622 43.50 -10.81 -12.69
C ILE EA 622 44.53 -9.86 -13.28
N VAL EA 623 44.67 -8.69 -12.67
CA VAL EA 623 45.64 -7.69 -13.08
C VAL EA 623 46.51 -7.41 -11.85
N ARG EA 624 47.72 -7.97 -11.84
CA ARG EA 624 48.56 -7.98 -10.65
C ARG EA 624 49.94 -7.45 -11.00
N GLN EA 625 50.69 -7.11 -9.94
CA GLN EA 625 52.11 -6.85 -10.03
C GLN EA 625 52.80 -7.62 -8.93
N ILE EA 626 53.82 -8.39 -9.27
CA ILE EA 626 54.65 -9.09 -8.30
C ILE EA 626 56.05 -8.53 -8.40
N ASP EA 627 56.55 -7.98 -7.29
CA ASP EA 627 57.87 -7.38 -7.22
C ASP EA 627 58.83 -8.36 -6.59
N TYR EA 628 60.05 -8.43 -7.13
CA TYR EA 628 61.09 -9.25 -6.53
C TYR EA 628 62.36 -8.42 -6.40
N GLY EA 629 63.35 -9.00 -5.72
CA GLY EA 629 64.55 -8.28 -5.40
C GLY EA 629 64.58 -7.87 -3.94
N LEU EA 630 64.45 -6.57 -3.68
CA LEU EA 630 64.28 -6.04 -2.33
C LEU EA 630 63.00 -5.24 -2.29
N ASN EA 631 62.17 -5.50 -1.27
CA ASN EA 631 60.99 -4.69 -1.01
C ASN EA 631 60.99 -4.28 0.45
N LEU EA 632 60.90 -2.97 0.70
CA LEU EA 632 60.81 -2.43 2.05
C LEU EA 632 59.58 -1.56 2.14
N ASP EA 633 58.63 -1.93 3.00
CA ASP EA 633 57.39 -1.19 3.19
C ASP EA 633 57.31 -0.67 4.61
N PHE EA 634 56.83 0.56 4.77
CA PHE EA 634 56.66 1.20 6.06
C PHE EA 634 55.21 1.60 6.24
N PHE EA 635 54.63 1.25 7.38
CA PHE EA 635 53.21 1.48 7.65
C PHE EA 635 53.07 2.25 8.95
N SER EA 636 52.29 3.33 8.92
CA SER EA 636 51.84 4.05 10.11
C SER EA 636 52.98 4.56 10.98
N PRO EA 637 53.78 5.52 10.53
CA PRO EA 637 55.01 5.93 11.25
C PRO EA 637 54.82 7.09 12.23
N GLN EA 638 54.19 6.85 13.37
CA GLN EA 638 53.99 7.94 14.32
C GLN EA 638 55.25 8.20 15.14
N VAL EA 639 55.51 9.48 15.41
CA VAL EA 639 56.67 9.92 16.18
C VAL EA 639 56.19 10.80 17.32
N ALA EA 640 56.72 10.58 18.52
CA ALA EA 640 56.37 11.31 19.72
C ALA EA 640 57.28 12.52 19.90
N PRO EA 641 56.86 13.51 20.70
CA PRO EA 641 57.73 14.65 20.96
C PRO EA 641 59.05 14.28 21.62
N ASP EA 642 59.12 13.17 22.35
CA ASP EA 642 60.41 12.69 22.84
C ASP EA 642 61.36 12.37 21.71
N GLY EA 643 60.83 11.90 20.59
CA GLY EA 643 61.62 11.26 19.57
C GLY EA 643 61.46 9.76 19.51
N THR EA 644 60.43 9.21 20.15
CA THR EA 644 60.14 7.79 20.08
C THR EA 644 59.42 7.48 18.77
N ILE EA 645 59.92 6.51 18.03
CA ILE EA 645 59.39 6.17 16.72
C ILE EA 645 58.72 4.82 16.80
N THR EA 646 57.45 4.77 16.42
CA THR EA 646 56.69 3.53 16.30
C THR EA 646 56.38 3.29 14.83
N LEU EA 647 56.43 2.04 14.41
CA LEU EA 647 56.49 1.77 12.99
C LEU EA 647 56.19 0.30 12.72
N ARG EA 648 55.53 0.04 11.60
CA ARG EA 648 55.39 -1.29 11.05
C ARG EA 648 56.23 -1.41 9.79
N ILE EA 649 57.06 -2.45 9.74
CA ILE EA 649 58.02 -2.64 8.66
C ILE EA 649 57.83 -4.05 8.12
N ARG EA 650 57.77 -4.20 6.80
CA ARG EA 650 57.82 -5.58 6.29
C ARG EA 650 59.22 -6.00 5.86
N GLY EA 651 59.73 -5.50 4.76
CA GLY EA 651 61.04 -5.97 4.36
C GLY EA 651 61.00 -7.36 3.76
N GLN EA 652 61.60 -7.57 2.59
CA GLN EA 652 61.50 -8.86 1.91
C GLN EA 652 62.55 -8.95 0.83
N VAL EA 653 63.18 -10.11 0.72
CA VAL EA 653 64.13 -10.41 -0.34
C VAL EA 653 63.70 -11.68 -1.03
N ASN EA 654 63.55 -11.62 -2.36
CA ASN EA 654 63.11 -12.78 -3.12
C ASN EA 654 63.60 -12.71 -4.55
N GLN EA 655 63.65 -13.86 -5.19
CA GLN EA 655 64.09 -14.03 -6.57
C GLN EA 655 63.23 -15.10 -7.22
N PRO EA 656 63.01 -15.01 -8.52
CA PRO EA 656 62.43 -16.15 -9.23
C PRO EA 656 63.35 -17.35 -9.15
N ALA EA 657 62.77 -18.53 -8.92
CA ALA EA 657 63.58 -19.73 -8.78
C ALA EA 657 64.21 -20.11 -10.11
N THR EA 658 63.46 -20.00 -11.20
CA THR EA 658 64.00 -20.18 -12.54
C THR EA 658 63.62 -18.97 -13.37
N ALA EA 659 64.43 -18.69 -14.38
CA ALA EA 659 64.29 -17.46 -15.14
C ALA EA 659 62.99 -17.42 -15.95
N ILE EA 660 62.42 -16.23 -16.06
CA ILE EA 660 61.25 -16.01 -16.89
C ILE EA 660 61.70 -15.92 -18.34
N THR EA 661 61.05 -16.67 -19.23
CA THR EA 661 61.58 -16.87 -20.58
C THR EA 661 60.56 -16.59 -21.67
N ALA EA 662 59.52 -15.79 -21.42
CA ALA EA 662 58.56 -15.37 -22.44
C ALA EA 662 57.73 -16.53 -22.96
N ASP EA 663 58.06 -17.75 -22.55
CA ASP EA 663 57.19 -18.91 -22.70
C ASP EA 663 56.55 -19.28 -21.37
N SER EA 664 56.84 -18.53 -20.32
CA SER EA 664 56.29 -18.78 -19.00
C SER EA 664 54.82 -18.40 -18.94
N LEU EA 665 54.08 -19.10 -18.11
CA LEU EA 665 52.70 -18.77 -17.87
C LEU EA 665 52.53 -18.26 -16.44
N PRO EA 666 51.59 -17.37 -16.21
CA PRO EA 666 51.48 -16.76 -14.87
C PRO EA 666 50.70 -17.60 -13.88
N ASN EA 667 50.49 -18.88 -14.20
CA ASN EA 667 49.62 -19.71 -13.38
C ASN EA 667 50.34 -20.34 -12.20
N LEU EA 668 51.67 -20.39 -12.21
CA LEU EA 668 52.44 -20.97 -11.11
C LEU EA 668 53.87 -20.50 -11.22
N ILE EA 669 54.38 -19.84 -10.18
CA ILE EA 669 55.72 -19.24 -10.17
C ILE EA 669 56.36 -19.54 -8.83
N ASP EA 670 57.69 -19.76 -8.81
CA ASP EA 670 58.29 -20.51 -7.70
C ASP EA 670 58.95 -19.62 -6.64
N PHE EA 671 59.74 -18.61 -7.02
CA PHE EA 671 60.01 -17.47 -6.13
C PHE EA 671 60.67 -17.88 -4.80
N THR EA 672 61.96 -18.21 -4.85
CA THR EA 672 62.79 -18.16 -3.64
C THR EA 672 62.48 -16.91 -2.81
N ASN EA 673 62.31 -17.07 -1.50
CA ASN EA 673 61.74 -15.99 -0.70
C ASN EA 673 62.23 -15.99 0.75
N SER EA 674 62.43 -14.79 1.30
CA SER EA 674 62.65 -14.56 2.73
C SER EA 674 61.93 -13.28 3.15
N GLU EA 675 61.27 -13.31 4.30
CA GLU EA 675 60.38 -12.22 4.66
C GLU EA 675 60.22 -12.15 6.17
N ALA EA 676 59.77 -11.00 6.66
CA ALA EA 676 59.47 -10.75 8.06
C ALA EA 676 58.55 -9.54 8.15
N GLN EA 677 57.78 -9.45 9.22
CA GLN EA 677 56.99 -8.25 9.46
C GLN EA 677 56.59 -8.20 10.93
N SER EA 678 56.56 -6.99 11.47
CA SER EA 678 56.26 -6.76 12.87
C SER EA 678 56.22 -5.26 13.10
N THR EA 679 55.84 -4.88 14.32
CA THR EA 679 55.84 -3.50 14.77
C THR EA 679 56.88 -3.33 15.85
N ILE EA 680 57.67 -2.26 15.75
CA ILE EA 680 58.73 -1.98 16.70
C ILE EA 680 58.62 -0.54 17.18
N THR EA 681 59.24 -0.27 18.32
CA THR EA 681 59.32 1.07 18.86
C THR EA 681 60.71 1.27 19.45
N PHE EA 682 61.31 2.41 19.14
CA PHE EA 682 62.65 2.73 19.61
C PHE EA 682 62.76 4.24 19.66
N LYS EA 683 63.75 4.72 20.40
CA LYS EA 683 63.97 6.15 20.49
C LYS EA 683 64.95 6.60 19.42
N ASN EA 684 64.97 7.92 19.20
CA ASN EA 684 65.81 8.55 18.18
C ASN EA 684 67.27 8.17 18.37
N GLY EA 685 67.82 7.41 17.41
CA GLY EA 685 69.21 7.04 17.43
C GLY EA 685 69.52 5.62 17.86
N GLN EA 686 68.55 4.89 18.38
CA GLN EA 686 68.79 3.53 18.87
C GLN EA 686 68.67 2.52 17.75
N THR EA 687 69.13 1.30 18.03
CA THR EA 687 69.15 0.20 17.07
C THR EA 687 68.51 -1.03 17.68
N ILE EA 688 67.64 -1.69 16.92
CA ILE EA 688 66.87 -2.82 17.42
C ILE EA 688 66.81 -3.90 16.35
N LEU EA 689 66.84 -5.15 16.78
CA LEU EA 689 66.68 -6.31 15.90
C LEU EA 689 65.20 -6.67 15.81
N MET EA 690 64.63 -6.56 14.61
CA MET EA 690 63.24 -6.98 14.42
C MET EA 690 63.10 -8.48 14.30
N SER EA 691 64.05 -9.15 13.65
CA SER EA 691 63.89 -10.57 13.40
C SER EA 691 65.26 -11.18 13.15
N GLY EA 692 65.38 -12.45 13.46
CA GLY EA 692 66.59 -13.19 13.20
C GLY EA 692 66.25 -14.64 12.94
N LEU EA 693 67.10 -15.32 12.18
CA LEU EA 693 66.85 -16.71 11.85
C LEU EA 693 68.17 -17.43 11.63
N LEU EA 694 68.41 -18.47 12.41
CA LEU EA 694 69.63 -19.29 12.30
C LEU EA 694 69.23 -20.70 11.92
N GLY EA 695 69.92 -21.26 10.93
CA GLY EA 695 69.62 -22.59 10.44
C GLY EA 695 70.85 -23.50 10.46
N SER EA 696 70.61 -24.78 10.18
CA SER EA 696 71.64 -25.80 10.16
C SER EA 696 71.05 -27.08 9.59
N THR EA 697 71.84 -27.79 8.78
CA THR EA 697 71.46 -29.11 8.31
C THR EA 697 72.67 -30.04 8.37
N GLU EA 698 72.43 -31.31 8.06
CA GLU EA 698 73.45 -32.35 8.00
C GLU EA 698 72.83 -33.62 7.43
N THR EA 699 73.58 -34.35 6.62
CA THR EA 699 73.03 -35.53 5.94
C THR EA 699 73.76 -36.83 6.24
N THR EA 700 75.09 -36.87 6.17
CA THR EA 700 75.92 -37.94 6.74
C THR EA 700 75.40 -39.35 6.41
N ASN EA 701 75.50 -39.72 5.13
CA ASN EA 701 75.20 -41.09 4.73
C ASN EA 701 76.44 -41.97 4.80
N ARG EA 702 76.22 -43.28 4.67
CA ARG EA 702 77.29 -44.27 4.76
C ARG EA 702 76.76 -45.62 4.32
N SER EA 703 77.57 -46.37 3.57
CA SER EA 703 77.10 -47.64 2.98
C SER EA 703 78.29 -48.55 2.72
N GLY EA 704 78.01 -49.84 2.66
CA GLY EA 704 79.05 -50.81 2.29
C GLY EA 704 78.90 -52.20 2.85
N VAL EA 705 80.02 -52.81 3.24
CA VAL EA 705 80.08 -54.16 3.78
C VAL EA 705 79.61 -54.15 5.24
N PRO EA 706 78.85 -55.15 5.68
CA PRO EA 706 78.40 -55.16 7.08
C PRO EA 706 79.55 -55.28 8.07
N PHE EA 707 79.55 -54.37 9.04
CA PHE EA 707 80.47 -54.31 10.17
C PHE EA 707 81.88 -53.87 9.78
N LEU EA 708 82.17 -53.84 8.49
CA LEU EA 708 83.49 -53.40 8.05
C LEU EA 708 83.48 -51.96 7.58
N SER EA 709 82.39 -51.53 6.96
CA SER EA 709 82.25 -50.13 6.55
C SER EA 709 82.00 -49.20 7.72
N SER EA 710 81.71 -49.73 8.91
CA SER EA 710 81.46 -48.92 10.08
C SER EA 710 82.68 -48.79 10.99
N LEU EA 711 83.79 -49.42 10.63
CA LEU EA 711 85.00 -49.30 11.44
C LEU EA 711 85.58 -47.89 11.32
N PRO EA 712 86.12 -47.34 12.40
CA PRO EA 712 86.64 -45.97 12.35
C PRO EA 712 87.91 -45.89 11.51
N GLY EA 713 87.97 -44.91 10.63
CA GLY EA 713 89.12 -44.72 9.78
C GLY EA 713 89.13 -45.62 8.56
N VAL EA 714 89.41 -46.91 8.75
CA VAL EA 714 89.51 -47.85 7.65
C VAL EA 714 88.15 -48.27 7.10
N GLY EA 715 87.05 -47.73 7.63
CA GLY EA 715 85.74 -48.13 7.16
C GLY EA 715 85.51 -47.78 5.70
N ALA EA 716 86.09 -46.68 5.24
CA ALA EA 716 85.89 -46.25 3.86
C ALA EA 716 86.56 -47.17 2.85
N ALA EA 717 87.38 -48.10 3.30
CA ALA EA 717 87.97 -49.10 2.41
C ALA EA 717 86.99 -50.19 2.01
N PHE EA 718 85.81 -50.24 2.62
CA PHE EA 718 84.81 -51.25 2.34
C PHE EA 718 83.47 -50.61 2.00
N GLY EA 719 83.47 -49.57 1.20
CA GLY EA 719 82.23 -48.93 0.81
C GLY EA 719 82.43 -47.43 0.65
N GLU EA 720 81.34 -46.71 0.82
CA GLU EA 720 81.29 -45.26 0.62
C GLU EA 720 81.15 -44.55 1.97
N LYS EA 721 81.09 -43.23 1.89
CA LYS EA 721 80.86 -42.34 3.02
C LYS EA 721 80.64 -40.94 2.48
N ARG EA 722 79.72 -40.21 3.10
CA ARG EA 722 79.36 -38.90 2.61
C ARG EA 722 78.84 -38.08 3.78
N THR EA 723 79.21 -36.80 3.81
CA THR EA 723 78.68 -35.91 4.84
C THR EA 723 78.57 -34.51 4.28
N GLU EA 724 77.49 -33.82 4.65
CA GLU EA 724 77.24 -32.47 4.24
C GLU EA 724 76.77 -31.65 5.45
N LYS EA 725 77.10 -30.37 5.45
CA LYS EA 725 76.68 -29.47 6.51
C LYS EA 725 76.37 -28.11 5.94
N THR EA 726 75.34 -27.46 6.48
CA THR EA 726 74.92 -26.15 6.02
C THR EA 726 74.65 -25.26 7.22
N GLN EA 727 74.93 -23.98 7.07
CA GLN EA 727 74.62 -22.96 8.06
C GLN EA 727 73.95 -21.80 7.36
N SER EA 728 73.12 -21.07 8.08
CA SER EA 728 72.52 -19.87 7.51
C SER EA 728 72.22 -18.88 8.63
N GLN EA 729 72.18 -17.60 8.26
CA GLN EA 729 71.84 -16.53 9.18
C GLN EA 729 71.05 -15.47 8.43
N LEU EA 730 69.98 -14.98 9.04
CA LEU EA 730 69.19 -13.88 8.49
C LEU EA 730 68.94 -12.89 9.60
N LEU EA 731 69.24 -11.62 9.36
CA LEU EA 731 69.09 -10.58 10.36
C LEU EA 731 68.40 -9.38 9.74
N VAL EA 732 67.41 -8.84 10.46
CA VAL EA 732 66.74 -7.61 10.05
C VAL EA 732 66.89 -6.60 11.18
N ILE EA 733 67.59 -5.50 10.90
CA ILE EA 733 67.97 -4.52 11.90
C ILE EA 733 67.45 -3.15 11.49
N ILE EA 734 66.87 -2.41 12.44
CA ILE EA 734 66.22 -1.13 12.17
C ILE EA 734 66.82 -0.05 13.06
N THR EA 735 67.08 1.12 12.47
CA THR EA 735 67.43 2.33 13.20
C THR EA 735 66.78 3.52 12.50
N GLY EA 736 66.77 4.66 13.19
CA GLY EA 736 66.17 5.84 12.63
C GLY EA 736 66.52 7.07 13.44
N THR EA 737 66.45 8.22 12.78
CA THR EA 737 66.74 9.50 13.40
C THR EA 737 65.67 10.51 12.99
N VAL EA 738 65.54 11.55 13.80
CA VAL EA 738 64.67 12.67 13.48
C VAL EA 738 65.47 13.71 12.70
N VAL EA 739 64.93 14.14 11.57
CA VAL EA 739 65.59 15.08 10.68
C VAL EA 739 65.11 16.48 10.99
N LYS EA 740 65.96 17.30 11.58
CA LYS EA 740 65.58 18.66 11.91
C LYS EA 740 65.80 19.59 10.72
N GLY FA 61 81.19 -25.80 26.99
CA GLY FA 61 80.45 -25.23 28.11
C GLY FA 61 79.43 -24.20 27.67
N VAL FA 62 79.73 -23.51 26.57
CA VAL FA 62 78.84 -22.52 26.00
C VAL FA 62 78.52 -22.98 24.58
N THR FA 63 77.30 -23.45 24.37
CA THR FA 63 76.90 -24.03 23.09
C THR FA 63 75.93 -23.14 22.32
N VAL FA 64 75.19 -22.30 23.01
CA VAL FA 64 74.13 -21.51 22.40
C VAL FA 64 74.67 -20.16 21.98
N THR FA 65 74.34 -19.75 20.77
CA THR FA 65 74.76 -18.46 20.25
C THR FA 65 74.03 -17.33 20.98
N PRO FA 66 74.75 -16.36 21.54
CA PRO FA 66 74.08 -15.19 22.11
C PRO FA 66 73.41 -14.36 21.04
N VAL FA 67 72.33 -13.69 21.42
CA VAL FA 67 71.54 -12.86 20.52
C VAL FA 67 71.52 -11.45 21.06
N LEU FA 68 71.88 -10.48 20.23
CA LEU FA 68 71.83 -9.08 20.59
C LEU FA 68 70.55 -8.47 20.02
N ILE FA 69 69.71 -7.91 20.89
CA ILE FA 69 68.41 -7.43 20.48
C ILE FA 69 68.34 -5.91 20.40
N LYS FA 70 68.99 -5.18 21.31
CA LYS FA 70 68.87 -3.73 21.30
C LYS FA 70 70.13 -3.10 21.86
N VAL FA 71 70.55 -1.98 21.28
CA VAL FA 71 71.56 -1.10 21.86
C VAL FA 71 70.99 0.30 21.88
N SER FA 72 71.52 1.12 22.77
CA SER FA 72 71.07 2.49 22.93
C SER FA 72 71.81 3.39 21.93
N GLU FA 73 71.64 4.69 22.07
CA GLU FA 73 72.20 5.66 21.15
C GLU FA 73 73.41 6.35 21.76
N GLY FA 74 74.08 7.15 20.94
CA GLY FA 74 75.11 8.03 21.44
C GLY FA 74 76.50 7.42 21.47
N ALA FA 75 76.90 6.94 22.64
CA ALA FA 75 78.22 6.33 22.86
C ALA FA 75 79.35 7.32 22.60
N ALA FA 76 79.33 8.37 23.38
CA ALA FA 76 80.47 9.26 23.48
C ALA FA 76 81.27 8.93 24.73
N PRO FA 77 82.58 9.18 24.75
CA PRO FA 77 83.38 8.86 25.95
C PRO FA 77 82.81 9.47 27.20
N GLY FA 78 82.44 8.63 28.16
CA GLY FA 78 81.75 9.05 29.36
C GLY FA 78 80.27 8.77 29.37
N ASP FA 79 79.69 8.38 28.24
CA ASP FA 79 78.29 8.04 28.18
C ASP FA 79 78.06 6.59 28.59
N THR FA 80 76.79 6.25 28.79
CA THR FA 80 76.39 4.92 29.22
C THR FA 80 75.79 4.17 28.03
N LEU FA 81 76.33 3.00 27.75
CA LEU FA 81 75.89 2.17 26.64
C LEU FA 81 75.20 0.93 27.20
N THR FA 82 73.94 0.72 26.80
CA THR FA 82 73.16 -0.41 27.29
C THR FA 82 72.91 -1.39 26.15
N ILE FA 83 73.14 -2.68 26.42
CA ILE FA 83 72.95 -3.75 25.46
C ILE FA 83 71.98 -4.76 26.04
N GLN FA 84 71.04 -5.23 25.23
CA GLN FA 84 70.06 -6.20 25.68
C GLN FA 84 70.07 -7.41 24.75
N GLY FA 85 70.01 -8.59 25.32
CA GLY FA 85 70.13 -9.82 24.57
C GLY FA 85 69.52 -10.97 25.31
N ARG FA 86 69.92 -12.19 24.94
CA ARG FA 86 69.35 -13.37 25.59
C ARG FA 86 70.37 -14.21 26.34
N TYR FA 87 71.38 -14.76 25.69
CA TYR FA 87 72.34 -15.65 26.37
C TYR FA 87 73.67 -14.95 26.61
N LEU FA 88 73.67 -13.90 27.41
CA LEU FA 88 74.82 -13.02 27.48
C LEU FA 88 75.82 -13.40 28.57
N GLY FA 89 75.50 -14.36 29.43
CA GLY FA 89 76.49 -14.92 30.35
C GLY FA 89 76.91 -14.06 31.52
N ASN FA 90 78.21 -14.07 31.82
CA ASN FA 90 78.80 -13.34 32.93
C ASN FA 90 79.84 -12.34 32.44
N ALA FA 91 80.10 -11.35 33.28
CA ALA FA 91 81.22 -10.44 33.04
C ALA FA 91 82.56 -11.13 33.25
N GLN FA 92 82.59 -12.25 33.98
CA GLN FA 92 83.79 -13.03 34.18
C GLN FA 92 84.01 -14.08 33.11
N THR FA 93 83.04 -14.27 32.22
CA THR FA 93 83.10 -15.27 31.16
C THR FA 93 83.10 -14.67 29.77
N ALA FA 94 82.62 -13.44 29.60
CA ALA FA 94 82.40 -12.86 28.29
C ALA FA 94 83.04 -11.47 28.22
N ARG FA 95 83.04 -10.92 27.01
CA ARG FA 95 83.57 -9.57 26.76
C ARG FA 95 82.83 -8.96 25.59
N VAL FA 96 82.80 -7.63 25.57
CA VAL FA 96 82.15 -6.86 24.49
C VAL FA 96 83.23 -6.32 23.57
N ILE FA 97 83.02 -6.46 22.26
CA ILE FA 97 83.99 -6.02 21.24
C ILE FA 97 83.29 -5.01 20.36
N ILE FA 98 83.96 -3.87 20.13
CA ILE FA 98 83.41 -2.78 19.34
C ILE FA 98 84.43 -2.42 18.29
N GLY FA 99 83.95 -1.81 17.21
CA GLY FA 99 84.82 -1.46 16.11
C GLY FA 99 85.09 -2.57 15.12
N ALA FA 100 84.34 -3.66 15.17
CA ALA FA 100 84.56 -4.79 14.28
C ALA FA 100 83.84 -4.57 12.97
N ASP FA 101 84.08 -5.46 12.03
CA ASP FA 101 83.40 -5.42 10.74
C ASP FA 101 82.20 -6.36 10.78
N GLU FA 102 81.57 -6.57 9.62
CA GLU FA 102 80.34 -7.37 9.57
C GLU FA 102 80.56 -8.79 10.09
N ASN FA 103 81.78 -9.31 10.01
CA ASN FA 103 82.07 -10.69 10.33
C ASN FA 103 82.66 -10.85 11.73
N GLY FA 104 82.79 -9.77 12.48
CA GLY FA 104 83.37 -9.84 13.80
C GLY FA 104 84.87 -9.68 13.85
N GLN FA 105 85.53 -9.55 12.69
CA GLN FA 105 86.98 -9.42 12.65
C GLN FA 105 87.39 -7.99 13.01
N GLY FA 106 88.62 -7.86 13.47
CA GLY FA 106 89.05 -6.56 13.93
C GLY FA 106 88.36 -6.20 15.23
N GLY FA 107 88.40 -4.93 15.56
CA GLY FA 107 87.70 -4.44 16.72
C GLY FA 107 88.50 -4.55 18.00
N THR FA 108 88.11 -3.75 18.98
CA THR FA 108 88.79 -3.68 20.26
C THR FA 108 87.80 -4.00 21.37
N ALA FA 109 88.25 -4.73 22.37
CA ALA FA 109 87.39 -5.14 23.47
C ALA FA 109 87.30 -4.05 24.52
N PHE FA 110 86.12 -3.92 25.11
CA PHE FA 110 85.95 -3.01 26.23
C PHE FA 110 86.79 -3.49 27.42
N PRO FA 111 87.35 -2.58 28.19
CA PRO FA 111 88.04 -2.99 29.42
C PRO FA 111 87.04 -3.51 30.45
N ALA FA 112 87.52 -4.39 31.32
CA ALA FA 112 86.67 -4.93 32.38
C ALA FA 112 86.22 -3.86 33.36
N SER FA 113 86.96 -2.76 33.47
CA SER FA 113 86.57 -1.67 34.35
C SER FA 113 85.43 -0.84 33.79
N ALA FA 114 85.07 -1.03 32.51
CA ALA FA 114 83.99 -0.29 31.89
C ALA FA 114 82.63 -0.87 32.19
N VAL FA 115 82.56 -2.03 32.83
CA VAL FA 115 81.30 -2.74 33.03
C VAL FA 115 80.67 -2.25 34.33
N GLN FA 116 79.45 -1.74 34.24
CA GLN FA 116 78.68 -1.35 35.41
C GLN FA 116 77.75 -2.45 35.89
N SER FA 117 77.08 -3.13 34.96
CA SER FA 117 76.21 -4.24 35.26
C SER FA 117 76.34 -5.27 34.15
N TRP FA 118 76.08 -6.52 34.48
CA TRP FA 118 76.12 -7.58 33.46
C TRP FA 118 75.21 -8.71 33.92
N SER FA 119 74.00 -8.75 33.37
CA SER FA 119 73.10 -9.86 33.52
C SER FA 119 73.15 -10.72 32.26
N ASP FA 120 72.37 -11.79 32.24
CA ASP FA 120 72.29 -12.60 31.03
C ASP FA 120 71.43 -11.96 29.95
N THR FA 121 70.70 -10.89 30.28
CA THR FA 121 69.86 -10.19 29.31
C THR FA 121 70.14 -8.70 29.21
N GLU FA 122 71.13 -8.17 29.93
CA GLU FA 122 71.44 -6.75 29.84
C GLU FA 122 72.88 -6.50 30.27
N ILE FA 123 73.57 -5.67 29.50
CA ILE FA 123 74.92 -5.22 29.82
C ILE FA 123 74.91 -3.69 29.81
N VAL FA 124 75.45 -3.09 30.85
CA VAL FA 124 75.56 -1.64 30.97
C VAL FA 124 77.04 -1.30 31.06
N LEU FA 125 77.48 -0.33 30.23
CA LEU FA 125 78.88 0.01 30.10
C LEU FA 125 79.08 1.51 30.23
N LYS FA 126 80.31 1.89 30.53
CA LYS FA 126 80.77 3.28 30.43
C LYS FA 126 81.80 3.35 29.31
N VAL FA 127 81.56 4.21 28.34
CA VAL FA 127 82.44 4.29 27.18
C VAL FA 127 83.75 4.94 27.59
N PRO FA 128 84.88 4.28 27.39
CA PRO FA 128 86.17 4.84 27.78
C PRO FA 128 86.62 5.89 26.76
N GLU FA 129 87.84 6.37 26.97
CA GLU FA 129 88.45 7.33 26.05
C GLU FA 129 89.36 6.59 25.09
N GLY FA 130 89.19 6.85 23.80
CA GLY FA 130 90.06 6.25 22.81
C GLY FA 130 89.39 5.28 21.85
N MET FA 131 88.06 5.16 21.94
CA MET FA 131 87.36 4.31 20.99
C MET FA 131 87.29 4.97 19.62
N PRO FA 132 87.23 4.19 18.54
CA PRO FA 132 87.21 4.76 17.19
C PRO FA 132 85.83 5.33 16.86
N ALA FA 133 85.78 6.64 16.63
CA ALA FA 133 84.52 7.29 16.28
C ALA FA 133 84.07 6.86 14.89
N GLY FA 134 82.77 6.92 14.66
CA GLY FA 134 82.17 6.49 13.42
C GLY FA 134 81.37 5.21 13.62
N GLY FA 135 80.86 4.71 12.50
CA GLY FA 135 80.05 3.51 12.53
C GLY FA 135 80.89 2.25 12.55
N SER FA 136 80.40 1.25 13.27
CA SER FA 136 81.10 -0.02 13.42
C SER FA 136 80.12 -1.04 13.96
N TRP FA 137 80.61 -2.26 14.17
CA TRP FA 137 79.79 -3.36 14.63
C TRP FA 137 80.15 -3.74 16.05
N LEU FA 138 79.14 -4.12 16.82
CA LEU FA 138 79.31 -4.52 18.21
C LEU FA 138 78.91 -5.98 18.36
N PHE FA 139 79.76 -6.75 19.04
CA PHE FA 139 79.53 -8.16 19.29
C PHE FA 139 79.77 -8.45 20.76
N VAL FA 140 79.17 -9.51 21.26
CA VAL FA 140 79.44 -10.05 22.58
C VAL FA 140 79.94 -11.47 22.40
N GLU FA 141 81.10 -11.78 22.97
CA GLU FA 141 81.68 -13.10 22.89
C GLU FA 141 81.55 -13.79 24.24
N VAL FA 142 80.66 -14.78 24.32
CA VAL FA 142 80.37 -15.48 25.56
C VAL FA 142 81.06 -16.85 25.49
N GLY FA 143 82.04 -17.06 26.37
CA GLY FA 143 82.74 -18.32 26.38
C GLY FA 143 83.43 -18.64 25.08
N GLY FA 144 83.89 -17.62 24.35
CA GLY FA 144 84.52 -17.82 23.07
C GLY FA 144 83.58 -17.89 21.90
N LYS FA 145 82.27 -17.89 22.12
CA LYS FA 145 81.29 -17.96 21.06
C LYS FA 145 80.76 -16.57 20.76
N ARG FA 146 80.73 -16.22 19.48
CA ARG FA 146 80.33 -14.89 19.05
C ARG FA 146 78.82 -14.81 18.88
N SER FA 147 78.27 -13.63 19.19
CA SER FA 147 76.84 -13.41 19.10
C SER FA 147 76.48 -12.94 17.69
N THR FA 148 75.23 -12.56 17.51
CA THR FA 148 74.83 -11.79 16.35
C THR FA 148 75.13 -10.32 16.63
N GLY FA 149 75.52 -9.60 15.61
CA GLY FA 149 75.98 -8.24 15.80
C GLY FA 149 74.90 -7.19 15.66
N LEU FA 150 75.22 -6.00 16.14
CA LEU FA 150 74.42 -4.80 15.91
C LEU FA 150 75.35 -3.66 15.53
N ARG FA 151 74.86 -2.77 14.69
CA ARG FA 151 75.63 -1.60 14.30
C ARG FA 151 75.50 -0.51 15.36
N VAL FA 152 76.64 0.05 15.75
CA VAL FA 152 76.68 1.09 16.78
C VAL FA 152 77.42 2.28 16.20
N SER FA 153 77.11 3.46 16.71
CA SER FA 153 77.71 4.71 16.24
C SER FA 153 78.48 5.33 17.39
N VAL FA 154 79.80 5.25 17.33
CA VAL FA 154 80.65 5.86 18.35
C VAL FA 154 80.83 7.32 18.01
N ARG FA 155 80.61 8.19 18.98
CA ARG FA 155 80.69 9.62 18.77
C ARG FA 155 82.14 10.10 18.90
N GLY GA 28 100.26 -61.45 -10.04
CA GLY GA 28 100.53 -61.61 -11.46
C GLY GA 28 101.27 -62.90 -11.79
N ARG GA 29 100.73 -63.64 -12.75
CA ARG GA 29 101.30 -64.92 -13.17
C ARG GA 29 101.39 -64.96 -14.69
N VAL GA 30 102.41 -65.66 -15.18
CA VAL GA 30 102.60 -65.88 -16.61
C VAL GA 30 102.51 -67.39 -16.85
N ASN GA 31 101.69 -67.79 -17.82
CA ASN GA 31 101.51 -69.21 -18.12
C ASN GA 31 101.20 -69.32 -19.61
N VAL GA 32 102.21 -69.67 -20.40
CA VAL GA 32 102.09 -69.80 -21.84
C VAL GA 32 102.50 -71.20 -22.24
N GLY GA 33 101.75 -71.81 -23.15
CA GLY GA 33 102.06 -73.13 -23.65
C GLY GA 33 102.32 -73.09 -25.15
N VAL GA 34 103.10 -74.05 -25.62
CA VAL GA 34 103.59 -74.06 -27.00
C VAL GA 34 103.34 -75.42 -27.64
N ASP GA 35 102.81 -75.39 -28.85
CA ASP GA 35 102.70 -76.57 -29.70
C ASP GA 35 103.75 -76.47 -30.79
N VAL GA 36 104.72 -77.39 -30.78
CA VAL GA 36 105.93 -77.19 -31.57
C VAL GA 36 105.77 -77.77 -32.97
N GLY GA 37 105.37 -79.04 -33.07
CA GLY GA 37 105.10 -79.61 -34.38
C GLY GA 37 106.33 -79.79 -35.24
N ASP GA 38 107.19 -80.75 -34.88
CA ASP GA 38 108.49 -80.91 -35.49
C ASP GA 38 108.50 -81.87 -36.68
N ALA GA 39 107.38 -81.98 -37.40
CA ALA GA 39 107.35 -82.81 -38.60
C ALA GA 39 107.89 -82.02 -39.80
N GLY GA 40 108.41 -82.75 -40.78
CA GLY GA 40 108.96 -82.14 -41.97
C GLY GA 40 110.11 -81.20 -41.68
N SER GA 41 111.00 -81.58 -40.76
CA SER GA 41 112.09 -80.73 -40.33
C SER GA 41 113.47 -81.24 -40.68
N GLU GA 42 113.60 -82.47 -41.17
CA GLU GA 42 114.88 -83.03 -41.56
C GLU GA 42 114.91 -83.24 -43.08
N GLN GA 43 116.02 -82.85 -43.69
CA GLN GA 43 116.21 -83.01 -45.13
C GLN GA 43 116.54 -84.47 -45.44
N VAL GA 44 115.90 -85.02 -46.46
CA VAL GA 44 116.07 -86.43 -46.82
C VAL GA 44 117.17 -86.54 -47.86
N ALA GA 45 118.17 -87.36 -47.57
CA ALA GA 45 119.27 -87.60 -48.50
C ALA GA 45 119.70 -89.05 -48.59
N THR GA 46 119.24 -89.93 -47.70
CA THR GA 46 119.69 -91.32 -47.67
C THR GA 46 118.96 -92.11 -48.77
N LEU GA 47 119.39 -91.85 -50.01
CA LEU GA 47 118.88 -92.56 -51.19
C LEU GA 47 120.09 -92.94 -52.04
N THR GA 48 120.67 -94.12 -51.77
CA THR GA 48 121.70 -94.64 -52.66
C THR GA 48 121.14 -94.96 -54.03
N ILE GA 49 119.84 -95.25 -54.11
CA ILE GA 49 119.15 -95.37 -55.37
C ILE GA 49 118.87 -93.98 -55.92
N THR GA 50 118.04 -93.87 -56.95
CA THR GA 50 117.85 -92.58 -57.60
C THR GA 50 116.45 -92.47 -58.15
N PRO GA 51 116.04 -91.23 -58.43
CA PRO GA 51 114.84 -90.94 -59.19
C PRO GA 51 115.08 -90.98 -60.69
N GLU GA 52 116.27 -91.41 -61.11
CA GLU GA 52 116.63 -91.56 -62.50
C GLU GA 52 116.00 -92.85 -63.04
N LYS GA 53 116.48 -93.30 -64.21
CA LYS GA 53 115.88 -94.46 -64.88
C LYS GA 53 115.75 -95.65 -63.95
N CYS GA 54 116.88 -96.20 -63.50
CA CYS GA 54 116.84 -97.29 -62.52
C CYS GA 54 118.12 -97.24 -61.68
N ASP GA 55 118.05 -96.53 -60.55
CA ASP GA 55 119.09 -96.50 -59.52
C ASP GA 55 120.50 -96.49 -60.10
N ASP GA 56 120.75 -95.67 -61.11
CA ASP GA 56 122.02 -95.71 -61.82
C ASP GA 56 122.78 -94.39 -61.85
N LYS GA 57 122.08 -93.27 -62.02
CA LYS GA 57 122.73 -92.00 -62.31
C LYS GA 57 122.76 -91.05 -61.12
N GLY GA 58 121.58 -90.73 -60.56
CA GLY GA 58 121.48 -89.68 -59.55
C GLY GA 58 121.80 -90.24 -58.17
N VAL GA 59 123.07 -90.58 -57.99
CA VAL GA 59 123.54 -91.13 -56.71
C VAL GA 59 123.81 -90.01 -55.71
N PRO GA 74 109.93 -75.61 -42.00
CA PRO GA 74 110.54 -75.44 -40.68
C PRO GA 74 109.58 -75.79 -39.56
N VAL GA 75 110.10 -75.93 -38.34
CA VAL GA 75 109.25 -76.24 -37.20
C VAL GA 75 108.43 -75.01 -36.82
N THR GA 76 107.13 -75.19 -36.62
CA THR GA 76 106.20 -74.09 -36.39
C THR GA 76 105.80 -74.06 -34.92
N PHE GA 77 106.51 -73.25 -34.13
CA PHE GA 77 106.14 -73.04 -32.73
C PHE GA 77 104.84 -72.26 -32.66
N THR GA 78 103.95 -72.65 -31.76
CA THR GA 78 102.65 -72.01 -31.59
C THR GA 78 102.41 -71.73 -30.11
N PHE GA 79 102.54 -70.46 -29.71
CA PHE GA 79 102.41 -70.05 -28.33
C PHE GA 79 101.00 -69.53 -28.06
N THR GA 80 100.38 -70.05 -27.01
CA THR GA 80 99.10 -69.54 -26.52
C THR GA 80 99.18 -69.35 -25.01
N ALA GA 81 98.49 -68.33 -24.52
CA ALA GA 81 98.50 -68.02 -23.10
C ALA GA 81 97.34 -68.71 -22.39
N ARG GA 82 97.64 -69.32 -21.24
CA ARG GA 82 96.64 -70.01 -20.47
C ARG GA 82 95.68 -69.01 -19.84
N PRO GA 83 94.45 -69.44 -19.52
CA PRO GA 83 93.49 -68.53 -18.90
C PRO GA 83 94.02 -67.97 -17.58
N GLY GA 84 93.76 -66.68 -17.37
CA GLY GA 84 94.23 -65.99 -16.18
C GLY GA 84 95.64 -65.47 -16.25
N SER GA 85 96.32 -65.62 -17.37
CA SER GA 85 97.72 -65.26 -17.50
C SER GA 85 97.85 -63.81 -17.97
N GLU GA 86 99.06 -63.27 -17.80
CA GLU GA 86 99.37 -61.95 -18.32
C GLU GA 86 99.75 -62.06 -19.79
N ALA GA 87 99.95 -60.91 -20.43
CA ALA GA 87 100.58 -60.89 -21.73
C ALA GA 87 102.10 -60.96 -21.57
N VAL GA 88 102.77 -61.44 -22.61
CA VAL GA 88 104.21 -61.62 -22.57
C VAL GA 88 104.77 -61.44 -23.97
N THR GA 89 105.98 -60.92 -24.05
CA THR GA 89 106.70 -60.75 -25.30
C THR GA 89 107.99 -61.55 -25.26
N ILE GA 90 108.20 -62.40 -26.26
CA ILE GA 90 109.37 -63.25 -26.33
C ILE GA 90 110.46 -62.54 -27.12
N GLU GA 91 111.65 -62.44 -26.53
CA GLU GA 91 112.76 -61.70 -27.13
C GLU GA 91 113.76 -62.59 -27.83
N GLY GA 92 113.99 -63.80 -27.34
CA GLY GA 92 114.95 -64.69 -27.95
C GLY GA 92 114.96 -66.02 -27.24
N TYR GA 93 115.86 -66.90 -27.67
CA TYR GA 93 115.96 -68.24 -27.09
C TYR GA 93 117.43 -68.60 -26.89
N ARG GA 94 117.65 -69.50 -25.94
CA ARG GA 94 118.97 -70.06 -25.67
C ARG GA 94 118.93 -71.57 -25.86
N VAL GA 95 119.92 -72.11 -26.58
CA VAL GA 95 120.00 -73.54 -26.84
C VAL GA 95 120.83 -74.15 -25.71
N LEU GA 96 120.15 -74.78 -24.75
CA LEU GA 96 120.80 -75.32 -23.56
C LEU GA 96 121.39 -76.70 -23.76
N SER GA 97 121.04 -77.39 -24.85
CA SER GA 97 121.53 -78.75 -25.06
C SER GA 97 121.39 -79.11 -26.54
N ASP GA 98 122.51 -79.36 -27.20
CA ASP GA 98 122.53 -79.80 -28.59
C ASP GA 98 123.17 -81.18 -28.65
N ARG GA 99 122.48 -82.13 -29.28
CA ARG GA 99 122.94 -83.52 -29.35
C ARG GA 99 122.66 -84.07 -30.74
N LEU GA 100 123.68 -84.12 -31.57
CA LEU GA 100 123.60 -84.77 -32.88
C LEU GA 100 123.99 -86.23 -32.71
N ASP GA 101 123.04 -87.12 -32.93
CA ASP GA 101 123.19 -88.56 -32.80
C ASP GA 101 123.60 -88.99 -31.39
N GLY GA 102 123.53 -88.08 -30.41
CA GLY GA 102 123.78 -88.41 -29.03
C GLY GA 102 125.01 -87.82 -28.40
N VAL GA 103 125.67 -86.86 -29.05
CA VAL GA 103 126.89 -86.25 -28.53
C VAL GA 103 126.56 -84.83 -28.11
N GLU GA 104 126.83 -84.51 -26.84
CA GLU GA 104 126.50 -83.21 -26.25
C GLU GA 104 127.50 -82.18 -26.77
N ARG GA 105 127.21 -81.62 -27.95
CA ARG GA 105 128.04 -80.58 -28.55
C ARG GA 105 127.49 -79.19 -28.23
N ALA GA 106 127.40 -78.90 -26.93
CA ALA GA 106 126.68 -77.72 -26.47
C ALA GA 106 127.51 -76.76 -25.66
N ASP GA 107 128.40 -77.26 -24.78
CA ASP GA 107 129.15 -76.43 -23.85
C ASP GA 107 128.20 -75.54 -23.05
N PRO GA 108 127.46 -76.10 -22.09
CA PRO GA 108 126.42 -75.31 -21.41
C PRO GA 108 126.96 -74.12 -20.62
N LYS GA 109 128.29 -73.95 -20.53
CA LYS GA 109 128.83 -72.74 -19.93
C LYS GA 109 128.53 -71.51 -20.78
N ASN GA 110 128.50 -71.67 -22.11
CA ASN GA 110 128.30 -70.56 -23.04
C ASN GA 110 127.26 -70.97 -24.07
N PRO GA 111 125.98 -70.86 -23.73
CA PRO GA 111 124.92 -71.23 -24.68
C PRO GA 111 124.94 -70.33 -25.91
N VAL GA 112 124.11 -70.70 -26.88
CA VAL GA 112 123.98 -69.95 -28.12
C VAL GA 112 122.72 -69.10 -28.01
N GLU GA 113 122.92 -67.82 -27.71
CA GLU GA 113 121.80 -66.90 -27.56
C GLU GA 113 121.28 -66.44 -28.91
N ASN GA 114 120.01 -66.04 -28.93
CA ASN GA 114 119.42 -65.32 -30.03
C ASN GA 114 118.63 -64.13 -29.47
N ALA GA 115 118.66 -63.02 -30.18
CA ALA GA 115 117.97 -61.80 -29.77
C ALA GA 115 117.22 -61.20 -30.94
N LYS GA 116 116.46 -62.03 -31.65
CA LYS GA 116 115.92 -61.67 -32.95
C LYS GA 116 114.41 -61.80 -32.97
N MET GA 117 113.77 -61.66 -31.80
CA MET GA 117 112.34 -61.91 -31.67
C MET GA 117 111.66 -60.72 -31.03
N ASN GA 118 110.57 -60.27 -31.64
CA ASN GA 118 109.57 -59.40 -31.01
C ASN GA 118 108.22 -60.08 -31.24
N LEU GA 119 107.88 -61.01 -30.37
CA LEU GA 119 106.69 -61.83 -30.53
C LEU GA 119 105.76 -61.60 -29.34
N TYR GA 120 104.57 -61.12 -29.62
CA TYR GA 120 103.61 -60.75 -28.58
C TYR GA 120 102.60 -61.88 -28.38
N VAL GA 121 102.47 -62.34 -27.14
CA VAL GA 121 101.50 -63.35 -26.76
C VAL GA 121 100.38 -62.64 -26.00
N PRO GA 122 99.18 -62.55 -26.54
CA PRO GA 122 98.08 -61.86 -25.85
C PRO GA 122 97.77 -62.47 -24.48
N SER GA 123 96.98 -61.72 -23.72
CA SER GA 123 96.89 -61.94 -22.27
C SER GA 123 96.32 -63.31 -21.93
N GLY GA 124 95.25 -63.71 -22.60
CA GLY GA 124 94.58 -64.93 -22.19
C GLY GA 124 93.27 -64.64 -21.49
N TYR GA 125 92.59 -63.59 -21.96
CA TYR GA 125 91.26 -63.23 -21.52
C TYR GA 125 90.39 -63.08 -22.75
N ALA GA 126 89.12 -62.71 -22.54
CA ALA GA 126 88.21 -62.46 -23.64
C ALA GA 126 87.28 -61.33 -23.25
N CYS GA 127 86.92 -60.50 -24.23
CA CYS GA 127 86.08 -59.33 -23.97
C CYS GA 127 85.40 -58.95 -25.29
N GLU GA 128 84.83 -57.75 -25.32
CA GLU GA 128 84.09 -57.29 -26.49
C GLU GA 128 84.95 -56.45 -27.44
N GLY GA 129 85.80 -55.59 -26.89
CA GLY GA 129 86.59 -54.67 -27.69
C GLY GA 129 87.94 -55.20 -28.12
N LEU GA 130 88.22 -56.48 -27.92
CA LEU GA 130 89.53 -57.03 -28.23
C LEU GA 130 89.74 -57.05 -29.74
N THR GA 131 90.87 -56.51 -30.18
CA THR GA 131 91.26 -56.53 -31.59
C THR GA 131 91.96 -57.85 -31.89
N ALA GA 132 92.63 -57.91 -33.05
CA ALA GA 132 93.25 -59.16 -33.48
C ALA GA 132 94.42 -59.53 -32.56
N GLY GA 133 95.44 -58.68 -32.49
CA GLY GA 133 96.63 -59.03 -31.76
C GLY GA 133 96.89 -58.21 -30.53
N ALA GA 134 95.84 -57.93 -29.75
CA ALA GA 134 95.95 -57.11 -28.56
C ALA GA 134 95.56 -57.92 -27.33
N SER GA 135 95.60 -57.25 -26.18
CA SER GA 135 95.17 -57.83 -24.91
C SER GA 135 94.09 -56.96 -24.30
N CYS GA 136 93.21 -57.60 -23.53
CA CYS GA 136 92.18 -56.87 -22.80
C CYS GA 136 92.82 -55.98 -21.74
N GLN GA 137 92.15 -54.87 -21.44
CA GLN GA 137 92.60 -54.01 -20.35
C GLN GA 137 92.52 -54.74 -19.01
N GLY GA 138 91.44 -55.47 -18.78
CA GLY GA 138 91.24 -56.20 -17.54
C GLY GA 138 90.08 -55.73 -16.70
N ASN GA 139 89.32 -54.73 -17.14
CA ASN GA 139 88.21 -54.19 -16.36
C ASN GA 139 87.01 -53.92 -17.25
N GLU GA 140 86.69 -54.88 -18.13
CA GLU GA 140 85.62 -54.70 -19.10
C GLU GA 140 84.24 -55.03 -18.58
N SER GA 141 84.14 -55.63 -17.39
CA SER GA 141 82.88 -56.04 -16.78
C SER GA 141 82.22 -57.17 -17.58
N ASP GA 142 82.82 -57.49 -18.72
CA ASP GA 142 82.45 -58.60 -19.56
C ASP GA 142 83.55 -59.64 -19.64
N ILE GA 143 84.71 -59.34 -19.06
CA ILE GA 143 85.92 -60.10 -19.32
C ILE GA 143 85.84 -61.48 -18.67
N ARG GA 144 86.27 -62.48 -19.42
CA ARG GA 144 86.41 -63.85 -18.94
C ARG GA 144 87.89 -64.23 -18.98
N ILE GA 145 88.17 -65.43 -18.50
CA ILE GA 145 89.49 -66.04 -18.66
C ILE GA 145 89.37 -67.10 -19.74
N ALA GA 146 90.17 -66.98 -20.79
CA ALA GA 146 90.11 -67.88 -21.91
C ALA GA 146 91.53 -68.19 -22.37
N ASN GA 147 91.66 -68.93 -23.46
CA ASN GA 147 92.95 -69.16 -24.06
C ASN GA 147 93.27 -68.01 -25.01
N GLY GA 148 94.51 -67.54 -24.96
CA GLY GA 148 94.89 -66.42 -25.79
C GLY GA 148 94.97 -66.77 -27.26
N GLN GA 149 95.06 -65.73 -28.07
CA GLN GA 149 95.19 -65.95 -29.51
C GLN GA 149 96.53 -66.62 -29.80
N PRO GA 150 96.56 -67.59 -30.72
CA PRO GA 150 97.82 -68.27 -31.04
C PRO GA 150 98.70 -67.40 -31.92
N VAL GA 151 99.98 -67.30 -31.55
CA VAL GA 151 100.99 -66.61 -32.34
C VAL GA 151 102.11 -67.60 -32.64
N GLN GA 152 102.59 -67.58 -33.88
CA GLN GA 152 103.55 -68.57 -34.35
C GLN GA 152 104.89 -67.96 -34.67
N HIS GA 153 105.91 -68.83 -34.63
CA HIS GA 153 107.26 -68.49 -35.06
C HIS GA 153 107.89 -69.73 -35.67
N GLN GA 154 108.82 -69.52 -36.58
CA GLN GA 154 109.48 -70.61 -37.30
C GLN GA 154 110.98 -70.56 -37.06
N ILE GA 155 111.56 -71.72 -36.79
CA ILE GA 155 113.01 -71.88 -36.66
C ILE GA 155 113.37 -73.09 -37.50
N TYR GA 156 114.01 -72.85 -38.65
CA TYR GA 156 114.39 -73.94 -39.54
C TYR GA 156 115.72 -74.52 -39.07
N PHE GA 157 115.68 -75.77 -38.62
CA PHE GA 157 116.87 -76.43 -38.10
C PHE GA 157 117.59 -77.21 -39.19
N ARG GA 174 119.38 -85.11 -34.54
CA ARG GA 174 119.64 -83.94 -33.71
C ARG GA 174 118.42 -83.58 -32.88
N VAL GA 175 118.63 -83.42 -31.56
CA VAL GA 175 117.60 -82.96 -30.65
C VAL GA 175 118.16 -81.79 -29.84
N VAL GA 176 117.50 -80.65 -29.92
CA VAL GA 176 117.93 -79.44 -29.21
C VAL GA 176 116.90 -79.09 -28.16
N ASP GA 177 117.37 -78.41 -27.10
CA ASP GA 177 116.53 -78.02 -25.98
C ASP GA 177 116.55 -76.50 -25.88
N LEU GA 178 115.53 -75.86 -26.45
CA LEU GA 178 115.45 -74.41 -26.45
C LEU GA 178 115.03 -73.90 -25.07
N GLU GA 179 115.10 -72.58 -24.92
CA GLU GA 179 114.56 -71.91 -23.74
C GLU GA 179 114.26 -70.47 -24.15
N PHE GA 180 113.00 -70.19 -24.45
CA PHE GA 180 112.60 -68.84 -24.80
C PHE GA 180 112.65 -67.93 -23.59
N TYR GA 181 112.89 -66.64 -23.84
CA TYR GA 181 112.92 -65.65 -22.78
C TYR GA 181 112.22 -64.38 -23.25
N GLY GA 182 111.96 -63.49 -22.29
CA GLY GA 182 111.25 -62.26 -22.59
C GLY GA 182 110.84 -61.55 -21.31
N PHE GA 183 109.74 -60.81 -21.41
CA PHE GA 183 109.21 -60.05 -20.28
C PHE GA 183 107.70 -59.98 -20.41
N SER GA 184 107.04 -59.89 -19.26
CA SER GA 184 105.57 -59.89 -19.23
C SER GA 184 105.05 -58.47 -19.43
N ALA GA 185 103.75 -58.28 -19.23
CA ALA GA 185 103.17 -56.95 -19.33
C ALA GA 185 103.55 -56.06 -18.17
N ASN GA 186 104.04 -56.63 -17.08
CA ASN GA 186 104.57 -55.87 -15.96
C ASN GA 186 106.09 -55.78 -16.00
N ASN GA 187 106.70 -56.16 -17.13
CA ASN GA 187 108.13 -56.02 -17.36
C ASN GA 187 108.95 -56.84 -16.36
N VAL GA 188 108.61 -58.13 -16.24
CA VAL GA 188 109.39 -59.04 -15.40
C VAL GA 188 109.91 -60.18 -16.27
N PRO GA 189 111.11 -60.69 -16.00
CA PRO GA 189 111.71 -61.69 -16.88
C PRO GA 189 110.91 -62.98 -16.93
N PHE GA 190 111.01 -63.65 -18.08
CA PHE GA 190 110.22 -64.84 -18.36
C PHE GA 190 111.10 -65.88 -19.05
N THR GA 191 110.89 -67.16 -18.71
CA THR GA 191 111.60 -68.27 -19.34
C THR GA 191 110.64 -69.44 -19.55
N ARG GA 192 110.81 -70.14 -20.67
CA ARG GA 192 109.90 -71.22 -21.03
C ARG GA 192 110.68 -72.27 -21.82
N LYS GA 193 110.90 -73.44 -21.20
CA LYS GA 193 111.70 -74.48 -21.81
C LYS GA 193 110.87 -75.32 -22.76
N VAL GA 194 111.41 -75.60 -23.94
CA VAL GA 194 110.70 -76.32 -24.99
C VAL GA 194 111.52 -77.55 -25.36
N THR GA 195 112.16 -78.15 -24.36
CA THR GA 195 113.02 -79.33 -24.54
C THR GA 195 112.39 -80.39 -25.43
N GLY GA 196 113.23 -81.07 -26.20
CA GLY GA 196 112.88 -82.30 -26.88
C GLY GA 196 112.69 -82.21 -28.38
N ILE GA 197 112.77 -81.03 -28.98
CA ILE GA 197 112.47 -80.91 -30.40
C ILE GA 197 113.52 -81.63 -31.23
N VAL GA 198 113.07 -82.31 -32.29
CA VAL GA 198 113.87 -83.26 -33.06
C VAL GA 198 114.21 -82.64 -34.41
N SER GA 199 115.50 -82.59 -34.73
CA SER GA 199 116.00 -82.13 -36.02
C SER GA 199 115.45 -80.77 -36.43
N THR HA 34 -99.56 120.19 30.75
CA THR HA 34 -100.40 119.06 30.35
C THR HA 34 -101.87 119.35 30.64
N VAL HA 35 -102.75 118.67 29.90
CA VAL HA 35 -104.18 118.82 30.07
C VAL HA 35 -104.85 117.47 29.88
N TYR HA 36 -105.91 117.23 30.65
CA TYR HA 36 -106.72 116.03 30.55
C TYR HA 36 -108.08 116.41 29.99
N ARG HA 37 -108.43 115.86 28.84
CA ARG HA 37 -109.74 116.08 28.25
C ARG HA 37 -110.26 114.79 27.65
N ASP HA 38 -111.54 114.52 27.85
CA ASP HA 38 -112.19 113.31 27.34
C ASP HA 38 -113.36 113.75 26.46
N PRO HA 39 -113.16 113.88 25.16
CA PRO HA 39 -114.21 114.42 24.29
C PRO HA 39 -115.32 113.43 24.00
N SER HA 40 -115.79 112.77 25.07
CA SER HA 40 -116.96 111.91 25.01
C SER HA 40 -117.79 112.01 26.28
N LEU HA 41 -117.59 113.08 27.06
CA LEU HA 41 -118.32 113.29 28.30
C LEU HA 41 -118.91 114.69 28.29
N THR HA 42 -119.87 114.91 29.19
CA THR HA 42 -120.51 116.21 29.32
C THR HA 42 -119.50 117.26 29.71
N SER HA 43 -119.63 118.46 29.14
CA SER HA 43 -118.77 119.58 29.46
C SER HA 43 -119.40 120.57 30.43
N ALA HA 44 -120.51 120.20 31.05
CA ALA HA 44 -121.18 121.10 31.97
C ALA HA 44 -120.32 121.35 33.20
N PRO HA 45 -120.34 122.56 33.76
CA PRO HA 45 -119.51 122.84 34.93
C PRO HA 45 -120.01 122.13 36.18
N ILE HA 46 -119.07 121.87 37.09
CA ILE HA 46 -119.37 121.25 38.37
C ILE HA 46 -118.81 122.15 39.47
N THR HA 47 -119.14 121.79 40.71
CA THR HA 47 -118.67 122.53 41.87
C THR HA 47 -118.74 121.60 43.07
N ALA HA 48 -117.59 121.24 43.63
CA ALA HA 48 -117.54 120.24 44.70
C ALA HA 48 -116.43 120.57 45.67
N ASN HA 49 -116.38 119.80 46.75
CA ASN HA 49 -115.41 119.99 47.82
C ASN HA 49 -115.46 118.78 48.73
N VAL HA 50 -114.31 118.40 49.27
CA VAL HA 50 -114.24 117.26 50.18
C VAL HA 50 -112.97 117.37 51.00
N GLY HA 51 -113.09 117.07 52.29
CA GLY HA 51 -111.94 116.84 53.14
C GLY HA 51 -111.11 118.06 53.49
N LYS HA 52 -110.24 117.91 54.50
CA LYS HA 52 -109.28 118.92 54.89
C LYS HA 52 -107.94 118.25 55.11
N TYR HA 53 -106.86 119.01 54.90
CA TYR HA 53 -105.54 118.47 55.07
C TYR HA 53 -105.24 118.19 56.54
N VAL HA 54 -104.41 117.18 56.77
CA VAL HA 54 -104.17 116.71 58.14
C VAL HA 54 -102.90 117.31 58.73
N GLY HA 55 -101.81 117.35 57.98
CA GLY HA 55 -100.54 117.72 58.53
C GLY HA 55 -100.32 119.21 58.58
N PRO HA 56 -99.19 119.63 59.15
CA PRO HA 56 -98.85 121.06 59.14
C PRO HA 56 -98.14 121.50 57.87
N LEU HA 57 -97.63 120.56 57.07
CA LEU HA 57 -96.92 120.92 55.85
C LEU HA 57 -97.85 120.92 54.64
N SER HA 58 -98.76 119.95 54.54
CA SER HA 58 -99.74 119.99 53.48
C SER HA 58 -100.65 121.20 53.60
N THR HA 59 -100.95 121.62 54.83
CA THR HA 59 -101.79 122.80 55.01
C THR HA 59 -101.02 124.08 54.71
N PHE HA 60 -99.75 124.16 55.10
CA PHE HA 60 -98.96 125.35 54.83
C PHE HA 60 -98.79 125.56 53.34
N LEU HA 61 -98.30 124.53 52.64
CA LEU HA 61 -98.42 124.52 51.20
C LEU HA 61 -99.90 124.42 50.83
N ALA HA 62 -100.20 124.62 49.55
CA ALA HA 62 -101.58 124.55 49.07
C ALA HA 62 -102.44 125.64 49.71
N SER HA 63 -101.83 126.46 50.56
CA SER HA 63 -102.44 127.66 51.10
C SER HA 63 -101.68 128.91 50.71
N ILE HA 64 -100.36 128.85 50.68
CA ILE HA 64 -99.60 129.93 50.09
C ILE HA 64 -99.77 129.94 48.58
N ALA HA 65 -100.10 128.79 48.00
CA ALA HA 65 -100.39 128.73 46.58
C ALA HA 65 -101.82 129.16 46.26
N LYS HA 66 -102.68 129.21 47.27
CA LYS HA 66 -103.99 129.82 47.07
C LYS HA 66 -103.97 131.33 47.22
N SER HA 67 -102.89 131.89 47.75
CA SER HA 67 -102.71 133.34 47.68
C SER HA 67 -102.58 133.79 46.24
N ALA HA 68 -101.83 133.02 45.44
CA ALA HA 68 -101.93 133.13 43.99
C ALA HA 68 -103.09 132.25 43.53
N GLY HA 69 -103.32 132.20 42.22
CA GLY HA 69 -104.39 131.34 41.77
C GLY HA 69 -103.90 129.95 41.41
N TYR HA 70 -103.97 129.02 42.37
CA TYR HA 70 -103.50 127.66 42.16
C TYR HA 70 -104.27 126.74 43.09
N GLU HA 71 -104.31 125.46 42.74
CA GLU HA 71 -105.21 124.49 43.36
C GLU HA 71 -104.50 123.20 43.72
N VAL HA 72 -103.38 123.33 44.43
CA VAL HA 72 -102.44 122.25 44.71
C VAL HA 72 -103.08 120.89 44.96
N VAL HA 73 -102.54 119.87 44.30
CA VAL HA 73 -102.98 118.49 44.44
C VAL HA 73 -101.75 117.63 44.71
N PHE HA 74 -101.81 116.82 45.78
CA PHE HA 74 -100.68 116.02 46.21
C PHE HA 74 -100.81 114.59 45.69
N ASN HA 75 -99.73 114.06 45.13
CA ASN HA 75 -99.73 112.69 44.66
C ASN HA 75 -99.40 111.67 45.74
N PHE HA 76 -99.03 112.11 46.94
CA PHE HA 76 -98.62 111.19 47.98
C PHE HA 76 -98.96 111.82 49.34
N ASN HA 77 -98.68 111.08 50.40
CA ASN HA 77 -98.95 111.54 51.76
C ASN HA 77 -97.76 112.37 52.21
N ILE HA 78 -97.82 113.67 51.92
CA ILE HA 78 -96.69 114.55 52.24
C ILE HA 78 -96.49 114.69 53.73
N ASP HA 79 -97.52 114.42 54.53
CA ASP HA 79 -97.43 114.54 55.98
C ASP HA 79 -96.83 113.32 56.65
N ALA HA 80 -96.47 112.30 55.87
CA ALA HA 80 -95.79 111.13 56.40
C ALA HA 80 -94.29 111.20 56.23
N LEU HA 81 -93.76 112.39 55.93
CA LEU HA 81 -92.31 112.58 55.92
C LEU HA 81 -91.82 112.76 57.35
N ALA HA 82 -90.54 113.09 57.48
CA ALA HA 82 -89.94 113.38 58.77
C ALA HA 82 -89.99 114.88 58.99
N LEU HA 83 -90.87 115.32 59.88
CA LEU HA 83 -91.09 116.75 60.08
C LEU HA 83 -91.03 117.05 61.57
N ILE HA 84 -90.34 118.13 61.93
CA ILE HA 84 -90.15 118.51 63.32
C ILE HA 84 -90.59 119.95 63.51
N ASN HA 85 -91.28 120.22 64.60
CA ASN HA 85 -91.91 121.51 64.81
C ASN HA 85 -92.16 121.69 66.30
N GLY HA 86 -92.52 122.92 66.66
CA GLY HA 86 -92.89 123.18 68.04
C GLY HA 86 -94.18 122.46 68.44
N GLU HA 87 -95.17 122.48 67.55
CA GLU HA 87 -96.45 121.85 67.85
C GLU HA 87 -96.44 120.35 67.61
N ILE HA 88 -95.54 119.85 66.76
CA ILE HA 88 -95.52 118.43 66.45
C ILE HA 88 -95.17 117.61 67.69
N VAL HA 89 -94.21 118.08 68.49
CA VAL HA 89 -93.76 117.29 69.62
C VAL HA 89 -94.45 117.68 70.92
N PHE HA 90 -94.92 118.92 71.03
CA PHE HA 90 -95.46 119.43 72.29
C PHE HA 90 -96.97 119.54 72.29
N GLY HA 91 -97.64 118.97 71.29
CA GLY HA 91 -99.07 119.13 71.25
C GLY HA 91 -99.46 120.58 70.97
N ASN HA 92 -100.69 120.91 71.35
CA ASN HA 92 -101.21 122.25 71.13
C ASN HA 92 -102.15 122.67 72.26
N THR HA 98 -105.15 117.71 68.99
CA THR HA 98 -105.02 116.37 68.41
C THR HA 98 -103.80 115.66 68.96
N THR HA 99 -103.38 114.59 68.28
CA THR HA 99 -102.24 113.79 68.70
C THR HA 99 -101.04 114.00 67.77
N SER HA 100 -101.08 115.04 66.93
CA SER HA 100 -99.93 115.49 66.16
C SER HA 100 -99.41 114.38 65.22
N TYR HA 101 -100.23 114.08 64.21
CA TYR HA 101 -99.88 113.11 63.20
C TYR HA 101 -98.73 113.64 62.34
N ALA HA 102 -97.53 113.74 62.91
CA ALA HA 102 -96.39 114.13 62.09
C ALA HA 102 -95.16 113.25 62.34
N THR HA 103 -94.91 112.91 63.61
CA THR HA 103 -93.92 111.92 64.02
C THR HA 103 -92.54 112.20 63.42
N PRO HA 104 -91.74 113.08 64.03
CA PRO HA 104 -90.41 113.41 63.49
C PRO HA 104 -89.57 112.22 63.05
N LEU HA 105 -89.91 111.02 63.52
CA LEU HA 105 -89.33 109.78 63.03
C LEU HA 105 -89.85 109.39 61.68
N GLY HA 106 -90.71 110.19 61.06
CA GLY HA 106 -91.31 109.79 59.82
C GLY HA 106 -92.46 108.84 60.03
N ARG HA 107 -92.98 108.34 58.92
CA ARG HA 107 -94.07 107.37 58.98
C ARG HA 107 -94.13 106.64 57.65
N PRO HA 108 -93.08 105.89 57.28
CA PRO HA 108 -92.95 105.43 55.90
C PRO HA 108 -93.98 104.41 55.47
N GLN HA 109 -94.67 103.75 56.38
CA GLN HA 109 -95.70 102.80 55.97
C GLN HA 109 -96.96 103.48 55.46
N GLU HA 110 -97.19 104.74 55.84
CA GLU HA 110 -98.34 105.50 55.40
C GLU HA 110 -97.95 106.59 54.42
N LEU HA 111 -96.82 106.44 53.76
CA LEU HA 111 -96.31 107.42 52.81
C LEU HA 111 -97.02 107.35 51.46
N PRO HA 112 -97.30 106.17 50.89
CA PRO HA 112 -97.93 106.13 49.57
C PRO HA 112 -99.44 106.37 49.59
N ALA HA 113 -99.97 106.89 50.69
CA ALA HA 113 -101.39 107.20 50.75
C ALA HA 113 -101.71 108.33 49.78
N LYS HA 114 -103.01 108.60 49.60
CA LYS HA 114 -103.48 109.62 48.69
C LYS HA 114 -104.39 110.56 49.46
N PRO HA 115 -104.08 111.86 49.55
CA PRO HA 115 -104.97 112.78 50.26
C PRO HA 115 -106.23 113.06 49.46
N VAL HA 116 -107.38 112.70 50.04
CA VAL HA 116 -108.67 113.01 49.41
C VAL HA 116 -109.07 114.39 49.92
N VAL HA 117 -108.51 115.40 49.27
CA VAL HA 117 -108.86 116.80 49.49
C VAL HA 117 -108.91 117.48 48.13
N HIS HA 118 -110.09 117.94 47.73
CA HIS HA 118 -110.26 118.53 46.42
C HIS HA 118 -111.18 119.74 46.51
N ASN HA 119 -111.03 120.65 45.54
CA ASN HA 119 -111.86 121.83 45.48
C ASN HA 119 -112.04 122.22 44.02
N PHE HA 120 -113.29 122.30 43.57
CA PHE HA 120 -113.61 122.60 42.19
C PHE HA 120 -114.64 123.70 42.14
N SER HA 121 -114.44 124.67 41.25
CA SER HA 121 -115.35 125.79 41.09
C SER HA 121 -115.56 126.04 39.61
N ASN HA 122 -116.75 125.70 39.11
CA ASN HA 122 -117.12 125.90 37.71
C ASN HA 122 -116.15 125.20 36.76
N ALA HA 123 -115.60 124.08 37.19
CA ALA HA 123 -114.72 123.34 36.30
C ALA HA 123 -115.55 122.41 35.41
N PRO HA 124 -115.16 122.25 34.15
CA PRO HA 124 -115.90 121.36 33.26
C PRO HA 124 -115.72 119.92 33.68
N PHE HA 125 -116.85 119.22 33.85
CA PHE HA 125 -116.79 117.79 34.13
C PHE HA 125 -116.09 117.03 33.02
N ASN HA 126 -116.06 117.59 31.81
CA ASN HA 126 -115.36 116.96 30.71
C ASN HA 126 -113.89 116.76 31.03
N GLU HA 127 -113.27 117.75 31.67
CA GLU HA 127 -111.83 117.73 31.91
C GLU HA 127 -111.46 117.65 33.38
N ALA HA 128 -112.42 117.73 34.30
CA ALA HA 128 -112.13 117.51 35.70
C ALA HA 128 -112.25 116.05 36.09
N TRP HA 129 -113.13 115.30 35.44
CA TRP HA 129 -113.21 113.86 35.69
C TRP HA 129 -111.93 113.13 35.32
N PRO HA 130 -111.36 113.27 34.12
CA PRO HA 130 -110.15 112.51 33.78
C PRO HA 130 -108.97 112.81 34.68
N LEU HA 131 -108.92 114.00 35.28
CA LEU HA 131 -107.86 114.28 36.24
C LEU HA 131 -107.98 113.39 37.47
N LEU HA 132 -109.19 113.28 38.02
CA LEU HA 132 -109.38 112.47 39.22
C LEU HA 132 -109.10 111.00 38.96
N MET HA 133 -109.39 110.51 37.76
CA MET HA 133 -109.10 109.12 37.45
C MET HA 133 -107.61 108.88 37.24
N ASP HA 134 -106.80 109.93 37.16
CA ASP HA 134 -105.36 109.80 37.11
C ASP HA 134 -104.69 109.99 38.45
N VAL HA 135 -105.31 110.74 39.36
CA VAL HA 135 -104.77 110.86 40.70
C VAL HA 135 -104.88 109.54 41.45
N TYR HA 136 -106.02 108.89 41.35
CA TYR HA 136 -106.26 107.63 42.04
C TYR HA 136 -106.01 106.41 41.18
N GLU HA 137 -105.56 106.59 39.94
CA GLU HA 137 -105.22 105.49 39.05
C GLU HA 137 -106.39 104.54 38.85
N LEU HA 138 -107.48 105.08 38.30
CA LEU HA 138 -108.66 104.30 37.99
C LEU HA 138 -108.91 104.34 36.49
N ASP HA 139 -109.81 103.47 36.05
CA ASP HA 139 -110.15 103.33 34.64
C ASP HA 139 -111.65 103.20 34.53
N TYR HA 140 -112.25 103.95 33.60
CA TYR HA 140 -113.71 103.98 33.49
C TYR HA 140 -114.14 103.64 32.08
N GLN HA 141 -115.44 103.35 31.95
CA GLN HA 141 -116.06 103.12 30.66
C GLN HA 141 -117.54 103.42 30.80
N LEU HA 142 -118.19 103.69 29.67
CA LEU HA 142 -119.57 104.14 29.65
C LEU HA 142 -120.51 103.02 29.23
N VAL HA 143 -121.63 102.91 29.93
CA VAL HA 143 -122.66 101.92 29.64
C VAL HA 143 -123.99 102.65 29.54
N LYS HA 144 -124.87 102.17 28.68
CA LYS HA 144 -126.19 102.76 28.50
C LYS HA 144 -127.25 101.83 29.07
N VAL HA 145 -128.13 102.36 29.92
CA VAL HA 145 -129.21 101.58 30.50
C VAL HA 145 -130.51 102.22 29.99
N GLY HA 146 -130.47 102.72 28.77
CA GLY HA 146 -131.61 103.37 28.17
C GLY HA 146 -131.37 104.85 27.91
N SER HA 147 -132.12 105.70 28.60
CA SER HA 147 -131.95 107.13 28.50
C SER HA 147 -130.92 107.67 29.48
N ALA HA 148 -130.28 106.81 30.26
CA ALA HA 148 -129.32 107.21 31.26
C ALA HA 148 -127.98 106.58 30.96
N ASN HA 149 -126.92 107.38 31.03
CA ASN HA 149 -125.55 106.88 30.85
C ASN HA 149 -124.93 106.62 32.20
N VAL HA 150 -124.28 105.47 32.33
CA VAL HA 150 -123.71 105.01 33.58
C VAL HA 150 -122.22 104.72 33.39
N ILE HA 151 -121.40 105.19 34.32
CA ILE HA 151 -119.96 105.04 34.27
C ILE HA 151 -119.55 103.88 35.16
N ARG HA 152 -118.78 102.94 34.60
CA ARG HA 152 -118.35 101.76 35.33
C ARG HA 152 -116.89 101.93 35.70
N ILE HA 153 -116.65 102.50 36.87
CA ILE HA 153 -115.29 102.76 37.32
C ILE HA 153 -114.61 101.45 37.69
N GLY HA 154 -113.39 101.26 37.20
CA GLY HA 154 -112.63 100.08 37.53
C GLY HA 154 -111.30 100.39 38.16
N GLN HA 155 -110.25 99.70 37.76
CA GLN HA 155 -108.91 99.94 38.28
C GLN HA 155 -107.96 99.86 37.10
N ARG HA 156 -106.97 100.74 37.06
CA ARG HA 156 -106.11 100.82 35.89
C ARG HA 156 -105.06 99.71 35.93
N PRO HA 157 -104.83 99.02 34.81
CA PRO HA 157 -103.74 98.03 34.77
C PRO HA 157 -102.39 98.74 34.84
N LYS HA 158 -101.62 98.44 35.89
CA LYS HA 158 -100.39 99.15 36.18
C LYS HA 158 -99.23 98.45 35.48
N GLN HA 159 -99.06 98.76 34.20
CA GLN HA 159 -97.98 98.20 33.41
C GLN HA 159 -97.44 99.28 32.48
N LEU HA 160 -96.19 99.11 32.08
CA LEU HA 160 -95.52 100.13 31.27
C LEU HA 160 -94.40 99.46 30.51
N ALA HA 161 -94.21 99.89 29.27
CA ALA HA 161 -93.14 99.39 28.41
C ALA HA 161 -92.08 100.47 28.25
N LEU HA 162 -90.83 100.12 28.52
CA LEU HA 162 -89.74 101.08 28.46
C LEU HA 162 -88.76 100.69 27.37
N PRO HA 163 -88.80 101.34 26.20
CA PRO HA 163 -87.83 101.03 25.16
C PRO HA 163 -86.41 101.38 25.58
N LEU HA 164 -85.48 100.51 25.25
CA LEU HA 164 -84.06 100.72 25.53
C LEU HA 164 -83.34 101.02 24.23
N LYS HA 165 -82.49 102.04 24.25
CA LYS HA 165 -81.81 102.51 23.05
C LYS HA 165 -80.34 102.16 22.99
N PHE HA 166 -79.67 102.01 24.14
CA PHE HA 166 -78.22 101.81 24.12
C PHE HA 166 -77.71 100.74 25.06
N ILE HA 167 -78.56 100.11 25.86
CA ILE HA 167 -78.10 99.10 26.80
C ILE HA 167 -79.00 97.87 26.67
N SER HA 168 -78.40 96.69 26.84
CA SER HA 168 -79.15 95.45 26.81
C SER HA 168 -80.06 95.36 28.03
N ALA HA 169 -81.28 94.89 27.82
CA ALA HA 169 -82.23 94.76 28.91
C ALA HA 169 -82.00 93.48 29.68
N GLU HA 170 -80.76 93.25 30.10
CA GLU HA 170 -80.43 92.14 30.98
C GLU HA 170 -79.51 92.65 32.06
N SER HA 171 -78.74 93.69 31.73
CA SER HA 171 -77.98 94.44 32.71
C SER HA 171 -78.70 95.67 33.20
N ALA HA 172 -79.64 96.20 32.40
CA ALA HA 172 -80.48 97.29 32.89
C ALA HA 172 -81.38 96.82 34.03
N LEU HA 173 -81.83 95.57 33.97
CA LEU HA 173 -82.56 95.01 35.11
C LEU HA 173 -81.66 94.89 36.33
N THR HA 174 -80.42 94.44 36.13
CA THR HA 174 -79.50 94.29 37.25
C THR HA 174 -79.21 95.63 37.91
N ALA HA 175 -79.03 96.68 37.12
CA ALA HA 175 -78.82 98.01 37.67
C ALA HA 175 -80.08 98.60 38.28
N ILE HA 176 -81.24 98.02 38.02
CA ILE HA 176 -82.48 98.46 38.67
C ILE HA 176 -82.71 97.70 39.97
N GLU HA 177 -82.38 96.40 40.00
CA GLU HA 177 -82.56 95.62 41.22
C GLU HA 177 -81.65 96.08 42.35
N LYS HA 178 -80.57 96.80 42.04
CA LYS HA 178 -79.70 97.29 43.09
C LYS HA 178 -80.06 98.71 43.49
N PHE HA 179 -80.46 99.53 42.51
CA PHE HA 179 -80.96 100.87 42.81
C PHE HA 179 -82.15 100.81 43.74
N PHE HA 180 -83.17 100.02 43.39
CA PHE HA 180 -84.43 99.98 44.10
C PHE HA 180 -84.57 98.77 45.00
N GLY HA 181 -83.49 98.03 45.23
CA GLY HA 181 -83.56 96.87 46.10
C GLY HA 181 -83.73 97.27 47.55
N GLU HA 182 -84.03 96.27 48.37
CA GLU HA 182 -84.20 96.48 49.80
C GLU HA 182 -83.64 95.32 50.61
N ARG HA 202 -85.83 93.32 46.17
CA ARG HA 202 -86.92 93.95 45.44
C ARG HA 202 -88.22 93.90 46.21
N PRO HA 203 -88.86 95.05 46.38
CA PRO HA 203 -90.17 95.07 47.02
C PRO HA 203 -91.19 94.36 46.15
N THR HA 204 -92.19 93.76 46.79
CA THR HA 204 -93.23 93.07 46.05
C THR HA 204 -94.14 94.03 45.28
N GLY HA 205 -94.03 95.33 45.52
CA GLY HA 205 -94.80 96.29 44.76
C GLY HA 205 -94.23 96.63 43.41
N LYS HA 206 -93.09 96.05 43.04
CA LYS HA 206 -92.43 96.34 41.78
C LYS HA 206 -92.02 95.05 41.08
N PHE HA 207 -92.15 95.04 39.75
CA PHE HA 207 -91.73 93.93 38.92
C PHE HA 207 -91.00 94.47 37.70
N GLY HA 208 -89.91 93.81 37.32
CA GLY HA 208 -89.17 94.19 36.13
C GLY HA 208 -89.00 93.02 35.18
N LEU HA 209 -89.57 93.13 33.98
CA LEU HA 209 -89.58 92.03 33.01
C LEU HA 209 -88.64 92.34 31.87
N PRO HA 210 -87.50 91.67 31.76
CA PRO HA 210 -86.64 91.85 30.59
C PRO HA 210 -87.30 91.27 29.35
N ASN HA 211 -86.97 91.85 28.20
CA ASN HA 211 -87.42 91.26 26.96
C ASN HA 211 -86.39 91.44 25.84
N SER HA 212 -85.16 91.86 26.17
CA SER HA 212 -84.04 91.95 25.24
C SER HA 212 -84.25 93.05 24.19
N ILE HA 213 -85.41 93.70 24.23
CA ILE HA 213 -85.67 94.87 23.41
C ILE HA 213 -86.10 96.01 24.33
N LYS HA 214 -86.71 95.65 25.46
CA LYS HA 214 -87.21 96.63 26.41
C LYS HA 214 -87.37 95.95 27.77
N VAL HA 215 -87.92 96.69 28.72
CA VAL HA 215 -88.31 96.17 30.02
C VAL HA 215 -89.76 96.57 30.26
N ILE HA 216 -90.41 95.84 31.17
CA ILE HA 216 -91.83 96.06 31.45
C ILE HA 216 -92.02 96.27 32.95
N PRO HA 217 -91.76 97.47 33.48
CA PRO HA 217 -91.95 97.69 34.91
C PRO HA 217 -93.41 97.61 35.33
N ASP HA 218 -93.63 97.21 36.58
CA ASP HA 218 -94.96 97.05 37.16
C ASP HA 218 -94.94 97.76 38.52
N SER HA 219 -95.58 98.92 38.61
CA SER HA 219 -95.60 99.62 39.88
C SER HA 219 -96.67 100.70 39.84
N SER HA 220 -96.93 101.28 41.02
CA SER HA 220 -97.85 102.38 41.13
C SER HA 220 -97.36 103.57 40.30
N ASN HA 221 -98.21 104.59 40.18
CA ASN HA 221 -97.88 105.72 39.34
C ASN HA 221 -96.66 106.46 39.85
N LYS HA 222 -96.55 106.63 41.17
CA LYS HA 222 -95.42 107.35 41.73
C LYS HA 222 -94.12 106.59 41.52
N ARG HA 223 -94.13 105.28 41.67
CA ARG HA 223 -92.94 104.48 41.51
C ARG HA 223 -92.60 104.23 40.05
N LEU HA 224 -93.47 104.65 39.13
CA LEU HA 224 -93.17 104.61 37.71
C LEU HA 224 -92.67 105.95 37.18
N ILE HA 225 -92.50 106.95 38.03
CA ILE HA 225 -91.88 108.21 37.65
C ILE HA 225 -90.50 108.35 38.27
N ILE HA 226 -90.44 108.42 39.60
CA ILE HA 226 -89.16 108.42 40.29
C ILE HA 226 -88.48 107.08 40.17
N GLY HA 227 -89.21 106.07 39.75
CA GLY HA 227 -88.64 104.76 39.61
C GLY HA 227 -87.97 104.63 38.27
N SER HA 228 -88.38 103.60 37.52
CA SER HA 228 -87.64 103.23 36.32
C SER HA 228 -87.60 104.38 35.31
N ASN HA 229 -88.69 105.14 35.19
CA ASN HA 229 -88.77 106.12 34.11
C ASN HA 229 -87.74 107.23 34.22
N SER HA 230 -87.11 107.43 35.37
CA SER HA 230 -86.10 108.45 35.51
C SER HA 230 -84.71 107.93 35.82
N GLU HA 231 -84.56 106.65 36.20
CA GLU HA 231 -83.24 106.07 36.20
C GLU HA 231 -82.91 105.40 34.87
N ASP HA 232 -83.88 104.71 34.29
CA ASP HA 232 -83.68 104.18 32.94
C ASP HA 232 -83.45 105.29 31.94
N GLY HA 233 -83.90 106.51 32.23
CA GLY HA 233 -83.60 107.64 31.40
C GLY HA 233 -82.26 108.28 31.62
N ILE HA 234 -81.56 107.92 32.70
CA ILE HA 234 -80.24 108.47 32.98
C ILE HA 234 -79.14 107.47 32.65
N ARG HA 235 -79.49 106.23 32.29
CA ARG HA 235 -78.51 105.24 31.92
C ARG HA 235 -78.60 104.82 30.45
N ILE HA 236 -79.54 105.36 29.69
CA ILE HA 236 -79.58 105.15 28.24
C ILE HA 236 -78.72 106.25 27.63
N ARG HA 237 -77.43 105.99 27.49
CA ARG HA 237 -76.48 106.98 27.03
C ARG HA 237 -75.40 106.32 26.20
N SER HA 238 -74.66 107.14 25.46
CA SER HA 238 -73.57 106.67 24.62
C SER HA 238 -72.47 106.03 25.44
N PHE HA 239 -72.32 104.71 25.31
CA PHE HA 239 -71.21 104.02 25.95
C PHE HA 239 -69.88 104.46 25.32
N VAL HA 240 -68.83 104.50 26.14
CA VAL HA 240 -67.49 104.82 25.65
C VAL HA 240 -66.66 103.55 25.71
N GLU HA 241 -65.67 103.48 24.81
CA GLU HA 241 -64.84 102.28 24.70
C GLU HA 241 -63.36 102.61 24.90
N ILE HA 257 -55.73 87.78 23.53
CA ILE HA 257 -54.42 87.17 23.68
C ILE HA 257 -53.51 87.65 22.56
N SER HA 258 -52.21 87.72 22.86
CA SER HA 258 -51.21 88.15 21.89
C SER HA 258 -50.32 86.97 21.55
N GLU HA 259 -50.22 86.66 20.26
CA GLU HA 259 -49.33 85.61 19.77
C GLU HA 259 -48.42 86.20 18.71
N ILE HA 260 -47.39 85.45 18.35
CA ILE HA 260 -46.38 85.90 17.40
C ILE HA 260 -46.47 85.02 16.16
N TYR HA 261 -46.66 85.65 15.01
CA TYR HA 261 -46.68 84.96 13.73
C TYR HA 261 -45.52 85.48 12.91
N ILE HA 262 -44.42 84.74 12.90
CA ILE HA 262 -43.28 85.09 12.07
C ILE HA 262 -43.70 85.05 10.61
N VAL HA 263 -43.44 86.14 9.89
CA VAL HA 263 -43.88 86.22 8.51
C VAL HA 263 -43.09 85.22 7.67
N ARG HA 264 -43.82 84.32 7.02
CA ARG HA 264 -43.15 83.29 6.22
C ARG HA 264 -42.85 83.80 4.82
N GLY HA 265 -43.88 84.22 4.09
CA GLY HA 265 -43.69 84.73 2.75
C GLY HA 265 -43.51 86.23 2.73
N GLN HA 266 -44.21 86.90 1.80
CA GLN HA 266 -44.10 88.34 1.66
C GLN HA 266 -44.71 89.04 2.87
N LYS HA 267 -44.33 90.32 3.04
CA LYS HA 267 -44.76 91.07 4.22
C LYS HA 267 -46.18 91.59 4.07
N GLU HA 268 -46.42 92.45 3.07
CA GLU HA 268 -47.73 93.06 2.93
C GLU HA 268 -48.84 92.05 2.72
N SER HA 269 -48.51 90.85 2.23
CA SER HA 269 -49.51 89.81 2.11
C SER HA 269 -50.12 89.49 3.46
N VAL HA 270 -49.29 89.24 4.47
CA VAL HA 270 -49.80 89.02 5.81
C VAL HA 270 -50.27 90.32 6.45
N LEU HA 271 -49.96 91.46 5.86
CA LEU HA 271 -50.46 92.73 6.36
C LEU HA 271 -51.81 93.08 5.74
N GLN HA 272 -51.84 93.24 4.41
CA GLN HA 272 -53.04 93.73 3.75
C GLN HA 272 -54.21 92.77 3.95
N PHE HA 273 -53.95 91.47 3.84
CA PHE HA 273 -55.02 90.50 4.02
C PHE HA 273 -55.57 90.54 5.44
N LEU HA 274 -54.69 90.65 6.43
CA LEU HA 274 -55.10 90.39 7.80
C LEU HA 274 -56.06 91.45 8.33
N ARG HA 275 -55.90 92.70 7.89
CA ARG HA 275 -56.84 93.74 8.29
C ARG HA 275 -58.21 93.54 7.67
N ASP HA 276 -58.26 92.99 6.45
CA ASP HA 276 -59.53 92.86 5.74
C ASP HA 276 -60.43 91.83 6.40
N SER HA 277 -59.98 90.58 6.46
CA SER HA 277 -60.79 89.53 7.06
C SER HA 277 -60.85 89.63 8.57
N PHE HA 278 -59.96 90.39 9.20
CA PHE HA 278 -59.95 90.54 10.65
C PHE HA 278 -59.65 91.99 11.03
N PRO HA 279 -60.64 92.89 10.88
CA PRO HA 279 -60.50 94.21 11.49
C PRO HA 279 -60.59 94.17 12.99
N GLU HA 280 -61.18 93.12 13.56
CA GLU HA 280 -61.22 92.95 15.00
C GLU HA 280 -59.93 92.33 15.49
N LEU HA 281 -58.79 92.87 15.05
CA LEU HA 281 -57.48 92.41 15.46
C LEU HA 281 -56.50 93.55 15.23
N ILE HA 282 -55.41 93.52 15.99
CA ILE HA 282 -54.32 94.47 15.83
C ILE HA 282 -53.01 93.70 15.69
N VAL HA 283 -52.18 94.11 14.75
CA VAL HA 283 -50.88 93.50 14.52
C VAL HA 283 -49.82 94.50 14.95
N THR HA 284 -49.07 94.14 15.99
CA THR HA 284 -47.98 94.96 16.47
C THR HA 284 -46.71 94.50 15.77
N ASP HA 285 -46.13 95.36 14.94
CA ASP HA 285 -45.01 94.99 14.09
C ASP HA 285 -43.72 95.24 14.84
N TYR HA 286 -42.86 94.22 14.86
CA TYR HA 286 -41.52 94.32 15.42
C TYR HA 286 -40.56 94.19 14.25
N ALA HA 287 -39.89 95.30 13.91
CA ALA HA 287 -39.08 95.36 12.70
C ALA HA 287 -38.15 94.16 12.61
N SER HA 288 -38.38 93.32 11.60
CA SER HA 288 -37.73 92.05 11.35
C SER HA 288 -38.06 91.00 12.42
N GLY HA 289 -38.84 91.35 13.44
CA GLY HA 289 -39.25 90.38 14.42
C GLY HA 289 -40.52 89.63 14.10
N GLY HA 290 -41.21 90.01 13.02
CA GLY HA 290 -42.45 89.38 12.66
C GLY HA 290 -43.66 90.19 13.05
N LEU HA 291 -44.62 89.55 13.71
CA LEU HA 291 -45.86 90.20 14.11
C LEU HA 291 -46.22 89.75 15.51
N ALA HA 292 -47.19 90.42 16.11
CA ALA HA 292 -47.61 90.17 17.48
C ALA HA 292 -49.13 90.19 17.60
N ILE HA 293 -49.81 89.47 16.71
CA ILE HA 293 -51.26 89.50 16.59
C ILE HA 293 -51.93 89.40 17.95
N GLU HA 294 -52.82 90.35 18.26
CA GLU HA 294 -53.55 90.33 19.51
C GLU HA 294 -54.97 90.84 19.28
N GLY HA 295 -55.87 90.45 20.18
CA GLY HA 295 -57.24 90.85 20.11
C GLY HA 295 -58.15 89.88 20.81
N PRO HA 296 -59.33 89.63 20.24
CA PRO HA 296 -60.22 88.61 20.79
C PRO HA 296 -59.51 87.25 20.89
N ARG HA 297 -59.71 86.58 22.00
CA ARG HA 297 -58.97 85.36 22.32
C ARG HA 297 -59.36 84.19 21.44
N THR HA 298 -60.42 84.31 20.65
CA THR HA 298 -60.83 83.26 19.72
C THR HA 298 -60.61 83.62 18.27
N SER HA 299 -60.85 84.88 17.90
CA SER HA 299 -60.62 85.30 16.52
C SER HA 299 -59.16 85.15 16.13
N VAL HA 300 -58.25 85.21 17.11
CA VAL HA 300 -56.83 85.00 16.82
C VAL HA 300 -56.59 83.59 16.32
N ASN HA 301 -57.11 82.59 17.05
CA ASN HA 301 -56.90 81.21 16.66
C ASN HA 301 -57.43 80.94 15.27
N ARG HA 302 -58.59 81.53 14.94
CA ARG HA 302 -59.15 81.39 13.62
C ARG HA 302 -58.33 82.14 12.57
N ALA HA 303 -57.73 83.27 12.96
CA ALA HA 303 -56.89 84.01 12.03
C ALA HA 303 -55.62 83.25 11.72
N ILE HA 304 -55.01 82.63 12.74
CA ILE HA 304 -53.73 81.95 12.54
C ILE HA 304 -53.88 80.77 11.60
N ILE HA 305 -54.89 79.93 11.83
CA ILE HA 305 -55.10 78.76 10.97
C ILE HA 305 -55.31 79.19 9.53
N LEU HA 306 -56.14 80.21 9.33
CA LEU HA 306 -56.33 80.73 7.99
C LEU HA 306 -55.10 81.43 7.46
N LEU HA 307 -54.33 82.09 8.33
CA LEU HA 307 -53.14 82.80 7.89
C LEU HA 307 -52.08 81.87 7.33
N GLY HA 308 -52.02 80.63 7.83
CA GLY HA 308 -51.08 79.68 7.29
C GLY HA 308 -51.33 79.38 5.82
N GLN HA 309 -52.60 79.25 5.44
CA GLN HA 309 -52.93 78.96 4.06
C GLN HA 309 -52.59 80.12 3.13
N VAL HA 310 -53.04 81.33 3.49
CA VAL HA 310 -52.91 82.45 2.56
C VAL HA 310 -51.46 82.89 2.44
N ASP HA 311 -50.64 82.58 3.43
CA ASP HA 311 -49.25 83.00 3.47
C ASP HA 311 -48.35 81.78 3.31
N ARG HA 312 -47.67 81.69 2.16
CA ARG HA 312 -46.75 80.59 1.90
C ARG HA 312 -45.45 81.14 1.34
N ALA HA 313 -44.36 80.45 1.65
CA ALA HA 313 -43.03 80.82 1.18
C ALA HA 313 -42.89 80.49 -0.30
N PRO HA 314 -42.10 81.26 -1.03
CA PRO HA 314 -41.88 80.94 -2.45
C PRO HA 314 -41.24 79.56 -2.60
N GLU HA 315 -41.64 78.86 -3.65
CA GLU HA 315 -41.18 77.49 -3.85
C GLU HA 315 -39.90 77.47 -4.67
N ILE HA 316 -39.17 76.37 -4.54
CA ILE HA 316 -37.85 76.20 -5.12
C ILE HA 316 -37.97 75.26 -6.31
N PRO HA 317 -37.73 75.72 -7.53
CA PRO HA 317 -37.90 74.86 -8.71
C PRO HA 317 -36.78 73.85 -8.88
N ILE HA 318 -36.92 72.70 -8.22
CA ILE HA 318 -35.99 71.59 -8.33
C ILE HA 318 -35.66 71.26 -9.78
N VAL HA 319 -34.37 71.25 -10.12
CA VAL HA 319 -33.90 71.00 -11.47
C VAL HA 319 -33.20 69.66 -11.49
N GLN HA 320 -33.17 69.04 -12.67
CA GLN HA 320 -32.61 67.71 -12.85
C GLN HA 320 -31.47 67.75 -13.85
N ARG HA 321 -30.35 67.11 -13.50
CA ARG HA 321 -29.27 66.92 -14.45
C ARG HA 321 -28.69 65.53 -14.27
N ILE HA 322 -28.09 65.03 -15.35
CA ILE HA 322 -27.55 63.69 -15.41
C ILE HA 322 -26.03 63.81 -15.43
N TYR HA 323 -25.37 63.14 -14.50
CA TYR HA 323 -23.93 63.18 -14.40
C TYR HA 323 -23.37 61.84 -14.82
N THR HA 324 -22.27 61.87 -15.57
CA THR HA 324 -21.62 60.66 -16.08
C THR HA 324 -20.30 60.49 -15.34
N VAL HA 325 -20.33 59.74 -14.25
CA VAL HA 325 -19.20 59.71 -13.34
C VAL HA 325 -17.99 59.10 -14.02
N ARG HA 326 -16.83 59.74 -13.84
CA ARG HA 326 -15.54 59.24 -14.30
C ARG HA 326 -14.75 58.82 -13.08
N GLY HA 327 -14.46 57.54 -12.97
CA GLY HA 327 -13.87 57.03 -11.75
C GLY HA 327 -14.86 56.10 -11.10
N GLN HA 328 -14.73 55.86 -9.81
CA GLN HA 328 -15.72 55.04 -9.14
C GLN HA 328 -17.02 55.82 -9.02
N ALA HA 329 -18.11 55.09 -8.85
CA ALA HA 329 -19.41 55.73 -8.63
C ALA HA 329 -19.91 55.53 -7.22
N ALA HA 330 -19.36 54.57 -6.48
CA ALA HA 330 -19.73 54.43 -5.08
C ALA HA 330 -19.11 55.53 -4.23
N ASP HA 331 -17.89 55.94 -4.56
CA ASP HA 331 -17.22 56.97 -3.78
C ASP HA 331 -17.77 58.36 -4.07
N ILE HA 332 -18.18 58.59 -5.32
CA ILE HA 332 -18.70 59.90 -5.67
C ILE HA 332 -20.18 59.99 -5.34
N THR HA 333 -20.79 58.88 -4.93
CA THR HA 333 -22.11 58.96 -4.33
C THR HA 333 -22.00 59.28 -2.85
N ALA HA 334 -21.03 58.69 -2.16
CA ALA HA 334 -20.83 59.00 -0.75
C ALA HA 334 -20.35 60.44 -0.58
N LEU HA 335 -19.53 60.94 -1.49
CA LEU HA 335 -19.11 62.33 -1.43
C LEU HA 335 -20.31 63.26 -1.50
N LEU HA 336 -21.17 63.08 -2.50
CA LEU HA 336 -22.33 63.93 -2.66
C LEU HA 336 -23.39 63.67 -1.60
N ALA HA 337 -23.21 62.66 -0.76
CA ALA HA 337 -24.12 62.43 0.35
C ALA HA 337 -23.60 62.98 1.67
N ALA HA 338 -22.34 63.42 1.71
CA ALA HA 338 -21.81 64.14 2.86
C ALA HA 338 -21.76 65.63 2.59
N GLN HA 339 -21.03 66.03 1.56
CA GLN HA 339 -21.22 67.35 1.00
C GLN HA 339 -22.57 67.40 0.31
N TYR HA 340 -23.23 68.55 0.41
CA TYR HA 340 -24.51 68.77 -0.26
C TYR HA 340 -25.46 67.66 0.14
N PRO HA 341 -25.85 67.59 1.42
CA PRO HA 341 -26.57 66.42 1.91
C PRO HA 341 -28.02 66.32 1.44
N THR HA 342 -28.52 67.31 0.71
CA THR HA 342 -29.85 67.25 0.11
C THR HA 342 -29.72 67.55 -1.38
N LEU HA 343 -29.39 66.52 -2.16
CA LEU HA 343 -29.32 66.64 -3.60
C LEU HA 343 -30.09 65.56 -4.33
N ARG HA 344 -30.45 64.47 -3.67
CA ARG HA 344 -31.20 63.38 -4.29
C ARG HA 344 -30.45 62.80 -5.49
N VAL HA 345 -29.33 62.18 -5.16
CA VAL HA 345 -28.49 61.52 -6.14
C VAL HA 345 -29.01 60.10 -6.31
N THR HA 346 -29.47 59.78 -7.51
CA THR HA 346 -30.04 58.49 -7.83
C THR HA 346 -29.25 57.84 -8.96
N PRO HA 347 -28.79 56.61 -8.79
CA PRO HA 347 -27.98 55.97 -9.83
C PRO HA 347 -28.83 55.22 -10.83
N VAL HA 348 -28.38 55.23 -12.08
CA VAL HA 348 -29.01 54.43 -13.14
C VAL HA 348 -28.30 53.08 -13.14
N GLY HA 349 -28.71 52.24 -12.21
CA GLY HA 349 -28.06 50.95 -12.07
C GLY HA 349 -26.58 51.11 -11.84
N GLN HA 350 -25.82 50.11 -12.28
CA GLN HA 350 -24.37 50.19 -12.32
C GLN HA 350 -23.98 50.46 -13.77
N THR HA 351 -24.16 51.70 -14.20
CA THR HA 351 -23.80 52.10 -15.55
C THR HA 351 -22.94 53.35 -15.57
N GLY HA 352 -22.38 53.74 -14.43
CA GLY HA 352 -21.57 54.93 -14.40
C GLY HA 352 -22.32 56.20 -14.70
N GLN HA 353 -23.64 56.18 -14.57
CA GLN HA 353 -24.45 57.37 -14.71
C GLN HA 353 -25.14 57.65 -13.39
N LEU HA 354 -25.60 58.87 -13.23
CA LEU HA 354 -25.98 59.34 -11.91
C LEU HA 354 -26.96 60.47 -12.12
N VAL HA 355 -28.23 60.23 -11.84
CA VAL HA 355 -29.27 61.24 -12.00
C VAL HA 355 -29.42 61.96 -10.68
N LEU HA 356 -28.99 63.20 -10.65
CA LEU HA 356 -28.96 64.00 -9.43
C LEU HA 356 -29.82 65.23 -9.64
N ASN HA 357 -30.58 65.58 -8.60
CA ASN HA 357 -31.84 66.30 -8.77
C ASN HA 357 -32.06 67.24 -7.59
N GLY HA 358 -31.69 68.51 -7.73
CA GLY HA 358 -31.84 69.45 -6.65
C GLY HA 358 -31.91 70.87 -7.17
N ALA HA 359 -32.01 71.83 -6.25
CA ALA HA 359 -32.12 73.23 -6.62
C ALA HA 359 -30.93 73.64 -7.48
N GLN HA 360 -31.09 74.74 -8.21
CA GLN HA 360 -30.03 75.09 -9.14
C GLN HA 360 -28.79 75.64 -8.45
N ALA HA 361 -28.94 76.26 -7.28
CA ALA HA 361 -27.77 76.69 -6.54
C ALA HA 361 -26.90 75.50 -6.15
N GLN HA 362 -27.51 74.51 -5.50
CA GLN HA 362 -26.78 73.29 -5.19
C GLN HA 362 -26.22 72.65 -6.45
N LEU HA 363 -26.95 72.77 -7.55
CA LEU HA 363 -26.60 72.02 -8.74
C LEU HA 363 -25.35 72.59 -9.39
N ASP HA 364 -25.30 73.89 -9.58
CA ASP HA 364 -24.11 74.50 -10.15
C ASP HA 364 -22.97 74.58 -9.15
N THR HA 365 -23.17 74.19 -7.91
CA THR HA 365 -22.06 74.18 -6.98
C THR HA 365 -21.45 72.78 -6.90
N ALA HA 366 -22.30 71.78 -6.84
CA ALA HA 366 -21.83 70.40 -6.86
C ALA HA 366 -21.16 70.06 -8.18
N LEU HA 367 -21.60 70.66 -9.28
CA LEU HA 367 -20.95 70.34 -10.54
C LEU HA 367 -19.58 70.96 -10.65
N ALA HA 368 -19.33 72.04 -9.91
CA ALA HA 368 -18.00 72.64 -9.91
C ALA HA 368 -17.04 71.84 -9.04
N LEU HA 369 -17.52 71.34 -7.90
CA LEU HA 369 -16.69 70.46 -7.09
C LEU HA 369 -16.37 69.18 -7.84
N LEU HA 370 -17.38 68.53 -8.39
CA LEU HA 370 -17.15 67.27 -9.07
C LEU HA 370 -16.22 67.44 -10.25
N GLU HA 371 -16.19 68.63 -10.84
CA GLU HA 371 -15.24 68.84 -11.91
C GLU HA 371 -13.80 68.87 -11.39
N GLN HA 372 -13.62 69.04 -10.08
CA GLN HA 372 -12.28 69.14 -9.52
C GLN HA 372 -11.79 67.81 -8.97
N VAL HA 373 -12.60 67.14 -8.17
CA VAL HA 373 -12.15 65.99 -7.41
C VAL HA 373 -12.51 64.67 -8.11
N ASP HA 374 -12.77 64.70 -9.41
CA ASP HA 374 -13.23 63.51 -10.11
C ASP HA 374 -12.45 63.35 -11.40
N ARG HA 375 -11.55 62.38 -11.43
CA ARG HA 375 -10.75 62.07 -12.60
C ARG HA 375 -10.63 60.57 -12.73
N PRO HA 376 -10.35 60.07 -13.93
CA PRO HA 376 -10.27 58.62 -14.11
C PRO HA 376 -9.16 58.00 -13.29
N ALA HA 377 -9.37 56.74 -12.91
CA ALA HA 377 -8.42 56.04 -12.07
C ALA HA 377 -7.11 55.81 -12.81
N PRO HA 378 -6.01 55.61 -12.07
CA PRO HA 378 -4.75 55.27 -12.72
C PRO HA 378 -4.71 53.82 -13.16
N VAL HA 379 -3.78 53.53 -14.05
CA VAL HA 379 -3.64 52.21 -14.64
C VAL HA 379 -2.50 51.47 -13.98
N ALA HA 380 -2.67 50.16 -13.81
CA ALA HA 380 -1.58 49.32 -13.35
C ALA HA 380 -0.50 49.25 -14.42
N GLU HA 381 0.74 49.02 -13.99
CA GLU HA 381 1.84 49.13 -14.94
C GLU HA 381 1.98 47.87 -15.79
N SER HA 382 2.45 46.78 -15.18
CA SER HA 382 2.40 45.43 -15.71
C SER HA 382 3.14 44.53 -14.74
N ARG HA 383 2.88 43.23 -14.78
CA ARG HA 383 3.60 42.31 -13.92
C ARG HA 383 4.64 41.48 -14.68
N THR HA 384 4.98 41.91 -15.90
CA THR HA 384 5.86 41.14 -16.77
C THR HA 384 6.39 42.06 -17.85
N VAL HA 385 7.70 42.00 -18.10
CA VAL HA 385 8.34 42.80 -19.14
C VAL HA 385 9.32 41.92 -19.89
N GLN HA 386 9.68 42.36 -21.09
CA GLN HA 386 10.62 41.64 -21.95
C GLN HA 386 11.75 42.57 -22.37
N ARG HA 387 12.96 42.02 -22.43
CA ARG HA 387 14.10 42.70 -23.03
C ARG HA 387 14.81 41.73 -23.96
N VAL HA 388 15.32 42.24 -25.06
CA VAL HA 388 16.03 41.44 -26.05
C VAL HA 388 17.45 41.98 -26.16
N PHE HA 389 18.43 41.08 -26.02
CA PHE HA 389 19.84 41.43 -26.10
C PHE HA 389 20.45 40.73 -27.29
N GLN HA 390 21.01 41.50 -28.21
CA GLN HA 390 21.74 40.96 -29.35
C GLN HA 390 23.20 40.83 -28.94
N LEU HA 391 23.64 39.63 -28.60
CA LEU HA 391 25.01 39.41 -28.18
C LEU HA 391 25.95 39.53 -29.36
N VAL HA 392 27.17 40.02 -29.08
CA VAL HA 392 28.16 40.27 -30.09
C VAL HA 392 29.38 39.36 -29.96
N ASN HA 393 29.84 39.13 -28.73
CA ASN HA 393 31.04 38.36 -28.50
C ASN HA 393 30.76 36.97 -27.94
N ALA HA 394 29.76 36.83 -27.08
CA ALA HA 394 29.46 35.56 -26.44
C ALA HA 394 28.43 34.78 -27.26
N SER HA 395 28.13 33.59 -26.80
CA SER HA 395 27.13 32.72 -27.42
C SER HA 395 25.87 32.75 -26.58
N ALA HA 396 24.72 33.03 -27.22
CA ALA HA 396 23.48 33.19 -26.48
C ALA HA 396 23.10 31.92 -25.74
N GLU HA 397 23.43 30.76 -26.29
CA GLU HA 397 23.05 29.50 -25.65
C GLU HA 397 23.94 29.19 -24.46
N GLU HA 398 25.23 29.54 -24.54
CA GLU HA 398 26.11 29.34 -23.40
C GLU HA 398 25.84 30.34 -22.29
N VAL HA 399 25.45 31.57 -22.66
CA VAL HA 399 25.09 32.56 -21.66
C VAL HA 399 23.84 32.12 -20.90
N LYS HA 400 22.86 31.59 -21.62
CA LYS HA 400 21.64 31.10 -20.96
C LYS HA 400 21.95 29.95 -20.02
N ALA HA 401 22.83 29.04 -20.44
CA ALA HA 401 23.19 27.93 -19.57
C ALA HA 401 23.99 28.39 -18.36
N THR HA 402 24.84 29.40 -18.53
CA THR HA 402 25.57 29.96 -17.40
C THR HA 402 24.62 30.58 -16.38
N LEU HA 403 23.65 31.35 -16.85
CA LEU HA 403 22.74 32.06 -15.95
C LEU HA 403 21.78 31.13 -15.23
N GLU HA 404 21.51 29.95 -15.79
CA GLU HA 404 20.60 28.99 -15.19
C GLU HA 404 21.32 27.94 -14.36
N GLY HA 405 22.65 27.99 -14.28
CA GLY HA 405 23.39 26.99 -13.53
C GLY HA 405 23.29 25.59 -14.10
N THR HA 406 23.26 25.47 -15.43
CA THR HA 406 23.22 24.17 -16.08
C THR HA 406 24.40 23.99 -17.03
N GLN HA 466 9.55 33.32 -8.45
CA GLN HA 466 10.24 32.41 -9.35
C GLN HA 466 11.58 32.96 -9.80
N GLN HA 467 11.93 32.65 -11.04
CA GLN HA 467 13.11 33.20 -11.70
C GLN HA 467 12.73 33.56 -13.12
N ALA HA 468 13.44 34.54 -13.68
CA ALA HA 468 13.12 35.05 -15.01
C ALA HA 468 13.30 33.96 -16.06
N THR HA 469 12.45 34.00 -17.09
CA THR HA 469 12.55 33.08 -18.21
C THR HA 469 13.59 33.58 -19.20
N LEU HA 470 14.45 32.68 -19.65
CA LEU HA 470 15.51 33.01 -20.60
C LEU HA 470 15.28 32.22 -21.89
N ILE HA 471 15.36 32.91 -23.01
CA ILE HA 471 15.19 32.32 -24.33
C ILE HA 471 16.43 32.65 -25.15
N ALA HA 472 17.08 31.62 -25.68
CA ALA HA 472 18.30 31.79 -26.46
C ALA HA 472 18.06 31.35 -27.89
N ASP HA 473 18.30 32.25 -28.84
CA ASP HA 473 18.20 31.96 -30.25
C ASP HA 473 19.60 31.78 -30.83
N LYS HA 474 19.85 30.62 -31.42
CA LYS HA 474 21.18 30.35 -31.96
C LYS HA 474 21.40 31.03 -33.31
N ARG HA 475 20.36 31.16 -34.13
CA ARG HA 475 20.52 31.74 -35.46
C ARG HA 475 20.94 33.20 -35.39
N THR HA 476 20.30 33.97 -34.53
CA THR HA 476 20.55 35.40 -34.45
C THR HA 476 21.43 35.80 -33.27
N ASN HA 477 21.78 34.85 -32.40
CA ASN HA 477 22.54 35.13 -31.19
C ASN HA 477 21.84 36.15 -30.31
N SER HA 478 20.56 35.92 -30.09
CA SER HA 478 19.71 36.82 -29.32
C SER HA 478 19.36 36.18 -27.98
N LEU HA 479 19.45 36.98 -26.92
CA LEU HA 479 19.03 36.57 -25.59
C LEU HA 479 17.75 37.31 -25.25
N ILE HA 480 16.73 36.59 -24.79
CA ILE HA 480 15.44 37.17 -24.46
C ILE HA 480 15.14 36.81 -23.01
N VAL HA 481 15.00 37.83 -22.17
CA VAL HA 481 14.66 37.67 -20.77
C VAL HA 481 13.24 38.16 -20.55
N ARG HA 482 12.45 37.39 -19.80
CA ARG HA 482 11.03 37.65 -19.63
C ARG HA 482 10.67 37.39 -18.17
N GLY HA 483 10.34 38.45 -17.44
CA GLY HA 483 9.95 38.30 -16.06
C GLY HA 483 9.46 39.60 -15.46
N THR HA 484 9.48 39.67 -14.14
CA THR HA 484 9.12 40.89 -13.45
C THR HA 484 10.17 41.97 -13.73
N PRO HA 485 9.80 43.24 -13.60
CA PRO HA 485 10.77 44.30 -13.92
C PRO HA 485 12.05 44.24 -13.10
N GLU HA 486 11.98 43.72 -11.87
CA GLU HA 486 13.19 43.60 -11.06
C GLU HA 486 14.06 42.44 -11.53
N GLN HA 487 13.45 41.31 -11.87
CA GLN HA 487 14.20 40.18 -12.39
C GLN HA 487 14.82 40.46 -13.75
N VAL HA 488 14.29 41.42 -14.49
CA VAL HA 488 14.82 41.72 -15.81
C VAL HA 488 15.97 42.71 -15.72
N ALA HA 489 15.94 43.61 -14.75
CA ALA HA 489 17.04 44.55 -14.57
C ALA HA 489 18.28 43.84 -14.03
N GLN HA 490 18.11 42.68 -13.40
CA GLN HA 490 19.26 41.92 -12.92
C GLN HA 490 20.02 41.28 -14.08
N VAL HA 491 19.30 40.69 -15.03
CA VAL HA 491 19.95 40.14 -16.21
C VAL HA 491 20.52 41.27 -17.06
N ALA HA 492 19.82 42.41 -17.13
CA ALA HA 492 20.26 43.51 -17.96
C ALA HA 492 21.60 44.08 -17.50
N GLU HA 493 21.89 44.02 -16.20
CA GLU HA 493 23.18 44.51 -15.72
C GLU HA 493 24.27 43.46 -15.81
N LEU HA 494 23.92 42.18 -15.97
CA LEU HA 494 24.90 41.13 -16.17
C LEU HA 494 25.40 41.07 -17.61
N VAL HA 495 24.53 41.40 -18.57
CA VAL HA 495 24.86 41.17 -19.98
C VAL HA 495 26.10 41.93 -20.43
N PRO HA 496 26.29 43.21 -20.11
CA PRO HA 496 27.51 43.89 -20.60
C PRO HA 496 28.79 43.25 -20.12
N GLN HA 497 28.76 42.53 -19.01
CA GLN HA 497 29.98 41.93 -18.46
C GLN HA 497 30.21 40.54 -19.01
N LEU HA 498 29.16 39.80 -19.34
CA LEU HA 498 29.29 38.47 -19.90
C LEU HA 498 29.46 38.48 -21.41
N ASP HA 499 29.44 39.64 -22.04
CA ASP HA 499 29.52 39.77 -23.49
C ASP HA 499 30.70 40.62 -23.91
N GLN HA 500 31.72 40.71 -23.07
CA GLN HA 500 32.90 41.51 -23.36
C GLN HA 500 33.90 40.70 -24.19
N VAL HA 501 34.87 41.41 -24.75
CA VAL HA 501 35.91 40.77 -25.54
C VAL HA 501 36.93 40.12 -24.60
N VAL HA 502 37.26 38.86 -24.87
CA VAL HA 502 38.26 38.14 -24.10
C VAL HA 502 39.54 38.07 -24.92
N PRO HA 503 40.71 37.97 -24.29
CA PRO HA 503 41.97 37.97 -25.05
C PRO HA 503 42.12 36.76 -25.95
N GLN HA 504 42.82 36.97 -27.05
CA GLN HA 504 43.23 35.92 -27.98
C GLN HA 504 44.75 35.79 -27.91
N ILE HA 505 45.24 34.56 -27.80
CA ILE HA 505 46.65 34.32 -27.55
C ILE HA 505 47.18 33.30 -28.53
N ASN HA 506 48.51 33.30 -28.68
CA ASN HA 506 49.24 32.28 -29.43
C ASN HA 506 50.33 31.74 -28.52
N VAL HA 507 50.34 30.42 -28.33
CA VAL HA 507 51.27 29.76 -27.43
C VAL HA 507 52.21 28.90 -28.25
N GLN HA 508 53.50 29.03 -27.99
CA GLN HA 508 54.52 28.24 -28.68
C GLN HA 508 55.18 27.29 -27.70
N VAL HA 509 55.28 26.02 -28.09
CA VAL HA 509 55.93 24.99 -27.29
C VAL HA 509 57.06 24.40 -28.13
N ARG HA 510 58.25 24.30 -27.54
CA ARG HA 510 59.39 23.66 -28.18
C ARG HA 510 59.79 22.44 -27.38
N ILE HA 511 59.83 21.28 -28.04
CA ILE HA 511 60.34 20.05 -27.45
C ILE HA 511 61.64 19.71 -28.17
N GLN HA 512 62.70 19.56 -27.40
CA GLN HA 512 64.03 19.34 -27.92
C GLN HA 512 64.60 18.08 -27.31
N GLU HA 513 65.30 17.27 -28.11
CA GLU HA 513 65.84 16.01 -27.60
C GLU HA 513 67.14 15.70 -28.32
N VAL HA 514 68.21 15.52 -27.55
CA VAL HA 514 69.54 15.22 -28.09
C VAL HA 514 70.08 13.98 -27.40
N ASN HA 515 70.69 13.10 -28.18
CA ASN HA 515 71.29 11.87 -27.65
C ASN HA 515 72.69 11.71 -28.24
N GLU HA 516 73.60 11.16 -27.46
CA GLU HA 516 74.97 10.94 -27.92
C GLU HA 516 75.45 9.57 -27.46
N ARG HA 517 76.35 8.98 -28.24
CA ARG HA 517 76.92 7.66 -27.96
C ARG HA 517 78.43 7.71 -28.11
N ALA HA 518 79.09 6.71 -27.55
CA ALA HA 518 80.54 6.54 -27.73
C ALA HA 518 80.91 5.13 -27.30
N LEU HA 519 81.58 4.39 -28.17
CA LEU HA 519 82.00 3.03 -27.88
C LEU HA 519 83.50 2.91 -28.13
N GLN HA 520 84.13 1.98 -27.42
CA GLN HA 520 85.58 1.79 -27.55
C GLN HA 520 85.90 0.37 -27.15
N SER HA 521 86.31 -0.45 -28.11
CA SER HA 521 86.73 -1.82 -27.86
C SER HA 521 88.21 -2.00 -28.18
N LEU HA 522 88.83 -2.96 -27.51
CA LEU HA 522 90.25 -3.25 -27.71
C LEU HA 522 90.55 -4.61 -27.09
N GLY HA 523 91.16 -5.50 -27.86
CA GLY HA 523 91.48 -6.81 -27.33
C GLY HA 523 92.51 -7.59 -28.10
N LEU HA 524 93.44 -8.22 -27.40
CA LEU HA 524 94.45 -9.09 -27.99
C LEU HA 524 94.12 -10.54 -27.67
N ASN HA 525 94.40 -11.42 -28.63
CA ASN HA 525 93.93 -12.81 -28.55
C ASN HA 525 94.97 -13.69 -29.24
N TRP HA 526 95.88 -14.26 -28.46
CA TRP HA 526 97.03 -14.98 -29.03
C TRP HA 526 97.07 -16.42 -28.56
N ARG HA 527 98.06 -17.15 -29.08
CA ARG HA 527 98.27 -18.55 -28.77
C ARG HA 527 99.73 -18.90 -29.05
N ALA HA 528 100.46 -19.32 -28.04
CA ALA HA 528 101.88 -19.62 -28.15
C ALA HA 528 102.13 -21.11 -27.96
N THR HA 529 103.04 -21.67 -28.75
CA THR HA 529 103.41 -23.08 -28.65
C THR HA 529 104.93 -23.20 -28.67
N PHE HA 530 105.51 -23.50 -27.53
CA PHE HA 530 106.90 -23.91 -27.41
C PHE HA 530 106.96 -25.30 -26.79
N GLY HA 531 108.18 -25.79 -26.54
CA GLY HA 531 108.38 -27.21 -26.32
C GLY HA 531 107.60 -27.84 -25.19
N GLY HA 532 106.59 -28.62 -25.55
CA GLY HA 532 105.71 -29.26 -24.60
C GLY HA 532 104.53 -28.41 -24.16
N PHE HA 533 104.67 -27.09 -24.18
CA PHE HA 533 103.66 -26.18 -23.67
C PHE HA 533 102.76 -25.67 -24.77
N ASN HA 534 101.54 -25.32 -24.39
CA ASN HA 534 100.55 -24.73 -25.29
C ASN HA 534 99.75 -23.71 -24.50
N VAL HA 535 100.04 -22.44 -24.71
CA VAL HA 535 99.43 -21.34 -23.97
C VAL HA 535 98.48 -20.59 -24.89
N ALA HA 536 97.27 -20.33 -24.41
CA ALA HA 536 96.27 -19.59 -25.15
C ALA HA 536 95.66 -18.54 -24.24
N VAL HA 537 95.70 -17.28 -24.65
CA VAL HA 537 95.14 -16.17 -23.89
C VAL HA 537 94.06 -15.51 -24.75
N SER HA 538 92.88 -15.30 -24.15
CA SER HA 538 91.77 -14.69 -24.86
C SER HA 538 91.03 -13.76 -23.91
N GLY HA 539 89.93 -13.20 -24.40
CA GLY HA 539 89.14 -12.30 -23.60
C GLY HA 539 87.96 -12.97 -22.95
N GLY HA 540 87.28 -13.85 -23.68
CA GLY HA 540 86.18 -14.61 -23.12
C GLY HA 540 86.64 -15.52 -22.01
N THR HA 541 87.48 -16.48 -22.35
CA THR HA 541 88.23 -17.27 -21.38
C THR HA 541 89.58 -16.62 -21.16
N GLY HA 542 90.13 -16.82 -19.96
CA GLY HA 542 91.39 -16.17 -19.66
C GLY HA 542 92.60 -16.97 -20.11
N LEU HA 543 93.49 -17.30 -19.18
CA LEU HA 543 94.63 -18.14 -19.49
C LEU HA 543 94.20 -19.60 -19.59
N ALA HA 544 94.81 -20.31 -20.53
CA ALA HA 544 94.55 -21.74 -20.71
C ALA HA 544 95.84 -22.40 -21.20
N ALA HA 545 96.62 -22.93 -20.27
CA ALA HA 545 97.90 -23.56 -20.58
C ALA HA 545 97.81 -25.06 -20.38
N THR HA 546 98.48 -25.82 -21.25
CA THR HA 546 98.59 -27.26 -21.09
C THR HA 546 100.04 -27.68 -21.29
N PHE HA 547 100.35 -28.88 -20.84
CA PHE HA 547 101.66 -29.50 -21.05
C PHE HA 547 101.47 -30.88 -21.65
N ASN HA 548 102.34 -31.24 -22.58
CA ASN HA 548 102.33 -32.57 -23.19
C ASN HA 548 103.68 -33.23 -23.00
N PRO HA 549 103.76 -34.28 -22.18
CA PRO HA 549 105.07 -34.93 -21.94
C PRO HA 549 105.49 -35.90 -23.03
N THR HA 550 104.64 -36.13 -24.04
CA THR HA 550 104.94 -37.12 -25.07
C THR HA 550 105.51 -36.53 -26.35
N GLN HA 551 105.20 -35.29 -26.67
CA GLN HA 551 105.75 -34.61 -27.83
C GLN HA 551 106.56 -33.39 -27.39
N SER HA 552 107.02 -32.63 -28.38
CA SER HA 552 107.78 -31.42 -28.11
C SER HA 552 107.78 -30.56 -29.37
N PHE HA 553 107.30 -29.33 -29.26
CA PHE HA 553 107.25 -28.43 -30.41
C PHE HA 553 108.65 -27.98 -30.80
N LEU HA 554 108.75 -27.45 -32.02
CA LEU HA 554 109.98 -26.89 -32.54
C LEU HA 554 109.93 -25.38 -32.44
N GLY HA 555 110.87 -24.81 -31.70
CA GLY HA 555 110.96 -23.37 -31.61
C GLY HA 555 109.79 -22.73 -30.88
N PHE HA 556 109.63 -21.44 -31.13
CA PHE HA 556 108.60 -20.62 -30.52
C PHE HA 556 107.69 -20.03 -31.60
N ASN HA 557 106.38 -20.11 -31.35
CA ASN HA 557 105.38 -19.51 -32.24
C ASN HA 557 104.42 -18.71 -31.38
N ILE HA 558 103.90 -17.61 -31.93
CA ILE HA 558 103.18 -16.65 -31.08
C ILE HA 558 101.72 -16.44 -31.50
N PHE HA 559 101.43 -16.55 -32.79
CA PHE HA 559 100.08 -16.53 -33.35
C PHE HA 559 99.14 -15.48 -32.73
N PRO HA 560 99.49 -14.19 -32.81
CA PRO HA 560 98.63 -13.17 -32.18
C PRO HA 560 97.51 -12.69 -33.10
N THR HA 561 96.58 -11.94 -32.50
CA THR HA 561 95.42 -11.42 -33.20
C THR HA 561 94.91 -10.18 -32.46
N LEU HA 562 94.74 -9.08 -33.19
CA LEU HA 562 94.35 -7.81 -32.60
C LEU HA 562 92.99 -7.38 -33.14
N THR HA 563 92.25 -6.63 -32.33
CA THR HA 563 90.95 -6.11 -32.70
C THR HA 563 90.72 -4.80 -31.96
N ALA HA 564 90.24 -3.78 -32.68
CA ALA HA 564 90.00 -2.48 -32.08
C ALA HA 564 88.86 -1.80 -32.83
N LEU HA 565 87.98 -1.14 -32.09
CA LEU HA 565 86.81 -0.49 -32.67
C LEU HA 565 86.49 0.78 -31.92
N GLU HA 566 86.02 1.79 -32.64
CA GLU HA 566 85.55 3.04 -32.06
C GLU HA 566 84.27 3.45 -32.77
N THR HA 567 83.40 4.18 -32.06
CA THR HA 567 82.13 4.55 -32.63
C THR HA 567 81.64 5.83 -31.97
N GLN HA 568 80.83 6.60 -32.71
CA GLN HA 568 80.07 7.71 -32.15
C GLN HA 568 78.70 7.79 -32.81
N GLY HA 569 77.79 8.46 -32.12
CA GLY HA 569 76.48 8.73 -32.67
C GLY HA 569 75.98 10.04 -32.10
N LEU HA 570 74.97 10.60 -32.77
CA LEU HA 570 74.33 11.82 -32.29
C LEU HA 570 72.98 11.97 -32.96
N THR HA 571 71.91 11.95 -32.17
CA THR HA 571 70.57 12.15 -32.69
C THR HA 571 69.98 13.41 -32.09
N ARG HA 572 69.43 14.26 -32.95
CA ARG HA 572 68.63 15.42 -32.54
C ARG HA 572 67.24 15.29 -33.10
N ARG HA 573 66.26 15.85 -32.38
CA ARG HA 573 64.89 15.88 -32.87
C ARG HA 573 64.19 17.06 -32.21
N VAL HA 574 63.69 17.99 -33.01
CA VAL HA 574 63.16 19.25 -32.52
C VAL HA 574 61.76 19.47 -33.08
N TYR HA 575 60.87 20.03 -32.26
CA TYR HA 575 59.54 20.43 -32.66
C TYR HA 575 59.22 21.81 -32.13
N ASP HA 576 58.56 22.64 -32.95
CA ASP HA 576 58.09 23.97 -32.55
C ASP HA 576 56.64 24.12 -32.96
N GLY HA 577 55.73 24.10 -31.98
CA GLY HA 577 54.32 24.22 -32.32
C GLY HA 577 53.64 25.47 -31.81
N ASN HA 578 52.88 26.14 -32.68
CA ASN HA 578 51.99 27.23 -32.32
C ASN HA 578 50.56 26.77 -32.37
N VAL HA 579 49.73 27.34 -31.50
CA VAL HA 579 48.28 27.25 -31.61
C VAL HA 579 47.70 28.59 -31.17
N THR HA 580 46.69 29.07 -31.88
CA THR HA 580 45.95 30.26 -31.50
C THR HA 580 44.64 29.85 -30.84
N MET HA 581 44.28 30.53 -29.76
CA MET HA 581 43.14 30.11 -28.95
C MET HA 581 42.61 31.30 -28.17
N GLN HA 582 41.54 31.08 -27.42
CA GLN HA 582 40.86 32.10 -26.63
C GLN HA 582 41.00 31.79 -25.15
N SER HA 583 40.50 32.69 -24.31
CA SER HA 583 40.69 32.56 -22.87
C SER HA 583 39.84 31.46 -22.26
N GLY HA 584 38.53 31.53 -22.44
CA GLY HA 584 37.70 30.52 -21.82
C GLY HA 584 37.34 29.40 -22.76
N GLN HA 585 38.29 28.98 -23.58
CA GLN HA 585 37.99 28.01 -24.63
C GLN HA 585 37.66 26.66 -24.04
N ARG HA 586 36.63 26.03 -24.57
CA ARG HA 586 36.20 24.71 -24.16
C ARG HA 586 36.65 23.67 -25.17
N SER HA 587 36.58 22.41 -24.75
CA SER HA 587 36.92 21.31 -25.64
C SER HA 587 35.82 21.07 -26.67
N LEU HA 588 36.15 20.28 -27.67
CA LEU HA 588 35.22 19.89 -28.73
C LEU HA 588 34.99 18.39 -28.64
N SER HA 589 33.73 17.98 -28.78
CA SER HA 589 33.36 16.57 -28.67
C SER HA 589 32.86 16.07 -30.02
N ALA HA 590 33.79 15.68 -30.89
CA ALA HA 590 33.39 15.01 -32.12
C ALA HA 590 33.64 13.51 -32.06
N THR HA 591 34.91 13.12 -32.00
CA THR HA 591 35.38 11.78 -31.63
C THR HA 591 34.95 10.66 -32.57
N GLY HA 592 33.99 10.93 -33.46
CA GLY HA 592 33.49 9.92 -34.38
C GLY HA 592 33.12 8.57 -33.79
N GLY HA 593 32.96 8.51 -32.47
CA GLY HA 593 32.71 7.28 -31.76
C GLY HA 593 33.95 6.62 -31.21
N ALA HA 594 35.13 7.03 -31.63
CA ALA HA 594 36.38 6.48 -31.13
C ALA HA 594 36.88 7.30 -29.95
N GLN HA 595 37.70 6.67 -29.12
CA GLN HA 595 38.24 7.31 -27.93
C GLN HA 595 39.66 7.77 -28.20
N ASN HA 596 39.92 9.04 -27.89
CA ASN HA 596 41.21 9.67 -28.13
C ASN HA 596 41.64 10.39 -26.87
N ALA HA 597 42.94 10.41 -26.60
CA ALA HA 597 43.45 11.02 -25.39
C ALA HA 597 43.42 12.54 -25.42
N SER HA 598 43.14 13.15 -26.57
CA SER HA 598 43.11 14.59 -26.71
C SER HA 598 41.69 15.13 -26.88
N SER HA 599 40.69 14.35 -26.49
CA SER HA 599 39.30 14.78 -26.65
C SER HA 599 38.97 15.96 -25.77
N GLY HA 600 39.56 16.05 -24.59
CA GLY HA 600 39.22 17.09 -23.64
C GLY HA 600 40.11 18.31 -23.73
N ALA HA 601 40.91 18.41 -24.77
CA ALA HA 601 41.81 19.53 -24.96
C ALA HA 601 41.08 20.69 -25.60
N ALA HA 602 41.36 21.91 -25.11
CA ALA HA 602 40.78 23.09 -25.71
C ALA HA 602 41.36 23.35 -27.10
N ALA HA 603 42.63 23.02 -27.30
CA ALA HA 603 43.29 23.18 -28.58
C ALA HA 603 44.32 22.07 -28.74
N SER HA 604 44.68 21.77 -29.98
CA SER HA 604 45.59 20.67 -30.25
C SER HA 604 46.36 20.94 -31.54
N VAL HA 605 47.49 20.26 -31.68
CA VAL HA 605 48.18 20.13 -32.95
C VAL HA 605 48.93 18.80 -32.94
N LYS HA 606 48.87 18.09 -34.06
CA LYS HA 606 49.46 16.76 -34.17
C LYS HA 606 50.21 16.65 -35.48
N SER HA 607 51.23 15.80 -35.49
CA SER HA 607 51.91 15.44 -36.73
C SER HA 607 52.64 14.13 -36.52
N GLY HA 608 52.39 13.16 -37.39
CA GLY HA 608 52.89 11.82 -37.17
C GLY HA 608 52.02 10.79 -37.84
N GLY HA 609 51.50 9.84 -37.05
CA GLY HA 609 50.54 8.87 -37.54
C GLY HA 609 49.44 8.67 -36.52
N ARG HA 610 48.55 7.73 -36.83
CA ARG HA 610 47.42 7.43 -35.96
C ARG HA 610 46.97 5.99 -36.15
N LEU HA 611 46.93 5.23 -35.07
CA LEU HA 611 46.47 3.85 -35.10
C LEU HA 611 44.97 3.83 -34.79
N GLU HA 612 44.19 3.20 -35.66
CA GLU HA 612 42.76 3.00 -35.46
C GLU HA 612 42.53 1.55 -35.03
N ILE HA 613 41.84 1.37 -33.91
CA ILE HA 613 41.67 0.06 -33.29
C ILE HA 613 40.19 -0.21 -33.12
N ASN HA 614 39.72 -1.33 -33.66
CA ASN HA 614 38.32 -1.74 -33.62
C ASN HA 614 38.26 -3.19 -33.17
N ILE HA 615 38.07 -3.42 -31.88
CA ILE HA 615 38.03 -4.75 -31.31
C ILE HA 615 36.64 -4.99 -30.74
N PRO HA 616 35.89 -5.96 -31.25
CA PRO HA 616 34.56 -6.24 -30.69
C PRO HA 616 34.65 -7.02 -29.39
N SER HA 617 33.86 -6.62 -28.41
CA SER HA 617 33.86 -7.25 -27.11
C SER HA 617 32.45 -7.25 -26.54
N ALA HA 618 32.19 -8.20 -25.63
CA ALA HA 618 30.87 -8.31 -25.02
C ALA HA 618 30.67 -7.33 -23.87
N ALA HA 619 31.74 -6.77 -23.33
CA ALA HA 619 31.65 -5.76 -22.28
C ALA HA 619 31.67 -4.35 -22.83
N GLY HA 620 31.66 -4.19 -24.15
CA GLY HA 620 31.79 -2.89 -24.80
C GLY HA 620 32.97 -2.99 -25.74
N ASN HA 621 32.74 -2.57 -26.98
CA ASN HA 621 33.79 -2.64 -27.99
C ASN HA 621 34.95 -1.72 -27.63
N ILE HA 622 36.16 -2.14 -27.97
CA ILE HA 622 37.33 -1.29 -27.84
C ILE HA 622 37.51 -0.57 -29.16
N VAL HA 623 37.16 0.71 -29.19
CA VAL HA 623 37.29 1.54 -30.38
C VAL HA 623 38.15 2.73 -29.97
N ARG HA 624 39.42 2.70 -30.37
CA ARG HA 624 40.42 3.64 -29.87
C ARG HA 624 41.16 4.29 -31.02
N GLN HA 625 41.81 5.41 -30.72
CA GLN HA 625 42.79 6.03 -31.59
C GLN HA 625 44.04 6.30 -30.79
N ILE HA 626 45.18 5.82 -31.27
CA ILE HA 626 46.48 6.10 -30.66
C ILE HA 626 47.28 6.92 -31.64
N ASP HA 627 47.69 8.11 -31.22
CA ASP HA 627 48.45 9.02 -32.05
C ASP HA 627 49.92 8.97 -31.65
N TYR HA 628 50.80 8.96 -32.65
CA TYR HA 628 52.23 9.03 -32.41
C TYR HA 628 52.80 10.16 -33.24
N GLY HA 629 54.10 10.39 -33.09
CA GLY HA 629 54.74 11.54 -33.69
C GLY HA 629 54.90 12.67 -32.70
N LEU HA 630 54.18 13.76 -32.91
CA LEU HA 630 54.11 14.87 -31.97
C LEU HA 630 52.66 15.10 -31.58
N ASN HA 631 52.40 15.22 -30.28
CA ASN HA 631 51.08 15.60 -29.78
C ASN HA 631 51.26 16.76 -28.82
N LEU HA 632 50.53 17.85 -29.05
CA LEU HA 632 50.52 19.00 -28.16
C LEU HA 632 49.09 19.31 -27.80
N ASP HA 633 48.77 19.24 -26.51
CA ASP HA 633 47.43 19.50 -26.01
C ASP HA 633 47.47 20.67 -25.04
N PHE HA 634 46.45 21.53 -25.11
CA PHE HA 634 46.32 22.69 -24.23
C PHE HA 634 44.99 22.60 -23.52
N PHE HA 635 45.00 22.80 -22.20
CA PHE HA 635 43.82 22.68 -21.37
C PHE HA 635 43.62 23.94 -20.56
N SER HA 636 42.41 24.49 -20.60
CA SER HA 636 41.96 25.58 -19.72
C SER HA 636 42.83 26.82 -19.79
N PRO HA 637 42.84 27.55 -20.91
CA PRO HA 637 43.79 28.67 -21.10
C PRO HA 637 43.26 30.05 -20.69
N GLN HA 638 43.17 30.32 -19.39
CA GLN HA 638 42.70 31.63 -18.96
C GLN HA 638 43.78 32.69 -19.07
N VAL HA 639 43.38 33.90 -19.42
CA VAL HA 639 44.27 35.05 -19.56
C VAL HA 639 43.71 36.20 -18.75
N ALA HA 640 44.57 36.86 -17.98
CA ALA HA 640 44.20 38.00 -17.15
C ALA HA 640 44.33 39.30 -17.92
N PRO HA 641 43.66 40.37 -17.47
CA PRO HA 641 43.81 41.66 -18.15
C PRO HA 641 45.24 42.19 -18.19
N ASP HA 642 46.09 41.83 -17.23
CA ASP HA 642 47.50 42.16 -17.32
C ASP HA 642 48.13 41.57 -18.58
N GLY HA 643 47.69 40.40 -18.98
CA GLY HA 643 48.41 39.59 -19.93
C GLY HA 643 49.07 38.37 -19.35
N THR HA 644 48.68 37.96 -18.15
CA THR HA 644 49.20 36.75 -17.53
C THR HA 644 48.45 35.55 -18.06
N ILE HA 645 49.18 34.55 -18.52
CA ILE HA 645 48.61 33.37 -19.17
C ILE HA 645 48.81 32.17 -18.25
N THR HA 646 47.72 31.52 -17.87
CA THR HA 646 47.74 30.28 -17.12
C THR HA 646 47.24 29.16 -18.04
N LEU HA 647 47.86 27.99 -17.95
CA LEU HA 647 47.67 27.00 -18.99
C LEU HA 647 48.12 25.62 -18.52
N ARG HA 648 47.45 24.57 -19.00
CA ARG HA 648 47.94 23.21 -18.80
C ARG HA 648 48.38 22.69 -20.17
N ILE HA 649 49.59 22.16 -20.25
CA ILE HA 649 50.17 21.70 -21.50
C ILE HA 649 50.64 20.28 -21.31
N ARG HA 650 50.34 19.40 -22.25
CA ARG HA 650 50.97 18.08 -22.16
C ARG HA 650 52.21 17.96 -23.03
N GLY HA 651 52.08 17.88 -24.34
CA GLY HA 651 53.28 17.70 -25.14
C GLY HA 651 53.79 16.28 -25.07
N GLN HA 652 54.10 15.67 -26.21
CA GLN HA 652 54.52 14.28 -26.23
C GLN HA 652 55.12 13.93 -27.57
N VAL HA 653 56.23 13.20 -27.55
CA VAL HA 653 56.86 12.68 -28.76
C VAL HA 653 56.99 11.17 -28.61
N ASN HA 654 56.47 10.43 -29.60
CA ASN HA 654 56.54 8.98 -29.54
C ASN HA 654 56.58 8.41 -30.94
N GLN HA 655 57.09 7.18 -31.03
CA GLN HA 655 57.19 6.42 -32.26
C GLN HA 655 56.91 4.97 -31.93
N PRO HA 656 56.33 4.21 -32.86
CA PRO HA 656 56.30 2.75 -32.68
C PRO HA 656 57.72 2.20 -32.62
N ALA HA 657 57.91 1.21 -31.74
CA ALA HA 657 59.25 0.64 -31.60
C ALA HA 657 59.61 -0.20 -32.81
N THR HA 658 58.65 -0.94 -33.35
CA THR HA 658 58.82 -1.68 -34.60
C THR HA 658 57.65 -1.37 -35.51
N ALA HA 659 57.89 -1.45 -36.81
CA ALA HA 659 56.91 -1.00 -37.79
C ALA HA 659 55.65 -1.86 -37.76
N ILE HA 660 54.52 -1.21 -38.00
CA ILE HA 660 53.24 -1.90 -38.14
C ILE HA 660 53.17 -2.50 -39.54
N THR HA 661 52.83 -3.80 -39.62
CA THR HA 661 53.01 -4.54 -40.86
C THR HA 661 51.75 -5.27 -41.32
N ALA HA 662 50.56 -4.82 -40.90
CA ALA HA 662 49.30 -5.39 -41.37
C ALA HA 662 49.11 -6.83 -40.91
N ASP HA 663 50.14 -7.40 -40.28
CA ASP HA 663 50.02 -8.65 -39.54
C ASP HA 663 50.05 -8.41 -38.04
N SER HA 664 50.15 -7.15 -37.63
CA SER HA 664 50.23 -6.79 -36.23
C SER HA 664 48.86 -6.95 -35.57
N LEU HA 665 48.89 -7.23 -34.28
CA LEU HA 665 47.66 -7.29 -33.52
C LEU HA 665 47.63 -6.15 -32.50
N PRO HA 666 46.45 -5.63 -32.20
CA PRO HA 666 46.38 -4.45 -31.32
C PRO HA 666 46.47 -4.78 -29.84
N ASN HA 667 46.91 -5.99 -29.51
CA ASN HA 667 46.88 -6.44 -28.13
C ASN HA 667 48.13 -6.02 -27.35
N LEU HA 668 49.21 -5.65 -28.02
CA LEU HA 668 50.43 -5.21 -27.33
C LEU HA 668 51.29 -4.45 -28.33
N ILE HA 669 51.55 -3.17 -28.05
CA ILE HA 669 52.31 -2.29 -28.94
C ILE HA 669 53.33 -1.54 -28.09
N ASP HA 670 54.53 -1.29 -28.65
CA ASP HA 670 55.68 -1.02 -27.80
C ASP HA 670 56.01 0.47 -27.62
N PHE HA 671 56.00 1.26 -28.69
CA PHE HA 671 55.85 2.73 -28.56
C PHE HA 671 56.94 3.38 -27.70
N THR HA 672 58.13 3.52 -28.26
CA THR HA 672 59.08 4.53 -27.77
C THR HA 672 58.37 5.85 -27.43
N ASN HA 673 58.68 6.43 -26.26
CA ASN HA 673 57.85 7.51 -25.75
C ASN HA 673 58.64 8.47 -24.85
N SER HA 674 58.30 9.76 -24.95
CA SER HA 674 58.74 10.81 -24.04
C SER HA 674 57.60 11.79 -23.83
N GLU HA 675 57.38 12.21 -22.59
CA GLU HA 675 56.17 12.95 -22.26
C GLU HA 675 56.40 13.84 -21.04
N ALA HA 676 55.52 14.82 -20.87
CA ALA HA 676 55.50 15.72 -19.72
C ALA HA 676 54.13 16.35 -19.63
N GLN HA 677 53.75 16.82 -18.44
CA GLN HA 677 52.52 17.58 -18.29
C GLN HA 677 52.58 18.34 -16.97
N SER HA 678 52.05 19.55 -16.98
CA SER HA 678 52.06 20.42 -15.81
C SER HA 678 51.27 21.68 -16.14
N THR HA 679 51.12 22.54 -15.13
CA THR HA 679 50.45 23.82 -15.27
C THR HA 679 51.49 24.91 -15.09
N ILE HA 680 51.49 25.92 -15.95
CA ILE HA 680 52.44 27.01 -15.85
C ILE HA 680 51.71 28.33 -15.94
N THR HA 681 52.38 29.38 -15.45
CA THR HA 681 51.87 30.73 -15.57
C THR HA 681 53.03 31.66 -15.87
N PHE HA 682 52.83 32.55 -16.83
CA PHE HA 682 53.84 33.49 -17.26
C PHE HA 682 53.12 34.70 -17.82
N LYS HA 683 53.85 35.80 -17.97
CA LYS HA 683 53.26 37.00 -18.54
C LYS HA 683 53.52 37.06 -20.03
N ASN HA 684 52.78 37.93 -20.70
CA ASN HA 684 52.85 38.12 -22.14
C ASN HA 684 54.27 38.39 -22.59
N GLY HA 685 54.86 37.45 -23.34
CA GLY HA 685 56.18 37.62 -23.89
C GLY HA 685 57.30 36.92 -23.17
N GLN HA 686 57.05 36.32 -22.02
CA GLN HA 686 58.10 35.66 -21.25
C GLN HA 686 58.29 34.21 -21.69
N THR HA 687 59.38 33.61 -21.23
CA THR HA 687 59.76 32.25 -21.60
C THR HA 687 60.06 31.45 -20.34
N ILE HA 688 59.51 30.24 -20.24
CA ILE HA 688 59.63 29.42 -19.04
C ILE HA 688 59.88 27.97 -19.46
N LEU HA 689 60.69 27.27 -18.66
CA LEU HA 689 60.96 25.86 -18.87
C LEU HA 689 59.98 25.02 -18.06
N MET HA 690 59.11 24.28 -18.75
CA MET HA 690 58.19 23.41 -18.03
C MET HA 690 58.86 22.15 -17.52
N SER HA 691 59.78 21.56 -18.28
CA SER HA 691 60.37 20.31 -17.86
C SER HA 691 61.72 20.15 -18.53
N GLY HA 692 62.58 19.40 -17.87
CA GLY HA 692 63.89 19.08 -18.41
C GLY HA 692 64.33 17.73 -17.89
N LEU HA 693 65.19 17.07 -18.66
CA LEU HA 693 65.65 15.74 -18.27
C LEU HA 693 67.03 15.50 -18.83
N LEU HA 694 68.02 15.26 -17.96
CA LEU HA 694 69.38 14.95 -18.36
C LEU HA 694 69.70 13.52 -17.95
N GLY HA 695 70.35 12.77 -18.85
CA GLY HA 695 70.67 11.39 -18.62
C GLY HA 695 72.15 11.10 -18.85
N SER HA 696 72.55 9.88 -18.47
CA SER HA 696 73.92 9.42 -18.62
C SER HA 696 73.98 7.94 -18.32
N THR HA 697 74.80 7.21 -19.07
CA THR HA 697 75.08 5.81 -18.78
C THR HA 697 76.56 5.54 -19.00
N GLU HA 698 76.98 4.32 -18.67
CA GLU HA 698 78.35 3.85 -18.83
C GLU HA 698 78.39 2.37 -18.49
N THR HA 699 79.20 1.59 -19.21
CA THR HA 699 79.19 0.14 -19.04
C THR HA 699 80.55 -0.46 -18.71
N THR HA 700 81.63 -0.05 -19.38
CA THR HA 700 83.02 -0.28 -18.95
C THR HA 700 83.26 -1.70 -18.44
N ASN HA 701 83.23 -2.66 -19.36
CA ASN HA 701 83.60 -4.03 -19.03
C ASN HA 701 85.09 -4.27 -19.28
N ARG HA 702 85.58 -5.41 -18.78
CA ARG HA 702 86.99 -5.77 -18.88
C ARG HA 702 87.17 -7.22 -18.44
N SER HA 703 88.02 -7.96 -19.15
CA SER HA 703 88.17 -9.39 -18.91
C SER HA 703 89.54 -9.85 -19.38
N GLY HA 704 90.01 -10.95 -18.81
CA GLY HA 704 91.26 -11.54 -19.25
C GLY HA 704 92.04 -12.35 -18.24
N VAL HA 705 93.35 -12.21 -18.24
CA VAL HA 705 94.27 -12.92 -17.37
C VAL HA 705 94.29 -12.25 -16.00
N PRO HA 706 94.34 -13.00 -14.90
CA PRO HA 706 94.35 -12.38 -13.58
C PRO HA 706 95.60 -11.53 -13.34
N PHE HA 707 95.35 -10.29 -12.92
CA PHE HA 707 96.35 -9.30 -12.52
C PHE HA 707 97.13 -8.73 -13.70
N LEU HA 708 97.02 -9.34 -14.86
CA LEU HA 708 97.72 -8.83 -16.03
C LEU HA 708 96.82 -8.00 -16.93
N SER HA 709 95.55 -8.37 -17.03
CA SER HA 709 94.58 -7.60 -17.78
C SER HA 709 94.18 -6.30 -17.09
N SER HA 710 94.55 -6.13 -15.83
CA SER HA 710 94.22 -4.92 -15.08
C SER HA 710 95.37 -3.92 -15.05
N LEU HA 711 96.51 -4.23 -15.66
CA LEU HA 711 97.62 -3.31 -15.69
C LEU HA 711 97.29 -2.12 -16.59
N PRO HA 712 97.71 -0.91 -16.21
CA PRO HA 712 97.38 0.27 -17.02
C PRO HA 712 98.13 0.27 -18.34
N GLY HA 713 97.39 0.51 -19.43
CA GLY HA 713 97.98 0.55 -20.75
C GLY HA 713 98.16 -0.81 -21.37
N VAL HA 714 99.13 -1.58 -20.88
CA VAL HA 714 99.43 -2.89 -21.45
C VAL HA 714 98.45 -3.96 -21.03
N GLY HA 715 97.42 -3.61 -20.26
CA GLY HA 715 96.47 -4.61 -19.81
C GLY HA 715 95.71 -5.26 -20.96
N ALA HA 716 95.44 -4.51 -22.02
CA ALA HA 716 94.68 -5.03 -23.14
C ALA HA 716 95.45 -6.06 -23.94
N ALA HA 717 96.74 -6.25 -23.67
CA ALA HA 717 97.52 -7.30 -24.29
C ALA HA 717 97.24 -8.67 -23.70
N PHE HA 718 96.46 -8.75 -22.63
CA PHE HA 718 96.13 -10.00 -21.96
C PHE HA 718 94.62 -10.14 -21.79
N GLY HA 719 93.86 -9.83 -22.81
CA GLY HA 719 92.42 -9.97 -22.72
C GLY HA 719 91.73 -8.86 -23.49
N GLU HA 720 90.49 -8.58 -23.08
CA GLU HA 720 89.63 -7.61 -23.74
C GLU HA 720 89.48 -6.36 -22.87
N LYS HA 721 88.71 -5.42 -23.40
CA LYS HA 721 88.34 -4.18 -22.73
C LYS HA 721 87.28 -3.50 -23.57
N ARG HA 722 86.29 -2.89 -22.92
CA ARG HA 722 85.20 -2.29 -23.63
C ARG HA 722 84.59 -1.21 -22.75
N THR HA 723 84.24 -0.07 -23.35
CA THR HA 723 83.61 0.99 -22.60
C THR HA 723 82.62 1.72 -23.50
N GLU HA 724 81.48 2.10 -22.93
CA GLU HA 724 80.44 2.82 -23.64
C GLU HA 724 79.95 3.96 -22.76
N LYS HA 725 79.51 5.04 -23.40
CA LYS HA 725 78.98 6.19 -22.68
C LYS HA 725 77.84 6.80 -23.48
N THR HA 726 76.82 7.28 -22.77
CA THR HA 726 75.66 7.88 -23.41
C THR HA 726 75.28 9.14 -22.65
N GLN HA 727 74.76 10.12 -23.38
CA GLN HA 727 74.20 11.34 -22.81
C GLN HA 727 72.84 11.58 -23.45
N SER HA 728 71.98 12.30 -22.74
CA SER HA 728 70.71 12.68 -23.32
C SER HA 728 70.23 13.97 -22.68
N GLN HA 729 69.45 14.73 -23.45
CA GLN HA 729 68.83 15.95 -22.94
C GLN HA 729 67.44 16.08 -23.53
N LEU HA 730 66.48 16.48 -22.69
CA LEU HA 730 65.11 16.72 -23.13
C LEU HA 730 64.65 18.02 -22.50
N LEU HA 731 64.17 18.94 -23.31
CA LEU HA 731 63.73 20.25 -22.85
C LEU HA 731 62.35 20.56 -23.41
N VAL HA 732 61.47 21.08 -22.56
CA VAL HA 732 60.15 21.55 -22.98
C VAL HA 732 60.03 23.00 -22.56
N ILE HA 733 59.98 23.91 -23.54
CA ILE HA 733 60.01 25.34 -23.30
C ILE HA 733 58.74 25.97 -23.85
N ILE HA 734 58.12 26.87 -23.10
CA ILE HA 734 56.85 27.48 -23.46
C ILE HA 734 56.97 29.00 -23.47
N THR HA 735 56.39 29.63 -24.48
CA THR HA 735 56.21 31.07 -24.55
C THR HA 735 54.85 31.37 -25.17
N GLY HA 736 54.42 32.62 -25.05
CA GLY HA 736 53.14 33.01 -25.62
C GLY HA 736 53.00 34.51 -25.64
N THR HA 737 52.11 34.97 -26.52
CA THR HA 737 51.81 36.39 -26.67
C THR HA 737 50.31 36.58 -26.84
N VAL HA 738 49.86 37.78 -26.52
CA VAL HA 738 48.47 38.17 -26.75
C VAL HA 738 48.36 38.78 -28.13
N VAL HA 739 47.41 38.29 -28.91
CA VAL HA 739 47.21 38.72 -30.30
C VAL HA 739 46.13 39.79 -30.31
N LYS HA 740 46.51 41.03 -30.62
CA LYS HA 740 45.56 42.12 -30.66
C LYS HA 740 44.92 42.24 -32.03
N GLY IA 61 85.98 22.06 -10.31
CA GLY IA 61 85.39 22.89 -9.28
C GLY IA 61 83.90 23.09 -9.49
N VAL IA 62 83.48 23.09 -10.75
CA VAL IA 62 82.08 23.22 -11.12
C VAL IA 62 81.71 21.97 -11.89
N THR IA 63 80.93 21.09 -11.27
CA THR IA 63 80.57 19.81 -11.84
C THR IA 63 79.12 19.73 -12.28
N VAL IA 64 78.26 20.51 -11.69
CA VAL IA 64 76.83 20.42 -11.93
C VAL IA 64 76.42 21.39 -13.02
N THR IA 65 75.61 20.90 -13.95
CA THR IA 65 75.11 21.72 -15.05
C THR IA 65 74.12 22.74 -14.53
N PRO IA 66 74.32 24.03 -14.81
CA PRO IA 66 73.31 25.03 -14.47
C PRO IA 66 72.03 24.83 -15.27
N VAL IA 67 70.91 25.21 -14.66
CA VAL IA 67 69.59 25.06 -15.28
C VAL IA 67 68.97 26.44 -15.37
N LEU IA 68 68.52 26.81 -16.57
CA LEU IA 68 67.81 28.07 -16.77
C LEU IA 68 66.31 27.79 -16.80
N ILE IA 69 65.57 28.43 -15.91
CA ILE IA 69 64.16 28.15 -15.74
C ILE IA 69 63.26 29.22 -16.34
N LYS IA 70 63.63 30.50 -16.23
CA LYS IA 70 62.75 31.55 -16.71
C LYS IA 70 63.57 32.76 -17.14
N VAL IA 71 63.14 33.41 -18.22
CA VAL IA 71 63.63 34.73 -18.60
C VAL IA 71 62.43 35.63 -18.82
N SER IA 72 62.65 36.93 -18.70
CA SER IA 72 61.59 37.90 -18.85
C SER IA 72 61.44 38.25 -20.33
N GLU IA 73 60.63 39.26 -20.62
CA GLU IA 73 60.31 39.65 -21.98
C GLU IA 73 61.08 40.91 -22.38
N GLY IA 74 60.96 41.28 -23.65
CA GLY IA 74 61.45 42.56 -24.10
C GLY IA 74 62.90 42.55 -24.56
N ALA IA 75 63.79 42.99 -23.67
CA ALA IA 75 65.22 43.07 -23.94
C ALA IA 75 65.52 44.05 -25.07
N ALA IA 76 65.16 45.28 -24.85
CA ALA IA 76 65.61 46.38 -25.67
C ALA IA 76 66.76 47.10 -24.98
N PRO IA 77 67.69 47.72 -25.71
CA PRO IA 77 68.81 48.41 -25.07
C PRO IA 77 68.36 49.42 -24.02
N GLY IA 78 68.77 49.19 -22.78
CA GLY IA 78 68.30 49.97 -21.65
C GLY IA 78 67.26 49.29 -20.79
N ASP IA 79 66.71 48.17 -21.24
CA ASP IA 79 65.75 47.42 -20.45
C ASP IA 79 66.46 46.48 -19.48
N THR IA 80 65.68 45.93 -18.56
CA THR IA 80 66.18 45.04 -17.53
C THR IA 80 65.79 43.61 -17.88
N LEU IA 81 66.78 42.72 -17.93
CA LEU IA 81 66.58 41.32 -18.27
C LEU IA 81 66.85 40.47 -17.03
N THR IA 82 65.86 39.69 -16.62
CA THR IA 82 65.97 38.85 -15.44
C THR IA 82 65.99 37.39 -15.83
N ILE IA 83 66.94 36.64 -15.26
CA ILE IA 83 67.12 35.22 -15.52
C ILE IA 83 67.04 34.48 -14.20
N GLN IA 84 66.33 33.36 -14.18
CA GLN IA 84 66.18 32.56 -12.98
C GLN IA 84 66.60 31.12 -13.27
N GLY IA 85 67.33 30.53 -12.34
CA GLY IA 85 67.89 29.22 -12.53
C GLY IA 85 68.21 28.57 -11.22
N ARG IA 86 69.10 27.57 -11.27
CA ARG IA 86 69.44 26.86 -10.04
C ARG IA 86 70.92 26.97 -9.66
N TYR IA 87 71.85 26.51 -10.47
CA TYR IA 87 73.26 26.53 -10.10
C TYR IA 87 74.03 27.63 -10.84
N LEU IA 88 73.66 28.88 -10.60
CA LEU IA 88 74.14 29.96 -11.46
C LEU IA 88 75.43 30.61 -10.97
N GLY IA 89 75.91 30.28 -9.78
CA GLY IA 89 77.24 30.69 -9.36
C GLY IA 89 77.42 32.14 -8.97
N ASN IA 90 78.54 32.72 -9.39
CA ASN IA 90 78.93 34.10 -9.09
C ASN IA 90 79.08 34.91 -10.37
N ALA IA 91 78.98 36.23 -10.21
CA ALA IA 91 79.33 37.13 -11.30
C ALA IA 91 80.83 37.17 -11.56
N GLN IA 92 81.65 36.75 -10.59
CA GLN IA 92 83.08 36.66 -10.75
C GLN IA 92 83.54 35.31 -11.31
N THR IA 93 82.62 34.36 -11.44
CA THR IA 93 82.95 33.03 -11.92
C THR IA 93 82.26 32.68 -13.23
N ALA IA 94 81.17 33.36 -13.58
CA ALA IA 94 80.32 32.99 -14.70
C ALA IA 94 80.08 34.20 -15.59
N ARG IA 95 79.46 33.94 -16.75
CA ARG IA 95 79.10 34.98 -17.70
C ARG IA 95 77.87 34.55 -18.48
N VAL IA 96 77.12 35.53 -18.97
CA VAL IA 96 75.92 35.29 -19.76
C VAL IA 96 76.24 35.52 -21.23
N ILE IA 97 75.81 34.61 -22.09
CA ILE IA 97 76.07 34.67 -23.52
C ILE IA 97 74.74 34.72 -24.25
N ILE IA 98 74.59 35.65 -25.17
CA ILE IA 98 73.36 35.86 -25.92
C ILE IA 98 73.71 35.87 -27.40
N GLY IA 99 72.71 35.56 -28.22
CA GLY IA 99 72.94 35.48 -29.64
C GLY IA 99 73.49 34.17 -30.14
N ALA IA 100 73.50 33.12 -29.32
CA ALA IA 100 74.05 31.84 -29.71
C ALA IA 100 73.00 31.02 -30.44
N ASP IA 101 73.44 29.88 -30.98
CA ASP IA 101 72.52 28.97 -31.65
C ASP IA 101 72.08 27.89 -30.67
N GLU IA 102 71.38 26.87 -31.17
CA GLU IA 102 70.82 25.84 -30.30
C GLU IA 102 71.89 25.13 -29.48
N ASN IA 103 73.12 25.08 -29.97
CA ASN IA 103 74.20 24.32 -29.35
C ASN IA 103 75.11 25.18 -28.49
N GLY IA 104 74.84 26.47 -28.37
CA GLY IA 104 75.68 27.36 -27.62
C GLY IA 104 76.81 27.98 -28.40
N GLN IA 105 76.97 27.65 -29.67
CA GLN IA 105 78.04 28.19 -30.48
C GLN IA 105 77.70 29.60 -30.94
N GLY IA 106 78.74 30.36 -31.26
CA GLY IA 106 78.49 31.75 -31.60
C GLY IA 106 78.10 32.53 -30.36
N GLY IA 107 77.53 33.69 -30.60
CA GLY IA 107 77.00 34.50 -29.51
C GLY IA 107 78.04 35.40 -28.88
N THR IA 108 77.55 36.43 -28.22
CA THR IA 108 78.40 37.44 -27.59
C THR IA 108 78.07 37.51 -26.11
N ALA IA 109 79.09 37.67 -25.28
CA ALA IA 109 78.90 37.70 -23.84
C ALA IA 109 78.53 39.10 -23.37
N PHE IA 110 77.67 39.15 -22.37
CA PHE IA 110 77.33 40.42 -21.75
C PHE IA 110 78.57 41.00 -21.07
N PRO IA 111 78.74 42.32 -21.08
CA PRO IA 111 79.83 42.92 -20.31
C PRO IA 111 79.58 42.80 -18.82
N ALA IA 112 80.67 42.77 -18.06
CA ALA IA 112 80.55 42.69 -16.60
C ALA IA 112 79.87 43.91 -16.01
N SER IA 113 79.90 45.05 -16.70
CA SER IA 113 79.23 46.25 -16.22
C SER IA 113 77.72 46.20 -16.40
N ALA IA 114 77.21 45.21 -17.13
CA ALA IA 114 75.79 45.07 -17.36
C ALA IA 114 75.08 44.36 -16.21
N VAL IA 115 75.82 43.82 -15.26
CA VAL IA 115 75.24 42.99 -14.20
C VAL IA 115 74.81 43.89 -13.05
N GLN IA 116 73.53 43.82 -12.69
CA GLN IA 116 73.02 44.55 -11.54
C GLN IA 116 73.00 43.68 -10.28
N SER IA 117 72.58 42.43 -10.43
CA SER IA 117 72.56 41.47 -9.33
C SER IA 117 72.93 40.10 -9.89
N TRP IA 118 73.48 39.25 -9.04
CA TRP IA 118 73.81 37.90 -9.46
C TRP IA 118 73.81 37.01 -8.22
N SER IA 119 72.72 36.28 -8.03
CA SER IA 119 72.64 35.22 -7.04
C SER IA 119 72.81 33.88 -7.73
N ASP IA 120 72.76 32.80 -6.96
CA ASP IA 120 72.81 31.48 -7.57
C ASP IA 120 71.49 31.07 -8.19
N THR IA 121 70.42 31.83 -7.98
CA THR IA 121 69.13 31.53 -8.57
C THR IA 121 68.52 32.70 -9.34
N GLU IA 122 69.22 33.83 -9.48
CA GLU IA 122 68.67 34.96 -10.22
C GLU IA 122 69.80 35.85 -10.71
N ILE IA 123 69.71 36.26 -11.97
CA ILE IA 123 70.62 37.23 -12.57
C ILE IA 123 69.79 38.36 -13.13
N VAL IA 124 70.18 39.59 -12.81
CA VAL IA 124 69.52 40.79 -13.32
C VAL IA 124 70.54 41.58 -14.13
N LEU IA 125 70.15 41.98 -15.34
CA LEU IA 125 71.06 42.62 -16.28
C LEU IA 125 70.44 43.89 -16.83
N LYS IA 126 71.31 44.75 -17.37
CA LYS IA 126 70.90 45.89 -18.18
C LYS IA 126 71.39 45.65 -19.61
N VAL IA 127 70.48 45.67 -20.56
CA VAL IA 127 70.83 45.34 -21.94
C VAL IA 127 71.65 46.50 -22.52
N PRO IA 128 72.85 46.24 -23.00
CA PRO IA 128 73.68 47.31 -23.56
C PRO IA 128 73.21 47.69 -24.96
N GLU IA 129 73.98 48.56 -25.60
CA GLU IA 129 73.72 48.96 -26.97
C GLU IA 129 74.60 48.14 -27.91
N GLY IA 130 73.98 47.54 -28.93
CA GLY IA 130 74.74 46.81 -29.92
C GLY IA 130 74.47 45.32 -29.96
N MET IA 131 73.49 44.85 -29.19
CA MET IA 131 73.15 43.44 -29.25
C MET IA 131 72.37 43.15 -30.54
N PRO IA 132 72.46 41.92 -31.05
CA PRO IA 132 71.77 41.58 -32.31
C PRO IA 132 70.29 41.37 -32.09
N ALA IA 133 69.48 42.21 -32.73
CA ALA IA 133 68.04 42.10 -32.60
C ALA IA 133 67.53 40.84 -33.30
N GLY IA 134 66.40 40.35 -32.84
CA GLY IA 134 65.83 39.11 -33.34
C GLY IA 134 65.93 38.00 -32.32
N GLY IA 135 65.50 36.82 -32.74
CA GLY IA 135 65.50 35.67 -31.87
C GLY IA 135 66.86 34.99 -31.81
N SER IA 136 67.19 34.49 -30.64
CA SER IA 136 68.48 33.84 -30.40
C SER IA 136 68.38 33.06 -29.10
N TRP IA 137 69.48 32.42 -28.73
CA TRP IA 137 69.54 31.57 -27.56
C TRP IA 137 70.41 32.21 -26.49
N LEU IA 138 70.01 32.03 -25.24
CA LEU IA 138 70.72 32.57 -24.10
C LEU IA 138 71.23 31.42 -23.23
N PHE IA 139 72.50 31.50 -22.85
CA PHE IA 139 73.14 30.51 -22.02
C PHE IA 139 73.88 31.20 -20.88
N VAL IA 140 74.09 30.48 -19.80
CA VAL IA 140 74.95 30.92 -18.71
C VAL IA 140 76.06 29.89 -18.57
N GLU IA 141 77.31 30.37 -18.59
CA GLU IA 141 78.48 29.50 -18.47
C GLU IA 141 79.08 29.71 -17.08
N VAL IA 142 78.93 28.72 -16.21
CA VAL IA 142 79.41 28.80 -14.84
C VAL IA 142 80.67 27.95 -14.73
N GLY IA 143 81.79 28.60 -14.47
CA GLY IA 143 83.04 27.88 -14.35
C GLY IA 143 83.42 27.12 -15.59
N GLY IA 144 83.06 27.62 -16.75
CA GLY IA 144 83.34 26.95 -18.01
C GLY IA 144 82.31 25.93 -18.42
N LYS IA 145 81.32 25.64 -17.59
CA LYS IA 145 80.29 24.66 -17.89
C LYS IA 145 79.04 25.36 -18.38
N ARG IA 146 78.49 24.90 -19.49
CA ARG IA 146 77.34 25.53 -20.11
C ARG IA 146 76.04 25.01 -19.52
N SER IA 147 75.06 25.89 -19.44
CA SER IA 147 73.76 25.55 -18.86
C SER IA 147 72.86 25.00 -19.96
N THR IA 148 71.60 24.77 -19.61
CA THR IA 148 70.55 24.57 -20.59
C THR IA 148 70.08 25.94 -21.07
N GLY IA 149 69.73 26.03 -22.33
CA GLY IA 149 69.43 27.31 -22.92
C GLY IA 149 67.96 27.68 -22.87
N LEU IA 150 67.70 28.95 -23.11
CA LEU IA 150 66.36 29.47 -23.32
C LEU IA 150 66.39 30.43 -24.51
N ARG IA 151 65.29 30.46 -25.25
CA ARG IA 151 65.18 31.39 -26.38
C ARG IA 151 64.76 32.76 -25.88
N VAL IA 152 65.47 33.77 -26.36
CA VAL IA 152 65.21 35.16 -25.97
C VAL IA 152 65.01 35.97 -27.23
N SER IA 153 64.27 37.05 -27.11
CA SER IA 153 63.95 37.92 -28.24
C SER IA 153 64.53 39.30 -27.96
N VAL IA 154 65.63 39.63 -28.64
CA VAL IA 154 66.25 40.94 -28.50
C VAL IA 154 65.51 41.92 -29.40
N ARG IA 155 65.12 43.06 -28.86
CA ARG IA 155 64.36 44.04 -29.59
C ARG IA 155 65.29 44.94 -30.40
N GLY JA 28 110.74 -19.76 -35.64
CA GLY JA 28 110.75 -20.52 -36.87
C GLY JA 28 111.92 -21.47 -37.00
N ARG JA 29 111.62 -22.75 -37.22
CA ARG JA 29 112.62 -23.79 -37.31
C ARG JA 29 112.32 -24.70 -38.50
N VAL JA 30 113.39 -25.17 -39.15
CA VAL JA 30 113.28 -26.09 -40.26
C VAL JA 30 113.96 -27.39 -39.87
N ASN JA 31 113.27 -28.51 -40.08
CA ASN JA 31 113.81 -29.82 -39.71
C ASN JA 31 113.24 -30.84 -40.68
N VAL JA 32 114.05 -31.21 -41.68
CA VAL JA 32 113.64 -32.18 -42.70
C VAL JA 32 114.63 -33.32 -42.70
N GLY JA 33 114.13 -34.54 -42.79
CA GLY JA 33 114.96 -35.73 -42.85
C GLY JA 33 114.75 -36.46 -44.16
N VAL JA 34 115.77 -37.23 -44.56
CA VAL JA 34 115.80 -37.86 -45.87
C VAL JA 34 116.16 -39.33 -45.74
N ASP JA 35 115.41 -40.18 -46.43
CA ASP JA 35 115.73 -41.59 -46.60
C ASP JA 35 116.23 -41.79 -48.03
N VAL JA 36 117.50 -42.15 -48.17
CA VAL JA 36 118.16 -42.06 -49.47
C VAL JA 36 117.97 -43.34 -50.27
N GLY JA 37 118.29 -44.49 -49.68
CA GLY JA 37 118.03 -45.75 -50.35
C GLY JA 37 118.87 -45.97 -51.60
N ASP JA 38 120.18 -46.18 -51.42
CA ASP JA 38 121.13 -46.21 -52.53
C ASP JA 38 121.37 -47.61 -53.07
N ALA JA 39 120.38 -48.49 -52.99
CA ALA JA 39 120.50 -49.80 -53.61
C ALA JA 39 120.18 -49.72 -55.10
N GLY JA 40 120.72 -50.68 -55.85
CA GLY JA 40 120.50 -50.71 -57.29
C GLY JA 40 120.99 -49.47 -58.00
N SER JA 41 122.15 -48.95 -57.60
CA SER JA 41 122.67 -47.71 -58.13
C SER JA 41 123.97 -47.86 -58.91
N GLU JA 42 124.60 -49.02 -58.89
CA GLU JA 42 125.83 -49.26 -59.63
C GLU JA 42 125.57 -50.26 -60.76
N GLN JA 43 126.09 -49.96 -61.94
CA GLN JA 43 125.95 -50.83 -63.09
C GLN JA 43 126.92 -52.00 -62.97
N VAL JA 44 126.43 -53.20 -63.23
CA VAL JA 44 127.24 -54.42 -63.09
C VAL JA 44 127.90 -54.74 -64.42
N ALA JA 45 129.23 -54.87 -64.38
CA ALA JA 45 129.99 -55.23 -65.58
C ALA JA 45 131.10 -56.24 -65.32
N THR JA 46 131.44 -56.54 -64.07
CA THR JA 46 132.56 -57.44 -63.76
C THR JA 46 132.12 -58.89 -63.96
N LEU JA 47 131.99 -59.26 -65.24
CA LEU JA 47 131.65 -60.62 -65.64
C LEU JA 47 132.60 -61.01 -66.78
N THR JA 48 133.76 -61.56 -66.42
CA THR JA 48 134.65 -62.11 -67.43
C THR JA 48 134.03 -63.32 -68.11
N ILE JA 49 133.13 -64.00 -67.41
CA ILE JA 49 132.31 -65.05 -68.02
C ILE JA 49 131.18 -64.39 -68.81
N THR JA 50 130.20 -65.17 -69.24
CA THR JA 50 129.18 -64.61 -70.11
C THR JA 50 127.84 -65.30 -69.87
N PRO JA 51 126.79 -64.65 -70.34
CA PRO JA 51 125.45 -65.25 -70.44
C PRO JA 51 125.29 -66.06 -71.72
N GLU JA 52 126.36 -66.23 -72.49
CA GLU JA 52 126.35 -67.02 -73.71
C GLU JA 52 126.41 -68.50 -73.33
N LYS JA 53 126.72 -69.35 -74.32
CA LYS JA 53 126.69 -70.80 -74.12
C LYS JA 53 127.48 -71.22 -72.87
N CYS JA 54 128.79 -71.02 -72.89
CA CYS JA 54 129.60 -71.29 -71.70
C CYS JA 54 130.83 -70.38 -71.72
N ASP JA 55 130.68 -69.22 -71.07
CA ASP JA 55 131.77 -68.27 -70.80
C ASP JA 55 132.74 -68.12 -71.96
N ASP JA 56 132.23 -68.00 -73.18
CA ASP JA 56 133.09 -68.03 -74.35
C ASP JA 56 132.97 -66.81 -75.24
N LYS JA 57 131.77 -66.28 -75.45
CA LYS JA 57 131.54 -65.27 -76.47
C LYS JA 57 131.35 -63.86 -75.91
N GLY JA 58 130.40 -63.68 -75.00
CA GLY JA 58 130.01 -62.34 -74.55
C GLY JA 58 130.94 -61.90 -73.41
N VAL JA 59 132.19 -61.63 -73.79
CA VAL JA 59 133.19 -61.17 -72.84
C VAL JA 59 133.05 -59.68 -72.58
N PRO JA 74 117.72 -45.51 -60.21
CA PRO JA 74 118.50 -44.45 -59.55
C PRO JA 74 118.20 -44.37 -58.06
N VAL JA 75 119.03 -43.63 -57.33
CA VAL JA 75 118.81 -43.46 -55.90
C VAL JA 75 117.60 -42.57 -55.68
N THR JA 76 116.69 -43.01 -54.81
CA THR JA 76 115.43 -42.31 -54.55
C THR JA 76 115.48 -41.59 -53.21
N PHE JA 77 115.76 -40.29 -53.25
CA PHE JA 77 115.74 -39.46 -52.05
C PHE JA 77 114.30 -39.23 -51.61
N THR JA 78 114.04 -39.36 -50.30
CA THR JA 78 112.70 -39.20 -49.75
C THR JA 78 112.75 -38.20 -48.60
N PHE JA 79 112.29 -36.99 -48.85
CA PHE JA 79 112.34 -35.91 -47.87
C PHE JA 79 111.02 -35.84 -47.10
N THR JA 80 111.11 -35.78 -45.78
CA THR JA 80 109.96 -35.64 -44.89
C THR JA 80 110.28 -34.63 -43.81
N ALA JA 81 109.31 -33.78 -43.50
CA ALA JA 81 109.48 -32.72 -42.50
C ALA JA 81 109.12 -33.23 -41.13
N ARG JA 82 109.97 -32.92 -40.15
CA ARG JA 82 109.75 -33.33 -38.78
C ARG JA 82 108.60 -32.54 -38.17
N PRO JA 83 107.94 -33.07 -37.14
CA PRO JA 83 106.84 -32.34 -36.50
C PRO JA 83 107.30 -30.99 -35.96
N GLY JA 84 106.46 -29.99 -36.16
CA GLY JA 84 106.75 -28.64 -35.73
C GLY JA 84 107.60 -27.82 -36.67
N SER JA 85 107.94 -28.36 -37.84
CA SER JA 85 108.82 -27.69 -38.78
C SER JA 85 108.04 -26.81 -39.75
N GLU JA 86 108.75 -25.91 -40.41
CA GLU JA 86 108.16 -25.11 -41.46
C GLU JA 86 108.15 -25.91 -42.76
N ALA JA 87 107.49 -25.35 -43.78
CA ALA JA 87 107.65 -25.87 -45.12
C ALA JA 87 108.94 -25.33 -45.73
N VAL JA 88 109.46 -26.06 -46.73
CA VAL JA 88 110.72 -25.70 -47.35
C VAL JA 88 110.69 -26.16 -48.79
N THR JA 89 111.40 -25.43 -49.65
CA THR JA 89 111.54 -25.78 -51.06
C THR JA 89 113.03 -25.95 -51.37
N ILE JA 90 113.38 -27.10 -51.95
CA ILE JA 90 114.77 -27.40 -52.27
C ILE JA 90 115.04 -26.98 -53.71
N GLU JA 91 116.11 -26.20 -53.90
CA GLU JA 91 116.43 -25.64 -55.20
C GLU JA 91 117.52 -26.41 -55.93
N GLY JA 92 118.46 -27.00 -55.22
CA GLY JA 92 119.53 -27.75 -55.84
C GLY JA 92 120.45 -28.32 -54.79
N TYR JA 93 121.58 -28.86 -55.25
CA TYR JA 93 122.53 -29.48 -54.34
C TYR JA 93 123.96 -29.17 -54.79
N ARG JA 94 124.87 -29.23 -53.82
CA ARG JA 94 126.30 -29.09 -54.08
C ARG JA 94 127.00 -30.37 -53.68
N VAL JA 95 127.92 -30.84 -54.52
CA VAL JA 95 128.69 -32.04 -54.25
C VAL JA 95 129.98 -31.61 -53.55
N LEU JA 96 130.02 -31.76 -52.23
CA LEU JA 96 131.12 -31.28 -51.42
C LEU JA 96 132.30 -32.25 -51.35
N SER JA 97 132.12 -33.50 -51.78
CA SER JA 97 133.20 -34.48 -51.69
C SER JA 97 132.88 -35.63 -52.63
N ASP JA 98 133.74 -35.83 -53.64
CA ASP JA 98 133.63 -36.95 -54.56
C ASP JA 98 134.86 -37.82 -54.43
N ARG JA 99 134.65 -39.12 -54.22
CA ARG JA 99 135.76 -40.06 -53.98
C ARG JA 99 135.46 -41.36 -54.73
N LEU JA 100 136.12 -41.54 -55.87
CA LEU JA 100 136.05 -42.79 -56.62
C LEU JA 100 137.19 -43.68 -56.15
N ASP JA 101 136.84 -44.79 -55.51
CA ASP JA 101 137.77 -45.77 -54.94
C ASP JA 101 138.70 -45.16 -53.89
N GLY JA 102 138.42 -43.94 -53.43
CA GLY JA 102 139.16 -43.34 -52.35
C GLY JA 102 139.99 -42.12 -52.69
N VAL JA 103 139.81 -41.54 -53.88
CA VAL JA 103 140.60 -40.39 -54.32
C VAL JA 103 139.68 -39.17 -54.34
N GLU JA 104 140.06 -38.14 -53.61
CA GLU JA 104 139.25 -36.92 -53.47
C GLU JA 104 139.36 -36.12 -54.76
N ARG JA 105 138.52 -36.44 -55.72
CA ARG JA 105 138.47 -35.75 -57.02
C ARG JA 105 137.38 -34.68 -57.00
N ALA JA 106 137.48 -33.75 -56.05
CA ALA JA 106 136.39 -32.83 -55.77
C ALA JA 106 136.75 -31.36 -55.91
N ASP JA 107 137.96 -30.96 -55.48
CA ASP JA 107 138.36 -29.56 -55.44
C ASP JA 107 137.33 -28.75 -54.67
N PRO JA 108 137.26 -28.87 -53.33
CA PRO JA 108 136.20 -28.20 -52.58
C PRO JA 108 136.21 -26.68 -52.68
N LYS JA 109 137.20 -26.08 -53.35
CA LYS JA 109 137.14 -24.64 -53.60
C LYS JA 109 136.00 -24.30 -54.55
N ASN JA 110 135.72 -25.17 -55.52
CA ASN JA 110 134.71 -24.93 -56.56
C ASN JA 110 133.84 -26.17 -56.67
N PRO JA 111 132.84 -26.31 -55.81
CA PRO JA 111 131.96 -27.49 -55.88
C PRO JA 111 131.16 -27.50 -57.18
N VAL JA 112 130.44 -28.61 -57.38
CA VAL JA 112 129.61 -28.80 -58.56
C VAL JA 112 128.18 -28.49 -58.14
N GLU JA 113 127.72 -27.28 -58.45
CA GLU JA 113 126.38 -26.85 -58.10
C GLU JA 113 125.36 -27.35 -59.11
N ASN JA 114 124.18 -27.69 -58.60
CA ASN JA 114 123.00 -27.94 -59.42
C ASN JA 114 121.92 -26.98 -58.99
N ALA JA 115 121.16 -26.47 -59.96
CA ALA JA 115 120.09 -25.51 -59.69
C ALA JA 115 118.87 -25.84 -60.54
N LYS JA 116 118.54 -27.13 -60.62
CA LYS JA 116 117.43 -27.58 -61.45
C LYS JA 116 116.40 -28.35 -60.66
N MET JA 117 116.07 -27.85 -59.46
CA MET JA 117 115.11 -28.50 -58.57
C MET JA 117 114.08 -27.50 -58.09
N ASN JA 118 112.81 -27.88 -58.15
CA ASN JA 118 111.72 -27.15 -57.48
C ASN JA 118 110.92 -28.21 -56.72
N LEU JA 119 111.36 -28.54 -55.51
CA LEU JA 119 110.77 -29.61 -54.73
C LEU JA 119 110.22 -29.04 -53.44
N TYR JA 120 108.92 -29.23 -53.21
CA TYR JA 120 108.23 -28.69 -52.06
C TYR JA 120 108.07 -29.75 -50.98
N VAL JA 121 108.53 -29.43 -49.77
CA VAL JA 121 108.40 -30.30 -48.61
C VAL JA 121 107.33 -29.69 -47.70
N PRO JA 122 106.17 -30.32 -47.55
CA PRO JA 122 105.11 -29.75 -46.71
C PRO JA 122 105.54 -29.55 -45.27
N SER JA 123 104.70 -28.80 -44.54
CA SER JA 123 105.12 -28.17 -43.29
C SER JA 123 105.50 -29.19 -42.23
N GLY JA 124 104.70 -30.22 -42.05
CA GLY JA 124 104.92 -31.13 -40.94
C GLY JA 124 103.88 -30.93 -39.85
N TYR JA 125 102.66 -30.62 -40.27
CA TYR JA 125 101.51 -30.51 -39.41
C TYR JA 125 100.40 -31.37 -39.99
N ALA JA 126 99.25 -31.38 -39.31
CA ALA JA 126 98.09 -32.13 -39.80
C ALA JA 126 96.84 -31.36 -39.45
N CYS JA 127 95.86 -31.39 -40.35
CA CYS JA 127 94.62 -30.66 -40.16
C CYS JA 127 93.53 -31.32 -41.00
N GLU JA 128 92.41 -30.63 -41.18
CA GLU JA 128 91.27 -31.19 -41.89
C GLU JA 128 91.25 -30.80 -43.36
N GLY JA 129 91.62 -29.56 -43.68
CA GLY JA 129 91.54 -29.07 -45.04
C GLY JA 129 92.79 -29.27 -45.86
N LEU JA 130 93.76 -30.02 -45.37
CA LEU JA 130 95.02 -30.20 -46.08
C LEU JA 130 94.81 -31.00 -47.36
N THR JA 131 95.32 -30.47 -48.46
CA THR JA 131 95.27 -31.17 -49.74
C THR JA 131 96.47 -32.10 -49.85
N ALA JA 132 96.73 -32.60 -51.07
CA ALA JA 132 97.79 -33.58 -51.25
C ALA JA 132 99.16 -32.98 -51.00
N GLY JA 133 99.54 -31.96 -51.76
CA GLY JA 133 100.88 -31.42 -51.67
C GLY JA 133 100.95 -30.01 -51.14
N ALA JA 134 100.17 -29.70 -50.11
CA ALA JA 134 100.12 -28.38 -49.53
C ALA JA 134 100.58 -28.41 -48.07
N SER JA 135 100.53 -27.25 -47.43
CA SER JA 135 100.84 -27.11 -46.02
C SER JA 135 99.67 -26.45 -45.31
N CYS JA 136 99.50 -26.78 -44.03
CA CYS JA 136 98.48 -26.14 -43.22
C CYS JA 136 98.79 -24.67 -43.03
N GLN JA 137 97.73 -23.86 -42.89
CA GLN JA 137 97.92 -22.45 -42.58
C GLN JA 137 98.61 -22.27 -41.22
N GLY JA 138 98.19 -23.03 -40.23
CA GLY JA 138 98.74 -22.95 -38.89
C GLY JA 138 97.79 -22.49 -37.82
N ASN JA 139 96.52 -22.23 -38.15
CA ASN JA 139 95.54 -21.74 -37.19
C ASN JA 139 94.21 -22.43 -37.37
N GLU JA 140 94.24 -23.75 -37.54
CA GLU JA 140 93.03 -24.50 -37.84
C GLU JA 140 92.23 -24.90 -36.61
N SER JA 141 92.78 -24.72 -35.41
CA SER JA 141 92.15 -25.09 -34.14
C SER JA 141 92.03 -26.61 -34.03
N ASP JA 142 92.40 -27.30 -35.10
CA ASP JA 142 92.48 -28.74 -35.16
C ASP JA 142 93.91 -29.21 -35.40
N ILE JA 143 94.83 -28.28 -35.65
CA ILE JA 143 96.13 -28.61 -36.19
C ILE JA 143 96.98 -29.34 -35.15
N ARG JA 144 97.65 -30.39 -35.59
CA ARG JA 144 98.62 -31.12 -34.78
C ARG JA 144 100.01 -30.92 -35.38
N ILE JA 145 101.01 -31.47 -34.70
CA ILE JA 145 102.35 -31.60 -35.25
C ILE JA 145 102.54 -33.06 -35.63
N ALA JA 146 102.86 -33.30 -36.89
CA ALA JA 146 103.01 -34.66 -37.40
C ALA JA 146 104.18 -34.67 -38.38
N ASN JA 147 104.38 -35.81 -39.02
CA ASN JA 147 105.39 -35.90 -40.07
C ASN JA 147 104.76 -35.48 -41.39
N GLY JA 148 105.50 -34.69 -42.16
CA GLY JA 148 104.99 -34.18 -43.41
C GLY JA 148 104.83 -35.27 -44.45
N GLN JA 149 104.15 -34.91 -45.53
CA GLN JA 149 104.01 -35.83 -46.65
C GLN JA 149 105.36 -36.09 -47.29
N PRO JA 150 105.68 -37.34 -47.62
CA PRO JA 150 106.98 -37.62 -48.25
C PRO JA 150 107.00 -37.20 -49.71
N VAL JA 151 108.06 -36.51 -50.11
CA VAL JA 151 108.27 -36.10 -51.49
C VAL JA 151 109.63 -36.64 -51.93
N GLN JA 152 109.68 -37.15 -53.16
CA GLN JA 152 110.86 -37.87 -53.64
C GLN JA 152 111.54 -37.15 -54.80
N HIS JA 153 112.82 -37.44 -54.95
CA HIS JA 153 113.61 -36.98 -56.09
C HIS JA 153 114.62 -38.08 -56.41
N GLN JA 154 115.04 -38.12 -57.68
CA GLN JA 154 115.95 -39.14 -58.17
C GLN JA 154 117.19 -38.51 -58.77
N ILE JA 155 118.35 -39.01 -58.39
CA ILE JA 155 119.64 -38.61 -58.98
C ILE JA 155 120.34 -39.90 -59.39
N TYR JA 156 120.41 -40.17 -60.68
CA TYR JA 156 121.07 -41.37 -61.18
C TYR JA 156 122.56 -41.11 -61.27
N PHE JA 157 123.33 -41.80 -60.44
CA PHE JA 157 124.78 -41.62 -60.40
C PHE JA 157 125.49 -42.59 -61.33
N ARG JA 174 132.41 -45.37 -55.68
CA ARG JA 174 132.20 -43.93 -55.59
C ARG JA 174 131.25 -43.57 -54.45
N VAL JA 175 131.68 -42.64 -53.61
CA VAL JA 175 130.83 -42.10 -52.54
C VAL JA 175 130.87 -40.59 -52.60
N VAL JA 176 129.70 -39.97 -52.78
CA VAL JA 176 129.59 -38.53 -52.88
C VAL JA 176 128.86 -37.99 -51.65
N ASP JA 177 129.15 -36.75 -51.29
CA ASP JA 177 128.56 -36.09 -50.14
C ASP JA 177 127.78 -34.88 -50.63
N LEU JA 178 126.47 -35.04 -50.78
CA LEU JA 178 125.63 -33.96 -51.29
C LEU JA 178 125.36 -32.94 -50.19
N GLU JA 179 124.76 -31.82 -50.61
CA GLU JA 179 124.27 -30.82 -49.66
C GLU JA 179 123.15 -30.06 -50.37
N PHE JA 180 121.90 -30.41 -50.05
CA PHE JA 180 120.76 -29.73 -50.64
C PHE JA 180 120.62 -28.33 -50.05
N TYR JA 181 120.09 -27.41 -50.86
CA TYR JA 181 119.83 -26.06 -50.40
C TYR JA 181 118.48 -25.59 -50.90
N GLY JA 182 118.03 -24.47 -50.35
CA GLY JA 182 116.71 -23.94 -50.66
C GLY JA 182 116.33 -22.82 -49.72
N PHE JA 183 115.03 -22.67 -49.52
CA PHE JA 183 114.49 -21.62 -48.66
C PHE JA 183 113.21 -22.11 -48.01
N SER JA 184 112.94 -21.63 -46.81
CA SER JA 184 111.78 -22.07 -46.06
C SER JA 184 110.55 -21.27 -46.48
N ALA JA 185 109.44 -21.43 -45.75
CA ALA JA 185 108.24 -20.68 -46.04
C ALA JA 185 108.37 -19.22 -45.65
N ASN JA 186 109.34 -18.88 -44.80
CA ASN JA 186 109.66 -17.51 -44.47
C ASN JA 186 110.81 -16.97 -45.31
N ASN JA 187 111.20 -17.70 -46.36
CA ASN JA 187 112.21 -17.26 -47.32
C ASN JA 187 113.57 -17.05 -46.64
N VAL JA 188 114.03 -18.07 -45.92
CA VAL JA 188 115.37 -18.02 -45.32
C VAL JA 188 116.17 -19.21 -45.83
N PRO JA 189 117.47 -19.05 -46.06
CA PRO JA 189 118.26 -20.11 -46.68
C PRO JA 189 118.32 -21.38 -45.84
N PHE JA 190 118.44 -22.51 -46.52
CA PHE JA 190 118.39 -23.82 -45.90
C PHE JA 190 119.46 -24.72 -46.49
N THR JA 191 120.09 -25.54 -45.65
CA THR JA 191 121.09 -26.52 -46.08
C THR JA 191 120.89 -27.83 -45.34
N ARG JA 192 121.12 -28.94 -46.04
CA ARG JA 192 120.87 -30.26 -45.46
C ARG JA 192 121.87 -31.25 -46.07
N LYS JA 193 122.83 -31.70 -45.27
CA LYS JA 193 123.88 -32.58 -45.77
C LYS JA 193 123.42 -34.02 -45.77
N VAL JA 194 123.68 -34.73 -46.86
CA VAL JA 194 123.22 -36.10 -47.06
C VAL JA 194 124.45 -36.98 -47.31
N THR JA 195 125.54 -36.68 -46.62
CA THR JA 195 126.81 -37.38 -46.77
C THR JA 195 126.65 -38.90 -46.75
N GLY JA 196 127.51 -39.58 -47.52
CA GLY JA 196 127.70 -41.01 -47.42
C GLY JA 196 127.10 -41.85 -48.53
N ILE JA 197 126.36 -41.27 -49.47
CA ILE JA 197 125.69 -42.07 -50.49
C ILE JA 197 126.71 -42.76 -51.39
N VAL JA 198 126.43 -44.01 -51.75
CA VAL JA 198 127.39 -44.90 -52.40
C VAL JA 198 126.96 -45.09 -53.85
N SER JA 199 127.88 -44.79 -54.77
CA SER JA 199 127.70 -45.03 -56.21
C SER JA 199 126.41 -44.44 -56.76
N THR KA 34 -120.65 100.54 25.28
CA THR KA 34 -121.22 99.20 25.36
C THR KA 34 -122.64 99.24 25.93
N VAL KA 35 -123.43 98.22 25.59
CA VAL KA 35 -124.81 98.12 26.06
C VAL KA 35 -125.11 96.65 26.35
N TYR KA 36 -125.90 96.43 27.39
CA TYR KA 36 -126.36 95.11 27.77
C TYR KA 36 -127.85 95.01 27.49
N ARG KA 37 -128.24 94.09 26.62
CA ARG KA 37 -129.65 93.88 26.33
C ARG KA 37 -129.91 92.38 26.18
N ASP KA 38 -131.02 91.92 26.74
CA ASP KA 38 -131.42 90.51 26.69
C ASP KA 38 -132.79 90.44 26.05
N PRO KA 39 -132.87 90.23 24.74
CA PRO KA 39 -134.16 90.27 24.04
C PRO KA 39 -135.00 89.02 24.29
N SER KA 40 -135.07 88.60 25.55
CA SER KA 40 -135.97 87.53 25.98
C SER KA 40 -136.55 87.83 27.36
N LEU KA 41 -136.52 89.08 27.80
CA LEU KA 41 -137.04 89.49 29.09
C LEU KA 41 -137.97 90.68 28.90
N THR KA 42 -138.77 90.94 29.93
CA THR KA 42 -139.70 92.06 29.90
C THR KA 42 -138.95 93.37 29.77
N SER KA 43 -139.51 94.30 29.00
CA SER KA 43 -138.94 95.62 28.82
C SER KA 43 -139.63 96.69 29.66
N ALA KA 44 -140.45 96.28 30.63
CA ALA KA 44 -141.17 97.24 31.44
C ALA KA 44 -140.19 98.01 32.34
N PRO KA 45 -140.45 99.29 32.58
CA PRO KA 45 -139.52 100.07 33.41
C PRO KA 45 -139.58 99.66 34.87
N ILE KA 46 -138.47 99.87 35.56
CA ILE KA 46 -138.35 99.59 36.99
C ILE KA 46 -137.86 100.85 37.69
N THR KA 47 -137.87 100.80 39.02
CA THR KA 47 -137.39 101.92 39.82
C THR KA 47 -137.00 101.36 41.19
N ALA KA 48 -135.71 101.41 41.51
CA ALA KA 48 -135.22 100.79 42.73
C ALA KA 48 -134.07 101.61 43.31
N ASN KA 49 -133.64 101.21 44.50
CA ASN KA 49 -132.58 101.89 45.23
C ASN KA 49 -132.15 101.00 46.38
N VAL KA 50 -130.87 101.05 46.71
CA VAL KA 50 -130.34 100.25 47.82
C VAL KA 50 -129.00 100.85 48.25
N GLY KA 51 -128.80 100.89 49.56
CA GLY KA 51 -127.49 101.15 50.13
C GLY KA 51 -126.97 102.57 49.99
N LYS KA 52 -125.94 102.88 50.78
CA LYS KA 52 -125.22 104.13 50.69
C LYS KA 52 -123.72 103.85 50.73
N TYR KA 53 -122.95 104.72 50.07
CA TYR KA 53 -121.51 104.55 50.03
C TYR KA 53 -120.90 104.76 51.42
N VAL KA 54 -119.81 104.05 51.68
CA VAL KA 54 -119.23 104.06 53.02
C VAL KA 54 -118.08 105.05 53.14
N GLY KA 55 -117.18 105.11 52.15
CA GLY KA 55 -115.97 105.88 52.28
C GLY KA 55 -116.16 107.33 51.92
N PRO KA 56 -115.10 108.12 52.08
CA PRO KA 56 -115.16 109.52 51.66
C PRO KA 56 -114.83 109.71 50.19
N LEU KA 57 -114.25 108.71 49.54
CA LEU KA 57 -113.88 108.83 48.14
C LEU KA 57 -114.98 108.32 47.21
N SER KA 58 -115.61 107.20 47.56
CA SER KA 58 -116.74 106.74 46.76
C SER KA 58 -117.90 107.72 46.83
N THR KA 59 -118.06 108.41 47.95
CA THR KA 59 -119.14 109.39 48.07
C THR KA 59 -118.80 110.67 47.30
N PHE KA 60 -117.55 111.11 47.35
CA PHE KA 60 -117.17 112.32 46.62
C PHE KA 60 -117.33 112.12 45.13
N LEU KA 61 -116.72 111.06 44.60
CA LEU KA 61 -117.07 110.61 43.27
C LEU KA 61 -118.51 110.11 43.30
N ALA KA 62 -119.07 109.87 42.12
CA ALA KA 62 -120.45 109.38 42.02
C ALA KA 62 -121.43 110.38 42.59
N SER KA 63 -120.93 111.53 43.03
CA SER KA 63 -121.72 112.68 43.43
C SER KA 63 -121.41 113.91 42.59
N ILE KA 64 -120.13 114.11 42.26
CA ILE KA 64 -119.80 115.12 41.26
C ILE KA 64 -120.25 114.66 39.88
N ALA KA 65 -120.35 113.35 39.68
CA ALA KA 65 -120.86 112.84 38.43
C ALA KA 65 -122.39 112.85 38.37
N LYS KA 66 -123.05 113.02 39.51
CA LYS KA 66 -124.49 113.24 39.51
C LYS KA 66 -124.84 114.71 39.30
N SER KA 67 -123.87 115.61 39.42
CA SER KA 67 -124.09 116.98 38.97
C SER KA 67 -124.34 117.03 37.47
N ALA KA 68 -123.58 116.24 36.71
CA ALA KA 68 -123.96 115.90 35.35
C ALA KA 68 -124.91 114.71 35.40
N GLY KA 69 -125.35 114.24 34.23
CA GLY KA 69 -126.22 113.08 34.26
C GLY KA 69 -125.45 111.78 34.13
N TYR KA 70 -125.10 111.17 35.27
CA TYR KA 70 -124.33 109.93 35.25
C TYR KA 70 -124.64 109.17 36.54
N GLU KA 71 -124.37 107.87 36.52
CA GLU KA 71 -124.87 106.96 37.55
C GLU KA 71 -123.78 106.01 38.03
N VAL KA 72 -122.60 106.55 38.34
CA VAL KA 72 -121.37 105.82 38.61
C VAL KA 72 -121.57 104.49 39.33
N VAL KA 73 -120.93 103.45 38.82
CA VAL KA 73 -120.96 102.10 39.38
C VAL KA 73 -119.53 101.61 39.54
N PHE KA 74 -119.19 101.16 40.74
CA PHE KA 74 -117.82 100.76 41.06
C PHE KA 74 -117.66 99.25 40.94
N ASN KA 75 -116.59 98.82 40.27
CA ASN KA 75 -116.31 97.40 40.14
C ASN KA 75 -115.54 96.83 41.33
N PHE KA 76 -115.12 97.65 42.27
CA PHE KA 76 -114.31 97.17 43.38
C PHE KA 76 -114.56 98.07 44.59
N ASN KA 77 -113.90 97.75 45.69
CA ASN KA 77 -114.04 98.51 46.93
C ASN KA 77 -113.06 99.68 46.87
N ILE KA 78 -113.51 100.80 46.31
CA ILE KA 78 -112.62 101.94 46.13
C ILE KA 78 -112.22 102.55 47.47
N ASP KA 79 -112.97 102.28 48.52
CA ASP KA 79 -112.66 102.82 49.84
C ASP KA 79 -111.66 101.99 50.60
N ALA KA 80 -111.16 100.91 50.02
CA ALA KA 80 -110.12 100.10 50.63
C ALA KA 80 -108.74 100.43 50.09
N LEU KA 81 -108.60 101.56 49.40
CA LEU KA 81 -107.29 102.04 49.00
C LEU KA 81 -106.61 102.72 50.19
N ALA KA 82 -105.46 103.33 49.93
CA ALA KA 82 -104.75 104.09 50.94
C ALA KA 82 -105.14 105.55 50.81
N LEU KA 83 -105.98 106.04 51.71
CA LEU KA 83 -106.49 107.40 51.66
C LEU KA 83 -106.24 108.10 52.98
N ILE KA 84 -105.78 109.35 52.90
CA ILE KA 84 -105.47 110.17 54.06
C ILE KA 84 -106.29 111.45 53.99
N ASN KA 85 -106.78 111.90 55.14
CA ASN KA 85 -107.71 113.02 55.20
C ASN KA 85 -107.73 113.55 56.63
N GLY KA 86 -108.31 114.72 56.79
CA GLY KA 86 -108.48 115.26 58.13
C GLY KA 86 -109.43 114.43 58.97
N GLU KA 87 -110.56 114.02 58.40
CA GLU KA 87 -111.54 113.25 59.14
C GLU KA 87 -111.20 111.77 59.23
N ILE KA 88 -110.35 111.26 58.34
CA ILE KA 88 -110.01 109.84 58.37
C ILE KA 88 -109.24 109.50 59.64
N VAL KA 89 -108.29 110.35 60.02
CA VAL KA 89 -107.45 110.03 61.18
C VAL KA 89 -108.01 110.62 62.48
N PHE KA 90 -108.74 111.72 62.42
CA PHE KA 90 -109.16 112.43 63.61
C PHE KA 90 -110.62 112.21 63.95
N GLY KA 91 -111.28 111.26 63.31
CA GLY KA 91 -112.70 111.10 63.57
C GLY KA 91 -113.50 112.28 63.06
N ASN KA 92 -114.68 112.46 63.64
CA ASN KA 92 -115.57 113.53 63.24
C ASN KA 92 -116.37 114.06 64.42
N THR KA 98 -118.47 107.87 63.22
CA THR KA 98 -118.12 106.48 62.97
C THR KA 98 -116.66 106.22 63.36
N THR KA 99 -116.12 105.12 62.87
CA THR KA 99 -114.74 104.73 63.16
C THR KA 99 -113.83 104.89 61.95
N SER KA 100 -114.29 105.63 60.93
CA SER KA 100 -113.45 106.07 59.82
C SER KA 100 -112.84 104.88 59.07
N TYR KA 101 -113.73 104.15 58.38
CA TYR KA 101 -113.32 103.02 57.56
C TYR KA 101 -112.52 103.51 56.36
N ALA KA 102 -111.31 104.03 56.58
CA ALA KA 102 -110.45 104.38 55.46
C ALA KA 102 -109.03 103.88 55.61
N THR KA 103 -108.48 103.95 56.83
CA THR KA 103 -107.21 103.33 57.19
C THR KA 103 -106.08 103.71 56.24
N PRO KA 104 -105.45 104.88 56.44
CA PRO KA 104 -104.36 105.32 55.54
C PRO KA 104 -103.34 104.26 55.18
N LEU KA 105 -103.27 103.19 55.95
CA LEU KA 105 -102.47 102.01 55.63
C LEU KA 105 -103.09 101.16 54.58
N GLY KA 106 -104.22 101.56 54.02
CA GLY KA 106 -104.92 100.74 53.08
C GLY KA 106 -105.71 99.65 53.78
N ARG KA 107 -106.27 98.76 52.98
CA ARG KA 107 -107.03 97.64 53.51
C ARG KA 107 -107.13 96.57 52.45
N PRO KA 108 -106.02 95.99 52.01
CA PRO KA 108 -106.02 95.20 50.77
C PRO KA 108 -106.80 93.90 50.84
N GLN KA 109 -107.13 93.41 52.03
CA GLN KA 109 -107.92 92.18 52.11
C GLN KA 109 -109.38 92.40 51.80
N GLU KA 110 -109.87 93.64 51.92
CA GLU KA 110 -111.24 93.99 51.61
C GLU KA 110 -111.35 94.81 50.34
N LEU KA 111 -110.35 94.71 49.47
CA LEU KA 111 -110.31 95.49 48.24
C LEU KA 111 -111.20 94.89 47.15
N PRO KA 112 -111.23 93.57 46.93
CA PRO KA 112 -112.05 93.05 45.84
C PRO KA 112 -113.53 92.94 46.17
N ALA KA 113 -113.99 93.60 47.22
CA ALA KA 113 -115.40 93.61 47.56
C ALA KA 113 -116.19 94.32 46.46
N LYS KA 114 -117.52 94.28 46.57
CA LYS KA 114 -118.40 94.89 45.58
C LYS KA 114 -119.39 95.79 46.30
N PRO KA 115 -119.40 97.10 46.02
CA PRO KA 115 -120.35 97.99 46.69
C PRO KA 115 -121.76 97.76 46.18
N VAL KA 116 -122.66 97.36 47.08
CA VAL KA 116 -124.08 97.21 46.74
C VAL KA 116 -124.73 98.57 46.98
N VAL KA 117 -124.57 99.45 46.00
CA VAL KA 117 -125.24 100.75 45.98
C VAL KA 117 -125.71 100.99 44.55
N HIS KA 118 -127.02 101.06 44.35
CA HIS KA 118 -127.57 101.19 43.01
C HIS KA 118 -128.75 102.15 43.04
N ASN KA 119 -129.01 102.75 41.89
CA ASN KA 119 -130.14 103.67 41.74
C ASN KA 119 -130.66 103.57 40.32
N PHE KA 120 -131.95 103.27 40.18
CA PHE KA 120 -132.57 103.10 38.87
C PHE KA 120 -133.85 103.91 38.83
N SER KA 121 -134.08 104.60 37.71
CA SER KA 121 -135.27 105.43 37.53
C SER KA 121 -135.79 105.19 36.13
N ASN KA 122 -136.91 104.48 36.03
CA ASN KA 122 -137.57 104.19 34.75
C ASN KA 122 -136.63 103.48 33.79
N ALA KA 123 -135.71 102.69 34.31
CA ALA KA 123 -134.84 101.91 33.44
C ALA KA 123 -135.55 100.63 33.02
N PRO KA 124 -135.38 100.21 31.77
CA PRO KA 124 -136.01 98.97 31.32
C PRO KA 124 -135.39 97.76 32.00
N PHE KA 125 -136.23 96.92 32.59
CA PHE KA 125 -135.76 95.68 33.18
C PHE KA 125 -135.09 94.79 32.14
N ASN KA 126 -135.41 94.99 30.86
CA ASN KA 126 -134.78 94.22 29.80
C ASN KA 126 -133.28 94.43 29.80
N GLU KA 127 -132.82 95.67 30.02
CA GLU KA 127 -131.42 96.01 29.90
C GLU KA 127 -130.78 96.44 31.21
N ALA KA 128 -131.56 96.57 32.28
CA ALA KA 128 -130.98 96.82 33.60
C ALA KA 128 -130.61 95.53 34.32
N TRP KA 129 -131.37 94.46 34.10
CA TRP KA 129 -131.01 93.18 34.69
C TRP KA 129 -129.69 92.64 34.19
N PRO KA 130 -129.41 92.57 32.88
CA PRO KA 130 -128.11 92.01 32.44
C PRO KA 130 -126.91 92.79 32.95
N LEU KA 131 -127.08 94.08 33.25
CA LEU KA 131 -125.98 94.84 33.82
C LEU KA 131 -125.63 94.33 35.22
N LEU KA 132 -126.64 94.10 36.06
CA LEU KA 132 -126.40 93.64 37.42
C LEU KA 132 -125.79 92.25 37.44
N MET KA 133 -126.14 91.40 36.49
CA MET KA 133 -125.56 90.08 36.43
C MET KA 133 -124.12 90.10 35.95
N ASP KA 134 -123.64 91.24 35.45
CA ASP KA 134 -122.24 91.40 35.07
C ASP KA 134 -121.42 92.11 36.14
N VAL KA 135 -122.05 92.97 36.96
CA VAL KA 135 -121.34 93.57 38.07
C VAL KA 135 -120.98 92.50 39.09
N TYR KA 136 -121.91 91.61 39.41
CA TYR KA 136 -121.71 90.58 40.41
C TYR KA 136 -121.31 89.25 39.82
N GLU KA 137 -121.13 89.17 38.51
CA GLU KA 137 -120.67 87.95 37.83
C GLU KA 137 -121.57 86.77 38.15
N LEU KA 138 -122.84 86.91 37.79
CA LEU KA 138 -123.83 85.86 37.96
C LEU KA 138 -124.32 85.39 36.60
N ASP KA 139 -125.04 84.28 36.61
CA ASP KA 139 -125.54 83.67 35.38
C ASP KA 139 -126.96 83.17 35.66
N TYR KA 140 -127.90 83.50 34.77
CA TYR KA 140 -129.30 83.19 35.00
C TYR KA 140 -129.87 82.38 33.85
N GLN KA 141 -131.03 81.79 34.12
CA GLN KA 141 -131.81 81.08 33.11
C GLN KA 141 -133.26 81.09 33.55
N LEU KA 142 -134.15 80.91 32.58
CA LEU KA 142 -135.58 81.03 32.83
C LEU KA 142 -136.24 79.66 32.88
N VAL KA 143 -137.17 79.52 33.83
CA VAL KA 143 -137.93 78.29 34.02
C VAL KA 143 -139.40 78.68 34.07
N LYS KA 144 -140.27 77.81 33.57
CA LYS KA 144 -141.71 78.04 33.58
C LYS KA 144 -142.37 77.10 34.59
N VAL KA 145 -143.18 77.67 35.48
CA VAL KA 145 -143.88 76.89 36.48
C VAL KA 145 -145.37 77.08 36.18
N GLY KA 146 -145.68 77.19 34.89
CA GLY KA 146 -147.05 77.40 34.46
C GLY KA 146 -147.26 78.75 33.82
N SER KA 147 -148.06 79.59 34.46
CA SER KA 147 -148.30 80.94 33.97
C SER KA 147 -147.30 81.94 34.53
N ALA KA 148 -146.33 81.49 35.33
CA ALA KA 148 -145.34 82.35 35.94
C ALA KA 148 -143.95 81.95 35.46
N ASN KA 149 -143.15 82.93 35.08
CA ASN KA 149 -141.77 82.69 34.69
C ASN KA 149 -140.87 82.95 35.89
N VAL KA 150 -139.92 82.05 36.12
CA VAL KA 150 -139.04 82.10 37.27
C VAL KA 150 -137.59 82.08 36.79
N ILE KA 151 -136.76 82.95 37.39
CA ILE KA 151 -135.37 83.11 37.01
C ILE KA 151 -134.51 82.37 38.02
N ARG KA 152 -133.61 81.52 37.52
CA ARG KA 152 -132.74 80.71 38.37
C ARG KA 152 -131.32 81.26 38.30
N ILE KA 153 -131.01 82.19 39.20
CA ILE KA 153 -129.68 82.79 39.22
C ILE KA 153 -128.67 81.79 39.77
N GLY KA 154 -127.56 81.65 39.07
CA GLY KA 154 -126.48 80.81 39.53
C GLY KA 154 -125.20 81.59 39.70
N GLN KA 155 -124.09 81.05 39.20
CA GLN KA 155 -122.81 81.73 39.31
C GLN KA 155 -122.08 81.52 37.99
N ARG KA 156 -121.40 82.55 37.52
CA ARG KA 156 -120.81 82.48 36.19
C ARG KA 156 -119.52 81.67 36.21
N PRO KA 157 -119.33 80.76 35.26
CA PRO KA 157 -118.04 80.05 35.17
C PRO KA 157 -116.94 81.01 34.74
N LYS KA 158 -115.94 81.18 35.60
CA LYS KA 158 -114.90 82.19 35.41
C LYS KA 158 -113.74 81.58 34.64
N GLN KA 159 -113.92 81.48 33.33
CA GLN KA 159 -112.88 80.98 32.44
C GLN KA 159 -112.81 81.87 31.21
N LEU KA 160 -111.64 81.89 30.59
CA LEU KA 160 -111.42 82.74 29.43
C LEU KA 160 -110.32 82.14 28.60
N ALA KA 161 -110.48 82.21 27.28
CA ALA KA 161 -109.49 81.72 26.34
C ALA KA 161 -108.80 82.92 25.68
N LEU KA 162 -107.47 82.92 25.71
CA LEU KA 162 -106.70 84.03 25.16
C LEU KA 162 -105.87 83.56 23.99
N PRO KA 163 -106.28 83.83 22.75
CA PRO KA 163 -105.46 83.44 21.60
C PRO KA 163 -104.14 84.19 21.57
N LEU KA 164 -103.08 83.48 21.20
CA LEU KA 164 -101.75 84.04 21.08
C LEU KA 164 -101.37 84.12 19.61
N LYS KA 165 -100.83 85.26 19.20
CA LYS KA 165 -100.51 85.49 17.79
C LYS KA 165 -99.02 85.46 17.48
N PHE KA 166 -98.14 85.79 18.43
CA PHE KA 166 -96.74 85.90 18.12
C PHE KA 166 -95.80 85.26 19.13
N ILE KA 167 -96.29 84.74 20.25
CA ILE KA 167 -95.43 84.14 21.26
C ILE KA 167 -95.97 82.77 21.63
N SER KA 168 -95.06 81.85 21.93
CA SER KA 168 -95.47 80.52 22.36
C SER KA 168 -96.08 80.58 23.75
N ALA KA 169 -97.17 79.83 23.94
CA ALA KA 169 -97.84 79.82 25.23
C ALA KA 169 -97.13 78.87 26.20
N GLU KA 170 -95.83 79.03 26.35
CA GLU KA 170 -95.07 78.31 27.35
C GLU KA 170 -94.13 79.30 28.03
N SER KA 171 -93.75 80.34 27.29
CA SER KA 171 -93.03 81.47 27.85
C SER KA 171 -93.97 82.62 28.21
N ALA KA 172 -95.14 82.69 27.56
CA ALA KA 172 -96.14 83.66 27.98
C ALA KA 172 -96.65 83.37 29.37
N LEU KA 173 -96.78 82.08 29.72
CA LEU KA 173 -97.11 81.73 31.10
C LEU KA 173 -96.01 82.14 32.05
N THR KA 174 -94.75 81.93 31.66
CA THR KA 174 -93.64 82.30 32.54
C THR KA 174 -93.60 83.80 32.78
N ALA KA 175 -93.85 84.60 31.75
CA ALA KA 175 -93.90 86.04 31.91
C ALA KA 175 -95.15 86.51 32.65
N ILE KA 176 -96.14 85.64 32.84
CA ILE KA 176 -97.30 85.98 33.65
C ILE KA 176 -97.09 85.59 35.10
N GLU KA 177 -96.41 84.47 35.35
CA GLU KA 177 -96.16 84.03 36.71
C GLU KA 177 -95.22 84.97 37.46
N LYS KA 178 -94.47 85.80 36.75
CA LYS KA 178 -93.58 86.74 37.41
C LYS KA 178 -94.24 88.11 37.54
N PHE KA 179 -95.00 88.51 36.51
CA PHE KA 179 -95.79 89.73 36.58
C PHE KA 179 -96.75 89.70 37.77
N PHE KA 180 -97.54 88.63 37.89
CA PHE KA 180 -98.59 88.54 38.87
C PHE KA 180 -98.26 87.62 40.03
N GLY KA 181 -96.99 87.25 40.19
CA GLY KA 181 -96.59 86.39 41.28
C GLY KA 181 -96.59 87.14 42.60
N GLU KA 182 -96.48 86.36 43.67
CA GLU KA 182 -96.45 86.92 45.02
C GLU KA 182 -95.46 86.17 45.90
N ARG KA 202 -97.78 82.62 42.73
CA ARG KA 202 -99.10 82.74 42.13
C ARG KA 202 -100.20 82.62 43.17
N PRO KA 203 -101.07 83.62 43.23
CA PRO KA 203 -102.21 83.55 44.14
C PRO KA 203 -103.14 82.42 43.73
N THR KA 204 -103.81 81.84 44.72
CA THR KA 204 -104.75 80.78 44.43
C THR KA 204 -106.00 81.27 43.71
N GLY KA 205 -106.20 82.57 43.62
CA GLY KA 205 -107.32 83.09 42.88
C GLY KA 205 -107.13 83.15 41.38
N LYS KA 206 -105.97 82.76 40.88
CA LYS KA 206 -105.66 82.81 39.46
C LYS KA 206 -105.05 81.50 38.99
N PHE KA 207 -105.41 81.09 37.78
CA PHE KA 207 -104.85 79.90 37.15
C PHE KA 207 -104.52 80.21 35.70
N GLY KA 208 -103.36 79.73 35.25
CA GLY KA 208 -102.97 79.89 33.86
C GLY KA 208 -102.68 78.56 33.20
N LEU KA 209 -103.46 78.20 32.19
CA LEU KA 209 -103.34 76.89 31.55
C LEU KA 209 -102.75 77.05 30.16
N PRO KA 210 -101.51 76.61 29.93
CA PRO KA 210 -100.98 76.63 28.56
C PRO KA 210 -101.71 75.64 27.67
N ASN KA 211 -101.73 75.96 26.37
CA ASN KA 211 -102.31 75.05 25.40
C ASN KA 211 -101.49 74.96 24.11
N SER KA 212 -100.35 75.64 24.02
CA SER KA 212 -99.47 75.65 22.85
C SER KA 212 -100.12 76.36 21.66
N ILE KA 213 -101.37 76.79 21.83
CA ILE KA 213 -102.05 77.63 20.85
C ILE KA 213 -102.56 78.87 21.58
N LYS KA 214 -102.79 78.73 22.89
CA LYS KA 214 -103.39 79.79 23.68
C LYS KA 214 -103.16 79.50 25.16
N VAL KA 215 -103.73 80.36 26.00
CA VAL KA 215 -103.74 80.18 27.44
C VAL KA 215 -105.19 80.31 27.91
N ILE KA 216 -105.46 79.75 29.08
CA ILE KA 216 -106.81 79.76 29.64
C ILE KA 216 -106.79 80.33 31.04
N PRO KA 217 -106.76 81.65 31.21
CA PRO KA 217 -106.74 82.24 32.56
C PRO KA 217 -108.02 81.96 33.32
N ASP KA 218 -107.89 81.91 34.64
CA ASP KA 218 -109.00 81.64 35.56
C ASP KA 218 -108.95 82.69 36.66
N SER KA 219 -109.83 83.67 36.62
CA SER KA 219 -109.83 84.69 37.67
C SER KA 219 -111.14 85.46 37.64
N SER KA 220 -111.33 86.27 38.66
CA SER KA 220 -112.48 87.14 38.74
C SER KA 220 -112.48 88.13 37.57
N ASN KA 221 -113.59 88.86 37.45
CA ASN KA 221 -113.74 89.77 36.31
C ASN KA 221 -112.65 90.85 36.34
N LYS KA 222 -112.37 91.40 37.51
CA LYS KA 222 -111.39 92.49 37.59
C LYS KA 222 -109.99 92.00 37.25
N ARG KA 223 -109.62 90.81 37.72
CA ARG KA 223 -108.31 90.28 37.45
C ARG KA 223 -108.19 89.69 36.04
N LEU KA 224 -109.30 89.62 35.30
CA LEU KA 224 -109.26 89.24 33.90
C LEU KA 224 -109.21 90.44 32.97
N ILE KA 225 -109.17 91.66 33.50
CA ILE KA 225 -108.99 92.87 32.70
C ILE KA 225 -107.61 93.46 32.91
N ILE KA 226 -107.33 93.92 34.14
CA ILE KA 226 -105.99 94.39 34.47
C ILE KA 226 -105.01 93.25 34.50
N GLY KA 227 -105.50 92.03 34.52
CA GLY KA 227 -104.64 90.88 34.53
C GLY KA 227 -104.23 90.50 33.14
N SER KA 228 -104.47 89.24 32.77
CA SER KA 228 -103.89 88.71 31.54
C SER KA 228 -104.34 89.50 30.32
N ASN KA 229 -105.59 89.94 30.30
CA ASN KA 229 -106.13 90.54 29.08
C ASN KA 229 -105.43 91.83 28.67
N SER KA 230 -104.67 92.47 29.56
CA SER KA 230 -103.96 93.68 29.21
C SER KA 230 -102.45 93.54 29.23
N GLU KA 231 -101.90 92.55 29.93
CA GLU KA 231 -100.48 92.28 29.74
C GLU KA 231 -100.25 91.35 28.56
N ASP KA 232 -101.09 90.34 28.39
CA ASP KA 232 -100.97 89.50 27.21
C ASP KA 232 -101.22 90.30 25.94
N GLY KA 233 -101.93 91.42 26.05
CA GLY KA 233 -102.10 92.31 24.92
C GLY KA 233 -100.94 93.24 24.66
N ILE KA 234 -99.97 93.33 25.56
CA ILE KA 234 -98.81 94.20 25.37
C ILE KA 234 -97.58 93.40 25.01
N ARG KA 235 -97.62 92.07 25.14
CA ARG KA 235 -96.49 91.23 24.77
C ARG KA 235 -96.76 90.38 23.53
N ILE KA 236 -97.93 90.48 22.92
CA ILE KA 236 -98.18 89.91 21.60
C ILE KA 236 -97.76 90.99 20.60
N ARG KA 237 -96.54 90.90 20.12
CA ARG KA 237 -96.03 91.93 19.21
C ARG KA 237 -94.89 91.35 18.38
N SER KA 238 -94.54 92.08 17.33
CA SER KA 238 -93.53 91.64 16.38
C SER KA 238 -92.16 91.48 17.04
N PHE KA 239 -91.73 90.24 17.18
CA PHE KA 239 -90.38 89.95 17.66
C PHE KA 239 -89.34 90.42 16.64
N VAL KA 240 -88.22 90.94 17.14
CA VAL KA 240 -87.13 91.37 16.28
C VAL KA 240 -85.99 90.38 16.42
N GLU KA 241 -85.20 90.25 15.36
CA GLU KA 241 -84.10 89.30 15.32
C GLU KA 241 -82.76 89.98 15.10
N ILE KA 257 -71.83 77.26 15.35
CA ILE KA 257 -70.40 77.01 15.33
C ILE KA 257 -69.85 77.34 13.95
N SER KA 258 -68.60 77.76 13.89
CA SER KA 258 -67.92 78.10 12.65
C SER KA 258 -66.82 77.07 12.39
N GLU KA 259 -66.88 76.42 11.23
CA GLU KA 259 -65.85 75.50 10.79
C GLU KA 259 -65.33 75.94 9.43
N ILE KA 260 -64.21 75.35 9.03
CA ILE KA 260 -63.54 75.72 7.79
C ILE KA 260 -63.61 74.52 6.85
N TYR KA 261 -64.18 74.74 5.67
CA TYR KA 261 -64.23 73.73 4.62
C TYR KA 261 -63.40 74.24 3.46
N ILE KA 262 -62.18 73.74 3.34
CA ILE KA 262 -61.34 74.08 2.20
C ILE KA 262 -61.99 73.56 0.93
N VAL KA 263 -62.16 74.44 -0.05
CA VAL KA 263 -62.85 74.04 -1.28
C VAL KA 263 -61.98 73.03 -2.02
N ARG KA 264 -62.54 71.85 -2.27
CA ARG KA 264 -61.79 70.79 -2.94
C ARG KA 264 -61.88 70.94 -4.45
N GLY KA 265 -63.10 70.92 -4.98
CA GLY KA 265 -63.30 71.05 -6.40
C GLY KA 265 -63.55 72.49 -6.83
N GLN KA 266 -64.54 72.69 -7.69
CA GLN KA 266 -64.83 74.02 -8.17
C GLN KA 266 -65.39 74.90 -7.05
N LYS KA 267 -65.32 76.22 -7.26
CA LYS KA 267 -65.72 77.16 -6.22
C LYS KA 267 -67.24 77.31 -6.15
N GLU KA 268 -67.87 77.78 -7.22
CA GLU KA 268 -69.30 78.06 -7.19
C GLU KA 268 -70.12 76.81 -6.87
N SER KA 269 -69.59 75.62 -7.15
CA SER KA 269 -70.29 74.40 -6.78
C SER KA 269 -70.55 74.36 -5.28
N VAL KA 270 -69.50 74.59 -4.48
CA VAL KA 270 -69.68 74.66 -3.03
C VAL KA 270 -70.35 75.94 -2.61
N LEU KA 271 -70.48 76.91 -3.52
CA LEU KA 271 -71.20 78.14 -3.23
C LEU KA 271 -72.68 78.02 -3.57
N GLN KA 272 -72.99 77.80 -4.84
CA GLN KA 272 -74.37 77.81 -5.30
C GLN KA 272 -75.19 76.74 -4.61
N PHE KA 273 -74.64 75.54 -4.48
CA PHE KA 273 -75.36 74.46 -3.83
C PHE KA 273 -75.64 74.78 -2.36
N LEU KA 274 -74.65 75.33 -1.67
CA LEU KA 274 -74.72 75.39 -0.22
C LEU KA 274 -75.82 76.34 0.26
N ARG KA 275 -76.06 77.43 -0.46
CA ARG KA 275 -77.15 78.32 -0.09
C ARG KA 275 -78.51 77.67 -0.31
N ASP KA 276 -78.65 76.83 -1.34
CA ASP KA 276 -79.94 76.24 -1.66
C ASP KA 276 -80.38 75.27 -0.58
N SER KA 277 -79.61 74.22 -0.35
CA SER KA 277 -79.98 73.23 0.65
C SER KA 277 -79.82 73.74 2.07
N PHE KA 278 -79.05 74.81 2.28
CA PHE KA 278 -78.84 75.35 3.62
C PHE KA 278 -78.88 76.88 3.58
N PRO KA 279 -80.07 77.46 3.46
CA PRO KA 279 -80.18 78.91 3.69
C PRO KA 279 -79.98 79.28 5.15
N GLU KA 280 -80.17 78.33 6.06
CA GLU KA 280 -79.91 78.57 7.48
C GLU KA 280 -78.43 78.39 7.76
N LEU KA 281 -77.58 79.00 6.95
CA LEU KA 281 -76.13 78.96 7.12
C LEU KA 281 -75.55 80.17 6.41
N ILE KA 282 -74.37 80.58 6.87
CA ILE KA 282 -73.62 81.65 6.23
C ILE KA 282 -72.20 81.16 5.98
N VAL KA 283 -71.69 81.46 4.79
CA VAL KA 283 -70.34 81.09 4.40
C VAL KA 283 -69.51 82.36 4.32
N THR KA 284 -68.52 82.47 5.20
CA THR KA 284 -67.62 83.61 5.19
C THR KA 284 -66.40 83.24 4.36
N ASP KA 285 -66.19 83.97 3.27
CA ASP KA 285 -65.18 83.61 2.28
C ASP KA 285 -63.89 84.36 2.58
N TYR KA 286 -62.81 83.61 2.71
CA TYR KA 286 -61.46 84.17 2.80
C TYR KA 286 -60.77 83.87 1.49
N ALA KA 287 -60.50 84.92 0.72
CA ALA KA 287 -59.98 84.77 -0.64
C ALA KA 287 -58.80 83.81 -0.65
N SER KA 288 -58.99 82.68 -1.33
CA SER KA 288 -58.08 81.54 -1.41
C SER KA 288 -57.92 80.82 -0.08
N GLY KA 289 -58.58 81.27 0.99
CA GLY KA 289 -58.53 80.56 2.25
C GLY KA 289 -59.59 79.51 2.43
N GLY KA 290 -60.52 79.39 1.48
CA GLY KA 290 -61.59 78.43 1.60
C GLY KA 290 -62.89 79.07 2.06
N LEU KA 291 -63.53 78.46 3.06
CA LEU KA 291 -64.80 78.92 3.56
C LEU KA 291 -64.80 78.80 5.08
N ALA KA 292 -65.82 79.37 5.70
CA ALA KA 292 -65.93 79.42 7.16
C ALA KA 292 -67.36 79.14 7.61
N ILE KA 293 -67.97 78.08 7.09
CA ILE KA 293 -69.37 77.78 7.32
C ILE KA 293 -69.72 77.94 8.80
N GLU KA 294 -70.74 78.75 9.09
CA GLU KA 294 -71.19 78.95 10.46
C GLU KA 294 -72.70 79.09 10.49
N GLY KA 295 -73.27 78.79 11.64
CA GLY KA 295 -74.70 78.88 11.82
C GLY KA 295 -75.17 77.96 12.94
N PRO KA 296 -76.31 77.32 12.73
CA PRO KA 296 -76.78 76.33 13.71
C PRO KA 296 -75.73 75.25 13.93
N ARG KA 297 -75.55 74.88 15.19
CA ARG KA 297 -74.47 73.98 15.59
C ARG KA 297 -74.69 72.56 15.12
N THR KA 298 -75.86 72.23 14.59
CA THR KA 298 -76.14 70.90 14.07
C THR KA 298 -76.29 70.87 12.55
N SER KA 299 -76.92 71.90 11.97
CA SER KA 299 -77.06 71.95 10.52
C SER KA 299 -75.70 71.99 9.83
N VAL KA 300 -74.69 72.52 10.52
CA VAL KA 300 -73.33 72.54 9.96
C VAL KA 300 -72.83 71.11 9.76
N ASN KA 301 -72.93 70.29 10.79
CA ASN KA 301 -72.41 68.93 10.70
C ASN KA 301 -73.08 68.16 9.57
N ARG KA 302 -74.38 68.36 9.41
CA ARG KA 302 -75.11 67.71 8.32
C ARG KA 302 -74.75 68.32 6.97
N ALA KA 303 -74.41 69.61 6.94
CA ALA KA 303 -74.00 70.23 5.69
C ALA KA 303 -72.63 69.72 5.26
N ILE KA 304 -71.71 69.53 6.21
CA ILE KA 304 -70.35 69.11 5.87
C ILE KA 304 -70.36 67.70 5.28
N ILE KA 305 -71.05 66.77 5.94
CA ILE KA 305 -71.09 65.39 5.46
C ILE KA 305 -71.68 65.34 4.07
N LEU KA 306 -72.77 66.06 3.84
CA LEU KA 306 -73.32 66.20 2.50
C LEU KA 306 -72.34 66.87 1.55
N LEU KA 307 -71.66 67.91 2.02
CA LEU KA 307 -70.80 68.70 1.14
C LEU KA 307 -69.63 67.89 0.60
N GLY KA 308 -69.17 66.89 1.34
CA GLY KA 308 -68.13 66.02 0.82
C GLY KA 308 -68.56 65.29 -0.43
N GLN KA 309 -69.80 64.81 -0.46
CA GLN KA 309 -70.29 64.07 -1.62
C GLN KA 309 -70.45 64.97 -2.83
N VAL KA 310 -71.12 66.12 -2.67
CA VAL KA 310 -71.46 66.93 -3.82
C VAL KA 310 -70.22 67.61 -4.40
N ASP KA 311 -69.20 67.80 -3.58
CA ASP KA 311 -67.98 68.49 -3.99
C ASP KA 311 -66.84 67.48 -4.08
N ARG KA 312 -66.38 67.20 -5.29
CA ARG KA 312 -65.27 66.29 -5.52
C ARG KA 312 -64.27 66.92 -6.48
N ALA KA 313 -63.00 66.58 -6.30
CA ALA KA 313 -61.93 67.07 -7.14
C ALA KA 313 -61.96 66.37 -8.50
N PRO KA 314 -61.54 67.05 -9.56
CA PRO KA 314 -61.50 66.40 -10.87
C PRO KA 314 -60.57 65.20 -10.84
N GLU KA 315 -60.95 64.17 -11.58
CA GLU KA 315 -60.19 62.92 -11.57
C GLU KA 315 -59.12 62.93 -12.66
N ILE KA 316 -58.13 62.08 -12.46
CA ILE KA 316 -56.92 62.03 -13.28
C ILE KA 316 -57.00 60.78 -14.16
N PRO KA 317 -57.12 60.93 -15.47
CA PRO KA 317 -57.26 59.74 -16.33
C PRO KA 317 -55.96 58.98 -16.53
N ILE KA 318 -55.66 58.06 -15.62
CA ILE KA 318 -54.50 57.19 -15.69
C ILE KA 318 -54.35 56.55 -17.06
N VAL KA 319 -53.20 56.72 -17.68
CA VAL KA 319 -52.92 56.21 -19.03
C VAL KA 319 -51.91 55.09 -18.92
N GLN KA 320 -51.92 54.19 -19.89
CA GLN KA 320 -51.09 53.00 -19.90
C GLN KA 320 -50.20 53.00 -21.12
N ARG KA 321 -48.91 52.71 -20.91
CA ARG KA 321 -47.99 52.51 -22.02
C ARG KA 321 -47.03 51.38 -21.66
N ILE KA 322 -46.53 50.73 -22.70
CA ILE KA 322 -45.66 49.57 -22.58
C ILE KA 322 -44.26 49.98 -22.99
N TYR KA 323 -43.29 49.76 -22.12
CA TYR KA 323 -41.92 50.13 -22.38
C TYR KA 323 -41.10 48.87 -22.59
N THR KA 324 -40.23 48.90 -23.60
CA THR KA 324 -39.37 47.76 -23.94
C THR KA 324 -37.96 48.10 -23.52
N VAL KA 325 -37.60 47.68 -22.31
CA VAL KA 325 -36.34 48.14 -21.72
C VAL KA 325 -35.15 47.63 -22.51
N ARG KA 326 -34.19 48.52 -22.74
CA ARG KA 326 -32.91 48.20 -23.37
C ARG KA 326 -31.84 48.31 -22.29
N GLY KA 327 -31.18 47.21 -22.01
CA GLY KA 327 -30.27 47.19 -20.89
C GLY KA 327 -30.85 46.30 -19.82
N GLN KA 328 -30.47 46.49 -18.57
CA GLN KA 328 -31.07 45.71 -17.51
C GLN KA 328 -32.50 46.20 -17.27
N ALA KA 329 -33.32 45.34 -16.69
CA ALA KA 329 -34.67 45.73 -16.32
C ALA KA 329 -34.84 45.83 -14.82
N ALA KA 330 -33.90 45.30 -14.04
CA ALA KA 330 -33.97 45.48 -12.60
C ALA KA 330 -33.51 46.87 -12.20
N ASP KA 331 -32.53 47.41 -12.92
CA ASP KA 331 -32.02 48.74 -12.57
C ASP KA 331 -32.97 49.83 -13.03
N ILE KA 332 -33.66 49.61 -14.14
CA ILE KA 332 -34.57 50.63 -14.65
C ILE KA 332 -35.92 50.52 -13.97
N THR KA 333 -36.18 49.42 -13.26
CA THR KA 333 -37.32 49.40 -12.36
C THR KA 333 -37.02 50.16 -11.09
N ALA KA 334 -35.83 49.97 -10.52
CA ALA KA 334 -35.47 50.69 -9.32
C ALA KA 334 -35.36 52.18 -9.58
N LEU KA 335 -34.86 52.57 -10.75
CA LEU KA 335 -34.82 53.98 -11.09
C LEU KA 335 -36.22 54.58 -11.09
N LEU KA 336 -37.15 53.95 -11.81
CA LEU KA 336 -38.50 54.48 -11.88
C LEU KA 336 -39.26 54.31 -10.58
N ALA KA 337 -38.67 53.67 -9.58
CA ALA KA 337 -39.29 53.59 -8.26
C ALA KA 337 -38.70 54.57 -7.27
N ALA KA 338 -37.60 55.26 -7.63
CA ALA KA 338 -37.09 56.37 -6.85
C ALA KA 338 -37.48 57.70 -7.47
N GLN KA 339 -37.08 57.94 -8.71
CA GLN KA 339 -37.71 58.98 -9.50
C GLN KA 339 -39.13 58.54 -9.83
N TYR KA 340 -40.04 59.50 -9.85
CA TYR KA 340 -41.44 59.23 -10.17
C TYR KA 340 -41.95 58.08 -9.31
N PRO KA 341 -42.10 58.28 -8.00
CA PRO KA 341 -42.40 57.17 -7.11
C PRO KA 341 -43.84 56.68 -7.16
N THR KA 342 -44.69 57.30 -7.96
CA THR KA 342 -46.05 56.82 -8.20
C THR KA 342 -46.26 56.68 -9.70
N LEU KA 343 -45.84 55.55 -10.25
CA LEU KA 343 -46.04 55.28 -11.67
C LEU KA 343 -46.60 53.89 -11.93
N ARG KA 344 -46.56 52.99 -10.96
CA ARG KA 344 -47.11 51.64 -11.12
C ARG KA 344 -46.44 50.93 -12.30
N VAL KA 345 -45.16 50.67 -12.12
CA VAL KA 345 -44.35 49.95 -13.08
C VAL KA 345 -44.50 48.46 -12.80
N THR KA 346 -45.03 47.72 -13.76
CA THR KA 346 -45.30 46.31 -13.63
C THR KA 346 -44.61 45.54 -14.73
N PRO KA 347 -43.79 44.54 -14.40
CA PRO KA 347 -43.04 43.81 -15.43
C PRO KA 347 -43.83 42.65 -16.00
N VAL KA 348 -43.62 42.41 -17.29
CA VAL KA 348 -44.19 41.22 -17.95
C VAL KA 348 -43.16 40.11 -17.79
N GLY KA 349 -43.16 39.49 -16.62
CA GLY KA 349 -42.21 38.45 -16.33
C GLY KA 349 -40.79 38.96 -16.46
N GLN KA 350 -39.91 38.08 -16.93
CA GLN KA 350 -38.56 38.46 -17.32
C GLN KA 350 -38.52 38.35 -18.85
N THR KA 351 -39.03 39.38 -19.51
CA THR KA 351 -39.05 39.43 -20.96
C THR KA 351 -38.58 40.78 -21.48
N GLY KA 352 -37.99 41.60 -20.62
CA GLY KA 352 -37.54 42.90 -21.05
C GLY KA 352 -38.64 43.85 -21.43
N GLN KA 353 -39.87 43.57 -21.02
CA GLN KA 353 -40.99 44.48 -21.24
C GLN KA 353 -41.46 44.96 -19.89
N LEU KA 354 -42.21 46.06 -19.89
CA LEU KA 354 -42.42 46.77 -18.66
C LEU KA 354 -43.68 47.59 -18.84
N VAL KA 355 -44.76 47.19 -18.20
CA VAL KA 355 -46.06 47.86 -18.34
C VAL KA 355 -46.16 48.87 -17.22
N LEU KA 356 -46.06 50.14 -17.58
CA LEU KA 356 -46.02 51.24 -16.63
C LEU KA 356 -47.21 52.15 -16.90
N ASN KA 357 -47.84 52.62 -15.82
CA ASN KA 357 -49.25 52.99 -15.87
C ASN KA 357 -49.49 54.16 -14.91
N GLY KA 358 -49.53 55.38 -15.45
CA GLY KA 358 -49.72 56.55 -14.61
C GLY KA 358 -50.25 57.71 -15.41
N ALA KA 359 -50.42 58.85 -14.73
CA ALA KA 359 -50.97 60.04 -15.38
C ALA KA 359 -50.09 60.44 -16.56
N GLN KA 360 -50.67 61.22 -17.48
CA GLN KA 360 -49.92 61.49 -18.70
C GLN KA 360 -48.78 62.48 -18.48
N ALA KA 361 -48.89 63.35 -17.48
CA ALA KA 361 -47.76 64.23 -17.17
C ALA KA 361 -46.56 63.41 -16.73
N GLN KA 362 -46.75 62.54 -15.75
CA GLN KA 362 -45.69 61.63 -15.34
C GLN KA 362 -45.21 60.80 -16.52
N LEU KA 363 -46.13 60.45 -17.41
CA LEU KA 363 -45.81 59.49 -18.44
C LEU KA 363 -44.87 60.10 -19.48
N ASP KA 364 -45.15 61.32 -19.91
CA ASP KA 364 -44.29 61.97 -20.88
C ASP KA 364 -43.05 62.57 -20.27
N THR KA 365 -42.92 62.55 -18.94
CA THR KA 365 -41.69 62.93 -18.30
C THR KA 365 -40.77 61.73 -18.13
N ALA KA 366 -41.31 60.62 -17.64
CA ALA KA 366 -40.50 59.42 -17.46
C ALA KA 366 -39.98 58.89 -18.79
N LEU KA 367 -40.77 59.03 -19.85
CA LEU KA 367 -40.30 58.53 -21.15
C LEU KA 367 -39.17 59.38 -21.70
N ALA KA 368 -39.11 60.66 -21.32
CA ALA KA 368 -38.01 61.49 -21.79
C ALA KA 368 -36.73 61.18 -21.01
N LEU KA 369 -36.86 60.94 -19.71
CA LEU KA 369 -35.69 60.52 -18.93
C LEU KA 369 -35.19 59.17 -19.41
N LEU KA 370 -36.07 58.19 -19.51
CA LEU KA 370 -35.65 56.86 -19.93
C LEU KA 370 -35.02 56.90 -21.31
N GLU KA 371 -35.38 57.87 -22.13
CA GLU KA 371 -34.72 57.98 -23.42
C GLU KA 371 -33.27 58.42 -23.26
N GLN KA 372 -32.91 58.98 -22.11
CA GLN KA 372 -31.56 59.51 -21.92
C GLN KA 372 -30.66 58.52 -21.21
N VAL KA 373 -31.13 57.92 -20.12
CA VAL KA 373 -30.28 57.14 -19.26
C VAL KA 373 -30.39 55.64 -19.54
N ASP KA 374 -30.87 55.26 -20.72
CA ASP KA 374 -31.13 53.85 -21.01
C ASP KA 374 -30.57 53.51 -22.38
N ARG KA 375 -29.46 52.79 -22.39
CA ARG KA 375 -28.83 52.35 -23.62
C ARG KA 375 -28.34 50.92 -23.43
N PRO KA 376 -28.14 50.18 -24.51
CA PRO KA 376 -27.74 48.78 -24.36
C PRO KA 376 -26.38 48.66 -23.70
N ALA KA 377 -26.17 47.54 -23.03
CA ALA KA 377 -24.95 47.31 -22.29
C ALA KA 377 -23.76 47.18 -23.25
N PRO KA 378 -22.54 47.42 -22.76
CA PRO KA 378 -21.37 47.19 -23.60
C PRO KA 378 -21.02 45.72 -23.69
N VAL KA 379 -20.21 45.39 -24.68
CA VAL KA 379 -19.84 44.01 -24.97
C VAL KA 379 -18.43 43.75 -24.45
N ALA KA 380 -18.22 42.54 -23.94
CA ALA KA 380 -16.87 42.11 -23.57
C ALA KA 380 -16.03 41.95 -24.82
N GLU KA 381 -14.72 42.12 -24.67
CA GLU KA 381 -13.87 42.18 -25.87
C GLU KA 381 -13.55 40.79 -26.39
N SER KA 382 -12.71 40.05 -25.68
CA SER KA 382 -12.50 38.61 -25.83
C SER KA 382 -11.36 38.21 -24.90
N ARG KA 383 -11.28 36.93 -24.55
CA ARG KA 383 -10.18 36.46 -23.72
C ARG KA 383 -9.13 35.71 -24.52
N THR KA 384 -9.18 35.81 -25.86
CA THR KA 384 -8.31 35.02 -26.71
C THR KA 384 -8.24 35.70 -28.07
N VAL KA 385 -7.03 35.84 -28.61
CA VAL KA 385 -6.82 36.43 -29.92
C VAL KA 385 -5.79 35.60 -30.66
N GLN KA 386 -5.77 35.73 -31.99
CA GLN KA 386 -4.83 35.02 -32.85
C GLN KA 386 -4.08 35.99 -33.72
N ARG KA 387 -2.80 35.70 -33.95
CA ARG KA 387 -2.01 36.40 -34.95
C ARG KA 387 -1.24 35.37 -35.77
N VAL KA 388 -1.09 35.65 -37.06
CA VAL KA 388 -0.38 34.77 -37.98
C VAL KA 388 0.81 35.53 -38.55
N PHE KA 389 1.99 34.95 -38.43
CA PHE KA 389 3.22 35.54 -38.92
C PHE KA 389 3.78 34.67 -40.02
N GLN KA 390 3.94 35.25 -41.20
CA GLN KA 390 4.56 34.57 -42.34
C GLN KA 390 6.05 34.87 -42.30
N LEU KA 391 6.84 33.92 -41.80
CA LEU KA 391 8.26 34.13 -41.67
C LEU KA 391 8.94 34.11 -43.04
N VAL KA 392 9.98 34.91 -43.17
CA VAL KA 392 10.70 35.08 -44.42
C VAL KA 392 12.10 34.49 -44.37
N ASN KA 393 12.83 34.72 -43.29
CA ASN KA 393 14.22 34.30 -43.18
C ASN KA 393 14.43 33.13 -42.26
N ALA KA 394 13.66 33.01 -41.18
CA ALA KA 394 13.82 31.95 -40.20
C ALA KA 394 12.92 30.78 -40.57
N SER KA 395 13.05 29.71 -39.79
CA SER KA 395 12.22 28.52 -39.92
C SER KA 395 11.16 28.52 -38.83
N ALA KA 396 9.90 28.38 -39.23
CA ALA KA 396 8.80 28.48 -38.28
C ALA KA 396 8.89 27.42 -37.19
N GLU KA 397 9.41 26.24 -37.53
CA GLU KA 397 9.49 25.17 -36.54
C GLU KA 397 10.65 25.41 -35.57
N GLU KA 398 11.74 26.00 -36.03
CA GLU KA 398 12.84 26.31 -35.14
C GLU KA 398 12.52 27.51 -34.26
N VAL KA 399 11.75 28.46 -34.79
CA VAL KA 399 11.31 29.60 -33.98
C VAL KA 399 10.40 29.12 -32.86
N LYS KA 400 9.48 28.21 -33.17
CA LYS KA 400 8.58 27.70 -32.14
C LYS KA 400 9.34 26.94 -31.06
N ALA KA 401 10.34 26.15 -31.46
CA ALA KA 401 11.14 25.44 -30.46
C ALA KA 401 11.99 26.40 -29.64
N THR KA 402 12.48 27.48 -30.24
CA THR KA 402 13.22 28.48 -29.49
C THR KA 402 12.35 29.15 -28.44
N LEU KA 403 11.12 29.51 -28.82
CA LEU KA 403 10.24 30.25 -27.91
C LEU KA 403 9.71 29.37 -26.78
N GLU KA 404 9.69 28.06 -26.96
CA GLU KA 404 9.20 27.15 -25.95
C GLU KA 404 10.30 26.54 -25.09
N GLY KA 405 11.55 26.89 -25.36
CA GLY KA 405 12.66 26.31 -24.60
C GLY KA 405 12.83 24.82 -24.79
N THR KA 406 12.62 24.34 -26.01
CA THR KA 406 12.80 22.92 -26.31
C THR KA 406 13.77 22.73 -27.47
N GLN KA 466 -1.23 30.79 -17.93
CA GLN KA 466 -0.51 29.84 -18.74
C GLN KA 466 0.54 30.51 -19.62
N GLN KA 467 0.71 29.95 -20.81
CA GLN KA 467 1.57 30.52 -21.83
C GLN KA 467 0.86 30.38 -23.17
N ALA KA 468 1.18 31.29 -24.10
CA ALA KA 468 0.51 31.30 -25.39
C ALA KA 468 0.77 30.01 -26.16
N THR KA 469 -0.23 29.60 -26.93
CA THR KA 469 -0.08 28.45 -27.81
C THR KA 469 0.61 28.86 -29.10
N LEU KA 470 1.58 28.06 -29.52
CA LEU KA 470 2.32 28.31 -30.75
C LEU KA 470 2.10 27.18 -31.72
N ILE KA 471 1.80 27.52 -32.98
CA ILE KA 471 1.56 26.56 -34.04
C ILE KA 471 2.49 26.90 -35.20
N ALA KA 472 3.28 25.92 -35.62
CA ALA KA 472 4.26 26.11 -36.69
C ALA KA 472 3.87 25.25 -37.87
N ASP KA 473 3.71 25.87 -39.03
CA ASP KA 473 3.43 25.16 -40.28
C ASP KA 473 4.71 25.11 -41.12
N LYS KA 474 5.15 23.91 -41.44
CA LYS KA 474 6.38 23.76 -42.23
C LYS KA 474 6.17 24.09 -43.69
N ARG KA 475 5.01 23.76 -44.25
CA ARG KA 475 4.77 23.96 -45.68
C ARG KA 475 4.80 25.42 -46.05
N THR KA 476 4.13 26.27 -45.27
CA THR KA 476 4.02 27.68 -45.60
C THR KA 476 4.95 28.56 -44.79
N ASN KA 477 5.69 27.99 -43.83
CA ASN KA 477 6.55 28.76 -42.94
C ASN KA 477 5.77 29.83 -42.19
N SER KA 478 4.65 29.40 -41.60
CA SER KA 478 3.76 30.29 -40.87
C SER KA 478 3.84 30.00 -39.39
N LEU KA 479 3.90 31.06 -38.60
CA LEU KA 479 3.83 30.96 -37.15
C LEU KA 479 2.49 31.51 -36.68
N ILE KA 480 1.79 30.75 -35.86
CA ILE KA 480 0.47 31.12 -35.36
C ILE KA 480 0.53 31.14 -33.83
N VAL KA 481 0.27 32.30 -33.25
CA VAL KA 481 0.25 32.47 -31.80
C VAL KA 481 -1.19 32.69 -31.36
N ARG KA 482 -1.58 32.01 -30.30
CA ARG KA 482 -2.97 32.01 -29.84
C ARG KA 482 -2.97 32.11 -28.33
N GLY KA 483 -3.46 33.22 -27.80
CA GLY KA 483 -3.53 33.40 -26.38
C GLY KA 483 -4.23 34.68 -26.01
N THR KA 484 -4.00 35.12 -24.77
CA THR KA 484 -4.55 36.39 -24.32
C THR KA 484 -3.89 37.53 -25.07
N PRO KA 485 -4.55 38.70 -25.16
CA PRO KA 485 -3.98 39.79 -25.94
C PRO KA 485 -2.61 40.24 -25.45
N GLU KA 486 -2.33 40.07 -24.16
CA GLU KA 486 -1.01 40.43 -23.64
C GLU KA 486 0.05 39.41 -24.05
N GLN KA 487 -0.29 38.12 -23.96
CA GLN KA 487 0.63 37.06 -24.37
C GLN KA 487 0.90 37.08 -25.86
N VAL KA 488 -0.01 37.60 -26.67
CA VAL KA 488 0.19 37.65 -28.11
C VAL KA 488 1.07 38.83 -28.49
N ALA KA 489 0.94 39.96 -27.79
CA ALA KA 489 1.76 41.12 -28.10
C ALA KA 489 3.22 40.88 -27.75
N GLN KA 490 3.51 39.95 -26.83
CA GLN KA 490 4.90 39.65 -26.50
C GLN KA 490 5.58 38.91 -27.65
N VAL KA 491 4.91 37.91 -28.21
CA VAL KA 491 5.47 37.19 -29.36
C VAL KA 491 5.54 38.12 -30.57
N ALA KA 492 4.56 39.02 -30.71
CA ALA KA 492 4.54 39.92 -31.85
C ALA KA 492 5.74 40.85 -31.85
N GLU KA 493 6.25 41.21 -30.67
CA GLU KA 493 7.45 42.05 -30.61
C GLU KA 493 8.73 41.25 -30.81
N LEU KA 494 8.70 39.94 -30.54
CA LEU KA 494 9.87 39.10 -30.74
C LEU KA 494 10.09 38.74 -32.20
N VAL KA 495 9.01 38.58 -32.97
CA VAL KA 495 9.12 38.05 -34.32
C VAL KA 495 10.02 38.89 -35.22
N PRO KA 496 9.92 40.22 -35.25
CA PRO KA 496 10.81 40.98 -36.15
C PRO KA 496 12.28 40.78 -35.86
N GLN KA 497 12.65 40.44 -34.62
CA GLN KA 497 14.05 40.27 -34.28
C GLN KA 497 14.55 38.87 -34.57
N LEU KA 498 13.69 37.86 -34.44
CA LEU KA 498 14.08 36.48 -34.70
C LEU KA 498 13.99 36.11 -36.17
N ASP KA 499 13.49 37.00 -37.01
CA ASP KA 499 13.29 36.73 -38.44
C ASP KA 499 14.11 37.68 -39.30
N GLN KA 500 15.21 38.19 -38.77
CA GLN KA 500 16.06 39.09 -39.52
C GLN KA 500 17.06 38.32 -40.36
N VAL KA 501 17.69 39.03 -41.29
CA VAL KA 501 18.72 38.42 -42.13
C VAL KA 501 20.01 38.29 -41.32
N VAL KA 502 20.61 37.11 -41.39
CA VAL KA 502 21.90 36.87 -40.73
C VAL KA 502 22.99 36.82 -41.79
N PRO KA 503 24.23 37.14 -41.46
CA PRO KA 503 25.28 37.20 -42.48
C PRO KA 503 25.60 35.84 -43.10
N GLN KA 504 26.02 35.89 -44.35
CA GLN KA 504 26.52 34.73 -45.07
C GLN KA 504 28.00 34.93 -45.35
N ILE KA 505 28.82 33.92 -45.08
CA ILE KA 505 30.26 34.05 -45.12
C ILE KA 505 30.87 32.93 -45.95
N ASN KA 506 32.10 33.17 -46.40
CA ASN KA 506 32.93 32.16 -47.03
C ASN KA 506 34.26 32.13 -46.31
N VAL KA 507 34.66 30.95 -45.84
CA VAL KA 507 35.88 30.79 -45.05
C VAL KA 507 36.84 29.93 -45.85
N GLN KA 508 38.09 30.40 -45.98
CA GLN KA 508 39.12 29.68 -46.69
C GLN KA 508 40.18 29.19 -45.72
N VAL KA 509 40.54 27.92 -45.82
CA VAL KA 509 41.58 27.31 -44.99
C VAL KA 509 42.66 26.77 -45.91
N ARG KA 510 43.91 27.09 -45.62
CA ARG KA 510 45.05 26.56 -46.35
C ARG KA 510 45.90 25.72 -45.42
N ILE KA 511 46.11 24.46 -45.78
CA ILE KA 511 47.01 23.57 -45.07
C ILE KA 511 48.21 23.32 -45.97
N GLN KA 512 49.39 23.65 -45.48
CA GLN KA 512 50.63 23.58 -46.23
C GLN KA 512 51.61 22.68 -45.50
N GLU KA 513 52.30 21.82 -46.24
CA GLU KA 513 53.25 20.91 -45.62
C GLU KA 513 54.45 20.71 -46.54
N VAL KA 514 55.65 20.89 -46.00
CA VAL KA 514 56.90 20.76 -46.75
C VAL KA 514 57.87 19.91 -45.94
N ASN KA 515 58.54 18.99 -46.61
CA ASN KA 515 59.52 18.12 -45.98
C ASN KA 515 60.79 18.11 -46.83
N GLU KA 516 61.94 17.98 -46.18
CA GLU KA 516 63.21 17.94 -46.89
C GLU KA 516 64.13 16.90 -46.26
N ARG KA 517 65.00 16.32 -47.08
CA ARG KA 517 65.95 15.30 -46.66
C ARG KA 517 67.33 15.61 -47.21
N ALA KA 518 68.33 14.98 -46.61
CA ALA KA 518 69.70 15.07 -47.10
C ALA KA 518 70.50 13.95 -46.46
N LEU KA 519 71.18 13.15 -47.27
CA LEU KA 519 71.99 12.04 -46.77
C LEU KA 519 73.40 12.16 -47.34
N GLN KA 520 74.36 11.62 -46.61
CA GLN KA 520 75.76 11.68 -47.03
C GLN KA 520 76.50 10.51 -46.40
N SER KA 521 76.94 9.56 -47.21
CA SER KA 521 77.75 8.44 -46.74
C SER KA 521 79.13 8.51 -47.36
N LEU KA 522 80.11 7.94 -46.65
CA LEU KA 522 81.49 7.91 -47.12
C LEU KA 522 82.26 6.88 -46.31
N GLY KA 523 82.90 5.93 -46.98
CA GLY KA 523 83.65 4.92 -46.26
C GLY KA 523 84.69 4.20 -47.08
N LEU KA 524 85.87 4.01 -46.51
CA LEU KA 524 86.94 3.24 -47.10
C LEU KA 524 87.07 1.90 -46.38
N ASN KA 525 87.44 0.87 -47.13
CA ASN KA 525 87.37 -0.50 -46.61
C ASN KA 525 88.47 -1.30 -47.31
N TRP KA 526 89.62 -1.44 -46.65
CA TRP KA 526 90.78 -2.04 -47.30
C TRP KA 526 91.28 -3.27 -46.55
N ARG KA 527 92.33 -3.88 -47.11
CA ARG KA 527 92.95 -5.07 -46.54
C ARG KA 527 94.37 -5.17 -47.07
N ALA KA 528 95.35 -5.13 -46.19
CA ALA KA 528 96.76 -5.14 -46.56
C ALA KA 528 97.42 -6.43 -46.10
N THR KA 529 98.31 -6.97 -46.92
CA THR KA 529 99.06 -8.18 -46.60
C THR KA 529 100.52 -7.98 -46.95
N PHE KA 530 101.36 -7.83 -45.93
CA PHE KA 530 102.81 -7.89 -46.08
C PHE KA 530 103.34 -9.02 -45.19
N GLY KA 531 104.66 -9.14 -45.14
CA GLY KA 531 105.27 -10.37 -44.65
C GLY KA 531 104.87 -10.81 -43.26
N GLY KA 532 104.06 -11.86 -43.18
CA GLY KA 532 103.55 -12.36 -41.92
C GLY KA 532 102.29 -11.68 -41.43
N PHE KA 533 102.10 -10.41 -41.77
CA PHE KA 533 101.00 -9.62 -41.26
C PHE KA 533 99.81 -9.62 -42.20
N ASN KA 534 98.62 -9.44 -41.64
CA ASN KA 534 97.37 -9.36 -42.39
C ASN KA 534 96.48 -8.36 -41.69
N VAL KA 535 96.38 -7.16 -42.24
CA VAL KA 535 95.63 -6.06 -41.65
C VAL KA 535 94.38 -5.83 -42.46
N ALA KA 536 93.24 -5.66 -41.78
CA ALA KA 536 91.97 -5.41 -42.42
C ALA KA 536 91.24 -4.31 -41.66
N VAL KA 537 90.90 -3.22 -42.34
CA VAL KA 537 90.20 -2.09 -41.74
C VAL KA 537 88.86 -1.93 -42.43
N SER KA 538 87.80 -1.78 -41.64
CA SER KA 538 86.45 -1.66 -42.18
C SER KA 538 85.66 -0.68 -41.32
N GLY KA 539 84.39 -0.51 -41.67
CA GLY KA 539 83.53 0.39 -40.92
C GLY KA 539 82.72 -0.32 -39.86
N GLY KA 540 82.20 -1.50 -40.19
CA GLY KA 540 81.45 -2.28 -39.22
C GLY KA 540 82.33 -2.72 -38.07
N THR KA 541 83.31 -3.57 -38.37
CA THR KA 541 84.39 -3.86 -37.45
C THR KA 541 85.55 -2.90 -37.72
N GLY KA 542 86.33 -2.62 -36.70
CA GLY KA 542 87.41 -1.67 -36.88
C GLY KA 542 88.68 -2.30 -37.40
N LEU KA 543 89.77 -2.12 -36.67
CA LEU KA 543 91.03 -2.76 -37.02
C LEU KA 543 91.00 -4.24 -36.67
N ALA KA 544 91.60 -5.06 -37.53
CA ALA KA 544 91.70 -6.50 -37.30
C ALA KA 544 92.99 -7.00 -37.93
N ALA KA 545 94.04 -7.09 -37.12
CA ALA KA 545 95.36 -7.51 -37.58
C ALA KA 545 95.70 -8.89 -37.03
N THR KA 546 96.41 -9.68 -37.82
CA THR KA 546 96.92 -10.98 -37.38
C THR KA 546 98.37 -11.13 -37.82
N PHE KA 547 99.06 -12.06 -37.17
CA PHE KA 547 100.42 -12.43 -37.54
C PHE KA 547 100.50 -13.94 -37.74
N ASN KA 548 101.26 -14.35 -38.75
CA ASN KA 548 101.48 -15.77 -39.03
C ASN KA 548 102.97 -16.06 -39.01
N PRO KA 549 103.49 -16.77 -38.01
CA PRO KA 549 104.93 -17.03 -37.95
C PRO KA 549 105.39 -18.17 -38.85
N THR KA 550 104.49 -18.85 -39.54
CA THR KA 550 104.84 -20.02 -40.34
C THR KA 550 105.01 -19.70 -41.82
N GLN KA 551 104.35 -18.66 -42.32
CA GLN KA 551 104.44 -18.25 -43.72
C GLN KA 551 104.96 -16.82 -43.79
N SER KA 552 105.03 -16.30 -45.02
CA SER KA 552 105.47 -14.93 -45.24
C SER KA 552 105.02 -14.50 -46.62
N PHE KA 553 104.26 -13.41 -46.69
CA PHE KA 553 103.76 -12.90 -47.95
C PHE KA 553 104.90 -12.30 -48.77
N LEU KA 554 104.64 -12.13 -50.06
CA LEU KA 554 105.56 -11.50 -50.98
C LEU KA 554 105.13 -10.06 -51.22
N GLY KA 555 106.00 -9.12 -50.88
CA GLY KA 555 105.72 -7.73 -51.16
C GLY KA 555 104.56 -7.18 -50.34
N PHE KA 556 104.04 -6.05 -50.83
CA PHE KA 556 102.96 -5.32 -50.19
C PHE KA 556 101.76 -5.28 -51.13
N ASN KA 557 100.57 -5.54 -50.58
CA ASN KA 557 99.32 -5.44 -51.31
C ASN KA 557 98.35 -4.63 -50.46
N ILE KA 558 97.46 -3.88 -51.10
CA ILE KA 558 96.68 -2.90 -50.34
C ILE KA 558 95.17 -3.11 -50.44
N PHE KA 559 94.69 -3.65 -51.55
CA PHE KA 559 93.29 -4.08 -51.75
C PHE KA 559 92.24 -3.12 -51.21
N PRO KA 560 92.22 -1.86 -51.64
CA PRO KA 560 91.27 -0.90 -51.08
C PRO KA 560 89.92 -0.95 -51.79
N THR KA 561 88.94 -0.27 -51.18
CA THR KA 561 87.58 -0.22 -51.69
C THR KA 561 86.89 1.03 -51.16
N LEU KA 562 86.29 1.81 -52.05
CA LEU KA 562 85.69 3.09 -51.70
C LEU KA 562 84.19 3.07 -51.99
N THR KA 563 83.46 3.85 -51.21
CA THR KA 563 82.00 3.95 -51.34
C THR KA 563 81.58 5.34 -50.90
N ALA KA 564 80.72 5.98 -51.68
CA ALA KA 564 80.25 7.32 -51.36
C ALA KA 564 78.86 7.50 -51.95
N LEU KA 565 77.98 8.15 -51.19
CA LEU KA 565 76.60 8.35 -51.60
C LEU KA 565 76.10 9.69 -51.12
N GLU KA 566 75.24 10.32 -51.93
CA GLU KA 566 74.58 11.56 -51.56
C GLU KA 566 73.13 11.49 -52.02
N THR KA 567 72.26 12.23 -51.34
CA THR KA 567 70.83 12.13 -51.60
C THR KA 567 70.15 13.42 -51.16
N GLN KA 568 69.08 13.80 -51.86
CA GLN KA 568 68.17 14.82 -51.40
C GLN KA 568 66.73 14.42 -51.72
N GLY KA 569 65.81 15.03 -50.99
CA GLY KA 569 64.40 14.86 -51.27
C GLY KA 569 63.66 16.12 -50.89
N LEU KA 570 62.44 16.26 -51.41
CA LEU KA 570 61.60 17.40 -51.08
C LEU KA 570 60.16 17.08 -51.43
N THR KA 571 59.30 17.04 -50.42
CA THR KA 571 57.88 16.81 -50.64
C THR KA 571 57.10 18.04 -50.22
N ARG KA 572 56.20 18.49 -51.09
CA ARG KA 572 55.22 19.52 -50.78
C ARG KA 572 53.82 18.96 -50.94
N ARG KA 573 52.88 19.48 -50.17
CA ARG KA 573 51.48 19.08 -50.29
C ARG KA 573 50.63 20.23 -49.76
N VAL KA 574 49.75 20.76 -50.61
CA VAL KA 574 49.00 21.98 -50.31
C VAL KA 574 47.52 21.74 -50.56
N TYR KA 575 46.68 22.31 -49.71
CA TYR KA 575 45.23 22.28 -49.86
C TYR KA 575 44.65 23.67 -49.60
N ASP KA 576 43.66 24.06 -50.39
CA ASP KA 576 42.93 25.33 -50.22
C ASP KA 576 41.43 25.07 -50.29
N GLY KA 577 40.76 25.11 -49.15
CA GLY KA 577 39.32 24.86 -49.16
C GLY KA 577 38.46 26.05 -48.79
N ASN KA 578 37.42 26.31 -49.60
CA ASN KA 578 36.35 27.24 -49.28
C ASN KA 578 35.10 26.47 -48.87
N VAL KA 579 34.34 27.05 -47.96
CA VAL KA 579 32.95 26.64 -47.72
C VAL KA 579 32.14 27.90 -47.47
N THR KA 580 30.93 27.95 -48.03
CA THR KA 580 29.98 29.02 -47.76
C THR KA 580 28.98 28.52 -46.72
N MET KA 581 28.65 29.38 -45.75
CA MET KA 581 27.81 28.97 -44.64
C MET KA 581 27.17 30.21 -44.03
N GLN KA 582 26.31 29.99 -43.04
CA GLN KA 582 25.54 31.03 -42.37
C GLN KA 582 26.02 31.19 -40.93
N SER KA 583 25.46 32.18 -40.24
CA SER KA 583 25.92 32.51 -38.89
C SER KA 583 25.53 31.45 -37.87
N GLY KA 584 24.25 31.21 -37.70
CA GLY KA 584 23.84 30.29 -36.66
C GLY KA 584 23.63 28.88 -37.19
N GLN KA 585 24.48 28.46 -38.11
CA GLN KA 585 24.23 27.21 -38.81
C GLN KA 585 24.40 26.01 -37.88
N ARG KA 586 23.47 25.07 -37.99
CA ARG KA 586 23.49 23.85 -37.20
C ARG KA 586 24.02 22.70 -38.02
N SER KA 587 24.32 21.60 -37.35
CA SER KA 587 24.78 20.40 -38.01
C SER KA 587 23.62 19.66 -38.66
N LEU KA 588 23.97 18.71 -39.52
CA LEU KA 588 23.01 17.85 -40.20
C LEU KA 588 23.20 16.43 -39.73
N SER KA 589 22.10 15.74 -39.41
CA SER KA 589 22.16 14.38 -38.90
C SER KA 589 21.57 13.42 -39.93
N ALA KA 590 22.40 13.00 -40.89
CA ALA KA 590 21.98 11.94 -41.79
C ALA KA 590 22.62 10.60 -41.44
N THR KA 591 23.93 10.52 -41.61
CA THR KA 591 24.81 9.48 -41.07
C THR KA 591 24.52 8.07 -41.59
N GLY KA 592 23.40 7.87 -42.27
CA GLY KA 592 23.02 6.57 -42.78
C GLY KA 592 23.13 5.39 -41.83
N GLY KA 593 23.23 5.66 -40.53
CA GLY KA 593 23.44 4.66 -39.53
C GLY KA 593 24.88 4.44 -39.15
N ALA KA 594 25.83 4.94 -39.94
CA ALA KA 594 27.25 4.83 -39.63
C ALA KA 594 27.72 6.04 -38.83
N GLN KA 595 28.81 5.85 -38.10
CA GLN KA 595 29.38 6.88 -37.25
C GLN KA 595 30.54 7.56 -37.96
N ASN KA 596 30.51 8.88 -38.00
CA ASN KA 596 31.51 9.68 -38.70
C ASN KA 596 31.94 10.81 -37.78
N ALA KA 597 33.23 11.17 -37.84
CA ALA KA 597 33.76 12.19 -36.96
C ALA KA 597 33.32 13.60 -37.33
N SER KA 598 32.69 13.77 -38.50
CA SER KA 598 32.24 15.08 -38.96
C SER KA 598 30.73 15.23 -38.90
N SER KA 599 30.05 14.41 -38.11
CA SER KA 599 28.60 14.48 -38.02
C SER KA 599 28.15 15.79 -37.38
N GLY KA 600 28.89 16.30 -36.41
CA GLY KA 600 28.47 17.48 -35.68
C GLY KA 600 28.94 18.79 -36.27
N ALA KA 601 29.54 18.73 -37.44
CA ALA KA 601 30.04 19.93 -38.10
C ALA KA 601 28.92 20.67 -38.81
N ALA KA 602 28.95 22.00 -38.71
CA ALA KA 602 27.97 22.81 -39.41
C ALA KA 602 28.20 22.76 -40.92
N ALA KA 603 29.46 22.72 -41.35
CA ALA KA 603 29.81 22.63 -42.75
C ALA KA 603 31.07 21.79 -42.90
N SER KA 604 31.27 21.22 -44.08
CA SER KA 604 32.38 20.30 -44.30
C SER KA 604 32.81 20.33 -45.76
N VAL KA 605 34.03 19.89 -46.00
CA VAL KA 605 34.50 19.57 -47.34
C VAL KA 605 35.55 18.47 -47.20
N LYS KA 606 35.49 17.47 -48.08
CA LYS KA 606 36.35 16.31 -48.02
C LYS KA 606 36.86 15.98 -49.42
N SER KA 607 38.07 15.42 -49.47
CA SER KA 607 38.59 14.88 -50.71
C SER KA 607 39.66 13.87 -50.38
N GLY KA 608 39.54 12.66 -50.91
CA GLY KA 608 40.41 11.58 -50.51
C GLY KA 608 39.75 10.23 -50.68
N GLY KA 609 39.63 9.48 -49.59
CA GLY KA 609 38.90 8.23 -49.59
C GLY KA 609 38.05 8.11 -48.34
N ARG KA 610 37.46 6.93 -48.17
CA ARG KA 610 36.61 6.67 -47.02
C ARG KA 610 36.52 5.18 -46.76
N LEU KA 611 36.85 4.76 -45.54
CA LEU KA 611 36.77 3.36 -45.14
C LEU KA 611 35.42 3.12 -44.49
N GLU KA 612 34.70 2.12 -44.99
CA GLU KA 612 33.43 1.68 -44.40
C GLU KA 612 33.66 0.40 -43.61
N ILE KA 613 33.28 0.41 -42.34
CA ILE KA 613 33.56 -0.69 -41.42
C ILE KA 613 32.26 -1.20 -40.85
N ASN KA 614 32.01 -2.50 -41.01
CA ASN KA 614 30.79 -3.16 -40.54
C ASN KA 614 31.19 -4.41 -39.77
N ILE KA 615 31.35 -4.28 -38.46
CA ILE KA 615 31.76 -5.38 -37.59
C ILE KA 615 30.58 -5.73 -36.68
N PRO KA 616 30.05 -6.94 -36.73
CA PRO KA 616 28.97 -7.31 -35.81
C PRO KA 616 29.50 -7.64 -34.43
N SER KA 617 28.80 -7.16 -33.41
CA SER KA 617 29.20 -7.39 -32.03
C SER KA 617 27.96 -7.53 -31.16
N ALA KA 618 28.12 -8.23 -30.03
CA ALA KA 618 27.02 -8.43 -29.10
C ALA KA 618 26.78 -7.25 -28.19
N ALA KA 619 27.72 -6.32 -28.11
CA ALA KA 619 27.57 -5.11 -27.32
C ALA KA 619 27.12 -3.92 -28.16
N GLY KA 620 26.79 -4.15 -29.43
CA GLY KA 620 26.48 -3.09 -30.37
C GLY KA 620 27.46 -3.20 -31.52
N ASN KA 621 26.91 -3.20 -32.73
CA ASN KA 621 27.74 -3.33 -33.92
C ASN KA 621 28.66 -2.14 -34.07
N ILE KA 622 29.88 -2.39 -34.56
CA ILE KA 622 30.80 -1.32 -34.92
C ILE KA 622 30.52 -0.98 -36.39
N VAL KA 623 29.83 0.13 -36.61
CA VAL KA 623 29.52 0.61 -37.96
C VAL KA 623 30.10 2.02 -38.05
N ARG KA 624 31.23 2.14 -38.72
CA ARG KA 624 32.02 3.37 -38.71
C ARG KA 624 32.34 3.81 -40.13
N GLN KA 625 32.73 5.07 -40.25
CA GLN KA 625 33.36 5.60 -41.46
C GLN KA 625 34.61 6.34 -41.06
N ILE KA 626 35.73 6.01 -41.68
CA ILE KA 626 36.99 6.72 -41.49
C ILE KA 626 37.35 7.39 -42.81
N ASP KA 627 37.51 8.70 -42.77
CA ASP KA 627 37.84 9.48 -43.96
C ASP KA 627 39.32 9.84 -43.93
N TYR KA 628 39.96 9.76 -45.09
CA TYR KA 628 41.35 10.20 -45.23
C TYR KA 628 41.45 11.11 -46.43
N GLY KA 629 42.64 11.67 -46.64
CA GLY KA 629 42.83 12.71 -47.64
C GLY KA 629 42.87 14.07 -47.00
N LEU KA 630 41.90 14.92 -47.30
CA LEU KA 630 41.71 16.20 -46.63
C LEU KA 630 40.34 16.20 -45.97
N ASN KA 631 40.29 16.60 -44.70
CA ASN KA 631 39.04 16.83 -44.00
C ASN KA 631 39.06 18.22 -43.40
N LEU KA 632 38.02 19.01 -43.68
CA LEU KA 632 37.86 20.34 -43.10
C LEU KA 632 36.49 20.44 -42.48
N ASP KA 633 36.43 20.68 -41.18
CA ASP KA 633 35.18 20.76 -40.44
C ASP KA 633 35.06 22.15 -39.80
N PHE KA 634 33.85 22.71 -39.84
CA PHE KA 634 33.57 24.01 -39.27
C PHE KA 634 32.45 23.86 -38.25
N PHE KA 635 32.65 24.44 -37.06
CA PHE KA 635 31.72 24.30 -35.95
C PHE KA 635 31.34 25.68 -35.44
N SER KA 636 30.04 25.94 -35.32
CA SER KA 636 29.48 27.10 -34.64
C SER KA 636 29.97 28.43 -35.18
N PRO KA 637 29.61 28.80 -36.40
CA PRO KA 637 30.19 29.99 -37.06
C PRO KA 637 29.43 31.29 -36.87
N GLN KA 638 29.46 31.88 -35.68
CA GLN KA 638 28.73 33.12 -35.45
C GLN KA 638 29.47 34.30 -36.06
N VAL KA 639 28.70 35.26 -36.59
CA VAL KA 639 29.22 36.47 -37.21
C VAL KA 639 28.52 37.68 -36.59
N ALA KA 640 29.28 38.70 -36.24
CA ALA KA 640 28.78 39.92 -35.62
C ALA KA 640 28.44 40.95 -36.69
N PRO KA 641 27.60 41.94 -36.34
CA PRO KA 641 27.29 43.00 -37.32
C PRO KA 641 28.51 43.78 -37.80
N ASP KA 642 29.57 43.88 -36.99
CA ASP KA 642 30.82 44.46 -37.48
C ASP KA 642 31.36 43.70 -38.68
N GLY KA 643 31.20 42.39 -38.69
CA GLY KA 643 31.92 41.52 -39.58
C GLY KA 643 32.97 40.67 -38.91
N THR KA 644 32.95 40.57 -37.58
CA THR KA 644 33.86 39.71 -36.85
C THR KA 644 33.36 38.27 -36.91
N ILE KA 645 34.23 37.36 -37.31
CA ILE KA 645 33.86 35.96 -37.49
C ILE KA 645 34.54 35.14 -36.41
N THR KA 646 33.74 34.41 -35.63
CA THR KA 646 34.23 33.45 -34.66
C THR KA 646 33.90 32.06 -35.15
N LEU KA 647 34.80 31.12 -34.92
CA LEU KA 647 34.71 29.85 -35.63
C LEU KA 647 35.61 28.82 -34.98
N ARG KA 648 35.16 27.57 -34.98
CA ARG KA 648 35.97 26.42 -34.64
C ARG KA 648 36.26 25.62 -35.90
N ILE KA 649 37.52 25.33 -36.14
CA ILE KA 649 37.97 24.66 -37.35
C ILE KA 649 38.83 23.47 -36.95
N ARG KA 650 38.62 22.31 -37.58
CA ARG KA 650 39.59 21.25 -37.35
C ARG KA 650 40.64 21.16 -38.45
N GLY KA 651 40.29 20.69 -39.63
CA GLY KA 651 41.34 20.55 -40.62
C GLY KA 651 42.22 19.34 -40.36
N GLN KA 652 42.46 18.50 -41.36
CA GLN KA 652 43.22 17.28 -41.16
C GLN KA 652 43.65 16.72 -42.50
N VAL KA 653 44.90 16.26 -42.58
CA VAL KA 653 45.42 15.57 -43.75
C VAL KA 653 45.97 14.23 -43.30
N ASN KA 654 45.51 13.15 -43.93
CA ASN KA 654 45.97 11.82 -43.55
C ASN KA 654 45.92 10.88 -44.74
N GLN KA 655 46.73 9.84 -44.67
CA GLN KA 655 46.81 8.79 -45.67
C GLN KA 655 46.98 7.47 -44.95
N PRO KA 656 46.47 6.37 -45.51
CA PRO KA 656 46.84 5.06 -44.98
C PRO KA 656 48.33 4.82 -45.16
N ALA KA 657 48.95 4.24 -44.13
CA ALA KA 657 50.39 4.01 -44.20
C ALA KA 657 50.73 2.95 -45.24
N THR KA 658 49.92 1.90 -45.34
CA THR KA 658 50.06 0.91 -46.39
C THR KA 658 48.70 0.69 -47.03
N ALA KA 659 48.71 0.29 -48.30
CA ALA KA 659 47.49 0.22 -49.08
C ALA KA 659 46.52 -0.83 -48.55
N ILE KA 660 45.24 -0.53 -48.70
CA ILE KA 660 44.17 -1.46 -48.35
C ILE KA 660 43.99 -2.44 -49.50
N THR KA 661 44.03 -3.74 -49.21
CA THR KA 661 44.15 -4.76 -50.26
C THR KA 661 43.09 -5.84 -50.20
N ALA KA 662 41.93 -5.57 -49.61
CA ALA KA 662 40.80 -6.50 -49.60
C ALA KA 662 41.10 -7.77 -48.80
N ASP KA 663 42.34 -7.92 -48.34
CA ASP KA 663 42.69 -8.89 -47.32
C ASP KA 663 42.91 -8.22 -45.98
N SER KA 664 42.73 -6.91 -45.91
CA SER KA 664 42.95 -6.16 -44.69
C SER KA 664 41.80 -6.40 -43.71
N LEU KA 665 42.12 -6.32 -42.44
CA LEU KA 665 41.11 -6.41 -41.40
C LEU KA 665 40.97 -5.07 -40.70
N PRO KA 666 39.78 -4.72 -40.26
CA PRO KA 666 39.57 -3.39 -39.69
C PRO KA 666 39.98 -3.27 -38.24
N ASN KA 667 40.78 -4.23 -37.75
CA ASN KA 667 41.12 -4.25 -36.34
C ASN KA 667 42.31 -3.37 -36.00
N LEU KA 668 43.13 -2.99 -36.98
CA LEU KA 668 44.27 -2.12 -36.73
C LEU KA 668 44.71 -1.52 -38.06
N ILE KA 669 44.71 -0.19 -38.14
CA ILE KA 669 45.05 0.53 -39.36
C ILE KA 669 45.98 1.68 -38.98
N ASP KA 670 46.94 2.02 -39.86
CA ASP KA 670 48.12 2.76 -39.42
C ASP KA 670 48.05 4.27 -39.69
N PHE KA 671 47.66 4.68 -40.90
CA PHE KA 671 47.21 6.06 -41.08
C PHE KA 671 48.18 7.19 -40.72
N THR KA 672 49.19 7.46 -41.54
CA THR KA 672 49.90 8.75 -41.50
C THR KA 672 48.92 9.92 -41.30
N ASN KA 673 49.24 10.83 -40.38
CA ASN KA 673 48.26 11.81 -39.92
C ASN KA 673 48.91 13.13 -39.51
N SER KA 674 48.24 14.23 -39.85
CA SER KA 674 48.54 15.57 -39.34
C SER KA 674 47.24 16.30 -39.07
N GLU KA 675 47.14 16.98 -37.94
CA GLU KA 675 45.86 17.51 -37.50
C GLU KA 675 46.07 18.72 -36.60
N ALA KA 676 45.02 19.53 -36.46
CA ALA KA 676 44.99 20.69 -35.58
C ALA KA 676 43.54 21.05 -35.34
N GLN KA 677 43.26 21.70 -34.21
CA GLN KA 677 41.92 22.22 -33.96
C GLN KA 677 42.00 23.29 -32.90
N SER KA 678 41.19 24.33 -33.06
CA SER KA 678 41.16 25.46 -32.15
C SER KA 678 40.02 26.37 -32.58
N THR KA 679 39.82 27.43 -31.81
CA THR KA 679 38.83 28.46 -32.11
C THR KA 679 39.58 29.77 -32.37
N ILE KA 680 39.18 30.46 -33.42
CA ILE KA 680 39.81 31.72 -33.81
C ILE KA 680 38.75 32.77 -34.04
N THR KA 681 39.16 34.02 -33.98
CA THR KA 681 38.29 35.15 -34.29
C THR KA 681 39.08 36.19 -35.06
N PHE KA 682 38.48 36.70 -36.12
CA PHE KA 682 39.11 37.69 -36.98
C PHE KA 682 38.01 38.51 -37.63
N LYS KA 683 38.39 39.67 -38.14
CA LYS KA 683 37.43 40.51 -38.83
C LYS KA 683 37.40 40.20 -40.31
N ASN KA 684 36.34 40.65 -40.97
CA ASN KA 684 36.09 40.43 -42.38
C ASN KA 684 37.30 40.85 -43.22
N GLY KA 685 37.96 39.88 -43.85
CA GLY KA 685 39.07 40.16 -44.74
C GLY KA 685 40.45 39.92 -44.17
N GLN KA 686 40.58 39.65 -42.87
CA GLN KA 686 41.90 39.47 -42.27
C GLN KA 686 42.37 38.02 -42.39
N THR KA 687 43.64 37.82 -42.09
CA THR KA 687 44.28 36.51 -42.20
C THR KA 687 45.00 36.19 -40.90
N ILE KA 688 44.80 34.98 -40.39
CA ILE KA 688 45.35 34.58 -39.10
C ILE KA 688 45.90 33.16 -39.23
N LEU KA 689 47.01 32.90 -38.54
CA LEU KA 689 47.60 31.57 -38.47
C LEU KA 689 47.02 30.82 -37.28
N MET KA 690 46.34 29.71 -37.53
CA MET KA 690 45.78 28.94 -36.43
C MET KA 690 46.82 28.03 -35.79
N SER KA 691 47.73 27.46 -36.58
CA SER KA 691 48.69 26.53 -36.03
C SER KA 691 49.90 26.45 -36.94
N GLY KA 692 51.04 26.16 -36.36
CA GLY KA 692 52.26 25.97 -37.11
C GLY KA 692 53.11 24.91 -36.44
N LEU KA 693 53.96 24.27 -37.22
CA LEU KA 693 54.82 23.23 -36.67
C LEU KA 693 56.10 23.15 -37.50
N LEU KA 694 57.24 23.35 -36.85
CA LEU KA 694 58.55 23.24 -37.49
C LEU KA 694 59.30 22.08 -36.85
N GLY KA 695 59.94 21.26 -37.68
CA GLY KA 695 60.66 20.09 -37.22
C GLY KA 695 62.09 20.06 -37.74
N SER KA 696 62.86 19.11 -37.20
CA SER KA 696 64.26 18.92 -37.56
C SER KA 696 64.76 17.63 -36.94
N THR KA 697 65.59 16.90 -37.68
CA THR KA 697 66.29 15.74 -37.14
C THR KA 697 67.73 15.74 -37.66
N GLU KA 698 68.52 14.79 -37.15
CA GLU KA 698 69.91 14.59 -37.53
C GLU KA 698 70.40 13.30 -36.88
N THR KA 699 71.23 12.53 -37.58
CA THR KA 699 71.65 11.22 -37.07
C THR KA 699 73.16 11.05 -36.95
N THR KA 700 73.95 11.45 -37.94
CA THR KA 700 75.40 11.66 -37.81
C THR KA 700 76.10 10.52 -37.05
N ASN KA 701 76.15 9.36 -37.68
CA ASN KA 701 76.94 8.25 -37.16
C ASN KA 701 78.37 8.26 -37.68
N ARG KA 702 79.22 7.44 -37.08
CA ARG KA 702 80.63 7.34 -37.44
C ARG KA 702 81.26 6.15 -36.75
N SER KA 703 82.14 5.44 -37.45
CA SER KA 703 82.71 4.20 -36.94
C SER KA 703 84.05 3.93 -37.61
N GLY KA 704 84.89 3.15 -36.92
CA GLY KA 704 86.16 2.73 -37.51
C GLY KA 704 87.28 2.44 -36.55
N VAL KA 705 88.49 2.83 -36.92
CA VAL KA 705 89.71 2.61 -36.14
C VAL KA 705 89.78 3.61 -35.00
N PRO KA 706 90.23 3.22 -33.81
CA PRO KA 706 90.31 4.19 -32.70
C PRO KA 706 91.30 5.31 -32.98
N PHE KA 707 90.81 6.54 -32.81
CA PHE KA 707 91.56 7.80 -32.89
C PHE KA 707 91.94 8.15 -34.32
N LEU KA 708 91.79 7.23 -35.26
CA LEU KA 708 92.12 7.53 -36.64
C LEU KA 708 90.88 7.85 -37.46
N SER KA 709 89.75 7.22 -37.15
CA SER KA 709 88.50 7.52 -37.82
C SER KA 709 87.91 8.84 -37.37
N SER KA 710 88.43 9.45 -36.31
CA SER KA 710 87.94 10.72 -35.81
C SER KA 710 88.75 11.91 -36.30
N LEU KA 711 89.82 11.68 -37.06
CA LEU KA 711 90.62 12.78 -37.56
C LEU KA 711 89.82 13.57 -38.60
N PRO KA 712 89.99 14.89 -38.65
CA PRO KA 712 89.21 15.69 -39.60
C PRO KA 712 89.67 15.48 -41.03
N GLY KA 713 88.72 15.23 -41.92
CA GLY KA 713 89.02 15.01 -43.32
C GLY KA 713 89.48 13.60 -43.64
N VAL KA 714 90.69 13.26 -43.20
CA VAL KA 714 91.27 11.95 -43.49
C VAL KA 714 90.65 10.85 -42.65
N GLY KA 715 89.71 11.17 -41.77
CA GLY KA 715 89.15 10.17 -40.89
C GLY KA 715 88.41 9.08 -41.62
N ALA KA 716 87.76 9.44 -42.73
CA ALA KA 716 86.98 8.45 -43.48
C ALA KA 716 87.84 7.41 -44.18
N ALA KA 717 89.16 7.59 -44.19
CA ALA KA 717 90.07 6.59 -44.73
C ALA KA 717 90.25 5.41 -43.79
N PHE KA 718 89.73 5.48 -42.56
CA PHE KA 718 89.87 4.44 -41.57
C PHE KA 718 88.52 4.04 -41.00
N GLY KA 719 87.53 3.86 -41.85
CA GLY KA 719 86.21 3.47 -41.38
C GLY KA 719 85.13 4.14 -42.20
N GLU KA 720 83.97 4.31 -41.58
CA GLU KA 720 82.78 4.84 -42.22
C GLU KA 720 82.44 6.22 -41.68
N LYS KA 721 81.36 6.78 -42.19
CA LYS KA 721 80.80 8.06 -41.76
C LYS KA 721 79.45 8.21 -42.44
N ARG KA 722 78.50 8.79 -41.71
CA ARG KA 722 77.14 8.91 -42.23
C ARG KA 722 76.49 10.09 -41.53
N THR KA 723 75.73 10.87 -42.29
CA THR KA 723 74.97 11.97 -41.70
C THR KA 723 73.69 12.17 -42.48
N GLU KA 724 72.62 12.44 -41.75
CA GLU KA 724 71.32 12.71 -42.33
C GLU KA 724 70.70 13.91 -41.63
N LYS KA 725 69.89 14.66 -42.37
CA LYS KA 725 69.22 15.83 -41.83
C LYS KA 725 67.83 15.93 -42.45
N THR KA 726 66.87 16.38 -41.66
CA THR KA 726 65.50 16.51 -42.12
C THR KA 726 64.93 17.83 -41.62
N GLN KA 727 64.05 18.42 -42.41
CA GLN KA 727 63.31 19.62 -42.05
C GLN KA 727 61.84 19.39 -42.38
N SER KA 728 60.96 20.05 -41.63
CA SER KA 728 59.55 19.99 -41.96
C SER KA 728 58.87 21.29 -41.54
N GLN KA 729 57.78 21.61 -42.21
CA GLN KA 729 56.98 22.77 -41.88
C GLN KA 729 55.51 22.45 -42.15
N LEU KA 730 54.65 22.83 -41.21
CA LEU KA 730 53.21 22.65 -41.36
C LEU KA 730 52.55 23.96 -40.95
N LEU KA 731 51.66 24.48 -41.80
CA LEU KA 731 51.01 25.75 -41.56
C LEU KA 731 49.51 25.62 -41.84
N VAL KA 732 48.69 26.15 -40.95
CA VAL KA 732 47.24 26.20 -41.13
C VAL KA 732 46.82 27.66 -41.04
N ILE KA 733 46.33 28.21 -42.15
CA ILE KA 733 46.03 29.63 -42.28
C ILE KA 733 44.56 29.80 -42.65
N ILE KA 734 43.89 30.73 -41.99
CA ILE KA 734 42.45 30.95 -42.16
C ILE KA 734 42.18 32.39 -42.56
N THR KA 735 41.29 32.58 -43.52
CA THR KA 735 40.72 33.88 -43.86
C THR KA 735 39.25 33.68 -44.20
N GLY KA 736 38.53 34.80 -44.28
CA GLY KA 736 37.12 34.73 -44.58
C GLY KA 736 36.57 36.10 -44.90
N THR KA 737 35.46 36.09 -45.65
CA THR KA 737 34.79 37.32 -46.04
C THR KA 737 33.28 37.13 -45.88
N VAL KA 738 32.58 38.25 -45.73
CA VAL KA 738 31.12 38.25 -45.70
C VAL KA 738 30.60 38.40 -47.12
N VAL KA 739 29.69 37.53 -47.52
CA VAL KA 739 29.14 37.50 -48.86
C VAL KA 739 27.83 38.27 -48.86
N LYS KA 740 27.83 39.42 -49.52
CA LYS KA 740 26.62 40.24 -49.60
C LYS KA 740 25.74 39.82 -50.77
N GLY LA 61 73.82 35.61 -35.54
CA GLY LA 61 73.22 36.54 -34.61
C GLY LA 61 71.72 36.36 -34.49
N VAL LA 62 71.10 35.91 -35.58
CA VAL LA 62 69.67 35.65 -35.63
C VAL LA 62 69.51 34.18 -35.98
N THR LA 63 69.12 33.38 -35.00
CA THR LA 63 69.01 31.94 -35.18
C THR LA 63 67.58 31.44 -35.22
N VAL LA 64 66.65 32.16 -34.63
CA VAL LA 64 65.28 31.71 -34.48
C VAL LA 64 64.45 32.22 -35.65
N THR LA 65 63.65 31.34 -36.22
CA THR LA 65 62.77 31.70 -37.32
C THR LA 65 61.65 32.60 -36.83
N PRO LA 66 61.45 33.77 -37.45
CA PRO LA 66 60.28 34.59 -37.10
C PRO LA 66 58.99 33.91 -37.50
N VAL LA 67 57.93 34.20 -36.76
CA VAL LA 67 56.62 33.62 -36.98
C VAL LA 67 55.64 34.75 -37.24
N LEU LA 68 54.90 34.68 -38.34
CA LEU LA 68 53.86 35.64 -38.65
C LEU LA 68 52.52 35.07 -38.26
N ILE LA 69 51.80 35.76 -37.38
CA ILE LA 69 50.56 35.25 -36.83
C ILE LA 69 49.33 35.91 -37.43
N LYS LA 70 49.35 37.21 -37.71
CA LYS LA 70 48.16 37.88 -38.19
C LYS LA 70 48.54 39.08 -39.06
N VAL LA 71 47.78 39.28 -40.14
CA VAL LA 71 47.83 40.52 -40.90
C VAL LA 71 46.41 41.05 -41.04
N SER LA 72 46.30 42.34 -41.26
CA SER LA 72 45.01 43.00 -41.38
C SER LA 72 44.51 42.87 -42.83
N GLU LA 73 43.43 43.57 -43.13
CA GLU LA 73 42.79 43.49 -44.44
C GLU LA 73 43.12 44.72 -45.27
N GLY LA 74 42.68 44.69 -46.53
CA GLY LA 74 42.73 45.86 -47.37
C GLY LA 74 44.01 46.03 -48.14
N ALA LA 75 44.91 46.87 -47.62
CA ALA LA 75 46.20 47.17 -48.23
C ALA LA 75 46.03 47.83 -49.60
N ALA LA 76 45.40 48.97 -49.58
CA ALA LA 76 45.40 49.86 -50.73
C ALA LA 76 46.42 50.98 -50.50
N PRO LA 77 47.01 51.54 -51.57
CA PRO LA 77 48.00 52.60 -51.38
C PRO LA 77 47.49 53.74 -50.51
N GLY LA 78 48.15 53.97 -49.38
CA GLY LA 78 47.71 54.92 -48.39
C GLY LA 78 47.06 54.30 -47.17
N ASP LA 79 46.75 53.00 -47.21
CA ASP LA 79 46.17 52.33 -46.06
C ASP LA 79 47.27 51.87 -45.11
N THR LA 80 46.83 51.45 -43.92
CA THR LA 80 47.73 51.00 -42.86
C THR LA 80 47.67 49.48 -42.78
N LEU LA 81 48.84 48.84 -42.86
CA LEU LA 81 48.96 47.40 -42.81
C LEU LA 81 49.64 47.01 -41.51
N THR LA 82 48.99 46.18 -40.71
CA THR LA 82 49.52 45.75 -39.42
C THR LA 82 49.86 44.27 -39.46
N ILE LA 83 51.05 43.93 -38.99
CA ILE LA 83 51.55 42.56 -38.95
C ILE LA 83 51.90 42.22 -37.51
N GLN LA 84 51.53 41.02 -37.07
CA GLN LA 84 51.81 40.58 -35.71
C GLN LA 84 52.53 39.25 -35.76
N GLY LA 85 53.55 39.10 -34.93
CA GLY LA 85 54.39 37.93 -34.94
C GLY LA 85 55.10 37.75 -33.63
N ARG LA 86 56.19 36.99 -33.66
CA ARG LA 86 56.93 36.74 -32.42
C ARG LA 86 58.36 37.26 -32.43
N TYR LA 87 59.22 36.79 -33.32
CA TYR LA 87 60.63 37.21 -33.31
C TYR LA 87 60.93 38.18 -34.45
N LEU LA 88 60.29 39.35 -34.42
CA LEU LA 88 60.32 40.22 -35.58
C LEU LA 88 61.45 41.25 -35.59
N GLY LA 89 62.20 41.36 -34.50
CA GLY LA 89 63.44 42.14 -34.52
C GLY LA 89 63.30 43.65 -34.52
N ASN LA 90 64.13 44.31 -35.33
CA ASN LA 90 64.18 45.77 -35.44
C ASN LA 90 63.89 46.20 -36.86
N ALA LA 91 63.47 47.46 -37.00
CA ALA LA 91 63.37 48.07 -38.33
C ALA LA 91 64.74 48.34 -38.93
N GLN LA 92 65.80 48.39 -38.12
CA GLN LA 92 67.16 48.55 -38.59
C GLN LA 92 67.84 47.24 -38.92
N THR LA 93 67.20 46.12 -38.61
CA THR LA 93 67.78 44.79 -38.84
C THR LA 93 66.98 43.97 -39.83
N ALA LA 94 65.70 44.28 -40.05
CA ALA LA 94 64.81 43.44 -40.83
C ALA LA 94 64.09 44.27 -41.88
N ARG LA 95 63.38 43.58 -42.76
CA ARG LA 95 62.59 44.22 -43.81
C ARG LA 95 61.40 43.33 -44.15
N VAL LA 96 60.34 43.97 -44.67
CA VAL LA 96 59.13 43.27 -45.07
C VAL LA 96 59.11 43.15 -46.59
N ILE LA 97 58.80 41.95 -47.09
CA ILE LA 97 58.77 41.66 -48.52
C ILE LA 97 57.37 41.23 -48.89
N ILE LA 98 56.82 41.81 -49.95
CA ILE LA 98 55.47 41.54 -50.40
C ILE LA 98 55.53 41.21 -51.88
N GLY LA 99 54.53 40.48 -52.34
CA GLY LA 99 54.51 40.05 -53.72
C GLY LA 99 55.29 38.81 -54.03
N ALA LA 100 55.71 38.06 -53.02
CA ALA LA 100 56.50 36.86 -53.22
C ALA LA 100 55.60 35.67 -53.47
N ASP LA 101 56.21 34.55 -53.82
CA ASP LA 101 55.46 33.32 -54.03
C ASP LA 101 55.51 32.49 -52.76
N GLU LA 102 55.02 31.25 -52.83
CA GLU LA 102 54.92 30.41 -51.64
C GLU LA 102 56.27 30.19 -50.95
N ASN LA 103 57.36 30.26 -51.70
CA ASN LA 103 58.68 29.94 -51.19
C ASN LA 103 59.48 31.18 -50.81
N GLY LA 104 58.89 32.37 -50.92
CA GLY LA 104 59.61 33.59 -50.61
C GLY LA 104 60.37 34.19 -51.77
N GLN LA 105 60.38 33.55 -52.92
CA GLN LA 105 61.11 34.05 -54.06
C GLN LA 105 60.35 35.17 -54.74
N GLY LA 106 61.07 36.02 -55.46
CA GLY LA 106 60.42 37.17 -56.04
C GLY LA 106 60.05 38.17 -54.96
N GLY LA 107 59.16 39.08 -55.31
CA GLY LA 107 58.64 40.02 -54.36
C GLY LA 107 59.51 41.25 -54.21
N THR LA 108 58.89 42.31 -53.71
CA THR LA 108 59.53 43.61 -53.54
C THR LA 108 59.46 44.02 -52.08
N ALA LA 109 60.55 44.60 -51.58
CA ALA LA 109 60.60 45.01 -50.19
C ALA LA 109 59.96 46.37 -49.97
N PHE LA 110 59.31 46.52 -48.83
CA PHE LA 110 58.77 47.81 -48.45
C PHE LA 110 59.91 48.80 -48.24
N PRO LA 111 59.72 50.07 -48.60
CA PRO LA 111 60.74 51.08 -48.28
C PRO LA 111 60.79 51.32 -46.78
N ALA LA 112 61.97 51.75 -46.31
CA ALA LA 112 62.14 52.05 -44.90
C ALA LA 112 61.27 53.21 -44.44
N SER LA 113 60.88 54.10 -45.36
CA SER LA 113 60.02 55.22 -45.03
C SER LA 113 58.57 54.80 -44.82
N ALA LA 114 58.22 53.57 -45.17
CA ALA LA 114 56.85 53.07 -45.00
C ALA LA 114 56.57 52.58 -43.59
N VAL LA 115 57.58 52.49 -42.75
CA VAL LA 115 57.44 51.90 -41.42
C VAL LA 115 57.00 52.98 -40.44
N GLN LA 116 55.88 52.75 -39.78
CA GLN LA 116 55.40 53.65 -38.73
C GLN LA 116 55.82 53.18 -37.35
N SER LA 117 55.73 51.87 -37.09
CA SER LA 117 56.16 51.28 -35.84
C SER LA 117 56.77 49.92 -36.14
N TRP LA 118 57.67 49.48 -35.27
CA TRP LA 118 58.27 48.16 -35.44
C TRP LA 118 58.73 47.67 -34.07
N SER LA 119 57.92 46.81 -33.46
CA SER LA 119 58.29 46.08 -32.27
C SER LA 119 58.68 44.66 -32.66
N ASP LA 120 59.05 43.86 -31.66
CA ASP LA 120 59.34 42.47 -31.95
C ASP LA 120 58.09 41.63 -32.14
N THR LA 121 56.90 42.18 -31.84
CA THR LA 121 55.65 41.47 -32.02
C THR LA 121 54.63 42.23 -32.87
N GLU LA 122 54.97 43.38 -33.43
CA GLU LA 122 54.03 44.12 -34.26
C GLU LA 122 54.77 45.06 -35.20
N ILE LA 123 54.37 45.07 -36.46
CA ILE LA 123 54.87 46.00 -37.46
C ILE LA 123 53.68 46.74 -38.05
N VAL LA 124 53.78 48.06 -38.13
CA VAL LA 124 52.75 48.90 -38.72
C VAL LA 124 53.37 49.62 -39.91
N LEU LA 125 52.68 49.58 -41.05
CA LEU LA 125 53.21 50.10 -42.29
C LEU LA 125 52.19 51.01 -42.96
N LYS LA 126 52.69 51.85 -43.87
CA LYS LA 126 51.86 52.60 -44.80
C LYS LA 126 52.14 52.08 -46.20
N VAL LA 127 51.10 51.64 -46.90
CA VAL LA 127 51.28 51.03 -48.21
C VAL LA 127 51.65 52.11 -49.21
N PRO LA 128 52.77 51.99 -49.91
CA PRO LA 128 53.17 53.01 -50.87
C PRO LA 128 52.39 52.86 -52.17
N GLU LA 129 52.77 53.67 -53.15
CA GLU LA 129 52.18 53.60 -54.47
C GLU LA 129 53.06 52.75 -55.38
N GLY LA 130 52.45 51.78 -56.06
CA GLY LA 130 53.19 50.97 -57.01
C GLY LA 130 53.31 49.51 -56.65
N MET LA 131 52.66 49.09 -55.57
CA MET LA 131 52.68 47.68 -55.23
C MET LA 131 51.80 46.88 -56.18
N PRO LA 132 52.11 45.60 -56.41
CA PRO LA 132 51.34 44.79 -57.36
C PRO LA 132 50.02 44.35 -56.75
N ALA LA 133 48.91 44.79 -57.35
CA ALA LA 133 47.60 44.42 -56.86
C ALA LA 133 47.33 42.95 -57.11
N GLY LA 134 46.46 42.37 -56.29
CA GLY LA 134 46.16 40.96 -56.35
C GLY LA 134 46.73 40.22 -55.16
N GLY LA 135 46.55 38.89 -55.18
CA GLY LA 135 47.01 38.07 -54.09
C GLY LA 135 48.49 37.74 -54.21
N SER LA 136 49.15 37.65 -53.06
CA SER LA 136 50.57 37.39 -53.00
C SER LA 136 50.92 36.99 -51.58
N TRP LA 137 52.20 36.72 -51.35
CA TRP LA 137 52.68 36.27 -50.05
C TRP LA 137 53.53 37.36 -49.40
N LEU LA 138 53.41 37.45 -48.08
CA LEU LA 138 54.15 38.42 -47.30
C LEU LA 138 55.08 37.70 -46.34
N PHE LA 139 56.34 38.15 -46.30
CA PHE LA 139 57.35 37.57 -45.43
C PHE LA 139 58.07 38.70 -44.71
N VAL LA 140 58.66 38.36 -43.57
CA VAL LA 140 59.54 39.26 -42.84
C VAL LA 140 60.90 38.58 -42.74
N GLU LA 141 61.95 39.27 -43.17
CA GLU LA 141 63.30 38.74 -43.13
C GLU LA 141 64.07 39.44 -42.02
N VAL LA 142 64.34 38.72 -40.94
CA VAL LA 142 65.01 39.28 -39.77
C VAL LA 142 66.44 38.78 -39.78
N GLY LA 143 67.39 39.70 -39.95
CA GLY LA 143 68.80 39.32 -39.97
C GLY LA 143 69.13 38.34 -41.06
N GLY LA 144 68.45 38.41 -42.19
CA GLY LA 144 68.67 37.49 -43.28
C GLY LA 144 67.89 36.19 -43.19
N LYS LA 145 67.17 35.95 -42.10
CA LYS LA 145 66.41 34.73 -41.92
C LYS LA 145 64.95 35.00 -42.23
N ARG LA 146 64.34 34.14 -43.05
CA ARG LA 146 62.98 34.31 -43.50
C ARG LA 146 61.99 33.72 -42.52
N SER LA 147 60.84 34.38 -42.40
CA SER LA 147 59.81 33.94 -41.48
C SER LA 147 58.90 32.92 -42.17
N THR LA 148 57.82 32.56 -41.49
CA THR LA 148 56.71 31.88 -42.12
C THR LA 148 55.83 32.92 -42.77
N GLY LA 149 55.24 32.59 -43.90
CA GLY LA 149 54.51 33.56 -44.68
C GLY LA 149 53.04 33.60 -44.36
N LEU LA 150 52.41 34.68 -44.81
CA LEU LA 150 50.96 34.83 -44.81
C LEU LA 150 50.54 35.40 -46.15
N ARG LA 151 49.35 35.00 -46.60
CA ARG LA 151 48.80 35.52 -47.85
C ARG LA 151 48.13 36.86 -47.60
N VAL LA 152 48.45 37.84 -48.45
CA VAL LA 152 47.92 39.18 -48.34
C VAL LA 152 47.29 39.55 -49.66
N SER LA 153 46.32 40.44 -49.62
CA SER LA 153 45.59 40.88 -50.81
C SER LA 153 45.83 42.36 -51.00
N VAL LA 154 46.65 42.71 -51.99
CA VAL LA 154 46.93 44.11 -52.30
C VAL LA 154 45.82 44.62 -53.20
N ARG LA 155 45.24 45.77 -52.84
CA ARG LA 155 44.13 46.32 -53.59
C ARG LA 155 44.63 47.13 -54.77
N GLY MA 28 103.89 -5.54 -55.71
CA GLY MA 28 103.84 -6.65 -56.66
C GLY MA 28 105.18 -7.32 -56.88
N ARG MA 29 105.21 -8.64 -56.71
CA ARG MA 29 106.43 -9.42 -56.86
C ARG MA 29 106.16 -10.64 -57.72
N VAL MA 30 107.19 -11.06 -58.46
CA VAL MA 30 107.12 -12.26 -59.28
C VAL MA 30 108.19 -13.23 -58.76
N ASN MA 31 107.78 -14.47 -58.52
CA ASN MA 31 108.71 -15.49 -58.00
C ASN MA 31 108.27 -16.84 -58.53
N VAL MA 32 108.95 -17.31 -59.58
CA VAL MA 32 108.64 -18.57 -60.23
C VAL MA 32 109.87 -19.45 -60.21
N GLY MA 33 109.69 -20.72 -59.90
CA GLY MA 33 110.78 -21.69 -59.87
C GLY MA 33 110.56 -22.78 -60.90
N VAL MA 34 111.65 -23.39 -61.35
CA VAL MA 34 111.62 -24.33 -62.46
C VAL MA 34 112.38 -25.60 -62.09
N ASP MA 35 111.80 -26.75 -62.44
CA ASP MA 35 112.46 -28.04 -62.31
C ASP MA 35 112.84 -28.52 -63.71
N VAL MA 36 114.15 -28.62 -63.97
CA VAL MA 36 114.62 -28.87 -65.32
C VAL MA 36 114.49 -30.34 -65.69
N GLY MA 37 115.17 -31.21 -64.95
CA GLY MA 37 115.13 -32.62 -65.27
C GLY MA 37 115.73 -32.92 -66.64
N ASP MA 38 117.05 -32.75 -66.74
CA ASP MA 38 117.76 -32.84 -68.01
C ASP MA 38 118.30 -34.24 -68.30
N ALA MA 39 117.63 -35.27 -67.81
CA ALA MA 39 118.00 -36.64 -68.13
C ALA MA 39 117.35 -37.07 -69.44
N GLY MA 40 117.93 -38.09 -70.06
CA GLY MA 40 117.43 -38.57 -71.34
C GLY MA 40 117.45 -37.52 -72.43
N SER MA 41 118.49 -36.69 -72.45
CA SER MA 41 118.55 -35.58 -73.37
C SER MA 41 119.68 -35.67 -74.38
N GLU MA 42 120.60 -36.62 -74.25
CA GLU MA 42 121.69 -36.79 -75.18
C GLU MA 42 121.51 -38.10 -75.94
N GLN MA 43 121.71 -38.04 -77.26
CA GLN MA 43 121.62 -39.22 -78.11
C GLN MA 43 122.86 -40.07 -77.95
N VAL MA 44 122.67 -41.38 -77.80
CA VAL MA 44 123.78 -42.30 -77.57
C VAL MA 44 124.26 -42.84 -78.91
N ALA MA 45 125.56 -42.68 -79.18
CA ALA MA 45 126.16 -43.19 -80.40
C ALA MA 45 127.52 -43.85 -80.20
N THR MA 46 128.14 -43.71 -79.03
CA THR MA 46 129.49 -44.23 -78.80
C THR MA 46 129.42 -45.74 -78.55
N LEU MA 47 129.17 -46.47 -79.63
CA LEU MA 47 129.14 -47.93 -79.62
C LEU MA 47 129.93 -48.42 -80.83
N THR MA 48 131.24 -48.58 -80.65
CA THR MA 48 132.06 -49.21 -81.69
C THR MA 48 131.66 -50.68 -81.89
N ILE MA 49 131.11 -51.30 -80.86
CA ILE MA 49 130.50 -52.62 -80.99
C ILE MA 49 129.13 -52.46 -81.63
N THR MA 50 128.32 -53.51 -81.61
CA THR MA 50 127.05 -53.45 -82.33
C THR MA 50 126.01 -54.31 -81.62
N PRO MA 51 124.75 -54.06 -81.96
CA PRO MA 51 123.64 -54.92 -81.59
C PRO MA 51 123.45 -56.07 -82.56
N GLU MA 52 124.38 -56.24 -83.51
CA GLU MA 52 124.37 -57.33 -84.47
C GLU MA 52 124.89 -58.59 -83.78
N LYS MA 53 125.23 -59.61 -84.58
CA LYS MA 53 125.62 -60.90 -84.04
C LYS MA 53 126.70 -60.78 -82.97
N CYS MA 54 127.90 -60.32 -83.35
CA CYS MA 54 128.95 -60.07 -82.36
C CYS MA 54 129.85 -58.95 -82.89
N ASP MA 55 129.52 -57.71 -82.51
CA ASP MA 55 130.35 -56.53 -82.73
C ASP MA 55 131.04 -56.52 -84.10
N ASP MA 56 130.30 -56.85 -85.16
CA ASP MA 56 130.92 -57.03 -86.47
C ASP MA 56 130.32 -56.16 -87.55
N LYS MA 57 129.01 -55.98 -87.58
CA LYS MA 57 128.33 -55.37 -88.73
C LYS MA 57 127.89 -53.93 -88.47
N GLY MA 58 127.09 -53.70 -87.43
CA GLY MA 58 126.45 -52.41 -87.22
C GLY MA 58 127.41 -51.47 -86.48
N VAL MA 59 128.45 -51.07 -87.19
CA VAL MA 59 129.46 -50.16 -86.64
C VAL MA 59 128.97 -48.72 -86.70
N PRO MA 74 112.95 -35.11 -74.65
CA PRO MA 74 113.50 -33.77 -74.45
C PRO MA 74 113.46 -33.35 -72.99
N VAL MA 75 114.19 -32.29 -72.65
CA VAL MA 75 114.18 -31.77 -71.29
C VAL MA 75 112.81 -31.14 -71.00
N THR MA 76 112.24 -31.50 -69.87
CA THR MA 76 110.89 -31.03 -69.48
C THR MA 76 111.02 -29.96 -68.39
N PHE MA 77 110.89 -28.70 -68.80
CA PHE MA 77 110.89 -27.59 -67.85
C PHE MA 77 109.54 -27.54 -67.14
N THR MA 78 109.56 -27.35 -65.82
CA THR MA 78 108.34 -27.32 -65.01
C THR MA 78 108.35 -26.07 -64.16
N PHE MA 79 107.53 -25.09 -64.56
CA PHE MA 79 107.45 -23.79 -63.88
C PHE MA 79 106.31 -23.79 -62.88
N THR MA 80 106.59 -23.40 -61.65
CA THR MA 80 105.57 -23.17 -60.63
C THR MA 80 105.83 -21.84 -59.95
N ALA MA 81 104.76 -21.16 -59.56
CA ALA MA 81 104.85 -19.87 -58.91
C ALA MA 81 104.90 -20.03 -57.40
N ARG MA 82 105.79 -19.28 -56.77
CA ARG MA 82 105.94 -19.34 -55.33
C ARG MA 82 104.74 -18.67 -54.66
N PRO MA 83 104.45 -19.02 -53.41
CA PRO MA 83 103.33 -18.38 -52.70
C PRO MA 83 103.52 -16.88 -52.60
N GLY MA 84 102.41 -16.15 -52.82
CA GLY MA 84 102.43 -14.71 -52.79
C GLY MA 84 102.84 -14.04 -54.08
N SER MA 85 103.09 -14.80 -55.13
CA SER MA 85 103.59 -14.27 -56.39
C SER MA 85 102.44 -13.89 -57.32
N GLU MA 86 102.76 -13.08 -58.32
CA GLU MA 86 101.80 -12.76 -59.37
C GLU MA 86 101.76 -13.87 -60.41
N ALA MA 87 100.81 -13.76 -61.33
CA ALA MA 87 100.85 -14.58 -62.53
C ALA MA 87 101.83 -13.98 -63.53
N VAL MA 88 102.35 -14.84 -64.42
CA VAL MA 88 103.34 -14.41 -65.39
C VAL MA 88 103.18 -15.27 -66.63
N THR MA 89 103.49 -14.68 -67.79
CA THR MA 89 103.48 -15.38 -69.07
C THR MA 89 104.86 -15.32 -69.68
N ILE MA 90 105.41 -16.48 -70.05
CA ILE MA 90 106.74 -16.55 -70.63
C ILE MA 90 106.64 -16.51 -72.14
N GLU MA 91 107.39 -15.60 -72.76
CA GLU MA 91 107.32 -15.36 -74.20
C GLU MA 91 108.42 -16.05 -74.97
N GLY MA 92 109.60 -16.22 -74.39
CA GLY MA 92 110.70 -16.87 -75.06
C GLY MA 92 111.92 -16.90 -74.18
N TYR MA 93 113.03 -17.37 -74.73
CA TYR MA 93 114.26 -17.50 -73.97
C TYR MA 93 115.45 -17.04 -74.81
N ARG MA 94 116.51 -16.65 -74.11
CA ARG MA 94 117.76 -16.25 -74.72
C ARG MA 94 118.87 -17.15 -74.21
N VAL MA 95 119.70 -17.66 -75.12
CA VAL MA 95 120.80 -18.55 -74.75
C VAL MA 95 122.03 -17.68 -74.52
N LEU MA 96 122.34 -17.44 -73.25
CA LEU MA 96 123.42 -16.53 -72.87
C LEU MA 96 124.79 -17.18 -72.87
N SER MA 97 124.87 -18.51 -72.95
CA SER MA 97 126.17 -19.19 -72.88
C SER MA 97 126.01 -20.59 -73.43
N ASP MA 98 126.70 -20.89 -74.52
CA ASP MA 98 126.73 -22.22 -75.12
C ASP MA 98 128.16 -22.73 -75.07
N ARG MA 99 128.34 -23.94 -74.54
CA ARG MA 99 129.67 -24.53 -74.37
C ARG MA 99 129.61 -26.02 -74.70
N LEU MA 100 130.07 -26.38 -75.89
CA LEU MA 100 130.20 -27.77 -76.29
C LEU MA 100 131.60 -28.24 -75.91
N ASP MA 101 131.68 -29.17 -74.97
CA ASP MA 101 132.93 -29.72 -74.44
C ASP MA 101 133.82 -28.66 -73.80
N GLY MA 102 133.31 -27.45 -73.59
CA GLY MA 102 134.05 -26.42 -72.89
C GLY MA 102 134.46 -25.21 -73.70
N VAL MA 103 133.94 -25.05 -74.92
CA VAL MA 103 134.30 -23.93 -75.79
C VAL MA 103 133.11 -22.99 -75.87
N GLU MA 104 133.32 -21.73 -75.50
CA GLU MA 104 132.26 -20.72 -75.46
C GLU MA 104 131.92 -20.31 -76.89
N ARG MA 105 131.04 -21.07 -77.52
CA ARG MA 105 130.57 -20.78 -78.87
C ARG MA 105 129.24 -20.02 -78.84
N ALA MA 106 129.27 -18.86 -78.16
CA ALA MA 106 128.04 -18.14 -77.85
C ALA MA 106 127.98 -16.74 -78.42
N ASP MA 107 129.09 -15.98 -78.40
CA ASP MA 107 129.10 -14.57 -78.79
C ASP MA 107 128.05 -13.81 -78.00
N PRO MA 108 128.27 -13.56 -76.71
CA PRO MA 108 127.22 -12.95 -75.87
C PRO MA 108 126.80 -11.55 -76.32
N LYS MA 109 127.45 -10.97 -77.33
CA LYS MA 109 126.97 -9.71 -77.88
C LYS MA 109 125.64 -9.88 -78.59
N ASN MA 110 125.43 -11.03 -79.24
CA ASN MA 110 124.24 -11.31 -80.03
C ASN MA 110 123.69 -12.68 -79.65
N PRO MA 111 122.94 -12.78 -78.55
CA PRO MA 111 122.40 -14.07 -78.14
C PRO MA 111 121.41 -14.62 -79.16
N VAL MA 112 120.99 -15.86 -78.91
CA VAL MA 112 120.04 -16.56 -79.78
C VAL MA 112 118.68 -16.46 -79.11
N GLU MA 113 117.88 -15.49 -79.54
CA GLU MA 113 116.56 -15.27 -78.97
C GLU MA 113 115.54 -16.23 -79.59
N ASN MA 114 114.53 -16.58 -78.78
CA ASN MA 114 113.37 -17.30 -79.26
C ASN MA 114 112.13 -16.53 -78.83
N ALA MA 115 111.10 -16.54 -79.67
CA ALA MA 115 109.85 -15.83 -79.42
C ALA MA 115 108.67 -16.72 -79.75
N LYS MA 116 108.69 -17.95 -79.24
CA LYS MA 116 107.78 -18.99 -79.69
C LYS MA 116 106.99 -19.58 -78.53
N MET MA 117 106.79 -18.77 -77.48
CA MET MA 117 106.19 -19.27 -76.24
C MET MA 117 105.03 -18.38 -75.83
N ASN MA 118 103.90 -19.02 -75.53
CA ASN MA 118 102.79 -18.39 -74.81
C ASN MA 118 102.46 -19.34 -73.66
N LEU MA 119 103.19 -19.23 -72.56
CA LEU MA 119 103.08 -20.14 -71.44
C LEU MA 119 102.64 -19.37 -70.21
N TYR MA 120 101.50 -19.76 -69.65
CA TYR MA 120 100.89 -19.06 -68.53
C TYR MA 120 101.21 -19.78 -67.23
N VAL MA 121 101.80 -19.05 -66.29
CA VAL MA 121 102.11 -19.56 -64.95
C VAL MA 121 101.08 -18.96 -63.98
N PRO MA 122 100.17 -19.75 -63.42
CA PRO MA 122 99.17 -19.20 -62.50
C PRO MA 122 99.78 -18.50 -61.30
N SER MA 123 98.93 -17.77 -60.59
CA SER MA 123 99.40 -16.74 -59.66
C SER MA 123 100.20 -17.33 -58.51
N GLY MA 124 99.74 -18.41 -57.91
CA GLY MA 124 100.38 -18.91 -56.72
C GLY MA 124 99.55 -18.63 -55.49
N TYR MA 125 98.23 -18.70 -55.66
CA TYR MA 125 97.27 -18.59 -54.58
C TYR MA 125 96.36 -19.81 -54.65
N ALA MA 126 95.38 -19.85 -53.75
CA ALA MA 126 94.40 -20.92 -53.74
C ALA MA 126 93.07 -20.38 -53.28
N CYS MA 127 91.99 -20.83 -53.91
CA CYS MA 127 90.65 -20.35 -53.61
C CYS MA 127 89.65 -21.45 -53.96
N GLU MA 128 88.38 -21.08 -54.02
CA GLU MA 128 87.32 -22.05 -54.27
C GLU MA 128 86.92 -22.12 -55.74
N GLY MA 129 86.89 -20.98 -56.43
CA GLY MA 129 86.44 -20.91 -57.81
C GLY MA 129 87.54 -21.07 -58.84
N LEU MA 130 88.75 -21.44 -58.43
CA LEU MA 130 89.85 -21.54 -59.36
C LEU MA 130 89.64 -22.69 -60.34
N THR MA 131 89.78 -22.40 -61.63
CA THR MA 131 89.69 -23.42 -62.66
C THR MA 131 91.05 -24.09 -62.83
N ALA MA 132 91.23 -24.84 -63.92
CA ALA MA 132 92.46 -25.59 -64.12
C ALA MA 132 93.64 -24.66 -64.35
N GLY MA 133 93.59 -23.85 -65.40
CA GLY MA 133 94.74 -23.04 -65.77
C GLY MA 133 94.53 -21.55 -65.60
N ALA MA 134 93.89 -21.13 -64.53
CA ALA MA 134 93.60 -19.73 -64.28
C ALA MA 134 94.30 -19.26 -63.00
N SER MA 135 94.07 -18.00 -62.67
CA SER MA 135 94.58 -17.41 -61.44
C SER MA 135 93.42 -16.85 -60.63
N CYS MA 136 93.59 -16.85 -59.31
CA CYS MA 136 92.60 -16.24 -58.43
C CYS MA 136 92.53 -14.74 -58.67
N GLN MA 137 91.34 -14.18 -58.48
CA GLN MA 137 91.18 -12.74 -58.58
C GLN MA 137 91.99 -12.01 -57.51
N GLY MA 138 91.97 -12.53 -56.29
CA GLY MA 138 92.71 -11.95 -55.19
C GLY MA 138 91.88 -11.42 -54.04
N ASN MA 139 90.56 -11.52 -54.12
CA ASN MA 139 89.68 -10.99 -53.08
C ASN MA 139 88.56 -11.98 -52.77
N GLU MA 140 88.92 -13.24 -52.62
CA GLU MA 140 87.93 -14.31 -52.44
C GLU MA 140 87.49 -14.49 -50.99
N SER MA 141 88.18 -13.85 -50.03
CA SER MA 141 87.90 -13.99 -48.60
C SER MA 141 88.22 -15.40 -48.12
N ASP MA 142 88.56 -16.27 -49.06
CA ASP MA 142 89.01 -17.62 -48.79
C ASP MA 142 90.43 -17.84 -49.25
N ILE MA 143 91.02 -16.85 -49.92
CA ILE MA 143 92.25 -17.04 -50.67
C ILE MA 143 93.43 -17.23 -49.72
N ARG MA 144 94.28 -18.20 -50.06
CA ARG MA 144 95.53 -18.45 -49.37
C ARG MA 144 96.68 -18.16 -50.32
N ILE MA 145 97.91 -18.24 -49.80
CA ILE MA 145 99.11 -18.25 -50.61
C ILE MA 145 99.60 -19.69 -50.67
N ALA MA 146 99.74 -20.20 -51.89
CA ALA MA 146 100.14 -21.59 -52.09
C ALA MA 146 101.09 -21.64 -53.28
N ASN MA 147 101.48 -22.85 -53.67
CA ASN MA 147 102.27 -23.02 -54.88
C ASN MA 147 101.35 -23.13 -56.08
N GLY MA 148 101.71 -22.44 -57.16
CA GLY MA 148 100.87 -22.42 -58.33
C GLY MA 148 100.84 -23.76 -59.04
N GLN MA 149 99.88 -23.89 -59.96
CA GLN MA 149 99.79 -25.10 -60.75
C GLN MA 149 101.01 -25.24 -61.63
N PRO MA 150 101.56 -26.45 -61.77
CA PRO MA 150 102.75 -26.63 -62.61
C PRO MA 150 102.39 -26.63 -64.09
N VAL MA 151 103.15 -25.88 -64.87
CA VAL MA 151 103.02 -25.83 -66.32
C VAL MA 151 104.36 -26.19 -66.93
N GLN MA 152 104.34 -26.99 -67.98
CA GLN MA 152 105.55 -27.57 -68.55
C GLN MA 152 105.80 -27.08 -69.98
N HIS MA 153 107.07 -27.14 -70.37
CA HIS MA 153 107.50 -26.87 -71.73
C HIS MA 153 108.69 -27.76 -72.04
N GLN MA 154 108.86 -28.07 -73.32
CA GLN MA 154 109.92 -28.98 -73.76
C GLN MA 154 110.80 -28.30 -74.78
N ILE MA 155 112.12 -28.41 -74.58
CA ILE MA 155 113.11 -27.94 -75.53
C ILE MA 155 114.05 -29.11 -75.78
N TYR MA 156 113.97 -29.71 -76.96
CA TYR MA 156 114.83 -30.84 -77.31
C TYR MA 156 116.16 -30.31 -77.81
N PHE MA 157 117.23 -30.59 -77.06
CA PHE MA 157 118.55 -30.09 -77.40
C PHE MA 157 119.33 -31.11 -78.24
N ARG MA 174 127.61 -30.70 -73.92
CA ARG MA 174 127.05 -29.36 -74.11
C ARG MA 174 126.26 -28.90 -72.90
N VAL MA 175 126.58 -27.70 -72.41
CA VAL MA 175 125.82 -27.07 -71.33
C VAL MA 175 125.44 -25.66 -71.78
N VAL MA 176 124.14 -25.36 -71.76
CA VAL MA 176 123.63 -24.07 -72.18
C VAL MA 176 123.00 -23.37 -71.00
N ASP MA 177 123.01 -22.04 -71.03
CA ASP MA 177 122.49 -21.22 -69.94
C ASP MA 177 121.34 -20.38 -70.49
N LEU MA 178 120.12 -20.85 -70.30
CA LEU MA 178 118.94 -20.18 -70.80
C LEU MA 178 118.60 -18.96 -69.94
N GLU MA 179 117.67 -18.15 -70.45
CA GLU MA 179 117.11 -17.05 -69.67
C GLU MA 179 115.72 -16.77 -70.24
N PHE MA 180 114.70 -17.28 -69.57
CA PHE MA 180 113.33 -17.03 -70.01
C PHE MA 180 112.93 -15.59 -69.74
N TYR MA 181 112.05 -15.06 -70.58
CA TYR MA 181 111.53 -13.71 -70.39
C TYR MA 181 110.03 -13.71 -70.65
N GLY MA 182 109.41 -12.59 -70.27
CA GLY MA 182 107.96 -12.47 -70.38
C GLY MA 182 107.47 -11.24 -69.66
N PHE MA 183 106.22 -11.31 -69.20
CA PHE MA 183 105.59 -10.19 -68.50
C PHE MA 183 104.63 -10.74 -67.46
N SER MA 184 104.45 -9.99 -66.38
CA SER MA 184 103.60 -10.44 -65.28
C SER MA 184 102.15 -10.07 -65.57
N ALA MA 185 101.29 -10.24 -64.56
CA ALA MA 185 99.89 -9.86 -64.72
C ALA MA 185 99.69 -8.36 -64.71
N ASN MA 186 100.67 -7.60 -64.24
CA ASN MA 186 100.67 -6.15 -64.32
C ASN MA 186 101.45 -5.65 -65.52
N ASN MA 187 101.84 -6.55 -66.43
CA ASN MA 187 102.52 -6.20 -67.67
C ASN MA 187 103.86 -5.53 -67.41
N VAL MA 188 104.70 -6.18 -66.61
CA VAL MA 188 106.06 -5.69 -66.39
C VAL MA 188 107.05 -6.77 -66.78
N PRO MA 189 108.21 -6.41 -67.34
CA PRO MA 189 109.12 -7.42 -67.88
C PRO MA 189 109.65 -8.35 -66.80
N PHE MA 190 109.95 -9.58 -67.22
CA PHE MA 190 110.36 -10.64 -66.31
C PHE MA 190 111.51 -11.43 -66.92
N THR MA 191 112.46 -11.84 -66.09
CA THR MA 191 113.59 -12.67 -66.52
C THR MA 191 113.88 -13.72 -65.47
N ARG MA 192 114.26 -14.93 -65.92
CA ARG MA 192 114.47 -16.05 -65.02
C ARG MA 192 115.56 -16.94 -65.61
N LYS MA 193 116.73 -16.96 -64.98
CA LYS MA 193 117.87 -17.71 -65.50
C LYS MA 193 117.80 -19.17 -65.04
N VAL MA 194 118.04 -20.08 -65.98
CA VAL MA 194 117.94 -21.52 -65.73
C VAL MA 194 119.29 -22.15 -66.06
N THR MA 195 120.37 -21.43 -65.76
CA THR MA 195 121.74 -21.86 -66.04
C THR MA 195 122.01 -23.30 -65.63
N GLY MA 196 122.87 -23.97 -66.42
CA GLY MA 196 123.46 -25.24 -66.03
C GLY MA 196 122.91 -26.47 -66.74
N ILE MA 197 121.89 -26.33 -67.59
CA ILE MA 197 121.28 -27.53 -68.19
C ILE MA 197 122.27 -28.21 -69.13
N VAL MA 198 122.28 -29.54 -69.09
CA VAL MA 198 123.31 -30.36 -69.73
C VAL MA 198 122.70 -31.04 -70.95
N SER MA 199 123.34 -30.84 -72.10
CA SER MA 199 122.97 -31.50 -73.36
C SER MA 199 121.49 -31.35 -73.71
N THR NA 34 -136.44 76.21 29.72
CA THR NA 34 -136.60 74.86 30.25
C THR NA 34 -137.86 74.76 31.11
N VAL NA 35 -138.38 73.55 31.24
CA VAL NA 35 -139.58 73.30 32.04
C VAL NA 35 -139.43 71.94 32.73
N TYR NA 36 -139.95 71.86 33.95
CA TYR NA 36 -139.97 70.63 34.72
C TYR NA 36 -141.42 70.16 34.82
N ARG NA 37 -141.69 68.96 34.32
CA ARG NA 37 -143.02 68.38 34.43
C ARG NA 37 -142.89 66.89 34.68
N ASP NA 38 -143.72 66.38 35.59
CA ASP NA 38 -143.73 64.96 35.96
C ASP NA 38 -145.13 64.41 35.71
N PRO NA 39 -145.39 63.87 34.53
CA PRO NA 39 -146.75 63.44 34.19
C PRO NA 39 -147.17 62.16 34.91
N SER NA 40 -146.91 62.11 36.22
CA SER NA 40 -147.39 61.04 37.08
C SER NA 40 -147.79 61.57 38.45
N LEU NA 41 -148.01 62.88 38.57
CA LEU NA 41 -148.39 63.51 39.82
C LEU NA 41 -149.61 64.38 39.60
N THR NA 42 -150.27 64.75 40.70
CA THR NA 42 -151.45 65.59 40.63
C THR NA 42 -151.09 66.95 40.03
N SER NA 43 -152.00 67.50 39.23
CA SER NA 43 -151.83 68.80 38.62
C SER NA 43 -152.61 69.89 39.35
N ALA NA 44 -153.12 69.60 40.53
CA ALA NA 44 -153.92 70.59 41.26
C ALA NA 44 -153.04 71.76 41.69
N PRO NA 45 -153.56 72.98 41.67
CA PRO NA 45 -152.75 74.13 42.06
C PRO NA 45 -152.43 74.14 43.54
N ILE NA 46 -151.30 74.76 43.88
CA ILE NA 46 -150.87 74.92 45.26
C ILE NA 46 -150.62 76.41 45.52
N THR NA 47 -150.37 76.74 46.78
CA THR NA 47 -150.08 78.11 47.16
C THR NA 47 -149.32 78.06 48.49
N ALA NA 48 -148.06 78.47 48.47
CA ALA NA 48 -147.20 78.34 49.64
C ALA NA 48 -146.24 79.51 49.72
N ASN NA 49 -145.49 79.54 50.83
CA ASN NA 49 -144.55 80.62 51.11
C ASN NA 49 -143.70 80.18 52.29
N VAL NA 50 -142.43 80.60 52.28
CA VAL NA 50 -141.52 80.28 53.38
C VAL NA 50 -140.34 81.23 53.34
N GLY NA 51 -139.93 81.69 54.51
CA GLY NA 51 -138.65 82.37 54.67
C GLY NA 51 -138.55 83.76 54.08
N LYS NA 52 -137.54 84.50 54.50
CA LYS NA 52 -137.19 85.80 53.95
C LYS NA 52 -135.69 85.85 53.70
N TYR NA 53 -135.30 86.63 52.70
CA TYR NA 53 -133.90 86.75 52.35
C TYR NA 53 -133.13 87.47 53.46
N VAL NA 54 -131.86 87.11 53.61
CA VAL NA 54 -131.07 87.61 54.72
C VAL NA 54 -130.22 88.82 54.33
N GLY NA 55 -129.57 88.77 53.17
CA GLY NA 55 -128.61 89.79 52.83
C GLY NA 55 -129.23 91.01 52.21
N PRO NA 56 -128.39 92.01 51.92
CA PRO NA 56 -128.90 93.19 51.21
C PRO NA 56 -128.90 93.03 49.70
N LEU NA 57 -128.19 92.04 49.17
CA LEU NA 57 -128.14 91.84 47.73
C LEU NA 57 -129.22 90.89 47.25
N SER NA 58 -129.46 89.79 47.97
CA SER NA 58 -130.54 88.90 47.61
C SER NA 58 -131.89 89.58 47.74
N THR NA 59 -132.03 90.51 48.68
CA THR NA 59 -133.28 91.25 48.82
C THR NA 59 -133.44 92.29 47.72
N PHE NA 60 -132.36 92.98 47.36
CA PHE NA 60 -132.45 93.98 46.31
C PHE NA 60 -132.80 93.33 44.97
N LEU NA 61 -132.04 92.32 44.58
CA LEU NA 61 -132.49 91.43 43.53
C LEU NA 61 -133.72 90.69 44.03
N ALA NA 62 -134.40 90.00 43.12
CA ALA NA 62 -135.61 89.25 43.48
C ALA NA 62 -136.71 90.18 43.98
N SER NA 63 -136.43 91.47 44.03
CA SER NA 63 -137.42 92.49 44.31
C SER NA 63 -137.60 93.45 43.14
N ILE NA 64 -136.50 93.81 42.47
CA ILE NA 64 -136.64 94.53 41.22
C ILE NA 64 -137.18 93.63 40.14
N ALA NA 65 -136.95 92.32 40.27
CA ALA NA 65 -137.53 91.36 39.34
C ALA NA 65 -138.99 91.07 39.63
N LYS NA 66 -139.46 91.40 40.84
CA LYS NA 66 -140.89 91.30 41.12
C LYS NA 66 -141.65 92.54 40.68
N SER NA 67 -140.95 93.63 40.35
CA SER NA 67 -141.61 94.74 39.67
C SER NA 67 -142.13 94.31 38.31
N ALA NA 68 -141.33 93.55 37.58
CA ALA NA 68 -141.84 92.76 36.47
C ALA NA 68 -142.42 91.45 37.01
N GLY NA 69 -142.91 90.59 36.14
CA GLY NA 69 -143.43 89.34 36.64
C GLY NA 69 -142.39 88.25 36.64
N TYR NA 70 -141.70 88.06 37.76
CA TYR NA 70 -140.65 87.05 37.86
C TYR NA 70 -140.53 86.63 39.32
N GLU NA 71 -139.94 85.46 39.54
CA GLU NA 71 -139.99 84.78 40.82
C GLU NA 71 -138.62 84.25 41.23
N VAL NA 72 -137.61 85.12 41.19
CA VAL NA 72 -136.20 84.77 41.29
C VAL NA 72 -135.91 83.67 42.32
N VAL NA 73 -135.09 82.69 41.90
CA VAL NA 73 -134.66 81.59 42.75
C VAL NA 73 -133.14 81.49 42.66
N PHE NA 74 -132.46 81.44 43.81
CA PHE NA 74 -131.02 81.45 43.86
C PHE NA 74 -130.47 80.04 44.06
N ASN NA 75 -129.46 79.67 43.28
CA ASN NA 75 -128.83 78.37 43.41
C ASN NA 75 -127.74 78.33 44.47
N PHE NA 76 -127.41 79.45 45.10
CA PHE NA 76 -126.32 79.48 46.06
C PHE NA 76 -126.57 80.62 47.04
N ASN NA 77 -125.69 80.74 48.03
CA ASN NA 77 -125.79 81.79 49.04
C ASN NA 77 -125.18 83.04 48.45
N ILE NA 78 -126.01 83.85 47.79
CA ILE NA 78 -125.49 85.05 47.14
C ILE NA 78 -125.01 86.08 48.15
N ASP NA 79 -125.45 86.00 49.39
CA ASP NA 79 -125.07 86.94 50.43
C ASP NA 79 -123.76 86.58 51.10
N ALA NA 80 -123.12 85.49 50.69
CA ALA NA 80 -121.82 85.10 51.19
C ALA NA 80 -120.69 85.56 50.27
N LEU NA 81 -120.97 86.47 49.36
CA LEU NA 81 -119.93 87.08 48.55
C LEU NA 81 -119.25 88.18 49.35
N ALA NA 82 -118.37 88.92 48.68
CA ALA NA 82 -117.69 90.06 49.29
C ALA NA 82 -118.46 91.32 48.92
N LEU NA 83 -119.24 91.84 49.87
CA LEU NA 83 -120.13 92.95 49.62
C LEU NA 83 -119.86 94.06 50.64
N ILE NA 84 -119.82 95.30 50.18
CA ILE NA 84 -119.47 96.44 51.01
C ILE NA 84 -120.55 97.51 50.85
N ASN NA 85 -120.98 98.09 51.96
CA ASN NA 85 -122.11 99.00 51.96
C ASN NA 85 -122.01 99.89 53.19
N GLY NA 86 -122.80 100.96 53.20
CA GLY NA 86 -122.86 101.80 54.37
C GLY NA 86 -123.43 101.09 55.58
N GLU NA 87 -124.49 100.30 55.36
CA GLU NA 87 -125.13 99.58 56.45
C GLU NA 87 -124.38 98.32 56.84
N ILE NA 88 -123.61 97.73 55.92
CA ILE NA 88 -122.92 96.48 56.21
C ILE NA 88 -121.88 96.68 57.30
N VAL NA 89 -121.13 97.77 57.25
CA VAL NA 89 -120.05 97.97 58.21
C VAL NA 89 -120.50 98.77 59.43
N PHE NA 90 -121.50 99.64 59.30
CA PHE NA 90 -121.87 100.55 60.36
C PHE NA 90 -123.14 100.14 61.08
N GLY NA 91 -123.63 98.91 60.87
CA GLY NA 91 -124.87 98.54 61.49
C GLY NA 91 -126.04 99.32 60.90
N ASN NA 92 -127.09 99.43 61.71
CA ASN NA 92 -128.29 100.14 61.29
C ASN NA 92 -128.99 100.79 62.46
N THR NA 98 -129.56 94.22 63.30
CA THR NA 98 -128.89 92.93 63.29
C THR NA 98 -127.38 93.09 63.37
N THR NA 99 -126.65 92.04 63.01
CA THR NA 99 -125.20 92.04 63.06
C THR NA 99 -124.60 92.04 61.65
N SER NA 100 -125.41 92.35 60.63
CA SER NA 100 -124.93 92.63 59.28
C SER NA 100 -124.17 91.43 58.70
N TYR NA 101 -124.93 90.37 58.43
CA TYR NA 101 -124.38 89.17 57.83
C TYR NA 101 -123.98 89.45 56.38
N ALA NA 102 -122.93 90.26 56.17
CA ALA NA 102 -122.41 90.42 54.83
C ALA NA 102 -120.90 90.32 54.75
N THR NA 103 -120.19 90.86 55.74
CA THR NA 103 -118.75 90.66 55.92
C THR NA 103 -117.94 90.97 54.67
N PRO NA 104 -117.62 92.25 54.40
CA PRO NA 104 -116.88 92.61 53.19
C PRO NA 104 -115.68 91.73 52.87
N LEU NA 105 -115.19 90.98 53.84
CA LEU NA 105 -114.18 89.95 53.61
C LEU NA 105 -114.74 88.72 52.98
N GLY NA 106 -116.01 88.71 52.60
CA GLY NA 106 -116.61 87.51 52.09
C GLY NA 106 -116.96 86.54 53.20
N ARG NA 107 -117.39 85.36 52.81
CA ARG NA 107 -117.73 84.31 53.75
C ARG NA 107 -117.75 82.98 53.02
N PRO NA 108 -116.61 82.53 52.48
CA PRO NA 108 -116.63 81.45 51.49
C PRO NA 108 -117.01 80.09 52.04
N GLN NA 109 -116.96 79.87 53.35
CA GLN NA 109 -117.38 78.59 53.89
C GLN NA 109 -118.89 78.41 53.88
N GLU NA 110 -119.65 79.50 53.82
CA GLU NA 110 -121.10 79.45 53.80
C GLU NA 110 -121.65 79.83 52.43
N LEU NA 111 -120.85 79.73 51.39
CA LEU NA 111 -121.24 80.12 50.06
C LEU NA 111 -122.09 79.05 49.37
N PRO NA 112 -121.79 77.75 49.49
CA PRO NA 112 -122.62 76.76 48.79
C PRO NA 112 -123.94 76.45 49.48
N ALA NA 113 -124.37 77.30 50.42
CA ALA NA 113 -125.66 77.11 51.06
C ALA NA 113 -126.78 77.29 50.04
N LYS NA 114 -128.02 77.05 50.48
CA LYS NA 114 -129.18 77.14 49.62
C LYS NA 114 -130.24 77.99 50.32
N PRO NA 115 -130.64 79.13 49.76
CA PRO NA 115 -131.66 79.95 50.42
C PRO NA 115 -133.03 79.30 50.34
N VAL NA 116 -133.61 78.98 51.50
CA VAL NA 116 -134.96 78.42 51.55
C VAL NA 116 -135.90 79.61 51.62
N VAL NA 117 -136.17 80.19 50.46
CA VAL NA 117 -137.16 81.26 50.30
C VAL NA 117 -137.91 80.98 49.01
N HIS NA 118 -139.22 80.73 49.12
CA HIS NA 118 -140.01 80.37 47.96
C HIS NA 118 -141.37 81.04 48.05
N ASN NA 119 -141.99 81.22 46.89
CA ASN NA 119 -143.32 81.82 46.81
C ASN NA 119 -144.04 81.22 45.62
N PHE NA 120 -145.21 80.62 45.87
CA PHE NA 120 -145.99 79.97 44.83
C PHE NA 120 -147.43 80.45 44.92
N SER NA 121 -148.01 80.73 43.76
CA SER NA 121 -149.39 81.21 43.68
C SER NA 121 -150.08 80.49 42.54
N ASN NA 122 -150.97 79.55 42.88
CA ASN NA 122 -151.74 78.78 41.90
C ASN NA 122 -150.84 78.04 40.93
N ALA NA 123 -149.67 77.65 41.39
CA ALA NA 123 -148.80 76.86 40.54
C ALA NA 123 -149.22 75.38 40.60
N PRO NA 124 -149.15 74.68 39.48
CA PRO NA 124 -149.50 73.25 39.49
C PRO NA 124 -148.47 72.45 40.25
N PHE NA 125 -148.95 71.64 41.21
CA PHE NA 125 -148.07 70.74 41.92
C PHE NA 125 -147.38 69.77 40.98
N ASN NA 126 -147.99 69.50 39.83
CA ASN NA 126 -147.38 68.63 38.83
C ASN NA 126 -146.01 69.13 38.42
N GLU NA 127 -145.85 70.43 38.27
CA GLU NA 127 -144.64 71.01 37.74
C GLU NA 127 -143.90 71.92 38.72
N ALA NA 128 -144.48 72.19 39.88
CA ALA NA 128 -143.75 72.91 40.93
C ALA NA 128 -142.93 71.98 41.80
N TRP NA 129 -143.42 70.76 42.03
CA TRP NA 129 -142.64 69.79 42.80
C TRP NA 129 -141.33 69.42 42.13
N PRO NA 130 -141.28 69.04 40.84
CA PRO NA 130 -139.99 68.68 40.24
C PRO NA 130 -138.98 69.80 40.25
N LEU NA 131 -139.41 71.06 40.28
CA LEU NA 131 -138.46 72.16 40.37
C LEU NA 131 -137.74 72.14 41.72
N LEU NA 132 -138.50 71.96 42.81
CA LEU NA 132 -137.89 71.97 44.13
C LEU NA 132 -136.95 70.80 44.33
N MET NA 133 -137.24 69.65 43.72
CA MET NA 133 -136.32 68.53 43.81
C MET NA 133 -135.05 68.75 43.00
N ASP NA 134 -135.01 69.76 42.14
CA ASP NA 134 -133.79 70.10 41.42
C ASP NA 134 -133.01 71.22 42.08
N VAL NA 135 -133.68 72.11 42.82
CA VAL NA 135 -132.96 73.13 43.56
C VAL NA 135 -132.15 72.50 44.69
N TYR NA 136 -132.76 71.57 45.41
CA TYR NA 136 -132.12 70.92 46.55
C TYR NA 136 -131.49 69.59 46.21
N GLU NA 137 -131.54 69.17 44.94
CA GLU NA 137 -130.91 67.94 44.48
C GLU NA 137 -131.42 66.72 45.26
N LEU NA 138 -132.73 66.49 45.17
CA LEU NA 138 -133.38 65.37 45.80
C LEU NA 138 -133.94 64.43 44.75
N ASP NA 139 -134.30 63.23 45.20
CA ASP NA 139 -134.83 62.20 44.32
C ASP NA 139 -135.99 61.52 45.04
N TYR NA 140 -137.13 61.42 44.36
CA TYR NA 140 -138.34 60.92 44.99
C TYR NA 140 -138.89 59.72 44.23
N GLN NA 141 -139.78 58.99 44.89
CA GLN NA 141 -140.50 57.88 44.28
C GLN NA 141 -141.81 57.70 45.03
N LEU NA 142 -142.77 57.08 44.37
CA LEU NA 142 -144.11 56.93 44.89
C LEU NA 142 -144.34 55.55 45.47
N VAL NA 143 -145.02 55.49 46.61
CA VAL NA 143 -145.38 54.25 47.26
C VAL NA 143 -146.87 54.32 47.58
N LYS NA 144 -147.55 53.18 47.53
CA LYS NA 144 -148.97 53.09 47.83
C LYS NA 144 -149.17 52.36 49.15
N VAL NA 145 -149.93 52.97 50.05
CA VAL NA 145 -150.23 52.38 51.36
C VAL NA 145 -151.73 52.17 51.37
N GLY NA 146 -152.30 51.85 50.21
CA GLY NA 146 -153.72 51.64 50.08
C GLY NA 146 -154.38 52.69 49.22
N SER NA 147 -155.26 53.48 49.82
CA SER NA 147 -155.92 54.56 49.11
C SER NA 147 -155.14 55.87 49.18
N ALA NA 148 -153.95 55.86 49.78
CA ALA NA 148 -153.13 57.05 49.93
C ALA NA 148 -151.80 56.83 49.25
N ASN NA 149 -151.36 57.80 48.46
CA ASN NA 149 -150.06 57.76 47.81
C ASN NA 149 -149.07 58.53 48.66
N VAL NA 150 -147.89 57.94 48.86
CA VAL NA 150 -146.85 58.49 49.72
C VAL NA 150 -145.56 58.64 48.93
N ILE NA 151 -144.92 59.79 49.08
CA ILE NA 151 -143.69 60.13 48.36
C ILE NA 151 -142.51 59.88 49.28
N ARG NA 152 -141.53 59.12 48.80
CA ARG NA 152 -140.35 58.77 49.58
C ARG NA 152 -139.18 59.59 49.07
N ILE NA 153 -138.97 60.76 49.68
CA ILE NA 153 -137.90 61.65 49.24
C ILE NA 153 -136.55 61.09 49.67
N GLY NA 154 -135.61 61.02 48.73
CA GLY NA 154 -134.29 60.55 49.04
C GLY NA 154 -133.24 61.60 48.75
N GLN NA 155 -132.10 61.18 48.20
CA GLN NA 155 -131.04 62.09 47.83
C GLN NA 155 -130.53 61.68 46.47
N ARG NA 156 -130.22 62.65 45.61
CA ARG NA 156 -129.88 62.33 44.23
C ARG NA 156 -128.44 61.85 44.15
N PRO NA 157 -128.18 60.78 43.38
CA PRO NA 157 -126.78 60.37 43.14
C PRO NA 157 -126.07 61.37 42.25
N LYS NA 158 -125.00 61.97 42.79
CA LYS NA 158 -124.33 63.08 42.12
C LYS NA 158 -123.20 62.54 41.25
N GLN NA 159 -123.58 62.02 40.09
CA GLN NA 159 -122.63 61.51 39.12
C GLN NA 159 -123.02 62.02 37.74
N LEU NA 160 -122.02 62.10 36.86
CA LEU NA 160 -122.25 62.63 35.53
C LEU NA 160 -121.19 62.06 34.60
N ALA NA 161 -121.61 61.72 33.38
CA ALA NA 161 -120.72 61.21 32.36
C ALA NA 161 -120.50 62.29 31.31
N LEU NA 162 -119.24 62.56 31.01
CA LEU NA 162 -118.89 63.62 30.07
C LEU NA 162 -118.18 63.03 28.86
N PRO NA 163 -118.86 62.82 27.74
CA PRO NA 163 -118.19 62.31 26.55
C PRO NA 163 -117.13 63.29 26.04
N LEU NA 164 -116.01 62.74 25.59
CA LEU NA 164 -114.92 63.52 25.03
C LEU NA 164 -114.84 63.24 23.53
N LYS NA 165 -114.70 64.31 22.74
CA LYS NA 165 -114.71 64.20 21.29
C LYS NA 165 -113.35 64.38 20.64
N PHE NA 166 -112.44 65.13 21.26
CA PHE NA 166 -111.18 65.44 20.59
C PHE NA 166 -109.94 65.33 21.47
N ILE NA 167 -110.08 65.05 22.77
CA ILE NA 167 -108.92 64.95 23.64
C ILE NA 167 -109.01 63.65 24.44
N SER NA 168 -107.85 63.06 24.71
CA SER NA 168 -107.79 61.86 25.52
C SER NA 168 -108.14 62.18 26.96
N ALA NA 169 -108.93 61.31 27.58
CA ALA NA 169 -109.34 61.54 28.96
C ALA NA 169 -108.25 61.07 29.92
N GLU NA 170 -107.03 61.52 29.70
CA GLU NA 170 -105.94 61.29 30.64
C GLU NA 170 -105.20 62.60 30.83
N SER NA 171 -105.24 63.43 29.80
CA SER NA 171 -104.77 64.80 29.89
C SER NA 171 -105.89 65.79 30.20
N ALA NA 172 -107.12 65.44 29.85
CA ALA NA 172 -108.26 66.26 30.27
C ALA NA 172 -108.42 66.26 31.78
N LEU NA 173 -108.14 65.14 32.43
CA LEU NA 173 -108.11 65.11 33.89
C LEU NA 173 -107.00 66.01 34.42
N THR NA 174 -105.82 65.96 33.80
CA THR NA 174 -104.71 66.79 34.26
C THR NA 174 -105.03 68.27 34.14
N ALA NA 175 -105.67 68.67 33.04
CA ALA NA 175 -106.08 70.06 32.89
C ALA NA 175 -107.25 70.44 33.77
N ILE NA 176 -107.92 69.47 34.40
CA ILE NA 176 -108.97 69.77 35.36
C ILE NA 176 -108.41 69.83 36.77
N GLU NA 177 -107.42 69.00 37.08
CA GLU NA 177 -106.82 69.04 38.41
C GLU NA 177 -106.05 70.32 38.66
N LYS NA 178 -105.68 71.06 37.61
CA LYS NA 178 -104.96 72.31 37.81
C LYS NA 178 -105.91 73.49 37.78
N PHE NA 179 -106.93 73.43 36.93
CA PHE NA 179 -107.98 74.44 36.92
C PHE NA 179 -108.68 74.53 38.27
N PHE NA 180 -109.15 73.39 38.79
CA PHE NA 180 -109.95 73.38 40.01
C PHE NA 180 -109.17 72.94 41.23
N GLY NA 181 -107.85 72.88 41.14
CA GLY NA 181 -107.05 72.48 42.28
C GLY NA 181 -107.01 73.54 43.36
N GLU NA 182 -106.50 73.14 44.51
CA GLU NA 182 -106.37 74.04 45.64
C GLU NA 182 -105.08 73.80 46.41
N ARG NA 202 -106.92 69.08 44.75
CA ARG NA 202 -108.33 68.78 44.53
C ARG NA 202 -109.14 68.75 45.82
N PRO NA 203 -110.22 69.52 45.85
CA PRO NA 203 -111.12 69.46 46.99
C PRO NA 203 -111.77 68.09 47.09
N THR NA 204 -112.09 67.69 48.32
CA THR NA 204 -112.74 66.41 48.52
C THR NA 204 -114.18 66.40 48.02
N GLY NA 205 -114.74 67.55 47.66
CA GLY NA 205 -116.07 67.59 47.11
C GLY NA 205 -116.16 67.25 45.63
N LYS NA 206 -115.03 66.99 44.97
CA LYS NA 206 -115.01 66.70 43.54
C LYS NA 206 -114.16 65.47 43.27
N PHE NA 207 -114.60 64.66 42.32
CA PHE NA 207 -113.87 63.49 41.86
C PHE NA 207 -113.90 63.44 40.35
N GLY NA 208 -112.77 63.10 39.74
CA GLY NA 208 -112.70 62.95 38.30
C GLY NA 208 -112.19 61.58 37.90
N LEU NA 209 -113.01 60.80 37.22
CA LEU NA 209 -112.69 59.42 36.87
C LEU NA 209 -112.37 59.30 35.39
N PRO NA 210 -111.12 59.09 35.00
CA PRO NA 210 -110.80 58.89 33.58
C PRO NA 210 -111.32 57.55 33.11
N ASN NA 211 -111.62 57.45 31.83
CA ASN NA 211 -111.98 56.13 31.32
C ASN NA 211 -111.55 55.94 29.86
N SER NA 212 -110.72 56.84 29.31
CA SER NA 212 -110.15 56.73 27.97
C SER NA 212 -111.21 56.91 26.89
N ILE NA 213 -112.47 57.04 27.29
CA ILE NA 213 -113.55 57.35 26.37
C ILE NA 213 -114.30 58.58 26.89
N LYS NA 214 -114.30 58.77 28.20
CA LYS NA 214 -114.94 59.93 28.80
C LYS NA 214 -114.39 60.14 30.20
N VAL NA 215 -115.00 61.05 30.94
CA VAL NA 215 -114.69 61.27 32.35
C VAL NA 215 -115.99 61.23 33.12
N ILE NA 216 -115.88 60.98 34.43
CA ILE NA 216 -117.05 60.85 35.28
C ILE NA 216 -116.92 61.79 36.48
N PRO NA 217 -117.23 63.09 36.32
CA PRO NA 217 -117.13 64.01 37.46
C PRO NA 217 -118.15 63.72 38.55
N ASP NA 218 -117.78 64.05 39.78
CA ASP NA 218 -118.58 63.83 40.97
C ASP NA 218 -118.62 65.14 41.75
N SER NA 219 -119.73 65.86 41.70
CA SER NA 219 -119.80 67.11 42.44
C SER NA 219 -121.24 67.57 42.55
N SER NA 220 -121.46 68.58 43.39
CA SER NA 220 -122.77 69.18 43.53
C SER NA 220 -123.23 69.76 42.20
N ASN NA 221 -124.50 70.17 42.17
CA ASN NA 221 -125.07 70.68 40.93
C ASN NA 221 -124.33 71.92 40.45
N LYS NA 222 -123.98 72.82 41.37
CA LYS NA 222 -123.32 74.05 40.98
C LYS NA 222 -121.94 73.79 40.42
N ARG NA 223 -121.19 72.89 41.04
CA ARG NA 223 -119.84 72.57 40.58
C ARG NA 223 -119.83 71.65 39.37
N LEU NA 224 -120.99 71.16 38.94
CA LEU NA 224 -121.12 70.42 37.70
C LEU NA 224 -121.56 71.29 36.53
N ILE NA 225 -121.75 72.58 36.74
CA ILE NA 225 -122.04 73.52 35.67
C ILE NA 225 -120.85 74.43 35.40
N ILE NA 226 -120.49 75.27 36.38
CA ILE NA 226 -119.29 76.07 36.27
C ILE NA 226 -118.04 75.20 36.33
N GLY NA 227 -118.19 73.96 36.74
CA GLY NA 227 -117.07 73.08 36.84
C GLY NA 227 -116.80 72.42 35.52
N SER NA 228 -116.76 71.10 35.51
CA SER NA 228 -116.29 70.37 34.34
C SER NA 228 -117.14 70.68 33.11
N ASN NA 229 -118.44 70.83 33.28
CA ASN NA 229 -119.33 70.95 32.13
C ASN NA 229 -119.07 72.18 31.27
N SER NA 230 -118.37 73.19 31.79
CA SER NA 230 -118.09 74.37 31.01
C SER NA 230 -116.61 74.60 30.74
N GLU NA 231 -115.71 73.91 31.44
CA GLU NA 231 -114.33 73.89 30.98
C GLU NA 231 -114.06 72.74 30.02
N ASP NA 232 -114.61 71.57 30.32
CA ASP NA 232 -114.51 70.47 29.36
C ASP NA 232 -115.19 70.81 28.05
N GLY NA 233 -116.12 71.77 28.05
CA GLY NA 233 -116.73 72.25 26.83
C GLY NA 233 -115.93 73.30 26.09
N ILE NA 234 -114.88 73.85 26.70
CA ILE NA 234 -114.04 74.85 26.06
C ILE NA 234 -112.72 74.27 25.62
N ARG NA 235 -112.41 73.03 25.98
CA ARG NA 235 -111.18 72.37 25.56
C ARG NA 235 -111.41 71.17 24.66
N ILE NA 236 -112.66 70.86 24.30
CA ILE NA 236 -112.94 69.87 23.26
C ILE NA 236 -113.02 70.67 21.97
N ARG NA 237 -111.88 70.82 21.30
CA ARG NA 237 -111.79 71.62 20.09
C ARG NA 237 -110.80 70.99 19.14
N SER NA 238 -110.84 71.46 17.88
CA SER NA 238 -109.95 70.98 16.85
C SER NA 238 -108.50 71.29 17.17
N PHE NA 239 -107.73 70.25 17.48
CA PHE NA 239 -106.29 70.41 17.68
C PHE NA 239 -105.61 70.77 16.36
N VAL NA 240 -104.61 71.63 16.46
CA VAL NA 240 -103.83 72.04 15.29
C VAL NA 240 -102.45 71.38 15.36
N GLU NA 241 -101.87 71.13 14.21
CA GLU NA 241 -100.58 70.45 14.13
C GLU NA 241 -99.53 71.31 13.43
N ILE NA 257 -85.78 61.75 13.98
CA ILE NA 257 -84.36 61.81 13.67
C ILE NA 257 -84.16 61.83 12.16
N SER NA 258 -83.11 62.49 11.71
CA SER NA 258 -82.78 62.60 10.29
C SER NA 258 -81.52 61.78 10.03
N GLU NA 259 -81.61 60.85 9.08
CA GLU NA 259 -80.47 60.08 8.63
C GLU NA 259 -80.34 60.21 7.13
N ILE NA 260 -79.20 59.78 6.61
CA ILE NA 260 -78.88 59.90 5.19
C ILE NA 260 -78.80 58.50 4.60
N TYR NA 261 -79.59 58.25 3.57
CA TYR NA 261 -79.57 57.00 2.83
C TYR NA 261 -79.11 57.33 1.41
N ILE NA 262 -77.83 57.07 1.13
CA ILE NA 262 -77.33 57.25 -0.22
C ILE NA 262 -78.04 56.25 -1.14
N VAL NA 263 -78.58 56.76 -2.24
CA VAL NA 263 -79.35 55.90 -3.13
C VAL NA 263 -78.40 54.93 -3.81
N ARG NA 264 -78.65 53.64 -3.62
CA ARG NA 264 -77.79 52.61 -4.20
C ARG NA 264 -78.19 52.30 -5.63
N GLY NA 265 -79.44 51.89 -5.83
CA GLY NA 265 -79.91 51.57 -7.17
C GLY NA 265 -80.60 52.74 -7.83
N GLN NA 266 -81.74 52.49 -8.45
CA GLN NA 266 -82.47 53.54 -9.16
C GLN NA 266 -83.03 54.56 -8.16
N LYS NA 267 -83.35 55.75 -8.68
CA LYS NA 267 -83.80 56.84 -7.83
C LYS NA 267 -85.26 56.69 -7.43
N GLU NA 268 -86.16 56.69 -8.41
CA GLU NA 268 -87.58 56.67 -8.09
C GLU NA 268 -87.99 55.43 -7.30
N SER NA 269 -87.23 54.33 -7.44
CA SER NA 269 -87.50 53.15 -6.64
C SER NA 269 -87.47 53.48 -5.15
N VAL NA 270 -86.40 54.13 -4.70
CA VAL NA 270 -86.32 54.55 -3.31
C VAL NA 270 -87.24 55.73 -3.03
N LEU NA 271 -87.76 56.37 -4.07
CA LEU NA 271 -88.71 57.47 -3.91
C LEU NA 271 -90.14 56.96 -3.84
N GLN NA 272 -90.61 56.33 -4.93
CA GLN NA 272 -92.01 55.93 -5.01
C GLN NA 272 -92.38 54.94 -3.93
N PHE NA 273 -91.49 53.98 -3.65
CA PHE NA 273 -91.79 53.00 -2.61
C PHE NA 273 -91.87 53.66 -1.25
N LEU NA 274 -90.96 54.59 -0.95
CA LEU NA 274 -90.79 55.03 0.43
C LEU NA 274 -91.99 55.81 0.92
N ARG NA 275 -92.64 56.57 0.04
CA ARG NA 275 -93.85 57.28 0.44
C ARG NA 275 -95.00 56.33 0.72
N ASP NA 276 -95.10 55.23 -0.02
CA ASP NA 276 -96.22 54.32 0.12
C ASP NA 276 -96.19 53.62 1.47
N SER NA 277 -95.13 52.87 1.74
CA SER NA 277 -95.03 52.15 2.99
C SER NA 277 -94.79 53.07 4.18
N PHE NA 278 -94.27 54.28 3.96
CA PHE NA 278 -94.00 55.22 5.05
C PHE NA 278 -94.43 56.62 4.67
N PRO NA 279 -95.75 56.88 4.69
CA PRO NA 279 -96.20 58.27 4.61
C PRO NA 279 -95.84 59.06 5.86
N GLU NA 280 -95.61 58.38 6.98
CA GLU NA 280 -95.16 59.05 8.20
C GLU NA 280 -93.66 59.27 8.15
N LEU NA 281 -93.17 59.81 7.04
CA LEU NA 281 -91.76 60.12 6.86
C LEU NA 281 -91.66 61.18 5.78
N ILE NA 282 -90.56 61.93 5.83
CA ILE NA 282 -90.25 62.91 4.79
C ILE NA 282 -88.82 62.66 4.32
N VAL NA 283 -88.63 62.72 3.02
CA VAL NA 283 -87.32 62.55 2.40
C VAL NA 283 -86.89 63.90 1.84
N THR NA 284 -85.83 64.46 2.40
CA THR NA 284 -85.28 65.72 1.91
C THR NA 284 -84.19 65.39 0.90
N ASP NA 285 -84.41 65.76 -0.36
CA ASP NA 285 -83.55 65.34 -1.46
C ASP NA 285 -82.43 66.36 -1.63
N TYR NA 286 -81.21 65.87 -1.64
CA TYR NA 286 -80.00 66.66 -1.89
C TYR NA 286 -79.48 66.23 -3.25
N ALA NA 287 -79.64 67.09 -4.26
CA ALA NA 287 -79.34 66.74 -5.63
C ALA NA 287 -77.98 66.07 -5.74
N SER NA 288 -77.98 64.79 -6.10
CA SER NA 288 -76.83 63.90 -6.15
C SER NA 288 -76.26 63.61 -4.78
N GLY NA 289 -76.81 64.17 -3.71
CA GLY NA 289 -76.34 63.88 -2.37
C GLY NA 289 -77.05 62.73 -1.70
N GLY NA 290 -78.06 62.16 -2.35
CA GLY NA 290 -78.83 61.10 -1.75
C GLY NA 290 -80.12 61.60 -1.13
N LEU NA 291 -80.46 61.09 0.05
CA LEU NA 291 -81.67 61.48 0.75
C LEU NA 291 -81.31 61.82 2.19
N ALA NA 292 -82.30 62.34 2.91
CA ALA NA 292 -82.12 62.78 4.29
C ALA NA 292 -83.32 62.39 5.14
N ILE NA 293 -83.71 61.11 5.04
CA ILE NA 293 -84.92 60.58 5.68
C ILE NA 293 -85.05 61.07 7.12
N GLU NA 294 -86.19 61.67 7.45
CA GLU NA 294 -86.45 62.11 8.80
C GLU NA 294 -87.91 61.91 9.15
N GLY NA 295 -88.18 61.84 10.46
CA GLY NA 295 -89.53 61.65 10.93
C GLY NA 295 -89.53 61.01 12.31
N PRO NA 296 -90.49 60.13 12.56
CA PRO NA 296 -90.50 59.38 13.81
C PRO NA 296 -89.18 58.64 14.02
N ARG NA 297 -88.68 58.70 15.25
CA ARG NA 297 -87.36 58.19 15.57
C ARG NA 297 -87.26 56.67 15.51
N THR NA 298 -88.38 55.97 15.37
CA THR NA 298 -88.38 54.52 15.25
C THR NA 298 -88.78 54.04 13.86
N SER NA 299 -89.78 54.69 13.24
CA SER NA 299 -90.18 54.29 11.90
C SER NA 299 -89.02 54.45 10.92
N VAL NA 300 -88.09 55.36 11.18
CA VAL NA 300 -86.91 55.50 10.33
C VAL NA 300 -86.09 54.21 10.34
N ASN NA 301 -85.79 53.71 11.53
CA ASN NA 301 -84.96 52.51 11.64
C ASN NA 301 -85.59 51.34 10.91
N ARG NA 302 -86.91 51.20 11.03
CA ARG NA 302 -87.62 50.14 10.32
C ARG NA 302 -87.68 50.40 8.83
N ALA NA 303 -87.71 51.67 8.43
CA ALA NA 303 -87.69 51.99 7.01
C ALA NA 303 -86.34 51.67 6.38
N ILE NA 304 -85.25 51.95 7.11
CA ILE NA 304 -83.91 51.74 6.56
C ILE NA 304 -83.65 50.26 6.34
N ILE NA 305 -83.94 49.44 7.35
CA ILE NA 305 -83.69 48.00 7.23
C ILE NA 305 -84.49 47.42 6.07
N LEU NA 306 -85.76 47.81 5.97
CA LEU NA 306 -86.54 47.45 4.79
C LEU NA 306 -85.94 47.99 3.51
N LEU NA 307 -85.51 49.25 3.52
CA LEU NA 307 -85.07 49.91 2.30
C LEU NA 307 -83.84 49.25 1.68
N GLY NA 308 -82.99 48.63 2.51
CA GLY NA 308 -81.87 47.89 1.95
C GLY NA 308 -82.31 46.75 1.05
N GLN NA 309 -83.37 46.05 1.45
CA GLN NA 309 -83.84 44.93 0.65
C GLN NA 309 -84.45 45.40 -0.67
N VAL NA 310 -85.37 46.36 -0.62
CA VAL NA 310 -86.12 46.74 -1.82
C VAL NA 310 -85.21 47.46 -2.81
N ASP NA 311 -84.15 48.10 -2.34
CA ASP NA 311 -83.26 48.87 -3.19
C ASP NA 311 -81.93 48.14 -3.30
N ARG NA 312 -81.63 47.64 -4.49
CA ARG NA 312 -80.37 46.96 -4.75
C ARG NA 312 -79.76 47.47 -6.05
N ALA NA 313 -78.44 47.47 -6.10
CA ALA NA 313 -77.70 47.92 -7.28
C ALA NA 313 -77.79 46.87 -8.38
N PRO NA 314 -77.75 47.30 -9.64
CA PRO NA 314 -77.78 46.33 -10.74
C PRO NA 314 -76.58 45.40 -10.66
N GLU NA 315 -76.80 44.15 -11.03
CA GLU NA 315 -75.74 43.14 -10.92
C GLU NA 315 -74.92 43.07 -12.20
N ILE NA 316 -73.72 42.54 -12.06
CA ILE NA 316 -72.72 42.50 -13.11
C ILE NA 316 -72.62 41.08 -13.64
N PRO NA 317 -72.99 40.82 -14.88
CA PRO NA 317 -72.97 39.44 -15.39
C PRO NA 317 -71.57 38.94 -15.70
N ILE NA 318 -70.89 38.39 -14.71
CA ILE NA 318 -69.57 37.80 -14.85
C ILE NA 318 -69.48 36.83 -16.02
N VAL NA 319 -68.53 37.05 -16.92
CA VAL NA 319 -68.40 36.26 -18.14
C VAL NA 319 -67.15 35.38 -18.06
N GLN NA 320 -67.16 34.28 -18.80
CA GLN NA 320 -66.10 33.28 -18.77
C GLN NA 320 -65.42 33.17 -20.12
N ARG NA 321 -64.09 33.25 -20.11
CA ARG NA 321 -63.31 32.96 -21.29
C ARG NA 321 -62.05 32.21 -20.92
N ILE NA 322 -61.56 31.43 -21.87
CA ILE NA 322 -60.40 30.55 -21.70
C ILE NA 322 -59.26 31.12 -22.53
N TYR NA 323 -58.12 31.33 -21.89
CA TYR NA 323 -56.96 31.89 -22.57
C TYR NA 323 -55.88 30.84 -22.66
N THR NA 324 -55.25 30.75 -23.83
CA THR NA 324 -54.20 29.77 -24.09
C THR NA 324 -52.86 30.49 -24.11
N VAL NA 325 -52.21 30.52 -22.95
CA VAL NA 325 -51.03 31.36 -22.80
C VAL NA 325 -49.91 30.91 -23.71
N ARG NA 326 -49.29 31.89 -24.39
CA ARG NA 326 -48.11 31.67 -25.22
C ARG NA 326 -46.93 32.30 -24.51
N GLY NA 327 -45.96 31.50 -24.13
CA GLY NA 327 -44.89 32.00 -23.29
C GLY NA 327 -45.03 31.36 -21.94
N GLN NA 328 -44.46 31.97 -20.91
CA GLN NA 328 -44.63 31.42 -19.58
C GLN NA 328 -46.07 31.65 -19.13
N ALA NA 329 -46.52 30.83 -18.18
CA ALA NA 329 -47.83 31.03 -17.59
C ALA NA 329 -47.75 31.51 -16.15
N ALA NA 330 -46.59 31.38 -15.51
CA ALA NA 330 -46.44 31.93 -14.18
C ALA NA 330 -46.31 33.45 -14.23
N ASP NA 331 -45.65 33.97 -15.26
CA ASP NA 331 -45.45 35.41 -15.36
C ASP NA 331 -46.72 36.11 -15.81
N ILE NA 332 -47.51 35.46 -16.67
CA ILE NA 332 -48.74 36.08 -17.15
C ILE NA 332 -49.86 35.91 -16.15
N THR NA 333 -49.69 35.00 -15.19
CA THR NA 333 -50.62 34.98 -14.06
C THR NA 333 -50.31 36.12 -13.10
N ALA NA 334 -49.03 36.36 -12.84
CA ALA NA 334 -48.66 37.45 -11.95
C ALA NA 334 -49.01 38.80 -12.55
N LEU NA 335 -48.86 38.94 -13.88
CA LEU NA 335 -49.26 40.18 -14.53
C LEU NA 335 -50.74 40.44 -14.32
N LEU NA 336 -51.58 39.46 -14.63
CA LEU NA 336 -53.02 39.65 -14.50
C LEU NA 336 -53.46 39.71 -13.05
N ALA NA 337 -52.55 39.52 -12.10
CA ALA NA 337 -52.88 39.67 -10.69
C ALA NA 337 -52.38 40.98 -10.12
N ALA NA 338 -51.66 41.79 -10.90
CA ALA NA 338 -51.30 43.15 -10.52
C ALA NA 338 -52.11 44.16 -11.33
N GLN NA 339 -52.01 44.10 -12.65
CA GLN NA 339 -53.02 44.72 -13.48
C GLN NA 339 -54.31 43.93 -13.34
N TYR NA 340 -55.43 44.63 -13.36
CA TYR NA 340 -56.74 44.00 -13.28
C TYR NA 340 -56.79 43.07 -12.09
N PRO NA 341 -56.74 43.58 -10.86
CA PRO NA 341 -56.57 42.71 -9.69
C PRO NA 341 -57.79 41.93 -9.29
N THR NA 342 -58.92 42.12 -9.95
CA THR NA 342 -60.12 41.31 -9.73
C THR NA 342 -60.55 40.72 -11.06
N LEU NA 343 -59.95 39.59 -11.43
CA LEU NA 343 -60.32 38.89 -12.65
C LEU NA 343 -60.53 37.41 -12.44
N ARG NA 344 -60.07 36.83 -11.33
CA ARG NA 344 -60.26 35.42 -11.05
C ARG NA 344 -59.67 34.56 -12.16
N VAL NA 345 -58.35 34.62 -12.24
CA VAL NA 345 -57.58 33.84 -13.19
C VAL NA 345 -57.27 32.50 -12.55
N THR NA 346 -57.76 31.42 -13.16
CA THR NA 346 -57.60 30.09 -12.63
C THR NA 346 -56.92 29.19 -13.64
N PRO NA 347 -55.82 28.53 -13.27
CA PRO NA 347 -55.10 27.70 -14.23
C PRO NA 347 -55.67 26.30 -14.31
N VAL NA 348 -55.64 25.75 -15.52
CA VAL NA 348 -55.99 24.34 -15.73
C VAL NA 348 -54.69 23.56 -15.60
N GLY NA 349 -54.31 23.31 -14.35
CA GLY NA 349 -53.06 22.63 -14.11
C GLY NA 349 -51.89 23.37 -14.75
N GLN NA 350 -50.86 22.62 -15.11
CA GLN NA 350 -49.76 23.14 -15.92
C GLN NA 350 -49.99 22.63 -17.34
N THR NA 351 -50.92 23.24 -18.04
CA THR NA 351 -51.21 22.88 -19.42
C THR NA 351 -51.21 24.10 -20.33
N GLY NA 352 -50.68 25.22 -19.86
CA GLY NA 352 -50.65 26.41 -20.68
C GLY NA 352 -52.01 26.98 -20.99
N GLN NA 353 -53.03 26.58 -20.25
CA GLN NA 353 -54.36 27.15 -20.39
C GLN NA 353 -54.70 27.90 -19.11
N LEU NA 354 -55.71 28.75 -19.20
CA LEU NA 354 -55.90 29.73 -18.15
C LEU NA 354 -57.36 30.16 -18.23
N VAL NA 355 -58.17 29.73 -17.27
CA VAL NA 355 -59.59 30.05 -17.23
C VAL NA 355 -59.76 31.28 -16.38
N LEU NA 356 -60.10 32.40 -17.02
CA LEU NA 356 -60.14 33.71 -16.38
C LEU NA 356 -61.55 34.29 -16.50
N ASN NA 357 -62.01 34.96 -15.43
CA ASN NA 357 -63.44 35.15 -15.15
C ASN NA 357 -63.78 36.50 -14.53
N GLY NA 358 -64.21 37.42 -15.37
CA GLY NA 358 -64.63 38.69 -14.80
C GLY NA 358 -65.64 39.34 -15.70
N ALA NA 359 -66.02 40.54 -15.29
CA ALA NA 359 -66.95 41.35 -16.07
C ALA NA 359 -66.42 41.52 -17.49
N GLN NA 360 -67.32 41.86 -18.40
CA GLN NA 360 -66.90 41.91 -19.79
C GLN NA 360 -66.04 43.13 -20.09
N ALA NA 361 -66.16 44.20 -19.31
CA ALA NA 361 -65.26 45.34 -19.50
C ALA NA 361 -63.83 44.94 -19.18
N GLN NA 362 -63.60 44.38 -18.00
CA GLN NA 362 -62.29 43.86 -17.66
C GLN NA 362 -61.82 42.84 -18.68
N LEU NA 363 -62.76 42.09 -19.24
CA LEU NA 363 -62.39 40.96 -20.07
C LEU NA 363 -61.85 41.44 -21.42
N ASP NA 364 -62.53 42.41 -22.03
CA ASP NA 364 -62.06 42.93 -23.31
C ASP NA 364 -60.93 43.92 -23.17
N THR NA 365 -60.58 44.29 -21.95
CA THR NA 365 -59.38 45.08 -21.71
C THR NA 365 -58.17 44.18 -21.49
N ALA NA 366 -58.32 43.16 -20.64
CA ALA NA 366 -57.21 42.26 -20.39
C ALA NA 366 -56.82 41.49 -21.64
N LEU NA 367 -57.77 41.19 -22.52
CA LEU NA 367 -57.42 40.46 -23.72
C LEU NA 367 -56.69 41.34 -24.71
N ALA NA 368 -56.91 42.65 -24.66
CA ALA NA 368 -56.18 43.54 -25.55
C ALA NA 368 -54.75 43.74 -25.08
N LEU NA 369 -54.56 43.86 -23.77
CA LEU NA 369 -53.20 43.92 -23.23
C LEU NA 369 -52.44 42.64 -23.52
N LEU NA 370 -53.03 41.49 -23.18
CA LEU NA 370 -52.33 40.24 -23.38
C LEU NA 370 -51.99 40.01 -24.84
N GLU NA 371 -52.75 40.60 -25.74
CA GLU NA 371 -52.40 40.50 -27.16
C GLU NA 371 -51.11 41.25 -27.46
N GLN NA 372 -50.69 42.15 -26.56
CA GLN NA 372 -49.52 42.98 -26.82
C GLN NA 372 -48.29 42.44 -26.13
N VAL NA 373 -48.39 42.08 -24.86
CA VAL NA 373 -47.23 41.77 -24.06
C VAL NA 373 -47.01 40.27 -23.94
N ASP NA 374 -47.58 39.47 -24.83
CA ASP NA 374 -47.49 38.02 -24.71
C ASP NA 374 -47.12 37.43 -26.05
N ARG NA 375 -45.87 37.00 -26.19
CA ARG NA 375 -45.36 36.38 -27.40
C ARG NA 375 -44.50 35.20 -27.01
N PRO NA 376 -44.32 34.23 -27.90
CA PRO NA 376 -43.53 33.05 -27.55
C PRO NA 376 -42.09 33.40 -27.22
N ALA NA 377 -41.49 32.58 -26.38
CA ALA NA 377 -40.13 32.83 -25.92
C ALA NA 377 -39.14 32.68 -27.07
N PRO NA 378 -37.96 33.28 -26.96
CA PRO NA 378 -36.93 33.08 -27.98
C PRO NA 378 -36.23 31.74 -27.81
N VAL NA 379 -35.54 31.34 -28.87
CA VAL NA 379 -34.88 30.04 -28.92
C VAL NA 379 -33.38 30.23 -28.70
N ALA NA 380 -32.78 29.28 -27.99
CA ALA NA 380 -31.32 29.25 -27.87
C ALA NA 380 -30.69 28.94 -29.22
N GLU NA 381 -29.47 29.41 -29.43
CA GLU NA 381 -28.89 29.32 -30.77
C GLU NA 381 -28.32 27.93 -31.03
N SER NA 382 -27.19 27.62 -30.38
CA SER NA 382 -26.64 26.27 -30.25
C SER NA 382 -25.30 26.39 -29.55
N ARG NA 383 -24.81 25.31 -28.95
CA ARG NA 383 -23.50 25.33 -28.33
C ARG NA 383 -22.45 24.61 -29.17
N THR NA 384 -22.76 24.33 -30.43
CA THR NA 384 -21.88 23.53 -31.27
C THR NA 384 -22.23 23.79 -32.73
N VAL NA 385 -21.22 24.03 -33.55
CA VAL NA 385 -21.40 24.26 -34.97
C VAL NA 385 -20.33 23.47 -35.73
N GLN NA 386 -20.59 23.23 -37.01
CA GLN NA 386 -19.67 22.51 -37.88
C GLN NA 386 -19.36 23.33 -39.12
N ARG NA 387 -18.12 23.27 -39.57
CA ARG NA 387 -17.73 23.81 -40.87
C ARG NA 387 -16.89 22.77 -41.58
N VAL NA 388 -17.04 22.69 -42.90
CA VAL NA 388 -16.30 21.75 -43.72
C VAL NA 388 -15.48 22.54 -44.72
N PHE NA 389 -14.18 22.27 -44.76
CA PHE NA 389 -13.26 22.95 -45.65
C PHE NA 389 -12.71 21.94 -46.64
N GLN NA 390 -12.92 22.19 -47.92
CA GLN NA 390 -12.35 21.37 -48.99
C GLN NA 390 -11.02 21.98 -49.39
N LEU NA 391 -9.93 21.40 -48.91
CA LEU NA 391 -8.61 21.93 -49.18
C LEU NA 391 -8.21 21.67 -50.63
N VAL NA 392 -7.43 22.59 -51.18
CA VAL NA 392 -7.04 22.55 -52.58
C VAL NA 392 -5.54 22.32 -52.74
N ASN NA 393 -4.72 22.96 -51.90
CA ASN NA 393 -3.28 22.89 -52.04
C ASN NA 393 -2.60 22.09 -50.95
N ALA NA 394 -3.10 22.15 -49.72
CA ALA NA 394 -2.50 21.46 -48.59
C ALA NA 394 -3.11 20.07 -48.45
N SER NA 395 -2.57 19.31 -47.50
CA SER NA 395 -3.06 17.98 -47.17
C SER NA 395 -3.88 18.07 -45.89
N ALA NA 396 -5.11 17.54 -45.93
CA ALA NA 396 -6.01 17.67 -44.80
C ALA NA 396 -5.43 17.01 -43.55
N GLU NA 397 -4.69 15.92 -43.71
CA GLU NA 397 -4.16 15.22 -42.54
C GLU NA 397 -2.96 15.95 -41.96
N GLU NA 398 -2.17 16.61 -42.81
CA GLU NA 398 -1.04 17.39 -42.29
C GLU NA 398 -1.51 18.69 -41.67
N VAL NA 399 -2.59 19.28 -42.19
CA VAL NA 399 -3.14 20.49 -41.58
C VAL NA 399 -3.70 20.17 -40.20
N LYS NA 400 -4.37 19.02 -40.06
CA LYS NA 400 -4.90 18.64 -38.76
C LYS NA 400 -3.79 18.39 -37.76
N ALA NA 401 -2.70 17.77 -38.18
CA ALA NA 401 -1.58 17.54 -37.28
C ALA NA 401 -0.87 18.83 -36.92
N THR NA 402 -0.80 19.78 -37.86
CA THR NA 402 -0.22 21.09 -37.57
C THR NA 402 -1.05 21.83 -36.52
N LEU NA 403 -2.38 21.82 -36.68
CA LEU NA 403 -3.24 22.57 -35.78
C LEU NA 403 -3.32 21.96 -34.39
N GLU NA 404 -3.04 20.67 -34.26
CA GLU NA 404 -3.09 20.00 -32.97
C GLU NA 404 -1.73 19.90 -32.28
N GLY NA 405 -0.68 20.41 -32.91
CA GLY NA 405 0.65 20.31 -32.32
C GLY NA 405 1.16 18.90 -32.20
N THR NA 406 0.86 18.04 -33.18
CA THR NA 406 1.36 16.68 -33.18
C THR NA 406 2.11 16.37 -34.47
N GLN NA 466 -12.51 23.50 -23.71
CA GLN NA 466 -11.70 22.51 -24.43
C GLN NA 466 -11.04 23.12 -25.66
N GLN NA 467 -10.94 22.29 -26.70
CA GLN NA 467 -10.47 22.72 -28.01
C GLN NA 467 -11.34 22.07 -29.07
N ALA NA 468 -11.44 22.73 -30.22
CA ALA NA 468 -12.31 22.25 -31.28
C ALA NA 468 -11.87 20.88 -31.78
N THR NA 469 -12.83 20.07 -32.19
CA THR NA 469 -12.54 18.77 -32.78
C THR NA 469 -12.23 18.92 -34.26
N LEU NA 470 -11.16 18.27 -34.70
CA LEU NA 470 -10.74 18.31 -36.09
C LEU NA 470 -10.82 16.92 -36.70
N ILE NA 471 -11.43 16.83 -37.87
CA ILE NA 471 -11.60 15.58 -38.59
C ILE NA 471 -11.01 15.77 -39.98
N ALA NA 472 -10.07 14.90 -40.36
CA ALA NA 472 -9.39 14.98 -41.64
C ALA NA 472 -9.72 13.75 -42.48
N ASP NA 473 -10.26 13.97 -43.66
CA ASP NA 473 -10.56 12.92 -44.61
C ASP NA 473 -9.49 12.90 -45.69
N LYS NA 474 -8.80 11.77 -45.82
CA LYS NA 474 -7.74 11.68 -46.83
C LYS NA 474 -8.29 11.51 -48.24
N ARG NA 475 -9.40 10.81 -48.40
CA ARG NA 475 -9.92 10.54 -49.74
C ARG NA 475 -10.36 11.81 -50.43
N THR NA 476 -11.08 12.68 -49.73
CA THR NA 476 -11.63 13.89 -50.32
C THR NA 476 -10.81 15.14 -49.99
N ASN NA 477 -9.78 15.02 -49.16
CA ASN NA 477 -9.01 16.17 -48.70
C ASN NA 477 -9.90 17.21 -48.04
N SER NA 478 -10.73 16.76 -47.11
CA SER NA 478 -11.69 17.59 -46.41
C SER NA 478 -11.27 17.76 -44.97
N LEU NA 479 -11.36 18.99 -44.47
CA LEU NA 479 -11.15 19.31 -43.07
C LEU NA 479 -12.48 19.67 -42.43
N ILE NA 480 -12.81 19.03 -41.31
CA ILE NA 480 -14.06 19.24 -40.61
C ILE NA 480 -13.74 19.70 -39.20
N VAL NA 481 -14.20 20.90 -38.85
CA VAL NA 481 -13.99 21.48 -37.53
C VAL NA 481 -15.34 21.52 -36.82
N ARG NA 482 -15.36 21.09 -35.56
CA ARG NA 482 -16.59 20.92 -34.80
C ARG NA 482 -16.35 21.45 -33.39
N GLY NA 483 -17.00 22.55 -33.06
CA GLY NA 483 -16.85 23.11 -31.72
C GLY NA 483 -17.79 24.26 -31.50
N THR NA 484 -17.47 25.07 -30.49
CA THR NA 484 -18.23 26.27 -30.22
C THR NA 484 -18.05 27.27 -31.36
N PRO NA 485 -19.00 28.19 -31.55
CA PRO NA 485 -18.88 29.13 -32.67
C PRO NA 485 -17.62 29.96 -32.64
N GLU NA 486 -17.07 30.25 -31.46
CA GLU NA 486 -15.82 31.00 -31.37
C GLU NA 486 -14.63 30.14 -31.76
N GLN NA 487 -14.61 28.88 -31.31
CA GLN NA 487 -13.53 27.98 -31.68
C GLN NA 487 -13.54 27.63 -33.16
N VAL NA 488 -14.69 27.70 -33.82
CA VAL NA 488 -14.77 27.36 -35.22
C VAL NA 488 -14.33 28.54 -36.09
N ALA NA 489 -14.59 29.77 -35.66
CA ALA NA 489 -14.17 30.93 -36.42
C ALA NA 489 -12.66 31.12 -36.38
N GLN NA 490 -11.99 30.53 -35.38
CA GLN NA 490 -10.53 30.62 -35.32
C GLN NA 490 -9.88 29.73 -36.36
N VAL NA 491 -10.39 28.51 -36.54
CA VAL NA 491 -9.88 27.65 -37.59
C VAL NA 491 -10.27 28.21 -38.95
N ALA NA 492 -11.45 28.80 -39.06
CA ALA NA 492 -11.92 29.33 -40.33
C ALA NA 492 -11.03 30.46 -40.84
N GLU NA 493 -10.42 31.24 -39.95
CA GLU NA 493 -9.52 32.29 -40.38
C GLU NA 493 -8.11 31.79 -40.64
N LEU NA 494 -7.77 30.59 -40.16
CA LEU NA 494 -6.47 30.01 -40.41
C LEU NA 494 -6.41 29.28 -41.75
N VAL NA 495 -7.53 28.71 -42.18
CA VAL NA 495 -7.52 27.84 -43.36
C VAL NA 495 -7.05 28.56 -44.62
N PRO NA 496 -7.50 29.79 -44.93
CA PRO NA 496 -7.02 30.43 -46.16
C PRO NA 496 -5.51 30.62 -46.19
N GLN NA 497 -4.86 30.72 -45.04
CA GLN NA 497 -3.43 30.96 -45.01
C GLN NA 497 -2.63 29.67 -45.06
N LEU NA 498 -3.16 28.59 -44.50
CA LEU NA 498 -2.47 27.31 -44.51
C LEU NA 498 -2.72 26.51 -45.79
N ASP NA 499 -3.59 27.01 -46.67
CA ASP NA 499 -3.95 26.31 -47.90
C ASP NA 499 -3.55 27.11 -49.13
N GLN NA 500 -2.55 27.97 -49.01
CA GLN NA 500 -2.12 28.78 -50.14
C GLN NA 500 -1.11 28.03 -50.99
N VAL NA 501 -0.86 28.56 -52.18
CA VAL NA 501 0.11 27.96 -53.09
C VAL NA 501 1.52 28.34 -52.64
N VAL NA 502 2.39 27.35 -52.54
CA VAL NA 502 3.79 27.58 -52.18
C VAL NA 502 4.63 27.49 -53.46
N PRO NA 503 5.80 28.14 -53.51
CA PRO NA 503 6.59 28.12 -54.74
C PRO NA 503 7.12 26.73 -55.07
N GLN NA 504 7.29 26.49 -56.37
CA GLN NA 504 7.94 25.30 -56.88
C GLN NA 504 9.23 25.72 -57.57
N ILE NA 505 10.33 25.03 -57.27
CA ILE NA 505 11.66 25.45 -57.69
C ILE NA 505 12.38 24.29 -58.37
N ASN NA 506 13.40 24.64 -59.13
CA ASN NA 506 14.34 23.68 -59.71
C ASN NA 506 15.74 24.13 -59.33
N VAL NA 507 16.51 23.24 -58.71
CA VAL NA 507 17.85 23.55 -58.22
C VAL NA 507 18.85 22.73 -59.01
N GLN NA 508 19.88 23.38 -59.54
CA GLN NA 508 20.94 22.73 -60.29
C GLN NA 508 22.24 22.77 -59.51
N VAL NA 509 22.90 21.62 -59.38
CA VAL NA 509 24.19 21.52 -58.72
C VAL NA 509 25.19 20.97 -59.72
N ARG NA 510 26.33 21.62 -59.84
CA ARG NA 510 27.43 21.16 -60.68
C ARG NA 510 28.62 20.81 -59.80
N ILE NA 511 29.11 19.59 -59.92
CA ILE NA 511 30.33 19.14 -59.25
C ILE NA 511 31.37 18.89 -60.33
N GLN NA 512 32.52 19.54 -60.19
CA GLN NA 512 33.56 19.52 -61.19
C GLN NA 512 34.87 19.09 -60.55
N GLU NA 513 35.63 18.25 -61.23
CA GLU NA 513 36.88 17.76 -60.65
C GLU NA 513 37.91 17.55 -61.76
N VAL NA 514 39.06 18.20 -61.63
CA VAL NA 514 40.14 18.11 -62.61
C VAL NA 514 41.42 17.73 -61.88
N ASN NA 515 42.18 16.81 -62.47
CA ASN NA 515 43.45 16.37 -61.90
C ASN NA 515 44.51 16.38 -63.00
N GLU NA 516 45.74 16.68 -62.63
CA GLU NA 516 46.84 16.70 -63.59
C GLU NA 516 48.09 16.09 -62.97
N ARG NA 517 48.92 15.49 -63.82
CA ARG NA 517 50.16 14.84 -63.40
C ARG NA 517 51.30 15.26 -64.32
N ALA NA 518 52.52 15.04 -63.85
CA ALA NA 518 53.71 15.26 -64.67
C ALA NA 518 54.88 14.58 -63.99
N LEU NA 519 55.58 13.71 -64.73
CA LEU NA 519 56.74 13.00 -64.21
C LEU NA 519 57.92 13.26 -65.12
N GLN NA 520 59.13 13.17 -64.56
CA GLN NA 520 60.35 13.44 -65.31
C GLN NA 520 61.50 12.71 -64.64
N SER NA 521 61.98 11.64 -65.26
CA SER NA 521 63.12 10.89 -64.76
C SER NA 521 64.32 11.07 -65.68
N LEU NA 522 65.52 10.90 -65.13
CA LEU NA 522 66.75 11.03 -65.89
C LEU NA 522 67.89 10.45 -65.06
N GLY NA 523 68.65 9.53 -65.63
CA GLY NA 523 69.76 8.96 -64.90
C GLY NA 523 70.81 8.27 -65.77
N LEU NA 524 72.08 8.47 -65.42
CA LEU NA 524 73.20 7.80 -66.07
C LEU NA 524 73.80 6.77 -65.13
N ASN NA 525 74.26 5.66 -65.69
CA ASN NA 525 74.64 4.51 -64.89
C ASN NA 525 75.78 3.80 -65.62
N TRP NA 526 77.02 4.09 -65.26
CA TRP NA 526 78.16 3.59 -66.02
C TRP NA 526 79.09 2.76 -65.14
N ARG NA 527 80.16 2.26 -65.77
CA ARG NA 527 81.15 1.42 -65.12
C ARG NA 527 82.43 1.47 -65.95
N ALA NA 528 83.52 1.96 -65.35
CA ALA NA 528 84.78 2.13 -66.06
C ALA NA 528 85.84 1.20 -65.48
N THR NA 529 86.66 0.63 -66.35
CA THR NA 529 87.76 -0.25 -65.93
C THR NA 529 89.03 0.16 -66.67
N PHE NA 530 89.97 0.74 -65.94
CA PHE NA 530 91.32 0.95 -66.41
C PHE NA 530 92.29 0.26 -65.44
N GLY NA 531 93.58 0.46 -65.67
CA GLY NA 531 94.58 -0.43 -65.08
C GLY NA 531 94.57 -0.53 -63.57
N GLY NA 532 94.08 -1.66 -63.07
CA GLY NA 532 93.94 -1.90 -61.65
C GLY NA 532 92.66 -1.39 -61.04
N PHE NA 533 92.08 -0.34 -61.61
CA PHE NA 533 90.92 0.33 -61.04
C PHE NA 533 89.62 -0.19 -61.65
N ASN NA 534 88.57 -0.13 -60.85
CA ASN NA 534 87.22 -0.53 -61.27
C ASN NA 534 86.23 0.43 -60.63
N VAL NA 535 85.74 1.38 -61.41
CA VAL NA 535 84.84 2.43 -60.91
C VAL NA 535 83.45 2.16 -61.44
N ALA NA 536 82.46 2.26 -60.55
CA ALA NA 536 81.05 2.08 -60.91
C ALA NA 536 80.24 3.19 -60.27
N VAL NA 537 79.49 3.92 -61.09
CA VAL NA 537 78.64 5.02 -60.63
C VAL NA 537 77.20 4.69 -60.99
N SER NA 538 76.30 4.80 -60.01
CA SER NA 538 74.90 4.48 -60.23
C SER NA 538 74.06 5.50 -59.46
N GLY NA 539 72.74 5.29 -59.50
CA GLY NA 539 71.83 6.17 -58.80
C GLY NA 539 71.43 5.64 -57.44
N GLY NA 540 71.16 4.34 -57.36
CA GLY NA 540 70.83 3.72 -56.09
C GLY NA 540 71.98 3.80 -55.12
N THR NA 541 73.09 3.18 -55.47
CA THR NA 541 74.36 3.36 -54.79
C THR NA 541 75.15 4.43 -55.53
N GLY NA 542 76.01 5.13 -54.81
CA GLY NA 542 76.74 6.21 -55.43
C GLY NA 542 78.00 5.74 -56.10
N LEU NA 543 79.14 6.30 -55.69
CA LEU NA 543 80.43 5.87 -56.20
C LEU NA 543 80.85 4.56 -55.54
N ALA NA 544 81.48 3.68 -56.31
CA ALA NA 544 82.00 2.41 -55.79
C ALA NA 544 83.25 2.06 -56.58
N ALA NA 545 84.41 2.39 -56.02
CA ALA NA 545 85.70 2.16 -56.67
C ALA NA 545 86.50 1.11 -55.91
N THR NA 546 87.21 0.28 -56.66
CA THR NA 546 88.12 -0.70 -56.07
C THR NA 546 89.46 -0.65 -56.79
N PHE NA 547 90.47 -1.23 -56.15
CA PHE NA 547 91.79 -1.38 -56.74
C PHE NA 547 92.24 -2.83 -56.60
N ASN NA 548 92.88 -3.34 -57.64
CA ASN NA 548 93.41 -4.71 -57.64
C ASN NA 548 94.91 -4.66 -57.92
N PRO NA 549 95.76 -4.93 -56.92
CA PRO NA 549 97.21 -4.86 -57.17
C PRO NA 549 97.79 -6.08 -57.85
N THR NA 550 96.99 -7.11 -58.11
CA THR NA 550 97.49 -8.34 -58.70
C THR NA 550 97.30 -8.43 -60.21
N GLN NA 551 96.30 -7.76 -60.77
CA GLN NA 551 96.05 -7.75 -62.19
C GLN NA 551 96.12 -6.32 -62.72
N SER NA 552 95.84 -6.17 -64.01
CA SER NA 552 95.87 -4.86 -64.64
C SER NA 552 95.08 -4.93 -65.93
N PHE NA 553 94.06 -4.09 -66.05
CA PHE NA 553 93.22 -4.06 -67.25
C PHE NA 553 94.00 -3.50 -68.43
N LEU NA 554 93.49 -3.76 -69.63
CA LEU NA 554 94.04 -3.23 -70.86
C LEU NA 554 93.21 -2.04 -71.32
N GLY NA 555 93.84 -0.88 -71.43
CA GLY NA 555 93.17 0.29 -71.93
C GLY NA 555 92.06 0.79 -71.01
N PHE NA 556 91.21 1.61 -71.59
CA PHE NA 556 90.10 2.25 -70.90
C PHE NA 556 88.77 1.78 -71.51
N ASN NA 557 87.83 1.42 -70.64
CA ASN NA 557 86.48 1.05 -71.04
C ASN NA 557 85.50 1.84 -70.19
N ILE NA 558 84.33 2.18 -70.76
CA ILE NA 558 83.47 3.14 -70.09
C ILE NA 558 82.07 2.60 -69.77
N PHE NA 559 81.56 1.68 -70.58
CA PHE NA 559 80.32 0.96 -70.35
C PHE NA 559 79.16 1.80 -69.79
N PRO NA 560 78.72 2.84 -70.49
CA PRO NA 560 77.66 3.70 -69.95
C PRO NA 560 76.27 3.17 -70.28
N THR NA 561 75.28 3.77 -69.62
CA THR NA 561 73.87 3.39 -69.78
C THR NA 561 72.99 4.56 -69.40
N LEU NA 562 72.07 4.93 -70.28
CA LEU NA 562 71.22 6.10 -70.10
C LEU NA 562 69.76 5.69 -70.01
N THR NA 563 68.99 6.48 -69.27
CA THR NA 563 67.55 6.24 -69.10
C THR NA 563 66.87 7.59 -68.89
N ALA NA 564 65.74 7.79 -69.55
CA ALA NA 564 65.00 9.04 -69.45
C ALA NA 564 63.53 8.77 -69.72
N LEU NA 565 62.65 9.40 -68.94
CA LEU NA 565 61.22 9.18 -69.06
C LEU NA 565 60.47 10.47 -68.80
N GLU NA 566 59.33 10.63 -69.47
CA GLU NA 566 58.45 11.76 -69.25
C GLU NA 566 57.01 11.27 -69.33
N THR NA 567 56.12 11.92 -68.60
CA THR NA 567 54.73 11.49 -68.56
C THR NA 567 53.83 12.69 -68.29
N GLN NA 568 52.58 12.58 -68.71
CA GLN NA 568 51.51 13.50 -68.32
C GLN NA 568 50.22 12.74 -68.14
N GLY NA 569 49.30 13.35 -67.40
CA GLY NA 569 47.96 12.81 -67.24
C GLY NA 569 47.00 13.96 -67.02
N LEU NA 570 45.73 13.69 -67.26
CA LEU NA 570 44.69 14.68 -67.02
C LEU NA 570 43.35 13.99 -66.93
N THR NA 571 42.73 14.03 -65.76
CA THR NA 571 41.41 13.46 -65.58
C THR NA 571 40.41 14.57 -65.27
N ARG NA 572 39.29 14.55 -65.98
CA ARG NA 572 38.15 15.40 -65.69
C ARG NA 572 36.94 14.54 -65.36
N ARG NA 573 36.07 15.05 -64.51
CA ARG NA 573 34.82 14.36 -64.21
C ARG NA 573 33.81 15.41 -63.79
N VAL NA 574 32.67 15.47 -64.48
CA VAL NA 574 31.69 16.54 -64.30
C VAL NA 574 30.31 15.94 -64.14
N TYR NA 575 29.50 16.55 -63.26
CA TYR NA 575 28.11 16.18 -63.05
C TYR NA 575 27.26 17.44 -62.99
N ASP NA 576 26.06 17.39 -63.58
CA ASP NA 576 25.08 18.48 -63.53
C ASP NA 576 23.72 17.90 -63.18
N GLY NA 577 23.25 18.15 -61.96
CA GLY NA 577 21.96 17.60 -61.57
C GLY NA 577 20.89 18.61 -61.28
N ASN NA 578 19.70 18.41 -61.85
CA ASN NA 578 18.48 19.14 -61.51
C ASN NA 578 17.59 18.27 -60.64
N VAL NA 579 16.86 18.90 -59.72
CA VAL NA 579 15.70 18.29 -59.08
C VAL NA 579 14.64 19.38 -58.92
N THR NA 580 13.40 19.03 -59.21
CA THR NA 580 12.26 19.91 -58.95
C THR NA 580 11.63 19.55 -57.63
N MET NA 581 11.28 20.56 -56.84
CA MET NA 581 10.81 20.33 -55.47
C MET NA 581 9.94 21.51 -55.05
N GLN NA 582 9.39 21.41 -53.84
CA GLN NA 582 8.50 22.42 -53.27
C GLN NA 582 9.16 23.05 -52.04
N SER NA 583 8.47 24.04 -51.46
CA SER NA 583 9.07 24.82 -50.39
C SER NA 583 9.13 24.04 -49.08
N GLY NA 584 7.99 23.58 -48.59
CA GLY NA 584 8.01 22.92 -47.30
C GLY NA 584 8.11 21.42 -47.42
N GLN NA 585 8.87 20.94 -48.39
CA GLN NA 585 8.86 19.53 -48.72
C GLN NA 585 9.51 18.72 -47.61
N ARG NA 586 8.87 17.61 -47.24
CA ARG NA 586 9.34 16.71 -46.22
C ARG NA 586 10.01 15.50 -46.86
N SER NA 587 10.73 14.75 -46.04
CA SER NA 587 11.37 13.53 -46.50
C SER NA 587 10.36 12.41 -46.65
N LEU NA 588 10.78 11.36 -47.33
CA LEU NA 588 9.97 10.16 -47.56
C LEU NA 588 10.61 8.99 -46.82
N SER NA 589 9.79 8.20 -46.13
CA SER NA 589 10.28 7.08 -45.35
C SER NA 589 9.79 5.77 -45.96
N ALA NA 590 10.52 5.27 -46.96
CA ALA NA 590 10.24 3.94 -47.47
C ALA NA 590 11.25 2.91 -46.99
N THR NA 591 12.50 3.06 -47.44
CA THR NA 591 13.70 2.42 -46.90
C THR NA 591 13.70 0.89 -47.00
N GLY NA 592 12.56 0.28 -47.31
CA GLY NA 592 12.46 -1.16 -47.40
C GLY NA 592 13.05 -1.97 -46.27
N GLY NA 593 13.32 -1.33 -45.13
CA GLY NA 593 13.98 -1.97 -44.02
C GLY NA 593 15.47 -1.72 -43.95
N ALA NA 594 16.09 -1.29 -45.05
CA ALA NA 594 17.51 -1.00 -45.08
C ALA NA 594 17.77 0.45 -44.71
N GLN NA 595 18.97 0.71 -44.20
CA GLN NA 595 19.36 2.04 -43.77
C GLN NA 595 20.16 2.71 -44.89
N ASN NA 596 19.81 3.95 -45.19
CA ASN NA 596 20.44 4.71 -46.27
C ASN NA 596 20.72 6.12 -45.78
N ALA NA 597 21.80 6.71 -46.27
CA ALA NA 597 22.20 8.04 -45.82
C ALA NA 597 21.33 9.15 -46.38
N SER NA 598 20.48 8.86 -47.36
CA SER NA 598 19.63 9.86 -47.98
C SER NA 598 18.16 9.70 -47.59
N SER NA 599 17.88 8.97 -46.50
CA SER NA 599 16.51 8.76 -46.09
C SER NA 599 15.83 10.06 -45.68
N GLY NA 600 16.55 10.96 -45.04
CA GLY NA 600 15.96 12.18 -44.53
C GLY NA 600 16.02 13.35 -45.49
N ALA NA 601 16.36 13.09 -46.75
CA ALA NA 601 16.43 14.14 -47.76
C ALA NA 601 15.06 14.42 -48.34
N ALA NA 602 14.76 15.70 -48.55
CA ALA NA 602 13.49 16.07 -49.16
C ALA NA 602 13.45 15.66 -50.63
N ALA NA 603 14.59 15.73 -51.31
CA ALA NA 603 14.71 15.35 -52.70
C ALA NA 603 16.08 14.73 -52.91
N SER NA 604 16.21 13.95 -53.99
CA SER NA 604 17.45 13.23 -54.24
C SER NA 604 17.60 12.95 -55.73
N VAL NA 605 18.84 12.72 -56.14
CA VAL NA 605 19.14 12.15 -57.45
C VAL NA 605 20.44 11.38 -57.32
N LYS NA 606 20.48 10.19 -57.93
CA LYS NA 606 21.62 9.29 -57.83
C LYS NA 606 21.94 8.70 -59.18
N SER NA 607 23.21 8.38 -59.39
CA SER NA 607 23.62 7.62 -60.56
C SER NA 607 24.98 7.02 -60.27
N GLY NA 608 25.09 5.71 -60.45
CA GLY NA 608 26.27 4.99 -60.03
C GLY NA 608 25.99 3.55 -59.72
N GLY NA 609 26.27 3.12 -58.49
CA GLY NA 609 25.91 1.81 -58.03
C GLY NA 609 25.33 1.87 -56.62
N ARG NA 610 25.13 0.69 -56.04
CA ARG NA 610 24.58 0.58 -54.70
C ARG NA 610 24.91 -0.77 -54.09
N LEU NA 611 25.61 -0.76 -52.96
CA LEU NA 611 25.95 -1.97 -52.24
C LEU NA 611 24.83 -2.29 -51.25
N GLU NA 612 24.34 -3.53 -51.27
CA GLU NA 612 23.36 -4.01 -50.32
C GLU NA 612 24.03 -4.96 -49.34
N ILE NA 613 23.90 -4.67 -48.04
CA ILE NA 613 24.61 -5.38 -47.00
C ILE NA 613 23.60 -5.98 -46.03
N ASN NA 614 23.72 -7.28 -45.78
CA ASN NA 614 22.81 -8.02 -44.89
C ASN NA 614 23.65 -8.89 -43.97
N ILE NA 615 24.00 -8.37 -42.80
CA ILE NA 615 24.83 -9.09 -41.84
C ILE NA 615 23.98 -9.39 -40.61
N PRO NA 616 23.77 -10.66 -40.25
CA PRO NA 616 23.01 -10.97 -39.05
C PRO NA 616 23.84 -10.79 -37.79
N SER NA 617 23.24 -10.19 -36.77
CA SER NA 617 23.92 -9.90 -35.53
C SER NA 617 22.94 -10.05 -34.37
N ALA NA 618 23.48 -10.32 -33.19
CA ALA NA 618 22.65 -10.49 -32.01
C ALA NA 618 22.28 -9.17 -31.34
N ALA NA 619 22.94 -8.08 -31.70
CA ALA NA 619 22.61 -6.76 -31.21
C ALA NA 619 21.72 -5.99 -32.18
N GLY NA 620 21.26 -6.62 -33.25
CA GLY NA 620 20.50 -5.96 -34.30
C GLY NA 620 21.26 -6.18 -35.59
N ASN NA 621 20.53 -6.64 -36.61
CA ASN NA 621 21.15 -6.92 -37.89
C ASN NA 621 21.68 -5.65 -38.54
N ILE NA 622 22.78 -5.78 -39.26
CA ILE NA 622 23.31 -4.70 -40.08
C ILE NA 622 22.70 -4.85 -41.47
N VAL NA 623 21.69 -4.03 -41.76
CA VAL NA 623 21.04 -4.02 -43.07
C VAL NA 623 21.23 -2.60 -43.60
N ARG NA 624 22.14 -2.44 -44.55
CA ARG NA 624 22.57 -1.13 -45.01
C ARG NA 624 22.51 -1.06 -46.53
N GLN NA 625 22.56 0.18 -47.02
CA GLN NA 625 22.79 0.46 -48.44
C GLN NA 625 23.84 1.54 -48.54
N ILE NA 626 24.89 1.28 -49.31
CA ILE NA 626 25.93 2.26 -49.59
C ILE NA 626 25.86 2.59 -51.07
N ASP NA 627 25.68 3.86 -51.38
CA ASP NA 627 25.57 4.33 -52.74
C ASP NA 627 26.87 4.98 -53.16
N TYR NA 628 27.30 4.72 -54.40
CA TYR NA 628 28.46 5.37 -54.96
C TYR NA 628 28.10 5.93 -56.33
N GLY NA 629 29.04 6.66 -56.92
CA GLY NA 629 28.79 7.38 -58.15
C GLY NA 629 28.57 8.85 -57.89
N LEU NA 630 27.35 9.33 -58.12
CA LEU NA 630 26.94 10.67 -57.75
C LEU NA 630 25.77 10.59 -56.79
N ASN NA 631 25.83 11.33 -55.69
CA ASN NA 631 24.71 11.47 -54.77
C ASN NA 631 24.48 12.94 -54.53
N LEU NA 632 23.25 13.40 -54.75
CA LEU NA 632 22.85 14.77 -54.47
C LEU NA 632 21.62 14.74 -53.58
N ASP NA 633 21.75 15.29 -52.38
CA ASP NA 633 20.66 15.33 -51.41
C ASP NA 633 20.30 16.79 -51.10
N PHE NA 634 19.01 17.05 -50.97
CA PHE NA 634 18.51 18.38 -50.66
C PHE NA 634 17.68 18.30 -49.39
N PHE NA 635 17.92 19.21 -48.45
CA PHE NA 635 17.26 19.21 -47.16
C PHE NA 635 16.64 20.57 -46.90
N SER NA 636 15.36 20.58 -46.52
CA SER NA 636 14.65 21.75 -46.01
C SER NA 636 14.65 22.94 -46.97
N PRO NA 637 13.99 22.85 -48.12
CA PRO NA 637 14.09 23.89 -49.16
C PRO NA 637 13.05 25.00 -49.07
N GLN NA 638 13.18 25.92 -48.12
CA GLN NA 638 12.20 26.99 -48.02
C GLN NA 638 12.46 28.08 -49.04
N VAL NA 639 11.39 28.66 -49.59
CA VAL NA 639 11.44 29.72 -50.57
C VAL NA 639 10.58 30.88 -50.08
N ALA NA 640 11.09 32.10 -50.18
CA ALA NA 640 10.40 33.30 -49.76
C ALA NA 640 9.60 33.90 -50.91
N PRO NA 641 8.63 34.76 -50.61
CA PRO NA 641 7.88 35.42 -51.69
C PRO NA 641 8.75 36.28 -52.61
N ASP NA 642 9.87 36.80 -52.12
CA ASP NA 642 10.82 37.46 -53.02
C ASP NA 642 11.32 36.51 -54.09
N GLY NA 643 11.48 35.24 -53.76
CA GLY NA 643 12.22 34.31 -54.58
C GLY NA 643 13.55 33.91 -54.00
N THR NA 644 13.81 34.21 -52.74
CA THR NA 644 15.03 33.80 -52.07
C THR NA 644 14.93 32.33 -51.67
N ILE NA 645 15.92 31.54 -52.06
CA ILE NA 645 15.93 30.10 -51.83
C ILE NA 645 16.98 29.79 -50.77
N THR NA 646 16.54 29.16 -49.68
CA THR NA 646 17.43 28.65 -48.65
C THR NA 646 17.39 27.12 -48.69
N LEU NA 647 18.53 26.50 -48.49
CA LEU NA 647 18.65 25.10 -48.82
C LEU NA 647 19.89 24.50 -48.19
N ARG NA 648 19.80 23.24 -47.80
CA ARG NA 648 20.95 22.42 -47.42
C ARG NA 648 21.20 21.39 -48.51
N ILE NA 649 22.44 21.32 -48.98
CA ILE NA 649 22.84 20.46 -50.08
C ILE NA 649 24.04 19.64 -49.63
N ARG NA 650 24.03 18.33 -49.89
CA ARG NA 650 25.26 17.60 -49.66
C ARG NA 650 26.10 17.42 -50.92
N GLY NA 651 25.69 16.57 -51.85
CA GLY NA 651 26.54 16.37 -53.01
C GLY NA 651 27.74 15.50 -52.70
N GLN NA 652 28.00 14.49 -53.52
CA GLN NA 652 29.09 13.56 -53.22
C GLN NA 652 29.40 12.73 -54.45
N VAL NA 653 30.69 12.54 -54.71
CA VAL NA 653 31.17 11.67 -55.78
C VAL NA 653 32.13 10.65 -55.17
N ASN NA 654 31.86 9.38 -55.38
CA ASN NA 654 32.72 8.34 -54.84
C ASN NA 654 32.69 7.11 -55.74
N GLN NA 655 33.73 6.30 -55.61
CA GLN NA 655 33.90 5.06 -56.35
C GLN NA 655 34.55 4.05 -55.43
N PRO NA 656 34.26 2.76 -55.59
CA PRO NA 656 35.04 1.74 -54.90
C PRO NA 656 36.49 1.78 -55.36
N ALA NA 657 37.41 1.68 -54.40
CA ALA NA 657 38.83 1.74 -54.76
C ALA NA 657 39.24 0.53 -55.59
N THR NA 658 38.75 -0.64 -55.23
CA THR NA 658 38.95 -1.85 -56.02
C THR NA 658 37.60 -2.52 -56.26
N ALA NA 659 37.50 -3.23 -57.38
CA ALA NA 659 36.22 -3.77 -57.82
C ALA NA 659 35.68 -4.81 -56.85
N ILE NA 660 34.36 -4.84 -56.72
CA ILE NA 660 33.68 -5.85 -55.91
C ILE NA 660 33.57 -7.13 -56.73
N THR NA 661 33.97 -8.26 -56.15
CA THR NA 661 34.20 -9.47 -56.93
C THR NA 661 33.47 -10.70 -56.37
N ALA NA 662 32.40 -10.52 -55.61
CA ALA NA 662 31.57 -11.61 -55.13
C ALA NA 662 32.32 -12.51 -54.15
N ASP NA 663 33.60 -12.28 -53.96
CA ASP NA 663 34.37 -12.82 -52.86
C ASP NA 663 34.65 -11.77 -51.80
N SER NA 664 34.17 -10.55 -52.02
CA SER NA 664 34.37 -9.46 -51.08
C SER NA 664 33.52 -9.65 -49.83
N LEU NA 665 34.03 -9.14 -48.74
CA LEU NA 665 33.28 -9.15 -47.49
C LEU NA 665 32.91 -7.72 -47.10
N PRO NA 666 31.77 -7.53 -46.45
CA PRO NA 666 31.31 -6.17 -46.16
C PRO NA 666 31.94 -5.55 -44.94
N ASN NA 667 33.04 -6.13 -44.45
CA ASN NA 667 33.62 -5.68 -43.20
C ASN NA 667 34.59 -4.53 -43.37
N LEU NA 668 35.07 -4.26 -44.58
CA LEU NA 668 35.98 -3.14 -44.82
C LEU NA 668 36.00 -2.86 -46.31
N ILE NA 669 35.65 -1.63 -46.70
CA ILE NA 669 35.57 -1.22 -48.10
C ILE NA 669 36.22 0.15 -48.23
N ASP NA 670 36.86 0.43 -49.36
CA ASP NA 670 37.88 1.49 -49.40
C ASP NA 670 37.38 2.82 -49.97
N PHE NA 671 36.66 2.81 -51.10
CA PHE NA 671 35.79 3.93 -51.46
C PHE NA 671 36.52 5.27 -51.58
N THR NA 672 37.25 5.46 -52.68
CA THR NA 672 37.61 6.80 -53.13
C THR NA 672 36.43 7.76 -52.99
N ASN NA 673 36.67 8.96 -52.44
CA ASN NA 673 35.56 9.81 -52.02
C ASN NA 673 35.90 11.30 -52.07
N SER NA 674 34.90 12.10 -52.45
CA SER NA 674 34.93 13.56 -52.36
C SER NA 674 33.53 14.05 -51.99
N GLU NA 675 33.46 14.99 -51.05
CA GLU NA 675 32.17 15.34 -50.45
C GLU NA 675 32.21 16.78 -49.94
N ALA NA 676 31.02 17.34 -49.76
CA ALA NA 676 30.83 18.67 -49.18
C ALA NA 676 29.40 18.75 -48.65
N GLN NA 677 29.17 19.64 -47.69
CA GLN NA 677 27.81 19.92 -47.24
C GLN NA 677 27.79 21.25 -46.52
N SER NA 678 26.73 22.01 -46.74
CA SER NA 678 26.56 23.32 -46.15
C SER NA 678 25.16 23.82 -46.47
N THR NA 679 24.83 24.98 -45.93
CA THR NA 679 23.58 25.67 -46.19
C THR NA 679 23.89 26.97 -46.92
N ILE NA 680 23.15 27.24 -47.99
CA ILE NA 680 23.36 28.44 -48.80
C ILE NA 680 22.02 29.13 -49.00
N THR NA 681 22.10 30.42 -49.33
CA THR NA 681 20.92 31.20 -49.65
C THR NA 681 21.25 32.12 -50.82
N PHE NA 682 20.35 32.17 -51.79
CA PHE NA 682 20.54 32.97 -52.98
C PHE NA 682 19.17 33.34 -53.52
N LYS NA 683 19.12 34.36 -54.36
CA LYS NA 683 17.86 34.75 -54.97
C LYS NA 683 17.65 34.02 -56.29
N ASN NA 684 16.41 34.06 -56.76
CA ASN NA 684 15.99 33.40 -57.99
C ASN NA 684 16.87 33.81 -59.16
N GLY NA 685 17.66 32.87 -59.69
CA GLY NA 685 18.47 33.10 -60.85
C GLY NA 685 19.95 33.32 -60.60
N GLN NA 686 20.37 33.48 -59.35
CA GLN NA 686 21.77 33.74 -59.05
C GLN NA 686 22.57 32.45 -58.96
N THR NA 687 23.89 32.60 -58.91
CA THR NA 687 24.82 31.48 -58.89
C THR NA 687 25.83 31.68 -57.77
N ILE NA 688 26.06 30.65 -56.97
CA ILE NA 688 26.92 30.75 -55.79
C ILE NA 688 27.79 29.51 -55.71
N LEU NA 689 29.03 29.69 -55.25
CA LEU NA 689 29.95 28.60 -54.99
C LEU NA 689 29.77 28.12 -53.56
N MET NA 690 29.39 26.85 -53.38
CA MET NA 690 29.27 26.33 -52.04
C MET NA 690 30.61 25.87 -51.48
N SER NA 691 31.46 25.29 -52.32
CA SER NA 691 32.73 24.77 -51.83
C SER NA 691 33.71 24.71 -52.98
N GLY NA 692 34.98 24.77 -52.63
CA GLY NA 692 36.05 24.66 -53.61
C GLY NA 692 37.28 24.10 -52.94
N LEU NA 693 38.12 23.45 -53.73
CA LEU NA 693 39.31 22.81 -53.17
C LEU NA 693 40.40 22.79 -54.23
N LEU NA 694 41.55 23.36 -53.92
CA LEU NA 694 42.71 23.36 -54.81
C LEU NA 694 43.84 22.62 -54.13
N GLY NA 695 44.51 21.72 -54.87
CA GLY NA 695 45.59 20.92 -54.33
C GLY NA 695 46.85 21.04 -55.16
N SER NA 696 47.94 20.49 -54.63
CA SER NA 696 49.23 20.47 -55.27
C SER NA 696 50.17 19.56 -54.51
N THR NA 697 51.01 18.83 -55.22
CA THR NA 697 52.08 18.04 -54.61
C THR NA 697 53.35 18.18 -55.44
N GLU NA 698 54.44 17.60 -54.93
CA GLU NA 698 55.74 17.59 -55.58
C GLU NA 698 56.66 16.67 -54.79
N THR NA 699 57.53 15.92 -55.46
CA THR NA 699 58.36 14.94 -54.77
C THR NA 699 59.86 15.10 -55.00
N THR NA 700 60.33 15.36 -56.22
CA THR NA 700 61.67 15.89 -56.51
C THR NA 700 62.78 15.19 -55.70
N ASN NA 701 63.00 13.92 -56.01
CA ASN NA 701 64.14 13.20 -55.45
C ASN NA 701 65.39 13.38 -56.30
N ARG NA 702 66.53 12.95 -55.75
CA ARG NA 702 67.82 13.06 -56.41
C ARG NA 702 68.86 12.26 -55.64
N SER NA 703 69.77 11.61 -56.34
CA SER NA 703 70.72 10.69 -55.72
C SER NA 703 71.94 10.52 -56.61
N GLY NA 704 73.06 10.16 -56.00
CA GLY NA 704 74.27 9.89 -56.75
C GLY NA 704 75.59 10.11 -56.04
N VAL NA 705 76.57 10.61 -56.78
CA VAL NA 705 77.92 10.87 -56.29
C VAL NA 705 77.92 12.15 -55.47
N PRO NA 706 78.66 12.22 -54.36
CA PRO NA 706 78.68 13.46 -53.57
C PRO NA 706 79.27 14.64 -54.34
N PHE NA 707 78.52 15.74 -54.34
CA PHE NA 707 78.89 17.03 -54.89
C PHE NA 707 78.91 17.05 -56.41
N LEU NA 708 78.82 15.89 -57.05
CA LEU NA 708 78.81 15.85 -58.50
C LEU NA 708 77.41 15.65 -59.05
N SER NA 709 76.57 14.92 -58.33
CA SER NA 709 75.17 14.75 -58.74
C SER NA 709 74.35 16.00 -58.49
N SER NA 710 74.88 16.98 -57.76
CA SER NA 710 74.17 18.21 -57.45
C SER NA 710 74.54 19.35 -58.38
N LEU NA 711 75.46 19.14 -59.30
CA LEU NA 711 75.84 20.20 -60.23
C LEU NA 711 74.69 20.48 -61.19
N PRO NA 712 74.48 21.75 -61.57
CA PRO NA 712 73.36 22.07 -62.46
C PRO NA 712 73.63 21.55 -63.87
N GLY NA 713 72.63 20.90 -64.45
CA GLY NA 713 72.75 20.37 -65.79
C GLY NA 713 73.45 19.04 -65.84
N VAL NA 714 74.78 19.04 -65.67
CA VAL NA 714 75.57 17.82 -65.77
C VAL NA 714 75.47 16.93 -64.54
N GLY NA 715 74.65 17.30 -63.56
CA GLY NA 715 74.53 16.48 -62.37
C GLY NA 715 73.98 15.10 -62.63
N ALA NA 716 73.08 14.99 -63.60
CA ALA NA 716 72.46 13.71 -63.91
C ALA NA 716 73.44 12.73 -64.54
N ALA NA 717 74.64 13.17 -64.91
CA ALA NA 717 75.67 12.28 -65.39
C ALA NA 717 76.32 11.47 -64.28
N PHE NA 718 76.02 11.76 -63.02
CA PHE NA 718 76.60 11.07 -61.88
C PHE NA 718 75.53 10.58 -60.93
N GLY NA 719 74.47 10.01 -61.45
CA GLY NA 719 73.43 9.49 -60.59
C GLY NA 719 72.07 9.63 -61.25
N GLU NA 720 71.04 9.72 -60.42
CA GLU NA 720 69.66 9.79 -60.87
C GLU NA 720 69.08 11.18 -60.59
N LYS NA 721 67.81 11.34 -60.96
CA LYS NA 721 67.03 12.54 -60.71
C LYS NA 721 65.58 12.24 -61.08
N ARG NA 722 64.66 12.76 -60.28
CA ARG NA 722 63.26 12.45 -60.47
C ARG NA 722 62.44 13.62 -59.94
N THR NA 723 61.38 13.98 -60.64
CA THR NA 723 60.49 15.02 -60.16
C THR NA 723 59.07 14.72 -60.62
N GLU NA 724 58.11 14.95 -59.73
CA GLU NA 724 56.70 14.77 -60.02
C GLU NA 724 55.93 15.98 -59.51
N LYS NA 725 54.84 16.30 -60.18
CA LYS NA 725 53.98 17.41 -59.78
C LYS NA 725 52.53 17.05 -60.06
N THR NA 726 51.65 17.47 -59.17
CA THR NA 726 50.23 17.18 -59.28
C THR NA 726 49.44 18.45 -58.99
N GLN NA 727 48.32 18.61 -59.67
CA GLN NA 727 47.37 19.69 -59.43
C GLN NA 727 45.98 19.10 -59.34
N SER NA 728 45.09 19.75 -58.60
CA SER NA 728 43.72 19.30 -58.56
C SER NA 728 42.81 20.48 -58.25
N GLN NA 729 41.58 20.39 -58.75
CA GLN NA 729 40.55 21.39 -58.48
C GLN NA 729 39.22 20.69 -58.28
N LEU NA 730 38.47 21.12 -57.28
CA LEU NA 730 37.12 20.62 -57.04
C LEU NA 730 36.22 21.82 -56.81
N LEU NA 731 35.08 21.87 -57.49
CA LEU NA 731 34.16 22.99 -57.40
C LEU NA 731 32.73 22.47 -57.28
N VAL NA 732 31.98 23.03 -56.35
CA VAL NA 732 30.55 22.73 -56.20
C VAL NA 732 29.79 24.04 -56.35
N ILE NA 733 28.98 24.14 -57.40
CA ILE NA 733 28.30 25.37 -57.77
C ILE NA 733 26.80 25.13 -57.82
N ILE NA 734 26.02 26.04 -57.25
CA ILE NA 734 24.57 25.88 -57.14
C ILE NA 734 23.86 27.08 -57.75
N THR NA 735 22.80 26.80 -58.50
CA THR NA 735 21.86 27.80 -58.98
C THR NA 735 20.46 27.24 -58.89
N GLY NA 736 19.47 28.09 -59.08
CA GLY NA 736 18.09 27.64 -59.04
C GLY NA 736 17.15 28.72 -59.49
N THR NA 737 15.96 28.29 -59.91
CA THR NA 737 14.92 29.19 -60.40
C THR NA 737 13.58 28.76 -59.82
N VAL NA 738 12.63 29.68 -59.83
CA VAL NA 738 11.27 29.40 -59.44
C VAL NA 738 10.48 29.02 -60.69
N VAL NA 739 9.76 27.91 -60.62
CA VAL NA 739 9.02 27.36 -61.75
C VAL NA 739 7.57 27.82 -61.63
N LYS NA 740 7.16 28.74 -62.49
CA LYS NA 740 5.79 29.23 -62.46
C LYS NA 740 4.85 28.34 -63.25
N GLY OA 61 54.25 38.67 -59.55
CA GLY OA 61 53.59 39.67 -58.74
C GLY OA 61 52.24 39.23 -58.23
N VAL OA 62 51.57 38.38 -59.00
CA VAL OA 62 50.28 37.82 -58.63
C VAL OA 62 50.45 36.31 -58.59
N THR OA 63 50.46 35.75 -57.38
CA THR OA 63 50.72 34.33 -57.19
C THR OA 63 49.49 33.55 -56.76
N VAL OA 64 48.52 34.20 -56.15
CA VAL OA 64 47.37 33.54 -55.58
C VAL OA 64 46.24 33.52 -56.60
N THR OA 65 45.61 32.37 -56.73
CA THR OA 65 44.49 32.20 -57.64
C THR OA 65 43.27 32.96 -57.12
N PRO OA 66 42.66 33.82 -57.92
CA PRO OA 66 41.41 34.46 -57.49
C PRO OA 66 40.28 33.43 -57.40
N VAL OA 67 39.33 33.70 -56.51
CA VAL OA 67 38.21 32.82 -56.27
C VAL OA 67 36.93 33.60 -56.54
N LEU OA 68 36.06 33.06 -57.37
CA LEU OA 68 34.77 33.67 -57.64
C LEU OA 68 33.70 32.97 -56.81
N ILE OA 69 33.00 33.72 -55.97
CA ILE OA 69 32.06 33.12 -55.03
C ILE OA 69 30.61 33.32 -55.44
N LYS OA 70 30.25 34.47 -56.01
CA LYS OA 70 28.84 34.71 -56.34
C LYS OA 70 28.74 35.65 -57.52
N VAL OA 71 27.77 35.39 -58.40
CA VAL OA 71 27.35 36.33 -59.42
C VAL OA 71 25.84 36.50 -59.31
N SER OA 72 25.35 37.63 -59.81
CA SER OA 72 23.93 37.93 -59.76
C SER OA 72 23.24 37.31 -60.96
N GLU OA 73 21.97 37.65 -61.16
CA GLU OA 73 21.16 37.07 -62.21
C GLU OA 73 20.99 38.06 -63.37
N GLY OA 74 20.36 37.57 -64.43
CA GLY OA 74 19.95 38.44 -65.51
C GLY OA 74 20.98 38.65 -66.59
N ALA OA 75 21.69 39.78 -66.51
CA ALA OA 75 22.73 40.15 -67.46
C ALA OA 75 22.14 40.35 -68.86
N ALA OA 76 21.25 41.29 -68.96
CA ALA OA 76 20.81 41.80 -70.24
C ALA OA 76 21.52 43.11 -70.53
N PRO OA 77 21.74 43.46 -71.81
CA PRO OA 77 22.43 44.72 -72.13
C PRO OA 77 21.80 45.92 -71.45
N GLY OA 78 22.57 46.59 -70.60
CA GLY OA 78 22.08 47.67 -69.78
C GLY OA 78 21.84 47.30 -68.33
N ASP OA 79 21.89 46.02 -67.99
CA ASP OA 79 21.73 45.59 -66.61
C ASP OA 79 23.06 45.65 -65.87
N THR OA 80 22.98 45.52 -64.55
CA THR OA 80 24.13 45.58 -63.67
C THR OA 80 24.50 44.18 -63.23
N LEU OA 81 25.75 43.79 -63.43
CA LEU OA 81 26.25 42.47 -63.08
C LEU OA 81 27.25 42.62 -61.94
N THR OA 82 26.99 41.93 -60.83
CA THR OA 82 27.83 42.01 -59.65
C THR OA 82 28.54 40.68 -59.43
N ILE OA 83 29.84 40.75 -59.18
CA ILE OA 83 30.68 39.58 -58.95
C ILE OA 83 31.37 39.74 -57.61
N GLN OA 84 31.41 38.67 -56.82
CA GLN OA 84 32.03 38.70 -55.51
C GLN OA 84 33.07 37.59 -55.42
N GLY OA 85 34.21 37.90 -54.86
CA GLY OA 85 35.32 36.97 -54.80
C GLY OA 85 36.27 37.32 -53.70
N ARG OA 86 37.51 36.83 -53.81
CA ARG OA 86 38.49 37.09 -52.77
C ARG OA 86 39.71 37.88 -53.24
N TYR OA 87 40.49 37.37 -54.18
CA TYR OA 87 41.71 38.06 -54.62
C TYR OA 87 41.54 38.71 -55.98
N LEU OA 88 40.63 39.68 -56.07
CA LEU OA 88 40.20 40.17 -57.38
C LEU OA 88 41.02 41.35 -57.89
N GLY OA 89 41.90 41.93 -57.08
CA GLY OA 89 42.85 42.91 -57.58
C GLY OA 89 42.33 44.30 -57.89
N ASN OA 90 42.79 44.86 -59.01
CA ASN OA 90 42.44 46.19 -59.47
C ASN OA 90 41.78 46.14 -60.84
N ALA OA 91 41.04 47.19 -61.16
CA ALA OA 91 40.55 47.37 -62.51
C ALA OA 91 41.66 47.74 -63.49
N GLN OA 92 42.79 48.23 -62.99
CA GLN OA 92 43.95 48.54 -63.81
C GLN OA 92 44.89 47.35 -63.97
N THR OA 93 44.64 46.25 -63.26
CA THR OA 93 45.49 45.07 -63.31
C THR OA 93 44.78 43.85 -63.86
N ALA OA 94 43.44 43.82 -63.84
CA ALA OA 94 42.67 42.62 -64.15
C ALA OA 94 41.59 42.96 -65.16
N ARG OA 95 40.93 41.91 -65.67
CA ARG OA 95 39.84 42.04 -66.61
C ARG OA 95 38.88 40.88 -66.43
N VAL OA 96 37.62 41.10 -66.81
CA VAL OA 96 36.58 40.08 -66.73
C VAL OA 96 36.32 39.52 -68.12
N ILE OA 97 36.24 38.21 -68.25
CA ILE OA 97 36.05 37.52 -69.52
C ILE OA 97 34.77 36.72 -69.43
N ILE OA 98 33.91 36.86 -70.42
CA ILE OA 98 32.62 36.20 -70.46
C ILE OA 98 32.49 35.47 -71.79
N GLY OA 99 31.65 34.46 -71.82
CA GLY OA 99 31.49 33.66 -73.01
C GLY OA 99 32.51 32.56 -73.20
N ALA OA 100 33.30 32.25 -72.18
CA ALA OA 100 34.33 31.22 -72.29
C ALA OA 100 33.74 29.85 -72.03
N ASP OA 101 34.55 28.83 -72.25
CA ASP OA 101 34.14 27.46 -71.98
C ASP OA 101 34.62 27.06 -70.59
N GLU OA 102 34.48 25.77 -70.26
CA GLU OA 102 34.82 25.31 -68.91
C GLU OA 102 36.26 25.58 -68.55
N ASN OA 103 37.15 25.66 -69.53
CA ASN OA 103 38.58 25.78 -69.31
C ASN OA 103 39.09 27.20 -69.42
N GLY OA 104 38.19 28.16 -69.66
CA GLY OA 104 38.59 29.54 -69.82
C GLY OA 104 38.96 29.94 -71.23
N GLN OA 105 38.92 29.01 -72.18
CA GLN OA 105 39.29 29.31 -73.55
C GLN OA 105 38.14 30.01 -74.26
N GLY OA 106 38.46 30.75 -75.31
CA GLY OA 106 37.44 31.52 -75.97
C GLY OA 106 37.03 32.69 -75.08
N GLY OA 107 35.88 33.25 -75.42
CA GLY OA 107 35.31 34.30 -74.61
C GLY OA 107 35.83 35.68 -74.97
N THR OA 108 35.05 36.69 -74.58
CA THR OA 108 35.36 38.08 -74.89
C THR OA 108 35.44 38.86 -73.59
N ALA OA 109 36.39 39.78 -73.51
CA ALA OA 109 36.60 40.56 -72.31
C ALA OA 109 35.67 41.76 -72.27
N PHE OA 110 35.22 42.10 -71.06
CA PHE OA 110 34.43 43.30 -70.88
C PHE OA 110 35.29 44.53 -71.18
N PRO OA 111 34.71 45.57 -71.77
CA PRO OA 111 35.46 46.81 -71.95
C PRO OA 111 35.73 47.49 -70.61
N ALA OA 112 36.80 48.26 -70.55
CA ALA OA 112 37.14 48.98 -69.33
C ALA OA 112 36.09 50.01 -68.97
N SER OA 113 35.32 50.50 -69.94
CA SER OA 113 34.27 51.46 -69.67
C SER OA 113 33.04 50.84 -69.03
N ALA OA 114 32.97 49.50 -68.98
CA ALA OA 114 31.84 48.80 -68.38
C ALA OA 114 31.96 48.68 -66.87
N VAL OA 115 33.09 49.06 -66.30
CA VAL OA 115 33.35 48.85 -64.88
C VAL OA 115 32.83 50.04 -64.10
N GLN OA 116 31.94 49.78 -63.15
CA GLN OA 116 31.44 50.81 -62.25
C GLN OA 116 32.21 50.86 -60.95
N SER OA 117 32.52 49.69 -60.38
CA SER OA 117 33.30 49.58 -59.16
C SER OA 117 34.19 48.36 -59.28
N TRP OA 118 35.32 48.37 -58.59
CA TRP OA 118 36.20 47.21 -58.58
C TRP OA 118 37.01 47.23 -57.28
N SER OA 119 36.58 46.44 -56.32
CA SER OA 119 37.34 46.17 -55.11
C SER OA 119 38.01 44.81 -55.25
N ASP OA 120 38.75 44.42 -54.22
CA ASP OA 120 39.35 43.09 -54.24
C ASP OA 120 38.34 42.00 -53.91
N THR OA 121 37.14 42.35 -53.48
CA THR OA 121 36.10 41.37 -53.19
C THR OA 121 34.79 41.62 -53.90
N GLU OA 122 34.70 42.63 -54.77
CA GLU OA 122 33.47 42.88 -55.50
C GLU OA 122 33.75 43.65 -56.78
N ILE OA 123 33.14 43.21 -57.87
CA ILE OA 123 33.19 43.91 -59.15
C ILE OA 123 31.76 44.19 -59.60
N VAL OA 124 31.50 45.42 -60.00
CA VAL OA 124 30.19 45.83 -60.50
C VAL OA 124 30.36 46.30 -61.94
N LEU OA 125 29.53 45.80 -62.83
CA LEU OA 125 29.67 46.04 -64.26
C LEU OA 125 28.34 46.48 -64.85
N LYS OA 126 28.42 47.12 -66.02
CA LYS OA 126 27.27 47.37 -66.87
C LYS OA 126 27.42 46.56 -68.14
N VAL OA 127 26.43 45.73 -68.43
CA VAL OA 127 26.52 44.82 -69.57
C VAL OA 127 26.41 45.62 -70.87
N PRO OA 128 27.38 45.55 -71.76
CA PRO OA 128 27.33 46.32 -72.99
C PRO OA 128 26.38 45.65 -73.99
N GLU OA 129 26.36 46.21 -75.21
CA GLU OA 129 25.57 45.64 -76.29
C GLU OA 129 26.46 44.78 -77.16
N GLY OA 130 26.02 43.55 -77.43
CA GLY OA 130 26.77 42.68 -78.31
C GLY OA 130 27.34 41.44 -77.66
N MET OA 131 27.02 41.21 -76.40
CA MET OA 131 27.47 39.98 -75.74
C MET OA 131 26.67 38.78 -76.25
N PRO OA 132 27.28 37.59 -76.25
CA PRO OA 132 26.59 36.39 -76.76
C PRO OA 132 25.56 35.89 -75.76
N ALA OA 133 24.29 35.90 -76.16
CA ALA OA 133 23.23 35.42 -75.29
C ALA OA 133 23.32 33.91 -75.13
N GLY OA 134 22.81 33.42 -74.01
CA GLY OA 134 22.88 32.02 -73.67
C GLY OA 134 23.83 31.79 -72.50
N GLY OA 135 23.99 30.51 -72.18
CA GLY OA 135 24.85 30.14 -71.07
C GLY OA 135 26.32 30.10 -71.47
N SER OA 136 27.17 30.48 -70.53
CA SER OA 136 28.60 30.55 -70.76
C SER OA 136 29.30 30.65 -69.40
N TRP OA 137 30.62 30.73 -69.44
CA TRP OA 137 31.43 30.78 -68.24
C TRP OA 137 32.06 32.15 -68.08
N LEU OA 138 32.16 32.59 -66.83
CA LEU OA 138 32.74 33.88 -66.50
C LEU OA 138 33.99 33.67 -65.66
N PHE OA 139 35.06 34.35 -66.02
CA PHE OA 139 36.34 34.28 -65.32
C PHE OA 139 36.85 35.69 -65.07
N VAL OA 140 37.70 35.82 -64.06
CA VAL OA 140 38.44 37.05 -63.80
C VAL OA 140 39.91 36.72 -63.88
N GLU OA 141 40.65 37.45 -64.70
CA GLU OA 141 42.08 37.25 -64.88
C GLU OA 141 42.82 38.39 -64.18
N VAL OA 142 43.46 38.08 -63.05
CA VAL OA 142 44.17 39.07 -62.25
C VAL OA 142 45.65 38.90 -62.48
N GLY OA 143 46.28 39.91 -63.08
CA GLY OA 143 47.70 39.84 -63.36
C GLY OA 143 48.08 38.68 -64.24
N GLY OA 144 47.21 38.28 -65.16
CA GLY OA 144 47.47 37.15 -66.02
C GLY OA 144 47.10 35.81 -65.45
N LYS OA 145 46.67 35.74 -64.20
CA LYS OA 145 46.30 34.50 -63.56
C LYS OA 145 44.79 34.35 -63.57
N ARG OA 146 44.31 33.18 -63.98
CA ARG OA 146 42.88 32.94 -64.12
C ARG OA 146 42.28 32.46 -62.81
N SER OA 147 41.04 32.87 -62.57
CA SER OA 147 40.33 32.51 -61.35
C SER OA 147 39.62 31.18 -61.55
N THR OA 148 38.82 30.80 -60.56
CA THR OA 148 37.84 29.75 -60.73
C THR OA 148 36.59 30.36 -61.37
N GLY OA 149 35.94 29.59 -62.21
CA GLY OA 149 34.85 30.14 -62.99
C GLY OA 149 33.49 29.97 -62.35
N LEU OA 150 32.53 30.72 -62.87
CA LEU OA 150 31.12 30.56 -62.55
C LEU OA 150 30.33 30.62 -63.84
N ARG OA 151 29.23 29.88 -63.88
CA ARG OA 151 28.35 29.90 -65.04
C ARG OA 151 27.40 31.08 -64.96
N VAL OA 152 27.29 31.81 -66.06
CA VAL OA 152 26.45 33.00 -66.13
C VAL OA 152 25.53 32.83 -67.32
N SER OA 153 24.36 33.48 -67.25
CA SER OA 153 23.35 33.40 -68.29
C SER OA 153 23.15 34.79 -68.88
N VAL OA 154 23.67 35.00 -70.08
CA VAL OA 154 23.50 36.28 -70.76
C VAL OA 154 22.15 36.27 -71.46
N ARG OA 155 21.37 37.33 -71.25
CA ARG OA 155 20.03 37.40 -71.81
C ARG OA 155 20.08 37.93 -73.23
N GLY PA 28 89.98 0.66 -76.33
CA GLY PA 28 90.08 -0.67 -76.90
C GLY PA 28 91.50 -1.06 -77.29
N ARG PA 29 91.91 -2.25 -76.84
CA ARG PA 29 93.25 -2.76 -77.09
C ARG PA 29 93.16 -4.20 -77.56
N VAL PA 30 94.10 -4.59 -78.42
CA VAL PA 30 94.23 -5.95 -78.89
C VAL PA 30 95.58 -6.48 -78.43
N ASN PA 31 95.59 -7.67 -77.82
CA ASN PA 31 96.81 -8.27 -77.31
C ASN PA 31 96.66 -9.78 -77.40
N VAL PA 32 97.24 -10.38 -78.45
CA VAL PA 32 97.16 -11.80 -78.69
C VAL PA 32 98.57 -12.36 -78.77
N GLY PA 33 98.78 -13.51 -78.14
CA GLY PA 33 100.08 -14.17 -78.17
C GLY PA 33 99.97 -15.53 -78.81
N VAL PA 34 101.09 -15.98 -79.38
CA VAL PA 34 101.11 -17.19 -80.19
C VAL PA 34 102.22 -18.12 -79.71
N ASP PA 35 101.89 -19.40 -79.56
CA ASP PA 35 102.86 -20.46 -79.33
C ASP PA 35 103.00 -21.26 -80.62
N VAL PA 36 104.18 -21.21 -81.23
CA VAL PA 36 104.33 -21.66 -82.60
C VAL PA 36 104.64 -23.16 -82.66
N GLY PA 37 105.66 -23.60 -81.93
CA GLY PA 37 105.94 -25.02 -81.86
C GLY PA 37 106.41 -25.61 -83.18
N ASP PA 38 107.63 -25.26 -83.60
CA ASP PA 38 108.13 -25.58 -84.93
C ASP PA 38 108.95 -26.86 -84.95
N ALA PA 39 108.63 -27.83 -84.10
CA ALA PA 39 109.30 -29.13 -84.16
C ALA PA 39 108.61 -30.03 -85.18
N GLY PA 40 109.36 -30.99 -85.69
CA GLY PA 40 108.82 -31.90 -86.70
C GLY PA 40 108.36 -31.20 -87.96
N SER PA 41 109.12 -30.21 -88.41
CA SER PA 41 108.72 -29.38 -89.54
C SER PA 41 109.63 -29.53 -90.75
N GLU PA 42 110.77 -30.19 -90.64
CA GLU PA 42 111.68 -30.39 -91.75
C GLU PA 42 111.73 -31.87 -92.13
N GLN PA 43 111.66 -32.14 -93.42
CA GLN PA 43 111.73 -33.51 -93.93
C GLN PA 43 113.17 -34.00 -93.88
N VAL PA 44 113.37 -35.22 -93.40
CA VAL PA 44 114.70 -35.79 -93.24
C VAL PA 44 115.06 -36.58 -94.49
N ALA PA 45 116.20 -36.23 -95.10
CA ALA PA 45 116.68 -36.93 -96.28
C ALA PA 45 118.17 -37.20 -96.26
N THR PA 46 118.94 -36.61 -95.34
CA THR PA 46 120.40 -36.76 -95.33
C THR PA 46 120.78 -38.12 -94.74
N LEU PA 47 120.53 -39.15 -95.53
CA LEU PA 47 120.90 -40.52 -95.17
C LEU PA 47 121.57 -41.16 -96.40
N THR PA 48 122.89 -40.99 -96.50
CA THR PA 48 123.63 -41.71 -97.53
C THR PA 48 123.61 -43.22 -97.28
N ILE PA 49 123.43 -43.63 -96.03
CA ILE PA 49 123.19 -45.02 -95.70
C ILE PA 49 121.72 -45.33 -96.00
N THR PA 50 121.23 -46.49 -95.55
CA THR PA 50 119.90 -46.90 -95.93
C THR PA 50 119.26 -47.71 -94.81
N PRO PA 51 117.93 -47.83 -94.89
CA PRO PA 51 117.17 -48.77 -94.07
C PRO PA 51 117.13 -50.16 -94.69
N GLU PA 52 117.88 -50.37 -95.76
CA GLU PA 52 117.98 -51.67 -96.41
C GLU PA 52 118.92 -52.56 -95.61
N LYS PA 53 119.38 -53.66 -96.23
CA LYS PA 53 120.18 -54.65 -95.51
C LYS PA 53 121.36 -54.01 -94.79
N CYS PA 54 122.31 -53.44 -95.54
CA CYS PA 54 123.42 -52.71 -94.92
C CYS PA 54 123.89 -51.62 -95.88
N ASP PA 55 123.33 -50.42 -95.74
CA ASP PA 55 123.76 -49.21 -96.43
C ASP PA 55 124.16 -49.45 -97.88
N ASP PA 56 123.37 -50.21 -98.62
CA ASP PA 56 123.76 -50.62 -99.97
C ASP PA 56 122.78 -50.23 -101.04
N LYS PA 57 121.47 -50.34 -100.79
CA LYS PA 57 120.48 -50.24 -101.85
C LYS PA 57 119.72 -48.92 -101.83
N GLY PA 58 119.09 -48.58 -100.71
CA GLY PA 58 118.17 -47.43 -100.64
C GLY PA 58 118.96 -46.15 -100.40
N VAL PA 59 119.71 -45.76 -101.41
CA VAL PA 59 120.51 -44.53 -101.35
C VAL PA 59 119.66 -43.32 -101.66
N PRO PA 74 103.03 -30.50 -89.52
CA PRO PA 74 103.24 -29.08 -89.78
C PRO PA 74 103.34 -28.27 -88.49
N VAL PA 75 103.80 -27.03 -88.59
CA VAL PA 75 103.92 -26.17 -87.43
C VAL PA 75 102.52 -25.75 -86.97
N THR PA 76 102.25 -25.90 -85.67
CA THR PA 76 100.94 -25.63 -85.10
C THR PA 76 100.94 -24.31 -84.33
N PHE PA 77 100.49 -23.25 -85.01
CA PHE PA 77 100.34 -21.95 -84.36
C PHE PA 77 99.17 -21.99 -83.38
N THR PA 78 99.37 -21.43 -82.19
CA THR PA 78 98.35 -21.43 -81.14
C THR PA 78 98.18 -20.01 -80.61
N PHE PA 79 97.07 -19.37 -81.00
CA PHE PA 79 96.80 -17.99 -80.63
C PHE PA 79 95.88 -17.94 -79.42
N THR PA 80 96.27 -17.15 -78.42
CA THR PA 80 95.43 -16.86 -77.26
C THR PA 80 95.43 -15.37 -76.99
N ALA PA 81 94.29 -14.86 -76.53
CA ALA PA 81 94.15 -13.45 -76.24
C ALA PA 81 94.49 -13.16 -74.79
N ARG PA 82 95.27 -12.10 -74.57
CA ARG PA 82 95.67 -11.71 -73.24
C ARG PA 82 94.48 -11.13 -72.48
N PRO PA 83 94.52 -11.17 -71.15
CA PRO PA 83 93.41 -10.61 -70.38
C PRO PA 83 93.20 -9.14 -70.67
N GLY PA 84 91.93 -8.75 -70.78
CA GLY PA 84 91.57 -7.38 -71.08
C GLY PA 84 91.56 -7.02 -72.54
N SER PA 85 91.78 -7.98 -73.43
CA SER PA 85 91.90 -7.73 -74.85
C SER PA 85 90.55 -7.89 -75.54
N GLU PA 86 90.46 -7.35 -76.75
CA GLU PA 86 89.28 -7.55 -77.57
C GLU PA 86 89.36 -8.89 -78.29
N ALA PA 87 88.28 -9.25 -78.97
CA ALA PA 87 88.33 -10.35 -79.92
C ALA PA 87 88.93 -9.87 -81.22
N VAL PA 88 89.47 -10.82 -81.98
CA VAL PA 88 90.13 -10.49 -83.24
C VAL PA 88 89.99 -11.67 -84.18
N THR PA 89 89.92 -11.38 -85.48
CA THR PA 89 89.85 -12.39 -86.51
C THR PA 89 91.04 -12.22 -87.44
N ILE PA 90 91.79 -13.30 -87.66
CA ILE PA 90 92.98 -13.27 -88.50
C ILE PA 90 92.60 -13.67 -89.91
N GLU PA 91 92.97 -12.83 -90.88
CA GLU PA 91 92.59 -13.03 -92.27
C GLU PA 91 93.67 -13.68 -93.11
N GLY PA 92 94.93 -13.41 -92.80
CA GLY PA 92 96.02 -14.00 -93.56
C GLY PA 92 97.35 -13.52 -93.01
N TYR PA 93 98.42 -13.87 -93.71
CA TYR PA 93 99.77 -13.52 -93.26
C TYR PA 93 100.62 -13.09 -94.44
N ARG PA 94 101.64 -12.29 -94.14
CA ARG PA 94 102.62 -11.85 -95.11
C ARG PA 94 104.00 -12.32 -94.67
N VAL PA 95 104.77 -12.85 -95.62
CA VAL PA 95 106.12 -13.36 -95.34
C VAL PA 95 107.09 -12.22 -95.61
N LEU PA 96 107.55 -11.57 -94.54
CA LEU PA 96 108.40 -10.40 -94.64
C LEU PA 96 109.87 -10.73 -94.83
N SER PA 97 110.28 -11.98 -94.61
CA SER PA 97 111.70 -12.34 -94.71
C SER PA 97 111.81 -13.84 -94.87
N ASP PA 98 112.37 -14.28 -96.00
CA ASP PA 98 112.63 -15.68 -96.26
C ASP PA 98 114.13 -15.87 -96.44
N ARG PA 99 114.72 -16.80 -95.70
CA ARG PA 99 116.16 -17.02 -95.72
C ARG PA 99 116.44 -18.52 -95.67
N LEU PA 100 116.74 -19.10 -96.82
CA LEU PA 100 117.18 -20.49 -96.91
C LEU PA 100 118.69 -20.53 -96.80
N ASP PA 101 119.18 -21.12 -95.71
CA ASP PA 101 120.61 -21.22 -95.39
C ASP PA 101 121.29 -19.87 -95.26
N GLY PA 102 120.53 -18.78 -95.20
CA GLY PA 102 121.08 -17.46 -94.96
C GLY PA 102 121.00 -16.48 -96.10
N VAL PA 103 120.23 -16.76 -97.14
CA VAL PA 103 120.12 -15.89 -98.32
C VAL PA 103 118.72 -15.28 -98.33
N GLU PA 104 118.67 -13.95 -98.32
CA GLU PA 104 117.40 -13.21 -98.27
C GLU PA 104 116.72 -13.30 -99.62
N ARG PA 105 115.97 -14.38 -99.83
CA ARG PA 105 115.21 -14.59 -101.06
C ARG PA 105 113.76 -14.14 -100.88
N ALA PA 106 113.59 -12.86 -100.53
CA ALA PA 106 112.30 -12.35 -100.10
C ALA PA 106 111.76 -11.21 -100.94
N ASP PA 107 112.62 -10.27 -101.37
CA ASP PA 107 112.20 -9.05 -102.06
C ASP PA 107 111.15 -8.33 -101.25
N PRO PA 108 111.52 -7.69 -100.14
CA PRO PA 108 110.51 -7.11 -99.24
C PRO PA 108 109.65 -6.02 -99.88
N LYS PA 109 109.95 -5.61 -101.11
CA LYS PA 109 109.05 -4.68 -101.81
C LYS PA 109 107.70 -5.33 -102.12
N ASN PA 110 107.70 -6.63 -102.42
CA ASN PA 110 106.50 -7.36 -102.82
C ASN PA 110 106.43 -8.65 -102.01
N PRO PA 111 105.94 -8.59 -100.77
CA PRO PA 111 105.84 -9.80 -99.95
C PRO PA 111 104.87 -10.80 -100.55
N VAL PA 112 104.84 -11.99 -99.95
CA VAL PA 112 103.97 -13.08 -100.37
C VAL PA 112 102.76 -13.06 -99.45
N GLU PA 113 101.67 -12.46 -99.91
CA GLU PA 113 100.45 -12.37 -99.12
C GLU PA 113 99.65 -13.66 -99.21
N ASN PA 114 99.01 -14.02 -98.10
CA ASN PA 114 98.00 -15.05 -98.07
C ASN PA 114 96.71 -14.44 -97.53
N ALA PA 115 95.59 -14.85 -98.09
CA ALA PA 115 94.28 -14.35 -97.68
C ALA PA 115 93.29 -15.50 -97.58
N LYS PA 116 93.72 -16.62 -97.00
CA LYS PA 116 92.87 -17.80 -96.92
C LYS PA 116 92.63 -18.24 -95.49
N MET PA 117 92.41 -17.28 -94.59
CA MET PA 117 92.21 -17.56 -93.17
C MET PA 117 90.96 -16.85 -92.67
N ASN PA 118 90.12 -17.58 -91.94
CA ASN PA 118 89.03 -17.00 -91.14
C ASN PA 118 89.15 -17.63 -89.76
N LEU PA 119 90.01 -17.05 -88.91
CA LEU PA 119 90.32 -17.62 -87.61
C LEU PA 119 89.91 -16.63 -86.52
N TYR PA 120 89.04 -17.07 -85.63
CA TYR PA 120 88.49 -16.22 -84.58
C TYR PA 120 89.21 -16.47 -83.27
N VAL PA 121 89.74 -15.39 -82.68
CA VAL PA 121 90.39 -15.44 -81.38
C VAL PA 121 89.44 -14.82 -80.36
N PRO PA 122 88.90 -15.59 -79.42
CA PRO PA 122 87.96 -15.03 -78.43
C PRO PA 122 88.57 -13.91 -77.62
N SER PA 123 87.70 -13.21 -76.89
CA SER PA 123 88.02 -11.89 -76.36
C SER PA 123 89.14 -11.93 -75.34
N GLY PA 124 89.09 -12.87 -74.40
CA GLY PA 124 90.05 -12.86 -73.32
C GLY PA 124 89.41 -12.42 -72.01
N TYR PA 125 88.15 -12.80 -71.84
CA TYR PA 125 87.40 -12.61 -70.61
C TYR PA 125 86.84 -13.94 -70.18
N ALA PA 126 86.08 -13.95 -69.09
CA ALA PA 126 85.44 -15.15 -68.61
C ALA PA 126 84.10 -14.79 -67.99
N CYS PA 127 83.10 -15.64 -68.19
CA CYS PA 127 81.76 -15.37 -67.70
C CYS PA 127 81.03 -16.70 -67.55
N GLU PA 128 79.71 -16.64 -67.38
CA GLU PA 128 78.91 -17.84 -67.15
C GLU PA 128 78.30 -18.39 -68.43
N GLY PA 129 77.85 -17.52 -69.33
CA GLY PA 129 77.18 -17.94 -70.54
C GLY PA 129 78.07 -18.15 -71.74
N LEU PA 130 79.39 -18.13 -71.55
CA LEU PA 130 80.30 -18.26 -72.68
C LEU PA 130 80.22 -19.66 -73.28
N THR PA 131 80.06 -19.73 -74.58
CA THR PA 131 80.04 -20.99 -75.31
C THR PA 131 81.49 -21.39 -75.64
N ALA PA 132 81.64 -22.36 -76.54
CA ALA PA 132 82.96 -22.87 -76.86
C ALA PA 132 83.80 -21.82 -77.57
N GLY PA 133 83.37 -21.37 -78.74
CA GLY PA 133 84.18 -20.47 -79.53
C GLY PA 133 83.62 -19.07 -79.67
N ALA PA 134 83.09 -18.50 -78.60
CA ALA PA 134 82.49 -17.18 -78.63
C ALA PA 134 83.25 -16.24 -77.70
N SER PA 135 82.76 -15.01 -77.62
CA SER PA 135 83.30 -13.99 -76.72
C SER PA 135 82.19 -13.48 -75.82
N CYS PA 136 82.58 -13.05 -74.62
CA CYS PA 136 81.63 -12.45 -73.70
C CYS PA 136 81.13 -11.12 -74.25
N GLN PA 137 79.90 -10.77 -73.89
CA GLN PA 137 79.37 -9.45 -74.27
C GLN PA 137 80.18 -8.33 -73.64
N GLY PA 138 80.52 -8.47 -72.36
CA GLY PA 138 81.26 -7.46 -71.64
C GLY PA 138 80.52 -6.82 -70.48
N ASN PA 139 79.29 -7.23 -70.20
CA ASN PA 139 78.48 -6.63 -69.15
C ASN PA 139 77.74 -7.70 -68.36
N GLU PA 140 78.43 -8.78 -68.01
CA GLU PA 140 77.80 -9.92 -67.36
C GLU PA 140 77.69 -9.78 -65.85
N SER PA 141 78.36 -8.78 -65.25
CA SER PA 141 78.38 -8.55 -63.80
C SER PA 141 79.12 -9.68 -63.10
N ASP PA 142 79.51 -10.70 -63.86
CA ASP PA 142 80.33 -11.80 -63.41
C ASP PA 142 81.66 -11.83 -64.13
N ILE PA 143 81.85 -10.96 -65.12
CA ILE PA 143 82.93 -11.09 -66.09
C ILE PA 143 84.26 -10.76 -65.43
N ARG PA 144 85.26 -11.60 -65.71
CA ARG PA 144 86.64 -11.37 -65.31
C ARG PA 144 87.49 -11.13 -66.54
N ILE PA 145 88.76 -10.82 -66.33
CA ILE PA 145 89.75 -10.80 -67.40
C ILE PA 145 90.59 -12.06 -67.26
N ALA PA 146 90.65 -12.85 -68.32
CA ALA PA 146 91.38 -14.11 -68.29
C ALA PA 146 92.06 -14.30 -69.63
N ASN PA 147 92.68 -15.45 -69.81
CA ASN PA 147 93.26 -15.80 -71.10
C ASN PA 147 92.19 -16.43 -71.98
N GLY PA 148 92.17 -16.03 -73.24
CA GLY PA 148 91.16 -16.51 -74.15
C GLY PA 148 91.35 -17.97 -74.50
N GLN PA 149 90.31 -18.55 -75.11
CA GLN PA 149 90.39 -19.93 -75.56
C GLN PA 149 91.44 -20.05 -76.66
N PRO PA 150 92.27 -21.10 -76.64
CA PRO PA 150 93.29 -21.26 -77.68
C PRO PA 150 92.68 -21.74 -78.99
N VAL PA 151 93.07 -21.11 -80.09
CA VAL PA 151 92.67 -21.51 -81.43
C VAL PA 151 93.93 -21.73 -82.25
N GLN PA 152 93.94 -22.79 -83.04
CA GLN PA 152 95.14 -23.24 -83.74
C GLN PA 152 94.99 -23.12 -85.24
N HIS PA 153 96.13 -23.02 -85.90
CA HIS PA 153 96.23 -23.05 -87.35
C HIS PA 153 97.53 -23.73 -87.72
N GLN PA 154 97.56 -24.36 -88.90
CA GLN PA 154 98.71 -25.12 -89.35
C GLN PA 154 99.20 -24.57 -90.69
N ILE PA 155 100.51 -24.40 -90.80
CA ILE PA 155 101.17 -23.99 -92.04
C ILE PA 155 102.32 -24.96 -92.23
N TYR PA 156 102.19 -25.87 -93.21
CA TYR PA 156 103.23 -26.85 -93.48
C TYR PA 156 104.28 -26.22 -94.38
N PHE PA 157 105.49 -26.03 -93.85
CA PHE PA 157 106.56 -25.39 -94.60
C PHE PA 157 107.41 -26.42 -95.33
N ARG PA 174 115.90 -23.07 -93.40
CA ARG PA 174 114.98 -22.00 -93.76
C ARG PA 174 114.32 -21.39 -92.53
N VAL PA 175 114.40 -20.07 -92.40
CA VAL PA 175 113.72 -19.33 -91.34
C VAL PA 175 112.90 -18.22 -91.99
N VAL PA 176 111.59 -18.22 -91.74
CA VAL PA 176 110.69 -17.24 -92.33
C VAL PA 176 110.12 -16.37 -91.21
N ASP PA 177 109.77 -15.13 -91.55
CA ASP PA 177 109.25 -14.16 -90.60
C ASP PA 177 107.84 -13.77 -91.03
N LEU PA 178 106.84 -14.43 -90.45
CA LEU PA 178 105.46 -14.17 -90.79
C LEU PA 178 104.98 -12.86 -90.18
N GLU PA 179 103.79 -12.44 -90.62
CA GLU PA 179 103.10 -11.29 -90.01
C GLU PA 179 101.61 -11.49 -90.27
N PHE PA 180 100.89 -11.98 -89.27
CA PHE PA 180 99.46 -12.15 -89.40
C PHE PA 180 98.75 -10.81 -89.39
N TYR PA 181 97.62 -10.73 -90.10
CA TYR PA 181 96.81 -9.53 -90.11
C TYR PA 181 95.34 -9.90 -89.99
N GLY PA 182 94.52 -8.89 -89.74
CA GLY PA 182 93.10 -9.11 -89.52
C GLY PA 182 92.43 -7.84 -89.03
N PHE PA 183 91.37 -8.04 -88.25
CA PHE PA 183 90.60 -6.93 -87.69
C PHE PA 183 90.02 -7.35 -86.36
N SER PA 184 89.85 -6.38 -85.46
CA SER PA 184 89.36 -6.66 -84.12
C SER PA 184 87.82 -6.70 -84.12
N ALA PA 185 87.24 -6.77 -82.93
CA ALA PA 185 85.78 -6.76 -82.82
C ALA PA 185 85.20 -5.39 -83.11
N ASN PA 186 86.02 -4.34 -83.10
CA ASN PA 186 85.61 -3.01 -83.51
C ASN PA 186 86.02 -2.70 -84.94
N ASN PA 187 86.45 -3.72 -85.69
CA ASN PA 187 86.78 -3.60 -87.11
C ASN PA 187 87.93 -2.61 -87.34
N VAL PA 188 89.04 -2.83 -86.63
CA VAL PA 188 90.24 -2.02 -86.84
C VAL PA 188 91.40 -2.94 -87.21
N PRO PA 189 92.29 -2.52 -88.10
CA PRO PA 189 93.33 -3.42 -88.59
C PRO PA 189 94.28 -3.88 -87.50
N PHE PA 190 94.80 -5.09 -87.67
CA PHE PA 190 95.63 -5.75 -86.66
C PHE PA 190 96.81 -6.43 -87.35
N THR PA 191 97.98 -6.37 -86.71
CA THR PA 191 99.19 -7.03 -87.19
C THR PA 191 99.93 -7.66 -86.03
N ARG PA 192 100.51 -8.85 -86.26
CA ARG PA 192 101.18 -9.60 -85.21
C ARG PA 192 102.35 -10.36 -85.83
N LYS PA 193 103.57 -9.95 -85.51
CA LYS PA 193 104.76 -10.55 -86.09
C LYS PA 193 105.16 -11.80 -85.32
N VAL PA 194 105.47 -12.87 -86.05
CA VAL PA 194 105.80 -14.17 -85.47
C VAL PA 194 107.19 -14.58 -85.96
N THR PA 195 108.08 -13.60 -86.09
CA THR PA 195 109.44 -13.81 -86.58
C THR PA 195 110.13 -15.00 -85.92
N GLY PA 196 110.98 -15.66 -86.71
CA GLY PA 196 111.93 -16.64 -86.20
C GLY PA 196 111.62 -18.09 -86.46
N ILE PA 197 110.46 -18.42 -87.04
CA ILE PA 197 110.09 -19.83 -87.19
C ILE PA 197 111.04 -20.53 -88.16
N VAL PA 198 111.40 -21.76 -87.83
CA VAL PA 198 112.48 -22.50 -88.49
C VAL PA 198 111.87 -23.61 -89.33
N SER PA 199 112.20 -23.61 -90.62
CA SER PA 199 111.82 -24.66 -91.56
C SER PA 199 110.32 -24.93 -91.57
N THR QA 34 -144.15 51.40 43.32
CA THR QA 34 -143.88 50.25 44.17
C THR QA 34 -144.89 50.14 45.31
N VAL QA 35 -145.04 48.93 45.84
CA VAL QA 35 -145.97 48.67 46.94
C VAL QA 35 -145.35 47.64 47.86
N TYR QA 36 -145.60 47.79 49.16
CA TYR QA 36 -145.16 46.85 50.17
C TYR QA 36 -146.39 46.14 50.72
N ARG QA 37 -146.42 44.82 50.61
CA ARG QA 37 -147.51 44.03 51.16
C ARG QA 37 -146.94 42.73 51.72
N ASP QA 38 -147.44 42.34 52.89
CA ASP QA 38 -147.02 41.12 53.57
C ASP QA 38 -148.24 40.25 53.79
N PRO QA 39 -148.54 39.33 52.88
CA PRO QA 39 -149.77 38.54 52.97
C PRO QA 39 -149.72 37.47 54.05
N SER QA 40 -149.22 37.84 55.23
CA SER QA 40 -149.24 36.98 56.40
C SER QA 40 -149.52 37.79 57.67
N LEU QA 41 -150.04 39.00 57.52
CA LEU QA 41 -150.34 39.87 58.65
C LEU QA 41 -151.77 40.37 58.53
N THR QA 42 -152.29 40.88 59.65
CA THR QA 42 -153.65 41.39 59.69
C THR QA 42 -153.79 42.59 58.76
N SER QA 43 -154.92 42.67 58.07
CA SER QA 43 -155.21 43.76 57.16
C SER QA 43 -156.12 44.83 57.75
N ALA QA 44 -156.34 44.80 59.06
CA ALA QA 44 -157.23 45.76 59.68
C ALA QA 44 -156.63 47.17 59.61
N PRO QA 45 -157.45 48.20 59.45
CA PRO QA 45 -156.91 49.56 59.37
C PRO QA 45 -156.35 50.04 60.69
N ILE QA 46 -155.37 50.95 60.60
CA ILE QA 46 -154.76 51.58 61.75
C ILE QA 46 -154.87 53.09 61.59
N THR QA 47 -154.49 53.81 62.65
CA THR QA 47 -154.51 55.26 62.63
C THR QA 47 -153.54 55.74 63.71
N ALA QA 48 -152.46 56.39 63.29
CA ALA QA 48 -151.41 56.77 64.23
C ALA QA 48 -150.79 58.09 63.79
N ASN QA 49 -149.89 58.59 64.63
CA ASN QA 49 -149.23 59.87 64.43
C ASN QA 49 -148.10 59.98 65.44
N VAL QA 50 -147.01 60.63 65.02
CA VAL QA 50 -145.86 60.83 65.90
C VAL QA 50 -145.01 61.97 65.36
N GLY QA 51 -144.52 62.80 66.27
CA GLY QA 51 -143.47 63.74 65.95
C GLY QA 51 -143.85 64.92 65.05
N LYS QA 52 -143.00 65.94 65.05
CA LYS QA 52 -143.11 67.07 64.16
C LYS QA 52 -141.76 67.35 63.53
N TYR QA 53 -141.78 67.89 62.32
CA TYR QA 53 -140.54 68.20 61.62
C TYR QA 53 -139.80 69.34 62.30
N VAL QA 54 -138.47 69.29 62.24
CA VAL QA 54 -137.66 70.24 62.98
C VAL QA 54 -137.25 71.44 62.12
N GLY QA 55 -136.82 71.21 60.88
CA GLY QA 55 -136.23 72.26 60.08
C GLY QA 55 -137.26 73.11 59.37
N PRO QA 56 -136.78 74.14 58.67
CA PRO QA 56 -137.69 74.94 57.85
C PRO QA 56 -137.93 74.36 56.47
N LEU QA 57 -137.07 73.44 56.01
CA LEU QA 57 -137.23 72.86 54.68
C LEU QA 57 -138.07 71.59 54.71
N SER QA 58 -137.89 70.74 55.72
CA SER QA 58 -138.74 69.57 55.86
C SER QA 58 -140.19 69.97 56.13
N THR QA 59 -140.39 71.07 56.85
CA THR QA 59 -141.75 71.54 57.11
C THR QA 59 -142.37 72.16 55.86
N PHE QA 60 -141.60 72.93 55.10
CA PHE QA 60 -142.14 73.55 53.90
C PHE QA 60 -142.53 72.49 52.88
N LEU QA 61 -141.61 71.59 52.56
CA LEU QA 61 -142.00 70.37 51.88
C LEU QA 61 -142.88 69.55 52.80
N ALA QA 62 -143.51 68.51 52.25
CA ALA QA 62 -144.39 67.64 53.05
C ALA QA 62 -145.57 68.42 53.60
N SER QA 63 -145.66 69.70 53.28
CA SER QA 63 -146.82 70.54 53.55
C SER QA 63 -147.44 71.08 52.28
N ILE QA 64 -146.63 71.47 51.31
CA ILE QA 64 -147.16 71.79 49.99
C ILE QA 64 -147.63 70.52 49.31
N ALA QA 65 -147.06 69.37 49.68
CA ALA QA 65 -147.52 68.10 49.14
C ALA QA 65 -148.75 67.59 49.86
N LYS QA 66 -149.09 68.14 51.03
CA LYS QA 66 -150.35 67.83 51.67
C LYS QA 66 -151.49 68.71 51.14
N SER QA 67 -151.17 69.77 50.40
CA SER QA 67 -152.21 70.48 49.66
C SER QA 67 -152.82 69.58 48.60
N ALA QA 68 -151.98 68.81 47.91
CA ALA QA 68 -152.46 67.66 47.16
C ALA QA 68 -152.57 66.48 48.13
N GLY QA 69 -152.97 65.32 47.62
CA GLY QA 69 -153.04 64.19 48.50
C GLY QA 69 -151.76 63.37 48.49
N TYR QA 70 -150.85 63.67 49.43
CA TYR QA 70 -149.57 62.99 49.49
C TYR QA 70 -149.08 63.03 50.93
N GLU QA 71 -148.16 62.12 51.26
CA GLU QA 71 -147.80 61.85 52.65
C GLU QA 71 -146.28 61.76 52.83
N VAL QA 72 -145.56 62.74 52.28
CA VAL QA 72 -144.10 62.73 52.15
C VAL QA 72 -143.36 62.06 53.30
N VAL QA 73 -142.43 61.18 52.97
CA VAL QA 73 -141.59 60.48 53.92
C VAL QA 73 -140.14 60.67 53.51
N PHE QA 74 -139.30 61.12 54.44
CA PHE QA 74 -137.91 61.45 54.15
C PHE QA 74 -137.00 60.29 54.54
N ASN QA 75 -136.09 59.93 53.65
CA ASN QA 75 -135.14 58.87 53.92
C ASN QA 75 -133.90 59.34 54.67
N PHE QA 76 -133.75 60.64 54.88
CA PHE QA 76 -132.55 61.17 55.51
C PHE QA 76 -132.90 62.46 56.24
N ASN QA 77 -131.92 63.04 56.92
CA ASN QA 77 -132.12 64.27 57.67
C ASN QA 77 -131.97 65.43 56.71
N ILE QA 78 -133.08 65.81 56.08
CA ILE QA 78 -133.04 66.86 55.07
C ILE QA 78 -132.68 68.21 55.67
N ASP QA 79 -132.86 68.39 56.97
CA ASP QA 79 -132.57 69.65 57.63
C ASP QA 79 -131.12 69.77 58.04
N ALA QA 80 -130.29 68.78 57.73
CA ALA QA 80 -128.86 68.84 57.98
C ALA QA 80 -128.07 69.26 56.75
N LEU QA 81 -128.74 69.75 55.72
CA LEU QA 81 -128.06 70.31 54.57
C LEU QA 81 -127.57 71.72 54.90
N ALA QA 82 -127.05 72.40 53.90
CA ALA QA 82 -126.62 73.79 54.05
C ALA QA 82 -127.77 74.69 53.60
N LEU QA 83 -128.46 75.28 54.57
CA LEU QA 83 -129.63 76.11 54.28
C LEU QA 83 -129.46 77.46 54.94
N ILE QA 84 -129.78 78.52 54.20
CA ILE QA 84 -129.64 79.89 54.65
C ILE QA 84 -130.97 80.60 54.51
N ASN QA 85 -131.33 81.40 55.51
CA ASN QA 85 -132.65 82.00 55.58
C ASN QA 85 -132.58 83.21 56.50
N GLY QA 86 -133.64 84.02 56.47
CA GLY QA 86 -133.71 85.14 57.40
C GLY QA 86 -133.83 84.68 58.83
N GLU QA 87 -134.65 83.67 59.08
CA GLU QA 87 -134.86 83.17 60.43
C GLU QA 87 -133.74 82.25 60.89
N ILE QA 88 -133.05 81.59 59.98
CA ILE QA 88 -132.00 80.65 60.36
C ILE QA 88 -130.87 81.36 61.10
N VAL QA 89 -130.47 82.53 60.62
CA VAL QA 89 -129.34 83.21 61.22
C VAL QA 89 -129.75 84.22 62.28
N PHE QA 90 -130.95 84.78 62.20
CA PHE QA 90 -131.35 85.86 63.07
C PHE QA 90 -132.32 85.41 64.16
N GLY QA 91 -132.49 84.12 64.35
CA GLY QA 91 -133.46 83.69 65.33
C GLY QA 91 -134.88 84.01 64.88
N ASN QA 92 -135.76 84.13 65.87
CA ASN QA 92 -137.16 84.41 65.59
C ASN QA 92 -137.79 85.22 66.72
N THR QA 98 -136.44 79.18 69.16
CA THR QA 98 -135.46 78.10 69.29
C THR QA 98 -134.06 78.60 68.95
N THR QA 99 -133.15 77.66 68.69
CA THR QA 99 -131.77 77.98 68.37
C THR QA 99 -131.45 77.71 66.91
N SER QA 100 -132.48 77.54 66.08
CA SER QA 100 -132.33 77.52 64.62
C SER QA 100 -131.41 76.39 64.17
N TYR QA 101 -131.90 75.16 64.34
CA TYR QA 101 -131.18 73.97 63.92
C TYR QA 101 -131.12 73.92 62.40
N ALA QA 102 -130.38 74.83 61.77
CA ALA QA 102 -130.19 74.73 60.33
C ALA QA 102 -128.74 74.92 59.91
N THR QA 103 -128.02 75.85 60.55
CA THR QA 103 -126.58 76.00 60.42
C THR QA 103 -126.12 76.10 58.97
N PRO QA 104 -126.19 77.30 58.36
CA PRO QA 104 -125.79 77.46 56.94
C PRO QA 104 -124.49 76.78 56.55
N LEU QA 105 -123.66 76.45 57.52
CA LEU QA 105 -122.47 75.63 57.32
C LEU QA 105 -122.78 74.19 57.12
N GLY QA 106 -124.04 73.80 57.12
CA GLY QA 106 -124.37 72.39 57.04
C GLY QA 106 -124.26 71.74 58.40
N ARG QA 107 -124.44 70.42 58.39
CA ARG QA 107 -124.31 69.63 59.61
C ARG QA 107 -124.10 68.17 59.22
N PRO QA 108 -122.98 67.85 58.55
CA PRO QA 108 -122.89 66.55 57.87
C PRO QA 108 -122.80 65.35 58.80
N GLN QA 109 -122.49 65.54 60.08
CA GLN QA 109 -122.44 64.41 60.99
C GLN QA 109 -123.83 63.92 61.37
N GLU QA 110 -124.85 64.77 61.24
CA GLU QA 110 -126.22 64.43 61.57
C GLU QA 110 -127.08 64.30 60.32
N LEU QA 111 -126.46 64.06 59.18
CA LEU QA 111 -127.17 63.96 57.92
C LEU QA 111 -127.83 62.60 57.72
N PRO QA 112 -127.19 61.47 58.07
CA PRO QA 112 -127.84 60.18 57.84
C PRO QA 112 -128.89 59.81 58.89
N ALA QA 113 -129.35 60.77 59.68
CA ALA QA 113 -130.40 60.50 60.65
C ALA QA 113 -131.70 60.17 59.92
N LYS QA 114 -132.71 59.76 60.69
CA LYS QA 114 -134.00 59.37 60.14
C LYS QA 114 -135.09 60.15 60.86
N PRO QA 115 -135.87 60.97 60.16
CA PRO QA 115 -136.94 61.72 60.84
C PRO QA 115 -138.08 60.80 61.23
N VAL QA 116 -138.35 60.72 62.54
CA VAL QA 116 -139.48 59.93 63.04
C VAL QA 116 -140.68 60.87 63.06
N VAL QA 117 -141.29 61.03 61.89
CA VAL QA 117 -142.53 61.78 61.73
C VAL QA 117 -143.41 61.01 60.76
N HIS QA 118 -144.55 60.53 61.23
CA HIS QA 118 -145.42 59.71 60.41
C HIS QA 118 -146.87 60.08 60.66
N ASN QA 119 -147.72 59.78 59.68
CA ASN QA 119 -149.15 60.04 59.79
C ASN QA 119 -149.89 58.99 58.99
N PHE QA 120 -150.78 58.27 59.64
CA PHE QA 120 -151.55 57.20 59.02
C PHE QA 120 -153.02 57.38 59.33
N SER QA 121 -153.86 57.18 58.31
CA SER QA 121 -155.30 57.32 58.46
C SER QA 121 -155.96 56.18 57.71
N ASN QA 122 -156.50 55.22 58.46
CA ASN QA 122 -157.21 54.06 57.90
C ASN QA 122 -156.32 53.28 56.94
N ALA QA 123 -155.03 53.27 57.18
CA ALA QA 123 -154.15 52.47 56.36
C ALA QA 123 -154.13 51.04 56.86
N PRO QA 124 -154.08 50.06 55.95
CA PRO QA 124 -154.04 48.66 56.37
C PRO QA 124 -152.71 48.34 57.04
N PHE QA 125 -152.78 47.75 58.24
CA PHE QA 125 -151.57 47.30 58.90
C PHE QA 125 -150.83 46.26 58.08
N ASN QA 126 -151.53 45.58 57.19
CA ASN QA 126 -150.89 44.60 56.32
C ASN QA 126 -149.80 45.24 55.49
N GLU QA 127 -150.05 46.44 54.98
CA GLU QA 127 -149.15 47.10 54.05
C GLU QA 127 -148.51 48.37 54.59
N ALA QA 128 -148.91 48.82 55.78
CA ALA QA 128 -148.23 49.94 56.42
C ALA QA 128 -147.05 49.49 57.26
N TRP QA 129 -147.14 48.31 57.88
CA TRP QA 129 -146.02 47.79 58.65
C TRP QA 129 -144.79 47.51 57.78
N PRO QA 130 -144.88 46.82 56.64
CA PRO QA 130 -143.66 46.58 55.85
C PRO QA 130 -143.00 47.85 55.35
N LEU QA 131 -143.75 48.94 55.19
CA LEU QA 131 -143.13 50.20 54.81
C LEU QA 131 -142.21 50.72 55.91
N LEU QA 132 -142.69 50.71 57.15
CA LEU QA 132 -141.88 51.21 58.26
C LEU QA 132 -140.66 50.35 58.48
N MET QA 133 -140.74 49.04 58.22
CA MET QA 133 -139.57 48.19 58.33
C MET QA 133 -138.57 48.42 57.22
N ASP QA 134 -138.92 49.16 56.18
CA ASP QA 134 -137.98 49.53 55.14
C ASP QA 134 -137.41 50.93 55.30
N VAL QA 135 -138.15 51.82 55.97
CA VAL QA 135 -137.61 53.14 56.26
C VAL QA 135 -136.47 53.03 57.27
N TYR QA 136 -136.67 52.24 58.32
CA TYR QA 136 -135.69 52.10 59.38
C TYR QA 136 -134.80 50.88 59.22
N GLU QA 137 -134.96 50.12 58.14
CA GLU QA 137 -134.12 48.97 57.82
C GLU QA 137 -134.14 47.95 58.97
N LEU QA 138 -135.34 47.48 59.27
CA LEU QA 138 -135.53 46.45 60.29
C LEU QA 138 -135.99 45.16 59.62
N ASP QA 139 -135.99 44.09 60.40
CA ASP QA 139 -136.37 42.77 59.92
C ASP QA 139 -137.13 42.07 61.04
N TYR QA 140 -138.30 41.54 60.70
CA TYR QA 140 -139.20 40.99 61.72
C TYR QA 140 -139.54 39.54 61.40
N GLN QA 141 -140.08 38.86 62.41
CA GLN QA 141 -140.58 37.50 62.26
C GLN QA 141 -141.65 37.28 63.32
N LEU QA 142 -142.51 36.30 63.08
CA LEU QA 142 -143.66 36.06 63.93
C LEU QA 142 -143.43 34.85 64.83
N VAL QA 143 -143.84 34.99 66.09
CA VAL QA 143 -143.74 33.93 67.08
C VAL QA 143 -145.11 33.77 67.72
N LYS QA 144 -145.46 32.55 68.10
CA LYS QA 144 -146.73 32.26 68.75
C LYS QA 144 -146.49 31.91 70.20
N VAL QA 145 -147.22 32.58 71.10
CA VAL QA 145 -147.10 32.32 72.53
C VAL QA 145 -148.47 31.80 72.97
N GLY QA 146 -149.12 31.07 72.08
CA GLY QA 146 -150.44 30.53 72.36
C GLY QA 146 -151.50 31.13 71.47
N SER QA 147 -152.43 31.87 72.06
CA SER QA 147 -153.47 32.54 71.30
C SER QA 147 -153.07 33.94 70.87
N ALA QA 148 -151.83 34.35 71.15
CA ALA QA 148 -151.34 35.68 70.82
C ALA QA 148 -150.14 35.55 69.91
N ASN QA 149 -150.13 36.35 68.83
CA ASN QA 149 -149.00 36.40 67.93
C ASN QA 149 -148.10 37.56 68.30
N VAL QA 150 -146.80 37.31 68.34
CA VAL QA 150 -145.81 38.28 68.78
C VAL QA 150 -144.76 38.47 67.68
N ILE QA 151 -144.43 39.72 67.40
CA ILE QA 151 -143.49 40.09 66.36
C ILE QA 151 -142.14 40.37 67.00
N ARG QA 152 -141.08 39.74 66.48
CA ARG QA 152 -139.73 39.89 67.02
C ARG QA 152 -138.92 40.73 66.04
N ILE QA 153 -138.96 42.05 66.22
CA ILE QA 153 -138.21 42.95 65.35
C ILE QA 153 -136.72 42.81 65.64
N GLY QA 154 -135.93 42.69 64.59
CA GLY QA 154 -134.49 42.66 64.71
C GLY QA 154 -133.85 43.76 63.90
N GLN QA 155 -132.80 43.44 63.16
CA GLN QA 155 -132.10 44.41 62.35
C GLN QA 155 -131.75 43.75 61.02
N ARG QA 156 -131.88 44.48 59.92
CA ARG QA 156 -131.72 43.86 58.62
C ARG QA 156 -130.24 43.68 58.30
N PRO QA 157 -129.84 42.53 57.78
CA PRO QA 157 -128.45 42.35 57.33
C PRO QA 157 -128.19 43.19 56.08
N LYS QA 158 -127.26 44.13 56.19
CA LYS QA 158 -127.02 45.12 55.15
C LYS QA 158 -125.96 44.59 54.18
N GLN QA 159 -126.39 43.72 53.28
CA GLN QA 159 -125.52 43.17 52.26
C GLN QA 159 -126.27 43.16 50.93
N LEU QA 160 -125.51 43.18 49.84
CA LEU QA 160 -126.11 43.26 48.52
C LEU QA 160 -125.12 42.69 47.52
N ALA QA 161 -125.63 41.95 46.55
CA ALA QA 161 -124.83 41.36 45.49
C ALA QA 161 -125.09 42.11 44.20
N LEU QA 162 -124.02 42.57 43.55
CA LEU QA 162 -124.15 43.35 42.33
C LEU QA 162 -123.54 42.60 41.16
N PRO QA 163 -124.33 41.99 40.29
CA PRO QA 163 -123.76 41.30 39.13
C PRO QA 163 -123.11 42.29 38.17
N LEU QA 164 -121.97 41.87 37.61
CA LEU QA 164 -121.25 42.66 36.63
C LEU QA 164 -121.37 42.00 35.26
N LYS QA 165 -121.67 42.80 34.24
CA LYS QA 165 -121.91 42.27 32.91
C LYS QA 165 -120.79 42.55 31.92
N PHE QA 166 -120.01 43.62 32.11
CA PHE QA 166 -119.02 43.98 31.11
C PHE QA 166 -117.66 44.39 31.68
N ILE QA 167 -117.48 44.44 32.98
CA ILE QA 167 -116.20 44.84 33.55
C ILE QA 167 -115.80 43.83 34.62
N SER QA 168 -114.50 43.61 34.74
CA SER QA 168 -113.98 42.73 35.77
C SER QA 168 -114.13 43.37 37.14
N ALA QA 169 -114.56 42.56 38.12
CA ALA QA 169 -114.74 43.08 39.47
C ALA QA 169 -113.42 43.14 40.22
N GLU QA 170 -112.42 43.75 39.61
CA GLU QA 170 -111.17 44.02 40.28
C GLU QA 170 -110.77 45.45 39.98
N SER QA 171 -111.21 45.95 38.83
CA SER QA 171 -111.10 47.36 38.49
C SER QA 171 -112.38 48.12 38.81
N ALA QA 172 -113.52 47.44 38.86
CA ALA QA 172 -114.74 48.09 39.34
C ALA QA 172 -114.62 48.48 40.79
N LEU QA 173 -113.94 47.67 41.60
CA LEU QA 173 -113.65 48.08 42.97
C LEU QA 173 -112.74 49.29 43.01
N THR QA 174 -111.72 49.32 42.15
CA THR QA 174 -110.80 50.45 42.12
C THR QA 174 -111.52 51.74 41.75
N ALA QA 175 -112.44 51.67 40.78
CA ALA QA 175 -113.21 52.85 40.41
C ALA QA 175 -114.26 53.21 41.45
N ILE QA 176 -114.52 52.35 42.42
CA ILE QA 176 -115.43 52.67 43.51
C ILE QA 176 -114.69 53.27 44.69
N GLU QA 177 -113.49 52.78 44.98
CA GLU QA 177 -112.70 53.32 46.07
C GLU QA 177 -112.26 54.75 45.83
N LYS QA 178 -112.28 55.21 44.58
CA LYS QA 178 -111.88 56.58 44.30
C LYS QA 178 -113.09 57.50 44.20
N PHE QA 179 -114.18 57.00 43.62
CA PHE QA 179 -115.45 57.71 43.64
C PHE QA 179 -115.91 58.02 45.05
N PHE QA 180 -115.94 57.02 45.92
CA PHE QA 180 -116.49 57.16 47.25
C PHE QA 180 -115.42 57.25 48.34
N GLY QA 181 -114.16 57.44 47.95
CA GLY QA 181 -113.10 57.55 48.92
C GLY QA 181 -113.17 58.86 49.68
N GLU QA 182 -112.35 58.92 50.74
CA GLU QA 182 -112.28 60.12 51.56
C GLU QA 182 -110.86 60.37 52.04
N ARG QA 202 -111.62 55.07 52.01
CA ARG QA 202 -112.93 54.43 52.17
C ARG QA 202 -113.46 54.58 53.58
N PRO QA 203 -114.68 55.09 53.70
CA PRO QA 203 -115.28 55.19 55.03
C PRO QA 203 -115.55 53.81 55.60
N THR QA 204 -115.54 53.73 56.94
CA THR QA 204 -115.78 52.45 57.58
C THR QA 204 -117.23 52.01 57.48
N GLY QA 205 -118.12 52.87 57.00
CA GLY QA 205 -119.49 52.47 56.79
C GLY QA 205 -119.75 51.73 55.51
N LYS QA 206 -118.72 51.52 54.68
CA LYS QA 206 -118.87 50.87 53.39
C LYS QA 206 -117.80 49.80 53.21
N PHE QA 207 -118.18 48.68 52.61
CA PHE QA 207 -117.27 47.60 52.27
C PHE QA 207 -117.57 47.12 50.85
N GLY QA 208 -116.52 46.86 50.09
CA GLY QA 208 -116.68 46.33 48.75
C GLY QA 208 -115.89 45.04 48.57
N LEU QA 209 -116.59 43.93 48.33
CA LEU QA 209 -115.95 42.63 48.23
C LEU QA 209 -115.89 42.18 46.78
N PRO QA 210 -114.71 42.14 46.15
CA PRO QA 210 -114.63 41.56 44.80
C PRO QA 210 -114.88 40.06 44.85
N ASN QA 211 -115.47 39.54 43.78
CA ASN QA 211 -115.58 38.09 43.65
C ASN QA 211 -115.30 37.60 42.23
N SER QA 212 -114.82 38.45 41.32
CA SER QA 212 -114.48 38.10 39.95
C SER QA 212 -115.70 37.75 39.11
N ILE QA 213 -116.88 37.72 39.72
CA ILE QA 213 -118.14 37.56 39.00
C ILE QA 213 -119.05 38.71 39.36
N LYS QA 214 -118.84 39.26 40.56
CA LYS QA 214 -119.68 40.32 41.08
C LYS QA 214 -118.93 41.03 42.20
N VAL QA 215 -119.60 42.00 42.82
CA VAL QA 215 -119.11 42.66 44.02
C VAL QA 215 -120.21 42.58 45.07
N ILE QA 216 -119.81 42.74 46.33
CA ILE QA 216 -120.74 42.62 47.45
C ILE QA 216 -120.67 43.87 48.32
N PRO QA 217 -121.32 44.97 47.94
CA PRO QA 217 -121.27 46.18 48.77
C PRO QA 217 -121.97 45.99 50.11
N ASP QA 218 -121.49 46.74 51.11
CA ASP QA 218 -121.99 46.68 52.47
C ASP QA 218 -122.22 48.12 52.93
N SER QA 219 -123.47 48.55 53.00
CA SER QA 219 -123.73 49.91 53.43
C SER QA 219 -125.21 50.06 53.78
N SER QA 220 -125.53 51.22 54.37
CA SER QA 220 -126.90 51.54 54.69
C SER QA 220 -127.73 51.62 53.41
N ASN QA 221 -129.05 51.76 53.60
CA ASN QA 221 -129.95 51.77 52.45
C ASN QA 221 -129.64 52.94 51.53
N LYS QA 222 -129.40 54.12 52.08
CA LYS QA 222 -129.16 55.29 51.25
C LYS QA 222 -127.87 55.16 50.46
N ARG QA 223 -126.82 54.65 51.09
CA ARG QA 223 -125.54 54.51 50.42
C ARG QA 223 -125.52 53.31 49.47
N LEU QA 224 -126.56 52.48 49.47
CA LEU QA 224 -126.71 51.41 48.50
C LEU QA 224 -127.56 51.80 47.31
N ILE QA 225 -128.03 53.05 47.25
CA ILE QA 225 -128.76 53.56 46.09
C ILE QA 225 -127.92 54.58 45.34
N ILE QA 226 -127.61 55.71 45.98
CA ILE QA 226 -126.71 56.68 45.39
C ILE QA 226 -125.30 56.15 45.34
N GLY QA 227 -125.03 55.08 46.05
CA GLY QA 227 -123.70 54.51 46.07
C GLY QA 227 -123.52 53.57 44.91
N SER QA 228 -123.14 52.33 45.22
CA SER QA 228 -122.73 51.42 44.17
C SER QA 228 -123.83 51.18 43.14
N ASN QA 229 -125.08 51.10 43.59
CA ASN QA 229 -126.16 50.70 42.68
C ASN QA 229 -126.38 51.66 41.54
N SER QA 230 -125.89 52.90 41.62
CA SER QA 230 -126.07 53.85 40.54
C SER QA 230 -124.77 54.29 39.88
N GLU QA 231 -123.62 54.03 40.47
CA GLU QA 231 -122.38 54.16 39.71
C GLU QA 231 -122.00 52.87 39.02
N ASP QA 232 -122.16 51.74 39.70
CA ASP QA 232 -121.95 50.46 39.03
C ASP QA 232 -122.92 50.28 37.88
N GLY QA 233 -124.05 50.97 37.88
CA GLY QA 233 -124.97 50.96 36.76
C GLY QA 233 -124.61 51.90 35.63
N ILE QA 234 -123.67 52.81 35.83
CA ILE QA 234 -123.25 53.75 34.78
C ILE QA 234 -121.91 53.36 34.18
N ARG QA 235 -121.23 52.36 34.74
CA ARG QA 235 -119.97 51.88 34.21
C ARG QA 235 -120.03 50.44 33.70
N ILE QA 236 -121.19 49.80 33.75
CA ILE QA 236 -121.40 48.52 33.06
C ILE QA 236 -121.93 48.88 31.68
N ARG QA 237 -121.06 48.84 30.68
CA ARG QA 237 -121.48 49.21 29.35
C ARG QA 237 -120.47 48.71 28.33
N SER QA 238 -120.82 48.86 27.06
CA SER QA 238 -120.00 48.36 25.97
C SER QA 238 -118.64 49.06 25.89
N PHE QA 239 -117.59 48.33 26.23
CA PHE QA 239 -116.23 48.83 26.04
C PHE QA 239 -115.91 48.95 24.55
N VAL QA 240 -115.16 49.98 24.20
CA VAL QA 240 -114.74 50.20 22.82
C VAL QA 240 -113.25 49.90 22.71
N GLU QA 241 -112.84 49.45 21.53
CA GLU QA 241 -111.45 49.06 21.31
C GLU QA 241 -110.81 49.87 20.20
N ILE QA 257 -95.11 43.97 19.61
CA ILE QA 257 -93.84 44.22 18.96
C ILE QA 257 -93.95 43.85 17.48
N SER QA 258 -93.19 44.56 16.65
CA SER QA 258 -93.17 44.32 15.21
C SER QA 258 -91.80 43.76 14.83
N GLU QA 259 -91.81 42.59 14.19
CA GLU QA 259 -90.61 41.97 13.67
C GLU QA 259 -90.78 41.70 12.18
N ILE QA 260 -89.67 41.40 11.51
CA ILE QA 260 -89.65 41.18 10.08
C ILE QA 260 -89.33 39.73 9.81
N TYR QA 261 -90.21 39.05 9.10
CA TYR QA 261 -90.00 37.67 8.67
C TYR QA 261 -89.89 37.66 7.16
N ILE QA 262 -88.65 37.57 6.65
CA ILE QA 262 -88.47 37.46 5.21
C ILE QA 262 -89.03 36.13 4.75
N VAL QA 263 -89.90 36.18 3.74
CA VAL QA 263 -90.55 34.96 3.27
C VAL QA 263 -89.51 34.06 2.63
N ARG QA 264 -89.37 32.85 3.17
CA ARG QA 264 -88.37 31.92 2.66
C ARG QA 264 -88.93 31.13 1.47
N GLY QA 265 -90.04 30.42 1.69
CA GLY QA 265 -90.65 29.65 0.63
C GLY QA 265 -91.72 30.43 -0.11
N GLN QA 266 -92.85 29.77 -0.37
CA GLN QA 266 -93.94 30.40 -1.10
C GLN QA 266 -94.55 31.52 -0.27
N LYS QA 267 -95.27 32.42 -0.95
CA LYS QA 267 -95.83 33.60 -0.30
C LYS QA 267 -97.10 33.27 0.48
N GLU QA 268 -98.15 32.80 -0.23
CA GLU QA 268 -99.43 32.58 0.42
C GLU QA 268 -99.34 31.55 1.53
N SER QA 269 -98.36 30.66 1.48
CA SER QA 269 -98.16 29.72 2.58
C SER QA 269 -97.96 30.45 3.89
N VAL QA 270 -97.02 31.41 3.91
CA VAL QA 270 -96.82 32.21 5.11
C VAL QA 270 -97.95 33.20 5.31
N LEU QA 271 -98.79 33.42 4.31
CA LEU QA 271 -99.97 34.28 4.45
C LEU QA 271 -101.17 33.50 4.96
N GLN QA 272 -101.62 32.50 4.21
CA GLN QA 272 -102.86 31.81 4.56
C GLN QA 272 -102.75 31.13 5.90
N PHE QA 273 -101.63 30.48 6.17
CA PHE QA 273 -101.45 29.80 7.44
C PHE QA 273 -101.47 30.79 8.60
N LEU QA 274 -100.79 31.93 8.45
CA LEU QA 274 -100.51 32.76 9.60
C LEU QA 274 -101.75 33.40 10.17
N ARG QA 275 -102.74 33.70 9.32
CA ARG QA 275 -104.00 34.23 9.84
C ARG QA 275 -104.80 33.18 10.59
N ASP QA 276 -104.72 31.91 10.17
CA ASP QA 276 -105.52 30.86 10.78
C ASP QA 276 -105.08 30.61 12.21
N SER QA 277 -103.82 30.21 12.38
CA SER QA 277 -103.31 29.91 13.72
C SER QA 277 -103.07 31.15 14.56
N PHE QA 278 -103.02 32.32 13.95
CA PHE QA 278 -102.78 33.56 14.69
C PHE QA 278 -103.65 34.68 14.13
N PRO QA 279 -104.95 34.66 14.42
CA PRO QA 279 -105.76 35.85 14.12
C PRO QA 279 -105.42 37.02 15.01
N GLU QA 280 -104.81 36.77 16.17
CA GLU QA 280 -104.36 37.85 17.04
C GLU QA 280 -103.00 38.36 16.59
N LEU QA 281 -102.87 38.64 15.30
CA LEU QA 281 -101.66 39.18 14.72
C LEU QA 281 -102.02 39.87 13.41
N ILE QA 282 -101.18 40.82 13.02
CA ILE QA 282 -101.31 41.51 11.75
C ILE QA 282 -99.98 41.45 11.02
N VAL QA 283 -100.05 41.16 9.72
CA VAL QA 283 -98.87 41.10 8.87
C VAL QA 283 -98.92 42.29 7.93
N THR QA 284 -97.96 43.20 8.08
CA THR QA 284 -97.85 44.35 7.20
C THR QA 284 -96.92 43.97 6.06
N ASP QA 285 -97.47 43.89 4.85
CA ASP QA 285 -96.74 43.39 3.69
C ASP QA 285 -95.98 44.52 3.03
N TYR QA 286 -94.69 44.30 2.82
CA TYR QA 286 -93.82 45.23 2.13
C TYR QA 286 -93.41 44.57 0.81
N ALA QA 287 -93.97 45.07 -0.29
CA ALA QA 287 -93.84 44.41 -1.57
C ALA QA 287 -92.38 44.04 -1.86
N SER QA 288 -92.13 42.74 -1.92
CA SER QA 288 -90.80 42.13 -2.03
C SER QA 288 -89.93 42.36 -0.81
N GLY QA 289 -90.41 43.09 0.20
CA GLY QA 289 -89.66 43.27 1.42
C GLY QA 289 -89.91 42.24 2.49
N GLY QA 290 -90.85 41.33 2.25
CA GLY QA 290 -91.17 40.32 3.23
C GLY QA 290 -92.43 40.65 4.02
N LEU QA 291 -92.34 40.54 5.34
CA LEU QA 291 -93.48 40.78 6.21
C LEU QA 291 -93.00 41.56 7.42
N ALA QA 292 -93.96 42.08 8.19
CA ALA QA 292 -93.67 42.93 9.34
C ALA QA 292 -94.55 42.54 10.53
N ILE QA 293 -94.59 41.25 10.84
CA ILE QA 293 -95.50 40.69 11.85
C ILE QA 293 -95.49 41.52 13.12
N GLU QA 294 -96.67 41.95 13.56
CA GLU QA 294 -96.79 42.70 14.81
C GLU QA 294 -98.07 42.30 15.52
N GLY QA 295 -98.08 42.53 16.83
CA GLY QA 295 -99.21 42.22 17.66
C GLY QA 295 -98.80 42.01 19.10
N PRO QA 296 -99.44 41.05 19.77
CA PRO QA 296 -99.02 40.71 21.13
C PRO QA 296 -97.55 40.35 21.19
N ARG QA 297 -96.88 40.86 22.22
CA ARG QA 297 -95.42 40.75 22.32
C ARG QA 297 -94.94 39.33 22.59
N THR QA 298 -95.85 38.40 22.90
CA THR QA 298 -95.48 37.01 23.12
C THR QA 298 -95.97 36.09 22.02
N SER QA 299 -97.18 36.32 21.51
CA SER QA 299 -97.70 35.48 20.42
C SER QA 299 -96.82 35.57 19.18
N VAL QA 300 -96.10 36.68 19.01
CA VAL QA 300 -95.18 36.82 17.89
C VAL QA 300 -94.06 35.80 18.00
N ASN QA 301 -93.41 35.73 19.16
CA ASN QA 301 -92.29 34.81 19.35
C ASN QA 301 -92.72 33.38 19.09
N ARG QA 302 -93.93 33.03 19.52
CA ARG QA 302 -94.47 31.70 19.29
C ARG QA 302 -94.84 31.49 17.83
N ALA QA 303 -95.27 32.55 17.15
CA ALA QA 303 -95.59 32.44 15.73
C ALA QA 303 -94.33 32.24 14.90
N ILE QA 304 -93.25 32.93 15.25
CA ILE QA 304 -92.02 32.86 14.46
C ILE QA 304 -91.42 31.47 14.53
N ILE QA 305 -91.30 30.91 15.74
CA ILE QA 305 -90.72 29.58 15.89
C ILE QA 305 -91.54 28.55 15.12
N LEU QA 306 -92.86 28.63 15.25
CA LEU QA 306 -93.73 27.81 14.43
C LEU QA 306 -93.54 28.07 12.95
N LEU QA 307 -93.43 29.34 12.56
CA LEU QA 307 -93.42 29.69 11.15
C LEU QA 307 -92.20 29.17 10.43
N GLY QA 308 -91.09 28.99 11.14
CA GLY QA 308 -89.92 28.38 10.52
C GLY QA 308 -90.19 26.97 10.04
N GLN QA 309 -90.93 26.19 10.83
CA GLN QA 309 -91.23 24.82 10.45
C GLN QA 309 -92.16 24.76 9.25
N VAL QA 310 -93.27 25.49 9.30
CA VAL QA 310 -94.30 25.34 8.27
C VAL QA 310 -93.83 25.93 6.95
N ASP QA 311 -92.88 26.84 6.98
CA ASP QA 311 -92.39 27.51 5.78
C ASP QA 311 -90.96 27.09 5.53
N ARG QA 312 -90.74 26.34 4.45
CA ARG QA 312 -89.42 25.90 4.05
C ARG QA 312 -89.20 26.15 2.57
N ALA QA 313 -87.96 26.41 2.20
CA ALA QA 313 -87.59 26.65 0.82
C ALA QA 313 -87.60 25.35 0.04
N PRO QA 314 -87.92 25.40 -1.25
CA PRO QA 314 -87.88 24.17 -2.06
C PRO QA 314 -86.48 23.59 -2.06
N GLU QA 315 -86.41 22.26 -2.07
CA GLU QA 315 -85.13 21.57 -1.99
C GLU QA 315 -84.56 21.32 -3.37
N ILE QA 316 -83.25 21.10 -3.41
CA ILE QA 316 -82.48 20.98 -4.64
C ILE QA 316 -82.10 19.52 -4.83
N PRO QA 317 -82.61 18.84 -5.84
CA PRO QA 317 -82.32 17.42 -6.00
C PRO QA 317 -80.92 17.15 -6.52
N ILE QA 318 -79.96 17.05 -5.61
CA ILE QA 318 -78.57 16.74 -5.92
C ILE QA 318 -78.45 15.52 -6.81
N VAL QA 319 -77.81 15.68 -7.97
CA VAL QA 319 -77.66 14.61 -8.95
C VAL QA 319 -76.21 14.16 -8.97
N GLN QA 320 -75.99 12.92 -9.39
CA GLN QA 320 -74.68 12.29 -9.38
C GLN QA 320 -74.28 11.89 -10.78
N ARG QA 321 -73.04 12.20 -11.15
CA ARG QA 321 -72.49 11.71 -12.41
C ARG QA 321 -71.02 11.36 -12.19
N ILE QA 322 -70.53 10.46 -13.03
CA ILE QA 322 -69.18 9.93 -12.94
C ILE QA 322 -68.39 10.45 -14.13
N TYR QA 323 -67.27 11.10 -13.86
CA TYR QA 323 -66.44 11.68 -14.90
C TYR QA 323 -65.15 10.87 -15.01
N THR QA 324 -64.73 10.62 -16.24
CA THR QA 324 -63.53 9.82 -16.52
C THR QA 324 -62.45 10.76 -17.03
N VAL QA 325 -61.62 11.26 -16.12
CA VAL QA 325 -60.72 12.35 -16.44
C VAL QA 325 -59.70 11.91 -17.47
N ARG QA 326 -59.49 12.75 -18.49
CA ARG QA 326 -58.45 12.56 -19.50
C ARG QA 326 -57.38 13.61 -19.25
N GLY QA 327 -56.19 13.16 -18.93
CA GLY QA 327 -55.16 14.09 -18.51
C GLY QA 327 -54.84 13.82 -17.06
N GLN QA 328 -54.28 14.79 -16.36
CA GLN QA 328 -54.06 14.59 -14.94
C GLN QA 328 -55.39 14.64 -14.21
N ALA QA 329 -55.44 14.03 -13.04
CA ALA QA 329 -56.64 14.11 -12.22
C ALA QA 329 -56.44 14.99 -10.99
N ALA QA 330 -55.20 15.29 -10.62
CA ALA QA 330 -54.98 16.23 -9.53
C ALA QA 330 -55.29 17.65 -9.97
N ASP QA 331 -54.96 18.00 -11.21
CA ASP QA 331 -55.17 19.36 -11.67
C ASP QA 331 -56.63 19.62 -11.97
N ILE QA 332 -57.37 18.60 -12.41
CA ILE QA 332 -58.77 18.79 -12.73
C ILE QA 332 -59.62 18.65 -11.48
N THR QA 333 -59.05 18.14 -10.39
CA THR QA 333 -59.72 18.26 -9.10
C THR QA 333 -59.57 19.67 -8.56
N ALA QA 334 -58.37 20.24 -8.67
CA ALA QA 334 -58.16 21.60 -8.16
C ALA QA 334 -58.95 22.61 -8.97
N LEU QA 335 -59.07 22.40 -10.28
CA LEU QA 335 -59.90 23.29 -11.09
C LEU QA 335 -61.34 23.29 -10.60
N LEU QA 336 -61.92 22.09 -10.43
CA LEU QA 336 -63.30 22.01 -9.99
C LEU QA 336 -63.47 22.40 -8.53
N ALA QA 337 -62.38 22.61 -7.80
CA ALA QA 337 -62.46 23.11 -6.44
C ALA QA 337 -62.26 24.61 -6.34
N ALA QA 338 -61.90 25.26 -7.43
CA ALA QA 338 -61.86 26.72 -7.49
C ALA QA 338 -63.04 27.25 -8.30
N GLN QA 339 -63.19 26.75 -9.51
CA GLN QA 339 -64.45 26.93 -10.18
C GLN QA 339 -65.48 26.01 -9.54
N TYR QA 340 -66.72 26.48 -9.46
CA TYR QA 340 -67.78 25.64 -8.92
C TYR QA 340 -67.34 25.06 -7.59
N PRO QA 341 -67.21 25.87 -6.54
CA PRO QA 341 -66.64 25.38 -5.28
C PRO QA 341 -67.59 24.56 -4.43
N THR QA 342 -68.76 24.16 -4.95
CA THR QA 342 -69.72 23.36 -4.20
C THR QA 342 -70.21 22.22 -5.08
N LEU QA 343 -69.27 21.48 -5.68
CA LEU QA 343 -69.65 20.35 -6.51
C LEU QA 343 -69.46 18.99 -5.86
N ARG QA 344 -68.61 18.87 -4.84
CA ARG QA 344 -68.35 17.60 -4.18
C ARG QA 344 -67.80 16.57 -5.17
N VAL QA 345 -66.60 16.86 -5.64
CA VAL QA 345 -65.88 15.94 -6.51
C VAL QA 345 -65.11 14.96 -5.64
N THR QA 346 -65.45 13.68 -5.72
CA THR QA 346 -64.81 12.63 -4.95
C THR QA 346 -64.11 11.66 -5.88
N PRO QA 347 -62.84 11.35 -5.63
CA PRO QA 347 -62.12 10.46 -6.54
C PRO QA 347 -62.26 9.00 -6.16
N VAL QA 348 -62.31 8.15 -7.18
CA VAL QA 348 -62.30 6.69 -6.96
C VAL QA 348 -60.84 6.28 -6.96
N GLY QA 349 -60.19 6.47 -5.82
CA GLY QA 349 -58.78 6.19 -5.72
C GLY QA 349 -58.00 6.93 -6.79
N GLN QA 350 -56.87 6.35 -7.18
CA GLN QA 350 -56.10 6.82 -8.33
C GLN QA 350 -56.42 5.90 -9.50
N THR QA 351 -57.62 6.07 -10.06
CA THR QA 351 -58.03 5.29 -11.21
C THR QA 351 -58.51 6.16 -12.35
N GLY QA 352 -58.24 7.46 -12.31
CA GLY QA 352 -58.66 8.34 -13.36
C GLY QA 352 -60.16 8.49 -13.46
N GLN QA 353 -60.88 8.17 -12.40
CA GLN QA 353 -62.31 8.40 -12.34
C GLN QA 353 -62.60 9.38 -11.23
N LEU QA 354 -63.79 9.96 -11.28
CA LEU QA 354 -64.04 11.13 -10.45
C LEU QA 354 -65.55 11.21 -10.29
N VAL QA 355 -66.04 10.90 -9.09
CA VAL QA 355 -67.47 10.91 -8.81
C VAL QA 355 -67.81 12.28 -8.27
N LEU QA 356 -68.51 13.07 -9.08
CA LEU QA 356 -68.83 14.44 -8.76
C LEU QA 356 -70.34 14.59 -8.72
N ASN QA 357 -70.82 15.35 -7.73
CA ASN QA 357 -72.16 15.14 -7.19
C ASN QA 357 -72.73 16.49 -6.75
N GLY QA 358 -73.54 17.11 -7.61
CA GLY QA 358 -74.10 18.40 -7.29
C GLY QA 358 -75.37 18.65 -8.06
N ALA QA 359 -75.95 19.84 -7.86
CA ALA QA 359 -77.19 20.20 -8.53
C ALA QA 359 -77.03 20.10 -10.04
N GLN QA 360 -78.14 19.99 -10.76
CA GLN QA 360 -78.02 19.74 -12.19
C GLN QA 360 -77.55 20.98 -12.96
N ALA QA 361 -77.84 22.18 -12.46
CA ALA QA 361 -77.31 23.37 -13.11
C ALA QA 361 -75.79 23.40 -13.06
N GLN QA 362 -75.24 23.25 -11.85
CA GLN QA 362 -73.79 23.14 -11.72
C GLN QA 362 -73.25 21.99 -12.54
N LEU QA 363 -74.05 20.93 -12.69
CA LEU QA 363 -73.53 19.73 -13.30
C LEU QA 363 -73.38 19.92 -14.80
N ASP QA 364 -74.38 20.49 -15.45
CA ASP QA 364 -74.32 20.71 -16.89
C ASP QA 364 -73.47 21.92 -17.27
N THR QA 365 -73.00 22.67 -16.29
CA THR QA 365 -72.04 23.73 -16.56
C THR QA 365 -70.61 23.21 -16.41
N ALA QA 366 -70.35 22.48 -15.34
CA ALA QA 366 -69.01 21.92 -15.16
C ALA QA 366 -68.67 20.94 -16.26
N LEU QA 367 -69.65 20.22 -16.79
CA LEU QA 367 -69.35 19.26 -17.84
C LEU QA 367 -69.06 19.94 -19.16
N ALA QA 368 -69.60 21.14 -19.37
CA ALA QA 368 -69.30 21.86 -20.59
C ALA QA 368 -67.92 22.49 -20.54
N LEU QA 369 -67.51 22.98 -19.37
CA LEU QA 369 -66.15 23.47 -19.21
C LEU QA 369 -65.15 22.34 -19.37
N LEU QA 370 -65.36 21.25 -18.66
CA LEU QA 370 -64.41 20.15 -18.72
C LEU QA 370 -64.30 19.60 -20.12
N GLU QA 371 -65.33 19.76 -20.93
CA GLU QA 371 -65.21 19.34 -22.32
C GLU QA 371 -64.22 20.22 -23.06
N GLN QA 372 -63.94 21.42 -22.54
CA GLN QA 372 -63.09 22.37 -23.26
C GLN QA 372 -61.65 22.31 -22.78
N VAL QA 373 -61.42 22.34 -21.48
CA VAL QA 373 -60.09 22.53 -20.94
C VAL QA 373 -59.46 21.20 -20.52
N ASP QA 374 -59.93 20.08 -21.06
CA ASP QA 374 -59.45 18.78 -20.62
C ASP QA 374 -59.17 17.91 -21.84
N ARG QA 375 -57.90 17.70 -22.13
CA ARG QA 375 -57.47 16.89 -23.26
C ARG QA 375 -56.26 16.06 -22.83
N PRO QA 376 -56.00 14.95 -23.51
CA PRO QA 376 -54.88 14.11 -23.11
C PRO QA 376 -53.56 14.84 -23.23
N ALA QA 377 -52.60 14.44 -22.38
CA ALA QA 377 -51.31 15.09 -22.35
C ALA QA 377 -50.54 14.82 -23.63
N PRO QA 378 -49.57 15.67 -23.96
CA PRO QA 378 -48.72 15.39 -25.12
C PRO QA 378 -47.67 14.34 -24.81
N VAL QA 379 -47.09 13.80 -25.86
CA VAL QA 379 -46.13 12.72 -25.77
C VAL QA 379 -44.72 13.26 -25.97
N ALA QA 380 -43.76 12.70 -25.24
CA ALA QA 380 -42.37 13.02 -25.46
C ALA QA 380 -41.93 12.48 -26.82
N GLU QA 381 -40.93 13.12 -27.41
CA GLU QA 381 -40.59 12.77 -28.80
C GLU QA 381 -39.73 11.51 -28.86
N SER QA 382 -38.47 11.64 -28.46
CA SER QA 382 -37.58 10.53 -28.13
C SER QA 382 -36.21 11.11 -27.83
N ARG QA 383 -35.36 10.38 -27.13
CA ARG QA 383 -34.01 10.85 -26.88
C ARG QA 383 -32.97 10.17 -27.76
N THR QA 384 -33.42 9.47 -28.80
CA THR QA 384 -32.52 8.66 -29.62
C THR QA 384 -33.18 8.41 -30.96
N VAL QA 385 -32.41 8.61 -32.04
CA VAL QA 385 -32.90 8.39 -33.40
C VAL QA 385 -31.81 7.65 -34.17
N GLN QA 386 -32.23 7.02 -35.27
CA GLN QA 386 -31.32 6.29 -36.16
C GLN QA 386 -31.48 6.78 -37.59
N ARG QA 387 -30.37 6.86 -38.30
CA ARG QA 387 -30.37 7.07 -39.75
C ARG QA 387 -29.42 6.08 -40.38
N VAL QA 388 -29.80 5.59 -41.56
CA VAL QA 388 -28.98 4.63 -42.31
C VAL QA 388 -28.60 5.27 -43.64
N PHE QA 389 -27.31 5.26 -43.93
CA PHE QA 389 -26.79 5.84 -45.16
C PHE QA 389 -26.17 4.73 -45.99
N GLN QA 390 -26.65 4.57 -47.21
CA GLN QA 390 -26.07 3.62 -48.16
C GLN QA 390 -25.02 4.36 -48.98
N LEU QA 391 -23.75 4.16 -48.63
CA LEU QA 391 -22.68 4.85 -49.33
C LEU QA 391 -22.50 4.27 -50.72
N VAL QA 392 -22.08 5.13 -51.65
CA VAL QA 392 -21.95 4.77 -53.06
C VAL QA 392 -20.51 4.84 -53.53
N ASN QA 393 -19.76 5.86 -53.09
CA ASN QA 393 -18.40 6.06 -53.55
C ASN QA 393 -17.35 5.75 -52.50
N ALA QA 394 -17.62 6.05 -51.23
CA ALA QA 394 -16.67 5.84 -50.16
C ALA QA 394 -16.87 4.45 -49.56
N SER QA 395 -15.99 4.11 -48.61
CA SER QA 395 -16.06 2.86 -47.88
C SER QA 395 -16.62 3.14 -46.49
N ALA QA 396 -17.64 2.39 -46.10
CA ALA QA 396 -18.33 2.65 -44.84
C ALA QA 396 -17.38 2.52 -43.66
N GLU QA 397 -16.41 1.60 -43.73
CA GLU QA 397 -15.52 1.39 -42.61
C GLU QA 397 -14.46 2.48 -42.51
N GLU QA 398 -14.03 3.02 -43.65
CA GLU QA 398 -13.08 4.13 -43.62
C GLU QA 398 -13.76 5.43 -43.23
N VAL QA 399 -15.02 5.61 -43.61
CA VAL QA 399 -15.77 6.78 -43.18
C VAL QA 399 -15.97 6.77 -41.68
N LYS QA 400 -16.31 5.60 -41.12
CA LYS QA 400 -16.49 5.49 -39.69
C LYS QA 400 -15.20 5.78 -38.93
N ALA QA 401 -14.06 5.30 -39.44
CA ALA QA 401 -12.79 5.58 -38.80
C ALA QA 401 -12.40 7.04 -38.93
N THR QA 402 -12.73 7.67 -40.06
CA THR QA 402 -12.47 9.10 -40.21
C THR QA 402 -13.26 9.91 -39.20
N LEU QA 403 -14.54 9.60 -39.03
CA LEU QA 403 -15.41 10.36 -38.15
C LEU QA 403 -15.07 10.17 -36.68
N GLU QA 404 -14.42 9.07 -36.32
CA GLU QA 404 -14.07 8.78 -34.95
C GLU QA 404 -12.64 9.16 -34.60
N GLY QA 405 -11.87 9.69 -35.56
CA GLY QA 405 -10.49 10.03 -35.29
C GLY QA 405 -9.60 8.85 -34.99
N THR QA 406 -9.83 7.73 -35.65
CA THR QA 406 -9.00 6.54 -35.47
C THR QA 406 -8.42 6.07 -36.80
N GLN QA 466 -22.24 12.74 -24.74
CA GLN QA 466 -21.38 11.76 -25.39
C GLN QA 466 -21.14 12.10 -26.85
N GLN QA 467 -21.02 11.06 -27.67
CA GLN QA 467 -20.90 11.20 -29.11
C GLN QA 467 -21.75 10.11 -29.76
N ALA QA 468 -22.21 10.37 -30.98
CA ALA QA 468 -23.09 9.46 -31.66
C ALA QA 468 -22.40 8.13 -31.93
N THR QA 469 -23.17 7.04 -31.86
CA THR QA 469 -22.67 5.72 -32.19
C THR QA 469 -22.69 5.52 -33.71
N LEU QA 470 -21.59 5.00 -34.23
CA LEU QA 470 -21.45 4.73 -35.66
C LEU QA 470 -21.26 3.23 -35.88
N ILE QA 471 -22.01 2.69 -36.83
CA ILE QA 471 -21.95 1.27 -37.17
C ILE QA 471 -21.69 1.17 -38.67
N ALA QA 472 -20.64 0.45 -39.05
CA ALA QA 472 -20.25 0.31 -40.44
C ALA QA 472 -20.40 -1.15 -40.86
N ASP QA 473 -21.18 -1.38 -41.91
CA ASP QA 473 -21.35 -2.71 -42.49
C ASP QA 473 -20.53 -2.81 -43.76
N LYS QA 474 -19.61 -3.76 -43.80
CA LYS QA 474 -18.75 -3.91 -44.98
C LYS QA 474 -19.47 -4.58 -46.13
N ARG QA 475 -20.38 -5.52 -45.85
CA ARG QA 475 -21.04 -6.26 -46.91
C ARG QA 475 -21.91 -5.35 -47.77
N THR QA 476 -22.69 -4.48 -47.13
CA THR QA 476 -23.63 -3.63 -47.85
C THR QA 476 -23.14 -2.19 -48.01
N ASN QA 477 -21.99 -1.84 -47.44
CA ASN QA 477 -21.47 -0.48 -47.46
C ASN QA 477 -22.47 0.49 -46.87
N SER QA 478 -22.96 0.17 -45.68
CA SER QA 478 -23.97 0.96 -44.99
C SER QA 478 -23.36 1.62 -43.76
N LEU QA 479 -23.70 2.88 -43.56
CA LEU QA 479 -23.33 3.61 -42.36
C LEU QA 479 -24.58 3.85 -41.51
N ILE QA 480 -24.51 3.49 -40.24
CA ILE QA 480 -25.63 3.62 -39.32
C ILE QA 480 -25.21 4.51 -38.17
N VAL QA 481 -25.88 5.65 -38.03
CA VAL QA 481 -25.62 6.61 -36.96
C VAL QA 481 -26.78 6.55 -35.98
N ARG QA 482 -26.46 6.55 -34.69
CA ARG QA 482 -27.44 6.34 -33.64
C ARG QA 482 -27.11 7.27 -32.48
N GLY QA 483 -27.95 8.26 -32.24
CA GLY QA 483 -27.72 9.17 -31.15
C GLY QA 483 -28.87 10.13 -30.98
N THR QA 484 -28.59 11.25 -30.31
CA THR QA 484 -29.58 12.29 -30.15
C THR QA 484 -29.87 12.93 -31.50
N PRO QA 485 -31.05 13.54 -31.66
CA PRO QA 485 -31.39 14.11 -32.97
C PRO QA 485 -30.41 15.17 -33.44
N GLU QA 486 -29.76 15.88 -32.52
CA GLU QA 486 -28.77 16.88 -32.93
C GLU QA 486 -27.47 16.22 -33.38
N GLN QA 487 -27.04 15.17 -32.66
CA GLN QA 487 -25.84 14.44 -33.05
C GLN QA 487 -26.02 13.70 -34.37
N VAL QA 488 -27.26 13.37 -34.75
CA VAL QA 488 -27.48 12.63 -35.98
C VAL QA 488 -27.56 13.58 -37.18
N ALA QA 489 -28.05 14.79 -36.98
CA ALA QA 489 -28.08 15.76 -38.07
C ALA QA 489 -26.69 16.24 -38.44
N GLN QA 490 -25.73 16.14 -37.52
CA GLN QA 490 -24.36 16.53 -37.83
C GLN QA 490 -23.69 15.53 -38.76
N VAL QA 491 -23.90 14.23 -38.50
CA VAL QA 491 -23.38 13.23 -39.42
C VAL QA 491 -24.12 13.29 -40.74
N ALA QA 492 -25.42 13.58 -40.71
CA ALA QA 492 -26.21 13.61 -41.92
C ALA QA 492 -25.75 14.69 -42.88
N GLU QA 493 -25.24 15.81 -42.37
CA GLU QA 493 -24.73 16.85 -43.26
C GLU QA 493 -23.31 16.59 -43.73
N LEU QA 494 -22.58 15.71 -43.04
CA LEU QA 494 -21.23 15.34 -43.46
C LEU QA 494 -21.24 14.32 -44.58
N VAL QA 495 -22.22 13.42 -44.59
CA VAL QA 495 -22.19 12.28 -45.49
C VAL QA 495 -22.16 12.69 -46.96
N PRO QA 496 -22.98 13.66 -47.43
CA PRO QA 496 -22.90 14.01 -48.85
C PRO QA 496 -21.53 14.50 -49.30
N GLN QA 497 -20.73 15.03 -48.38
CA GLN QA 497 -19.43 15.57 -48.76
C GLN QA 497 -18.33 14.53 -48.69
N LEU QA 498 -18.46 13.54 -47.80
CA LEU QA 498 -17.48 12.48 -47.68
C LEU QA 498 -17.75 11.31 -48.63
N ASP QA 499 -18.82 11.37 -49.40
CA ASP QA 499 -19.22 10.29 -50.29
C ASP QA 499 -19.26 10.76 -51.75
N GLN QA 500 -18.54 11.82 -52.06
CA GLN QA 500 -18.54 12.36 -53.41
C GLN QA 500 -17.54 11.62 -54.29
N VAL QA 501 -17.65 11.84 -55.60
CA VAL QA 501 -16.72 11.24 -56.55
C VAL QA 501 -15.41 11.99 -56.53
N VAL QA 502 -14.30 11.27 -56.44
CA VAL QA 502 -12.97 11.87 -56.47
C VAL QA 502 -12.36 11.60 -57.84
N PRO QA 503 -11.45 12.43 -58.34
CA PRO QA 503 -10.91 12.23 -59.67
C PRO QA 503 -10.09 10.96 -59.80
N GLN QA 504 -10.09 10.42 -61.01
CA GLN QA 504 -9.26 9.28 -61.39
C GLN QA 504 -8.26 9.74 -62.44
N ILE QA 505 -6.99 9.40 -62.25
CA ILE QA 505 -5.92 9.94 -63.07
C ILE QA 505 -5.04 8.81 -63.60
N ASN QA 506 -4.32 9.12 -64.68
CA ASN QA 506 -3.28 8.27 -65.21
C ASN QA 506 -2.00 9.09 -65.30
N VAL QA 507 -0.93 8.61 -64.67
CA VAL QA 507 0.33 9.31 -64.63
C VAL QA 507 1.36 8.52 -65.43
N GLN QA 508 2.08 9.22 -66.29
CA GLN QA 508 3.12 8.61 -67.12
C GLN QA 508 4.48 9.13 -66.70
N VAL QA 509 5.43 8.23 -66.50
CA VAL QA 509 6.80 8.57 -66.16
C VAL QA 509 7.72 7.98 -67.21
N ARG QA 510 8.61 8.80 -67.76
CA ARG QA 510 9.63 8.36 -68.70
C ARG QA 510 11.00 8.54 -68.08
N ILE QA 511 11.78 7.45 -68.03
CA ILE QA 511 13.16 7.50 -67.59
C ILE QA 511 14.02 7.17 -68.80
N GLN QA 512 14.94 8.08 -69.12
CA GLN QA 512 15.78 7.98 -70.29
C GLN QA 512 17.24 8.02 -69.86
N GLU QA 513 18.08 7.22 -70.52
CA GLU QA 513 19.49 7.18 -70.17
C GLU QA 513 20.32 6.86 -71.40
N VAL QA 514 21.27 7.74 -71.72
CA VAL QA 514 22.14 7.60 -72.87
C VAL QA 514 23.59 7.71 -72.39
N ASN QA 515 24.46 6.86 -72.93
CA ASN QA 515 25.88 6.89 -72.60
C ASN QA 515 26.68 6.80 -73.90
N GLU QA 516 27.83 7.46 -73.93
CA GLU QA 516 28.70 7.43 -75.10
C GLU QA 516 30.15 7.31 -74.69
N ARG QA 517 30.94 6.66 -75.54
CA ARG QA 517 32.36 6.43 -75.30
C ARG QA 517 33.16 6.80 -76.54
N ALA QA 518 34.46 6.97 -76.35
CA ALA QA 518 35.39 7.21 -77.46
C ALA QA 518 36.80 6.99 -76.95
N LEU QA 519 37.56 6.15 -77.63
CA LEU QA 519 38.93 5.84 -77.25
C LEU QA 519 39.84 6.09 -78.44
N GLN QA 520 41.11 6.40 -78.16
CA GLN QA 520 42.08 6.67 -79.21
C GLN QA 520 43.47 6.38 -78.66
N SER QA 521 44.11 5.33 -79.16
CA SER QA 521 45.48 4.99 -78.80
C SER QA 521 46.39 5.16 -80.00
N LEU QA 522 47.66 5.44 -79.73
CA LEU QA 522 48.67 5.61 -80.78
C LEU QA 522 50.03 5.54 -80.14
N GLY QA 523 50.90 4.68 -80.67
CA GLY QA 523 52.24 4.56 -80.11
C GLY QA 523 53.25 3.89 -80.99
N LEU QA 524 54.45 4.45 -81.04
CA LEU QA 524 55.59 3.87 -81.77
C LEU QA 524 56.60 3.32 -80.78
N ASN QA 525 57.23 2.21 -81.16
CA ASN QA 525 58.05 1.44 -80.22
C ASN QA 525 59.17 0.80 -81.02
N TRP QA 526 60.33 1.44 -81.06
CA TRP QA 526 61.41 1.00 -81.93
C TRP QA 526 62.67 0.66 -81.14
N ARG QA 527 63.69 0.21 -81.87
CA ARG QA 527 64.98 -0.17 -81.30
C ARG QA 527 66.03 -0.10 -82.40
N ALA QA 528 67.03 0.75 -82.21
CA ALA QA 528 68.05 0.98 -83.22
C ALA QA 528 69.41 0.51 -82.71
N THR QA 529 70.19 -0.12 -83.59
CA THR QA 529 71.53 -0.60 -83.25
C THR QA 529 72.50 -0.18 -84.34
N PHE QA 530 73.34 0.79 -84.04
CA PHE QA 530 74.50 1.13 -84.86
C PHE QA 530 75.77 0.96 -84.02
N GLY QA 531 76.91 1.33 -84.60
CA GLY QA 531 78.19 0.89 -84.08
C GLY QA 531 78.48 1.22 -82.63
N GLY QA 532 78.42 0.20 -81.77
CA GLY QA 532 78.62 0.36 -80.36
C GLY QA 532 77.37 0.74 -79.58
N PHE QA 533 76.44 1.44 -80.21
CA PHE QA 533 75.26 1.98 -79.55
C PHE QA 533 74.07 1.06 -79.68
N ASN QA 534 73.18 1.12 -78.69
CA ASN QA 534 71.94 0.36 -78.67
C ASN QA 534 70.87 1.24 -78.06
N VAL QA 535 69.98 1.78 -78.89
CA VAL QA 535 68.96 2.73 -78.46
C VAL QA 535 67.60 2.06 -78.55
N ALA QA 536 66.80 2.18 -77.49
CA ALA QA 536 65.47 1.59 -77.44
C ALA QA 536 64.51 2.63 -76.89
N VAL QA 537 63.47 2.94 -77.65
CA VAL QA 537 62.46 3.92 -77.26
C VAL QA 537 61.12 3.22 -77.18
N SER QA 538 60.41 3.42 -76.08
CA SER QA 538 59.11 2.78 -75.88
C SER QA 538 58.19 3.77 -75.17
N GLY QA 539 56.99 3.29 -74.85
CA GLY QA 539 56.02 4.12 -74.17
C GLY QA 539 56.02 3.92 -72.67
N GLY QA 540 56.09 2.67 -72.22
CA GLY QA 540 56.18 2.39 -70.80
C GLY QA 540 57.43 2.99 -70.19
N THR QA 541 58.58 2.51 -70.63
CA THR QA 541 59.85 3.16 -70.33
C THR QA 541 60.20 4.10 -71.48
N GLY QA 542 60.96 5.14 -71.16
CA GLY QA 542 61.25 6.12 -72.19
C GLY QA 542 62.47 5.75 -73.01
N LEU QA 543 63.46 6.63 -73.04
CA LEU QA 543 64.71 6.35 -73.73
C LEU QA 543 65.57 5.41 -72.90
N ALA QA 544 66.27 4.50 -73.57
CA ALA QA 544 67.19 3.56 -72.91
C ALA QA 544 68.33 3.27 -73.87
N ALA QA 545 69.44 3.98 -73.71
CA ALA QA 545 70.60 3.85 -74.58
C ALA QA 545 71.76 3.24 -73.82
N THR QA 546 72.55 2.40 -74.50
CA THR QA 546 73.76 1.85 -73.93
C THR QA 546 74.88 1.96 -74.95
N PHE QA 547 76.11 1.82 -74.47
CA PHE QA 547 77.30 1.77 -75.31
C PHE QA 547 78.12 0.55 -74.94
N ASN QA 548 78.68 -0.11 -75.96
CA ASN QA 548 79.54 -1.27 -75.77
C ASN QA 548 80.90 -0.98 -76.39
N PRO QA 549 81.95 -0.77 -75.61
CA PRO QA 549 83.27 -0.46 -76.19
C PRO QA 549 84.00 -1.68 -76.72
N THR QA 550 83.50 -2.89 -76.51
CA THR QA 550 84.19 -4.10 -76.90
C THR QA 550 83.77 -4.65 -78.25
N GLN QA 551 82.57 -4.34 -78.71
CA GLN QA 551 82.03 -4.81 -79.98
C GLN QA 551 81.63 -3.62 -80.84
N SER QA 552 81.10 -3.91 -82.02
CA SER QA 552 80.67 -2.85 -82.94
C SER QA 552 79.70 -3.46 -83.95
N PHE QA 553 78.49 -2.92 -84.02
CA PHE QA 553 77.49 -3.41 -84.95
C PHE QA 553 77.86 -3.06 -86.38
N LEU QA 554 77.21 -3.73 -87.32
CA LEU QA 554 77.38 -3.47 -88.74
C LEU QA 554 76.20 -2.66 -89.25
N GLY QA 555 76.48 -1.48 -89.77
CA GLY QA 555 75.44 -0.65 -90.35
C GLY QA 555 74.44 -0.14 -89.34
N PHE QA 556 73.28 0.25 -89.87
CA PHE QA 556 72.18 0.81 -89.09
C PHE QA 556 70.96 -0.07 -89.23
N ASN QA 557 70.30 -0.36 -88.11
CA ASN QA 557 69.04 -1.09 -88.10
C ASN QA 557 68.06 -0.33 -87.23
N ILE QA 558 66.77 -0.41 -87.55
CA ILE QA 558 65.81 0.50 -86.94
C ILE QA 558 64.69 -0.20 -86.17
N PHE QA 559 64.31 -1.39 -86.60
CA PHE QA 559 63.36 -2.27 -85.91
C PHE QA 559 62.14 -1.56 -85.30
N PRO QA 560 61.34 -0.86 -86.10
CA PRO QA 560 60.19 -0.12 -85.53
C PRO QA 560 58.96 -1.01 -85.37
N THR QA 561 57.97 -0.47 -84.68
CA THR QA 561 56.72 -1.16 -84.39
C THR QA 561 55.64 -0.14 -84.09
N LEU QA 562 54.51 -0.24 -84.78
CA LEU QA 562 53.43 0.73 -84.68
C LEU QA 562 52.18 0.07 -84.12
N THR QA 563 51.35 0.86 -83.45
CA THR QA 563 50.10 0.39 -82.88
C THR QA 563 49.13 1.56 -82.81
N ALA QA 564 47.90 1.35 -83.27
CA ALA QA 564 46.88 2.39 -83.25
C ALA QA 564 45.52 1.75 -83.08
N LEU QA 565 44.67 2.37 -82.27
CA LEU QA 565 43.35 1.83 -81.98
C LEU QA 565 42.34 2.96 -81.82
N GLU QA 566 41.13 2.72 -82.29
CA GLU QA 566 40.02 3.65 -82.12
C GLU QA 566 38.79 2.85 -81.73
N THR QA 567 37.92 3.46 -80.94
CA THR QA 567 36.73 2.77 -80.47
C THR QA 567 35.60 3.77 -80.27
N GLN QA 568 34.37 3.27 -80.30
CA GLN QA 568 33.20 4.06 -79.99
C GLN QA 568 32.14 3.16 -79.38
N GLY QA 569 31.23 3.77 -78.61
CA GLY QA 569 30.15 3.04 -78.01
C GLY QA 569 28.98 3.97 -77.78
N LEU QA 570 27.79 3.37 -77.63
CA LEU QA 570 26.59 4.14 -77.36
C LEU QA 570 25.53 3.22 -76.80
N THR QA 571 25.10 3.47 -75.56
CA THR QA 571 24.05 2.69 -74.93
C THR QA 571 22.87 3.60 -74.64
N ARG QA 572 21.67 3.18 -75.05
CA ARG QA 572 20.42 3.81 -74.68
C ARG QA 572 19.56 2.83 -73.90
N ARG QA 573 18.71 3.37 -73.03
CA ARG QA 573 17.78 2.54 -72.27
C ARG QA 573 16.62 3.42 -71.84
N VAL QA 574 15.41 3.08 -72.26
CA VAL QA 574 14.25 3.94 -72.08
C VAL QA 574 13.12 3.13 -71.45
N TYR QA 575 12.37 3.78 -70.56
CA TYR QA 575 11.18 3.20 -69.93
C TYR QA 575 10.05 4.21 -69.96
N ASP QA 576 8.83 3.74 -70.20
CA ASP QA 576 7.61 4.57 -70.18
C ASP QA 576 6.54 3.85 -69.39
N GLY QA 577 6.25 4.32 -68.17
CA GLY QA 577 5.25 3.66 -67.36
C GLY QA 577 4.01 4.46 -67.06
N ASN QA 578 2.83 3.88 -67.29
CA ASN QA 578 1.54 4.40 -66.86
C ASN QA 578 1.07 3.66 -65.63
N VAL QA 579 0.36 4.37 -64.75
CA VAL QA 579 -0.45 3.75 -63.71
C VAL QA 579 -1.72 4.58 -63.55
N THR QA 580 -2.85 3.89 -63.38
CA THR QA 580 -4.12 4.54 -63.08
C THR QA 580 -4.40 4.44 -61.58
N MET QA 581 -4.87 5.53 -61.00
CA MET QA 581 -5.05 5.61 -59.55
C MET QA 581 -6.09 6.65 -59.22
N GLN QA 582 -6.36 6.81 -57.93
CA GLN QA 582 -7.37 7.73 -57.39
C GLN QA 582 -6.69 8.79 -56.55
N SER QA 583 -7.48 9.77 -56.09
CA SER QA 583 -6.92 10.93 -55.41
C SER QA 583 -6.42 10.59 -54.01
N GLY QA 584 -7.28 10.04 -53.17
CA GLY QA 584 -6.85 9.77 -51.82
C GLY QA 584 -6.41 8.35 -51.62
N GLN QA 585 -5.71 7.79 -52.60
CA GLN QA 585 -5.40 6.37 -52.59
C GLN QA 585 -4.39 6.06 -51.50
N ARG QA 586 -4.64 5.00 -50.75
CA ARG QA 586 -3.77 4.54 -49.69
C ARG QA 586 -2.93 3.36 -50.17
N SER QA 587 -1.90 3.06 -49.40
CA SER QA 587 -1.05 1.91 -49.70
C SER QA 587 -1.75 0.61 -49.34
N LEU QA 588 -1.18 -0.48 -49.82
CA LEU QA 588 -1.67 -1.83 -49.55
C LEU QA 588 -0.63 -2.58 -48.74
N SER QA 589 -1.07 -3.31 -47.71
CA SER QA 589 -0.16 -4.03 -46.84
C SER QA 589 -0.39 -5.53 -47.00
N ALA QA 590 0.26 -6.12 -48.01
CA ALA QA 590 0.24 -7.57 -48.12
C ALA QA 590 1.56 -8.20 -47.69
N THR QA 591 2.63 -7.91 -48.45
CA THR QA 591 4.03 -8.11 -48.06
C THR QA 591 4.42 -9.56 -47.81
N GLY QA 592 3.46 -10.46 -47.71
CA GLY QA 592 3.73 -11.86 -47.43
C GLY QA 592 4.69 -12.17 -46.30
N GLY QA 593 4.94 -11.20 -45.43
CA GLY QA 593 5.91 -11.32 -44.38
C GLY QA 593 7.30 -10.81 -44.74
N ALA QA 594 7.55 -10.53 -46.01
CA ALA QA 594 8.83 -10.00 -46.45
C ALA QA 594 8.77 -8.48 -46.53
N GLN QA 595 9.93 -7.85 -46.37
CA GLN QA 595 10.05 -6.40 -46.37
C GLN QA 595 10.44 -5.93 -47.77
N ASN QA 596 9.68 -4.98 -48.30
CA ASN QA 596 9.89 -4.44 -49.63
C ASN QA 596 9.87 -2.93 -49.56
N ALA QA 597 10.67 -2.29 -50.42
CA ALA QA 597 10.78 -0.83 -50.38
C ALA QA 597 9.57 -0.12 -50.97
N SER QA 598 8.67 -0.84 -51.65
CA SER QA 598 7.49 -0.25 -52.26
C SER QA 598 6.23 -0.58 -51.50
N SER QA 599 6.34 -0.98 -50.24
CA SER QA 599 5.15 -1.35 -49.47
C SER QA 599 4.27 -0.16 -49.18
N GLY QA 600 4.84 1.02 -49.02
CA GLY QA 600 4.06 2.20 -48.67
C GLY QA 600 3.60 3.01 -49.85
N ALA QA 601 3.72 2.46 -51.06
CA ALA QA 601 3.33 3.16 -52.26
C ALA QA 601 1.84 2.97 -52.54
N ALA QA 602 1.18 4.07 -52.94
CA ALA QA 602 -0.23 3.98 -53.32
C ALA QA 602 -0.41 3.18 -54.60
N ALA QA 603 0.54 3.28 -55.52
CA ALA QA 603 0.51 2.55 -56.78
C ALA QA 603 1.93 2.19 -57.17
N SER QA 604 2.07 1.17 -58.01
CA SER QA 604 3.39 0.69 -58.40
C SER QA 604 3.33 0.02 -59.76
N VAL QA 605 4.49 -0.06 -60.40
CA VAL QA 605 4.70 -0.91 -61.56
C VAL QA 605 6.16 -1.32 -61.59
N LYS QA 606 6.41 -2.59 -61.88
CA LYS QA 606 7.76 -3.14 -61.86
C LYS QA 606 7.98 -4.00 -63.09
N SER QA 607 9.22 -4.10 -63.51
CA SER QA 607 9.60 -5.05 -64.55
C SER QA 607 11.11 -5.27 -64.46
N GLY QA 608 11.52 -6.52 -64.34
CA GLY QA 608 12.91 -6.82 -64.07
C GLY QA 608 13.06 -8.15 -63.37
N GLY QA 609 13.67 -8.14 -62.18
CA GLY QA 609 13.77 -9.33 -61.36
C GLY QA 609 13.49 -8.98 -59.92
N ARG QA 610 13.64 -9.98 -59.05
CA ARG QA 610 13.42 -9.80 -57.63
C ARG QA 610 14.21 -10.81 -56.82
N LEU QA 611 15.04 -10.33 -55.92
CA LEU QA 611 15.83 -11.19 -55.03
C LEU QA 611 15.04 -11.45 -53.76
N GLU QA 612 14.90 -12.72 -53.39
CA GLU QA 612 14.28 -13.11 -52.14
C GLU QA 612 15.35 -13.57 -51.17
N ILE QA 613 15.36 -12.98 -49.98
CA ILE QA 613 16.42 -13.19 -48.99
C ILE QA 613 15.79 -13.67 -47.69
N ASN QA 614 16.25 -14.82 -47.20
CA ASN QA 614 15.74 -15.43 -45.97
C ASN QA 614 16.94 -15.82 -45.11
N ILE QA 615 17.33 -14.93 -44.20
CA ILE QA 615 18.49 -15.14 -43.34
C ILE QA 615 17.99 -15.25 -41.90
N PRO QA 616 18.16 -16.39 -41.24
CA PRO QA 616 17.72 -16.49 -39.84
C PRO QA 616 18.70 -15.83 -38.89
N SER QA 617 18.15 -15.11 -37.92
CA SER QA 617 18.96 -14.35 -36.96
C SER QA 617 18.29 -14.36 -35.61
N ALA QA 618 19.08 -14.17 -34.56
CA ALA QA 618 18.56 -14.15 -33.21
C ALA QA 618 17.96 -12.80 -32.81
N ALA QA 619 18.26 -11.75 -33.56
CA ALA QA 619 17.69 -10.43 -33.31
C ALA QA 619 16.47 -10.16 -34.17
N GLY QA 620 16.02 -11.14 -34.96
CA GLY QA 620 14.94 -10.98 -35.91
C GLY QA 620 15.47 -11.40 -37.26
N ASN QA 621 14.72 -12.26 -37.93
CA ASN QA 621 15.16 -12.78 -39.22
C ASN QA 621 15.20 -11.66 -40.26
N ILE QA 622 16.17 -11.74 -41.16
CA ILE QA 622 16.23 -10.84 -42.31
C ILE QA 622 15.45 -11.50 -43.44
N VAL QA 623 14.23 -11.03 -43.68
CA VAL QA 623 13.38 -11.53 -44.74
C VAL QA 623 13.07 -10.32 -45.63
N ARG QA 624 13.73 -10.24 -46.78
CA ARG QA 624 13.71 -9.05 -47.62
C ARG QA 624 13.35 -9.43 -49.05
N GLN QA 625 12.97 -8.42 -49.81
CA GLN QA 625 12.85 -8.51 -51.26
C GLN QA 625 13.55 -7.31 -51.87
N ILE QA 626 14.47 -7.57 -52.79
CA ILE QA 626 15.15 -6.51 -53.53
C ILE QA 626 14.74 -6.63 -54.98
N ASP QA 627 14.15 -5.58 -55.52
CA ASP QA 627 13.68 -5.54 -56.89
C ASP QA 627 14.67 -4.78 -57.74
N TYR QA 628 14.94 -5.29 -58.94
CA TYR QA 628 15.78 -4.59 -59.90
C TYR QA 628 15.04 -4.54 -61.24
N GLY QA 629 15.65 -3.83 -62.19
CA GLY QA 629 15.00 -3.57 -63.45
C GLY QA 629 14.46 -2.15 -63.48
N LEU QA 630 13.14 -2.00 -63.51
CA LEU QA 630 12.47 -0.73 -63.37
C LEU QA 630 11.54 -0.78 -62.16
N ASN QA 631 11.60 0.25 -61.32
CA ASN QA 631 10.66 0.40 -60.23
C ASN QA 631 10.09 1.81 -60.26
N LEU QA 632 8.77 1.92 -60.32
CA LEU QA 632 8.08 3.20 -60.28
C LEU QA 632 7.08 3.18 -59.13
N ASP QA 633 7.26 4.08 -58.17
CA ASP QA 633 6.40 4.16 -57.00
C ASP QA 633 5.73 5.53 -56.95
N PHE QA 634 4.47 5.55 -56.56
CA PHE QA 634 3.68 6.76 -56.45
C PHE QA 634 3.14 6.88 -55.04
N PHE QA 635 3.31 8.06 -54.43
CA PHE QA 635 2.93 8.29 -53.04
C PHE QA 635 2.01 9.50 -52.97
N SER QA 636 0.86 9.34 -52.30
CA SER QA 636 -0.04 10.43 -51.93
C SER QA 636 -0.51 11.27 -53.10
N PRO QA 637 -1.33 10.73 -54.01
CA PRO QA 637 -1.69 11.43 -55.25
C PRO QA 637 -2.96 12.27 -55.17
N GLN QA 638 -2.92 13.42 -54.51
CA GLN QA 638 -4.11 14.26 -54.43
C GLN QA 638 -4.32 15.05 -55.72
N VAL QA 639 -5.59 15.21 -56.10
CA VAL QA 639 -5.98 15.95 -57.29
C VAL QA 639 -7.02 16.99 -56.89
N ALA QA 640 -6.84 18.22 -57.36
CA ALA QA 640 -7.73 19.33 -57.08
C ALA QA 640 -8.86 19.38 -58.10
N PRO QA 641 -9.96 20.05 -57.78
CA PRO QA 641 -11.06 20.19 -58.77
C PRO QA 641 -10.64 20.91 -60.04
N ASP QA 642 -9.63 21.78 -60.00
CA ASP QA 642 -9.09 22.34 -61.23
C ASP QA 642 -8.55 21.26 -62.15
N GLY QA 643 -8.02 20.19 -61.58
CA GLY QA 643 -7.22 19.25 -62.32
C GLY QA 643 -5.74 19.33 -62.01
N THR QA 644 -5.35 19.99 -60.94
CA THR QA 644 -3.96 20.06 -60.50
C THR QA 644 -3.60 18.77 -59.78
N ILE QA 645 -2.51 18.15 -60.18
CA ILE QA 645 -2.08 16.86 -59.65
C ILE QA 645 -0.82 17.08 -58.83
N THR QA 646 -0.87 16.70 -57.55
CA THR QA 646 0.28 16.71 -56.67
C THR QA 646 0.65 15.27 -56.35
N LEU QA 647 1.94 14.97 -56.29
CA LEU QA 647 2.37 13.59 -56.32
C LEU QA 647 3.83 13.48 -55.88
N ARG QA 648 4.14 12.37 -55.21
CA ARG QA 648 5.51 11.99 -54.93
C ARG QA 648 5.85 10.75 -55.76
N ILE QA 649 6.95 10.83 -56.50
CA ILE QA 649 7.35 9.78 -57.43
C ILE QA 649 8.78 9.40 -57.12
N ARG QA 650 9.07 8.09 -57.06
CA ARG QA 650 10.48 7.73 -56.97
C ARG QA 650 11.10 7.39 -58.32
N GLY QA 651 10.75 6.25 -58.90
CA GLY QA 651 11.40 5.90 -60.15
C GLY QA 651 12.83 5.42 -59.94
N GLN QA 652 13.19 4.28 -60.53
CA GLN QA 652 14.51 3.72 -60.30
C GLN QA 652 14.81 2.66 -61.35
N VAL QA 653 16.04 2.68 -61.87
CA VAL QA 653 16.52 1.66 -62.79
C VAL QA 653 17.81 1.08 -62.22
N ASN QA 654 17.86 -0.23 -62.07
CA ASN QA 654 19.05 -0.87 -61.52
C ASN QA 654 19.19 -2.28 -62.08
N GLN QA 655 20.42 -2.78 -62.06
CA GLN QA 655 20.77 -4.12 -62.48
C GLN QA 655 21.82 -4.65 -61.53
N PRO QA 656 21.86 -5.96 -61.30
CA PRO QA 656 23.01 -6.54 -60.59
C PRO QA 656 24.28 -6.33 -61.40
N ALA QA 657 25.37 -6.03 -60.70
CA ALA QA 657 26.63 -5.77 -61.38
C ALA QA 657 27.21 -7.05 -61.98
N THR QA 658 27.10 -8.16 -61.26
CA THR QA 658 27.49 -9.46 -61.76
C THR QA 658 26.34 -10.44 -61.51
N ALA QA 659 26.23 -11.44 -62.38
CA ALA QA 659 25.08 -12.33 -62.37
C ALA QA 659 25.01 -13.15 -61.08
N ILE QA 660 23.79 -13.40 -60.63
CA ILE QA 660 23.53 -14.25 -59.48
C ILE QA 660 23.62 -15.70 -59.93
N THR QA 661 24.40 -16.52 -59.22
CA THR QA 661 24.78 -17.83 -59.72
C THR QA 661 24.52 -18.97 -58.74
N ALA QA 662 23.58 -18.81 -57.82
CA ALA QA 662 23.18 -19.87 -56.90
C ALA QA 662 24.29 -20.27 -55.95
N ASP QA 663 25.49 -19.72 -56.14
CA ASP QA 663 26.56 -19.77 -55.16
C ASP QA 663 26.73 -18.42 -54.47
N SER QA 664 25.92 -17.44 -54.85
CA SER QA 664 26.00 -16.11 -54.27
C SER QA 664 25.46 -16.11 -52.85
N LEU QA 665 26.00 -15.23 -52.03
CA LEU QA 665 25.51 -15.04 -50.69
C LEU QA 665 24.86 -13.68 -50.56
N PRO QA 666 23.83 -13.55 -49.73
CA PRO QA 666 23.09 -12.29 -49.67
C PRO QA 666 23.75 -11.24 -48.80
N ASN QA 667 25.02 -11.44 -48.47
CA ASN QA 667 25.69 -10.54 -47.53
C ASN QA 667 26.26 -9.29 -48.18
N LEU QA 668 26.44 -9.29 -49.50
CA LEU QA 668 26.96 -8.11 -50.20
C LEU QA 668 26.64 -8.26 -51.67
N ILE QA 669 25.93 -7.29 -52.24
CA ILE QA 669 25.48 -7.32 -53.63
C ILE QA 669 25.71 -5.93 -54.22
N ASP QA 670 26.08 -5.87 -55.51
CA ASP QA 670 26.75 -4.67 -56.02
C ASP QA 670 25.82 -3.68 -56.74
N PHE QA 671 24.95 -4.17 -57.64
CA PHE QA 671 23.75 -3.41 -58.03
C PHE QA 671 24.07 -2.03 -58.64
N THR QA 672 24.52 -2.01 -59.89
CA THR QA 672 24.40 -0.81 -60.72
C THR QA 672 23.05 -0.13 -60.50
N ASN QA 673 23.05 1.20 -60.35
CA ASN QA 673 21.85 1.88 -59.87
C ASN QA 673 21.77 3.33 -60.35
N SER QA 674 20.53 3.77 -60.65
CA SER QA 674 20.20 5.16 -60.89
C SER QA 674 18.82 5.45 -60.33
N GLU QA 675 18.67 6.58 -59.64
CA GLU QA 675 17.46 6.81 -58.86
C GLU QA 675 17.20 8.30 -58.71
N ALA QA 676 15.97 8.65 -58.38
CA ALA QA 676 15.55 10.01 -58.07
C ALA QA 676 14.28 9.95 -57.25
N GLN QA 677 14.00 11.00 -56.50
CA GLN QA 677 12.70 11.12 -55.84
C GLN QA 677 12.48 12.57 -55.45
N SER QA 678 11.22 12.99 -55.54
CA SER QA 678 10.83 14.36 -55.27
C SER QA 678 9.31 14.44 -55.38
N THR QA 679 8.77 15.60 -55.04
CA THR QA 679 7.35 15.89 -55.15
C THR QA 679 7.15 16.97 -56.19
N ILE QA 680 6.20 16.76 -57.10
CA ILE QA 680 5.93 17.70 -58.18
C ILE QA 680 4.44 18.02 -58.21
N THR QA 681 4.13 19.17 -58.80
CA THR QA 681 2.75 19.57 -59.02
C THR QA 681 2.63 20.14 -60.42
N PHE QA 682 1.59 19.72 -61.14
CA PHE QA 682 1.34 20.17 -62.50
C PHE QA 682 -0.14 20.07 -62.76
N LYS QA 683 -0.60 20.76 -63.79
CA LYS QA 683 -2.00 20.70 -64.14
C LYS QA 683 -2.26 19.60 -65.17
N ASN QA 684 -3.53 19.27 -65.32
CA ASN QA 684 -3.98 18.22 -66.23
C ASN QA 684 -3.46 18.47 -67.64
N GLY QA 685 -2.58 17.60 -68.12
CA GLY QA 685 -2.08 17.66 -69.48
C GLY QA 685 -0.69 18.24 -69.65
N GLN QA 686 -0.09 18.80 -68.61
CA GLN QA 686 1.22 19.43 -68.72
C GLN QA 686 2.33 18.40 -68.51
N THR QA 687 3.55 18.84 -68.81
CA THR QA 687 4.73 17.99 -68.75
C THR QA 687 5.84 18.72 -67.99
N ILE QA 688 6.48 18.03 -67.06
CA ILE QA 688 7.47 18.63 -66.18
C ILE QA 688 8.65 17.68 -66.03
N LEU QA 689 9.84 18.25 -65.93
CA LEU QA 689 11.07 17.49 -65.68
C LEU QA 689 11.31 17.41 -64.17
N MET QA 690 11.28 16.19 -63.62
CA MET QA 690 11.52 16.06 -62.19
C MET QA 690 13.01 16.04 -61.88
N SER QA 691 13.83 15.44 -62.74
CA SER QA 691 15.26 15.37 -62.47
C SER QA 691 16.01 15.20 -63.77
N GLY QA 692 17.27 15.60 -63.75
CA GLY QA 692 18.15 15.45 -64.91
C GLY QA 692 19.57 15.33 -64.42
N LEU QA 693 20.40 14.68 -65.22
CA LEU QA 693 21.79 14.49 -64.84
C LEU QA 693 22.66 14.38 -66.09
N LEU QA 694 23.63 15.28 -66.23
CA LEU QA 694 24.56 15.27 -67.34
C LEU QA 694 25.96 15.00 -66.81
N GLY QA 695 26.69 14.10 -67.45
CA GLY QA 695 28.03 13.72 -67.03
C GLY QA 695 29.04 13.86 -68.15
N SER QA 696 30.31 13.71 -67.79
CA SER QA 696 31.43 13.81 -68.71
C SER QA 696 32.70 13.37 -68.01
N THR QA 697 33.56 12.65 -68.73
CA THR QA 697 34.88 12.30 -68.24
C THR QA 697 35.91 12.49 -69.34
N GLU QA 698 37.18 12.30 -69.00
CA GLU QA 698 38.31 12.38 -69.91
C GLU QA 698 39.57 11.94 -69.17
N THR QA 699 40.46 11.22 -69.85
CA THR QA 699 41.62 10.65 -69.18
C THR QA 699 42.96 11.10 -69.78
N THR QA 700 43.14 11.05 -71.10
CA THR QA 700 44.22 11.74 -71.82
C THR QA 700 45.60 11.54 -71.15
N ASN QA 701 46.10 10.31 -71.22
CA ASN QA 701 47.47 10.04 -70.80
C ASN QA 701 48.45 10.23 -71.95
N ARG QA 702 49.73 10.22 -71.61
CA ARG QA 702 50.82 10.42 -72.58
C ARG QA 702 52.15 10.10 -71.91
N SER QA 703 53.04 9.43 -72.63
CA SER QA 703 54.30 8.97 -72.06
C SER QA 703 55.34 8.83 -73.16
N GLY QA 704 56.61 8.87 -72.76
CA GLY QA 704 57.69 8.66 -73.72
C GLY QA 704 59.01 9.34 -73.41
N VAL QA 705 59.65 9.85 -74.45
CA VAL QA 705 60.96 10.50 -74.36
C VAL QA 705 60.78 11.94 -73.90
N PRO QA 706 61.65 12.46 -73.02
CA PRO QA 706 61.49 13.85 -72.57
C PRO QA 706 61.62 14.85 -73.71
N PHE QA 707 60.61 15.73 -73.78
CA PHE QA 707 60.52 16.86 -74.70
C PHE QA 707 60.25 16.45 -76.14
N LEU QA 708 60.38 15.17 -76.45
CA LEU QA 708 60.11 14.72 -77.81
C LEU QA 708 58.74 14.10 -77.94
N SER QA 709 58.26 13.42 -76.89
CA SER QA 709 56.91 12.87 -76.89
C SER QA 709 55.84 13.94 -76.74
N SER QA 710 56.22 15.17 -76.40
CA SER QA 710 55.27 16.26 -76.23
C SER QA 710 55.17 17.15 -77.46
N LEU QA 711 55.93 16.88 -78.51
CA LEU QA 711 55.86 17.69 -79.71
C LEU QA 711 54.53 17.44 -80.42
N PRO QA 712 53.92 18.47 -81.01
CA PRO QA 712 52.62 18.29 -81.66
C PRO QA 712 52.76 17.47 -82.94
N GLY QA 713 51.89 16.48 -83.08
CA GLY QA 713 51.89 15.64 -84.26
C GLY QA 713 52.89 14.50 -84.20
N VAL QA 714 54.18 14.84 -84.34
CA VAL QA 714 55.23 13.82 -84.36
C VAL QA 714 55.58 13.31 -82.97
N GLY QA 715 54.89 13.76 -81.93
CA GLY QA 715 55.22 13.32 -80.59
C GLY QA 715 54.99 11.84 -80.39
N ALA QA 716 54.01 11.28 -81.07
CA ALA QA 716 53.69 9.87 -80.91
C ALA QA 716 54.76 8.95 -81.49
N ALA QA 717 55.73 9.49 -82.22
CA ALA QA 717 56.86 8.72 -82.72
C ALA QA 717 57.90 8.43 -81.64
N PHE QA 718 57.76 9.01 -80.45
CA PHE QA 718 58.70 8.83 -79.36
C PHE QA 718 57.98 8.40 -78.10
N GLY QA 719 57.04 7.49 -78.21
CA GLY QA 719 56.33 7.01 -77.04
C GLY QA 719 54.88 6.72 -77.39
N GLU QA 720 54.03 6.80 -76.36
CA GLU QA 720 52.63 6.45 -76.46
C GLU QA 720 51.76 7.70 -76.38
N LYS QA 721 50.46 7.49 -76.46
CA LYS QA 721 49.44 8.52 -76.31
C LYS QA 721 48.08 7.84 -76.23
N ARG QA 722 47.21 8.37 -75.39
CA ARG QA 722 45.93 7.73 -75.13
C ARG QA 722 44.94 8.81 -74.69
N THR QA 723 43.71 8.72 -75.17
CA THR QA 723 42.68 9.65 -74.75
C THR QA 723 41.33 8.96 -74.78
N GLU QA 724 40.52 9.23 -73.77
CA GLU QA 724 39.18 8.68 -73.67
C GLU QA 724 38.22 9.79 -73.27
N LYS QA 725 36.97 9.67 -73.72
CA LYS QA 725 35.94 10.63 -73.38
C LYS QA 725 34.62 9.92 -73.21
N THR QA 726 33.83 10.35 -72.23
CA THR QA 726 32.53 9.76 -71.97
C THR QA 726 31.51 10.87 -71.79
N GLN QA 727 30.28 10.60 -72.18
CA GLN QA 727 29.14 11.47 -71.97
C GLN QA 727 27.99 10.65 -71.40
N SER QA 728 27.11 11.30 -70.66
CA SER QA 728 25.92 10.61 -70.18
C SER QA 728 24.80 11.60 -69.97
N GLN QA 729 23.58 11.12 -70.10
CA GLN QA 729 22.39 11.92 -69.84
C GLN QA 729 21.35 11.04 -69.15
N LEU QA 730 20.69 11.58 -68.14
CA LEU QA 730 19.60 10.90 -67.47
C LEU QA 730 18.46 11.91 -67.30
N LEU QA 731 17.27 11.53 -67.72
CA LEU QA 731 16.10 12.41 -67.66
C LEU QA 731 14.92 11.66 -67.07
N VAL QA 732 14.20 12.30 -66.16
CA VAL QA 732 12.95 11.76 -65.61
C VAL QA 732 11.86 12.78 -65.86
N ILE QA 733 10.88 12.42 -66.68
CA ILE QA 733 9.84 13.32 -67.14
C ILE QA 733 8.48 12.76 -66.74
N ILE QA 734 7.59 13.63 -66.25
CA ILE QA 734 6.29 13.22 -65.75
C ILE QA 734 5.19 14.00 -66.44
N THR QA 735 4.12 13.30 -66.80
CA THR QA 735 2.88 13.90 -67.27
C THR QA 735 1.71 13.09 -66.72
N GLY QA 736 0.52 13.65 -66.84
CA GLY QA 736 -0.67 12.97 -66.36
C GLY QA 736 -1.92 13.66 -66.83
N THR QA 737 -3.02 12.90 -66.83
CA THR QA 737 -4.32 13.38 -67.25
C THR QA 737 -5.39 12.84 -66.32
N VAL QA 738 -6.52 13.52 -66.28
CA VAL QA 738 -7.67 13.08 -65.51
C VAL QA 738 -8.54 12.23 -66.42
N VAL QA 739 -8.91 11.04 -65.93
CA VAL QA 739 -9.69 10.07 -66.69
C VAL QA 739 -11.15 10.24 -66.34
N LYS QA 740 -11.95 10.73 -67.28
CA LYS QA 740 -13.37 10.93 -67.03
C LYS QA 740 -14.16 9.67 -67.34
N GLY RA 61 30.62 30.67 -78.10
CA GLY RA 61 29.88 31.72 -77.41
C GLY RA 61 28.80 31.16 -76.49
N VAL RA 62 28.25 30.00 -76.87
CA VAL RA 62 27.24 29.31 -76.08
C VAL RA 62 27.82 27.94 -75.74
N THR RA 63 28.19 27.77 -74.48
CA THR RA 63 28.83 26.54 -74.03
C THR RA 63 27.95 25.67 -73.16
N VAL RA 64 26.97 26.25 -72.51
CA VAL RA 64 26.15 25.55 -71.53
C VAL RA 64 24.90 25.00 -72.22
N THR RA 65 24.59 23.75 -71.93
CA THR RA 65 23.40 23.12 -72.49
C THR RA 65 22.14 23.71 -71.87
N PRO RA 66 21.20 24.19 -72.68
CA PRO RA 66 19.92 24.63 -72.12
C PRO RA 66 19.13 23.46 -71.53
N VAL RA 67 18.33 23.76 -70.53
CA VAL RA 67 17.53 22.77 -69.82
C VAL RA 67 16.07 23.17 -69.95
N LEU RA 68 15.23 22.24 -70.42
CA LEU RA 68 13.79 22.47 -70.50
C LEU RA 68 13.13 21.81 -69.29
N ILE RA 69 12.41 22.61 -68.51
CA ILE RA 69 11.84 22.13 -67.27
C ILE RA 69 10.34 21.89 -67.34
N LYS RA 70 9.59 22.72 -68.06
CA LYS RA 70 8.14 22.57 -68.09
C LYS RA 70 7.58 23.09 -69.40
N VAL RA 71 6.58 22.41 -69.93
CA VAL RA 71 5.75 22.92 -71.02
C VAL RA 71 4.30 22.79 -70.59
N SER RA 72 3.45 23.61 -71.21
CA SER RA 72 2.04 23.61 -70.88
C SER RA 72 1.32 22.54 -71.71
N GLU RA 73 0.00 22.55 -71.67
CA GLU RA 73 -0.81 21.55 -72.33
C GLU RA 73 -1.43 22.11 -73.61
N GLY RA 74 -2.08 21.22 -74.36
CA GLY RA 74 -2.91 21.65 -75.48
C GLY RA 74 -2.16 21.76 -76.79
N ALA RA 75 -1.76 22.99 -77.13
CA ALA RA 75 -1.05 23.28 -78.38
C ALA RA 75 -1.90 22.96 -79.60
N ALA RA 76 -3.02 23.62 -79.69
CA ALA RA 76 -3.80 23.65 -80.91
C ALA RA 76 -3.52 24.95 -81.66
N PRO RA 77 -3.64 24.96 -82.99
CA PRO RA 77 -3.36 26.19 -83.75
C PRO RA 77 -4.15 27.38 -83.23
N GLY RA 78 -3.45 28.41 -82.76
CA GLY RA 78 -4.06 29.55 -82.12
C GLY RA 78 -3.93 29.55 -80.61
N ASP RA 79 -3.48 28.46 -80.01
CA ASP RA 79 -3.29 28.41 -78.57
C ASP RA 79 -1.91 28.96 -78.20
N THR RA 80 -1.72 29.18 -76.91
CA THR RA 80 -0.49 29.72 -76.36
C THR RA 80 0.30 28.60 -75.72
N LEU RA 81 1.56 28.45 -76.12
CA LEU RA 81 2.45 27.42 -75.61
C LEU RA 81 3.55 28.08 -74.80
N THR RA 82 3.68 27.70 -73.53
CA THR RA 82 4.67 28.28 -72.63
C THR RA 82 5.73 27.24 -72.30
N ILE RA 83 6.99 27.64 -72.40
CA ILE RA 83 8.14 26.79 -72.12
C ILE RA 83 8.98 27.46 -71.04
N GLN RA 84 9.44 26.68 -70.07
CA GLN RA 84 10.26 27.20 -68.99
C GLN RA 84 11.55 26.40 -68.88
N GLY RA 85 12.66 27.09 -68.70
CA GLY RA 85 13.95 26.47 -68.70
C GLY RA 85 14.96 27.30 -67.97
N ARG RA 86 16.25 27.07 -68.26
CA ARG RA 86 17.29 27.82 -67.57
C ARG RA 86 18.15 28.67 -68.49
N TYR RA 87 18.86 28.09 -69.45
CA TYR RA 87 19.76 28.87 -70.30
C TYR RA 87 19.18 29.06 -71.70
N LEU RA 88 18.05 29.77 -71.79
CA LEU RA 88 17.29 29.77 -73.03
C LEU RA 88 17.66 30.90 -73.98
N GLY RA 89 18.49 31.85 -73.55
CA GLY RA 89 19.04 32.83 -74.47
C GLY RA 89 18.12 33.93 -74.97
N ASN RA 90 18.22 34.24 -76.26
CA ASN RA 90 17.45 35.29 -76.92
C ASN RA 90 16.61 34.72 -78.04
N ALA RA 91 15.57 35.46 -78.40
CA ALA RA 91 14.81 35.14 -79.61
C ALA RA 91 15.59 35.45 -80.87
N GLN RA 92 16.63 36.29 -80.78
CA GLN RA 92 17.51 36.59 -81.91
C GLN RA 92 18.68 35.63 -82.02
N THR RA 93 18.85 34.75 -81.04
CA THR RA 93 19.96 33.81 -81.01
C THR RA 93 19.51 32.35 -81.09
N ALA RA 94 18.26 32.06 -80.73
CA ALA RA 94 17.79 30.69 -80.58
C ALA RA 94 16.50 30.49 -81.35
N ARG RA 95 16.07 29.23 -81.43
CA ARG RA 95 14.83 28.86 -82.08
C ARG RA 95 14.25 27.61 -81.43
N VAL RA 96 12.94 27.46 -81.53
CA VAL RA 96 12.22 26.31 -80.97
C VAL RA 96 11.89 25.35 -82.10
N ILE RA 97 12.14 24.06 -81.89
CA ILE RA 97 11.91 23.03 -82.90
C ILE RA 97 10.92 22.03 -82.32
N ILE RA 98 9.89 21.70 -83.09
CA ILE RA 98 8.84 20.80 -82.66
C ILE RA 98 8.67 19.73 -83.73
N GLY RA 99 8.14 18.59 -83.31
CA GLY RA 99 8.00 17.48 -84.22
C GLY RA 99 9.21 16.61 -84.39
N ALA RA 100 10.22 16.75 -83.54
CA ALA RA 100 11.45 15.99 -83.65
C ALA RA 100 11.30 14.64 -82.96
N ASP RA 101 12.30 13.80 -83.12
CA ASP RA 101 12.31 12.50 -82.46
C ASP RA 101 13.13 12.62 -81.17
N GLU RA 102 13.39 11.47 -80.53
CA GLU RA 102 14.06 11.49 -79.24
C GLU RA 102 15.43 12.15 -79.30
N ASN RA 103 16.08 12.13 -80.46
CA ASN RA 103 17.45 12.60 -80.62
C ASN RA 103 17.53 14.02 -81.17
N GLY RA 104 16.38 14.66 -81.39
CA GLY RA 104 16.38 16.00 -81.97
C GLY RA 104 16.37 16.05 -83.47
N GLN RA 105 16.41 14.90 -84.14
CA GLN RA 105 16.43 14.87 -85.60
C GLN RA 105 15.04 15.09 -86.15
N GLY RA 106 14.97 15.55 -87.40
CA GLY RA 106 13.68 15.88 -87.94
C GLY RA 106 13.12 17.14 -87.28
N GLY RA 107 11.83 17.34 -87.45
CA GLY RA 107 11.16 18.43 -86.78
C GLY RA 107 11.22 19.73 -87.56
N THR RA 108 10.29 20.62 -87.24
CA THR RA 108 10.15 21.89 -87.92
C THR RA 108 10.25 23.02 -86.89
N ALA RA 109 10.94 24.10 -87.26
CA ALA RA 109 11.14 25.20 -86.35
C ALA RA 109 9.95 26.14 -86.37
N PHE RA 110 9.64 26.70 -85.20
CA PHE RA 110 8.61 27.72 -85.11
C PHE RA 110 9.04 28.96 -85.89
N PRO RA 111 8.12 29.65 -86.54
CA PRO RA 111 8.47 30.93 -87.17
C PRO RA 111 8.78 31.99 -86.12
N ALA RA 112 9.62 32.95 -86.50
CA ALA RA 112 9.95 34.03 -85.60
C ALA RA 112 8.75 34.89 -85.23
N SER RA 113 7.72 34.92 -86.08
CA SER RA 113 6.51 35.67 -85.79
C SER RA 113 5.63 35.01 -84.76
N ALA RA 114 5.92 33.76 -84.39
CA ALA RA 114 5.14 33.04 -83.39
C ALA RA 114 5.55 33.37 -81.96
N VAL RA 115 6.63 34.12 -81.78
CA VAL RA 115 7.19 34.37 -80.46
C VAL RA 115 6.51 35.60 -79.87
N GLN RA 116 5.90 35.44 -78.70
CA GLN RA 116 5.32 36.55 -77.97
C GLN RA 116 6.27 37.12 -76.93
N SER RA 117 6.96 36.26 -76.21
CA SER RA 117 7.95 36.65 -75.22
C SER RA 117 9.09 35.65 -75.27
N TRP RA 118 10.28 36.10 -74.87
CA TRP RA 118 11.42 35.19 -74.82
C TRP RA 118 12.41 35.75 -73.79
N SER RA 119 12.39 35.18 -72.60
CA SER RA 119 13.39 35.43 -71.58
C SER RA 119 14.36 34.26 -71.56
N ASP RA 120 15.35 34.34 -70.68
CA ASP RA 120 16.26 33.20 -70.54
C ASP RA 120 15.65 32.06 -69.74
N THR RA 121 14.50 32.26 -69.12
CA THR RA 121 13.82 31.21 -68.37
C THR RA 121 12.38 30.98 -68.79
N GLU RA 122 11.89 31.64 -69.82
CA GLU RA 122 10.52 31.43 -70.27
C GLU RA 122 10.37 31.85 -71.73
N ILE RA 123 9.69 31.01 -72.51
CA ILE RA 123 9.34 31.31 -73.89
C ILE RA 123 7.84 31.15 -74.03
N VAL RA 124 7.19 32.14 -74.62
CA VAL RA 124 5.75 32.11 -74.88
C VAL RA 124 5.54 32.18 -76.38
N LEU RA 125 4.72 31.28 -76.91
CA LEU RA 125 4.53 31.14 -78.35
C LEU RA 125 3.05 31.12 -78.70
N LYS RA 126 2.76 31.40 -79.96
CA LYS RA 126 1.45 31.17 -80.55
C LYS RA 126 1.59 30.07 -81.60
N VAL RA 127 0.81 29.00 -81.45
CA VAL RA 127 0.94 27.86 -82.34
C VAL RA 127 0.39 28.23 -83.70
N PRO RA 128 1.17 28.11 -84.76
CA PRO RA 128 0.70 28.47 -86.10
C PRO RA 128 -0.19 27.36 -86.67
N GLU RA 129 -0.58 27.55 -87.93
CA GLU RA 129 -1.36 26.55 -88.63
C GLU RA 129 -0.44 25.68 -89.48
N GLY RA 130 -0.58 24.37 -89.34
CA GLY RA 130 0.20 23.46 -90.15
C GLY RA 130 1.19 22.59 -89.39
N MET RA 131 1.16 22.67 -88.06
CA MET RA 131 2.03 21.80 -87.29
C MET RA 131 1.51 20.37 -87.30
N PRO RA 132 2.39 19.38 -87.16
CA PRO RA 132 1.96 17.97 -87.21
C PRO RA 132 1.29 17.55 -85.91
N ALA RA 133 0.01 17.19 -85.98
CA ALA RA 133 -0.71 16.76 -84.80
C ALA RA 133 -0.20 15.41 -84.32
N GLY RA 134 -0.36 15.16 -83.04
CA GLY RA 134 0.14 13.96 -82.40
C GLY RA 134 1.30 14.26 -81.48
N GLY RA 135 1.86 13.19 -80.93
CA GLY RA 135 2.97 13.34 -80.00
C GLY RA 135 4.29 13.49 -80.71
N SER RA 136 5.16 14.30 -80.12
CA SER RA 136 6.47 14.59 -80.70
C SER RA 136 7.33 15.21 -79.60
N TRP RA 137 8.56 15.55 -79.97
CA TRP RA 137 9.53 16.10 -79.04
C TRP RA 137 9.80 17.56 -79.36
N LEU RA 138 10.00 18.34 -78.30
CA LEU RA 138 10.27 19.77 -78.42
C LEU RA 138 11.65 20.06 -77.87
N PHE RA 139 12.43 20.83 -78.64
CA PHE RA 139 13.78 21.21 -78.26
C PHE RA 139 13.93 22.70 -78.46
N VAL RA 140 14.89 23.29 -77.76
CA VAL RA 140 15.31 24.67 -77.96
C VAL RA 140 16.78 24.65 -78.32
N GLU RA 141 17.14 25.27 -79.43
CA GLU RA 141 18.52 25.33 -79.89
C GLU RA 141 19.04 26.75 -79.67
N VAL RA 142 19.93 26.90 -78.69
CA VAL RA 142 20.48 28.20 -78.32
C VAL RA 142 21.89 28.28 -78.87
N GLY RA 143 22.11 29.19 -79.81
CA GLY RA 143 23.43 29.34 -80.39
C GLY RA 143 23.95 28.09 -81.05
N GLY RA 144 23.06 27.28 -81.62
CA GLY RA 144 23.45 26.04 -82.24
C GLY RA 144 23.55 24.85 -81.31
N LYS RA 145 23.40 25.06 -80.00
CA LYS RA 145 23.48 23.99 -79.02
C LYS RA 145 22.08 23.53 -78.64
N ARG RA 146 21.86 22.23 -78.65
CA ARG RA 146 20.55 21.67 -78.38
C ARG RA 146 20.33 21.46 -76.90
N SER RA 147 19.09 21.64 -76.47
CA SER RA 147 18.73 21.50 -75.07
C SER RA 147 18.37 20.05 -74.78
N THR RA 148 17.89 19.81 -73.57
CA THR RA 148 17.20 18.58 -73.25
C THR RA 148 15.75 18.70 -73.69
N GLY RA 149 15.18 17.61 -74.16
CA GLY RA 149 13.86 17.68 -74.76
C GLY RA 149 12.74 17.42 -73.78
N LEU RA 150 11.53 17.78 -74.22
CA LEU RA 150 10.29 17.42 -73.55
C LEU RA 150 9.30 16.94 -74.59
N ARG RA 151 8.45 16.01 -74.19
CA ARG RA 151 7.40 15.52 -75.09
C ARG RA 151 6.21 16.45 -75.05
N VAL RA 152 5.72 16.82 -76.23
CA VAL RA 152 4.60 17.73 -76.37
C VAL RA 152 3.55 17.05 -77.23
N SER RA 153 2.30 17.43 -77.04
CA SER RA 153 1.17 16.85 -77.76
C SER RA 153 0.51 17.95 -78.58
N VAL RA 154 0.73 17.93 -79.89
CA VAL RA 154 0.11 18.90 -80.79
C VAL RA 154 -1.29 18.41 -81.12
N ARG RA 155 -2.27 19.29 -80.98
CA ARG RA 155 -3.65 18.93 -81.21
C ARG RA 155 -4.00 19.03 -82.68
N GLY SA 28 71.55 -2.21 -93.82
CA GLY SA 28 71.89 -3.59 -94.08
C GLY SA 28 73.27 -3.77 -94.68
N ARG SA 29 74.05 -4.67 -94.09
CA ARG SA 29 75.41 -4.95 -94.52
C ARG SA 29 75.63 -6.45 -94.62
N VAL SA 30 76.48 -6.85 -95.55
CA VAL SA 30 76.87 -8.25 -95.72
C VAL SA 30 78.38 -8.33 -95.49
N ASN SA 31 78.80 -9.28 -94.64
CA ASN SA 31 80.21 -9.44 -94.33
C ASN SA 31 80.44 -10.92 -94.02
N VAL SA 32 80.97 -11.65 -95.01
CA VAL SA 32 81.24 -13.07 -94.87
C VAL SA 32 82.72 -13.30 -95.15
N GLY SA 33 83.32 -14.20 -94.38
CA GLY SA 33 84.72 -14.56 -94.55
C GLY SA 33 84.86 -16.03 -94.84
N VAL SA 34 85.95 -16.39 -95.51
CA VAL SA 34 86.16 -17.74 -96.02
C VAL SA 34 87.55 -18.24 -95.65
N ASP SA 35 87.62 -19.49 -95.22
CA ASP SA 35 88.88 -20.18 -94.96
C ASP SA 35 89.10 -21.20 -96.06
N VAL SA 36 90.11 -20.98 -96.90
CA VAL SA 36 90.28 -21.80 -98.10
C VAL SA 36 90.84 -23.16 -97.76
N GLY SA 37 92.05 -23.21 -97.20
CA GLY SA 37 92.66 -24.49 -96.91
C GLY SA 37 92.94 -25.28 -98.16
N ASP SA 38 93.90 -24.80 -98.97
CA ASP SA 38 94.17 -25.35 -100.29
C ASP SA 38 95.28 -26.40 -100.29
N ALA SA 39 95.43 -27.12 -99.18
CA ALA SA 39 96.39 -28.21 -99.11
C ALA SA 39 95.76 -29.51 -99.64
N GLY SA 40 96.61 -30.44 -100.02
CA GLY SA 40 96.15 -31.70 -100.58
C GLY SA 40 95.32 -31.52 -101.84
N SER SA 41 95.70 -30.57 -102.68
CA SER SA 41 94.91 -30.20 -103.85
C SER SA 41 95.60 -30.47 -105.18
N GLU SA 42 96.89 -30.83 -105.17
CA GLU SA 42 97.61 -31.14 -106.40
C GLU SA 42 97.97 -32.62 -106.42
N GLN SA 43 97.76 -33.25 -107.57
CA GLN SA 43 98.09 -34.65 -107.74
C GLN SA 43 99.59 -34.81 -107.93
N VAL SA 44 100.17 -35.79 -107.24
CA VAL SA 44 101.62 -36.00 -107.28
C VAL SA 44 101.94 -37.01 -108.37
N ALA SA 45 102.83 -36.62 -109.29
CA ALA SA 45 103.26 -37.50 -110.36
C ALA SA 45 104.75 -37.43 -110.65
N THR SA 46 105.49 -36.46 -110.10
CA THR SA 46 106.90 -36.29 -110.40
C THR SA 46 107.73 -37.32 -109.61
N LEU SA 47 107.64 -38.56 -110.06
CA LEU SA 47 108.40 -39.68 -109.50
C LEU SA 47 108.99 -40.47 -110.66
N THR SA 48 110.18 -40.07 -111.12
CA THR SA 48 110.89 -40.88 -112.12
C THR SA 48 111.30 -42.21 -111.54
N ILE SA 49 111.47 -42.28 -110.21
CA ILE SA 49 111.66 -43.55 -109.52
C ILE SA 49 110.31 -44.23 -109.39
N THR SA 50 110.23 -45.29 -108.57
CA THR SA 50 109.00 -46.06 -108.52
C THR SA 50 108.81 -46.64 -107.13
N PRO SA 51 107.58 -47.04 -106.85
CA PRO SA 51 107.23 -47.84 -105.68
C PRO SA 51 107.45 -49.34 -105.93
N GLU SA 52 108.04 -49.68 -107.07
CA GLU SA 52 108.37 -51.06 -107.41
C GLU SA 52 109.64 -51.47 -106.67
N LYS SA 53 110.25 -52.57 -107.09
CA LYS SA 53 111.41 -53.13 -106.39
C LYS SA 53 112.48 -52.08 -106.15
N CYS SA 54 113.09 -51.56 -107.22
CA CYS SA 54 114.06 -50.47 -107.07
C CYS SA 54 114.05 -49.63 -108.35
N ASP SA 55 113.22 -48.59 -108.34
CA ASP SA 55 113.19 -47.55 -109.37
C ASP SA 55 113.38 -48.08 -110.79
N ASP SA 56 112.69 -49.17 -111.12
CA ASP SA 56 112.94 -49.85 -112.38
C ASP SA 56 111.71 -50.00 -113.26
N LYS SA 57 110.55 -50.30 -112.68
CA LYS SA 57 109.38 -50.71 -113.47
C LYS SA 57 108.32 -49.62 -113.57
N GLY SA 58 107.83 -49.14 -112.44
CA GLY SA 58 106.67 -48.22 -112.42
C GLY SA 58 107.13 -46.79 -112.69
N VAL SA 59 107.55 -46.56 -113.92
CA VAL SA 59 108.01 -45.24 -114.33
C VAL SA 59 106.84 -44.34 -114.69
N PRO SA 74 89.84 -32.38 -102.19
CA PRO SA 74 89.60 -31.08 -102.82
C PRO SA 74 89.73 -29.93 -101.82
N VAL SA 75 89.83 -28.70 -102.32
CA VAL SA 75 89.89 -27.55 -101.43
C VAL SA 75 88.55 -27.35 -100.76
N THR SA 76 88.57 -27.17 -99.44
CA THR SA 76 87.35 -27.03 -98.65
C THR SA 76 87.15 -25.55 -98.26
N PHE SA 77 86.26 -24.88 -98.98
CA PHE SA 77 85.90 -23.51 -98.64
C PHE SA 77 84.97 -23.50 -97.44
N THR SA 78 85.24 -22.61 -96.48
CA THR SA 78 84.46 -22.52 -95.25
C THR SA 78 84.00 -21.08 -95.05
N PHE SA 79 82.72 -20.83 -95.32
CA PHE SA 79 82.15 -19.49 -95.24
C PHE SA 79 81.50 -19.29 -93.88
N THR SA 80 81.78 -18.15 -93.26
CA THR SA 80 81.19 -17.76 -91.99
C THR SA 80 80.88 -16.28 -92.01
N ALA SA 81 79.71 -15.93 -91.49
CA ALA SA 81 79.25 -14.54 -91.49
C ALA SA 81 79.77 -13.81 -90.27
N ARG SA 82 80.24 -12.59 -90.49
CA ARG SA 82 80.77 -11.76 -89.41
C ARG SA 82 79.62 -11.26 -88.54
N PRO SA 83 79.92 -10.90 -87.29
CA PRO SA 83 78.86 -10.37 -86.41
C PRO SA 83 78.22 -9.11 -86.99
N GLY SA 84 76.89 -9.05 -86.87
CA GLY SA 84 76.12 -7.93 -87.39
C GLY SA 84 75.76 -8.03 -88.85
N SER SA 85 76.09 -9.13 -89.51
CA SER SA 85 75.87 -9.29 -90.94
C SER SA 85 74.50 -9.89 -91.22
N GLU SA 86 74.06 -9.74 -92.47
CA GLU SA 86 72.85 -10.41 -92.92
C GLU SA 86 73.14 -11.86 -93.29
N ALA SA 87 72.09 -12.60 -93.60
CA ALA SA 87 72.25 -13.89 -94.24
C ALA SA 87 72.46 -13.69 -95.74
N VAL SA 88 73.09 -14.67 -96.37
CA VAL SA 88 73.41 -14.58 -97.80
C VAL SA 88 73.42 -15.99 -98.36
N THR SA 89 73.05 -16.10 -99.63
CA THR SA 89 73.07 -17.37 -100.36
C THR SA 89 73.98 -17.22 -101.57
N ILE SA 90 74.95 -18.12 -101.70
CA ILE SA 90 75.92 -18.08 -102.78
C ILE SA 90 75.41 -18.93 -103.94
N GLU SA 91 75.37 -18.34 -105.13
CA GLU SA 91 74.80 -18.99 -106.31
C GLU SA 91 75.86 -19.59 -107.23
N GLY SA 92 77.03 -18.98 -107.33
CA GLY SA 92 78.06 -19.49 -108.20
C GLY SA 92 79.35 -18.73 -107.98
N TYR SA 93 80.31 -18.96 -108.88
CA TYR SA 93 81.58 -18.24 -108.84
C TYR SA 93 82.05 -17.99 -110.26
N ARG SA 94 82.87 -16.95 -110.41
CA ARG SA 94 83.50 -16.62 -111.67
C ARG SA 94 85.01 -16.64 -111.49
N VAL SA 95 85.71 -17.27 -112.43
CA VAL SA 95 87.17 -17.37 -112.37
C VAL SA 95 87.74 -16.17 -113.13
N LEU SA 96 88.21 -15.18 -112.38
CA LEU SA 96 88.68 -13.92 -112.95
C LEU SA 96 90.13 -13.97 -113.42
N SER SA 97 90.89 -14.99 -113.03
CA SER SA 97 92.31 -15.06 -113.38
C SER SA 97 92.79 -16.48 -113.20
N ASP SA 98 93.21 -17.10 -114.31
CA ASP SA 98 93.80 -18.44 -114.29
C ASP SA 98 95.23 -18.35 -114.79
N ARG SA 99 96.16 -18.89 -114.00
CA ARG SA 99 97.59 -18.80 -114.32
C ARG SA 99 98.26 -20.13 -114.00
N LEU SA 100 98.50 -20.94 -115.03
CA LEU SA 100 99.26 -22.18 -114.89
C LEU SA 100 100.73 -21.86 -115.14
N ASP SA 101 101.54 -22.01 -114.09
CA ASP SA 101 102.97 -21.71 -114.11
C ASP SA 101 103.29 -20.27 -114.46
N GLY SA 102 102.28 -19.40 -114.47
CA GLY SA 102 102.50 -17.97 -114.67
C GLY SA 102 101.96 -17.38 -115.96
N VAL SA 103 101.13 -18.11 -116.70
CA VAL SA 103 100.60 -17.65 -117.97
C VAL SA 103 99.11 -17.37 -117.80
N GLU SA 104 98.70 -16.14 -118.08
CA GLU SA 104 97.31 -15.70 -117.89
C GLU SA 104 96.45 -16.30 -118.99
N ARG SA 105 95.99 -17.54 -118.76
CA ARG SA 105 95.12 -18.24 -119.68
C ARG SA 105 93.65 -18.06 -119.28
N ALA SA 106 93.22 -16.81 -119.21
CA ALA SA 106 91.93 -16.47 -118.61
C ALA SA 106 90.97 -15.75 -119.54
N ASP SA 107 91.46 -14.81 -120.36
CA ASP SA 107 90.63 -13.95 -121.18
C ASP SA 107 89.57 -13.26 -120.33
N PRO SA 108 89.95 -12.27 -119.51
CA PRO SA 108 88.99 -11.68 -118.57
C PRO SA 108 87.78 -11.02 -119.23
N LYS SA 109 87.74 -10.94 -120.56
CA LYS SA 109 86.52 -10.45 -121.20
C LYS SA 109 85.37 -11.43 -121.03
N ASN SA 110 85.65 -12.73 -121.00
CA ASN SA 110 84.64 -13.78 -120.90
C ASN SA 110 85.05 -14.77 -119.83
N PRO SA 111 84.79 -14.46 -118.56
CA PRO SA 111 85.16 -15.39 -117.48
C PRO SA 111 84.40 -16.70 -117.58
N VAL SA 112 84.78 -17.64 -116.73
CA VAL SA 112 84.16 -18.96 -116.67
C VAL SA 112 83.19 -18.93 -115.49
N GLU SA 113 81.91 -18.76 -115.80
CA GLU SA 113 80.88 -18.69 -114.77
C GLU SA 113 80.41 -20.08 -114.37
N ASN SA 114 80.05 -20.21 -113.10
CA ASN SA 114 79.37 -21.40 -112.60
C ASN SA 114 78.07 -20.96 -111.93
N ALA SA 115 77.03 -21.78 -112.06
CA ALA SA 115 75.72 -21.50 -111.49
C ALA SA 115 75.16 -22.75 -110.83
N LYS SA 116 75.96 -23.38 -109.99
CA LYS SA 116 75.67 -24.72 -109.50
C LYS SA 116 75.65 -24.76 -107.98
N MET SA 117 75.38 -23.62 -107.36
CA MET SA 117 75.49 -23.49 -105.91
C MET SA 117 74.19 -22.95 -105.34
N ASN SA 118 73.68 -23.63 -104.30
CA ASN SA 118 72.64 -23.12 -103.42
C ASN SA 118 73.19 -23.29 -102.00
N LEU SA 119 73.99 -22.34 -101.55
CA LEU SA 119 74.70 -22.44 -100.28
C LEU SA 119 74.26 -21.30 -99.38
N TYR SA 120 73.71 -21.65 -98.23
CA TYR SA 120 73.14 -20.66 -97.30
C TYR SA 120 74.13 -20.38 -96.19
N VAL SA 121 74.45 -19.10 -96.01
CA VAL SA 121 75.31 -18.63 -94.94
C VAL SA 121 74.43 -17.95 -93.90
N PRO SA 122 74.27 -18.52 -92.70
CA PRO SA 122 73.40 -17.91 -91.69
C PRO SA 122 73.84 -16.50 -91.32
N SER SA 123 72.95 -15.81 -90.59
CA SER SA 123 73.01 -14.36 -90.47
C SER SA 123 74.28 -13.89 -89.76
N GLY SA 124 74.64 -14.53 -88.66
CA GLY SA 124 75.73 -14.01 -87.86
C GLY SA 124 75.23 -13.38 -86.59
N TYR SA 125 74.18 -13.95 -86.03
CA TYR SA 125 73.62 -13.56 -84.74
C TYR SA 125 73.51 -14.82 -83.89
N ALA SA 126 73.00 -14.65 -82.68
CA ALA SA 126 72.80 -15.79 -81.79
C ALA SA 126 71.56 -15.53 -80.95
N CYS SA 127 70.80 -16.59 -80.69
CA CYS SA 127 69.54 -16.49 -79.97
C CYS SA 127 69.24 -17.85 -79.35
N GLU SA 128 68.00 -18.02 -78.89
CA GLU SA 128 67.59 -19.24 -78.22
C GLU SA 128 66.94 -20.24 -79.16
N GLY SA 129 66.10 -19.78 -80.08
CA GLY SA 129 65.35 -20.65 -80.96
C GLY SA 129 66.04 -21.01 -82.26
N LEU SA 130 67.33 -20.67 -82.41
CA LEU SA 130 68.02 -20.91 -83.65
C LEU SA 130 68.21 -22.42 -83.87
N THR SA 131 67.84 -22.88 -85.05
CA THR SA 131 68.04 -24.27 -85.44
C THR SA 131 69.46 -24.43 -86.02
N ALA SA 132 69.71 -25.56 -86.67
CA ALA SA 132 71.04 -25.84 -87.19
C ALA SA 132 71.42 -24.88 -88.31
N GLY SA 133 70.67 -24.89 -89.41
CA GLY SA 133 71.05 -24.12 -90.56
C GLY SA 133 70.13 -22.96 -90.88
N ALA SA 134 69.69 -22.24 -89.87
CA ALA SA 134 68.77 -21.13 -90.04
C ALA SA 134 69.40 -19.82 -89.58
N SER SA 135 68.63 -18.75 -89.67
CA SER SA 135 69.04 -17.44 -89.18
C SER SA 135 68.02 -16.93 -88.18
N CYS SA 136 68.48 -16.10 -87.25
CA CYS SA 136 67.59 -15.47 -86.30
C CYS SA 136 66.65 -14.51 -87.00
N GLN SA 137 65.46 -14.33 -86.41
CA GLN SA 137 64.53 -13.34 -86.92
C GLN SA 137 65.11 -11.94 -86.79
N GLY SA 138 65.72 -11.63 -85.65
CA GLY SA 138 66.28 -10.32 -85.39
C GLY SA 138 65.61 -9.54 -84.27
N ASN SA 139 64.59 -10.10 -83.62
CA ASN SA 139 63.87 -9.40 -82.57
C ASN SA 139 63.57 -10.34 -81.41
N GLU SA 140 64.57 -11.12 -81.00
CA GLU SA 140 64.38 -12.13 -79.96
C GLU SA 140 64.51 -11.59 -78.55
N SER SA 141 64.97 -10.35 -78.37
CA SER SA 141 65.21 -9.72 -77.08
C SER SA 141 66.35 -10.42 -76.34
N ASP SA 142 66.84 -11.51 -76.92
CA ASP SA 142 68.00 -12.22 -76.44
C ASP SA 142 69.13 -12.19 -77.44
N ILE SA 143 68.89 -11.62 -78.63
CA ILE SA 143 69.77 -11.79 -79.77
C ILE SA 143 71.08 -11.03 -79.55
N ARG SA 144 72.18 -11.68 -79.90
CA ARG SA 144 73.51 -11.09 -79.91
C ARG SA 144 74.02 -11.01 -81.35
N ILE SA 145 75.19 -10.40 -81.50
CA ILE SA 145 75.93 -10.45 -82.75
C ILE SA 145 77.10 -11.40 -82.54
N ALA SA 146 77.16 -12.46 -83.33
CA ALA SA 146 78.19 -13.47 -83.17
C ALA SA 146 78.67 -13.89 -84.55
N ASN SA 147 79.52 -14.91 -84.61
CA ASN SA 147 79.93 -15.48 -85.88
C ASN SA 147 78.93 -16.54 -86.30
N GLY SA 148 78.57 -16.51 -87.58
CA GLY SA 148 77.57 -17.44 -88.08
C GLY SA 148 78.09 -18.87 -88.12
N GLN SA 149 77.16 -19.78 -88.30
CA GLN SA 149 77.54 -21.19 -88.42
C GLN SA 149 78.36 -21.39 -89.69
N PRO SA 150 79.44 -22.18 -89.62
CA PRO SA 150 80.27 -22.39 -90.81
C PRO SA 150 79.59 -23.35 -91.78
N VAL SA 151 79.57 -22.99 -93.06
CA VAL SA 151 79.06 -23.84 -94.12
C VAL SA 151 80.18 -24.02 -95.15
N GLN SA 152 80.31 -25.25 -95.65
CA GLN SA 152 81.43 -25.61 -96.50
C GLN SA 152 80.99 -25.97 -97.91
N HIS SA 153 81.94 -25.82 -98.84
CA HIS SA 153 81.79 -26.26 -100.22
C HIS SA 153 83.14 -26.75 -100.71
N GLN SA 154 83.11 -27.63 -101.70
CA GLN SA 154 84.32 -28.24 -102.24
C GLN SA 154 84.40 -27.99 -103.75
N ILE SA 155 85.56 -27.56 -104.21
CA ILE SA 155 85.87 -27.42 -105.63
C ILE SA 155 87.18 -28.14 -105.87
N TYR SA 156 87.13 -29.30 -106.51
CA TYR SA 156 88.33 -30.08 -106.80
C TYR SA 156 88.98 -29.52 -108.06
N PHE SA 157 90.17 -28.94 -107.90
CA PHE SA 157 90.88 -28.33 -109.02
C PHE SA 157 91.83 -29.33 -109.68
N ARG SA 174 99.37 -23.87 -110.68
CA ARG SA 174 98.14 -23.17 -111.04
C ARG SA 174 97.57 -22.39 -109.87
N VAL SA 175 97.32 -21.10 -110.08
CA VAL SA 175 96.67 -20.25 -109.08
C VAL SA 175 95.49 -19.54 -109.75
N VAL SA 176 94.30 -19.75 -109.20
CA VAL SA 176 93.07 -19.18 -109.75
C VAL SA 176 92.52 -18.17 -108.77
N ASP SA 177 91.80 -17.18 -109.29
CA ASP SA 177 91.21 -16.11 -108.49
C ASP SA 177 89.70 -16.17 -108.66
N LEU SA 178 89.03 -16.81 -107.71
CA LEU SA 178 87.58 -16.97 -107.75
C LEU SA 178 86.89 -15.66 -107.38
N GLU SA 179 85.57 -15.63 -107.59
CA GLU SA 179 84.73 -14.54 -107.11
C GLU SA 179 83.32 -15.11 -106.95
N PHE SA 180 82.94 -15.44 -105.72
CA PHE SA 180 81.60 -15.94 -105.46
C PHE SA 180 80.58 -14.82 -105.59
N TYR SA 181 79.36 -15.20 -105.99
CA TYR SA 181 78.28 -14.23 -106.05
C TYR SA 181 77.00 -14.86 -105.52
N GLY SA 182 76.00 -14.01 -105.31
CA GLY SA 182 74.75 -14.44 -104.70
C GLY SA 182 73.88 -13.25 -104.37
N PHE SA 183 73.02 -13.44 -103.36
CA PHE SA 183 72.10 -12.40 -102.92
C PHE SA 183 71.90 -12.53 -101.42
N SER SA 184 71.63 -11.41 -100.77
CA SER SA 184 71.48 -11.40 -99.32
C SER SA 184 70.05 -11.75 -98.95
N ALA SA 185 69.71 -11.61 -97.66
CA ALA SA 185 68.34 -11.88 -97.22
C ALA SA 185 67.37 -10.79 -97.67
N ASN SA 186 67.88 -9.63 -98.08
CA ASN SA 186 67.06 -8.58 -98.68
C ASN SA 186 67.13 -8.62 -100.19
N ASN SA 187 67.69 -9.69 -100.77
CA ASN SA 187 67.72 -9.91 -102.21
C ASN SA 187 68.51 -8.81 -102.93
N VAL SA 188 69.74 -8.58 -102.48
CA VAL SA 188 70.62 -7.64 -103.15
C VAL SA 188 71.89 -8.38 -103.56
N PRO SA 189 72.48 -8.05 -104.72
CA PRO SA 189 73.63 -8.82 -105.22
C PRO SA 189 74.84 -8.75 -104.30
N PHE SA 190 75.63 -9.81 -104.33
CA PHE SA 190 76.77 -9.98 -103.44
C PHE SA 190 77.95 -10.54 -104.20
N THR SA 191 79.16 -10.07 -103.89
CA THR SA 191 80.39 -10.56 -104.49
C THR SA 191 81.48 -10.69 -103.42
N ARG SA 192 82.29 -11.74 -103.52
CA ARG SA 192 83.31 -12.01 -102.51
C ARG SA 192 84.50 -12.66 -103.21
N LYS SA 193 85.61 -11.94 -103.30
CA LYS SA 193 86.79 -12.42 -104.00
C LYS SA 193 87.64 -13.29 -103.06
N VAL SA 194 88.08 -14.44 -103.58
CA VAL SA 194 88.84 -15.41 -102.81
C VAL SA 194 90.18 -15.64 -103.51
N THR SA 195 90.73 -14.57 -104.07
CA THR SA 195 91.99 -14.61 -104.82
C THR SA 195 93.08 -15.39 -104.11
N GLY SA 196 93.94 -16.04 -104.89
CA GLY SA 196 95.19 -16.61 -104.42
C GLY SA 196 95.23 -18.11 -104.25
N ILE SA 197 94.12 -18.83 -104.44
CA ILE SA 197 94.12 -20.26 -104.17
C ILE SA 197 95.03 -20.99 -105.15
N VAL SA 198 95.75 -21.99 -104.64
CA VAL SA 198 96.84 -22.65 -105.35
C VAL SA 198 96.40 -24.05 -105.75
N SER SA 199 96.49 -24.35 -107.04
CA SER SA 199 96.22 -25.69 -107.58
C SER SA 199 94.87 -26.25 -107.15
#